data_8Y40
#
_entry.id   8Y40
#
loop_
_entity.id
_entity.type
_entity.pdbx_description
1 polymer 'Peptidyl-prolyl cis-trans isomerase FKBP1B'
2 polymer Calmodulin-1
3 polymer 'Ryanodine receptor 1'
4 non-polymer 5-bromanyl-N-[4-chloranyl-2-methyl-6-(methylcarbamoyl)phenyl]-2-(3-chloranylpyridin-2-yl)pyrazole-3-carboxamide
5 non-polymer 'ZINC ION'
6 non-polymer 'CALCIUM ION'
7 non-polymer "ADENOSINE-5'-TRIPHOSPHATE"
8 non-polymer CAFFEINE
#
loop_
_entity_poly.entity_id
_entity_poly.type
_entity_poly.pdbx_seq_one_letter_code
_entity_poly.pdbx_strand_id
1 'polypeptide(L)'
;GVEIETISPGDGRTFPKKGQTCVVHYTGMLQNGKKFDSSRDRNKPFKFRIGKQEVIKGFEEGAAQMSLGQRAKLTCTPDV
AYGATGHPGVIPPNATLIFDVELLNLE
;
E,H,G,F
2 'polypeptide(L)'
;MADQLTEEQIAEFKEAFSLFDKDGDGTITTKALGTVMRSLGQNPTEAELQDMINEVDADGNGTIDFPAFLTMMARKMKDT
DSEEEIREAFRVFDKDGNGYISAAALRHVMTNLGEKLTDEEVDEMIREADIDGDGQVNYEAFVQMMTAK
;
I,L,K,J
3 'polypeptide(L)'
;MGDGGEGEDEVQFLRTDDEVVLQCSATVLKEQLKLCLAAEGFGNRLCFLEPTSNAQNVPPDLAICCFTLEQSLSVRALQE
MLANTVEAGVESSQGGGHRTLLYGHAILLRHAHSRMYLSCLTTSRSMTDKLAFDVGLQEDATGEACWWTMHPASKQRSEG
EKVRVGDDLILVSVSSERYLHLSTASGELQVDASFMQTLWNMNPICSCCEEGYVTGGHVLRLFHGHMDECLTISAADSDD
QRRLVYYEGGAVCTHARSLWRLEPLRISWSGSHLRWGQPLRIRHVTTGRYLALTEDQGLVVVDACKAHTKATSFCFRVSK
EKLDTAPKRDVEGMGPPEIKYGESLCFVQHVASGLWLTYAAPDPKALRLGVLKKKAILHQEGHMDDALFLTRCQQEESQA
ARMIHSTAGLYNQFIKGLDSFSGKPRGSGPPAGPALPIEAVILSLQDLIGYFEPPSEELQHEEKQSKLRSLRNRQSLFQE
EGMLSLVLNCIDRLNVYTTAAHFAEYAGEEAAESWKEIVNLLYELLASLIRGNRANCALFSTNLDWVVSKLDRLEASSGI
LEVLYCVLIESPEVLNIIQENHIKSIISLLDKHGRNHKVLDVLCSLCVCNGVAVRSNQDLITENLLPGRELLLQTNLINY
VTSIRPNIFVGRAEGSTQYGKWYFEVMVDEVVPFLTAQATHLRVGWALTEGYSPYPGGGEGWGGNGVGDDLYSYGFDGLH
LWTGHVARPVTSPGQHLLAPEDVVSCCLDLSVPSISFRINGCPVQGVFEAFNLDGLFFPVVSFSAGVKVRFLLGGRHGEF
KFLPPPGYAPCHEAVLPRERLRLEPIKEYRREGPRGPHLVGPSRCLSHTDFVPCPVDTVQIVLPPHLERIREKLAENIHE
LWALTRIEQGWTYGPVRDDNKRLHPCLVNFHSLPEPERNYNLQMSGETLKTLLALGCHVGMADEKAEDNLKKTKLPKTYM
MSNGYKPAPLDLSHVRLTPAQTTLVDRLAENGHNVWARDRVAQGWSYSAVQDIPARRNPRLVPYRLLDEATKRSNRDSLC
QAVRTLLGYGYNIEPPDQEPSQVENQSRWDRVRIFRAEKSYTVQSGRWYFEFEAVTTGEMRVGWARPELRPDVELGADEL
AYVFNGHRGQRWHLGSEPFGRPWQSGDVVGCMIDLTENTIIFTLNGEVLMSDSGSETAFREIEIGDGFLPVCSLGPGQVG
HLNLGQDVSSLRFFAICGLQEGFEPFAINMQRPVTTWFSKSLPQFEPVPPEHPHYEVARMDGTVDTPPCLRLAHRTWGSQ
NSLVEMLFLRLSLPVQFHQHFRCTAGATPLAPPGLQPPAEDEARAAEPDPDYENLRRSAGGWGEAEGGKEGTAKEGTPGG
TPQPGVEAQPVRAENEKDATTEKNKKRGFLFKAKKAAMMTQPPATPALPRLPHDVVPADNRDDPEIILNTTTYYYSVRVF
AGQEPSCVWVGWVTPDYHQHDMNFDLSKVRAVTVTMGDEQGNVHSSLKCSNCYMVWGGDFVSPGQQGRISHTDLVIGCLV
DLATGLMTFTANGKESNTFFQVEPNTKLFPAVFVLPTHQNVIQFELGKQKNIMPLSAAMFLSERKNPAPQCPPRLEVQML
MPVSWSRMPNHFLQVETRRAGERLGWAVQCQDPLTMMALHIPEENRCMDILELSERLDLQRFHSHTLRLYRAVCALGNNR
VAHALCSHVDQAQLLHALEDAHLPGPLRAGYYDLLISIHLESACRSRRSMLSEYIVPLTPETRAITLFPPGRKGGNARRH
GLPGVGVTTSLRPPHHFSPPCFVAALPAAGVAEAPARLSPAIPLEALRDKALRMLGEAVRDGGQHARDPVGGSVEFQFVP
VLKLVSTLLVMGIFGDEDVKQILKMIEPEVFTEEEEEEEEEEEEEEEEEEDEEEKEEDEEEEEKEDAEKEEEEAPEGEKE
DLEEGLLQMKLPESVKLQMCNLLEYFCDQELQHRVESLAAFAERYVDKLQANQRSRYALLMRAFTMSAAETARRTREFRS
PPQEQINMLLHFKDEADEEDCPLPEDIRQDLQDFHQDLLAHCGIQLEGEEEEPEEETSLSSRLRSLLETVRLVKKKEEKP
EEELPAEEKKPQSLQELVSHMVVRWAQEDYVQSPELVRAMFSLLHRQYDGLGELLRALPRAYTISPSSVEDTMSLLECLG
QIRSLLIVQMGPQEENLMIQSIGNIMNNKVFYQHPNLMRALGMHETVMEVMVNVLGGGETKEIRFPKMVTSCCRFLCYFC
RISRQNQRSMFDHLSYLLENSGIGLGMQGSTPLDVAAASVIDNNELALALQEQDLEKVVSYLAGCGLQSCPMLLAKGYPD
IGWNPCGGERYLDFLRFAVFVNGESVEENANVVVRLLIRKPECFGPALRGEGGSGLLAAIEEAIRISEDPARDGPGVRRD
RRREHFGEEPPEENRVHLGHAIMSFYAALIDLLGRCAPEMHLIQAGKGEALRIRAILRSLVPLDDLVGIISLPLQIPTLG
KDGALVQPKMSASFVPDHKASMVLFLDRVYGIENQDFLLHVLDVGFLPDMRAAASLDTATFSTTEMALALNRYLCLAVLP
LITKCAPLFAGTEHRAIMVDSMLHTVYRLSRGRSLTKAQRDVIEDCLMALCRYIRPSMLQHLLRRLVFDVPILNEFAKMP
LKLLTNHYERCWKYYCLPTGWANFGVTSEEELHLTRKLFWGIFDSLAHKKYDQELYRMAMPCLCAIAGALPPDYVDASYS
SKAEKKATVDAEGNFDPRPVETLNVIIPEKLDSFINKFAEYTHEKWAFDKIQNNWSYGENVDEELKTHPMLRPYKTFSEK
DKEIYRWPIKESLKAMIAWEWTIEKAREGEEERTEKKKTRKISQTAQTYDPREGYNPQPPDLSGVTLSRELQAMAEQLAE
NYHNTWGRKKKQELEAKGGGTHPLLVPYDTLTAKEKARDREKAQELLKFLQMNGYAVTRGLKDMELDTSSIEKRFAFGFL
QQLLRWMDISQEFIAHLEAVVSSGRVEKSPHEQEIKFFAKILLPLINQYFTNHCLYFLSTPAKVLGSGGHASNKEKEMIT
SLFCKLAALVRHRVSLFGTDAPAVVNCLHILARSLDARTVMKSGPEIVKAGLRSFFESASEDIEKMVENLRLGKVSQART
QVKGVGQNLTYTTVALLPVLTTLFQHIAQHQFGDDVILDDVQVSCYRTLCSIYSLGTTKNTYVEKLRPALGECLARLAAA
MPVAFLEPQLNEYNACSVYTTKSPRERAILGLPNSVEEMCPDIPVLDRLMADIGGLAESGARYTEMPHVIEITLPMLCSY
LPRWWERGPEAPPPALPAGAPPPCTAVTSDHLNSLLGNILRIIVNNLGIDEATWMKRLAVFAQPIVSRARPELLHSHFIP
TIGRLRKRAGKVVAEEEQLRLEAKAEAEEGELLVRDEFSVLCRDLYALYPLLIRYVDNNRAHWLTEPNANAEELFRMVGE
IFIYWSKSHNFKREEQNFVVQNEINNMSFLTADSKSKMAKAGDAQSGGSDQERTKKKRRGDRYSVQTSLIVATLKKMLPI
GLNMCAPTDQDLIMLAKTRYALKDTDEEVREFLQNNLHLQGKVEGSPSLRWQMALYRGLPGREEDADDPEKIVRRVQEVS
AVLYHLEQTEHPYKSKKAVWHKLLSKQRRRAVVACFRMTPLYNLPTHRACNMFLESYKAAWILTEDHSFEDRMIDDLSKA
GEQEEEEEEVEEKKPDPLHQLVLHFSRTALTEKSKLDEDYLYMAYADIMAKSCHLEEGGENGEAEEEEVEVSFEEKEMEK
QRLLYQQSRLHTRGAAEMVLQMISACKGETGAMVSSTLKLGISILNGGNAEVQQKMLDYLKDKKEVGFFQSIQALMQTCS
VLDLNAFERQNKAEGLGMVNEDGTVINRQNGEKVMADDEFTQDLFRFLQLLCEGHNNDFQNYLRTQTGNTTTINIIICTV
DYLLRLQESISDFYWYYSGKDVIEEQGKRNFSKAMSVAKQVFNSLTEYIQGPCTGNQQSLAHSRLWDAVVGFLHVFAHMM
MKLAQDSSQIELLKELLDLQKDMVVMLLSLLEGNVVNGMIARQMVDMLVESSSNVEMILKFFDMFLKLKDIVGSEAFQDY
VTDPRGLISKKDFQKAMDSQKQFTGPEIQFLLSCSEADENEMINFEEFANRFQEPARDIGFNVAVLLTNLSEHVPHDPRL
RNFLELAESILEYFRPYLGRIEIMGASRRIERIYFEISETNRAQWEMPQVKESKRQFIFDVVNEGGEAEKMELFVSFCED
TIFEMQIAAQISEPEGEPEADEDEGMGEAAAEGAEEGAAGAEGAAGTVAAGATARLAAAAARALRGLSYRSLRRRVRRLR
RLTAREAATALAALLWAVVARAGAAGAGAAAGALRLLWGSLFGGGLVEGAKKVTVTELLAGMPDPTSDEVHGEQPAGPGG
DADGAGEGEGEGDAAEGDGDEEVAGHEAGPGGAEGVVAVADGGPFRPEGAGGLGDMGDTTPAEPPTPEGSPILKRKLGVD
GEEEELVPEPEPEPEPEPEKADEENGEKEEVPEAPPEPPKKAPPSPPAKKEEAGGAGMEFWGELEVQRVKFLNYLSRNFY
TLKYLALFLAFAINFILLFYKVSDSPPGEDDMEGSAAGDLAGAGSGGGSGWGSGAGEEAEGDEDENMVYYFLEESTGYME
PALWCLSLLHTLVAFLMIIGYNCLKVPLVIFKREKELARKLEFDGLYITEQPGDDDVKGQWDRLVLNTPSFPSNYWDKFV
KRKVLDKHGDIFGRERIAELLGMDLASLEITAHNERKPDPPPGLLTWLMSIDVKYQIWKFGVIFTDNSFLYSGWYMVMSL
LGHYNNFFFAAHLLDIAMEVKTLRTILSSVTHNGKQLVMTVGLLAVVVYLYTVVAFNFFRKFYNKSEDEDEPDMKCDDMM
TCYLFHMYVGVRAGGGIGDEIEDPAGDEYELYRVVFDITFFFFVIVILLAIIQGLIIDAFGELRDQQEQVKEDMETKCFI
CGIGSDYFDTTPHGFETHTLEEHNLANYMFFLMYLINKDETEHTGQESYVWKMYQERCWDFFPAGDCFRKQYEDQLS
;
A,B,C,D
#
# COMPACT_ATOMS: atom_id res chain seq x y z
N GLY A 1 108.41 -60.19 -41.30
CA GLY A 1 108.56 -61.41 -42.06
C GLY A 1 107.46 -61.65 -43.07
N VAL A 2 107.84 -61.71 -44.35
CA VAL A 2 106.91 -61.98 -45.44
C VAL A 2 107.24 -63.35 -46.00
N GLU A 3 106.29 -64.28 -45.90
CA GLU A 3 106.44 -65.62 -46.43
C GLU A 3 105.84 -65.66 -47.83
N ILE A 4 106.71 -65.75 -48.84
CA ILE A 4 106.29 -65.81 -50.22
C ILE A 4 106.27 -67.28 -50.65
N GLU A 5 105.06 -67.79 -50.83
CA GLU A 5 104.84 -69.14 -51.35
C GLU A 5 104.25 -69.02 -52.76
N THR A 6 104.90 -69.66 -53.73
CA THR A 6 104.49 -69.52 -55.11
C THR A 6 103.27 -70.40 -55.42
N ILE A 7 102.49 -69.97 -56.41
CA ILE A 7 101.31 -70.70 -56.85
C ILE A 7 101.43 -71.14 -58.29
N SER A 8 101.80 -70.23 -59.18
CA SER A 8 102.04 -70.54 -60.59
C SER A 8 103.40 -69.99 -61.00
N PRO A 9 104.14 -70.72 -61.84
CA PRO A 9 105.48 -70.25 -62.23
C PRO A 9 105.41 -69.05 -63.18
N GLY A 10 106.52 -68.31 -63.21
CA GLY A 10 106.63 -67.12 -64.03
C GLY A 10 107.85 -67.11 -64.92
N ASP A 11 108.31 -65.91 -65.29
CA ASP A 11 109.45 -65.80 -66.21
C ASP A 11 110.76 -66.05 -65.49
N GLY A 12 110.97 -65.42 -64.34
CA GLY A 12 112.14 -65.65 -63.52
C GLY A 12 113.34 -64.78 -63.84
N ARG A 13 113.23 -63.84 -64.76
CA ARG A 13 114.34 -62.92 -65.05
C ARG A 13 113.99 -61.45 -64.88
N THR A 14 112.73 -61.07 -65.08
CA THR A 14 112.33 -59.67 -64.93
C THR A 14 111.74 -59.43 -63.54
N PHE A 15 112.42 -58.60 -62.75
CA PHE A 15 112.05 -58.26 -61.38
C PHE A 15 111.92 -56.74 -61.25
N PRO A 16 111.01 -56.25 -60.39
CA PRO A 16 110.82 -54.79 -60.27
C PRO A 16 112.00 -54.10 -59.58
N LYS A 17 112.33 -52.91 -60.09
CA LYS A 17 113.40 -52.06 -59.58
C LYS A 17 112.78 -50.77 -59.03
N LYS A 18 113.62 -49.84 -58.58
CA LYS A 18 113.11 -48.62 -57.96
C LYS A 18 112.53 -47.67 -59.00
N GLY A 19 111.54 -46.89 -58.59
CA GLY A 19 111.01 -45.83 -59.42
C GLY A 19 110.22 -46.31 -60.63
N GLN A 20 109.76 -47.55 -60.59
CA GLN A 20 109.14 -48.23 -61.71
C GLN A 20 107.73 -48.61 -61.30
N THR A 21 106.77 -48.51 -62.22
CA THR A 21 105.40 -48.86 -61.90
C THR A 21 105.26 -50.38 -61.97
N CYS A 22 104.26 -50.89 -61.28
CA CYS A 22 103.84 -52.27 -61.46
C CYS A 22 102.32 -52.28 -61.53
N VAL A 23 101.76 -53.24 -62.25
CA VAL A 23 100.35 -53.55 -62.17
C VAL A 23 100.22 -54.92 -61.50
N VAL A 24 99.36 -55.00 -60.49
CA VAL A 24 99.16 -56.20 -59.67
C VAL A 24 97.67 -56.44 -59.53
N HIS A 25 97.21 -57.60 -59.99
CA HIS A 25 95.79 -57.93 -59.90
C HIS A 25 95.55 -58.81 -58.68
N TYR A 26 95.71 -58.24 -57.49
CA TYR A 26 95.70 -59.00 -56.25
C TYR A 26 94.28 -59.33 -55.80
N THR A 27 94.21 -60.18 -54.78
CA THR A 27 92.99 -60.38 -53.99
C THR A 27 93.42 -60.77 -52.57
N GLY A 28 93.08 -59.92 -51.60
CA GLY A 28 93.56 -60.09 -50.26
C GLY A 28 92.58 -60.84 -49.36
N MET A 29 93.12 -61.57 -48.40
CA MET A 29 92.30 -62.35 -47.48
C MET A 29 92.88 -62.23 -46.08
N LEU A 30 92.09 -62.67 -45.11
CA LEU A 30 92.52 -62.74 -43.73
C LEU A 30 92.97 -64.15 -43.41
N GLN A 31 93.40 -64.37 -42.17
CA GLN A 31 93.89 -65.68 -41.78
C GLN A 31 92.73 -66.67 -41.62
N ASN A 32 91.57 -66.18 -41.20
CA ASN A 32 90.41 -67.04 -40.98
C ASN A 32 89.80 -67.55 -42.28
N GLY A 33 90.07 -66.91 -43.41
CA GLY A 33 89.46 -67.26 -44.67
C GLY A 33 88.44 -66.28 -45.19
N LYS A 34 88.30 -65.11 -44.58
CA LYS A 34 87.35 -64.10 -45.01
C LYS A 34 88.04 -63.09 -45.91
N LYS A 35 87.47 -62.87 -47.10
CA LYS A 35 88.07 -61.94 -48.04
C LYS A 35 87.67 -60.51 -47.68
N PHE A 36 88.65 -59.62 -47.66
CA PHE A 36 88.42 -58.21 -47.35
C PHE A 36 88.68 -57.30 -48.54
N ASP A 37 89.44 -57.74 -49.54
CA ASP A 37 89.73 -56.94 -50.72
C ASP A 37 89.87 -57.90 -51.89
N SER A 38 89.51 -57.41 -53.07
CA SER A 38 89.81 -58.09 -54.33
C SER A 38 89.88 -56.99 -55.38
N SER A 39 90.81 -57.12 -56.32
CA SER A 39 90.90 -56.17 -57.41
C SER A 39 90.35 -56.72 -58.72
N ARG A 40 89.71 -57.89 -58.67
CA ARG A 40 89.13 -58.52 -59.85
C ARG A 40 87.61 -58.47 -59.86
N ASP A 41 86.97 -58.12 -58.74
CA ASP A 41 85.55 -57.85 -58.76
C ASP A 41 85.26 -56.52 -59.45
N ARG A 42 86.20 -55.57 -59.36
CA ARG A 42 86.09 -54.28 -60.03
C ARG A 42 86.52 -54.33 -61.48
N ASN A 43 87.25 -55.39 -61.89
CA ASN A 43 87.89 -55.52 -63.20
C ASN A 43 88.79 -54.33 -63.54
N LYS A 44 89.53 -53.84 -62.55
CA LYS A 44 90.48 -52.75 -62.69
C LYS A 44 91.74 -53.10 -61.92
N PRO A 45 92.86 -53.32 -62.60
CA PRO A 45 94.07 -53.81 -61.92
C PRO A 45 94.74 -52.72 -61.10
N PHE A 46 95.23 -53.09 -59.93
CA PHE A 46 95.90 -52.14 -59.05
C PHE A 46 97.28 -51.83 -59.60
N LYS A 47 97.59 -50.54 -59.70
CA LYS A 47 98.89 -50.08 -60.13
C LYS A 47 99.50 -49.17 -59.08
N PHE A 48 100.77 -49.41 -58.76
CA PHE A 48 101.48 -48.72 -57.69
C PHE A 48 102.92 -48.48 -58.11
N ARG A 49 103.55 -47.48 -57.49
CA ARG A 49 104.96 -47.17 -57.70
C ARG A 49 105.79 -47.71 -56.54
N ILE A 50 106.89 -48.38 -56.87
CA ILE A 50 107.68 -49.09 -55.87
C ILE A 50 108.67 -48.10 -55.28
N GLY A 51 108.72 -48.05 -53.95
CA GLY A 51 109.69 -47.24 -53.23
C GLY A 51 109.16 -45.91 -52.72
N LYS A 52 108.05 -45.42 -53.25
CA LYS A 52 107.49 -44.14 -52.84
C LYS A 52 106.47 -44.25 -51.70
N GLN A 53 106.36 -45.43 -51.08
CA GLN A 53 105.58 -45.68 -49.87
C GLN A 53 104.08 -45.44 -50.10
N GLU A 54 103.58 -45.93 -51.23
CA GLU A 54 102.14 -45.90 -51.49
C GLU A 54 101.44 -47.04 -50.77
N VAL A 55 101.87 -48.27 -51.04
CA VAL A 55 101.32 -49.48 -50.42
C VAL A 55 101.93 -49.66 -49.04
N ILE A 56 101.38 -50.61 -48.28
CA ILE A 56 101.98 -50.99 -46.99
C ILE A 56 103.33 -51.65 -47.20
N LYS A 57 104.08 -51.78 -46.10
CA LYS A 57 105.44 -52.30 -46.16
C LYS A 57 105.46 -53.77 -46.56
N GLY A 58 104.45 -54.54 -46.16
CA GLY A 58 104.42 -55.95 -46.50
C GLY A 58 104.10 -56.20 -47.96
N PHE A 59 103.44 -55.24 -48.61
CA PHE A 59 103.03 -55.42 -50.00
C PHE A 59 104.20 -55.21 -50.96
N GLU A 60 105.04 -54.21 -50.69
CA GLU A 60 106.12 -53.88 -51.61
C GLU A 60 107.33 -54.78 -51.41
N GLU A 61 107.63 -55.16 -50.16
CA GLU A 61 108.61 -56.20 -49.91
C GLU A 61 108.10 -57.56 -50.36
N GLY A 62 106.79 -57.70 -50.54
CA GLY A 62 106.24 -58.87 -51.20
C GLY A 62 106.26 -58.83 -52.71
N ALA A 63 106.03 -57.67 -53.32
CA ALA A 63 106.00 -57.57 -54.78
C ALA A 63 107.40 -57.49 -55.38
N ALA A 64 108.42 -57.16 -54.59
CA ALA A 64 109.76 -57.01 -55.12
C ALA A 64 110.44 -58.35 -55.34
N GLN A 65 110.00 -59.39 -54.67
CA GLN A 65 110.66 -60.69 -54.74
C GLN A 65 110.12 -61.57 -55.86
N MET A 66 109.14 -61.10 -56.63
CA MET A 66 108.52 -61.91 -57.65
C MET A 66 109.02 -61.52 -59.04
N SER A 67 108.60 -62.30 -60.02
CA SER A 67 108.97 -62.13 -61.41
C SER A 67 107.74 -61.71 -62.21
N LEU A 68 107.96 -61.41 -63.49
CA LEU A 68 106.87 -61.04 -64.38
C LEU A 68 106.06 -62.28 -64.73
N GLY A 69 104.74 -62.18 -64.55
CA GLY A 69 103.84 -63.28 -64.82
C GLY A 69 103.76 -64.31 -63.71
N GLN A 70 104.47 -64.11 -62.60
CA GLN A 70 104.39 -65.04 -61.49
C GLN A 70 103.22 -64.67 -60.58
N ARG A 71 102.58 -65.71 -60.04
CA ARG A 71 101.49 -65.54 -59.08
C ARG A 71 101.88 -66.28 -57.80
N ALA A 72 101.99 -65.55 -56.70
CA ALA A 72 102.41 -66.10 -55.42
C ALA A 72 101.36 -65.79 -54.34
N LYS A 73 101.63 -66.30 -53.14
CA LYS A 73 100.74 -66.18 -51.99
C LYS A 73 101.54 -65.66 -50.82
N LEU A 74 101.20 -64.48 -50.32
CA LEU A 74 101.95 -63.94 -49.21
C LEU A 74 101.18 -64.14 -47.90
N THR A 75 101.92 -64.16 -46.81
CA THR A 75 101.35 -64.14 -45.46
C THR A 75 102.05 -63.01 -44.70
N CYS A 76 101.43 -61.83 -44.72
CA CYS A 76 102.02 -60.66 -44.07
C CYS A 76 101.72 -60.69 -42.57
N THR A 77 102.77 -60.62 -41.76
CA THR A 77 102.62 -60.60 -40.31
C THR A 77 101.98 -59.28 -39.87
N PRO A 78 101.25 -59.27 -38.75
CA PRO A 78 100.59 -58.03 -38.30
C PRO A 78 101.55 -56.93 -37.85
N ASP A 79 102.83 -57.24 -37.65
CA ASP A 79 103.79 -56.20 -37.28
C ASP A 79 104.11 -55.27 -38.44
N VAL A 80 104.08 -55.80 -39.68
CA VAL A 80 104.50 -55.03 -40.85
C VAL A 80 103.32 -54.37 -41.56
N ALA A 81 102.09 -54.72 -41.19
CA ALA A 81 100.89 -54.19 -41.87
C ALA A 81 99.79 -54.00 -40.83
N TYR A 82 99.50 -52.73 -40.50
CA TYR A 82 98.42 -52.31 -39.60
C TYR A 82 98.51 -52.96 -38.23
N GLY A 83 99.54 -52.60 -37.47
CA GLY A 83 99.81 -53.20 -36.17
C GLY A 83 98.79 -52.93 -35.07
N ALA A 84 98.62 -51.67 -34.68
CA ALA A 84 97.87 -51.34 -33.48
C ALA A 84 96.44 -50.90 -33.76
N THR A 85 96.25 -49.79 -34.47
CA THR A 85 94.89 -49.29 -34.68
C THR A 85 94.23 -49.93 -35.89
N GLY A 86 95.00 -50.40 -36.87
CA GLY A 86 94.46 -50.99 -38.07
C GLY A 86 93.74 -50.00 -38.96
N HIS A 87 92.97 -50.57 -39.89
CA HIS A 87 92.10 -49.80 -40.77
C HIS A 87 90.67 -49.98 -40.27
N PRO A 88 90.00 -48.93 -39.81
CA PRO A 88 88.69 -49.11 -39.16
C PRO A 88 87.59 -49.45 -40.16
N GLY A 89 86.87 -50.54 -39.87
CA GLY A 89 85.76 -50.97 -40.69
C GLY A 89 86.06 -52.13 -41.62
N VAL A 90 87.34 -52.42 -41.88
CA VAL A 90 87.72 -53.47 -42.80
C VAL A 90 88.44 -54.58 -42.06
N ILE A 91 89.59 -54.26 -41.49
CA ILE A 91 90.50 -55.22 -40.88
C ILE A 91 90.44 -55.03 -39.37
N PRO A 92 90.25 -56.08 -38.59
CA PRO A 92 90.34 -55.95 -37.13
C PRO A 92 91.77 -55.73 -36.69
N PRO A 93 91.99 -55.11 -35.53
CA PRO A 93 93.37 -54.90 -35.05
C PRO A 93 94.03 -56.21 -34.67
N ASN A 94 95.34 -56.28 -34.95
CA ASN A 94 96.22 -57.43 -34.72
C ASN A 94 95.68 -58.68 -35.46
N ALA A 95 95.60 -58.53 -36.79
CA ALA A 95 95.12 -59.58 -37.67
C ALA A 95 96.15 -59.84 -38.75
N THR A 96 96.30 -61.11 -39.14
CA THR A 96 97.24 -61.50 -40.17
C THR A 96 96.61 -61.40 -41.56
N LEU A 97 97.35 -60.80 -42.49
CA LEU A 97 96.84 -60.51 -43.83
C LEU A 97 97.48 -61.45 -44.85
N ILE A 98 96.65 -62.03 -45.71
CA ILE A 98 97.10 -62.96 -46.76
C ILE A 98 96.75 -62.35 -48.11
N PHE A 99 97.73 -62.34 -49.02
CA PHE A 99 97.56 -61.74 -50.34
C PHE A 99 97.94 -62.74 -51.42
N ASP A 100 97.09 -62.88 -52.43
CA ASP A 100 97.37 -63.69 -53.61
C ASP A 100 97.67 -62.71 -54.73
N VAL A 101 98.92 -62.27 -54.79
CA VAL A 101 99.33 -61.25 -55.75
C VAL A 101 99.67 -61.91 -57.08
N GLU A 102 99.38 -61.22 -58.17
CA GLU A 102 99.79 -61.66 -59.50
C GLU A 102 100.22 -60.44 -60.30
N LEU A 103 101.48 -60.44 -60.75
CA LEU A 103 102.04 -59.35 -61.53
C LEU A 103 101.73 -59.56 -63.01
N LEU A 104 100.92 -58.66 -63.59
CA LEU A 104 100.49 -58.85 -64.98
C LEU A 104 101.55 -58.37 -65.97
N ASN A 105 101.92 -57.09 -65.92
CA ASN A 105 102.91 -56.59 -66.86
C ASN A 105 103.78 -55.52 -66.21
N LEU A 106 104.82 -55.13 -66.96
CA LEU A 106 105.78 -54.07 -66.65
C LEU A 106 106.46 -54.31 -65.30
N GLU A 107 107.36 -55.29 -65.30
CA GLU A 107 108.13 -55.75 -64.13
C GLU A 107 107.24 -56.15 -62.94
N MET B 1 83.00 2.67 -47.05
CA MET B 1 82.86 1.31 -47.53
C MET B 1 83.99 1.00 -48.50
N ALA B 2 83.93 -0.16 -49.17
CA ALA B 2 84.95 -0.53 -50.14
C ALA B 2 84.45 -0.48 -51.58
N ASP B 3 83.22 0.00 -51.81
CA ASP B 3 82.73 0.14 -53.18
C ASP B 3 83.19 1.42 -53.85
N GLN B 4 83.95 2.27 -53.16
CA GLN B 4 84.55 3.45 -53.77
C GLN B 4 85.59 3.10 -54.83
N LEU B 5 86.18 1.92 -54.74
CA LEU B 5 87.20 1.48 -55.69
C LEU B 5 86.55 0.64 -56.78
N THR B 6 87.13 0.66 -57.98
CA THR B 6 86.62 -0.18 -59.07
C THR B 6 87.09 -1.62 -58.88
N GLU B 7 86.84 -2.44 -59.91
CA GLU B 7 87.35 -3.81 -59.93
C GLU B 7 88.87 -3.83 -60.06
N GLU B 8 89.42 -2.81 -60.72
CA GLU B 8 90.71 -2.91 -61.39
C GLU B 8 91.85 -2.43 -60.49
N GLN B 9 91.53 -1.63 -59.47
CA GLN B 9 92.44 -1.48 -58.34
C GLN B 9 92.43 -2.70 -57.43
N ILE B 10 91.29 -3.37 -57.28
CA ILE B 10 91.20 -4.51 -56.36
C ILE B 10 91.90 -5.72 -56.96
N ALA B 11 91.76 -5.92 -58.27
CA ALA B 11 92.49 -7.00 -58.94
C ALA B 11 93.98 -6.70 -59.01
N GLU B 12 94.35 -5.42 -59.01
CA GLU B 12 95.75 -5.04 -58.94
C GLU B 12 96.31 -5.22 -57.53
N PHE B 13 95.48 -5.02 -56.51
CA PHE B 13 95.96 -5.13 -55.13
C PHE B 13 96.09 -6.58 -54.71
N LYS B 14 95.25 -7.47 -55.23
CA LYS B 14 95.43 -8.89 -54.98
C LYS B 14 96.61 -9.42 -55.78
N GLU B 15 96.88 -8.79 -56.93
CA GLU B 15 98.07 -9.10 -57.71
C GLU B 15 99.35 -8.74 -56.95
N ALA B 16 99.33 -7.62 -56.24
CA ALA B 16 100.48 -7.24 -55.42
C ALA B 16 100.57 -8.07 -54.14
N PHE B 17 99.42 -8.47 -53.58
CA PHE B 17 99.42 -9.20 -52.32
C PHE B 17 99.84 -10.65 -52.52
N SER B 18 99.30 -11.31 -53.55
CA SER B 18 99.60 -12.72 -53.78
C SER B 18 101.00 -12.91 -54.35
N LEU B 19 101.60 -11.84 -54.89
CA LEU B 19 102.98 -11.91 -55.35
C LEU B 19 103.96 -12.04 -54.18
N PHE B 20 103.73 -11.30 -53.11
CA PHE B 20 104.66 -11.28 -51.99
C PHE B 20 104.08 -11.92 -50.73
N ASP B 21 103.02 -12.72 -50.89
CA ASP B 21 102.47 -13.49 -49.79
C ASP B 21 103.40 -14.62 -49.41
N LYS B 22 103.32 -15.05 -48.14
CA LYS B 22 104.27 -16.02 -47.61
C LYS B 22 103.98 -17.43 -48.12
N ASP B 23 102.79 -17.96 -47.84
CA ASP B 23 102.50 -19.34 -48.20
C ASP B 23 101.11 -19.47 -48.82
N GLY B 24 100.52 -18.37 -49.25
CA GLY B 24 99.15 -18.40 -49.73
C GLY B 24 98.11 -18.25 -48.65
N ASP B 25 98.53 -18.04 -47.40
CA ASP B 25 97.62 -17.80 -46.30
C ASP B 25 96.94 -16.44 -46.42
N GLY B 26 97.59 -15.49 -47.07
CA GLY B 26 97.20 -14.12 -47.00
C GLY B 26 97.95 -13.33 -45.94
N THR B 27 99.17 -13.73 -45.62
CA THR B 27 99.93 -13.13 -44.54
C THR B 27 101.16 -12.41 -45.08
N ILE B 28 101.53 -11.33 -44.40
CA ILE B 28 102.76 -10.57 -44.66
C ILE B 28 103.29 -10.10 -43.30
N THR B 29 104.57 -9.73 -43.28
CA THR B 29 105.14 -9.16 -42.06
C THR B 29 105.05 -7.63 -42.08
N THR B 30 105.56 -7.01 -41.02
CA THR B 30 105.53 -5.56 -40.93
C THR B 30 106.61 -4.92 -41.81
N LYS B 31 107.60 -5.71 -42.27
CA LYS B 31 108.42 -5.24 -43.39
C LYS B 31 107.68 -5.24 -44.71
N ALA B 32 106.93 -6.31 -45.02
CA ALA B 32 106.48 -6.55 -46.39
C ALA B 32 105.35 -5.62 -46.80
N LEU B 33 104.71 -4.96 -45.82
CA LEU B 33 103.73 -3.95 -46.16
C LEU B 33 104.41 -2.72 -46.74
N GLY B 34 105.67 -2.48 -46.35
CA GLY B 34 106.42 -1.40 -46.95
C GLY B 34 106.86 -1.70 -48.37
N THR B 35 107.33 -2.92 -48.63
CA THR B 35 107.83 -3.24 -49.96
C THR B 35 106.68 -3.46 -50.94
N VAL B 36 105.50 -3.84 -50.44
CA VAL B 36 104.36 -4.00 -51.33
C VAL B 36 103.73 -2.66 -51.71
N MET B 37 104.02 -1.57 -50.99
CA MET B 37 103.51 -0.31 -51.49
C MET B 37 104.50 0.40 -52.40
N ARG B 38 105.80 0.24 -52.13
CA ARG B 38 106.82 0.81 -53.02
C ARG B 38 106.98 0.03 -54.32
N SER B 39 106.35 -1.14 -54.44
CA SER B 39 106.35 -1.86 -55.70
C SER B 39 105.36 -1.29 -56.71
N LEU B 40 104.47 -0.40 -56.28
CA LEU B 40 103.43 0.16 -57.13
C LEU B 40 103.57 1.68 -57.31
N GLY B 41 104.69 2.26 -56.91
CA GLY B 41 104.88 3.68 -57.15
C GLY B 41 104.63 4.55 -55.93
N GLN B 42 103.75 4.09 -55.05
CA GLN B 42 103.40 4.87 -53.86
C GLN B 42 104.53 4.75 -52.84
N ASN B 43 105.12 5.88 -52.43
CA ASN B 43 106.29 5.88 -51.56
C ASN B 43 106.04 6.66 -50.27
N PRO B 44 105.34 6.07 -49.31
CA PRO B 44 105.09 6.78 -48.05
C PRO B 44 106.29 6.69 -47.11
N THR B 45 106.44 7.70 -46.26
CA THR B 45 107.45 7.58 -45.22
C THR B 45 106.85 6.76 -44.09
N GLU B 46 107.67 6.42 -43.10
CA GLU B 46 107.34 5.34 -42.19
C GLU B 46 106.30 5.76 -41.14
N ALA B 47 105.92 7.03 -41.10
CA ALA B 47 104.80 7.45 -40.25
C ALA B 47 103.47 7.03 -40.85
N GLU B 48 103.40 6.96 -42.18
CA GLU B 48 102.15 6.59 -42.83
C GLU B 48 101.86 5.12 -42.60
N LEU B 49 102.92 4.31 -42.50
CA LEU B 49 102.74 2.91 -42.15
C LEU B 49 102.51 2.75 -40.66
N GLN B 50 103.22 3.57 -39.87
CA GLN B 50 103.23 3.49 -38.38
C GLN B 50 101.83 3.62 -37.76
N ASP B 51 100.89 4.31 -38.41
CA ASP B 51 99.58 4.48 -37.78
C ASP B 51 98.59 3.40 -38.22
N MET B 52 98.83 2.75 -39.36
CA MET B 52 97.83 1.86 -39.94
C MET B 52 97.82 0.49 -39.26
N ILE B 53 98.97 0.01 -38.80
CA ILE B 53 99.02 -1.23 -38.02
C ILE B 53 98.46 -1.01 -36.61
N ASN B 54 98.75 0.18 -36.07
CA ASN B 54 98.17 0.60 -34.76
C ASN B 54 96.66 0.72 -35.00
N GLU B 55 96.29 1.09 -36.24
CA GLU B 55 94.87 1.19 -36.66
C GLU B 55 94.31 -0.23 -36.68
N VAL B 56 94.92 -1.13 -37.46
CA VAL B 56 94.46 -2.53 -37.44
C VAL B 56 95.09 -3.27 -36.26
N ASN B 61 99.55 -7.02 -33.80
CA ASN B 61 99.58 -8.48 -33.87
C ASN B 61 100.67 -9.02 -34.81
N GLY B 62 101.04 -8.26 -35.83
CA GLY B 62 102.07 -8.64 -36.76
C GLY B 62 101.60 -9.42 -37.98
N THR B 63 100.30 -9.69 -38.08
CA THR B 63 99.71 -10.43 -39.19
C THR B 63 98.76 -9.50 -39.94
N ILE B 64 99.17 -9.07 -41.13
CA ILE B 64 98.37 -8.15 -41.93
C ILE B 64 97.70 -8.99 -43.01
N ASP B 65 96.41 -9.23 -42.86
CA ASP B 65 95.67 -10.08 -43.76
C ASP B 65 95.11 -9.24 -44.92
N PHE B 66 94.57 -9.92 -45.94
CA PHE B 66 94.16 -9.21 -47.16
C PHE B 66 92.96 -8.28 -46.99
N PRO B 67 91.91 -8.59 -46.19
CA PRO B 67 90.92 -7.53 -45.90
C PRO B 67 91.46 -6.38 -45.08
N ALA B 68 92.49 -6.58 -44.25
CA ALA B 68 93.10 -5.47 -43.54
C ALA B 68 93.91 -4.59 -44.48
N PHE B 69 94.57 -5.21 -45.46
CA PHE B 69 95.37 -4.45 -46.42
C PHE B 69 94.48 -3.73 -47.42
N LEU B 70 93.32 -4.31 -47.73
CA LEU B 70 92.40 -3.69 -48.68
C LEU B 70 91.71 -2.47 -48.08
N THR B 71 91.46 -2.50 -46.77
CA THR B 71 90.82 -1.36 -46.12
C THR B 71 91.81 -0.21 -45.93
N MET B 72 93.10 -0.51 -45.83
CA MET B 72 94.10 0.53 -45.64
C MET B 72 94.41 1.26 -46.94
N MET B 73 94.37 0.54 -48.08
CA MET B 73 94.52 1.23 -49.36
C MET B 73 93.26 2.01 -49.74
N ALA B 74 92.10 1.58 -49.25
CA ALA B 74 90.86 2.28 -49.57
C ALA B 74 90.80 3.61 -48.85
N ARG B 75 91.30 3.66 -47.61
CA ARG B 75 91.40 4.94 -46.90
C ARG B 75 92.54 5.78 -47.43
N LYS B 76 93.58 5.13 -47.99
CA LYS B 76 94.72 5.86 -48.55
C LYS B 76 94.37 6.47 -49.90
N MET B 77 93.38 5.92 -50.60
CA MET B 77 92.97 6.48 -51.88
C MET B 77 91.78 7.42 -51.77
N LYS B 78 90.89 7.21 -50.78
CA LYS B 78 89.66 8.01 -50.74
C LYS B 78 89.90 9.42 -50.24
N ASP B 79 90.94 9.64 -49.42
CA ASP B 79 91.15 10.96 -48.83
C ASP B 79 91.63 11.97 -49.87
N THR B 80 92.46 11.52 -50.81
CA THR B 80 92.88 12.41 -51.88
C THR B 80 91.78 12.55 -52.94
N ASP B 81 90.97 11.51 -53.12
CA ASP B 81 89.87 11.60 -54.08
C ASP B 81 88.72 12.43 -53.53
N SER B 82 88.50 12.42 -52.21
CA SER B 82 87.47 13.27 -51.63
C SER B 82 87.92 14.73 -51.54
N GLU B 83 89.23 14.98 -51.64
CA GLU B 83 89.70 16.35 -51.69
C GLU B 83 89.67 16.90 -53.11
N GLU B 84 89.68 16.02 -54.11
CA GLU B 84 89.76 16.40 -55.51
C GLU B 84 88.48 16.08 -56.30
N GLU B 85 87.46 15.53 -55.65
CA GLU B 85 86.20 15.24 -56.33
C GLU B 85 85.44 16.50 -56.74
N ILE B 86 85.73 17.63 -56.09
CA ILE B 86 84.81 18.76 -56.11
C ILE B 86 85.23 19.80 -57.16
N ARG B 87 86.46 19.68 -57.67
CA ARG B 87 86.93 20.57 -58.73
C ARG B 87 86.41 20.11 -60.10
N GLU B 88 86.44 18.80 -60.34
CA GLU B 88 85.90 18.26 -61.57
C GLU B 88 84.38 18.28 -61.51
N ALA B 89 83.82 18.33 -60.30
CA ALA B 89 82.40 18.58 -60.13
C ALA B 89 82.06 20.03 -60.42
N PHE B 90 83.05 20.93 -60.34
CA PHE B 90 82.89 22.35 -60.67
C PHE B 90 83.11 22.66 -62.15
N ARG B 91 83.50 21.66 -62.95
CA ARG B 91 83.97 21.98 -64.29
C ARG B 91 82.83 22.18 -65.29
N VAL B 92 81.68 21.55 -65.05
CA VAL B 92 80.56 21.73 -65.97
C VAL B 92 79.82 23.03 -65.68
N PHE B 93 80.11 23.66 -64.54
CA PHE B 93 79.50 24.93 -64.19
C PHE B 93 80.03 26.09 -65.02
N ASP B 94 81.33 26.10 -65.33
CA ASP B 94 81.92 27.18 -66.11
C ASP B 94 82.41 26.67 -67.46
N LYS B 95 82.33 27.52 -68.48
CA LYS B 95 82.65 27.06 -69.83
C LYS B 95 84.15 27.04 -70.10
N ASP B 96 84.93 27.90 -69.45
CA ASP B 96 86.35 27.94 -69.77
C ASP B 96 87.15 26.98 -68.91
N GLY B 97 86.89 26.96 -67.60
CA GLY B 97 87.58 26.06 -66.70
C GLY B 97 88.50 26.69 -65.68
N ASN B 98 88.60 28.02 -65.63
CA ASN B 98 89.47 28.64 -64.64
C ASN B 98 88.78 28.76 -63.29
N GLY B 99 87.44 28.80 -63.26
CA GLY B 99 86.73 28.80 -62.00
C GLY B 99 85.69 29.90 -61.88
N TYR B 100 85.41 30.55 -63.01
CA TYR B 100 84.57 31.73 -63.04
C TYR B 100 83.29 31.38 -63.80
N ILE B 101 82.17 31.32 -63.06
CA ILE B 101 80.89 30.91 -63.62
C ILE B 101 79.86 32.01 -63.40
N SER B 102 78.97 32.18 -64.39
CA SER B 102 77.97 33.23 -64.37
C SER B 102 76.86 32.90 -63.38
N ALA B 103 76.26 33.95 -62.81
CA ALA B 103 75.14 33.74 -61.90
C ALA B 103 73.85 33.44 -62.64
N ALA B 104 73.73 33.91 -63.88
CA ALA B 104 72.55 33.61 -64.68
C ALA B 104 72.62 32.20 -65.26
N ALA B 105 73.83 31.65 -65.40
CA ALA B 105 73.97 30.30 -65.91
C ALA B 105 73.63 29.25 -64.87
N LEU B 106 73.67 29.60 -63.58
CA LEU B 106 73.62 28.61 -62.52
C LEU B 106 72.20 28.25 -62.04
N ARG B 107 71.14 28.92 -62.53
CA ARG B 107 69.81 28.57 -62.05
C ARG B 107 69.01 27.63 -62.95
N HIS B 108 69.52 27.23 -64.10
CA HIS B 108 68.84 26.20 -64.88
C HIS B 108 69.61 24.88 -64.89
N VAL B 109 70.93 24.94 -64.75
CA VAL B 109 71.78 23.76 -64.71
C VAL B 109 71.89 23.15 -63.30
N MET B 110 71.59 23.92 -62.25
CA MET B 110 71.64 23.37 -60.89
C MET B 110 70.25 22.95 -60.39
N THR B 111 69.18 23.41 -61.04
CA THR B 111 67.85 22.91 -60.69
C THR B 111 67.49 21.62 -61.42
N ASN B 112 68.38 21.11 -62.29
CA ASN B 112 68.03 20.03 -63.20
C ASN B 112 68.98 18.85 -63.07
N LEU B 113 69.63 18.69 -61.92
CA LEU B 113 70.72 17.73 -61.79
C LEU B 113 70.29 16.34 -61.30
N GLY B 114 69.03 16.18 -60.89
CA GLY B 114 68.54 14.85 -60.56
C GLY B 114 68.48 14.49 -59.09
N GLU B 115 68.72 15.43 -58.18
CA GLU B 115 68.51 15.21 -56.76
C GLU B 115 67.20 15.82 -56.28
N LYS B 116 66.27 16.07 -57.21
CA LYS B 116 64.95 16.66 -56.95
C LYS B 116 65.05 18.02 -56.26
N LEU B 117 65.98 18.85 -56.71
CA LEU B 117 66.17 20.19 -56.17
C LEU B 117 65.14 21.12 -56.82
N THR B 118 64.37 21.82 -56.00
CA THR B 118 63.34 22.71 -56.53
C THR B 118 63.98 24.06 -56.86
N ASP B 119 63.14 25.04 -57.20
CA ASP B 119 63.64 26.39 -57.37
C ASP B 119 63.95 27.07 -56.05
N GLU B 120 63.48 26.50 -54.94
CA GLU B 120 63.62 27.16 -53.64
C GLU B 120 64.97 26.84 -52.98
N GLU B 121 65.52 25.66 -53.23
CA GLU B 121 66.74 25.26 -52.54
C GLU B 121 67.98 25.93 -53.11
N VAL B 122 68.04 26.06 -54.44
CA VAL B 122 69.13 26.82 -55.06
C VAL B 122 68.95 28.32 -54.88
N ASP B 123 67.74 28.78 -54.54
CA ASP B 123 67.58 30.19 -54.21
C ASP B 123 68.10 30.46 -52.80
N GLU B 124 67.94 29.51 -51.90
CA GLU B 124 68.59 29.59 -50.58
C GLU B 124 70.10 29.38 -50.69
N MET B 125 70.54 28.65 -51.73
CA MET B 125 71.93 28.22 -51.81
C MET B 125 72.84 29.38 -52.22
N ILE B 126 72.38 30.24 -53.13
CA ILE B 126 73.26 31.25 -53.70
C ILE B 126 73.19 32.57 -52.95
N ARG B 127 72.14 32.81 -52.19
CA ARG B 127 72.04 34.03 -51.38
C ARG B 127 72.39 33.82 -49.91
N GLU B 128 72.87 32.62 -49.55
CA GLU B 128 73.69 32.44 -48.35
C GLU B 128 75.18 32.35 -48.66
N ALA B 129 75.59 32.71 -49.86
CA ALA B 129 77.01 32.70 -50.21
C ALA B 129 77.71 33.87 -49.52
N GLY B 135 77.52 39.03 -62.34
CA GLY B 135 78.68 38.73 -61.52
C GLY B 135 79.13 37.29 -61.62
N GLN B 136 80.33 37.01 -61.13
CA GLN B 136 80.89 35.66 -61.18
C GLN B 136 81.75 35.43 -59.95
N VAL B 137 81.65 34.23 -59.38
CA VAL B 137 82.28 33.89 -58.10
C VAL B 137 83.40 32.90 -58.39
N ASN B 138 84.45 32.93 -57.56
CA ASN B 138 85.63 32.12 -57.79
C ASN B 138 85.38 30.65 -57.44
N TYR B 139 86.36 29.81 -57.73
CA TYR B 139 86.24 28.38 -57.49
C TYR B 139 86.47 28.00 -56.03
N GLU B 140 87.35 28.70 -55.31
CA GLU B 140 87.68 28.27 -53.96
C GLU B 140 86.59 28.70 -52.97
N ALA B 141 85.78 29.67 -53.36
CA ALA B 141 84.64 30.06 -52.54
C ALA B 141 83.51 29.03 -52.63
N PHE B 142 83.47 28.26 -53.72
CA PHE B 142 82.37 27.33 -53.92
C PHE B 142 82.55 26.08 -53.07
N VAL B 143 83.80 25.71 -52.80
CA VAL B 143 84.07 24.73 -51.75
C VAL B 143 83.79 25.31 -50.38
N GLN B 144 84.04 26.61 -50.20
CA GLN B 144 83.80 27.24 -48.91
C GLN B 144 82.31 27.30 -48.61
N MET B 145 81.50 27.40 -49.66
CA MET B 145 80.05 27.47 -49.53
C MET B 145 79.37 26.12 -49.71
N MET B 146 80.09 25.07 -50.11
CA MET B 146 79.44 23.75 -50.19
C MET B 146 79.65 22.93 -48.92
N THR B 147 80.89 22.83 -48.45
CA THR B 147 81.18 22.02 -47.26
C THR B 147 80.67 22.71 -46.01
N ALA B 148 80.70 24.03 -45.99
CA ALA B 148 80.19 24.91 -44.92
C ALA B 148 80.78 24.58 -43.55
N GLY C 1 79.95 100.30 25.09
CA GLY C 1 80.98 100.89 24.27
C GLY C 1 80.67 100.88 22.79
N VAL C 2 80.59 102.07 22.20
CA VAL C 2 80.35 102.23 20.77
C VAL C 2 81.61 102.78 20.14
N GLU C 3 82.22 102.01 19.23
CA GLU C 3 83.42 102.43 18.52
C GLU C 3 82.99 103.06 17.21
N ILE C 4 83.14 104.38 17.10
CA ILE C 4 82.79 105.11 15.89
C ILE C 4 84.07 105.32 15.08
N GLU C 5 84.16 104.61 13.97
CA GLU C 5 85.24 104.76 13.01
C GLU C 5 84.69 105.40 11.74
N THR C 6 85.28 106.51 11.32
CA THR C 6 84.74 107.26 10.19
C THR C 6 85.15 106.61 8.87
N ILE C 7 84.32 106.84 7.85
CA ILE C 7 84.57 106.31 6.52
C ILE C 7 84.72 107.44 5.49
N SER C 8 83.80 108.40 5.49
CA SER C 8 83.88 109.57 4.64
C SER C 8 83.69 110.82 5.48
N PRO C 9 84.40 111.90 5.17
CA PRO C 9 84.28 113.12 5.98
C PRO C 9 82.96 113.83 5.76
N GLY C 10 82.60 114.65 6.74
CA GLY C 10 81.34 115.38 6.69
C GLY C 10 81.51 116.87 6.95
N ASP C 11 80.46 117.52 7.45
CA ASP C 11 80.50 118.96 7.65
C ASP C 11 81.27 119.33 8.92
N GLY C 12 80.98 118.65 10.02
CA GLY C 12 81.70 118.84 11.27
C GLY C 12 81.19 119.93 12.18
N ARG C 13 80.08 120.59 11.84
CA ARG C 13 79.50 121.60 12.70
C ARG C 13 78.06 121.32 13.11
N THR C 14 77.28 120.64 12.26
CA THR C 14 75.89 120.33 12.57
C THR C 14 75.77 118.92 13.16
N PHE C 15 75.35 118.86 14.43
CA PHE C 15 75.19 117.61 15.19
C PHE C 15 73.76 117.52 15.73
N PRO C 16 73.21 116.30 15.84
CA PRO C 16 71.82 116.17 16.30
C PRO C 16 71.66 116.50 17.78
N LYS C 17 70.54 117.15 18.10
CA LYS C 17 70.16 117.55 19.45
C LYS C 17 68.89 116.81 19.84
N LYS C 18 68.36 117.10 21.03
CA LYS C 18 67.19 116.36 21.51
C LYS C 18 65.92 116.80 20.78
N GLY C 19 64.97 115.85 20.65
CA GLY C 19 63.66 116.17 20.13
C GLY C 19 63.64 116.50 18.65
N GLN C 20 64.67 116.09 17.92
CA GLN C 20 64.90 116.45 16.54
C GLN C 20 64.93 115.17 15.72
N THR C 21 64.37 115.21 14.52
CA THR C 21 64.35 114.03 13.67
C THR C 21 65.71 113.90 13.01
N CYS C 22 66.04 112.68 12.59
CA CYS C 22 67.17 112.44 11.71
C CYS C 22 66.71 111.47 10.64
N VAL C 23 67.30 111.57 9.45
CA VAL C 23 67.18 110.53 8.43
C VAL C 23 68.57 109.89 8.32
N VAL C 24 68.59 108.55 8.36
CA VAL C 24 69.81 107.76 8.33
C VAL C 24 69.62 106.62 7.33
N HIS C 25 70.49 106.57 6.32
CA HIS C 25 70.39 105.53 5.30
C HIS C 25 71.39 104.43 5.62
N TYR C 26 71.14 103.71 6.70
CA TYR C 26 72.09 102.74 7.23
C TYR C 26 72.08 101.42 6.46
N THR C 27 73.05 100.58 6.77
CA THR C 27 73.03 99.17 6.39
C THR C 27 73.81 98.39 7.46
N GLY C 28 73.12 97.51 8.16
CA GLY C 28 73.69 96.83 9.29
C GLY C 28 74.27 95.48 8.95
N MET C 29 75.32 95.09 9.69
CA MET C 29 75.99 93.83 9.46
C MET C 29 76.32 93.18 10.80
N LEU C 30 76.69 91.92 10.74
CA LEU C 30 77.15 91.19 11.90
C LEU C 30 78.68 91.18 11.92
N GLN C 31 79.26 90.54 12.94
CA GLN C 31 80.71 90.52 13.06
C GLN C 31 81.33 89.57 12.03
N ASN C 32 80.60 88.50 11.69
CA ASN C 32 81.10 87.50 10.74
C ASN C 32 81.15 88.02 9.31
N GLY C 33 80.40 89.06 8.99
CA GLY C 33 80.30 89.56 7.63
C GLY C 33 78.98 89.31 6.95
N LYS C 34 77.96 88.83 7.68
CA LYS C 34 76.66 88.55 7.10
C LYS C 34 75.73 89.74 7.33
N LYS C 35 75.12 90.23 6.26
CA LYS C 35 74.24 91.39 6.38
C LYS C 35 72.86 90.93 6.85
N PHE C 36 72.32 91.63 7.84
CA PHE C 36 71.01 91.33 8.38
C PHE C 36 69.98 92.43 8.10
N ASP C 37 70.42 93.64 7.80
CA ASP C 37 69.52 94.75 7.52
C ASP C 37 70.22 95.64 6.51
N SER C 38 69.42 96.30 5.68
CA SER C 38 69.89 97.40 4.83
C SER C 38 68.69 98.28 4.57
N SER C 39 68.89 99.59 4.55
CA SER C 39 67.80 100.49 4.24
C SER C 39 67.90 101.06 2.82
N ARG C 40 68.81 100.53 2.01
CA ARG C 40 68.99 100.96 0.63
C ARG C 40 68.50 99.94 -0.38
N ASP C 41 68.20 98.72 0.04
CA ASP C 41 67.52 97.77 -0.83
C ASP C 41 66.05 98.16 -1.01
N ARG C 42 65.47 98.78 0.02
CA ARG C 42 64.10 99.27 -0.04
C ARG C 42 63.99 100.63 -0.71
N ASN C 43 65.11 101.36 -0.85
CA ASN C 43 65.15 102.74 -1.32
C ASN C 43 64.24 103.67 -0.51
N LYS C 44 64.20 103.48 0.80
CA LYS C 44 63.43 104.27 1.73
C LYS C 44 64.28 104.55 2.96
N PRO C 45 64.68 105.80 3.19
CA PRO C 45 65.63 106.08 4.28
C PRO C 45 64.96 106.00 5.64
N PHE C 46 65.70 105.45 6.60
CA PHE C 46 65.19 105.32 7.96
C PHE C 46 65.20 106.67 8.64
N LYS C 47 64.06 107.01 9.24
CA LYS C 47 63.92 108.24 10.00
C LYS C 47 63.46 107.94 11.42
N PHE C 48 64.13 108.56 12.39
CA PHE C 48 63.91 108.29 13.81
C PHE C 48 64.02 109.59 14.60
N ARG C 49 63.39 109.61 15.78
CA ARG C 49 63.49 110.74 16.69
C ARG C 49 64.46 110.42 17.81
N ILE C 50 65.35 111.37 18.12
CA ILE C 50 66.44 111.12 19.04
C ILE C 50 65.93 111.41 20.44
N GLY C 51 66.16 110.48 21.37
CA GLY C 51 65.83 110.66 22.77
C GLY C 51 64.53 110.00 23.20
N LYS C 52 63.65 109.65 22.28
CA LYS C 52 62.37 109.05 22.63
C LYS C 52 62.40 107.53 22.64
N GLN C 53 63.59 106.93 22.56
CA GLN C 53 63.84 105.49 22.72
C GLN C 53 63.13 104.66 21.65
N GLU C 54 63.22 105.13 20.40
CA GLU C 54 62.71 104.34 19.28
C GLU C 54 63.71 103.27 18.87
N VAL C 55 64.93 103.69 18.55
CA VAL C 55 66.02 102.80 18.15
C VAL C 55 66.64 102.18 19.39
N ILE C 56 67.53 101.20 19.19
CA ILE C 56 68.31 100.64 20.29
C ILE C 56 69.29 101.68 20.84
N LYS C 57 69.85 101.37 22.01
CA LYS C 57 70.72 102.31 22.70
C LYS C 57 72.03 102.53 21.94
N GLY C 58 72.52 101.51 21.25
CA GLY C 58 73.76 101.65 20.51
C GLY C 58 73.62 102.50 19.26
N PHE C 59 72.40 102.58 18.73
CA PHE C 59 72.17 103.32 17.50
C PHE C 59 72.12 104.82 17.74
N GLU C 60 71.49 105.25 18.83
CA GLU C 60 71.31 106.69 19.07
C GLU C 60 72.55 107.30 19.70
N GLU C 61 73.24 106.56 20.58
CA GLU C 61 74.55 106.98 21.04
C GLU C 61 75.59 106.89 19.93
N GLY C 62 75.29 106.13 18.87
CA GLY C 62 76.09 106.17 17.67
C GLY C 62 75.76 107.30 16.71
N ALA C 63 74.47 107.66 16.56
CA ALA C 63 74.10 108.72 15.64
C ALA C 63 74.31 110.11 16.22
N ALA C 64 74.46 110.23 17.54
CA ALA C 64 74.60 111.55 18.16
C ALA C 64 76.01 112.09 17.99
N GLN C 65 76.99 111.23 17.77
CA GLN C 65 78.38 111.66 17.70
C GLN C 65 78.83 112.08 16.31
N MET C 66 77.94 112.00 15.32
CA MET C 66 78.31 112.29 13.95
C MET C 66 77.82 113.65 13.52
N SER C 67 78.23 114.05 12.33
CA SER C 67 77.89 115.33 11.73
C SER C 67 76.98 115.12 10.53
N LEU C 68 76.51 116.23 9.96
CA LEU C 68 75.66 116.15 8.78
C LEU C 68 76.51 115.79 7.57
N GLY C 69 76.06 114.78 6.82
CA GLY C 69 76.78 114.31 5.66
C GLY C 69 77.93 113.36 5.95
N GLN C 70 78.19 113.04 7.22
CA GLN C 70 79.25 112.13 7.58
C GLN C 70 78.75 110.69 7.49
N ARG C 71 79.63 109.81 7.06
CA ARG C 71 79.36 108.37 7.00
C ARG C 71 80.41 107.64 7.83
N ALA C 72 79.97 106.96 8.87
CA ALA C 72 80.88 106.28 9.80
C ALA C 72 80.49 104.80 9.91
N LYS C 73 81.29 104.06 10.68
CA LYS C 73 81.14 102.62 10.87
C LYS C 73 81.13 102.33 12.35
N LEU C 74 80.02 101.81 12.86
CA LEU C 74 79.97 101.52 14.29
C LEU C 74 80.19 100.04 14.54
N THR C 75 80.64 99.73 15.75
CA THR C 75 80.72 98.36 16.24
C THR C 75 80.03 98.33 17.61
N CYS C 76 78.74 98.00 17.59
CA CYS C 76 77.96 97.99 18.82
C CYS C 76 78.18 96.68 19.58
N THR C 77 78.59 96.80 20.84
CA THR C 77 78.82 95.64 21.68
C THR C 77 77.48 94.95 22.01
N PRO C 78 77.49 93.64 22.24
CA PRO C 78 76.22 92.94 22.52
C PRO C 78 75.56 93.31 23.85
N ASP C 79 76.27 94.02 24.73
CA ASP C 79 75.66 94.45 25.99
C ASP C 79 74.66 95.58 25.77
N VAL C 80 74.89 96.43 24.77
CA VAL C 80 74.05 97.61 24.56
C VAL C 80 72.96 97.38 23.53
N ALA C 81 73.00 96.25 22.81
CA ALA C 81 72.01 95.97 21.77
C ALA C 81 71.71 94.47 21.76
N TYR C 82 70.51 94.10 22.22
CA TYR C 82 69.98 92.74 22.23
C TYR C 82 70.89 91.75 22.95
N GLY C 83 71.01 91.92 24.27
CA GLY C 83 71.91 91.11 25.08
C GLY C 83 71.57 89.64 25.20
N ALA C 84 70.43 89.30 25.78
CA ALA C 84 70.14 87.93 26.18
C ALA C 84 69.25 87.19 25.18
N THR C 85 68.01 87.65 24.98
CA THR C 85 67.10 86.91 24.11
C THR C 85 67.26 87.31 22.65
N GLY C 86 67.74 88.53 22.37
CA GLY C 86 67.90 89.01 21.02
C GLY C 86 66.57 89.23 20.30
N HIS C 87 66.70 89.36 18.98
CA HIS C 87 65.54 89.45 18.10
C HIS C 87 65.39 88.12 17.39
N PRO C 88 64.30 87.38 17.60
CA PRO C 88 64.21 86.00 17.08
C PRO C 88 64.01 85.97 15.57
N GLY C 89 64.86 85.21 14.89
CA GLY C 89 64.78 85.04 13.46
C GLY C 89 65.77 85.86 12.64
N VAL C 90 66.36 86.89 13.24
CA VAL C 90 67.27 87.79 12.52
C VAL C 90 68.68 87.66 13.10
N ILE C 91 68.82 88.04 14.37
CA ILE C 91 70.11 88.15 15.03
C ILE C 91 70.22 87.02 16.04
N PRO C 92 71.31 86.26 16.05
CA PRO C 92 71.50 85.25 17.10
C PRO C 92 71.79 85.91 18.43
N PRO C 93 71.52 85.24 19.56
CA PRO C 93 71.82 85.83 20.87
C PRO C 93 73.32 85.93 21.10
N ASN C 94 73.71 87.02 21.78
CA ASN C 94 75.10 87.38 22.10
C ASN C 94 75.95 87.49 20.83
N ALA C 95 75.53 88.42 19.96
CA ALA C 95 76.19 88.68 18.70
C ALA C 95 76.51 90.16 18.60
N THR C 96 77.67 90.47 18.01
CA THR C 96 78.10 91.84 17.83
C THR C 96 77.55 92.44 16.55
N LEU C 97 77.02 93.66 16.64
CA LEU C 97 76.33 94.31 15.53
C LEU C 97 77.19 95.43 14.98
N ILE C 98 77.32 95.49 13.65
CA ILE C 98 78.10 96.49 12.95
C ILE C 98 77.18 97.29 12.05
N PHE C 99 77.26 98.62 12.12
CA PHE C 99 76.39 99.51 11.37
C PHE C 99 77.22 100.51 10.57
N ASP C 100 76.89 100.65 9.28
CA ASP C 100 77.51 101.67 8.42
C ASP C 100 76.44 102.75 8.24
N VAL C 101 76.39 103.66 9.20
CA VAL C 101 75.37 104.71 9.22
C VAL C 101 75.82 105.88 8.36
N GLU C 102 74.87 106.51 7.69
CA GLU C 102 75.13 107.75 6.95
C GLU C 102 73.96 108.70 7.14
N LEU C 103 74.25 109.87 7.70
CA LEU C 103 73.23 110.89 7.96
C LEU C 103 73.04 111.75 6.72
N LEU C 104 71.85 111.67 6.11
CA LEU C 104 71.62 112.40 4.85
C LEU C 104 71.30 113.87 5.09
N ASN C 105 70.21 114.15 5.82
CA ASN C 105 69.85 115.54 6.06
C ASN C 105 69.23 115.71 7.45
N LEU C 106 69.03 116.99 7.80
CA LEU C 106 68.37 117.48 9.02
C LEU C 106 69.06 116.93 10.26
N GLU C 107 70.25 117.48 10.53
CA GLU C 107 71.14 117.11 11.65
C GLU C 107 71.49 115.63 11.67
N MET D 1 12.57 90.86 26.32
CA MET D 1 13.70 91.04 25.44
C MET D 1 14.14 92.50 25.48
N ALA D 2 15.06 92.88 24.59
CA ALA D 2 15.52 94.27 24.51
C ALA D 2 15.03 94.99 23.26
N ASP D 3 14.18 94.36 22.46
CA ASP D 3 13.63 95.03 21.28
C ASP D 3 12.43 95.91 21.60
N GLN D 4 12.01 95.96 22.87
CA GLN D 4 10.95 96.87 23.29
C GLN D 4 11.38 98.34 23.18
N LEU D 5 12.67 98.62 23.21
CA LEU D 5 13.19 99.97 23.14
C LEU D 5 13.57 100.29 21.70
N THR D 6 13.48 101.56 21.30
CA THR D 6 13.88 101.97 19.97
C THR D 6 15.41 102.07 19.90
N GLU D 7 15.91 102.60 18.77
CA GLU D 7 17.33 102.88 18.63
C GLU D 7 17.78 104.01 19.56
N GLU D 8 16.85 104.92 19.86
CA GLU D 8 17.18 106.29 20.26
C GLU D 8 17.25 106.43 21.78
N GLN D 9 16.62 105.50 22.50
CA GLN D 9 16.97 105.29 23.91
C GLN D 9 18.29 104.56 24.07
N ILE D 10 18.61 103.63 23.16
CA ILE D 10 19.83 102.84 23.30
C ILE D 10 21.06 103.68 22.95
N ALA D 11 20.94 104.54 21.93
CA ALA D 11 22.02 105.46 21.61
C ALA D 11 22.16 106.54 22.68
N GLU D 12 21.07 106.85 23.38
CA GLU D 12 21.16 107.78 24.50
C GLU D 12 21.77 107.12 25.73
N PHE D 13 21.54 105.81 25.90
CA PHE D 13 22.06 105.12 27.08
C PHE D 13 23.54 104.82 26.94
N LYS D 14 24.02 104.58 25.72
CA LYS D 14 25.45 104.44 25.51
C LYS D 14 26.13 105.80 25.60
N GLU D 15 25.40 106.86 25.25
CA GLU D 15 25.88 108.23 25.44
C GLU D 15 26.07 108.55 26.92
N ALA D 16 25.16 108.08 27.76
CA ALA D 16 25.31 108.28 29.20
C ALA D 16 26.36 107.35 29.80
N PHE D 17 26.51 106.14 29.25
CA PHE D 17 27.45 105.17 29.81
C PHE D 17 28.89 105.52 29.45
N SER D 18 29.13 105.88 28.19
CA SER D 18 30.49 106.16 27.75
C SER D 18 30.97 107.53 28.26
N LEU D 19 30.03 108.38 28.69
CA LEU D 19 30.42 109.66 29.30
C LEU D 19 31.06 109.46 30.66
N PHE D 20 30.52 108.54 31.47
CA PHE D 20 30.99 108.36 32.83
C PHE D 20 31.68 107.01 33.02
N ASP D 21 32.08 106.36 31.93
CA ASP D 21 32.86 105.13 32.00
C ASP D 21 34.27 105.42 32.48
N LYS D 22 34.89 104.42 33.10
CA LYS D 22 36.19 104.61 33.73
C LYS D 22 37.33 104.72 32.72
N ASP D 23 37.52 103.67 31.91
CA ASP D 23 38.65 103.66 30.99
C ASP D 23 38.25 103.17 29.60
N GLY D 24 36.96 103.15 29.31
CA GLY D 24 36.48 102.58 28.08
C GLY D 24 36.25 101.08 28.13
N ASP D 25 36.43 100.47 29.30
CA ASP D 25 36.15 99.05 29.47
C ASP D 25 34.67 98.76 29.42
N GLY D 26 33.84 99.74 29.77
CA GLY D 26 32.45 99.49 30.05
C GLY D 26 32.16 99.26 31.50
N THR D 27 32.95 99.84 32.41
CA THR D 27 32.83 99.58 33.83
C THR D 27 32.41 100.86 34.56
N ILE D 28 31.64 100.67 35.63
CA ILE D 28 31.25 101.73 36.55
C ILE D 28 31.24 101.12 37.96
N THR D 29 31.26 101.99 38.97
CA THR D 29 31.15 101.51 40.34
C THR D 29 29.69 101.56 40.80
N THR D 30 29.47 101.16 42.06
CA THR D 30 28.12 101.15 42.60
C THR D 30 27.67 102.57 42.99
N LYS D 31 28.61 103.52 43.08
CA LYS D 31 28.19 104.93 43.07
C LYS D 31 27.70 105.40 41.71
N ALA D 32 28.42 105.08 40.63
CA ALA D 32 28.23 105.74 39.35
C ALA D 32 26.95 105.33 38.65
N LEU D 33 26.35 104.22 39.08
CA LEU D 33 25.04 103.86 38.56
C LEU D 33 23.98 104.81 39.08
N GLY D 34 24.20 105.39 40.26
CA GLY D 34 23.30 106.41 40.76
C GLY D 34 23.43 107.73 40.03
N THR D 35 24.66 108.17 39.75
CA THR D 35 24.83 109.47 39.10
C THR D 35 24.49 109.40 37.62
N VAL D 36 24.60 108.22 37.01
CA VAL D 36 24.24 108.07 35.61
C VAL D 36 22.73 108.01 35.41
N MET D 37 21.94 107.75 36.46
CA MET D 37 20.50 107.82 36.23
C MET D 37 19.96 109.21 36.57
N ARG D 38 20.54 109.89 37.56
CA ARG D 38 20.13 111.26 37.87
C ARG D 38 20.64 112.27 36.85
N SER D 39 21.54 111.87 35.95
CA SER D 39 21.96 112.75 34.87
C SER D 39 20.92 112.86 33.75
N LEU D 40 19.91 111.98 33.75
CA LEU D 40 18.91 111.94 32.69
C LEU D 40 17.50 112.26 33.19
N GLY D 41 17.37 112.75 34.42
CA GLY D 41 16.05 113.14 34.90
C GLY D 41 15.41 112.13 35.82
N GLN D 42 15.76 110.85 35.64
CA GLN D 42 15.16 109.79 36.45
C GLN D 42 15.81 109.79 37.83
N ASN D 43 15.01 109.96 38.89
CA ASN D 43 15.53 110.12 40.24
C ASN D 43 14.98 109.04 41.18
N PRO D 44 15.52 107.82 41.14
CA PRO D 44 15.05 106.77 42.03
C PRO D 44 15.67 106.89 43.41
N THR D 45 14.94 106.43 44.42
CA THR D 45 15.55 106.34 45.74
C THR D 45 16.37 105.06 45.77
N GLU D 46 17.13 104.88 46.86
CA GLU D 46 18.22 103.91 46.83
C GLU D 46 17.74 102.47 46.97
N ALA D 47 16.44 102.25 47.18
CA ALA D 47 15.90 100.89 47.13
C ALA D 47 15.77 100.41 45.69
N GLU D 48 15.54 101.33 44.76
CA GLU D 48 15.41 100.94 43.36
C GLU D 48 16.74 100.50 42.80
N LEU D 49 17.82 101.10 43.30
CA LEU D 49 19.14 100.63 42.91
C LEU D 49 19.52 99.37 43.67
N GLN D 50 19.12 99.32 44.94
CA GLN D 50 19.50 98.23 45.89
C GLN D 50 19.09 96.84 45.39
N ASP D 51 18.04 96.71 44.59
CA ASP D 51 17.63 95.38 44.16
C ASP D 51 18.26 94.97 42.84
N MET D 52 18.71 95.94 42.03
CA MET D 52 19.13 95.64 40.66
C MET D 52 20.53 95.06 40.61
N ILE D 53 21.42 95.47 41.53
CA ILE D 53 22.73 94.86 41.63
C ILE D 53 22.66 93.47 42.25
N ASN D 54 21.74 93.32 43.21
CA ASN D 54 21.44 91.99 43.81
C ASN D 54 20.82 91.16 42.68
N GLU D 55 20.13 91.83 41.76
CA GLU D 55 19.53 91.18 40.57
C GLU D 55 20.69 90.74 39.67
N VAL D 56 21.55 91.69 39.26
CA VAL D 56 22.72 91.28 38.47
C VAL D 56 23.85 90.79 39.39
N ASN D 61 29.16 91.78 42.69
CA ASN D 61 30.51 91.79 42.14
C ASN D 61 31.16 93.18 42.09
N GLY D 62 30.34 94.22 41.93
CA GLY D 62 30.82 95.58 41.89
C GLY D 62 31.17 96.11 40.51
N THR D 63 31.02 95.29 39.48
CA THR D 63 31.31 95.67 38.10
C THR D 63 30.01 95.62 37.30
N ILE D 64 29.49 96.79 36.94
CA ILE D 64 28.24 96.89 36.21
C ILE D 64 28.61 97.20 34.76
N ASP D 65 28.48 96.19 33.91
CA ASP D 65 28.88 96.31 32.52
C ASP D 65 27.70 96.83 31.69
N PHE D 66 27.97 97.15 30.43
CA PHE D 66 26.94 97.82 29.62
C PHE D 66 25.75 96.93 29.24
N PRO D 67 25.90 95.63 28.94
CA PRO D 67 24.68 94.80 28.83
C PRO D 67 23.91 94.64 30.13
N ALA D 68 24.57 94.72 31.29
CA ALA D 68 23.86 94.65 32.56
C ALA D 68 23.09 95.95 32.81
N PHE D 69 23.66 97.08 32.39
CA PHE D 69 23.00 98.37 32.58
C PHE D 69 21.86 98.54 31.58
N LEU D 70 22.00 97.93 30.40
CA LEU D 70 20.96 98.06 29.38
C LEU D 70 19.74 97.23 29.74
N THR D 71 19.95 96.09 30.39
CA THR D 71 18.83 95.25 30.80
C THR D 71 18.08 95.84 31.98
N MET D 72 18.77 96.62 32.82
CA MET D 72 18.12 97.21 33.98
C MET D 72 17.28 98.43 33.61
N MET D 73 17.69 99.19 32.58
CA MET D 73 16.84 100.26 32.10
C MET D 73 15.67 99.74 31.28
N ALA D 74 15.84 98.57 30.66
CA ALA D 74 14.75 98.01 29.86
C ALA D 74 13.63 97.51 30.76
N ARG D 75 13.98 96.95 31.92
CA ARG D 75 12.96 96.56 32.89
C ARG D 75 12.41 97.77 33.62
N LYS D 76 13.20 98.84 33.72
CA LYS D 76 12.74 100.06 34.38
C LYS D 76 11.80 100.86 33.48
N MET D 77 11.89 100.67 32.17
CA MET D 77 10.99 101.37 31.26
C MET D 77 9.78 100.53 30.86
N LYS D 78 9.91 99.19 30.82
CA LYS D 78 8.81 98.38 30.31
C LYS D 78 7.66 98.25 31.29
N ASP D 79 7.93 98.37 32.60
CA ASP D 79 6.87 98.15 33.58
C ASP D 79 5.86 99.29 33.59
N THR D 80 6.34 100.52 33.39
CA THR D 80 5.40 101.65 33.28
C THR D 80 4.75 101.68 31.91
N ASP D 81 5.44 101.21 30.88
CA ASP D 81 4.84 101.17 29.55
C ASP D 81 3.84 100.03 29.42
N SER D 82 4.05 98.91 30.12
CA SER D 82 3.06 97.83 30.10
C SER D 82 1.86 98.16 30.98
N GLU D 83 1.99 99.13 31.88
CA GLU D 83 0.84 99.57 32.65
C GLU D 83 0.02 100.62 31.91
N GLU D 84 0.66 101.31 30.95
CA GLU D 84 0.05 102.41 30.22
C GLU D 84 -0.20 102.11 28.75
N GLU D 85 0.14 100.91 28.28
CA GLU D 85 -0.10 100.54 26.88
C GLU D 85 -1.57 100.41 26.55
N ILE D 86 -2.41 100.18 27.56
CA ILE D 86 -3.75 99.64 27.33
C ILE D 86 -4.80 100.74 27.30
N ARG D 87 -4.44 101.95 27.76
CA ARG D 87 -5.34 103.09 27.70
C ARG D 87 -5.34 103.72 26.30
N GLU D 88 -4.15 103.84 25.70
CA GLU D 88 -4.05 104.35 24.35
C GLU D 88 -4.51 103.28 23.36
N ALA D 89 -4.47 102.02 23.79
CA ALA D 89 -5.08 100.94 23.03
C ALA D 89 -6.61 101.01 23.12
N PHE D 90 -7.13 101.68 24.16
CA PHE D 90 -8.57 101.88 24.34
C PHE D 90 -9.09 103.14 23.63
N ARG D 91 -8.22 103.93 23.03
CA ARG D 91 -8.64 105.26 22.59
C ARG D 91 -9.37 105.22 21.24
N VAL D 92 -9.06 104.22 20.41
CA VAL D 92 -9.74 104.16 19.11
C VAL D 92 -11.11 103.53 19.25
N PHE D 93 -11.39 102.91 20.41
CA PHE D 93 -12.70 102.31 20.68
C PHE D 93 -13.78 103.36 20.90
N ASP D 94 -13.48 104.45 21.58
CA ASP D 94 -14.47 105.48 21.85
C ASP D 94 -14.11 106.78 21.12
N LYS D 95 -15.14 107.53 20.71
CA LYS D 95 -14.89 108.71 19.88
C LYS D 95 -14.47 109.92 20.71
N ASP D 96 -14.92 110.01 21.96
CA ASP D 96 -14.61 111.22 22.73
C ASP D 96 -13.30 111.07 23.50
N GLY D 97 -13.09 109.94 24.17
CA GLY D 97 -11.86 109.69 24.89
C GLY D 97 -11.99 109.60 26.40
N ASN D 98 -13.19 109.71 26.96
CA ASN D 98 -13.31 109.60 28.41
C ASN D 98 -13.35 108.14 28.87
N GLY D 99 -13.78 107.23 27.99
CA GLY D 99 -13.74 105.82 28.33
C GLY D 99 -15.04 105.10 28.09
N TYR D 100 -15.96 105.77 27.41
CA TYR D 100 -17.32 105.29 27.23
C TYR D 100 -17.53 104.95 25.75
N ILE D 101 -17.64 103.66 25.45
CA ILE D 101 -17.75 103.17 24.08
C ILE D 101 -19.05 102.38 23.92
N SER D 102 -19.66 102.52 22.74
CA SER D 102 -20.93 101.88 22.45
C SER D 102 -20.75 100.38 22.22
N ALA D 103 -21.79 99.62 22.55
CA ALA D 103 -21.75 98.18 22.32
C ALA D 103 -22.00 97.84 20.86
N ALA D 104 -22.72 98.69 20.15
CA ALA D 104 -22.94 98.46 18.72
C ALA D 104 -21.72 98.85 17.90
N ALA D 105 -20.89 99.74 18.43
CA ALA D 105 -19.68 100.14 17.72
C ALA D 105 -18.59 99.08 17.79
N LEU D 106 -18.65 98.19 18.77
CA LEU D 106 -17.52 97.32 19.09
C LEU D 106 -17.52 95.99 18.31
N ARG D 107 -18.55 95.67 17.52
CA ARG D 107 -18.52 94.39 16.82
C ARG D 107 -18.06 94.45 15.35
N HIS D 108 -17.76 95.63 14.82
CA HIS D 108 -17.15 95.67 13.49
C HIS D 108 -15.70 96.13 13.53
N VAL D 109 -15.34 96.94 14.53
CA VAL D 109 -13.97 97.40 14.72
C VAL D 109 -13.10 96.41 15.49
N MET D 110 -13.69 95.47 16.25
CA MET D 110 -12.89 94.48 16.96
C MET D 110 -12.80 93.16 16.20
N THR D 111 -13.68 92.93 15.22
CA THR D 111 -13.53 91.75 14.38
C THR D 111 -12.58 91.97 13.21
N ASN D 112 -12.03 93.18 13.07
CA ASN D 112 -11.29 93.55 11.86
C ASN D 112 -9.88 94.04 12.17
N LEU D 113 -9.31 93.62 13.29
CA LEU D 113 -8.06 94.21 13.78
C LEU D 113 -6.81 93.47 13.31
N GLY D 114 -6.93 92.32 12.67
CA GLY D 114 -5.78 91.66 12.10
C GLY D 114 -5.16 90.53 12.88
N GLU D 115 -5.78 90.08 13.97
CA GLU D 115 -5.35 88.87 14.66
C GLU D 115 -6.22 87.67 14.31
N LYS D 116 -6.92 87.73 13.17
CA LYS D 116 -7.81 86.69 12.65
C LYS D 116 -8.91 86.32 13.64
N LEU D 117 -9.49 87.34 14.27
CA LEU D 117 -10.58 87.13 15.22
C LEU D 117 -11.89 86.97 14.43
N THR D 118 -12.60 85.88 14.69
CA THR D 118 -13.84 85.63 13.97
C THR D 118 -14.98 86.38 14.66
N ASP D 119 -16.21 86.11 14.21
CA ASP D 119 -17.36 86.66 14.92
C ASP D 119 -17.63 85.94 16.22
N GLU D 120 -17.03 84.76 16.43
CA GLU D 120 -17.33 83.95 17.60
C GLU D 120 -16.52 84.36 18.82
N GLU D 121 -15.29 84.86 18.61
CA GLU D 121 -14.43 85.15 19.75
C GLU D 121 -14.80 86.44 20.45
N VAL D 122 -15.18 87.47 19.67
CA VAL D 122 -15.68 88.70 20.26
C VAL D 122 -17.10 88.53 20.80
N ASP D 123 -17.83 87.49 20.36
CA ASP D 123 -19.12 87.22 20.96
C ASP D 123 -18.94 86.56 22.32
N GLU D 124 -17.91 85.72 22.47
CA GLU D 124 -17.53 85.20 23.78
C GLU D 124 -16.92 86.30 24.66
N MET D 125 -16.32 87.31 24.03
CA MET D 125 -15.52 88.30 24.76
C MET D 125 -16.42 89.27 25.52
N ILE D 126 -17.53 89.67 24.92
CA ILE D 126 -18.33 90.76 25.49
C ILE D 126 -19.44 90.23 26.41
N ARG D 127 -19.82 88.97 26.28
CA ARG D 127 -20.82 88.38 27.16
C ARG D 127 -20.22 87.53 28.28
N GLU D 128 -18.90 87.52 28.41
CA GLU D 128 -18.25 87.19 29.67
C GLU D 128 -17.79 88.40 30.45
N ALA D 129 -18.24 89.60 30.08
CA ALA D 129 -17.89 90.80 30.81
C ALA D 129 -18.64 90.85 32.14
N GLY D 135 -26.09 100.42 25.50
CA GLY D 135 -25.29 100.58 26.71
C GLY D 135 -23.83 100.87 26.44
N GLN D 136 -23.12 101.32 27.47
CA GLN D 136 -21.70 101.65 27.34
C GLN D 136 -20.99 101.31 28.65
N VAL D 137 -19.78 100.76 28.53
CA VAL D 137 -19.02 100.24 29.65
C VAL D 137 -17.82 101.14 29.88
N ASN D 138 -17.38 101.24 31.13
CA ASN D 138 -16.31 102.18 31.49
C ASN D 138 -14.95 101.66 31.03
N TYR D 139 -13.94 102.50 31.21
CA TYR D 139 -12.59 102.15 30.79
C TYR D 139 -11.87 101.21 31.75
N GLU D 140 -12.13 101.33 33.06
CA GLU D 140 -11.35 100.53 34.01
C GLU D 140 -11.87 99.11 34.06
N ALA D 141 -13.11 98.89 33.61
CA ALA D 141 -13.64 97.53 33.51
C ALA D 141 -13.03 96.79 32.32
N PHE D 142 -12.54 97.51 31.32
CA PHE D 142 -12.03 96.86 30.11
C PHE D 142 -10.64 96.30 30.35
N VAL D 143 -9.87 96.91 31.25
CA VAL D 143 -8.66 96.28 31.76
C VAL D 143 -9.01 95.11 32.67
N GLN D 144 -10.12 95.21 33.41
CA GLN D 144 -10.52 94.14 34.31
C GLN D 144 -10.96 92.92 33.51
N MET D 145 -11.50 93.14 32.33
CA MET D 145 -11.96 92.08 31.46
C MET D 145 -10.95 91.67 30.40
N MET D 146 -9.83 92.39 30.25
CA MET D 146 -8.80 91.94 29.32
C MET D 146 -7.73 91.10 29.99
N THR D 147 -7.16 91.59 31.09
CA THR D 147 -6.09 90.87 31.77
C THR D 147 -6.63 89.63 32.48
N ALA D 148 -7.86 89.73 32.98
CA ALA D 148 -8.61 88.64 33.65
C ALA D 148 -7.85 88.01 34.82
N GLY E 1 -65.11 41.31 105.47
CA GLY E 1 -65.53 42.65 105.85
C GLY E 1 -65.91 43.53 104.66
N VAL E 2 -67.16 43.97 104.64
CA VAL E 2 -67.67 44.87 103.61
C VAL E 2 -67.94 46.21 104.25
N GLU E 3 -67.23 47.24 103.80
CA GLU E 3 -67.40 48.60 104.29
C GLU E 3 -68.37 49.32 103.37
N ILE E 4 -69.59 49.56 103.86
CA ILE E 4 -70.61 50.26 103.11
C ILE E 4 -70.60 51.73 103.52
N GLU E 5 -70.13 52.57 102.60
CA GLU E 5 -70.15 54.02 102.77
C GLU E 5 -71.16 54.61 101.79
N THR E 6 -72.11 55.37 102.31
CA THR E 6 -73.19 55.88 101.49
C THR E 6 -72.74 57.09 100.67
N ILE E 7 -73.39 57.29 99.53
CA ILE E 7 -73.10 58.40 98.64
C ILE E 7 -74.30 59.32 98.48
N SER E 8 -75.48 58.75 98.19
CA SER E 8 -76.72 59.50 98.10
C SER E 8 -77.77 58.82 98.97
N PRO E 9 -78.64 59.60 99.63
CA PRO E 9 -79.65 58.99 100.50
C PRO E 9 -80.75 58.30 99.72
N GLY E 10 -81.43 57.37 100.38
CA GLY E 10 -82.49 56.60 99.78
C GLY E 10 -83.78 56.61 100.58
N ASP E 11 -84.59 55.57 100.42
CA ASP E 11 -85.89 55.53 101.10
C ASP E 11 -85.74 55.14 102.56
N GLY E 12 -84.98 54.09 102.84
CA GLY E 12 -84.69 53.68 104.20
C GLY E 12 -85.68 52.72 104.83
N ARG E 13 -86.68 52.26 104.09
CA ARG E 13 -87.64 51.28 104.62
C ARG E 13 -87.71 50.00 103.81
N THR E 14 -87.47 50.06 102.50
CA THR E 14 -87.53 48.86 101.66
C THR E 14 -86.14 48.27 101.46
N PHE E 15 -85.95 47.06 101.98
CA PHE E 15 -84.68 46.33 101.93
C PHE E 15 -84.90 44.96 101.28
N PRO E 16 -83.91 44.43 100.55
CA PRO E 16 -84.10 43.14 99.87
C PRO E 16 -84.16 41.97 100.83
N LYS E 17 -85.03 41.02 100.52
CA LYS E 17 -85.25 39.79 101.27
C LYS E 17 -84.84 38.60 100.41
N LYS E 18 -85.04 37.39 100.92
CA LYS E 18 -84.60 36.19 100.19
C LYS E 18 -85.52 35.90 99.02
N GLY E 19 -84.95 35.30 97.97
CA GLY E 19 -85.73 34.82 96.85
C GLY E 19 -86.34 35.90 96.00
N GLN E 20 -85.81 37.11 96.07
CA GLN E 20 -86.35 38.31 95.45
C GLN E 20 -85.31 38.85 94.49
N THR E 21 -85.75 39.35 93.34
CA THR E 21 -84.83 39.90 92.37
C THR E 21 -84.43 41.30 92.80
N CYS E 22 -83.28 41.75 92.34
CA CYS E 22 -82.91 43.16 92.44
C CYS E 22 -82.35 43.58 91.09
N VAL E 23 -82.51 44.86 90.75
CA VAL E 23 -81.77 45.47 89.66
C VAL E 23 -80.79 46.45 90.27
N VAL E 24 -79.52 46.36 89.85
CA VAL E 24 -78.43 47.16 90.38
C VAL E 24 -77.63 47.71 89.20
N HIS E 25 -77.53 49.04 89.12
CA HIS E 25 -76.79 49.65 88.02
C HIS E 25 -75.40 50.04 88.51
N TYR E 26 -74.57 49.02 88.79
CA TYR E 26 -73.29 49.23 89.45
C TYR E 26 -72.22 49.72 88.46
N THR E 27 -71.09 50.11 89.02
CA THR E 27 -69.84 50.29 88.28
C THR E 27 -68.68 49.99 89.22
N GLY E 28 -67.92 48.95 88.89
CA GLY E 28 -66.88 48.47 89.77
C GLY E 28 -65.52 49.04 89.46
N MET E 29 -64.70 49.19 90.51
CA MET E 29 -63.37 49.73 90.37
C MET E 29 -62.40 48.95 91.24
N LEU E 30 -61.12 49.18 91.01
CA LEU E 30 -60.06 48.59 91.82
C LEU E 30 -59.60 49.61 92.85
N GLN E 31 -58.64 49.22 93.69
CA GLN E 31 -58.16 50.11 94.73
C GLN E 31 -57.30 51.23 94.14
N ASN E 32 -56.58 50.93 93.05
CA ASN E 32 -55.70 51.91 92.43
C ASN E 32 -56.45 53.01 91.71
N GLY E 33 -57.71 52.80 91.36
CA GLY E 33 -58.47 53.75 90.59
C GLY E 33 -58.77 53.35 89.17
N LYS E 34 -58.48 52.10 88.79
CA LYS E 34 -58.71 51.63 87.43
C LYS E 34 -60.05 50.89 87.38
N LYS E 35 -60.90 51.29 86.45
CA LYS E 35 -62.22 50.67 86.34
C LYS E 35 -62.11 49.38 85.55
N PHE E 36 -62.72 48.32 86.08
CA PHE E 36 -62.72 47.02 85.42
C PHE E 36 -64.10 46.58 84.95
N ASP E 37 -65.17 47.17 85.48
CA ASP E 37 -66.52 46.84 85.08
C ASP E 37 -67.36 48.10 85.22
N SER E 38 -68.38 48.20 84.37
CA SER E 38 -69.42 49.21 84.50
C SER E 38 -70.66 48.63 83.85
N SER E 39 -71.83 48.85 84.43
CA SER E 39 -73.06 48.40 83.81
C SER E 39 -73.85 49.54 83.16
N ARG E 40 -73.24 50.72 83.06
CA ARG E 40 -73.86 51.89 82.43
C ARG E 40 -73.26 52.23 81.09
N ASP E 41 -72.12 51.65 80.73
CA ASP E 41 -71.62 51.78 79.36
C ASP E 41 -72.43 50.94 78.40
N ARG E 42 -72.99 49.82 78.89
CA ARG E 42 -73.86 48.96 78.11
C ARG E 42 -75.30 49.45 78.07
N ASN E 43 -75.69 50.35 78.99
CA ASN E 43 -77.06 50.82 79.21
C ASN E 43 -78.03 49.65 79.44
N LYS E 44 -77.58 48.66 80.20
CA LYS E 44 -78.37 47.49 80.57
C LYS E 44 -78.14 47.18 82.04
N PRO E 45 -79.15 47.36 82.90
CA PRO E 45 -78.90 47.21 84.34
C PRO E 45 -78.75 45.75 84.74
N PHE E 46 -77.83 45.52 85.66
CA PHE E 46 -77.58 44.18 86.16
C PHE E 46 -78.70 43.75 87.08
N LYS E 47 -79.25 42.56 86.83
CA LYS E 47 -80.29 41.98 87.67
C LYS E 47 -79.86 40.61 88.17
N PHE E 48 -80.04 40.38 89.46
CA PHE E 48 -79.56 39.17 90.14
C PHE E 48 -80.59 38.75 91.19
N ARG E 49 -80.56 37.46 91.54
CA ARG E 49 -81.39 36.91 92.59
C ARG E 49 -80.59 36.73 93.87
N ILE E 50 -81.16 37.17 94.99
CA ILE E 50 -80.42 37.22 96.25
C ILE E 50 -80.56 35.85 96.91
N GLY E 51 -79.44 35.28 97.34
CA GLY E 51 -79.41 34.04 98.09
C GLY E 51 -79.09 32.80 97.27
N LYS E 52 -79.23 32.87 95.95
CA LYS E 52 -78.96 31.70 95.10
C LYS E 52 -77.54 31.63 94.59
N GLN E 53 -76.63 32.47 95.13
CA GLN E 53 -75.19 32.44 94.89
C GLN E 53 -74.84 32.69 93.43
N GLU E 54 -75.49 33.70 92.84
CA GLU E 54 -75.14 34.13 91.49
C GLU E 54 -73.92 35.05 91.53
N VAL E 55 -74.02 36.14 92.29
CA VAL E 55 -72.95 37.11 92.45
C VAL E 55 -71.94 36.59 93.47
N ILE E 56 -70.80 37.28 93.59
CA ILE E 56 -69.83 36.97 94.63
C ILE E 56 -70.40 37.29 96.00
N LYS E 57 -69.70 36.79 97.03
CA LYS E 57 -70.19 36.93 98.41
C LYS E 57 -70.16 38.38 98.88
N GLY E 58 -69.21 39.17 98.39
CA GLY E 58 -69.12 40.56 98.80
C GLY E 58 -70.21 41.43 98.19
N PHE E 59 -70.75 41.00 97.05
CA PHE E 59 -71.75 41.79 96.36
C PHE E 59 -73.12 41.66 97.01
N GLU E 60 -73.48 40.45 97.44
CA GLU E 60 -74.83 40.24 97.99
C GLU E 60 -74.92 40.66 99.45
N GLU E 61 -73.84 40.43 100.22
CA GLU E 61 -73.76 41.00 101.55
C GLU E 61 -73.59 42.52 101.50
N GLY E 62 -73.19 43.05 100.35
CA GLY E 62 -73.23 44.47 100.11
C GLY E 62 -74.58 45.02 99.67
N ALA E 63 -75.30 44.27 98.84
CA ALA E 63 -76.60 44.76 98.35
C ALA E 63 -77.73 44.56 99.36
N ALA E 64 -77.52 43.70 100.36
CA ALA E 64 -78.59 43.41 101.31
C ALA E 64 -78.72 44.51 102.36
N GLN E 65 -77.66 45.30 102.57
CA GLN E 65 -77.67 46.31 103.62
C GLN E 65 -78.22 47.66 103.15
N MET E 66 -78.59 47.77 101.89
CA MET E 66 -79.04 49.06 101.35
C MET E 66 -80.55 49.11 101.22
N SER E 67 -81.03 50.29 100.86
CA SER E 67 -82.45 50.56 100.70
C SER E 67 -82.75 50.81 99.23
N LEU E 68 -84.04 50.98 98.93
CA LEU E 68 -84.46 51.27 97.57
C LEU E 68 -84.11 52.71 97.23
N GLY E 69 -83.45 52.90 96.08
CA GLY E 69 -83.02 54.21 95.65
C GLY E 69 -81.76 54.72 96.29
N GLN E 70 -81.13 53.95 97.16
CA GLN E 70 -79.89 54.36 97.79
C GLN E 70 -78.70 53.99 96.90
N ARG E 71 -77.70 54.86 96.89
CA ARG E 71 -76.45 54.64 96.16
C ARG E 71 -75.30 54.71 97.16
N ALA E 72 -74.58 53.60 97.30
CA ALA E 72 -73.49 53.50 98.27
C ALA E 72 -72.20 53.07 97.56
N LYS E 73 -71.13 53.01 98.34
CA LYS E 73 -69.79 52.69 97.86
C LYS E 73 -69.21 51.57 98.72
N LEU E 74 -68.95 50.42 98.11
CA LEU E 74 -68.42 49.32 98.90
C LEU E 74 -66.92 49.21 98.69
N THR E 75 -66.25 48.60 99.67
CA THR E 75 -64.85 48.23 99.56
C THR E 75 -64.76 46.75 99.97
N CYS E 76 -64.82 45.87 98.97
CA CYS E 76 -64.80 44.44 99.24
C CYS E 76 -63.36 43.96 99.43
N THR E 77 -63.10 43.32 100.56
CA THR E 77 -61.78 42.79 100.86
C THR E 77 -61.47 41.61 99.93
N PRO E 78 -60.19 41.37 99.62
CA PRO E 78 -59.85 40.26 98.70
C PRO E 78 -60.12 38.87 99.25
N ASP E 79 -60.40 38.73 100.55
CA ASP E 79 -60.73 37.43 101.11
C ASP E 79 -62.12 36.97 100.68
N VAL E 80 -63.05 37.91 100.49
CA VAL E 80 -64.45 37.56 100.21
C VAL E 80 -64.75 37.56 98.72
N ALA E 81 -63.83 38.05 97.88
CA ALA E 81 -64.07 38.14 96.44
C ALA E 81 -62.76 37.85 95.70
N TYR E 82 -62.68 36.67 95.06
CA TYR E 82 -61.56 36.25 94.23
C TYR E 82 -60.23 36.27 94.97
N GLY E 83 -60.09 35.39 95.95
CA GLY E 83 -58.91 35.36 96.80
C GLY E 83 -57.59 34.97 96.15
N ALA E 84 -57.51 33.75 95.62
CA ALA E 84 -56.23 33.19 95.21
C ALA E 84 -56.00 33.27 93.71
N THR E 85 -56.83 32.60 92.90
CA THR E 85 -56.58 32.59 91.46
C THR E 85 -57.21 33.78 90.75
N GLY E 86 -58.26 34.38 91.33
CA GLY E 86 -58.93 35.51 90.73
C GLY E 86 -59.67 35.16 89.44
N HIS E 87 -60.03 36.21 88.71
CA HIS E 87 -60.63 36.08 87.39
C HIS E 87 -59.56 36.42 86.37
N PRO E 88 -59.15 35.48 85.50
CA PRO E 88 -58.00 35.73 84.63
C PRO E 88 -58.34 36.71 83.50
N GLY E 89 -57.50 37.75 83.37
CA GLY E 89 -57.66 38.73 82.32
C GLY E 89 -58.30 40.03 82.75
N VAL E 90 -58.97 40.06 83.90
CA VAL E 90 -59.67 41.25 84.36
C VAL E 90 -59.03 41.77 85.63
N ILE E 91 -59.09 40.97 86.68
CA ILE E 91 -58.69 41.36 88.03
C ILE E 91 -57.38 40.62 88.36
N PRO E 92 -56.35 41.31 88.84
CA PRO E 92 -55.14 40.62 89.29
C PRO E 92 -55.41 39.87 90.59
N PRO E 93 -54.64 38.83 90.89
CA PRO E 93 -54.84 38.11 92.15
C PRO E 93 -54.45 38.95 93.35
N ASN E 94 -55.21 38.77 94.44
CA ASN E 94 -55.07 39.50 95.71
C ASN E 94 -55.18 41.02 95.50
N ALA E 95 -56.35 41.42 94.99
CA ALA E 95 -56.64 42.81 94.70
C ALA E 95 -57.95 43.19 95.37
N THR E 96 -58.02 44.42 95.87
CA THR E 96 -59.22 44.92 96.55
C THR E 96 -60.18 45.53 95.54
N LEU E 97 -61.46 45.16 95.67
CA LEU E 97 -62.50 45.55 94.72
C LEU E 97 -63.41 46.60 95.34
N ILE E 98 -63.68 47.66 94.58
CA ILE E 98 -64.54 48.77 95.01
C ILE E 98 -65.74 48.84 94.07
N PHE E 99 -66.93 48.92 94.64
CA PHE E 99 -68.18 48.93 93.88
C PHE E 99 -69.03 50.14 94.27
N ASP E 100 -69.52 50.87 93.27
CA ASP E 100 -70.45 51.96 93.49
C ASP E 100 -71.82 51.44 93.04
N VAL E 101 -72.49 50.75 93.94
CA VAL E 101 -73.77 50.10 93.63
C VAL E 101 -74.89 51.11 93.78
N GLU E 102 -75.91 50.99 92.93
CA GLU E 102 -77.13 51.78 93.07
C GLU E 102 -78.32 50.90 92.74
N LEU E 103 -79.23 50.74 93.70
CA LEU E 103 -80.42 49.93 93.55
C LEU E 103 -81.54 50.76 92.91
N LEU E 104 -81.94 50.39 91.69
CA LEU E 104 -82.92 51.19 90.97
C LEU E 104 -84.34 50.88 91.43
N ASN E 105 -84.80 49.63 91.27
CA ASN E 105 -86.15 49.30 91.67
C ASN E 105 -86.21 47.87 92.21
N LEU E 106 -87.40 47.54 92.75
CA LEU E 106 -87.80 46.23 93.27
C LEU E 106 -86.83 45.75 94.36
N GLU E 107 -86.95 46.40 95.52
CA GLU E 107 -86.12 46.16 96.72
C GLU E 107 -84.61 46.29 96.45
N MET F 1 -75.89 -5.75 57.51
CA MET F 1 -75.90 -4.31 57.77
C MET F 1 -77.13 -3.96 58.60
N ALA F 2 -77.40 -2.67 58.78
CA ALA F 2 -78.57 -2.22 59.53
C ALA F 2 -79.63 -1.59 58.64
N ASP F 3 -79.46 -1.62 57.32
CA ASP F 3 -80.49 -1.09 56.43
C ASP F 3 -81.60 -2.09 56.14
N GLN F 4 -81.51 -3.31 56.68
CA GLN F 4 -82.59 -4.28 56.56
C GLN F 4 -83.86 -3.83 57.30
N LEU F 5 -83.73 -2.96 58.30
CA LEU F 5 -84.87 -2.48 59.07
C LEU F 5 -85.33 -1.14 58.51
N THR F 6 -86.63 -0.85 58.63
CA THR F 6 -87.16 0.43 58.19
C THR F 6 -86.81 1.52 59.21
N GLU F 7 -87.40 2.71 59.00
CA GLU F 7 -87.27 3.80 59.96
C GLU F 7 -88.01 3.48 61.26
N GLU F 8 -89.07 2.68 61.15
CA GLU F 8 -90.16 2.69 62.12
C GLU F 8 -89.97 1.63 63.20
N GLN F 9 -89.15 0.62 62.92
CA GLN F 9 -88.57 -0.19 64.00
C GLN F 9 -87.45 0.55 64.73
N ILE F 10 -86.69 1.38 64.02
CA ILE F 10 -85.56 2.06 64.66
C ILE F 10 -86.04 3.20 65.56
N ALA F 11 -87.09 3.91 65.12
CA ALA F 11 -87.70 4.93 65.97
C ALA F 11 -88.45 4.30 67.14
N GLU F 12 -88.93 3.07 66.97
CA GLU F 12 -89.54 2.35 68.08
C GLU F 12 -88.48 1.83 69.05
N PHE F 13 -87.30 1.47 68.54
CA PHE F 13 -86.26 0.92 69.42
C PHE F 13 -85.58 2.02 70.22
N LYS F 14 -85.47 3.22 69.67
CA LYS F 14 -84.95 4.34 70.45
C LYS F 14 -86.01 4.81 71.45
N GLU F 15 -87.29 4.63 71.10
CA GLU F 15 -88.38 4.89 72.02
C GLU F 15 -88.33 3.96 73.23
N ALA F 16 -87.98 2.68 72.99
CA ALA F 16 -87.84 1.75 74.11
C ALA F 16 -86.54 1.97 74.88
N PHE F 17 -85.48 2.40 74.19
CA PHE F 17 -84.18 2.57 74.85
C PHE F 17 -84.16 3.83 75.71
N SER F 18 -84.67 4.95 75.17
CA SER F 18 -84.63 6.20 75.93
C SER F 18 -85.66 6.22 77.05
N LEU F 19 -86.65 5.32 77.00
CA LEU F 19 -87.60 5.22 78.10
C LEU F 19 -86.95 4.63 79.35
N PHE F 20 -86.09 3.62 79.18
CA PHE F 20 -85.51 2.93 80.32
C PHE F 20 -84.01 3.18 80.44
N ASP F 21 -83.51 4.22 79.77
CA ASP F 21 -82.12 4.62 79.90
C ASP F 21 -81.87 5.24 81.27
N LYS F 22 -80.63 5.17 81.74
CA LYS F 22 -80.30 5.58 83.09
C LYS F 22 -80.27 7.10 83.23
N ASP F 23 -79.40 7.78 82.47
CA ASP F 23 -79.24 9.21 82.64
C ASP F 23 -79.17 9.92 81.30
N GLY F 24 -79.60 9.26 80.23
CA GLY F 24 -79.44 9.82 78.90
C GLY F 24 -78.11 9.54 78.25
N ASP F 25 -77.24 8.77 78.92
CA ASP F 25 -75.97 8.37 78.34
C ASP F 25 -76.15 7.38 77.20
N GLY F 26 -77.23 6.63 77.21
CA GLY F 26 -77.35 5.47 76.37
C GLY F 26 -76.93 4.18 77.04
N THR F 27 -77.06 4.10 78.36
CA THR F 27 -76.57 2.95 79.12
C THR F 27 -77.74 2.21 79.76
N ILE F 28 -77.58 0.89 79.87
CA ILE F 28 -78.50 0.00 80.58
C ILE F 28 -77.65 -1.07 81.27
N THR F 29 -78.25 -1.74 82.24
CA THR F 29 -77.57 -2.86 82.89
C THR F 29 -77.94 -4.17 82.22
N THR F 30 -77.38 -5.27 82.75
CA THR F 30 -77.66 -6.58 82.20
C THR F 30 -79.04 -7.08 82.64
N LYS F 31 -79.64 -6.47 83.67
CA LYS F 31 -81.08 -6.67 83.88
C LYS F 31 -81.94 -5.98 82.82
N ALA F 32 -81.63 -4.72 82.49
CA ALA F 32 -82.57 -3.86 81.77
C ALA F 32 -82.71 -4.25 80.31
N LEU F 33 -81.76 -5.03 79.79
CA LEU F 33 -81.91 -5.56 78.44
C LEU F 33 -83.01 -6.60 78.40
N GLY F 34 -83.25 -7.28 79.52
CA GLY F 34 -84.37 -8.20 79.60
C GLY F 34 -85.71 -7.51 79.67
N THR F 35 -85.81 -6.44 80.48
CA THR F 35 -87.10 -5.79 80.63
C THR F 35 -87.44 -4.93 79.41
N VAL F 36 -86.43 -4.47 78.68
CA VAL F 36 -86.68 -3.69 77.47
C VAL F 36 -87.10 -4.58 76.30
N MET F 37 -86.87 -5.89 76.35
CA MET F 37 -87.42 -6.70 75.27
C MET F 37 -88.81 -7.23 75.61
N ARG F 38 -89.07 -7.53 76.89
CA ARG F 38 -90.41 -7.96 77.28
C ARG F 38 -91.41 -6.80 77.32
N SER F 39 -90.95 -5.55 77.20
CA SER F 39 -91.87 -4.43 77.09
C SER F 39 -92.49 -4.30 75.70
N LEU F 40 -91.98 -5.03 74.72
CA LEU F 40 -92.45 -4.94 73.34
C LEU F 40 -93.05 -6.25 72.83
N GLY F 41 -93.31 -7.21 73.71
CA GLY F 41 -93.96 -8.43 73.27
C GLY F 41 -93.01 -9.60 73.08
N GLN F 42 -91.76 -9.30 72.75
CA GLN F 42 -90.78 -10.36 72.49
C GLN F 42 -90.33 -10.93 73.83
N ASN F 43 -90.50 -12.24 74.04
CA ASN F 43 -90.22 -12.87 75.32
C ASN F 43 -89.19 -13.99 75.18
N PRO F 44 -87.90 -13.66 75.08
CA PRO F 44 -86.89 -14.70 74.97
C PRO F 44 -86.54 -15.29 76.34
N THR F 45 -86.12 -16.55 76.34
CA THR F 45 -85.59 -17.10 77.58
C THR F 45 -84.14 -16.65 77.71
N GLU F 46 -83.53 -16.94 78.86
CA GLU F 46 -82.31 -16.24 79.24
C GLU F 46 -81.07 -16.74 78.49
N ALA F 47 -81.21 -17.79 77.68
CA ALA F 47 -80.11 -18.19 76.80
C ALA F 47 -79.99 -17.26 75.61
N GLU F 48 -81.10 -16.67 75.18
CA GLU F 48 -81.06 -15.76 74.04
C GLU F 48 -80.36 -14.48 74.42
N LEU F 49 -80.50 -14.07 75.67
CA LEU F 49 -79.75 -12.92 76.16
C LEU F 49 -78.33 -13.29 76.45
N GLN F 50 -78.13 -14.49 77.00
CA GLN F 50 -76.82 -15.00 77.48
C GLN F 50 -75.73 -14.98 76.40
N ASP F 51 -76.09 -15.11 75.12
CA ASP F 51 -75.05 -15.15 74.10
C ASP F 51 -74.74 -13.78 73.51
N MET F 52 -75.68 -12.83 73.62
CA MET F 52 -75.55 -11.55 72.92
C MET F 52 -74.60 -10.60 73.64
N ILE F 53 -74.54 -10.65 74.98
CA ILE F 53 -73.56 -9.86 75.71
C ILE F 53 -72.15 -10.46 75.57
N ASN F 54 -72.10 -11.80 75.53
CA ASN F 54 -70.83 -12.50 75.25
C ASN F 54 -70.46 -12.14 73.81
N GLU F 55 -71.48 -11.91 72.98
CA GLU F 55 -71.29 -11.46 71.57
C GLU F 55 -70.72 -10.05 71.61
N VAL F 56 -71.42 -9.11 72.26
CA VAL F 56 -70.85 -7.76 72.40
C VAL F 56 -69.88 -7.71 73.58
N ASN F 61 -68.59 -6.47 79.66
CA ASN F 61 -68.30 -5.15 80.21
C ASN F 61 -69.42 -4.60 81.10
N GLY F 62 -70.67 -4.98 80.81
CA GLY F 62 -71.80 -4.54 81.59
C GLY F 62 -72.47 -3.27 81.11
N THR F 63 -71.96 -2.65 80.05
CA THR F 63 -72.51 -1.42 79.48
C THR F 63 -73.01 -1.72 78.07
N ILE F 64 -74.32 -1.75 77.91
CA ILE F 64 -74.93 -2.05 76.63
C ILE F 64 -75.39 -0.72 76.04
N ASP F 65 -74.66 -0.24 75.04
CA ASP F 65 -74.94 1.06 74.46
C ASP F 65 -75.94 0.89 73.30
N PHE F 66 -76.42 2.01 72.78
CA PHE F 66 -77.50 1.95 71.79
C PHE F 66 -77.10 1.38 70.44
N PRO F 67 -75.89 1.63 69.88
CA PRO F 67 -75.51 0.83 68.69
C PRO F 67 -75.31 -0.65 68.97
N ALA F 68 -74.96 -1.05 70.19
CA ALA F 68 -74.87 -2.47 70.50
C ALA F 68 -76.25 -3.09 70.60
N PHE F 69 -77.22 -2.34 71.12
CA PHE F 69 -78.58 -2.86 71.25
C PHE F 69 -79.28 -2.88 69.89
N LEU F 70 -78.91 -1.96 69.01
CA LEU F 70 -79.54 -1.91 67.69
C LEU F 70 -79.04 -3.04 66.79
N THR F 71 -77.79 -3.44 66.97
CA THR F 71 -77.26 -4.55 66.18
C THR F 71 -77.78 -5.89 66.66
N MET F 72 -78.14 -5.99 67.94
CA MET F 72 -78.65 -7.25 68.47
C MET F 72 -80.11 -7.48 68.08
N MET F 73 -80.91 -6.40 67.97
CA MET F 73 -82.27 -6.55 67.45
C MET F 73 -82.28 -6.78 65.95
N ALA F 74 -81.27 -6.27 65.24
CA ALA F 74 -81.22 -6.47 63.80
C ALA F 74 -80.91 -7.92 63.45
N ARG F 75 -80.04 -8.55 64.23
CA ARG F 75 -79.79 -9.98 64.04
C ARG F 75 -80.94 -10.82 64.57
N LYS F 76 -81.69 -10.29 65.55
CA LYS F 76 -82.83 -11.02 66.10
C LYS F 76 -84.03 -10.95 65.17
N MET F 77 -84.09 -9.95 64.30
CA MET F 77 -85.18 -9.85 63.35
C MET F 77 -84.83 -10.42 61.99
N LYS F 78 -83.57 -10.38 61.58
CA LYS F 78 -83.22 -10.79 60.22
C LYS F 78 -83.26 -12.30 60.03
N ASP F 79 -83.02 -13.08 61.10
CA ASP F 79 -82.92 -14.53 60.95
C ASP F 79 -84.29 -15.16 60.68
N THR F 80 -85.35 -14.61 61.30
CA THR F 80 -86.69 -15.09 61.00
C THR F 80 -87.18 -14.54 59.67
N ASP F 81 -86.74 -13.34 59.30
CA ASP F 81 -87.15 -12.77 58.02
C ASP F 81 -86.41 -13.41 56.87
N SER F 82 -85.16 -13.85 57.08
CA SER F 82 -84.45 -14.57 56.01
C SER F 82 -84.93 -16.00 55.88
N GLU F 83 -85.62 -16.52 56.90
CA GLU F 83 -86.21 -17.85 56.77
C GLU F 83 -87.58 -17.79 56.12
N GLU F 84 -88.24 -16.63 56.17
CA GLU F 84 -89.59 -16.44 55.66
C GLU F 84 -89.68 -15.54 54.44
N GLU F 85 -88.54 -15.03 53.94
CA GLU F 85 -88.56 -14.19 52.75
C GLU F 85 -88.93 -14.96 51.48
N ILE F 86 -88.77 -16.28 51.49
CA ILE F 86 -88.69 -17.04 50.25
C ILE F 86 -90.04 -17.68 49.92
N ARG F 87 -90.97 -17.69 50.88
CA ARG F 87 -92.32 -18.20 50.64
C ARG F 87 -93.18 -17.13 49.96
N GLU F 88 -93.07 -15.88 50.41
CA GLU F 88 -93.79 -14.79 49.77
C GLU F 88 -93.12 -14.45 48.45
N ALA F 89 -91.84 -14.80 48.31
CA ALA F 89 -91.17 -14.73 47.02
C ALA F 89 -91.66 -15.81 46.07
N PHE F 90 -92.23 -16.89 46.62
CA PHE F 90 -92.81 -17.99 45.85
C PHE F 90 -94.28 -17.75 45.48
N ARG F 91 -94.89 -16.68 45.96
CA ARG F 91 -96.35 -16.56 45.85
C ARG F 91 -96.79 -16.07 44.49
N VAL F 92 -95.94 -15.31 43.79
CA VAL F 92 -96.33 -14.82 42.47
C VAL F 92 -96.12 -15.89 41.42
N PHE F 93 -95.39 -16.96 41.77
CA PHE F 93 -95.17 -18.07 40.85
C PHE F 93 -96.42 -18.91 40.62
N ASP F 94 -97.22 -19.14 41.65
CA ASP F 94 -98.43 -19.96 41.53
C ASP F 94 -99.67 -19.11 41.75
N LYS F 95 -100.75 -19.45 41.05
CA LYS F 95 -101.95 -18.62 41.10
C LYS F 95 -102.79 -18.87 42.34
N ASP F 96 -102.77 -20.09 42.89
CA ASP F 96 -103.64 -20.37 44.02
C ASP F 96 -102.97 -20.06 45.35
N GLY F 97 -101.71 -20.47 45.52
CA GLY F 97 -100.97 -20.19 46.74
C GLY F 97 -100.61 -21.38 47.60
N ASN F 98 -100.97 -22.61 47.19
CA ASN F 98 -100.61 -23.75 48.01
C ASN F 98 -99.17 -24.20 47.77
N GLY F 99 -98.61 -23.90 46.60
CA GLY F 99 -97.21 -24.19 46.34
C GLY F 99 -96.97 -24.94 45.05
N TYR F 100 -98.00 -25.02 44.22
CA TYR F 100 -98.00 -25.84 43.03
C TYR F 100 -98.04 -24.92 41.81
N ILE F 101 -96.93 -24.85 41.08
CA ILE F 101 -96.78 -23.95 39.94
C ILE F 101 -96.44 -24.75 38.69
N SER F 102 -96.99 -24.29 37.55
CA SER F 102 -96.83 -24.97 36.29
C SER F 102 -95.42 -24.77 35.74
N ALA F 103 -94.95 -25.76 34.98
CA ALA F 103 -93.64 -25.64 34.35
C ALA F 103 -93.68 -24.76 33.11
N ALA F 104 -94.84 -24.68 32.46
CA ALA F 104 -94.98 -23.80 31.30
C ALA F 104 -95.14 -22.34 31.73
N ALA F 105 -95.63 -22.11 32.96
CA ALA F 105 -95.79 -20.75 33.44
C ALA F 105 -94.46 -20.13 33.86
N LEU F 106 -93.44 -20.94 34.14
CA LEU F 106 -92.24 -20.45 34.80
C LEU F 106 -91.15 -19.95 33.83
N ARG F 107 -91.31 -20.09 32.51
CA ARG F 107 -90.26 -19.62 31.61
C ARG F 107 -90.47 -18.23 31.01
N HIS F 108 -91.58 -17.57 31.27
CA HIS F 108 -91.72 -16.18 30.84
C HIS F 108 -91.70 -15.20 32.00
N VAL F 109 -92.15 -15.66 33.18
CA VAL F 109 -92.15 -14.84 34.39
C VAL F 109 -90.81 -14.87 35.13
N MET F 110 -89.95 -15.88 34.89
CA MET F 110 -88.65 -15.91 35.54
C MET F 110 -87.54 -15.37 34.64
N THR F 111 -87.78 -15.26 33.34
CA THR F 111 -86.80 -14.61 32.47
C THR F 111 -86.96 -13.09 32.43
N ASN F 112 -87.96 -12.54 33.14
CA ASN F 112 -88.34 -11.14 32.99
C ASN F 112 -88.31 -10.38 34.31
N LEU F 113 -87.53 -10.85 35.28
CA LEU F 113 -87.61 -10.33 36.64
C LEU F 113 -86.66 -9.18 36.92
N GLY F 114 -85.73 -8.86 36.01
CA GLY F 114 -84.90 -7.68 36.18
C GLY F 114 -83.50 -7.91 36.71
N GLU F 115 -83.04 -9.16 36.84
CA GLU F 115 -81.65 -9.44 37.16
C GLU F 115 -80.85 -9.84 35.92
N LYS F 116 -81.35 -9.46 34.73
CA LYS F 116 -80.74 -9.74 33.43
C LYS F 116 -80.52 -11.24 33.20
N LEU F 117 -81.51 -12.04 33.57
CA LEU F 117 -81.46 -13.49 33.38
C LEU F 117 -81.84 -13.80 31.94
N THR F 118 -80.98 -14.53 31.24
CA THR F 118 -81.26 -14.86 29.84
C THR F 118 -82.16 -16.09 29.78
N ASP F 119 -82.36 -16.62 28.58
CA ASP F 119 -83.07 -17.88 28.44
C ASP F 119 -82.21 -19.07 28.86
N GLU F 120 -80.90 -18.87 28.99
CA GLU F 120 -79.99 -19.98 29.25
C GLU F 120 -79.88 -20.31 30.74
N GLU F 121 -80.03 -19.29 31.61
CA GLU F 121 -79.82 -19.53 33.04
C GLU F 121 -81.01 -20.22 33.68
N VAL F 122 -82.23 -19.84 33.30
CA VAL F 122 -83.41 -20.56 33.78
C VAL F 122 -83.56 -21.92 33.09
N ASP F 123 -82.90 -22.14 31.96
CA ASP F 123 -82.89 -23.47 31.39
C ASP F 123 -81.96 -24.39 32.15
N GLU F 124 -80.85 -23.85 32.66
CA GLU F 124 -79.99 -24.59 33.59
C GLU F 124 -80.65 -24.75 34.94
N MET F 125 -81.55 -23.82 35.30
CA MET F 125 -82.08 -23.76 36.66
C MET F 125 -83.10 -24.87 36.89
N ILE F 126 -83.93 -25.17 35.88
CA ILE F 126 -85.06 -26.07 36.10
C ILE F 126 -84.71 -27.52 35.76
N ARG F 127 -83.67 -27.75 34.97
CA ARG F 127 -83.24 -29.11 34.67
C ARG F 127 -82.04 -29.57 35.49
N GLU F 128 -81.62 -28.78 36.48
CA GLU F 128 -80.86 -29.28 37.62
C GLU F 128 -81.71 -29.47 38.86
N ALA F 129 -83.03 -29.43 38.73
CA ALA F 129 -83.91 -29.67 39.87
C ALA F 129 -83.91 -31.14 40.24
N GLY F 135 -96.37 -30.79 34.28
CA GLY F 135 -96.05 -31.12 35.65
C GLY F 135 -95.94 -29.92 36.57
N GLN F 136 -95.95 -30.17 37.88
CA GLN F 136 -95.86 -29.10 38.86
C GLN F 136 -95.08 -29.59 40.06
N VAL F 137 -94.23 -28.72 40.61
CA VAL F 137 -93.29 -29.06 41.67
C VAL F 137 -93.74 -28.36 42.94
N ASN F 138 -93.46 -28.98 44.09
CA ASN F 138 -93.94 -28.47 45.37
C ASN F 138 -93.14 -27.24 45.81
N TYR F 139 -93.59 -26.63 46.91
CA TYR F 139 -92.96 -25.42 47.42
C TYR F 139 -91.68 -25.70 48.20
N GLU F 140 -91.60 -26.82 48.92
CA GLU F 140 -90.43 -27.04 49.77
C GLU F 140 -89.24 -27.52 48.95
N ALA F 141 -89.49 -28.03 47.76
CA ALA F 141 -88.40 -28.39 46.86
C ALA F 141 -87.76 -27.15 46.23
N PHE F 142 -88.50 -26.04 46.17
CA PHE F 142 -87.98 -24.85 45.50
C PHE F 142 -86.99 -24.11 46.38
N VAL F 143 -87.16 -24.22 47.71
CA VAL F 143 -86.12 -23.81 48.64
C VAL F 143 -84.94 -24.77 48.58
N GLN F 144 -85.22 -26.07 48.35
CA GLN F 144 -84.15 -27.06 48.28
C GLN F 144 -83.30 -26.84 47.04
N MET F 145 -83.91 -26.33 45.99
CA MET F 145 -83.23 -26.06 44.73
C MET F 145 -82.75 -24.62 44.58
N MET F 146 -83.13 -23.71 45.50
CA MET F 146 -82.59 -22.35 45.43
C MET F 146 -81.35 -22.17 46.30
N THR F 147 -81.43 -22.57 47.56
CA THR F 147 -80.30 -22.38 48.47
C THR F 147 -79.16 -23.33 48.14
N ALA F 148 -79.51 -24.53 47.66
CA ALA F 148 -78.59 -25.59 47.21
C ALA F 148 -77.55 -25.96 48.25
N GLY G 1 -36.56 -119.23 39.16
CA GLY G 1 -37.86 -119.72 39.59
C GLY G 1 -39.02 -119.06 38.88
N VAL G 2 -39.81 -119.87 38.18
CA VAL G 2 -41.00 -119.41 37.48
C VAL G 2 -42.22 -119.99 38.19
N GLU G 3 -43.06 -119.11 38.75
CA GLU G 3 -44.28 -119.53 39.43
C GLU G 3 -45.42 -119.47 38.43
N ILE G 4 -45.91 -120.64 38.02
CA ILE G 4 -47.01 -120.74 37.08
C ILE G 4 -48.30 -120.95 37.87
N GLU G 5 -49.12 -119.91 37.90
CA GLU G 5 -50.46 -119.97 38.50
C GLU G 5 -51.49 -119.92 37.39
N THR G 6 -52.39 -120.89 37.36
CA THR G 6 -53.36 -120.99 36.27
C THR G 6 -54.51 -120.02 36.47
N ILE G 7 -55.12 -119.61 35.37
CA ILE G 7 -56.25 -118.70 35.38
C ILE G 7 -57.50 -119.35 34.78
N SER G 8 -57.37 -119.96 33.61
CA SER G 8 -58.45 -120.71 32.98
C SER G 8 -57.96 -122.09 32.59
N PRO G 9 -58.80 -123.12 32.71
CA PRO G 9 -58.36 -124.47 32.38
C PRO G 9 -58.20 -124.68 30.88
N GLY G 10 -57.39 -125.68 30.54
CA GLY G 10 -57.10 -126.00 29.15
C GLY G 10 -57.33 -127.46 28.81
N ASP G 11 -56.63 -127.95 27.79
CA ASP G 11 -56.84 -129.33 27.33
C ASP G 11 -56.14 -130.32 28.25
N GLY G 12 -54.87 -130.07 28.57
CA GLY G 12 -54.13 -130.90 29.50
C GLY G 12 -53.40 -132.07 28.91
N ARG G 13 -53.42 -132.24 27.59
CA ARG G 13 -52.67 -133.32 26.95
C ARG G 13 -51.66 -132.86 25.91
N THR G 14 -51.91 -131.73 25.25
CA THR G 14 -50.99 -131.22 24.24
C THR G 14 -50.06 -130.17 24.84
N PHE G 15 -48.76 -130.48 24.88
CA PHE G 15 -47.72 -129.62 25.44
C PHE G 15 -46.64 -129.36 24.39
N PRO G 16 -46.00 -128.19 24.40
CA PRO G 16 -44.99 -127.89 23.38
C PRO G 16 -43.71 -128.70 23.55
N LYS G 17 -43.15 -129.11 22.42
CA LYS G 17 -41.92 -129.89 22.34
C LYS G 17 -40.86 -129.04 21.63
N LYS G 18 -39.68 -129.61 21.39
CA LYS G 18 -38.58 -128.85 20.79
C LYS G 18 -38.81 -128.62 19.30
N GLY G 19 -38.30 -127.50 18.80
CA GLY G 19 -38.31 -127.24 17.37
C GLY G 19 -39.67 -126.96 16.80
N GLN G 20 -40.63 -126.59 17.64
CA GLN G 20 -42.03 -126.44 17.28
C GLN G 20 -42.42 -125.00 17.55
N THR G 21 -43.26 -124.43 16.69
CA THR G 21 -43.69 -123.06 16.88
C THR G 21 -44.80 -123.04 17.92
N CYS G 22 -44.98 -121.89 18.55
CA CYS G 22 -46.16 -121.63 19.35
C CYS G 22 -46.66 -120.24 19.01
N VAL G 23 -47.96 -120.04 19.14
CA VAL G 23 -48.55 -118.70 19.13
C VAL G 23 -49.04 -118.43 20.55
N VAL G 24 -48.68 -117.26 21.09
CA VAL G 24 -49.00 -116.87 22.46
C VAL G 24 -49.51 -115.43 22.43
N HIS G 25 -50.73 -115.24 22.90
CA HIS G 25 -51.32 -113.90 22.91
C HIS G 25 -51.16 -113.29 24.30
N TYR G 26 -49.93 -113.00 24.68
CA TYR G 26 -49.61 -112.59 26.04
C TYR G 26 -49.96 -111.12 26.29
N THR G 27 -49.86 -110.74 27.57
CA THR G 27 -49.83 -109.34 27.98
C THR G 27 -49.00 -109.26 29.28
N GLY G 28 -47.88 -108.55 29.21
CA GLY G 28 -46.94 -108.53 30.31
C GLY G 28 -47.13 -107.35 31.23
N MET G 29 -46.82 -107.55 32.51
CA MET G 29 -46.97 -106.52 33.51
C MET G 29 -45.77 -106.54 34.45
N LEU G 30 -45.66 -105.50 35.24
CA LEU G 30 -44.64 -105.41 36.27
C LEU G 30 -45.25 -105.79 37.61
N GLN G 31 -44.43 -105.77 38.66
CA GLN G 31 -44.91 -106.16 39.98
C GLN G 31 -45.81 -105.10 40.57
N ASN G 32 -45.55 -103.82 40.25
CA ASN G 32 -46.32 -102.72 40.78
C ASN G 32 -47.72 -102.63 40.20
N GLY G 33 -47.97 -103.24 39.05
CA GLY G 33 -49.25 -103.15 38.37
C GLY G 33 -49.24 -102.32 37.11
N LYS G 34 -48.07 -101.90 36.62
CA LYS G 34 -47.96 -101.11 35.41
C LYS G 34 -47.68 -102.01 34.23
N LYS G 35 -48.49 -101.89 33.17
CA LYS G 35 -48.33 -102.73 32.01
C LYS G 35 -47.24 -102.15 31.11
N PHE G 36 -46.33 -103.01 30.67
CA PHE G 36 -45.25 -102.60 29.78
C PHE G 36 -45.34 -103.21 28.39
N ASP G 37 -46.09 -104.29 28.22
CA ASP G 37 -46.27 -104.92 26.92
C ASP G 37 -47.66 -105.53 26.90
N SER G 38 -48.23 -105.59 25.70
CA SER G 38 -49.44 -106.35 25.44
C SER G 38 -49.41 -106.73 23.97
N SER G 39 -49.84 -107.94 23.64
CA SER G 39 -49.90 -108.34 22.25
C SER G 39 -51.32 -108.34 21.70
N ARG G 40 -52.28 -107.78 22.46
CA ARG G 40 -53.67 -107.69 22.04
C ARG G 40 -54.10 -106.27 21.70
N ASP G 41 -53.29 -105.27 22.04
CA ASP G 41 -53.54 -103.93 21.54
C ASP G 41 -53.19 -103.83 20.06
N ARG G 42 -52.21 -104.61 19.61
CA ARG G 42 -51.83 -104.67 18.21
C ARG G 42 -52.71 -105.60 17.38
N ASN G 43 -53.47 -106.48 18.05
CA ASN G 43 -54.26 -107.55 17.42
C ASN G 43 -53.42 -108.44 16.51
N LYS G 44 -52.20 -108.75 16.95
CA LYS G 44 -51.28 -109.62 16.23
C LYS G 44 -50.62 -110.56 17.25
N PRO G 45 -50.90 -111.85 17.19
CA PRO G 45 -50.40 -112.76 18.23
C PRO G 45 -48.92 -113.03 18.09
N PHE G 46 -48.24 -113.10 19.22
CA PHE G 46 -46.81 -113.36 19.23
C PHE G 46 -46.55 -114.83 18.93
N LYS G 47 -45.66 -115.08 17.97
CA LYS G 47 -45.25 -116.43 17.62
C LYS G 47 -43.74 -116.56 17.74
N PHE G 48 -43.31 -117.66 18.39
CA PHE G 48 -41.92 -117.90 18.72
C PHE G 48 -41.61 -119.38 18.55
N ARG G 49 -40.33 -119.68 18.35
CA ARG G 49 -39.84 -121.06 18.28
C ARG G 49 -39.18 -121.46 19.59
N ILE G 50 -39.53 -122.64 20.08
CA ILE G 50 -39.10 -123.06 21.41
C ILE G 50 -37.74 -123.73 21.26
N GLY G 51 -36.79 -123.30 22.10
CA GLY G 51 -35.47 -123.91 22.16
C GLY G 51 -34.39 -123.16 21.41
N LYS G 52 -34.75 -122.27 20.49
CA LYS G 52 -33.76 -121.53 19.70
C LYS G 52 -33.38 -120.19 20.31
N GLN G 53 -33.79 -119.93 21.57
CA GLN G 53 -33.37 -118.78 22.38
C GLN G 53 -33.81 -117.46 21.75
N GLU G 54 -35.05 -117.42 21.28
CA GLU G 54 -35.63 -116.16 20.80
C GLU G 54 -36.13 -115.32 21.97
N VAL G 55 -37.01 -115.89 22.78
CA VAL G 55 -37.57 -115.22 23.95
C VAL G 55 -36.59 -115.32 25.11
N ILE G 56 -36.88 -114.59 26.19
CA ILE G 56 -36.09 -114.71 27.42
C ILE G 56 -36.28 -116.09 28.04
N LYS G 57 -35.40 -116.41 28.99
CA LYS G 57 -35.39 -117.73 29.61
C LYS G 57 -36.65 -117.98 30.44
N GLY G 58 -37.19 -116.93 31.05
CA GLY G 58 -38.39 -117.10 31.87
C GLY G 58 -39.63 -117.34 31.04
N PHE G 59 -39.62 -116.90 29.79
CA PHE G 59 -40.81 -117.01 28.94
C PHE G 59 -40.96 -118.44 28.39
N GLU G 60 -39.85 -119.06 28.00
CA GLU G 60 -39.92 -120.38 27.38
C GLU G 60 -40.05 -121.49 28.41
N GLU G 61 -39.36 -121.34 29.56
CA GLU G 61 -39.61 -122.24 30.68
C GLU G 61 -40.99 -122.00 31.29
N GLY G 62 -41.59 -120.85 31.00
CA GLY G 62 -42.98 -120.63 31.33
C GLY G 62 -43.98 -121.19 30.33
N ALA G 63 -43.67 -121.11 29.03
CA ALA G 63 -44.60 -121.60 28.02
C ALA G 63 -44.54 -123.12 27.84
N ALA G 64 -43.47 -123.77 28.32
CA ALA G 64 -43.33 -125.20 28.13
C ALA G 64 -44.19 -125.99 29.10
N GLN G 65 -44.56 -125.40 30.23
CA GLN G 65 -45.30 -126.11 31.26
C GLN G 65 -46.81 -126.07 31.07
N MET G 66 -47.29 -125.39 30.03
CA MET G 66 -48.72 -125.22 29.84
C MET G 66 -49.24 -126.14 28.75
N SER G 67 -50.57 -126.15 28.61
CA SER G 67 -51.27 -126.97 27.65
C SER G 67 -51.88 -126.09 26.58
N LEU G 68 -52.48 -126.74 25.57
CA LEU G 68 -53.15 -126.00 24.51
C LEU G 68 -54.46 -125.44 25.03
N GLY G 69 -54.68 -124.14 24.80
CA GLY G 69 -55.87 -123.47 25.27
C GLY G 69 -55.84 -123.05 26.72
N GLN G 70 -54.75 -123.31 27.44
CA GLN G 70 -54.64 -122.89 28.83
C GLN G 70 -54.14 -121.47 28.91
N ARG G 71 -54.66 -120.73 29.90
CA ARG G 71 -54.22 -119.37 30.18
C ARG G 71 -53.75 -119.32 31.62
N ALA G 72 -52.47 -118.99 31.82
CA ALA G 72 -51.86 -118.96 33.14
C ALA G 72 -51.24 -117.60 33.41
N LYS G 73 -50.69 -117.45 34.61
CA LYS G 73 -50.10 -116.20 35.08
C LYS G 73 -48.72 -116.51 35.63
N LEU G 74 -47.69 -115.94 35.01
CA LEU G 74 -46.35 -116.21 35.50
C LEU G 74 -45.83 -115.05 36.32
N THR G 75 -44.88 -115.36 37.20
CA THR G 75 -44.14 -114.35 37.95
C THR G 75 -42.65 -114.66 37.75
N CYS G 76 -42.04 -114.02 36.75
CA CYS G 76 -40.64 -114.27 36.43
C CYS G 76 -39.74 -113.47 37.35
N THR G 77 -38.83 -114.16 38.04
CA THR G 77 -37.90 -113.51 38.94
C THR G 77 -36.88 -112.68 38.13
N PRO G 78 -36.34 -111.60 38.70
CA PRO G 78 -35.40 -110.75 37.95
C PRO G 78 -34.08 -111.42 37.63
N ASP G 79 -33.76 -112.57 38.23
CA ASP G 79 -32.53 -113.28 37.91
C ASP G 79 -32.59 -113.93 36.54
N VAL G 80 -33.79 -114.37 36.12
CA VAL G 80 -33.92 -115.13 34.88
C VAL G 80 -34.31 -114.24 33.69
N ALA G 81 -34.67 -112.98 33.94
CA ALA G 81 -35.12 -112.08 32.87
C ALA G 81 -34.62 -110.67 33.19
N TYR G 82 -33.62 -110.21 32.41
CA TYR G 82 -33.06 -108.85 32.47
C TYR G 82 -32.53 -108.49 33.85
N GLY G 83 -31.47 -109.17 34.29
CA GLY G 83 -30.93 -108.99 35.62
C GLY G 83 -30.31 -107.64 35.94
N ALA G 84 -29.25 -107.27 35.22
CA ALA G 84 -28.44 -106.12 35.62
C ALA G 84 -28.75 -104.86 34.83
N THR G 85 -28.53 -104.87 33.51
CA THR G 85 -28.74 -103.66 32.74
C THR G 85 -30.19 -103.49 32.28
N GLY G 86 -30.94 -104.59 32.16
CA GLY G 86 -32.32 -104.54 31.71
C GLY G 86 -32.46 -104.12 30.26
N HIS G 87 -33.70 -103.78 29.91
CA HIS G 87 -34.01 -103.22 28.60
C HIS G 87 -34.23 -101.73 28.78
N PRO G 88 -33.40 -100.87 28.16
CA PRO G 88 -33.48 -99.43 28.46
C PRO G 88 -34.71 -98.77 27.85
N GLY G 89 -35.46 -98.06 28.69
CA GLY G 89 -36.64 -97.34 28.25
C GLY G 89 -37.96 -98.01 28.56
N VAL G 90 -37.96 -99.32 28.86
CA VAL G 90 -39.18 -100.07 29.10
C VAL G 90 -39.21 -100.54 30.55
N ILE G 91 -38.27 -101.39 30.91
CA ILE G 91 -38.24 -102.08 32.19
C ILE G 91 -37.11 -101.49 33.02
N PRO G 92 -37.35 -101.09 34.27
CA PRO G 92 -36.25 -100.65 35.14
C PRO G 92 -35.38 -101.82 35.53
N PRO G 93 -34.11 -101.58 35.89
CA PRO G 93 -33.24 -102.68 36.31
C PRO G 93 -33.67 -103.24 37.66
N ASN G 94 -33.51 -104.57 37.78
CA ASN G 94 -33.89 -105.37 38.96
C ASN G 94 -35.38 -105.20 39.29
N ALA G 95 -36.20 -105.59 38.30
CA ALA G 95 -37.65 -105.51 38.40
C ALA G 95 -38.25 -106.88 38.10
N THR G 96 -39.32 -107.22 38.81
CA THR G 96 -40.00 -108.49 38.61
C THR G 96 -41.05 -108.37 37.52
N LEU G 97 -41.07 -109.36 36.62
CA LEU G 97 -41.91 -109.35 35.44
C LEU G 97 -43.05 -110.37 35.60
N ILE G 98 -44.27 -109.93 35.30
CA ILE G 98 -45.47 -110.77 35.39
C ILE G 98 -46.08 -110.88 34.00
N PHE G 99 -46.39 -112.12 33.59
CA PHE G 99 -46.93 -112.39 32.27
C PHE G 99 -48.22 -113.18 32.37
N ASP G 100 -49.25 -112.75 31.64
CA ASP G 100 -50.51 -113.49 31.54
C ASP G 100 -50.51 -114.11 30.14
N VAL G 101 -49.88 -115.26 30.04
CA VAL G 101 -49.72 -115.93 28.75
C VAL G 101 -50.95 -116.76 28.44
N GLU G 102 -51.31 -116.83 27.17
CA GLU G 102 -52.39 -117.71 26.71
C GLU G 102 -51.98 -118.32 25.38
N LEU G 103 -51.91 -119.65 25.35
CA LEU G 103 -51.53 -120.39 24.14
C LEU G 103 -52.75 -120.64 23.28
N LEU G 104 -52.78 -120.03 22.09
CA LEU G 104 -53.97 -120.13 21.23
C LEU G 104 -54.00 -121.45 20.46
N ASN G 105 -53.00 -121.69 19.61
CA ASN G 105 -53.00 -122.94 18.84
C ASN G 105 -51.57 -123.45 18.64
N LEU G 106 -51.51 -124.66 18.09
CA LEU G 106 -50.30 -125.39 17.69
C LEU G 106 -49.34 -125.56 18.88
N GLU G 107 -49.74 -126.46 19.79
CA GLU G 107 -49.04 -126.79 21.04
C GLU G 107 -48.77 -125.56 21.92
N MET H 1 -5.48 -93.92 -15.84
CA MET H 1 -6.78 -94.04 -15.17
C MET H 1 -7.30 -95.46 -15.34
N ALA H 2 -8.54 -95.71 -14.95
CA ALA H 2 -9.16 -97.02 -15.09
C ALA H 2 -10.24 -97.06 -16.17
N ASP H 3 -10.43 -95.98 -16.91
CA ASP H 3 -11.41 -95.98 -18.00
C ASP H 3 -10.86 -96.58 -19.29
N GLN H 4 -9.59 -96.99 -19.31
CA GLN H 4 -9.03 -97.70 -20.46
C GLN H 4 -9.67 -99.06 -20.67
N LEU H 5 -10.25 -99.66 -19.63
CA LEU H 5 -10.86 -100.97 -19.72
C LEU H 5 -12.37 -100.79 -19.94
N THR H 6 -12.99 -101.76 -20.62
CA THR H 6 -14.44 -101.72 -20.81
C THR H 6 -15.15 -102.17 -19.53
N GLU H 7 -16.47 -102.35 -19.64
CA GLU H 7 -17.25 -102.91 -18.55
C GLU H 7 -16.91 -104.38 -18.31
N GLU H 8 -16.50 -105.07 -19.38
CA GLU H 8 -16.64 -106.52 -19.49
C GLU H 8 -15.37 -107.23 -19.03
N GLN H 9 -14.24 -106.52 -19.01
CA GLN H 9 -13.10 -106.97 -18.22
C GLN H 9 -13.31 -106.71 -16.72
N ILE H 10 -14.00 -105.63 -16.37
CA ILE H 10 -14.18 -105.29 -14.96
C ILE H 10 -15.19 -106.22 -14.31
N ALA H 11 -16.26 -106.57 -15.04
CA ALA H 11 -17.22 -107.55 -14.54
C ALA H 11 -16.62 -108.95 -14.50
N GLU H 12 -15.63 -109.22 -15.37
CA GLU H 12 -14.93 -110.49 -15.32
C GLU H 12 -13.94 -110.51 -14.17
N PHE H 13 -13.36 -109.36 -13.82
CA PHE H 13 -12.35 -109.32 -12.75
C PHE H 13 -13.01 -109.39 -11.37
N LYS H 14 -14.22 -108.84 -11.24
CA LYS H 14 -14.95 -109.00 -9.99
C LYS H 14 -15.50 -110.42 -9.89
N GLU H 15 -15.77 -111.04 -11.04
CA GLU H 15 -16.16 -112.45 -11.08
C GLU H 15 -15.03 -113.35 -10.60
N ALA H 16 -13.79 -113.01 -10.96
CA ALA H 16 -12.64 -113.78 -10.48
C ALA H 16 -12.30 -113.45 -9.02
N PHE H 17 -12.55 -112.21 -8.60
CA PHE H 17 -12.20 -111.80 -7.24
C PHE H 17 -13.18 -112.35 -6.22
N SER H 18 -14.48 -112.25 -6.51
CA SER H 18 -15.50 -112.69 -5.56
C SER H 18 -15.59 -114.22 -5.52
N LEU H 19 -15.04 -114.90 -6.54
CA LEU H 19 -15.01 -116.36 -6.51
C LEU H 19 -14.01 -116.86 -5.46
N PHE H 20 -12.85 -116.22 -5.34
CA PHE H 20 -11.81 -116.69 -4.45
C PHE H 20 -11.58 -115.75 -3.27
N ASP H 21 -12.54 -114.86 -3.01
CA ASP H 21 -12.47 -113.99 -1.84
C ASP H 21 -12.71 -114.80 -0.57
N LYS H 22 -12.16 -114.30 0.54
CA LYS H 22 -12.19 -115.06 1.79
C LYS H 22 -13.57 -115.06 2.44
N ASP H 23 -14.09 -113.87 2.77
CA ASP H 23 -15.35 -113.81 3.50
C ASP H 23 -16.27 -112.74 2.92
N GLY H 24 -15.99 -112.27 1.70
CA GLY H 24 -16.74 -111.17 1.14
C GLY H 24 -16.22 -109.81 1.52
N ASP H 25 -15.11 -109.75 2.27
CA ASP H 25 -14.48 -108.48 2.61
C ASP H 25 -13.84 -107.82 1.40
N GLY H 26 -13.45 -108.61 0.42
CA GLY H 26 -12.58 -108.13 -0.62
C GLY H 26 -11.12 -108.40 -0.36
N THR H 27 -10.81 -109.47 0.38
CA THR H 27 -9.44 -109.76 0.79
C THR H 27 -8.96 -111.05 0.16
N ILE H 28 -7.66 -111.10 -0.13
CA ILE H 28 -6.95 -112.29 -0.59
C ILE H 28 -5.57 -112.28 0.04
N THR H 29 -4.91 -113.44 0.03
CA THR H 29 -3.55 -113.52 0.52
C THR H 29 -2.55 -113.35 -0.63
N THR H 30 -1.26 -113.42 -0.29
CA THR H 30 -0.22 -113.27 -1.31
C THR H 30 -0.07 -114.56 -2.12
N LYS H 31 -0.62 -115.69 -1.65
CA LYS H 31 -0.82 -116.82 -2.56
C LYS H 31 -1.92 -116.60 -3.57
N ALA H 32 -3.08 -116.08 -3.13
CA ALA H 32 -4.30 -116.14 -3.93
C ALA H 32 -4.28 -115.18 -5.11
N LEU H 33 -3.37 -114.20 -5.09
CA LEU H 33 -3.20 -113.35 -6.25
C LEU H 33 -2.56 -114.12 -7.39
N GLY H 34 -1.77 -115.14 -7.05
CA GLY H 34 -1.21 -116.00 -8.09
C GLY H 34 -2.24 -116.93 -8.70
N THR H 35 -3.10 -117.52 -7.87
CA THR H 35 -4.07 -118.48 -8.41
C THR H 35 -5.22 -117.77 -9.12
N VAL H 36 -5.50 -116.51 -8.75
CA VAL H 36 -6.54 -115.76 -9.44
C VAL H 36 -6.07 -115.23 -10.79
N MET H 37 -4.77 -115.19 -11.06
CA MET H 37 -4.40 -114.81 -12.42
C MET H 37 -4.24 -116.02 -13.32
N ARG H 38 -3.78 -117.16 -12.77
CA ARG H 38 -3.69 -118.38 -13.57
C ARG H 38 -5.05 -119.03 -13.81
N SER H 39 -6.11 -118.55 -13.15
CA SER H 39 -7.45 -119.05 -13.44
C SER H 39 -8.04 -118.44 -14.71
N LEU H 40 -7.41 -117.40 -15.27
CA LEU H 40 -7.91 -116.71 -16.44
C LEU H 40 -6.97 -116.81 -17.64
N GLY H 41 -5.97 -117.69 -17.59
CA GLY H 41 -5.11 -117.87 -18.74
C GLY H 41 -3.78 -117.16 -18.63
N GLN H 42 -3.75 -116.04 -17.90
CA GLN H 42 -2.53 -115.25 -17.78
C GLN H 42 -1.59 -115.95 -16.80
N ASN H 43 -0.38 -116.30 -17.25
CA ASN H 43 0.57 -117.08 -16.45
C ASN H 43 1.88 -116.34 -16.24
N PRO H 44 1.92 -115.38 -15.32
CA PRO H 44 3.18 -114.67 -15.08
C PRO H 44 4.11 -115.47 -14.16
N THR H 45 5.41 -115.25 -14.31
CA THR H 45 6.32 -115.83 -13.36
C THR H 45 6.36 -114.92 -12.14
N GLU H 46 7.04 -115.36 -11.09
CA GLU H 46 6.82 -114.78 -9.77
C GLU H 46 7.50 -113.42 -9.60
N ALA H 47 8.28 -112.97 -10.59
CA ALA H 47 8.80 -111.61 -10.56
C ALA H 47 7.72 -110.60 -10.92
N GLU H 48 6.76 -111.00 -11.74
CA GLU H 48 5.69 -110.09 -12.13
C GLU H 48 4.77 -109.82 -10.96
N LEU H 49 4.61 -110.83 -10.10
CA LEU H 49 3.85 -110.60 -8.88
C LEU H 49 4.67 -109.87 -7.84
N GLN H 50 5.97 -110.21 -7.79
CA GLN H 50 6.92 -109.70 -6.76
C GLN H 50 7.01 -108.17 -6.73
N ASP H 51 6.76 -107.48 -7.86
CA ASP H 51 6.90 -106.03 -7.83
C ASP H 51 5.59 -105.32 -7.52
N MET H 52 4.46 -105.99 -7.74
CA MET H 52 3.17 -105.31 -7.66
C MET H 52 2.69 -105.14 -6.21
N ILE H 53 3.03 -106.08 -5.33
CA ILE H 53 2.73 -105.91 -3.91
C ILE H 53 3.67 -104.90 -3.26
N ASN H 54 4.91 -104.89 -3.73
CA ASN H 54 5.90 -103.87 -3.30
C ASN H 54 5.38 -102.53 -3.86
N GLU H 55 4.69 -102.61 -5.00
CA GLU H 55 4.05 -101.42 -5.64
C GLU H 55 2.91 -100.99 -4.72
N VAL H 56 1.96 -101.90 -4.44
CA VAL H 56 0.88 -101.53 -3.49
C VAL H 56 1.36 -101.74 -2.05
N ASN H 61 1.81 -105.26 3.20
CA ASN H 61 0.78 -105.40 4.22
C ASN H 61 0.11 -106.78 4.24
N GLY H 62 0.05 -107.43 3.07
CA GLY H 62 -0.54 -108.75 2.96
C GLY H 62 -2.02 -108.78 2.65
N THR H 63 -2.66 -107.62 2.53
CA THR H 63 -4.08 -107.51 2.23
C THR H 63 -4.24 -106.83 0.88
N ILE H 64 -4.63 -107.60 -0.13
CA ILE H 64 -4.79 -107.08 -1.49
C ILE H 64 -6.28 -106.90 -1.71
N ASP H 65 -6.72 -105.65 -1.69
CA ASP H 65 -8.13 -105.33 -1.80
C ASP H 65 -8.50 -105.18 -3.28
N PHE H 66 -9.80 -105.05 -3.55
CA PHE H 66 -10.26 -105.07 -4.94
C PHE H 66 -9.88 -103.84 -5.75
N PRO H 67 -9.87 -102.59 -5.22
CA PRO H 67 -9.25 -101.50 -6.00
C PRO H 67 -7.76 -101.65 -6.22
N ALA H 68 -7.04 -102.33 -5.32
CA ALA H 68 -5.62 -102.58 -5.56
C ALA H 68 -5.41 -103.62 -6.65
N PHE H 69 -6.31 -104.62 -6.70
CA PHE H 69 -6.19 -105.66 -7.72
C PHE H 69 -6.66 -105.15 -9.08
N LEU H 70 -7.59 -104.19 -9.08
CA LEU H 70 -8.09 -103.65 -10.34
C LEU H 70 -7.07 -102.73 -10.98
N THR H 71 -6.28 -102.02 -10.16
CA THR H 71 -5.26 -101.13 -10.70
C THR H 71 -4.06 -101.92 -11.23
N MET H 72 -3.82 -103.11 -10.68
CA MET H 72 -2.68 -103.91 -11.12
C MET H 72 -2.97 -104.62 -12.44
N MET H 73 -4.23 -105.02 -12.66
CA MET H 73 -4.59 -105.57 -13.97
C MET H 73 -4.69 -104.50 -15.04
N ALA H 74 -5.00 -103.26 -14.63
CA ALA H 74 -5.11 -102.18 -15.60
C ALA H 74 -3.74 -101.79 -16.14
N ARG H 75 -2.72 -101.82 -15.27
CA ARG H 75 -1.37 -101.58 -15.72
C ARG H 75 -0.80 -102.80 -16.45
N LYS H 76 -1.31 -103.99 -16.13
CA LYS H 76 -0.87 -105.21 -16.80
C LYS H 76 -1.46 -105.34 -18.19
N MET H 77 -2.60 -104.69 -18.44
CA MET H 77 -3.21 -104.72 -19.76
C MET H 77 -2.85 -103.52 -20.62
N LYS H 78 -2.60 -102.36 -20.01
CA LYS H 78 -2.38 -101.15 -20.81
C LYS H 78 -1.02 -101.12 -21.48
N ASP H 79 -0.01 -101.78 -20.90
CA ASP H 79 1.34 -101.69 -21.45
C ASP H 79 1.47 -102.45 -22.76
N THR H 80 0.77 -103.58 -22.88
CA THR H 80 0.78 -104.30 -24.16
C THR H 80 -0.16 -103.64 -25.15
N ASP H 81 -1.23 -103.00 -24.67
CA ASP H 81 -2.15 -102.31 -25.57
C ASP H 81 -1.56 -100.99 -26.06
N SER H 82 -0.73 -100.32 -25.24
CA SER H 82 -0.07 -99.11 -25.69
C SER H 82 1.10 -99.41 -26.61
N GLU H 83 1.59 -100.66 -26.60
CA GLU H 83 2.63 -101.03 -27.55
C GLU H 83 2.04 -101.48 -28.88
N GLU H 84 0.76 -101.89 -28.87
CA GLU H 84 0.09 -102.44 -30.05
C GLU H 84 -1.02 -101.55 -30.58
N GLU H 85 -1.26 -100.38 -29.96
CA GLU H 85 -2.30 -99.47 -30.45
C GLU H 85 -1.95 -98.84 -31.79
N ILE H 86 -0.66 -98.81 -32.14
CA ILE H 86 -0.18 -97.89 -33.16
C ILE H 86 -0.05 -98.59 -34.52
N ARG H 87 -0.11 -99.93 -34.52
CA ARG H 87 -0.09 -100.69 -35.77
C ARG H 87 -1.47 -100.72 -36.42
N GLU H 88 -2.52 -100.90 -35.61
CA GLU H 88 -3.88 -100.87 -36.12
C GLU H 88 -4.27 -99.42 -36.40
N ALA H 89 -3.59 -98.48 -35.76
CA ALA H 89 -3.73 -97.07 -36.11
C ALA H 89 -3.04 -96.77 -37.44
N PHE H 90 -2.10 -97.62 -37.85
CA PHE H 90 -1.40 -97.50 -39.13
C PHE H 90 -2.13 -98.21 -40.28
N ARG H 91 -3.22 -98.92 -40.00
CA ARG H 91 -3.76 -99.82 -41.00
C ARG H 91 -4.64 -99.09 -42.02
N VAL H 92 -5.24 -97.97 -41.63
CA VAL H 92 -6.08 -97.24 -42.58
C VAL H 92 -5.22 -96.38 -43.50
N PHE H 93 -3.94 -96.20 -43.16
CA PHE H 93 -3.02 -95.43 -44.00
C PHE H 93 -2.66 -96.16 -45.29
N ASP H 94 -2.47 -97.48 -45.23
CA ASP H 94 -2.08 -98.24 -46.41
C ASP H 94 -3.20 -99.20 -46.81
N LYS H 95 -3.34 -99.45 -48.12
CA LYS H 95 -4.46 -100.24 -48.60
C LYS H 95 -4.22 -101.74 -48.45
N ASP H 96 -2.96 -102.19 -48.50
CA ASP H 96 -2.72 -103.63 -48.46
C ASP H 96 -2.55 -104.13 -47.03
N GLY H 97 -1.76 -103.42 -46.22
CA GLY H 97 -1.56 -103.80 -44.83
C GLY H 97 -0.17 -104.26 -44.46
N ASN H 98 0.78 -104.27 -45.38
CA ASN H 98 2.13 -104.69 -45.02
C ASN H 98 2.92 -103.56 -44.37
N GLY H 99 2.57 -102.30 -44.65
CA GLY H 99 3.20 -101.18 -43.97
C GLY H 99 3.72 -100.12 -44.91
N TYR H 100 3.32 -100.22 -46.17
CA TYR H 100 3.84 -99.37 -47.23
C TYR H 100 2.72 -98.46 -47.72
N ILE H 101 2.84 -97.17 -47.42
CA ILE H 101 1.81 -96.19 -47.74
C ILE H 101 2.40 -95.08 -48.62
N SER H 102 1.58 -94.60 -49.55
CA SER H 102 2.02 -93.59 -50.51
C SER H 102 2.12 -92.22 -49.85
N ALA H 103 3.03 -91.40 -50.37
CA ALA H 103 3.18 -90.04 -49.85
C ALA H 103 2.09 -89.12 -50.37
N ALA H 104 1.54 -89.42 -51.55
CA ALA H 104 0.44 -88.61 -52.08
C ALA H 104 -0.88 -88.97 -51.40
N ALA H 105 -0.98 -90.18 -50.85
CA ALA H 105 -2.20 -90.57 -50.17
C ALA H 105 -2.31 -89.95 -48.78
N LEU H 106 -1.20 -89.50 -48.20
CA LEU H 106 -1.17 -89.14 -46.78
C LEU H 106 -1.51 -87.67 -46.51
N ARG H 107 -1.69 -86.82 -47.52
CA ARG H 107 -2.00 -85.42 -47.22
C ARG H 107 -3.48 -85.05 -47.28
N HIS H 108 -4.37 -85.95 -47.62
CA HIS H 108 -5.80 -85.65 -47.50
C HIS H 108 -6.47 -86.45 -46.39
N VAL H 109 -5.95 -87.63 -46.08
CA VAL H 109 -6.46 -88.48 -45.01
C VAL H 109 -5.89 -88.11 -43.63
N MET H 110 -4.74 -87.41 -43.58
CA MET H 110 -4.19 -87.01 -42.28
C MET H 110 -4.55 -85.57 -41.93
N THR H 111 -4.99 -84.77 -42.90
CA THR H 111 -5.50 -83.43 -42.57
C THR H 111 -6.96 -83.44 -42.17
N ASN H 112 -7.62 -84.60 -42.19
CA ASN H 112 -9.08 -84.66 -42.05
C ASN H 112 -9.51 -85.58 -40.91
N LEU H 113 -8.65 -85.78 -39.91
CA LEU H 113 -8.88 -86.81 -38.90
C LEU H 113 -9.62 -86.30 -37.66
N GLY H 114 -9.84 -85.00 -37.52
CA GLY H 114 -10.66 -84.49 -36.43
C GLY H 114 -9.93 -83.94 -35.22
N GLU H 115 -8.60 -83.79 -35.28
CA GLU H 115 -7.86 -83.10 -34.23
C GLU H 115 -7.51 -81.68 -34.64
N LYS H 116 -8.23 -81.12 -35.61
CA LYS H 116 -8.06 -79.77 -36.15
C LYS H 116 -6.65 -79.54 -36.67
N LEU H 117 -6.12 -80.53 -37.39
CA LEU H 117 -4.79 -80.42 -37.98
C LEU H 117 -4.90 -79.64 -39.29
N THR H 118 -4.09 -78.59 -39.43
CA THR H 118 -4.16 -77.77 -40.63
C THR H 118 -3.29 -78.41 -41.71
N ASP H 119 -3.10 -77.68 -42.81
CA ASP H 119 -2.16 -78.14 -43.82
C ASP H 119 -0.71 -77.92 -43.39
N GLU H 120 -0.48 -77.11 -42.35
CA GLU H 120 0.88 -76.75 -41.97
C GLU H 120 1.51 -77.79 -41.04
N GLU H 121 0.70 -78.47 -40.22
CA GLU H 121 1.26 -79.39 -39.23
C GLU H 121 1.70 -80.71 -39.86
N VAL H 122 0.91 -81.22 -40.80
CA VAL H 122 1.32 -82.41 -41.54
C VAL H 122 2.41 -82.10 -42.57
N ASP H 123 2.59 -80.82 -42.93
CA ASP H 123 3.72 -80.47 -43.77
C ASP H 123 5.01 -80.45 -42.96
N GLU H 124 4.93 -80.03 -41.69
CA GLU H 124 6.06 -80.17 -40.78
C GLU H 124 6.29 -81.63 -40.40
N MET H 125 5.23 -82.45 -40.44
CA MET H 125 5.30 -83.81 -39.90
C MET H 125 6.07 -84.74 -40.83
N ILE H 126 5.90 -84.57 -42.14
CA ILE H 126 6.47 -85.54 -43.08
C ILE H 126 7.85 -85.13 -43.58
N ARG H 127 8.21 -83.86 -43.48
CA ARG H 127 9.55 -83.42 -43.86
C ARG H 127 10.50 -83.23 -42.69
N GLU H 128 10.08 -83.63 -41.48
CA GLU H 128 11.00 -83.98 -40.40
C GLU H 128 11.18 -85.48 -40.24
N ALA H 129 10.72 -86.28 -41.20
CA ALA H 129 10.92 -87.71 -41.13
C ALA H 129 12.38 -88.07 -41.40
N GLY H 135 7.17 -92.12 -53.56
CA GLY H 135 7.86 -92.93 -52.57
C GLY H 135 6.95 -93.46 -51.48
N GLN H 136 7.44 -94.44 -50.72
CA GLN H 136 6.67 -95.05 -49.65
C GLN H 136 7.61 -95.43 -48.51
N VAL H 137 7.14 -95.21 -47.27
CA VAL H 137 7.96 -95.35 -46.08
C VAL H 137 7.43 -96.57 -45.31
N ASN H 138 8.32 -97.25 -44.58
CA ASN H 138 7.96 -98.49 -43.90
C ASN H 138 7.13 -98.20 -42.65
N TYR H 139 6.67 -99.28 -42.02
CA TYR H 139 5.82 -99.16 -40.83
C TYR H 139 6.62 -98.87 -39.56
N GLU H 140 7.84 -99.41 -39.44
CA GLU H 140 8.56 -99.26 -38.18
C GLU H 140 9.19 -97.88 -38.07
N ALA H 141 9.34 -97.20 -39.20
CA ALA H 141 9.82 -95.82 -39.18
C ALA H 141 8.73 -94.87 -38.71
N PHE H 142 7.46 -95.25 -38.86
CA PHE H 142 6.37 -94.34 -38.53
C PHE H 142 6.14 -94.29 -37.02
N VAL H 143 6.46 -95.38 -36.32
CA VAL H 143 6.58 -95.32 -34.87
C VAL H 143 7.81 -94.54 -34.45
N GLN H 144 8.89 -94.63 -35.24
CA GLN H 144 10.11 -93.91 -34.92
C GLN H 144 9.92 -92.42 -35.07
N MET H 145 9.04 -92.02 -35.99
CA MET H 145 8.74 -90.62 -36.24
C MET H 145 7.50 -90.12 -35.52
N MET H 146 6.73 -91.00 -34.85
CA MET H 146 5.60 -90.50 -34.06
C MET H 146 5.97 -90.29 -32.59
N THR H 147 6.57 -91.30 -31.97
CA THR H 147 6.91 -91.18 -30.55
C THR H 147 8.07 -90.22 -30.34
N ALA H 148 9.00 -90.18 -31.30
CA ALA H 148 10.16 -89.28 -31.35
C ALA H 148 11.03 -89.36 -30.09
N GLN I 12 10.37 -31.86 -4.81
CA GLN I 12 8.98 -32.31 -4.78
C GLN I 12 8.90 -33.81 -5.05
N PHE I 13 9.35 -34.25 -6.22
CA PHE I 13 9.39 -35.66 -6.56
C PHE I 13 10.63 -35.96 -7.37
N LEU I 14 11.04 -37.22 -7.38
CA LEU I 14 12.21 -37.63 -8.12
C LEU I 14 11.92 -37.67 -9.61
N ARG I 15 12.94 -37.34 -10.40
CA ARG I 15 12.84 -37.28 -11.85
C ARG I 15 14.07 -37.95 -12.44
N THR I 16 14.00 -38.25 -13.74
CA THR I 16 15.17 -38.78 -14.41
C THR I 16 16.25 -37.70 -14.53
N ASP I 17 17.48 -38.16 -14.78
CA ASP I 17 18.64 -37.27 -14.95
C ASP I 17 18.89 -36.42 -13.70
N ASP I 18 18.64 -37.00 -12.53
CA ASP I 18 18.89 -36.34 -11.26
C ASP I 18 20.01 -37.04 -10.50
N GLU I 19 20.79 -36.27 -9.76
CA GLU I 19 21.91 -36.81 -9.00
C GLU I 19 21.53 -36.91 -7.53
N VAL I 20 21.70 -38.11 -6.96
CA VAL I 20 21.21 -38.46 -5.64
C VAL I 20 22.24 -39.35 -4.95
N VAL I 21 21.99 -39.64 -3.68
CA VAL I 21 22.85 -40.50 -2.88
C VAL I 21 21.99 -41.42 -2.02
N LEU I 22 22.47 -42.65 -1.84
CA LEU I 22 21.82 -43.61 -0.97
C LEU I 22 22.14 -43.29 0.49
N GLN I 23 21.37 -43.89 1.39
CA GLN I 23 21.55 -43.63 2.82
C GLN I 23 20.90 -44.75 3.62
N CYS I 24 21.63 -45.28 4.60
CA CYS I 24 21.10 -46.27 5.53
C CYS I 24 21.49 -45.86 6.95
N SER I 25 20.68 -46.28 7.91
CA SER I 25 20.86 -45.89 9.31
C SER I 25 20.86 -47.15 10.17
N ALA I 26 22.01 -47.46 10.77
CA ALA I 26 22.15 -48.60 11.66
C ALA I 26 22.95 -48.17 12.88
N THR I 27 22.36 -48.29 14.06
CA THR I 27 23.05 -47.92 15.28
C THR I 27 24.10 -48.97 15.66
N VAL I 28 25.20 -48.50 16.26
CA VAL I 28 26.30 -49.35 16.68
C VAL I 28 26.56 -49.22 18.18
N LEU I 29 26.74 -47.99 18.66
CA LEU I 29 27.03 -47.71 20.06
C LEU I 29 25.77 -47.27 20.81
N LYS I 30 24.64 -47.88 20.50
CA LYS I 30 23.32 -47.50 21.01
C LYS I 30 22.91 -46.09 20.55
N GLU I 31 23.62 -45.53 19.57
CA GLU I 31 23.27 -44.26 18.98
C GLU I 31 23.29 -44.40 17.46
N GLN I 32 22.40 -43.67 16.80
CA GLN I 32 22.24 -43.81 15.36
C GLN I 32 23.47 -43.29 14.62
N LEU I 33 23.92 -44.05 13.64
CA LEU I 33 25.03 -43.66 12.77
C LEU I 33 24.56 -43.74 11.33
N LYS I 34 24.66 -42.61 10.61
CA LYS I 34 24.26 -42.58 9.21
C LYS I 34 25.38 -43.14 8.34
N LEU I 35 25.03 -44.06 7.44
CA LEU I 35 26.00 -44.72 6.58
C LEU I 35 25.52 -44.62 5.15
N CYS I 36 26.41 -44.16 4.27
CA CYS I 36 26.12 -44.06 2.85
C CYS I 36 26.94 -45.09 2.08
N LEU I 37 26.63 -45.22 0.80
CA LEU I 37 27.24 -46.22 -0.07
C LEU I 37 28.04 -45.51 -1.14
N ALA I 38 29.31 -45.88 -1.29
CA ALA I 38 30.17 -45.23 -2.26
C ALA I 38 31.34 -46.14 -2.60
N ALA I 39 31.94 -45.89 -3.76
CA ALA I 39 33.11 -46.64 -4.20
C ALA I 39 34.00 -45.70 -5.01
N GLU I 40 35.30 -46.01 -5.01
CA GLU I 40 36.27 -45.12 -5.65
C GLU I 40 36.28 -45.25 -7.17
N GLY I 41 36.03 -46.45 -7.70
CA GLY I 41 36.05 -46.64 -9.14
C GLY I 41 37.28 -47.36 -9.65
N PHE I 42 38.21 -46.62 -10.24
CA PHE I 42 39.39 -47.22 -10.85
C PHE I 42 40.32 -47.87 -9.83
N GLY I 43 40.39 -49.20 -9.83
CA GLY I 43 41.28 -49.94 -8.98
C GLY I 43 40.60 -50.77 -7.92
N ASN I 44 39.35 -50.47 -7.58
CA ASN I 44 38.59 -51.25 -6.60
C ASN I 44 37.16 -51.39 -7.12
N ARG I 45 36.86 -52.52 -7.74
CA ARG I 45 35.51 -52.78 -8.22
C ARG I 45 34.51 -53.00 -7.11
N LEU I 46 34.97 -53.21 -5.88
CA LEU I 46 34.08 -53.42 -4.75
C LEU I 46 33.56 -52.08 -4.23
N CYS I 47 32.62 -52.17 -3.29
CA CYS I 47 31.98 -51.01 -2.70
C CYS I 47 31.97 -51.15 -1.19
N PHE I 48 31.99 -50.01 -0.49
CA PHE I 48 32.09 -50.00 0.96
C PHE I 48 31.20 -48.89 1.50
N LEU I 49 31.29 -48.66 2.81
CA LEU I 49 30.45 -47.70 3.51
C LEU I 49 31.29 -46.53 4.01
N GLU I 50 30.69 -45.35 4.03
CA GLU I 50 31.35 -44.13 4.48
C GLU I 50 30.53 -43.49 5.60
N PRO I 51 31.00 -43.50 6.85
CA PRO I 51 30.25 -42.86 7.93
C PRO I 51 30.17 -41.35 7.74
N THR I 52 29.01 -40.79 8.06
CA THR I 52 28.77 -39.35 7.95
C THR I 52 28.01 -38.88 9.19
N SER I 53 28.52 -39.26 10.36
CA SER I 53 27.84 -38.96 11.62
C SER I 53 28.50 -37.84 12.43
N ASN I 54 29.71 -37.43 12.06
CA ASN I 54 30.46 -36.41 12.80
C ASN I 54 30.88 -35.28 11.86
N ALA I 55 29.91 -34.78 11.09
CA ALA I 55 30.21 -33.71 10.13
C ALA I 55 30.77 -32.47 10.82
N GLN I 56 30.43 -32.25 12.09
CA GLN I 56 30.95 -31.09 12.81
C GLN I 56 32.44 -31.19 13.08
N ASN I 57 33.00 -32.40 13.07
CA ASN I 57 34.44 -32.56 13.29
C ASN I 57 35.12 -33.38 12.20
N VAL I 58 34.47 -34.42 11.70
CA VAL I 58 35.03 -35.29 10.67
C VAL I 58 34.39 -34.91 9.34
N PRO I 59 35.16 -34.40 8.37
CA PRO I 59 34.59 -34.04 7.08
C PRO I 59 34.34 -35.28 6.23
N PRO I 60 33.08 -35.61 5.95
CA PRO I 60 32.80 -36.78 5.13
C PRO I 60 33.20 -36.57 3.68
N ASP I 61 33.60 -37.66 3.03
CA ASP I 61 34.03 -37.62 1.63
C ASP I 61 32.80 -37.85 0.75
N LEU I 62 32.28 -36.79 0.15
CA LEU I 62 31.13 -36.88 -0.74
C LEU I 62 31.51 -36.72 -2.21
N ALA I 63 32.80 -36.81 -2.55
CA ALA I 63 33.21 -36.72 -3.93
C ALA I 63 32.87 -37.99 -4.70
N ILE I 64 32.77 -39.12 -4.01
CA ILE I 64 32.51 -40.42 -4.65
C ILE I 64 31.16 -40.99 -4.27
N CYS I 65 30.39 -40.31 -3.42
CA CYS I 65 29.09 -40.82 -3.02
C CYS I 65 27.98 -40.46 -4.01
N CYS I 66 28.23 -39.53 -4.92
CA CYS I 66 27.19 -39.06 -5.82
C CYS I 66 26.82 -40.14 -6.83
N PHE I 67 25.52 -40.33 -7.03
CA PHE I 67 24.96 -41.22 -8.03
C PHE I 67 24.06 -40.40 -8.96
N THR I 68 23.46 -41.08 -9.94
CA THR I 68 22.54 -40.41 -10.84
C THR I 68 21.61 -41.44 -11.46
N LEU I 69 20.38 -41.01 -11.75
CA LEU I 69 19.37 -41.86 -12.33
C LEU I 69 19.26 -41.59 -13.83
N GLU I 70 19.38 -42.63 -14.64
CA GLU I 70 19.38 -42.50 -16.09
C GLU I 70 18.18 -43.12 -16.78
N GLN I 71 17.68 -44.24 -16.29
CA GLN I 71 16.58 -44.94 -16.95
C GLN I 71 15.60 -45.43 -15.89
N SER I 72 14.35 -45.54 -16.30
CA SER I 72 13.29 -46.07 -15.44
C SER I 72 12.23 -46.70 -16.32
N LEU I 73 12.04 -48.01 -16.19
CA LEU I 73 11.17 -48.75 -17.09
C LEU I 73 10.37 -49.77 -16.30
N SER I 74 9.25 -50.20 -16.86
CA SER I 74 8.51 -51.31 -16.30
C SER I 74 9.24 -52.62 -16.58
N VAL I 75 8.86 -53.66 -15.83
CA VAL I 75 9.57 -54.93 -15.93
C VAL I 75 9.41 -55.54 -17.32
N ARG I 76 8.32 -55.19 -17.95
CA ARG I 76 8.14 -55.77 -19.21
C ARG I 76 8.90 -55.16 -20.11
N ALA I 77 8.78 -53.89 -20.16
CA ALA I 77 9.57 -53.09 -21.08
C ALA I 77 11.05 -53.46 -21.00
N LEU I 78 11.56 -53.67 -19.78
CA LEU I 78 12.93 -54.09 -19.60
C LEU I 78 13.19 -55.43 -20.28
N GLN I 79 12.30 -56.40 -20.06
CA GLN I 79 12.55 -57.74 -20.59
C GLN I 79 12.42 -57.77 -22.10
N GLU I 80 11.57 -56.94 -22.69
CA GLU I 80 11.51 -56.91 -24.15
C GLU I 80 12.71 -56.17 -24.73
N MET I 81 13.21 -55.14 -24.02
CA MET I 81 14.42 -54.47 -24.46
C MET I 81 15.63 -55.40 -24.39
N LEU I 82 15.63 -56.33 -23.44
CA LEU I 82 16.77 -57.23 -23.28
C LEU I 82 17.03 -58.06 -24.54
N ALA I 83 15.99 -58.34 -25.33
CA ALA I 83 16.16 -59.11 -26.55
C ALA I 83 16.68 -58.26 -27.72
N ASN I 84 16.74 -56.95 -27.57
CA ASN I 84 17.21 -56.08 -28.63
C ASN I 84 18.25 -55.10 -28.12
N GLY I 97 13.79 -37.53 -22.58
CA GLY I 97 12.65 -37.04 -21.83
C GLY I 97 12.88 -37.01 -20.34
N HIS I 98 11.79 -36.98 -19.57
CA HIS I 98 11.88 -36.95 -18.11
C HIS I 98 10.64 -37.65 -17.55
N ARG I 99 10.85 -38.86 -17.04
CA ARG I 99 9.78 -39.64 -16.42
C ARG I 99 9.89 -39.53 -14.91
N THR I 100 8.80 -39.90 -14.23
CA THR I 100 8.72 -39.89 -12.79
C THR I 100 8.70 -41.33 -12.27
N LEU I 101 9.44 -41.56 -11.18
CA LEU I 101 9.54 -42.90 -10.64
C LEU I 101 8.23 -43.33 -9.97
N LEU I 102 7.90 -44.60 -10.13
CA LEU I 102 6.77 -45.23 -9.44
C LEU I 102 7.24 -46.56 -8.86
N TYR I 103 6.67 -46.93 -7.72
CA TYR I 103 7.00 -48.20 -7.11
C TYR I 103 6.59 -49.35 -8.03
N GLY I 104 7.49 -50.32 -8.19
CA GLY I 104 7.29 -51.44 -9.08
C GLY I 104 8.10 -51.35 -10.36
N HIS I 105 8.57 -50.17 -10.73
CA HIS I 105 9.38 -50.02 -11.92
C HIS I 105 10.82 -50.48 -11.64
N ALA I 106 11.61 -50.55 -12.71
CA ALA I 106 13.02 -50.88 -12.61
C ALA I 106 13.82 -49.59 -12.54
N ILE I 107 15.15 -49.72 -12.45
CA ILE I 107 16.03 -48.56 -12.32
C ILE I 107 17.41 -48.93 -12.82
N LEU I 108 18.17 -47.92 -13.22
CA LEU I 108 19.55 -48.09 -13.69
C LEU I 108 20.40 -47.04 -12.98
N LEU I 109 21.08 -47.45 -11.92
CA LEU I 109 21.97 -46.54 -11.22
C LEU I 109 23.20 -46.24 -12.08
N ARG I 110 23.88 -45.15 -11.75
CA ARG I 110 25.08 -44.77 -12.51
C ARG I 110 25.95 -43.91 -11.62
N HIS I 111 27.15 -44.38 -11.32
CA HIS I 111 28.06 -43.60 -10.50
C HIS I 111 28.53 -42.38 -11.27
N ALA I 112 28.43 -41.20 -10.65
CA ALA I 112 28.62 -39.96 -11.37
C ALA I 112 30.08 -39.76 -11.76
N HIS I 113 31.00 -39.97 -10.81
CA HIS I 113 32.40 -39.60 -11.04
C HIS I 113 33.09 -40.56 -11.99
N SER I 114 33.12 -41.84 -11.65
CA SER I 114 33.82 -42.83 -12.48
C SER I 114 33.04 -43.19 -13.74
N ARG I 115 31.76 -42.83 -13.81
CA ARG I 115 30.92 -43.12 -14.98
C ARG I 115 30.81 -44.61 -15.24
N MET I 116 30.58 -45.37 -14.17
CA MET I 116 30.39 -46.81 -14.27
C MET I 116 29.06 -47.17 -13.63
N TYR I 117 28.45 -48.23 -14.16
CA TYR I 117 27.11 -48.62 -13.75
C TYR I 117 27.16 -49.57 -12.55
N LEU I 118 26.38 -49.24 -11.52
CA LEU I 118 26.28 -50.12 -10.36
C LEU I 118 25.58 -51.42 -10.73
N SER I 119 26.08 -52.53 -10.20
CA SER I 119 25.54 -53.84 -10.53
C SER I 119 25.80 -54.80 -9.38
N CYS I 120 25.67 -56.09 -9.64
CA CYS I 120 25.92 -57.13 -8.65
C CYS I 120 26.78 -58.21 -9.29
N LEU I 121 27.89 -58.56 -8.62
CA LEU I 121 28.85 -59.50 -9.17
C LEU I 121 28.50 -60.92 -8.71
N THR I 122 29.33 -61.89 -9.09
CA THR I 122 29.12 -63.29 -8.77
C THR I 122 30.33 -63.88 -8.06
N THR I 123 30.97 -63.08 -7.21
CA THR I 123 32.13 -63.52 -6.46
C THR I 123 31.71 -63.95 -5.06
N SER I 124 32.67 -64.49 -4.32
CA SER I 124 32.43 -65.01 -2.97
C SER I 124 33.23 -64.18 -1.98
N ARG I 125 32.59 -63.80 -0.87
CA ARG I 125 33.26 -63.01 0.15
C ARG I 125 32.65 -63.34 1.51
N SER I 126 33.44 -63.07 2.55
CA SER I 126 33.04 -63.17 3.95
C SER I 126 32.90 -64.62 4.41
N MET I 127 32.96 -65.56 3.48
CA MET I 127 32.78 -66.98 3.81
C MET I 127 31.35 -67.25 4.23
N THR I 128 30.80 -66.45 5.14
CA THR I 128 29.41 -66.60 5.53
C THR I 128 28.60 -66.87 4.29
N ASP I 129 28.75 -66.02 3.29
CA ASP I 129 28.08 -66.22 2.01
C ASP I 129 26.66 -66.77 2.10
N LYS I 130 26.50 -68.09 2.00
CA LYS I 130 25.17 -68.71 1.95
C LYS I 130 24.68 -68.27 0.60
N LEU I 131 24.51 -66.97 0.40
CA LEU I 131 24.17 -66.46 -0.92
C LEU I 131 24.51 -64.98 -1.01
N ALA I 132 25.69 -64.61 -0.51
CA ALA I 132 26.07 -63.21 -0.38
C ALA I 132 26.07 -62.49 -1.73
N PHE I 133 26.95 -62.91 -2.63
CA PHE I 133 27.11 -62.27 -3.94
C PHE I 133 27.39 -60.77 -3.76
N ASP I 134 28.56 -60.49 -3.19
CA ASP I 134 28.97 -59.13 -2.86
C ASP I 134 28.79 -58.18 -4.04
N VAL I 135 28.48 -56.92 -3.72
CA VAL I 135 28.12 -55.94 -4.72
C VAL I 135 29.38 -55.42 -5.42
N GLY I 136 29.22 -55.00 -6.67
CA GLY I 136 30.30 -54.41 -7.43
C GLY I 136 29.79 -53.81 -8.72
N LEU I 137 30.55 -52.85 -9.24
CA LEU I 137 30.21 -52.12 -10.44
C LEU I 137 31.36 -52.24 -11.43
N GLN I 138 31.09 -52.74 -12.64
CA GLN I 138 32.17 -52.88 -13.62
C GLN I 138 31.97 -52.06 -14.88
N GLU I 139 31.01 -52.41 -15.76
CA GLU I 139 30.76 -51.62 -16.95
C GLU I 139 29.33 -51.83 -17.43
N ASP I 140 28.54 -52.60 -16.68
CA ASP I 140 27.52 -53.45 -17.28
C ASP I 140 26.39 -52.61 -17.88
N ALA I 141 26.69 -51.99 -19.02
CA ALA I 141 25.65 -51.39 -19.83
C ALA I 141 24.72 -52.46 -20.38
N THR I 142 25.27 -53.63 -20.72
CA THR I 142 24.45 -54.75 -21.16
C THR I 142 23.51 -55.17 -20.04
N GLY I 143 22.22 -55.23 -20.36
CA GLY I 143 21.18 -55.39 -19.36
C GLY I 143 20.92 -56.80 -18.89
N GLU I 144 21.77 -57.33 -18.04
CA GLU I 144 21.43 -58.63 -17.47
C GLU I 144 21.41 -58.62 -15.95
N ALA I 145 22.34 -57.91 -15.31
CA ALA I 145 22.42 -57.88 -13.85
C ALA I 145 22.63 -56.47 -13.32
N CYS I 146 22.35 -55.44 -14.12
CA CYS I 146 22.63 -54.07 -13.75
C CYS I 146 21.36 -53.29 -13.41
N TRP I 147 20.26 -53.99 -13.13
CA TRP I 147 18.98 -53.36 -12.93
C TRP I 147 18.40 -53.76 -11.59
N TRP I 148 17.63 -52.86 -10.99
CA TRP I 148 16.98 -53.10 -9.71
C TRP I 148 15.52 -52.69 -9.80
N THR I 149 14.67 -53.40 -9.07
CA THR I 149 13.29 -53.02 -8.85
C THR I 149 13.10 -52.61 -7.41
N MET I 150 12.29 -51.59 -7.19
CA MET I 150 12.08 -51.03 -5.87
C MET I 150 10.64 -51.26 -5.43
N HIS I 151 10.47 -51.58 -4.15
CA HIS I 151 9.15 -51.82 -3.58
C HIS I 151 8.96 -50.95 -2.35
N PRO I 152 7.73 -50.55 -2.06
CA PRO I 152 7.47 -49.81 -0.82
C PRO I 152 7.71 -50.69 0.40
N ALA I 153 8.09 -50.05 1.50
CA ALA I 153 8.43 -50.79 2.71
C ALA I 153 7.18 -51.17 3.49
N SER I 154 6.40 -50.18 3.91
CA SER I 154 5.25 -50.40 4.77
C SER I 154 3.96 -50.48 3.95
N LYS I 155 2.87 -50.83 4.63
CA LYS I 155 1.58 -50.99 3.99
C LYS I 155 0.92 -49.68 3.60
N GLN I 156 1.48 -48.54 4.02
CA GLN I 156 0.87 -47.26 3.67
C GLN I 156 0.92 -47.01 2.17
N ARG I 157 1.98 -47.43 1.50
CA ARG I 157 2.14 -47.22 0.08
C ARG I 157 1.68 -48.45 -0.69
N SER I 158 1.69 -48.34 -2.01
CA SER I 158 1.24 -49.42 -2.88
C SER I 158 1.90 -49.24 -4.25
N GLU I 159 1.70 -50.21 -5.13
CA GLU I 159 2.30 -50.16 -6.45
C GLU I 159 1.65 -49.08 -7.29
N GLY I 160 2.38 -48.62 -8.30
CA GLY I 160 1.87 -47.59 -9.18
C GLY I 160 1.66 -46.25 -8.53
N GLU I 161 2.32 -45.97 -7.42
CA GLU I 161 2.21 -44.70 -6.72
C GLU I 161 3.45 -43.86 -6.95
N LYS I 162 3.27 -42.54 -6.99
CA LYS I 162 4.38 -41.63 -7.18
C LYS I 162 5.29 -41.67 -5.95
N VAL I 163 6.57 -41.43 -6.16
CA VAL I 163 7.60 -41.62 -5.13
C VAL I 163 7.82 -40.28 -4.43
N ARG I 164 7.33 -40.18 -3.20
CA ARG I 164 7.54 -39.00 -2.39
C ARG I 164 9.02 -38.86 -2.04
N VAL I 165 9.50 -37.62 -2.06
CA VAL I 165 10.90 -37.37 -1.72
C VAL I 165 11.13 -37.72 -0.26
N GLY I 166 12.19 -38.49 -0.01
CA GLY I 166 12.51 -38.89 1.35
C GLY I 166 11.76 -40.11 1.84
N ASP I 167 11.27 -40.96 0.94
CA ASP I 167 10.60 -42.18 1.34
C ASP I 167 11.61 -43.24 1.76
N ASP I 168 11.12 -44.43 2.06
CA ASP I 168 11.95 -45.58 2.39
C ASP I 168 11.73 -46.66 1.33
N LEU I 169 12.83 -47.14 0.75
CA LEU I 169 12.77 -48.07 -0.36
C LEU I 169 13.39 -49.41 0.02
N ILE I 170 12.94 -50.46 -0.66
CA ILE I 170 13.57 -51.77 -0.62
C ILE I 170 13.95 -52.12 -2.05
N LEU I 171 15.21 -52.45 -2.28
CA LEU I 171 15.72 -52.69 -3.61
C LEU I 171 16.03 -54.16 -3.79
N VAL I 172 15.67 -54.69 -4.96
CA VAL I 172 15.83 -56.10 -5.28
C VAL I 172 16.52 -56.22 -6.64
N SER I 173 17.52 -57.09 -6.72
CA SER I 173 18.20 -57.33 -7.99
C SER I 173 17.26 -58.00 -8.97
N VAL I 174 17.27 -57.54 -10.22
CA VAL I 174 16.42 -58.15 -11.24
C VAL I 174 16.92 -59.54 -11.58
N SER I 175 18.24 -59.72 -11.65
CA SER I 175 18.81 -60.99 -12.11
C SER I 175 18.84 -62.02 -10.99
N SER I 176 19.52 -61.71 -9.88
CA SER I 176 19.73 -62.69 -8.82
C SER I 176 18.55 -62.79 -7.87
N GLU I 177 17.74 -61.73 -7.75
CA GLU I 177 16.55 -61.72 -6.91
C GLU I 177 16.92 -61.81 -5.42
N ARG I 178 17.83 -60.94 -5.00
CA ARG I 178 18.23 -60.83 -3.59
C ARG I 178 18.16 -59.38 -3.16
N TYR I 179 17.62 -59.15 -1.95
CA TYR I 179 17.65 -57.81 -1.37
C TYR I 179 19.08 -57.38 -1.09
N LEU I 180 19.37 -56.12 -1.38
CA LEU I 180 20.68 -55.55 -1.05
C LEU I 180 20.78 -55.45 0.47
N HIS I 181 21.54 -56.35 1.07
CA HIS I 181 21.56 -56.52 2.52
C HIS I 181 22.74 -55.80 3.15
N LEU I 182 22.47 -55.01 4.18
CA LEU I 182 23.52 -54.47 5.04
C LEU I 182 23.91 -55.57 6.01
N SER I 183 24.84 -56.42 5.58
CA SER I 183 25.22 -57.61 6.33
C SER I 183 26.37 -57.28 7.27
N THR I 184 26.06 -57.07 8.54
CA THR I 184 27.07 -56.91 9.57
C THR I 184 27.49 -58.27 10.12
N ALA I 185 28.73 -58.34 10.58
CA ALA I 185 29.30 -59.60 11.05
C ALA I 185 30.28 -59.30 12.17
N SER I 186 31.15 -60.26 12.48
CA SER I 186 32.15 -60.07 13.52
C SER I 186 33.06 -58.90 13.20
N GLY I 187 33.44 -58.74 11.93
CA GLY I 187 34.29 -57.63 11.53
C GLY I 187 33.54 -56.33 11.43
N GLU I 188 33.90 -55.50 10.46
CA GLU I 188 33.24 -54.23 10.25
C GLU I 188 31.92 -54.45 9.51
N LEU I 189 31.29 -53.38 9.06
CA LEU I 189 30.01 -53.46 8.37
C LEU I 189 30.24 -53.60 6.87
N GLN I 190 29.62 -54.62 6.28
CA GLN I 190 29.78 -54.93 4.87
C GLN I 190 28.42 -54.92 4.19
N VAL I 191 28.43 -54.77 2.87
CA VAL I 191 27.21 -54.70 2.06
C VAL I 191 27.25 -55.82 1.04
N ASP I 192 26.14 -56.53 0.92
CA ASP I 192 25.97 -57.59 -0.07
C ASP I 192 24.47 -57.77 -0.29
N ALA I 193 24.08 -58.85 -0.96
CA ALA I 193 22.66 -59.16 -1.18
C ALA I 193 22.40 -60.62 -0.83
N SER I 194 22.17 -60.90 0.45
CA SER I 194 22.01 -62.29 0.85
C SER I 194 20.69 -62.63 1.52
N PHE I 195 20.35 -62.02 2.66
CA PHE I 195 19.35 -62.61 3.54
C PHE I 195 18.08 -61.79 3.73
N MET I 196 18.16 -60.56 4.25
CA MET I 196 16.92 -59.82 4.49
C MET I 196 16.92 -58.40 3.94
N GLN I 197 15.93 -57.63 4.38
CA GLN I 197 15.69 -56.28 3.88
C GLN I 197 16.73 -55.31 4.42
N THR I 198 16.78 -54.13 3.81
CA THR I 198 17.62 -53.04 4.28
C THR I 198 16.93 -51.73 3.90
N LEU I 199 16.49 -50.99 4.90
CA LEU I 199 15.75 -49.75 4.65
C LEU I 199 16.70 -48.67 4.13
N TRP I 200 16.53 -48.28 2.89
CA TRP I 200 17.34 -47.25 2.25
C TRP I 200 16.51 -45.99 2.06
N ASN I 201 17.02 -44.87 2.57
CA ASN I 201 16.39 -43.58 2.42
C ASN I 201 17.10 -42.80 1.33
N MET I 202 16.33 -42.26 0.39
CA MET I 202 16.91 -41.55 -0.73
C MET I 202 17.26 -40.13 -0.31
N ASN I 203 18.00 -39.43 -1.17
CA ASN I 203 18.41 -38.08 -0.80
C ASN I 203 18.69 -37.24 -2.05
N PRO I 204 17.91 -36.18 -2.28
CA PRO I 204 18.11 -35.36 -3.48
C PRO I 204 19.31 -34.43 -3.40
N ILE I 205 20.49 -34.92 -3.77
CA ILE I 205 21.70 -34.10 -3.74
C ILE I 205 21.51 -32.83 -4.57
N CYS I 206 20.97 -32.98 -5.77
CA CYS I 206 20.77 -31.83 -6.67
C CYS I 206 19.81 -32.27 -7.78
N SER I 207 19.59 -31.37 -8.73
CA SER I 207 18.68 -31.58 -9.84
C SER I 207 19.21 -30.79 -11.04
N CYS I 208 18.36 -30.56 -12.03
CA CYS I 208 18.76 -29.86 -13.25
C CYS I 208 18.99 -28.39 -12.92
N CYS I 209 20.25 -28.02 -12.69
CA CYS I 209 20.60 -26.66 -12.31
C CYS I 209 20.50 -25.71 -13.50
N GLU I 210 20.63 -24.43 -13.21
CA GLU I 210 20.61 -23.39 -14.23
C GLU I 210 22.01 -23.14 -14.78
N GLU I 211 22.06 -22.82 -16.07
CA GLU I 211 23.33 -22.60 -16.74
C GLU I 211 23.97 -21.29 -16.28
N GLY I 212 25.30 -21.29 -16.21
CA GLY I 212 26.03 -20.07 -15.92
C GLY I 212 25.95 -19.60 -14.49
N TYR I 213 25.66 -20.48 -13.55
CA TYR I 213 25.55 -20.13 -12.14
C TYR I 213 26.32 -21.13 -11.30
N VAL I 214 26.98 -20.64 -10.25
CA VAL I 214 27.81 -21.50 -9.41
C VAL I 214 26.92 -22.39 -8.56
N THR I 215 27.25 -23.68 -8.52
CA THR I 215 26.56 -24.65 -7.66
C THR I 215 27.59 -25.37 -6.81
N GLY I 216 27.12 -25.94 -5.71
CA GLY I 216 28.00 -26.69 -4.85
C GLY I 216 28.50 -27.97 -5.50
N GLY I 217 29.65 -28.44 -5.01
CA GLY I 217 30.20 -29.68 -5.49
C GLY I 217 30.94 -29.59 -6.80
N HIS I 218 31.28 -28.40 -7.27
CA HIS I 218 32.03 -28.24 -8.51
C HIS I 218 33.52 -28.16 -8.24
N VAL I 219 34.30 -28.45 -9.30
CA VAL I 219 35.75 -28.36 -9.25
C VAL I 219 36.17 -27.29 -10.24
N LEU I 220 36.88 -26.27 -9.75
CA LEU I 220 37.05 -25.05 -10.52
C LEU I 220 38.19 -24.23 -9.95
N ARG I 221 38.62 -23.23 -10.71
CA ARG I 221 39.82 -22.45 -10.42
C ARG I 221 39.45 -21.08 -9.89
N LEU I 222 40.44 -20.44 -9.28
CA LEU I 222 40.28 -19.15 -8.58
C LEU I 222 41.25 -18.13 -9.17
N PHE I 223 40.81 -17.41 -10.20
CA PHE I 223 41.61 -16.27 -10.67
C PHE I 223 41.53 -15.10 -9.70
N HIS I 224 42.58 -14.29 -9.73
CA HIS I 224 42.65 -13.04 -9.00
C HIS I 224 43.11 -11.95 -9.97
N GLY I 225 42.76 -10.72 -9.67
CA GLY I 225 43.15 -9.61 -10.50
C GLY I 225 42.30 -9.46 -11.73
N HIS I 226 42.93 -9.16 -12.88
CA HIS I 226 42.20 -8.81 -14.10
C HIS I 226 42.32 -9.89 -15.17
N MET I 227 43.54 -10.27 -15.56
CA MET I 227 43.74 -11.11 -16.74
C MET I 227 44.34 -12.47 -16.40
N ASP I 228 45.56 -12.50 -15.85
CA ASP I 228 46.30 -13.75 -15.66
C ASP I 228 46.92 -13.76 -14.27
N GLU I 229 46.19 -14.31 -13.30
CA GLU I 229 46.66 -14.51 -11.94
C GLU I 229 45.66 -15.42 -11.24
N CYS I 230 46.16 -16.36 -10.45
CA CYS I 230 45.26 -17.34 -9.84
C CYS I 230 45.89 -17.88 -8.55
N LEU I 231 45.01 -18.41 -7.70
CA LEU I 231 45.46 -19.07 -6.48
C LEU I 231 46.15 -20.39 -6.82
N THR I 232 47.05 -20.81 -5.93
CA THR I 232 47.82 -22.02 -6.14
C THR I 232 48.49 -22.41 -4.81
N ILE I 233 49.23 -23.51 -4.85
CA ILE I 233 49.98 -24.03 -3.73
C ILE I 233 51.43 -24.20 -4.22
N SER I 234 52.33 -24.59 -3.32
CA SER I 234 53.72 -24.82 -3.69
C SER I 234 53.84 -26.00 -4.66
N ALA I 235 54.95 -26.03 -5.38
CA ALA I 235 55.17 -27.03 -6.40
C ALA I 235 55.48 -28.39 -5.78
N ALA I 236 55.61 -29.39 -6.64
CA ALA I 236 55.89 -30.75 -6.21
C ALA I 236 57.36 -30.92 -5.82
N ASP I 237 57.65 -32.06 -5.20
CA ASP I 237 59.00 -32.44 -4.79
C ASP I 237 59.62 -31.38 -3.87
N SER I 238 58.98 -31.19 -2.73
CA SER I 238 59.47 -30.26 -1.71
C SER I 238 59.07 -30.76 -0.34
N ASP I 239 59.82 -30.32 0.67
CA ASP I 239 59.60 -30.73 2.05
C ASP I 239 58.61 -29.83 2.79
N ASP I 240 58.06 -28.82 2.12
CA ASP I 240 57.12 -27.90 2.76
C ASP I 240 55.81 -28.56 3.14
N GLN I 241 55.55 -29.78 2.64
CA GLN I 241 54.34 -30.55 2.95
C GLN I 241 53.07 -29.85 2.48
N ARG I 242 53.19 -28.92 1.52
CA ARG I 242 52.06 -28.22 0.92
C ARG I 242 51.19 -27.57 1.99
N ARG I 243 51.80 -26.65 2.74
CA ARG I 243 51.11 -26.00 3.85
C ARG I 243 50.94 -24.50 3.67
N LEU I 244 51.28 -23.96 2.50
CA LEU I 244 51.25 -22.52 2.29
C LEU I 244 50.50 -22.20 1.00
N VAL I 245 49.88 -21.02 0.96
CA VAL I 245 49.03 -20.60 -0.16
C VAL I 245 49.73 -19.45 -0.89
N TYR I 246 49.67 -19.47 -2.22
CA TYR I 246 50.40 -18.50 -3.02
C TYR I 246 49.55 -18.04 -4.20
N TYR I 247 50.13 -17.16 -5.00
CA TYR I 247 49.53 -16.64 -6.23
C TYR I 247 50.48 -16.88 -7.39
N GLU I 248 49.91 -17.04 -8.59
CA GLU I 248 50.74 -17.34 -9.75
C GLU I 248 50.03 -16.91 -11.03
N GLY I 249 50.82 -16.53 -12.03
CA GLY I 249 50.30 -16.05 -13.30
C GLY I 249 49.87 -17.14 -14.26
N GLY I 250 50.15 -16.93 -15.55
CA GLY I 250 49.68 -17.85 -16.57
C GLY I 250 50.60 -19.02 -16.82
N ALA I 251 51.01 -19.69 -15.74
CA ALA I 251 51.81 -20.90 -15.82
C ALA I 251 51.10 -22.11 -15.24
N VAL I 252 50.54 -21.99 -14.03
CA VAL I 252 49.80 -23.06 -13.40
C VAL I 252 48.33 -23.08 -13.82
N CYS I 253 47.90 -22.09 -14.63
CA CYS I 253 46.50 -21.99 -15.02
C CYS I 253 46.02 -23.20 -15.82
N THR I 254 46.94 -23.97 -16.39
CA THR I 254 46.59 -25.22 -17.08
C THR I 254 47.10 -26.44 -16.33
N HIS I 255 47.13 -26.37 -15.00
CA HIS I 255 47.71 -27.43 -14.18
C HIS I 255 46.73 -27.84 -13.09
N ALA I 256 46.90 -29.06 -12.60
CA ALA I 256 45.99 -29.60 -11.59
C ALA I 256 46.23 -29.00 -10.22
N ARG I 257 47.33 -28.27 -10.03
CA ARG I 257 47.63 -27.72 -8.72
C ARG I 257 46.62 -26.65 -8.31
N SER I 258 46.17 -25.84 -9.27
CA SER I 258 45.29 -24.72 -8.99
C SER I 258 43.81 -25.08 -8.99
N LEU I 259 43.45 -26.34 -8.81
CA LEU I 259 42.04 -26.76 -8.83
C LEU I 259 41.51 -26.85 -7.40
N TRP I 260 40.32 -26.29 -7.19
CA TRP I 260 39.68 -26.25 -5.87
C TRP I 260 38.26 -26.76 -5.97
N ARG I 261 37.79 -27.37 -4.88
CA ARG I 261 36.44 -27.89 -4.77
C ARG I 261 35.73 -27.24 -3.58
N LEU I 262 34.47 -26.87 -3.79
CA LEU I 262 33.67 -26.24 -2.75
C LEU I 262 32.70 -27.27 -2.17
N GLU I 263 32.71 -27.40 -0.86
CA GLU I 263 31.87 -28.40 -0.17
C GLU I 263 31.04 -27.69 0.89
N PRO I 264 29.75 -27.47 0.65
CA PRO I 264 28.90 -26.84 1.65
C PRO I 264 28.67 -27.77 2.84
N LEU I 265 28.19 -27.17 3.93
CA LEU I 265 28.09 -27.90 5.19
C LEU I 265 26.87 -28.80 5.28
N ARG I 266 25.87 -28.61 4.42
CA ARG I 266 24.68 -29.43 4.48
C ARG I 266 24.93 -30.81 3.88
N ILE I 267 24.06 -31.76 4.24
CA ILE I 267 24.12 -33.10 3.67
C ILE I 267 23.20 -33.23 2.46
N SER I 268 22.04 -32.57 2.49
CA SER I 268 21.10 -32.59 1.39
C SER I 268 21.15 -31.26 0.64
N TRP I 269 20.84 -31.33 -0.65
CA TRP I 269 20.83 -30.15 -1.54
C TRP I 269 22.18 -29.45 -1.56
N SER I 270 23.25 -30.22 -1.38
CA SER I 270 24.60 -29.63 -1.40
C SER I 270 24.95 -29.10 -2.78
N GLY I 271 24.34 -29.67 -3.83
CA GLY I 271 24.60 -29.24 -5.19
C GLY I 271 23.73 -28.09 -5.67
N SER I 272 22.94 -27.48 -4.79
CA SER I 272 22.06 -26.39 -5.17
C SER I 272 22.88 -25.16 -5.58
N HIS I 273 22.17 -24.16 -6.10
CA HIS I 273 22.82 -22.92 -6.50
C HIS I 273 23.46 -22.25 -5.29
N LEU I 274 24.62 -21.66 -5.50
CA LEU I 274 25.37 -21.01 -4.44
C LEU I 274 24.99 -19.53 -4.38
N ARG I 275 24.69 -19.06 -3.17
CA ARG I 275 24.16 -17.72 -2.95
C ARG I 275 25.00 -17.00 -1.91
N TRP I 276 24.88 -15.67 -1.90
CA TRP I 276 25.65 -14.85 -0.97
C TRP I 276 25.25 -15.17 0.46
N GLY I 277 26.24 -15.10 1.36
CA GLY I 277 25.98 -15.37 2.76
C GLY I 277 25.64 -16.83 3.02
N GLN I 278 26.60 -17.71 2.80
CA GLN I 278 26.40 -19.14 2.99
C GLN I 278 27.72 -19.80 3.38
N PRO I 279 27.81 -20.36 4.58
CA PRO I 279 29.06 -20.99 4.99
C PRO I 279 29.38 -22.21 4.15
N LEU I 280 30.67 -22.43 3.92
CA LEU I 280 31.13 -23.51 3.06
C LEU I 280 32.60 -23.76 3.34
N ARG I 281 33.09 -24.89 2.85
CA ARG I 281 34.48 -25.29 3.00
C ARG I 281 35.17 -25.26 1.64
N ILE I 282 36.50 -25.31 1.67
CA ILE I 282 37.31 -25.32 0.46
C ILE I 282 38.26 -26.51 0.52
N ARG I 283 38.31 -27.28 -0.56
CA ARG I 283 39.11 -28.50 -0.64
C ARG I 283 40.03 -28.44 -1.84
N HIS I 284 41.30 -28.84 -1.64
CA HIS I 284 42.24 -29.02 -2.74
C HIS I 284 42.10 -30.43 -3.28
N VAL I 285 42.01 -30.56 -4.60
CA VAL I 285 41.59 -31.83 -5.20
C VAL I 285 42.72 -32.85 -5.17
N THR I 286 43.89 -32.51 -5.73
CA THR I 286 44.98 -33.48 -5.79
C THR I 286 45.66 -33.65 -4.45
N THR I 287 45.71 -32.59 -3.63
CA THR I 287 46.28 -32.72 -2.30
C THR I 287 45.33 -33.46 -1.36
N GLY I 288 44.03 -33.36 -1.60
CA GLY I 288 43.06 -33.97 -0.71
C GLY I 288 43.01 -33.33 0.66
N ARG I 289 43.10 -32.00 0.72
CA ARG I 289 43.18 -31.28 1.98
C ARG I 289 42.34 -30.02 1.90
N TYR I 290 41.95 -29.50 3.06
CA TYR I 290 41.20 -28.26 3.16
C TYR I 290 42.13 -27.10 3.49
N LEU I 291 41.54 -25.92 3.67
CA LEU I 291 42.26 -24.70 3.99
C LEU I 291 41.72 -24.13 5.30
N ALA I 292 42.63 -23.75 6.20
CA ALA I 292 42.22 -23.30 7.51
C ALA I 292 43.30 -22.42 8.13
N LEU I 293 42.90 -21.70 9.18
CA LEU I 293 43.80 -20.90 10.02
C LEU I 293 43.47 -21.24 11.47
N THR I 294 44.28 -22.10 12.08
CA THR I 294 43.88 -22.66 13.37
C THR I 294 44.14 -21.69 14.52
N GLU I 295 45.40 -21.42 14.83
CA GLU I 295 45.63 -20.40 15.85
C GLU I 295 46.70 -19.39 15.49
N ASP I 296 47.83 -19.83 14.95
CA ASP I 296 48.94 -18.92 14.67
C ASP I 296 49.69 -19.18 13.38
N GLN I 297 49.53 -20.35 12.75
CA GLN I 297 50.41 -20.73 11.65
C GLN I 297 50.06 -20.04 10.33
N GLY I 298 48.91 -19.40 10.24
CA GLY I 298 48.49 -18.73 9.02
C GLY I 298 47.49 -19.55 8.24
N LEU I 299 47.24 -19.09 7.01
CA LEU I 299 46.32 -19.78 6.10
C LEU I 299 47.01 -21.03 5.59
N VAL I 300 46.96 -22.07 6.41
CA VAL I 300 47.67 -23.31 6.17
C VAL I 300 46.71 -24.35 5.60
N VAL I 301 47.19 -25.15 4.66
CA VAL I 301 46.39 -26.20 4.04
C VAL I 301 46.35 -27.37 5.03
N VAL I 302 45.27 -27.45 5.81
CA VAL I 302 45.15 -28.48 6.83
C VAL I 302 44.60 -29.77 6.22
N ASP I 303 44.86 -30.88 6.89
CA ASP I 303 44.41 -32.18 6.41
C ASP I 303 42.90 -32.32 6.59
N ALA I 304 42.39 -33.51 6.27
CA ALA I 304 40.98 -33.83 6.41
C ALA I 304 40.65 -34.44 7.77
N CYS I 305 41.47 -34.18 8.78
CA CYS I 305 41.23 -34.68 10.13
C CYS I 305 41.26 -33.59 11.20
N LYS I 306 41.61 -32.36 10.86
CA LYS I 306 41.65 -31.25 11.81
C LYS I 306 40.92 -30.04 11.23
N ALA I 307 39.72 -30.29 10.70
CA ALA I 307 38.91 -29.27 10.02
C ALA I 307 37.51 -29.24 10.59
N HIS I 308 37.41 -29.12 11.93
CA HIS I 308 36.14 -29.26 12.61
C HIS I 308 35.29 -28.00 12.50
N THR I 309 34.98 -27.60 11.26
CA THR I 309 33.96 -26.61 10.87
C THR I 309 34.17 -25.26 11.53
N LYS I 310 35.25 -25.12 12.30
CA LYS I 310 35.61 -23.86 12.91
C LYS I 310 36.91 -23.28 12.36
N ALA I 311 37.87 -24.14 12.03
CA ALA I 311 39.10 -23.66 11.41
C ALA I 311 38.88 -23.29 9.95
N THR I 312 37.99 -23.98 9.25
CA THR I 312 37.75 -23.66 7.84
C THR I 312 36.78 -22.49 7.71
N SER I 313 35.51 -22.71 8.06
CA SER I 313 34.49 -21.67 8.24
C SER I 313 34.58 -20.51 7.26
N PHE I 314 34.53 -20.77 5.96
CA PHE I 314 34.58 -19.70 4.97
C PHE I 314 33.19 -19.39 4.42
N CYS I 315 33.07 -18.19 3.84
CA CYS I 315 31.84 -17.76 3.20
C CYS I 315 32.18 -16.65 2.21
N PHE I 316 31.19 -16.25 1.42
CA PHE I 316 31.36 -15.19 0.44
C PHE I 316 30.52 -13.98 0.82
N ARG I 317 31.06 -12.79 0.55
CA ARG I 317 30.38 -11.53 0.84
C ARG I 317 30.37 -10.67 -0.41
N VAL I 318 29.29 -9.89 -0.56
CA VAL I 318 29.12 -9.09 -1.77
C VAL I 318 30.21 -8.03 -1.89
N SER I 319 30.46 -7.30 -0.80
CA SER I 319 31.43 -6.22 -0.82
C SER I 319 32.01 -6.09 0.59
N LYS I 320 32.72 -4.99 0.83
CA LYS I 320 33.28 -4.72 2.15
C LYS I 320 32.50 -3.62 2.86
N VAL I 331 16.17 -23.41 2.66
CA VAL I 331 15.60 -23.68 1.34
C VAL I 331 15.74 -25.15 0.99
N GLU I 332 14.61 -25.83 0.83
CA GLU I 332 14.59 -27.25 0.45
C GLU I 332 14.41 -27.44 -1.05
N GLY I 333 14.81 -26.46 -1.85
CA GLY I 333 14.72 -26.58 -3.29
C GLY I 333 16.02 -26.26 -3.99
N MET I 334 15.94 -25.91 -5.28
CA MET I 334 17.15 -25.56 -6.02
C MET I 334 17.77 -24.26 -5.54
N GLY I 335 16.95 -23.29 -5.13
CA GLY I 335 17.44 -22.03 -4.65
C GLY I 335 17.58 -20.99 -5.76
N PRO I 336 17.70 -19.73 -5.37
CA PRO I 336 17.82 -18.66 -6.37
C PRO I 336 19.24 -18.61 -6.92
N PRO I 337 19.39 -18.70 -8.26
CA PRO I 337 20.73 -18.61 -8.86
C PRO I 337 21.24 -17.18 -8.90
N GLU I 338 22.34 -16.93 -8.19
CA GLU I 338 22.89 -15.58 -8.08
C GLU I 338 24.31 -15.47 -8.61
N ILE I 339 25.22 -16.30 -8.11
CA ILE I 339 26.64 -16.13 -8.39
C ILE I 339 26.97 -16.69 -9.77
N LYS I 340 27.46 -15.83 -10.65
CA LYS I 340 27.75 -16.20 -12.03
C LYS I 340 29.21 -16.67 -12.17
N TYR I 341 29.57 -17.07 -13.39
CA TYR I 341 30.93 -17.44 -13.75
C TYR I 341 31.65 -16.23 -14.34
N GLY I 342 32.80 -15.90 -13.77
CA GLY I 342 33.73 -14.98 -14.40
C GLY I 342 33.50 -13.51 -14.08
N GLU I 343 32.34 -13.16 -13.52
CA GLU I 343 32.05 -11.75 -13.25
C GLU I 343 31.34 -11.53 -11.93
N SER I 344 31.21 -12.56 -11.08
CA SER I 344 30.51 -12.39 -9.81
C SER I 344 31.29 -11.51 -8.85
N LEU I 345 32.62 -11.54 -8.93
CA LEU I 345 33.48 -10.67 -8.12
C LEU I 345 33.24 -10.87 -6.62
N CYS I 346 33.11 -12.13 -6.20
CA CYS I 346 32.88 -12.41 -4.80
C CYS I 346 34.11 -12.08 -3.96
N PHE I 347 33.86 -11.81 -2.68
CA PHE I 347 34.90 -11.54 -1.70
C PHE I 347 34.90 -12.65 -0.67
N VAL I 348 36.07 -13.21 -0.40
CA VAL I 348 36.22 -14.29 0.56
C VAL I 348 36.41 -13.71 1.95
N GLN I 349 35.80 -14.35 2.95
CA GLN I 349 35.87 -13.86 4.32
C GLN I 349 35.71 -15.04 5.27
N HIS I 350 36.58 -15.12 6.27
CA HIS I 350 36.44 -16.14 7.31
C HIS I 350 35.25 -15.79 8.20
N VAL I 351 34.50 -16.81 8.60
CA VAL I 351 33.26 -16.56 9.34
C VAL I 351 33.55 -16.24 10.79
N ALA I 352 34.30 -17.10 11.47
CA ALA I 352 34.54 -16.93 12.90
C ALA I 352 35.38 -15.68 13.17
N SER I 353 36.47 -15.50 12.43
CA SER I 353 37.37 -14.37 12.69
C SER I 353 36.93 -13.09 12.00
N GLY I 354 36.03 -13.17 11.01
CA GLY I 354 35.55 -11.97 10.34
C GLY I 354 36.60 -11.22 9.56
N LEU I 355 37.74 -11.85 9.26
CA LEU I 355 38.83 -11.18 8.57
C LEU I 355 38.57 -11.17 7.06
N TRP I 356 39.46 -10.50 6.33
CA TRP I 356 39.44 -10.47 4.88
C TRP I 356 40.74 -11.03 4.34
N LEU I 357 40.68 -11.75 3.23
CA LEU I 357 41.85 -12.42 2.68
C LEU I 357 42.49 -11.55 1.61
N THR I 358 43.80 -11.35 1.71
CA THR I 358 44.57 -10.62 0.73
C THR I 358 46.02 -11.09 0.82
N TYR I 359 46.88 -10.50 0.01
CA TYR I 359 48.27 -10.89 -0.09
C TYR I 359 49.14 -9.98 0.77
N ALA I 360 50.01 -10.59 1.58
CA ALA I 360 50.99 -9.81 2.33
C ALA I 360 52.01 -9.17 1.40
N ALA I 361 52.51 -9.96 0.44
CA ALA I 361 53.45 -9.54 -0.60
C ALA I 361 54.68 -8.86 -0.03
N PRO I 362 55.27 -9.40 1.04
CA PRO I 362 56.58 -8.89 1.51
C PRO I 362 57.69 -9.42 0.62
N ASP I 363 58.23 -8.55 -0.23
CA ASP I 363 59.19 -8.96 -1.25
C ASP I 363 60.53 -8.26 -1.04
N PRO I 364 61.60 -8.98 -0.76
CA PRO I 364 62.92 -8.34 -0.73
C PRO I 364 63.49 -8.16 -2.13
N LYS I 365 64.74 -7.69 -2.22
CA LYS I 365 65.35 -7.49 -3.54
C LYS I 365 65.50 -8.81 -4.28
N ALA I 366 65.94 -9.86 -3.59
CA ALA I 366 66.10 -11.16 -4.24
C ALA I 366 64.76 -11.74 -4.67
N LEU I 367 63.73 -11.58 -3.84
CA LEU I 367 62.43 -12.16 -4.15
C LEU I 367 61.78 -11.50 -5.36
N ARG I 368 62.01 -10.20 -5.55
CA ARG I 368 61.39 -9.49 -6.68
C ARG I 368 61.90 -10.03 -8.01
N LEU I 369 63.21 -10.25 -8.12
CA LEU I 369 63.80 -10.74 -9.36
C LEU I 369 63.94 -12.25 -9.39
N GLY I 370 63.54 -12.95 -8.33
CA GLY I 370 63.64 -14.40 -8.30
C GLY I 370 62.29 -15.07 -8.49
N VAL I 371 61.72 -15.58 -7.39
CA VAL I 371 60.44 -16.27 -7.46
C VAL I 371 59.32 -15.24 -7.49
N LEU I 372 58.44 -15.37 -8.49
CA LEU I 372 57.29 -14.48 -8.64
C LEU I 372 56.09 -15.02 -7.85
N LYS I 373 56.30 -15.10 -6.53
CA LYS I 373 55.35 -15.74 -5.63
C LYS I 373 55.02 -14.83 -4.45
N LYS I 374 53.75 -14.84 -4.07
CA LYS I 374 53.23 -14.02 -2.98
C LYS I 374 52.45 -14.90 -2.01
N LYS I 375 52.33 -14.45 -0.77
CA LYS I 375 51.63 -15.22 0.26
C LYS I 375 50.35 -14.50 0.65
N ALA I 376 49.26 -15.26 0.76
CA ALA I 376 47.97 -14.70 1.11
C ALA I 376 47.72 -14.85 2.61
N ILE I 377 47.18 -13.80 3.22
CA ILE I 377 46.90 -13.78 4.65
C ILE I 377 45.54 -13.14 4.89
N LEU I 378 44.89 -13.56 5.98
CA LEU I 378 43.59 -13.03 6.38
C LEU I 378 43.83 -11.76 7.20
N HIS I 379 44.07 -10.67 6.50
CA HIS I 379 44.26 -9.39 7.17
C HIS I 379 42.93 -8.86 7.70
N GLN I 380 43.02 -7.96 8.68
CA GLN I 380 41.82 -7.43 9.32
C GLN I 380 41.05 -6.48 8.41
N GLU I 381 41.72 -5.81 7.49
CA GLU I 381 41.04 -4.85 6.62
C GLU I 381 41.30 -5.20 5.16
N GLY I 382 42.46 -5.74 4.86
CA GLY I 382 42.76 -6.24 3.53
C GLY I 382 43.09 -5.16 2.54
N HIS I 383 43.34 -5.59 1.30
CA HIS I 383 43.61 -4.67 0.21
C HIS I 383 42.29 -4.34 -0.52
N MET I 384 42.41 -3.68 -1.67
CA MET I 384 41.26 -3.25 -2.46
C MET I 384 41.24 -3.87 -3.86
N ASP I 385 42.01 -4.94 -4.06
CA ASP I 385 42.22 -5.50 -5.40
C ASP I 385 42.04 -7.01 -5.40
N ASP I 386 41.08 -7.52 -4.64
CA ASP I 386 40.84 -8.96 -4.65
C ASP I 386 39.98 -9.38 -5.84
N ALA I 387 38.73 -8.92 -5.85
CA ALA I 387 37.79 -9.14 -6.97
C ALA I 387 37.87 -10.58 -7.49
N LEU I 388 37.76 -11.54 -6.57
CA LEU I 388 37.94 -12.95 -6.91
C LEU I 388 36.75 -13.45 -7.72
N PHE I 389 36.95 -13.64 -9.02
CA PHE I 389 35.94 -14.20 -9.90
C PHE I 389 36.29 -15.66 -10.23
N LEU I 390 35.27 -16.41 -10.59
CA LEU I 390 35.36 -17.87 -10.69
C LEU I 390 35.23 -18.31 -12.13
N THR I 391 35.98 -19.36 -12.47
CA THR I 391 35.95 -19.96 -13.79
C THR I 391 35.64 -21.45 -13.67
N ARG I 392 34.86 -21.97 -14.61
CA ARG I 392 34.41 -23.35 -14.56
C ARG I 392 35.28 -24.22 -15.46
N CYS I 393 35.82 -25.30 -14.89
CA CYS I 393 36.55 -26.33 -15.64
C CYS I 393 36.04 -27.68 -15.17
N GLN I 394 34.91 -28.11 -15.74
CA GLN I 394 34.29 -29.39 -15.40
C GLN I 394 34.22 -30.22 -16.68
N GLN I 395 35.24 -31.05 -16.88
CA GLN I 395 35.40 -31.78 -18.13
C GLN I 395 36.25 -33.02 -17.85
N GLU I 396 36.79 -33.62 -18.91
CA GLU I 396 37.55 -34.86 -18.77
C GLU I 396 38.72 -34.70 -17.81
N GLU I 397 39.30 -33.50 -17.70
CA GLU I 397 40.43 -33.31 -16.80
C GLU I 397 40.01 -33.38 -15.33
N SER I 398 38.78 -32.93 -15.02
CA SER I 398 38.31 -33.00 -13.64
C SER I 398 38.19 -34.44 -13.17
N GLN I 399 37.73 -35.34 -14.04
CA GLN I 399 37.73 -36.75 -13.71
C GLN I 399 39.15 -37.26 -13.48
N ALA I 400 40.10 -36.81 -14.31
CA ALA I 400 41.49 -37.15 -14.09
C ALA I 400 42.15 -36.18 -13.12
N ALA I 401 41.47 -35.91 -12.00
CA ALA I 401 42.07 -35.21 -10.87
C ALA I 401 42.02 -36.03 -9.60
N ARG I 402 40.85 -36.61 -9.28
CA ARG I 402 40.74 -37.54 -8.17
C ARG I 402 41.59 -38.78 -8.39
N MET I 403 41.89 -39.13 -9.64
CA MET I 403 42.75 -40.27 -9.93
C MET I 403 44.13 -40.07 -9.32
N ILE I 404 44.67 -38.86 -9.40
CA ILE I 404 46.00 -38.60 -8.87
C ILE I 404 46.03 -38.87 -7.37
N HIS I 405 45.06 -38.34 -6.63
CA HIS I 405 45.04 -38.54 -5.19
C HIS I 405 44.87 -40.01 -4.83
N SER I 406 43.99 -40.72 -5.52
CA SER I 406 43.77 -42.13 -5.19
C SER I 406 44.99 -42.97 -5.51
N THR I 407 45.59 -42.78 -6.68
CA THR I 407 46.74 -43.60 -7.06
C THR I 407 47.98 -43.23 -6.25
N ALA I 408 48.22 -41.94 -6.04
CA ALA I 408 49.36 -41.53 -5.24
C ALA I 408 49.20 -41.89 -3.77
N GLY I 409 47.96 -41.99 -3.29
CA GLY I 409 47.73 -42.48 -1.95
C GLY I 409 47.77 -43.98 -1.79
N LEU I 410 47.67 -44.71 -2.91
CA LEU I 410 47.77 -46.16 -2.90
C LEU I 410 49.18 -46.66 -3.21
N TYR I 411 49.99 -45.85 -3.89
CA TYR I 411 51.33 -46.29 -4.26
C TYR I 411 52.31 -46.17 -3.08
N ASN I 412 52.49 -44.95 -2.56
CA ASN I 412 53.51 -44.73 -1.53
C ASN I 412 53.29 -45.65 -0.34
N GLN I 413 52.02 -45.95 -0.01
CA GLN I 413 51.76 -46.91 1.07
C GLN I 413 52.28 -48.29 0.71
N PHE I 414 52.27 -48.66 -0.57
CA PHE I 414 52.82 -49.94 -0.99
C PHE I 414 54.33 -49.98 -0.77
N ILE I 415 55.05 -48.95 -1.25
CA ILE I 415 56.49 -48.92 -1.07
C ILE I 415 56.86 -48.82 0.40
N LYS I 416 56.14 -47.99 1.15
CA LYS I 416 56.44 -47.83 2.57
C LYS I 416 56.29 -49.15 3.32
N GLY I 417 55.21 -49.89 3.03
CA GLY I 417 55.08 -51.22 3.58
C GLY I 417 56.14 -52.18 3.06
N LEU I 418 56.45 -52.07 1.77
CA LEU I 418 57.52 -52.90 1.20
C LEU I 418 58.86 -52.57 1.82
N ASP I 419 59.09 -51.30 2.16
CA ASP I 419 60.40 -50.87 2.65
C ASP I 419 60.71 -51.39 4.04
N SER I 420 59.70 -51.82 4.80
CA SER I 420 59.93 -52.25 6.17
C SER I 420 60.86 -53.45 6.23
N PHE I 421 60.63 -54.45 5.38
CA PHE I 421 61.51 -55.62 5.32
C PHE I 421 62.61 -55.42 4.27
N SER I 422 63.35 -54.32 4.39
CA SER I 422 64.39 -54.03 3.42
C SER I 422 65.54 -55.03 3.51
N GLY I 423 65.96 -55.38 4.73
CA GLY I 423 67.10 -56.26 4.89
C GLY I 423 66.95 -57.32 5.97
N LYS I 424 65.74 -57.82 6.18
CA LYS I 424 65.49 -58.82 7.21
C LYS I 424 65.12 -60.15 6.58
N PRO I 425 66.02 -61.14 6.58
CA PRO I 425 65.61 -62.49 6.16
C PRO I 425 64.46 -63.02 7.00
N ARG I 426 63.57 -63.75 6.36
CA ARG I 426 62.33 -64.15 7.01
C ARG I 426 62.60 -65.21 8.08
N GLY I 427 61.92 -65.04 9.22
CA GLY I 427 61.89 -66.05 10.26
C GLY I 427 60.86 -67.09 9.91
N SER I 428 61.24 -68.03 9.03
CA SER I 428 60.32 -68.94 8.35
C SER I 428 59.17 -69.37 9.24
N GLY I 429 57.95 -69.24 8.71
CA GLY I 429 56.76 -69.28 9.51
C GLY I 429 56.08 -67.93 9.49
N PRO I 430 56.12 -67.21 10.61
CA PRO I 430 55.67 -65.82 10.62
C PRO I 430 56.37 -65.01 9.54
N PRO I 431 55.65 -64.61 8.49
CA PRO I 431 56.31 -63.93 7.37
C PRO I 431 56.78 -62.52 7.71
N ALA I 432 55.90 -61.70 8.25
CA ALA I 432 56.15 -60.28 8.50
C ALA I 432 55.04 -59.78 9.42
N GLY I 433 54.96 -58.45 9.55
CA GLY I 433 53.92 -57.84 10.36
C GLY I 433 52.69 -57.51 9.53
N PRO I 434 52.47 -56.23 9.26
CA PRO I 434 51.33 -55.85 8.41
C PRO I 434 51.47 -56.45 7.02
N ALA I 435 50.32 -56.84 6.46
CA ALA I 435 50.31 -57.48 5.15
C ALA I 435 50.48 -56.44 4.04
N LEU I 436 50.52 -56.92 2.80
CA LEU I 436 50.70 -56.08 1.64
C LEU I 436 49.55 -56.27 0.66
N PRO I 437 49.13 -55.21 -0.03
CA PRO I 437 48.09 -55.37 -1.05
C PRO I 437 48.68 -55.74 -2.41
N ILE I 438 48.16 -56.80 -3.03
CA ILE I 438 48.61 -57.23 -4.34
C ILE I 438 47.47 -57.23 -5.36
N GLU I 439 46.28 -57.70 -4.97
CA GLU I 439 45.15 -57.67 -5.90
C GLU I 439 44.75 -56.25 -6.25
N ALA I 440 44.89 -55.33 -5.31
CA ALA I 440 44.50 -53.94 -5.57
C ALA I 440 45.37 -53.32 -6.65
N VAL I 441 46.68 -53.48 -6.56
CA VAL I 441 47.58 -52.79 -7.48
C VAL I 441 47.47 -53.38 -8.88
N ILE I 442 47.33 -54.71 -8.99
CA ILE I 442 47.28 -55.35 -10.31
C ILE I 442 46.09 -54.80 -11.10
N LEU I 443 44.93 -54.69 -10.43
CA LEU I 443 43.78 -54.06 -11.08
C LEU I 443 44.05 -52.59 -11.37
N SER I 444 44.73 -51.90 -10.45
CA SER I 444 44.99 -50.47 -10.64
C SER I 444 45.87 -50.22 -11.86
N LEU I 445 46.98 -50.95 -11.97
CA LEU I 445 47.87 -50.75 -13.12
C LEU I 445 47.18 -51.12 -14.42
N GLN I 446 46.39 -52.19 -14.42
CA GLN I 446 45.69 -52.59 -15.64
C GLN I 446 44.69 -51.55 -16.11
N ASP I 447 44.32 -50.59 -15.26
CA ASP I 447 43.42 -49.53 -15.69
C ASP I 447 44.16 -48.42 -16.41
N LEU I 448 45.26 -47.94 -15.83
CA LEU I 448 45.97 -46.79 -16.42
C LEU I 448 46.52 -47.11 -17.79
N ILE I 449 47.07 -48.32 -17.98
CA ILE I 449 47.56 -48.70 -19.30
C ILE I 449 46.42 -48.68 -20.31
N GLY I 450 45.25 -49.17 -19.92
CA GLY I 450 44.08 -49.00 -20.75
C GLY I 450 43.66 -47.53 -20.87
N TYR I 451 43.77 -46.78 -19.78
CA TYR I 451 43.42 -45.37 -19.79
C TYR I 451 44.36 -44.58 -20.71
N PHE I 452 45.64 -44.89 -20.69
CA PHE I 452 46.64 -44.20 -21.51
C PHE I 452 46.89 -44.91 -22.84
N GLU I 453 46.00 -45.81 -23.24
CA GLU I 453 46.21 -46.56 -24.47
C GLU I 453 46.19 -45.61 -25.66
N PRO I 454 47.16 -45.71 -26.58
CA PRO I 454 47.30 -44.72 -27.65
C PRO I 454 46.14 -44.77 -28.62
N PRO I 455 45.92 -43.70 -29.39
CA PRO I 455 44.79 -43.68 -30.32
C PRO I 455 44.90 -44.80 -31.37
N SER I 456 43.74 -45.25 -31.82
CA SER I 456 43.66 -46.40 -32.73
C SER I 456 44.14 -45.98 -34.12
N GLU I 457 44.05 -46.90 -35.07
CA GLU I 457 44.54 -46.70 -36.43
C GLU I 457 43.45 -46.49 -37.46
N GLU I 458 42.31 -47.16 -37.32
CA GLU I 458 41.26 -47.09 -38.34
C GLU I 458 40.46 -45.79 -38.28
N LEU I 459 40.62 -45.00 -37.23
CA LEU I 459 39.85 -43.76 -37.09
C LEU I 459 40.33 -42.72 -38.09
N GLN I 460 39.41 -41.82 -38.46
CA GLN I 460 39.72 -40.77 -39.42
C GLN I 460 40.63 -39.73 -38.80
N HIS I 461 41.05 -38.76 -39.63
CA HIS I 461 42.03 -37.79 -39.19
C HIS I 461 41.48 -36.88 -38.09
N GLU I 462 40.28 -36.33 -38.30
CA GLU I 462 39.74 -35.37 -37.35
C GLU I 462 39.56 -35.97 -35.97
N GLU I 463 39.01 -37.18 -35.88
CA GLU I 463 38.84 -37.82 -34.59
C GLU I 463 40.18 -38.20 -33.98
N LYS I 464 41.11 -38.68 -34.80
CA LYS I 464 42.43 -39.02 -34.30
C LYS I 464 43.16 -37.79 -33.76
N GLN I 465 43.10 -36.68 -34.49
CA GLN I 465 43.77 -35.46 -34.04
C GLN I 465 43.15 -34.92 -32.77
N SER I 466 41.82 -34.99 -32.66
CA SER I 466 41.14 -34.48 -31.46
C SER I 466 41.59 -35.23 -30.22
N LYS I 467 41.65 -36.57 -30.30
CA LYS I 467 42.09 -37.34 -29.14
C LYS I 467 43.58 -37.21 -28.91
N LEU I 468 44.36 -36.95 -29.96
CA LEU I 468 45.80 -36.77 -29.80
C LEU I 468 46.13 -35.57 -28.92
N ARG I 469 45.27 -34.54 -28.93
CA ARG I 469 45.45 -33.43 -28.01
C ARG I 469 45.02 -33.79 -26.60
N SER I 470 44.02 -34.66 -26.45
CA SER I 470 43.52 -35.06 -25.14
C SER I 470 44.36 -36.14 -24.50
N LEU I 471 45.40 -36.63 -25.16
CA LEU I 471 46.32 -37.60 -24.57
C LEU I 471 47.62 -36.96 -24.14
N ARG I 472 48.18 -36.06 -24.94
CA ARG I 472 49.42 -35.39 -24.57
C ARG I 472 49.26 -34.59 -23.29
N ASN I 473 48.11 -33.92 -23.15
CA ASN I 473 47.87 -33.11 -21.96
C ASN I 473 47.87 -33.98 -20.71
N ARG I 474 47.11 -35.09 -20.74
CA ARG I 474 47.03 -35.96 -19.57
C ARG I 474 48.37 -36.63 -19.27
N GLN I 475 49.17 -36.91 -20.29
CA GLN I 475 50.51 -37.44 -20.04
C GLN I 475 51.37 -36.44 -19.28
N SER I 476 51.30 -35.16 -19.68
CA SER I 476 52.03 -34.13 -18.95
C SER I 476 51.41 -33.88 -17.58
N LEU I 477 50.10 -34.07 -17.46
CA LEU I 477 49.41 -33.84 -16.18
C LEU I 477 49.80 -34.86 -15.12
N PHE I 478 50.30 -36.03 -15.51
CA PHE I 478 50.73 -37.05 -14.56
C PHE I 478 52.19 -36.92 -14.18
N GLN I 479 52.90 -35.93 -14.73
CA GLN I 479 54.29 -35.68 -14.39
C GLN I 479 54.45 -34.58 -13.35
N GLU I 480 53.59 -33.56 -13.39
CA GLU I 480 53.71 -32.43 -12.50
C GLU I 480 53.32 -32.78 -11.07
N GLU I 481 52.64 -33.90 -10.87
CA GLU I 481 52.25 -34.39 -9.54
C GLU I 481 53.09 -35.60 -9.15
N GLY I 482 54.37 -35.58 -9.51
CA GLY I 482 55.17 -36.78 -9.33
C GLY I 482 54.75 -37.86 -10.31
N MET I 483 54.64 -39.09 -9.79
CA MET I 483 54.13 -40.24 -10.53
C MET I 483 55.08 -40.69 -11.65
N LEU I 484 56.13 -39.91 -11.89
CA LEU I 484 57.28 -40.40 -12.65
C LEU I 484 58.38 -40.87 -11.70
N SER I 485 58.66 -40.08 -10.67
CA SER I 485 59.52 -40.57 -9.59
C SER I 485 58.90 -41.77 -8.91
N LEU I 486 57.59 -41.74 -8.68
CA LEU I 486 56.91 -42.84 -7.99
C LEU I 486 57.10 -44.16 -8.73
N VAL I 487 56.79 -44.18 -10.03
CA VAL I 487 56.99 -45.40 -10.81
C VAL I 487 58.47 -45.73 -10.88
N LEU I 488 59.33 -44.71 -10.89
CA LEU I 488 60.76 -44.95 -10.79
C LEU I 488 61.12 -45.55 -9.43
N ASN I 489 60.49 -45.04 -8.36
CA ASN I 489 60.82 -45.50 -7.01
C ASN I 489 60.45 -46.96 -6.81
N CYS I 490 59.31 -47.39 -7.36
CA CYS I 490 58.91 -48.78 -7.24
C CYS I 490 59.93 -49.70 -7.90
N ILE I 491 60.44 -49.30 -9.06
CA ILE I 491 61.43 -50.13 -9.75
C ILE I 491 62.69 -50.27 -8.92
N ASP I 492 63.13 -49.19 -8.28
CA ASP I 492 64.32 -49.25 -7.45
C ASP I 492 64.16 -50.27 -6.33
N ARG I 493 63.02 -50.26 -5.64
CA ARG I 493 62.81 -51.17 -4.52
C ARG I 493 62.62 -52.60 -5.00
N LEU I 494 61.80 -52.82 -6.02
CA LEU I 494 61.54 -54.17 -6.50
C LEU I 494 62.79 -54.79 -7.12
N ASN I 495 63.56 -54.00 -7.87
CA ASN I 495 64.69 -54.55 -8.63
C ASN I 495 65.84 -54.99 -7.75
N VAL I 496 65.78 -54.71 -6.45
CA VAL I 496 66.79 -55.22 -5.52
C VAL I 496 66.74 -56.75 -5.51
N TYR I 497 65.53 -57.31 -5.48
CA TYR I 497 65.34 -58.76 -5.48
C TYR I 497 65.65 -59.32 -6.86
N THR I 498 66.82 -59.97 -6.99
CA THR I 498 67.29 -60.43 -8.29
C THR I 498 66.77 -61.85 -8.56
N THR I 499 67.33 -62.51 -9.57
CA THR I 499 67.11 -63.92 -9.86
C THR I 499 65.64 -64.21 -10.16
N ALA I 500 64.90 -64.64 -9.16
CA ALA I 500 63.51 -65.01 -9.35
C ALA I 500 62.77 -64.75 -8.04
N ALA I 501 61.55 -65.30 -7.93
CA ALA I 501 60.77 -65.17 -6.71
C ALA I 501 61.42 -65.86 -5.53
N HIS I 502 62.37 -66.76 -5.77
CA HIS I 502 63.01 -67.49 -4.68
C HIS I 502 63.78 -66.53 -3.76
N PHE I 503 64.49 -65.57 -4.33
CA PHE I 503 65.17 -64.59 -3.47
C PHE I 503 64.16 -63.65 -2.80
N ALA I 504 63.04 -63.38 -3.47
CA ALA I 504 61.97 -62.60 -2.84
C ALA I 504 61.21 -63.40 -1.80
N GLU I 505 61.69 -64.59 -1.42
CA GLU I 505 60.93 -65.44 -0.51
C GLU I 505 60.72 -64.77 0.84
N TYR I 506 61.71 -64.04 1.33
CA TYR I 506 61.60 -63.40 2.64
C TYR I 506 60.82 -62.09 2.56
N ALA I 507 59.68 -62.18 1.88
CA ALA I 507 58.70 -61.10 1.88
C ALA I 507 57.27 -61.64 1.96
N GLY I 508 57.10 -62.95 2.11
CA GLY I 508 55.79 -63.58 2.02
C GLY I 508 55.72 -64.48 0.80
N GLU I 509 55.88 -65.78 1.02
CA GLU I 509 55.93 -66.72 -0.10
C GLU I 509 54.61 -66.83 -0.84
N GLU I 510 53.51 -66.38 -0.22
CA GLU I 510 52.22 -66.38 -0.91
C GLU I 510 52.19 -65.36 -2.04
N ALA I 511 52.99 -64.31 -1.95
CA ALA I 511 53.09 -63.30 -3.00
C ALA I 511 54.23 -63.55 -3.96
N ALA I 512 55.02 -64.61 -3.74
CA ALA I 512 56.18 -64.87 -4.60
C ALA I 512 55.75 -65.20 -6.02
N GLU I 513 54.73 -66.06 -6.18
CA GLU I 513 54.30 -66.47 -7.51
C GLU I 513 53.66 -65.33 -8.30
N SER I 514 53.33 -64.21 -7.65
CA SER I 514 52.84 -63.02 -8.34
C SER I 514 53.92 -61.95 -8.48
N TRP I 515 55.16 -62.37 -8.72
CA TRP I 515 56.27 -61.45 -8.85
C TRP I 515 56.47 -60.97 -10.28
N LYS I 516 56.48 -61.89 -11.24
CA LYS I 516 56.85 -61.55 -12.61
C LYS I 516 55.94 -60.47 -13.18
N GLU I 517 54.62 -60.65 -13.04
CA GLU I 517 53.69 -59.72 -13.66
C GLU I 517 53.81 -58.32 -13.06
N ILE I 518 53.96 -58.21 -11.74
CA ILE I 518 54.12 -56.90 -11.13
C ILE I 518 55.36 -56.20 -11.68
N VAL I 519 56.47 -56.93 -11.80
CA VAL I 519 57.68 -56.33 -12.36
C VAL I 519 57.43 -55.91 -13.80
N ASN I 520 56.71 -56.73 -14.56
CA ASN I 520 56.42 -56.40 -15.95
C ASN I 520 55.56 -55.15 -16.05
N LEU I 521 54.44 -55.10 -15.32
CA LEU I 521 53.38 -54.13 -15.60
C LEU I 521 53.85 -52.68 -15.46
N LEU I 522 54.84 -52.41 -14.60
CA LEU I 522 55.32 -51.04 -14.46
C LEU I 522 55.95 -50.53 -15.75
N TYR I 523 56.69 -51.38 -16.45
CA TYR I 523 57.52 -50.92 -17.55
C TYR I 523 56.69 -50.39 -18.72
N GLU I 524 55.68 -51.14 -19.16
CA GLU I 524 54.86 -50.62 -20.26
C GLU I 524 53.97 -49.48 -19.79
N LEU I 525 53.69 -49.40 -18.49
CA LEU I 525 53.02 -48.22 -17.95
C LEU I 525 53.86 -46.98 -18.16
N LEU I 526 55.16 -47.06 -17.86
CA LEU I 526 56.04 -45.93 -18.06
C LEU I 526 56.19 -45.60 -19.54
N ALA I 527 56.13 -46.62 -20.40
CA ALA I 527 56.19 -46.37 -21.84
C ALA I 527 55.01 -45.53 -22.30
N SER I 528 53.84 -45.75 -21.70
CA SER I 528 52.67 -44.94 -22.04
C SER I 528 52.88 -43.48 -21.67
N LEU I 529 53.53 -43.22 -20.53
CA LEU I 529 53.78 -41.84 -20.10
C LEU I 529 54.85 -41.15 -20.91
N ILE I 530 55.59 -41.87 -21.76
CA ILE I 530 56.68 -41.29 -22.52
C ILE I 530 56.41 -41.29 -24.02
N ARG I 531 55.76 -42.34 -24.53
CA ARG I 531 55.54 -42.45 -25.97
C ARG I 531 54.75 -41.27 -26.49
N GLY I 532 55.24 -40.66 -27.57
CA GLY I 532 54.58 -39.55 -28.18
C GLY I 532 54.98 -38.20 -27.62
N ASN I 533 54.87 -38.05 -26.30
CA ASN I 533 55.14 -36.78 -25.67
C ASN I 533 56.63 -36.45 -25.75
N ARG I 534 56.94 -35.16 -25.74
CA ARG I 534 58.29 -34.66 -25.90
C ARG I 534 58.88 -34.10 -24.60
N ALA I 535 58.10 -33.38 -23.81
CA ALA I 535 58.62 -32.75 -22.60
C ALA I 535 59.09 -33.80 -21.59
N ASN I 536 58.34 -34.88 -21.43
CA ASN I 536 58.71 -35.90 -20.46
C ASN I 536 60.01 -36.61 -20.86
N CYS I 537 60.28 -36.72 -22.16
CA CYS I 537 61.48 -37.42 -22.61
C CYS I 537 62.75 -36.73 -22.14
N ALA I 538 62.73 -35.41 -21.97
CA ALA I 538 63.93 -34.70 -21.55
C ALA I 538 64.35 -35.05 -20.13
N LEU I 539 63.43 -35.58 -19.32
CA LEU I 539 63.74 -35.87 -17.92
C LEU I 539 64.75 -37.00 -17.78
N PHE I 540 64.82 -37.89 -18.76
CA PHE I 540 65.68 -39.06 -18.67
C PHE I 540 67.12 -38.81 -19.07
N SER I 541 67.50 -37.57 -19.38
CA SER I 541 68.90 -37.29 -19.71
C SER I 541 69.82 -37.61 -18.54
N THR I 542 69.43 -37.22 -17.33
CA THR I 542 70.23 -37.54 -16.16
C THR I 542 70.09 -39.01 -15.76
N ASN I 543 68.94 -39.62 -16.04
CA ASN I 543 68.69 -41.00 -15.68
C ASN I 543 68.94 -41.96 -16.84
N LEU I 544 69.60 -41.50 -17.90
CA LEU I 544 69.90 -42.37 -19.03
C LEU I 544 70.76 -43.55 -18.60
N ASP I 545 71.76 -43.30 -17.75
CA ASP I 545 72.64 -44.38 -17.32
C ASP I 545 71.89 -45.46 -16.56
N TRP I 546 70.81 -45.09 -15.87
CA TRP I 546 70.10 -46.05 -15.04
C TRP I 546 69.31 -47.05 -15.89
N VAL I 547 68.56 -46.55 -16.88
CA VAL I 547 67.74 -47.45 -17.69
C VAL I 547 68.62 -48.37 -18.53
N VAL I 548 69.68 -47.84 -19.12
CA VAL I 548 70.54 -48.64 -19.97
C VAL I 548 71.33 -49.65 -19.14
N SER I 549 71.36 -49.48 -17.82
CA SER I 549 72.19 -50.34 -16.99
C SER I 549 71.77 -51.80 -17.08
N LYS I 550 70.49 -52.08 -16.83
CA LYS I 550 70.07 -53.47 -16.70
C LYS I 550 70.19 -54.28 -18.00
N LEU I 551 69.24 -54.09 -18.92
CA LEU I 551 69.23 -54.74 -20.23
C LEU I 551 69.52 -56.24 -20.17
N ASP I 552 69.38 -56.86 -19.01
CA ASP I 552 69.80 -58.26 -18.86
C ASP I 552 68.83 -59.15 -18.11
N ARG I 553 67.90 -58.62 -17.32
CA ARG I 553 67.00 -59.47 -16.55
C ARG I 553 66.22 -60.40 -17.45
N LEU I 554 66.15 -61.67 -17.04
CA LEU I 554 65.49 -62.68 -17.86
C LEU I 554 64.00 -62.41 -18.03
N GLU I 555 63.39 -61.61 -17.15
CA GLU I 555 62.05 -61.10 -17.38
C GLU I 555 62.10 -59.57 -17.36
N ALA I 556 62.64 -59.02 -18.43
CA ALA I 556 62.50 -57.60 -18.73
C ALA I 556 62.50 -57.30 -20.21
N SER I 557 62.53 -58.33 -21.07
CA SER I 557 62.93 -58.14 -22.46
C SER I 557 62.02 -57.17 -23.19
N SER I 558 60.71 -57.41 -23.14
CA SER I 558 59.76 -56.53 -23.80
C SER I 558 59.74 -55.15 -23.16
N GLY I 559 59.81 -55.10 -21.82
CA GLY I 559 59.70 -53.81 -21.15
C GLY I 559 60.83 -52.86 -21.48
N ILE I 560 62.08 -53.33 -21.34
CA ILE I 560 63.22 -52.43 -21.44
C ILE I 560 63.48 -52.00 -22.89
N LEU I 561 63.35 -52.92 -23.83
CA LEU I 561 63.61 -52.57 -25.22
C LEU I 561 62.58 -51.59 -25.75
N GLU I 562 61.37 -51.60 -25.20
CA GLU I 562 60.34 -50.67 -25.64
C GLU I 562 60.48 -49.31 -24.98
N VAL I 563 60.82 -49.28 -23.69
CA VAL I 563 61.00 -47.99 -23.02
C VAL I 563 62.21 -47.25 -23.58
N LEU I 564 63.27 -47.99 -23.94
CA LEU I 564 64.43 -47.36 -24.54
C LEU I 564 64.12 -46.88 -25.96
N TYR I 565 63.26 -47.62 -26.68
CA TYR I 565 62.94 -47.25 -28.05
C TYR I 565 62.17 -45.93 -28.10
N CYS I 566 61.32 -45.66 -27.11
CA CYS I 566 60.47 -44.48 -27.16
C CYS I 566 61.16 -43.21 -26.70
N VAL I 567 62.29 -43.32 -26.00
CA VAL I 567 63.03 -42.13 -25.57
C VAL I 567 64.09 -41.67 -26.57
N LEU I 568 64.43 -42.51 -27.55
CA LEU I 568 65.37 -42.11 -28.60
C LEU I 568 64.67 -41.75 -29.89
N ILE I 569 63.34 -41.65 -29.90
CA ILE I 569 62.59 -41.27 -31.08
C ILE I 569 62.12 -39.82 -31.05
N GLU I 570 62.15 -39.17 -29.88
CA GLU I 570 61.64 -37.82 -29.74
C GLU I 570 62.73 -36.80 -29.40
N SER I 571 63.55 -37.07 -28.38
CA SER I 571 64.50 -36.09 -27.91
C SER I 571 65.89 -36.37 -28.48
N PRO I 572 66.46 -35.47 -29.28
CA PRO I 572 67.86 -35.63 -29.68
C PRO I 572 68.86 -35.30 -28.58
N GLU I 573 68.41 -34.68 -27.48
CA GLU I 573 69.33 -34.31 -26.41
C GLU I 573 69.89 -35.53 -25.71
N VAL I 574 69.02 -36.48 -25.33
CA VAL I 574 69.50 -37.71 -24.70
C VAL I 574 70.34 -38.52 -25.66
N LEU I 575 70.14 -38.32 -26.97
CA LEU I 575 70.93 -39.00 -27.97
C LEU I 575 72.41 -38.62 -27.89
N ASN I 576 72.71 -37.45 -27.34
CA ASN I 576 74.07 -36.92 -27.29
C ASN I 576 74.79 -37.27 -25.99
N ILE I 577 74.24 -38.16 -25.17
CA ILE I 577 74.79 -38.40 -23.84
C ILE I 577 75.19 -39.88 -23.73
N ILE I 578 75.72 -40.43 -24.81
CA ILE I 578 76.26 -41.79 -24.84
C ILE I 578 77.71 -41.70 -25.26
N GLN I 579 78.62 -42.19 -24.40
CA GLN I 579 80.05 -41.93 -24.63
C GLN I 579 80.77 -43.06 -25.37
N GLU I 580 80.99 -44.19 -24.70
CA GLU I 580 81.66 -45.29 -25.38
C GLU I 580 81.15 -46.66 -24.92
N ASN I 581 80.54 -46.72 -23.74
CA ASN I 581 80.24 -48.01 -23.11
C ASN I 581 78.78 -48.42 -23.25
N HIS I 582 77.88 -47.45 -23.35
CA HIS I 582 76.48 -47.78 -23.52
C HIS I 582 76.24 -48.44 -24.88
N ILE I 583 77.00 -48.04 -25.90
CA ILE I 583 76.86 -48.64 -27.22
C ILE I 583 77.24 -50.11 -27.19
N LYS I 584 78.34 -50.46 -26.52
CA LYS I 584 78.74 -51.86 -26.49
C LYS I 584 77.82 -52.68 -25.58
N SER I 585 77.17 -52.03 -24.63
CA SER I 585 76.21 -52.73 -23.78
C SER I 585 75.02 -53.22 -24.60
N ILE I 586 74.42 -52.33 -25.40
CA ILE I 586 73.31 -52.73 -26.24
C ILE I 586 73.79 -53.65 -27.36
N ILE I 587 75.04 -53.49 -27.80
CA ILE I 587 75.62 -54.43 -28.77
C ILE I 587 75.67 -55.82 -28.18
N SER I 588 76.12 -55.93 -26.92
CA SER I 588 76.16 -57.23 -26.26
C SER I 588 74.76 -57.82 -26.08
N LEU I 589 73.74 -56.96 -26.02
CA LEU I 589 72.37 -57.44 -25.92
C LEU I 589 72.00 -58.31 -27.11
N LEU I 590 72.39 -57.89 -28.31
CA LEU I 590 72.15 -58.70 -29.49
C LEU I 590 72.92 -60.02 -29.43
N ASP I 591 74.05 -60.04 -28.72
CA ASP I 591 74.89 -61.22 -28.64
C ASP I 591 74.35 -62.24 -27.63
N LYS I 592 73.50 -61.82 -26.69
CA LYS I 592 73.01 -62.72 -25.65
C LYS I 592 71.55 -63.08 -25.77
N HIS I 593 70.75 -62.30 -26.50
CA HIS I 593 69.31 -62.55 -26.62
C HIS I 593 68.91 -62.95 -28.03
N GLY I 594 69.87 -63.33 -28.86
CA GLY I 594 69.56 -63.86 -30.17
C GLY I 594 69.46 -62.78 -31.23
N ARG I 595 68.98 -63.22 -32.40
CA ARG I 595 68.80 -62.32 -33.54
C ARG I 595 67.42 -61.69 -33.41
N ASN I 596 67.39 -60.42 -32.99
CA ASN I 596 66.14 -59.70 -32.75
C ASN I 596 66.16 -58.44 -33.59
N HIS I 597 65.20 -58.30 -34.49
CA HIS I 597 65.15 -57.11 -35.34
C HIS I 597 64.85 -55.85 -34.55
N LYS I 598 64.29 -55.98 -33.35
CA LYS I 598 63.96 -54.80 -32.55
C LYS I 598 65.22 -54.05 -32.14
N VAL I 599 66.26 -54.75 -31.71
CA VAL I 599 67.50 -54.08 -31.32
C VAL I 599 68.14 -53.40 -32.51
N LEU I 600 68.20 -54.08 -33.65
CA LEU I 600 68.80 -53.50 -34.84
C LEU I 600 68.08 -52.21 -35.24
N ASP I 601 66.76 -52.18 -35.05
CA ASP I 601 66.00 -50.96 -35.30
C ASP I 601 66.43 -49.84 -34.35
N VAL I 602 66.70 -50.19 -33.09
CA VAL I 602 67.10 -49.17 -32.11
C VAL I 602 68.42 -48.53 -32.51
N LEU I 603 69.37 -49.33 -33.02
CA LEU I 603 70.65 -48.77 -33.45
C LEU I 603 70.46 -47.77 -34.58
N CYS I 604 69.43 -47.95 -35.41
CA CYS I 604 69.13 -46.95 -36.44
C CYS I 604 68.71 -45.62 -35.81
N SER I 605 68.18 -45.65 -34.58
CA SER I 605 67.82 -44.41 -33.91
C SER I 605 69.06 -43.63 -33.48
N LEU I 606 70.14 -44.32 -33.09
CA LEU I 606 71.37 -43.63 -32.76
C LEU I 606 71.94 -42.87 -33.96
N CYS I 607 71.49 -43.22 -35.17
CA CYS I 607 71.89 -42.56 -36.40
C CYS I 607 71.15 -41.24 -36.53
N VAL I 608 71.11 -40.69 -37.74
CA VAL I 608 70.49 -39.39 -38.01
C VAL I 608 69.16 -39.23 -37.27
N CYS I 609 69.02 -38.10 -36.59
CA CYS I 609 67.78 -37.74 -35.91
C CYS I 609 66.91 -36.97 -36.90
N ASN I 610 65.89 -36.26 -36.41
CA ASN I 610 64.97 -35.57 -37.31
C ASN I 610 65.70 -34.45 -38.03
N GLY I 611 66.12 -34.72 -39.27
CA GLY I 611 66.84 -33.74 -40.06
C GLY I 611 68.33 -33.72 -39.78
N VAL I 612 68.70 -33.54 -38.52
CA VAL I 612 70.10 -33.38 -38.14
C VAL I 612 70.71 -34.75 -37.91
N ALA I 613 72.00 -34.87 -38.23
CA ALA I 613 72.76 -36.09 -38.03
C ALA I 613 73.97 -35.78 -37.17
N VAL I 614 74.39 -36.76 -36.39
CA VAL I 614 75.52 -36.61 -35.47
C VAL I 614 76.59 -37.62 -35.85
N ARG I 615 77.84 -37.17 -35.86
CA ARG I 615 78.98 -37.99 -36.27
C ARG I 615 79.84 -38.47 -35.12
N SER I 616 79.68 -37.89 -33.93
CA SER I 616 80.49 -38.32 -32.80
C SER I 616 80.27 -39.79 -32.45
N ASN I 617 79.08 -40.32 -32.74
CA ASN I 617 78.79 -41.72 -32.49
C ASN I 617 78.48 -42.51 -33.76
N GLN I 618 78.34 -41.85 -34.91
CA GLN I 618 78.15 -42.59 -36.15
C GLN I 618 79.49 -43.07 -36.73
N ASP I 619 80.35 -43.59 -35.87
CA ASP I 619 81.45 -44.47 -36.25
C ASP I 619 81.68 -45.60 -35.27
N LEU I 620 81.25 -45.47 -34.01
CA LEU I 620 81.55 -46.47 -33.00
C LEU I 620 80.91 -47.80 -33.33
N ILE I 621 79.66 -47.78 -33.80
CA ILE I 621 79.01 -49.02 -34.22
C ILE I 621 79.73 -49.61 -35.42
N THR I 622 80.31 -48.77 -36.28
CA THR I 622 81.05 -49.27 -37.43
C THR I 622 82.33 -49.97 -37.01
N GLU I 623 82.93 -49.54 -35.89
CA GLU I 623 84.18 -50.13 -35.42
C GLU I 623 83.98 -51.17 -34.33
N ASN I 624 82.76 -51.33 -33.82
CA ASN I 624 82.48 -52.30 -32.77
C ASN I 624 81.59 -53.44 -33.23
N LEU I 625 80.46 -53.14 -33.85
CA LEU I 625 79.55 -54.14 -34.39
C LEU I 625 79.54 -53.97 -35.91
N LEU I 626 80.53 -54.60 -36.56
CA LEU I 626 80.74 -54.53 -38.01
C LEU I 626 82.08 -55.16 -38.39
N PRO I 627 83.22 -54.80 -37.77
CA PRO I 627 84.48 -55.45 -38.17
C PRO I 627 84.51 -56.94 -37.89
N GLY I 628 84.15 -57.34 -36.67
CA GLY I 628 83.97 -58.76 -36.40
C GLY I 628 82.87 -59.34 -37.28
N ARG I 629 83.13 -60.49 -37.86
CA ARG I 629 82.26 -61.08 -38.86
C ARG I 629 81.58 -62.34 -38.35
N GLU I 630 81.11 -62.30 -37.10
CA GLU I 630 80.43 -63.43 -36.49
C GLU I 630 78.97 -63.17 -36.18
N LEU I 631 78.57 -61.91 -35.97
CA LEU I 631 77.20 -61.61 -35.57
C LEU I 631 76.26 -61.55 -36.77
N LEU I 632 76.58 -60.71 -37.75
CA LEU I 632 75.69 -60.45 -38.86
C LEU I 632 75.73 -61.59 -39.87
N LEU I 633 75.00 -61.41 -40.98
CA LEU I 633 74.89 -62.41 -42.03
C LEU I 633 75.63 -61.89 -43.26
N GLN I 634 76.89 -62.28 -43.39
CA GLN I 634 77.69 -61.87 -44.54
C GLN I 634 77.24 -62.58 -45.81
N THR I 635 77.54 -61.99 -46.95
CA THR I 635 77.12 -62.55 -48.24
C THR I 635 78.14 -62.20 -49.31
N ASN I 636 78.12 -62.98 -50.38
CA ASN I 636 79.11 -62.87 -51.45
C ASN I 636 78.63 -63.72 -52.63
N LEU I 637 79.47 -63.80 -53.66
CA LEU I 637 79.19 -64.56 -54.88
C LEU I 637 80.06 -65.82 -54.90
N ILE I 638 79.45 -66.95 -55.27
CA ILE I 638 80.13 -68.23 -55.38
C ILE I 638 79.84 -68.82 -56.75
N ASN I 639 80.86 -69.41 -57.37
CA ASN I 639 80.70 -70.10 -58.64
C ASN I 639 80.19 -71.52 -58.39
N TYR I 640 80.13 -72.32 -59.45
CA TYR I 640 79.54 -73.65 -59.40
C TYR I 640 80.59 -74.70 -59.74
N VAL I 641 80.39 -75.91 -59.23
CA VAL I 641 81.29 -77.04 -59.50
C VAL I 641 80.45 -78.31 -59.61
N THR I 642 81.00 -79.29 -60.32
CA THR I 642 80.31 -80.55 -60.54
C THR I 642 81.35 -81.68 -60.53
N SER I 643 80.91 -82.88 -60.19
CA SER I 643 81.78 -84.05 -60.12
C SER I 643 81.30 -85.14 -61.06
N ILE I 644 82.25 -85.87 -61.63
CA ILE I 644 81.99 -86.94 -62.59
C ILE I 644 82.80 -88.16 -62.18
N ARG I 645 82.19 -89.33 -62.28
CA ARG I 645 82.86 -90.59 -61.94
C ARG I 645 82.51 -91.66 -62.98
N PRO I 646 83.36 -92.66 -63.14
CA PRO I 646 83.05 -93.77 -64.06
C PRO I 646 82.07 -94.77 -63.46
N ASN I 647 81.79 -95.85 -64.18
CA ASN I 647 80.90 -96.89 -63.68
C ASN I 647 81.59 -97.91 -62.80
N ILE I 648 82.91 -97.83 -62.65
CA ILE I 648 83.62 -98.89 -61.95
C ILE I 648 83.32 -98.82 -60.45
N PHE I 649 83.41 -99.97 -59.79
CA PHE I 649 83.02 -100.08 -58.38
C PHE I 649 83.97 -101.09 -57.73
N VAL I 650 84.87 -100.60 -56.89
CA VAL I 650 85.87 -101.44 -56.23
C VAL I 650 85.66 -101.39 -54.72
N GLY I 651 85.75 -102.54 -54.08
CA GLY I 651 85.61 -102.63 -52.63
C GLY I 651 86.27 -103.88 -52.11
N ARG I 652 86.46 -103.91 -50.79
CA ARG I 652 87.14 -105.01 -50.11
C ARG I 652 86.21 -105.64 -49.08
N ALA I 653 86.05 -106.95 -49.15
CA ALA I 653 85.21 -107.70 -48.22
C ALA I 653 85.55 -109.17 -48.36
N GLU I 654 85.01 -109.97 -47.44
CA GLU I 654 85.21 -111.43 -47.47
C GLU I 654 84.49 -112.00 -48.68
N GLY I 655 85.25 -112.41 -49.68
CA GLY I 655 84.71 -112.91 -50.93
C GLY I 655 85.51 -112.36 -52.09
N SER I 656 84.86 -112.25 -53.24
CA SER I 656 85.50 -111.70 -54.43
C SER I 656 85.79 -110.22 -54.19
N THR I 657 87.07 -109.89 -53.96
CA THR I 657 87.47 -108.53 -53.67
C THR I 657 88.62 -108.08 -54.57
N GLN I 658 88.84 -108.77 -55.68
CA GLN I 658 89.89 -108.45 -56.66
C GLN I 658 91.23 -108.45 -55.92
N TYR I 659 92.06 -107.42 -56.07
CA TYR I 659 93.40 -107.39 -55.50
C TYR I 659 93.65 -106.27 -54.53
N GLY I 660 92.82 -105.22 -54.53
CA GLY I 660 93.13 -104.04 -53.74
C GLY I 660 94.37 -103.32 -54.24
N LYS I 661 94.51 -103.22 -55.56
CA LYS I 661 95.67 -102.55 -56.16
C LYS I 661 95.24 -102.03 -57.53
N TRP I 662 95.04 -100.71 -57.63
CA TRP I 662 94.47 -100.10 -58.81
C TRP I 662 95.23 -98.83 -59.14
N TYR I 663 95.19 -98.43 -60.42
CA TYR I 663 96.07 -97.39 -60.93
C TYR I 663 95.44 -96.73 -62.15
N PHE I 664 95.54 -95.40 -62.22
CA PHE I 664 95.07 -94.68 -63.41
C PHE I 664 95.72 -93.30 -63.45
N GLU I 665 95.67 -92.69 -64.63
CA GLU I 665 96.18 -91.34 -64.82
C GLU I 665 95.10 -90.47 -65.46
N VAL I 666 95.46 -89.27 -65.92
CA VAL I 666 94.49 -88.35 -66.50
C VAL I 666 95.24 -87.27 -67.26
N MET I 667 94.57 -86.67 -68.25
CA MET I 667 95.15 -85.63 -69.08
C MET I 667 94.38 -84.32 -68.94
N VAL I 668 95.10 -83.23 -68.71
CA VAL I 668 94.53 -81.90 -68.50
C VAL I 668 95.20 -80.90 -69.43
N ASP I 669 94.39 -80.11 -70.12
CA ASP I 669 94.89 -79.12 -71.08
C ASP I 669 94.04 -77.84 -71.03
N GLU I 670 93.80 -77.33 -69.82
CA GLU I 670 92.97 -76.16 -69.61
C GLU I 670 93.84 -74.97 -69.20
N VAL I 671 93.59 -73.81 -69.79
CA VAL I 671 94.42 -72.63 -69.59
C VAL I 671 93.61 -71.45 -69.08
N VAL I 672 92.59 -71.72 -68.27
CA VAL I 672 91.68 -70.66 -67.80
C VAL I 672 91.74 -70.54 -66.28
N PRO I 673 92.70 -69.80 -65.72
CA PRO I 673 92.85 -69.78 -64.26
C PRO I 673 91.94 -68.78 -63.56
N PHE I 674 91.57 -67.70 -64.23
CA PHE I 674 90.78 -66.68 -63.57
C PHE I 674 89.60 -66.23 -64.41
N LEU I 675 89.08 -67.10 -65.25
CA LEU I 675 87.87 -66.78 -65.97
C LEU I 675 86.70 -66.67 -65.00
N THR I 676 85.96 -65.57 -65.09
CA THR I 676 84.89 -65.20 -64.16
C THR I 676 85.39 -65.16 -62.71
N ALA I 677 86.29 -64.19 -62.48
CA ALA I 677 86.77 -63.82 -61.15
C ALA I 677 87.51 -64.96 -60.46
N GLN I 678 86.80 -65.73 -59.63
CA GLN I 678 87.42 -66.76 -58.80
C GLN I 678 88.19 -67.77 -59.66
N ALA I 679 89.08 -68.50 -58.98
CA ALA I 679 89.91 -69.47 -59.66
C ALA I 679 89.07 -70.65 -60.14
N THR I 680 89.65 -71.45 -61.03
CA THR I 680 88.99 -72.61 -61.60
C THR I 680 89.36 -73.84 -60.79
N HIS I 681 88.40 -74.36 -60.02
CA HIS I 681 88.64 -75.50 -59.15
C HIS I 681 88.88 -76.76 -60.00
N LEU I 682 89.92 -77.50 -59.65
CA LEU I 682 90.25 -78.73 -60.36
C LEU I 682 90.89 -79.71 -59.38
N ARG I 683 90.24 -80.85 -59.16
CA ARG I 683 90.71 -81.84 -58.20
C ARG I 683 90.35 -83.25 -58.66
N VAL I 684 91.12 -84.22 -58.19
CA VAL I 684 90.91 -85.63 -58.53
C VAL I 684 91.20 -86.47 -57.28
N GLY I 685 90.52 -87.60 -57.16
CA GLY I 685 90.78 -88.49 -56.04
C GLY I 685 89.71 -89.56 -55.90
N TRP I 686 89.57 -90.05 -54.67
CA TRP I 686 88.61 -91.09 -54.29
C TRP I 686 87.48 -90.52 -53.44
N ALA I 687 86.36 -91.23 -53.47
CA ALA I 687 85.23 -90.98 -52.57
C ALA I 687 84.44 -92.26 -52.41
N LEU I 688 83.93 -92.49 -51.22
CA LEU I 688 83.18 -93.71 -50.95
C LEU I 688 81.72 -93.55 -51.38
N THR I 689 80.97 -94.65 -51.31
CA THR I 689 79.63 -94.69 -51.90
C THR I 689 78.55 -94.23 -50.91
N GLU I 690 78.82 -93.12 -50.22
CA GLU I 690 77.82 -92.40 -49.43
C GLU I 690 78.06 -90.90 -49.51
N GLY I 691 78.59 -90.43 -50.64
CA GLY I 691 78.96 -89.03 -50.79
C GLY I 691 77.80 -88.07 -50.65
N TYR I 692 76.87 -88.11 -51.61
CA TYR I 692 75.74 -87.17 -51.70
C TYR I 692 76.21 -85.72 -51.76
N SER I 693 77.49 -85.51 -52.06
CA SER I 693 78.05 -84.17 -52.09
C SER I 693 77.45 -83.25 -53.15
N PRO I 694 77.23 -83.68 -54.44
CA PRO I 694 76.99 -82.71 -55.52
C PRO I 694 76.06 -81.55 -55.18
N TYR I 695 74.79 -81.85 -54.89
CA TYR I 695 73.77 -80.89 -54.43
C TYR I 695 74.00 -79.51 -55.02
N PRO I 696 73.90 -79.34 -56.35
CA PRO I 696 74.31 -78.08 -56.98
C PRO I 696 73.67 -76.86 -56.36
N GLY I 697 74.50 -75.97 -55.79
CA GLY I 697 74.02 -74.79 -55.11
C GLY I 697 74.73 -74.56 -53.79
N GLY I 698 73.98 -74.48 -52.70
CA GLY I 698 74.59 -74.25 -51.41
C GLY I 698 75.38 -75.44 -50.91
N GLY I 699 76.27 -75.18 -49.96
CA GLY I 699 77.11 -76.20 -49.38
C GLY I 699 77.38 -75.93 -47.93
N GLU I 700 78.60 -76.21 -47.48
CA GLU I 700 78.97 -76.04 -46.08
C GLU I 700 79.89 -74.84 -45.87
N GLY I 701 81.10 -74.87 -46.40
CA GLY I 701 81.99 -73.75 -46.28
C GLY I 701 81.55 -72.56 -47.13
N TRP I 702 81.64 -72.72 -48.45
CA TRP I 702 81.16 -71.69 -49.38
C TRP I 702 80.66 -72.41 -50.63
N GLY I 703 79.34 -72.59 -50.72
CA GLY I 703 78.73 -73.16 -51.89
C GLY I 703 78.84 -74.67 -51.95
N GLY I 704 78.17 -75.25 -52.93
CA GLY I 704 78.17 -76.69 -53.11
C GLY I 704 79.45 -77.19 -53.74
N ASN I 705 80.52 -77.20 -52.93
CA ASN I 705 81.86 -77.55 -53.39
C ASN I 705 81.98 -78.99 -53.87
N GLY I 706 83.15 -79.37 -54.35
CA GLY I 706 83.39 -80.67 -54.94
C GLY I 706 84.10 -81.62 -53.98
N VAL I 707 85.07 -82.35 -54.51
CA VAL I 707 85.73 -83.41 -53.76
C VAL I 707 86.72 -82.82 -52.75
N GLY I 708 86.88 -83.52 -51.63
CA GLY I 708 87.89 -83.22 -50.65
C GLY I 708 87.40 -82.46 -49.42
N ASP I 709 86.25 -81.81 -49.51
CA ASP I 709 85.74 -81.00 -48.41
C ASP I 709 84.75 -81.78 -47.55
N ASP I 710 85.13 -82.96 -47.10
CA ASP I 710 84.29 -83.82 -46.25
C ASP I 710 85.16 -84.96 -45.73
N LEU I 711 84.53 -85.90 -45.03
CA LEU I 711 85.19 -87.12 -44.59
C LEU I 711 84.82 -88.32 -45.45
N TYR I 712 84.05 -88.11 -46.52
CA TYR I 712 83.64 -89.18 -47.42
C TYR I 712 84.33 -89.08 -48.77
N SER I 713 85.34 -88.22 -48.90
CA SER I 713 86.04 -88.05 -50.16
C SER I 713 87.46 -87.59 -49.90
N TYR I 714 88.41 -88.16 -50.64
CA TYR I 714 89.83 -87.84 -50.50
C TYR I 714 90.34 -87.43 -51.87
N GLY I 715 90.98 -86.26 -51.95
CA GLY I 715 91.39 -85.74 -53.23
C GLY I 715 92.63 -84.90 -53.14
N PHE I 716 93.09 -84.45 -54.31
CA PHE I 716 94.32 -83.68 -54.47
C PHE I 716 94.10 -82.61 -55.52
N ASP I 717 94.76 -81.46 -55.34
CA ASP I 717 94.61 -80.34 -56.26
C ASP I 717 95.86 -79.99 -57.01
N GLY I 718 97.04 -80.33 -56.49
CA GLY I 718 98.29 -79.96 -57.11
C GLY I 718 99.25 -79.41 -56.08
N LEU I 719 98.70 -78.79 -55.04
CA LEU I 719 99.50 -78.22 -53.98
C LEU I 719 98.95 -78.50 -52.59
N HIS I 720 97.81 -79.16 -52.47
CA HIS I 720 97.20 -79.35 -51.16
C HIS I 720 96.44 -80.66 -51.11
N LEU I 721 96.32 -81.20 -49.90
CA LEU I 721 95.50 -82.37 -49.62
C LEU I 721 94.26 -81.93 -48.85
N TRP I 722 93.09 -82.35 -49.31
CA TRP I 722 91.82 -81.88 -48.77
C TRP I 722 91.06 -83.03 -48.12
N THR I 723 90.79 -82.91 -46.81
CA THR I 723 89.99 -83.85 -46.05
C THR I 723 89.32 -83.08 -44.94
N GLY I 724 87.99 -83.04 -44.94
CA GLY I 724 87.28 -82.27 -43.93
C GLY I 724 87.28 -80.79 -44.15
N HIS I 725 87.32 -80.35 -45.40
CA HIS I 725 87.25 -78.95 -45.82
C HIS I 725 88.46 -78.14 -45.38
N VAL I 726 89.49 -78.78 -44.84
CA VAL I 726 90.72 -78.11 -44.45
C VAL I 726 91.87 -78.67 -45.29
N ALA I 727 92.76 -77.80 -45.73
CA ALA I 727 93.81 -78.16 -46.67
C ALA I 727 95.19 -78.01 -46.02
N ARG I 728 96.13 -78.84 -46.46
CA ARG I 728 97.51 -78.79 -46.03
C ARG I 728 98.43 -78.81 -47.24
N PRO I 729 99.51 -78.02 -47.23
CA PRO I 729 100.42 -77.99 -48.39
C PRO I 729 101.20 -79.29 -48.51
N VAL I 730 101.61 -79.58 -49.75
CA VAL I 730 102.41 -80.75 -50.07
C VAL I 730 103.71 -80.30 -50.71
N THR I 731 104.67 -81.21 -50.79
CA THR I 731 105.95 -80.95 -51.40
C THR I 731 106.20 -81.91 -52.55
N SER I 732 106.86 -81.42 -53.58
CA SER I 732 107.16 -82.17 -54.79
C SER I 732 108.10 -81.34 -55.66
N PRO I 733 108.81 -81.97 -56.59
CA PRO I 733 109.64 -81.19 -57.52
C PRO I 733 108.79 -80.52 -58.58
N GLY I 734 108.77 -79.19 -58.55
CA GLY I 734 107.96 -78.39 -59.46
C GLY I 734 107.04 -77.45 -58.73
N GLN I 735 106.40 -77.95 -57.65
CA GLN I 735 105.60 -77.15 -56.74
C GLN I 735 104.59 -76.24 -57.41
N HIS I 736 103.96 -76.70 -58.48
CA HIS I 736 102.88 -75.97 -59.13
C HIS I 736 101.64 -76.83 -59.19
N LEU I 737 100.47 -76.19 -59.01
CA LEU I 737 99.20 -76.90 -59.06
C LEU I 737 98.93 -77.38 -60.48
N LEU I 738 97.78 -78.02 -60.67
CA LEU I 738 97.45 -78.60 -61.97
C LEU I 738 97.49 -77.54 -63.06
N ALA I 739 98.23 -77.83 -64.12
CA ALA I 739 98.47 -76.95 -65.24
C ALA I 739 98.20 -77.74 -66.51
N PRO I 740 97.99 -77.05 -67.65
CA PRO I 740 97.81 -77.79 -68.90
C PRO I 740 99.04 -78.62 -69.23
N GLU I 741 98.80 -79.74 -69.91
CA GLU I 741 99.84 -80.69 -70.32
C GLU I 741 100.56 -81.26 -69.10
N ASP I 742 99.80 -82.01 -68.31
CA ASP I 742 100.31 -82.61 -67.08
C ASP I 742 99.59 -83.93 -66.82
N VAL I 743 100.20 -84.76 -65.98
CA VAL I 743 99.68 -86.08 -65.63
C VAL I 743 99.79 -86.25 -64.11
N VAL I 744 98.73 -86.77 -63.49
CA VAL I 744 98.75 -87.13 -62.09
C VAL I 744 98.37 -88.60 -61.96
N SER I 745 99.07 -89.31 -61.09
CA SER I 745 98.84 -90.73 -60.87
C SER I 745 98.41 -90.98 -59.44
N CYS I 746 97.26 -91.62 -59.26
CA CYS I 746 96.76 -92.00 -57.96
C CYS I 746 97.14 -93.44 -57.64
N CYS I 747 96.92 -93.83 -56.39
CA CYS I 747 97.29 -95.16 -55.92
C CYS I 747 96.20 -95.70 -55.01
N LEU I 748 96.07 -97.03 -54.98
CA LEU I 748 95.11 -97.70 -54.11
C LEU I 748 95.70 -99.01 -53.63
N ASP I 749 95.64 -99.25 -52.32
CA ASP I 749 96.22 -100.45 -51.72
C ASP I 749 95.46 -100.75 -50.44
N LEU I 750 94.52 -101.69 -50.51
CA LEU I 750 93.59 -101.96 -49.41
C LEU I 750 94.05 -103.10 -48.51
N SER I 751 95.29 -103.09 -48.06
CA SER I 751 95.70 -103.92 -46.94
C SER I 751 96.36 -103.10 -45.84
N VAL I 752 97.22 -102.17 -46.20
CA VAL I 752 97.69 -101.02 -45.44
C VAL I 752 96.54 -100.05 -45.17
N PRO I 753 95.34 -100.25 -45.74
CA PRO I 753 94.80 -99.30 -46.71
C PRO I 753 95.16 -97.85 -46.52
N SER I 754 95.67 -97.29 -47.62
CA SER I 754 96.25 -95.96 -47.69
C SER I 754 96.22 -95.51 -49.14
N ILE I 755 96.10 -94.21 -49.36
CA ILE I 755 96.08 -93.61 -50.69
C ILE I 755 97.30 -92.73 -50.87
N SER I 756 98.03 -92.94 -51.95
CA SER I 756 99.14 -92.08 -52.33
C SER I 756 98.85 -91.48 -53.71
N PHE I 757 99.63 -90.45 -54.05
CA PHE I 757 99.49 -89.78 -55.32
C PHE I 757 100.88 -89.59 -55.93
N ARG I 758 100.90 -89.39 -57.25
CA ARG I 758 102.14 -89.25 -57.98
C ARG I 758 101.97 -88.19 -59.06
N ILE I 759 102.84 -87.18 -59.02
CA ILE I 759 102.90 -86.18 -60.07
C ILE I 759 103.49 -86.86 -61.30
N ASN I 760 103.48 -86.16 -62.45
CA ASN I 760 103.78 -86.76 -63.75
C ASN I 760 104.88 -87.81 -63.72
N GLY I 761 105.98 -87.54 -63.03
CA GLY I 761 107.04 -88.54 -62.96
C GLY I 761 107.71 -88.67 -61.61
N CYS I 762 107.15 -88.06 -60.58
CA CYS I 762 107.76 -88.05 -59.25
C CYS I 762 106.71 -88.32 -58.19
N PRO I 763 107.10 -88.90 -57.06
CA PRO I 763 106.12 -89.18 -56.00
C PRO I 763 105.73 -87.91 -55.25
N VAL I 764 104.51 -87.92 -54.73
CA VAL I 764 103.99 -86.83 -53.90
C VAL I 764 104.12 -87.27 -52.44
N GLN I 765 104.83 -86.47 -51.65
CA GLN I 765 105.21 -86.85 -50.29
C GLN I 765 104.02 -86.62 -49.36
N GLY I 766 103.14 -87.62 -49.31
CA GLY I 766 102.00 -87.59 -48.41
C GLY I 766 101.04 -88.74 -48.69
N VAL I 767 100.57 -89.39 -47.62
CA VAL I 767 99.69 -90.55 -47.75
C VAL I 767 98.61 -90.44 -46.68
N PHE I 768 97.37 -90.78 -47.07
CA PHE I 768 96.26 -90.87 -46.12
C PHE I 768 96.23 -92.25 -45.50
N GLU I 769 95.88 -92.33 -44.22
CA GLU I 769 95.85 -93.58 -43.50
C GLU I 769 94.62 -93.61 -42.60
N ALA I 770 94.46 -94.74 -41.88
CA ALA I 770 93.43 -94.90 -40.85
C ALA I 770 92.03 -94.67 -41.41
N PHE I 771 91.63 -95.57 -42.33
CA PHE I 771 90.34 -95.45 -42.99
C PHE I 771 89.27 -96.19 -42.21
N ASN I 772 88.05 -96.19 -42.77
CA ASN I 772 86.92 -96.91 -42.22
C ASN I 772 86.15 -97.60 -43.34
N LEU I 773 86.90 -98.24 -44.25
CA LEU I 773 86.34 -98.79 -45.47
C LEU I 773 85.17 -99.73 -45.17
N ASP I 774 84.00 -99.35 -45.64
CA ASP I 774 82.78 -100.16 -45.49
C ASP I 774 81.98 -100.32 -46.77
N GLY I 775 82.13 -99.43 -47.75
CA GLY I 775 81.42 -99.57 -49.00
C GLY I 775 82.34 -99.79 -50.18
N LEU I 776 82.31 -98.88 -51.15
CA LEU I 776 83.12 -98.99 -52.35
C LEU I 776 83.71 -97.61 -52.63
N PHE I 777 84.26 -97.42 -53.83
CA PHE I 777 85.01 -96.20 -54.10
C PHE I 777 84.77 -95.74 -55.53
N PHE I 778 84.86 -94.42 -55.72
CA PHE I 778 84.66 -93.76 -57.00
C PHE I 778 85.94 -93.06 -57.43
N PRO I 779 86.39 -93.20 -58.67
CA PRO I 779 87.34 -92.23 -59.23
C PRO I 779 86.64 -90.92 -59.51
N VAL I 780 86.89 -89.88 -58.72
CA VAL I 780 86.12 -88.64 -58.78
C VAL I 780 87.00 -87.51 -59.31
N VAL I 781 86.38 -86.62 -60.07
CA VAL I 781 87.03 -85.43 -60.62
C VAL I 781 86.16 -84.23 -60.29
N SER I 782 86.80 -83.06 -60.15
CA SER I 782 86.12 -81.81 -59.83
C SER I 782 86.53 -80.74 -60.83
N PHE I 783 85.57 -79.92 -61.24
CA PHE I 783 85.84 -78.90 -62.24
C PHE I 783 84.81 -77.78 -62.11
N SER I 784 85.25 -76.54 -62.30
CA SER I 784 84.35 -75.40 -62.20
C SER I 784 83.60 -75.15 -63.52
N ALA I 785 84.34 -74.81 -64.57
CA ALA I 785 83.75 -74.47 -65.86
C ALA I 785 84.87 -74.31 -66.89
N GLY I 786 84.48 -74.42 -68.16
CA GLY I 786 85.44 -74.27 -69.24
C GLY I 786 86.55 -75.30 -69.24
N VAL I 787 86.19 -76.57 -69.09
CA VAL I 787 87.15 -77.65 -68.87
C VAL I 787 86.86 -78.79 -69.83
N LYS I 788 87.91 -79.29 -70.49
CA LYS I 788 87.85 -80.35 -71.49
C LYS I 788 88.84 -81.48 -71.16
N VAL I 789 88.85 -81.91 -69.89
CA VAL I 789 89.81 -82.91 -69.44
C VAL I 789 89.53 -84.26 -70.10
N ARG I 790 90.60 -84.90 -70.59
CA ARG I 790 90.56 -86.28 -71.04
C ARG I 790 90.90 -87.21 -69.88
N PHE I 791 90.16 -88.30 -69.76
CA PHE I 791 90.21 -89.15 -68.58
C PHE I 791 90.74 -90.53 -68.97
N LEU I 792 91.84 -90.95 -68.33
CA LEU I 792 92.61 -92.11 -68.75
C LEU I 792 92.21 -93.33 -67.93
N LEU I 793 91.98 -94.46 -68.62
CA LEU I 793 91.63 -95.71 -67.97
C LEU I 793 92.65 -96.81 -68.19
N GLY I 794 93.01 -97.11 -69.44
CA GLY I 794 93.97 -98.17 -69.69
C GLY I 794 93.72 -99.04 -70.91
N GLY I 795 93.59 -100.35 -70.69
CA GLY I 795 93.59 -101.31 -71.78
C GLY I 795 92.50 -101.07 -72.81
N ARG I 796 91.35 -100.54 -72.37
CA ARG I 796 90.28 -100.24 -73.31
C ARG I 796 90.76 -99.25 -74.36
N HIS I 797 91.07 -98.02 -73.95
CA HIS I 797 91.73 -97.06 -74.82
C HIS I 797 92.81 -96.24 -74.14
N GLY I 798 92.81 -96.14 -72.81
CA GLY I 798 93.76 -95.29 -72.10
C GLY I 798 95.21 -95.68 -72.30
N GLU I 799 95.95 -94.85 -73.04
CA GLU I 799 97.37 -95.12 -73.31
C GLU I 799 98.16 -94.70 -72.08
N PHE I 800 98.49 -95.66 -71.21
CA PHE I 800 99.28 -95.36 -70.03
C PHE I 800 100.64 -94.81 -70.43
N LYS I 801 100.88 -93.53 -70.14
CA LYS I 801 102.18 -92.95 -70.45
C LYS I 801 103.29 -93.60 -69.64
N PHE I 802 103.02 -93.90 -68.37
CA PHE I 802 104.02 -94.42 -67.46
C PHE I 802 103.68 -95.83 -67.02
N LEU I 803 104.65 -96.50 -66.42
CA LEU I 803 104.50 -97.89 -65.98
C LEU I 803 103.96 -97.94 -64.57
N PRO I 804 102.87 -98.68 -64.33
CA PRO I 804 102.36 -98.81 -62.97
C PRO I 804 103.38 -99.50 -62.09
N PRO I 805 103.38 -99.20 -60.80
CA PRO I 805 104.27 -99.90 -59.85
C PRO I 805 103.93 -101.38 -59.81
N PRO I 806 104.77 -102.22 -59.17
CA PRO I 806 104.59 -103.66 -59.31
C PRO I 806 103.32 -104.18 -58.67
N GLY I 807 102.33 -104.46 -59.52
CA GLY I 807 101.07 -105.09 -59.13
C GLY I 807 99.97 -104.07 -58.95
N TYR I 808 99.21 -103.84 -60.02
CA TYR I 808 98.13 -102.85 -60.04
C TYR I 808 97.27 -103.11 -61.26
N ALA I 809 95.99 -103.45 -61.06
CA ALA I 809 95.12 -103.66 -62.19
C ALA I 809 94.82 -102.33 -62.89
N PRO I 810 94.78 -102.32 -64.21
CA PRO I 810 94.50 -101.07 -64.95
C PRO I 810 93.07 -100.58 -64.82
N CYS I 811 92.23 -101.23 -63.99
CA CYS I 811 90.92 -100.74 -63.61
C CYS I 811 89.88 -100.87 -64.72
N HIS I 812 90.28 -101.33 -65.91
CA HIS I 812 89.30 -101.63 -66.93
C HIS I 812 88.67 -103.00 -66.74
N GLU I 813 89.36 -103.92 -66.06
CA GLU I 813 88.81 -105.25 -65.82
C GLU I 813 87.57 -105.18 -64.93
N ALA I 814 87.62 -104.35 -63.90
CA ALA I 814 86.51 -104.21 -62.95
C ALA I 814 85.40 -103.40 -63.59
N VAL I 815 84.40 -104.08 -64.15
CA VAL I 815 83.19 -103.45 -64.66
C VAL I 815 82.04 -104.39 -64.35
N LEU I 816 80.84 -103.85 -64.24
CA LEU I 816 79.67 -104.69 -64.05
C LEU I 816 79.50 -105.57 -65.28
N PRO I 817 79.56 -106.89 -65.16
CA PRO I 817 79.50 -107.78 -66.34
C PRO I 817 78.08 -107.96 -66.88
N ARG I 818 77.35 -106.86 -67.00
CA ARG I 818 76.01 -106.88 -67.54
C ARG I 818 75.71 -105.71 -68.48
N GLU I 819 76.69 -104.86 -68.75
CA GLU I 819 76.51 -103.69 -69.61
C GLU I 819 77.90 -103.13 -69.94
N ARG I 820 77.93 -102.00 -70.63
CA ARG I 820 79.18 -101.32 -70.96
C ARG I 820 79.46 -100.23 -69.94
N LEU I 821 80.63 -99.60 -70.08
CA LEU I 821 81.07 -98.54 -69.18
C LEU I 821 80.84 -97.18 -69.83
N ARG I 822 80.61 -96.17 -68.99
CA ARG I 822 80.27 -94.83 -69.45
C ARG I 822 80.51 -93.85 -68.32
N LEU I 823 80.47 -92.57 -68.65
CA LEU I 823 80.61 -91.50 -67.67
C LEU I 823 79.24 -90.92 -67.35
N GLU I 824 78.92 -90.83 -66.07
CA GLU I 824 77.66 -90.30 -65.61
C GLU I 824 77.89 -89.42 -64.39
N PRO I 825 77.08 -88.38 -64.20
CA PRO I 825 77.21 -87.56 -62.99
C PRO I 825 76.51 -88.23 -61.81
N ILE I 826 77.15 -88.12 -60.64
CA ILE I 826 76.67 -88.80 -59.45
C ILE I 826 75.51 -88.02 -58.83
N LYS I 827 74.51 -88.77 -58.36
CA LYS I 827 73.36 -88.22 -57.65
C LYS I 827 72.62 -87.18 -58.48
N GLU I 828 72.53 -87.43 -59.78
CA GLU I 828 71.79 -86.54 -60.66
C GLU I 828 70.29 -86.66 -60.40
N TYR I 829 69.61 -85.51 -60.32
CA TYR I 829 68.16 -85.47 -60.16
C TYR I 829 67.46 -84.62 -61.21
N ARG I 830 68.17 -84.13 -62.22
CA ARG I 830 67.54 -83.54 -63.40
C ARG I 830 68.39 -83.91 -64.61
N ARG I 831 67.74 -84.37 -65.67
CA ARG I 831 68.43 -84.69 -66.91
C ARG I 831 67.64 -84.17 -68.10
N GLU I 832 68.35 -83.87 -69.18
CA GLU I 832 67.74 -83.34 -70.38
C GLU I 832 67.00 -84.43 -71.15
N GLY I 833 66.20 -84.00 -72.12
CA GLY I 833 65.42 -84.91 -72.93
C GLY I 833 64.69 -84.21 -74.06
N PRO I 834 64.06 -84.99 -74.94
CA PRO I 834 63.33 -84.36 -76.07
C PRO I 834 62.22 -83.42 -75.61
N ARG I 835 61.46 -83.79 -74.58
CA ARG I 835 60.54 -82.84 -73.98
C ARG I 835 61.26 -81.80 -73.14
N GLY I 836 62.44 -82.14 -72.62
CA GLY I 836 63.22 -81.23 -71.83
C GLY I 836 63.69 -81.84 -70.53
N PRO I 837 63.48 -81.13 -69.44
CA PRO I 837 63.91 -81.63 -68.12
C PRO I 837 63.20 -82.93 -67.77
N HIS I 838 63.93 -83.80 -67.07
CA HIS I 838 63.40 -85.05 -66.55
C HIS I 838 63.77 -85.15 -65.08
N LEU I 839 62.78 -85.28 -64.21
CA LEU I 839 63.01 -85.41 -62.78
C LEU I 839 63.18 -86.88 -62.44
N VAL I 840 64.35 -87.25 -61.92
CA VAL I 840 64.67 -88.62 -61.57
C VAL I 840 64.93 -88.70 -60.07
N GLY I 841 64.40 -89.73 -59.44
CA GLY I 841 64.56 -89.94 -58.01
C GLY I 841 65.83 -90.69 -57.69
N PRO I 842 65.95 -91.16 -56.45
CA PRO I 842 67.16 -91.89 -56.04
C PRO I 842 67.32 -93.19 -56.83
N SER I 843 68.56 -93.50 -57.18
CA SER I 843 68.88 -94.73 -57.90
C SER I 843 69.25 -95.82 -56.91
N ARG I 844 69.68 -96.97 -57.42
CA ARG I 844 70.10 -98.10 -56.61
C ARG I 844 71.60 -98.29 -56.69
N CYS I 845 72.16 -98.99 -55.70
CA CYS I 845 73.60 -99.21 -55.64
C CYS I 845 73.87 -100.52 -54.90
N LEU I 846 75.07 -101.05 -55.11
CA LEU I 846 75.48 -102.29 -54.46
C LEU I 846 76.02 -101.99 -53.07
N SER I 847 76.60 -102.99 -52.42
CA SER I 847 77.14 -102.83 -51.07
C SER I 847 78.24 -103.86 -50.86
N HIS I 848 78.88 -103.78 -49.69
CA HIS I 848 79.95 -104.71 -49.36
C HIS I 848 79.42 -106.14 -49.28
N THR I 849 78.28 -106.33 -48.61
CA THR I 849 77.70 -107.67 -48.47
C THR I 849 77.26 -108.22 -49.82
N ASP I 850 76.72 -107.36 -50.69
CA ASP I 850 76.25 -107.83 -51.99
C ASP I 850 77.38 -108.38 -52.83
N PHE I 851 78.54 -107.74 -52.80
CA PHE I 851 79.69 -108.19 -53.58
C PHE I 851 80.46 -109.27 -52.82
N VAL I 852 79.76 -110.34 -52.43
CA VAL I 852 80.38 -111.45 -51.72
C VAL I 852 79.59 -112.72 -51.99
N PRO I 853 80.12 -113.66 -52.77
CA PRO I 853 79.41 -114.93 -52.98
C PRO I 853 79.29 -115.70 -51.68
N CYS I 854 78.18 -116.43 -51.55
CA CYS I 854 77.89 -117.23 -50.37
C CYS I 854 77.25 -118.54 -50.77
N PRO I 855 78.00 -119.64 -50.74
CA PRO I 855 77.39 -120.94 -50.96
C PRO I 855 76.31 -121.27 -49.93
N VAL I 856 75.32 -122.03 -50.36
CA VAL I 856 74.24 -122.41 -49.46
C VAL I 856 74.77 -123.32 -48.34
N ASP I 857 74.05 -123.34 -47.23
CA ASP I 857 74.42 -124.14 -46.07
C ASP I 857 74.25 -125.64 -46.32
N LEU I 863 67.73 -141.39 -43.64
CA LEU I 863 67.72 -141.24 -45.09
C LEU I 863 66.92 -142.35 -45.76
N PRO I 864 65.92 -141.98 -46.56
CA PRO I 864 65.13 -142.98 -47.27
C PRO I 864 66.00 -143.79 -48.22
N PRO I 865 65.73 -145.09 -48.35
CA PRO I 865 66.58 -145.91 -49.24
C PRO I 865 66.57 -145.45 -50.68
N HIS I 866 65.42 -145.01 -51.19
CA HIS I 866 65.33 -144.65 -52.61
C HIS I 866 66.16 -143.43 -52.95
N LEU I 867 66.39 -142.54 -51.97
CA LEU I 867 67.24 -141.38 -52.22
C LEU I 867 68.65 -141.81 -52.59
N GLU I 868 69.21 -142.77 -51.85
CA GLU I 868 70.53 -143.31 -52.13
C GLU I 868 70.51 -144.54 -53.04
N ARG I 869 69.31 -144.98 -53.46
CA ARG I 869 69.25 -146.16 -54.32
C ARG I 869 69.43 -145.79 -55.79
N ILE I 870 68.92 -144.64 -56.21
CA ILE I 870 68.98 -144.28 -57.62
C ILE I 870 70.43 -144.06 -58.06
N ARG I 871 71.09 -143.05 -57.50
CA ARG I 871 72.50 -142.77 -57.72
C ARG I 871 72.90 -142.86 -59.19
N GLU I 872 73.50 -143.98 -59.58
CA GLU I 872 73.98 -144.14 -60.95
C GLU I 872 72.84 -144.01 -61.96
N LYS I 873 71.62 -144.45 -61.57
CA LYS I 873 70.49 -144.36 -62.48
C LYS I 873 70.23 -142.92 -62.91
N LEU I 874 70.31 -141.98 -61.98
CA LEU I 874 70.26 -140.58 -62.34
C LEU I 874 71.59 -140.12 -62.95
N ALA I 875 72.70 -140.67 -62.46
CA ALA I 875 74.01 -140.29 -62.99
C ALA I 875 74.15 -140.71 -64.45
N GLU I 876 73.77 -141.96 -64.77
CA GLU I 876 73.83 -142.41 -66.14
C GLU I 876 72.89 -141.60 -67.02
N ASN I 877 71.70 -141.27 -66.48
CA ASN I 877 70.77 -140.41 -67.22
C ASN I 877 71.38 -139.04 -67.46
N ILE I 878 72.12 -138.53 -66.48
CA ILE I 878 72.91 -137.31 -66.70
C ILE I 878 74.08 -137.61 -67.63
N HIS I 879 74.69 -138.79 -67.48
CA HIS I 879 75.86 -139.13 -68.29
C HIS I 879 75.49 -139.42 -69.74
N GLU I 880 74.21 -139.58 -70.07
CA GLU I 880 73.81 -139.70 -71.46
C GLU I 880 74.16 -138.45 -72.24
N LEU I 881 73.90 -137.28 -71.65
CA LEU I 881 74.13 -136.02 -72.34
C LEU I 881 75.62 -135.70 -72.47
N TRP I 882 76.48 -136.40 -71.72
CA TRP I 882 77.90 -136.08 -71.75
C TRP I 882 78.53 -136.27 -73.12
N ALA I 883 77.90 -137.06 -73.98
CA ALA I 883 78.36 -137.19 -75.36
C ALA I 883 77.43 -136.52 -76.36
N LEU I 884 76.20 -136.18 -75.94
CA LEU I 884 75.17 -135.69 -76.85
C LEU I 884 75.70 -134.62 -77.80
N THR I 885 76.10 -133.48 -77.25
CA THR I 885 76.70 -132.43 -78.08
C THR I 885 78.18 -132.65 -78.31
N ARG I 886 78.83 -133.49 -77.52
CA ARG I 886 80.17 -133.95 -77.84
C ARG I 886 80.21 -134.96 -78.98
N ILE I 887 79.06 -135.45 -79.44
CA ILE I 887 78.99 -136.00 -80.80
C ILE I 887 79.08 -134.88 -81.83
N GLU I 888 78.34 -133.79 -81.61
CA GLU I 888 78.45 -132.64 -82.50
C GLU I 888 79.84 -132.05 -82.47
N GLN I 889 80.50 -132.10 -81.30
CA GLN I 889 81.90 -131.68 -81.21
C GLN I 889 82.84 -132.68 -81.90
N GLY I 890 82.43 -133.94 -82.04
CA GLY I 890 83.27 -134.94 -82.65
C GLY I 890 84.43 -135.37 -81.76
N TRP I 891 84.11 -135.85 -80.56
CA TRP I 891 85.11 -136.14 -79.55
C TRP I 891 85.07 -137.60 -79.13
N THR I 892 85.01 -138.52 -80.09
CA THR I 892 84.67 -139.91 -79.78
C THR I 892 85.78 -140.63 -79.00
N TYR I 893 85.68 -140.57 -77.67
CA TYR I 893 86.57 -141.24 -76.73
C TYR I 893 88.04 -141.15 -77.14
N GLY I 894 88.54 -139.91 -77.13
CA GLY I 894 89.95 -139.67 -77.34
C GLY I 894 90.80 -140.26 -76.24
N PRO I 895 91.66 -141.22 -76.60
CA PRO I 895 92.47 -141.91 -75.59
C PRO I 895 93.59 -141.08 -74.99
N VAL I 896 93.84 -139.86 -75.48
CA VAL I 896 94.98 -139.09 -75.02
C VAL I 896 94.57 -137.69 -74.58
N ARG I 897 93.25 -137.48 -74.43
CA ARG I 897 92.68 -136.22 -73.92
C ARG I 897 93.13 -135.05 -74.81
N ASP I 898 92.63 -135.07 -76.04
CA ASP I 898 92.92 -134.00 -76.99
C ASP I 898 92.14 -132.74 -76.65
N ASP I 899 92.76 -131.83 -75.91
CA ASP I 899 92.09 -130.61 -75.47
C ASP I 899 91.86 -129.63 -76.62
N ASN I 900 92.53 -129.80 -77.75
CA ASN I 900 92.42 -128.82 -78.82
C ASN I 900 92.04 -129.47 -80.16
N LYS I 901 92.46 -130.72 -80.37
CA LYS I 901 92.17 -131.42 -81.62
C LYS I 901 90.99 -132.39 -81.46
N ARG I 902 90.00 -132.00 -80.66
CA ARG I 902 88.64 -132.54 -80.69
C ARG I 902 88.59 -134.04 -80.34
N LEU I 903 88.97 -134.34 -79.10
CA LEU I 903 88.80 -135.69 -78.55
C LEU I 903 88.71 -135.58 -77.03
N HIS I 904 88.11 -136.61 -76.41
CA HIS I 904 87.80 -136.61 -74.97
C HIS I 904 88.12 -137.95 -74.34
N PRO I 905 88.67 -137.97 -73.12
CA PRO I 905 89.11 -139.23 -72.50
C PRO I 905 88.17 -139.85 -71.48
N CYS I 906 87.04 -139.22 -71.16
CA CYS I 906 86.13 -139.73 -70.13
C CYS I 906 84.78 -140.08 -70.74
N LEU I 907 84.77 -140.48 -72.01
CA LEU I 907 83.55 -140.72 -72.74
C LEU I 907 83.26 -142.22 -72.86
N VAL I 908 83.15 -142.89 -71.70
CA VAL I 908 82.84 -144.32 -71.62
C VAL I 908 81.94 -144.58 -70.41
N ASN I 909 81.65 -145.86 -70.18
CA ASN I 909 80.80 -146.27 -69.07
C ASN I 909 81.50 -146.02 -67.74
N PHE I 910 80.71 -146.02 -66.66
CA PHE I 910 81.20 -145.63 -65.35
C PHE I 910 82.37 -146.50 -64.89
N HIS I 911 82.21 -147.82 -64.98
CA HIS I 911 83.29 -148.71 -64.57
C HIS I 911 84.47 -148.61 -65.53
N SER I 912 84.20 -148.44 -66.83
CA SER I 912 85.26 -148.18 -67.79
C SER I 912 85.88 -146.80 -67.60
N LEU I 913 85.21 -145.91 -66.88
CA LEU I 913 85.73 -144.58 -66.63
C LEU I 913 86.94 -144.64 -65.68
N PRO I 914 87.78 -143.59 -65.69
CA PRO I 914 88.89 -143.54 -64.74
C PRO I 914 88.42 -143.44 -63.29
N GLU I 915 89.37 -143.42 -62.36
CA GLU I 915 89.02 -143.47 -60.94
C GLU I 915 88.17 -142.29 -60.48
N PRO I 916 88.51 -141.00 -60.76
CA PRO I 916 87.70 -139.88 -60.29
C PRO I 916 86.58 -139.49 -61.26
N GLU I 917 85.75 -140.47 -61.62
CA GLU I 917 84.66 -140.24 -62.56
C GLU I 917 83.31 -140.72 -62.07
N ARG I 918 83.23 -141.43 -60.94
CA ARG I 918 81.96 -141.88 -60.40
C ARG I 918 81.37 -140.84 -59.44
N ASN I 919 82.18 -140.41 -58.45
CA ASN I 919 81.77 -139.29 -57.61
C ASN I 919 81.78 -137.97 -58.37
N TYR I 920 82.47 -137.91 -59.52
CA TYR I 920 82.44 -136.73 -60.36
C TYR I 920 81.02 -136.39 -60.80
N ASN I 921 80.17 -137.41 -60.97
CA ASN I 921 78.77 -137.21 -61.33
C ASN I 921 77.82 -137.62 -60.22
N LEU I 922 78.32 -138.02 -59.06
CA LEU I 922 77.45 -138.45 -57.97
C LEU I 922 77.69 -137.71 -56.66
N GLN I 923 78.95 -137.41 -56.33
CA GLN I 923 79.23 -136.72 -55.08
C GLN I 923 78.63 -135.32 -55.08
N MET I 924 78.84 -134.58 -56.17
CA MET I 924 78.21 -133.27 -56.31
C MET I 924 76.70 -133.37 -56.57
N SER I 925 76.20 -134.56 -56.89
CA SER I 925 74.77 -134.79 -57.05
C SER I 925 74.14 -135.40 -55.80
N GLY I 926 74.83 -136.36 -55.17
CA GLY I 926 74.31 -136.92 -53.93
C GLY I 926 74.22 -135.89 -52.82
N GLU I 927 75.26 -135.06 -52.69
CA GLU I 927 75.19 -133.95 -51.75
C GLU I 927 74.10 -132.95 -52.17
N THR I 928 73.95 -132.74 -53.48
CA THR I 928 72.88 -131.86 -53.95
C THR I 928 71.52 -132.39 -53.54
N LEU I 929 71.30 -133.69 -53.71
CA LEU I 929 70.06 -134.29 -53.22
C LEU I 929 70.00 -134.24 -51.70
N LYS I 930 71.13 -134.46 -51.03
CA LYS I 930 71.16 -134.35 -49.58
C LYS I 930 70.84 -132.92 -49.14
N THR I 931 71.40 -131.93 -49.83
CA THR I 931 71.06 -130.54 -49.56
C THR I 931 69.68 -130.17 -50.06
N LEU I 932 69.11 -130.96 -50.99
CA LEU I 932 67.83 -130.62 -51.59
C LEU I 932 66.72 -130.54 -50.54
N LEU I 933 66.86 -131.26 -49.42
CA LEU I 933 65.90 -131.11 -48.33
C LEU I 933 65.96 -129.70 -47.74
N ALA I 934 67.16 -129.14 -47.64
CA ALA I 934 67.31 -127.77 -47.16
C ALA I 934 66.80 -126.75 -48.17
N LEU I 935 66.62 -127.16 -49.43
CA LEU I 935 66.07 -126.26 -50.45
C LEU I 935 64.59 -125.96 -50.22
N GLY I 936 63.93 -126.69 -49.33
CA GLY I 936 62.52 -126.46 -49.07
C GLY I 936 61.58 -126.98 -50.13
N CYS I 937 62.06 -127.79 -51.07
CA CYS I 937 61.21 -128.31 -52.11
C CYS I 937 60.28 -129.40 -51.57
N HIS I 938 59.18 -129.61 -52.29
CA HIS I 938 58.17 -130.61 -51.93
C HIS I 938 58.31 -131.75 -52.93
N VAL I 939 59.20 -132.69 -52.61
CA VAL I 939 59.53 -133.80 -53.50
C VAL I 939 59.43 -135.11 -52.73
N GLY I 940 58.94 -136.15 -53.40
CA GLY I 940 58.89 -137.48 -52.83
C GLY I 940 58.85 -138.53 -53.91
N MET I 941 59.79 -139.48 -53.86
CA MET I 941 59.90 -140.50 -54.90
C MET I 941 58.74 -141.48 -54.76
N ALA I 942 57.71 -141.29 -55.57
CA ALA I 942 56.53 -142.15 -55.48
C ALA I 942 55.93 -142.48 -56.84
N ASP I 943 56.59 -142.15 -57.95
CA ASP I 943 56.04 -142.42 -59.27
C ASP I 943 55.85 -143.91 -59.50
N GLU I 944 56.95 -144.66 -59.58
CA GLU I 944 56.91 -146.11 -59.74
C GLU I 944 56.03 -146.55 -60.89
N LYS I 945 56.04 -145.79 -62.00
CA LYS I 945 55.25 -146.18 -63.16
C LYS I 945 55.95 -147.32 -63.90
N ALA I 946 55.66 -148.56 -63.49
CA ALA I 946 56.27 -149.78 -64.03
C ALA I 946 57.77 -149.83 -63.75
N GLU I 947 58.30 -148.79 -63.09
CA GLU I 947 59.67 -148.72 -62.62
C GLU I 947 60.68 -148.76 -63.76
N ASP I 948 60.20 -148.87 -65.01
CA ASP I 948 61.08 -148.88 -66.16
C ASP I 948 60.51 -148.14 -67.35
N ASN I 949 59.38 -147.44 -67.20
CA ASN I 949 58.74 -146.77 -68.33
C ASN I 949 59.56 -145.61 -68.87
N LEU I 950 60.59 -145.17 -68.14
CA LEU I 950 61.45 -144.10 -68.62
C LEU I 950 62.32 -144.61 -69.77
N LYS I 951 61.84 -144.43 -71.00
CA LYS I 951 62.52 -144.98 -72.16
C LYS I 951 63.47 -143.95 -72.78
N LYS I 952 64.57 -144.44 -73.32
CA LYS I 952 65.62 -143.59 -73.88
C LYS I 952 65.34 -143.26 -75.34
N THR I 953 65.99 -142.20 -75.82
CA THR I 953 65.88 -141.75 -77.20
C THR I 953 67.24 -141.92 -77.87
N LYS I 954 67.27 -142.70 -78.95
CA LYS I 954 68.55 -143.09 -79.54
C LYS I 954 68.37 -143.24 -81.05
N LEU I 955 69.33 -143.91 -81.69
CA LEU I 955 69.40 -144.21 -83.12
C LEU I 955 69.43 -142.98 -84.02
N PRO I 956 70.30 -141.98 -83.76
CA PRO I 956 70.53 -140.93 -84.77
C PRO I 956 71.71 -141.26 -85.68
N LYS I 957 71.45 -142.15 -86.65
CA LYS I 957 72.47 -142.69 -87.54
C LYS I 957 73.44 -143.55 -86.75
N THR I 958 74.70 -143.62 -87.17
CA THR I 958 75.68 -144.48 -86.52
C THR I 958 75.79 -144.16 -85.02
N TYR I 959 76.25 -142.96 -84.67
CA TYR I 959 76.18 -142.40 -83.33
C TYR I 959 76.84 -143.29 -82.27
N MET I 960 77.62 -144.29 -82.68
CA MET I 960 78.14 -145.31 -81.79
C MET I 960 79.65 -145.29 -81.79
N MET I 961 80.24 -145.56 -80.63
CA MET I 961 81.66 -145.37 -80.36
C MET I 961 82.37 -146.72 -80.27
N SER I 962 83.64 -146.70 -79.86
CA SER I 962 84.31 -147.93 -79.49
C SER I 962 83.82 -148.48 -78.16
N ASN I 963 83.29 -147.64 -77.27
CA ASN I 963 82.83 -148.10 -75.97
C ASN I 963 81.48 -148.80 -76.05
N GLY I 964 80.66 -148.43 -77.02
CA GLY I 964 79.32 -148.95 -77.14
C GLY I 964 78.27 -148.16 -76.38
N TYR I 965 78.60 -146.94 -75.93
CA TYR I 965 77.65 -146.15 -75.17
C TYR I 965 76.43 -145.78 -76.01
N LYS I 966 76.65 -145.20 -77.19
CA LYS I 966 75.59 -144.67 -78.04
C LYS I 966 74.61 -143.87 -77.20
N PRO I 967 75.00 -142.67 -76.74
CA PRO I 967 74.23 -141.98 -75.70
C PRO I 967 72.76 -141.85 -76.05
N ALA I 968 71.91 -142.04 -75.04
CA ALA I 968 70.46 -142.08 -75.23
C ALA I 968 69.79 -141.57 -73.96
N PRO I 969 69.51 -140.27 -73.89
CA PRO I 969 68.80 -139.74 -72.70
C PRO I 969 67.44 -140.39 -72.55
N LEU I 970 67.05 -140.61 -71.29
CA LEU I 970 65.82 -141.33 -70.97
C LEU I 970 64.61 -140.42 -71.19
N ASP I 971 63.47 -140.81 -70.61
CA ASP I 971 62.20 -140.14 -70.86
C ASP I 971 61.92 -139.01 -69.87
N LEU I 972 62.95 -138.37 -69.36
CA LEU I 972 62.78 -137.17 -68.54
C LEU I 972 62.55 -135.94 -69.40
N SER I 973 61.63 -136.04 -70.35
CA SER I 973 61.30 -134.96 -71.26
C SER I 973 59.91 -134.39 -71.05
N HIS I 974 58.93 -135.22 -70.72
CA HIS I 974 57.56 -134.76 -70.50
C HIS I 974 57.31 -134.45 -69.02
N VAL I 975 58.18 -133.64 -68.44
CA VAL I 975 58.05 -133.19 -67.05
C VAL I 975 58.13 -131.66 -67.08
N ARG I 976 56.99 -131.00 -67.00
CA ARG I 976 56.90 -129.55 -67.12
C ARG I 976 57.03 -128.82 -65.79
N LEU I 977 57.58 -129.48 -64.77
CA LEU I 977 57.95 -128.87 -63.48
C LEU I 977 56.80 -128.09 -62.83
N THR I 978 57.13 -127.30 -61.82
CA THR I 978 56.18 -126.53 -61.03
C THR I 978 56.66 -125.09 -60.93
N PRO I 979 55.75 -124.15 -60.66
CA PRO I 979 56.17 -122.74 -60.51
C PRO I 979 57.34 -122.55 -59.56
N ALA I 980 57.38 -123.29 -58.45
CA ALA I 980 58.54 -123.24 -57.57
C ALA I 980 59.75 -123.91 -58.22
N GLN I 981 59.52 -124.99 -58.97
CA GLN I 981 60.63 -125.70 -59.60
C GLN I 981 61.31 -124.85 -60.67
N THR I 982 60.58 -123.92 -61.28
CA THR I 982 61.20 -122.99 -62.22
C THR I 982 62.26 -122.15 -61.53
N THR I 983 62.05 -121.81 -60.26
CA THR I 983 63.04 -121.11 -59.45
C THR I 983 63.89 -122.03 -58.60
N LEU I 984 63.33 -123.18 -58.17
CA LEU I 984 64.11 -124.12 -57.38
C LEU I 984 65.31 -124.64 -58.17
N VAL I 985 65.11 -124.94 -59.47
CA VAL I 985 66.23 -125.32 -60.32
C VAL I 985 67.22 -124.16 -60.42
N ASP I 986 66.70 -122.93 -60.59
CA ASP I 986 67.57 -121.77 -60.60
C ASP I 986 68.23 -121.57 -59.24
N ARG I 987 67.47 -121.77 -58.15
CA ARG I 987 68.05 -121.65 -56.81
C ARG I 987 69.14 -122.68 -56.60
N LEU I 988 68.91 -123.92 -57.04
CA LEU I 988 69.96 -124.93 -57.01
C LEU I 988 71.12 -124.53 -57.91
N ALA I 989 70.82 -123.97 -59.08
CA ALA I 989 71.88 -123.50 -59.97
C ALA I 989 72.69 -122.38 -59.31
N GLU I 990 72.02 -121.49 -58.58
CA GLU I 990 72.73 -120.45 -57.85
C GLU I 990 73.67 -121.05 -56.81
N ASN I 991 73.22 -122.09 -56.12
CA ASN I 991 74.08 -122.77 -55.16
C ASN I 991 75.29 -123.38 -55.85
N GLY I 992 75.10 -123.99 -57.02
CA GLY I 992 76.22 -124.58 -57.73
C GLY I 992 77.25 -123.56 -58.14
N HIS I 993 76.80 -122.41 -58.64
CA HIS I 993 77.73 -121.33 -58.97
C HIS I 993 78.41 -120.79 -57.72
N ASN I 994 77.66 -120.65 -56.63
CA ASN I 994 78.24 -120.14 -55.39
C ASN I 994 79.21 -121.14 -54.77
N VAL I 995 78.86 -122.42 -54.79
CA VAL I 995 79.75 -123.44 -54.21
C VAL I 995 81.07 -123.49 -54.98
N TRP I 996 81.00 -123.49 -56.31
CA TRP I 996 82.21 -123.47 -57.12
C TRP I 996 82.98 -122.17 -56.92
N ALA I 997 82.27 -121.06 -56.67
CA ALA I 997 82.95 -119.80 -56.40
C ALA I 997 83.77 -119.89 -55.12
N ARG I 998 83.22 -120.52 -54.08
CA ARG I 998 83.99 -120.71 -52.85
C ARG I 998 85.19 -121.60 -53.08
N ASP I 999 85.04 -122.65 -53.89
CA ASP I 999 86.17 -123.51 -54.23
C ASP I 999 87.24 -122.74 -54.99
N ARG I 1000 86.83 -121.91 -55.96
CA ARG I 1000 87.79 -121.09 -56.67
C ARG I 1000 88.44 -120.07 -55.76
N VAL I 1001 87.67 -119.47 -54.84
CA VAL I 1001 88.21 -118.49 -53.92
C VAL I 1001 89.20 -119.12 -52.95
N ALA I 1002 88.99 -120.40 -52.60
CA ALA I 1002 89.87 -121.06 -51.65
C ALA I 1002 91.30 -121.13 -52.18
N GLN I 1003 91.47 -121.41 -53.46
CA GLN I 1003 92.79 -121.50 -54.06
C GLN I 1003 93.30 -120.12 -54.47
N GLY I 1004 93.28 -119.17 -53.54
CA GLY I 1004 93.77 -117.83 -53.81
C GLY I 1004 93.01 -117.13 -54.93
N TRP I 1005 91.69 -117.21 -54.89
CA TRP I 1005 90.82 -116.65 -55.93
C TRP I 1005 91.21 -117.20 -57.31
N SER I 1006 91.15 -118.53 -57.42
CA SER I 1006 91.53 -119.28 -58.61
C SER I 1006 93.01 -119.10 -58.98
N TYR I 1007 93.81 -118.55 -58.07
CA TYR I 1007 95.24 -118.34 -58.28
C TYR I 1007 95.52 -117.54 -59.55
N SER I 1008 94.68 -116.53 -59.79
CA SER I 1008 94.79 -115.66 -60.95
C SER I 1008 94.83 -116.47 -62.24
N ALA I 1009 95.93 -116.38 -62.98
CA ALA I 1009 96.09 -117.13 -64.21
C ALA I 1009 97.54 -117.57 -64.40
N ARG I 1020 87.72 -115.71 -63.13
CA ARG I 1020 86.93 -114.78 -63.92
C ARG I 1020 85.44 -115.07 -63.79
N LEU I 1021 85.00 -115.39 -62.58
CA LEU I 1021 83.61 -115.68 -62.28
C LEU I 1021 83.16 -114.83 -61.10
N VAL I 1022 81.97 -114.24 -61.22
CA VAL I 1022 81.44 -113.33 -60.20
C VAL I 1022 80.32 -114.02 -59.42
N PRO I 1023 79.78 -113.38 -58.39
CA PRO I 1023 78.73 -114.03 -57.61
C PRO I 1023 77.45 -114.22 -58.43
N TYR I 1024 76.65 -115.20 -58.02
CA TYR I 1024 75.41 -115.51 -58.71
C TYR I 1024 74.44 -114.33 -58.66
N ARG I 1025 73.63 -114.21 -59.70
CA ARG I 1025 72.63 -113.16 -59.90
C ARG I 1025 73.30 -111.83 -60.21
N LEU I 1026 74.63 -111.77 -60.11
CA LEU I 1026 75.39 -110.62 -60.55
C LEU I 1026 76.24 -110.91 -61.79
N LEU I 1027 76.38 -112.17 -62.16
CA LEU I 1027 77.25 -112.59 -63.24
C LEU I 1027 76.63 -112.22 -64.59
N ASP I 1028 77.26 -112.69 -65.66
CA ASP I 1028 76.85 -112.35 -67.02
C ASP I 1028 75.54 -113.08 -67.36
N GLU I 1029 75.11 -112.94 -68.61
CA GLU I 1029 73.92 -113.59 -69.10
C GLU I 1029 74.21 -114.96 -69.72
N ALA I 1030 75.35 -115.10 -70.39
CA ALA I 1030 75.70 -116.36 -71.03
C ALA I 1030 75.86 -117.47 -70.00
N THR I 1031 76.53 -117.18 -68.88
CA THR I 1031 76.69 -118.19 -67.83
C THR I 1031 75.35 -118.59 -67.22
N LYS I 1032 74.39 -117.67 -67.21
CA LYS I 1032 73.05 -117.97 -66.70
C LYS I 1032 72.28 -118.93 -67.60
N ARG I 1033 72.74 -119.18 -68.81
CA ARG I 1033 72.02 -120.04 -69.75
C ARG I 1033 72.44 -121.50 -69.63
N SER I 1034 73.73 -121.78 -69.66
CA SER I 1034 74.20 -123.16 -69.65
C SER I 1034 73.85 -123.87 -68.35
N ASN I 1035 73.99 -123.18 -67.22
CA ASN I 1035 73.79 -123.81 -65.92
C ASN I 1035 72.36 -124.26 -65.69
N ARG I 1036 71.39 -123.67 -66.39
CA ARG I 1036 69.99 -124.09 -66.20
C ARG I 1036 69.74 -125.45 -66.85
N ASP I 1037 70.12 -125.58 -68.12
CA ASP I 1037 69.85 -126.82 -68.85
C ASP I 1037 70.63 -127.99 -68.28
N SER I 1038 71.88 -127.77 -67.89
CA SER I 1038 72.70 -128.86 -67.37
C SER I 1038 72.11 -129.43 -66.09
N LEU I 1039 71.69 -128.56 -65.16
CA LEU I 1039 71.07 -129.02 -63.93
C LEU I 1039 69.64 -129.48 -64.14
N CYS I 1040 68.96 -128.99 -65.18
CA CYS I 1040 67.58 -129.38 -65.41
C CYS I 1040 67.46 -130.88 -65.67
N GLN I 1041 68.36 -131.42 -66.52
CA GLN I 1041 68.31 -132.84 -66.83
C GLN I 1041 68.45 -133.69 -65.58
N ALA I 1042 69.34 -133.29 -64.67
CA ALA I 1042 69.41 -133.95 -63.37
C ALA I 1042 68.12 -133.76 -62.59
N VAL I 1043 67.52 -132.57 -62.69
CA VAL I 1043 66.29 -132.28 -61.96
C VAL I 1043 65.06 -132.85 -62.63
N ARG I 1044 65.13 -133.19 -63.93
CA ARG I 1044 63.96 -133.73 -64.61
C ARG I 1044 63.61 -135.14 -64.16
N THR I 1045 64.45 -135.78 -63.35
CA THR I 1045 64.14 -137.11 -62.83
C THR I 1045 62.95 -137.09 -61.87
N LEU I 1046 62.50 -135.92 -61.45
CA LEU I 1046 61.32 -135.80 -60.62
C LEU I 1046 60.11 -136.42 -61.32
N LEU I 1047 59.27 -137.08 -60.53
CA LEU I 1047 58.09 -137.81 -61.00
C LEU I 1047 58.45 -138.96 -61.93
N GLY I 1048 59.72 -139.36 -61.98
CA GLY I 1048 60.15 -140.49 -62.78
C GLY I 1048 60.56 -141.67 -61.93
N TYR I 1049 61.13 -141.39 -60.77
CA TYR I 1049 61.56 -142.42 -59.83
C TYR I 1049 60.76 -142.36 -58.54
N ASP I 1070 66.15 -90.88 -48.77
CA ASP I 1070 66.66 -92.25 -48.75
C ASP I 1070 65.65 -93.21 -49.34
N ARG I 1071 64.37 -92.85 -49.26
CA ARG I 1071 63.29 -93.68 -49.77
C ARG I 1071 62.51 -93.00 -50.89
N VAL I 1072 62.08 -91.75 -50.68
CA VAL I 1072 61.37 -91.00 -51.71
C VAL I 1072 61.97 -89.60 -51.79
N ARG I 1073 61.80 -88.97 -52.94
CA ARG I 1073 62.27 -87.61 -53.20
C ARG I 1073 61.10 -86.83 -53.80
N ILE I 1074 60.30 -86.20 -52.94
CA ILE I 1074 59.11 -85.51 -53.38
C ILE I 1074 59.45 -84.15 -53.97
N PHE I 1075 58.54 -83.60 -54.78
CA PHE I 1075 58.72 -82.31 -55.41
C PHE I 1075 57.43 -81.52 -55.28
N ARG I 1076 57.57 -80.20 -55.18
CA ARG I 1076 56.44 -79.30 -55.07
C ARG I 1076 56.79 -77.97 -55.72
N ALA I 1077 55.87 -77.03 -55.65
CA ALA I 1077 56.11 -75.66 -56.06
C ALA I 1077 56.24 -74.78 -54.84
N GLU I 1078 56.93 -73.65 -55.01
CA GLU I 1078 57.09 -72.71 -53.91
C GLU I 1078 55.73 -72.16 -53.49
N LYS I 1079 55.59 -71.92 -52.18
CA LYS I 1079 54.28 -71.62 -51.61
C LYS I 1079 53.96 -70.11 -51.63
N SER I 1080 54.06 -69.51 -52.81
CA SER I 1080 53.43 -68.22 -53.06
C SER I 1080 52.66 -68.21 -54.38
N TYR I 1081 52.61 -69.34 -55.10
CA TYR I 1081 51.67 -69.55 -56.19
C TYR I 1081 50.41 -70.24 -55.71
N THR I 1082 50.11 -70.11 -54.41
CA THR I 1082 48.93 -70.75 -53.84
C THR I 1082 47.67 -70.25 -54.52
N VAL I 1083 46.78 -71.19 -54.85
CA VAL I 1083 45.56 -70.89 -55.59
C VAL I 1083 44.37 -71.04 -54.65
N GLN I 1084 43.53 -70.01 -54.61
CA GLN I 1084 42.38 -69.99 -53.73
C GLN I 1084 41.06 -69.77 -54.46
N SER I 1085 41.10 -69.60 -55.79
CA SER I 1085 39.90 -69.44 -56.59
C SER I 1085 40.20 -69.59 -58.06
N GLY I 1086 39.40 -70.38 -58.77
CA GLY I 1086 39.52 -70.56 -60.20
C GLY I 1086 39.58 -72.01 -60.58
N ARG I 1087 39.88 -72.26 -61.86
CA ARG I 1087 39.96 -73.61 -62.40
C ARG I 1087 41.28 -73.73 -63.16
N TRP I 1088 42.07 -74.75 -62.80
CA TRP I 1088 43.45 -74.86 -63.26
C TRP I 1088 43.73 -76.31 -63.63
N TYR I 1089 44.86 -76.51 -64.30
CA TYR I 1089 45.15 -77.80 -64.90
C TYR I 1089 46.65 -77.93 -65.14
N PHE I 1090 47.15 -79.16 -65.03
CA PHE I 1090 48.53 -79.49 -65.34
C PHE I 1090 48.61 -81.00 -65.53
N GLU I 1091 49.63 -81.43 -66.29
CA GLU I 1091 49.77 -82.83 -66.64
C GLU I 1091 51.11 -83.38 -66.17
N PHE I 1092 51.16 -84.70 -66.05
CA PHE I 1092 52.36 -85.43 -65.63
C PHE I 1092 52.73 -86.44 -66.70
N GLU I 1093 54.04 -86.67 -66.84
CA GLU I 1093 54.57 -87.59 -67.83
C GLU I 1093 55.51 -88.56 -67.15
N ALA I 1094 55.31 -89.85 -67.37
CA ALA I 1094 56.14 -90.89 -66.79
C ALA I 1094 56.69 -91.79 -67.89
N VAL I 1095 57.89 -92.34 -67.65
CA VAL I 1095 58.51 -93.22 -68.61
C VAL I 1095 58.36 -94.66 -68.14
N THR I 1096 58.86 -94.92 -66.94
CA THR I 1096 58.78 -96.25 -66.36
C THR I 1096 57.40 -96.43 -65.70
N THR I 1097 57.23 -97.53 -64.97
CA THR I 1097 55.98 -97.87 -64.32
C THR I 1097 56.25 -98.25 -62.86
N GLY I 1098 56.97 -97.39 -62.15
CA GLY I 1098 57.27 -97.63 -60.77
C GLY I 1098 56.18 -97.18 -59.83
N GLU I 1099 56.53 -96.39 -58.81
CA GLU I 1099 55.57 -95.86 -57.85
C GLU I 1099 55.59 -94.34 -57.91
N MET I 1100 54.51 -93.75 -58.42
CA MET I 1100 54.39 -92.31 -58.60
C MET I 1100 53.21 -91.81 -57.78
N ARG I 1101 53.40 -90.67 -57.13
CA ARG I 1101 52.33 -89.99 -56.42
C ARG I 1101 52.04 -88.67 -57.10
N VAL I 1102 50.78 -88.46 -57.46
CA VAL I 1102 50.35 -87.29 -58.21
C VAL I 1102 49.07 -86.74 -57.60
N GLY I 1103 49.04 -85.43 -57.38
CA GLY I 1103 47.86 -84.83 -56.81
C GLY I 1103 48.15 -83.40 -56.40
N TRP I 1104 47.28 -82.86 -55.56
CA TRP I 1104 47.42 -81.52 -55.03
C TRP I 1104 47.83 -81.62 -53.56
N ALA I 1105 48.23 -80.50 -52.99
CA ALA I 1105 48.71 -80.52 -51.62
C ALA I 1105 48.52 -79.15 -50.98
N ARG I 1106 48.34 -79.15 -49.67
CA ARG I 1106 48.28 -77.91 -48.91
C ARG I 1106 49.70 -77.37 -48.71
N PRO I 1107 49.83 -76.05 -48.53
CA PRO I 1107 51.19 -75.47 -48.45
C PRO I 1107 52.01 -75.97 -47.28
N GLU I 1108 51.39 -76.49 -46.22
CA GLU I 1108 52.12 -76.94 -45.04
C GLU I 1108 52.52 -78.42 -45.19
N LEU I 1109 53.27 -78.69 -46.26
CA LEU I 1109 53.69 -80.06 -46.55
C LEU I 1109 54.89 -80.43 -45.69
N ARG I 1110 54.69 -81.30 -44.72
CA ARG I 1110 55.75 -81.74 -43.83
C ARG I 1110 56.56 -82.85 -44.48
N PRO I 1111 57.90 -82.71 -44.61
CA PRO I 1111 58.69 -83.81 -45.17
C PRO I 1111 58.85 -84.97 -44.20
N ASP I 1112 59.59 -86.00 -44.62
CA ASP I 1112 59.79 -87.24 -43.88
C ASP I 1112 58.49 -87.99 -43.64
N VAL I 1113 57.41 -87.63 -44.33
CA VAL I 1113 56.13 -88.29 -44.20
C VAL I 1113 55.63 -88.63 -45.61
N GLU I 1114 55.26 -89.88 -45.82
CA GLU I 1114 54.67 -90.27 -47.09
C GLU I 1114 53.37 -89.49 -47.31
N LEU I 1115 53.25 -88.85 -48.47
CA LEU I 1115 52.11 -88.00 -48.72
C LEU I 1115 50.86 -88.84 -48.96
N GLY I 1116 49.71 -88.29 -48.61
CA GLY I 1116 48.44 -88.96 -48.75
C GLY I 1116 48.02 -89.80 -47.55
N ALA I 1117 48.89 -89.97 -46.57
CA ALA I 1117 48.54 -90.74 -45.38
C ALA I 1117 47.66 -89.96 -44.41
N ASP I 1118 47.47 -88.66 -44.64
CA ASP I 1118 46.63 -87.84 -43.78
C ASP I 1118 46.00 -86.74 -44.63
N GLU I 1119 45.50 -85.71 -43.96
CA GLU I 1119 44.76 -84.62 -44.61
C GLU I 1119 45.65 -83.61 -45.33
N LEU I 1120 46.97 -83.72 -45.20
CA LEU I 1120 47.85 -82.70 -45.75
C LEU I 1120 47.78 -82.66 -47.28
N ALA I 1121 47.68 -83.81 -47.94
CA ALA I 1121 47.74 -83.83 -49.38
C ALA I 1121 46.73 -84.82 -49.94
N TYR I 1122 46.06 -84.41 -51.01
CA TYR I 1122 45.19 -85.29 -51.78
C TYR I 1122 45.99 -85.81 -52.97
N VAL I 1123 46.15 -87.12 -53.07
CA VAL I 1123 47.06 -87.71 -54.04
C VAL I 1123 46.45 -88.97 -54.62
N PHE I 1124 46.83 -89.29 -55.85
CA PHE I 1124 46.42 -90.51 -56.53
C PHE I 1124 47.65 -91.33 -56.91
N ASN I 1125 47.57 -92.63 -56.66
CA ASN I 1125 48.63 -93.56 -57.02
C ASN I 1125 48.09 -94.50 -58.10
N GLY I 1126 48.65 -94.41 -59.30
CA GLY I 1126 48.26 -95.25 -60.41
C GLY I 1126 49.03 -96.54 -60.55
N HIS I 1127 49.87 -96.90 -59.57
CA HIS I 1127 50.53 -98.20 -59.63
C HIS I 1127 49.57 -99.32 -59.29
N ARG I 1128 48.74 -99.12 -58.27
CA ARG I 1128 47.77 -100.13 -57.84
C ARG I 1128 46.35 -99.58 -57.88
N GLY I 1129 46.14 -98.44 -58.55
CA GLY I 1129 44.83 -97.83 -58.58
C GLY I 1129 44.34 -97.38 -57.22
N GLN I 1130 45.18 -96.65 -56.48
CA GLN I 1130 44.85 -96.20 -55.13
C GLN I 1130 44.90 -94.68 -55.05
N ARG I 1131 43.95 -94.11 -54.31
CA ARG I 1131 43.96 -92.71 -53.94
C ARG I 1131 44.12 -92.62 -52.43
N TRP I 1132 45.05 -91.77 -51.98
CA TRP I 1132 45.41 -91.72 -50.57
C TRP I 1132 44.96 -90.38 -49.96
N HIS I 1133 44.12 -90.48 -48.94
CA HIS I 1133 43.79 -89.35 -48.06
C HIS I 1133 43.26 -89.96 -46.77
N LEU I 1134 44.01 -89.79 -45.69
CA LEU I 1134 43.75 -90.45 -44.41
C LEU I 1134 43.80 -91.97 -44.53
N GLY I 1135 44.52 -92.47 -45.53
CA GLY I 1135 44.56 -93.89 -45.82
C GLY I 1135 44.25 -94.15 -47.29
N SER I 1136 44.55 -95.38 -47.69
CA SER I 1136 44.38 -95.77 -49.08
C SER I 1136 42.93 -96.12 -49.39
N GLU I 1137 42.62 -96.14 -50.70
CA GLU I 1137 41.30 -96.44 -51.23
C GLU I 1137 41.47 -96.90 -52.68
N PRO I 1138 40.80 -97.98 -53.09
CA PRO I 1138 40.95 -98.45 -54.48
C PRO I 1138 40.22 -97.52 -55.45
N PHE I 1139 40.96 -97.03 -56.44
CA PHE I 1139 40.40 -96.07 -57.40
C PHE I 1139 41.23 -96.11 -58.67
N GLY I 1140 40.62 -96.56 -59.78
CA GLY I 1140 41.29 -96.55 -61.06
C GLY I 1140 42.11 -97.78 -61.32
N ARG I 1141 42.66 -97.84 -62.53
CA ARG I 1141 43.44 -98.96 -63.02
C ARG I 1141 44.93 -98.65 -62.96
N PRO I 1142 45.78 -99.67 -62.96
CA PRO I 1142 47.24 -99.43 -62.97
C PRO I 1142 47.72 -98.75 -64.25
N TRP I 1143 49.02 -98.51 -64.34
CA TRP I 1143 49.60 -97.76 -65.44
C TRP I 1143 49.94 -98.64 -66.63
N GLN I 1144 50.35 -97.99 -67.71
CA GLN I 1144 51.09 -98.58 -68.81
C GLN I 1144 52.31 -97.70 -69.03
N SER I 1145 52.93 -97.79 -70.20
CA SER I 1145 53.97 -96.83 -70.54
C SER I 1145 53.35 -95.51 -70.97
N GLY I 1146 54.13 -94.43 -70.89
CA GLY I 1146 53.65 -93.11 -71.25
C GLY I 1146 53.02 -92.36 -70.10
N ASP I 1147 51.85 -92.83 -69.65
CA ASP I 1147 51.20 -92.34 -68.43
C ASP I 1147 51.03 -90.82 -68.45
N VAL I 1148 50.24 -90.35 -69.42
CA VAL I 1148 49.94 -88.93 -69.52
C VAL I 1148 48.70 -88.69 -68.66
N VAL I 1149 48.92 -88.13 -67.47
CA VAL I 1149 47.86 -87.94 -66.50
C VAL I 1149 47.81 -86.47 -66.10
N GLY I 1150 46.59 -85.93 -65.97
CA GLY I 1150 46.41 -84.56 -65.54
C GLY I 1150 45.53 -84.49 -64.30
N CYS I 1151 45.46 -83.30 -63.72
CA CYS I 1151 44.72 -83.09 -62.48
C CYS I 1151 43.71 -81.97 -62.66
N MET I 1152 42.43 -82.29 -62.44
CA MET I 1152 41.38 -81.30 -62.53
C MET I 1152 41.23 -80.63 -61.18
N ILE I 1153 40.71 -79.40 -61.16
CA ILE I 1153 40.45 -78.76 -59.88
C ILE I 1153 39.42 -77.64 -60.03
N ASP I 1154 38.43 -77.61 -59.13
CA ASP I 1154 37.40 -76.58 -59.20
C ASP I 1154 36.98 -76.26 -57.78
N LEU I 1155 37.41 -75.11 -57.27
CA LEU I 1155 37.07 -74.71 -55.91
C LEU I 1155 35.65 -74.18 -55.77
N THR I 1156 34.97 -73.88 -56.87
CA THR I 1156 33.59 -73.40 -56.77
C THR I 1156 32.69 -74.47 -56.17
N GLU I 1157 32.73 -75.69 -56.71
CA GLU I 1157 31.99 -76.81 -56.15
C GLU I 1157 32.84 -77.70 -55.26
N ASN I 1158 34.12 -77.35 -55.06
CA ASN I 1158 35.01 -78.07 -54.14
C ASN I 1158 35.15 -79.53 -54.56
N THR I 1159 35.66 -79.74 -55.77
CA THR I 1159 35.75 -81.08 -56.34
C THR I 1159 37.07 -81.23 -57.09
N ILE I 1160 37.67 -82.42 -56.98
CA ILE I 1160 38.92 -82.75 -57.66
C ILE I 1160 38.67 -83.98 -58.53
N ILE I 1161 39.11 -83.88 -59.79
CA ILE I 1161 38.92 -84.94 -60.78
C ILE I 1161 40.27 -85.31 -61.35
N PHE I 1162 40.45 -86.57 -61.71
CA PHE I 1162 41.64 -87.03 -62.40
C PHE I 1162 41.28 -87.57 -63.77
N THR I 1163 42.20 -87.39 -64.72
CA THR I 1163 42.00 -87.88 -66.08
C THR I 1163 43.25 -88.63 -66.52
N LEU I 1164 43.05 -89.81 -67.12
CA LEU I 1164 44.15 -90.62 -67.64
C LEU I 1164 44.00 -90.69 -69.16
N ASN I 1165 45.05 -90.29 -69.86
CA ASN I 1165 45.06 -90.25 -71.33
C ASN I 1165 43.85 -89.49 -71.86
N GLY I 1166 43.51 -88.39 -71.18
CA GLY I 1166 42.33 -87.62 -71.53
C GLY I 1166 41.03 -88.36 -71.30
N GLU I 1167 40.95 -89.17 -70.25
CA GLU I 1167 39.74 -89.91 -69.92
C GLU I 1167 39.58 -89.94 -68.41
N VAL I 1168 38.43 -89.47 -67.92
CA VAL I 1168 38.18 -89.40 -66.48
C VAL I 1168 38.05 -90.81 -65.93
N LEU I 1169 38.57 -91.02 -64.72
CA LEU I 1169 38.51 -92.32 -64.05
C LEU I 1169 37.26 -92.39 -63.18
N MET I 1170 36.46 -93.43 -63.39
CA MET I 1170 35.26 -93.62 -62.61
C MET I 1170 35.60 -94.10 -61.20
N SER I 1171 34.63 -93.97 -60.30
CA SER I 1171 34.77 -94.44 -58.93
C SER I 1171 34.41 -95.92 -58.86
N ASP I 1172 34.29 -96.44 -57.63
CA ASP I 1172 33.91 -97.84 -57.46
C ASP I 1172 32.54 -98.12 -58.05
N SER I 1173 31.55 -97.29 -57.72
CA SER I 1173 30.23 -97.38 -58.30
C SER I 1173 30.07 -96.50 -59.54
N GLY I 1174 31.03 -95.61 -59.80
CA GLY I 1174 30.96 -94.70 -60.93
C GLY I 1174 30.50 -93.32 -60.53
N SER I 1175 31.44 -92.39 -60.40
CA SER I 1175 31.14 -91.02 -60.03
C SER I 1175 32.32 -90.15 -60.43
N GLU I 1176 32.31 -88.89 -59.97
CA GLU I 1176 33.34 -87.92 -60.36
C GLU I 1176 34.46 -87.92 -59.31
N THR I 1177 35.22 -89.01 -59.33
CA THR I 1177 36.48 -89.15 -58.61
C THR I 1177 36.26 -89.19 -57.09
N ALA I 1178 35.01 -89.03 -56.66
CA ALA I 1178 34.61 -89.21 -55.26
C ALA I 1178 35.31 -88.25 -54.32
N PHE I 1179 36.13 -87.35 -54.85
CA PHE I 1179 36.82 -86.33 -54.06
C PHE I 1179 35.96 -85.08 -54.07
N ARG I 1180 35.17 -84.89 -53.02
CA ARG I 1180 34.27 -83.74 -52.96
C ARG I 1180 34.30 -83.16 -51.56
N GLU I 1181 33.73 -81.97 -51.43
CA GLU I 1181 33.59 -81.25 -50.16
C GLU I 1181 34.98 -81.01 -49.54
N ILE I 1182 35.75 -80.16 -50.23
CA ILE I 1182 37.09 -79.79 -49.82
C ILE I 1182 37.08 -78.32 -49.42
N GLU I 1183 37.74 -78.02 -48.30
CA GLU I 1183 37.79 -76.65 -47.79
C GLU I 1183 38.96 -75.90 -48.42
N ILE I 1184 38.77 -74.59 -48.64
CA ILE I 1184 39.79 -73.77 -49.29
C ILE I 1184 41.04 -73.71 -48.42
N GLY I 1185 40.87 -73.38 -47.14
CA GLY I 1185 41.99 -73.27 -46.23
C GLY I 1185 43.02 -72.24 -46.65
N ASP I 1186 44.24 -72.70 -46.94
CA ASP I 1186 45.32 -71.84 -47.40
C ASP I 1186 45.72 -72.13 -48.84
N GLY I 1187 44.76 -72.48 -49.67
CA GLY I 1187 45.04 -72.77 -51.06
C GLY I 1187 45.64 -74.15 -51.24
N PHE I 1188 46.05 -74.41 -52.48
CA PHE I 1188 46.63 -75.70 -52.82
C PHE I 1188 47.75 -75.50 -53.84
N LEU I 1189 48.67 -76.46 -53.87
CA LEU I 1189 49.85 -76.41 -54.71
C LEU I 1189 50.02 -77.74 -55.43
N PRO I 1190 50.52 -77.73 -56.66
CA PRO I 1190 50.80 -79.00 -57.33
C PRO I 1190 51.99 -79.71 -56.72
N VAL I 1191 51.86 -81.01 -56.53
CA VAL I 1191 52.88 -81.81 -55.85
C VAL I 1191 53.09 -83.09 -56.65
N CYS I 1192 54.31 -83.62 -56.58
CA CYS I 1192 54.65 -84.86 -57.25
C CYS I 1192 55.82 -85.51 -56.53
N SER I 1193 55.75 -86.83 -56.39
CA SER I 1193 56.82 -87.62 -55.81
C SER I 1193 57.39 -88.57 -56.85
N LEU I 1194 58.40 -89.34 -56.44
CA LEU I 1194 59.00 -90.32 -57.33
C LEU I 1194 59.62 -91.41 -56.49
N GLY I 1195 59.31 -92.66 -56.83
CA GLY I 1195 59.99 -93.78 -56.21
C GLY I 1195 61.36 -93.98 -56.81
N PRO I 1196 62.12 -94.91 -56.22
CA PRO I 1196 63.50 -95.12 -56.67
C PRO I 1196 63.56 -95.58 -58.12
N GLY I 1197 64.58 -95.09 -58.83
CA GLY I 1197 64.88 -95.51 -60.19
C GLY I 1197 63.99 -94.94 -61.27
N GLN I 1198 62.78 -94.48 -60.93
CA GLN I 1198 61.86 -93.99 -61.94
C GLN I 1198 62.17 -92.53 -62.29
N VAL I 1199 61.49 -92.04 -63.31
CA VAL I 1199 61.69 -90.68 -63.82
C VAL I 1199 60.33 -90.06 -64.15
N GLY I 1200 60.18 -88.78 -63.82
CA GLY I 1200 58.96 -88.07 -64.11
C GLY I 1200 59.24 -86.79 -64.87
N HIS I 1201 58.21 -86.30 -65.56
CA HIS I 1201 58.32 -85.09 -66.38
C HIS I 1201 57.05 -84.27 -66.20
N LEU I 1202 57.14 -83.19 -65.42
CA LEU I 1202 56.00 -82.32 -65.21
C LEU I 1202 55.80 -81.38 -66.40
N ASN I 1203 54.59 -80.83 -66.48
CA ASN I 1203 54.25 -79.83 -67.51
C ASN I 1203 53.23 -78.88 -66.89
N LEU I 1204 53.70 -77.71 -66.45
CA LEU I 1204 52.82 -76.74 -65.82
C LEU I 1204 52.08 -75.87 -66.82
N GLY I 1205 52.31 -76.07 -68.11
CA GLY I 1205 51.57 -75.34 -69.12
C GLY I 1205 52.06 -73.94 -69.40
N GLN I 1206 53.37 -73.69 -69.26
CA GLN I 1206 53.91 -72.39 -69.60
C GLN I 1206 53.65 -72.05 -71.07
N ASP I 1207 53.60 -73.05 -71.92
CA ASP I 1207 53.14 -72.91 -73.30
C ASP I 1207 51.86 -73.73 -73.47
N VAL I 1208 51.35 -73.77 -74.70
CA VAL I 1208 50.11 -74.46 -75.02
C VAL I 1208 50.33 -75.62 -75.97
N SER I 1209 51.19 -75.45 -76.98
CA SER I 1209 51.41 -76.48 -77.97
C SER I 1209 51.99 -77.75 -77.34
N SER I 1210 52.93 -77.59 -76.41
CA SER I 1210 53.57 -78.75 -75.80
C SER I 1210 52.58 -79.59 -74.99
N LEU I 1211 51.52 -78.97 -74.49
CA LEU I 1211 50.49 -79.69 -73.75
C LEU I 1211 49.76 -80.61 -74.71
N ARG I 1212 49.83 -81.92 -74.46
CA ARG I 1212 49.58 -82.89 -75.54
C ARG I 1212 48.09 -83.13 -75.79
N PHE I 1213 47.39 -83.73 -74.84
CA PHE I 1213 45.98 -84.03 -75.08
C PHE I 1213 45.12 -82.79 -74.92
N PHE I 1214 45.05 -82.28 -73.68
CA PHE I 1214 44.22 -81.14 -73.29
C PHE I 1214 42.94 -81.16 -74.13
N ALA I 1215 42.79 -80.15 -74.99
CA ALA I 1215 41.76 -80.06 -76.04
C ALA I 1215 40.47 -80.81 -75.72
N ILE I 1216 40.54 -82.14 -75.74
CA ILE I 1216 39.35 -82.96 -75.51
C ILE I 1216 38.82 -82.73 -74.09
N CYS I 1217 39.72 -82.51 -73.13
CA CYS I 1217 39.37 -82.05 -71.80
C CYS I 1217 40.07 -80.72 -71.54
N GLY I 1218 39.37 -79.79 -70.90
CA GLY I 1218 39.85 -78.43 -70.82
C GLY I 1218 38.92 -77.41 -71.47
N LEU I 1219 39.32 -76.93 -72.66
CA LEU I 1219 38.64 -75.84 -73.37
C LEU I 1219 37.12 -75.83 -73.20
N GLN I 1220 36.45 -76.92 -73.53
CA GLN I 1220 34.98 -76.90 -73.50
C GLN I 1220 34.44 -77.40 -72.17
N GLU I 1221 35.01 -76.94 -71.06
CA GLU I 1221 34.31 -76.97 -69.79
C GLU I 1221 34.81 -75.86 -68.87
N GLY I 1222 35.72 -75.01 -69.34
CA GLY I 1222 36.30 -73.98 -68.49
C GLY I 1222 37.52 -74.35 -67.67
N PHE I 1223 38.66 -74.51 -68.32
CA PHE I 1223 39.92 -74.75 -67.64
C PHE I 1223 41.08 -74.10 -68.39
N GLU I 1224 42.04 -73.60 -67.64
CA GLU I 1224 43.24 -72.94 -68.13
C GLU I 1224 44.45 -73.56 -67.46
N PRO I 1225 45.56 -73.67 -68.17
CA PRO I 1225 46.77 -74.24 -67.57
C PRO I 1225 47.28 -73.39 -66.41
N PHE I 1226 48.14 -73.99 -65.61
CA PHE I 1226 48.66 -73.33 -64.41
C PHE I 1226 49.38 -72.03 -64.78
N ALA I 1227 50.47 -72.13 -65.54
CA ALA I 1227 51.23 -70.97 -65.97
C ALA I 1227 50.79 -70.55 -67.37
N ILE I 1228 49.54 -70.08 -67.45
CA ILE I 1228 48.98 -69.69 -68.75
C ILE I 1228 49.77 -68.53 -69.34
N ASN I 1229 50.12 -67.54 -68.53
CA ASN I 1229 50.87 -66.37 -69.00
C ASN I 1229 51.97 -66.04 -67.99
N MET I 1230 53.18 -66.52 -68.26
CA MET I 1230 54.37 -66.14 -67.51
C MET I 1230 55.54 -66.10 -68.47
N GLN I 1231 56.58 -65.37 -68.07
CA GLN I 1231 57.76 -65.16 -68.91
C GLN I 1231 58.99 -65.91 -68.42
N ARG I 1232 58.82 -66.86 -67.50
CA ARG I 1232 59.95 -67.57 -66.94
C ARG I 1232 59.45 -68.89 -66.37
N PRO I 1233 60.33 -69.89 -66.24
CA PRO I 1233 59.91 -71.16 -65.62
C PRO I 1233 59.62 -70.99 -64.14
N VAL I 1234 58.75 -71.87 -63.64
CA VAL I 1234 58.34 -71.83 -62.23
C VAL I 1234 59.36 -72.57 -61.39
N THR I 1235 59.87 -71.90 -60.36
CA THR I 1235 60.82 -72.53 -59.45
C THR I 1235 60.15 -73.62 -58.62
N THR I 1236 60.95 -74.58 -58.18
CA THR I 1236 60.44 -75.74 -57.45
C THR I 1236 61.39 -76.09 -56.32
N TRP I 1237 60.88 -76.84 -55.35
CA TRP I 1237 61.62 -77.31 -54.19
C TRP I 1237 61.62 -78.83 -54.13
N PHE I 1238 62.39 -79.35 -53.18
CA PHE I 1238 62.48 -80.78 -52.96
C PHE I 1238 63.07 -81.05 -51.58
N SER I 1239 62.91 -82.28 -51.12
CA SER I 1239 63.48 -82.71 -49.85
C SER I 1239 64.91 -83.19 -50.08
N LYS I 1240 65.80 -82.79 -49.18
CA LYS I 1240 67.24 -82.99 -49.39
C LYS I 1240 67.67 -84.39 -48.98
N SER I 1241 67.45 -84.75 -47.71
CA SER I 1241 67.74 -86.01 -47.02
C SER I 1241 68.80 -85.78 -45.95
N LEU I 1242 69.87 -85.10 -46.33
CA LEU I 1242 70.99 -84.78 -45.44
C LEU I 1242 70.50 -84.12 -44.16
N PRO I 1243 70.65 -84.77 -43.01
CA PRO I 1243 70.14 -84.21 -41.76
C PRO I 1243 70.87 -82.93 -41.37
N GLN I 1244 70.14 -82.04 -40.70
CA GLN I 1244 70.71 -80.80 -40.22
C GLN I 1244 70.09 -80.44 -38.87
N PHE I 1245 70.88 -79.82 -38.01
CA PHE I 1245 70.40 -79.47 -36.68
C PHE I 1245 69.41 -78.31 -36.73
N GLU I 1246 68.44 -78.35 -35.82
CA GLU I 1246 67.40 -77.33 -35.72
C GLU I 1246 66.84 -77.36 -34.31
N PRO I 1247 66.42 -76.21 -33.76
CA PRO I 1247 65.91 -76.20 -32.39
C PRO I 1247 64.66 -77.05 -32.26
N VAL I 1248 64.51 -77.65 -31.10
CA VAL I 1248 63.40 -78.57 -30.86
C VAL I 1248 62.09 -77.79 -30.77
N PRO I 1249 61.06 -78.15 -31.54
CA PRO I 1249 59.77 -77.46 -31.42
C PRO I 1249 59.03 -77.90 -30.18
N PRO I 1250 58.53 -76.96 -29.36
CA PRO I 1250 57.85 -77.35 -28.12
C PRO I 1250 56.43 -77.82 -28.35
N GLU I 1251 56.23 -78.65 -29.38
CA GLU I 1251 54.96 -79.33 -29.62
C GLU I 1251 55.20 -80.77 -30.05
N HIS I 1252 56.46 -81.18 -29.83
CA HIS I 1252 56.90 -82.55 -30.16
C HIS I 1252 56.15 -83.48 -29.23
N PRO I 1253 55.30 -84.36 -29.77
CA PRO I 1253 54.57 -85.28 -28.98
C PRO I 1253 55.33 -85.66 -27.72
N HIS I 1254 56.30 -86.54 -27.88
CA HIS I 1254 56.99 -87.07 -26.69
C HIS I 1254 58.43 -86.57 -26.67
N TYR I 1255 58.61 -85.32 -26.25
CA TYR I 1255 59.87 -84.74 -25.84
C TYR I 1255 59.62 -83.39 -25.17
N GLU I 1256 60.11 -83.21 -23.95
CA GLU I 1256 59.89 -81.98 -23.19
C GLU I 1256 61.21 -81.53 -22.58
N VAL I 1257 61.57 -80.27 -22.82
CA VAL I 1257 62.80 -79.69 -22.29
C VAL I 1257 62.44 -78.39 -21.60
N ALA I 1258 63.21 -78.05 -20.56
CA ALA I 1258 62.96 -76.83 -19.81
C ALA I 1258 64.23 -76.42 -19.08
N ARG I 1259 64.27 -75.13 -18.70
CA ARG I 1259 65.34 -74.60 -17.88
C ARG I 1259 64.97 -74.78 -16.42
N MET I 1260 66.03 -74.92 -15.70
CA MET I 1260 66.00 -74.87 -14.27
C MET I 1260 66.78 -73.56 -14.00
N ASP I 1261 66.46 -72.91 -12.90
CA ASP I 1261 67.04 -71.63 -12.60
C ASP I 1261 68.50 -71.62 -12.34
N GLY I 1262 68.91 -72.14 -11.20
CA GLY I 1262 70.31 -72.17 -10.86
C GLY I 1262 70.51 -71.47 -9.57
N THR I 1263 70.35 -72.18 -8.46
CA THR I 1263 70.47 -71.60 -7.13
C THR I 1263 71.83 -71.64 -6.47
N VAL I 1264 71.86 -71.21 -5.22
CA VAL I 1264 73.07 -71.17 -4.42
C VAL I 1264 73.72 -72.54 -4.43
N ASP I 1265 72.95 -73.51 -4.02
CA ASP I 1265 73.48 -74.83 -3.98
C ASP I 1265 73.80 -75.54 -5.32
N THR I 1266 73.40 -75.01 -6.49
CA THR I 1266 73.70 -75.65 -7.78
C THR I 1266 73.47 -74.73 -8.93
N PRO I 1267 74.40 -74.65 -9.86
CA PRO I 1267 74.39 -73.86 -11.06
C PRO I 1267 73.41 -74.46 -12.00
N PRO I 1268 72.80 -73.66 -12.86
CA PRO I 1268 71.78 -73.78 -13.91
C PRO I 1268 72.01 -75.01 -14.77
N CYS I 1269 70.90 -75.50 -15.29
CA CYS I 1269 70.91 -76.64 -16.09
C CYS I 1269 69.74 -76.70 -16.96
N LEU I 1270 69.76 -77.58 -17.96
CA LEU I 1270 68.62 -77.87 -18.84
C LEU I 1270 68.31 -79.35 -18.71
N ARG I 1271 67.11 -79.86 -18.91
CA ARG I 1271 66.90 -81.30 -18.69
C ARG I 1271 65.83 -81.90 -19.52
N LEU I 1272 65.38 -83.17 -19.39
CA LEU I 1272 64.49 -83.70 -20.41
C LEU I 1272 63.33 -84.44 -19.75
N ALA I 1273 62.43 -84.95 -20.58
CA ALA I 1273 61.29 -85.74 -20.13
C ALA I 1273 60.86 -86.63 -21.28
N HIS I 1274 59.81 -87.43 -21.04
CA HIS I 1274 59.33 -88.37 -22.04
C HIS I 1274 57.94 -88.83 -21.60
N ARG I 1275 57.24 -89.51 -22.51
CA ARG I 1275 55.95 -90.12 -22.22
C ARG I 1275 56.08 -91.63 -22.27
N THR I 1276 56.75 -92.20 -21.28
CA THR I 1276 57.02 -93.63 -21.25
C THR I 1276 55.76 -94.44 -21.00
N TRP I 1277 55.12 -94.87 -22.10
CA TRP I 1277 53.91 -95.68 -22.00
C TRP I 1277 53.66 -96.40 -23.33
N GLY I 1278 52.39 -96.51 -23.70
CA GLY I 1278 52.01 -97.17 -24.95
C GLY I 1278 52.09 -96.21 -26.12
N SER I 1279 51.06 -96.22 -26.96
CA SER I 1279 50.96 -95.35 -28.13
C SER I 1279 52.15 -95.52 -29.06
N GLN I 1280 53.27 -94.88 -28.73
CA GLN I 1280 54.45 -94.93 -29.58
C GLN I 1280 55.73 -95.09 -28.76
N ASN I 1281 56.87 -95.11 -29.45
CA ASN I 1281 58.16 -95.28 -28.80
C ASN I 1281 59.18 -94.28 -29.35
N SER I 1282 60.46 -94.63 -29.26
CA SER I 1282 61.52 -93.73 -29.72
C SER I 1282 62.83 -94.50 -29.97
N LEU I 1283 63.75 -93.84 -30.67
CA LEU I 1283 65.05 -94.42 -30.97
C LEU I 1283 66.15 -93.68 -30.23
N VAL I 1284 67.24 -93.36 -30.94
CA VAL I 1284 68.37 -92.67 -30.34
C VAL I 1284 68.36 -91.18 -30.70
N GLU I 1285 68.12 -90.34 -29.71
CA GLU I 1285 68.03 -88.90 -29.94
C GLU I 1285 69.41 -88.24 -29.90
N MET I 1286 70.06 -88.19 -31.06
CA MET I 1286 71.38 -87.57 -31.16
C MET I 1286 71.29 -86.06 -30.97
N LEU I 1287 71.24 -85.63 -29.71
CA LEU I 1287 71.06 -84.23 -29.38
C LEU I 1287 72.39 -83.48 -29.32
N PHE I 1288 72.31 -82.14 -29.33
CA PHE I 1288 73.49 -81.29 -29.26
C PHE I 1288 73.09 -79.85 -28.94
N LEU I 1289 74.00 -79.10 -28.32
CA LEU I 1289 73.71 -77.73 -27.95
C LEU I 1289 73.97 -76.77 -29.11
N ARG I 1290 73.46 -75.55 -28.99
CA ARG I 1290 73.61 -74.54 -30.03
C ARG I 1290 74.75 -73.59 -29.71
N LEU I 1291 75.95 -73.91 -30.19
CA LEU I 1291 77.12 -73.11 -29.87
C LEU I 1291 78.29 -73.40 -30.80
N SER I 1292 79.40 -72.70 -30.55
CA SER I 1292 80.63 -72.87 -31.31
C SER I 1292 81.78 -72.19 -30.61
N LEU I 1293 82.43 -72.98 -29.74
CA LEU I 1293 83.59 -72.59 -28.92
C LEU I 1293 84.71 -72.67 -29.87
N PRO I 1294 85.46 -71.61 -30.16
CA PRO I 1294 86.56 -71.62 -31.18
C PRO I 1294 87.95 -71.79 -30.66
N VAL I 1295 88.64 -72.90 -30.91
CA VAL I 1295 89.95 -73.11 -30.30
C VAL I 1295 91.07 -72.16 -30.68
N GLN I 1296 91.40 -71.32 -29.74
CA GLN I 1296 92.37 -70.26 -29.72
C GLN I 1296 93.23 -69.58 -30.73
N PHE I 1297 93.58 -70.09 -31.89
CA PHE I 1297 94.45 -69.22 -32.73
C PHE I 1297 94.11 -68.91 -34.15
N ASP I 1422 88.94 -70.33 -5.84
CA ASP I 1422 90.10 -70.15 -6.70
C ASP I 1422 90.84 -68.87 -6.38
N ASP I 1423 92.11 -68.83 -6.76
CA ASP I 1423 92.85 -67.59 -6.67
C ASP I 1423 92.43 -66.66 -7.81
N PRO I 1424 92.33 -65.36 -7.55
CA PRO I 1424 92.02 -64.41 -8.64
C PRO I 1424 93.15 -64.27 -9.65
N GLU I 1425 94.36 -64.74 -9.35
CA GLU I 1425 95.41 -64.74 -10.35
C GLU I 1425 95.22 -65.85 -11.37
N ILE I 1426 94.97 -67.08 -10.91
CA ILE I 1426 94.87 -68.20 -11.82
C ILE I 1426 93.58 -68.17 -12.63
N ILE I 1427 92.49 -67.65 -12.08
CA ILE I 1427 91.21 -67.71 -12.77
C ILE I 1427 91.08 -66.60 -13.81
N LEU I 1428 91.96 -65.61 -13.79
CA LEU I 1428 91.90 -64.55 -14.78
C LEU I 1428 92.95 -64.72 -15.85
N ASN I 1429 93.68 -65.82 -15.85
CA ASN I 1429 94.67 -66.12 -16.88
C ASN I 1429 94.45 -67.47 -17.52
N THR I 1430 93.59 -68.30 -16.94
CA THR I 1430 93.39 -69.66 -17.39
C THR I 1430 92.70 -69.73 -18.75
N THR I 1431 93.15 -70.68 -19.58
CA THR I 1431 92.45 -71.06 -20.80
C THR I 1431 92.21 -72.56 -20.74
N THR I 1432 91.19 -72.93 -19.97
CA THR I 1432 90.63 -74.29 -19.95
C THR I 1432 89.29 -74.23 -19.25
N TYR I 1433 88.21 -74.62 -19.94
CA TYR I 1433 86.86 -74.60 -19.29
C TYR I 1433 86.09 -75.89 -19.35
N TYR I 1434 85.16 -76.02 -18.44
CA TYR I 1434 84.47 -77.19 -17.93
C TYR I 1434 82.99 -77.06 -18.16
N TYR I 1435 82.36 -78.13 -18.66
CA TYR I 1435 80.93 -78.29 -18.60
C TYR I 1435 80.65 -79.67 -18.05
N SER I 1436 79.38 -79.94 -17.78
CA SER I 1436 79.01 -81.15 -17.06
C SER I 1436 77.65 -81.65 -17.48
N VAL I 1437 77.53 -82.96 -17.57
CA VAL I 1437 76.25 -83.62 -17.72
C VAL I 1437 76.10 -84.61 -16.59
N ARG I 1438 74.86 -84.92 -16.22
CA ARG I 1438 74.58 -85.89 -15.19
C ARG I 1438 73.51 -86.84 -15.71
N VAL I 1439 73.87 -88.09 -15.90
CA VAL I 1439 72.91 -89.11 -16.30
C VAL I 1439 72.09 -89.48 -15.08
N PHE I 1440 70.80 -89.35 -15.07
CA PHE I 1440 70.04 -89.69 -13.88
C PHE I 1440 69.82 -91.14 -13.82
N ALA I 1441 69.20 -91.55 -12.76
CA ALA I 1441 68.89 -92.95 -12.51
C ALA I 1441 67.82 -93.43 -13.48
N GLY I 1442 67.83 -94.73 -13.76
CA GLY I 1442 66.94 -95.30 -14.75
C GLY I 1442 67.43 -95.13 -16.18
N GLN I 1443 68.56 -94.49 -16.38
CA GLN I 1443 69.17 -94.40 -17.70
C GLN I 1443 70.51 -95.12 -17.68
N GLU I 1444 70.71 -96.02 -18.62
CA GLU I 1444 71.93 -96.79 -18.66
C GLU I 1444 73.05 -95.97 -19.30
N PRO I 1445 74.20 -95.85 -18.67
CA PRO I 1445 75.37 -95.27 -19.33
C PRO I 1445 75.91 -96.10 -20.47
N SER I 1446 75.49 -97.36 -20.61
CA SER I 1446 75.82 -98.15 -21.78
C SER I 1446 75.26 -97.54 -23.07
N CYS I 1447 74.13 -96.85 -22.98
CA CYS I 1447 73.52 -96.20 -24.13
C CYS I 1447 73.60 -94.68 -24.03
N VAL I 1448 74.71 -94.15 -23.56
CA VAL I 1448 74.93 -92.72 -23.42
C VAL I 1448 76.31 -92.40 -23.97
N TRP I 1449 76.39 -91.43 -24.87
CA TRP I 1449 77.65 -90.98 -25.40
C TRP I 1449 77.76 -89.48 -25.16
N VAL I 1450 78.87 -89.04 -24.57
CA VAL I 1450 79.06 -87.65 -24.19
C VAL I 1450 80.37 -87.16 -24.79
N GLY I 1451 80.33 -85.97 -25.40
CA GLY I 1451 81.57 -85.33 -25.83
C GLY I 1451 81.40 -84.11 -26.70
N TRP I 1452 82.11 -84.06 -27.82
CA TRP I 1452 82.20 -82.86 -28.63
C TRP I 1452 82.05 -83.21 -30.11
N VAL I 1453 81.48 -82.26 -30.86
CA VAL I 1453 81.10 -82.47 -32.25
C VAL I 1453 81.36 -81.19 -33.04
N THR I 1454 82.08 -81.30 -34.16
CA THR I 1454 82.32 -80.23 -35.10
C THR I 1454 81.18 -80.14 -36.10
N PRO I 1455 80.93 -78.96 -36.70
CA PRO I 1455 79.75 -78.78 -37.57
C PRO I 1455 79.64 -79.72 -38.77
N ASP I 1456 80.74 -80.20 -39.35
CA ASP I 1456 80.62 -81.10 -40.50
C ASP I 1456 80.46 -82.55 -40.05
N TYR I 1457 79.32 -82.82 -39.43
CA TYR I 1457 78.98 -84.15 -38.93
C TYR I 1457 77.50 -84.36 -39.15
N HIS I 1458 77.14 -85.32 -40.00
CA HIS I 1458 75.75 -85.58 -40.35
C HIS I 1458 75.44 -87.07 -40.38
N GLN I 1459 75.82 -87.81 -39.34
CA GLN I 1459 75.51 -89.23 -39.24
C GLN I 1459 74.25 -89.41 -38.40
N HIS I 1460 73.14 -89.70 -39.06
CA HIS I 1460 71.85 -89.93 -38.40
C HIS I 1460 71.52 -91.40 -38.56
N ASP I 1461 71.85 -92.20 -37.55
CA ASP I 1461 71.57 -93.62 -37.57
C ASP I 1461 71.17 -94.08 -36.18
N MET I 1462 70.38 -95.14 -36.12
CA MET I 1462 69.98 -95.70 -34.85
C MET I 1462 70.90 -96.83 -34.39
N ASN I 1463 71.91 -97.17 -35.18
CA ASN I 1463 72.80 -98.27 -34.83
C ASN I 1463 74.19 -97.74 -34.53
N PHE I 1464 74.26 -96.53 -34.01
CA PHE I 1464 75.54 -95.87 -33.82
C PHE I 1464 76.29 -96.45 -32.63
N ASP I 1465 77.52 -96.88 -32.88
CA ASP I 1465 78.48 -97.16 -31.82
C ASP I 1465 79.73 -96.37 -32.15
N LEU I 1466 80.67 -96.36 -31.20
CA LEU I 1466 81.89 -95.56 -31.35
C LEU I 1466 82.79 -96.04 -32.48
N SER I 1467 82.59 -97.28 -32.96
CA SER I 1467 83.26 -97.72 -34.18
C SER I 1467 82.73 -96.98 -35.41
N LYS I 1468 81.48 -96.52 -35.36
CA LYS I 1468 80.89 -95.81 -36.49
C LYS I 1468 81.15 -94.30 -36.40
N VAL I 1469 82.41 -93.94 -36.21
CA VAL I 1469 82.82 -92.54 -36.15
C VAL I 1469 83.85 -92.34 -37.23
N ARG I 1470 83.66 -91.30 -38.05
CA ARG I 1470 84.64 -90.99 -39.08
C ARG I 1470 85.91 -90.48 -38.43
N ALA I 1471 87.04 -90.98 -38.90
CA ALA I 1471 88.35 -90.58 -38.42
C ALA I 1471 89.36 -90.86 -39.51
N VAL I 1472 90.05 -89.82 -39.96
CA VAL I 1472 91.00 -89.91 -41.06
C VAL I 1472 92.34 -89.42 -40.55
N THR I 1473 93.37 -90.26 -40.71
CA THR I 1473 94.71 -89.95 -40.24
C THR I 1473 95.54 -89.46 -41.42
N VAL I 1474 96.06 -88.24 -41.30
CA VAL I 1474 96.90 -87.65 -42.32
C VAL I 1474 98.34 -87.65 -41.81
N THR I 1475 99.24 -88.24 -42.59
CA THR I 1475 100.66 -88.25 -42.27
C THR I 1475 101.41 -87.64 -43.44
N MET I 1476 102.49 -86.92 -43.13
CA MET I 1476 103.37 -86.34 -44.14
C MET I 1476 104.81 -86.58 -43.73
N GLY I 1477 105.68 -86.72 -44.72
CA GLY I 1477 107.09 -86.90 -44.45
C GLY I 1477 107.98 -86.17 -45.43
N ASP I 1478 109.25 -86.50 -45.42
CA ASP I 1478 110.22 -85.92 -46.34
C ASP I 1478 110.31 -86.77 -47.60
N GLU I 1479 111.19 -86.39 -48.52
CA GLU I 1479 111.51 -87.22 -49.66
C GLU I 1479 112.28 -88.48 -49.26
N GLN I 1480 112.91 -88.48 -48.08
CA GLN I 1480 113.57 -89.68 -47.57
C GLN I 1480 112.56 -90.72 -47.11
N GLY I 1481 111.32 -90.32 -46.87
CA GLY I 1481 110.28 -91.23 -46.41
C GLY I 1481 110.05 -91.17 -44.91
N ASN I 1482 110.96 -90.60 -44.14
CA ASN I 1482 110.77 -90.44 -42.71
C ASN I 1482 109.68 -89.41 -42.45
N VAL I 1483 108.76 -89.75 -41.55
CA VAL I 1483 107.57 -88.95 -41.36
C VAL I 1483 107.91 -87.67 -40.59
N HIS I 1484 106.95 -86.81 -40.77
CA HIS I 1484 107.08 -85.53 -40.35
C HIS I 1484 106.02 -84.90 -39.52
N SER I 1485 104.85 -85.54 -39.47
CA SER I 1485 103.67 -85.26 -38.67
C SER I 1485 102.65 -86.35 -38.94
N SER I 1486 101.76 -86.56 -37.97
CA SER I 1486 100.69 -87.54 -38.11
C SER I 1486 99.44 -86.95 -37.51
N LEU I 1487 98.60 -86.34 -38.34
CA LEU I 1487 97.42 -85.64 -37.87
C LEU I 1487 96.20 -86.52 -38.05
N LYS I 1488 95.31 -86.52 -37.07
CA LYS I 1488 94.05 -87.25 -37.14
C LYS I 1488 92.89 -86.28 -36.99
N CYS I 1489 92.11 -86.13 -38.06
CA CYS I 1489 90.88 -85.35 -38.02
C CYS I 1489 89.72 -86.32 -37.80
N SER I 1490 88.87 -86.00 -36.84
CA SER I 1490 87.64 -86.73 -36.62
C SER I 1490 86.49 -85.75 -36.57
N ASN I 1491 85.32 -86.20 -37.02
CA ASN I 1491 84.14 -85.35 -36.98
C ASN I 1491 83.39 -85.45 -35.67
N CYS I 1492 84.00 -86.04 -34.65
CA CYS I 1492 83.32 -86.36 -33.40
C CYS I 1492 84.39 -86.63 -32.34
N TYR I 1493 84.22 -86.06 -31.15
CA TYR I 1493 85.15 -86.25 -30.05
C TYR I 1493 84.33 -86.55 -28.80
N MET I 1494 84.08 -87.83 -28.56
CA MET I 1494 83.27 -88.25 -27.43
C MET I 1494 83.93 -89.41 -26.69
N VAL I 1495 83.30 -89.78 -25.57
CA VAL I 1495 83.63 -90.95 -24.78
C VAL I 1495 82.40 -91.82 -24.69
N TRP I 1496 82.56 -93.00 -24.09
CA TRP I 1496 81.43 -93.86 -23.79
C TRP I 1496 81.17 -93.83 -22.29
N GLY I 1497 79.92 -93.54 -21.92
CA GLY I 1497 79.53 -93.62 -20.54
C GLY I 1497 79.50 -95.02 -19.98
N GLY I 1498 79.34 -96.02 -20.86
CA GLY I 1498 79.43 -97.40 -20.44
C GLY I 1498 80.84 -97.87 -20.15
N ASP I 1499 81.85 -97.06 -20.48
CA ASP I 1499 83.23 -97.40 -20.16
C ASP I 1499 83.62 -97.01 -18.75
N PHE I 1500 82.68 -96.54 -17.93
CA PHE I 1500 82.99 -96.22 -16.54
C PHE I 1500 82.11 -96.99 -15.57
N VAL I 1501 80.85 -97.18 -15.92
CA VAL I 1501 79.95 -97.96 -15.07
C VAL I 1501 79.61 -99.26 -15.78
N ILE I 1509 71.47 -102.46 -12.73
CA ILE I 1509 70.58 -101.50 -12.07
C ILE I 1509 71.36 -100.67 -11.06
N SER I 1510 71.77 -99.47 -11.48
CA SER I 1510 72.49 -98.58 -10.60
C SER I 1510 71.54 -97.51 -10.05
N HIS I 1511 71.54 -97.34 -8.73
CA HIS I 1511 70.72 -96.32 -8.09
C HIS I 1511 71.45 -95.00 -7.91
N THR I 1512 72.54 -94.78 -8.64
CA THR I 1512 73.32 -93.55 -8.53
C THR I 1512 73.55 -92.94 -9.90
N ASP I 1513 73.98 -91.69 -9.89
CA ASP I 1513 74.07 -90.88 -11.10
C ASP I 1513 75.52 -90.74 -11.56
N LEU I 1514 75.82 -91.33 -12.70
CA LEU I 1514 77.13 -91.19 -13.33
C LEU I 1514 77.24 -89.78 -13.91
N VAL I 1515 78.14 -88.97 -13.35
CA VAL I 1515 78.31 -87.59 -13.77
C VAL I 1515 79.60 -87.52 -14.57
N ILE I 1516 79.49 -87.11 -15.83
CA ILE I 1516 80.64 -87.03 -16.72
C ILE I 1516 80.89 -85.56 -17.02
N GLY I 1517 82.12 -85.11 -16.77
CA GLY I 1517 82.53 -83.76 -17.07
C GLY I 1517 83.74 -83.76 -18.00
N CYS I 1518 83.82 -82.76 -18.85
CA CYS I 1518 84.86 -82.69 -19.86
C CYS I 1518 85.68 -81.44 -19.68
N LEU I 1519 86.91 -81.46 -20.21
CA LEU I 1519 87.88 -80.40 -20.01
C LEU I 1519 88.53 -80.08 -21.34
N VAL I 1520 88.44 -78.83 -21.77
CA VAL I 1520 88.98 -78.39 -23.05
C VAL I 1520 89.89 -77.19 -22.81
N ASP I 1521 91.15 -77.32 -23.22
CA ASP I 1521 92.18 -76.30 -23.02
C ASP I 1521 92.40 -75.58 -24.34
N LEU I 1522 91.97 -74.32 -24.42
CA LEU I 1522 91.91 -73.60 -25.68
C LEU I 1522 93.27 -73.23 -26.25
N ALA I 1523 94.22 -72.85 -25.41
CA ALA I 1523 95.50 -72.41 -25.94
C ALA I 1523 96.39 -73.56 -26.36
N THR I 1524 96.01 -74.79 -26.04
CA THR I 1524 96.75 -75.95 -26.49
C THR I 1524 95.93 -76.86 -27.39
N GLY I 1525 94.62 -76.74 -27.36
CA GLY I 1525 93.78 -77.66 -28.10
C GLY I 1525 93.73 -79.04 -27.50
N LEU I 1526 94.06 -79.17 -26.22
CA LEU I 1526 94.09 -80.45 -25.54
C LEU I 1526 92.74 -80.67 -24.86
N MET I 1527 92.14 -81.83 -25.09
CA MET I 1527 90.83 -82.15 -24.55
C MET I 1527 90.94 -83.41 -23.69
N THR I 1528 90.48 -83.31 -22.45
CA THR I 1528 90.45 -84.43 -21.52
C THR I 1528 89.06 -84.55 -20.92
N PHE I 1529 88.80 -85.67 -20.27
CA PHE I 1529 87.47 -86.02 -19.77
C PHE I 1529 87.58 -86.63 -18.39
N THR I 1530 86.75 -86.15 -17.47
CA THR I 1530 86.78 -86.61 -16.09
C THR I 1530 85.51 -87.39 -15.79
N ALA I 1531 85.68 -88.51 -15.09
CA ALA I 1531 84.55 -89.35 -14.70
C ALA I 1531 84.43 -89.33 -13.20
N ASN I 1532 83.43 -88.59 -12.70
CA ASN I 1532 83.14 -88.40 -11.28
C ASN I 1532 84.36 -87.87 -10.52
N GLY I 1533 85.10 -86.97 -11.14
CA GLY I 1533 86.33 -86.45 -10.56
C GLY I 1533 87.52 -87.36 -10.69
N LYS I 1534 87.36 -88.55 -11.27
CA LYS I 1534 88.47 -89.45 -11.54
C LYS I 1534 88.76 -89.39 -13.03
N GLU I 1535 89.99 -89.00 -13.37
CA GLU I 1535 90.37 -88.79 -14.75
C GLU I 1535 90.39 -90.10 -15.53
N SER I 1536 89.86 -90.06 -16.73
CA SER I 1536 89.83 -91.22 -17.61
C SER I 1536 91.15 -91.30 -18.35
N ASN I 1537 91.39 -92.46 -18.94
CA ASN I 1537 92.63 -92.70 -19.67
C ASN I 1537 92.70 -91.95 -21.00
N THR I 1538 91.56 -91.61 -21.59
CA THR I 1538 91.56 -91.02 -22.91
C THR I 1538 91.86 -89.53 -22.85
N PHE I 1539 92.16 -88.99 -24.02
CA PHE I 1539 92.49 -87.58 -24.21
C PHE I 1539 92.43 -87.28 -25.69
N PHE I 1540 92.40 -85.99 -26.03
CA PHE I 1540 92.27 -85.59 -27.42
C PHE I 1540 92.99 -84.27 -27.66
N GLN I 1541 93.62 -84.15 -28.83
CA GLN I 1541 94.32 -82.95 -29.24
C GLN I 1541 93.99 -82.63 -30.68
N VAL I 1542 93.76 -81.35 -30.97
CA VAL I 1542 93.22 -80.95 -32.27
C VAL I 1542 94.12 -79.94 -32.98
N GLU I 1543 93.67 -79.51 -34.16
CA GLU I 1543 94.35 -78.49 -34.95
C GLU I 1543 94.20 -77.12 -34.28
N PRO I 1544 95.02 -76.13 -34.68
CA PRO I 1544 94.87 -74.79 -34.08
C PRO I 1544 93.54 -74.10 -34.35
N ASN I 1545 93.18 -73.87 -35.60
CA ASN I 1545 92.00 -73.09 -35.90
C ASN I 1545 90.85 -74.03 -36.20
N THR I 1546 90.17 -74.48 -35.15
CA THR I 1546 88.98 -75.29 -35.31
C THR I 1546 88.00 -74.96 -34.19
N LYS I 1547 86.74 -75.26 -34.43
CA LYS I 1547 85.69 -75.03 -33.46
C LYS I 1547 85.08 -76.34 -33.04
N LEU I 1548 84.24 -76.30 -32.02
CA LEU I 1548 83.64 -77.49 -31.45
C LEU I 1548 82.32 -77.16 -30.81
N PHE I 1549 81.27 -77.96 -30.88
CA PHE I 1549 80.05 -77.64 -30.14
C PHE I 1549 79.93 -78.76 -29.19
N PRO I 1550 79.60 -78.57 -27.96
CA PRO I 1550 79.36 -79.58 -26.93
C PRO I 1550 78.26 -80.53 -27.36
N ALA I 1551 78.41 -81.82 -27.10
CA ALA I 1551 77.51 -82.81 -27.67
C ALA I 1551 77.21 -83.93 -26.68
N VAL I 1552 75.97 -84.41 -26.73
CA VAL I 1552 75.51 -85.57 -25.98
C VAL I 1552 74.64 -86.40 -26.90
N PHE I 1553 74.97 -87.68 -27.07
CA PHE I 1553 74.14 -88.60 -27.83
C PHE I 1553 73.57 -89.60 -26.86
N VAL I 1554 72.28 -89.92 -27.01
CA VAL I 1554 71.61 -90.76 -26.02
C VAL I 1554 70.45 -91.48 -26.68
N LEU I 1555 70.27 -92.75 -26.28
CA LEU I 1555 69.01 -93.44 -26.46
C LEU I 1555 68.33 -93.49 -25.11
N PRO I 1556 67.16 -92.86 -24.94
CA PRO I 1556 66.59 -92.69 -23.60
C PRO I 1556 65.89 -93.96 -23.12
N THR I 1557 65.96 -94.22 -21.82
CA THR I 1557 65.26 -95.35 -21.22
C THR I 1557 64.62 -94.99 -19.88
N HIS I 1558 64.13 -93.77 -19.73
CA HIS I 1558 63.53 -93.36 -18.47
C HIS I 1558 62.56 -92.22 -18.74
N GLN I 1559 61.80 -91.84 -17.71
CA GLN I 1559 60.98 -90.65 -17.80
C GLN I 1559 61.84 -89.40 -17.74
N ASN I 1560 62.91 -89.44 -16.96
CA ASN I 1560 63.88 -88.35 -16.88
C ASN I 1560 65.24 -88.89 -17.30
N VAL I 1561 65.89 -88.25 -18.27
CA VAL I 1561 67.05 -88.90 -18.87
C VAL I 1561 68.37 -88.25 -18.47
N ILE I 1562 68.62 -87.03 -18.95
CA ILE I 1562 69.90 -86.36 -18.74
C ILE I 1562 69.64 -84.93 -18.28
N GLN I 1563 70.69 -84.13 -18.07
CA GLN I 1563 70.51 -82.78 -17.63
C GLN I 1563 71.78 -82.00 -17.79
N PHE I 1564 71.90 -81.18 -18.77
CA PHE I 1564 73.07 -80.38 -19.07
C PHE I 1564 73.32 -79.43 -17.91
N GLU I 1565 74.48 -79.53 -17.28
CA GLU I 1565 74.82 -78.71 -16.12
C GLU I 1565 75.96 -77.78 -16.46
N LEU I 1566 75.67 -76.49 -16.48
CA LEU I 1566 76.64 -75.47 -16.93
C LEU I 1566 77.36 -74.89 -15.71
N GLY I 1567 78.29 -75.68 -15.19
CA GLY I 1567 79.00 -75.30 -13.99
C GLY I 1567 80.50 -75.22 -14.16
N LYS I 1568 81.16 -74.72 -13.13
CA LYS I 1568 82.60 -74.55 -13.11
C LYS I 1568 83.20 -75.42 -12.00
N GLN I 1569 84.47 -75.76 -12.17
CA GLN I 1569 85.21 -76.50 -11.16
C GLN I 1569 85.99 -75.52 -10.28
N LYS I 1570 86.95 -76.04 -9.51
CA LYS I 1570 87.52 -75.30 -8.39
C LYS I 1570 88.38 -74.13 -8.83
N ASN I 1571 88.99 -74.22 -10.03
CA ASN I 1571 89.88 -73.15 -10.45
C ASN I 1571 89.79 -72.83 -11.93
N ILE I 1572 88.67 -73.13 -12.59
CA ILE I 1572 88.52 -72.93 -14.02
C ILE I 1572 87.15 -72.33 -14.31
N MET I 1573 87.05 -71.40 -15.26
CA MET I 1573 85.75 -70.79 -15.47
C MET I 1573 84.86 -71.59 -16.30
N PRO I 1574 83.57 -71.32 -16.20
CA PRO I 1574 82.55 -72.15 -16.85
C PRO I 1574 82.34 -71.77 -18.29
N LEU I 1575 81.41 -72.41 -18.97
CA LEU I 1575 81.32 -72.17 -20.35
C LEU I 1575 80.86 -70.88 -20.68
N SER I 1576 79.74 -70.53 -20.05
CA SER I 1576 78.97 -69.29 -20.18
C SER I 1576 79.75 -68.20 -20.66
N ALA I 1577 80.71 -67.79 -19.87
CA ALA I 1577 81.62 -66.75 -20.14
C ALA I 1577 82.75 -66.99 -21.09
N ALA I 1578 82.65 -67.92 -21.97
CA ALA I 1578 83.70 -68.07 -22.92
C ALA I 1578 83.20 -68.41 -24.28
N MET I 1579 81.91 -68.43 -24.44
CA MET I 1579 81.32 -68.68 -25.69
C MET I 1579 81.20 -67.41 -26.35
N PHE I 1580 80.88 -66.32 -25.62
CA PHE I 1580 80.77 -65.02 -26.23
C PHE I 1580 81.33 -63.83 -25.56
N LEU I 1581 82.26 -63.21 -26.21
CA LEU I 1581 83.01 -62.08 -25.71
C LEU I 1581 82.52 -60.81 -25.08
N SER I 1582 81.34 -60.76 -24.57
CA SER I 1582 80.97 -59.60 -23.80
C SER I 1582 81.38 -59.86 -22.40
N GLU I 1583 81.49 -61.11 -22.02
CA GLU I 1583 81.83 -61.39 -20.72
C GLU I 1583 82.79 -62.51 -20.80
N ARG I 1584 84.05 -62.27 -21.12
CA ARG I 1584 85.02 -63.33 -21.13
C ARG I 1584 85.89 -62.85 -20.03
N LYS I 1585 85.34 -62.68 -18.86
CA LYS I 1585 86.07 -62.21 -17.74
C LYS I 1585 85.32 -62.64 -16.52
N ASN I 1586 84.09 -62.23 -16.38
CA ASN I 1586 83.30 -62.60 -15.22
C ASN I 1586 83.19 -64.07 -15.20
N PRO I 1587 83.55 -64.69 -14.09
CA PRO I 1587 83.57 -66.13 -13.81
C PRO I 1587 82.23 -66.72 -13.42
N ALA I 1588 81.23 -65.90 -13.12
CA ALA I 1588 79.94 -66.42 -12.70
C ALA I 1588 79.24 -67.14 -13.85
N PRO I 1589 78.76 -68.36 -13.67
CA PRO I 1589 78.07 -69.06 -14.75
C PRO I 1589 76.79 -68.36 -15.14
N GLN I 1590 76.45 -68.45 -16.43
CA GLN I 1590 75.27 -67.80 -16.98
C GLN I 1590 74.57 -68.75 -17.93
N CYS I 1591 73.26 -68.54 -18.11
CA CYS I 1591 72.46 -69.31 -19.04
C CYS I 1591 71.57 -68.37 -19.86
N PRO I 1592 72.16 -67.67 -20.82
CA PRO I 1592 71.38 -66.76 -21.68
C PRO I 1592 70.42 -67.55 -22.55
N PRO I 1593 69.35 -66.92 -23.03
CA PRO I 1593 68.32 -67.66 -23.78
C PRO I 1593 68.80 -68.23 -25.11
N ARG I 1594 69.95 -67.81 -25.62
CA ARG I 1594 70.41 -68.33 -26.90
C ARG I 1594 70.78 -69.80 -26.82
N LEU I 1595 71.11 -70.30 -25.63
CA LEU I 1595 71.52 -71.69 -25.45
C LEU I 1595 70.28 -72.57 -25.53
N GLU I 1596 70.12 -73.26 -26.66
CA GLU I 1596 68.99 -74.15 -26.87
C GLU I 1596 69.48 -75.48 -27.45
N VAL I 1597 68.73 -76.53 -27.17
CA VAL I 1597 69.10 -77.86 -27.64
C VAL I 1597 68.59 -78.05 -29.07
N GLN I 1598 69.21 -78.99 -29.78
CA GLN I 1598 68.84 -79.31 -31.15
C GLN I 1598 68.61 -80.81 -31.30
N MET I 1599 67.66 -81.15 -32.18
CA MET I 1599 67.35 -82.54 -32.51
C MET I 1599 67.51 -82.72 -34.01
N LEU I 1600 68.19 -83.79 -34.41
CA LEU I 1600 68.46 -84.01 -35.83
C LEU I 1600 67.21 -84.53 -36.54
N MET I 1601 66.93 -83.96 -37.71
CA MET I 1601 65.86 -84.44 -38.60
C MET I 1601 66.46 -84.60 -39.99
N PRO I 1602 66.27 -85.75 -40.63
CA PRO I 1602 66.89 -86.00 -41.95
C PRO I 1602 66.05 -85.47 -43.11
N VAL I 1603 65.75 -84.17 -43.08
CA VAL I 1603 64.98 -83.55 -44.14
C VAL I 1603 65.22 -82.05 -44.11
N SER I 1604 65.09 -81.41 -45.26
CA SER I 1604 65.16 -79.96 -45.38
C SER I 1604 64.31 -79.57 -46.58
N TRP I 1605 64.47 -78.33 -47.04
CA TRP I 1605 63.80 -77.86 -48.25
C TRP I 1605 64.79 -76.97 -48.98
N SER I 1606 65.41 -77.49 -50.03
CA SER I 1606 66.40 -76.76 -50.82
C SER I 1606 65.81 -76.37 -52.17
N ARG I 1607 66.25 -75.25 -52.72
CA ARG I 1607 65.72 -74.76 -53.98
C ARG I 1607 66.41 -75.40 -55.18
N MET I 1608 65.75 -75.29 -56.33
CA MET I 1608 66.23 -75.87 -57.58
C MET I 1608 66.69 -74.77 -58.52
N PRO I 1609 67.99 -74.66 -58.76
CA PRO I 1609 68.48 -73.59 -59.64
C PRO I 1609 67.87 -73.71 -61.04
N ASN I 1610 67.60 -72.55 -61.63
CA ASN I 1610 66.96 -72.47 -62.94
C ASN I 1610 67.91 -72.79 -64.09
N HIS I 1611 69.22 -72.83 -63.85
CA HIS I 1611 70.16 -73.11 -64.91
C HIS I 1611 71.30 -73.96 -64.36
N PHE I 1612 71.63 -75.04 -65.08
CA PHE I 1612 72.70 -75.95 -64.69
C PHE I 1612 73.91 -75.75 -65.58
N LEU I 1613 74.91 -76.62 -65.40
CA LEU I 1613 76.19 -76.51 -66.08
C LEU I 1613 76.16 -77.05 -67.51
N GLN I 1614 74.98 -77.42 -68.02
CA GLN I 1614 74.83 -78.00 -69.37
C GLN I 1614 75.67 -79.26 -69.42
N VAL I 1615 76.68 -79.36 -70.29
CA VAL I 1615 77.48 -80.57 -70.38
C VAL I 1615 78.48 -80.62 -69.22
N GLU I 1622 84.04 -90.03 -75.37
CA GLU I 1622 83.62 -90.83 -76.53
C GLU I 1622 84.80 -91.15 -77.43
N ARG I 1623 85.49 -90.11 -77.89
CA ARG I 1623 86.65 -90.26 -78.76
C ARG I 1623 87.86 -90.61 -77.89
N LEU I 1624 89.05 -90.54 -78.49
CA LEU I 1624 90.31 -90.78 -77.79
C LEU I 1624 90.35 -90.06 -76.45
N GLY I 1625 90.49 -90.83 -75.37
CA GLY I 1625 90.56 -90.30 -74.03
C GLY I 1625 89.24 -90.13 -73.31
N TRP I 1626 88.12 -90.15 -74.03
CA TRP I 1626 86.80 -89.94 -73.44
C TRP I 1626 86.74 -88.64 -72.65
N ALA I 1627 86.92 -87.53 -73.37
CA ALA I 1627 87.01 -86.22 -72.76
C ALA I 1627 85.65 -85.74 -72.29
N VAL I 1628 85.68 -84.79 -71.35
CA VAL I 1628 84.49 -84.14 -70.85
C VAL I 1628 84.29 -82.83 -71.61
N GLN I 1629 83.05 -82.36 -71.61
CA GLN I 1629 82.69 -81.13 -72.33
C GLN I 1629 82.14 -80.11 -71.35
N CYS I 1630 82.71 -78.91 -71.37
CA CYS I 1630 82.25 -77.81 -70.52
C CYS I 1630 82.82 -76.52 -71.07
N GLN I 1631 81.95 -75.59 -71.46
CA GLN I 1631 82.39 -74.29 -71.98
C GLN I 1631 81.91 -73.12 -71.14
N ASP I 1632 80.61 -73.04 -70.86
CA ASP I 1632 80.03 -71.84 -70.26
C ASP I 1632 80.28 -71.78 -68.77
N PRO I 1633 80.42 -70.57 -68.21
CA PRO I 1633 80.49 -70.41 -66.76
C PRO I 1633 79.14 -70.07 -66.15
N LEU I 1634 79.05 -70.27 -64.84
CA LEU I 1634 77.82 -70.00 -64.09
C LEU I 1634 78.18 -69.72 -62.64
N THR I 1635 77.37 -68.88 -61.99
CA THR I 1635 77.63 -68.47 -60.62
C THR I 1635 76.31 -68.20 -59.90
N MET I 1636 76.41 -67.98 -58.59
CA MET I 1636 75.24 -67.76 -57.75
C MET I 1636 75.64 -66.98 -56.51
N MET I 1637 74.63 -66.36 -55.89
CA MET I 1637 74.82 -65.57 -54.67
C MET I 1637 74.55 -66.43 -53.44
N ALA I 1638 75.28 -66.18 -52.36
CA ALA I 1638 75.25 -67.07 -51.21
C ALA I 1638 75.38 -66.29 -49.91
N LEU I 1639 74.97 -66.94 -48.80
CA LEU I 1639 75.06 -66.42 -47.45
C LEU I 1639 75.98 -67.31 -46.61
N HIS I 1640 76.52 -66.74 -45.54
CA HIS I 1640 77.50 -67.44 -44.71
C HIS I 1640 77.23 -67.20 -43.23
N ILE I 1641 76.01 -67.49 -42.78
CA ILE I 1641 75.68 -67.40 -41.35
C ILE I 1641 76.79 -68.07 -40.53
N PRO I 1642 77.52 -67.29 -39.73
CA PRO I 1642 78.82 -67.77 -39.21
C PRO I 1642 78.74 -68.63 -37.97
N GLU I 1643 77.59 -68.71 -37.29
CA GLU I 1643 77.51 -69.44 -36.02
C GLU I 1643 77.90 -70.90 -36.16
N GLU I 1644 77.29 -71.59 -37.11
CA GLU I 1644 77.62 -72.98 -37.40
C GLU I 1644 78.24 -73.20 -38.79
N ASN I 1645 78.18 -72.20 -39.68
CA ASN I 1645 78.78 -72.24 -41.01
C ASN I 1645 78.12 -73.26 -41.95
N ARG I 1646 76.88 -72.97 -42.38
CA ARG I 1646 76.49 -73.49 -43.68
C ARG I 1646 76.77 -72.38 -44.69
N CYS I 1647 76.30 -72.57 -45.92
CA CYS I 1647 76.35 -71.52 -46.93
C CYS I 1647 75.10 -71.72 -47.77
N MET I 1648 74.07 -70.92 -47.51
CA MET I 1648 72.79 -71.04 -48.19
C MET I 1648 72.60 -69.95 -49.24
N ASP I 1649 71.68 -70.21 -50.14
CA ASP I 1649 71.41 -69.30 -51.24
C ASP I 1649 70.50 -68.16 -50.80
N ILE I 1650 70.72 -66.97 -51.38
CA ILE I 1650 69.85 -65.83 -51.09
C ILE I 1650 68.45 -66.03 -51.67
N LEU I 1651 68.34 -66.74 -52.79
CA LEU I 1651 67.05 -66.85 -53.46
C LEU I 1651 66.00 -67.56 -52.61
N GLU I 1652 66.41 -68.35 -51.62
CA GLU I 1652 65.42 -69.06 -50.81
C GLU I 1652 64.95 -68.26 -49.61
N LEU I 1653 65.52 -67.08 -49.35
CA LEU I 1653 65.00 -66.24 -48.29
C LEU I 1653 63.61 -65.71 -48.57
N SER I 1654 63.12 -65.84 -49.80
CA SER I 1654 61.72 -65.52 -50.07
C SER I 1654 60.75 -66.49 -49.39
N GLU I 1655 61.23 -67.62 -48.87
CA GLU I 1655 60.38 -68.65 -48.28
C GLU I 1655 60.71 -68.91 -46.81
N ARG I 1656 61.38 -67.97 -46.15
CA ARG I 1656 61.64 -68.09 -44.71
C ARG I 1656 60.83 -67.12 -43.88
N LEU I 1657 60.69 -65.88 -44.34
CA LEU I 1657 59.80 -64.88 -43.75
C LEU I 1657 60.21 -64.44 -42.35
N ASP I 1658 61.28 -65.02 -41.83
CA ASP I 1658 61.82 -64.59 -40.54
C ASP I 1658 63.30 -64.24 -40.61
N LEU I 1659 64.09 -65.00 -41.38
CA LEU I 1659 65.48 -64.62 -41.62
C LEU I 1659 65.57 -63.47 -42.59
N GLN I 1660 64.62 -63.38 -43.53
CA GLN I 1660 64.54 -62.22 -44.41
C GLN I 1660 64.26 -60.95 -43.63
N ARG I 1661 63.39 -61.03 -42.63
CA ARG I 1661 63.01 -59.84 -41.87
C ARG I 1661 64.21 -59.26 -41.13
N PHE I 1662 65.04 -60.12 -40.55
CA PHE I 1662 66.26 -59.65 -39.90
C PHE I 1662 67.22 -59.04 -40.91
N HIS I 1663 67.42 -59.69 -42.06
CA HIS I 1663 68.36 -59.16 -43.04
C HIS I 1663 67.80 -57.90 -43.73
N SER I 1664 66.48 -57.77 -43.80
CA SER I 1664 65.89 -56.56 -44.38
C SER I 1664 66.28 -55.34 -43.57
N HIS I 1665 66.21 -55.43 -42.25
CA HIS I 1665 66.63 -54.31 -41.41
C HIS I 1665 68.14 -54.11 -41.45
N THR I 1666 68.91 -55.16 -41.72
CA THR I 1666 70.36 -55.03 -41.74
C THR I 1666 70.81 -54.04 -42.80
N LEU I 1667 70.31 -54.18 -44.02
CA LEU I 1667 70.67 -53.23 -45.06
C LEU I 1667 70.06 -51.86 -44.82
N ARG I 1668 69.08 -51.75 -43.90
CA ARG I 1668 68.61 -50.43 -43.49
C ARG I 1668 69.62 -49.75 -42.57
N LEU I 1669 70.32 -50.52 -41.74
CA LEU I 1669 71.38 -49.94 -40.92
C LEU I 1669 72.48 -49.33 -41.77
N TYR I 1670 72.88 -50.04 -42.84
CA TYR I 1670 73.93 -49.53 -43.72
C TYR I 1670 73.50 -48.23 -44.38
N ARG I 1671 72.22 -48.14 -44.77
CA ARG I 1671 71.68 -46.87 -45.25
C ARG I 1671 71.70 -45.82 -44.15
N ALA I 1672 71.57 -46.23 -42.90
CA ALA I 1672 71.56 -45.31 -41.77
C ALA I 1672 72.97 -44.96 -41.31
N VAL I 1673 73.90 -45.91 -41.41
CA VAL I 1673 75.28 -45.60 -41.07
C VAL I 1673 75.86 -44.57 -42.03
N CYS I 1674 75.57 -44.67 -43.31
CA CYS I 1674 75.96 -43.63 -44.24
C CYS I 1674 75.06 -42.43 -44.01
N ALA I 1675 75.44 -41.59 -43.06
CA ALA I 1675 74.62 -40.45 -42.65
C ALA I 1675 74.66 -39.39 -43.75
N LEU I 1676 74.18 -38.19 -43.42
CA LEU I 1676 74.10 -37.13 -44.43
C LEU I 1676 75.50 -36.67 -44.81
N GLY I 1677 76.27 -37.58 -45.41
CA GLY I 1677 77.63 -37.30 -45.86
C GLY I 1677 78.64 -37.81 -44.85
N ASN I 1678 79.17 -39.01 -45.06
CA ASN I 1678 80.10 -39.63 -44.11
C ASN I 1678 81.19 -40.40 -44.85
N ASN I 1679 81.78 -39.75 -45.85
CA ASN I 1679 82.73 -40.42 -46.75
C ASN I 1679 83.79 -41.24 -46.02
N ARG I 1680 84.07 -40.92 -44.75
CA ARG I 1680 84.97 -41.76 -43.97
C ARG I 1680 84.48 -43.19 -43.88
N VAL I 1681 83.34 -43.41 -43.21
CA VAL I 1681 82.87 -44.77 -42.98
C VAL I 1681 82.13 -45.35 -44.17
N ALA I 1682 81.84 -44.53 -45.19
CA ALA I 1682 81.13 -45.05 -46.37
C ALA I 1682 81.97 -46.09 -47.10
N HIS I 1683 83.28 -45.86 -47.22
CA HIS I 1683 84.12 -46.78 -47.96
C HIS I 1683 84.32 -48.09 -47.21
N ALA I 1684 84.35 -48.05 -45.88
CA ALA I 1684 84.49 -49.27 -45.10
C ALA I 1684 83.36 -50.24 -45.38
N LEU I 1685 82.20 -49.75 -45.81
CA LEU I 1685 81.11 -50.63 -46.20
C LEU I 1685 81.39 -51.28 -47.55
N CYS I 1686 82.19 -50.64 -48.41
CA CYS I 1686 82.46 -51.19 -49.74
C CYS I 1686 83.14 -52.55 -49.63
N SER I 1687 84.11 -52.69 -48.73
CA SER I 1687 84.71 -54.00 -48.50
C SER I 1687 83.72 -54.98 -47.88
N HIS I 1688 82.69 -54.48 -47.21
CA HIS I 1688 81.75 -55.35 -46.52
C HIS I 1688 80.66 -55.85 -47.46
N VAL I 1689 79.95 -54.94 -48.12
CA VAL I 1689 78.85 -55.39 -48.96
C VAL I 1689 79.36 -55.91 -50.30
N ASP I 1690 79.91 -55.02 -51.15
CA ASP I 1690 80.34 -55.41 -52.48
C ASP I 1690 80.87 -54.26 -53.31
N GLN I 1691 81.32 -54.59 -54.52
CA GLN I 1691 81.28 -53.69 -55.64
C GLN I 1691 80.68 -54.35 -56.87
N ALA I 1692 80.50 -55.67 -56.86
CA ALA I 1692 80.05 -56.42 -58.02
C ALA I 1692 78.61 -56.91 -57.92
N GLN I 1693 78.22 -57.57 -56.82
CA GLN I 1693 76.88 -58.13 -56.79
C GLN I 1693 75.78 -57.06 -56.73
N LEU I 1694 76.11 -55.85 -56.27
CA LEU I 1694 75.18 -54.74 -56.49
C LEU I 1694 74.93 -54.53 -57.97
N LEU I 1695 75.99 -54.43 -58.77
CA LEU I 1695 75.83 -54.36 -60.21
C LEU I 1695 75.26 -55.65 -60.79
N HIS I 1696 75.32 -56.74 -60.05
CA HIS I 1696 74.70 -57.99 -60.47
C HIS I 1696 73.27 -58.11 -59.97
N ALA I 1697 72.89 -57.35 -58.95
CA ALA I 1697 71.52 -57.37 -58.45
C ALA I 1697 70.55 -56.67 -59.41
N LEU I 1698 71.05 -55.83 -60.31
CA LEU I 1698 70.18 -55.11 -61.22
C LEU I 1698 69.44 -56.08 -62.15
N GLU I 1699 70.18 -56.84 -62.96
CA GLU I 1699 69.55 -57.68 -63.96
C GLU I 1699 68.80 -58.86 -63.34
N ASP I 1700 69.04 -59.17 -62.07
CA ASP I 1700 68.38 -60.31 -61.45
C ASP I 1700 66.88 -60.05 -61.33
N ALA I 1701 66.09 -61.09 -61.58
CA ALA I 1701 64.63 -60.97 -61.65
C ALA I 1701 63.90 -61.66 -60.52
N HIS I 1702 64.35 -62.85 -60.10
CA HIS I 1702 63.71 -63.54 -58.98
C HIS I 1702 64.00 -62.77 -57.70
N LEU I 1703 62.95 -62.21 -57.09
CA LEU I 1703 63.16 -61.22 -56.05
C LEU I 1703 62.15 -61.35 -54.92
N PRO I 1704 62.61 -61.52 -53.68
CA PRO I 1704 61.68 -61.65 -52.54
C PRO I 1704 60.86 -60.40 -52.22
N GLY I 1705 61.25 -59.22 -52.72
CA GLY I 1705 60.53 -58.01 -52.41
C GLY I 1705 61.29 -57.05 -51.51
N PRO I 1706 60.88 -56.96 -50.23
CA PRO I 1706 61.55 -56.02 -49.31
C PRO I 1706 63.05 -56.21 -49.21
N LEU I 1707 63.56 -57.35 -49.69
CA LEU I 1707 64.97 -57.65 -49.84
C LEU I 1707 65.44 -56.96 -51.11
N ARG I 1708 66.41 -57.55 -51.82
CA ARG I 1708 67.25 -56.94 -52.85
C ARG I 1708 66.66 -55.73 -53.57
N ALA I 1709 65.36 -55.73 -53.86
CA ALA I 1709 64.72 -54.49 -54.30
C ALA I 1709 65.07 -53.33 -53.38
N GLY I 1710 65.43 -53.62 -52.11
CA GLY I 1710 65.96 -52.61 -51.22
C GLY I 1710 67.43 -52.31 -51.42
N TYR I 1711 68.17 -53.16 -52.13
CA TYR I 1711 69.56 -52.84 -52.46
C TYR I 1711 69.67 -51.60 -53.33
N TYR I 1712 68.67 -51.36 -54.19
CA TYR I 1712 68.69 -50.16 -55.01
C TYR I 1712 68.78 -48.91 -54.16
N ASP I 1713 68.24 -48.95 -52.94
CA ASP I 1713 68.36 -47.84 -52.01
C ASP I 1713 69.69 -47.82 -51.28
N LEU I 1714 70.51 -48.85 -51.44
CA LEU I 1714 71.87 -48.85 -50.91
C LEU I 1714 72.89 -48.46 -51.97
N LEU I 1715 72.67 -48.88 -53.22
CA LEU I 1715 73.50 -48.43 -54.32
C LEU I 1715 73.41 -46.92 -54.51
N ILE I 1716 72.28 -46.33 -54.12
CA ILE I 1716 72.03 -44.90 -54.34
C ILE I 1716 72.54 -44.12 -53.14
N SER I 1717 73.08 -44.83 -52.15
CA SER I 1717 73.48 -44.18 -50.91
C SER I 1717 74.99 -44.22 -50.64
N ILE I 1718 75.74 -45.09 -51.32
CA ILE I 1718 77.17 -45.19 -51.10
C ILE I 1718 77.96 -44.64 -52.29
N HIS I 1719 77.28 -44.28 -53.37
CA HIS I 1719 77.95 -43.73 -54.53
C HIS I 1719 77.42 -42.38 -54.95
N LEU I 1720 76.18 -42.04 -54.63
CA LEU I 1720 75.58 -40.77 -55.00
C LEU I 1720 75.09 -40.03 -53.75
N GLU I 1721 74.34 -38.96 -53.99
CA GLU I 1721 73.87 -37.96 -53.02
C GLU I 1721 75.03 -37.36 -52.24
N SER I 1722 76.26 -37.64 -52.66
CA SER I 1722 77.41 -36.86 -52.22
C SER I 1722 77.55 -35.59 -53.05
N ALA I 1723 76.88 -35.52 -54.20
CA ALA I 1723 76.87 -34.35 -55.06
C ALA I 1723 75.45 -33.95 -55.37
N CYS I 1724 74.53 -34.92 -55.43
CA CYS I 1724 73.12 -34.60 -55.62
C CYS I 1724 72.62 -33.73 -54.48
N ARG I 1725 72.99 -34.06 -53.25
CA ARG I 1725 72.61 -33.24 -52.11
C ARG I 1725 73.20 -31.83 -52.20
N SER I 1726 74.29 -31.66 -52.93
CA SER I 1726 74.88 -30.35 -53.16
C SER I 1726 74.43 -29.71 -54.47
N ARG I 1727 74.43 -30.49 -55.56
CA ARG I 1727 74.03 -29.94 -56.86
C ARG I 1727 72.56 -29.56 -56.90
N ARG I 1728 71.71 -30.13 -56.04
CA ARG I 1728 70.31 -29.72 -55.98
C ARG I 1728 70.20 -28.28 -55.49
N SER I 1729 71.01 -27.90 -54.50
CA SER I 1729 71.05 -26.51 -54.05
C SER I 1729 71.57 -25.59 -55.15
N MET I 1730 72.41 -26.10 -56.05
CA MET I 1730 72.98 -25.33 -57.14
C MET I 1730 71.98 -25.01 -58.25
N LEU I 1731 70.79 -25.60 -58.22
CA LEU I 1731 69.85 -25.49 -59.33
C LEU I 1731 68.99 -24.24 -59.27
N SER I 1732 69.09 -23.44 -58.21
CA SER I 1732 68.19 -22.28 -58.07
C SER I 1732 68.76 -21.02 -58.69
N GLU I 1733 70.05 -20.75 -58.51
CA GLU I 1733 70.69 -19.57 -59.09
C GLU I 1733 71.21 -19.89 -60.49
N TYR I 1734 71.20 -18.88 -61.35
CA TYR I 1734 71.43 -19.04 -62.79
C TYR I 1734 72.55 -18.11 -63.28
N ILE I 1735 73.71 -18.16 -62.62
CA ILE I 1735 74.84 -17.35 -63.06
C ILE I 1735 75.22 -17.74 -64.48
N VAL I 1736 75.40 -16.74 -65.34
CA VAL I 1736 75.77 -16.98 -66.74
C VAL I 1736 76.92 -16.07 -67.15
N PRO I 1737 77.96 -16.58 -67.81
CA PRO I 1737 79.07 -15.74 -68.24
C PRO I 1737 78.94 -15.29 -69.69
N LEU I 1738 79.73 -14.27 -70.02
CA LEU I 1738 79.81 -13.76 -71.39
C LEU I 1738 80.62 -14.73 -72.25
N THR I 1739 79.95 -15.51 -73.08
CA THR I 1739 80.64 -16.47 -73.92
C THR I 1739 80.18 -16.35 -75.35
N PRO I 1740 81.04 -16.69 -76.32
CA PRO I 1740 80.59 -16.72 -77.73
C PRO I 1740 79.43 -17.68 -77.96
N GLU I 1741 79.39 -18.79 -77.24
CA GLU I 1741 78.27 -19.72 -77.39
C GLU I 1741 76.96 -19.07 -76.96
N THR I 1742 76.99 -18.28 -75.87
CA THR I 1742 75.80 -17.59 -75.40
C THR I 1742 75.26 -16.59 -76.42
N ARG I 1743 76.11 -16.11 -77.33
CA ARG I 1743 75.70 -15.06 -78.27
C ARG I 1743 74.66 -15.54 -79.27
N ALA I 1744 74.40 -16.84 -79.36
CA ALA I 1744 73.43 -17.39 -80.31
C ALA I 1744 72.49 -18.31 -79.55
N ILE I 1745 71.41 -17.74 -79.02
CA ILE I 1745 70.36 -18.50 -78.33
C ILE I 1745 69.02 -17.83 -78.64
N THR I 1746 68.05 -18.63 -79.08
CA THR I 1746 66.75 -18.10 -79.46
C THR I 1746 65.73 -19.24 -79.36
N LEU I 1747 64.54 -19.00 -79.91
CA LEU I 1747 63.46 -19.98 -79.89
C LEU I 1747 63.50 -20.81 -81.18
N PHE I 1748 64.43 -21.77 -81.19
CA PHE I 1748 64.62 -22.74 -82.26
C PHE I 1748 64.73 -22.00 -83.60
N PRO I 1749 65.85 -21.36 -83.88
CA PRO I 1749 65.96 -20.52 -85.09
C PRO I 1749 66.14 -21.31 -86.39
N PRO I 1750 66.22 -22.64 -86.37
CA PRO I 1750 65.95 -23.38 -87.61
C PRO I 1750 64.47 -23.53 -87.94
N GLY I 1751 63.59 -22.81 -87.25
CA GLY I 1751 62.18 -22.86 -87.59
C GLY I 1751 61.87 -22.03 -88.82
N ARG I 1752 60.92 -22.49 -89.61
CA ARG I 1752 60.52 -21.86 -90.86
C ARG I 1752 59.08 -21.38 -90.73
N LYS I 1753 58.89 -20.06 -90.65
CA LYS I 1753 57.57 -19.45 -90.59
C LYS I 1753 56.77 -19.97 -89.40
N GLY I 1754 56.15 -21.14 -89.57
CA GLY I 1754 55.40 -21.75 -88.48
C GLY I 1754 56.27 -22.07 -87.28
N GLY I 1755 57.54 -22.39 -87.52
CA GLY I 1755 58.46 -22.68 -86.43
C GLY I 1755 58.72 -21.50 -85.52
N ASN I 1756 58.43 -20.29 -85.98
CA ASN I 1756 58.54 -19.13 -85.09
C ASN I 1756 57.49 -19.17 -84.00
N ALA I 1757 56.25 -19.53 -84.35
CA ALA I 1757 55.15 -19.59 -83.40
C ALA I 1757 54.85 -21.02 -82.94
N ARG I 1758 55.70 -21.97 -83.28
CA ARG I 1758 55.52 -23.37 -82.88
C ARG I 1758 56.90 -23.98 -82.71
N ARG I 1759 56.96 -25.31 -82.64
CA ARG I 1759 58.22 -26.05 -82.54
C ARG I 1759 59.03 -25.58 -81.34
N HIS I 1760 58.46 -25.83 -80.16
CA HIS I 1760 59.07 -25.40 -78.91
C HIS I 1760 60.44 -26.01 -78.68
N GLY I 1761 60.74 -27.13 -79.34
CA GLY I 1761 61.99 -27.82 -79.10
C GLY I 1761 61.88 -28.78 -77.92
N LEU I 1762 62.52 -29.93 -78.03
CA LEU I 1762 62.44 -30.93 -76.97
C LEU I 1762 63.05 -30.37 -75.69
N PRO I 1763 62.37 -30.49 -74.55
CA PRO I 1763 62.90 -29.90 -73.31
C PRO I 1763 64.21 -30.53 -72.88
N GLY I 1764 65.30 -29.79 -73.03
CA GLY I 1764 66.62 -30.26 -72.67
C GLY I 1764 67.35 -30.85 -73.85
N VAL I 1765 68.28 -30.08 -74.43
CA VAL I 1765 69.09 -30.57 -75.53
C VAL I 1765 70.57 -30.36 -75.20
N GLY I 1766 70.92 -29.19 -74.70
CA GLY I 1766 72.30 -28.86 -74.41
C GLY I 1766 72.48 -27.35 -74.38
N VAL I 1767 73.75 -26.95 -74.59
CA VAL I 1767 74.21 -25.56 -74.54
C VAL I 1767 73.48 -24.76 -73.45
N THR I 1768 74.04 -24.78 -72.25
CA THR I 1768 73.46 -24.07 -71.11
C THR I 1768 74.39 -23.03 -70.51
N THR I 1769 75.71 -23.24 -70.56
CA THR I 1769 76.73 -22.30 -70.12
C THR I 1769 76.59 -21.90 -68.65
N SER I 1770 75.77 -22.61 -67.87
CA SER I 1770 75.65 -22.29 -66.46
C SER I 1770 76.88 -22.79 -65.71
N LEU I 1771 77.14 -22.15 -64.57
CA LEU I 1771 78.31 -22.46 -63.75
C LEU I 1771 77.91 -23.45 -62.65
N ARG I 1772 78.47 -24.66 -62.73
CA ARG I 1772 78.20 -25.70 -61.74
C ARG I 1772 79.49 -26.42 -61.41
N PRO I 1773 79.72 -26.75 -60.13
CA PRO I 1773 80.95 -27.45 -59.76
C PRO I 1773 80.94 -28.86 -60.31
N PRO I 1774 82.11 -29.41 -60.64
CA PRO I 1774 82.18 -30.79 -61.13
C PRO I 1774 82.28 -31.81 -60.01
N HIS I 1775 81.76 -33.00 -60.29
CA HIS I 1775 81.79 -34.08 -59.31
C HIS I 1775 83.21 -34.62 -59.15
N HIS I 1776 83.57 -34.95 -57.92
CA HIS I 1776 84.88 -35.52 -57.60
C HIS I 1776 84.70 -36.88 -56.95
N PHE I 1777 85.46 -37.86 -57.41
CA PHE I 1777 85.32 -39.24 -56.96
C PHE I 1777 86.70 -39.87 -56.83
N SER I 1778 86.82 -40.82 -55.91
CA SER I 1778 88.08 -41.52 -55.67
C SER I 1778 87.85 -43.02 -55.64
N PRO I 1779 88.84 -43.80 -56.08
CA PRO I 1779 88.68 -45.25 -56.08
C PRO I 1779 89.09 -45.85 -54.75
N PRO I 1780 88.39 -46.89 -54.28
CA PRO I 1780 88.76 -47.50 -53.01
C PRO I 1780 89.99 -48.38 -53.15
N CYS I 1781 90.88 -48.29 -52.16
CA CYS I 1781 92.10 -49.10 -52.12
C CYS I 1781 92.51 -49.24 -50.66
N PHE I 1782 92.42 -50.46 -50.13
CA PHE I 1782 92.69 -50.72 -48.73
C PHE I 1782 94.11 -51.23 -48.48
N VAL I 1783 94.91 -51.38 -49.53
CA VAL I 1783 96.32 -51.70 -49.38
C VAL I 1783 97.20 -50.47 -49.41
N ALA I 1784 96.62 -49.28 -49.53
CA ALA I 1784 97.39 -48.05 -49.54
C ALA I 1784 98.03 -47.82 -48.18
N ALA I 1785 99.09 -47.02 -48.19
CA ALA I 1785 99.82 -46.73 -46.97
C ALA I 1785 98.96 -45.97 -45.98
N LEU I 1786 99.27 -46.13 -44.70
CA LEU I 1786 98.51 -45.49 -43.64
C LEU I 1786 98.62 -43.98 -43.77
N PRO I 1787 97.51 -43.25 -43.88
CA PRO I 1787 97.60 -41.79 -44.07
C PRO I 1787 98.22 -41.06 -42.88
N ALA I 1788 97.65 -41.25 -41.70
CA ALA I 1788 98.12 -40.56 -40.50
C ALA I 1788 97.59 -41.24 -39.24
N GLU I 1793 93.43 -34.22 -45.23
CA GLU I 1793 93.33 -33.51 -46.49
C GLU I 1793 91.88 -33.33 -46.92
N ALA I 1794 91.40 -34.22 -47.79
CA ALA I 1794 90.00 -34.22 -48.18
C ALA I 1794 89.13 -34.52 -46.96
N PRO I 1795 87.88 -34.03 -46.93
CA PRO I 1795 87.09 -34.19 -45.71
C PRO I 1795 86.70 -35.65 -45.49
N ALA I 1796 87.52 -36.30 -44.66
CA ALA I 1796 87.41 -37.68 -44.18
C ALA I 1796 87.58 -38.69 -45.32
N ARG I 1797 87.29 -38.26 -46.55
CA ARG I 1797 87.89 -38.64 -47.84
C ARG I 1797 87.02 -38.01 -48.93
N LEU I 1798 87.39 -38.13 -50.20
CA LEU I 1798 86.67 -37.41 -51.22
C LEU I 1798 85.32 -38.06 -51.54
N SER I 1799 85.32 -39.28 -52.09
CA SER I 1799 84.11 -40.03 -52.41
C SER I 1799 84.46 -41.40 -52.99
N PRO I 1800 83.58 -42.39 -52.85
CA PRO I 1800 83.76 -43.66 -53.58
C PRO I 1800 83.51 -43.45 -55.08
N ALA I 1801 84.07 -44.36 -55.87
CA ALA I 1801 83.94 -44.30 -57.32
C ALA I 1801 83.06 -45.45 -57.82
N ILE I 1802 82.71 -45.37 -59.10
CA ILE I 1802 81.89 -46.36 -59.77
C ILE I 1802 81.93 -46.10 -61.27
N PRO I 1803 81.87 -47.13 -62.11
CA PRO I 1803 81.83 -46.91 -63.56
C PRO I 1803 80.52 -46.31 -64.05
N LEU I 1804 80.43 -44.98 -64.09
CA LEU I 1804 79.21 -44.32 -64.55
C LEU I 1804 78.80 -44.76 -65.96
N GLU I 1805 79.78 -45.10 -66.80
CA GLU I 1805 79.46 -45.48 -68.17
C GLU I 1805 78.59 -46.73 -68.23
N ALA I 1806 78.91 -47.73 -67.41
CA ALA I 1806 78.12 -48.96 -67.39
C ALA I 1806 76.72 -48.71 -66.85
N LEU I 1807 76.61 -47.88 -65.81
CA LEU I 1807 75.31 -47.65 -65.17
C LEU I 1807 74.33 -47.01 -66.13
N ARG I 1808 74.78 -46.02 -66.91
CA ARG I 1808 73.88 -45.28 -67.78
C ARG I 1808 73.24 -46.19 -68.83
N ASP I 1809 74.07 -46.97 -69.53
CA ASP I 1809 73.53 -47.86 -70.55
C ASP I 1809 72.66 -48.95 -69.94
N LYS I 1810 73.10 -49.53 -68.82
CA LYS I 1810 72.38 -50.63 -68.21
C LYS I 1810 71.00 -50.18 -67.71
N ALA I 1811 70.93 -49.01 -67.09
CA ALA I 1811 69.67 -48.54 -66.53
C ALA I 1811 68.61 -48.36 -67.61
N LEU I 1812 68.98 -47.70 -68.72
CA LEU I 1812 68.02 -47.48 -69.79
C LEU I 1812 67.58 -48.78 -70.43
N ARG I 1813 68.53 -49.70 -70.67
CA ARG I 1813 68.18 -51.00 -71.22
C ARG I 1813 67.24 -51.75 -70.29
N MET I 1814 67.51 -51.67 -68.98
CA MET I 1814 66.64 -52.29 -68.00
C MET I 1814 65.22 -51.72 -68.07
N LEU I 1815 65.11 -50.39 -68.17
CA LEU I 1815 63.80 -49.77 -68.26
C LEU I 1815 63.13 -50.06 -69.60
N GLY I 1816 63.92 -50.35 -70.64
CA GLY I 1816 63.34 -50.76 -71.90
C GLY I 1816 62.53 -52.04 -71.78
N GLU I 1817 62.99 -52.98 -70.95
CA GLU I 1817 62.21 -54.18 -70.68
C GLU I 1817 60.92 -53.83 -69.95
N ALA I 1818 60.98 -52.86 -69.03
CA ALA I 1818 59.83 -52.56 -68.17
C ALA I 1818 58.61 -52.17 -68.97
N VAL I 1819 58.76 -51.25 -69.93
CA VAL I 1819 57.61 -50.79 -70.71
C VAL I 1819 57.04 -51.92 -71.55
N ARG I 1820 57.89 -52.73 -72.16
CA ARG I 1820 57.41 -53.84 -72.97
C ARG I 1820 56.76 -54.91 -72.11
N ASP I 1821 57.35 -55.21 -70.95
CA ASP I 1821 56.79 -56.24 -70.07
C ASP I 1821 55.48 -55.80 -69.46
N GLY I 1822 55.35 -54.51 -69.13
CA GLY I 1822 54.12 -54.03 -68.52
C GLY I 1822 52.92 -54.19 -69.43
N GLY I 1823 53.07 -53.87 -70.71
CA GLY I 1823 51.99 -54.06 -71.66
C GLY I 1823 51.62 -55.52 -71.88
N GLN I 1824 52.61 -56.41 -71.84
CA GLN I 1824 52.35 -57.82 -72.07
C GLN I 1824 51.52 -58.44 -70.96
N HIS I 1825 51.63 -57.92 -69.74
CA HIS I 1825 50.85 -58.35 -68.58
C HIS I 1825 51.28 -59.74 -68.11
N ALA I 1826 51.23 -59.98 -66.80
CA ALA I 1826 51.60 -61.27 -66.24
C ALA I 1826 50.98 -61.40 -64.86
N ARG I 1827 50.93 -62.63 -64.37
CA ARG I 1827 50.42 -62.89 -63.02
C ARG I 1827 51.52 -62.94 -61.98
N ASP I 1828 52.76 -62.64 -62.36
CA ASP I 1828 53.88 -62.63 -61.40
C ASP I 1828 54.91 -61.62 -61.89
N PRO I 1829 54.73 -60.35 -61.58
CA PRO I 1829 55.69 -59.33 -62.02
C PRO I 1829 57.00 -59.43 -61.25
N VAL I 1830 58.03 -58.79 -61.81
CA VAL I 1830 59.34 -58.79 -61.17
C VAL I 1830 59.24 -58.13 -59.81
N GLY I 1831 59.69 -58.85 -58.78
CA GLY I 1831 59.65 -58.37 -57.42
C GLY I 1831 58.43 -58.78 -56.64
N GLY I 1832 57.34 -59.16 -57.33
CA GLY I 1832 56.15 -59.63 -56.64
C GLY I 1832 54.88 -58.89 -56.99
N SER I 1833 54.94 -57.56 -57.11
CA SER I 1833 53.74 -56.78 -57.41
C SER I 1833 54.17 -55.48 -58.09
N VAL I 1834 54.04 -55.45 -59.42
CA VAL I 1834 54.23 -54.31 -60.32
C VAL I 1834 55.10 -53.18 -59.75
N GLU I 1835 54.72 -52.63 -58.59
CA GLU I 1835 55.38 -51.43 -58.10
C GLU I 1835 56.81 -51.69 -57.67
N PHE I 1836 57.09 -52.86 -57.07
CA PHE I 1836 58.48 -53.26 -56.93
C PHE I 1836 59.21 -53.38 -58.25
N GLN I 1837 58.50 -53.54 -59.36
CA GLN I 1837 59.17 -53.62 -60.65
C GLN I 1837 59.40 -52.24 -61.26
N PHE I 1838 58.78 -51.20 -60.70
CA PHE I 1838 58.91 -49.85 -61.23
C PHE I 1838 59.62 -48.88 -60.28
N VAL I 1839 59.17 -48.76 -59.02
CA VAL I 1839 59.65 -47.66 -58.18
C VAL I 1839 61.14 -47.71 -57.91
N PRO I 1840 61.77 -48.85 -57.59
CA PRO I 1840 63.20 -48.77 -57.26
C PRO I 1840 64.08 -48.51 -58.47
N VAL I 1841 63.65 -48.89 -59.67
CA VAL I 1841 64.50 -48.78 -60.86
C VAL I 1841 64.44 -47.38 -61.46
N LEU I 1842 63.26 -46.76 -61.55
CA LEU I 1842 63.19 -45.42 -62.10
C LEU I 1842 63.57 -44.35 -61.09
N LYS I 1843 63.59 -44.68 -59.80
CA LYS I 1843 64.16 -43.76 -58.82
C LYS I 1843 65.65 -43.56 -59.07
N LEU I 1844 66.34 -44.63 -59.45
CA LEU I 1844 67.74 -44.51 -59.84
C LEU I 1844 67.89 -43.62 -61.06
N VAL I 1845 66.95 -43.71 -62.01
CA VAL I 1845 67.00 -42.88 -63.20
C VAL I 1845 66.92 -41.41 -62.84
N SER I 1846 66.03 -41.07 -61.90
CA SER I 1846 65.85 -39.68 -61.52
C SER I 1846 67.11 -39.10 -60.90
N THR I 1847 67.77 -39.86 -60.02
CA THR I 1847 68.97 -39.35 -59.36
C THR I 1847 70.11 -39.14 -60.35
N LEU I 1848 70.28 -40.05 -61.29
CA LEU I 1848 71.30 -39.86 -62.32
C LEU I 1848 70.96 -38.73 -63.27
N LEU I 1849 69.67 -38.35 -63.35
CA LEU I 1849 69.26 -37.34 -64.31
C LEU I 1849 69.65 -35.94 -63.85
N VAL I 1850 69.56 -35.66 -62.54
CA VAL I 1850 69.89 -34.32 -62.06
C VAL I 1850 71.37 -34.03 -62.23
N MET I 1851 72.24 -35.03 -62.05
CA MET I 1851 73.66 -34.84 -62.32
C MET I 1851 73.96 -34.63 -63.79
N GLY I 1852 73.01 -34.89 -64.67
CA GLY I 1852 73.25 -34.75 -66.10
C GLY I 1852 74.25 -35.72 -66.67
N ILE I 1853 74.27 -36.95 -66.17
CA ILE I 1853 75.13 -37.97 -66.77
C ILE I 1853 74.68 -38.26 -68.19
N PHE I 1854 73.37 -38.30 -68.41
CA PHE I 1854 72.84 -38.46 -69.77
C PHE I 1854 73.11 -37.20 -70.60
N GLY I 1855 73.37 -37.41 -71.89
CA GLY I 1855 73.67 -36.30 -72.77
C GLY I 1855 73.06 -36.39 -74.14
N ASP I 1856 72.32 -35.35 -74.55
CA ASP I 1856 71.74 -35.21 -75.88
C ASP I 1856 71.00 -36.46 -76.34
N GLU I 1857 71.75 -37.45 -76.83
CA GLU I 1857 71.13 -38.66 -77.38
C GLU I 1857 70.35 -39.41 -76.31
N ASP I 1858 70.90 -39.50 -75.09
CA ASP I 1858 70.31 -40.34 -74.06
C ASP I 1858 68.94 -39.83 -73.65
N VAL I 1859 68.84 -38.52 -73.38
CA VAL I 1859 67.55 -37.95 -72.96
C VAL I 1859 66.53 -38.00 -74.08
N LYS I 1860 67.00 -38.00 -75.34
CA LYS I 1860 66.06 -38.11 -76.45
C LYS I 1860 65.40 -39.50 -76.50
N GLN I 1861 65.93 -40.48 -75.77
CA GLN I 1861 65.29 -41.77 -75.65
C GLN I 1861 64.37 -41.87 -74.44
N ILE I 1862 64.73 -41.27 -73.30
CA ILE I 1862 63.85 -41.30 -72.14
C ILE I 1862 62.54 -40.59 -72.47
N LEU I 1863 62.59 -39.57 -73.33
CA LEU I 1863 61.36 -38.96 -73.83
C LEU I 1863 60.59 -39.92 -74.73
N LYS I 1864 61.28 -40.81 -75.44
CA LYS I 1864 60.61 -41.78 -76.29
C LYS I 1864 59.80 -42.80 -75.50
N MET I 1865 59.98 -42.86 -74.18
CA MET I 1865 59.11 -43.67 -73.35
C MET I 1865 57.72 -43.06 -73.18
N ILE I 1866 57.51 -41.83 -73.63
CA ILE I 1866 56.19 -41.21 -73.71
C ILE I 1866 56.02 -40.76 -75.16
N GLU I 1867 56.54 -41.57 -76.10
CA GLU I 1867 56.73 -41.29 -77.52
C GLU I 1867 55.62 -40.48 -78.22
N PRO I 1868 54.35 -40.91 -78.17
CA PRO I 1868 53.38 -40.35 -79.12
C PRO I 1868 53.27 -38.84 -79.14
N GLU I 1869 53.42 -38.17 -78.00
CA GLU I 1869 53.28 -36.72 -77.95
C GLU I 1869 54.63 -36.00 -78.06
N VAL I 1870 55.54 -36.27 -77.11
CA VAL I 1870 56.78 -35.51 -77.05
C VAL I 1870 57.72 -35.89 -78.20
N PHE I 1871 57.78 -37.16 -78.55
CA PHE I 1871 58.73 -37.63 -79.57
C PHE I 1871 58.19 -37.32 -80.96
N THR I 1872 58.83 -37.90 -81.97
CA THR I 1872 58.47 -37.68 -83.38
C THR I 1872 58.58 -36.20 -83.74
N GLU I 1873 59.73 -35.60 -83.41
CA GLU I 1873 59.97 -34.22 -83.78
C GLU I 1873 60.02 -34.04 -85.28
N GLU I 1874 60.66 -34.96 -85.99
CA GLU I 1874 60.76 -34.89 -87.45
C GLU I 1874 59.46 -35.34 -88.09
N LEU I 1922 51.73 -50.30 -80.08
CA LEU I 1922 53.12 -50.71 -80.03
C LEU I 1922 53.78 -50.27 -78.72
N GLU I 1923 54.77 -49.38 -78.83
CA GLU I 1923 55.49 -48.87 -77.67
C GLU I 1923 54.66 -47.77 -77.01
N GLU I 1924 53.63 -48.20 -76.29
CA GLU I 1924 52.75 -47.26 -75.60
C GLU I 1924 53.53 -46.49 -74.54
N GLY I 1925 53.16 -45.23 -74.36
CA GLY I 1925 53.86 -44.38 -73.42
C GLY I 1925 53.63 -44.80 -71.97
N LEU I 1926 54.54 -44.34 -71.12
CA LEU I 1926 54.41 -44.60 -69.69
C LEU I 1926 53.16 -43.96 -69.12
N LEU I 1927 52.72 -42.85 -69.71
CA LEU I 1927 51.51 -42.15 -69.25
C LEU I 1927 50.28 -42.62 -70.01
N GLN I 1928 50.09 -43.94 -70.11
CA GLN I 1928 48.97 -44.49 -70.86
C GLN I 1928 48.18 -45.51 -70.04
N MET I 1929 48.86 -46.22 -69.14
CA MET I 1929 48.26 -47.32 -68.40
C MET I 1929 48.00 -46.93 -66.96
N LYS I 1930 47.12 -47.68 -66.32
CA LYS I 1930 46.81 -47.46 -64.91
C LYS I 1930 47.97 -47.90 -64.04
N LEU I 1931 48.27 -47.10 -63.02
CA LEU I 1931 49.40 -47.34 -62.14
C LEU I 1931 48.98 -47.20 -60.69
N PRO I 1932 49.66 -47.87 -59.77
CA PRO I 1932 49.35 -47.71 -58.35
C PRO I 1932 49.70 -46.32 -57.85
N GLU I 1933 49.33 -46.06 -56.60
CA GLU I 1933 49.44 -44.73 -56.02
C GLU I 1933 50.83 -44.41 -55.47
N SER I 1934 51.85 -45.15 -55.89
CA SER I 1934 53.23 -44.87 -55.48
C SER I 1934 54.11 -44.46 -56.64
N VAL I 1935 54.04 -45.19 -57.76
CA VAL I 1935 54.84 -44.83 -58.93
C VAL I 1935 54.38 -43.50 -59.52
N LYS I 1936 53.10 -43.16 -59.37
CA LYS I 1936 52.62 -41.87 -59.85
C LYS I 1936 53.36 -40.73 -59.18
N LEU I 1937 53.69 -40.88 -57.89
CA LEU I 1937 54.47 -39.86 -57.19
C LEU I 1937 55.83 -39.69 -57.84
N GLN I 1938 56.49 -40.80 -58.17
CA GLN I 1938 57.81 -40.73 -58.78
C GLN I 1938 57.76 -40.07 -60.15
N MET I 1939 56.70 -40.34 -60.92
CA MET I 1939 56.54 -39.66 -62.20
C MET I 1939 56.53 -38.15 -62.04
N CYS I 1940 55.87 -37.66 -60.98
CA CYS I 1940 55.92 -36.23 -60.69
C CYS I 1940 57.34 -35.77 -60.40
N ASN I 1941 58.11 -36.56 -59.65
CA ASN I 1941 59.50 -36.22 -59.38
C ASN I 1941 60.32 -36.20 -60.67
N LEU I 1942 59.90 -36.95 -61.68
CA LEU I 1942 60.61 -36.95 -62.96
C LEU I 1942 60.18 -35.78 -63.83
N LEU I 1943 58.87 -35.52 -63.90
CA LEU I 1943 58.38 -34.40 -64.69
C LEU I 1943 58.83 -33.07 -64.11
N GLU I 1944 59.02 -32.99 -62.79
CA GLU I 1944 59.44 -31.74 -62.17
C GLU I 1944 60.81 -31.29 -62.64
N TYR I 1945 61.71 -32.25 -62.90
CA TYR I 1945 63.06 -31.89 -63.36
C TYR I 1945 63.03 -31.21 -64.72
N PHE I 1946 61.96 -31.42 -65.50
CA PHE I 1946 61.95 -30.87 -66.85
C PHE I 1946 61.40 -29.44 -66.88
N CYS I 1947 60.61 -29.04 -65.88
CA CYS I 1947 60.07 -27.69 -65.87
C CYS I 1947 61.17 -26.65 -65.77
N ASP I 1948 62.05 -26.79 -64.77
CA ASP I 1948 63.13 -25.82 -64.60
C ASP I 1948 64.18 -25.92 -65.71
N GLN I 1949 64.28 -27.05 -66.39
CA GLN I 1949 65.15 -27.10 -67.58
C GLN I 1949 64.67 -26.12 -68.63
N GLU I 1950 63.36 -26.02 -68.84
CA GLU I 1950 62.84 -24.96 -69.70
C GLU I 1950 63.09 -23.58 -69.07
N LEU I 1951 62.91 -23.48 -67.75
CA LEU I 1951 63.19 -22.21 -67.08
C LEU I 1951 64.65 -21.82 -67.22
N GLN I 1952 65.55 -22.78 -67.03
CA GLN I 1952 66.97 -22.49 -67.23
C GLN I 1952 67.24 -22.08 -68.68
N HIS I 1953 66.53 -22.68 -69.64
CA HIS I 1953 66.63 -22.24 -71.02
C HIS I 1953 66.05 -20.84 -71.19
N ARG I 1954 65.03 -20.50 -70.41
CA ARG I 1954 64.36 -19.20 -70.56
C ARG I 1954 65.28 -18.05 -70.21
N VAL I 1955 65.93 -18.12 -69.04
CA VAL I 1955 66.75 -17.01 -68.58
C VAL I 1955 67.98 -16.82 -69.47
N GLU I 1956 68.50 -17.91 -70.04
CA GLU I 1956 69.64 -17.78 -70.94
C GLU I 1956 69.26 -17.00 -72.19
N SER I 1957 68.03 -17.18 -72.68
CA SER I 1957 67.57 -16.41 -73.82
C SER I 1957 67.54 -14.92 -73.49
N LEU I 1958 67.11 -14.56 -72.27
CA LEU I 1958 67.15 -13.16 -71.86
C LEU I 1958 68.57 -12.63 -71.81
N ALA I 1959 69.50 -13.43 -71.28
CA ALA I 1959 70.90 -13.01 -71.25
C ALA I 1959 71.42 -12.77 -72.66
N ALA I 1960 71.01 -13.61 -73.61
CA ALA I 1960 71.38 -13.40 -75.00
C ALA I 1960 70.87 -12.06 -75.52
N PHE I 1961 69.61 -11.73 -75.19
CA PHE I 1961 69.09 -10.41 -75.55
C PHE I 1961 69.68 -9.33 -74.67
N ALA I 1962 70.13 -9.67 -73.48
CA ALA I 1962 70.74 -8.71 -72.57
C ALA I 1962 72.18 -8.39 -72.96
N GLU I 1963 72.65 -8.91 -74.09
CA GLU I 1963 73.99 -8.67 -74.59
C GLU I 1963 74.03 -7.82 -75.85
N ARG I 1964 73.33 -8.21 -76.92
CA ARG I 1964 73.46 -7.45 -78.16
C ARG I 1964 72.69 -6.13 -78.10
N TYR I 1965 71.58 -6.08 -77.35
CA TYR I 1965 70.81 -4.85 -77.32
C TYR I 1965 71.47 -3.78 -76.46
N VAL I 1966 72.12 -4.18 -75.36
CA VAL I 1966 72.84 -3.21 -74.55
C VAL I 1966 74.09 -2.71 -75.29
N ASP I 1967 74.64 -3.51 -76.20
CA ASP I 1967 75.82 -3.09 -76.95
C ASP I 1967 75.51 -1.93 -77.87
N LYS I 1968 74.45 -2.05 -78.68
CA LYS I 1968 74.09 -0.96 -79.59
C LYS I 1968 73.61 0.25 -78.81
N LEU I 1969 72.97 0.04 -77.67
CA LEU I 1969 72.48 1.14 -76.86
C LEU I 1969 73.63 2.03 -76.40
N GLN I 1970 74.73 1.41 -75.96
CA GLN I 1970 75.90 2.18 -75.56
C GLN I 1970 76.53 2.89 -76.74
N ALA I 1971 76.60 2.21 -77.90
CA ALA I 1971 77.19 2.81 -79.09
C ALA I 1971 76.34 3.95 -79.62
N ASN I 1972 75.02 3.74 -79.70
CA ASN I 1972 74.12 4.78 -80.19
C ASN I 1972 74.07 5.97 -79.25
N GLN I 1973 74.28 5.74 -77.95
CA GLN I 1973 74.23 6.85 -77.00
C GLN I 1973 75.44 7.77 -77.18
N ARG I 1974 76.60 7.21 -77.53
CA ARG I 1974 77.75 8.04 -77.87
C ARG I 1974 77.47 8.90 -79.09
N SER I 1975 76.82 8.33 -80.11
CA SER I 1975 76.43 9.14 -81.26
C SER I 1975 75.50 10.26 -80.84
N ARG I 1976 74.63 9.99 -79.87
CA ARG I 1976 73.76 11.04 -79.33
C ARG I 1976 74.57 12.12 -78.61
N TYR I 1977 75.77 11.78 -78.12
CA TYR I 1977 76.62 12.76 -77.47
C TYR I 1977 77.14 13.79 -78.45
N ALA I 1978 77.91 13.34 -79.45
CA ALA I 1978 78.56 14.26 -80.38
C ALA I 1978 77.57 15.09 -81.17
N LEU I 1979 76.36 14.58 -81.37
CA LEU I 1979 75.31 15.38 -81.99
C LEU I 1979 74.96 16.60 -81.14
N LEU I 1980 74.94 16.44 -79.82
CA LEU I 1980 74.64 17.52 -78.90
C LEU I 1980 75.83 17.88 -78.01
N MET I 1981 77.03 17.44 -78.36
CA MET I 1981 78.24 17.79 -77.62
C MET I 1981 78.69 19.19 -77.99
N ARG I 1982 79.95 19.50 -77.66
CA ARG I 1982 80.57 20.80 -77.88
C ARG I 1982 80.16 21.44 -79.21
N ALA I 1983 80.01 20.63 -80.26
CA ALA I 1983 79.46 21.11 -81.52
C ALA I 1983 78.20 21.92 -81.28
N PHE I 1984 77.18 21.30 -80.69
CA PHE I 1984 75.97 21.97 -80.19
C PHE I 1984 75.36 22.85 -81.28
N THR I 1985 74.66 23.91 -80.87
CA THR I 1985 74.06 24.86 -81.80
C THR I 1985 73.62 26.12 -81.08
N MET I 1986 72.37 26.15 -80.63
CA MET I 1986 71.78 27.34 -80.03
C MET I 1986 70.57 26.91 -79.20
N SER I 1987 69.70 27.88 -78.90
CA SER I 1987 68.40 27.76 -78.23
C SER I 1987 68.50 27.65 -76.71
N ALA I 1988 69.70 27.63 -76.12
CA ALA I 1988 69.87 27.77 -74.69
C ALA I 1988 69.14 26.70 -73.89
N ALA I 1989 67.80 26.77 -73.89
CA ALA I 1989 66.99 25.84 -73.09
C ALA I 1989 67.20 24.39 -73.50
N GLU I 1990 67.73 24.13 -74.70
CA GLU I 1990 68.06 22.77 -75.09
C GLU I 1990 69.06 22.15 -74.13
N THR I 1991 69.94 22.96 -73.54
CA THR I 1991 70.87 22.44 -72.54
C THR I 1991 70.12 21.91 -71.32
N ALA I 1992 69.03 22.58 -70.93
CA ALA I 1992 68.22 22.09 -69.82
C ALA I 1992 67.58 20.76 -70.17
N ARG I 1993 67.14 20.60 -71.42
CA ARG I 1993 66.54 19.34 -71.83
C ARG I 1993 67.54 18.19 -71.75
N ARG I 1994 68.78 18.41 -72.16
CA ARG I 1994 69.82 17.37 -72.12
C ARG I 1994 70.45 17.39 -70.74
N THR I 1995 69.87 16.62 -69.84
CA THR I 1995 70.31 16.53 -68.45
C THR I 1995 70.61 15.11 -68.00
N ARG I 1996 69.83 14.12 -68.46
CA ARG I 1996 70.13 12.74 -68.14
C ARG I 1996 71.52 12.36 -68.63
N GLU I 1997 71.96 13.01 -69.70
CA GLU I 1997 73.15 12.58 -70.43
C GLU I 1997 74.43 12.82 -69.65
N PHE I 1998 74.40 13.71 -68.66
CA PHE I 1998 75.58 13.95 -67.83
C PHE I 1998 75.23 13.86 -66.34
N ARG I 1999 74.00 14.25 -65.98
CA ARG I 1999 73.54 14.18 -64.61
C ARG I 1999 72.79 12.87 -64.37
N SER I 2000 72.42 12.65 -63.10
CA SER I 2000 71.71 11.47 -62.62
C SER I 2000 72.63 10.25 -62.62
N PRO I 2001 72.44 9.33 -61.67
CA PRO I 2001 73.27 8.14 -61.65
C PRO I 2001 72.98 7.27 -62.87
N PRO I 2002 73.91 6.38 -63.23
CA PRO I 2002 73.72 5.57 -64.45
C PRO I 2002 72.43 4.77 -64.46
N GLN I 2003 72.00 4.24 -63.31
CA GLN I 2003 70.75 3.50 -63.27
C GLN I 2003 69.57 4.38 -63.63
N GLU I 2004 69.61 5.67 -63.24
CA GLU I 2004 68.53 6.58 -63.60
C GLU I 2004 68.44 6.77 -65.11
N GLN I 2005 69.59 6.81 -65.80
CA GLN I 2005 69.57 6.96 -67.24
C GLN I 2005 68.88 5.78 -67.92
N ILE I 2006 69.12 4.56 -67.43
CA ILE I 2006 68.48 3.39 -68.03
C ILE I 2006 66.97 3.51 -67.93
N ASN I 2007 66.46 3.99 -66.80
CA ASN I 2007 65.01 4.11 -66.64
C ASN I 2007 64.41 5.04 -67.69
N MET I 2008 65.06 6.17 -67.95
CA MET I 2008 64.53 7.14 -68.91
C MET I 2008 64.56 6.58 -70.32
N LEU I 2009 65.67 5.95 -70.71
CA LEU I 2009 65.80 5.45 -72.07
C LEU I 2009 65.05 4.15 -72.32
N LEU I 2010 64.68 3.43 -71.26
CA LEU I 2010 63.96 2.16 -71.42
C LEU I 2010 62.47 2.30 -71.21
N HIS I 2011 62.02 3.37 -70.56
CA HIS I 2011 60.61 3.57 -70.27
C HIS I 2011 59.77 3.53 -71.54
N PHE I 2012 60.11 4.37 -72.53
CA PHE I 2012 59.28 4.49 -73.72
C PHE I 2012 59.38 3.28 -74.64
N LYS I 2013 60.45 2.51 -74.56
CA LYS I 2013 60.67 1.40 -75.48
C LYS I 2013 59.53 0.38 -75.42
N ASP I 2014 59.33 -0.24 -74.25
CA ASP I 2014 58.27 -1.22 -74.08
C ASP I 2014 56.99 -0.62 -73.51
N GLU I 2015 56.87 0.71 -73.52
CA GLU I 2015 55.64 1.36 -73.08
C GLU I 2015 54.60 1.32 -74.19
N ALA I 2016 53.48 2.02 -73.96
CA ALA I 2016 52.39 2.08 -74.92
C ALA I 2016 52.03 3.53 -75.19
N ASP I 2017 51.68 3.82 -76.45
CA ASP I 2017 51.20 5.14 -76.86
C ASP I 2017 52.22 6.23 -76.60
N GLU I 2018 52.09 6.91 -75.45
CA GLU I 2018 52.91 8.08 -75.15
C GLU I 2018 54.39 7.71 -75.08
N GLU I 2019 55.23 8.54 -75.69
CA GLU I 2019 56.67 8.35 -75.67
C GLU I 2019 57.35 9.69 -75.42
N ASP I 2020 58.28 9.71 -74.48
CA ASP I 2020 59.01 10.92 -74.11
C ASP I 2020 60.50 10.67 -74.23
N CYS I 2021 61.22 11.65 -74.80
CA CYS I 2021 62.65 11.54 -75.05
C CYS I 2021 62.99 10.23 -75.77
N PRO I 2022 62.41 9.97 -76.93
CA PRO I 2022 62.46 8.64 -77.53
C PRO I 2022 63.82 8.35 -78.15
N LEU I 2023 63.96 7.13 -78.62
CA LEU I 2023 65.12 6.65 -79.36
C LEU I 2023 64.78 6.54 -80.84
N PRO I 2024 65.77 6.33 -81.70
CA PRO I 2024 65.46 6.12 -83.12
C PRO I 2024 64.52 4.95 -83.30
N GLU I 2025 63.59 5.09 -84.26
CA GLU I 2025 62.58 4.07 -84.49
C GLU I 2025 63.15 2.95 -85.35
N ASP I 2026 64.30 2.43 -84.96
CA ASP I 2026 64.94 1.28 -85.57
C ASP I 2026 65.32 0.23 -84.53
N ILE I 2027 65.76 0.66 -83.35
CA ILE I 2027 66.04 -0.27 -82.27
C ILE I 2027 64.85 -0.49 -81.34
N ARG I 2028 63.75 0.22 -81.56
CA ARG I 2028 62.54 0.04 -80.77
C ARG I 2028 61.56 -0.93 -81.42
N GLN I 2029 62.04 -1.74 -82.37
CA GLN I 2029 61.19 -2.73 -83.03
C GLN I 2029 61.46 -4.15 -82.59
N ASP I 2030 62.70 -4.47 -82.22
CA ASP I 2030 63.01 -5.83 -81.79
C ASP I 2030 62.37 -6.15 -80.44
N LEU I 2031 62.28 -5.16 -79.54
CA LEU I 2031 61.56 -5.38 -78.29
C LEU I 2031 60.11 -5.73 -78.56
N GLN I 2032 59.45 -4.96 -79.43
CA GLN I 2032 58.07 -5.28 -79.79
C GLN I 2032 57.95 -6.59 -80.53
N ASP I 2033 59.06 -7.15 -80.99
CA ASP I 2033 59.10 -8.52 -81.50
C ASP I 2033 59.58 -9.51 -80.44
N PHE I 2034 60.66 -9.21 -79.73
CA PHE I 2034 61.15 -10.09 -78.69
C PHE I 2034 60.15 -10.22 -77.54
N HIS I 2035 59.67 -9.09 -77.04
CA HIS I 2035 58.66 -9.14 -75.98
C HIS I 2035 57.37 -9.80 -76.49
N GLN I 2036 57.05 -9.59 -77.77
CA GLN I 2036 56.01 -10.40 -78.39
C GLN I 2036 56.42 -11.87 -78.46
N ASP I 2037 57.67 -12.14 -78.85
CA ASP I 2037 58.13 -13.51 -78.96
C ASP I 2037 58.11 -14.19 -77.59
N LEU I 2038 58.58 -13.49 -76.56
CA LEU I 2038 58.51 -14.04 -75.21
C LEU I 2038 57.07 -14.26 -74.78
N LEU I 2039 56.20 -13.28 -75.01
CA LEU I 2039 54.79 -13.48 -74.68
C LEU I 2039 54.04 -14.16 -75.82
N ALA I 2040 54.67 -15.19 -76.37
CA ALA I 2040 54.02 -16.22 -77.15
C ALA I 2040 54.50 -17.61 -76.78
N HIS I 2041 55.66 -17.72 -76.15
CA HIS I 2041 56.26 -19.00 -75.79
C HIS I 2041 55.68 -19.52 -74.47
N CYS I 2042 55.69 -18.70 -73.43
CA CYS I 2042 55.35 -19.17 -72.10
C CYS I 2042 53.90 -19.64 -71.97
N GLY I 2043 52.96 -18.70 -71.98
CA GLY I 2043 51.56 -19.08 -71.86
C GLY I 2043 50.57 -18.30 -72.71
N ILE I 2044 51.01 -17.19 -73.30
CA ILE I 2044 50.08 -16.21 -73.84
C ILE I 2044 49.41 -16.75 -75.10
N GLN I 2045 48.08 -16.65 -75.14
CA GLN I 2045 47.36 -17.01 -76.36
C GLN I 2045 47.53 -15.94 -77.44
N LEU I 2046 47.46 -14.67 -77.04
CA LEU I 2046 47.62 -13.53 -77.96
C LEU I 2046 46.61 -13.60 -79.10
N GLU I 2047 45.33 -13.53 -78.73
CA GLU I 2047 44.24 -13.58 -79.71
C GLU I 2047 44.22 -12.33 -80.58
N LYS I 2089 42.43 -33.25 -79.07
CA LYS I 2089 43.48 -33.17 -80.07
C LYS I 2089 44.84 -33.52 -79.48
N LYS I 2090 45.85 -33.57 -80.33
CA LYS I 2090 47.21 -33.84 -79.86
C LYS I 2090 47.72 -32.64 -79.06
N PRO I 2091 48.23 -32.84 -77.84
CA PRO I 2091 48.74 -31.70 -77.06
C PRO I 2091 49.81 -30.90 -77.80
N GLN I 2092 50.73 -31.60 -78.48
CA GLN I 2092 51.78 -30.96 -79.27
C GLN I 2092 52.63 -29.97 -78.47
N SER I 2093 52.61 -30.10 -77.14
CA SER I 2093 53.34 -29.19 -76.26
C SER I 2093 53.35 -29.76 -74.86
N LEU I 2094 54.44 -29.50 -74.14
CA LEU I 2094 54.53 -29.94 -72.74
C LEU I 2094 53.47 -29.27 -71.88
N GLN I 2095 53.20 -27.98 -72.13
CA GLN I 2095 52.20 -27.27 -71.35
C GLN I 2095 50.84 -27.95 -71.47
N GLU I 2096 50.42 -28.28 -72.69
CA GLU I 2096 49.15 -28.96 -72.88
C GLU I 2096 49.19 -30.37 -72.31
N LEU I 2097 50.33 -31.05 -72.43
CA LEU I 2097 50.41 -32.45 -72.00
C LEU I 2097 50.22 -32.57 -70.49
N VAL I 2098 50.97 -31.77 -69.71
CA VAL I 2098 50.89 -31.87 -68.26
C VAL I 2098 49.51 -31.45 -67.77
N SER I 2099 49.00 -30.34 -68.28
CA SER I 2099 47.71 -29.81 -67.81
C SER I 2099 46.58 -30.79 -68.10
N HIS I 2100 46.57 -31.36 -69.31
CA HIS I 2100 45.50 -32.28 -69.68
C HIS I 2100 45.63 -33.62 -68.98
N MET I 2101 46.80 -33.92 -68.40
CA MET I 2101 47.02 -35.24 -67.81
C MET I 2101 46.74 -35.26 -66.31
N VAL I 2102 47.21 -34.24 -65.58
CA VAL I 2102 47.03 -34.21 -64.13
C VAL I 2102 45.54 -34.20 -63.78
N VAL I 2103 44.74 -33.52 -64.57
CA VAL I 2103 43.30 -33.48 -64.32
C VAL I 2103 42.70 -34.88 -64.44
N ARG I 2104 43.18 -35.66 -65.42
CA ARG I 2104 42.65 -37.01 -65.59
C ARG I 2104 42.90 -37.87 -64.37
N TRP I 2105 44.07 -37.70 -63.74
CA TRP I 2105 44.40 -38.52 -62.58
C TRP I 2105 43.46 -38.28 -61.41
N ALA I 2106 43.03 -37.04 -61.21
CA ALA I 2106 42.11 -36.74 -60.11
C ALA I 2106 40.68 -37.14 -60.45
N GLN I 2107 40.28 -37.03 -61.72
CA GLN I 2107 38.92 -37.37 -62.11
C GLN I 2107 38.63 -38.85 -61.97
N GLU I 2108 39.66 -39.70 -62.00
CA GLU I 2108 39.47 -41.15 -62.02
C GLU I 2108 40.00 -41.82 -60.75
N ASP I 2109 40.22 -41.06 -59.69
CA ASP I 2109 40.69 -41.62 -58.43
C ASP I 2109 40.46 -40.61 -57.32
N TYR I 2110 40.31 -41.13 -56.10
CA TYR I 2110 40.29 -40.32 -54.88
C TYR I 2110 41.62 -40.55 -54.18
N VAL I 2111 42.56 -39.63 -54.40
CA VAL I 2111 43.95 -39.86 -54.04
C VAL I 2111 44.12 -39.72 -52.53
N GLN I 2112 44.61 -40.77 -51.89
CA GLN I 2112 45.03 -40.73 -50.50
C GLN I 2112 46.51 -40.37 -50.43
N SER I 2113 47.14 -40.53 -49.26
CA SER I 2113 48.55 -40.21 -49.07
C SER I 2113 48.81 -38.74 -49.35
N PRO I 2114 48.43 -37.84 -48.42
CA PRO I 2114 48.55 -36.40 -48.67
C PRO I 2114 49.87 -35.95 -49.27
N GLU I 2115 50.95 -36.69 -48.99
CA GLU I 2115 52.24 -36.34 -49.57
C GLU I 2115 52.19 -36.40 -51.09
N LEU I 2116 51.34 -37.25 -51.66
CA LEU I 2116 51.19 -37.29 -53.11
C LEU I 2116 50.45 -36.07 -53.63
N VAL I 2117 49.27 -35.79 -53.07
CA VAL I 2117 48.41 -34.75 -53.63
C VAL I 2117 49.09 -33.39 -53.61
N ARG I 2118 50.02 -33.17 -52.68
CA ARG I 2118 50.77 -31.93 -52.68
C ARG I 2118 51.73 -31.83 -53.86
N ALA I 2119 52.05 -32.96 -54.50
CA ALA I 2119 53.06 -32.94 -55.57
C ALA I 2119 52.47 -32.37 -56.86
N MET I 2120 51.45 -33.01 -57.41
CA MET I 2120 50.96 -32.58 -58.72
C MET I 2120 50.34 -31.20 -58.67
N PHE I 2121 49.77 -30.81 -57.52
CA PHE I 2121 49.16 -29.49 -57.43
C PHE I 2121 50.21 -28.38 -57.48
N SER I 2122 51.46 -28.68 -57.19
CA SER I 2122 52.54 -27.71 -57.43
C SER I 2122 52.98 -27.68 -58.89
N LEU I 2123 52.55 -28.63 -59.71
CA LEU I 2123 52.94 -28.62 -61.12
C LEU I 2123 52.06 -27.70 -61.94
N LEU I 2124 50.75 -28.02 -62.04
CA LEU I 2124 49.90 -27.29 -62.98
C LEU I 2124 49.81 -25.82 -62.63
N HIS I 2125 50.03 -25.45 -61.37
CA HIS I 2125 50.13 -24.04 -61.02
C HIS I 2125 51.28 -23.38 -61.75
N ARG I 2126 52.43 -24.07 -61.83
CA ARG I 2126 53.55 -23.55 -62.59
C ARG I 2126 53.25 -23.50 -64.09
N GLN I 2127 52.62 -24.54 -64.63
CA GLN I 2127 52.27 -24.56 -66.04
C GLN I 2127 51.11 -23.63 -66.39
N TYR I 2128 50.40 -23.09 -65.40
CA TYR I 2128 49.36 -22.12 -65.69
C TYR I 2128 49.78 -20.69 -65.41
N ASP I 2129 50.82 -20.49 -64.60
CA ASP I 2129 51.38 -19.16 -64.33
C ASP I 2129 52.85 -19.22 -64.73
N GLY I 2130 53.12 -18.95 -66.00
CA GLY I 2130 54.47 -18.98 -66.50
C GLY I 2130 55.28 -17.78 -66.04
N LEU I 2131 54.72 -16.59 -66.28
CA LEU I 2131 55.41 -15.36 -65.91
C LEU I 2131 55.63 -15.27 -64.39
N GLY I 2132 54.75 -15.86 -63.60
CA GLY I 2132 54.93 -15.82 -62.16
C GLY I 2132 56.23 -16.48 -61.71
N GLU I 2133 56.54 -17.65 -62.28
CA GLU I 2133 57.81 -18.29 -61.98
C GLU I 2133 58.98 -17.45 -62.50
N LEU I 2134 58.87 -16.91 -63.71
CA LEU I 2134 59.93 -16.09 -64.28
C LEU I 2134 60.19 -14.86 -63.42
N LEU I 2135 59.12 -14.15 -63.04
CA LEU I 2135 59.27 -12.96 -62.22
C LEU I 2135 59.91 -13.29 -60.87
N ARG I 2136 59.71 -14.51 -60.38
CA ARG I 2136 60.29 -14.95 -59.12
C ARG I 2136 61.64 -15.64 -59.31
N ALA I 2137 62.23 -15.54 -60.50
CA ALA I 2137 63.52 -16.17 -60.78
C ALA I 2137 64.60 -15.17 -61.13
N LEU I 2138 64.25 -14.06 -61.79
CA LEU I 2138 65.23 -13.04 -62.15
C LEU I 2138 66.05 -12.52 -60.97
N PRO I 2139 65.48 -12.28 -59.76
CA PRO I 2139 66.32 -11.79 -58.65
C PRO I 2139 67.41 -12.76 -58.22
N ARG I 2140 67.48 -13.94 -58.85
CA ARG I 2140 68.54 -14.89 -58.59
C ARG I 2140 69.46 -15.06 -59.80
N ALA I 2141 69.36 -14.19 -60.80
CA ALA I 2141 70.15 -14.30 -62.02
C ALA I 2141 71.20 -13.20 -62.04
N TYR I 2142 72.36 -13.51 -62.61
CA TYR I 2142 73.48 -12.57 -62.59
C TYR I 2142 74.41 -12.90 -63.76
N THR I 2143 74.98 -11.86 -64.37
CA THR I 2143 75.90 -12.00 -65.50
C THR I 2143 77.29 -11.53 -65.10
N ILE I 2144 78.30 -12.31 -65.49
CA ILE I 2144 79.69 -11.99 -65.23
C ILE I 2144 80.48 -12.13 -66.53
N SER I 2145 81.75 -11.75 -66.48
CA SER I 2145 82.63 -11.68 -67.64
C SER I 2145 83.71 -12.75 -67.58
N PRO I 2146 84.28 -13.14 -68.72
CA PRO I 2146 85.37 -14.12 -68.72
C PRO I 2146 86.59 -13.62 -67.97
N SER I 2147 87.57 -14.52 -67.84
CA SER I 2147 88.81 -14.33 -67.09
C SER I 2147 88.57 -14.24 -65.60
N SER I 2148 87.31 -14.29 -65.15
CA SER I 2148 86.96 -14.33 -63.74
C SER I 2148 86.20 -15.59 -63.36
N VAL I 2149 85.76 -16.39 -64.34
CA VAL I 2149 84.99 -17.59 -64.03
C VAL I 2149 85.81 -18.57 -63.21
N GLU I 2150 87.11 -18.68 -63.51
CA GLU I 2150 87.97 -19.58 -62.75
C GLU I 2150 88.03 -19.18 -61.28
N ASP I 2151 88.11 -17.86 -61.00
CA ASP I 2151 88.11 -17.40 -59.62
C ASP I 2151 86.79 -17.71 -58.93
N THR I 2152 85.66 -17.47 -59.62
CA THR I 2152 84.37 -17.78 -59.04
C THR I 2152 84.17 -19.28 -58.89
N MET I 2153 84.75 -20.08 -59.77
CA MET I 2153 84.58 -21.53 -59.70
C MET I 2153 85.10 -22.07 -58.37
N SER I 2154 86.25 -21.58 -57.91
CA SER I 2154 86.76 -21.99 -56.61
C SER I 2154 85.83 -21.55 -55.50
N LEU I 2155 85.30 -20.32 -55.59
CA LEU I 2155 84.38 -19.82 -54.56
C LEU I 2155 83.12 -20.67 -54.51
N LEU I 2156 82.54 -20.98 -55.67
CA LEU I 2156 81.30 -21.74 -55.70
C LEU I 2156 81.50 -23.14 -55.12
N GLU I 2157 82.57 -23.81 -55.51
CA GLU I 2157 82.84 -25.14 -54.99
C GLU I 2157 83.12 -25.10 -53.49
N CYS I 2158 83.89 -24.10 -53.04
CA CYS I 2158 84.20 -24.00 -51.62
C CYS I 2158 82.96 -23.67 -50.80
N LEU I 2159 82.04 -22.87 -51.35
CA LEU I 2159 80.84 -22.50 -50.61
C LEU I 2159 79.95 -23.71 -50.33
N GLY I 2160 80.01 -24.74 -51.18
CA GLY I 2160 79.14 -25.88 -51.00
C GLY I 2160 79.34 -26.58 -49.67
N GLN I 2161 80.59 -26.67 -49.21
CA GLN I 2161 80.88 -27.39 -47.97
C GLN I 2161 80.23 -26.73 -46.76
N ILE I 2162 80.03 -25.40 -46.81
CA ILE I 2162 79.33 -24.73 -45.71
C ILE I 2162 77.88 -25.19 -45.66
N ARG I 2163 77.23 -25.34 -46.82
CA ARG I 2163 75.84 -25.76 -46.85
C ARG I 2163 75.67 -27.16 -46.26
N SER I 2164 76.63 -28.05 -46.53
CA SER I 2164 76.59 -29.39 -45.95
C SER I 2164 76.92 -29.40 -44.46
N LEU I 2165 77.51 -28.32 -43.96
CA LEU I 2165 77.84 -28.25 -42.53
C LEU I 2165 76.59 -28.00 -41.68
N LEU I 2166 75.59 -27.30 -42.22
CA LEU I 2166 74.41 -26.98 -41.43
C LEU I 2166 73.64 -28.23 -41.02
N ILE I 2167 73.47 -29.18 -41.94
CA ILE I 2167 72.65 -30.36 -41.66
C ILE I 2167 73.32 -31.23 -40.60
N VAL I 2168 74.63 -31.42 -40.70
CA VAL I 2168 75.34 -32.26 -39.74
C VAL I 2168 75.49 -31.52 -38.41
N GLN I 2169 75.36 -32.26 -37.31
CA GLN I 2169 75.62 -31.69 -35.99
C GLN I 2169 77.09 -31.34 -35.86
N MET I 2170 77.37 -30.34 -35.03
CA MET I 2170 78.72 -29.80 -34.91
C MET I 2170 79.69 -30.84 -34.37
N GLY I 2171 80.79 -31.06 -35.09
CA GLY I 2171 81.81 -31.99 -34.67
C GLY I 2171 83.18 -31.33 -34.64
N PRO I 2172 84.05 -31.77 -33.72
CA PRO I 2172 85.39 -31.17 -33.64
C PRO I 2172 86.18 -31.26 -34.93
N GLN I 2173 86.07 -32.38 -35.64
CA GLN I 2173 86.71 -32.47 -36.95
C GLN I 2173 86.02 -31.56 -37.95
N GLU I 2174 84.69 -31.53 -37.93
CA GLU I 2174 83.96 -30.63 -38.82
C GLU I 2174 84.19 -29.17 -38.46
N GLU I 2175 84.41 -28.88 -37.18
CA GLU I 2175 84.70 -27.51 -36.77
C GLU I 2175 85.98 -27.00 -37.41
N ASN I 2176 87.01 -27.86 -37.47
CA ASN I 2176 88.23 -27.51 -38.18
C ASN I 2176 87.94 -27.17 -39.64
N LEU I 2177 87.12 -28.00 -40.30
CA LEU I 2177 86.90 -27.87 -41.73
C LEU I 2177 86.41 -26.47 -42.11
N MET I 2178 85.48 -25.92 -41.34
CA MET I 2178 84.90 -24.63 -41.69
C MET I 2178 85.92 -23.51 -41.62
N ILE I 2179 86.81 -23.54 -40.62
CA ILE I 2179 87.73 -22.43 -40.38
C ILE I 2179 88.61 -22.20 -41.61
N GLN I 2180 89.18 -23.27 -42.17
CA GLN I 2180 89.87 -23.12 -43.43
C GLN I 2180 88.89 -22.78 -44.54
N SER I 2181 87.68 -23.34 -44.49
CA SER I 2181 86.69 -23.05 -45.53
C SER I 2181 86.37 -21.57 -45.58
N ILE I 2182 86.03 -20.97 -44.44
CA ILE I 2182 85.76 -19.53 -44.43
C ILE I 2182 87.03 -18.74 -44.70
N GLY I 2183 88.18 -19.23 -44.23
CA GLY I 2183 89.43 -18.55 -44.49
C GLY I 2183 89.78 -18.48 -45.96
N ASN I 2184 89.46 -19.54 -46.71
CA ASN I 2184 89.65 -19.51 -48.15
C ASN I 2184 88.59 -18.67 -48.88
N ILE I 2185 87.44 -18.44 -48.26
CA ILE I 2185 86.44 -17.58 -48.88
C ILE I 2185 86.96 -16.15 -48.99
N MET I 2186 87.59 -15.65 -47.94
CA MET I 2186 88.03 -14.25 -47.94
C MET I 2186 89.41 -14.10 -48.57
N ASN I 2187 89.61 -14.76 -49.72
CA ASN I 2187 90.80 -14.49 -50.51
C ASN I 2187 90.55 -14.66 -52.01
N ASN I 2188 89.31 -14.79 -52.47
CA ASN I 2188 89.04 -15.27 -53.81
C ASN I 2188 88.94 -14.18 -54.86
N LYS I 2189 89.17 -12.92 -54.48
CA LYS I 2189 89.17 -11.78 -55.39
C LYS I 2189 87.78 -11.50 -55.95
N VAL I 2190 86.79 -12.35 -55.65
CA VAL I 2190 85.44 -12.14 -56.13
C VAL I 2190 84.50 -11.68 -55.03
N PHE I 2191 84.76 -12.03 -53.77
CA PHE I 2191 84.01 -11.45 -52.67
C PHE I 2191 84.57 -10.08 -52.30
N TYR I 2192 84.89 -9.28 -53.31
CA TYR I 2192 85.15 -7.85 -53.17
C TYR I 2192 84.60 -7.02 -54.32
N GLN I 2193 84.38 -7.61 -55.50
CA GLN I 2193 84.00 -6.87 -56.69
C GLN I 2193 82.50 -6.94 -56.98
N HIS I 2194 81.85 -8.04 -56.62
CA HIS I 2194 80.43 -8.26 -56.94
C HIS I 2194 79.68 -8.63 -55.67
N PRO I 2195 79.44 -7.66 -54.78
CA PRO I 2195 78.65 -7.97 -53.58
C PRO I 2195 77.23 -8.42 -53.90
N ASN I 2196 76.68 -8.01 -55.05
CA ASN I 2196 75.33 -8.39 -55.40
C ASN I 2196 75.19 -9.90 -55.54
N LEU I 2197 76.25 -10.59 -55.95
CA LEU I 2197 76.23 -12.05 -55.95
C LEU I 2197 75.96 -12.59 -54.56
N MET I 2198 76.71 -12.10 -53.57
CA MET I 2198 76.75 -12.78 -52.28
C MET I 2198 75.44 -12.61 -51.51
N ARG I 2199 74.66 -11.58 -51.82
CA ARG I 2199 73.30 -11.51 -51.30
C ARG I 2199 72.34 -12.36 -52.12
N ALA I 2200 72.66 -12.68 -53.37
CA ALA I 2200 71.82 -13.57 -54.14
C ALA I 2200 72.08 -15.03 -53.78
N LEU I 2201 73.35 -15.39 -53.57
CA LEU I 2201 73.65 -16.69 -52.99
C LEU I 2201 73.30 -16.72 -51.51
N GLY I 2202 73.42 -15.57 -50.85
CA GLY I 2202 72.98 -15.45 -49.46
C GLY I 2202 73.72 -16.34 -48.49
N MET I 2203 75.05 -16.40 -48.57
CA MET I 2203 75.77 -17.23 -47.62
C MET I 2203 75.70 -16.63 -46.22
N HIS I 2204 75.50 -15.32 -46.10
CA HIS I 2204 75.34 -14.71 -44.79
C HIS I 2204 74.13 -15.29 -44.07
N GLU I 2205 73.08 -15.63 -44.83
CA GLU I 2205 71.95 -16.34 -44.24
C GLU I 2205 72.39 -17.68 -43.67
N THR I 2206 73.06 -18.50 -44.49
CA THR I 2206 73.39 -19.86 -44.08
C THR I 2206 74.37 -19.87 -42.91
N VAL I 2207 75.40 -19.02 -42.95
CA VAL I 2207 76.37 -19.00 -41.87
C VAL I 2207 75.73 -18.57 -40.56
N MET I 2208 74.61 -17.85 -40.63
CA MET I 2208 73.97 -17.38 -39.41
C MET I 2208 73.45 -18.52 -38.56
N GLU I 2209 72.85 -19.55 -39.19
CA GLU I 2209 72.38 -20.69 -38.39
C GLU I 2209 73.54 -21.46 -37.79
N VAL I 2210 74.70 -21.44 -38.42
CA VAL I 2210 75.86 -22.13 -37.88
C VAL I 2210 76.18 -21.61 -36.48
N MET I 2211 76.09 -20.29 -36.29
CA MET I 2211 76.36 -19.71 -34.98
C MET I 2211 75.27 -20.04 -33.97
N VAL I 2212 74.00 -20.05 -34.41
CA VAL I 2212 72.91 -20.23 -33.44
C VAL I 2212 72.87 -21.65 -32.89
N ASN I 2213 73.29 -22.64 -33.69
CA ASN I 2213 73.25 -24.02 -33.20
C ASN I 2213 74.26 -24.24 -32.09
N VAL I 2214 75.50 -23.77 -32.28
CA VAL I 2214 76.54 -24.01 -31.29
C VAL I 2214 76.27 -23.24 -30.01
N LEU I 2215 75.71 -22.03 -30.13
CA LEU I 2215 75.48 -21.19 -28.96
C LEU I 2215 74.18 -21.55 -28.24
N GLY I 2216 73.30 -22.33 -28.86
CA GLY I 2216 72.06 -22.72 -28.22
C GLY I 2216 72.27 -23.60 -27.00
N GLY I 2217 72.00 -23.05 -25.82
CA GLY I 2217 72.23 -23.76 -24.59
C GLY I 2217 71.46 -23.16 -23.44
N GLY I 2218 71.33 -23.95 -22.37
CA GLY I 2218 70.55 -23.49 -21.23
C GLY I 2218 71.16 -22.31 -20.51
N GLU I 2219 72.47 -22.35 -20.27
CA GLU I 2219 73.15 -21.31 -19.50
C GLU I 2219 74.56 -21.12 -20.05
N THR I 2220 75.38 -20.41 -19.29
CA THR I 2220 76.76 -20.14 -19.71
C THR I 2220 77.61 -21.40 -19.74
N LYS I 2221 77.20 -22.46 -19.06
CA LYS I 2221 77.95 -23.71 -19.11
C LYS I 2221 77.95 -24.33 -20.50
N GLU I 2222 76.96 -23.98 -21.33
CA GLU I 2222 76.88 -24.50 -22.70
C GLU I 2222 77.66 -23.57 -23.64
N ILE I 2223 78.98 -23.57 -23.46
CA ILE I 2223 79.88 -22.81 -24.33
C ILE I 2223 80.74 -23.79 -25.09
N ARG I 2224 80.17 -24.95 -25.41
CA ARG I 2224 80.91 -25.97 -26.15
C ARG I 2224 81.29 -25.45 -27.53
N PHE I 2225 82.44 -25.92 -28.01
CA PHE I 2225 83.03 -25.50 -29.28
C PHE I 2225 83.28 -23.99 -29.31
N PRO I 2226 84.15 -23.44 -28.46
CA PRO I 2226 84.58 -22.05 -28.65
C PRO I 2226 85.62 -21.96 -29.76
N LYS I 2227 86.21 -20.78 -29.95
CA LYS I 2227 87.22 -20.50 -30.97
C LYS I 2227 86.67 -20.58 -32.38
N MET I 2228 85.38 -20.89 -32.57
CA MET I 2228 84.75 -20.86 -33.87
C MET I 2228 83.76 -19.73 -34.03
N VAL I 2229 83.09 -19.32 -32.95
CA VAL I 2229 82.26 -18.12 -32.99
C VAL I 2229 83.13 -16.90 -33.28
N THR I 2230 84.28 -16.81 -32.61
CA THR I 2230 85.21 -15.72 -32.89
C THR I 2230 85.75 -15.81 -34.32
N SER I 2231 86.07 -17.03 -34.77
CA SER I 2231 86.64 -17.20 -36.10
C SER I 2231 85.63 -16.90 -37.21
N CYS I 2232 84.33 -16.92 -36.91
CA CYS I 2232 83.30 -16.65 -37.92
C CYS I 2232 82.70 -15.27 -37.78
N CYS I 2233 82.49 -14.78 -36.54
CA CYS I 2233 81.94 -13.44 -36.35
C CYS I 2233 82.83 -12.36 -36.94
N ARG I 2234 84.14 -12.61 -37.03
CA ARG I 2234 85.03 -11.65 -37.69
C ARG I 2234 84.68 -11.50 -39.16
N PHE I 2235 84.30 -12.61 -39.82
CA PHE I 2235 83.93 -12.55 -41.22
C PHE I 2235 82.67 -11.72 -41.43
N LEU I 2236 81.70 -11.82 -40.52
CA LEU I 2236 80.45 -11.08 -40.67
C LEU I 2236 80.69 -9.57 -40.64
N CYS I 2237 81.56 -9.11 -39.74
CA CYS I 2237 81.79 -7.68 -39.61
C CYS I 2237 82.34 -7.09 -40.91
N TYR I 2238 83.32 -7.74 -41.52
CA TYR I 2238 83.88 -7.25 -42.77
C TYR I 2238 82.86 -7.29 -43.90
N PHE I 2239 81.95 -8.26 -43.88
CA PHE I 2239 80.89 -8.28 -44.87
C PHE I 2239 80.01 -7.03 -44.75
N CYS I 2240 79.76 -6.59 -43.52
CA CYS I 2240 78.91 -5.43 -43.28
C CYS I 2240 79.56 -4.11 -43.68
N ARG I 2241 80.85 -4.10 -44.01
CA ARG I 2241 81.57 -2.88 -44.35
C ARG I 2241 82.04 -2.92 -45.81
N ILE I 2242 81.17 -3.37 -46.71
CA ILE I 2242 81.49 -3.38 -48.13
C ILE I 2242 80.53 -2.53 -48.96
N SER I 2243 79.27 -2.41 -48.57
CA SER I 2243 78.33 -1.58 -49.30
C SER I 2243 77.15 -1.25 -48.40
N ARG I 2244 76.41 -0.19 -48.76
CA ARG I 2244 75.26 0.21 -47.97
C ARG I 2244 74.17 -0.86 -47.97
N GLN I 2245 73.87 -1.43 -49.14
CA GLN I 2245 72.84 -2.46 -49.22
C GLN I 2245 73.24 -3.70 -48.43
N ASN I 2246 74.54 -4.00 -48.37
CA ASN I 2246 75.00 -5.06 -47.51
C ASN I 2246 74.70 -4.76 -46.04
N GLN I 2247 74.78 -3.49 -45.64
CA GLN I 2247 74.47 -3.12 -44.26
C GLN I 2247 73.00 -3.31 -43.95
N ARG I 2248 72.12 -2.92 -44.89
CA ARG I 2248 70.69 -3.08 -44.70
C ARG I 2248 70.30 -4.56 -44.60
N SER I 2249 70.83 -5.39 -45.50
CA SER I 2249 70.35 -6.76 -45.61
C SER I 2249 70.56 -7.55 -44.32
N MET I 2250 71.66 -7.29 -43.60
CA MET I 2250 71.91 -7.97 -42.35
C MET I 2250 71.37 -7.22 -41.14
N PHE I 2251 71.08 -5.93 -41.30
CA PHE I 2251 70.53 -5.13 -40.20
C PHE I 2251 69.19 -5.67 -39.74
N ASP I 2252 68.37 -6.16 -40.66
CA ASP I 2252 67.01 -6.58 -40.33
C ASP I 2252 66.98 -7.68 -39.28
N HIS I 2253 68.08 -8.42 -39.10
CA HIS I 2253 68.17 -9.46 -38.10
C HIS I 2253 68.70 -8.94 -36.76
N LEU I 2254 68.64 -7.64 -36.52
CA LEU I 2254 69.16 -7.08 -35.28
C LEU I 2254 68.42 -7.60 -34.07
N SER I 2255 67.09 -7.65 -34.13
CA SER I 2255 66.32 -8.19 -33.01
C SER I 2255 66.65 -9.66 -32.79
N TYR I 2256 66.79 -10.42 -33.87
CA TYR I 2256 67.17 -11.82 -33.76
C TYR I 2256 68.56 -11.97 -33.13
N LEU I 2257 69.50 -11.10 -33.51
CA LEU I 2257 70.87 -11.25 -33.07
C LEU I 2257 71.00 -10.95 -31.57
N LEU I 2258 70.39 -9.86 -31.11
CA LEU I 2258 70.51 -9.50 -29.69
C LEU I 2258 69.81 -10.49 -28.77
N GLU I 2259 68.88 -11.29 -29.29
CA GLU I 2259 68.17 -12.23 -28.44
C GLU I 2259 69.13 -13.25 -27.82
N ASN I 2260 70.14 -13.67 -28.57
CA ASN I 2260 71.12 -14.64 -28.14
C ASN I 2260 72.54 -14.07 -28.23
N SER I 2261 72.75 -12.90 -27.65
CA SER I 2261 74.05 -12.24 -27.67
C SER I 2261 74.59 -11.90 -26.29
N GLY I 2262 73.73 -11.46 -25.37
CA GLY I 2262 74.20 -11.03 -24.07
C GLY I 2262 74.24 -12.12 -23.01
N ILE I 2263 74.67 -13.32 -23.41
CA ILE I 2263 74.75 -14.44 -22.47
C ILE I 2263 76.18 -14.98 -22.44
N GLY I 2264 76.67 -15.39 -23.60
CA GLY I 2264 78.01 -15.96 -23.70
C GLY I 2264 79.09 -14.91 -23.77
N LEU I 2265 79.41 -14.29 -22.63
CA LEU I 2265 80.42 -13.24 -22.57
C LEU I 2265 81.63 -13.76 -21.79
N GLY I 2266 82.83 -13.38 -22.26
CA GLY I 2266 84.04 -13.76 -21.56
C GLY I 2266 85.23 -14.04 -22.45
N MET I 2267 85.01 -14.18 -23.76
CA MET I 2267 86.09 -14.46 -24.69
C MET I 2267 86.56 -13.17 -25.33
N GLN I 2268 87.48 -13.29 -26.30
CA GLN I 2268 88.08 -12.13 -26.93
C GLN I 2268 87.94 -12.19 -28.44
N GLY I 2269 88.63 -11.30 -29.14
CA GLY I 2269 88.57 -11.26 -30.59
C GLY I 2269 87.27 -10.69 -31.10
N SER I 2270 86.16 -11.40 -30.85
CA SER I 2270 84.85 -10.97 -31.31
C SER I 2270 83.79 -11.64 -30.45
N THR I 2271 82.55 -11.23 -30.66
CA THR I 2271 81.36 -11.71 -29.97
C THR I 2271 80.19 -11.25 -30.82
N PRO I 2272 79.02 -11.90 -30.77
CA PRO I 2272 77.91 -11.43 -31.62
C PRO I 2272 77.48 -10.02 -31.33
N LEU I 2273 77.76 -9.50 -30.13
CA LEU I 2273 77.43 -8.12 -29.82
C LEU I 2273 78.20 -7.15 -30.72
N ASP I 2274 79.45 -7.49 -31.06
CA ASP I 2274 80.25 -6.60 -31.89
C ASP I 2274 79.65 -6.42 -33.28
N VAL I 2275 79.26 -7.52 -33.92
CA VAL I 2275 78.66 -7.40 -35.24
C VAL I 2275 77.30 -6.71 -35.15
N ALA I 2276 76.63 -6.85 -34.00
CA ALA I 2276 75.39 -6.09 -33.79
C ALA I 2276 75.67 -4.60 -33.79
N ALA I 2277 76.75 -4.18 -33.12
CA ALA I 2277 77.13 -2.77 -33.14
C ALA I 2277 77.54 -2.32 -34.54
N ALA I 2278 78.31 -3.16 -35.23
CA ALA I 2278 78.81 -2.81 -36.56
C ALA I 2278 77.70 -2.77 -37.61
N SER I 2279 76.49 -3.25 -37.28
CA SER I 2279 75.39 -3.23 -38.25
C SER I 2279 74.92 -1.81 -38.55
N VAL I 2280 75.18 -0.84 -37.68
CA VAL I 2280 74.91 0.55 -37.96
C VAL I 2280 76.00 1.44 -37.37
N ILE I 2281 76.89 1.93 -38.23
CA ILE I 2281 77.99 2.76 -37.74
C ILE I 2281 78.10 4.08 -38.49
N ASP I 2282 77.68 4.09 -39.77
CA ASP I 2282 77.79 5.31 -40.55
C ASP I 2282 76.62 5.50 -41.50
N ASN I 2283 75.51 4.80 -41.29
CA ASN I 2283 74.41 4.82 -42.25
C ASN I 2283 73.76 6.20 -42.31
N ASN I 2284 73.44 6.77 -41.15
CA ASN I 2284 72.76 8.05 -40.93
C ASN I 2284 71.27 7.96 -41.25
N GLU I 2285 70.80 6.86 -41.83
CA GLU I 2285 69.38 6.60 -41.99
C GLU I 2285 68.94 5.30 -41.35
N LEU I 2286 69.83 4.32 -41.22
CA LEU I 2286 69.52 3.13 -40.42
C LEU I 2286 69.30 3.49 -38.97
N ALA I 2287 70.12 4.43 -38.45
CA ALA I 2287 69.95 4.88 -37.08
C ALA I 2287 68.58 5.50 -36.85
N LEU I 2288 68.05 6.17 -37.87
CA LEU I 2288 66.69 6.72 -37.75
C LEU I 2288 65.63 5.63 -37.84
N ALA I 2289 65.99 4.43 -38.31
CA ALA I 2289 65.03 3.35 -38.49
C ALA I 2289 65.08 2.34 -37.36
N LEU I 2290 65.41 2.78 -36.15
CA LEU I 2290 65.33 1.90 -34.99
C LEU I 2290 63.88 1.71 -34.59
N GLN I 2291 63.65 0.83 -33.62
CA GLN I 2291 62.29 0.53 -33.19
C GLN I 2291 62.15 0.52 -31.68
N GLU I 2292 62.97 1.32 -30.99
CA GLU I 2292 62.83 1.52 -29.55
C GLU I 2292 63.02 0.22 -28.77
N GLN I 2293 62.15 -0.77 -29.02
CA GLN I 2293 62.20 -2.03 -28.28
C GLN I 2293 63.59 -2.66 -28.36
N ASP I 2294 64.29 -2.50 -29.47
CA ASP I 2294 65.67 -2.96 -29.56
C ASP I 2294 66.54 -2.22 -28.55
N LEU I 2295 66.39 -0.90 -28.46
CA LEU I 2295 67.14 -0.14 -27.48
C LEU I 2295 66.66 -0.44 -26.06
N GLU I 2296 65.36 -0.67 -25.89
CA GLU I 2296 64.84 -0.95 -24.56
C GLU I 2296 65.40 -2.27 -24.03
N LYS I 2297 65.45 -3.30 -24.88
CA LYS I 2297 65.82 -4.63 -24.41
C LYS I 2297 67.31 -4.69 -24.07
N VAL I 2298 68.15 -4.01 -24.84
CA VAL I 2298 69.59 -4.00 -24.52
C VAL I 2298 69.83 -3.27 -23.21
N VAL I 2299 69.03 -2.26 -22.90
CA VAL I 2299 69.15 -1.59 -21.61
C VAL I 2299 68.84 -2.56 -20.48
N SER I 2300 67.80 -3.37 -20.66
CA SER I 2300 67.45 -4.37 -19.64
C SER I 2300 68.62 -5.32 -19.38
N TYR I 2301 69.43 -5.60 -20.40
CA TYR I 2301 70.66 -6.35 -20.18
C TYR I 2301 71.57 -5.61 -19.21
N LEU I 2302 71.72 -4.30 -19.41
CA LEU I 2302 72.61 -3.51 -18.56
C LEU I 2302 72.07 -3.45 -17.13
N ALA I 2303 70.76 -3.58 -16.94
CA ALA I 2303 70.22 -3.72 -15.60
C ALA I 2303 70.75 -4.99 -14.94
N GLY I 2304 70.98 -6.04 -15.71
CA GLY I 2304 71.54 -7.26 -15.16
C GLY I 2304 72.95 -7.08 -14.63
N CYS I 2305 73.82 -6.42 -15.39
CA CYS I 2305 75.20 -6.25 -14.96
C CYS I 2305 75.37 -5.20 -13.88
N GLY I 2306 74.27 -4.66 -13.34
CA GLY I 2306 74.34 -3.74 -12.23
C GLY I 2306 74.06 -4.40 -10.91
N LEU I 2307 73.67 -5.68 -10.93
CA LEU I 2307 73.41 -6.42 -9.71
C LEU I 2307 73.99 -7.84 -9.70
N GLN I 2308 74.55 -8.33 -10.79
CA GLN I 2308 75.07 -9.69 -10.83
C GLN I 2308 76.46 -9.73 -10.19
N SER I 2309 77.14 -10.85 -10.30
CA SER I 2309 78.47 -10.98 -9.74
C SER I 2309 79.44 -11.69 -10.69
N CYS I 2310 79.02 -11.99 -11.91
CA CYS I 2310 79.85 -12.66 -12.90
C CYS I 2310 80.37 -13.99 -12.38
N PRO I 2311 79.51 -15.01 -12.27
CA PRO I 2311 79.95 -16.30 -11.71
C PRO I 2311 81.11 -16.94 -12.46
N MET I 2312 81.16 -16.78 -13.79
CA MET I 2312 82.32 -17.26 -14.54
C MET I 2312 83.58 -16.53 -14.12
N LEU I 2313 83.49 -15.21 -13.94
CA LEU I 2313 84.61 -14.45 -13.38
C LEU I 2313 84.89 -14.90 -11.95
N LEU I 2314 83.84 -15.17 -11.18
CA LEU I 2314 84.01 -15.68 -9.83
C LEU I 2314 84.66 -17.07 -9.83
N ALA I 2315 84.43 -17.88 -10.87
CA ALA I 2315 84.95 -19.24 -10.87
C ALA I 2315 86.46 -19.29 -10.76
N LYS I 2316 87.13 -18.21 -11.15
CA LYS I 2316 88.58 -18.10 -10.99
C LYS I 2316 88.98 -17.77 -9.55
N GLY I 2317 88.03 -17.73 -8.63
CA GLY I 2317 88.31 -17.39 -7.25
C GLY I 2317 88.61 -15.91 -7.06
N TYR I 2318 87.64 -15.05 -7.40
CA TYR I 2318 87.78 -13.60 -7.35
C TYR I 2318 86.74 -13.02 -6.39
N PRO I 2319 86.99 -11.84 -5.84
CA PRO I 2319 86.06 -11.25 -4.86
C PRO I 2319 84.63 -11.15 -5.40
N ASP I 2320 84.45 -10.43 -6.51
CA ASP I 2320 83.13 -10.23 -7.11
C ASP I 2320 82.17 -9.62 -6.09
N ILE I 2321 82.50 -8.38 -5.72
CA ILE I 2321 81.85 -7.74 -4.58
C ILE I 2321 80.39 -7.45 -4.87
N GLY I 2322 80.11 -6.54 -5.80
CA GLY I 2322 78.73 -6.14 -6.04
C GLY I 2322 78.24 -6.24 -7.46
N TRP I 2323 79.15 -6.15 -8.43
CA TRP I 2323 78.76 -6.07 -9.83
C TRP I 2323 80.00 -6.27 -10.70
N ASN I 2324 79.76 -6.43 -12.00
CA ASN I 2324 80.84 -6.65 -12.94
C ASN I 2324 80.99 -5.51 -13.92
N PRO I 2325 82.12 -4.79 -13.92
CA PRO I 2325 82.34 -3.76 -14.94
C PRO I 2325 82.70 -4.31 -16.31
N CYS I 2326 83.18 -5.54 -16.40
CA CYS I 2326 83.55 -6.11 -17.68
C CYS I 2326 82.34 -6.21 -18.61
N GLY I 2327 81.24 -6.78 -18.10
CA GLY I 2327 80.03 -6.89 -18.91
C GLY I 2327 79.44 -5.54 -19.28
N GLY I 2328 79.42 -4.61 -18.32
CA GLY I 2328 78.83 -3.31 -18.57
C GLY I 2328 79.52 -2.53 -19.66
N GLU I 2329 80.86 -2.62 -19.72
CA GLU I 2329 81.61 -1.87 -20.72
C GLU I 2329 81.32 -2.34 -22.15
N ARG I 2330 80.73 -3.51 -22.31
CA ARG I 2330 80.41 -4.01 -23.65
C ARG I 2330 79.04 -3.55 -24.13
N TYR I 2331 78.03 -3.62 -23.27
CA TYR I 2331 76.71 -3.13 -23.66
C TYR I 2331 76.75 -1.64 -23.99
N LEU I 2332 77.45 -0.86 -23.18
CA LEU I 2332 77.47 0.59 -23.35
C LEU I 2332 78.20 0.98 -24.62
N ASP I 2333 79.23 0.21 -25.00
CA ASP I 2333 79.94 0.50 -26.25
C ASP I 2333 78.99 0.43 -27.45
N PHE I 2334 77.98 -0.43 -27.39
CA PHE I 2334 76.99 -0.48 -28.46
C PHE I 2334 76.16 0.79 -28.51
N LEU I 2335 75.70 1.26 -27.34
CA LEU I 2335 74.84 2.44 -27.31
C LEU I 2335 75.52 3.68 -27.87
N ARG I 2336 76.86 3.73 -27.80
CA ARG I 2336 77.58 4.87 -28.34
C ARG I 2336 77.37 5.01 -29.85
N PHE I 2337 77.15 3.90 -30.54
CA PHE I 2337 76.99 3.93 -31.99
C PHE I 2337 75.55 4.18 -32.43
N ALA I 2338 74.61 4.32 -31.49
CA ALA I 2338 73.23 4.58 -31.82
C ALA I 2338 72.75 5.94 -31.35
N VAL I 2339 73.62 6.76 -30.77
CA VAL I 2339 73.26 8.10 -30.32
C VAL I 2339 73.74 9.10 -31.35
N PHE I 2340 74.90 8.84 -31.96
CA PHE I 2340 75.41 9.67 -33.03
C PHE I 2340 75.84 8.77 -34.17
N VAL I 2341 75.83 9.32 -35.38
CA VAL I 2341 76.25 8.58 -36.57
C VAL I 2341 77.41 9.28 -37.29
N ASN I 2342 77.34 10.60 -37.44
CA ASN I 2342 78.42 11.33 -38.13
C ASN I 2342 78.45 12.75 -37.55
N GLY I 2343 79.38 12.97 -36.62
CA GLY I 2343 79.59 14.29 -36.07
C GLY I 2343 78.42 14.87 -35.29
N GLU I 2344 78.03 14.19 -34.20
CA GLU I 2344 77.11 14.74 -33.20
C GLU I 2344 75.77 15.12 -33.82
N SER I 2345 75.06 14.10 -34.29
CA SER I 2345 73.75 14.31 -34.89
C SER I 2345 72.75 13.28 -34.38
N VAL I 2346 71.59 13.19 -35.04
CA VAL I 2346 70.48 12.29 -34.72
C VAL I 2346 70.18 12.29 -33.22
N GLU I 2347 69.15 13.04 -32.82
CA GLU I 2347 68.81 13.19 -31.42
C GLU I 2347 67.51 12.50 -31.01
N GLU I 2348 66.67 12.10 -31.97
CA GLU I 2348 65.38 11.49 -31.62
C GLU I 2348 65.59 10.23 -30.80
N ASN I 2349 66.45 9.33 -31.28
CA ASN I 2349 66.77 8.14 -30.48
C ASN I 2349 67.61 8.51 -29.26
N ALA I 2350 68.45 9.54 -29.39
CA ALA I 2350 69.22 10.01 -28.24
C ALA I 2350 68.31 10.54 -27.13
N ASN I 2351 67.25 11.26 -27.51
CA ASN I 2351 66.34 11.82 -26.53
C ASN I 2351 65.68 10.71 -25.70
N VAL I 2352 65.23 9.65 -26.36
CA VAL I 2352 64.54 8.58 -25.64
C VAL I 2352 65.52 7.72 -24.83
N VAL I 2353 66.81 7.75 -25.16
CA VAL I 2353 67.78 6.97 -24.39
C VAL I 2353 67.89 7.50 -22.97
N VAL I 2354 68.04 8.82 -22.81
CA VAL I 2354 68.20 9.39 -21.48
C VAL I 2354 66.92 9.30 -20.68
N ARG I 2355 65.77 9.50 -21.34
CA ARG I 2355 64.49 9.39 -20.66
C ARG I 2355 64.19 7.95 -20.26
N LEU I 2356 64.77 6.97 -20.95
CA LEU I 2356 64.58 5.57 -20.60
C LEU I 2356 65.62 5.10 -19.59
N LEU I 2357 66.87 5.56 -19.74
CA LEU I 2357 67.93 5.14 -18.82
C LEU I 2357 67.69 5.65 -17.41
N ILE I 2358 67.06 6.81 -17.27
CA ILE I 2358 66.81 7.36 -15.93
C ILE I 2358 65.80 6.51 -15.17
N ARG I 2359 64.89 5.86 -15.91
CA ARG I 2359 63.81 5.12 -15.26
C ARG I 2359 64.36 4.01 -14.37
N LYS I 2360 65.46 3.39 -14.77
CA LYS I 2360 66.11 2.36 -13.99
C LYS I 2360 67.36 2.92 -13.34
N PRO I 2361 67.27 3.46 -12.13
CA PRO I 2361 68.46 4.03 -11.48
C PRO I 2361 69.55 3.01 -11.20
N GLU I 2362 69.20 1.73 -11.08
CA GLU I 2362 70.20 0.70 -10.84
C GLU I 2362 71.18 0.56 -11.99
N CYS I 2363 70.84 1.11 -13.16
CA CYS I 2363 71.77 1.10 -14.29
C CYS I 2363 73.09 1.78 -13.94
N PHE I 2364 73.05 2.84 -13.14
CA PHE I 2364 74.26 3.48 -12.68
C PHE I 2364 75.00 2.56 -11.71
N GLY I 2365 76.33 2.60 -11.78
CA GLY I 2365 77.14 1.88 -10.82
C GLY I 2365 76.86 2.34 -9.42
N PRO I 2366 76.70 1.39 -8.49
CA PRO I 2366 76.27 1.75 -7.13
C PRO I 2366 77.27 2.59 -6.34
N ALA I 2367 78.47 2.82 -6.88
CA ALA I 2367 79.40 3.72 -6.21
C ALA I 2367 78.83 5.13 -6.08
N LEU I 2368 78.09 5.57 -7.08
CA LEU I 2368 77.40 6.86 -7.05
C LEU I 2368 75.95 6.64 -7.49
N ARG I 2369 75.19 7.74 -7.53
CA ARG I 2369 73.79 7.72 -7.91
C ARG I 2369 73.01 6.69 -7.09
N GLY I 2370 73.19 6.75 -5.78
CA GLY I 2370 72.54 5.82 -4.88
C GLY I 2370 72.15 6.46 -3.58
N GLU I 2371 71.91 5.65 -2.55
CA GLU I 2371 71.49 6.14 -1.25
C GLU I 2371 72.63 6.21 -0.23
N GLY I 2372 73.61 5.31 -0.33
CA GLY I 2372 74.70 5.30 0.62
C GLY I 2372 75.64 6.47 0.45
N GLY I 2373 76.33 6.52 -0.70
CA GLY I 2373 77.26 7.60 -0.97
C GLY I 2373 77.54 7.68 -2.45
N SER I 2374 78.30 8.70 -2.83
CA SER I 2374 78.62 8.91 -4.24
C SER I 2374 80.11 8.88 -4.52
N GLY I 2375 80.93 9.56 -3.73
CA GLY I 2375 82.36 9.52 -3.90
C GLY I 2375 82.85 9.96 -5.28
N LEU I 2376 82.35 11.11 -5.74
CA LEU I 2376 82.66 11.59 -7.08
C LEU I 2376 84.16 11.52 -7.38
N LEU I 2377 84.96 12.21 -6.57
CA LEU I 2377 86.41 12.11 -6.68
C LEU I 2377 86.99 11.02 -5.79
N ALA I 2378 86.15 10.26 -5.10
CA ALA I 2378 86.62 9.19 -4.23
C ALA I 2378 86.46 7.81 -4.84
N ALA I 2379 85.40 7.58 -5.62
CA ALA I 2379 85.19 6.26 -6.22
C ALA I 2379 86.35 5.90 -7.14
N ILE I 2380 86.78 6.84 -7.98
CA ILE I 2380 87.98 6.62 -8.78
C ILE I 2380 89.20 6.56 -7.89
N GLU I 2381 89.27 7.44 -6.88
CA GLU I 2381 90.38 7.39 -5.93
C GLU I 2381 90.40 6.06 -5.18
N GLU I 2382 89.23 5.54 -4.83
CA GLU I 2382 89.17 4.20 -4.25
C GLU I 2382 89.72 3.16 -5.22
N ALA I 2383 89.36 3.28 -6.50
CA ALA I 2383 89.93 2.39 -7.50
C ALA I 2383 91.43 2.56 -7.61
N ILE I 2384 91.92 3.79 -7.44
CA ILE I 2384 93.38 4.02 -7.44
C ILE I 2384 94.02 3.28 -6.28
N ARG I 2385 93.38 3.32 -5.10
CA ARG I 2385 93.92 2.59 -3.95
C ARG I 2385 93.99 1.09 -4.22
N ILE I 2386 92.95 0.53 -4.84
CA ILE I 2386 92.98 -0.89 -5.20
C ILE I 2386 93.84 -1.13 -6.43
N SER I 2387 94.14 -0.09 -7.21
CA SER I 2387 94.98 -0.26 -8.39
C SER I 2387 96.37 -0.78 -8.00
N GLU I 2388 97.01 -0.12 -7.03
CA GLU I 2388 98.29 -0.58 -6.50
C GLU I 2388 98.12 -1.45 -5.26
N ASP I 2389 97.25 -2.45 -5.37
CA ASP I 2389 96.99 -3.39 -4.27
C ASP I 2389 96.83 -4.78 -4.86
N PRO I 2390 97.95 -5.44 -5.20
CA PRO I 2390 97.85 -6.78 -5.82
C PRO I 2390 97.15 -7.79 -4.94
N ALA I 2391 97.23 -7.65 -3.61
CA ALA I 2391 96.58 -8.59 -2.72
C ALA I 2391 95.06 -8.56 -2.88
N ARG I 2392 94.48 -7.35 -2.94
CA ARG I 2392 93.04 -7.22 -3.03
C ARG I 2392 92.49 -7.82 -4.33
N ASP I 2393 92.84 -7.18 -5.46
CA ASP I 2393 92.49 -7.55 -6.83
C ASP I 2393 91.78 -8.88 -6.99
N GLY I 2394 92.45 -9.84 -7.64
CA GLY I 2394 91.95 -11.18 -7.76
C GLY I 2394 93.04 -12.21 -7.53
N PRO I 2395 94.06 -11.84 -6.74
CA PRO I 2395 95.26 -12.59 -6.39
C PRO I 2395 95.96 -13.20 -7.61
N ASN I 2414 90.50 -8.14 -14.92
CA ASN I 2414 90.44 -9.36 -15.71
C ASN I 2414 91.81 -10.00 -15.83
N ARG I 2415 92.27 -10.19 -17.06
CA ARG I 2415 93.60 -10.77 -17.29
C ARG I 2415 94.73 -9.85 -16.85
N VAL I 2416 94.44 -8.59 -16.55
CA VAL I 2416 95.43 -7.63 -16.09
C VAL I 2416 95.21 -7.26 -14.63
N HIS I 2417 94.07 -6.66 -14.31
CA HIS I 2417 93.72 -6.27 -12.94
C HIS I 2417 92.24 -5.91 -12.92
N LEU I 2418 91.76 -5.44 -11.76
CA LEU I 2418 90.38 -5.07 -11.56
C LEU I 2418 90.14 -3.56 -11.55
N GLY I 2419 91.11 -2.80 -11.04
CA GLY I 2419 90.94 -1.35 -10.99
C GLY I 2419 90.79 -0.72 -12.36
N HIS I 2420 91.48 -1.25 -13.37
CA HIS I 2420 91.34 -0.74 -14.72
C HIS I 2420 89.92 -0.95 -15.23
N ALA I 2421 89.32 -2.10 -14.89
CA ALA I 2421 87.95 -2.35 -15.31
C ALA I 2421 86.97 -1.35 -14.69
N ILE I 2422 87.18 -1.01 -13.42
CA ILE I 2422 86.35 0.01 -12.79
C ILE I 2422 86.55 1.36 -13.46
N MET I 2423 87.80 1.71 -13.75
CA MET I 2423 88.06 2.96 -14.45
C MET I 2423 87.42 2.95 -15.84
N SER I 2424 87.47 1.80 -16.52
CA SER I 2424 86.91 1.72 -17.86
C SER I 2424 85.41 2.00 -17.85
N PHE I 2425 84.70 1.49 -16.84
CA PHE I 2425 83.24 1.64 -16.79
C PHE I 2425 82.84 3.11 -16.69
N TYR I 2426 83.19 3.76 -15.58
CA TYR I 2426 82.68 5.10 -15.32
C TYR I 2426 83.16 6.09 -16.38
N ALA I 2427 84.38 5.93 -16.86
CA ALA I 2427 84.86 6.79 -17.95
C ALA I 2427 84.02 6.59 -19.20
N ALA I 2428 83.65 5.35 -19.51
CA ALA I 2428 82.84 5.09 -20.70
C ALA I 2428 81.41 5.58 -20.52
N LEU I 2429 80.87 5.53 -19.29
CA LEU I 2429 79.50 5.98 -19.07
C LEU I 2429 79.38 7.47 -19.31
N ILE I 2430 80.32 8.26 -18.78
CA ILE I 2430 80.28 9.70 -19.00
C ILE I 2430 80.56 10.03 -20.46
N ASP I 2431 81.35 9.19 -21.14
CA ASP I 2431 81.52 9.36 -22.58
C ASP I 2431 80.20 9.22 -23.32
N LEU I 2432 79.36 8.28 -22.88
CA LEU I 2432 78.01 8.16 -23.45
C LEU I 2432 77.20 9.42 -23.16
N LEU I 2433 77.14 9.84 -21.90
CA LEU I 2433 76.41 11.06 -21.56
C LEU I 2433 77.27 12.31 -21.73
N GLY I 2434 78.00 12.40 -22.83
CA GLY I 2434 78.62 13.64 -23.26
C GLY I 2434 78.26 13.86 -24.71
N ARG I 2435 78.01 12.75 -25.40
CA ARG I 2435 77.57 12.77 -26.78
C ARG I 2435 76.06 12.54 -26.90
N CYS I 2436 75.43 12.03 -25.85
CA CYS I 2436 73.98 12.03 -25.73
C CYS I 2436 73.44 13.38 -25.31
N ALA I 2437 74.28 14.41 -25.35
CA ALA I 2437 73.93 15.81 -25.09
C ALA I 2437 72.75 16.19 -25.96
N PRO I 2438 71.98 17.24 -25.61
CA PRO I 2438 70.78 17.57 -26.38
C PRO I 2438 71.08 17.79 -27.86
N GLU I 2439 71.92 18.78 -28.16
CA GLU I 2439 72.34 19.04 -29.52
C GLU I 2439 73.41 20.14 -29.52
N MET I 2440 73.94 20.46 -30.69
CA MET I 2440 74.74 21.67 -30.81
C MET I 2440 73.87 22.90 -30.63
N HIS I 2441 74.51 24.05 -30.52
CA HIS I 2441 73.77 25.28 -30.26
C HIS I 2441 72.87 25.70 -31.42
N LEU I 2442 72.78 24.93 -32.49
CA LEU I 2442 71.81 25.21 -33.54
C LEU I 2442 70.39 25.11 -32.99
N ILE I 2443 70.15 24.15 -32.09
CA ILE I 2443 68.84 23.97 -31.47
C ILE I 2443 68.78 24.60 -30.08
N GLN I 2444 69.89 24.52 -29.32
CA GLN I 2444 69.88 24.98 -27.94
C GLN I 2444 69.76 26.49 -27.83
N ALA I 2445 70.01 27.22 -28.90
CA ALA I 2445 69.92 28.68 -28.89
C ALA I 2445 68.65 29.21 -29.55
N GLY I 2446 67.77 28.33 -30.03
CA GLY I 2446 66.56 28.79 -30.69
C GLY I 2446 65.33 27.93 -30.40
N LYS I 2447 65.32 27.25 -29.26
CA LYS I 2447 64.24 26.35 -28.91
C LYS I 2447 64.20 26.23 -27.40
N GLY I 2448 63.20 25.52 -26.88
CA GLY I 2448 63.06 25.35 -25.45
C GLY I 2448 62.82 23.91 -25.03
N GLU I 2449 62.80 23.00 -26.01
CA GLU I 2449 62.65 21.58 -25.70
C GLU I 2449 63.98 20.98 -25.26
N ALA I 2450 65.04 21.22 -26.04
CA ALA I 2450 66.34 20.64 -25.74
C ALA I 2450 66.91 21.12 -24.41
N LEU I 2451 66.51 22.32 -23.95
CA LEU I 2451 67.02 22.82 -22.68
C LEU I 2451 66.58 21.95 -21.51
N ARG I 2452 65.43 21.28 -21.64
CA ARG I 2452 64.99 20.37 -20.60
C ARG I 2452 65.98 19.23 -20.41
N ILE I 2453 66.48 18.65 -21.51
CA ILE I 2453 67.42 17.54 -21.40
C ILE I 2453 68.75 18.03 -20.83
N ARG I 2454 69.20 19.21 -21.25
CA ARG I 2454 70.48 19.74 -20.77
C ARG I 2454 70.46 19.94 -19.26
N ALA I 2455 69.33 20.38 -18.71
CA ALA I 2455 69.23 20.55 -17.27
C ALA I 2455 69.36 19.22 -16.54
N ILE I 2456 68.78 18.16 -17.11
CA ILE I 2456 68.81 16.86 -16.44
C ILE I 2456 70.25 16.34 -16.34
N LEU I 2457 70.94 16.25 -17.47
CA LEU I 2457 72.26 15.64 -17.47
C LEU I 2457 73.27 16.50 -16.70
N ARG I 2458 73.11 17.82 -16.74
CA ARG I 2458 73.98 18.69 -15.95
C ARG I 2458 73.77 18.51 -14.46
N SER I 2459 72.59 18.07 -14.04
CA SER I 2459 72.31 17.91 -12.62
C SER I 2459 72.85 16.61 -12.05
N LEU I 2460 73.40 15.72 -12.89
CA LEU I 2460 73.91 14.44 -12.42
C LEU I 2460 75.42 14.41 -12.28
N VAL I 2461 76.14 15.30 -12.95
CA VAL I 2461 77.58 15.40 -12.85
C VAL I 2461 77.96 16.80 -12.37
N PRO I 2462 78.23 16.96 -11.08
CA PRO I 2462 78.69 18.26 -10.58
C PRO I 2462 80.00 18.68 -11.23
N LEU I 2463 80.10 19.98 -11.54
CA LEU I 2463 81.29 20.47 -12.22
C LEU I 2463 82.48 20.56 -11.27
N ASP I 2464 82.22 20.78 -9.98
CA ASP I 2464 83.31 20.95 -9.02
C ASP I 2464 84.18 19.70 -8.93
N ASP I 2465 83.56 18.52 -8.86
CA ASP I 2465 84.33 17.29 -8.85
C ASP I 2465 84.91 16.98 -10.22
N LEU I 2466 84.16 17.30 -11.29
CA LEU I 2466 84.60 16.96 -12.63
C LEU I 2466 85.88 17.71 -13.00
N VAL I 2467 85.98 18.98 -12.62
CA VAL I 2467 87.16 19.76 -12.98
C VAL I 2467 88.39 19.21 -12.28
N GLY I 2468 88.23 18.72 -11.05
CA GLY I 2468 89.36 18.19 -10.30
C GLY I 2468 89.83 16.82 -10.78
N ILE I 2469 88.98 16.09 -11.51
CA ILE I 2469 89.36 14.73 -11.91
C ILE I 2469 90.48 14.72 -12.94
N ILE I 2470 90.71 15.83 -13.63
CA ILE I 2470 91.79 15.90 -14.64
C ILE I 2470 93.06 16.31 -13.89
N SER I 2471 93.72 15.32 -13.30
CA SER I 2471 94.92 15.53 -12.50
C SER I 2471 95.47 14.16 -12.13
N LEU I 2472 96.64 14.18 -11.49
CA LEU I 2472 97.31 13.00 -10.96
C LEU I 2472 97.62 11.98 -12.04
N PRO I 2473 98.59 12.24 -12.92
CA PRO I 2473 99.06 11.19 -13.82
C PRO I 2473 100.00 10.24 -13.08
N LEU I 2474 99.95 8.97 -13.48
CA LEU I 2474 100.65 7.93 -12.75
C LEU I 2474 102.16 8.16 -12.70
N GLN I 2475 102.82 8.07 -13.86
CA GLN I 2475 104.28 8.23 -13.93
C GLN I 2475 104.69 8.26 -15.40
N ILE I 2476 105.99 8.36 -15.63
CA ILE I 2476 106.56 8.27 -16.97
C ILE I 2476 107.75 7.32 -16.95
N PRO I 2477 107.91 6.52 -18.00
CA PRO I 2477 109.06 5.60 -18.05
C PRO I 2477 110.38 6.33 -17.87
N THR I 2478 111.25 5.74 -17.07
CA THR I 2478 112.53 6.36 -16.73
C THR I 2478 113.50 5.27 -16.27
N LEU I 2479 114.78 5.64 -16.22
CA LEU I 2479 115.85 4.75 -15.79
C LEU I 2479 115.91 3.48 -16.64
N GLN I 2487 112.12 1.53 -18.14
CA GLN I 2487 111.20 0.97 -17.16
C GLN I 2487 109.83 1.64 -17.24
N PRO I 2488 108.97 1.10 -18.09
CA PRO I 2488 107.63 1.66 -18.29
C PRO I 2488 106.63 1.07 -17.30
N LYS I 2489 105.41 1.59 -17.32
CA LYS I 2489 104.35 1.11 -16.44
C LYS I 2489 103.59 -0.04 -17.09
N MET I 2490 102.42 -0.36 -16.53
CA MET I 2490 101.60 -1.46 -17.05
C MET I 2490 100.19 -0.98 -17.36
N SER I 2491 99.59 -1.56 -18.40
CA SER I 2491 98.22 -1.25 -18.77
C SER I 2491 97.25 -2.11 -17.98
N ALA I 2492 97.42 -2.12 -16.67
CA ALA I 2492 96.59 -2.93 -15.78
C ALA I 2492 95.92 -2.04 -14.74
N SER I 2493 96.46 -0.84 -14.55
CA SER I 2493 95.91 0.08 -13.56
C SER I 2493 95.16 1.23 -14.24
N PHE I 2494 94.63 2.13 -13.42
CA PHE I 2494 93.89 3.29 -13.93
C PHE I 2494 94.83 4.24 -14.65
N VAL I 2495 94.86 4.14 -15.98
CA VAL I 2495 95.74 4.97 -16.79
C VAL I 2495 95.25 6.40 -16.88
N PRO I 2496 95.77 7.14 -17.86
CA PRO I 2496 95.38 8.53 -18.04
C PRO I 2496 95.00 8.79 -19.50
N ASP I 2497 95.25 7.80 -20.34
CA ASP I 2497 94.91 7.91 -21.76
C ASP I 2497 93.40 7.95 -21.94
N HIS I 2498 92.69 7.21 -21.10
CA HIS I 2498 91.24 7.17 -21.15
C HIS I 2498 90.63 8.12 -20.14
N LYS I 2499 91.14 9.35 -20.11
CA LYS I 2499 90.60 10.38 -19.25
C LYS I 2499 90.04 11.52 -20.10
N ALA I 2500 90.13 11.34 -21.41
CA ALA I 2500 89.62 12.34 -22.35
C ALA I 2500 88.10 12.22 -22.48
N SER I 2501 87.54 11.22 -21.82
CA SER I 2501 86.10 11.02 -21.81
C SER I 2501 85.44 12.05 -20.90
N MET I 2502 86.24 12.71 -20.09
CA MET I 2502 85.76 13.77 -19.22
C MET I 2502 86.01 15.14 -19.87
N VAL I 2503 86.80 15.15 -20.93
CA VAL I 2503 87.07 16.38 -21.66
C VAL I 2503 85.89 16.74 -22.54
N LEU I 2504 85.36 15.74 -23.25
CA LEU I 2504 84.20 15.94 -24.11
C LEU I 2504 82.94 16.06 -23.27
N PHE I 2505 83.05 15.68 -21.99
CA PHE I 2505 81.91 15.74 -21.09
C PHE I 2505 81.66 17.15 -20.58
N LEU I 2506 82.66 18.00 -20.73
CA LEU I 2506 82.57 19.38 -20.27
C LEU I 2506 82.61 20.35 -21.45
N ASP I 2507 83.05 19.84 -22.61
CA ASP I 2507 83.13 20.66 -23.80
C ASP I 2507 81.75 20.88 -24.41
N ARG I 2508 80.84 19.94 -24.16
CA ARG I 2508 79.50 20.01 -24.72
C ARG I 2508 78.44 19.72 -23.67
N VAL I 2509 78.48 20.44 -22.56
CA VAL I 2509 77.48 20.28 -21.50
C VAL I 2509 77.45 21.53 -20.61
N TYR I 2510 78.62 21.92 -20.12
CA TYR I 2510 78.73 23.12 -19.31
C TYR I 2510 79.47 24.20 -20.10
N GLY I 2511 80.52 23.79 -20.80
CA GLY I 2511 81.27 24.64 -21.73
C GLY I 2511 82.00 25.79 -21.06
N ILE I 2512 83.02 26.31 -21.75
CA ILE I 2512 83.77 27.46 -21.28
C ILE I 2512 82.94 28.73 -21.43
N GLU I 2513 83.19 29.72 -20.58
CA GLU I 2513 82.40 30.94 -20.60
C GLU I 2513 83.19 32.16 -20.15
N ASN I 2514 83.31 32.34 -18.84
CA ASN I 2514 83.96 33.51 -18.26
C ASN I 2514 85.48 33.45 -18.39
N GLN I 2515 86.16 33.42 -17.26
CA GLN I 2515 87.62 33.38 -17.24
C GLN I 2515 88.11 32.23 -16.38
N ASP I 2516 87.29 31.19 -16.26
CA ASP I 2516 87.65 30.01 -15.48
C ASP I 2516 88.60 29.13 -16.28
N PHE I 2517 88.82 29.50 -17.55
CA PHE I 2517 89.73 28.77 -18.41
C PHE I 2517 91.15 28.83 -17.85
N LEU I 2518 91.46 29.90 -17.15
CA LEU I 2518 92.76 30.06 -16.51
C LEU I 2518 92.94 29.02 -15.41
N LEU I 2519 91.91 28.83 -14.60
CA LEU I 2519 91.93 27.81 -13.56
C LEU I 2519 91.89 26.43 -14.21
N HIS I 2520 91.26 26.35 -15.38
CA HIS I 2520 91.23 25.12 -16.14
C HIS I 2520 92.58 24.87 -16.78
N VAL I 2521 93.29 25.95 -17.11
CA VAL I 2521 94.63 25.85 -17.66
C VAL I 2521 95.64 25.68 -16.54
N LEU I 2522 95.17 25.82 -15.30
CA LEU I 2522 96.01 25.60 -14.13
C LEU I 2522 95.87 24.16 -13.63
N ASP I 2523 95.50 23.28 -14.54
CA ASP I 2523 95.34 21.86 -14.23
C ASP I 2523 95.52 21.02 -15.47
N VAL I 2524 95.16 21.58 -16.63
CA VAL I 2524 95.32 20.89 -17.90
C VAL I 2524 96.74 21.06 -18.43
N GLY I 2525 97.35 22.19 -18.12
CA GLY I 2525 98.72 22.47 -18.56
C GLY I 2525 99.72 21.69 -17.72
N PHE I 2526 99.28 21.20 -16.57
CA PHE I 2526 100.12 20.39 -15.70
C PHE I 2526 100.49 19.09 -16.43
N LEU I 2527 99.53 18.56 -17.18
CA LEU I 2527 99.78 17.36 -17.98
C LEU I 2527 100.53 17.74 -19.25
N PRO I 2528 100.27 18.95 -19.75
CA PRO I 2528 100.96 19.45 -20.93
C PRO I 2528 102.39 19.83 -20.61
N ASP I 2529 102.67 19.97 -19.31
CA ASP I 2529 104.03 20.28 -18.86
C ASP I 2529 104.97 19.13 -19.17
N MET I 2530 104.40 17.92 -19.28
CA MET I 2530 105.16 16.75 -19.67
C MET I 2530 105.05 16.53 -21.17
N ARG I 2531 105.22 17.61 -21.92
CA ARG I 2531 105.12 17.55 -23.38
C ARG I 2531 106.29 16.77 -23.97
N ALA I 2532 107.43 17.42 -24.11
CA ALA I 2532 108.63 16.79 -24.64
C ALA I 2532 109.49 16.22 -23.53
N ALA I 2533 108.84 15.71 -22.49
CA ALA I 2533 109.55 15.12 -21.36
C ALA I 2533 109.99 13.70 -21.69
N ALA I 2534 109.59 13.22 -22.86
CA ALA I 2534 109.97 11.89 -23.32
C ALA I 2534 110.25 11.91 -24.82
N SER I 2535 109.89 13.01 -25.46
CA SER I 2535 110.09 13.16 -26.90
C SER I 2535 111.55 13.46 -27.22
N LEU I 2536 112.42 12.46 -27.02
CA LEU I 2536 113.85 12.62 -27.27
C LEU I 2536 114.52 11.26 -27.39
N ASP I 2537 114.61 10.56 -26.26
CA ASP I 2537 115.26 9.26 -26.21
C ASP I 2537 114.50 8.23 -27.06
N THR I 2538 113.36 7.78 -26.55
CA THR I 2538 112.57 6.78 -27.25
C THR I 2538 111.07 7.02 -27.07
N ALA I 2539 110.65 7.19 -25.81
CA ALA I 2539 109.24 7.37 -25.46
C ALA I 2539 108.40 6.18 -25.90
N THR I 2540 108.21 5.23 -24.98
CA THR I 2540 107.46 4.02 -25.28
C THR I 2540 105.98 4.32 -25.49
N PHE I 2541 105.21 4.33 -24.40
CA PHE I 2541 103.78 4.59 -24.48
C PHE I 2541 103.50 6.02 -24.93
N SER I 2542 103.22 6.19 -26.22
CA SER I 2542 102.94 7.50 -26.78
C SER I 2542 101.44 7.80 -26.74
N THR I 2543 100.81 7.46 -25.62
CA THR I 2543 99.38 7.69 -25.46
C THR I 2543 99.09 9.15 -25.13
N THR I 2544 100.15 9.89 -24.81
CA THR I 2544 100.01 11.31 -24.52
C THR I 2544 99.69 12.09 -25.79
N GLU I 2545 100.15 11.56 -26.92
CA GLU I 2545 99.85 12.16 -28.21
C GLU I 2545 98.38 11.96 -28.56
N MET I 2546 97.78 10.92 -28.00
CA MET I 2546 96.36 10.64 -28.21
C MET I 2546 95.51 11.62 -27.41
N ALA I 2547 96.10 12.20 -26.37
CA ALA I 2547 95.40 13.19 -25.56
C ALA I 2547 95.50 14.56 -26.21
N LEU I 2548 96.28 14.65 -27.28
CA LEU I 2548 96.41 15.88 -28.05
C LEU I 2548 95.49 15.82 -29.26
N ALA I 2549 94.35 15.19 -29.10
CA ALA I 2549 93.35 15.10 -30.15
C ALA I 2549 91.98 15.48 -29.61
N LEU I 2550 91.96 15.90 -28.35
CA LEU I 2550 90.71 16.28 -27.68
C LEU I 2550 90.97 17.27 -26.55
N ASN I 2551 92.15 17.89 -26.56
CA ASN I 2551 92.51 18.86 -25.53
C ASN I 2551 93.07 20.13 -26.17
N ARG I 2552 94.07 19.96 -27.03
CA ARG I 2552 94.66 21.09 -27.75
C ARG I 2552 93.68 21.60 -28.79
N TYR I 2553 92.80 20.73 -29.26
CA TYR I 2553 91.78 21.10 -30.22
C TYR I 2553 90.71 21.96 -29.54
N LEU I 2554 90.47 21.67 -28.27
CA LEU I 2554 89.49 22.42 -27.49
C LEU I 2554 90.05 23.78 -27.10
N CYS I 2555 91.36 23.85 -26.91
CA CYS I 2555 92.02 25.11 -26.56
C CYS I 2555 92.14 25.99 -27.80
N LEU I 2556 92.28 25.36 -28.96
CA LEU I 2556 92.35 26.09 -30.22
C LEU I 2556 90.96 26.39 -30.73
N ALA I 2557 90.11 26.91 -29.85
CA ALA I 2557 88.73 27.24 -30.19
C ALA I 2557 88.22 28.32 -29.26
N VAL I 2558 89.15 29.04 -28.64
CA VAL I 2558 88.81 30.12 -27.73
C VAL I 2558 89.78 31.29 -27.90
N LEU I 2559 89.31 32.33 -28.60
CA LEU I 2559 90.13 33.52 -28.81
C LEU I 2559 90.01 34.47 -27.62
N PRO I 2560 89.25 34.06 -26.63
CA PRO I 2560 89.08 34.84 -25.41
C PRO I 2560 90.38 34.89 -24.62
N LEU I 2561 91.05 36.04 -24.66
CA LEU I 2561 92.30 36.22 -23.94
C LEU I 2561 92.41 37.64 -23.38
N ILE I 2562 92.94 37.76 -22.16
CA ILE I 2562 93.07 39.05 -21.51
C ILE I 2562 94.51 39.32 -21.10
N THR I 2563 94.70 39.72 -19.84
CA THR I 2563 96.02 40.02 -19.32
C THR I 2563 96.11 39.73 -17.82
N LYS I 2564 96.82 40.60 -17.11
CA LYS I 2564 97.00 40.48 -15.66
C LYS I 2564 97.64 39.16 -15.26
N CYS I 2565 98.40 38.56 -16.17
CA CYS I 2565 99.07 37.28 -15.92
C CYS I 2565 100.16 37.04 -16.95
N ALA I 2566 101.04 36.09 -16.65
CA ALA I 2566 102.13 35.74 -17.57
C ALA I 2566 102.33 34.24 -17.63
N PRO I 2567 101.33 33.49 -17.14
CA PRO I 2567 101.38 32.04 -17.17
C PRO I 2567 101.24 31.52 -18.59
N LEU I 2568 100.68 32.35 -19.46
CA LEU I 2568 100.52 32.01 -20.86
C LEU I 2568 101.88 31.89 -21.55
N PHE I 2569 102.84 32.66 -21.06
CA PHE I 2569 104.20 32.64 -21.61
C PHE I 2569 104.81 31.26 -21.43
N ALA I 2570 104.51 30.61 -20.32
CA ALA I 2570 104.98 29.26 -20.06
C ALA I 2570 104.24 28.29 -20.97
N GLY I 2571 103.00 28.62 -21.30
CA GLY I 2571 102.18 27.79 -22.16
C GLY I 2571 102.47 28.05 -23.63
N THR I 2572 102.93 29.26 -23.93
CA THR I 2572 103.25 29.63 -25.30
C THR I 2572 104.45 28.83 -25.81
N GLU I 2573 105.50 28.76 -25.00
CA GLU I 2573 106.70 28.01 -25.37
C GLU I 2573 106.42 26.51 -25.30
N HIS I 2574 105.49 26.12 -24.44
CA HIS I 2574 105.15 24.71 -24.29
C HIS I 2574 104.59 24.14 -25.58
N ARG I 2575 103.79 24.94 -26.28
CA ARG I 2575 103.26 24.54 -27.57
C ARG I 2575 104.38 24.49 -28.60
N ALA I 2576 105.34 25.41 -28.47
CA ALA I 2576 106.50 25.43 -29.33
C ALA I 2576 107.43 24.28 -28.99
N ILE I 2577 107.41 23.88 -27.72
CA ILE I 2577 108.23 22.76 -27.26
C ILE I 2577 107.66 21.44 -27.77
N MET I 2578 106.33 21.42 -27.97
CA MET I 2578 105.66 20.24 -28.50
C MET I 2578 105.87 20.16 -30.01
N VAL I 2579 106.10 21.32 -30.62
CA VAL I 2579 106.33 21.38 -32.06
C VAL I 2579 107.82 21.32 -32.38
N ASP I 2580 108.63 21.04 -31.36
CA ASP I 2580 110.07 20.95 -31.53
C ASP I 2580 110.43 19.77 -32.42
N SER I 2581 109.74 18.64 -32.21
CA SER I 2581 109.96 17.45 -33.00
C SER I 2581 109.44 17.66 -34.43
N MET I 2582 110.34 17.58 -35.40
CA MET I 2582 109.97 17.78 -36.80
C MET I 2582 109.46 16.48 -37.41
N LEU I 2583 109.72 15.36 -36.73
CA LEU I 2583 109.29 14.05 -37.20
C LEU I 2583 109.26 13.03 -36.08
N HIS I 2584 109.87 13.39 -34.94
CA HIS I 2584 109.95 12.48 -33.80
C HIS I 2584 108.57 12.24 -33.19
N THR I 2585 107.86 11.23 -33.71
CA THR I 2585 106.54 10.85 -33.22
C THR I 2585 105.57 12.03 -33.27
N VAL I 2586 105.06 12.34 -34.45
CA VAL I 2586 104.17 13.48 -34.61
C VAL I 2586 102.99 13.15 -35.51
N TYR I 2587 103.23 12.29 -36.52
CA TYR I 2587 102.25 11.94 -37.53
C TYR I 2587 101.87 13.14 -38.39
N ARG I 2588 101.99 13.00 -39.71
CA ARG I 2588 101.77 14.10 -40.65
C ARG I 2588 100.38 14.71 -40.54
N LEU I 2589 99.44 13.96 -39.96
CA LEU I 2589 98.07 14.44 -39.80
C LEU I 2589 97.86 15.02 -38.39
N SER I 2590 98.49 14.38 -37.40
CA SER I 2590 98.35 14.82 -36.01
C SER I 2590 99.23 16.02 -35.72
N ARG I 2591 100.18 16.29 -36.60
CA ARG I 2591 101.08 17.43 -36.42
C ARG I 2591 100.38 18.74 -36.77
N GLY I 2592 99.36 18.64 -37.62
CA GLY I 2592 98.62 19.82 -38.06
C GLY I 2592 97.75 20.38 -36.94
N ARG I 2593 97.38 19.54 -35.99
CA ARG I 2593 96.56 19.96 -34.87
C ARG I 2593 97.35 20.86 -33.93
N SER I 2594 98.60 20.51 -33.69
CA SER I 2594 99.48 21.31 -32.84
C SER I 2594 99.97 22.53 -33.59
N LEU I 2595 100.07 22.41 -34.91
CA LEU I 2595 100.53 23.52 -35.75
C LEU I 2595 99.47 24.61 -35.86
N THR I 2596 98.20 24.18 -35.93
CA THR I 2596 97.10 25.12 -36.03
C THR I 2596 96.66 25.58 -34.64
N LYS I 2597 97.29 25.01 -33.61
CA LYS I 2597 96.96 25.37 -32.23
C LYS I 2597 97.62 26.67 -31.84
N ALA I 2598 98.76 26.97 -32.46
CA ALA I 2598 99.51 28.17 -32.13
C ALA I 2598 99.39 29.22 -33.24
N GLN I 2599 99.16 28.75 -34.47
CA GLN I 2599 99.05 29.64 -35.62
C GLN I 2599 97.85 30.58 -35.48
N ARG I 2600 96.88 30.17 -34.69
CA ARG I 2600 95.69 30.98 -34.46
C ARG I 2600 95.67 31.50 -33.02
N ASP I 2601 96.66 31.09 -32.23
CA ASP I 2601 96.75 31.52 -30.85
C ASP I 2601 97.47 32.87 -30.75
N VAL I 2602 97.98 33.34 -31.88
CA VAL I 2602 98.69 34.62 -31.92
C VAL I 2602 97.73 35.79 -32.00
N ILE I 2603 96.63 35.61 -32.71
CA ILE I 2603 95.63 36.67 -32.87
C ILE I 2603 94.68 36.73 -31.68
N GLU I 2604 95.25 36.89 -30.48
CA GLU I 2604 94.45 36.99 -29.26
C GLU I 2604 95.27 37.56 -28.12
N ASP I 2605 96.59 37.46 -28.24
CA ASP I 2605 97.50 37.98 -27.23
C ASP I 2605 97.46 39.50 -27.19
N CYS I 2606 98.00 40.08 -26.11
CA CYS I 2606 97.98 41.53 -25.94
C CYS I 2606 99.23 42.18 -26.51
N LEU I 2607 99.71 41.64 -27.63
CA LEU I 2607 100.92 42.14 -28.31
C LEU I 2607 102.12 42.19 -27.36
N MET I 2608 102.15 41.26 -26.40
CA MET I 2608 103.23 41.21 -25.42
C MET I 2608 104.01 39.90 -25.55
N ALA I 2609 103.95 39.30 -26.73
CA ALA I 2609 104.71 38.08 -26.99
C ALA I 2609 106.20 38.38 -26.97
N LEU I 2610 106.78 38.35 -25.77
CA LEU I 2610 108.18 38.73 -25.60
C LEU I 2610 109.15 37.60 -25.92
N CYS I 2611 109.34 36.71 -24.95
CA CYS I 2611 110.34 35.65 -25.06
C CYS I 2611 110.05 34.69 -26.21
N ARG I 2612 108.79 34.64 -26.64
CA ARG I 2612 108.39 33.76 -27.73
C ARG I 2612 109.12 34.14 -29.02
N TYR I 2613 109.35 35.43 -29.21
CA TYR I 2613 110.11 35.91 -30.37
C TYR I 2613 111.58 35.62 -30.18
N ILE I 2614 112.05 35.76 -28.94
CA ILE I 2614 113.44 35.49 -28.62
C ILE I 2614 113.71 33.99 -28.63
N ARG I 2615 112.66 33.21 -28.43
CA ARG I 2615 112.77 31.75 -28.49
C ARG I 2615 113.12 31.34 -29.92
N PRO I 2616 112.50 32.00 -30.88
CA PRO I 2616 112.82 31.80 -32.28
C PRO I 2616 114.12 32.52 -32.60
N SER I 2617 114.09 33.85 -32.53
CA SER I 2617 115.27 34.68 -32.74
C SER I 2617 115.96 34.37 -34.07
N MET I 2618 117.07 33.64 -33.98
CA MET I 2618 117.82 33.25 -35.17
C MET I 2618 117.77 31.74 -35.35
N LEU I 2619 117.25 31.05 -34.34
CA LEU I 2619 117.07 29.60 -34.42
C LEU I 2619 116.02 29.30 -35.49
N GLN I 2620 115.05 30.20 -35.62
CA GLN I 2620 114.07 30.11 -36.69
C GLN I 2620 114.75 30.42 -38.01
N HIS I 2621 115.67 31.38 -37.97
CA HIS I 2621 116.46 31.72 -39.15
C HIS I 2621 117.42 30.59 -39.46
N LEU I 2622 117.89 29.92 -38.41
CA LEU I 2622 118.76 28.76 -38.58
C LEU I 2622 117.97 27.61 -39.20
N LEU I 2623 118.68 26.67 -39.81
CA LEU I 2623 118.06 25.57 -40.55
C LEU I 2623 117.10 26.10 -41.59
N ARG I 2624 117.55 27.11 -42.33
CA ARG I 2624 116.74 27.74 -43.38
C ARG I 2624 116.76 26.92 -44.66
N ARG I 2625 116.61 25.60 -44.51
CA ARG I 2625 116.58 24.69 -45.65
C ARG I 2625 115.91 23.39 -45.23
N LEU I 2626 115.18 23.44 -44.12
CA LEU I 2626 114.51 22.27 -43.58
C LEU I 2626 113.00 22.37 -43.74
N VAL I 2627 112.30 21.29 -43.40
CA VAL I 2627 110.85 21.26 -43.49
C VAL I 2627 110.23 21.96 -42.27
N PHE I 2628 111.04 22.19 -41.25
CA PHE I 2628 110.57 22.85 -40.03
C PHE I 2628 110.56 24.36 -40.20
N ASP I 2629 110.89 24.82 -41.39
CA ASP I 2629 110.94 26.26 -41.68
C ASP I 2629 109.54 26.86 -41.72
N VAL I 2630 108.62 26.19 -42.41
CA VAL I 2630 107.26 26.70 -42.59
C VAL I 2630 106.45 26.64 -41.30
N PRO I 2631 107.06 26.14 -40.23
CA PRO I 2631 106.38 26.04 -38.94
C PRO I 2631 106.19 27.42 -38.31
N ILE I 2632 107.19 28.28 -38.47
CA ILE I 2632 107.14 29.60 -37.87
C ILE I 2632 107.31 30.70 -38.91
N LEU I 2633 107.56 30.31 -40.15
CA LEU I 2633 107.74 31.27 -41.24
C LEU I 2633 106.44 32.02 -41.50
N ASN I 2634 105.37 31.28 -41.72
CA ASN I 2634 104.06 31.87 -41.96
C ASN I 2634 103.51 32.49 -40.68
N GLU I 2635 103.96 31.97 -39.54
CA GLU I 2635 103.53 32.47 -38.24
C GLU I 2635 104.14 33.83 -37.94
N PHE I 2636 105.36 34.05 -38.44
CA PHE I 2636 106.06 35.32 -38.24
C PHE I 2636 105.45 36.40 -39.12
N ALA I 2637 104.95 36.00 -40.28
CA ALA I 2637 104.34 36.94 -41.22
C ALA I 2637 103.00 37.43 -40.69
N LYS I 2638 102.40 36.66 -39.81
CA LYS I 2638 101.11 37.02 -39.22
C LYS I 2638 101.27 38.12 -38.17
N MET I 2639 102.46 38.22 -37.61
CA MET I 2639 102.75 39.24 -36.61
C MET I 2639 103.01 40.59 -37.25
N PRO I 2640 103.74 40.57 -38.37
CA PRO I 2640 104.09 41.79 -39.08
C PRO I 2640 102.90 42.33 -39.87
N LEU I 2641 101.97 41.45 -40.22
CA LEU I 2641 100.79 41.86 -40.97
C LEU I 2641 99.68 42.34 -40.04
N LYS I 2642 99.99 42.40 -38.76
CA LYS I 2642 99.03 42.86 -37.75
C LYS I 2642 99.69 43.88 -36.84
N LEU I 2643 100.74 44.53 -37.34
CA LEU I 2643 101.48 45.51 -36.55
C LEU I 2643 102.29 46.44 -37.45
N LEU I 2644 101.76 46.70 -38.65
CA LEU I 2644 102.44 47.57 -39.60
C LEU I 2644 102.13 49.04 -39.33
N THR I 2645 101.90 49.36 -38.06
CA THR I 2645 101.60 50.72 -37.65
C THR I 2645 101.77 50.86 -36.14
N ASN I 2646 102.20 49.79 -35.49
CA ASN I 2646 102.39 49.80 -34.05
C ASN I 2646 103.41 48.74 -33.64
N HIS I 2647 103.30 48.27 -32.40
CA HIS I 2647 104.21 47.27 -31.83
C HIS I 2647 105.66 47.72 -31.93
N TYR I 2648 105.87 49.03 -31.91
CA TYR I 2648 107.22 49.59 -31.97
C TYR I 2648 107.55 50.26 -30.64
N GLU I 2649 106.84 49.87 -29.60
CA GLU I 2649 107.06 50.43 -28.27
C GLU I 2649 107.92 49.49 -27.43
N ARG I 2650 109.11 49.18 -27.94
CA ARG I 2650 110.04 48.31 -27.23
C ARG I 2650 111.47 48.83 -27.39
N CYS I 2651 112.43 47.91 -27.33
CA CYS I 2651 113.84 48.28 -27.47
C CYS I 2651 114.65 47.11 -28.00
N TRP I 2652 114.86 46.11 -27.14
CA TRP I 2652 115.62 44.93 -27.53
C TRP I 2652 114.89 44.15 -28.62
N LYS I 2653 113.57 44.15 -28.56
CA LYS I 2653 112.75 43.50 -29.57
C LYS I 2653 112.89 44.20 -30.90
N TYR I 2654 112.97 45.53 -30.85
CA TYR I 2654 113.18 46.33 -32.05
C TYR I 2654 114.56 46.03 -32.62
N TYR I 2655 115.50 45.76 -31.74
CA TYR I 2655 116.84 45.37 -32.15
C TYR I 2655 116.87 43.92 -32.60
N CYS I 2656 115.98 43.11 -32.02
CA CYS I 2656 115.90 41.70 -32.37
C CYS I 2656 115.30 41.52 -33.75
N LEU I 2657 114.41 42.44 -34.12
CA LEU I 2657 113.77 42.41 -35.43
C LEU I 2657 114.80 42.61 -36.53
N PRO I 2658 115.64 43.62 -36.35
CA PRO I 2658 116.70 43.91 -37.32
C PRO I 2658 117.76 42.82 -37.26
N THR I 2659 117.97 42.26 -36.08
CA THR I 2659 118.93 41.17 -35.90
C THR I 2659 118.48 39.95 -36.68
N GLY I 2660 117.16 39.77 -36.77
CA GLY I 2660 116.59 38.67 -37.53
C GLY I 2660 116.52 39.05 -39.01
N TRP I 2661 116.20 40.31 -39.28
CA TRP I 2661 116.06 40.79 -40.66
C TRP I 2661 117.38 40.70 -41.42
N ALA I 2662 118.46 41.09 -40.77
CA ALA I 2662 119.78 41.05 -41.40
C ALA I 2662 120.24 39.61 -41.58
N ASN I 2663 119.92 38.76 -40.61
CA ASN I 2663 120.30 37.36 -40.67
C ASN I 2663 119.36 36.57 -41.58
N PHE I 2664 118.22 37.17 -41.91
CA PHE I 2664 117.22 36.52 -42.76
C PHE I 2664 117.70 36.40 -44.20
N GLY I 2665 118.73 37.18 -44.54
CA GLY I 2665 119.31 37.13 -45.87
C GLY I 2665 119.84 35.74 -46.18
N VAL I 2666 120.96 35.39 -45.56
CA VAL I 2666 121.57 34.07 -45.69
C VAL I 2666 121.78 33.68 -47.15
N THR I 2667 121.34 32.47 -47.50
CA THR I 2667 121.50 31.97 -48.86
C THR I 2667 120.52 32.66 -49.81
N SER I 2668 120.96 33.75 -50.42
CA SER I 2668 120.14 34.46 -51.40
C SER I 2668 120.41 33.90 -52.79
N GLU I 2669 121.45 33.08 -52.92
CA GLU I 2669 121.80 32.47 -54.19
C GLU I 2669 122.35 31.07 -53.97
N GLU I 2670 121.46 30.08 -53.91
CA GLU I 2670 121.85 28.69 -53.69
C GLU I 2670 120.84 27.74 -54.31
N GLU I 2671 119.77 27.47 -53.58
CA GLU I 2671 118.71 26.60 -54.07
C GLU I 2671 117.95 27.27 -55.20
N LEU I 2672 118.23 26.85 -56.43
CA LEU I 2672 117.61 27.44 -57.61
C LEU I 2672 116.23 26.84 -57.88
N HIS I 2673 115.74 26.06 -56.93
CA HIS I 2673 114.41 25.45 -57.05
C HIS I 2673 113.33 26.52 -57.10
N LEU I 2674 112.51 26.47 -58.15
CA LEU I 2674 111.45 27.45 -58.34
C LEU I 2674 110.33 27.25 -57.32
N THR I 2675 110.15 26.01 -56.86
CA THR I 2675 109.10 25.69 -55.91
C THR I 2675 109.66 25.62 -54.48
N ARG I 2676 110.85 26.18 -54.29
CA ARG I 2676 111.49 26.16 -52.98
C ARG I 2676 110.79 27.12 -52.01
N LYS I 2677 111.26 27.13 -50.77
CA LYS I 2677 110.69 28.00 -49.75
C LYS I 2677 111.00 29.47 -50.05
N LEU I 2678 112.00 29.69 -50.89
CA LEU I 2678 112.38 31.05 -51.28
C LEU I 2678 111.23 31.74 -52.02
N PHE I 2679 110.61 31.01 -52.94
CA PHE I 2679 109.48 31.55 -53.69
C PHE I 2679 108.20 31.45 -52.87
N TRP I 2680 108.25 30.69 -51.78
CA TRP I 2680 107.11 30.53 -50.90
C TRP I 2680 107.15 31.57 -49.79
N GLY I 2681 108.28 31.63 -49.08
CA GLY I 2681 108.44 32.59 -47.99
C GLY I 2681 109.08 33.88 -48.50
N ILE I 2682 108.73 34.27 -49.73
CA ILE I 2682 109.23 35.52 -50.30
C ILE I 2682 108.53 36.70 -49.65
N PHE I 2683 107.29 36.47 -49.21
CA PHE I 2683 106.51 37.51 -48.54
C PHE I 2683 107.06 37.76 -47.14
N ASP I 2684 107.78 36.78 -46.61
CA ASP I 2684 108.38 36.90 -45.29
C ASP I 2684 109.52 37.91 -45.31
N SER I 2685 110.07 38.16 -46.49
CA SER I 2685 111.15 39.11 -46.65
C SER I 2685 110.62 40.54 -46.58
N LEU I 2686 109.40 40.73 -47.10
CA LEU I 2686 108.76 42.04 -47.08
C LEU I 2686 108.30 42.39 -45.67
N ALA I 2687 108.15 41.37 -44.83
CA ALA I 2687 107.72 41.57 -43.45
C ALA I 2687 108.85 42.20 -42.62
N HIS I 2688 109.16 43.45 -42.93
CA HIS I 2688 110.21 44.18 -42.22
C HIS I 2688 109.97 45.67 -42.33
N LYS I 2689 108.74 46.04 -42.65
CA LYS I 2689 108.36 47.45 -42.77
C LYS I 2689 107.97 48.02 -41.41
N LYS I 2690 108.09 47.20 -40.38
CA LYS I 2690 107.78 47.63 -39.01
C LYS I 2690 108.80 48.67 -38.56
N TYR I 2691 110.07 48.43 -38.90
CA TYR I 2691 111.14 49.35 -38.55
C TYR I 2691 111.01 50.63 -39.38
N ASP I 2692 110.88 51.75 -38.70
CA ASP I 2692 110.72 53.05 -39.36
C ASP I 2692 112.04 53.54 -39.92
N GLN I 2693 112.52 54.66 -39.39
CA GLN I 2693 113.80 55.22 -39.80
C GLN I 2693 114.91 54.67 -38.92
N GLU I 2694 114.85 53.38 -38.65
CA GLU I 2694 115.86 52.71 -37.83
C GLU I 2694 117.04 52.26 -38.68
N LEU I 2695 117.40 53.08 -39.66
CA LEU I 2695 118.56 52.81 -40.49
C LEU I 2695 119.82 53.07 -39.68
N TYR I 2696 119.69 53.89 -38.64
CA TYR I 2696 120.79 54.17 -37.72
C TYR I 2696 120.43 53.66 -36.33
N ARG I 2697 119.89 52.44 -36.26
CA ARG I 2697 119.45 51.86 -35.01
C ARG I 2697 120.62 51.25 -34.24
N MET I 2698 121.59 50.71 -34.96
CA MET I 2698 122.75 50.07 -34.34
C MET I 2698 124.01 50.25 -35.19
N ALA I 2699 125.10 49.66 -34.72
CA ALA I 2699 126.38 49.76 -35.42
C ALA I 2699 126.50 48.73 -36.53
N MET I 2700 127.50 47.86 -36.42
CA MET I 2700 127.73 46.82 -37.41
C MET I 2700 128.60 45.70 -36.85
N PRO I 2701 127.97 44.57 -36.55
CA PRO I 2701 128.68 43.41 -36.00
C PRO I 2701 128.10 42.10 -36.53
N CYS I 2702 128.85 41.03 -36.33
CA CYS I 2702 128.41 39.70 -36.79
C CYS I 2702 128.94 38.61 -35.85
N LEU I 2703 129.46 37.55 -36.44
CA LEU I 2703 129.99 36.43 -35.66
C LEU I 2703 131.52 36.51 -35.58
N LEU I 2751 147.82 41.18 -19.60
CA LEU I 2751 148.92 41.24 -20.57
C LEU I 2751 150.25 40.91 -19.90
N ASP I 2752 150.53 41.63 -18.82
CA ASP I 2752 151.78 41.49 -18.09
C ASP I 2752 151.43 41.27 -16.62
N SER I 2753 152.43 41.33 -15.75
CA SER I 2753 152.21 41.16 -14.32
C SER I 2753 151.18 42.16 -13.77
N PHE I 2754 150.86 43.21 -14.52
CA PHE I 2754 149.80 44.12 -14.13
C PHE I 2754 148.42 43.45 -14.21
N ILE I 2755 148.30 42.37 -14.97
CA ILE I 2755 147.01 41.69 -15.10
C ILE I 2755 146.60 41.07 -13.77
N ASN I 2756 147.56 40.70 -12.91
CA ASN I 2756 147.22 40.18 -11.60
C ASN I 2756 146.52 41.23 -10.73
N LYS I 2757 146.71 42.51 -11.04
CA LYS I 2757 146.02 43.58 -10.35
C LYS I 2757 144.64 43.88 -10.92
N PHE I 2758 144.30 43.30 -12.09
CA PHE I 2758 142.93 43.44 -12.58
C PHE I 2758 141.95 42.62 -11.76
N ALA I 2759 142.37 41.42 -11.33
CA ALA I 2759 141.55 40.64 -10.43
C ALA I 2759 141.33 41.36 -9.11
N GLU I 2760 142.27 42.23 -8.73
CA GLU I 2760 142.05 43.11 -7.58
C GLU I 2760 140.85 44.01 -7.82
N TYR I 2761 140.80 44.66 -8.99
CA TYR I 2761 139.69 45.55 -9.31
C TYR I 2761 138.37 44.81 -9.29
N THR I 2762 138.32 43.61 -9.90
CA THR I 2762 137.10 42.82 -9.87
C THR I 2762 136.72 42.48 -8.43
N HIS I 2763 137.70 42.30 -7.56
CA HIS I 2763 137.45 42.11 -6.14
C HIS I 2763 137.25 43.42 -5.39
N GLU I 2764 137.94 44.49 -5.78
CA GLU I 2764 137.79 45.76 -5.07
C GLU I 2764 136.37 46.26 -5.13
N LYS I 2765 135.72 46.15 -6.30
CA LYS I 2765 134.30 46.44 -6.39
C LYS I 2765 133.48 45.36 -5.69
N TRP I 2766 133.94 44.11 -5.74
CA TRP I 2766 133.19 43.01 -5.13
C TRP I 2766 133.34 42.99 -3.61
N ALA I 2767 134.49 43.43 -3.09
CA ALA I 2767 134.66 43.51 -1.64
C ALA I 2767 133.94 44.70 -1.04
N PHE I 2768 133.90 45.84 -1.76
CA PHE I 2768 133.39 47.07 -1.18
C PHE I 2768 131.91 46.96 -0.83
N ASP I 2769 131.11 46.37 -1.72
CA ASP I 2769 129.67 46.33 -1.50
C ASP I 2769 129.27 45.34 -0.40
N LYS I 2770 130.13 44.38 -0.08
CA LYS I 2770 129.80 43.41 0.96
C LYS I 2770 129.68 44.08 2.33
N ILE I 2771 130.67 44.88 2.70
CA ILE I 2771 130.57 45.65 3.94
C ILE I 2771 129.40 46.63 3.85
N GLN I 2772 129.17 47.17 2.65
CA GLN I 2772 128.01 48.03 2.43
C GLN I 2772 126.70 47.27 2.63
N ASN I 2773 126.72 45.95 2.46
CA ASN I 2773 125.52 45.12 2.54
C ASN I 2773 125.64 44.03 3.61
N ASN I 2774 126.25 44.37 4.74
CA ASN I 2774 126.32 43.58 5.96
C ASN I 2774 127.22 42.35 5.85
N TRP I 2775 127.84 42.10 4.71
CA TRP I 2775 128.74 40.95 4.54
C TRP I 2775 130.12 41.39 4.98
N SER I 2776 130.46 41.15 6.26
CA SER I 2776 131.69 41.73 6.80
C SER I 2776 132.89 40.80 6.68
N TYR I 2777 132.88 39.68 7.41
CA TYR I 2777 133.98 38.72 7.38
C TYR I 2777 133.68 37.58 8.35
N GLY I 2778 134.38 36.46 8.16
CA GLY I 2778 134.62 35.51 9.22
C GLY I 2778 134.54 34.02 8.91
N GLU I 2779 133.61 33.56 8.09
CA GLU I 2779 133.78 32.19 7.60
C GLU I 2779 133.54 32.05 6.09
N ASN I 2780 132.43 32.60 5.61
CA ASN I 2780 132.02 32.47 4.21
C ASN I 2780 130.77 33.28 3.91
N VAL I 2781 130.24 33.15 2.70
CA VAL I 2781 128.90 33.65 2.41
C VAL I 2781 127.88 32.68 3.00
N ASP I 2782 126.98 33.20 3.83
CA ASP I 2782 126.01 32.36 4.50
C ASP I 2782 124.83 33.23 4.95
N GLU I 2783 123.69 32.58 5.19
CA GLU I 2783 122.52 33.30 5.66
C GLU I 2783 122.58 33.56 7.16
N GLU I 2784 122.95 32.55 7.96
CA GLU I 2784 123.08 32.72 9.40
C GLU I 2784 124.31 33.52 9.78
N LEU I 2785 125.35 33.51 8.97
CA LEU I 2785 126.59 34.22 9.25
C LEU I 2785 126.62 35.61 8.62
N LYS I 2786 126.24 35.71 7.34
CA LYS I 2786 126.26 36.97 6.60
C LYS I 2786 127.64 37.62 6.66
N THR I 2787 128.63 36.89 6.16
CA THR I 2787 130.03 37.29 6.23
C THR I 2787 130.64 37.30 4.84
N HIS I 2788 131.82 37.89 4.75
CA HIS I 2788 132.59 37.94 3.50
C HIS I 2788 133.71 36.93 3.57
N PRO I 2789 133.69 35.87 2.75
CA PRO I 2789 134.69 34.80 2.86
C PRO I 2789 136.12 35.28 2.60
N MET I 2790 136.34 35.85 1.42
CA MET I 2790 137.68 36.21 0.98
C MET I 2790 137.91 37.71 1.21
N LEU I 2791 138.16 38.03 2.48
CA LEU I 2791 138.50 39.41 2.87
C LEU I 2791 140.03 39.52 2.85
N ARG I 2792 140.57 39.61 1.63
CA ARG I 2792 142.02 39.63 1.46
C ARG I 2792 142.34 40.15 0.07
N PRO I 2793 143.39 40.95 -0.09
CA PRO I 2793 143.73 41.46 -1.43
C PRO I 2793 144.28 40.37 -2.32
N TYR I 2794 144.08 40.54 -3.63
CA TYR I 2794 144.58 39.59 -4.62
C TYR I 2794 146.05 39.81 -4.97
N LYS I 2795 146.65 40.92 -4.52
CA LYS I 2795 148.05 41.18 -4.86
C LYS I 2795 148.96 40.07 -4.37
N THR I 2796 148.73 39.61 -3.14
CA THR I 2796 149.40 38.43 -2.59
C THR I 2796 148.31 37.44 -2.22
N PHE I 2797 147.90 36.63 -3.18
CA PHE I 2797 146.75 35.76 -3.05
C PHE I 2797 147.14 34.29 -3.16
N SER I 2798 146.25 33.44 -2.69
CA SER I 2798 146.42 31.98 -2.81
C SER I 2798 145.97 31.55 -4.20
N GLU I 2799 145.82 30.24 -4.40
CA GLU I 2799 145.48 29.68 -5.70
C GLU I 2799 143.99 29.39 -5.86
N LYS I 2800 143.14 29.80 -4.91
CA LYS I 2800 141.72 29.48 -5.00
C LYS I 2800 141.01 30.33 -6.06
N ASP I 2801 141.49 31.54 -6.31
CA ASP I 2801 140.92 32.38 -7.35
C ASP I 2801 141.59 32.19 -8.71
N LYS I 2802 142.66 31.39 -8.78
CA LYS I 2802 143.27 31.06 -10.05
C LYS I 2802 142.35 30.22 -10.94
N GLU I 2803 141.27 29.67 -10.37
CA GLU I 2803 140.27 28.96 -11.15
C GLU I 2803 139.28 29.90 -11.82
N ILE I 2804 139.28 31.19 -11.45
CA ILE I 2804 138.38 32.17 -12.04
C ILE I 2804 139.21 33.22 -12.78
N TYR I 2805 140.12 33.87 -12.06
CA TYR I 2805 140.98 34.89 -12.63
C TYR I 2805 142.20 34.22 -13.26
N ARG I 2806 143.23 35.01 -13.59
CA ARG I 2806 144.45 34.54 -14.24
C ARG I 2806 144.16 34.11 -15.67
N TRP I 2807 144.56 32.89 -16.04
CA TRP I 2807 144.47 32.49 -17.44
C TRP I 2807 143.10 32.71 -18.07
N PRO I 2808 141.97 32.42 -17.42
CA PRO I 2808 140.68 32.85 -17.99
C PRO I 2808 140.59 34.35 -18.19
N ILE I 2809 141.12 35.16 -17.26
CA ILE I 2809 141.15 36.60 -17.49
C ILE I 2809 142.35 37.01 -18.31
N LYS I 2810 143.40 36.18 -18.39
CA LYS I 2810 144.49 36.45 -19.33
C LYS I 2810 144.00 36.32 -20.77
N GLU I 2811 143.34 35.21 -21.09
CA GLU I 2811 142.83 35.03 -22.45
C GLU I 2811 141.76 36.07 -22.78
N SER I 2812 141.10 36.61 -21.76
CA SER I 2812 140.23 37.76 -21.97
C SER I 2812 141.03 38.96 -22.43
N LEU I 2813 142.23 39.14 -21.90
CA LEU I 2813 143.13 40.22 -22.29
C LEU I 2813 144.23 39.76 -23.24
N LYS I 2814 144.24 38.49 -23.63
CA LYS I 2814 145.21 37.98 -24.59
C LYS I 2814 144.60 37.70 -25.96
N ALA I 2815 143.28 37.50 -26.04
CA ALA I 2815 142.63 37.38 -27.33
C ALA I 2815 142.63 38.72 -28.08
N MET I 2816 142.56 39.82 -27.34
CA MET I 2816 142.53 41.14 -27.98
C MET I 2816 143.84 41.44 -28.69
N ILE I 2817 144.97 41.04 -28.11
CA ILE I 2817 146.26 41.30 -28.75
C ILE I 2817 146.45 40.39 -29.97
N ALA I 2818 145.66 39.33 -30.09
CA ALA I 2818 145.78 38.45 -31.25
C ALA I 2818 145.23 39.11 -32.50
N TRP I 2819 143.95 39.47 -32.49
CA TRP I 2819 143.33 40.14 -33.64
C TRP I 2819 143.55 41.65 -33.57
N TYR I 2855 139.25 45.19 6.03
CA TYR I 2855 139.78 45.43 4.69
C TYR I 2855 138.71 46.04 3.80
N ASN I 2856 138.90 47.32 3.45
CA ASN I 2856 137.94 48.09 2.65
C ASN I 2856 138.68 48.69 1.46
N PRO I 2857 138.91 47.91 0.41
CA PRO I 2857 139.54 48.47 -0.79
C PRO I 2857 138.63 49.46 -1.49
N GLN I 2858 139.24 50.43 -2.15
CA GLN I 2858 138.51 51.49 -2.84
C GLN I 2858 138.69 51.36 -4.35
N PRO I 2859 137.70 50.85 -5.08
CA PRO I 2859 137.81 50.81 -6.53
C PRO I 2859 137.55 52.18 -7.15
N PRO I 2860 138.45 52.66 -7.98
CA PRO I 2860 138.26 53.99 -8.58
C PRO I 2860 137.19 53.96 -9.66
N ASP I 2861 136.74 55.16 -10.03
CA ASP I 2861 135.75 55.30 -11.09
C ASP I 2861 136.42 55.06 -12.44
N LEU I 2862 135.78 54.24 -13.28
CA LEU I 2862 136.34 53.87 -14.57
C LEU I 2862 135.72 54.63 -15.74
N SER I 2863 134.58 55.27 -15.54
CA SER I 2863 133.85 55.93 -16.61
C SER I 2863 134.35 57.35 -16.89
N GLY I 2864 135.59 57.66 -16.51
CA GLY I 2864 136.11 58.99 -16.77
C GLY I 2864 136.16 59.33 -18.25
N VAL I 2865 136.48 58.34 -19.09
CA VAL I 2865 136.51 58.52 -20.54
C VAL I 2865 135.48 57.56 -21.14
N THR I 2866 134.47 58.10 -21.80
CA THR I 2866 133.48 57.27 -22.46
C THR I 2866 134.08 56.60 -23.69
N LEU I 2867 133.63 55.37 -23.96
CA LEU I 2867 134.12 54.60 -25.09
C LEU I 2867 133.49 55.13 -26.36
N SER I 2868 134.29 55.78 -27.21
CA SER I 2868 133.80 56.28 -28.48
C SER I 2868 133.59 55.13 -29.45
N ARG I 2869 133.03 55.46 -30.62
CA ARG I 2869 132.70 54.43 -31.61
C ARG I 2869 133.91 53.60 -32.02
N GLU I 2870 135.13 54.14 -31.90
CA GLU I 2870 136.32 53.33 -32.12
C GLU I 2870 136.41 52.22 -31.09
N LEU I 2871 136.01 52.49 -29.85
CA LEU I 2871 136.04 51.50 -28.78
C LEU I 2871 134.66 50.97 -28.40
N GLN I 2872 133.58 51.72 -28.69
CA GLN I 2872 132.25 51.25 -28.34
C GLN I 2872 131.88 49.99 -29.11
N ALA I 2873 132.16 49.96 -30.42
CA ALA I 2873 131.94 48.76 -31.20
C ALA I 2873 132.94 47.67 -30.84
N MET I 2874 134.04 48.01 -30.17
CA MET I 2874 134.98 47.01 -29.70
C MET I 2874 134.49 46.34 -28.42
N ALA I 2875 133.79 47.09 -27.56
CA ALA I 2875 133.05 46.46 -26.47
C ALA I 2875 131.90 45.61 -27.01
N GLU I 2876 131.29 46.03 -28.13
CA GLU I 2876 130.37 45.17 -28.85
C GLU I 2876 131.02 43.85 -29.22
N GLN I 2877 132.34 43.86 -29.40
CA GLN I 2877 133.11 42.63 -29.62
C GLN I 2877 133.57 42.00 -28.32
N LEU I 2878 133.83 42.81 -27.29
CA LEU I 2878 134.17 42.25 -25.98
C LEU I 2878 133.00 41.49 -25.38
N ALA I 2879 131.78 42.02 -25.52
CA ALA I 2879 130.61 41.28 -25.08
C ALA I 2879 130.40 40.04 -25.94
N GLU I 2880 130.83 40.08 -27.20
CA GLU I 2880 130.78 38.90 -28.06
C GLU I 2880 131.66 37.78 -27.54
N ASN I 2881 132.74 38.14 -26.82
CA ASN I 2881 133.61 37.12 -26.24
C ASN I 2881 132.88 36.29 -25.20
N TYR I 2882 131.99 36.93 -24.42
CA TYR I 2882 131.25 36.21 -23.38
C TYR I 2882 130.35 35.14 -23.98
N HIS I 2883 129.92 35.31 -25.23
CA HIS I 2883 129.14 34.31 -25.93
C HIS I 2883 129.98 33.50 -26.92
N ASN I 2884 131.27 33.81 -27.04
CA ASN I 2884 132.19 33.02 -27.86
C ASN I 2884 133.07 32.11 -27.01
N THR I 2885 133.82 32.68 -26.07
CA THR I 2885 134.66 31.87 -25.20
C THR I 2885 133.82 30.97 -24.29
N TRP I 2886 132.85 31.58 -23.60
CA TRP I 2886 131.94 30.80 -22.77
C TRP I 2886 130.82 30.16 -23.60
N GLY I 2887 130.42 30.82 -24.69
CA GLY I 2887 129.36 30.28 -25.53
C GLY I 2887 129.76 28.99 -26.23
N ARG I 2888 131.01 28.90 -26.68
CA ARG I 2888 131.50 27.63 -27.21
C ARG I 2888 131.51 26.56 -26.13
N LYS I 2889 131.91 26.94 -24.92
CA LYS I 2889 131.78 26.02 -23.79
C LYS I 2889 130.31 25.71 -23.51
N LYS I 2890 129.44 26.70 -23.70
CA LYS I 2890 128.00 26.47 -23.53
C LYS I 2890 127.50 25.39 -24.49
N LYS I 2891 127.95 25.44 -25.75
CA LYS I 2891 127.64 24.36 -26.67
C LYS I 2891 128.25 23.04 -26.22
N GLN I 2892 129.44 23.11 -25.61
CA GLN I 2892 130.12 21.93 -25.08
C GLN I 2892 129.71 21.63 -23.63
N GLU I 2893 128.84 22.44 -23.03
CA GLU I 2893 128.34 22.19 -21.69
C GLU I 2893 127.13 21.27 -21.71
N LEU I 2894 126.16 21.56 -22.58
CA LEU I 2894 124.96 20.74 -22.68
C LEU I 2894 125.18 19.49 -23.52
N GLU I 2895 126.25 19.44 -24.31
CA GLU I 2895 126.57 18.27 -25.12
C GLU I 2895 127.59 17.37 -24.45
N ALA I 2896 128.01 17.69 -23.22
CA ALA I 2896 128.91 16.83 -22.45
C ALA I 2896 128.27 16.36 -21.15
N LYS I 2897 126.96 16.53 -21.00
CA LYS I 2897 126.23 16.09 -19.82
C LYS I 2897 125.33 14.90 -20.08
N GLY I 2898 124.87 14.69 -21.32
CA GLY I 2898 124.01 13.58 -21.62
C GLY I 2898 122.68 13.99 -22.24
N GLY I 2899 122.65 15.19 -22.83
CA GLY I 2899 121.47 15.69 -23.50
C GLY I 2899 121.10 17.07 -22.99
N GLY I 2900 119.92 17.50 -23.39
CA GLY I 2900 119.41 18.80 -22.98
C GLY I 2900 119.61 19.85 -24.05
N THR I 2901 118.67 20.79 -24.13
CA THR I 2901 118.74 21.89 -25.07
C THR I 2901 118.32 23.18 -24.39
N HIS I 2902 118.90 24.29 -24.84
CA HIS I 2902 118.60 25.60 -24.28
C HIS I 2902 118.41 26.61 -25.40
N PRO I 2903 117.46 27.54 -25.26
CA PRO I 2903 117.22 28.52 -26.33
C PRO I 2903 118.31 29.56 -26.48
N LEU I 2904 119.29 29.60 -25.56
CA LEU I 2904 120.31 30.63 -25.61
C LEU I 2904 121.24 30.49 -26.80
N LEU I 2905 121.28 29.32 -27.45
CA LEU I 2905 122.21 29.08 -28.55
C LEU I 2905 121.81 29.85 -29.80
N VAL I 2906 121.94 31.17 -29.74
CA VAL I 2906 121.66 32.05 -30.88
C VAL I 2906 122.78 33.08 -30.96
N PRO I 2907 123.01 33.66 -32.15
CA PRO I 2907 124.06 34.68 -32.28
C PRO I 2907 123.83 35.86 -31.34
N TYR I 2908 124.90 36.62 -31.12
CA TYR I 2908 124.89 37.65 -30.09
C TYR I 2908 123.92 38.78 -30.42
N ASP I 2909 123.72 39.08 -31.71
CA ASP I 2909 122.81 40.14 -32.10
C ASP I 2909 121.37 39.87 -31.66
N THR I 2910 121.02 38.62 -31.38
CA THR I 2910 119.66 38.24 -31.02
C THR I 2910 119.51 37.94 -29.54
N LEU I 2911 120.45 38.41 -28.71
CA LEU I 2911 120.37 38.15 -27.29
C LEU I 2911 119.26 38.98 -26.65
N THR I 2912 118.83 38.52 -25.47
CA THR I 2912 117.75 39.18 -24.75
C THR I 2912 118.25 40.50 -24.13
N ALA I 2913 117.30 41.30 -23.66
CA ALA I 2913 117.63 42.57 -23.03
C ALA I 2913 118.45 42.39 -21.76
N LYS I 2914 118.34 41.23 -21.10
CA LYS I 2914 119.11 41.00 -19.89
C LYS I 2914 120.58 40.78 -20.19
N GLU I 2915 120.89 40.07 -21.27
CA GLU I 2915 122.27 39.78 -21.64
C GLU I 2915 122.88 40.85 -22.54
N LYS I 2916 122.10 41.85 -22.96
CA LYS I 2916 122.61 42.97 -23.73
C LYS I 2916 122.78 44.23 -22.91
N ALA I 2917 122.66 44.12 -21.58
CA ALA I 2917 122.81 45.27 -20.70
C ALA I 2917 123.82 45.01 -19.60
N ARG I 2918 123.97 43.74 -19.22
CA ARG I 2918 124.90 43.34 -18.18
C ARG I 2918 126.22 42.82 -18.73
N ASP I 2919 126.18 41.99 -19.77
CA ASP I 2919 127.42 41.53 -20.40
C ASP I 2919 128.15 42.68 -21.08
N ARG I 2920 127.41 43.62 -21.68
CA ARG I 2920 128.04 44.82 -22.21
C ARG I 2920 128.68 45.63 -21.10
N GLU I 2921 128.01 45.73 -19.95
CA GLU I 2921 128.63 46.34 -18.78
C GLU I 2921 129.86 45.53 -18.35
N LYS I 2922 129.77 44.20 -18.38
CA LYS I 2922 130.92 43.36 -18.14
C LYS I 2922 131.99 43.55 -19.21
N ALA I 2923 131.64 44.12 -20.36
CA ALA I 2923 132.56 44.35 -21.46
C ALA I 2923 133.00 45.81 -21.56
N GLN I 2924 132.08 46.76 -21.34
CA GLN I 2924 132.44 48.17 -21.44
C GLN I 2924 133.44 48.58 -20.37
N GLU I 2925 133.29 48.05 -19.15
CA GLU I 2925 134.16 48.46 -18.06
C GLU I 2925 135.57 47.90 -18.21
N LEU I 2926 135.72 46.79 -18.92
CA LEU I 2926 137.06 46.22 -19.11
C LEU I 2926 137.94 47.16 -19.93
N LEU I 2927 137.39 47.74 -21.00
CA LEU I 2927 138.13 48.76 -21.74
C LEU I 2927 138.44 49.96 -20.87
N LYS I 2928 137.52 50.33 -19.99
CA LYS I 2928 137.78 51.42 -19.05
C LYS I 2928 138.93 51.08 -18.11
N PHE I 2929 139.03 49.81 -17.71
CA PHE I 2929 140.20 49.38 -16.95
C PHE I 2929 141.46 49.42 -17.81
N LEU I 2930 141.34 49.13 -19.10
CA LEU I 2930 142.50 49.22 -19.98
C LEU I 2930 143.04 50.65 -20.02
N GLN I 2931 142.14 51.64 -20.11
CA GLN I 2931 142.57 53.03 -20.15
C GLN I 2931 143.24 53.47 -18.85
N MET I 2932 143.06 52.72 -17.77
CA MET I 2932 143.83 52.94 -16.56
C MET I 2932 145.31 52.66 -16.85
N ASN I 2933 146.17 53.54 -16.35
CA ASN I 2933 147.62 53.41 -16.50
C ASN I 2933 148.05 53.43 -17.97
N GLY I 2934 147.25 54.07 -18.82
CA GLY I 2934 147.63 54.31 -20.20
C GLY I 2934 147.84 53.09 -21.07
N TYR I 2935 146.92 52.14 -21.04
CA TYR I 2935 146.95 50.98 -21.94
C TYR I 2935 145.76 51.09 -22.89
N ALA I 2936 145.96 51.82 -23.98
CA ALA I 2936 144.92 52.01 -24.99
C ALA I 2936 145.21 51.13 -26.20
N VAL I 2937 144.22 50.33 -26.58
CA VAL I 2937 144.33 49.41 -27.71
C VAL I 2937 143.16 49.65 -28.64
N THR I 2938 143.42 50.26 -29.79
CA THR I 2938 142.40 50.53 -30.80
C THR I 2938 142.87 49.98 -32.15
N ARG I 2939 141.94 49.42 -32.90
CA ARG I 2939 142.26 48.87 -34.22
C ARG I 2939 141.78 49.81 -35.32
N LEU I 2946 126.81 58.76 -33.21
CA LEU I 2946 125.62 58.26 -33.88
C LEU I 2946 125.59 58.70 -35.34
N ASP I 2947 126.69 58.47 -36.05
CA ASP I 2947 126.79 58.82 -37.46
C ASP I 2947 125.78 58.04 -38.28
N THR I 2948 124.95 58.76 -39.03
CA THR I 2948 123.91 58.13 -39.84
C THR I 2948 124.51 57.34 -40.99
N SER I 2949 125.06 56.17 -40.68
CA SER I 2949 125.59 55.27 -41.71
C SER I 2949 124.43 54.71 -42.52
N SER I 2950 123.26 54.65 -41.88
CA SER I 2950 122.01 54.24 -42.50
C SER I 2950 122.02 52.78 -42.97
N ILE I 2951 121.30 51.93 -42.25
CA ILE I 2951 121.13 50.54 -42.63
C ILE I 2951 120.38 50.46 -43.96
N GLU I 2952 119.51 51.44 -44.19
CA GLU I 2952 118.78 51.55 -45.45
C GLU I 2952 119.77 51.78 -46.59
N LYS I 2953 120.75 52.63 -46.34
CA LYS I 2953 121.82 52.87 -47.30
C LYS I 2953 122.77 51.68 -47.31
N ARG I 2954 122.90 51.03 -46.15
CA ARG I 2954 123.71 49.82 -46.05
C ARG I 2954 123.02 48.69 -46.81
N PHE I 2955 121.70 48.68 -46.76
CA PHE I 2955 120.91 47.75 -47.56
C PHE I 2955 121.10 48.10 -49.03
N ALA I 2956 121.16 49.40 -49.32
CA ALA I 2956 121.46 49.87 -50.66
C ALA I 2956 122.91 49.55 -50.99
N PHE I 2957 123.77 49.60 -49.98
CA PHE I 2957 125.17 49.22 -50.15
C PHE I 2957 125.27 47.72 -50.34
N GLY I 2958 124.40 46.98 -49.65
CA GLY I 2958 124.31 45.54 -49.85
C GLY I 2958 123.70 45.27 -51.21
N PHE I 2959 122.89 46.21 -51.68
CA PHE I 2959 122.33 46.14 -53.02
C PHE I 2959 123.35 46.65 -54.03
N LEU I 2960 124.21 47.55 -53.59
CA LEU I 2960 125.26 48.09 -54.43
C LEU I 2960 126.24 47.01 -54.84
N GLN I 2961 126.57 46.13 -53.89
CA GLN I 2961 127.44 45.00 -54.17
C GLN I 2961 126.79 44.10 -55.22
N GLN I 2962 125.47 44.01 -55.17
CA GLN I 2962 124.71 43.27 -56.16
C GLN I 2962 124.54 44.11 -57.42
N LEU I 2963 124.50 45.44 -57.24
CA LEU I 2963 124.38 46.36 -58.37
C LEU I 2963 125.71 46.48 -59.12
N LEU I 2964 126.81 46.51 -58.36
CA LEU I 2964 128.14 46.57 -58.96
C LEU I 2964 128.40 45.28 -59.74
N ARG I 2965 127.86 44.18 -59.22
CA ARG I 2965 127.89 42.91 -59.95
C ARG I 2965 126.84 42.97 -61.05
N TRP I 2966 125.75 42.22 -60.87
CA TRP I 2966 124.63 42.22 -61.80
C TRP I 2966 125.08 42.00 -63.24
N MET I 2967 125.32 43.10 -63.95
CA MET I 2967 125.75 43.04 -65.33
C MET I 2967 127.22 42.62 -65.44
N ASP I 2968 127.92 42.66 -64.31
CA ASP I 2968 129.33 42.30 -64.29
C ASP I 2968 129.51 40.78 -64.31
N ILE I 2969 128.47 40.06 -63.88
CA ILE I 2969 128.54 38.61 -63.82
C ILE I 2969 127.54 37.95 -64.77
N SER I 2970 126.41 38.62 -64.98
CA SER I 2970 125.36 38.08 -65.86
C SER I 2970 125.56 38.55 -67.30
N GLN I 2971 125.59 39.86 -67.50
CA GLN I 2971 125.73 40.42 -68.84
C GLN I 2971 127.09 40.10 -69.46
N GLU I 2972 128.03 39.70 -68.61
CA GLU I 2972 129.34 39.25 -69.09
C GLU I 2972 129.22 37.89 -69.74
N PHE I 2973 128.09 37.22 -69.50
CA PHE I 2973 127.82 35.92 -70.08
C PHE I 2973 126.51 35.94 -70.87
N ILE I 2974 125.60 36.82 -70.47
CA ILE I 2974 124.32 36.95 -71.15
C ILE I 2974 124.50 37.58 -72.52
N ALA I 2975 125.37 38.60 -72.58
CA ALA I 2975 125.67 39.27 -73.83
C ALA I 2975 126.84 38.60 -74.53
N HIS I 2976 127.30 37.48 -73.96
CA HIS I 2976 128.41 36.73 -74.54
C HIS I 2976 128.03 35.27 -74.76
N ILE I 2995 123.14 29.33 -63.99
CA ILE I 2995 123.77 29.45 -62.68
C ILE I 2995 122.72 29.71 -61.60
N LYS I 2996 123.07 29.42 -60.36
CA LYS I 2996 122.16 29.63 -59.23
C LYS I 2996 122.12 31.11 -58.84
N PHE I 2997 123.06 31.88 -59.38
CA PHE I 2997 123.13 33.32 -59.09
C PHE I 2997 121.98 34.07 -59.76
N PHE I 2998 121.32 33.42 -60.71
CA PHE I 2998 120.21 34.02 -61.42
C PHE I 2998 118.89 33.78 -60.69
N ALA I 2999 118.94 33.80 -59.36
CA ALA I 2999 117.76 33.59 -58.54
C ALA I 2999 117.59 34.74 -57.55
N LYS I 3000 118.70 35.39 -57.22
CA LYS I 3000 118.67 36.53 -56.30
C LYS I 3000 117.96 37.71 -56.92
N ILE I 3001 118.00 37.79 -58.26
CA ILE I 3001 117.31 38.85 -58.98
C ILE I 3001 115.80 38.61 -58.97
N LEU I 3002 115.40 37.36 -58.77
CA LEU I 3002 114.00 37.01 -58.71
C LEU I 3002 113.52 36.95 -57.26
N LEU I 3003 114.25 37.64 -56.38
CA LEU I 3003 113.91 37.66 -54.96
C LEU I 3003 114.13 39.05 -54.38
N PRO I 3004 115.15 39.74 -54.87
CA PRO I 3004 115.47 41.08 -54.37
C PRO I 3004 114.66 42.15 -55.10
N LEU I 3005 114.43 41.92 -56.40
CA LEU I 3005 113.67 42.88 -57.21
C LEU I 3005 112.22 42.94 -56.75
N ILE I 3006 111.70 41.80 -56.29
CA ILE I 3006 110.33 41.73 -55.80
C ILE I 3006 110.22 42.41 -54.43
N ASN I 3007 111.30 42.35 -53.66
CA ASN I 3007 111.33 42.93 -52.33
C ASN I 3007 111.52 44.44 -52.40
N GLN I 3008 112.05 44.92 -53.51
CA GLN I 3008 112.31 46.35 -53.69
C GLN I 3008 111.04 47.09 -54.07
N TYR I 3009 110.03 46.35 -54.53
CA TYR I 3009 108.77 46.95 -54.95
C TYR I 3009 107.90 47.29 -53.75
N PHE I 3010 108.26 46.77 -52.59
CA PHE I 3010 107.48 46.98 -51.38
C PHE I 3010 108.06 48.11 -50.52
N THR I 3011 109.31 47.94 -50.09
CA THR I 3011 109.96 48.89 -49.18
C THR I 3011 109.97 50.31 -49.73
N ASN I 3012 110.18 50.44 -51.03
CA ASN I 3012 110.19 51.75 -51.67
C ASN I 3012 108.79 52.35 -51.67
N HIS I 3013 107.79 51.50 -51.79
CA HIS I 3013 106.40 51.94 -51.81
C HIS I 3013 105.82 51.96 -50.39
N CYS I 3014 106.52 51.32 -49.46
CA CYS I 3014 106.08 51.29 -48.07
C CYS I 3014 106.40 52.62 -47.39
N LEU I 3015 107.67 53.02 -47.47
CA LEU I 3015 108.12 54.26 -46.87
C LEU I 3015 107.50 55.45 -47.59
N TYR I 3016 108.05 55.80 -48.75
CA TYR I 3016 107.57 56.92 -49.56
C TYR I 3016 107.52 58.21 -48.77
N PHE I 3017 108.43 58.35 -47.80
CA PHE I 3017 108.49 59.53 -46.97
C PHE I 3017 109.93 59.77 -46.54
N LEU I 3018 110.85 58.98 -47.07
CA LEU I 3018 112.27 59.14 -46.80
C LEU I 3018 112.77 60.44 -47.41
N SER I 3019 112.09 60.88 -48.46
CA SER I 3019 112.41 62.14 -49.11
C SER I 3019 111.78 63.30 -48.37
N THR I 3020 112.26 63.57 -47.16
CA THR I 3020 111.73 64.64 -46.34
C THR I 3020 112.73 65.07 -45.26
N PRO I 3021 113.36 64.10 -44.62
CA PRO I 3021 114.30 64.37 -43.55
C PRO I 3021 115.74 64.03 -43.94
N ALA I 3022 116.20 62.86 -43.52
CA ALA I 3022 117.57 62.42 -43.81
C ALA I 3022 117.74 62.14 -45.30
N LYS I 3023 117.92 63.19 -46.08
CA LYS I 3023 118.07 63.06 -47.52
C LYS I 3023 119.46 62.58 -47.91
N VAL I 3024 119.51 61.56 -48.75
CA VAL I 3024 120.77 61.03 -49.24
C VAL I 3024 120.69 60.75 -50.74
N LEU I 3025 121.70 61.21 -51.47
CA LEU I 3025 121.73 61.03 -52.92
C LEU I 3025 122.10 59.60 -53.29
N GLY I 3026 122.44 58.79 -52.28
CA GLY I 3026 122.80 57.40 -52.48
C GLY I 3026 121.62 56.61 -53.03
N SER I 3027 120.41 57.06 -52.69
CA SER I 3027 119.19 56.41 -53.17
C SER I 3027 118.99 56.70 -54.66
N GLY I 3028 119.34 57.90 -55.07
CA GLY I 3028 119.20 58.31 -56.47
C GLY I 3028 120.23 57.61 -57.34
N GLY I 3029 121.32 57.15 -56.72
CA GLY I 3029 122.37 56.45 -57.44
C GLY I 3029 121.89 55.08 -57.92
N HIS I 3030 121.20 54.37 -57.04
CA HIS I 3030 120.69 53.04 -57.35
C HIS I 3030 119.66 53.10 -58.47
N ALA I 3031 118.97 54.23 -58.59
CA ALA I 3031 117.99 54.43 -59.65
C ALA I 3031 118.69 54.50 -61.01
N SER I 3032 119.88 55.09 -61.01
CA SER I 3032 120.66 55.22 -62.23
C SER I 3032 121.61 54.03 -62.41
N ASN I 3033 122.07 53.48 -61.30
CA ASN I 3033 122.95 52.32 -61.34
C ASN I 3033 122.23 51.10 -61.89
N LYS I 3034 120.92 51.06 -61.67
CA LYS I 3034 120.08 49.99 -62.20
C LYS I 3034 119.60 50.35 -63.59
N GLU I 3035 119.50 51.65 -63.87
CA GLU I 3035 119.06 52.14 -65.16
C GLU I 3035 120.04 51.71 -66.26
N LYS I 3036 121.32 51.70 -65.92
CA LYS I 3036 122.36 51.26 -66.84
C LYS I 3036 122.25 49.75 -67.03
N GLU I 3037 121.85 49.05 -65.99
CA GLU I 3037 121.65 47.61 -66.05
C GLU I 3037 120.33 47.30 -66.73
N MET I 3038 119.40 48.26 -66.68
CA MET I 3038 118.10 48.11 -67.33
C MET I 3038 118.20 48.43 -68.80
N ILE I 3039 119.36 48.93 -69.22
CA ILE I 3039 119.59 49.26 -70.62
C ILE I 3039 119.80 48.00 -71.45
N THR I 3040 121.05 47.77 -71.87
CA THR I 3040 121.40 46.64 -72.72
C THR I 3040 120.52 46.62 -73.97
N SER I 3041 119.30 46.13 -73.80
CA SER I 3041 118.29 46.19 -74.85
C SER I 3041 117.07 46.93 -74.30
N LEU I 3042 117.10 48.25 -74.38
CA LEU I 3042 116.03 49.09 -73.83
C LEU I 3042 114.80 49.11 -74.75
N PHE I 3043 114.59 48.01 -75.47
CA PHE I 3043 113.45 47.87 -76.37
C PHE I 3043 113.20 46.39 -76.65
N CYS I 3044 113.76 45.53 -75.80
CA CYS I 3044 113.63 44.09 -75.96
C CYS I 3044 113.88 43.34 -74.66
N LYS I 3045 115.16 43.14 -74.34
CA LYS I 3045 115.58 42.39 -73.16
C LYS I 3045 114.99 40.98 -73.15
N LEU I 3046 114.83 40.41 -71.96
CA LEU I 3046 114.28 39.07 -71.81
C LEU I 3046 113.81 38.81 -70.38
N ALA I 3047 113.43 37.56 -70.12
CA ALA I 3047 113.00 37.11 -68.80
C ALA I 3047 111.79 37.89 -68.28
N ALA I 3048 112.06 38.89 -67.43
CA ALA I 3048 110.99 39.65 -66.79
C ALA I 3048 110.97 41.11 -67.25
N LEU I 3049 109.76 41.68 -67.30
CA LEU I 3049 109.59 43.08 -67.65
C LEU I 3049 109.05 43.85 -66.46
N VAL I 3050 108.97 43.16 -65.32
CA VAL I 3050 108.46 43.76 -64.09
C VAL I 3050 109.46 44.75 -63.50
N ARG I 3051 110.70 44.67 -63.97
CA ARG I 3051 111.73 45.60 -63.54
C ARG I 3051 111.40 47.01 -64.01
N HIS I 3052 110.70 47.09 -65.14
CA HIS I 3052 110.22 48.37 -65.64
C HIS I 3052 109.16 48.92 -64.70
N ARG I 3053 108.32 48.04 -64.18
CA ARG I 3053 107.30 48.43 -63.20
C ARG I 3053 107.97 48.73 -61.86
N VAL I 3054 109.04 48.01 -61.57
CA VAL I 3054 109.81 48.24 -60.36
C VAL I 3054 110.53 49.58 -60.46
N SER I 3055 110.87 49.97 -61.68
CA SER I 3055 111.48 51.27 -61.92
C SER I 3055 110.45 52.38 -61.75
N LEU I 3056 109.21 52.06 -62.10
CA LEU I 3056 108.11 53.01 -61.97
C LEU I 3056 107.83 53.30 -60.50
N PHE I 3057 108.11 52.31 -59.65
CA PHE I 3057 107.91 52.46 -58.22
C PHE I 3057 108.99 53.38 -57.63
N GLY I 3058 110.21 53.21 -58.12
CA GLY I 3058 111.34 54.04 -57.68
C GLY I 3058 111.27 55.41 -58.34
N THR I 3059 110.45 55.52 -59.38
CA THR I 3059 110.28 56.78 -60.09
C THR I 3059 109.55 57.80 -59.22
N ASP I 3060 108.66 57.30 -58.37
CA ASP I 3060 107.90 58.17 -57.48
C ASP I 3060 108.79 58.76 -56.39
N ALA I 3061 109.84 58.02 -56.02
CA ALA I 3061 110.76 58.45 -54.98
C ALA I 3061 111.51 59.71 -55.38
N PRO I 3062 111.81 59.84 -56.67
CA PRO I 3062 112.51 61.01 -57.19
C PRO I 3062 111.51 62.05 -57.64
N ALA I 3063 110.71 61.72 -58.65
CA ALA I 3063 109.69 62.62 -59.16
C ALA I 3063 108.34 62.30 -58.53
N VAL I 3134 121.96 73.32 -53.85
CA VAL I 3134 122.63 72.19 -53.23
C VAL I 3134 123.17 71.23 -54.29
N ALA I 3135 123.55 70.03 -53.85
CA ALA I 3135 124.10 69.03 -54.77
C ALA I 3135 123.03 68.56 -55.76
N LEU I 3136 121.98 67.94 -55.24
CA LEU I 3136 120.87 67.43 -56.04
C LEU I 3136 121.35 66.48 -57.14
N LEU I 3137 121.92 67.03 -58.21
CA LEU I 3137 122.42 66.23 -59.31
C LEU I 3137 123.93 66.36 -59.46
N PRO I 3138 124.56 65.30 -59.96
CA PRO I 3138 126.01 65.30 -60.15
C PRO I 3138 126.39 64.39 -61.30
N VAL I 3139 127.25 63.40 -61.02
CA VAL I 3139 127.67 62.44 -62.04
C VAL I 3139 126.52 61.53 -62.43
N LEU I 3140 125.82 61.89 -63.51
CA LEU I 3140 124.69 61.12 -63.98
C LEU I 3140 124.47 61.30 -65.48
N THR I 3141 124.00 62.49 -65.85
CA THR I 3141 123.69 62.83 -67.24
C THR I 3141 122.72 61.81 -67.85
N THR I 3142 121.74 61.40 -67.05
CA THR I 3142 120.74 60.45 -67.50
C THR I 3142 119.87 61.07 -68.59
N LEU I 3143 119.60 62.37 -68.44
CA LEU I 3143 118.84 63.11 -69.44
C LEU I 3143 119.62 63.14 -70.75
N PHE I 3144 120.94 63.30 -70.64
CA PHE I 3144 121.82 63.26 -71.80
C PHE I 3144 121.83 61.85 -72.38
N GLN I 3145 121.75 60.86 -71.50
CA GLN I 3145 121.71 59.47 -71.90
C GLN I 3145 120.32 59.14 -72.47
N HIS I 3146 119.33 59.92 -72.06
CA HIS I 3146 117.97 59.74 -72.54
C HIS I 3146 117.84 60.26 -73.97
N ILE I 3147 118.70 61.20 -74.33
CA ILE I 3147 118.68 61.80 -75.65
C ILE I 3147 119.31 60.88 -76.70
N ALA I 3148 119.97 59.83 -76.22
CA ALA I 3148 120.67 58.90 -77.10
C ALA I 3148 119.69 58.12 -77.99
N GLN I 3149 119.01 57.14 -77.40
CA GLN I 3149 118.11 56.27 -78.14
C GLN I 3149 116.86 57.00 -78.62
N HIS I 3150 116.52 58.10 -77.96
CA HIS I 3150 115.34 58.86 -78.31
C HIS I 3150 115.54 59.65 -79.60
N GLN I 3151 116.80 59.91 -79.93
CA GLN I 3151 117.13 60.67 -81.14
C GLN I 3151 116.75 59.88 -82.39
N PHE I 3152 117.33 58.70 -82.54
CA PHE I 3152 117.06 57.85 -83.70
C PHE I 3152 115.64 57.30 -83.65
N GLY I 3153 115.00 57.42 -82.49
CA GLY I 3153 113.61 56.99 -82.33
C GLY I 3153 112.69 57.88 -83.13
N ASP I 3154 113.16 59.08 -83.45
CA ASP I 3154 112.40 60.01 -84.29
C ASP I 3154 112.47 59.57 -85.74
N ASP I 3155 113.54 58.87 -86.09
CA ASP I 3155 113.73 58.33 -87.43
C ASP I 3155 113.00 57.00 -87.56
N VAL I 3156 112.56 56.44 -86.44
CA VAL I 3156 111.82 55.19 -86.42
C VAL I 3156 110.47 55.38 -87.10
N ILE I 3157 109.92 56.59 -86.97
CA ILE I 3157 108.68 56.93 -87.66
C ILE I 3157 108.94 57.03 -89.16
N LEU I 3158 110.16 57.45 -89.51
CA LEU I 3158 110.57 57.52 -90.91
C LEU I 3158 111.09 56.17 -91.37
N ASP I 3159 111.28 55.26 -90.41
CA ASP I 3159 111.71 53.91 -90.71
C ASP I 3159 110.50 53.01 -90.94
N ASP I 3160 109.32 53.61 -90.97
CA ASP I 3160 108.08 52.88 -91.19
C ASP I 3160 107.01 53.81 -91.77
N VAL I 3161 107.46 54.88 -92.41
CA VAL I 3161 106.55 55.84 -93.02
C VAL I 3161 106.16 55.40 -94.43
N CYS I 3170 113.91 49.68 -82.52
CA CYS I 3170 113.01 50.54 -81.75
C CYS I 3170 111.57 50.08 -81.90
N SER I 3171 111.06 49.40 -80.88
CA SER I 3171 109.69 48.91 -80.90
C SER I 3171 109.11 48.84 -79.49
N ILE I 3172 110.00 48.83 -78.50
CA ILE I 3172 109.58 48.80 -77.10
C ILE I 3172 110.29 49.90 -76.31
N TYR I 3173 111.12 50.68 -77.01
CA TYR I 3173 111.74 51.86 -76.40
C TYR I 3173 110.70 52.96 -76.31
N SER I 3174 109.66 52.84 -77.13
CA SER I 3174 108.53 53.75 -77.08
C SER I 3174 107.49 53.20 -76.10
N LEU I 3175 107.83 52.09 -75.46
CA LEU I 3175 106.95 51.46 -74.49
C LEU I 3175 107.59 51.41 -73.11
N GLY I 3176 108.69 50.67 -73.00
CA GLY I 3176 109.39 50.51 -71.73
C GLY I 3176 110.21 51.74 -71.37
N THR I 3177 111.01 52.20 -72.32
CA THR I 3177 111.86 53.37 -72.09
C THR I 3177 111.06 54.66 -72.13
N THR I 3178 109.80 54.56 -72.55
CA THR I 3178 108.91 55.72 -72.59
C THR I 3178 107.92 55.67 -71.43
N LYS I 3179 107.92 54.54 -70.71
CA LYS I 3179 107.06 54.38 -69.55
C LYS I 3179 107.53 55.27 -68.41
N ASN I 3180 108.75 55.00 -67.92
CA ASN I 3180 109.33 55.78 -66.84
C ASN I 3180 109.66 57.19 -67.30
N THR I 3181 109.83 57.36 -68.62
CA THR I 3181 110.10 58.67 -69.19
C THR I 3181 108.88 59.57 -69.06
N TYR I 3182 107.74 59.09 -69.52
CA TYR I 3182 106.49 59.83 -69.42
C TYR I 3182 106.03 59.93 -67.97
N VAL I 3183 106.42 58.94 -67.17
CA VAL I 3183 106.08 58.92 -65.76
C VAL I 3183 106.80 60.03 -65.01
N GLU I 3184 108.12 59.91 -64.92
CA GLU I 3184 108.95 60.86 -64.18
C GLU I 3184 108.78 62.30 -64.67
N LYS I 3185 108.45 62.45 -65.94
CA LYS I 3185 108.21 63.77 -66.51
C LYS I 3185 106.90 64.34 -65.96
N LEU I 3186 105.87 63.50 -65.89
CA LEU I 3186 104.58 63.90 -65.37
C LEU I 3186 104.55 63.80 -63.84
N ARG I 3187 105.53 63.09 -63.28
CA ARG I 3187 105.60 62.92 -61.84
C ARG I 3187 106.45 64.01 -61.20
N PRO I 3188 107.10 64.83 -62.02
CA PRO I 3188 107.91 65.94 -61.53
C PRO I 3188 107.04 66.89 -60.71
N ALA I 3189 106.29 67.74 -61.40
CA ALA I 3189 105.30 68.62 -60.77
C ALA I 3189 105.85 69.46 -59.63
N LEU I 3190 106.11 68.81 -58.49
CA LEU I 3190 106.57 69.48 -57.29
C LEU I 3190 107.91 70.18 -57.50
N GLY I 3191 108.99 69.43 -57.41
CA GLY I 3191 110.34 69.99 -57.55
C GLY I 3191 110.68 70.26 -59.02
N GLU I 3192 111.72 71.05 -59.24
CA GLU I 3192 112.17 71.38 -60.59
C GLU I 3192 113.61 71.86 -60.57
N CYS I 3193 114.52 71.00 -61.03
CA CYS I 3193 115.95 71.32 -61.04
C CYS I 3193 116.25 72.46 -62.02
N LEU I 3194 116.44 72.10 -63.28
CA LEU I 3194 116.73 73.08 -64.32
C LEU I 3194 116.38 72.53 -65.70
N ALA I 3195 117.14 72.97 -66.72
CA ALA I 3195 116.90 72.53 -68.09
C ALA I 3195 118.18 72.62 -68.92
N ARG I 3196 119.16 71.79 -68.57
CA ARG I 3196 120.42 71.77 -69.29
C ARG I 3196 120.39 70.75 -70.43
N LEU I 3197 120.36 71.26 -71.66
CA LEU I 3197 120.33 70.42 -72.87
C LEU I 3197 119.11 69.50 -72.91
N ALA I 3198 118.12 69.80 -72.09
CA ALA I 3198 116.88 69.03 -72.07
C ALA I 3198 115.97 69.47 -73.20
N ALA I 3199 115.94 70.78 -73.44
CA ALA I 3199 115.15 71.35 -74.51
C ALA I 3199 115.75 70.95 -75.86
N ALA I 3200 117.06 70.69 -75.87
CA ALA I 3200 117.74 70.24 -77.07
C ALA I 3200 117.19 68.89 -77.51
N MET I 3201 117.05 67.98 -76.54
CA MET I 3201 116.48 66.67 -76.81
C MET I 3201 114.98 66.77 -77.00
N PRO I 3202 114.37 67.75 -76.33
CA PRO I 3202 112.94 67.98 -76.43
C PRO I 3202 112.56 68.48 -77.81
N VAL I 3203 113.28 69.50 -78.28
CA VAL I 3203 113.03 70.07 -79.60
C VAL I 3203 113.38 69.06 -80.70
N ALA I 3204 114.29 68.15 -80.37
CA ALA I 3204 114.65 67.07 -81.30
C ALA I 3204 113.58 66.00 -81.26
N PHE I 3205 112.69 66.08 -80.28
CA PHE I 3205 111.60 65.13 -80.13
C PHE I 3205 110.26 65.80 -80.44
N LEU I 3206 110.12 67.05 -80.03
CA LEU I 3206 108.88 67.79 -80.24
C LEU I 3206 108.62 68.03 -81.72
N GLU I 3207 109.53 68.74 -82.37
CA GLU I 3207 109.40 69.06 -83.79
C GLU I 3207 109.37 67.79 -84.64
N PRO I 3208 110.05 66.75 -84.16
CA PRO I 3208 110.06 65.47 -84.84
C PRO I 3208 108.70 64.81 -84.73
N GLN I 3209 108.07 64.93 -83.56
CA GLN I 3209 106.75 64.35 -83.33
C GLN I 3209 105.65 65.30 -83.80
N LEU I 3210 105.99 66.57 -83.96
CA LEU I 3210 105.02 67.56 -84.43
C LEU I 3210 104.66 67.31 -85.89
N ASN I 3211 105.52 66.56 -86.59
CA ASN I 3211 105.28 66.23 -87.99
C ASN I 3211 105.26 64.73 -88.20
N GLU I 3212 105.31 63.97 -87.11
CA GLU I 3212 105.32 62.51 -87.18
C GLU I 3212 103.90 61.98 -87.34
N TYR I 3213 102.91 62.86 -87.28
CA TYR I 3213 101.52 62.46 -87.42
C TYR I 3213 101.08 62.53 -88.88
N ASN I 3214 102.00 62.90 -89.76
CA ASN I 3214 101.72 62.99 -91.19
C ASN I 3214 101.92 61.63 -91.85
N ALA I 3215 102.83 60.83 -91.28
CA ALA I 3215 103.10 59.50 -91.80
C ALA I 3215 101.90 58.58 -91.59
N CYS I 3216 101.24 58.21 -92.68
CA CYS I 3216 100.07 57.34 -92.60
C CYS I 3216 100.47 55.89 -92.35
N SER I 3217 99.55 54.97 -92.68
CA SER I 3217 99.77 53.54 -92.49
C SER I 3217 100.14 53.22 -91.04
N VAL I 3218 101.41 53.41 -90.71
CA VAL I 3218 101.88 53.16 -89.36
C VAL I 3218 101.98 54.46 -88.57
N TYR I 3219 100.91 54.80 -87.86
CA TYR I 3219 100.87 56.02 -87.06
C TYR I 3219 101.43 55.78 -85.66
N THR I 3220 101.93 54.58 -85.42
CA THR I 3220 102.49 54.18 -84.14
C THR I 3220 101.49 54.36 -83.01
N THR I 3221 101.98 54.80 -81.84
CA THR I 3221 101.13 54.98 -80.67
C THR I 3221 100.96 56.45 -80.32
N LYS I 3222 99.82 56.79 -79.73
CA LYS I 3222 99.55 58.16 -79.32
C LYS I 3222 99.80 58.32 -77.83
N SER I 3223 100.33 57.29 -77.20
CA SER I 3223 100.64 57.32 -75.77
C SER I 3223 101.82 58.25 -75.51
N PRO I 3224 102.88 58.09 -76.28
CA PRO I 3224 104.06 58.94 -76.17
C PRO I 3224 103.76 60.33 -76.71
N ARG I 3225 102.68 60.44 -77.47
CA ARG I 3225 102.22 61.73 -77.98
C ARG I 3225 101.67 62.57 -76.84
N GLU I 3226 101.28 61.91 -75.76
CA GLU I 3226 100.80 62.59 -74.57
C GLU I 3226 101.96 62.76 -73.57
N ARG I 3227 103.10 62.17 -73.89
CA ARG I 3227 104.28 62.27 -73.04
C ARG I 3227 104.95 63.63 -73.23
N ALA I 3228 104.74 64.24 -74.40
CA ALA I 3228 105.24 65.57 -74.66
C ALA I 3228 104.54 66.57 -73.75
N ILE I 3229 103.25 66.32 -73.51
CA ILE I 3229 102.48 67.15 -72.59
C ILE I 3229 102.87 66.84 -71.15
N LEU I 3230 103.23 65.57 -70.92
CA LEU I 3230 103.64 65.13 -69.59
C LEU I 3230 104.97 65.77 -69.20
N GLY I 3231 105.79 66.05 -70.21
CA GLY I 3231 107.09 66.67 -69.98
C GLY I 3231 107.00 68.19 -70.14
N LEU I 3232 105.81 68.66 -70.49
CA LEU I 3232 105.59 70.09 -70.69
C LEU I 3232 105.47 70.81 -69.35
N PRO I 3233 106.57 70.86 -68.61
CA PRO I 3233 106.60 71.52 -67.32
C PRO I 3233 108.04 71.88 -66.94
N ASN I 3234 108.92 71.91 -67.94
CA ASN I 3234 110.32 72.22 -67.72
C ASN I 3234 110.55 73.73 -67.68
N SER I 3235 110.54 74.36 -68.84
CA SER I 3235 110.77 75.80 -68.94
C SER I 3235 110.06 76.38 -70.17
N VAL I 3236 110.68 77.38 -70.78
CA VAL I 3236 110.12 78.03 -71.95
C VAL I 3236 110.17 77.12 -73.17
N PRO I 3241 114.58 72.57 -84.70
CA PRO I 3241 114.11 73.85 -84.18
C PRO I 3241 112.99 74.41 -85.07
N ASP I 3242 111.82 74.59 -84.49
CA ASP I 3242 110.69 75.16 -85.21
C ASP I 3242 110.97 76.62 -85.56
N ILE I 3243 111.53 77.34 -84.60
CA ILE I 3243 111.89 78.74 -84.79
C ILE I 3243 112.89 79.18 -83.72
N PRO I 3244 113.54 78.20 -83.11
CA PRO I 3244 114.52 78.47 -82.06
C PRO I 3244 115.84 78.95 -82.63
N VAL I 3245 115.87 80.19 -83.09
CA VAL I 3245 117.09 80.78 -83.64
C VAL I 3245 118.10 81.03 -82.54
N LEU I 3246 117.74 81.91 -81.60
CA LEU I 3246 118.61 82.23 -80.48
C LEU I 3246 118.27 81.36 -79.28
N ASP I 3247 118.20 80.04 -79.50
CA ASP I 3247 117.84 79.11 -78.44
C ASP I 3247 118.36 77.71 -78.72
N ARG I 3248 118.56 77.39 -80.00
CA ARG I 3248 118.99 76.05 -80.38
C ARG I 3248 120.38 76.05 -81.03
N LEU I 3249 120.41 76.16 -82.36
CA LEU I 3249 121.65 76.09 -83.12
C LEU I 3249 122.57 77.25 -82.78
N MET I 3250 122.05 78.47 -82.82
CA MET I 3250 122.83 79.66 -82.54
C MET I 3250 122.84 79.97 -81.04
N ALA I 3251 123.31 79.02 -80.25
CA ALA I 3251 123.37 79.19 -78.80
C ALA I 3251 124.34 78.20 -78.17
N ASP I 3252 125.53 78.09 -78.75
CA ASP I 3252 126.55 77.18 -78.24
C ASP I 3252 127.65 77.96 -77.52
N ILE I 3253 127.37 79.22 -77.21
CA ILE I 3253 128.33 80.07 -76.53
C ILE I 3253 128.31 79.83 -75.02
N GLY I 3254 127.11 79.84 -74.45
CA GLY I 3254 126.96 79.62 -73.01
C GLY I 3254 125.56 79.08 -72.70
N ALA I 3261 119.78 83.13 -70.50
CA ALA I 3261 118.57 82.43 -70.11
C ALA I 3261 117.68 83.32 -69.24
N ARG I 3262 117.69 84.61 -69.53
CA ARG I 3262 116.91 85.58 -68.77
C ARG I 3262 115.48 85.67 -69.30
N TYR I 3263 115.05 86.88 -69.62
CA TYR I 3263 113.68 87.10 -70.08
C TYR I 3263 113.60 87.17 -71.60
N THR I 3264 114.12 86.14 -72.26
CA THR I 3264 114.04 86.07 -73.72
C THR I 3264 112.59 85.88 -74.15
N GLU I 3265 111.96 86.98 -74.57
CA GLU I 3265 110.55 86.97 -74.95
C GLU I 3265 110.29 86.11 -76.20
N MET I 3266 110.56 84.82 -76.07
CA MET I 3266 110.34 83.87 -77.17
C MET I 3266 110.37 82.44 -76.65
N PRO I 3267 109.27 81.72 -76.85
CA PRO I 3267 109.17 80.33 -76.41
C PRO I 3267 108.24 79.56 -77.34
N HIS I 3268 106.98 79.46 -76.94
CA HIS I 3268 105.97 78.83 -77.78
C HIS I 3268 105.27 79.90 -78.63
N VAL I 3269 105.97 81.01 -78.82
CA VAL I 3269 105.44 82.14 -79.60
C VAL I 3269 105.52 81.86 -81.10
N ILE I 3270 106.16 80.75 -81.45
CA ILE I 3270 106.24 80.32 -82.84
C ILE I 3270 104.86 79.86 -83.33
N GLU I 3271 103.98 79.58 -82.37
CA GLU I 3271 102.62 79.18 -82.67
C GLU I 3271 101.66 79.80 -81.66
N ILE I 3272 102.00 80.98 -81.17
CA ILE I 3272 101.18 81.69 -80.20
C ILE I 3272 99.83 82.05 -80.81
N THR I 3273 99.86 82.84 -81.87
CA THR I 3273 98.65 83.20 -82.59
C THR I 3273 98.49 82.29 -83.80
N LEU I 3274 99.59 81.69 -84.24
CA LEU I 3274 99.59 80.80 -85.39
C LEU I 3274 98.74 79.57 -85.15
N PRO I 3275 99.05 78.84 -84.08
CA PRO I 3275 98.27 77.65 -83.71
C PRO I 3275 96.88 78.07 -83.25
N MET I 3276 96.78 79.29 -82.75
CA MET I 3276 95.49 79.85 -82.36
C MET I 3276 94.64 80.10 -83.59
N LEU I 3277 95.25 80.65 -84.63
CA LEU I 3277 94.58 80.86 -85.90
C LEU I 3277 94.38 79.53 -86.61
N CYS I 3278 95.31 78.61 -86.41
CA CYS I 3278 95.22 77.27 -86.99
C CYS I 3278 94.05 76.52 -86.38
N SER I 3279 93.93 76.59 -85.05
CA SER I 3279 92.83 75.94 -84.36
C SER I 3279 91.51 76.62 -84.71
N TYR I 3280 91.53 77.95 -84.79
CA TYR I 3280 90.34 78.72 -85.14
C TYR I 3280 89.86 78.35 -86.54
N LEU I 3281 90.82 78.10 -87.43
CA LEU I 3281 90.50 77.68 -88.79
C LEU I 3281 90.11 76.21 -88.80
N PRO I 3282 90.73 75.43 -87.93
CA PRO I 3282 90.38 74.02 -87.79
C PRO I 3282 88.99 73.89 -87.20
N ARG I 3283 88.66 74.81 -86.30
CA ARG I 3283 87.33 74.85 -85.70
C ARG I 3283 86.31 75.40 -86.70
N TRP I 3284 86.76 76.36 -87.52
CA TRP I 3284 85.91 76.95 -88.54
C TRP I 3284 85.50 75.89 -89.55
N TRP I 3285 86.45 75.05 -89.94
CA TRP I 3285 86.17 73.93 -90.82
C TRP I 3285 85.40 72.86 -90.05
N GLU I 3286 84.81 71.92 -90.77
CA GLU I 3286 84.04 70.84 -90.14
C GLU I 3286 84.95 70.00 -89.24
N ARG I 3287 86.06 69.53 -89.80
CA ARG I 3287 87.05 68.75 -89.07
C ARG I 3287 86.44 67.51 -88.40
N GLY I 3288 85.42 66.95 -89.05
CA GLY I 3288 84.72 65.79 -88.50
C GLY I 3288 85.30 64.49 -89.05
N PRO I 3289 86.62 64.36 -88.98
CA PRO I 3289 87.29 63.16 -89.49
C PRO I 3289 88.57 62.88 -88.71
N GLU I 3290 89.09 61.67 -88.85
CA GLU I 3290 90.35 61.29 -88.20
C GLU I 3290 91.52 62.01 -88.84
N ALA I 3291 91.37 62.37 -90.11
CA ALA I 3291 92.39 63.11 -90.83
C ALA I 3291 92.53 64.51 -90.23
N PRO I 3292 91.43 65.03 -89.71
CA PRO I 3292 91.44 66.31 -89.03
C PRO I 3292 92.23 66.20 -87.73
N PRO I 3293 92.67 67.35 -87.22
CA PRO I 3293 93.52 67.39 -86.03
C PRO I 3293 94.75 66.53 -86.22
N PRO I 3294 94.59 65.21 -86.05
CA PRO I 3294 95.67 64.24 -86.24
C PRO I 3294 96.89 64.62 -85.40
N ALA I 3295 97.66 65.59 -85.89
CA ALA I 3295 98.77 66.13 -85.13
C ALA I 3295 98.23 66.82 -83.88
N LEU I 3296 97.19 67.62 -84.07
CA LEU I 3296 96.54 68.29 -82.95
C LEU I 3296 95.89 67.28 -82.02
N PRO I 3297 95.42 66.17 -82.59
CA PRO I 3297 94.81 65.11 -81.80
C PRO I 3297 95.88 64.35 -81.01
N ALA I 3298 97.14 64.70 -81.23
CA ALA I 3298 98.24 64.04 -80.54
C ALA I 3298 99.31 65.03 -80.10
N GLY I 3299 98.97 66.32 -80.06
CA GLY I 3299 99.93 67.34 -79.63
C GLY I 3299 99.26 68.59 -79.08
N ALA I 3300 98.05 68.89 -79.55
CA ALA I 3300 97.35 70.10 -79.09
C ALA I 3300 96.83 69.93 -77.67
N PRO I 3301 96.98 68.72 -77.14
CA PRO I 3301 96.65 68.47 -75.73
C PRO I 3301 97.74 69.05 -74.85
N PRO I 3302 98.89 69.33 -75.45
CA PRO I 3302 100.00 69.94 -74.75
C PRO I 3302 99.92 71.46 -74.81
N PRO I 3303 98.94 71.95 -75.57
CA PRO I 3303 98.75 73.39 -75.73
C PRO I 3303 98.09 73.99 -74.48
N CYS I 3304 97.58 73.12 -73.62
CA CYS I 3304 96.92 73.56 -72.39
C CYS I 3304 97.91 73.62 -71.24
N THR I 3305 99.04 72.93 -71.39
CA THR I 3305 100.07 72.90 -70.36
C THR I 3305 100.82 74.23 -70.31
N ALA I 3306 100.59 75.07 -71.31
CA ALA I 3306 101.26 76.37 -71.39
C ALA I 3306 100.64 77.37 -70.42
N VAL I 3307 99.54 76.98 -69.78
CA VAL I 3307 98.87 77.83 -68.82
C VAL I 3307 99.47 77.68 -67.43
N THR I 3308 100.60 76.99 -67.35
CA THR I 3308 101.27 76.74 -66.08
C THR I 3308 102.05 77.96 -65.61
N SER I 3309 103.20 78.20 -66.24
CA SER I 3309 104.08 79.29 -65.86
C SER I 3309 103.46 80.65 -66.14
N ASP I 3310 102.46 80.67 -67.02
CA ASP I 3310 101.78 81.91 -67.37
C ASP I 3310 100.68 82.24 -66.36
N HIS I 3311 101.00 82.08 -65.08
CA HIS I 3311 100.05 82.30 -63.99
C HIS I 3311 98.78 81.49 -64.22
N LEU I 3312 97.64 82.15 -64.19
CA LEU I 3312 96.37 81.52 -64.54
C LEU I 3312 96.23 81.50 -66.05
N ASN I 3313 95.99 82.69 -66.62
CA ASN I 3313 95.88 82.87 -68.06
C ASN I 3313 95.90 84.34 -68.41
N SER I 3314 97.08 84.86 -68.74
CA SER I 3314 97.23 86.26 -69.15
C SER I 3314 96.36 86.51 -70.38
N LEU I 3315 96.43 85.58 -71.33
CA LEU I 3315 95.52 85.59 -72.46
C LEU I 3315 94.26 84.82 -72.06
N LEU I 3316 93.44 85.46 -71.23
CA LEU I 3316 92.26 84.82 -70.65
C LEU I 3316 91.26 84.41 -71.74
N GLY I 3317 91.12 85.25 -72.76
CA GLY I 3317 90.20 84.97 -73.85
C GLY I 3317 90.66 83.75 -74.64
N ASN I 3318 91.97 83.54 -74.68
CA ASN I 3318 92.55 82.40 -75.37
C ASN I 3318 92.19 81.11 -74.65
N ILE I 3319 92.22 81.15 -73.32
CA ILE I 3319 91.87 79.99 -72.51
C ILE I 3319 90.35 79.85 -72.43
N LEU I 3320 89.64 80.90 -72.83
CA LEU I 3320 88.18 80.89 -72.82
C LEU I 3320 87.64 80.58 -74.21
N ARG I 3321 88.53 80.20 -75.12
CA ARG I 3321 88.14 79.91 -76.51
C ARG I 3321 88.79 78.62 -77.00
N ILE I 3322 89.97 78.31 -76.48
CA ILE I 3322 90.69 77.10 -76.88
C ILE I 3322 89.88 75.87 -76.53
N ILE I 3323 89.19 75.91 -75.40
CA ILE I 3323 88.32 74.82 -74.99
C ILE I 3323 87.01 74.89 -75.76
N VAL I 3324 86.55 76.11 -76.05
CA VAL I 3324 85.32 76.32 -76.80
C VAL I 3324 85.49 75.83 -78.23
N ASN I 3325 86.66 76.07 -78.80
CA ASN I 3325 86.99 75.59 -80.14
C ASN I 3325 87.19 74.09 -80.11
N ASN I 3326 87.71 73.59 -78.99
CA ASN I 3326 87.86 72.16 -78.78
C ASN I 3326 86.48 71.53 -78.60
N LEU I 3327 85.59 72.28 -77.98
CA LEU I 3327 84.21 71.84 -77.79
C LEU I 3327 83.49 71.79 -79.13
N GLY I 3328 83.88 72.69 -80.03
CA GLY I 3328 83.31 72.72 -81.38
C GLY I 3328 83.67 71.44 -82.12
N ILE I 3329 84.88 70.93 -81.84
CA ILE I 3329 85.31 69.66 -82.41
C ILE I 3329 84.47 68.52 -81.83
N ASP I 3330 84.05 68.69 -80.58
CA ASP I 3330 83.16 67.75 -79.92
C ASP I 3330 81.72 68.04 -80.34
N GLU I 3331 81.46 69.28 -80.70
CA GLU I 3331 80.14 69.69 -81.19
C GLU I 3331 79.94 69.19 -82.62
N ALA I 3332 81.05 68.87 -83.27
CA ALA I 3332 81.02 68.33 -84.63
C ALA I 3332 80.38 66.95 -84.63
N THR I 3333 80.44 66.29 -83.47
CA THR I 3333 79.84 64.97 -83.24
C THR I 3333 80.49 63.88 -84.09
N TRP I 3334 80.99 62.85 -83.40
CA TRP I 3334 81.64 61.72 -84.07
C TRP I 3334 80.60 60.80 -84.70
N MET I 3335 81.05 59.61 -85.10
CA MET I 3335 80.16 58.64 -85.74
C MET I 3335 79.98 57.41 -84.87
N LYS I 3336 80.07 56.23 -85.48
CA LYS I 3336 79.94 54.97 -84.76
C LYS I 3336 81.13 54.77 -83.83
N ARG I 3337 82.19 54.16 -84.35
CA ARG I 3337 83.42 54.00 -83.59
C ARG I 3337 84.10 55.36 -83.48
N LEU I 3338 84.68 55.81 -84.59
CA LEU I 3338 85.28 57.15 -84.70
C LEU I 3338 86.26 57.45 -83.57
N ALA I 3339 85.84 58.32 -82.65
CA ALA I 3339 86.68 58.71 -81.53
C ALA I 3339 86.51 57.75 -80.35
N VAL I 3340 86.68 56.46 -80.61
CA VAL I 3340 86.58 55.44 -79.57
C VAL I 3340 87.73 55.58 -78.58
N PHE I 3341 88.94 55.69 -79.12
CA PHE I 3341 90.12 55.88 -78.28
C PHE I 3341 90.48 57.36 -78.24
N ALA I 3342 89.90 58.14 -79.15
CA ALA I 3342 90.15 59.57 -79.21
C ALA I 3342 89.20 60.32 -78.29
N GLN I 3343 89.26 60.02 -77.00
CA GLN I 3343 88.43 60.67 -76.01
C GLN I 3343 89.09 60.59 -74.63
N PRO I 3344 90.30 60.05 -74.61
CA PRO I 3344 91.05 59.91 -73.37
C PRO I 3344 91.79 61.21 -73.04
N ILE I 3345 91.62 62.21 -73.91
CA ILE I 3345 92.26 63.50 -73.71
C ILE I 3345 91.37 64.40 -72.85
N VAL I 3346 90.30 63.82 -72.32
CA VAL I 3346 89.38 64.55 -71.46
C VAL I 3346 90.02 64.82 -70.10
N SER I 3347 91.07 64.08 -69.78
CA SER I 3347 91.79 64.25 -68.53
C SER I 3347 92.45 65.63 -68.49
N ARG I 3348 93.01 66.04 -69.62
CA ARG I 3348 93.62 67.36 -69.73
C ARG I 3348 92.55 68.44 -69.79
N ALA I 3349 91.37 68.05 -70.27
CA ALA I 3349 90.24 68.97 -70.37
C ALA I 3349 89.71 69.32 -68.98
N ARG I 3350 90.01 68.47 -68.00
CA ARG I 3350 89.62 68.72 -66.62
C ARG I 3350 90.68 69.54 -65.91
N PRO I 3351 91.39 70.36 -66.68
CA PRO I 3351 92.43 71.23 -66.13
C PRO I 3351 92.38 72.59 -66.82
N GLU I 3352 91.76 72.61 -68.00
CA GLU I 3352 91.60 73.85 -68.76
C GLU I 3352 90.48 74.69 -68.16
N LEU I 3353 89.68 74.06 -67.29
CA LEU I 3353 88.57 74.75 -66.64
C LEU I 3353 89.01 75.32 -65.30
N LEU I 3354 90.32 75.37 -65.08
CA LEU I 3354 90.87 75.93 -63.84
C LEU I 3354 90.54 77.41 -63.72
N HIS I 3355 91.17 78.21 -64.58
CA HIS I 3355 90.89 79.65 -64.62
C HIS I 3355 89.80 79.93 -65.64
N SER I 3356 88.83 79.02 -65.73
CA SER I 3356 87.73 79.16 -66.67
C SER I 3356 86.88 80.37 -66.35
N HIS I 3357 87.28 81.52 -66.87
CA HIS I 3357 86.51 82.75 -66.69
C HIS I 3357 85.42 82.85 -67.74
N PHE I 3358 84.77 81.73 -68.02
CA PHE I 3358 83.73 81.67 -69.04
C PHE I 3358 82.43 82.26 -68.51
N ILE I 3359 82.49 83.52 -68.06
CA ILE I 3359 81.31 84.23 -67.61
C ILE I 3359 80.42 84.54 -68.81
N PRO I 3360 81.03 84.50 -70.00
CA PRO I 3360 80.29 84.68 -71.24
C PRO I 3360 79.28 83.55 -71.39
N THR I 3361 79.78 82.35 -71.68
CA THR I 3361 78.93 81.18 -71.88
C THR I 3361 77.85 81.48 -72.90
N ILE I 3362 76.62 81.66 -72.42
CA ILE I 3362 75.48 82.04 -73.25
C ILE I 3362 75.33 81.11 -74.46
N GLY I 3363 76.04 81.44 -75.53
CA GLY I 3363 76.05 80.60 -76.72
C GLY I 3363 76.84 79.32 -76.43
N ARG I 3364 77.93 79.46 -75.69
CA ARG I 3364 78.72 78.31 -75.25
C ARG I 3364 77.92 77.49 -74.26
N LEU I 3365 77.11 78.18 -73.45
CA LEU I 3365 76.20 77.51 -72.54
C LEU I 3365 75.12 76.82 -73.34
N ARG I 3366 74.65 77.49 -74.39
CA ARG I 3366 73.67 76.90 -75.30
C ARG I 3366 74.31 75.79 -76.12
N LYS I 3367 75.61 75.95 -76.40
CA LYS I 3367 76.36 74.92 -77.12
C LYS I 3367 76.41 73.64 -76.29
N ARG I 3368 76.39 73.81 -74.97
CA ARG I 3368 76.37 72.68 -74.05
C ARG I 3368 74.93 72.26 -73.77
N ALA I 3369 73.99 73.14 -74.09
CA ALA I 3369 72.58 72.90 -73.82
C ALA I 3369 71.85 72.39 -75.06
N GLY I 3370 71.92 73.15 -76.14
CA GLY I 3370 71.20 72.82 -77.36
C GLY I 3370 71.70 71.50 -77.95
N LYS I 3371 72.99 71.24 -77.81
CA LYS I 3371 73.57 69.98 -78.28
C LYS I 3371 73.02 68.83 -77.45
N VAL I 3372 72.99 69.02 -76.14
CA VAL I 3372 72.43 68.03 -75.23
C VAL I 3372 70.95 67.87 -75.50
N VAL I 3373 70.28 68.99 -75.80
CA VAL I 3373 68.87 68.98 -76.15
C VAL I 3373 68.69 68.24 -77.48
N ALA I 3374 69.65 68.43 -78.39
CA ALA I 3374 69.66 67.70 -79.65
C ALA I 3374 69.97 66.24 -79.37
N GLU I 3375 70.83 66.01 -78.38
CA GLU I 3375 71.16 64.66 -77.95
C GLU I 3375 69.97 64.05 -77.24
N GLU I 3376 69.26 64.86 -76.48
CA GLU I 3376 68.03 64.42 -75.81
C GLU I 3376 66.97 64.09 -76.85
N GLU I 3377 66.93 64.88 -77.92
CA GLU I 3377 66.01 64.63 -79.02
C GLU I 3377 66.44 63.38 -79.79
N GLN I 3378 67.76 63.20 -79.91
CA GLN I 3378 68.30 62.03 -80.58
C GLN I 3378 68.06 60.78 -79.74
N LEU I 3379 68.21 60.93 -78.43
CA LEU I 3379 67.95 59.82 -77.51
C LEU I 3379 66.46 59.50 -77.50
N ARG I 3380 65.63 60.54 -77.56
CA ARG I 3380 64.20 60.37 -77.62
C ARG I 3380 63.80 59.73 -78.95
N LEU I 3381 64.58 60.02 -80.00
CA LEU I 3381 64.35 59.42 -81.30
C LEU I 3381 64.78 57.95 -81.29
N GLU I 3382 65.55 57.58 -80.29
CA GLU I 3382 66.01 56.20 -80.15
C GLU I 3382 65.23 55.47 -79.05
N ALA I 3383 64.89 56.19 -77.99
CA ALA I 3383 64.14 55.60 -76.88
C ALA I 3383 62.71 55.33 -77.27
N LYS I 3384 62.07 56.29 -77.94
CA LYS I 3384 60.70 56.13 -78.39
C LYS I 3384 60.64 55.11 -79.53
N ALA I 3385 61.78 54.93 -80.20
CA ALA I 3385 61.89 53.92 -81.26
C ALA I 3385 62.01 52.54 -80.63
N GLU I 3386 62.23 52.52 -79.32
CA GLU I 3386 62.30 51.27 -78.56
C GLU I 3386 61.08 51.13 -77.65
N ALA I 3387 60.53 52.28 -77.26
CA ALA I 3387 59.36 52.30 -76.39
C ALA I 3387 58.09 52.03 -77.18
N GLU I 3388 58.04 52.52 -78.42
CA GLU I 3388 56.88 52.33 -79.28
C GLU I 3388 57.14 51.25 -80.32
N GLU I 3389 57.83 50.20 -79.92
CA GLU I 3389 58.15 49.10 -80.82
C GLU I 3389 58.11 47.76 -80.10
N GLY I 3390 56.91 47.36 -79.69
CA GLY I 3390 56.71 46.07 -79.03
C GLY I 3390 55.85 45.16 -79.90
N GLU I 3391 56.27 44.98 -81.15
CA GLU I 3391 55.54 44.16 -82.10
C GLU I 3391 56.10 42.74 -82.16
N LEU I 3392 56.64 42.27 -81.03
CA LEU I 3392 57.21 40.93 -80.92
C LEU I 3392 58.26 40.66 -81.97
N LEU I 3393 59.42 41.31 -81.82
CA LEU I 3393 60.53 41.12 -82.75
C LEU I 3393 61.86 41.46 -82.07
N VAL I 3394 62.72 40.45 -81.95
CA VAL I 3394 64.03 40.63 -81.32
C VAL I 3394 65.05 41.15 -82.31
N ARG I 3395 64.60 41.47 -83.51
CA ARG I 3395 65.47 42.00 -84.55
C ARG I 3395 65.76 43.48 -84.30
N ASP I 3396 64.91 44.11 -83.49
CA ASP I 3396 65.07 45.52 -83.16
C ASP I 3396 66.15 45.71 -82.09
N GLU I 3397 66.59 44.60 -81.50
CA GLU I 3397 67.63 44.65 -80.48
C GLU I 3397 68.94 45.18 -81.05
N PHE I 3398 69.13 44.98 -82.36
CA PHE I 3398 70.31 45.50 -83.03
C PHE I 3398 70.10 46.95 -83.43
N SER I 3399 68.84 47.33 -83.60
CA SER I 3399 68.48 48.69 -84.03
C SER I 3399 68.19 49.59 -82.84
N VAL I 3400 67.19 49.22 -82.05
CA VAL I 3400 66.80 50.01 -80.89
C VAL I 3400 67.92 50.04 -79.86
N LEU I 3401 68.36 48.86 -79.42
CA LEU I 3401 69.49 48.76 -78.50
C LEU I 3401 70.79 48.83 -79.30
N CYS I 3402 71.88 48.39 -78.69
CA CYS I 3402 73.21 48.41 -79.32
C CYS I 3402 73.63 49.82 -79.72
N ARG I 3403 72.87 50.43 -80.62
CA ARG I 3403 73.14 51.80 -81.05
C ARG I 3403 72.95 52.80 -79.90
N ASP I 3404 72.20 52.38 -78.88
CA ASP I 3404 72.00 53.20 -77.70
C ASP I 3404 73.30 53.41 -76.94
N LEU I 3405 74.18 52.42 -77.03
CA LEU I 3405 75.49 52.48 -76.38
C LEU I 3405 76.40 53.48 -77.07
N TYR I 3406 76.13 53.73 -78.35
CA TYR I 3406 76.92 54.69 -79.12
C TYR I 3406 76.66 56.10 -78.64
N ALA I 3407 75.40 56.42 -78.38
CA ALA I 3407 75.01 57.74 -77.88
C ALA I 3407 75.33 57.83 -76.39
N LEU I 3408 75.34 56.69 -75.71
CA LEU I 3408 75.62 56.64 -74.28
C LEU I 3408 77.07 57.02 -74.01
N TYR I 3409 77.99 56.43 -74.76
CA TYR I 3409 79.42 56.72 -74.61
C TYR I 3409 79.70 58.15 -75.04
N PRO I 3410 78.89 58.67 -75.96
CA PRO I 3410 79.00 60.05 -76.39
C PRO I 3410 78.53 60.98 -75.29
N LEU I 3411 77.50 60.55 -74.56
CA LEU I 3411 76.93 61.33 -73.48
C LEU I 3411 77.86 61.35 -72.28
N LEU I 3412 78.69 60.31 -72.16
CA LEU I 3412 79.64 60.21 -71.06
C LEU I 3412 80.94 60.94 -71.39
N ILE I 3413 80.83 62.01 -72.17
CA ILE I 3413 81.98 62.79 -72.57
C ILE I 3413 81.78 64.27 -72.24
N ARG I 3414 80.60 64.77 -72.53
CA ARG I 3414 80.27 66.17 -72.26
C ARG I 3414 79.92 66.37 -70.80
N TYR I 3415 79.41 65.32 -70.15
CA TYR I 3415 79.01 65.40 -68.75
C TYR I 3415 80.22 65.48 -67.84
N VAL I 3416 81.36 64.99 -68.32
CA VAL I 3416 82.60 65.02 -67.54
C VAL I 3416 83.29 66.36 -67.66
N ASP I 3417 82.69 67.27 -68.43
CA ASP I 3417 83.24 68.60 -68.63
C ASP I 3417 82.36 69.66 -67.99
N ASN I 3418 81.05 69.42 -68.00
CA ASN I 3418 80.10 70.38 -67.44
C ASN I 3418 80.10 70.34 -65.92
N ASN I 3419 80.61 69.24 -65.36
CA ASN I 3419 80.66 69.08 -63.90
C ASN I 3419 81.59 70.11 -63.27
N ARG I 3420 82.83 70.16 -63.74
CA ARG I 3420 83.80 71.12 -63.24
C ARG I 3420 83.37 72.54 -63.60
N ALA I 3421 82.61 72.67 -64.68
CA ALA I 3421 82.09 73.96 -65.10
C ALA I 3421 81.05 74.47 -64.13
N HIS I 3422 80.29 73.56 -63.54
CA HIS I 3422 79.26 73.91 -62.57
C HIS I 3422 79.85 74.00 -61.16
N TRP I 3423 81.11 73.63 -61.03
CA TRP I 3423 81.80 73.68 -59.74
C TRP I 3423 82.44 75.06 -59.53
N LEU I 3424 81.97 76.04 -60.28
CA LEU I 3424 82.48 77.40 -60.18
C LEU I 3424 81.38 78.38 -60.58
N THR I 3425 80.46 77.91 -61.41
CA THR I 3425 79.34 78.73 -61.86
C THR I 3425 78.10 78.41 -61.03
N GLU I 3426 78.25 78.45 -59.71
CA GLU I 3426 77.16 78.15 -58.80
C GLU I 3426 76.98 79.27 -57.77
N PRO I 3427 78.06 80.00 -57.50
CA PRO I 3427 78.02 81.10 -56.54
C PRO I 3427 77.13 82.23 -57.04
N ASN I 3428 77.61 82.94 -58.06
CA ASN I 3428 76.87 84.06 -58.63
C ASN I 3428 75.60 83.58 -59.33
N ALA I 3429 75.59 82.31 -59.73
CA ALA I 3429 74.45 81.72 -60.42
C ALA I 3429 73.26 81.59 -59.46
N ASN I 3430 73.52 81.09 -58.26
CA ASN I 3430 72.48 80.92 -57.27
C ASN I 3430 72.17 82.23 -56.56
N ALA I 3431 73.14 83.15 -56.59
CA ALA I 3431 72.95 84.47 -55.99
C ALA I 3431 72.32 85.41 -57.01
N GLU I 3432 72.04 86.63 -56.59
CA GLU I 3432 71.43 87.65 -57.44
C GLU I 3432 70.11 87.17 -58.03
N GLU I 3433 70.20 86.46 -59.16
CA GLU I 3433 69.01 85.95 -59.83
C GLU I 3433 69.24 84.53 -60.33
N LEU I 3434 68.71 84.23 -61.51
CA LEU I 3434 68.85 82.90 -62.11
C LEU I 3434 68.63 82.97 -63.62
N PHE I 3435 67.52 82.39 -64.07
CA PHE I 3435 67.12 82.42 -65.48
C PHE I 3435 68.10 81.73 -66.43
N ARG I 3436 69.38 82.09 -66.32
CA ARG I 3436 70.41 81.53 -67.19
C ARG I 3436 70.51 80.01 -67.06
N MET I 3437 70.79 79.55 -65.84
CA MET I 3437 70.95 78.12 -65.59
C MET I 3437 69.60 77.41 -65.51
N VAL I 3438 68.52 78.18 -65.55
CA VAL I 3438 67.18 77.62 -65.49
C VAL I 3438 66.88 76.81 -66.74
N GLY I 3439 67.52 77.18 -67.85
CA GLY I 3439 67.35 76.47 -69.11
C GLY I 3439 68.01 75.10 -69.01
N GLU I 3440 69.16 75.04 -68.36
CA GLU I 3440 69.89 73.79 -68.18
C GLU I 3440 69.12 72.83 -67.28
N ILE I 3441 68.53 73.38 -66.23
CA ILE I 3441 67.77 72.58 -65.26
C ILE I 3441 66.52 71.99 -65.90
N PHE I 3442 65.89 72.77 -66.77
CA PHE I 3442 64.67 72.33 -67.44
C PHE I 3442 64.98 71.27 -68.50
N ILE I 3443 66.23 71.26 -68.95
CA ILE I 3443 66.66 70.31 -69.97
C ILE I 3443 67.58 69.24 -69.39
N TYR I 3444 67.69 69.22 -68.07
CA TYR I 3444 68.53 68.24 -67.40
C TYR I 3444 67.77 66.95 -67.12
N TRP I 3445 66.58 66.83 -67.71
CA TRP I 3445 65.75 65.65 -67.56
C TRP I 3445 66.14 64.59 -68.59
N SER I 3446 67.44 64.43 -68.81
CA SER I 3446 67.94 63.45 -69.76
C SER I 3446 67.73 62.03 -69.23
N LYS I 3447 68.34 61.74 -68.08
CA LYS I 3447 68.19 60.44 -67.45
C LYS I 3447 66.77 60.27 -66.93
N SER I 3448 66.11 61.39 -66.65
CA SER I 3448 64.72 61.38 -66.22
C SER I 3448 63.83 60.90 -67.35
N HIS I 3449 64.27 61.13 -68.58
CA HIS I 3449 63.57 60.65 -69.76
C HIS I 3449 64.29 59.44 -70.33
N ASN I 3450 65.10 58.79 -69.49
CA ASN I 3450 65.85 57.61 -69.91
C ASN I 3450 66.09 56.67 -68.73
N PHE I 3451 67.17 56.88 -68.01
CA PHE I 3451 67.57 56.02 -66.89
C PHE I 3451 66.47 55.94 -65.83
N LYS I 3452 65.71 57.02 -65.68
CA LYS I 3452 64.62 57.06 -64.71
C LYS I 3452 63.29 56.77 -65.40
N ARG I 3453 63.31 56.71 -66.73
CA ARG I 3453 62.10 56.46 -67.50
C ARG I 3453 61.97 54.98 -67.84
N GLU I 3454 62.51 54.13 -66.97
CA GLU I 3454 62.45 52.67 -67.13
C GLU I 3454 63.05 52.19 -68.44
N GLU I 3455 63.99 52.97 -68.99
CA GLU I 3455 64.69 52.57 -70.20
C GLU I 3455 65.81 51.62 -69.84
N GLN I 3456 65.50 50.31 -69.86
CA GLN I 3456 66.48 49.29 -69.51
C GLN I 3456 67.67 49.33 -70.46
N ASN I 3457 67.40 49.65 -71.73
CA ASN I 3457 68.45 49.75 -72.74
C ASN I 3457 69.41 50.87 -72.39
N PHE I 3458 68.88 52.04 -72.05
CA PHE I 3458 69.70 53.16 -71.63
C PHE I 3458 70.37 52.84 -70.30
N VAL I 3459 69.68 52.05 -69.48
CA VAL I 3459 70.22 51.59 -68.22
C VAL I 3459 71.25 50.49 -68.46
N VAL I 3460 71.14 49.85 -69.63
CA VAL I 3460 72.08 48.80 -70.02
C VAL I 3460 73.37 49.42 -70.54
N GLN I 3461 74.06 50.17 -69.69
CA GLN I 3461 75.35 50.72 -70.04
C GLN I 3461 76.30 49.57 -70.30
N ASN I 3462 76.25 48.56 -69.43
CA ASN I 3462 77.01 47.32 -69.58
C ASN I 3462 78.49 47.60 -69.85
N GLU I 3463 78.84 47.67 -71.13
CA GLU I 3463 80.20 48.00 -71.54
C GLU I 3463 80.53 49.42 -71.11
N ILE I 3464 79.55 50.31 -71.23
CA ILE I 3464 79.71 51.69 -70.77
C ILE I 3464 79.82 51.72 -69.26
N ASN I 3465 79.20 50.74 -68.61
CA ASN I 3465 79.27 50.63 -67.15
C ASN I 3465 80.55 49.91 -66.73
N ASN I 3466 81.13 49.14 -67.65
CA ASN I 3466 82.34 48.39 -67.37
C ASN I 3466 83.56 49.05 -67.99
N MET I 3467 83.81 48.76 -69.26
CA MET I 3467 84.97 49.29 -69.96
C MET I 3467 84.67 50.62 -70.64
N SER I 3468 83.65 51.32 -70.14
CA SER I 3468 83.24 52.62 -70.66
C SER I 3468 82.94 52.57 -72.16
N VAL I 3511 74.58 51.49 -59.72
CA VAL I 3511 75.60 52.09 -58.85
C VAL I 3511 75.58 53.60 -58.95
N ALA I 3512 76.73 54.23 -58.72
CA ALA I 3512 76.83 55.68 -58.75
C ALA I 3512 77.91 56.14 -59.72
N THR I 3513 77.49 56.60 -60.89
CA THR I 3513 78.44 57.06 -61.92
C THR I 3513 77.77 58.02 -62.90
N LEU I 3514 77.89 59.32 -62.62
CA LEU I 3514 77.35 60.37 -63.47
C LEU I 3514 75.86 60.17 -63.76
N LYS I 3515 75.46 60.42 -65.01
CA LYS I 3515 74.08 60.27 -65.46
C LYS I 3515 73.12 61.11 -64.63
N LYS I 3516 72.80 60.63 -63.43
CA LYS I 3516 71.91 61.35 -62.53
C LYS I 3516 72.68 61.99 -61.38
N MET I 3517 73.94 61.59 -61.23
CA MET I 3517 74.79 62.15 -60.19
C MET I 3517 75.12 63.61 -60.46
N LEU I 3518 75.11 63.98 -61.74
CA LEU I 3518 75.38 65.36 -62.13
C LEU I 3518 74.19 66.26 -61.82
N PRO I 3519 73.00 65.66 -61.83
CA PRO I 3519 71.76 66.42 -61.56
C PRO I 3519 71.70 66.85 -60.10
N ILE I 3520 72.38 66.09 -59.24
CA ILE I 3520 72.37 66.38 -57.81
C ILE I 3520 73.11 67.67 -57.49
N GLY I 3521 74.06 68.04 -58.35
CA GLY I 3521 74.85 69.24 -58.14
C GLY I 3521 74.04 70.50 -58.44
N LEU I 3522 73.02 70.34 -59.28
CA LEU I 3522 72.19 71.48 -59.68
C LEU I 3522 70.74 71.30 -59.21
N ASN I 3523 70.49 70.22 -58.48
CA ASN I 3523 69.15 69.95 -57.96
C ASN I 3523 68.73 71.06 -57.00
N MET I 3524 69.69 71.56 -56.23
CA MET I 3524 69.44 72.65 -55.31
C MET I 3524 69.17 73.93 -56.08
N CYS I 3525 69.89 74.12 -57.19
CA CYS I 3525 69.70 75.30 -58.02
C CYS I 3525 68.38 75.23 -58.78
N ALA I 3526 67.87 74.02 -58.94
CA ALA I 3526 66.59 73.81 -59.61
C ALA I 3526 65.44 74.18 -58.69
N PRO I 3527 65.57 73.80 -57.42
CA PRO I 3527 64.55 74.11 -56.43
C PRO I 3527 64.75 75.51 -55.86
N THR I 3528 65.85 76.15 -56.24
CA THR I 3528 66.15 77.49 -55.76
C THR I 3528 65.19 78.51 -56.37
N ASP I 3529 64.81 78.28 -57.62
CA ASP I 3529 63.88 79.18 -58.31
C ASP I 3529 62.46 78.65 -58.23
N GLN I 3530 62.25 77.69 -57.35
CA GLN I 3530 60.93 77.10 -57.17
C GLN I 3530 60.05 77.98 -56.28
N ASP I 3531 59.41 77.36 -55.30
CA ASP I 3531 58.52 78.07 -54.39
C ASP I 3531 59.30 79.01 -53.46
N LEU I 3532 59.10 80.31 -53.62
CA LEU I 3532 59.72 81.30 -52.77
C LEU I 3532 58.83 81.61 -51.58
N ILE I 3533 57.86 80.73 -51.33
CA ILE I 3533 56.93 80.89 -50.23
C ILE I 3533 56.26 79.56 -49.87
N MET I 3534 55.09 79.33 -50.46
CA MET I 3534 54.30 78.15 -50.14
C MET I 3534 54.55 77.00 -51.13
N LEU I 3535 55.15 75.92 -50.62
CA LEU I 3535 55.32 74.72 -51.41
C LEU I 3535 54.05 73.88 -51.34
N ALA I 3536 53.99 72.98 -50.38
CA ALA I 3536 52.79 72.19 -50.09
C ALA I 3536 52.28 71.37 -51.28
N LYS I 3537 51.84 72.07 -52.33
CA LYS I 3537 51.27 71.41 -53.51
C LYS I 3537 52.27 70.47 -54.18
N THR I 3538 53.56 70.74 -53.98
CA THR I 3538 54.61 69.88 -54.51
C THR I 3538 54.52 68.48 -53.91
N ARG I 3539 54.14 68.42 -52.63
CA ARG I 3539 53.98 67.15 -51.94
C ARG I 3539 52.75 66.42 -52.47
N TYR I 3540 51.72 67.18 -52.82
CA TYR I 3540 50.50 66.61 -53.39
C TYR I 3540 50.78 66.14 -54.81
N ALA I 3541 51.68 66.86 -55.49
CA ALA I 3541 52.08 66.50 -56.84
C ALA I 3541 53.00 65.29 -56.82
N LEU I 3542 53.75 65.16 -55.73
CA LEU I 3542 54.63 64.00 -55.55
C LEU I 3542 53.79 62.75 -55.34
N LYS I 3543 52.66 62.91 -54.67
CA LYS I 3543 51.73 61.81 -54.45
C LYS I 3543 50.95 61.53 -55.73
N ASP I 3544 50.74 62.57 -56.53
CA ASP I 3544 50.03 62.45 -57.78
C ASP I 3544 50.89 61.70 -58.81
N THR I 3545 52.16 62.07 -58.89
CA THR I 3545 53.10 61.43 -59.79
C THR I 3545 53.37 60.00 -59.33
N ASP I 3546 53.19 59.76 -58.04
CA ASP I 3546 53.38 58.43 -57.47
C ASP I 3546 52.24 57.52 -57.91
N GLU I 3547 51.11 58.12 -58.27
CA GLU I 3547 49.95 57.37 -58.76
C GLU I 3547 50.04 57.18 -60.27
N GLU I 3548 51.15 57.64 -60.85
CA GLU I 3548 51.39 57.54 -62.29
C GLU I 3548 50.28 58.19 -63.10
N VAL I 3549 50.32 59.52 -63.17
CA VAL I 3549 49.33 60.28 -63.93
C VAL I 3549 49.97 60.90 -65.16
N ARG I 3550 50.69 60.07 -65.93
CA ARG I 3550 51.36 60.49 -67.16
C ARG I 3550 52.32 61.66 -66.92
N GLU I 3551 51.96 62.83 -67.43
CA GLU I 3551 52.80 64.02 -67.29
C GLU I 3551 51.93 65.28 -67.25
N PHE I 3552 51.42 65.66 -68.42
CA PHE I 3552 50.55 66.83 -68.52
C PHE I 3552 49.14 66.47 -68.06
N LEU I 3553 48.88 65.17 -67.89
CA LEU I 3553 47.59 64.69 -67.43
C LEU I 3553 47.42 64.91 -65.94
N GLN I 3554 48.52 65.29 -65.28
CA GLN I 3554 48.49 65.58 -63.86
C GLN I 3554 48.47 67.08 -63.61
N ASN I 3555 49.07 67.83 -64.54
CA ASN I 3555 49.13 69.28 -64.45
C ASN I 3555 47.73 69.89 -64.49
N ASN I 3556 46.87 69.31 -65.32
CA ASN I 3556 45.48 69.75 -65.40
C ASN I 3556 44.77 69.45 -64.09
N LEU I 3557 45.14 68.34 -63.47
CA LEU I 3557 44.59 67.97 -62.17
C LEU I 3557 45.23 68.82 -61.08
N HIS I 3558 46.48 69.23 -61.33
CA HIS I 3558 47.19 70.11 -60.41
C HIS I 3558 46.69 71.54 -60.56
N LEU I 3559 46.14 71.85 -61.72
CA LEU I 3559 45.57 73.16 -61.98
C LEU I 3559 44.35 73.39 -61.10
N GLN I 3560 43.71 72.30 -60.71
CA GLN I 3560 42.56 72.35 -59.81
C GLN I 3560 42.97 71.91 -58.42
N GLY I 3561 43.65 72.80 -57.68
CA GLY I 3561 44.11 72.49 -56.34
C GLY I 3561 43.95 73.69 -55.43
N LYS I 3562 42.78 74.33 -55.47
CA LYS I 3562 42.47 75.51 -54.66
C LYS I 3562 43.51 76.61 -54.86
N VAL I 3563 44.43 76.72 -53.91
CA VAL I 3563 45.50 77.72 -53.97
C VAL I 3563 46.61 77.38 -53.00
N GLU I 3564 47.70 78.13 -53.07
CA GLU I 3564 48.82 77.95 -52.15
C GLU I 3564 48.45 78.50 -50.78
N GLY I 3565 48.63 77.68 -49.74
CA GLY I 3565 48.27 78.08 -48.38
C GLY I 3565 49.49 78.12 -47.46
N SER I 3566 49.72 79.28 -46.85
CA SER I 3566 50.83 79.45 -45.93
C SER I 3566 50.63 80.68 -45.05
N PRO I 3567 50.34 80.47 -43.77
CA PRO I 3567 50.11 81.55 -42.83
C PRO I 3567 50.25 81.08 -41.38
N SER I 3568 51.39 80.51 -41.06
CA SER I 3568 51.64 80.03 -39.69
C SER I 3568 53.14 80.00 -39.39
N LEU I 3569 53.63 78.83 -38.97
CA LEU I 3569 55.04 78.67 -38.66
C LEU I 3569 55.89 78.78 -39.93
N ARG I 3570 57.21 78.84 -39.75
CA ARG I 3570 58.14 79.06 -40.85
C ARG I 3570 57.76 80.34 -41.59
N TRP I 3571 57.64 80.25 -42.91
CA TRP I 3571 57.27 81.38 -43.75
C TRP I 3571 58.17 82.59 -43.51
N GLN I 3572 57.92 83.29 -42.41
CA GLN I 3572 58.74 84.44 -42.04
C GLN I 3572 60.15 83.98 -41.62
N MET I 3573 60.29 82.69 -41.37
CA MET I 3573 61.59 82.11 -41.06
C MET I 3573 62.15 81.41 -42.30
N ALA I 3574 61.63 81.80 -43.46
CA ALA I 3574 62.04 81.20 -44.73
C ALA I 3574 61.77 82.13 -45.91
N LEU I 3575 60.51 82.44 -46.14
CA LEU I 3575 60.11 83.25 -47.29
C LEU I 3575 60.45 84.72 -47.10
N TYR I 3576 60.86 85.09 -45.89
CA TYR I 3576 61.27 86.46 -45.61
C TYR I 3576 62.52 86.81 -46.42
N ARG I 3577 63.43 85.83 -46.52
CA ARG I 3577 64.65 86.00 -47.30
C ARG I 3577 64.32 85.91 -48.78
N GLY I 3578 63.32 85.09 -49.11
CA GLY I 3578 62.90 84.92 -50.49
C GLY I 3578 62.13 86.14 -50.98
N LEU I 3579 61.58 86.91 -50.04
CA LEU I 3579 60.85 88.12 -50.39
C LEU I 3579 61.80 89.30 -50.51
N PRO I 3580 63.10 89.01 -50.46
CA PRO I 3580 64.13 90.05 -50.56
C PRO I 3580 65.21 89.63 -51.55
N GLY I 3581 65.19 88.37 -51.95
CA GLY I 3581 66.20 87.83 -52.87
C GLY I 3581 65.60 87.60 -54.25
N ARG I 3582 64.29 87.41 -54.30
CA ARG I 3582 63.61 87.16 -55.57
C ARG I 3582 63.46 88.45 -56.36
N GLU I 3583 62.40 89.20 -56.08
CA GLU I 3583 62.08 90.44 -56.77
C GLU I 3583 61.99 90.22 -58.28
N GLU I 3584 61.04 89.40 -58.70
CA GLU I 3584 60.87 89.08 -60.12
C GLU I 3584 59.43 89.32 -60.56
N ASP I 3585 58.56 88.35 -60.30
CA ASP I 3585 57.16 88.44 -60.70
C ASP I 3585 56.27 87.52 -59.87
N ALA I 3586 54.96 87.63 -60.08
CA ALA I 3586 53.99 86.81 -59.36
C ALA I 3586 52.67 86.79 -60.11
N ASP I 3587 52.30 85.63 -60.64
CA ASP I 3587 51.05 85.48 -61.38
C ASP I 3587 50.59 84.03 -61.42
N ASP I 3588 49.56 83.76 -62.22
CA ASP I 3588 49.01 82.42 -62.36
C ASP I 3588 49.53 81.76 -63.63
N PRO I 3589 50.46 82.42 -64.30
CA PRO I 3589 51.06 81.88 -65.52
C PRO I 3589 51.99 80.73 -65.19
N GLU I 3590 52.50 80.72 -63.95
CA GLU I 3590 53.36 79.64 -63.49
C GLU I 3590 52.55 78.36 -63.34
N LYS I 3591 51.55 78.40 -62.47
CA LYS I 3591 50.68 77.25 -62.21
C LYS I 3591 51.51 76.02 -61.87
N ILE I 3592 51.37 74.98 -62.69
CA ILE I 3592 52.23 73.81 -62.58
C ILE I 3592 53.55 74.11 -63.27
N VAL I 3593 53.88 73.34 -64.30
CA VAL I 3593 55.08 73.57 -65.10
C VAL I 3593 56.34 73.71 -64.24
N ARG I 3594 56.53 74.90 -63.69
CA ARG I 3594 57.64 75.17 -62.77
C ARG I 3594 57.47 74.32 -61.51
N ARG I 3595 56.22 74.06 -61.15
CA ARG I 3595 55.91 73.20 -60.01
C ARG I 3595 55.90 71.74 -60.46
N VAL I 3596 55.59 71.52 -61.73
CA VAL I 3596 55.57 70.18 -62.30
C VAL I 3596 56.96 69.80 -62.81
N GLN I 3597 57.91 70.71 -62.66
CA GLN I 3597 59.28 70.48 -63.10
C GLN I 3597 59.98 69.47 -62.20
N GLU I 3598 60.28 69.89 -60.98
CA GLU I 3598 61.01 69.05 -60.04
C GLU I 3598 60.09 68.04 -59.35
N VAL I 3599 58.79 68.15 -59.61
CA VAL I 3599 57.82 67.25 -59.03
C VAL I 3599 58.05 65.81 -59.47
N SER I 3600 57.83 65.54 -60.75
CA SER I 3600 58.03 64.21 -61.30
C SER I 3600 59.51 63.88 -61.41
N ALA I 3601 60.34 64.92 -61.42
CA ALA I 3601 61.78 64.75 -61.55
C ALA I 3601 62.38 64.13 -60.28
N VAL I 3602 62.09 64.74 -59.14
CA VAL I 3602 62.60 64.25 -57.87
C VAL I 3602 61.81 63.02 -57.41
N LEU I 3603 60.67 62.79 -58.03
CA LEU I 3603 59.83 61.64 -57.71
C LEU I 3603 60.56 60.34 -58.03
N TYR I 3604 61.02 60.23 -59.28
CA TYR I 3604 61.76 59.05 -59.71
C TYR I 3604 63.13 59.00 -59.03
N HIS I 3605 63.67 60.18 -58.73
CA HIS I 3605 64.95 60.27 -58.02
C HIS I 3605 64.83 59.71 -56.61
N LEU I 3606 63.63 59.87 -56.04
CA LEU I 3606 63.36 59.33 -54.72
C LEU I 3606 63.23 57.82 -54.80
N GLU I 3607 62.64 57.35 -55.90
CA GLU I 3607 62.46 55.92 -56.12
C GLU I 3607 63.81 55.24 -56.34
N GLN I 3608 64.75 55.99 -56.90
CA GLN I 3608 66.11 55.49 -57.11
C GLN I 3608 66.84 55.39 -55.78
N THR I 3609 66.34 56.12 -54.78
CA THR I 3609 66.94 56.11 -53.45
C THR I 3609 66.03 55.42 -52.45
N GLU I 3610 64.87 54.95 -52.92
CA GLU I 3610 63.92 54.27 -52.06
C GLU I 3610 64.36 52.84 -51.81
N HIS I 3611 63.63 51.89 -52.39
CA HIS I 3611 63.97 50.48 -52.26
C HIS I 3611 65.17 50.14 -53.16
N PRO I 3612 65.45 51.04 -54.10
CA PRO I 3612 66.58 50.86 -55.00
C PRO I 3612 67.88 51.26 -54.31
N TYR I 3613 67.77 52.01 -53.22
CA TYR I 3613 68.94 52.43 -52.45
C TYR I 3613 68.54 52.77 -51.02
N LEU I 3623 67.40 26.11 -46.70
CA LEU I 3623 68.28 25.15 -46.06
C LEU I 3623 68.16 23.82 -46.79
N LEU I 3624 69.17 22.97 -46.68
CA LEU I 3624 69.23 21.72 -47.32
C LEU I 3624 70.39 21.26 -46.54
N SER I 3625 70.18 20.38 -45.57
CA SER I 3625 71.26 19.97 -44.68
C SER I 3625 72.39 19.11 -45.17
N LYS I 3626 73.43 19.10 -44.33
CA LYS I 3626 74.69 18.41 -44.50
C LYS I 3626 74.63 17.22 -45.35
N GLN I 3627 73.87 16.23 -44.94
CA GLN I 3627 73.83 15.05 -45.75
C GLN I 3627 73.26 15.22 -47.13
N ARG I 3628 72.36 16.16 -47.34
CA ARG I 3628 71.87 16.36 -48.64
C ARG I 3628 72.76 17.27 -49.38
N ARG I 3629 73.66 17.98 -48.74
CA ARG I 3629 74.53 18.84 -49.49
C ARG I 3629 75.38 17.92 -50.25
N ARG I 3630 75.96 16.98 -49.53
CA ARG I 3630 76.77 15.92 -50.08
C ARG I 3630 76.26 15.31 -51.40
N ALA I 3631 74.98 15.03 -51.56
CA ALA I 3631 74.50 14.54 -52.82
C ALA I 3631 74.72 15.55 -53.85
N VAL I 3632 74.31 16.78 -53.62
CA VAL I 3632 74.54 17.77 -54.68
C VAL I 3632 75.96 18.05 -55.05
N VAL I 3633 76.87 17.88 -54.13
CA VAL I 3633 78.21 17.95 -54.45
C VAL I 3633 78.48 16.87 -55.41
N ALA I 3634 78.07 15.64 -55.08
CA ALA I 3634 78.32 14.50 -55.90
C ALA I 3634 77.76 14.55 -57.22
N CYS I 3635 76.64 15.18 -57.45
CA CYS I 3635 76.06 15.14 -58.76
C CYS I 3635 76.74 15.64 -60.02
N PHE I 3636 78.04 15.65 -60.16
CA PHE I 3636 78.66 16.09 -61.36
C PHE I 3636 79.68 15.10 -61.79
N ARG I 3637 80.12 14.27 -60.88
CA ARG I 3637 81.08 13.26 -61.17
C ARG I 3637 80.37 11.96 -61.47
N MET I 3638 79.05 11.95 -61.50
CA MET I 3638 78.29 10.74 -61.75
C MET I 3638 78.57 10.37 -63.13
N THR I 3639 79.47 9.40 -63.26
CA THR I 3639 79.93 8.93 -64.55
C THR I 3639 78.89 8.73 -65.54
N PRO I 3640 79.24 8.99 -66.73
CA PRO I 3640 78.42 8.73 -67.91
C PRO I 3640 78.22 7.23 -68.12
N LEU I 3641 77.20 6.92 -68.91
CA LEU I 3641 76.85 5.52 -69.14
C LEU I 3641 77.86 4.84 -70.07
N TYR I 3642 78.45 5.60 -71.00
CA TYR I 3642 79.28 4.94 -72.00
C TYR I 3642 80.64 4.48 -71.47
N ASN I 3643 80.99 4.55 -70.18
CA ASN I 3643 82.24 3.99 -69.68
C ASN I 3643 82.01 2.77 -68.81
N LEU I 3644 80.86 2.13 -68.96
CA LEU I 3644 80.74 1.04 -68.01
C LEU I 3644 81.15 -0.28 -68.65
N PRO I 3645 81.75 -1.17 -67.88
CA PRO I 3645 82.09 -2.50 -68.41
C PRO I 3645 80.84 -3.23 -68.85
N THR I 3646 81.00 -4.05 -69.89
CA THR I 3646 79.85 -4.72 -70.50
C THR I 3646 79.14 -5.63 -69.51
N HIS I 3647 79.90 -6.38 -68.69
CA HIS I 3647 79.28 -7.31 -67.76
C HIS I 3647 78.41 -6.59 -66.74
N ARG I 3648 78.89 -5.46 -66.22
CA ARG I 3648 78.10 -4.73 -65.23
C ARG I 3648 76.92 -4.01 -65.86
N ALA I 3649 77.07 -3.54 -67.09
CA ALA I 3649 76.01 -2.79 -67.75
C ALA I 3649 74.87 -3.68 -68.23
N CYS I 3650 74.91 -4.97 -67.92
CA CYS I 3650 73.84 -5.91 -68.23
C CYS I 3650 72.98 -6.21 -67.02
N ASN I 3651 73.59 -6.38 -65.84
CA ASN I 3651 72.82 -6.62 -64.63
C ASN I 3651 71.89 -5.47 -64.31
N MET I 3652 72.33 -4.22 -64.55
CA MET I 3652 71.44 -3.08 -64.35
C MET I 3652 70.27 -3.10 -65.32
N PHE I 3653 70.48 -3.62 -66.53
CA PHE I 3653 69.39 -3.69 -67.51
C PHE I 3653 68.27 -4.59 -67.02
N LEU I 3654 68.62 -5.80 -66.58
CA LEU I 3654 67.59 -6.76 -66.14
C LEU I 3654 66.83 -6.23 -64.93
N GLU I 3655 67.56 -5.73 -63.93
CA GLU I 3655 66.91 -5.22 -62.72
C GLU I 3655 66.04 -4.02 -63.04
N SER I 3656 66.49 -3.15 -63.95
CA SER I 3656 65.69 -2.01 -64.35
C SER I 3656 64.55 -2.40 -65.29
N TYR I 3657 64.70 -3.50 -66.03
CA TYR I 3657 63.70 -3.88 -67.02
C TYR I 3657 62.57 -4.68 -66.35
N LYS I 3658 62.43 -4.54 -65.03
CA LYS I 3658 61.21 -4.96 -64.34
C LYS I 3658 60.17 -3.86 -64.51
N ALA I 3659 59.95 -3.46 -65.77
CA ALA I 3659 58.92 -2.51 -66.13
C ALA I 3659 58.14 -2.98 -67.36
N ALA I 3660 58.24 -4.28 -67.69
CA ALA I 3660 57.40 -4.89 -68.71
C ALA I 3660 56.68 -6.15 -68.25
N TRP I 3661 57.11 -6.77 -67.16
CA TRP I 3661 56.35 -7.85 -66.53
C TRP I 3661 55.47 -7.36 -65.40
N ILE I 3662 56.01 -6.52 -64.51
CA ILE I 3662 55.28 -6.15 -63.30
C ILE I 3662 54.01 -5.38 -63.63
N LEU I 3663 53.97 -4.70 -64.77
CA LEU I 3663 52.77 -3.98 -65.17
C LEU I 3663 51.89 -4.76 -66.14
N THR I 3664 52.46 -5.62 -66.97
CA THR I 3664 51.64 -6.41 -67.87
C THR I 3664 50.80 -7.40 -67.06
N GLU I 3665 49.61 -7.69 -67.57
CA GLU I 3665 48.69 -8.61 -66.93
C GLU I 3665 48.39 -9.76 -67.87
N ASP I 3666 48.51 -10.98 -67.36
CA ASP I 3666 48.16 -12.17 -68.13
C ASP I 3666 46.71 -12.55 -67.97
N HIS I 3667 46.10 -12.20 -66.84
CA HIS I 3667 44.75 -12.62 -66.49
C HIS I 3667 44.66 -14.13 -66.61
N SER I 3668 44.13 -14.61 -67.74
CA SER I 3668 44.15 -16.02 -68.11
C SER I 3668 43.69 -16.91 -66.96
N PHE I 3669 44.65 -17.50 -66.25
CA PHE I 3669 44.33 -18.38 -65.13
C PHE I 3669 43.65 -17.60 -64.01
N GLU I 3670 42.33 -17.75 -63.92
CA GLU I 3670 41.42 -17.07 -63.00
C GLU I 3670 40.01 -17.58 -63.26
N ASP I 3671 39.52 -17.32 -64.46
CA ASP I 3671 38.20 -17.78 -64.90
C ASP I 3671 38.28 -19.09 -65.67
N ARG I 3672 39.34 -19.30 -66.46
CA ARG I 3672 39.55 -20.59 -67.10
C ARG I 3672 40.02 -21.66 -66.13
N MET I 3673 40.52 -21.24 -64.96
CA MET I 3673 41.00 -22.21 -63.98
C MET I 3673 39.83 -22.95 -63.33
N ILE I 3674 38.94 -22.22 -62.66
CA ILE I 3674 37.80 -22.85 -62.00
C ILE I 3674 36.82 -23.42 -63.02
N ASP I 3675 36.96 -23.06 -64.30
CA ASP I 3675 36.08 -23.61 -65.32
C ASP I 3675 36.51 -25.03 -65.70
N ASP I 3676 37.74 -25.20 -66.20
CA ASP I 3676 38.19 -26.53 -66.59
C ASP I 3676 38.43 -27.42 -65.38
N LEU I 3677 39.05 -26.88 -64.33
CA LEU I 3677 39.12 -27.57 -63.06
C LEU I 3677 37.75 -27.47 -62.36
N SER I 3678 37.59 -28.27 -61.31
CA SER I 3678 36.36 -28.25 -60.52
C SER I 3678 35.14 -28.55 -61.38
N LYS I 3679 34.48 -27.51 -61.85
CA LYS I 3679 33.31 -27.67 -62.72
C LYS I 3679 33.68 -28.48 -63.95
N ALA I 3680 32.75 -29.32 -64.40
CA ALA I 3680 32.96 -30.28 -65.49
C ALA I 3680 34.05 -31.29 -65.17
N GLY I 3681 34.51 -31.35 -63.92
CA GLY I 3681 35.50 -32.35 -63.55
C GLY I 3681 34.94 -33.76 -63.64
N GLU I 3682 33.73 -33.96 -63.12
CA GLU I 3682 33.08 -35.27 -63.17
C GLU I 3682 32.55 -35.47 -64.58
N GLN I 3683 33.39 -36.03 -65.45
CA GLN I 3683 33.04 -36.26 -66.85
C GLN I 3683 32.35 -37.61 -66.99
N GLU I 3684 32.15 -38.04 -68.23
CA GLU I 3684 31.52 -39.33 -68.51
C GLU I 3684 32.42 -40.52 -68.20
N GLU I 3685 33.60 -40.29 -67.61
CA GLU I 3685 34.47 -41.40 -67.25
C GLU I 3685 33.82 -42.30 -66.22
N GLU I 3686 33.10 -41.72 -65.25
CA GLU I 3686 32.41 -42.52 -64.25
C GLU I 3686 31.35 -43.40 -64.90
N GLU I 3687 31.29 -44.66 -64.48
CA GLU I 3687 30.40 -45.65 -65.08
C GLU I 3687 29.16 -45.91 -64.24
N GLU I 3688 29.29 -45.98 -62.92
CA GLU I 3688 28.15 -46.29 -62.06
C GLU I 3688 28.40 -45.70 -60.67
N GLU I 3689 27.31 -45.57 -59.93
CA GLU I 3689 27.34 -45.07 -58.56
C GLU I 3689 26.21 -45.70 -57.79
N VAL I 3690 26.31 -45.66 -56.46
CA VAL I 3690 25.32 -46.30 -55.60
C VAL I 3690 24.65 -45.26 -54.70
N GLU I 3691 25.42 -44.66 -53.81
CA GLU I 3691 24.85 -43.71 -52.85
C GLU I 3691 25.55 -42.36 -52.85
N GLU I 3692 26.86 -42.32 -53.00
CA GLU I 3692 27.63 -41.10 -52.98
C GLU I 3692 28.24 -40.83 -54.36
N LYS I 3693 29.04 -39.78 -54.44
CA LYS I 3693 29.68 -39.39 -55.69
C LYS I 3693 31.16 -39.13 -55.45
N LYS I 3694 31.96 -39.43 -56.46
CA LYS I 3694 33.40 -39.22 -56.38
C LYS I 3694 33.69 -37.73 -56.31
N PRO I 3695 34.47 -37.27 -55.32
CA PRO I 3695 34.77 -35.83 -55.24
C PRO I 3695 35.47 -35.32 -56.48
N ASP I 3696 35.02 -34.16 -56.96
CA ASP I 3696 35.61 -33.54 -58.13
C ASP I 3696 36.98 -32.94 -57.79
N PRO I 3697 37.81 -32.66 -58.80
CA PRO I 3697 39.22 -32.31 -58.51
C PRO I 3697 39.41 -31.17 -57.52
N LEU I 3698 38.57 -30.13 -57.55
CA LEU I 3698 38.71 -29.06 -56.58
C LEU I 3698 38.46 -29.56 -55.16
N HIS I 3699 37.51 -30.49 -55.00
CA HIS I 3699 37.15 -30.96 -53.67
C HIS I 3699 38.33 -31.61 -52.97
N GLN I 3700 39.20 -32.31 -53.71
CA GLN I 3700 40.40 -32.86 -53.10
C GLN I 3700 41.32 -31.75 -52.61
N LEU I 3701 41.43 -30.66 -53.37
CA LEU I 3701 42.37 -29.60 -53.04
C LEU I 3701 42.05 -28.97 -51.70
N VAL I 3702 40.81 -28.53 -51.51
CA VAL I 3702 40.48 -27.76 -50.31
C VAL I 3702 40.61 -28.64 -49.06
N LEU I 3703 40.12 -29.88 -49.14
CA LEU I 3703 40.19 -30.77 -47.99
C LEU I 3703 41.65 -31.05 -47.61
N HIS I 3704 42.55 -31.04 -48.59
CA HIS I 3704 43.97 -31.14 -48.28
C HIS I 3704 44.44 -29.99 -47.40
N PHE I 3705 44.03 -28.76 -47.73
CA PHE I 3705 44.36 -27.63 -46.87
C PHE I 3705 43.69 -27.76 -45.51
N SER I 3706 42.45 -28.25 -45.48
CA SER I 3706 41.80 -28.56 -44.21
C SER I 3706 42.56 -29.67 -43.48
N ARG I 3707 43.06 -30.66 -44.25
CA ARG I 3707 43.81 -31.76 -43.64
C ARG I 3707 45.06 -31.25 -42.94
N THR I 3708 45.86 -30.43 -43.64
CA THR I 3708 47.08 -29.91 -43.04
C THR I 3708 46.80 -28.86 -41.97
N ALA I 3709 45.64 -28.21 -42.01
CA ALA I 3709 45.30 -27.25 -40.98
C ALA I 3709 45.08 -27.92 -39.63
N LEU I 3710 44.44 -29.10 -39.63
CA LEU I 3710 44.16 -29.81 -38.40
C LEU I 3710 45.38 -30.51 -37.82
N THR I 3711 46.48 -30.58 -38.55
CA THR I 3711 47.68 -31.23 -38.04
C THR I 3711 48.12 -30.54 -36.75
N GLU I 3712 48.37 -31.33 -35.71
CA GLU I 3712 48.71 -30.79 -34.40
C GLU I 3712 50.10 -30.21 -34.44
N LYS I 3713 50.19 -28.89 -34.48
CA LYS I 3713 51.47 -28.20 -34.56
C LYS I 3713 51.41 -26.98 -33.65
N SER I 3714 52.57 -26.34 -33.46
CA SER I 3714 52.66 -25.18 -32.60
C SER I 3714 52.40 -23.87 -33.37
N LYS I 3715 53.08 -23.70 -34.49
CA LYS I 3715 52.91 -22.51 -35.32
C LYS I 3715 52.86 -22.92 -36.78
N LEU I 3716 51.99 -22.27 -37.54
CA LEU I 3716 51.85 -22.58 -38.96
C LEU I 3716 53.11 -22.20 -39.72
N ASP I 3717 53.45 -23.01 -40.72
CA ASP I 3717 54.62 -22.75 -41.55
C ASP I 3717 54.26 -21.75 -42.65
N GLU I 3718 55.15 -21.57 -43.62
CA GLU I 3718 54.90 -20.59 -44.68
C GLU I 3718 53.98 -21.16 -45.75
N ASP I 3719 54.41 -22.22 -46.43
CA ASP I 3719 53.60 -22.91 -47.44
C ASP I 3719 53.08 -21.91 -48.48
N TYR I 3720 54.03 -21.36 -49.26
CA TYR I 3720 53.66 -20.40 -50.28
C TYR I 3720 52.67 -20.98 -51.27
N LEU I 3721 52.67 -22.31 -51.40
CA LEU I 3721 51.69 -22.97 -52.26
C LEU I 3721 50.27 -22.61 -51.84
N TYR I 3722 50.05 -22.44 -50.53
CA TYR I 3722 48.74 -22.01 -50.05
C TYR I 3722 48.41 -20.60 -50.53
N MET I 3723 49.40 -19.71 -50.52
CA MET I 3723 49.18 -18.35 -51.02
C MET I 3723 48.82 -18.35 -52.50
N ALA I 3724 49.49 -19.19 -53.29
CA ALA I 3724 49.28 -19.19 -54.73
C ALA I 3724 47.84 -19.54 -55.08
N TYR I 3725 47.23 -20.46 -54.33
CA TYR I 3725 45.86 -20.86 -54.59
C TYR I 3725 44.83 -20.06 -53.82
N ALA I 3726 45.19 -19.50 -52.67
CA ALA I 3726 44.25 -18.68 -51.92
C ALA I 3726 43.86 -17.44 -52.72
N ASP I 3727 44.85 -16.79 -53.33
CA ASP I 3727 44.57 -15.57 -54.09
C ASP I 3727 43.74 -15.85 -55.34
N ILE I 3728 44.07 -16.92 -56.07
CA ILE I 3728 43.36 -17.17 -57.32
C ILE I 3728 41.93 -17.63 -57.06
N MET I 3729 41.64 -18.17 -55.87
CA MET I 3729 40.25 -18.48 -55.54
C MET I 3729 39.44 -17.22 -55.24
N ALA I 3730 40.09 -16.10 -54.92
CA ALA I 3730 39.36 -14.90 -54.55
C ALA I 3730 38.91 -14.11 -55.77
N LYS I 3731 39.80 -13.91 -56.74
CA LYS I 3731 39.43 -13.18 -57.94
C LYS I 3731 38.43 -13.93 -58.82
N SER I 3732 38.22 -15.22 -58.59
CA SER I 3732 37.26 -15.99 -59.37
C SER I 3732 35.83 -15.59 -59.10
N CYS I 3733 35.57 -14.80 -58.06
CA CYS I 3733 34.22 -14.41 -57.68
C CYS I 3733 33.92 -12.94 -57.93
N HIS I 3734 34.79 -12.04 -57.45
CA HIS I 3734 34.55 -10.61 -57.48
C HIS I 3734 34.83 -9.97 -58.84
N LEU I 3735 34.94 -10.76 -59.91
CA LEU I 3735 35.25 -10.21 -61.22
C LEU I 3735 34.26 -9.12 -61.62
N GLU I 3736 32.96 -9.39 -61.43
CA GLU I 3736 31.92 -8.41 -61.75
C GLU I 3736 31.59 -7.50 -60.59
N GLU I 3737 32.18 -7.71 -59.41
CA GLU I 3737 31.91 -6.88 -58.25
C GLU I 3737 32.47 -5.47 -58.44
N GLU I 3747 28.67 10.30 -64.60
CA GLU I 3747 29.68 9.63 -65.41
C GLU I 3747 29.23 8.23 -65.80
N GLU I 3748 27.97 7.91 -65.49
CA GLU I 3748 27.42 6.60 -65.81
C GLU I 3748 25.91 6.69 -65.79
N VAL I 3749 25.26 6.14 -66.83
CA VAL I 3749 23.81 6.17 -66.89
C VAL I 3749 23.21 5.33 -65.77
N GLU I 3750 21.94 5.60 -65.47
CA GLU I 3750 21.24 4.86 -64.42
C GLU I 3750 21.02 3.42 -64.86
N VAL I 3751 21.25 2.49 -63.93
CA VAL I 3751 21.12 1.07 -64.22
C VAL I 3751 19.64 0.69 -64.19
N SER I 3752 19.20 -0.04 -65.22
CA SER I 3752 17.82 -0.51 -65.25
C SER I 3752 17.62 -1.66 -64.26
N PHE I 3753 16.37 -1.96 -63.93
CA PHE I 3753 16.11 -2.99 -62.90
C PHE I 3753 16.25 -4.44 -63.37
N GLU I 3754 16.18 -4.71 -64.67
CA GLU I 3754 16.37 -6.08 -65.11
C GLU I 3754 17.85 -6.48 -65.11
N GLU I 3755 18.74 -5.56 -65.46
CA GLU I 3755 20.16 -5.92 -65.60
C GLU I 3755 20.82 -6.13 -64.25
N LYS I 3756 20.45 -5.34 -63.24
CA LYS I 3756 21.20 -5.36 -61.98
C LYS I 3756 21.03 -6.67 -61.23
N GLU I 3757 19.92 -7.39 -61.44
CA GLU I 3757 19.82 -8.72 -60.86
C GLU I 3757 20.79 -9.71 -61.50
N MET I 3758 21.13 -9.53 -62.78
CA MET I 3758 22.07 -10.43 -63.43
C MET I 3758 23.43 -10.42 -62.73
N GLU I 3759 23.88 -9.24 -62.30
CA GLU I 3759 25.14 -9.18 -61.56
C GLU I 3759 25.02 -9.89 -60.21
N LYS I 3760 23.98 -9.58 -59.44
CA LYS I 3760 23.85 -10.21 -58.14
C LYS I 3760 23.40 -11.66 -58.22
N GLN I 3761 22.93 -12.12 -59.38
CA GLN I 3761 22.73 -13.56 -59.57
C GLN I 3761 23.99 -14.25 -60.04
N ARG I 3762 24.73 -13.63 -60.96
CA ARG I 3762 26.01 -14.18 -61.39
C ARG I 3762 26.99 -14.26 -60.22
N LEU I 3763 27.06 -13.19 -59.43
CA LEU I 3763 27.89 -13.23 -58.22
C LEU I 3763 27.42 -14.31 -57.27
N LEU I 3764 26.11 -14.44 -57.09
CA LEU I 3764 25.58 -15.46 -56.19
C LEU I 3764 25.89 -16.86 -56.69
N TYR I 3765 25.95 -17.05 -58.00
CA TYR I 3765 26.31 -18.36 -58.55
C TYR I 3765 27.81 -18.57 -58.59
N GLN I 3766 28.59 -17.53 -58.89
CA GLN I 3766 30.03 -17.68 -58.97
C GLN I 3766 30.61 -18.18 -57.66
N GLN I 3767 30.12 -17.68 -56.54
CA GLN I 3767 30.54 -18.18 -55.24
C GLN I 3767 29.68 -19.34 -54.74
N SER I 3768 28.58 -19.66 -55.43
CA SER I 3768 27.76 -20.80 -55.02
C SER I 3768 28.54 -22.10 -55.17
N ARG I 3769 29.27 -22.24 -56.29
CA ARG I 3769 30.11 -23.42 -56.48
C ARG I 3769 31.24 -23.48 -55.46
N LEU I 3770 31.58 -22.36 -54.85
CA LEU I 3770 32.75 -22.29 -53.98
C LEU I 3770 32.39 -22.37 -52.50
N HIS I 3771 31.13 -22.57 -52.14
CA HIS I 3771 30.79 -22.91 -50.76
C HIS I 3771 30.12 -24.26 -50.62
N THR I 3772 29.40 -24.73 -51.64
CA THR I 3772 28.89 -26.10 -51.61
C THR I 3772 30.04 -27.10 -51.64
N ARG I 3773 31.10 -26.79 -52.38
CA ARG I 3773 32.23 -27.70 -52.57
C ARG I 3773 33.23 -27.55 -51.42
N GLY I 3774 32.76 -27.88 -50.22
CA GLY I 3774 33.57 -27.76 -49.03
C GLY I 3774 33.96 -26.33 -48.75
N ALA I 3775 35.25 -26.00 -48.94
CA ALA I 3775 35.73 -24.63 -48.90
C ALA I 3775 35.34 -23.87 -47.64
N ALA I 3776 34.25 -23.09 -47.72
CA ALA I 3776 33.85 -22.11 -46.71
C ALA I 3776 34.15 -22.55 -45.29
N GLU I 3777 33.88 -23.82 -44.98
CA GLU I 3777 34.28 -24.35 -43.68
C GLU I 3777 35.74 -24.80 -43.73
N MET I 3778 36.64 -23.91 -44.16
CA MET I 3778 38.06 -24.11 -43.92
C MET I 3778 38.68 -22.80 -43.46
N VAL I 3779 38.07 -21.67 -43.84
CA VAL I 3779 38.62 -20.37 -43.46
C VAL I 3779 38.54 -20.16 -41.96
N LEU I 3780 37.48 -20.67 -41.32
CA LEU I 3780 37.43 -20.64 -39.86
C LEU I 3780 38.48 -21.56 -39.26
N GLN I 3781 38.73 -22.69 -39.89
CA GLN I 3781 39.75 -23.62 -39.44
C GLN I 3781 41.14 -23.04 -39.64
N MET I 3782 41.35 -22.24 -40.69
CA MET I 3782 42.67 -21.68 -40.96
C MET I 3782 43.00 -20.55 -39.99
N ILE I 3783 42.02 -19.70 -39.68
CA ILE I 3783 42.26 -18.60 -38.75
C ILE I 3783 42.52 -19.13 -37.35
N SER I 3784 41.77 -20.17 -36.95
CA SER I 3784 41.90 -20.69 -35.59
C SER I 3784 43.30 -21.25 -35.34
N ALA I 3785 43.91 -21.86 -36.36
CA ALA I 3785 45.24 -22.43 -36.20
C ALA I 3785 46.28 -21.35 -35.91
N CYS I 3786 46.18 -20.21 -36.59
CA CYS I 3786 47.10 -19.10 -36.36
C CYS I 3786 46.61 -18.30 -35.16
N LYS I 3787 47.26 -18.50 -34.02
CA LYS I 3787 46.78 -17.92 -32.77
C LYS I 3787 46.79 -16.39 -32.77
N GLY I 3788 47.96 -15.78 -32.84
CA GLY I 3788 48.02 -14.33 -32.71
C GLY I 3788 49.09 -13.65 -33.54
N GLU I 3789 49.61 -14.32 -34.57
CA GLU I 3789 50.72 -13.82 -35.37
C GLU I 3789 50.18 -13.30 -36.69
N THR I 3790 50.24 -11.99 -36.88
CA THR I 3790 49.66 -11.35 -38.05
C THR I 3790 50.60 -11.41 -39.25
N GLY I 3791 51.13 -12.58 -39.55
CA GLY I 3791 51.98 -12.76 -40.70
C GLY I 3791 51.20 -12.74 -41.99
N ALA I 3792 51.86 -13.18 -43.06
CA ALA I 3792 51.21 -13.25 -44.36
C ALA I 3792 50.16 -14.35 -44.42
N MET I 3793 50.10 -15.24 -43.42
CA MET I 3793 49.16 -16.35 -43.43
C MET I 3793 47.72 -15.87 -43.45
N VAL I 3794 47.30 -15.17 -42.39
CA VAL I 3794 45.91 -14.75 -42.26
C VAL I 3794 45.58 -13.65 -43.26
N SER I 3795 46.55 -12.82 -43.63
CA SER I 3795 46.30 -11.74 -44.56
C SER I 3795 45.79 -12.28 -45.90
N SER I 3796 46.43 -13.33 -46.41
CA SER I 3796 45.95 -13.95 -47.64
C SER I 3796 44.72 -14.82 -47.40
N THR I 3797 44.41 -15.16 -46.15
CA THR I 3797 43.22 -15.93 -45.84
C THR I 3797 42.00 -15.05 -45.63
N LEU I 3798 42.16 -13.96 -44.86
CA LEU I 3798 41.07 -13.01 -44.69
C LEU I 3798 40.67 -12.38 -46.02
N LYS I 3799 41.62 -12.21 -46.94
CA LYS I 3799 41.29 -11.70 -48.27
C LYS I 3799 40.31 -12.63 -48.97
N LEU I 3800 40.49 -13.94 -48.81
CA LEU I 3800 39.56 -14.90 -49.39
C LEU I 3800 38.16 -14.75 -48.78
N GLY I 3801 38.09 -14.73 -47.45
CA GLY I 3801 36.80 -14.79 -46.78
C GLY I 3801 35.83 -13.69 -47.17
N ILE I 3802 36.36 -12.53 -47.57
CA ILE I 3802 35.51 -11.45 -48.05
C ILE I 3802 34.81 -11.86 -49.35
N SER I 3803 35.51 -12.62 -50.20
CA SER I 3803 34.96 -12.91 -51.52
C SER I 3803 33.82 -13.91 -51.48
N ILE I 3804 33.83 -14.84 -50.52
CA ILE I 3804 32.75 -15.83 -50.46
C ILE I 3804 31.45 -15.17 -50.01
N LEU I 3805 31.51 -14.28 -49.03
CA LEU I 3805 30.32 -13.75 -48.38
C LEU I 3805 30.16 -12.25 -48.59
N ASN I 3806 30.48 -11.77 -49.78
CA ASN I 3806 30.10 -10.40 -50.14
C ASN I 3806 28.58 -10.32 -50.30
N GLY I 3807 28.09 -9.09 -50.45
CA GLY I 3807 26.65 -8.88 -50.45
C GLY I 3807 26.06 -9.32 -49.13
N GLY I 3808 24.99 -10.11 -49.18
CA GLY I 3808 24.45 -10.68 -47.97
C GLY I 3808 24.81 -12.15 -47.80
N ASN I 3809 24.61 -12.94 -48.85
CA ASN I 3809 24.92 -14.37 -48.87
C ASN I 3809 24.45 -15.07 -47.61
N ALA I 3810 23.12 -15.17 -47.48
CA ALA I 3810 22.54 -15.76 -46.28
C ALA I 3810 22.97 -17.21 -46.09
N GLU I 3811 23.05 -17.98 -47.17
CA GLU I 3811 23.31 -19.41 -47.06
C GLU I 3811 24.69 -19.69 -46.47
N VAL I 3812 25.72 -18.95 -46.90
CA VAL I 3812 27.06 -19.23 -46.41
C VAL I 3812 27.18 -18.89 -44.93
N GLN I 3813 26.45 -17.88 -44.46
CA GLN I 3813 26.46 -17.56 -43.04
C GLN I 3813 25.89 -18.71 -42.21
N GLN I 3814 24.85 -19.36 -42.73
CA GLN I 3814 24.22 -20.46 -41.99
C GLN I 3814 25.19 -21.62 -41.79
N LYS I 3815 25.98 -21.95 -42.83
CA LYS I 3815 26.93 -23.05 -42.70
C LYS I 3815 27.98 -22.74 -41.65
N MET I 3816 28.48 -21.50 -41.63
CA MET I 3816 29.50 -21.14 -40.66
C MET I 3816 28.98 -21.22 -39.23
N LEU I 3817 27.73 -20.80 -39.01
CA LEU I 3817 27.17 -20.85 -37.66
C LEU I 3817 27.03 -22.29 -37.20
N ASP I 3818 26.60 -23.19 -38.09
CA ASP I 3818 26.38 -24.58 -37.71
C ASP I 3818 27.67 -25.24 -37.22
N TYR I 3819 28.78 -24.99 -37.91
CA TYR I 3819 30.05 -25.59 -37.50
C TYR I 3819 30.47 -25.11 -36.12
N LEU I 3820 30.36 -23.81 -35.86
CA LEU I 3820 30.76 -23.28 -34.55
C LEU I 3820 29.90 -23.87 -33.44
N LYS I 3821 28.62 -24.13 -33.73
CA LYS I 3821 27.76 -24.80 -32.78
C LYS I 3821 28.06 -26.30 -32.67
N ASP I 3822 28.81 -26.86 -33.61
CA ASP I 3822 29.07 -28.29 -33.67
C ASP I 3822 30.42 -28.66 -33.05
N LYS I 3823 31.49 -28.00 -33.49
CA LYS I 3823 32.81 -28.25 -32.90
C LYS I 3823 32.83 -27.87 -31.43
N LYS I 3824 32.20 -26.75 -31.07
CA LYS I 3824 31.98 -26.35 -29.68
C LYS I 3824 33.31 -26.23 -28.92
N GLU I 3825 34.36 -25.84 -29.64
CA GLU I 3825 35.63 -25.46 -29.04
C GLU I 3825 35.82 -23.96 -29.21
N VAL I 3826 36.66 -23.36 -28.37
CA VAL I 3826 36.78 -21.91 -28.47
C VAL I 3826 37.69 -21.59 -29.65
N GLY I 3827 38.99 -21.81 -29.50
CA GLY I 3827 39.91 -22.01 -30.59
C GLY I 3827 40.04 -20.90 -31.62
N PHE I 3828 39.01 -20.06 -31.71
CA PHE I 3828 38.89 -19.07 -32.77
C PHE I 3828 38.69 -17.66 -32.23
N PHE I 3829 37.76 -17.48 -31.29
CA PHE I 3829 37.55 -16.16 -30.71
C PHE I 3829 38.76 -15.68 -29.91
N GLN I 3830 39.61 -16.59 -29.45
CA GLN I 3830 40.88 -16.17 -28.89
C GLN I 3830 41.72 -15.44 -29.93
N SER I 3831 41.75 -15.96 -31.15
CA SER I 3831 42.56 -15.35 -32.21
C SER I 3831 42.04 -13.97 -32.56
N ILE I 3832 40.73 -13.84 -32.81
CA ILE I 3832 40.17 -12.55 -33.18
C ILE I 3832 40.41 -11.51 -32.10
N GLN I 3833 40.19 -11.89 -30.83
CA GLN I 3833 40.41 -10.96 -29.73
C GLN I 3833 41.87 -10.55 -29.63
N ALA I 3834 42.79 -11.51 -29.72
CA ALA I 3834 44.20 -11.21 -29.61
C ALA I 3834 44.72 -10.45 -30.82
N LEU I 3835 44.27 -10.84 -32.01
CA LEU I 3835 44.81 -10.27 -33.24
C LEU I 3835 44.55 -8.77 -33.32
N MET I 3836 43.31 -8.36 -33.09
CA MET I 3836 42.96 -6.94 -33.27
C MET I 3836 43.57 -6.05 -32.19
N GLN I 3837 44.06 -6.63 -31.08
CA GLN I 3837 44.78 -5.83 -30.10
C GLN I 3837 46.19 -5.48 -30.55
N THR I 3838 46.71 -6.18 -31.56
CA THR I 3838 48.02 -5.88 -32.11
C THR I 3838 47.96 -4.90 -33.27
N CYS I 3839 46.76 -4.45 -33.66
CA CYS I 3839 46.64 -3.48 -34.72
C CYS I 3839 47.26 -2.14 -34.30
N SER I 3840 47.80 -1.43 -35.27
CA SER I 3840 48.49 -0.18 -35.00
C SER I 3840 47.53 0.99 -35.08
N VAL I 3841 47.96 2.13 -34.55
CA VAL I 3841 47.24 3.38 -34.60
C VAL I 3841 48.18 4.46 -35.12
N LEU I 3842 47.66 5.67 -35.26
CA LEU I 3842 48.45 6.77 -35.81
C LEU I 3842 49.44 7.23 -34.75
N ASP I 3843 50.64 6.68 -34.81
CA ASP I 3843 51.72 7.12 -33.94
C ASP I 3843 52.28 8.44 -34.46
N LEU I 3844 52.82 9.23 -33.55
CA LEU I 3844 53.43 10.50 -33.94
C LEU I 3844 54.96 10.39 -33.96
N ASN I 3845 55.55 9.75 -32.96
CA ASN I 3845 57.01 9.69 -32.93
C ASN I 3845 57.56 9.15 -34.24
N ALA I 3846 56.94 8.10 -34.77
CA ALA I 3846 57.39 7.53 -36.03
C ALA I 3846 57.27 8.51 -37.19
N PHE I 3847 56.34 9.46 -37.09
CA PHE I 3847 56.18 10.46 -38.15
C PHE I 3847 57.42 11.33 -38.27
N GLU I 3848 58.00 11.73 -37.14
CA GLU I 3848 59.20 12.56 -37.17
C GLU I 3848 60.36 11.84 -37.84
N ARG I 3849 60.43 10.52 -37.67
CA ARG I 3849 61.52 9.75 -38.27
C ARG I 3849 61.45 9.82 -39.79
N GLN I 3850 60.25 9.80 -40.36
CA GLN I 3850 60.11 10.09 -41.79
C GLN I 3850 60.52 11.52 -42.12
N ASN I 3851 60.09 12.48 -41.30
CA ASN I 3851 60.19 13.88 -41.69
C ASN I 3851 61.63 14.35 -41.87
N LYS I 3852 62.60 13.67 -41.25
CA LYS I 3852 64.00 13.97 -41.53
C LYS I 3852 64.65 12.97 -42.47
N ALA I 3853 64.20 11.71 -42.45
CA ALA I 3853 64.71 10.73 -43.41
C ALA I 3853 64.35 11.12 -44.83
N GLU I 3854 63.17 11.71 -45.03
CA GLU I 3854 62.81 12.22 -46.34
C GLU I 3854 63.64 13.42 -46.76
N GLY I 3855 64.39 14.04 -45.83
CA GLY I 3855 65.24 15.16 -46.18
C GLY I 3855 66.31 14.80 -47.19
N LEU I 3856 66.83 13.57 -47.12
CA LEU I 3856 67.82 13.10 -48.07
C LEU I 3856 67.13 12.68 -49.37
N GLY I 3857 67.87 12.78 -50.47
CA GLY I 3857 67.28 12.51 -51.77
C GLY I 3857 67.91 11.35 -52.52
N MET I 3858 69.19 11.08 -52.26
CA MET I 3858 69.89 10.00 -52.93
C MET I 3858 71.15 9.67 -52.16
N VAL I 3859 71.56 8.40 -52.25
CA VAL I 3859 72.81 7.94 -51.66
C VAL I 3859 73.96 8.53 -52.46
N ASN I 3860 75.19 8.40 -51.95
CA ASN I 3860 76.36 8.93 -52.65
C ASN I 3860 76.34 8.56 -54.13
N GLU I 3861 76.41 7.26 -54.43
CA GLU I 3861 76.02 6.78 -55.76
C GLU I 3861 75.54 5.35 -55.62
N ASP I 3862 74.23 5.19 -55.36
CA ASP I 3862 73.60 3.87 -55.45
C ASP I 3862 72.12 4.09 -55.77
N GLY I 3863 71.78 4.11 -57.06
CA GLY I 3863 70.42 4.07 -57.53
C GLY I 3863 69.41 4.93 -56.82
N THR I 3864 69.88 5.99 -56.14
CA THR I 3864 69.04 6.83 -55.28
C THR I 3864 68.38 5.99 -54.19
N VAL I 3865 67.42 6.58 -53.47
CA VAL I 3865 66.71 5.85 -52.43
C VAL I 3865 65.87 4.77 -53.09
N ILE I 3866 66.26 3.51 -52.91
CA ILE I 3866 65.56 2.41 -53.56
C ILE I 3866 64.17 2.23 -52.96
N ASN I 3867 64.05 2.41 -51.64
CA ASN I 3867 62.75 2.26 -50.99
C ASN I 3867 61.75 3.31 -51.45
N ARG I 3868 62.25 4.48 -51.86
CA ARG I 3868 61.41 5.59 -52.34
C ARG I 3868 60.35 5.97 -51.31
N GLN I 3869 59.13 5.45 -51.50
CA GLN I 3869 58.06 5.76 -50.55
C GLN I 3869 58.36 5.19 -49.17
N ASN I 3870 58.68 3.90 -49.09
CA ASN I 3870 58.98 3.23 -47.82
C ASN I 3870 57.89 3.51 -46.78
N GLY I 3871 56.63 3.39 -47.21
CA GLY I 3871 55.50 3.78 -46.39
C GLY I 3871 55.37 3.03 -45.08
N GLU I 3872 56.08 1.92 -44.93
CA GLU I 3872 55.94 1.09 -43.73
C GLU I 3872 56.50 1.85 -42.55
N LYS I 3873 55.60 2.47 -41.77
CA LYS I 3873 55.96 3.17 -40.54
C LYS I 3873 54.71 3.62 -39.79
N VAL I 3874 53.99 4.60 -40.35
CA VAL I 3874 52.85 5.20 -39.63
C VAL I 3874 51.74 4.18 -39.43
N MET I 3875 51.34 3.50 -40.50
CA MET I 3875 50.37 2.41 -40.39
C MET I 3875 50.98 1.07 -40.77
N ALA I 3876 51.47 0.93 -42.00
CA ALA I 3876 51.98 -0.33 -42.53
C ALA I 3876 50.96 -1.47 -42.40
N ASP I 3877 49.70 -1.13 -42.10
CA ASP I 3877 48.68 -2.15 -41.90
C ASP I 3877 47.32 -1.82 -42.51
N ASP I 3878 47.10 -0.59 -42.99
CA ASP I 3878 45.77 -0.20 -43.46
C ASP I 3878 45.24 -1.15 -44.52
N GLU I 3879 46.13 -1.72 -45.35
CA GLU I 3879 45.69 -2.70 -46.33
C GLU I 3879 45.21 -3.99 -45.68
N PHE I 3880 45.49 -4.18 -44.39
CA PHE I 3880 45.10 -5.40 -43.68
C PHE I 3880 44.08 -5.13 -42.58
N THR I 3881 44.34 -4.18 -41.69
CA THR I 3881 43.42 -3.91 -40.59
C THR I 3881 42.07 -3.39 -41.06
N GLN I 3882 42.01 -2.84 -42.28
CA GLN I 3882 40.72 -2.41 -42.83
C GLN I 3882 39.87 -3.60 -43.26
N ASP I 3883 40.49 -4.76 -43.51
CA ASP I 3883 39.76 -5.94 -43.92
C ASP I 3883 39.25 -6.76 -42.74
N LEU I 3884 39.97 -6.73 -41.61
CA LEU I 3884 39.53 -7.49 -40.44
C LEU I 3884 38.16 -7.01 -39.97
N PHE I 3885 37.97 -5.69 -39.88
CA PHE I 3885 36.67 -5.17 -39.48
C PHE I 3885 35.61 -5.39 -40.54
N ARG I 3886 35.98 -5.27 -41.82
CA ARG I 3886 35.02 -5.56 -42.89
C ARG I 3886 34.55 -7.00 -42.81
N PHE I 3887 35.45 -7.93 -42.45
CA PHE I 3887 35.05 -9.33 -42.30
C PHE I 3887 34.01 -9.47 -41.21
N LEU I 3888 34.21 -8.79 -40.07
CA LEU I 3888 33.24 -8.84 -38.99
C LEU I 3888 31.91 -8.21 -39.40
N GLN I 3889 31.96 -7.08 -40.10
CA GLN I 3889 30.73 -6.40 -40.49
C GLN I 3889 29.90 -7.27 -41.43
N LEU I 3890 30.54 -7.90 -42.41
CA LEU I 3890 29.81 -8.72 -43.37
C LEU I 3890 29.21 -9.96 -42.74
N LEU I 3891 29.70 -10.38 -41.56
CA LEU I 3891 29.09 -11.51 -40.88
C LEU I 3891 27.66 -11.19 -40.47
N CYS I 3892 27.45 -10.02 -39.88
CA CYS I 3892 26.13 -9.61 -39.43
C CYS I 3892 25.46 -8.71 -40.46
N GLU I 3893 25.32 -9.24 -41.68
CA GLU I 3893 24.69 -8.52 -42.77
C GLU I 3893 23.34 -9.13 -43.07
N GLY I 3894 22.43 -8.31 -43.57
CA GLY I 3894 21.06 -8.76 -43.77
C GLY I 3894 20.27 -8.88 -42.50
N HIS I 3895 20.68 -8.19 -41.44
CA HIS I 3895 19.96 -8.16 -40.16
C HIS I 3895 19.83 -9.55 -39.55
N ASN I 3896 20.82 -10.42 -39.78
CA ASN I 3896 20.82 -11.73 -39.17
C ASN I 3896 20.85 -11.59 -37.66
N ASN I 3897 19.90 -12.25 -36.98
CA ASN I 3897 19.72 -12.09 -35.55
C ASN I 3897 20.24 -13.30 -34.78
N ASP I 3898 21.28 -13.95 -35.31
CA ASP I 3898 21.97 -15.00 -34.57
C ASP I 3898 23.44 -14.67 -34.34
N PHE I 3899 24.17 -14.25 -35.38
CA PHE I 3899 25.49 -13.68 -35.17
C PHE I 3899 25.43 -12.41 -34.33
N GLN I 3900 24.44 -11.56 -34.59
CA GLN I 3900 24.30 -10.34 -33.82
C GLN I 3900 24.08 -10.63 -32.34
N ASN I 3901 23.64 -11.84 -32.00
CA ASN I 3901 23.52 -12.27 -30.62
C ASN I 3901 24.66 -13.19 -30.19
N TYR I 3902 25.20 -13.98 -31.12
CA TYR I 3902 26.28 -14.90 -30.78
C TYR I 3902 27.56 -14.16 -30.42
N LEU I 3903 27.88 -13.09 -31.15
CA LEU I 3903 29.13 -12.36 -30.89
C LEU I 3903 29.15 -11.75 -29.49
N ARG I 3904 27.98 -11.45 -28.92
CA ARG I 3904 27.95 -10.88 -27.58
C ARG I 3904 28.35 -11.91 -26.54
N THR I 3905 27.76 -13.10 -26.60
CA THR I 3905 28.07 -14.17 -25.66
C THR I 3905 27.97 -15.50 -26.40
N GLN I 3906 28.93 -16.38 -26.14
CA GLN I 3906 28.93 -17.73 -26.71
C GLN I 3906 28.33 -18.68 -25.67
N THR I 3907 27.15 -19.19 -25.98
CA THR I 3907 26.52 -20.16 -25.08
C THR I 3907 27.29 -21.48 -25.13
N GLY I 3908 27.10 -22.28 -24.08
CA GLY I 3908 27.88 -23.49 -23.96
C GLY I 3908 29.36 -23.17 -23.84
N ASN I 3909 30.17 -23.92 -24.58
CA ASN I 3909 31.62 -23.79 -24.56
C ASN I 3909 32.17 -23.74 -23.14
N THR I 3910 33.20 -22.94 -22.91
CA THR I 3910 33.74 -22.78 -21.57
C THR I 3910 33.84 -21.32 -21.15
N THR I 3911 34.22 -20.42 -22.06
CA THR I 3911 34.39 -19.02 -21.74
C THR I 3911 33.87 -18.16 -22.89
N THR I 3912 33.54 -16.92 -22.57
CA THR I 3912 33.05 -15.95 -23.54
C THR I 3912 34.06 -14.84 -23.75
N ILE I 3913 33.94 -14.14 -24.87
CA ILE I 3913 34.87 -13.09 -25.26
C ILE I 3913 34.20 -11.74 -25.40
N ASN I 3914 32.98 -11.70 -25.94
CA ASN I 3914 32.19 -10.47 -26.09
C ASN I 3914 32.92 -9.45 -26.98
N ILE I 3915 33.03 -9.82 -28.26
CA ILE I 3915 33.68 -8.99 -29.27
C ILE I 3915 33.13 -7.57 -29.28
N ILE I 3916 31.85 -7.40 -28.98
CA ILE I 3916 31.22 -6.07 -29.06
C ILE I 3916 32.01 -5.05 -28.24
N ILE I 3917 32.14 -5.31 -26.94
CA ILE I 3917 32.90 -4.41 -26.08
C ILE I 3917 34.39 -4.48 -26.41
N CYS I 3918 34.83 -5.54 -27.09
CA CYS I 3918 36.24 -5.68 -27.43
C CYS I 3918 36.64 -4.87 -28.66
N THR I 3919 35.67 -4.33 -29.41
CA THR I 3919 35.98 -3.47 -30.54
C THR I 3919 35.86 -1.99 -30.21
N VAL I 3920 34.96 -1.63 -29.29
CA VAL I 3920 34.79 -0.23 -28.94
C VAL I 3920 36.06 0.34 -28.33
N ASP I 3921 36.83 -0.51 -27.63
CA ASP I 3921 38.09 -0.04 -27.04
C ASP I 3921 39.07 0.41 -28.12
N TYR I 3922 39.09 -0.28 -29.26
CA TYR I 3922 39.91 0.16 -30.36
C TYR I 3922 39.48 1.52 -30.87
N LEU I 3923 38.18 1.76 -30.98
CA LEU I 3923 37.73 3.07 -31.44
C LEU I 3923 37.65 4.03 -30.24
N LEU I 3924 38.66 3.94 -29.42
CA LEU I 3924 38.98 4.94 -28.41
C LEU I 3924 40.46 5.27 -28.40
N ARG I 3925 41.33 4.28 -28.56
CA ARG I 3925 42.76 4.56 -28.69
C ARG I 3925 43.04 5.28 -30.00
N LEU I 3926 42.38 4.88 -31.07
CA LEU I 3926 42.51 5.59 -32.34
C LEU I 3926 42.02 7.02 -32.22
N GLN I 3927 40.92 7.24 -31.49
CA GLN I 3927 40.42 8.59 -31.30
C GLN I 3927 41.42 9.46 -30.52
N GLU I 3928 42.02 8.89 -29.46
CA GLU I 3928 43.06 9.61 -28.74
C GLU I 3928 44.28 9.89 -29.61
N SER I 3929 44.44 9.17 -30.71
CA SER I 3929 45.59 9.39 -31.58
C SER I 3929 45.36 10.54 -32.54
N ILE I 3930 44.17 10.62 -33.14
CA ILE I 3930 43.87 11.71 -34.06
C ILE I 3930 43.86 13.04 -33.33
N SER I 3931 43.19 13.07 -32.16
CA SER I 3931 43.17 14.29 -31.35
C SER I 3931 44.57 14.69 -30.94
N ASP I 3932 45.38 13.73 -31.06
CA ASP I 3932 46.65 14.08 -30.70
C ASP I 3932 47.32 14.65 -31.76
N PHE I 3933 47.19 14.08 -32.85
CA PHE I 3933 47.79 14.61 -34.07
C PHE I 3933 47.34 16.04 -34.33
N TYR I 3934 46.15 16.41 -33.88
CA TYR I 3934 45.65 17.76 -34.12
C TYR I 3934 46.51 18.82 -33.43
N TRP I 3935 46.93 18.55 -32.19
CA TRP I 3935 47.73 19.52 -31.45
C TRP I 3935 49.06 19.79 -32.14
N TYR I 3936 49.66 18.76 -32.75
CA TYR I 3936 50.93 18.96 -33.43
C TYR I 3936 50.80 19.96 -34.58
N TYR I 3937 49.60 20.07 -35.15
CA TYR I 3937 49.36 20.99 -36.26
C TYR I 3937 48.51 22.19 -35.84
N SER I 3938 48.31 22.39 -34.54
CA SER I 3938 47.48 23.50 -34.09
C SER I 3938 48.14 24.85 -34.32
N GLY I 3939 49.46 24.91 -34.23
CA GLY I 3939 50.16 26.18 -34.33
C GLY I 3939 50.61 26.53 -35.73
N LYS I 3940 50.52 25.60 -36.66
CA LYS I 3940 50.88 25.87 -38.04
C LYS I 3940 49.70 26.56 -38.74
N ASP I 3941 49.85 26.81 -40.04
CA ASP I 3941 48.83 27.53 -40.79
C ASP I 3941 48.42 26.76 -42.04
N VAL I 3942 49.33 25.99 -42.61
CA VAL I 3942 49.05 25.18 -43.79
C VAL I 3942 49.61 23.77 -43.56
N ILE I 3943 48.86 22.77 -43.97
CA ILE I 3943 49.26 21.39 -43.79
C ILE I 3943 50.02 20.94 -45.04
N GLU I 3944 51.26 20.51 -44.86
CA GLU I 3944 52.09 20.11 -45.98
C GLU I 3944 51.56 18.80 -46.59
N GLU I 3945 52.09 18.47 -47.78
CA GLU I 3945 51.54 17.36 -48.55
C GLU I 3945 51.66 16.04 -47.81
N GLN I 3946 52.78 15.81 -47.14
CA GLN I 3946 52.91 14.59 -46.35
C GLN I 3946 52.19 14.68 -45.01
N GLY I 3947 51.65 15.85 -44.66
CA GLY I 3947 50.78 15.93 -43.50
C GLY I 3947 49.34 15.53 -43.77
N LYS I 3948 48.97 15.38 -45.04
CA LYS I 3948 47.64 14.96 -45.42
C LYS I 3948 47.58 13.51 -45.92
N ARG I 3949 48.65 13.04 -46.56
CA ARG I 3949 48.65 11.67 -47.08
C ARG I 3949 48.49 10.66 -45.97
N ASN I 3950 49.22 10.84 -44.86
CA ASN I 3950 49.04 9.96 -43.71
C ASN I 3950 47.73 10.24 -43.00
N PHE I 3951 47.31 11.50 -42.94
CA PHE I 3951 46.09 11.85 -42.22
C PHE I 3951 44.87 11.19 -42.84
N SER I 3952 44.76 11.23 -44.17
CA SER I 3952 43.62 10.61 -44.82
C SER I 3952 43.62 9.09 -44.65
N LYS I 3953 44.80 8.50 -44.44
CA LYS I 3953 44.89 7.07 -44.20
C LYS I 3953 44.15 6.69 -42.92
N ALA I 3954 44.37 7.45 -41.84
CA ALA I 3954 43.75 7.13 -40.56
C ALA I 3954 42.25 7.35 -40.59
N MET I 3955 41.79 8.44 -41.18
CA MET I 3955 40.36 8.74 -41.17
C MET I 3955 39.57 7.73 -41.99
N SER I 3956 40.17 7.19 -43.06
CA SER I 3956 39.51 6.14 -43.83
C SER I 3956 39.29 4.90 -42.98
N VAL I 3957 40.27 4.56 -42.14
CA VAL I 3957 40.12 3.41 -41.25
C VAL I 3957 39.00 3.64 -40.26
N ALA I 3958 38.94 4.84 -39.68
CA ALA I 3958 37.91 5.15 -38.69
C ALA I 3958 36.51 5.03 -39.28
N LYS I 3959 36.34 5.40 -40.55
CA LYS I 3959 35.04 5.25 -41.19
C LYS I 3959 34.63 3.78 -41.28
N GLN I 3960 35.57 2.90 -41.62
CA GLN I 3960 35.24 1.49 -41.74
C GLN I 3960 34.82 0.90 -40.40
N VAL I 3961 35.47 1.33 -39.32
CA VAL I 3961 35.09 0.85 -37.99
C VAL I 3961 33.66 1.29 -37.67
N PHE I 3962 33.33 2.55 -37.97
CA PHE I 3962 31.98 3.05 -37.68
C PHE I 3962 30.92 2.27 -38.43
N ASN I 3963 31.22 1.84 -39.66
CA ASN I 3963 30.25 1.07 -40.42
C ASN I 3963 29.91 -0.22 -39.70
N SER I 3964 30.91 -0.90 -39.12
CA SER I 3964 30.67 -2.15 -38.42
C SER I 3964 29.74 -1.93 -37.23
N LEU I 3965 30.04 -0.94 -36.39
CA LEU I 3965 29.26 -0.72 -35.17
C LEU I 3965 27.77 -0.59 -35.48
N THR I 3966 27.43 0.02 -36.62
CA THR I 3966 26.02 0.11 -37.00
C THR I 3966 25.42 -1.26 -37.27
N GLU I 3967 26.18 -2.17 -37.85
CA GLU I 3967 25.62 -3.45 -38.27
C GLU I 3967 25.54 -4.47 -37.15
N TYR I 3968 25.94 -4.12 -35.93
CA TYR I 3968 25.54 -4.92 -34.78
C TYR I 3968 24.24 -4.44 -34.17
N ILE I 3969 23.75 -3.27 -34.57
CA ILE I 3969 22.56 -2.66 -33.99
C ILE I 3969 21.39 -2.65 -34.97
N GLN I 3970 21.66 -2.45 -36.26
CA GLN I 3970 20.62 -2.49 -37.27
C GLN I 3970 19.87 -3.82 -37.20
N GLY I 3971 18.55 -3.76 -37.37
CA GLY I 3971 17.74 -4.93 -37.13
C GLY I 3971 17.67 -5.20 -35.64
N PRO I 3972 16.93 -4.33 -34.91
CA PRO I 3972 17.14 -4.16 -33.46
C PRO I 3972 17.47 -5.43 -32.68
N CYS I 3973 18.51 -5.32 -31.87
CA CYS I 3973 19.08 -6.42 -31.11
C CYS I 3973 19.22 -6.01 -29.65
N THR I 3974 18.10 -5.57 -29.08
CA THR I 3974 18.02 -4.87 -27.79
C THR I 3974 19.05 -5.35 -26.77
N GLY I 3975 19.24 -6.67 -26.67
CA GLY I 3975 20.28 -7.18 -25.79
C GLY I 3975 21.64 -6.61 -26.12
N ASN I 3976 21.93 -6.40 -27.41
CA ASN I 3976 23.18 -5.77 -27.81
C ASN I 3976 23.15 -4.25 -27.60
N GLN I 3977 21.98 -3.61 -27.72
CA GLN I 3977 21.91 -2.17 -27.54
C GLN I 3977 22.32 -1.75 -26.14
N GLN I 3978 21.86 -2.49 -25.12
CA GLN I 3978 22.21 -2.13 -23.75
C GLN I 3978 23.70 -2.27 -23.49
N SER I 3979 24.37 -3.17 -24.22
CA SER I 3979 25.82 -3.35 -24.01
C SER I 3979 26.59 -2.09 -24.37
N LEU I 3980 26.27 -1.47 -25.51
CA LEU I 3980 26.94 -0.23 -25.88
C LEU I 3980 26.58 0.90 -24.94
N ALA I 3981 25.34 0.94 -24.43
CA ALA I 3981 24.96 1.97 -23.48
C ALA I 3981 25.79 1.87 -22.20
N HIS I 3982 25.99 0.65 -21.70
CA HIS I 3982 26.83 0.42 -20.54
C HIS I 3982 28.28 0.16 -20.94
N SER I 3983 28.82 1.04 -21.78
CA SER I 3983 30.15 0.87 -22.34
C SER I 3983 30.85 2.22 -22.42
N ARG I 3984 32.18 2.15 -22.54
CA ARG I 3984 33.03 3.33 -22.63
C ARG I 3984 32.97 3.91 -24.04
N LEU I 3985 31.77 4.32 -24.44
CA LEU I 3985 31.50 4.84 -25.78
C LEU I 3985 31.25 6.34 -25.82
N TRP I 3986 30.50 6.87 -24.84
CA TRP I 3986 30.20 8.30 -24.84
C TRP I 3986 31.46 9.15 -24.74
N ASP I 3987 32.42 8.74 -23.90
CA ASP I 3987 33.64 9.53 -23.81
C ASP I 3987 34.45 9.51 -25.09
N ALA I 3988 34.12 8.59 -26.01
CA ALA I 3988 34.79 8.57 -27.31
C ALA I 3988 34.16 9.57 -28.28
N VAL I 3989 32.83 9.63 -28.33
CA VAL I 3989 32.17 10.52 -29.28
C VAL I 3989 32.37 11.97 -28.87
N VAL I 3990 32.30 12.27 -27.57
CA VAL I 3990 32.50 13.64 -27.12
C VAL I 3990 33.88 14.14 -27.52
N GLY I 3991 34.88 13.28 -27.44
CA GLY I 3991 36.19 13.63 -27.97
C GLY I 3991 36.16 13.84 -29.47
N PHE I 3992 35.42 12.98 -30.20
CA PHE I 3992 35.29 13.17 -31.63
C PHE I 3992 34.61 14.49 -31.96
N LEU I 3993 33.56 14.84 -31.22
CA LEU I 3993 32.87 16.10 -31.46
C LEU I 3993 33.83 17.28 -31.30
N HIS I 3994 34.74 17.19 -30.32
CA HIS I 3994 35.69 18.28 -30.10
C HIS I 3994 36.65 18.42 -31.28
N VAL I 3995 37.24 17.32 -31.73
CA VAL I 3995 38.23 17.41 -32.80
C VAL I 3995 37.57 17.74 -34.14
N PHE I 3996 36.30 17.32 -34.33
CA PHE I 3996 35.60 17.65 -35.57
C PHE I 3996 35.40 19.13 -35.76
N ALA I 3997 35.25 19.88 -34.66
CA ALA I 3997 34.90 21.30 -34.78
C ALA I 3997 36.08 22.12 -35.31
N HIS I 3998 37.27 21.91 -34.75
CA HIS I 3998 38.40 22.79 -35.05
C HIS I 3998 38.91 22.57 -36.47
N MET I 3999 39.12 21.32 -36.89
CA MET I 3999 39.58 21.08 -38.25
C MET I 3999 38.55 21.52 -39.27
N MET I 4000 37.27 21.26 -39.01
CA MET I 4000 36.22 21.80 -39.87
C MET I 4000 36.30 23.31 -39.95
N MET I 4001 36.75 23.95 -38.87
CA MET I 4001 36.92 25.40 -38.87
C MET I 4001 38.26 25.80 -39.48
N LYS I 4002 39.34 25.09 -39.14
CA LYS I 4002 40.67 25.43 -39.65
C LYS I 4002 40.76 25.21 -41.15
N LEU I 4003 40.22 24.09 -41.65
CA LEU I 4003 40.40 23.74 -43.05
C LEU I 4003 39.78 24.76 -43.98
N ALA I 4004 38.66 25.37 -43.56
CA ALA I 4004 37.96 26.32 -44.42
C ALA I 4004 38.76 27.58 -44.71
N GLN I 4005 39.82 27.85 -43.94
CA GLN I 4005 40.62 29.06 -44.13
C GLN I 4005 41.76 28.82 -45.12
N ASP I 4006 41.44 28.24 -46.26
CA ASP I 4006 42.42 27.91 -47.29
C ASP I 4006 41.68 27.41 -48.52
N SER I 4007 42.34 27.50 -49.67
CA SER I 4007 41.76 27.05 -50.92
C SER I 4007 42.39 25.79 -51.49
N SER I 4008 43.61 25.44 -51.06
CA SER I 4008 44.30 24.28 -51.61
C SER I 4008 43.98 22.99 -50.86
N GLN I 4009 43.77 23.06 -49.54
CA GLN I 4009 43.47 21.90 -48.73
C GLN I 4009 41.97 21.60 -48.66
N ILE I 4010 41.17 22.23 -49.52
CA ILE I 4010 39.73 22.01 -49.50
C ILE I 4010 39.38 20.57 -49.83
N GLU I 4011 40.24 19.88 -50.57
CA GLU I 4011 39.93 18.52 -51.00
C GLU I 4011 39.82 17.57 -49.81
N LEU I 4012 40.65 17.77 -48.79
CA LEU I 4012 40.58 16.92 -47.60
C LEU I 4012 39.28 17.12 -46.84
N LEU I 4013 38.70 18.33 -46.94
CA LEU I 4013 37.51 18.62 -46.13
C LEU I 4013 36.33 17.74 -46.54
N LYS I 4014 36.25 17.37 -47.81
CA LYS I 4014 35.10 16.59 -48.29
C LYS I 4014 34.98 15.26 -47.56
N GLU I 4015 36.07 14.48 -47.51
CA GLU I 4015 35.99 13.20 -46.83
C GLU I 4015 35.95 13.35 -45.31
N LEU I 4016 36.30 14.52 -44.78
CA LEU I 4016 36.08 14.75 -43.35
C LEU I 4016 34.60 14.83 -43.03
N LEU I 4017 33.82 15.47 -43.91
CA LEU I 4017 32.37 15.50 -43.72
C LEU I 4017 31.76 14.11 -43.83
N ASP I 4018 32.30 13.28 -44.73
CA ASP I 4018 31.80 11.92 -44.86
C ASP I 4018 31.93 11.15 -43.56
N LEU I 4019 32.97 11.43 -42.77
CA LEU I 4019 33.09 10.81 -41.46
C LEU I 4019 31.96 11.25 -40.54
N GLN I 4020 31.56 12.52 -40.63
CA GLN I 4020 30.43 13.01 -39.83
C GLN I 4020 29.16 12.27 -40.20
N LYS I 4021 28.99 11.90 -41.46
CA LYS I 4021 27.77 11.23 -41.89
C LYS I 4021 27.74 9.82 -41.39
N ASP I 4022 28.90 9.20 -41.30
CA ASP I 4022 28.97 7.83 -40.82
C ASP I 4022 29.08 7.75 -39.30
N MET I 4023 29.16 8.89 -38.61
CA MET I 4023 29.16 8.91 -37.16
C MET I 4023 27.79 9.20 -36.57
N VAL I 4024 27.07 10.17 -37.14
CA VAL I 4024 25.74 10.49 -36.62
C VAL I 4024 24.76 9.37 -36.94
N VAL I 4025 24.95 8.66 -38.04
CA VAL I 4025 24.01 7.63 -38.45
C VAL I 4025 23.97 6.50 -37.43
N MET I 4026 25.12 6.18 -36.82
CA MET I 4026 25.12 5.13 -35.80
C MET I 4026 24.38 5.57 -34.55
N LEU I 4027 24.37 6.88 -34.25
CA LEU I 4027 23.56 7.37 -33.14
C LEU I 4027 22.07 7.17 -33.42
N LEU I 4028 21.66 7.23 -34.68
CA LEU I 4028 20.28 6.87 -35.02
C LEU I 4028 20.00 5.41 -34.71
N SER I 4029 20.96 4.52 -35.01
CA SER I 4029 20.75 3.09 -34.77
C SER I 4029 20.52 2.81 -33.29
N LEU I 4030 21.27 3.46 -32.41
CA LEU I 4030 20.98 3.34 -30.98
C LEU I 4030 19.57 3.79 -30.66
N LEU I 4031 19.12 4.85 -31.34
CA LEU I 4031 17.84 5.46 -31.01
C LEU I 4031 16.64 4.74 -31.64
N GLU I 4032 16.86 3.92 -32.67
CA GLU I 4032 15.73 3.26 -33.32
C GLU I 4032 15.10 2.22 -32.41
N GLY I 4033 13.78 2.09 -32.50
CA GLY I 4033 13.08 1.12 -31.69
C GLY I 4033 12.99 1.48 -30.23
N ASN I 4034 13.16 2.75 -29.91
CA ASN I 4034 13.20 3.22 -28.53
C ASN I 4034 11.80 3.61 -28.04
N VAL I 4035 11.60 3.51 -26.75
CA VAL I 4035 10.35 3.92 -26.12
C VAL I 4035 10.44 5.40 -25.78
N VAL I 4036 9.29 6.06 -25.65
CA VAL I 4036 9.28 7.47 -25.31
C VAL I 4036 9.82 7.65 -23.90
N ASN I 4037 10.63 8.69 -23.70
CA ASN I 4037 11.21 9.01 -22.40
C ASN I 4037 12.02 7.82 -21.86
N GLY I 4038 12.67 7.09 -22.78
CA GLY I 4038 13.40 5.91 -22.42
C GLY I 4038 14.75 6.23 -21.82
N MET I 4039 15.44 5.16 -21.40
CA MET I 4039 16.74 5.35 -20.74
C MET I 4039 17.85 5.61 -21.76
N ILE I 4040 17.76 4.98 -22.93
CA ILE I 4040 18.78 5.21 -23.97
C ILE I 4040 18.76 6.66 -24.43
N ALA I 4041 17.56 7.22 -24.66
CA ALA I 4041 17.46 8.59 -25.13
C ALA I 4041 17.88 9.61 -24.07
N ARG I 4042 17.83 9.25 -22.79
CA ARG I 4042 18.25 10.17 -21.74
C ARG I 4042 19.74 10.48 -21.85
N GLN I 4043 20.55 9.45 -22.08
CA GLN I 4043 21.99 9.68 -22.25
C GLN I 4043 22.30 10.41 -23.53
N MET I 4044 21.44 10.30 -24.55
CA MET I 4044 21.66 11.02 -25.80
C MET I 4044 21.70 12.52 -25.56
N VAL I 4045 20.69 13.06 -24.87
CA VAL I 4045 20.70 14.47 -24.55
C VAL I 4045 21.72 14.78 -23.46
N ASP I 4046 21.92 13.84 -22.53
CA ASP I 4046 22.88 14.06 -21.44
C ASP I 4046 24.30 14.23 -21.98
N MET I 4047 24.68 13.37 -22.93
CA MET I 4047 26.02 13.46 -23.51
C MET I 4047 26.21 14.78 -24.25
N LEU I 4048 25.15 15.34 -24.82
CA LEU I 4048 25.26 16.63 -25.50
C LEU I 4048 25.52 17.76 -24.52
N VAL I 4049 25.05 17.62 -23.27
CA VAL I 4049 25.17 18.71 -22.31
C VAL I 4049 26.64 19.00 -21.99
N GLU I 4050 27.41 17.91 -21.94
CA GLU I 4050 28.84 18.06 -21.77
C GLU I 4050 29.49 18.31 -23.12
N SER I 4051 29.05 17.59 -24.14
CA SER I 4051 29.61 17.78 -25.48
C SER I 4051 28.87 18.87 -26.24
N SER I 4052 28.40 19.89 -25.53
CA SER I 4052 27.63 20.94 -26.16
C SER I 4052 28.47 21.82 -27.05
N SER I 4053 29.41 22.55 -26.46
CA SER I 4053 30.22 23.47 -27.24
C SER I 4053 30.53 22.94 -28.63
N ASN I 4054 31.02 21.71 -28.70
CA ASN I 4054 31.38 21.13 -29.98
C ASN I 4054 30.18 21.11 -30.91
N VAL I 4055 29.10 20.46 -30.48
CA VAL I 4055 27.89 20.44 -31.27
C VAL I 4055 27.55 21.83 -31.82
N GLU I 4056 27.25 22.77 -30.94
CA GLU I 4056 26.86 24.10 -31.39
C GLU I 4056 27.75 24.58 -32.52
N MET I 4057 29.06 24.41 -32.35
CA MET I 4057 29.99 24.87 -33.38
C MET I 4057 29.58 24.33 -34.73
N ILE I 4058 29.31 23.03 -34.79
CA ILE I 4058 28.93 22.44 -36.06
C ILE I 4058 27.68 23.10 -36.63
N LEU I 4059 26.60 23.12 -35.84
CA LEU I 4059 25.37 23.73 -36.29
C LEU I 4059 25.62 25.11 -36.87
N LYS I 4060 26.47 25.89 -36.22
CA LYS I 4060 26.81 27.21 -36.73
C LYS I 4060 27.44 27.11 -38.11
N PHE I 4061 28.46 26.27 -38.23
CA PHE I 4061 29.13 26.11 -39.51
C PHE I 4061 28.14 25.98 -40.64
N PHE I 4062 26.99 25.40 -40.36
CA PHE I 4062 25.97 25.24 -41.39
C PHE I 4062 25.22 26.53 -41.63
N ASP I 4063 24.54 27.05 -40.61
CA ASP I 4063 23.83 28.31 -40.74
C ASP I 4063 24.67 29.30 -41.54
N MET I 4064 25.79 29.71 -40.97
CA MET I 4064 26.65 30.68 -41.63
C MET I 4064 26.65 30.49 -43.14
N PHE I 4065 26.97 29.29 -43.60
CA PHE I 4065 27.08 29.06 -45.03
C PHE I 4065 25.77 28.77 -45.71
N LEU I 4066 24.65 29.01 -45.02
CA LEU I 4066 23.35 28.82 -45.64
C LEU I 4066 22.65 30.16 -45.66
N LYS I 4067 23.10 31.07 -44.80
CA LYS I 4067 22.54 32.40 -44.80
C LYS I 4067 23.29 33.24 -45.82
N LEU I 4068 24.51 32.84 -46.16
CA LEU I 4068 25.26 33.55 -47.17
C LEU I 4068 24.64 33.26 -48.53
N LYS I 4069 24.22 32.02 -48.74
CA LYS I 4069 23.61 31.64 -50.00
C LYS I 4069 22.46 32.56 -50.32
N ASP I 4070 21.83 33.11 -49.29
CA ASP I 4070 20.72 34.02 -49.49
C ASP I 4070 21.22 35.44 -49.63
N ILE I 4071 21.92 35.93 -48.62
CA ILE I 4071 22.47 37.28 -48.69
C ILE I 4071 22.95 37.55 -50.11
N VAL I 4072 24.01 36.88 -50.53
CA VAL I 4072 24.46 37.05 -51.89
C VAL I 4072 23.31 36.69 -52.79
N GLY I 4073 22.69 37.67 -53.45
CA GLY I 4073 21.52 37.35 -54.25
C GLY I 4073 20.41 38.28 -53.81
N SER I 4074 20.50 38.78 -52.58
CA SER I 4074 19.51 39.74 -52.10
C SER I 4074 19.76 41.07 -52.76
N GLU I 4075 18.70 41.68 -53.30
CA GLU I 4075 18.85 42.96 -53.98
C GLU I 4075 19.89 43.82 -53.29
N ALA I 4076 19.73 44.04 -52.00
CA ALA I 4076 20.70 44.84 -51.27
C ALA I 4076 22.12 44.53 -51.70
N PHE I 4077 22.57 43.32 -51.42
CA PHE I 4077 23.95 42.96 -51.73
C PHE I 4077 24.31 43.39 -53.14
N GLN I 4078 23.53 42.94 -54.12
CA GLN I 4078 23.85 43.25 -55.51
C GLN I 4078 23.93 44.74 -55.77
N ASP I 4079 23.73 45.55 -54.74
CA ASP I 4079 23.88 47.00 -54.90
C ASP I 4079 25.24 47.44 -54.40
N TYR I 4080 25.92 46.59 -53.67
CA TYR I 4080 27.27 46.91 -53.21
C TYR I 4080 28.26 46.49 -54.26
N VAL I 4081 28.02 45.34 -54.88
CA VAL I 4081 28.89 44.87 -55.94
C VAL I 4081 28.85 45.84 -57.11
N THR I 4082 29.98 46.49 -57.38
CA THR I 4082 30.06 47.43 -58.48
C THR I 4082 31.25 47.11 -59.37
N ASP I 4083 31.08 46.18 -60.30
CA ASP I 4083 32.17 45.76 -61.18
C ASP I 4083 31.66 44.83 -62.26
N PRO I 4084 32.20 44.98 -63.47
CA PRO I 4084 31.75 44.14 -64.60
C PRO I 4084 32.18 42.69 -64.45
N ARG I 4085 33.46 42.45 -64.16
CA ARG I 4085 33.96 41.09 -64.06
C ARG I 4085 32.97 40.19 -63.33
N GLY I 4086 32.45 40.67 -62.21
CA GLY I 4086 31.51 39.89 -61.43
C GLY I 4086 32.06 39.58 -60.06
N LEU I 4087 32.95 40.43 -59.57
CA LEU I 4087 33.58 40.18 -58.28
C LEU I 4087 33.43 41.34 -57.33
N ILE I 4088 33.28 41.04 -56.05
CA ILE I 4088 33.19 42.10 -55.06
C ILE I 4088 34.55 42.24 -54.42
N SER I 4089 34.73 43.28 -53.60
CA SER I 4089 36.01 43.49 -52.95
C SER I 4089 35.87 43.26 -51.47
N LYS I 4090 37.00 43.10 -50.78
CA LYS I 4090 36.95 42.81 -49.36
C LYS I 4090 36.17 43.87 -48.61
N LYS I 4091 36.60 45.12 -48.74
CA LYS I 4091 35.91 46.20 -48.07
C LYS I 4091 34.40 46.06 -48.28
N ASP I 4092 33.98 46.05 -49.53
CA ASP I 4092 32.56 45.93 -49.83
C ASP I 4092 31.95 44.77 -49.08
N PHE I 4093 32.42 43.56 -49.35
CA PHE I 4093 31.89 42.39 -48.67
C PHE I 4093 31.65 42.69 -47.20
N GLN I 4094 32.66 43.21 -46.52
CA GLN I 4094 32.51 43.53 -45.13
C GLN I 4094 31.30 44.42 -44.95
N LYS I 4095 31.31 45.59 -45.59
CA LYS I 4095 30.20 46.52 -45.47
C LYS I 4095 28.88 45.82 -45.68
N ALA I 4096 28.76 45.05 -46.75
CA ALA I 4096 27.51 44.37 -47.05
C ALA I 4096 27.03 43.54 -45.88
N MET I 4097 27.72 42.44 -45.59
CA MET I 4097 27.28 41.55 -44.52
C MET I 4097 27.12 42.29 -43.20
N ASP I 4098 27.80 43.42 -43.05
CA ASP I 4098 27.72 44.19 -41.82
C ASP I 4098 26.57 45.17 -41.87
N SER I 4099 26.38 45.82 -43.02
CA SER I 4099 25.27 46.74 -43.18
C SER I 4099 24.05 45.97 -42.84
N GLN I 4100 23.98 44.74 -43.34
CA GLN I 4100 22.87 43.91 -42.98
C GLN I 4100 23.06 43.47 -41.56
N LYS I 4101 22.01 43.44 -40.77
CA LYS I 4101 21.99 42.96 -39.40
C LYS I 4101 22.70 41.61 -39.33
N GLN I 4102 22.61 40.95 -38.17
CA GLN I 4102 23.28 39.70 -37.83
C GLN I 4102 24.76 39.75 -38.21
N PHE I 4103 25.41 38.58 -38.28
CA PHE I 4103 26.82 38.48 -38.66
C PHE I 4103 27.69 39.36 -37.76
N THR I 4104 27.75 38.95 -36.49
CA THR I 4104 28.55 39.66 -35.49
C THR I 4104 29.97 39.90 -35.99
N GLY I 4105 30.54 41.03 -35.59
CA GLY I 4105 31.82 41.50 -36.07
C GLY I 4105 32.91 40.46 -36.26
N PRO I 4106 33.26 39.72 -35.20
CA PRO I 4106 34.29 38.68 -35.36
C PRO I 4106 33.98 37.66 -36.42
N GLU I 4107 32.70 37.31 -36.61
CA GLU I 4107 32.34 36.41 -37.70
C GLU I 4107 32.65 37.02 -39.06
N ILE I 4108 32.43 38.33 -39.20
CA ILE I 4108 32.79 39.00 -40.45
C ILE I 4108 34.28 38.90 -40.70
N GLN I 4109 35.09 39.06 -39.65
CA GLN I 4109 36.53 38.89 -39.81
C GLN I 4109 36.86 37.48 -40.28
N PHE I 4110 36.16 36.48 -39.74
CA PHE I 4110 36.39 35.11 -40.17
C PHE I 4110 35.99 34.91 -41.63
N LEU I 4111 34.83 35.44 -42.03
CA LEU I 4111 34.36 35.26 -43.41
C LEU I 4111 35.31 35.92 -44.40
N LEU I 4112 35.90 37.04 -44.04
CA LEU I 4112 36.87 37.64 -44.92
C LEU I 4112 38.17 36.83 -44.81
N SER I 4113 38.06 35.58 -44.39
CA SER I 4113 39.24 34.71 -44.28
C SER I 4113 39.06 33.44 -45.09
N CYS I 4114 37.96 32.74 -44.87
CA CYS I 4114 37.68 31.54 -45.65
C CYS I 4114 37.50 31.93 -47.11
N SER I 4115 37.47 33.24 -47.37
CA SER I 4115 37.33 33.73 -48.74
C SER I 4115 38.65 33.65 -49.46
N GLU I 4116 38.62 33.86 -50.77
CA GLU I 4116 39.87 33.89 -51.51
C GLU I 4116 40.40 35.32 -51.47
N ALA I 4117 40.96 35.78 -52.58
CA ALA I 4117 41.52 37.12 -52.61
C ALA I 4117 41.72 37.64 -54.01
N ASP I 4118 42.93 37.48 -54.54
CA ASP I 4118 43.25 38.00 -55.87
C ASP I 4118 43.09 39.51 -55.87
N GLU I 4119 44.18 40.23 -55.71
CA GLU I 4119 44.11 41.69 -55.63
C GLU I 4119 43.19 42.12 -54.50
N ASN I 4120 42.89 41.20 -53.58
CA ASN I 4120 42.04 41.51 -52.44
C ASN I 4120 40.68 42.07 -52.87
N GLU I 4121 40.36 41.95 -54.15
CA GLU I 4121 39.11 42.51 -54.65
C GLU I 4121 38.54 41.62 -55.72
N MET I 4122 38.96 40.37 -55.72
CA MET I 4122 38.43 39.43 -56.68
C MET I 4122 37.72 38.31 -55.96
N ILE I 4123 37.19 38.61 -54.78
CA ILE I 4123 36.42 37.61 -54.06
C ILE I 4123 35.21 37.32 -54.91
N ASN I 4124 35.36 36.42 -55.87
CA ASN I 4124 34.26 36.11 -56.78
C ASN I 4124 33.10 35.69 -55.93
N PHE I 4125 32.26 36.61 -55.52
CA PHE I 4125 31.16 36.28 -54.60
C PHE I 4125 30.46 34.95 -54.89
N GLU I 4126 30.15 34.67 -56.15
CA GLU I 4126 29.41 33.46 -56.48
C GLU I 4126 29.97 32.19 -55.85
N GLU I 4127 30.98 31.59 -56.47
CA GLU I 4127 31.56 30.35 -55.95
C GLU I 4127 31.42 30.24 -54.46
N PHE I 4128 32.11 31.12 -53.73
CA PHE I 4128 32.04 31.11 -52.27
C PHE I 4128 30.68 30.60 -51.80
N ALA I 4129 29.62 31.33 -52.15
CA ALA I 4129 28.28 30.93 -51.73
C ALA I 4129 28.03 29.46 -52.01
N ASN I 4130 28.02 29.09 -53.28
CA ASN I 4130 27.74 27.70 -53.63
C ASN I 4130 29.01 26.86 -53.69
N ARG I 4131 29.76 26.84 -52.59
CA ARG I 4131 30.95 26.01 -52.54
C ARG I 4131 30.73 24.87 -51.58
N PHE I 4132 30.65 25.18 -50.28
CA PHE I 4132 30.46 24.14 -49.28
C PHE I 4132 29.00 23.77 -49.15
N GLN I 4133 28.32 23.67 -50.29
CA GLN I 4133 26.91 23.27 -50.27
C GLN I 4133 26.81 21.77 -50.43
N GLU I 4134 26.93 21.30 -51.66
CA GLU I 4134 26.84 19.87 -51.92
C GLU I 4134 27.55 19.04 -50.85
N PRO I 4135 28.83 19.31 -50.60
CA PRO I 4135 29.54 18.45 -49.64
C PRO I 4135 28.70 18.17 -48.40
N ALA I 4136 27.98 19.16 -47.90
CA ALA I 4136 27.21 18.96 -46.67
C ALA I 4136 25.72 18.90 -46.91
N ARG I 4137 25.31 18.64 -48.15
CA ARG I 4137 23.89 18.53 -48.45
C ARG I 4137 23.30 17.64 -47.42
N ASP I 4138 24.08 16.69 -46.96
CA ASP I 4138 23.63 15.79 -45.93
C ASP I 4138 23.91 16.37 -44.57
N ILE I 4139 24.90 15.87 -43.85
CA ILE I 4139 25.32 16.28 -42.50
C ILE I 4139 24.26 17.19 -41.92
N GLY I 4140 24.09 18.37 -42.51
CA GLY I 4140 23.04 19.28 -42.07
C GLY I 4140 21.68 18.63 -42.06
N PHE I 4141 21.42 17.74 -43.02
CA PHE I 4141 20.17 16.99 -43.01
C PHE I 4141 20.15 15.99 -41.86
N ASN I 4142 21.24 15.28 -41.64
CA ASN I 4142 21.26 14.21 -40.65
C ASN I 4142 21.46 14.71 -39.24
N VAL I 4143 21.60 16.02 -39.03
CA VAL I 4143 21.54 16.57 -37.68
C VAL I 4143 20.13 17.11 -37.47
N ALA I 4144 19.48 17.53 -38.55
CA ALA I 4144 18.08 17.91 -38.47
C ALA I 4144 17.22 16.73 -38.06
N VAL I 4145 17.49 15.54 -38.63
CA VAL I 4145 16.77 14.34 -38.22
C VAL I 4145 17.10 13.99 -36.78
N LEU I 4146 18.36 14.15 -36.38
CA LEU I 4146 18.77 13.80 -35.03
C LEU I 4146 18.05 14.65 -33.99
N LEU I 4147 18.07 15.98 -34.17
CA LEU I 4147 17.42 16.86 -33.22
C LEU I 4147 15.91 16.64 -33.18
N THR I 4148 15.29 16.47 -34.35
CA THR I 4148 13.85 16.29 -34.40
C THR I 4148 13.42 15.01 -33.69
N ASN I 4149 14.04 13.89 -34.07
CA ASN I 4149 13.66 12.57 -33.53
C ASN I 4149 13.74 12.50 -32.02
N LEU I 4150 14.93 12.68 -31.47
CA LEU I 4150 15.03 12.71 -30.03
C LEU I 4150 13.94 13.62 -29.54
N SER I 4151 13.74 14.74 -30.22
CA SER I 4151 12.70 15.68 -29.85
C SER I 4151 11.32 15.11 -30.13
N GLU I 4152 11.09 13.87 -29.79
CA GLU I 4152 9.79 13.24 -29.99
C GLU I 4152 9.75 12.02 -29.10
N HIS I 4153 10.89 11.37 -28.95
CA HIS I 4153 10.97 10.21 -28.07
C HIS I 4153 11.30 10.68 -26.67
N VAL I 4154 12.06 11.77 -26.54
CA VAL I 4154 12.30 12.33 -25.21
C VAL I 4154 11.59 13.66 -25.27
N PRO I 4155 10.26 13.65 -25.09
CA PRO I 4155 9.49 14.89 -25.26
C PRO I 4155 9.87 15.97 -24.27
N HIS I 4156 9.18 16.04 -23.14
CA HIS I 4156 9.46 17.06 -22.16
C HIS I 4156 10.91 17.03 -21.72
N ASP I 4157 11.73 17.90 -22.30
CA ASP I 4157 13.13 17.98 -21.91
C ASP I 4157 13.71 19.31 -22.32
N PRO I 4158 14.02 20.16 -21.34
CA PRO I 4158 14.56 21.48 -21.65
C PRO I 4158 15.87 21.36 -22.41
N ARG I 4159 16.87 20.73 -21.80
CA ARG I 4159 18.17 20.61 -22.44
C ARG I 4159 18.08 20.57 -23.96
N LEU I 4160 17.40 19.57 -24.50
CA LEU I 4160 17.30 19.44 -25.95
C LEU I 4160 16.72 20.69 -26.58
N ARG I 4161 15.60 21.16 -26.07
CA ARG I 4161 14.96 22.32 -26.67
C ARG I 4161 16.00 23.32 -27.14
N ASN I 4162 16.86 23.74 -26.23
CA ASN I 4162 17.86 24.74 -26.58
C ASN I 4162 18.53 24.39 -27.91
N PHE I 4163 18.98 23.16 -28.05
CA PHE I 4163 19.66 22.75 -29.27
C PHE I 4163 18.78 23.00 -30.48
N LEU I 4164 17.54 22.54 -30.42
CA LEU I 4164 16.63 22.69 -31.54
C LEU I 4164 16.51 24.15 -31.96
N GLU I 4165 16.57 25.06 -31.00
CA GLU I 4165 16.47 26.48 -31.31
C GLU I 4165 17.65 26.98 -32.13
N LEU I 4166 18.85 26.49 -31.82
CA LEU I 4166 20.03 26.90 -32.57
C LEU I 4166 19.97 26.32 -33.95
N ALA I 4167 19.21 25.24 -34.11
CA ALA I 4167 19.10 24.60 -35.41
C ALA I 4167 17.72 24.80 -35.99
N GLU I 4168 17.39 26.02 -36.38
CA GLU I 4168 16.11 26.28 -37.00
C GLU I 4168 16.32 26.41 -38.48
N SER I 4169 17.30 27.22 -38.87
CA SER I 4169 17.61 27.35 -40.27
C SER I 4169 17.73 25.99 -40.92
N ILE I 4170 18.56 25.13 -40.35
CA ILE I 4170 18.76 23.79 -40.90
C ILE I 4170 17.47 22.98 -40.87
N LEU I 4171 16.77 22.99 -39.75
CA LEU I 4171 15.55 22.23 -39.62
C LEU I 4171 14.42 22.88 -40.38
N GLU I 4172 14.74 23.73 -41.33
CA GLU I 4172 13.71 24.34 -42.15
C GLU I 4172 14.06 24.14 -43.61
N TYR I 4173 15.31 24.41 -43.97
CA TYR I 4173 15.73 24.14 -45.32
C TYR I 4173 15.37 22.72 -45.66
N PHE I 4174 15.50 21.83 -44.69
CA PHE I 4174 15.21 20.42 -44.92
C PHE I 4174 13.85 20.04 -44.38
N ARG I 4175 12.84 20.84 -44.66
CA ARG I 4175 11.50 20.48 -44.26
C ARG I 4175 10.73 19.95 -45.45
N PRO I 4176 10.98 20.49 -46.64
CA PRO I 4176 10.31 19.89 -47.78
C PRO I 4176 10.97 18.60 -48.25
N TYR I 4177 12.10 18.23 -47.67
CA TYR I 4177 12.81 17.04 -48.13
C TYR I 4177 12.91 16.05 -47.01
N LEU I 4178 11.89 16.00 -46.16
CA LEU I 4178 11.84 15.03 -45.10
C LEU I 4178 10.41 14.55 -45.05
N GLY I 4179 10.16 13.44 -44.39
CA GLY I 4179 8.81 12.89 -44.27
C GLY I 4179 8.69 12.04 -43.03
N ARG I 4180 7.54 12.12 -42.37
CA ARG I 4180 7.29 11.41 -41.13
C ARG I 4180 6.22 10.34 -41.37
N ILE I 4181 6.50 9.06 -41.23
CA ILE I 4181 5.41 8.14 -41.48
C ILE I 4181 4.94 7.69 -40.12
N GLU I 4182 4.25 6.57 -40.03
CA GLU I 4182 3.88 6.06 -38.74
C GLU I 4182 3.42 4.66 -38.94
N ILE I 4183 4.36 3.76 -39.14
CA ILE I 4183 4.03 2.38 -39.34
C ILE I 4183 3.97 1.66 -38.04
N MET I 4184 3.48 0.44 -38.05
CA MET I 4184 3.40 -0.40 -36.86
C MET I 4184 3.87 -1.79 -37.22
N GLY I 4185 4.85 -2.32 -36.50
CA GLY I 4185 5.33 -3.64 -36.83
C GLY I 4185 6.28 -4.17 -35.77
N ALA I 4186 6.74 -5.40 -36.03
CA ALA I 4186 7.68 -6.11 -35.16
C ALA I 4186 7.13 -6.27 -33.76
N SER I 4187 7.50 -5.37 -32.86
CA SER I 4187 7.17 -5.42 -31.44
C SER I 4187 5.70 -5.13 -31.13
N ARG I 4188 4.82 -5.09 -32.14
CA ARG I 4188 3.39 -4.80 -31.95
C ARG I 4188 3.20 -3.43 -31.29
N ARG I 4189 3.90 -2.43 -31.82
CA ARG I 4189 3.89 -1.09 -31.24
C ARG I 4189 4.06 -0.08 -32.34
N ILE I 4190 3.64 1.16 -32.06
CA ILE I 4190 3.74 2.26 -33.02
C ILE I 4190 5.15 2.85 -32.95
N GLU I 4191 5.74 3.06 -34.12
CA GLU I 4191 7.06 3.65 -34.21
C GLU I 4191 7.07 4.63 -35.38
N ARG I 4192 7.96 5.62 -35.29
CA ARG I 4192 8.04 6.68 -36.28
C ARG I 4192 9.24 6.46 -37.21
N ILE I 4193 9.10 6.91 -38.45
CA ILE I 4193 10.13 6.77 -39.48
C ILE I 4193 10.42 8.13 -40.07
N TYR I 4194 11.71 8.43 -40.26
CA TYR I 4194 12.15 9.64 -40.91
C TYR I 4194 13.02 9.28 -42.10
N PHE I 4195 12.97 10.09 -43.14
CA PHE I 4195 13.70 9.82 -44.37
C PHE I 4195 13.83 11.11 -45.17
N GLU I 4196 14.38 10.99 -46.37
CA GLU I 4196 14.72 12.13 -47.21
C GLU I 4196 14.08 11.98 -48.57
N ILE I 4197 13.60 13.10 -49.13
CA ILE I 4197 12.97 13.13 -50.44
C ILE I 4197 13.61 14.23 -51.26
N SER I 4198 13.94 13.92 -52.51
CA SER I 4198 14.63 14.87 -53.38
C SER I 4198 13.67 15.94 -53.89
N GLU I 4199 14.23 17.01 -54.43
CA GLU I 4199 13.41 18.08 -54.99
C GLU I 4199 12.61 17.58 -56.18
N THR I 4200 13.28 16.86 -57.09
CA THR I 4200 12.59 16.34 -58.28
C THR I 4200 11.52 15.33 -57.90
N ASN I 4201 11.74 14.59 -56.82
CA ASN I 4201 10.75 13.62 -56.37
C ASN I 4201 9.44 14.32 -56.01
N ARG I 4202 9.53 15.44 -55.28
CA ARG I 4202 8.36 16.23 -54.95
C ARG I 4202 7.91 17.10 -56.10
N ALA I 4203 8.83 17.56 -56.95
CA ALA I 4203 8.46 18.46 -58.03
C ALA I 4203 7.46 17.81 -58.98
N GLN I 4204 7.68 16.54 -59.31
CA GLN I 4204 6.73 15.83 -60.17
C GLN I 4204 5.56 15.30 -59.36
N TRP I 4205 4.95 16.15 -58.54
CA TRP I 4205 3.77 15.74 -57.77
C TRP I 4205 2.69 16.81 -57.81
N GLU I 4206 3.07 18.06 -58.00
CA GLU I 4206 2.12 19.17 -57.99
C GLU I 4206 1.70 19.61 -59.38
N MET I 4207 2.16 18.94 -60.42
CA MET I 4207 1.68 19.22 -61.76
C MET I 4207 0.18 18.87 -61.83
N PRO I 4208 -0.61 19.64 -62.57
CA PRO I 4208 -2.07 19.48 -62.49
C PRO I 4208 -2.57 18.09 -62.84
N GLN I 4209 -1.88 17.35 -63.72
CA GLN I 4209 -2.36 16.04 -64.11
C GLN I 4209 -2.44 15.08 -62.93
N VAL I 4210 -1.41 15.07 -62.09
CA VAL I 4210 -1.40 14.16 -60.95
C VAL I 4210 -2.42 14.60 -59.91
N LYS I 4211 -2.57 15.91 -59.71
CA LYS I 4211 -3.47 16.41 -58.68
C LYS I 4211 -4.91 16.00 -58.96
N GLU I 4212 -5.34 16.08 -60.22
CA GLU I 4212 -6.70 15.63 -60.56
C GLU I 4212 -6.85 14.13 -60.38
N SER I 4213 -5.78 13.37 -60.60
CA SER I 4213 -5.85 11.94 -60.35
C SER I 4213 -6.07 11.64 -58.87
N LYS I 4214 -5.45 12.43 -57.98
CA LYS I 4214 -5.70 12.28 -56.56
C LYS I 4214 -7.17 12.51 -56.23
N ARG I 4215 -7.76 13.57 -56.79
CA ARG I 4215 -9.15 13.91 -56.46
C ARG I 4215 -10.10 12.82 -56.93
N GLN I 4216 -9.88 12.29 -58.13
CA GLN I 4216 -10.81 11.28 -58.67
C GLN I 4216 -10.68 9.97 -57.89
N PHE I 4217 -9.46 9.59 -57.51
CA PHE I 4217 -9.28 8.36 -56.74
C PHE I 4217 -9.93 8.45 -55.37
N ILE I 4218 -9.77 9.59 -54.70
CA ILE I 4218 -10.37 9.75 -53.37
C ILE I 4218 -11.90 9.71 -53.48
N PHE I 4219 -12.46 10.20 -54.58
CA PHE I 4219 -13.90 10.25 -54.72
C PHE I 4219 -14.51 8.86 -54.81
N ASP I 4220 -13.93 7.98 -55.62
CA ASP I 4220 -14.54 6.68 -55.92
C ASP I 4220 -13.97 5.55 -55.08
N VAL I 4221 -13.53 5.82 -53.86
CA VAL I 4221 -13.17 4.78 -52.90
C VAL I 4221 -13.92 4.90 -51.59
N VAL I 4222 -14.70 5.96 -51.39
CA VAL I 4222 -15.47 6.13 -50.16
C VAL I 4222 -16.92 5.76 -50.41
N ASN I 4223 -17.39 5.97 -51.65
CA ASN I 4223 -18.77 5.68 -52.02
C ASN I 4223 -18.90 4.50 -52.99
N GLU I 4224 -18.03 3.51 -52.84
CA GLU I 4224 -18.20 2.19 -53.43
C GLU I 4224 -17.72 1.16 -52.41
N GLY I 4225 -17.52 -0.07 -52.86
CA GLY I 4225 -17.28 -1.19 -51.98
C GLY I 4225 -15.86 -1.29 -51.45
N GLY I 4226 -15.47 -0.37 -50.57
CA GLY I 4226 -14.20 -0.49 -49.90
C GLY I 4226 -14.32 -1.05 -48.50
N GLU I 4227 -14.11 -0.19 -47.49
CA GLU I 4227 -14.40 -0.40 -46.07
C GLU I 4227 -13.61 -1.53 -45.44
N ALA I 4228 -12.94 -2.34 -46.26
CA ALA I 4228 -11.94 -3.30 -45.78
C ALA I 4228 -10.71 -3.32 -46.69
N GLU I 4229 -10.92 -3.69 -47.95
CA GLU I 4229 -9.88 -3.82 -48.96
C GLU I 4229 -9.51 -2.51 -49.63
N LYS I 4230 -9.89 -1.39 -49.00
CA LYS I 4230 -9.51 -0.09 -49.55
C LYS I 4230 -8.00 0.09 -49.59
N MET I 4231 -7.28 -0.52 -48.65
CA MET I 4231 -5.85 -0.27 -48.53
C MET I 4231 -5.07 -0.82 -49.73
N GLU I 4232 -5.42 -2.01 -50.21
CA GLU I 4232 -4.73 -2.55 -51.37
C GLU I 4232 -5.01 -1.71 -52.63
N LEU I 4233 -6.18 -1.08 -52.69
CA LEU I 4233 -6.45 -0.14 -53.77
C LEU I 4233 -5.52 1.05 -53.70
N PHE I 4234 -5.25 1.55 -52.49
CA PHE I 4234 -4.33 2.67 -52.33
C PHE I 4234 -2.93 2.31 -52.80
N VAL I 4235 -2.46 1.11 -52.45
CA VAL I 4235 -1.15 0.66 -52.95
C VAL I 4235 -1.19 0.52 -54.46
N SER I 4236 -2.28 -0.02 -54.99
CA SER I 4236 -2.44 -0.08 -56.45
C SER I 4236 -2.47 1.31 -57.06
N PHE I 4237 -3.04 2.28 -56.33
CA PHE I 4237 -3.00 3.66 -56.79
C PHE I 4237 -1.57 4.18 -56.90
N CYS I 4238 -0.74 3.87 -55.89
CA CYS I 4238 0.65 4.32 -55.93
C CYS I 4238 1.40 3.70 -57.09
N GLU I 4239 1.16 2.41 -57.36
CA GLU I 4239 1.94 1.70 -58.36
C GLU I 4239 1.76 2.27 -59.76
N ASP I 4240 0.60 2.84 -60.06
CA ASP I 4240 0.40 3.37 -61.41
C ASP I 4240 0.88 4.80 -61.55
N THR I 4241 0.74 5.62 -60.50
CA THR I 4241 1.34 6.95 -60.52
C THR I 4241 2.86 6.86 -60.57
N ILE I 4242 3.43 5.76 -60.05
CA ILE I 4242 4.85 5.50 -60.25
C ILE I 4242 5.18 5.46 -61.73
N PHE I 4243 4.39 4.72 -62.51
CA PHE I 4243 4.61 4.64 -63.95
C PHE I 4243 4.37 5.99 -64.62
N GLU I 4244 3.32 6.69 -64.19
CA GLU I 4244 2.94 7.95 -64.83
C GLU I 4244 4.08 8.97 -64.77
N MET I 4245 4.72 9.10 -63.61
CA MET I 4245 5.77 10.12 -63.46
C MET I 4245 6.99 9.79 -64.31
N GLN I 4246 7.26 8.50 -64.53
CA GLN I 4246 8.39 8.14 -65.39
C GLN I 4246 8.16 8.58 -66.83
N ILE I 4247 6.93 8.46 -67.32
CA ILE I 4247 6.65 8.87 -68.70
C ILE I 4247 6.86 10.37 -68.88
N ALA I 4248 6.38 11.17 -67.91
CA ALA I 4248 6.50 12.62 -68.03
C ALA I 4248 7.96 13.06 -68.08
N ALA I 4249 8.86 12.34 -67.40
CA ALA I 4249 10.27 12.68 -67.47
C ALA I 4249 10.83 12.45 -68.86
N GLN I 4250 10.37 11.40 -69.54
CA GLN I 4250 10.88 11.04 -70.85
C GLN I 4250 10.43 11.98 -71.96
N ILE I 4251 9.51 12.91 -71.68
CA ILE I 4251 9.05 13.87 -72.67
C ILE I 4251 9.52 15.28 -72.36
N SER I 4252 10.47 15.44 -71.44
CA SER I 4252 10.99 16.74 -71.09
C SER I 4252 12.44 16.66 -70.66
N TRP I 4541 17.43 8.43 -93.34
CA TRP I 4541 17.86 7.19 -92.72
C TRP I 4541 18.84 7.48 -91.59
N GLY I 4542 18.61 6.89 -90.43
CA GLY I 4542 19.46 7.13 -89.29
C GLY I 4542 19.16 8.49 -88.69
N GLU I 4543 19.58 9.55 -89.36
CA GLU I 4543 19.38 10.89 -88.81
C GLU I 4543 17.91 11.26 -88.53
N LEU I 4544 16.96 10.69 -89.28
CA LEU I 4544 15.53 10.98 -89.12
C LEU I 4544 14.94 10.45 -87.80
N GLU I 4545 15.58 9.47 -87.14
CA GLU I 4545 15.12 8.93 -85.86
C GLU I 4545 15.13 9.98 -84.75
N VAL I 4546 16.09 10.91 -84.76
CA VAL I 4546 16.16 12.01 -83.78
C VAL I 4546 14.99 12.97 -83.94
N GLN I 4547 14.66 13.32 -85.18
CA GLN I 4547 13.47 14.12 -85.50
C GLN I 4547 12.17 13.41 -85.12
N ARG I 4548 12.03 12.11 -85.42
CA ARG I 4548 10.80 11.35 -85.11
C ARG I 4548 10.56 11.19 -83.61
N VAL I 4549 11.58 10.93 -82.80
CA VAL I 4549 11.41 10.92 -81.33
C VAL I 4549 11.04 12.31 -80.80
N LYS I 4550 11.65 13.38 -81.31
CA LYS I 4550 11.27 14.74 -80.92
C LYS I 4550 9.82 15.08 -81.32
N PHE I 4551 9.36 14.63 -82.49
CA PHE I 4551 8.00 14.85 -82.97
C PHE I 4551 6.96 14.09 -82.15
N LEU I 4552 7.17 12.81 -81.86
CA LEU I 4552 6.27 12.03 -81.00
C LEU I 4552 6.22 12.60 -79.57
N ASN I 4553 7.35 13.05 -79.02
CA ASN I 4553 7.36 13.78 -77.75
C ASN I 4553 6.57 15.11 -77.86
N TYR I 4554 6.60 15.80 -79.01
CA TYR I 4554 5.84 17.03 -79.18
C TYR I 4554 4.31 16.78 -79.21
N LEU I 4555 3.80 15.87 -80.05
CA LEU I 4555 2.37 15.59 -80.16
C LEU I 4555 1.75 15.10 -78.85
N SER I 4556 2.53 14.42 -78.00
CA SER I 4556 2.09 13.97 -76.68
C SER I 4556 2.29 15.02 -75.58
N ARG I 4557 3.21 15.97 -75.73
CA ARG I 4557 3.47 17.01 -74.73
C ARG I 4557 2.33 18.02 -74.56
N ASN I 4558 1.55 18.27 -75.61
CA ASN I 4558 0.46 19.25 -75.66
C ASN I 4558 -0.87 18.66 -76.17
N PHE I 4559 -1.12 17.37 -75.94
CA PHE I 4559 -2.32 16.64 -76.38
C PHE I 4559 -3.64 17.37 -76.08
N TYR I 4560 -3.76 18.04 -74.93
CA TYR I 4560 -5.00 18.76 -74.59
C TYR I 4560 -5.21 20.05 -75.38
N THR I 4561 -4.18 20.65 -75.97
CA THR I 4561 -4.37 21.77 -76.90
C THR I 4561 -4.90 21.32 -78.25
N LEU I 4562 -4.47 20.17 -78.78
CA LEU I 4562 -5.01 19.59 -80.01
C LEU I 4562 -6.52 19.35 -79.86
N LYS I 4563 -6.96 18.88 -78.68
CA LYS I 4563 -8.39 18.73 -78.36
C LYS I 4563 -9.15 20.06 -78.39
N TYR I 4564 -8.67 21.12 -77.74
CA TYR I 4564 -9.35 22.42 -77.84
C TYR I 4564 -9.38 22.98 -79.26
N LEU I 4565 -8.34 22.76 -80.06
CA LEU I 4565 -8.27 23.24 -81.42
C LEU I 4565 -9.24 22.49 -82.36
N ALA I 4566 -9.41 21.17 -82.20
CA ALA I 4566 -10.43 20.42 -82.91
C ALA I 4566 -11.85 20.87 -82.54
N LEU I 4567 -12.08 21.20 -81.27
CA LEU I 4567 -13.38 21.70 -80.81
C LEU I 4567 -13.71 23.07 -81.41
N PHE I 4568 -12.76 24.00 -81.47
CA PHE I 4568 -12.96 25.28 -82.14
C PHE I 4568 -13.25 25.12 -83.64
N LEU I 4569 -12.57 24.22 -84.35
CA LEU I 4569 -12.83 23.98 -85.77
C LEU I 4569 -14.20 23.37 -86.04
N ALA I 4570 -14.77 22.57 -85.13
CA ALA I 4570 -16.14 22.08 -85.30
C ALA I 4570 -17.13 23.24 -85.36
N PHE I 4571 -17.10 24.17 -84.39
CA PHE I 4571 -17.95 25.36 -84.42
C PHE I 4571 -17.66 26.25 -85.63
N ALA I 4572 -16.40 26.48 -85.99
CA ALA I 4572 -16.10 27.28 -87.18
C ALA I 4572 -16.68 26.68 -88.46
N ILE I 4573 -16.61 25.36 -88.69
CA ILE I 4573 -17.26 24.74 -89.85
C ILE I 4573 -18.79 24.85 -89.76
N ASN I 4574 -19.39 24.53 -88.62
CA ASN I 4574 -20.86 24.56 -88.51
C ASN I 4574 -21.47 25.95 -88.62
N PHE I 4575 -20.79 27.00 -88.18
CA PHE I 4575 -21.25 28.36 -88.44
C PHE I 4575 -21.31 28.66 -89.95
N ILE I 4576 -20.34 28.20 -90.73
CA ILE I 4576 -20.30 28.40 -92.18
C ILE I 4576 -21.37 27.56 -92.90
N LEU I 4577 -21.80 26.44 -92.35
CA LEU I 4577 -22.90 25.62 -92.90
C LEU I 4577 -24.28 26.26 -92.78
N LEU I 4578 -24.53 27.20 -91.86
CA LEU I 4578 -25.83 27.87 -91.77
C LEU I 4578 -26.18 28.69 -93.01
N PHE I 4579 -25.23 28.99 -93.89
CA PHE I 4579 -25.46 29.81 -95.07
C PHE I 4579 -25.88 29.03 -96.32
N TYR I 4580 -25.90 27.71 -96.26
CA TYR I 4580 -26.24 26.91 -97.43
C TYR I 4580 -27.61 27.28 -97.99
N LYS I 4581 -27.93 26.81 -99.19
CA LYS I 4581 -29.22 27.10 -99.80
C LYS I 4581 -29.49 26.22 -100.98
N VAL I 4582 -30.75 25.83 -101.16
CA VAL I 4582 -31.12 24.96 -102.28
C VAL I 4582 -31.80 25.77 -103.37
N SER I 4583 -31.56 25.41 -104.62
CA SER I 4583 -32.12 26.17 -105.75
C SER I 4583 -32.72 25.27 -106.83
N ASP I 4584 -33.81 25.72 -107.45
CA ASP I 4584 -34.49 25.01 -108.54
C ASP I 4584 -33.70 24.95 -109.86
N SER I 4585 -32.66 25.79 -110.00
CA SER I 4585 -31.73 25.80 -111.14
C SER I 4585 -30.35 26.35 -110.71
N PRO I 4586 -29.26 26.07 -111.46
CA PRO I 4586 -27.91 26.47 -111.07
C PRO I 4586 -27.71 27.98 -110.83
N PRO I 4587 -26.81 28.39 -109.91
CA PRO I 4587 -26.46 29.79 -109.66
C PRO I 4587 -26.13 30.58 -110.93
N ASN I 4626 -31.97 21.12 -111.54
CA ASN I 4626 -32.79 20.92 -110.35
C ASN I 4626 -31.95 20.52 -109.12
N MET I 4627 -32.41 20.89 -107.92
CA MET I 4627 -31.80 20.54 -106.64
C MET I 4627 -30.31 20.91 -106.54
N VAL I 4628 -29.95 22.14 -106.92
CA VAL I 4628 -28.56 22.61 -106.92
C VAL I 4628 -28.26 23.34 -105.62
N TYR I 4629 -27.15 23.04 -104.95
CA TYR I 4629 -26.79 23.61 -103.65
C TYR I 4629 -25.75 24.72 -103.80
N TYR I 4630 -25.98 25.85 -103.14
CA TYR I 4630 -25.11 27.02 -103.18
C TYR I 4630 -24.74 27.48 -101.77
N PHE I 4631 -23.59 28.12 -101.59
CA PHE I 4631 -23.15 28.66 -100.31
C PHE I 4631 -23.78 30.02 -99.94
N LEU I 4632 -24.59 30.61 -100.81
CA LEU I 4632 -25.55 31.69 -100.52
C LEU I 4632 -25.09 32.82 -99.60
N GLU I 4633 -23.92 33.39 -99.87
CA GLU I 4633 -23.38 34.55 -99.12
C GLU I 4633 -22.69 35.56 -100.03
N GLU I 4634 -22.52 36.79 -99.56
CA GLU I 4634 -21.66 37.78 -100.22
C GLU I 4634 -20.20 37.30 -100.22
N SER I 4635 -19.48 37.47 -101.32
CA SER I 4635 -18.23 36.76 -101.62
C SER I 4635 -17.14 36.90 -100.55
N THR I 4636 -16.98 38.10 -99.98
CA THR I 4636 -16.21 38.44 -98.75
C THR I 4636 -14.69 38.14 -98.75
N GLY I 4637 -14.18 37.27 -99.64
CA GLY I 4637 -12.94 36.53 -99.39
C GLY I 4637 -13.13 35.41 -98.37
N TYR I 4638 -14.34 34.83 -98.30
CA TYR I 4638 -14.76 33.88 -97.27
C TYR I 4638 -15.79 32.87 -97.82
N MET I 4639 -16.52 32.19 -96.95
CA MET I 4639 -17.43 31.10 -97.31
C MET I 4639 -16.71 29.95 -98.04
N GLU I 4640 -16.99 29.67 -99.31
CA GLU I 4640 -16.59 28.41 -99.96
C GLU I 4640 -15.10 28.03 -99.84
N PRO I 4641 -14.12 28.91 -100.11
CA PRO I 4641 -12.70 28.64 -99.88
C PRO I 4641 -12.35 28.31 -98.43
N ALA I 4642 -12.97 28.98 -97.44
CA ALA I 4642 -12.74 28.72 -96.02
C ALA I 4642 -13.40 27.41 -95.57
N LEU I 4643 -14.57 27.05 -96.10
CA LEU I 4643 -15.18 25.75 -95.86
C LEU I 4643 -14.31 24.62 -96.41
N TRP I 4644 -13.75 24.79 -97.62
CA TRP I 4644 -12.79 23.82 -98.14
C TRP I 4644 -11.54 23.73 -97.24
N CYS I 4645 -10.91 24.86 -96.91
CA CYS I 4645 -9.68 24.91 -96.12
C CYS I 4645 -9.85 24.32 -94.71
N LEU I 4646 -10.88 24.69 -93.94
CA LEU I 4646 -11.06 24.15 -92.59
C LEU I 4646 -11.36 22.65 -92.55
N SER I 4647 -11.95 22.07 -93.61
CA SER I 4647 -12.20 20.63 -93.64
C SER I 4647 -10.91 19.79 -93.65
N LEU I 4648 -9.83 20.30 -94.25
CA LEU I 4648 -8.51 19.68 -94.18
C LEU I 4648 -7.93 19.82 -92.77
N LEU I 4649 -7.93 21.01 -92.17
CA LEU I 4649 -7.37 21.18 -90.83
C LEU I 4649 -8.09 20.33 -89.79
N HIS I 4650 -9.43 20.23 -89.83
CA HIS I 4650 -10.12 19.38 -88.86
C HIS I 4650 -9.75 17.91 -89.03
N THR I 4651 -9.56 17.43 -90.27
CA THR I 4651 -9.13 16.05 -90.49
C THR I 4651 -7.70 15.80 -90.06
N LEU I 4652 -6.78 16.74 -90.31
CA LEU I 4652 -5.40 16.63 -89.84
C LEU I 4652 -5.35 16.55 -88.31
N VAL I 4653 -6.04 17.44 -87.60
CA VAL I 4653 -6.07 17.42 -86.13
C VAL I 4653 -6.76 16.17 -85.58
N ALA I 4654 -7.87 15.74 -86.18
CA ALA I 4654 -8.53 14.49 -85.77
C ALA I 4654 -7.66 13.25 -86.01
N PHE I 4655 -6.75 13.28 -87.00
CA PHE I 4655 -5.75 12.23 -87.19
C PHE I 4655 -4.62 12.32 -86.14
N LEU I 4656 -4.05 13.50 -85.91
CA LEU I 4656 -2.95 13.66 -84.94
C LEU I 4656 -3.36 13.27 -83.52
N MET I 4657 -4.62 13.36 -83.12
CA MET I 4657 -5.07 12.87 -81.82
C MET I 4657 -5.09 11.34 -81.68
N ILE I 4658 -5.11 10.55 -82.77
CA ILE I 4658 -4.89 9.09 -82.67
C ILE I 4658 -3.45 8.81 -82.23
N ILE I 4659 -2.46 9.43 -82.90
CA ILE I 4659 -1.05 9.31 -82.55
C ILE I 4659 -0.81 9.88 -81.14
N GLY I 4660 -1.36 11.05 -80.83
CA GLY I 4660 -1.23 11.66 -79.51
C GLY I 4660 -1.78 10.79 -78.38
N TYR I 4661 -2.88 10.05 -78.60
CA TYR I 4661 -3.40 9.10 -77.62
C TYR I 4661 -2.52 7.86 -77.49
N ASN I 4662 -2.11 7.25 -78.61
CA ASN I 4662 -1.33 6.01 -78.62
C ASN I 4662 0.04 6.11 -77.93
N CYS I 4663 0.59 7.31 -77.79
CA CYS I 4663 1.91 7.55 -77.22
C CYS I 4663 1.87 8.24 -75.85
N LEU I 4664 0.70 8.32 -75.21
CA LEU I 4664 0.50 9.00 -73.92
C LEU I 4664 -0.44 8.24 -72.98
N LYS I 4665 -1.58 7.75 -73.47
CA LYS I 4665 -2.64 7.17 -72.64
C LYS I 4665 -2.85 5.68 -72.82
N VAL I 4666 -2.14 5.07 -73.77
CA VAL I 4666 -2.24 3.64 -74.01
C VAL I 4666 -1.19 2.81 -73.27
N PRO I 4667 -0.01 3.40 -73.01
CA PRO I 4667 0.94 2.63 -72.23
C PRO I 4667 0.35 2.22 -70.88
N LEU I 4668 -0.25 3.14 -70.15
CA LEU I 4668 -0.79 2.81 -68.83
C LEU I 4668 -1.88 1.78 -68.97
N VAL I 4669 -2.65 1.85 -70.04
CA VAL I 4669 -3.67 0.83 -70.29
C VAL I 4669 -2.99 -0.53 -70.35
N ILE I 4670 -2.11 -0.73 -71.32
CA ILE I 4670 -1.50 -2.06 -71.45
C ILE I 4670 -0.85 -2.47 -70.13
N PHE I 4671 -0.39 -1.51 -69.34
CA PHE I 4671 0.20 -1.81 -68.04
C PHE I 4671 -0.78 -2.40 -67.05
N LYS I 4672 -1.81 -1.65 -66.69
CA LYS I 4672 -2.78 -2.14 -65.72
C LYS I 4672 -3.35 -3.47 -66.18
N ARG I 4673 -2.91 -3.94 -67.33
CA ARG I 4673 -3.36 -5.20 -67.89
C ARG I 4673 -2.36 -6.31 -67.66
N GLU I 4674 -1.06 -6.04 -67.79
CA GLU I 4674 -0.15 -7.17 -67.50
C GLU I 4674 -0.03 -7.55 -66.02
N LYS I 4675 0.00 -6.54 -65.17
CA LYS I 4675 0.06 -6.77 -63.76
C LYS I 4675 -0.97 -7.82 -63.41
N GLU I 4676 -2.23 -7.51 -63.66
CA GLU I 4676 -3.29 -8.45 -63.37
C GLU I 4676 -2.89 -9.87 -63.71
N LEU I 4677 -2.62 -10.14 -64.99
CA LEU I 4677 -2.27 -11.49 -65.40
C LEU I 4677 -1.16 -12.06 -64.54
N ALA I 4678 -0.04 -11.36 -64.46
CA ALA I 4678 1.11 -11.89 -63.72
C ALA I 4678 0.92 -11.81 -62.21
N ARG I 4679 -0.31 -11.61 -61.78
CA ARG I 4679 -0.60 -11.55 -60.36
C ARG I 4679 -1.63 -12.62 -60.04
N LYS I 4680 -2.23 -13.18 -61.08
CA LYS I 4680 -3.19 -14.24 -60.88
C LYS I 4680 -2.48 -15.55 -60.98
N LEU I 4681 -1.64 -15.68 -61.99
CA LEU I 4681 -0.92 -16.93 -62.21
C LEU I 4681 -0.22 -17.43 -60.97
N GLU I 4682 0.54 -16.57 -60.31
CA GLU I 4682 1.30 -17.00 -59.15
C GLU I 4682 0.46 -17.21 -57.91
N PHE I 4683 -0.03 -16.13 -57.31
CA PHE I 4683 -0.77 -16.24 -56.05
C PHE I 4683 -2.17 -16.82 -56.14
N ASP I 4684 -2.50 -17.52 -57.22
CA ASP I 4684 -3.81 -18.16 -57.33
C ASP I 4684 -3.76 -19.43 -58.16
N GLY I 4685 -3.03 -19.39 -59.27
CA GLY I 4685 -2.91 -20.56 -60.12
C GLY I 4685 -3.95 -20.56 -61.21
N LEU I 4686 -4.29 -19.39 -61.73
CA LEU I 4686 -5.33 -19.30 -62.74
C LEU I 4686 -5.27 -20.46 -63.73
N TYR I 4687 -4.34 -20.41 -64.67
CA TYR I 4687 -4.30 -21.43 -65.70
C TYR I 4687 -3.52 -22.67 -65.26
N ILE I 4688 -2.93 -22.61 -64.08
CA ILE I 4688 -2.17 -23.75 -63.58
C ILE I 4688 -3.03 -24.70 -62.79
N THR I 4689 -4.17 -24.23 -62.30
CA THR I 4689 -5.09 -25.06 -61.55
C THR I 4689 -6.52 -24.93 -62.05
N GLU I 4690 -7.07 -23.72 -62.02
CA GLU I 4690 -8.42 -23.49 -62.49
C GLU I 4690 -8.46 -23.15 -63.96
N GLN I 4691 -9.29 -22.22 -64.36
CA GLN I 4691 -9.40 -21.92 -65.77
C GLN I 4691 -10.27 -20.71 -65.94
N PRO I 4692 -9.93 -19.87 -66.91
CA PRO I 4692 -10.73 -18.68 -67.16
C PRO I 4692 -12.20 -18.95 -66.84
N GLY I 4693 -12.81 -19.91 -67.51
CA GLY I 4693 -14.20 -20.24 -67.22
C GLY I 4693 -15.17 -19.69 -68.24
N ASP I 4694 -14.73 -19.55 -69.49
CA ASP I 4694 -15.59 -19.04 -70.56
C ASP I 4694 -16.05 -17.61 -70.32
N ASP I 4695 -17.13 -17.44 -69.58
CA ASP I 4695 -17.67 -16.10 -69.32
C ASP I 4695 -16.65 -14.97 -69.41
N ASP I 4696 -15.51 -15.14 -68.77
CA ASP I 4696 -14.49 -14.08 -68.75
C ASP I 4696 -13.80 -13.89 -70.09
N VAL I 4697 -14.51 -13.36 -71.07
CA VAL I 4697 -13.91 -13.10 -72.38
C VAL I 4697 -12.55 -12.45 -72.21
N LYS I 4698 -12.49 -11.40 -71.41
CA LYS I 4698 -11.21 -10.75 -71.16
C LYS I 4698 -10.23 -11.81 -70.74
N GLY I 4699 -10.60 -12.58 -69.74
CA GLY I 4699 -9.75 -13.66 -69.29
C GLY I 4699 -9.53 -14.71 -70.34
N GLN I 4700 -9.74 -14.35 -71.60
CA GLN I 4700 -9.49 -15.28 -72.68
C GLN I 4700 -8.67 -14.61 -73.77
N TRP I 4701 -9.02 -13.39 -74.13
CA TRP I 4701 -8.18 -12.72 -75.08
C TRP I 4701 -6.79 -12.76 -74.51
N ASP I 4702 -6.68 -12.93 -73.20
CA ASP I 4702 -5.35 -12.85 -72.59
C ASP I 4702 -4.71 -14.19 -72.36
N ARG I 4703 -5.21 -15.22 -72.99
CA ARG I 4703 -4.54 -16.50 -72.88
C ARG I 4703 -3.58 -16.58 -74.03
N LEU I 4704 -3.47 -15.50 -74.78
CA LEU I 4704 -2.58 -15.48 -75.93
C LEU I 4704 -1.22 -14.99 -75.55
N VAL I 4705 -1.14 -14.06 -74.59
CA VAL I 4705 0.14 -13.47 -74.24
C VAL I 4705 0.95 -14.37 -73.34
N LEU I 4706 0.30 -15.12 -72.45
CA LEU I 4706 1.01 -15.97 -71.50
C LEU I 4706 2.26 -16.57 -72.12
N ASN I 4707 2.11 -17.26 -73.26
CA ASN I 4707 3.25 -17.88 -73.92
C ASN I 4707 4.24 -16.91 -74.52
N THR I 4708 3.77 -15.72 -74.89
CA THR I 4708 4.63 -14.75 -75.56
C THR I 4708 5.97 -14.58 -74.87
N PRO I 4709 7.01 -14.22 -75.63
CA PRO I 4709 8.34 -14.09 -75.05
C PRO I 4709 8.60 -12.69 -74.56
N SER I 4710 7.56 -11.91 -74.37
CA SER I 4710 7.73 -10.57 -73.84
C SER I 4710 6.61 -10.27 -72.89
N PHE I 4711 6.07 -11.31 -72.25
CA PHE I 4711 4.89 -11.15 -71.41
C PHE I 4711 5.08 -10.05 -70.38
N PRO I 4712 6.16 -10.12 -69.62
CA PRO I 4712 6.30 -8.99 -68.71
C PRO I 4712 7.01 -7.87 -69.46
N SER I 4713 6.32 -7.23 -70.40
CA SER I 4713 6.90 -6.12 -71.14
C SER I 4713 6.84 -4.85 -70.33
N ASN I 4714 5.70 -4.18 -70.34
CA ASN I 4714 5.53 -2.99 -69.52
C ASN I 4714 5.18 -3.38 -68.10
N TYR I 4715 6.04 -4.15 -67.46
CA TYR I 4715 5.82 -4.55 -66.09
C TYR I 4715 7.18 -4.82 -65.51
N TRP I 4716 7.45 -4.29 -64.32
CA TRP I 4716 8.79 -4.41 -63.75
C TRP I 4716 9.33 -5.83 -63.68
N ASP I 4717 8.58 -6.77 -63.10
CA ASP I 4717 9.09 -8.12 -62.90
C ASP I 4717 9.21 -8.95 -64.16
N LYS I 4718 10.38 -8.88 -64.79
CA LYS I 4718 10.59 -9.71 -65.96
C LYS I 4718 11.03 -11.09 -65.55
N PHE I 4719 10.45 -11.61 -64.47
CA PHE I 4719 10.81 -12.93 -63.96
C PHE I 4719 9.57 -13.74 -63.60
N VAL I 4720 8.41 -13.12 -63.65
CA VAL I 4720 7.18 -13.81 -63.32
C VAL I 4720 7.26 -15.23 -63.83
N LYS I 4721 7.57 -15.38 -65.11
CA LYS I 4721 7.74 -16.72 -65.67
C LYS I 4721 9.00 -17.34 -65.11
N ARG I 4722 8.93 -17.85 -63.89
CA ARG I 4722 10.08 -18.49 -63.25
C ARG I 4722 9.76 -18.50 -61.78
N LYS I 4723 8.73 -17.76 -61.40
CA LYS I 4723 8.30 -17.79 -60.02
C LYS I 4723 7.04 -18.60 -60.01
N VAL I 4724 6.54 -18.95 -61.19
CA VAL I 4724 5.39 -19.84 -61.27
C VAL I 4724 5.89 -21.23 -61.54
N LEU I 4725 7.02 -21.34 -62.23
CA LEU I 4725 7.60 -22.65 -62.45
C LEU I 4725 8.13 -23.16 -61.15
N ASP I 4726 8.64 -22.26 -60.34
CA ASP I 4726 9.21 -22.67 -59.07
C ASP I 4726 8.14 -23.05 -58.09
N LYS I 4727 6.97 -22.43 -58.20
CA LYS I 4727 5.90 -22.68 -57.24
C LYS I 4727 5.07 -23.88 -57.68
N HIS I 4728 4.10 -23.63 -58.55
CA HIS I 4728 3.24 -24.71 -59.02
C HIS I 4728 4.04 -25.59 -59.95
N GLY I 4729 5.26 -25.91 -59.58
CA GLY I 4729 6.11 -26.68 -60.47
C GLY I 4729 6.36 -28.11 -60.05
N ASP I 4730 5.76 -28.51 -58.93
CA ASP I 4730 5.89 -29.89 -58.50
C ASP I 4730 4.56 -30.58 -58.65
N ILE I 4731 3.55 -30.06 -57.96
CA ILE I 4731 2.21 -30.62 -58.08
C ILE I 4731 1.79 -30.69 -59.54
N PHE I 4732 2.47 -29.95 -60.40
CA PHE I 4732 2.19 -30.01 -61.83
C PHE I 4732 3.51 -30.17 -62.52
N GLY I 4733 3.56 -31.01 -63.54
CA GLY I 4733 4.82 -31.29 -64.19
C GLY I 4733 5.72 -30.11 -64.44
N ARG I 4734 6.94 -30.16 -63.91
CA ARG I 4734 7.89 -29.10 -64.18
C ARG I 4734 8.03 -28.92 -65.68
N GLU I 4735 7.60 -29.90 -66.45
CA GLU I 4735 7.65 -29.80 -67.91
C GLU I 4735 6.26 -29.65 -68.47
N ARG I 4736 5.33 -29.20 -67.65
CA ARG I 4736 3.98 -28.95 -68.15
C ARG I 4736 3.72 -27.48 -67.95
N ILE I 4737 4.18 -26.92 -66.83
CA ILE I 4737 4.06 -25.48 -66.64
C ILE I 4737 5.25 -24.85 -67.34
N ALA I 4738 6.00 -25.66 -68.06
CA ALA I 4738 7.13 -25.14 -68.80
C ALA I 4738 6.69 -24.89 -70.22
N GLU I 4739 5.39 -24.66 -70.39
CA GLU I 4739 4.87 -24.33 -71.72
C GLU I 4739 3.87 -23.19 -71.65
N LEU I 4740 2.80 -23.34 -70.87
CA LEU I 4740 1.76 -22.33 -70.80
C LEU I 4740 2.32 -21.14 -70.09
N LEU I 4741 3.60 -20.88 -70.31
CA LEU I 4741 4.23 -19.72 -69.71
C LEU I 4741 5.45 -19.49 -70.54
N GLY I 4742 5.39 -19.96 -71.78
CA GLY I 4742 6.51 -19.77 -72.66
C GLY I 4742 7.68 -20.53 -72.11
N MET I 4743 8.81 -19.83 -71.92
CA MET I 4743 10.01 -20.48 -71.42
C MET I 4743 10.10 -21.91 -71.91
N ASP I 4744 9.74 -22.13 -73.16
CA ASP I 4744 9.84 -23.46 -73.74
C ASP I 4744 11.28 -23.92 -73.72
N LEU I 4745 11.55 -25.06 -73.08
CA LEU I 4745 12.92 -25.56 -72.96
C LEU I 4745 13.78 -24.63 -72.14
N ALA I 4746 13.32 -23.39 -71.94
CA ALA I 4746 14.07 -22.46 -71.11
C ALA I 4746 14.26 -23.09 -69.75
N SER I 4747 13.29 -23.92 -69.33
CA SER I 4747 13.44 -24.62 -68.07
C SER I 4747 14.81 -25.24 -68.05
N LEU I 4748 15.27 -25.70 -69.20
CA LEU I 4748 16.61 -26.27 -69.30
C LEU I 4748 17.61 -25.15 -69.56
N GLU I 4749 17.22 -24.17 -70.36
CA GLU I 4749 18.09 -23.04 -70.64
C GLU I 4749 18.09 -22.06 -69.48
N ILE I 4750 17.97 -22.58 -68.26
CA ILE I 4750 17.91 -21.71 -67.08
C ILE I 4750 19.28 -21.18 -66.72
N LEU I 4765 16.14 -3.45 -91.66
CA LEU I 4765 16.94 -3.28 -90.45
C LEU I 4765 16.34 -4.04 -89.28
N THR I 4766 15.96 -3.33 -88.22
CA THR I 4766 15.35 -3.96 -87.07
C THR I 4766 13.87 -4.24 -87.34
N TRP I 4767 13.00 -3.63 -86.55
CA TRP I 4767 11.56 -3.81 -86.72
C TRP I 4767 11.24 -5.15 -87.37
N LEU I 4768 11.01 -5.14 -88.67
CA LEU I 4768 10.67 -6.38 -89.40
C LEU I 4768 11.49 -7.57 -88.94
N MET I 4769 12.76 -7.36 -88.62
CA MET I 4769 13.62 -8.45 -88.21
C MET I 4769 13.19 -9.08 -86.88
N SER I 4770 12.71 -8.27 -85.94
CA SER I 4770 12.35 -8.80 -84.63
C SER I 4770 10.97 -8.34 -84.18
N ILE I 4771 9.97 -9.19 -84.39
CA ILE I 4771 8.61 -8.84 -84.00
C ILE I 4771 7.86 -10.06 -83.52
N ASP I 4772 7.52 -10.10 -82.24
CA ASP I 4772 6.74 -11.22 -81.72
C ASP I 4772 5.34 -11.14 -82.28
N VAL I 4773 5.17 -11.54 -83.52
CA VAL I 4773 3.86 -11.48 -84.16
C VAL I 4773 2.75 -11.78 -83.17
N LYS I 4774 2.89 -12.85 -82.40
CA LYS I 4774 1.82 -13.24 -81.49
C LYS I 4774 1.61 -12.29 -80.31
N TYR I 4775 2.62 -11.54 -79.89
CA TYR I 4775 2.38 -10.63 -78.80
C TYR I 4775 1.65 -9.46 -79.37
N GLN I 4776 2.13 -8.94 -80.49
CA GLN I 4776 1.50 -7.78 -81.11
C GLN I 4776 0.02 -8.03 -81.30
N ILE I 4777 -0.36 -9.19 -81.82
CA ILE I 4777 -1.75 -9.51 -81.98
C ILE I 4777 -2.47 -9.29 -80.66
N TRP I 4778 -2.06 -10.01 -79.62
CA TRP I 4778 -2.68 -9.83 -78.32
C TRP I 4778 -2.81 -8.36 -78.01
N LYS I 4779 -1.70 -7.63 -78.09
CA LYS I 4779 -1.73 -6.22 -77.75
C LYS I 4779 -2.84 -5.53 -78.48
N PHE I 4780 -2.83 -5.60 -79.80
CA PHE I 4780 -3.83 -4.89 -80.59
C PHE I 4780 -5.23 -5.14 -80.05
N GLY I 4781 -5.60 -6.39 -79.90
CA GLY I 4781 -6.89 -6.70 -79.33
C GLY I 4781 -7.15 -5.82 -78.12
N VAL I 4782 -6.26 -5.83 -77.14
CA VAL I 4782 -6.49 -5.08 -75.91
C VAL I 4782 -6.97 -3.63 -76.08
N ILE I 4783 -6.61 -2.98 -77.18
CA ILE I 4783 -6.95 -1.56 -77.34
C ILE I 4783 -8.24 -1.28 -78.12
N PHE I 4784 -8.54 -2.07 -79.14
CA PHE I 4784 -9.75 -1.86 -79.94
C PHE I 4784 -10.99 -2.11 -79.11
N THR I 4785 -10.81 -2.19 -77.81
CA THR I 4785 -11.93 -2.38 -76.85
C THR I 4785 -11.93 -1.36 -75.73
N ASP I 4786 -10.99 -0.43 -75.68
CA ASP I 4786 -11.00 0.68 -74.73
C ASP I 4786 -12.04 1.74 -75.16
N ASN I 4787 -12.98 2.08 -74.28
CA ASN I 4787 -14.05 3.03 -74.58
C ASN I 4787 -13.54 4.45 -74.88
N SER I 4788 -12.31 4.81 -74.49
CA SER I 4788 -11.69 6.07 -74.86
C SER I 4788 -11.02 6.02 -76.25
N PHE I 4789 -10.48 4.87 -76.64
CA PHE I 4789 -9.91 4.71 -77.97
C PHE I 4789 -11.00 4.66 -79.04
N LEU I 4790 -12.07 3.89 -78.82
CA LEU I 4790 -13.16 3.79 -79.79
C LEU I 4790 -13.82 5.14 -80.08
N TYR I 4791 -13.98 6.01 -79.08
CA TYR I 4791 -14.46 7.38 -79.32
C TYR I 4791 -13.50 8.18 -80.20
N SER I 4792 -12.19 8.08 -79.95
CA SER I 4792 -11.18 8.78 -80.75
C SER I 4792 -11.12 8.28 -82.19
N GLY I 4793 -11.32 6.98 -82.42
CA GLY I 4793 -11.44 6.41 -83.77
C GLY I 4793 -12.68 6.87 -84.52
N TRP I 4794 -13.84 6.89 -83.86
CA TRP I 4794 -15.08 7.42 -84.44
C TRP I 4794 -14.95 8.87 -84.87
N TYR I 4795 -14.34 9.73 -84.06
CA TYR I 4795 -14.14 11.14 -84.38
C TYR I 4795 -13.38 11.32 -85.70
N MET I 4796 -12.33 10.53 -85.92
CA MET I 4796 -11.57 10.51 -87.17
C MET I 4796 -12.40 10.01 -88.34
N VAL I 4797 -13.14 8.91 -88.19
CA VAL I 4797 -13.98 8.37 -89.27
C VAL I 4797 -15.02 9.38 -89.74
N MET I 4798 -15.73 10.07 -88.84
CA MET I 4798 -16.69 11.09 -89.24
C MET I 4798 -16.02 12.27 -89.97
N SER I 4799 -14.77 12.60 -89.64
CA SER I 4799 -14.04 13.66 -90.35
C SER I 4799 -13.66 13.25 -91.78
N LEU I 4800 -13.49 11.95 -92.05
CA LEU I 4800 -13.35 11.43 -93.42
C LEU I 4800 -14.69 11.48 -94.17
N LEU I 4801 -15.81 11.06 -93.56
CA LEU I 4801 -17.13 11.20 -94.16
C LEU I 4801 -17.48 12.67 -94.44
N GLY I 4802 -16.94 13.62 -93.68
CA GLY I 4802 -17.09 15.05 -93.94
C GLY I 4802 -16.61 15.50 -95.32
N HIS I 4803 -15.75 14.73 -95.99
CA HIS I 4803 -15.34 14.98 -97.37
C HIS I 4803 -16.28 14.35 -98.41
N TYR I 4804 -17.09 13.36 -98.05
CA TYR I 4804 -18.12 12.79 -98.91
C TYR I 4804 -19.37 13.67 -98.96
N ASN I 4805 -19.79 14.24 -97.82
CA ASN I 4805 -20.90 15.19 -97.72
C ASN I 4805 -20.70 16.08 -96.49
N ASN I 4806 -20.51 17.40 -96.66
CA ASN I 4806 -20.01 18.25 -95.58
C ASN I 4806 -20.92 18.30 -94.35
N PHE I 4807 -22.21 17.99 -94.46
CA PHE I 4807 -23.09 17.93 -93.31
C PHE I 4807 -22.70 16.87 -92.28
N PHE I 4808 -21.88 15.87 -92.60
CA PHE I 4808 -21.35 14.94 -91.60
C PHE I 4808 -20.48 15.62 -90.55
N PHE I 4809 -19.91 16.80 -90.81
CA PHE I 4809 -19.23 17.58 -89.77
C PHE I 4809 -20.15 18.06 -88.66
N ALA I 4810 -21.49 18.03 -88.84
CA ALA I 4810 -22.41 18.30 -87.75
C ALA I 4810 -22.40 17.24 -86.66
N ALA I 4811 -21.92 16.02 -86.91
CA ALA I 4811 -21.81 14.99 -85.89
C ALA I 4811 -20.81 15.40 -84.79
N HIS I 4812 -19.74 16.11 -85.13
CA HIS I 4812 -18.72 16.55 -84.17
C HIS I 4812 -19.22 17.57 -83.15
N LEU I 4813 -20.40 18.14 -83.31
CA LEU I 4813 -20.89 19.06 -82.28
C LEU I 4813 -21.43 18.31 -81.06
N LEU I 4814 -21.40 16.98 -81.13
CA LEU I 4814 -21.91 16.18 -80.02
C LEU I 4814 -20.91 16.13 -78.88
N ASP I 4815 -19.71 16.66 -79.08
CA ASP I 4815 -18.75 16.73 -78.00
C ASP I 4815 -19.21 17.80 -77.04
N ILE I 4816 -19.99 18.75 -77.53
CA ILE I 4816 -20.54 19.81 -76.68
C ILE I 4816 -21.38 19.18 -75.59
N ALA I 4817 -21.37 17.86 -75.46
CA ALA I 4817 -22.02 17.16 -74.37
C ALA I 4817 -21.06 16.23 -73.60
N MET I 4818 -19.86 15.97 -74.12
CA MET I 4818 -19.07 14.83 -73.67
C MET I 4818 -18.26 15.11 -72.40
N GLU I 4819 -17.45 16.16 -72.33
CA GLU I 4819 -16.64 16.45 -71.13
C GLU I 4819 -16.25 17.93 -70.92
N VAL I 4820 -17.26 18.81 -70.88
CA VAL I 4820 -17.17 20.07 -70.11
C VAL I 4820 -18.10 19.94 -68.90
N LYS I 4821 -17.64 20.33 -67.71
CA LYS I 4821 -18.17 19.81 -66.45
C LYS I 4821 -19.65 20.10 -66.19
N THR I 4822 -20.16 21.26 -66.60
CA THR I 4822 -21.59 21.59 -66.47
C THR I 4822 -22.46 20.70 -67.38
N LEU I 4823 -22.02 20.43 -68.60
CA LEU I 4823 -22.79 19.51 -69.44
C LEU I 4823 -22.69 18.07 -68.93
N ARG I 4824 -21.48 17.61 -68.63
CA ARG I 4824 -21.31 16.24 -68.13
C ARG I 4824 -22.11 15.99 -66.86
N THR I 4825 -22.08 16.88 -65.88
CA THR I 4825 -22.91 16.69 -64.66
C THR I 4825 -24.41 16.75 -64.96
N ILE I 4826 -24.88 17.60 -65.88
CA ILE I 4826 -26.29 17.61 -66.31
C ILE I 4826 -26.67 16.30 -67.02
N LEU I 4827 -25.95 15.87 -68.04
CA LEU I 4827 -26.26 14.62 -68.77
C LEU I 4827 -26.09 13.37 -67.90
N SER I 4828 -25.20 13.38 -66.91
CA SER I 4828 -25.03 12.29 -65.95
C SER I 4828 -26.32 12.01 -65.17
N SER I 4829 -27.17 13.01 -64.93
CA SER I 4829 -28.49 12.80 -64.31
C SER I 4829 -29.46 11.99 -65.18
N VAL I 4830 -29.25 11.95 -66.50
CA VAL I 4830 -30.06 11.17 -67.45
C VAL I 4830 -29.50 9.77 -67.63
N THR I 4831 -28.18 9.60 -67.67
CA THR I 4831 -27.55 8.27 -67.81
C THR I 4831 -27.56 7.44 -66.53
N HIS I 4832 -27.90 8.08 -65.42
CA HIS I 4832 -28.07 7.34 -64.19
C HIS I 4832 -29.54 7.06 -64.35
N ASN I 4833 -30.00 5.89 -63.93
CA ASN I 4833 -31.40 5.52 -64.16
C ASN I 4833 -31.63 5.29 -65.64
N GLY I 4834 -30.90 4.35 -66.22
CA GLY I 4834 -31.08 4.03 -67.62
C GLY I 4834 -32.10 2.92 -67.73
N LYS I 4835 -31.68 1.67 -67.53
CA LYS I 4835 -32.65 0.58 -67.52
C LYS I 4835 -34.00 0.94 -66.90
N GLN I 4836 -34.03 1.88 -65.97
CA GLN I 4836 -35.32 2.28 -65.46
C GLN I 4836 -36.06 2.93 -66.61
N LEU I 4837 -35.57 4.07 -67.07
CA LEU I 4837 -36.28 4.82 -68.12
C LEU I 4837 -36.75 3.96 -69.27
N VAL I 4838 -35.83 3.29 -69.95
CA VAL I 4838 -36.21 2.43 -71.06
C VAL I 4838 -37.35 1.54 -70.61
N MET I 4839 -37.21 0.92 -69.45
CA MET I 4839 -38.25 0.06 -68.92
C MET I 4839 -39.59 0.77 -68.88
N THR I 4840 -39.63 1.98 -68.33
CA THR I 4840 -40.86 2.75 -68.31
C THR I 4840 -41.46 2.80 -69.69
N VAL I 4841 -40.72 3.36 -70.64
CA VAL I 4841 -41.24 3.48 -72.00
C VAL I 4841 -41.85 2.18 -72.45
N GLY I 4842 -41.22 1.07 -72.11
CA GLY I 4842 -41.78 -0.22 -72.45
C GLY I 4842 -43.22 -0.35 -72.03
N LEU I 4843 -43.52 0.00 -70.79
CA LEU I 4843 -44.89 -0.04 -70.32
C LEU I 4843 -45.77 0.91 -71.12
N LEU I 4844 -45.28 2.10 -71.41
CA LEU I 4844 -46.05 3.08 -72.16
C LEU I 4844 -46.38 2.59 -73.57
N ALA I 4845 -45.88 1.43 -73.93
CA ALA I 4845 -46.17 0.89 -75.24
C ALA I 4845 -47.10 -0.29 -75.11
N VAL I 4846 -47.24 -0.80 -73.89
CA VAL I 4846 -48.16 -1.90 -73.67
C VAL I 4846 -49.51 -1.31 -73.33
N VAL I 4847 -49.51 -0.22 -72.58
CA VAL I 4847 -50.77 0.42 -72.23
C VAL I 4847 -51.46 0.96 -73.48
N VAL I 4848 -50.72 1.62 -74.35
CA VAL I 4848 -51.31 2.15 -75.56
C VAL I 4848 -51.63 1.03 -76.52
N TYR I 4849 -51.43 -0.21 -76.10
CA TYR I 4849 -51.79 -1.34 -76.94
C TYR I 4849 -53.03 -1.95 -76.35
N LEU I 4850 -53.08 -2.03 -75.03
CA LEU I 4850 -54.26 -2.55 -74.37
C LEU I 4850 -55.39 -1.60 -74.66
N TYR I 4851 -55.10 -0.47 -75.31
CA TYR I 4851 -56.13 0.46 -75.72
C TYR I 4851 -56.42 0.23 -77.18
N THR I 4852 -55.41 -0.12 -77.95
CA THR I 4852 -55.64 -0.44 -79.34
C THR I 4852 -56.57 -1.61 -79.43
N VAL I 4853 -56.19 -2.71 -78.79
CA VAL I 4853 -57.05 -3.88 -78.79
C VAL I 4853 -58.49 -3.48 -78.49
N VAL I 4854 -58.70 -2.63 -77.48
CA VAL I 4854 -60.06 -2.25 -77.09
C VAL I 4854 -60.77 -1.43 -78.16
N ALA I 4855 -60.44 -0.15 -78.32
CA ALA I 4855 -61.02 0.64 -79.37
C ALA I 4855 -61.50 -0.30 -80.44
N PHE I 4856 -60.57 -0.80 -81.25
CA PHE I 4856 -60.92 -1.70 -82.33
C PHE I 4856 -62.26 -2.40 -82.10
N ASN I 4857 -62.24 -3.45 -81.29
CA ASN I 4857 -63.47 -4.20 -81.03
C ASN I 4857 -64.72 -3.32 -81.04
N PHE I 4858 -64.71 -2.23 -80.30
CA PHE I 4858 -65.94 -1.47 -80.21
C PHE I 4858 -65.86 -0.15 -80.94
N PHE I 4859 -65.07 0.77 -80.42
CA PHE I 4859 -65.00 2.08 -81.02
C PHE I 4859 -64.14 2.05 -82.28
N ARG I 4860 -64.70 1.61 -83.39
CA ARG I 4860 -63.97 1.62 -84.65
C ARG I 4860 -64.61 2.62 -85.59
N LYS I 4861 -65.84 3.01 -85.28
CA LYS I 4861 -66.54 3.98 -86.10
C LYS I 4861 -66.32 5.37 -85.56
N PHE I 4862 -66.22 5.49 -84.24
CA PHE I 4862 -66.00 6.77 -83.60
C PHE I 4862 -64.71 7.37 -84.08
N TYR I 4863 -63.90 6.56 -84.77
CA TYR I 4863 -62.63 7.05 -85.35
C TYR I 4863 -62.81 7.64 -86.73
N ASN I 4864 -61.94 7.26 -87.66
CA ASN I 4864 -62.02 7.75 -89.05
C ASN I 4864 -61.58 9.20 -89.18
N LYS I 4865 -60.61 9.45 -90.05
CA LYS I 4865 -60.08 10.80 -90.17
C LYS I 4865 -60.14 11.33 -91.60
N SER I 4866 -61.34 11.42 -92.15
CA SER I 4866 -61.49 11.98 -93.50
C SER I 4866 -62.62 13.00 -93.51
N GLU I 4867 -62.80 13.66 -94.65
CA GLU I 4867 -63.86 14.66 -94.78
C GLU I 4867 -64.62 14.49 -96.09
N ASP I 4868 -63.93 14.08 -97.14
CA ASP I 4868 -64.58 13.86 -98.42
C ASP I 4868 -65.74 12.90 -98.27
N GLU I 4869 -66.83 13.16 -98.99
CA GLU I 4869 -67.98 12.27 -98.94
C GLU I 4869 -67.48 10.84 -99.00
N ASP I 4870 -66.68 10.54 -100.01
CA ASP I 4870 -66.09 9.20 -100.10
C ASP I 4870 -64.99 9.15 -99.07
N GLU I 4871 -65.37 9.17 -97.80
CA GLU I 4871 -64.38 9.20 -96.72
C GLU I 4871 -63.77 7.85 -96.42
N PRO I 4872 -62.47 7.71 -96.70
CA PRO I 4872 -61.80 6.47 -96.35
C PRO I 4872 -60.90 6.74 -95.16
N ASP I 4873 -59.61 6.95 -95.40
CA ASP I 4873 -58.66 7.20 -94.33
C ASP I 4873 -59.18 6.70 -93.01
N MET I 4874 -59.49 5.42 -92.92
CA MET I 4874 -59.96 4.85 -91.67
C MET I 4874 -58.79 4.27 -90.93
N LYS I 4875 -58.31 4.97 -89.92
CA LYS I 4875 -57.13 4.52 -89.21
C LYS I 4875 -57.44 3.43 -88.20
N CYS I 4876 -58.43 2.60 -88.48
CA CYS I 4876 -58.74 1.49 -87.58
C CYS I 4876 -59.28 0.31 -88.35
N ASP I 4877 -58.61 -0.07 -89.41
CA ASP I 4877 -59.04 -1.24 -90.15
C ASP I 4877 -57.94 -2.25 -90.02
N ASP I 4878 -57.12 -2.09 -88.99
CA ASP I 4878 -56.03 -3.00 -88.78
C ASP I 4878 -55.42 -2.65 -87.46
N MET I 4879 -55.16 -3.64 -86.62
CA MET I 4879 -54.65 -3.32 -85.31
C MET I 4879 -53.24 -2.77 -85.47
N MET I 4880 -52.70 -2.86 -86.67
CA MET I 4880 -51.39 -2.29 -86.91
C MET I 4880 -51.55 -0.79 -86.98
N THR I 4881 -52.24 -0.31 -88.02
CA THR I 4881 -52.46 1.13 -88.12
C THR I 4881 -53.03 1.73 -86.86
N CYS I 4882 -53.96 1.03 -86.21
CA CYS I 4882 -54.48 1.54 -84.96
C CYS I 4882 -53.32 1.76 -84.00
N TYR I 4883 -52.43 0.79 -83.90
CA TYR I 4883 -51.31 0.91 -82.96
C TYR I 4883 -50.47 2.13 -83.28
N LEU I 4884 -50.26 2.40 -84.56
CA LEU I 4884 -49.52 3.60 -84.92
C LEU I 4884 -50.31 4.84 -84.54
N PHE I 4885 -51.52 4.97 -85.05
CA PHE I 4885 -52.35 6.13 -84.75
C PHE I 4885 -52.41 6.39 -83.26
N HIS I 4886 -52.16 5.38 -82.44
CA HIS I 4886 -52.27 5.55 -81.01
C HIS I 4886 -50.93 5.94 -80.41
N MET I 4887 -49.85 5.59 -81.08
CA MET I 4887 -48.54 5.98 -80.59
C MET I 4887 -48.11 7.26 -81.28
N TYR I 4888 -48.90 7.82 -82.16
CA TYR I 4888 -48.45 8.98 -82.89
C TYR I 4888 -49.32 10.09 -82.44
N VAL I 4889 -50.49 10.21 -83.07
CA VAL I 4889 -51.43 11.20 -82.66
C VAL I 4889 -51.66 11.19 -81.16
N GLY I 4890 -51.87 10.01 -80.59
CA GLY I 4890 -52.14 9.91 -79.16
C GLY I 4890 -51.04 10.41 -78.27
N VAL I 4891 -50.23 9.54 -77.69
CA VAL I 4891 -49.21 9.97 -76.73
C VAL I 4891 -48.85 11.46 -76.79
N ARG I 4892 -48.57 11.98 -77.99
CA ARG I 4892 -48.20 13.38 -78.14
C ARG I 4892 -49.38 14.32 -78.27
N ALA I 4893 -50.01 14.66 -77.16
CA ALA I 4893 -51.13 15.59 -77.19
C ALA I 4893 -51.44 16.09 -75.79
N GLY I 4894 -52.63 16.63 -75.59
CA GLY I 4894 -52.99 17.18 -74.29
C GLY I 4894 -54.03 16.36 -73.56
N GLY I 4895 -55.08 15.96 -74.26
CA GLY I 4895 -56.10 15.14 -73.66
C GLY I 4895 -56.12 13.75 -74.23
N GLY I 4896 -55.00 13.34 -74.80
CA GLY I 4896 -54.92 12.01 -75.36
C GLY I 4896 -55.84 11.78 -76.53
N ILE I 4897 -56.17 10.54 -76.79
CA ILE I 4897 -56.98 10.20 -77.94
C ILE I 4897 -58.26 11.02 -78.01
N GLY I 4898 -58.74 11.52 -76.89
CA GLY I 4898 -60.00 12.23 -76.89
C GLY I 4898 -60.02 13.47 -77.73
N ASP I 4899 -58.87 13.87 -78.25
CA ASP I 4899 -58.81 15.10 -79.03
C ASP I 4899 -58.64 14.87 -80.53
N GLU I 4900 -58.60 13.61 -80.96
CA GLU I 4900 -58.52 13.34 -82.38
C GLU I 4900 -59.49 12.25 -82.83
N ILE I 4901 -60.65 12.16 -82.19
CA ILE I 4901 -61.58 11.09 -82.50
C ILE I 4901 -63.04 11.49 -82.25
N GLU I 4902 -63.68 12.03 -83.29
CA GLU I 4902 -65.07 12.44 -83.20
C GLU I 4902 -65.45 12.97 -81.85
N ASP I 4903 -66.67 12.68 -81.42
CA ASP I 4903 -67.14 13.14 -80.13
C ASP I 4903 -68.31 12.28 -79.70
N PRO I 4904 -68.12 11.54 -78.62
CA PRO I 4904 -69.21 10.71 -78.12
C PRO I 4904 -70.52 11.43 -78.28
N ALA I 4905 -70.69 12.56 -77.60
CA ALA I 4905 -71.93 13.34 -77.67
C ALA I 4905 -73.11 12.52 -78.12
N GLY I 4906 -73.32 12.43 -79.44
CA GLY I 4906 -74.44 11.68 -79.97
C GLY I 4906 -74.54 10.27 -79.42
N ASP I 4907 -75.15 10.14 -78.25
CA ASP I 4907 -75.31 8.83 -77.63
C ASP I 4907 -74.25 7.83 -78.07
N GLU I 4908 -74.68 6.66 -78.52
CA GLU I 4908 -73.75 5.64 -78.96
C GLU I 4908 -72.67 5.38 -77.93
N TYR I 4909 -72.97 4.56 -76.92
CA TYR I 4909 -71.96 4.22 -75.94
C TYR I 4909 -71.29 5.46 -75.36
N GLU I 4910 -72.02 6.56 -75.27
CA GLU I 4910 -71.40 7.78 -74.83
C GLU I 4910 -70.54 7.54 -73.62
N LEU I 4911 -71.10 6.88 -72.60
CA LEU I 4911 -70.35 6.69 -71.36
C LEU I 4911 -69.29 5.61 -71.44
N TYR I 4912 -68.89 5.24 -72.64
CA TYR I 4912 -67.81 4.27 -72.76
C TYR I 4912 -66.63 4.96 -73.37
N ARG I 4913 -66.88 5.88 -74.29
CA ARG I 4913 -65.80 6.64 -74.88
C ARG I 4913 -65.42 7.76 -73.95
N VAL I 4914 -66.23 8.04 -72.94
CA VAL I 4914 -65.82 9.03 -71.97
C VAL I 4914 -64.84 8.32 -71.10
N VAL I 4915 -65.31 7.26 -70.44
CA VAL I 4915 -64.41 6.47 -69.63
C VAL I 4915 -63.13 6.24 -70.41
N PHE I 4916 -63.20 5.66 -71.59
CA PHE I 4916 -62.01 5.41 -72.40
C PHE I 4916 -61.05 6.59 -72.34
N ASP I 4917 -61.38 7.67 -73.03
CA ASP I 4917 -60.53 8.86 -73.05
C ASP I 4917 -60.00 9.28 -71.70
N ILE I 4918 -60.86 9.45 -70.70
CA ILE I 4918 -60.38 9.95 -69.41
C ILE I 4918 -59.37 9.00 -68.79
N THR I 4919 -59.65 7.71 -68.87
CA THR I 4919 -58.70 6.72 -68.39
C THR I 4919 -57.41 6.81 -69.18
N PHE I 4920 -57.49 6.62 -70.50
CA PHE I 4920 -56.30 6.74 -71.35
C PHE I 4920 -55.53 7.93 -70.95
N PHE I 4921 -56.11 9.11 -71.12
CA PHE I 4921 -55.46 10.35 -70.69
C PHE I 4921 -54.77 10.26 -69.35
N PHE I 4922 -55.55 10.17 -68.28
CA PHE I 4922 -54.96 10.16 -66.94
C PHE I 4922 -53.72 9.29 -66.85
N PHE I 4923 -53.84 8.04 -67.26
CA PHE I 4923 -52.71 7.13 -67.16
C PHE I 4923 -51.57 7.60 -68.04
N VAL I 4924 -51.68 7.42 -69.34
CA VAL I 4924 -50.55 7.77 -70.24
C VAL I 4924 -49.96 9.20 -70.13
N ILE I 4925 -50.71 10.17 -69.65
CA ILE I 4925 -50.15 11.52 -69.62
C ILE I 4925 -49.80 12.05 -68.22
N VAL I 4926 -50.53 11.63 -67.22
CA VAL I 4926 -50.12 12.00 -65.90
C VAL I 4926 -49.17 10.88 -65.57
N ILE I 4927 -49.63 9.90 -64.81
CA ILE I 4927 -48.78 8.78 -64.39
C ILE I 4927 -47.50 8.56 -65.19
N LEU I 4928 -47.53 8.04 -66.40
CA LEU I 4928 -46.28 7.69 -67.12
C LEU I 4928 -45.29 8.82 -67.43
N LEU I 4929 -45.78 9.85 -68.10
CA LEU I 4929 -44.86 10.91 -68.46
C LEU I 4929 -44.35 11.50 -67.16
N ALA I 4930 -45.14 11.39 -66.12
CA ALA I 4930 -44.72 11.92 -64.83
C ALA I 4930 -43.56 11.09 -64.30
N ILE I 4931 -43.77 9.78 -64.20
CA ILE I 4931 -42.69 8.92 -63.77
C ILE I 4931 -41.41 9.30 -64.48
N ILE I 4932 -41.47 9.65 -65.76
CA ILE I 4932 -40.17 9.94 -66.42
C ILE I 4932 -39.40 11.11 -65.77
N GLN I 4933 -40.08 12.23 -65.61
CA GLN I 4933 -39.45 13.35 -64.96
C GLN I 4933 -39.05 12.92 -63.58
N GLY I 4934 -39.85 12.08 -62.95
CA GLY I 4934 -39.52 11.58 -61.63
C GLY I 4934 -38.13 11.01 -61.66
N LEU I 4935 -37.88 9.98 -62.45
CA LEU I 4935 -36.56 9.33 -62.40
C LEU I 4935 -35.36 10.29 -62.46
N ILE I 4936 -35.34 11.19 -63.43
CA ILE I 4936 -34.19 12.08 -63.61
C ILE I 4936 -33.88 12.97 -62.40
N ILE I 4937 -34.91 13.60 -61.87
CA ILE I 4937 -34.74 14.44 -60.69
C ILE I 4937 -34.05 13.65 -59.59
N ASP I 4938 -34.52 12.44 -59.34
CA ASP I 4938 -33.93 11.60 -58.32
C ASP I 4938 -32.47 11.39 -58.68
N ALA I 4939 -32.22 10.80 -59.84
CA ALA I 4939 -30.85 10.60 -60.27
C ALA I 4939 -29.98 11.77 -59.89
N PHE I 4940 -30.50 12.99 -60.06
CA PHE I 4940 -29.77 14.18 -59.64
C PHE I 4940 -29.43 14.07 -58.17
N GLY I 4941 -30.42 14.26 -57.32
CA GLY I 4941 -30.24 14.15 -55.88
C GLY I 4941 -29.27 13.06 -55.57
N GLU I 4942 -29.35 11.94 -56.28
CA GLU I 4942 -28.46 10.82 -56.06
C GLU I 4942 -27.03 11.25 -56.23
N LEU I 4943 -26.62 11.80 -57.36
CA LEU I 4943 -25.19 12.12 -57.49
C LEU I 4943 -24.70 13.05 -56.37
N ARG I 4944 -25.48 14.08 -56.09
CA ARG I 4944 -25.09 15.05 -55.06
C ARG I 4944 -24.84 14.38 -53.73
N ASP I 4945 -25.73 13.46 -53.35
CA ASP I 4945 -25.59 12.80 -52.07
C ASP I 4945 -24.27 12.06 -52.02
N GLN I 4946 -23.98 11.26 -53.03
CA GLN I 4946 -22.70 10.58 -53.08
C GLN I 4946 -21.57 11.57 -52.89
N GLN I 4947 -21.55 12.63 -53.68
CA GLN I 4947 -20.46 13.60 -53.57
C GLN I 4947 -20.28 14.11 -52.15
N GLU I 4948 -21.38 14.54 -51.54
CA GLU I 4948 -21.32 15.06 -50.18
C GLU I 4948 -20.77 14.02 -49.24
N GLN I 4949 -21.31 12.82 -49.26
CA GLN I 4949 -20.78 11.74 -48.45
C GLN I 4949 -19.27 11.73 -48.60
N VAL I 4950 -18.78 11.52 -49.81
CA VAL I 4950 -17.34 11.57 -50.03
C VAL I 4950 -16.70 12.70 -49.25
N LYS I 4951 -16.95 13.94 -49.69
CA LYS I 4951 -16.30 15.08 -49.03
C LYS I 4951 -16.29 14.97 -47.52
N GLU I 4952 -17.45 14.79 -46.91
CA GLU I 4952 -17.52 14.76 -45.44
C GLU I 4952 -16.70 13.64 -44.84
N ASP I 4953 -16.98 12.41 -45.24
CA ASP I 4953 -16.21 11.29 -44.76
C ASP I 4953 -14.79 11.75 -44.75
N MET I 4954 -14.44 12.59 -45.73
CA MET I 4954 -13.07 13.12 -45.63
C MET I 4954 -12.88 14.34 -44.72
N GLU I 4955 -13.52 15.45 -44.98
CA GLU I 4955 -13.40 16.56 -44.05
C GLU I 4955 -13.33 16.03 -42.61
N THR I 4956 -14.03 14.94 -42.31
CA THR I 4956 -14.06 14.46 -40.92
C THR I 4956 -13.05 13.39 -40.47
N LYS I 4957 -12.81 12.34 -41.25
CA LYS I 4957 -11.94 11.23 -40.77
C LYS I 4957 -10.67 10.91 -41.57
N CYS I 4958 -9.84 9.98 -41.08
CA CYS I 4958 -8.57 9.68 -41.75
C CYS I 4958 -8.67 8.56 -42.77
N PHE I 4959 -7.72 8.51 -43.70
CA PHE I 4959 -7.72 7.50 -44.74
C PHE I 4959 -6.92 6.28 -44.31
N ILE I 4960 -5.63 6.50 -44.05
CA ILE I 4960 -4.75 5.42 -43.65
C ILE I 4960 -5.40 4.61 -42.57
N CYS I 4961 -5.45 5.15 -41.38
CA CYS I 4961 -6.09 4.47 -40.25
C CYS I 4961 -7.59 4.67 -40.39
N GLY I 4962 -8.31 4.69 -39.29
CA GLY I 4962 -9.73 4.93 -39.35
C GLY I 4962 -10.25 5.81 -38.24
N ILE I 4963 -9.35 6.27 -37.39
CA ILE I 4963 -9.74 7.11 -36.27
C ILE I 4963 -10.44 8.38 -36.76
N GLY I 4964 -11.32 8.94 -35.94
CA GLY I 4964 -12.08 10.10 -36.35
C GLY I 4964 -11.43 11.41 -35.97
N SER I 4965 -12.17 12.51 -36.10
CA SER I 4965 -11.64 13.81 -35.77
C SER I 4965 -11.56 13.98 -34.27
N ASP I 4966 -12.65 13.70 -33.58
CA ASP I 4966 -12.70 13.95 -32.13
C ASP I 4966 -11.40 13.71 -31.41
N TYR I 4967 -11.06 12.44 -31.19
CA TYR I 4967 -9.86 12.14 -30.44
C TYR I 4967 -8.76 13.11 -30.83
N PHE I 4968 -8.59 13.31 -32.12
CA PHE I 4968 -7.52 14.17 -32.58
C PHE I 4968 -7.77 15.62 -32.18
N ASP I 4969 -8.99 16.11 -32.36
CA ASP I 4969 -9.25 17.52 -32.10
C ASP I 4969 -9.22 17.87 -30.62
N THR I 4970 -9.04 16.88 -29.76
CA THR I 4970 -8.90 17.17 -28.35
C THR I 4970 -7.79 18.18 -28.16
N THR I 4971 -6.68 18.00 -28.85
CA THR I 4971 -5.66 19.02 -28.75
C THR I 4971 -5.86 20.04 -29.85
N PRO I 4972 -5.38 21.27 -29.64
CA PRO I 4972 -5.66 22.32 -30.63
C PRO I 4972 -5.28 21.90 -32.04
N HIS I 4973 -6.20 22.02 -32.99
CA HIS I 4973 -5.92 21.68 -34.37
C HIS I 4973 -5.42 20.24 -34.51
N GLY I 4974 -6.15 19.29 -33.95
CA GLY I 4974 -5.74 17.90 -34.01
C GLY I 4974 -5.89 17.25 -35.36
N PHE I 4975 -7.07 17.32 -35.95
CA PHE I 4975 -7.31 16.64 -37.21
C PHE I 4975 -6.66 17.34 -38.40
N GLU I 4976 -5.74 18.24 -38.14
CA GLU I 4976 -5.00 18.88 -39.23
C GLU I 4976 -3.54 18.52 -39.17
N THR I 4977 -3.15 17.78 -38.14
CA THR I 4977 -1.77 17.32 -38.03
C THR I 4977 -1.71 15.84 -38.36
N HIS I 4978 -2.62 15.08 -37.75
CA HIS I 4978 -2.67 13.65 -37.97
C HIS I 4978 -3.16 13.36 -39.35
N THR I 4979 -3.18 14.41 -40.16
CA THR I 4979 -3.66 14.32 -41.51
C THR I 4979 -2.86 15.30 -42.33
N LEU I 4980 -1.75 15.76 -41.79
CA LEU I 4980 -0.89 16.68 -42.53
C LEU I 4980 0.58 16.52 -42.15
N GLU I 4981 0.90 15.49 -41.38
CA GLU I 4981 2.28 15.22 -41.00
C GLU I 4981 2.48 13.73 -40.82
N GLU I 4982 2.03 13.19 -39.69
CA GLU I 4982 2.13 11.77 -39.38
C GLU I 4982 1.59 10.89 -40.48
N HIS I 4983 0.30 10.62 -40.34
CA HIS I 4983 -0.37 9.80 -41.29
C HIS I 4983 -0.69 10.59 -42.50
N ASN I 4984 0.31 11.12 -43.17
CA ASN I 4984 -0.03 11.73 -44.46
C ASN I 4984 -0.11 10.62 -45.48
N LEU I 4985 -0.71 10.90 -46.63
CA LEU I 4985 -0.88 9.86 -47.64
C LEU I 4985 0.25 9.90 -48.64
N ALA I 4986 0.49 11.06 -49.22
CA ALA I 4986 1.55 11.20 -50.19
C ALA I 4986 2.82 10.56 -49.69
N ASN I 4987 3.05 10.58 -48.40
CA ASN I 4987 4.30 10.05 -47.82
C ASN I 4987 4.34 8.53 -47.80
N TYR I 4988 3.21 7.88 -47.54
CA TYR I 4988 3.18 6.43 -47.58
C TYR I 4988 3.43 6.01 -48.99
N MET I 4989 3.57 6.98 -49.90
CA MET I 4989 3.91 6.65 -51.28
C MET I 4989 5.36 6.92 -51.62
N PHE I 4990 5.89 8.05 -51.19
CA PHE I 4990 7.28 8.37 -51.47
C PHE I 4990 8.18 7.36 -50.82
N PHE I 4991 7.71 6.68 -49.80
CA PHE I 4991 8.51 5.62 -49.19
C PHE I 4991 8.80 4.60 -50.25
N LEU I 4992 7.76 4.08 -50.87
CA LEU I 4992 7.93 3.06 -51.89
C LEU I 4992 9.02 3.50 -52.85
N MET I 4993 8.84 4.63 -53.52
CA MET I 4993 9.82 5.06 -54.50
C MET I 4993 11.19 5.13 -53.88
N TYR I 4994 11.26 5.52 -52.62
CA TYR I 4994 12.54 5.57 -51.92
C TYR I 4994 13.11 4.20 -51.84
N LEU I 4995 12.54 3.38 -50.98
CA LEU I 4995 13.04 2.03 -50.77
C LEU I 4995 13.38 1.33 -52.09
N ILE I 4996 12.65 1.63 -53.16
CA ILE I 4996 12.91 1.00 -54.46
C ILE I 4996 14.27 1.40 -54.99
N ASN I 4997 14.77 2.56 -54.58
CA ASN I 4997 16.07 3.03 -55.05
C ASN I 4997 17.19 2.65 -54.10
N LYS I 4998 16.96 2.81 -52.80
CA LYS I 4998 17.97 2.45 -51.81
C LYS I 4998 18.57 1.09 -52.18
N ASP I 4999 19.86 1.05 -52.46
CA ASP I 4999 20.50 -0.19 -52.91
C ASP I 4999 20.55 -1.30 -51.90
N GLU I 5000 19.41 -1.85 -51.54
CA GLU I 5000 19.36 -3.04 -50.66
C GLU I 5000 20.34 -3.11 -49.52
N THR I 5001 21.53 -3.66 -49.77
CA THR I 5001 22.51 -3.83 -48.70
C THR I 5001 22.58 -2.66 -47.72
N GLU I 5002 22.03 -1.51 -48.09
CA GLU I 5002 22.02 -0.38 -47.19
C GLU I 5002 20.62 -0.10 -46.66
N HIS I 5003 19.80 -1.13 -46.52
CA HIS I 5003 18.47 -0.94 -45.97
C HIS I 5003 18.60 -1.02 -44.48
N THR I 5004 17.88 -0.16 -43.75
CA THR I 5004 17.90 -0.22 -42.31
C THR I 5004 17.08 -1.38 -41.81
N GLY I 5005 16.61 -1.30 -40.59
CA GLY I 5005 15.87 -2.41 -40.04
C GLY I 5005 14.41 -2.34 -40.37
N GLN I 5006 13.83 -1.16 -40.21
CA GLN I 5006 12.43 -0.98 -40.49
C GLN I 5006 12.17 -0.97 -41.98
N GLU I 5007 13.08 -0.41 -42.76
CA GLU I 5007 12.93 -0.38 -44.21
C GLU I 5007 13.16 -1.73 -44.84
N SER I 5008 13.40 -2.76 -44.03
CA SER I 5008 13.55 -4.10 -44.57
C SER I 5008 12.42 -4.95 -44.07
N TYR I 5009 11.59 -4.43 -43.18
CA TYR I 5009 10.43 -5.17 -42.77
C TYR I 5009 9.39 -4.82 -43.79
N VAL I 5010 9.29 -3.54 -44.13
CA VAL I 5010 8.35 -3.10 -45.14
C VAL I 5010 8.66 -3.72 -46.49
N TRP I 5011 9.91 -3.64 -46.93
CA TRP I 5011 10.28 -4.19 -48.24
C TRP I 5011 9.82 -5.62 -48.36
N LYS I 5012 10.20 -6.49 -47.42
CA LYS I 5012 9.85 -7.91 -47.53
C LYS I 5012 8.37 -8.11 -47.49
N MET I 5013 7.64 -7.20 -46.86
CA MET I 5013 6.19 -7.27 -46.82
C MET I 5013 5.54 -6.73 -48.09
N TYR I 5014 6.28 -5.97 -48.88
CA TYR I 5014 5.75 -5.48 -50.14
C TYR I 5014 5.94 -6.55 -51.17
N GLN I 5015 7.09 -7.20 -51.15
CA GLN I 5015 7.39 -8.21 -52.15
C GLN I 5015 6.60 -9.49 -51.96
N GLU I 5016 5.85 -9.59 -50.86
CA GLU I 5016 5.06 -10.79 -50.60
C GLU I 5016 3.60 -10.45 -50.37
N ARG I 5017 3.22 -9.23 -50.70
CA ARG I 5017 1.83 -8.80 -50.54
C ARG I 5017 1.24 -9.13 -49.19
N CYS I 5018 1.70 -8.43 -48.15
CA CYS I 5018 1.15 -8.62 -46.82
C CYS I 5018 0.91 -7.27 -46.23
N TRP I 5019 -0.11 -6.57 -46.71
CA TRP I 5019 -0.34 -5.21 -46.26
C TRP I 5019 -0.84 -5.09 -44.83
N ASP I 5020 0.01 -5.40 -43.88
CA ASP I 5020 -0.35 -5.25 -42.47
C ASP I 5020 0.64 -4.36 -41.77
N PHE I 5021 1.37 -3.57 -42.53
CA PHE I 5021 2.32 -2.64 -41.94
C PHE I 5021 1.70 -1.26 -41.88
N PHE I 5022 0.47 -1.12 -42.37
CA PHE I 5022 -0.22 0.15 -42.31
C PHE I 5022 -0.85 0.27 -40.95
N PRO I 5023 -0.92 1.48 -40.38
CA PRO I 5023 -1.41 1.56 -39.01
C PRO I 5023 -2.74 0.83 -38.82
N ALA I 5024 -3.82 1.35 -39.38
CA ALA I 5024 -5.13 0.70 -39.27
C ALA I 5024 -5.55 0.42 -37.83
N GLY I 5025 -6.32 1.33 -37.26
CA GLY I 5025 -6.81 1.15 -35.90
C GLY I 5025 -6.06 1.90 -34.84
N ASP I 5026 -4.80 2.26 -35.09
CA ASP I 5026 -4.00 2.90 -34.05
C ASP I 5026 -3.13 4.04 -34.52
N CYS I 5027 -2.34 4.60 -33.60
CA CYS I 5027 -1.49 5.72 -33.95
C CYS I 5027 -0.64 6.12 -32.76
N PHE I 5028 0.61 6.48 -32.99
CA PHE I 5028 1.51 6.91 -31.93
C PHE I 5028 0.74 7.55 -30.80
N ARG I 5029 0.20 8.74 -31.04
CA ARG I 5029 -0.51 9.45 -29.99
C ARG I 5029 -1.28 8.49 -29.09
N LYS I 5030 -2.02 7.57 -29.70
CA LYS I 5030 -2.82 6.64 -28.91
C LYS I 5030 -1.94 5.70 -28.14
N GLN I 5031 -1.04 5.03 -28.84
CA GLN I 5031 -0.17 4.06 -28.18
C GLN I 5031 0.49 4.72 -27.00
N TYR I 5032 1.29 5.75 -27.22
CA TYR I 5032 2.01 6.35 -26.12
C TYR I 5032 1.18 7.45 -25.48
N GLU I 5033 -0.04 7.14 -25.10
CA GLU I 5033 -0.92 8.14 -24.49
C GLU I 5033 -0.38 8.65 -23.18
N ASP I 5034 -0.49 7.83 -22.14
CA ASP I 5034 -0.03 8.22 -20.81
C ASP I 5034 1.29 8.96 -20.85
N GLN I 5035 2.36 8.27 -21.24
CA GLN I 5035 3.68 8.88 -21.26
C GLN I 5035 3.59 10.34 -21.63
N LEU I 5036 3.18 10.63 -22.86
CA LEU I 5036 3.03 12.01 -23.28
C LEU I 5036 2.52 12.07 -24.70
N SER I 5037 3.12 11.28 -25.57
CA SER I 5037 2.71 11.27 -26.96
C SER I 5037 2.87 9.89 -27.55
N GLN J 12 31.89 8.75 -7.39
CA GLN J 12 31.91 7.76 -8.46
C GLN J 12 33.23 7.82 -9.22
N PHE J 13 33.53 8.97 -9.83
CA PHE J 13 34.80 9.15 -10.52
C PHE J 13 35.28 10.59 -10.31
N LEU J 14 36.58 10.78 -10.48
CA LEU J 14 37.17 12.10 -10.32
C LEU J 14 36.81 13.00 -11.50
N ARG J 15 36.65 14.29 -11.21
CA ARG J 15 36.27 15.28 -12.20
C ARG J 15 37.14 16.52 -11.99
N THR J 16 37.13 17.40 -12.98
CA THR J 16 37.85 18.66 -12.82
C THR J 16 37.14 19.54 -11.78
N ASP J 17 37.87 20.53 -11.28
CA ASP J 17 37.36 21.48 -10.29
C ASP J 17 36.88 20.78 -9.02
N ASP J 18 37.58 19.73 -8.62
CA ASP J 18 37.29 19.00 -7.40
C ASP J 18 38.43 19.16 -6.41
N GLU J 19 38.09 19.20 -5.13
CA GLU J 19 39.07 19.36 -4.06
C GLU J 19 39.35 18.02 -3.41
N VAL J 20 40.64 17.65 -3.34
CA VAL J 20 41.08 16.33 -2.93
C VAL J 20 42.35 16.47 -2.10
N VAL J 21 42.81 15.34 -1.56
CA VAL J 21 44.03 15.29 -0.75
C VAL J 21 44.82 14.04 -1.11
N LEU J 22 46.14 14.16 -1.09
CA LEU J 22 47.02 13.02 -1.30
C LEU J 22 47.10 12.19 -0.02
N GLN J 23 47.61 10.97 -0.17
CA GLN J 23 47.72 10.06 0.97
C GLN J 23 48.72 8.96 0.65
N CYS J 24 49.63 8.71 1.59
CA CYS J 24 50.58 7.61 1.50
C CYS J 24 50.61 6.87 2.82
N SER J 25 50.95 5.58 2.75
CA SER J 25 50.92 4.70 3.92
C SER J 25 52.27 3.99 4.04
N ALA J 26 53.01 4.32 5.09
CA ALA J 26 54.30 3.70 5.36
C ALA J 26 54.39 3.38 6.85
N THR J 27 54.55 2.10 7.17
CA THR J 27 54.66 1.68 8.56
C THR J 27 56.02 2.07 9.14
N VAL J 28 56.02 2.39 10.43
CA VAL J 28 57.23 2.77 11.15
C VAL J 28 57.48 1.87 12.35
N LEU J 29 56.49 1.70 13.22
CA LEU J 29 56.59 0.89 14.42
C LEU J 29 55.96 -0.49 14.22
N LYS J 30 56.13 -1.07 13.03
CA LYS J 30 55.48 -2.30 12.61
C LYS J 30 53.97 -2.17 12.53
N GLU J 31 53.45 -0.94 12.56
CA GLU J 31 52.04 -0.67 12.40
C GLU J 31 51.88 0.45 11.37
N GLN J 32 50.79 0.37 10.61
CA GLN J 32 50.58 1.32 9.51
C GLN J 32 50.32 2.72 10.04
N LEU J 33 50.97 3.70 9.44
CA LEU J 33 50.76 5.11 9.76
C LEU J 33 50.40 5.84 8.48
N LYS J 34 49.24 6.49 8.47
CA LYS J 34 48.82 7.27 7.31
C LYS J 34 49.49 8.62 7.31
N LEU J 35 50.06 8.99 6.16
CA LEU J 35 50.80 10.24 6.03
C LEU J 35 50.27 10.98 4.82
N CYS J 36 49.93 12.25 5.00
CA CYS J 36 49.47 13.10 3.92
C CYS J 36 50.51 14.16 3.61
N LEU J 37 50.29 14.89 2.52
CA LEU J 37 51.23 15.88 2.03
C LEU J 37 50.59 17.25 2.11
N ALA J 38 51.27 18.20 2.75
CA ALA J 38 50.73 19.53 2.92
C ALA J 38 51.86 20.52 3.17
N ALA J 39 51.57 21.79 2.92
CA ALA J 39 52.51 22.87 3.15
C ALA J 39 51.76 24.12 3.55
N GLU J 40 52.43 24.98 4.32
CA GLU J 40 51.75 26.15 4.87
C GLU J 40 51.58 27.27 3.85
N GLY J 41 52.50 27.42 2.91
CA GLY J 41 52.40 28.48 1.93
C GLY J 41 53.34 29.65 2.17
N PHE J 42 52.80 30.76 2.68
CA PHE J 42 53.59 31.98 2.87
C PHE J 42 54.67 31.81 3.92
N GLY J 43 55.93 31.78 3.50
CA GLY J 43 57.07 31.71 4.40
C GLY J 43 57.85 30.43 4.33
N ASN J 44 57.26 29.35 3.81
CA ASN J 44 57.96 28.08 3.66
C ASN J 44 57.57 27.48 2.31
N ARG J 45 58.42 27.68 1.31
CA ARG J 45 58.16 27.11 -0.01
C ARG J 45 58.30 25.59 -0.03
N LEU J 46 58.87 24.99 1.01
CA LEU J 46 59.03 23.55 1.06
C LEU J 46 57.74 22.88 1.52
N CYS J 47 57.72 21.55 1.46
CA CYS J 47 56.57 20.75 1.82
C CYS J 47 57.00 19.63 2.74
N PHE J 48 56.09 19.20 3.61
CA PHE J 48 56.39 18.20 4.63
C PHE J 48 55.20 17.26 4.77
N LEU J 49 55.28 16.37 5.76
CA LEU J 49 54.28 15.34 6.00
C LEU J 49 53.54 15.61 7.30
N GLU J 50 52.25 15.25 7.31
CA GLU J 50 51.40 15.44 8.48
C GLU J 50 50.78 14.10 8.88
N PRO J 51 51.18 13.51 10.00
CA PRO J 51 50.58 12.24 10.43
C PRO J 51 49.10 12.41 10.78
N THR J 52 48.31 11.42 10.40
CA THR J 52 46.86 11.42 10.67
C THR J 52 46.46 10.02 11.14
N SER J 53 47.20 9.48 12.10
CA SER J 53 46.96 8.12 12.57
C SER J 53 46.28 8.04 13.94
N ASN J 54 46.17 9.16 14.65
CA ASN J 54 45.58 9.17 15.99
C ASN J 54 44.47 10.20 16.06
N ALA J 55 43.56 10.15 15.10
CA ALA J 55 42.46 11.11 15.05
C ALA J 55 41.60 11.05 16.31
N GLN J 56 41.55 9.91 16.98
CA GLN J 56 40.77 9.79 18.20
C GLN J 56 41.35 10.60 19.35
N ASN J 57 42.64 10.92 19.29
CA ASN J 57 43.26 11.72 20.35
C ASN J 57 44.01 12.94 19.82
N VAL J 58 44.69 12.80 18.69
CA VAL J 58 45.46 13.89 18.09
C VAL J 58 44.65 14.46 16.93
N PRO J 59 44.20 15.71 17.01
CA PRO J 59 43.45 16.29 15.90
C PRO J 59 44.36 16.68 14.75
N PRO J 60 44.24 16.01 13.61
CA PRO J 60 45.09 16.36 12.47
C PRO J 60 44.71 17.71 11.87
N ASP J 61 45.72 18.40 11.34
CA ASP J 61 45.53 19.71 10.73
C ASP J 61 45.21 19.51 9.24
N LEU J 62 43.94 19.67 8.88
CA LEU J 62 43.51 19.54 7.50
C LEU J 62 43.18 20.88 6.86
N ALA J 63 43.58 21.99 7.47
CA ALA J 63 43.34 23.29 6.88
C ALA J 63 44.26 23.56 5.70
N ILE J 64 45.44 22.92 5.69
CA ILE J 64 46.44 23.14 4.65
C ILE J 64 46.66 21.92 3.78
N CYS J 65 45.97 20.81 4.05
CA CYS J 65 46.13 19.60 3.25
C CYS J 65 45.27 19.60 2.00
N CYS J 66 44.29 20.49 1.90
CA CYS J 66 43.37 20.48 0.78
C CYS J 66 44.06 20.91 -0.51
N PHE J 67 43.83 20.16 -1.58
CA PHE J 67 44.29 20.47 -2.92
C PHE J 67 43.08 20.58 -3.85
N THR J 68 43.33 20.86 -5.13
CA THR J 68 42.26 20.93 -6.10
C THR J 68 42.82 20.70 -7.50
N LEU J 69 42.00 20.10 -8.35
CA LEU J 69 42.38 19.80 -9.72
C LEU J 69 41.79 20.83 -10.67
N GLU J 70 42.64 21.45 -11.47
CA GLU J 70 42.23 22.53 -12.37
C GLU J 70 42.31 22.19 -13.84
N GLN J 71 43.32 21.42 -14.26
CA GLN J 71 43.51 21.13 -15.66
C GLN J 71 43.88 19.67 -15.82
N SER J 72 43.54 19.10 -16.98
CA SER J 72 43.91 17.73 -17.32
C SER J 72 44.00 17.63 -18.82
N LEU J 73 45.19 17.33 -19.33
CA LEU J 73 45.45 17.36 -20.76
C LEU J 73 46.33 16.18 -21.14
N SER J 74 46.28 15.81 -22.42
CA SER J 74 47.22 14.83 -22.94
C SER J 74 48.60 15.46 -23.10
N VAL J 75 49.61 14.59 -23.22
CA VAL J 75 50.99 15.07 -23.26
C VAL J 75 51.22 15.96 -24.47
N ARG J 76 50.46 15.69 -25.50
CA ARG J 76 50.69 16.47 -26.64
C ARG J 76 50.16 17.68 -26.50
N ALA J 77 48.94 17.70 -26.17
CA ALA J 77 48.24 18.96 -25.95
C ALA J 77 49.04 19.87 -25.04
N LEU J 78 49.62 19.31 -23.97
CA LEU J 78 50.46 20.09 -23.08
C LEU J 78 51.65 20.69 -23.82
N GLN J 79 52.34 19.87 -24.61
CA GLN J 79 53.56 20.35 -25.26
C GLN J 79 53.25 21.38 -26.34
N GLU J 80 52.09 21.28 -27.01
CA GLU J 80 51.76 22.31 -27.98
C GLU J 80 51.30 23.59 -27.29
N MET J 81 50.64 23.46 -26.13
CA MET J 81 50.28 24.65 -25.37
C MET J 81 51.51 25.36 -24.83
N LEU J 82 52.58 24.61 -24.54
CA LEU J 82 53.78 25.22 -23.98
C LEU J 82 54.37 26.27 -24.92
N ALA J 83 54.17 26.13 -26.22
CA ALA J 83 54.70 27.10 -27.17
C ALA J 83 53.84 28.34 -27.29
N ASN J 84 52.66 28.35 -26.68
CA ASN J 84 51.76 29.50 -26.76
C ASN J 84 51.26 29.89 -25.36
N GLY J 97 34.64 23.79 -18.60
CA GLY J 97 34.00 22.49 -18.72
C GLY J 97 34.34 21.56 -17.59
N HIS J 98 34.15 20.25 -17.81
CA HIS J 98 34.42 19.25 -16.79
C HIS J 98 34.83 17.96 -17.50
N ARG J 99 36.12 17.66 -17.47
CA ARG J 99 36.67 16.44 -18.04
C ARG J 99 36.89 15.40 -16.96
N THR J 100 37.05 14.15 -17.39
CA THR J 100 37.31 13.03 -16.50
C THR J 100 38.75 12.56 -16.68
N LEU J 101 39.40 12.24 -15.56
CA LEU J 101 40.80 11.84 -15.61
C LEU J 101 40.94 10.45 -16.21
N LEU J 102 42.00 10.27 -17.00
CA LEU J 102 42.40 8.97 -17.51
C LEU J 102 43.89 8.78 -17.30
N TYR J 103 44.31 7.53 -17.07
CA TYR J 103 45.71 7.24 -16.90
C TYR J 103 46.48 7.57 -18.17
N GLY J 104 47.61 8.24 -18.02
CA GLY J 104 48.42 8.71 -19.12
C GLY J 104 48.31 10.19 -19.38
N HIS J 105 47.28 10.85 -18.89
CA HIS J 105 47.14 12.29 -19.06
C HIS J 105 48.05 13.02 -18.08
N ALA J 106 48.14 14.33 -18.25
CA ALA J 106 48.88 15.20 -17.35
C ALA J 106 47.93 15.76 -16.31
N ILE J 107 48.46 16.59 -15.40
CA ILE J 107 47.66 17.15 -14.32
C ILE J 107 48.31 18.44 -13.84
N LEU J 108 47.51 19.31 -13.24
CA LEU J 108 47.98 20.57 -12.66
C LEU J 108 47.39 20.68 -11.26
N LEU J 109 48.19 20.34 -10.25
CA LEU J 109 47.73 20.48 -8.88
C LEU J 109 47.65 21.95 -8.52
N ARG J 110 46.90 22.25 -7.46
CA ARG J 110 46.75 23.63 -7.01
C ARG J 110 46.37 23.62 -5.53
N HIS J 111 47.24 24.19 -4.69
CA HIS J 111 46.94 24.24 -3.27
C HIS J 111 45.78 25.20 -3.03
N ALA J 112 44.77 24.72 -2.28
CA ALA J 112 43.52 25.46 -2.18
C ALA J 112 43.68 26.74 -1.37
N HIS J 113 44.35 26.67 -0.22
CA HIS J 113 44.36 27.79 0.71
C HIS J 113 45.28 28.91 0.21
N SER J 114 46.56 28.61 0.00
CA SER J 114 47.51 29.64 -0.41
C SER J 114 47.38 30.01 -1.87
N ARG J 115 46.65 29.22 -2.66
CA ARG J 115 46.42 29.49 -4.09
C ARG J 115 47.74 29.52 -4.85
N MET J 116 48.60 28.54 -4.59
CA MET J 116 49.86 28.41 -5.29
C MET J 116 49.94 27.02 -5.89
N TYR J 117 50.65 26.92 -7.02
CA TYR J 117 50.69 25.70 -7.79
C TYR J 117 51.83 24.80 -7.32
N LEU J 118 51.51 23.54 -7.06
CA LEU J 118 52.52 22.56 -6.68
C LEU J 118 53.46 22.28 -7.85
N SER J 119 54.76 22.17 -7.56
CA SER J 119 55.76 21.99 -8.61
C SER J 119 56.95 21.25 -8.01
N CYS J 120 58.07 21.30 -8.73
CA CYS J 120 59.32 20.68 -8.27
C CYS J 120 60.46 21.67 -8.49
N LEU J 121 61.23 21.91 -7.44
CA LEU J 121 62.29 22.91 -7.49
C LEU J 121 63.61 22.25 -7.91
N THR J 122 64.68 23.03 -7.94
CA THR J 122 65.99 22.57 -8.36
C THR J 122 67.04 22.84 -7.29
N THR J 123 66.65 22.70 -6.03
CA THR J 123 67.55 22.91 -4.91
C THR J 123 68.13 21.58 -4.44
N SER J 124 69.05 21.65 -3.50
CA SER J 124 69.73 20.47 -2.97
C SER J 124 69.40 20.33 -1.49
N ARG J 125 69.05 19.12 -1.07
CA ARG J 125 68.72 18.87 0.32
C ARG J 125 68.45 17.38 0.50
N SER J 126 68.05 16.98 1.71
CA SER J 126 67.71 15.58 1.98
C SER J 126 68.89 14.62 1.96
N MET J 127 68.85 13.62 2.82
CA MET J 127 69.92 12.62 2.86
C MET J 127 70.08 12.01 1.48
N THR J 128 68.97 11.54 0.91
CA THR J 128 69.01 10.94 -0.43
C THR J 128 69.84 11.80 -1.36
N ASP J 129 69.66 13.11 -1.28
CA ASP J 129 70.41 14.02 -2.14
C ASP J 129 70.47 13.45 -3.53
N LYS J 130 71.69 13.27 -4.06
CA LYS J 130 71.84 12.76 -5.41
C LYS J 130 70.91 13.52 -6.34
N LEU J 131 69.95 12.81 -6.94
CA LEU J 131 69.00 13.47 -7.82
C LEU J 131 67.72 13.78 -7.05
N ALA J 132 67.87 14.12 -5.77
CA ALA J 132 66.70 14.36 -4.95
C ALA J 132 65.76 15.39 -5.58
N PHE J 133 66.22 16.63 -5.71
CA PHE J 133 65.40 17.74 -6.22
C PHE J 133 64.12 17.88 -5.39
N ASP J 134 64.33 18.28 -4.14
CA ASP J 134 63.25 18.38 -3.17
C ASP J 134 62.06 19.17 -3.73
N VAL J 135 60.86 18.80 -3.28
CA VAL J 135 59.63 19.35 -3.82
C VAL J 135 59.39 20.75 -3.25
N GLY J 136 58.69 21.57 -4.02
CA GLY J 136 58.31 22.89 -3.57
C GLY J 136 57.34 23.52 -4.54
N LEU J 137 56.56 24.48 -4.02
CA LEU J 137 55.53 25.18 -4.79
C LEU J 137 55.78 26.67 -4.69
N GLN J 138 55.93 27.35 -5.83
CA GLN J 138 56.20 28.79 -5.80
C GLN J 138 55.12 29.62 -6.46
N GLU J 139 54.99 29.61 -7.80
CA GLU J 139 53.93 30.36 -8.46
C GLU J 139 53.61 29.73 -9.81
N ASP J 140 54.25 28.60 -10.13
CA ASP J 140 54.62 28.29 -11.51
C ASP J 140 53.39 28.02 -12.36
N ALA J 141 52.67 29.10 -12.68
CA ALA J 141 51.63 29.02 -13.70
C ALA J 141 52.25 28.73 -15.06
N THR J 142 53.44 29.29 -15.32
CA THR J 142 54.16 28.99 -16.55
C THR J 142 54.50 27.51 -16.61
N GLY J 143 54.10 26.87 -17.71
CA GLY J 143 54.15 25.43 -17.80
C GLY J 143 55.49 24.83 -18.19
N GLU J 144 56.40 24.75 -17.25
CA GLU J 144 57.63 24.02 -17.56
C GLU J 144 57.92 22.90 -16.58
N ALA J 145 57.65 23.10 -15.29
CA ALA J 145 57.94 22.08 -14.28
C ALA J 145 56.80 21.92 -13.30
N CYS J 146 55.60 22.37 -13.63
CA CYS J 146 54.46 22.36 -12.72
C CYS J 146 53.43 21.30 -13.10
N TRP J 147 53.82 20.31 -13.89
CA TRP J 147 52.89 19.33 -14.42
C TRP J 147 53.36 17.92 -14.07
N TRP J 148 52.42 17.02 -13.88
CA TRP J 148 52.70 15.63 -13.58
C TRP J 148 51.86 14.72 -14.47
N THR J 149 52.43 13.58 -14.82
CA THR J 149 51.71 12.51 -15.49
C THR J 149 51.57 11.34 -14.53
N MET J 150 50.42 10.68 -14.57
CA MET J 150 50.09 9.60 -13.66
C MET J 150 49.98 8.30 -14.42
N HIS J 151 50.47 7.22 -13.83
CA HIS J 151 50.42 5.91 -14.43
C HIS J 151 49.81 4.92 -13.45
N PRO J 152 49.13 3.89 -13.95
CA PRO J 152 48.62 2.85 -13.06
C PRO J 152 49.75 2.07 -12.42
N ALA J 153 49.48 1.56 -11.22
CA ALA J 153 50.51 0.85 -10.47
C ALA J 153 50.66 -0.59 -10.94
N SER J 154 49.59 -1.37 -10.84
CA SER J 154 49.63 -2.79 -11.14
C SER J 154 49.15 -3.06 -12.56
N LYS J 155 49.30 -4.32 -12.99
CA LYS J 155 48.95 -4.74 -14.34
C LYS J 155 47.44 -4.82 -14.56
N GLN J 156 46.62 -4.70 -13.52
CA GLN J 156 45.18 -4.76 -13.70
C GLN J 156 44.66 -3.62 -14.56
N ARG J 157 45.24 -2.43 -14.42
CA ARG J 157 44.80 -1.27 -15.16
C ARG J 157 45.66 -1.09 -16.41
N SER J 158 45.29 -0.10 -17.22
CA SER J 158 45.99 0.17 -18.47
C SER J 158 45.75 1.63 -18.85
N GLU J 159 46.42 2.08 -19.90
CA GLU J 159 46.29 3.46 -20.32
C GLU J 159 44.91 3.70 -20.94
N GLY J 160 44.49 4.96 -20.93
CA GLY J 160 43.21 5.32 -21.49
C GLY J 160 42.02 4.77 -20.74
N GLU J 161 42.18 4.43 -19.46
CA GLU J 161 41.09 3.91 -18.64
C GLU J 161 40.63 4.97 -17.65
N LYS J 162 39.34 4.95 -17.35
CA LYS J 162 38.79 5.89 -16.40
C LYS J 162 39.33 5.60 -15.00
N VAL J 163 39.45 6.64 -14.18
CA VAL J 163 40.12 6.57 -12.90
C VAL J 163 39.09 6.28 -11.82
N ARG J 164 39.10 5.04 -11.32
CA ARG J 164 38.22 4.65 -10.23
C ARG J 164 38.59 5.41 -8.96
N VAL J 165 37.57 5.83 -8.21
CA VAL J 165 37.81 6.53 -6.96
C VAL J 165 38.51 5.60 -5.99
N GLY J 166 39.58 6.08 -5.37
CA GLY J 166 40.33 5.29 -4.42
C GLY J 166 41.34 4.35 -5.03
N ASP J 167 41.81 4.63 -6.24
CA ASP J 167 42.83 3.81 -6.87
C ASP J 167 44.20 4.13 -6.28
N ASP J 168 45.24 3.51 -6.84
CA ASP J 168 46.63 3.77 -6.47
C ASP J 168 47.35 4.34 -7.68
N LEU J 169 48.00 5.48 -7.49
CA LEU J 169 48.64 6.20 -8.59
C LEU J 169 50.15 6.27 -8.38
N ILE J 170 50.85 6.40 -9.50
CA ILE J 170 52.28 6.72 -9.51
C ILE J 170 52.43 8.00 -10.31
N LEU J 171 53.06 9.00 -9.72
CA LEU J 171 53.17 10.32 -10.32
C LEU J 171 54.61 10.59 -10.75
N VAL J 172 54.76 11.16 -11.93
CA VAL J 172 56.06 11.43 -12.53
C VAL J 172 56.09 12.88 -12.98
N SER J 173 57.20 13.57 -12.68
CA SER J 173 57.36 14.94 -13.13
C SER J 173 57.52 14.99 -14.64
N VAL J 174 56.83 15.95 -15.27
CA VAL J 174 56.96 16.09 -16.73
C VAL J 174 58.34 16.60 -17.10
N SER J 175 58.87 17.54 -16.32
CA SER J 175 60.13 18.18 -16.68
C SER J 175 61.34 17.33 -16.29
N SER J 176 61.47 16.99 -15.01
CA SER J 176 62.65 16.30 -14.52
C SER J 176 62.59 14.80 -14.74
N GLU J 177 61.39 14.22 -14.83
CA GLU J 177 61.20 12.79 -15.08
C GLU J 177 61.68 11.95 -13.90
N ARG J 178 61.22 12.30 -12.70
CA ARG J 178 61.52 11.55 -11.49
C ARG J 178 60.23 11.25 -10.74
N TYR J 179 60.10 10.03 -10.24
CA TYR J 179 58.97 9.70 -9.37
C TYR J 179 59.05 10.48 -8.07
N LEU J 180 57.89 10.96 -7.61
CA LEU J 180 57.82 11.64 -6.32
C LEU J 180 58.06 10.60 -5.24
N HIS J 181 59.24 10.62 -4.65
CA HIS J 181 59.70 9.56 -3.76
C HIS J 181 59.50 9.95 -2.30
N LEU J 182 58.88 9.05 -1.54
CA LEU J 182 58.86 9.15 -0.07
C LEU J 182 60.21 8.64 0.43
N SER J 183 61.19 9.54 0.48
CA SER J 183 62.57 9.17 0.80
C SER J 183 62.78 9.29 2.30
N THR J 184 62.75 8.15 2.99
CA THR J 184 63.10 8.09 4.40
C THR J 184 64.60 7.90 4.56
N ALA J 185 65.12 8.39 5.67
CA ALA J 185 66.56 8.36 5.91
C ALA J 185 66.80 8.23 7.41
N SER J 186 68.02 8.54 7.87
CA SER J 186 68.34 8.45 9.28
C SER J 186 67.45 9.38 10.11
N GLY J 187 67.15 10.57 9.59
CA GLY J 187 66.30 11.50 10.29
C GLY J 187 64.83 11.14 10.18
N GLU J 188 63.97 12.15 10.08
CA GLU J 188 62.54 11.92 9.95
C GLU J 188 62.22 11.56 8.50
N LEU J 189 60.93 11.52 8.16
CA LEU J 189 60.50 11.16 6.82
C LEU J 189 60.40 12.41 5.96
N GLN J 190 61.05 12.37 4.80
CA GLN J 190 61.10 13.48 3.87
C GLN J 190 60.55 13.07 2.52
N VAL J 191 60.16 14.05 1.72
CA VAL J 191 59.58 13.82 0.41
C VAL J 191 60.43 14.54 -0.64
N ASP J 192 60.74 13.84 -1.71
CA ASP J 192 61.48 14.38 -2.84
C ASP J 192 61.16 13.52 -4.06
N ALA J 193 61.93 13.69 -5.13
CA ALA J 193 61.75 12.87 -6.35
C ALA J 193 63.11 12.36 -6.81
N SER J 194 63.56 11.24 -6.23
CA SER J 194 64.90 10.77 -6.57
C SER J 194 64.95 9.36 -7.14
N PHE J 195 64.51 8.32 -6.41
CA PHE J 195 64.95 6.97 -6.73
C PHE J 195 63.84 6.03 -7.17
N MET J 196 62.81 5.76 -6.35
CA MET J 196 61.81 4.79 -6.76
C MET J 196 60.37 5.27 -6.61
N GLN J 197 59.44 4.33 -6.74
CA GLN J 197 58.02 4.60 -6.74
C GLN J 197 57.52 4.96 -5.35
N THR J 198 56.31 5.51 -5.30
CA THR J 198 55.64 5.80 -4.04
C THR J 198 54.14 5.69 -4.30
N LEU J 199 53.51 4.70 -3.67
CA LEU J 199 52.09 4.44 -3.90
C LEU J 199 51.26 5.52 -3.22
N TRP J 200 50.60 6.36 -4.02
CA TRP J 200 49.75 7.42 -3.52
C TRP J 200 48.28 7.06 -3.75
N ASN J 201 47.49 7.10 -2.69
CA ASN J 201 46.06 6.86 -2.76
C ASN J 201 45.32 8.19 -2.71
N MET J 202 44.41 8.39 -3.66
CA MET J 202 43.69 9.64 -3.74
C MET J 202 42.55 9.65 -2.72
N ASN J 203 41.94 10.82 -2.54
CA ASN J 203 40.87 10.91 -1.55
C ASN J 203 39.92 12.05 -1.87
N PRO J 204 38.66 11.76 -2.17
CA PRO J 204 37.71 12.82 -2.54
C PRO J 204 37.20 13.62 -1.34
N ILE J 205 37.95 14.66 -0.95
CA ILE J 205 37.53 15.50 0.17
C ILE J 205 36.13 16.06 -0.06
N CYS J 206 35.87 16.57 -1.25
CA CYS J 206 34.56 17.16 -1.56
C CYS J 206 34.46 17.30 -3.09
N SER J 207 33.36 17.90 -3.54
CA SER J 207 33.07 18.09 -4.95
C SER J 207 32.25 19.37 -5.09
N CYS J 208 31.58 19.53 -6.23
CA CYS J 208 30.81 20.74 -6.50
C CYS J 208 29.56 20.74 -5.62
N CYS J 209 29.63 21.44 -4.49
CA CYS J 209 28.54 21.47 -3.53
C CYS J 209 27.40 22.33 -4.03
N GLU J 210 26.29 22.29 -3.29
CA GLU J 210 25.10 23.07 -3.61
C GLU J 210 25.18 24.44 -2.94
N GLU J 211 24.64 25.44 -3.63
CA GLU J 211 24.67 26.80 -3.12
C GLU J 211 23.72 26.98 -1.94
N GLY J 212 24.13 27.82 -1.00
CA GLY J 212 23.26 28.17 0.11
C GLY J 212 23.08 27.10 1.16
N TYR J 213 24.02 26.15 1.26
CA TYR J 213 23.93 25.07 2.23
C TYR J 213 25.27 24.92 2.93
N VAL J 214 25.21 24.62 4.23
CA VAL J 214 26.43 24.51 5.04
C VAL J 214 27.17 23.24 4.68
N THR J 215 28.48 23.35 4.48
CA THR J 215 29.35 22.22 4.22
C THR J 215 30.50 22.24 5.21
N GLY J 216 31.12 21.08 5.41
CA GLY J 216 32.25 21.00 6.30
C GLY J 216 33.46 21.75 5.77
N GLY J 217 34.34 22.13 6.69
CA GLY J 217 35.56 22.80 6.32
C GLY J 217 35.44 24.27 5.99
N HIS J 218 34.33 24.91 6.34
CA HIS J 218 34.15 26.33 6.09
C HIS J 218 34.57 27.16 7.30
N VAL J 219 34.85 28.43 7.04
CA VAL J 219 35.21 29.39 8.09
C VAL J 219 34.14 30.46 8.11
N LEU J 220 33.49 30.64 9.26
CA LEU J 220 32.25 31.39 9.29
C LEU J 220 31.93 31.78 10.73
N ARG J 221 30.98 32.70 10.88
CA ARG J 221 30.65 33.34 12.14
C ARG J 221 29.37 32.77 12.73
N LEU J 222 29.18 33.03 14.02
CA LEU J 222 28.08 32.48 14.81
C LEU J 222 27.28 33.62 15.44
N PHE J 223 26.28 34.13 14.73
CA PHE J 223 25.36 35.07 15.37
C PHE J 223 24.44 34.37 16.35
N HIS J 224 23.98 35.15 17.33
CA HIS J 224 22.98 34.74 18.29
C HIS J 224 21.90 35.83 18.35
N GLY J 225 20.70 35.42 18.74
CA GLY J 225 19.62 36.37 18.87
C GLY J 225 18.99 36.71 17.54
N HIS J 226 18.66 37.99 17.33
CA HIS J 226 17.88 38.41 16.17
C HIS J 226 18.70 39.22 15.17
N MET J 227 19.34 40.31 15.61
CA MET J 227 19.94 41.26 14.68
C MET J 227 21.46 41.34 14.83
N ASP J 228 21.96 41.75 15.99
CA ASP J 228 23.38 42.05 16.18
C ASP J 228 23.86 41.45 17.50
N GLU J 229 24.35 40.22 17.43
CA GLU J 229 24.95 39.53 18.56
C GLU J 229 25.63 38.29 18.03
N CYS J 230 26.82 37.99 18.54
CA CYS J 230 27.59 36.87 18.00
C CYS J 230 28.54 36.32 19.06
N LEU J 231 28.96 35.08 18.83
CA LEU J 231 29.95 34.45 19.69
C LEU J 231 31.32 35.09 19.48
N THR J 232 32.15 35.02 20.51
CA THR J 232 33.47 35.63 20.47
C THR J 232 34.29 35.09 21.65
N ILE J 233 35.53 35.57 21.74
CA ILE J 233 36.47 35.22 22.79
C ILE J 233 36.96 36.55 23.39
N SER J 234 37.76 36.47 24.44
CA SER J 234 38.31 37.67 25.06
C SER J 234 39.25 38.39 24.09
N ALA J 235 39.46 39.67 24.36
CA ALA J 235 40.26 40.51 23.49
C ALA J 235 41.74 40.19 23.63
N ALA J 236 42.55 40.87 22.81
CA ALA J 236 43.99 40.66 22.80
C ALA J 236 44.65 41.36 23.98
N ASP J 237 45.94 41.03 24.19
CA ASP J 237 46.76 41.63 25.23
C ASP J 237 46.15 41.43 26.62
N SER J 238 46.02 40.16 27.00
CA SER J 238 45.48 39.81 28.31
C SER J 238 46.12 38.50 28.76
N ASP J 239 46.12 38.30 30.08
CA ASP J 239 46.71 37.11 30.68
C ASP J 239 45.73 35.95 30.80
N ASP J 240 44.49 36.12 30.35
CA ASP J 240 43.48 35.07 30.46
C ASP J 240 43.79 33.86 29.58
N GLN J 241 44.75 33.98 28.66
CA GLN J 241 45.17 32.90 27.77
C GLN J 241 44.05 32.42 26.85
N ARG J 242 43.03 33.26 26.64
CA ARG J 242 41.92 32.97 25.74
C ARG J 242 41.27 31.64 26.07
N ARG J 243 40.73 31.55 27.29
CA ARG J 243 40.15 30.31 27.79
C ARG J 243 38.66 30.41 28.07
N LEU J 244 38.02 31.52 27.74
CA LEU J 244 36.63 31.74 28.08
C LEU J 244 35.85 32.19 26.86
N VAL J 245 34.56 31.87 26.82
CA VAL J 245 33.70 32.14 25.67
C VAL J 245 32.68 33.21 26.08
N TYR J 246 32.42 34.15 25.17
CA TYR J 246 31.56 35.29 25.48
C TYR J 246 30.65 35.61 24.30
N TYR J 247 29.84 36.64 24.48
CA TYR J 247 28.93 37.15 23.47
C TYR J 247 29.19 38.63 23.25
N GLU J 248 28.94 39.13 22.05
CA GLU J 248 29.24 40.52 21.73
C GLU J 248 28.36 41.00 20.59
N GLY J 249 28.03 42.30 20.61
CA GLY J 249 27.18 42.90 19.61
C GLY J 249 27.89 43.26 18.31
N GLY J 250 27.51 44.39 17.72
CA GLY J 250 28.04 44.78 16.42
C GLY J 250 29.35 45.52 16.48
N ALA J 251 30.31 44.97 17.22
CA ALA J 251 31.66 45.51 17.28
C ALA J 251 32.69 44.52 16.75
N VAL J 252 32.65 43.26 17.20
CA VAL J 252 33.58 42.25 16.73
C VAL J 252 33.07 41.56 15.47
N CYS J 253 31.87 41.91 15.00
CA CYS J 253 31.29 41.25 13.83
C CYS J 253 32.10 41.45 12.56
N THR J 254 32.98 42.45 12.53
CA THR J 254 33.89 42.65 11.42
C THR J 254 35.35 42.37 11.81
N HIS J 255 35.56 41.41 12.73
CA HIS J 255 36.88 41.15 13.27
C HIS J 255 37.19 39.67 13.17
N ALA J 256 38.49 39.35 13.18
CA ALA J 256 38.93 37.97 13.03
C ALA J 256 38.70 37.15 14.30
N ARG J 257 38.39 37.80 15.42
CA ARG J 257 38.22 37.07 16.67
C ARG J 257 37.01 36.16 16.63
N SER J 258 35.92 36.59 15.99
CA SER J 258 34.67 35.85 15.97
C SER J 258 34.57 34.83 14.85
N LEU J 259 35.68 34.38 14.27
CA LEU J 259 35.65 33.43 13.17
C LEU J 259 35.87 32.01 13.70
N TRP J 260 35.03 31.08 13.24
CA TRP J 260 35.07 29.70 13.67
C TRP J 260 35.12 28.77 12.46
N ARG J 261 35.76 27.61 12.64
CA ARG J 261 35.87 26.58 11.62
C ARG J 261 35.30 25.28 12.14
N LEU J 262 34.54 24.60 11.30
CA LEU J 262 33.92 23.32 11.64
C LEU J 262 34.71 22.19 11.01
N GLU J 263 35.10 21.22 11.81
CA GLU J 263 35.91 20.10 11.36
C GLU J 263 35.22 18.79 11.72
N PRO J 264 34.59 18.11 10.77
CA PRO J 264 33.95 16.83 11.07
C PRO J 264 34.99 15.75 11.36
N LEU J 265 34.51 14.66 11.96
CA LEU J 265 35.41 13.63 12.46
C LEU J 265 35.91 12.68 11.36
N ARG J 266 35.27 12.66 10.20
CA ARG J 266 35.70 11.76 9.15
C ARG J 266 36.94 12.29 8.44
N ILE J 267 37.64 11.39 7.76
CA ILE J 267 38.80 11.77 6.95
C ILE J 267 38.40 12.02 5.51
N SER J 268 37.46 11.25 4.97
CA SER J 268 36.97 11.42 3.62
C SER J 268 35.60 12.08 3.63
N TRP J 269 35.31 12.82 2.56
CA TRP J 269 34.03 13.52 2.40
C TRP J 269 33.77 14.49 3.54
N SER J 270 34.84 15.04 4.12
CA SER J 270 34.68 16.00 5.20
C SER J 270 34.02 17.29 4.72
N GLY J 271 34.15 17.61 3.45
CA GLY J 271 33.56 18.81 2.88
C GLY J 271 32.13 18.64 2.40
N SER J 272 31.51 17.49 2.65
CA SER J 272 30.15 17.23 2.20
C SER J 272 29.16 18.17 2.90
N HIS J 273 27.91 18.13 2.44
CA HIS J 273 26.87 18.92 3.07
C HIS J 273 26.67 18.51 4.52
N LEU J 274 26.42 19.49 5.37
CA LEU J 274 26.25 19.25 6.80
C LEU J 274 24.77 19.02 7.09
N ARG J 275 24.48 17.96 7.84
CA ARG J 275 23.12 17.52 8.09
C ARG J 275 22.90 17.35 9.60
N TRP J 276 21.62 17.35 9.99
CA TRP J 276 21.27 17.22 11.39
C TRP J 276 21.73 15.89 11.95
N GLY J 277 22.14 15.90 13.22
CA GLY J 277 22.60 14.69 13.85
C GLY J 277 23.91 14.18 13.30
N GLN J 278 24.98 14.95 13.49
CA GLN J 278 26.29 14.59 12.97
C GLN J 278 27.37 15.16 13.87
N PRO J 279 28.17 14.31 14.51
CA PRO J 279 29.21 14.81 15.41
C PRO J 279 30.27 15.59 14.64
N LEU J 280 30.81 16.61 15.30
CA LEU J 280 31.78 17.50 14.67
C LEU J 280 32.50 18.28 15.75
N ARG J 281 33.61 18.91 15.36
CA ARG J 281 34.43 19.72 16.25
C ARG J 281 34.32 21.18 15.85
N ILE J 282 34.77 22.06 16.75
CA ILE J 282 34.78 23.50 16.51
C ILE J 282 36.18 24.02 16.77
N ARG J 283 36.70 24.81 15.82
CA ARG J 283 38.06 25.33 15.90
C ARG J 283 38.03 26.86 15.76
N HIS J 284 38.81 27.53 16.59
CA HIS J 284 39.04 28.96 16.45
C HIS J 284 40.21 29.18 15.51
N VAL J 285 40.05 30.09 14.55
CA VAL J 285 40.99 30.17 13.44
C VAL J 285 42.28 30.86 13.86
N THR J 286 42.19 32.08 14.40
CA THR J 286 43.40 32.81 14.75
C THR J 286 44.04 32.27 16.02
N THR J 287 43.23 31.77 16.96
CA THR J 287 43.78 31.17 18.16
C THR J 287 44.38 29.79 17.88
N GLY J 288 43.85 29.10 16.87
CA GLY J 288 44.32 27.75 16.59
C GLY J 288 43.98 26.75 17.66
N ARG J 289 42.78 26.84 18.24
CA ARG J 289 42.38 26.01 19.35
C ARG J 289 40.93 25.57 19.18
N TYR J 290 40.57 24.48 19.86
CA TYR J 290 39.21 23.98 19.85
C TYR J 290 38.47 24.43 21.10
N LEU J 291 37.22 23.96 21.23
CA LEU J 291 36.36 24.28 22.36
C LEU J 291 35.93 22.98 23.04
N ALA J 292 36.01 22.97 24.37
CA ALA J 292 35.75 21.75 25.11
C ALA J 292 35.37 22.07 26.55
N LEU J 293 34.79 21.07 27.21
CA LEU J 293 34.47 21.12 28.64
C LEU J 293 34.98 19.81 29.24
N THR J 294 36.15 19.86 29.88
CA THR J 294 36.82 18.61 30.25
C THR J 294 36.21 17.99 31.51
N GLU J 295 36.39 18.64 32.67
CA GLU J 295 35.71 18.10 33.84
C GLU J 295 35.00 19.15 34.69
N ASP J 296 35.64 20.29 34.94
CA ASP J 296 35.06 21.30 35.83
C ASP J 296 35.28 22.73 35.40
N GLN J 297 36.18 23.03 34.47
CA GLN J 297 36.59 24.39 34.22
C GLN J 297 35.57 25.16 33.38
N GLY J 298 34.60 24.49 32.76
CA GLY J 298 33.63 25.14 31.92
C GLY J 298 33.94 24.99 30.46
N LEU J 299 33.19 25.75 29.64
CA LEU J 299 33.38 25.76 28.19
C LEU J 299 34.66 26.52 27.89
N VAL J 300 35.77 25.83 28.03
CA VAL J 300 37.09 26.43 27.91
C VAL J 300 37.67 26.13 26.53
N VAL J 301 38.36 27.11 25.95
CA VAL J 301 38.99 26.96 24.65
C VAL J 301 40.27 26.14 24.86
N VAL J 302 40.19 24.83 24.60
CA VAL J 302 41.32 23.94 24.82
C VAL J 302 42.23 23.95 23.60
N ASP J 303 43.49 23.56 23.82
CA ASP J 303 44.47 23.54 22.75
C ASP J 303 44.19 22.37 21.79
N ALA J 304 45.09 22.21 20.83
CA ALA J 304 45.00 21.12 19.85
C ALA J 304 45.74 19.87 20.30
N CYS J 305 45.94 19.70 21.61
CA CYS J 305 46.61 18.52 22.13
C CYS J 305 45.82 17.81 23.22
N LYS J 306 44.70 18.37 23.68
CA LYS J 306 43.86 17.77 24.72
C LYS J 306 42.41 17.76 24.26
N ALA J 307 42.17 17.33 23.03
CA ALA J 307 40.85 17.34 22.41
C ALA J 307 40.52 15.96 21.84
N HIS J 308 40.65 14.93 22.68
CA HIS J 308 40.55 13.55 22.22
C HIS J 308 39.10 13.13 22.01
N THR J 309 38.38 13.85 21.15
CA THR J 309 37.08 13.50 20.54
C THR J 309 36.01 13.24 21.60
N LYS J 310 36.35 13.41 22.87
CA LYS J 310 35.40 13.28 23.96
C LYS J 310 35.13 14.60 24.68
N ALA J 311 36.15 15.44 24.82
CA ALA J 311 35.94 16.76 25.41
C ALA J 311 35.23 17.70 24.44
N THR J 312 35.48 17.57 23.14
CA THR J 312 34.82 18.46 22.18
C THR J 312 33.42 17.96 21.85
N SER J 313 33.33 16.83 21.15
CA SER J 313 32.10 16.08 20.94
C SER J 313 30.83 16.93 20.78
N PHE J 314 30.80 17.82 19.80
CA PHE J 314 29.62 18.64 19.57
C PHE J 314 28.81 18.13 18.39
N CYS J 315 27.55 18.54 18.34
CA CYS J 315 26.64 18.20 17.26
C CYS J 315 25.51 19.22 17.24
N PHE J 316 24.68 19.16 16.20
CA PHE J 316 23.54 20.05 16.05
C PHE J 316 22.24 19.26 16.16
N ARG J 317 21.24 19.89 16.76
CA ARG J 317 19.94 19.29 16.94
C ARG J 317 18.87 20.24 16.41
N VAL J 318 17.79 19.68 15.87
CA VAL J 318 16.75 20.49 15.24
C VAL J 318 16.07 21.38 16.27
N SER J 319 15.66 20.79 17.40
CA SER J 319 14.93 21.52 18.44
C SER J 319 15.26 20.89 19.79
N LYS J 320 14.50 21.26 20.81
CA LYS J 320 14.68 20.68 22.13
C LYS J 320 13.56 19.69 22.45
N VAL J 331 27.21 7.67 4.34
CA VAL J 331 27.02 8.24 3.01
C VAL J 331 28.37 8.51 2.36
N GLU J 332 28.64 7.83 1.26
CA GLU J 332 29.88 8.00 0.50
C GLU J 332 29.70 8.97 -0.66
N GLY J 333 28.75 9.89 -0.57
CA GLY J 333 28.54 10.88 -1.61
C GLY J 333 28.49 12.29 -1.07
N MET J 334 27.88 13.20 -1.83
CA MET J 334 27.77 14.58 -1.37
C MET J 334 26.83 14.72 -0.19
N GLY J 335 25.76 13.92 -0.15
CA GLY J 335 24.82 13.97 0.95
C GLY J 335 23.68 14.94 0.69
N PRO J 336 22.60 14.81 1.45
CA PRO J 336 21.44 15.69 1.28
C PRO J 336 21.69 17.05 1.88
N PRO J 337 21.56 18.12 1.10
CA PRO J 337 21.76 19.48 1.63
C PRO J 337 20.56 19.94 2.45
N GLU J 338 20.79 20.17 3.74
CA GLU J 338 19.72 20.54 4.66
C GLU J 338 19.92 21.89 5.32
N ILE J 339 21.07 22.10 5.96
CA ILE J 339 21.27 23.27 6.80
C ILE J 339 21.61 24.48 5.93
N LYS J 340 20.77 25.51 5.99
CA LYS J 340 20.93 26.70 5.17
C LYS J 340 21.78 27.76 5.89
N TYR J 341 22.01 28.87 5.20
CA TYR J 341 22.69 30.04 5.76
C TYR J 341 21.65 31.03 6.28
N GLY J 342 21.80 31.41 7.55
CA GLY J 342 21.08 32.55 8.09
C GLY J 342 19.71 32.24 8.65
N GLU J 343 19.15 31.07 8.36
CA GLU J 343 17.80 30.76 8.83
C GLU J 343 17.65 29.31 9.30
N SER J 344 18.74 28.55 9.38
CA SER J 344 18.63 27.15 9.80
C SER J 344 18.23 27.01 11.26
N LEU J 345 18.63 27.98 12.10
CA LEU J 345 18.24 28.02 13.51
C LEU J 345 18.65 26.75 14.25
N CYS J 346 19.88 26.28 14.00
CA CYS J 346 20.35 25.07 14.64
C CYS J 346 20.57 25.31 16.13
N PHE J 347 20.51 24.21 16.89
CA PHE J 347 20.75 24.22 18.33
C PHE J 347 21.99 23.40 18.62
N VAL J 348 22.92 23.96 19.38
CA VAL J 348 24.17 23.29 19.72
C VAL J 348 23.97 22.44 20.96
N GLN J 349 24.57 21.26 20.96
CA GLN J 349 24.42 20.32 22.08
C GLN J 349 25.67 19.44 22.17
N HIS J 350 26.20 19.30 23.38
CA HIS J 350 27.31 18.39 23.60
C HIS J 350 26.81 16.95 23.50
N VAL J 351 27.62 16.09 22.89
CA VAL J 351 27.17 14.72 22.61
C VAL J 351 27.25 13.87 23.87
N ALA J 352 28.42 13.84 24.52
CA ALA J 352 28.61 12.96 25.67
C ALA J 352 27.73 13.40 26.84
N SER J 353 27.75 14.69 27.17
CA SER J 353 27.02 15.17 28.33
C SER J 353 25.54 15.45 28.04
N GLY J 354 25.16 15.56 26.77
CA GLY J 354 23.77 15.80 26.44
C GLY J 354 23.22 17.12 26.90
N LEU J 355 24.08 18.07 27.26
CA LEU J 355 23.63 19.36 27.76
C LEU J 355 23.25 20.30 26.62
N TRP J 356 22.75 21.47 26.98
CA TRP J 356 22.40 22.52 26.03
C TRP J 356 23.21 23.76 26.37
N LEU J 357 23.64 24.50 25.36
CA LEU J 357 24.50 25.66 25.55
C LEU J 357 23.66 26.92 25.59
N THR J 358 23.89 27.74 26.61
CA THR J 358 23.23 29.03 26.75
C THR J 358 24.12 29.92 27.62
N TYR J 359 23.65 31.14 27.89
CA TYR J 359 24.42 32.13 28.62
C TYR J 359 24.00 32.13 30.08
N ALA J 360 24.98 32.09 30.98
CA ALA J 360 24.68 32.24 32.40
C ALA J 360 24.20 33.66 32.71
N ALA J 361 24.90 34.66 32.15
CA ALA J 361 24.57 36.07 32.26
C ALA J 361 24.42 36.53 33.71
N PRO J 362 25.31 36.12 34.60
CA PRO J 362 25.31 36.68 35.95
C PRO J 362 25.96 38.06 35.95
N ASP J 363 25.13 39.10 36.07
CA ASP J 363 25.60 40.47 35.91
C ASP J 363 25.37 41.27 37.19
N PRO J 364 26.42 41.75 37.85
CA PRO J 364 26.22 42.65 38.98
C PRO J 364 25.94 44.07 38.52
N LYS J 365 25.85 45.01 39.46
CA LYS J 365 25.57 46.40 39.09
C LYS J 365 26.71 46.98 38.25
N ALA J 366 27.95 46.71 38.63
CA ALA J 366 29.09 47.22 37.86
C ALA J 366 29.14 46.60 36.47
N LEU J 367 28.86 45.30 36.37
CA LEU J 367 28.96 44.62 35.09
C LEU J 367 27.91 45.10 34.10
N ARG J 368 26.72 45.47 34.59
CA ARG J 368 25.65 45.92 33.69
C ARG J 368 26.04 47.21 32.98
N LEU J 369 26.61 48.17 33.70
CA LEU J 369 26.99 49.45 33.13
C LEU J 369 28.45 49.48 32.68
N GLY J 370 29.18 48.39 32.84
CA GLY J 370 30.57 48.35 32.42
C GLY J 370 30.77 47.54 31.15
N VAL J 371 31.30 46.32 31.31
CA VAL J 371 31.55 45.46 30.15
C VAL J 371 30.25 44.78 29.74
N LEU J 372 29.91 44.92 28.45
CA LEU J 372 28.71 44.30 27.89
C LEU J 372 29.01 42.88 27.42
N LYS J 373 29.41 42.05 28.37
CA LYS J 373 29.91 40.71 28.09
C LYS J 373 29.21 39.68 28.95
N LYS J 374 28.92 38.53 28.33
CA LYS J 374 28.22 37.42 28.99
C LYS J 374 29.00 36.13 28.78
N LYS J 375 28.80 35.17 29.66
CA LYS J 375 29.52 33.90 29.58
C LYS J 375 28.55 32.79 29.24
N ALA J 376 28.95 31.92 28.30
CA ALA J 376 28.12 30.82 27.86
C ALA J 376 28.48 29.55 28.61
N ILE J 377 27.46 28.79 29.01
CA ILE J 377 27.65 27.55 29.76
C ILE J 377 26.70 26.50 29.22
N LEU J 378 27.13 25.23 29.34
CA LEU J 378 26.33 24.09 28.91
C LEU J 378 25.38 23.71 30.05
N HIS J 379 24.29 24.46 30.15
CA HIS J 379 23.28 24.16 31.16
C HIS J 379 22.50 22.91 30.78
N GLN J 380 21.89 22.29 31.80
CA GLN J 380 21.17 21.04 31.59
C GLN J 380 19.87 21.24 30.82
N GLU J 381 19.25 22.41 30.91
CA GLU J 381 17.98 22.64 30.22
C GLU J 381 18.09 23.87 29.32
N GLY J 382 18.88 24.85 29.73
CA GLY J 382 19.17 25.99 28.89
C GLY J 382 18.06 27.02 28.85
N HIS J 383 18.28 28.06 28.06
CA HIS J 383 17.28 29.09 27.85
C HIS J 383 16.45 28.76 26.61
N MET J 384 15.63 29.72 26.18
CA MET J 384 14.74 29.55 25.04
C MET J 384 15.03 30.53 23.91
N ASP J 385 16.22 31.13 23.90
CA ASP J 385 16.52 32.21 22.99
C ASP J 385 17.89 32.02 22.33
N ASP J 386 18.23 30.78 22.00
CA ASP J 386 19.51 30.53 21.33
C ASP J 386 19.40 30.81 19.83
N ALA J 387 18.60 30.00 19.12
CA ALA J 387 18.32 30.17 17.70
C ALA J 387 19.58 30.53 16.91
N LEU J 388 20.62 29.73 17.09
CA LEU J 388 21.93 30.03 16.50
C LEU J 388 21.88 29.78 14.99
N PHE J 389 21.85 30.86 14.21
CA PHE J 389 21.92 30.78 12.77
C PHE J 389 23.31 31.19 12.29
N LEU J 390 23.64 30.72 11.09
CA LEU J 390 25.01 30.77 10.58
C LEU J 390 25.10 31.72 9.40
N THR J 391 26.23 32.41 9.31
CA THR J 391 26.52 33.33 8.22
C THR J 391 27.84 32.94 7.58
N ARG J 392 27.91 33.08 6.26
CA ARG J 392 29.07 32.66 5.49
C ARG J 392 29.96 33.86 5.18
N CYS J 393 31.24 33.75 5.55
CA CYS J 393 32.26 34.73 5.19
C CYS J 393 33.47 33.96 4.67
N GLN J 394 33.44 33.60 3.39
CA GLN J 394 34.51 32.85 2.73
C GLN J 394 35.01 33.70 1.58
N GLN J 395 36.05 34.49 1.84
CA GLN J 395 36.53 35.48 0.88
C GLN J 395 37.99 35.78 1.20
N GLU J 396 38.50 36.89 0.66
CA GLU J 396 39.91 37.23 0.84
C GLU J 396 40.30 37.33 2.30
N GLU J 397 39.37 37.71 3.18
CA GLU J 397 39.70 37.82 4.60
C GLU J 397 39.93 36.45 5.24
N SER J 398 39.22 35.42 4.77
CA SER J 398 39.42 34.08 5.33
C SER J 398 40.83 33.57 5.05
N GLN J 399 41.35 33.85 3.85
CA GLN J 399 42.75 33.53 3.57
C GLN J 399 43.67 34.29 4.50
N ALA J 400 43.38 35.57 4.75
CA ALA J 400 44.15 36.34 5.72
C ALA J 400 43.64 36.12 7.13
N ALA J 401 43.40 34.86 7.50
CA ALA J 401 43.15 34.47 8.88
C ALA J 401 44.16 33.46 9.37
N ARG J 402 44.41 32.41 8.60
CA ARG J 402 45.48 31.46 8.92
C ARG J 402 46.85 32.13 8.92
N MET J 403 47.00 33.22 8.17
CA MET J 403 48.27 33.94 8.18
C MET J 403 48.61 34.46 9.56
N ILE J 404 47.61 34.95 10.31
CA ILE J 404 47.87 35.47 11.65
C ILE J 404 48.44 34.38 12.54
N HIS J 405 47.80 33.21 12.55
CA HIS J 405 48.27 32.12 13.40
C HIS J 405 49.67 31.67 13.02
N SER J 406 49.94 31.53 11.72
CA SER J 406 51.25 31.06 11.28
C SER J 406 52.34 32.07 11.60
N THR J 407 52.09 33.36 11.31
CA THR J 407 53.13 34.36 11.56
C THR J 407 53.31 34.62 13.05
N ALA J 408 52.21 34.71 13.80
CA ALA J 408 52.33 34.92 15.23
C ALA J 408 52.91 33.71 15.95
N GLY J 409 52.74 32.51 15.39
CA GLY J 409 53.40 31.34 15.94
C GLY J 409 54.84 31.17 15.54
N LEU J 410 55.27 31.89 14.49
CA LEU J 410 56.66 31.87 14.04
C LEU J 410 57.47 33.01 14.61
N TYR J 411 56.83 34.11 15.01
CA TYR J 411 57.55 35.27 15.53
C TYR J 411 57.97 35.06 16.98
N ASN J 412 56.98 34.88 17.87
CA ASN J 412 57.29 34.82 19.30
C ASN J 412 58.32 33.75 19.62
N GLN J 413 58.29 32.63 18.88
CA GLN J 413 59.32 31.62 19.05
C GLN J 413 60.70 32.15 18.69
N PHE J 414 60.77 33.06 17.72
CA PHE J 414 62.05 33.66 17.37
C PHE J 414 62.58 34.53 18.51
N ILE J 415 61.74 35.41 19.05
CA ILE J 415 62.17 36.28 20.15
C ILE J 415 62.48 35.44 21.38
N LYS J 416 61.64 34.45 21.68
CA LYS J 416 61.87 33.62 22.86
C LYS J 416 63.20 32.90 22.77
N GLY J 417 63.52 32.34 21.60
CA GLY J 417 64.84 31.77 21.40
C GLY J 417 65.93 32.81 21.45
N LEU J 418 65.68 33.98 20.86
CA LEU J 418 66.64 35.07 20.91
C LEU J 418 66.86 35.55 22.34
N ASP J 419 65.81 35.51 23.16
CA ASP J 419 65.89 36.08 24.51
C ASP J 419 66.75 35.24 25.44
N SER J 420 67.00 33.96 25.11
CA SER J 420 67.74 33.09 26.00
C SER J 420 69.15 33.61 26.25
N PHE J 421 69.84 34.02 25.19
CA PHE J 421 71.18 34.60 25.32
C PHE J 421 71.12 36.12 25.46
N SER J 422 70.33 36.60 26.42
CA SER J 422 70.18 38.03 26.60
C SER J 422 71.46 38.69 27.08
N GLY J 423 72.16 38.06 28.03
CA GLY J 423 73.35 38.66 28.59
C GLY J 423 74.51 37.71 28.82
N LYS J 424 74.66 36.71 27.97
CA LYS J 424 75.73 35.73 28.11
C LYS J 424 76.74 35.86 26.98
N PRO J 425 77.93 36.41 27.24
CA PRO J 425 78.98 36.38 26.21
C PRO J 425 79.31 34.95 25.81
N ARG J 426 79.60 34.77 24.52
CA ARG J 426 79.74 33.43 23.98
C ARG J 426 81.02 32.77 24.47
N GLY J 427 80.90 31.49 24.82
CA GLY J 427 82.04 30.65 25.12
C GLY J 427 82.64 30.13 23.82
N SER J 428 83.44 30.99 23.19
CA SER J 428 83.89 30.83 21.81
C SER J 428 84.14 29.36 21.45
N GLY J 429 83.56 28.94 20.34
CA GLY J 429 83.40 27.53 20.04
C GLY J 429 81.93 27.17 20.04
N PRO J 430 81.48 26.41 21.05
CA PRO J 430 80.07 26.19 21.24
C PRO J 430 79.30 27.50 21.29
N PRO J 431 78.50 27.80 20.27
CA PRO J 431 77.82 29.11 20.23
C PRO J 431 76.73 29.26 21.27
N ALA J 432 75.81 28.30 21.31
CA ALA J 432 74.60 28.38 22.13
C ALA J 432 73.98 26.98 22.16
N GLY J 433 72.75 26.90 22.66
CA GLY J 433 72.04 25.64 22.70
C GLY J 433 71.21 25.43 21.45
N PRO J 434 69.88 25.55 21.57
CA PRO J 434 69.02 25.44 20.39
C PRO J 434 69.34 26.50 19.36
N ALA J 435 69.25 26.12 18.09
CA ALA J 435 69.59 27.03 17.01
C ALA J 435 68.45 28.02 16.76
N LEU J 436 68.67 28.93 15.83
CA LEU J 436 67.69 29.96 15.48
C LEU J 436 67.35 29.88 14.00
N PRO J 437 66.09 30.15 13.65
CA PRO J 437 65.73 30.20 12.23
C PRO J 437 65.97 31.57 11.62
N ILE J 438 66.68 31.61 10.49
CA ILE J 438 66.95 32.86 9.79
C ILE J 438 66.42 32.84 8.36
N GLU J 439 66.58 31.72 7.64
CA GLU J 439 66.05 31.64 6.29
C GLU J 439 64.53 31.71 6.29
N ALA J 440 63.89 31.16 7.32
CA ALA J 440 62.43 31.16 7.37
C ALA J 440 61.88 32.59 7.47
N VAL J 441 62.44 33.40 8.38
CA VAL J 441 61.89 34.72 8.62
C VAL J 441 62.13 35.65 7.43
N ILE J 442 63.30 35.56 6.80
CA ILE J 442 63.61 36.45 5.67
C ILE J 442 62.59 36.25 4.56
N LEU J 443 62.27 35.00 4.25
CA LEU J 443 61.23 34.73 3.27
C LEU J 443 59.88 35.20 3.79
N SER J 444 59.61 35.03 5.08
CA SER J 444 58.32 35.42 5.64
C SER J 444 58.10 36.93 5.52
N LEU J 445 59.09 37.72 5.95
CA LEU J 445 58.93 39.17 5.87
C LEU J 445 58.81 39.64 4.43
N GLN J 446 59.58 39.05 3.52
CA GLN J 446 59.51 39.45 2.12
C GLN J 446 58.15 39.17 1.50
N ASP J 447 57.31 38.35 2.14
CA ASP J 447 55.97 38.11 1.63
C ASP J 447 55.00 39.21 2.06
N LEU J 448 54.99 39.55 3.34
CA LEU J 448 54.01 40.52 3.84
C LEU J 448 54.20 41.90 3.21
N ILE J 449 55.45 42.33 3.03
CA ILE J 449 55.69 43.61 2.37
C ILE J 449 55.13 43.59 0.95
N GLY J 450 55.31 42.47 0.25
CA GLY J 450 54.63 42.31 -1.03
C GLY J 450 53.13 42.20 -0.87
N TYR J 451 52.68 41.51 0.19
CA TYR J 451 51.25 41.37 0.43
C TYR J 451 50.60 42.71 0.74
N PHE J 452 51.28 43.55 1.52
CA PHE J 452 50.78 44.86 1.90
C PHE J 452 51.23 45.96 0.96
N GLU J 453 51.73 45.61 -0.21
CA GLU J 453 52.25 46.62 -1.14
C GLU J 453 51.11 47.53 -1.59
N PRO J 454 51.32 48.84 -1.57
CA PRO J 454 50.22 49.79 -1.82
C PRO J 454 49.72 49.70 -3.25
N PRO J 455 48.51 50.19 -3.53
CA PRO J 455 47.98 50.11 -4.89
C PRO J 455 48.84 50.88 -5.87
N SER J 456 48.84 50.41 -7.12
CA SER J 456 49.69 50.97 -8.16
C SER J 456 49.17 52.33 -8.60
N GLU J 457 49.81 52.91 -9.61
CA GLU J 457 49.49 54.26 -10.08
C GLU J 457 48.77 54.28 -11.42
N GLU J 458 49.09 53.37 -12.33
CA GLU J 458 48.52 53.41 -13.66
C GLU J 458 47.08 52.90 -13.71
N LEU J 459 46.59 52.29 -12.64
CA LEU J 459 45.25 51.74 -12.65
C LEU J 459 44.20 52.85 -12.59
N GLN J 460 43.01 52.55 -13.14
CA GLN J 460 41.93 53.52 -13.19
C GLN J 460 41.35 53.74 -11.81
N HIS J 461 40.41 54.68 -11.71
CA HIS J 461 39.88 55.08 -10.42
C HIS J 461 39.08 53.96 -9.77
N GLU J 462 38.19 53.32 -10.53
CA GLU J 462 37.30 52.32 -9.93
C GLU J 462 38.10 51.14 -9.36
N GLU J 463 39.09 50.65 -10.11
CA GLU J 463 39.89 49.54 -9.62
C GLU J 463 40.76 49.98 -8.45
N LYS J 464 41.32 51.19 -8.51
CA LYS J 464 42.13 51.69 -7.41
C LYS J 464 41.30 51.86 -6.15
N GLN J 465 40.10 52.42 -6.27
CA GLN J 465 39.25 52.61 -5.10
C GLN J 465 38.82 51.28 -4.50
N SER J 466 38.51 50.30 -5.35
CA SER J 466 38.08 49.01 -4.85
C SER J 466 39.16 48.34 -4.00
N LYS J 467 40.40 48.37 -4.48
CA LYS J 467 41.49 47.77 -3.72
C LYS J 467 41.86 48.62 -2.51
N LEU J 468 41.64 49.93 -2.57
CA LEU J 468 41.92 50.79 -1.43
C LEU J 468 41.07 50.45 -0.22
N ARG J 469 39.86 49.93 -0.43
CA ARG J 469 39.05 49.44 0.67
C ARG J 469 39.55 48.09 1.17
N SER J 470 40.09 47.26 0.29
CA SER J 470 40.58 45.94 0.65
C SER J 470 41.97 45.97 1.26
N LEU J 471 42.60 47.13 1.35
CA LEU J 471 43.89 47.27 2.01
C LEU J 471 43.77 47.87 3.41
N ARG J 472 42.93 48.89 3.57
CA ARG J 472 42.74 49.50 4.88
C ARG J 472 42.19 48.49 5.89
N ASN J 473 41.26 47.64 5.45
CA ASN J 473 40.66 46.65 6.34
C ASN J 473 41.74 45.68 6.84
N ARG J 474 42.54 45.13 5.93
CA ARG J 474 43.57 44.17 6.32
C ARG J 474 44.65 44.81 7.18
N GLN J 475 44.95 46.10 6.96
CA GLN J 475 45.89 46.79 7.85
C GLN J 475 45.35 46.87 9.26
N SER J 476 44.07 47.18 9.41
CA SER J 476 43.47 47.20 10.74
C SER J 476 43.32 45.79 11.31
N LEU J 477 43.12 44.80 10.43
CA LEU J 477 42.97 43.42 10.87
C LEU J 477 44.25 42.84 11.46
N PHE J 478 45.41 43.40 11.13
CA PHE J 478 46.68 42.93 11.68
C PHE J 478 47.06 43.66 12.96
N GLN J 479 46.24 44.58 13.43
CA GLN J 479 46.48 45.29 14.68
C GLN J 479 45.72 44.71 15.85
N GLU J 480 44.50 44.22 15.60
CA GLU J 480 43.66 43.69 16.67
C GLU J 480 44.16 42.37 17.20
N GLU J 481 45.04 41.69 16.48
CA GLU J 481 45.65 40.43 16.90
C GLU J 481 47.11 40.65 17.30
N GLY J 482 47.40 41.77 17.94
CA GLY J 482 48.78 42.12 18.18
C GLY J 482 49.48 42.49 16.87
N MET J 483 50.70 41.98 16.70
CA MET J 483 51.48 42.11 15.47
C MET J 483 51.95 43.53 15.23
N LEU J 484 51.47 44.47 16.05
CA LEU J 484 52.12 45.77 16.17
C LEU J 484 53.07 45.80 17.35
N SER J 485 52.63 45.27 18.50
CA SER J 485 53.55 45.04 19.60
C SER J 485 54.63 44.05 19.21
N LEU J 486 54.26 43.00 18.47
CA LEU J 486 55.22 41.98 18.08
C LEU J 486 56.36 42.57 17.26
N VAL J 487 56.03 43.31 16.20
CA VAL J 487 57.08 43.94 15.41
C VAL J 487 57.81 44.99 16.23
N LEU J 488 57.11 45.63 17.18
CA LEU J 488 57.79 46.51 18.12
C LEU J 488 58.72 45.72 19.04
N ASN J 489 58.26 44.54 19.48
CA ASN J 489 59.06 43.75 20.42
C ASN J 489 60.36 43.26 19.78
N CYS J 490 60.31 42.88 18.51
CA CYS J 490 61.53 42.44 17.82
C CYS J 490 62.55 43.57 17.76
N ILE J 491 62.09 44.79 17.50
CA ILE J 491 63.01 45.91 17.42
C ILE J 491 63.68 46.15 18.76
N ASP J 492 62.93 46.03 19.85
CA ASP J 492 63.52 46.23 21.18
C ASP J 492 64.65 45.24 21.43
N ARG J 493 64.42 43.96 21.12
CA ARG J 493 65.44 42.95 21.38
C ARG J 493 66.64 43.09 20.44
N LEU J 494 66.38 43.27 19.14
CA LEU J 494 67.48 43.37 18.18
C LEU J 494 68.30 44.64 18.40
N ASN J 495 67.64 45.76 18.71
CA ASN J 495 68.33 47.04 18.78
C ASN J 495 69.26 47.15 19.99
N VAL J 496 69.24 46.18 20.90
CA VAL J 496 70.21 46.15 21.99
C VAL J 496 71.63 46.02 21.43
N TYR J 497 71.79 45.16 20.43
CA TYR J 497 73.10 44.94 19.80
C TYR J 497 73.43 46.14 18.92
N THR J 498 74.35 46.98 19.38
CA THR J 498 74.67 48.23 18.70
C THR J 498 75.79 48.00 17.68
N THR J 499 76.36 49.09 17.17
CA THR J 499 77.56 49.06 16.32
C THR J 499 77.33 48.27 15.04
N ALA J 500 77.71 47.01 15.04
CA ALA J 500 77.62 46.19 13.85
C ALA J 500 77.41 44.73 14.29
N ALA J 501 77.60 43.80 13.35
CA ALA J 501 77.48 42.39 13.67
C ALA J 501 78.56 41.92 14.62
N HIS J 502 79.64 42.69 14.79
CA HIS J 502 80.71 42.29 15.68
C HIS J 502 80.24 42.18 17.12
N PHE J 503 79.43 43.14 17.59
CA PHE J 503 78.89 43.02 18.93
C PHE J 503 77.85 41.91 19.02
N ALA J 504 77.12 41.65 17.93
CA ALA J 504 76.22 40.51 17.88
C ALA J 504 76.94 39.18 17.76
N GLU J 505 78.28 39.16 17.91
CA GLU J 505 79.03 37.93 17.69
C GLU J 505 78.61 36.83 18.66
N TYR J 506 78.32 37.19 19.91
CA TYR J 506 77.94 36.19 20.91
C TYR J 506 76.48 35.78 20.80
N ALA J 507 76.09 35.52 19.54
CA ALA J 507 74.80 34.92 19.27
C ALA J 507 74.89 33.86 18.18
N GLY J 508 76.09 33.55 17.70
CA GLY J 508 76.28 32.69 16.53
C GLY J 508 76.86 33.49 15.38
N GLU J 509 78.17 33.37 15.16
CA GLU J 509 78.84 34.18 14.14
C GLU J 509 78.40 33.81 12.73
N GLU J 510 77.77 32.64 12.55
CA GLU J 510 77.26 32.28 11.24
C GLU J 510 76.08 33.15 10.84
N ALA J 511 75.34 33.68 11.81
CA ALA J 511 74.21 34.57 11.54
C ALA J 511 74.60 36.04 11.60
N ALA J 512 75.86 36.35 11.90
CA ALA J 512 76.28 37.75 12.03
C ALA J 512 76.18 38.48 10.70
N GLU J 513 76.64 37.87 9.62
CA GLU J 513 76.63 38.52 8.32
C GLU J 513 75.23 38.73 7.78
N SER J 514 74.21 38.10 8.37
CA SER J 514 72.81 38.34 8.01
C SER J 514 72.11 39.23 9.02
N TRP J 515 72.82 40.22 9.55
CA TRP J 515 72.25 41.13 10.55
C TRP J 515 71.58 42.34 9.92
N LYS J 516 72.25 43.00 8.98
CA LYS J 516 71.77 44.27 8.46
C LYS J 516 70.38 44.13 7.85
N GLU J 517 70.18 43.13 6.99
CA GLU J 517 68.91 43.01 6.29
C GLU J 517 67.76 42.73 7.25
N ILE J 518 67.97 41.86 8.25
CA ILE J 518 66.91 41.60 9.22
C ILE J 518 66.51 42.88 9.94
N VAL J 519 67.50 43.68 10.36
CA VAL J 519 67.20 44.94 11.01
C VAL J 519 66.43 45.85 10.06
N ASN J 520 66.83 45.88 8.79
CA ASN J 520 66.16 46.72 7.81
C ASN J 520 64.71 46.28 7.61
N LEU J 521 64.49 44.99 7.34
CA LEU J 521 63.21 44.53 6.79
C LEU J 521 62.04 44.84 7.71
N LEU J 522 62.24 44.89 9.03
CA LEU J 522 61.12 45.18 9.92
C LEU J 522 60.57 46.58 9.69
N TYR J 523 61.45 47.55 9.43
CA TYR J 523 61.05 48.95 9.45
C TYR J 523 60.07 49.27 8.31
N GLU J 524 60.39 48.87 7.08
CA GLU J 524 59.45 49.15 6.00
C GLU J 524 58.21 48.26 6.10
N LEU J 525 58.31 47.12 6.79
CA LEU J 525 57.12 46.35 7.10
C LEU J 525 56.16 47.15 7.97
N LEU J 526 56.69 47.78 9.01
CA LEU J 526 55.84 48.61 9.88
C LEU J 526 55.29 49.80 9.13
N ALA J 527 56.05 50.34 8.17
CA ALA J 527 55.55 51.45 7.37
C ALA J 527 54.32 51.04 6.56
N SER J 528 54.30 49.78 6.09
CA SER J 528 53.13 49.30 5.36
C SER J 528 51.90 49.24 6.26
N LEU J 529 52.07 48.86 7.52
CA LEU J 529 50.95 48.80 8.45
C LEU J 529 50.45 50.16 8.90
N ILE J 530 51.17 51.24 8.59
CA ILE J 530 50.81 52.57 9.04
C ILE J 530 50.42 53.48 7.88
N ARG J 531 51.11 53.36 6.75
CA ARG J 531 50.87 54.26 5.62
C ARG J 531 49.42 54.17 5.17
N GLY J 532 48.79 55.33 5.01
CA GLY J 532 47.42 55.40 4.55
C GLY J 532 46.41 55.33 5.67
N ASN J 533 46.49 54.29 6.50
CA ASN J 533 45.51 54.09 7.54
C ASN J 533 45.62 55.17 8.61
N ARG J 534 44.51 55.44 9.28
CA ARG J 534 44.40 56.51 10.28
C ARG J 534 44.32 55.99 11.69
N ALA J 535 43.57 54.91 11.94
CA ALA J 535 43.38 54.43 13.30
C ALA J 535 44.70 53.95 13.91
N ASN J 536 45.52 53.26 13.12
CA ASN J 536 46.79 52.73 13.63
C ASN J 536 47.74 53.87 14.01
N CYS J 537 47.66 54.99 13.31
CA CYS J 537 48.58 56.10 13.58
C CYS J 537 48.41 56.66 14.98
N ALA J 538 47.20 56.59 15.54
CA ALA J 538 46.97 57.13 16.87
C ALA J 538 47.71 56.35 17.96
N LEU J 539 48.10 55.10 17.68
CA LEU J 539 48.74 54.27 18.69
C LEU J 539 50.12 54.79 19.07
N PHE J 540 50.78 55.52 18.17
CA PHE J 540 52.14 55.96 18.39
C PHE J 540 52.26 57.24 19.20
N SER J 541 51.15 57.80 19.68
CA SER J 541 51.22 59.00 20.51
C SER J 541 52.03 58.75 21.77
N THR J 542 51.80 57.62 22.44
CA THR J 542 52.57 57.28 23.63
C THR J 542 53.98 56.81 23.28
N ASN J 543 54.15 56.20 22.10
CA ASN J 543 55.45 55.68 21.67
C ASN J 543 56.18 56.66 20.76
N LEU J 544 55.73 57.91 20.68
CA LEU J 544 56.41 58.89 19.84
C LEU J 544 57.84 59.10 20.28
N ASP J 545 58.08 59.17 21.60
CA ASP J 545 59.43 59.39 22.09
C ASP J 545 60.37 58.25 21.70
N TRP J 546 59.85 57.04 21.56
CA TRP J 546 60.71 55.89 21.27
C TRP J 546 61.23 55.93 19.84
N VAL J 547 60.35 56.18 18.87
CA VAL J 547 60.78 56.17 17.47
C VAL J 547 61.74 57.32 17.19
N VAL J 548 61.43 58.50 17.72
CA VAL J 548 62.27 59.67 17.46
C VAL J 548 63.61 59.53 18.17
N SER J 549 63.72 58.60 19.11
CA SER J 549 64.94 58.50 19.91
C SER J 549 66.16 58.20 19.04
N LYS J 550 66.10 57.13 18.24
CA LYS J 550 67.30 56.68 17.56
C LYS J 550 67.83 57.66 16.52
N LEU J 551 67.19 57.70 15.34
CA LEU J 551 67.53 58.63 14.26
C LEU J 551 69.03 58.69 13.96
N ASP J 552 69.81 57.70 14.40
CA ASP J 552 71.26 57.81 14.30
C ASP J 552 71.96 56.54 13.81
N ARG J 553 71.34 55.37 13.89
CA ARG J 553 72.02 54.15 13.49
C ARG J 553 72.48 54.22 12.05
N LEU J 554 73.74 53.81 11.81
CA LEU J 554 74.32 53.91 10.48
C LEU J 554 73.59 53.04 9.46
N GLU J 555 72.84 52.03 9.91
CA GLU J 555 71.92 51.32 9.03
C GLU J 555 70.51 51.41 9.62
N ALA J 556 69.94 52.60 9.47
CA ALA J 556 68.52 52.80 9.69
C ALA J 556 67.94 53.91 8.82
N SER J 557 68.74 54.50 7.94
CA SER J 557 68.41 55.82 7.37
C SER J 557 67.08 55.78 6.61
N SER J 558 66.93 54.84 5.69
CA SER J 558 65.70 54.73 4.93
C SER J 558 64.52 54.32 5.81
N GLY J 559 64.76 53.40 6.74
CA GLY J 559 63.66 52.90 7.56
C GLY J 559 63.05 53.97 8.44
N ILE J 560 63.87 54.68 9.21
CA ILE J 560 63.35 55.58 10.23
C ILE J 560 62.74 56.83 9.62
N LEU J 561 63.39 57.40 8.59
CA LEU J 561 62.86 58.61 7.99
C LEU J 561 61.52 58.36 7.29
N GLU J 562 61.29 57.12 6.84
CA GLU J 562 60.02 56.82 6.18
C GLU J 562 58.92 56.48 7.19
N VAL J 563 59.25 55.78 8.27
CA VAL J 563 58.23 55.48 9.28
C VAL J 563 57.79 56.75 9.99
N LEU J 564 58.72 57.69 10.21
CA LEU J 564 58.35 58.96 10.82
C LEU J 564 57.53 59.80 9.85
N TYR J 565 57.83 59.72 8.55
CA TYR J 565 57.11 60.52 7.57
C TYR J 565 55.64 60.12 7.49
N CYS J 566 55.33 58.84 7.65
CA CYS J 566 53.96 58.36 7.46
C CYS J 566 53.08 58.56 8.68
N VAL J 567 53.66 58.82 9.85
CA VAL J 567 52.85 59.05 11.05
C VAL J 567 52.55 60.53 11.28
N LEU J 568 53.22 61.44 10.57
CA LEU J 568 52.91 62.85 10.66
C LEU J 568 52.10 63.36 9.48
N ILE J 569 51.62 62.47 8.63
CA ILE J 569 50.81 62.86 7.47
C ILE J 569 49.33 62.59 7.70
N GLU J 570 48.97 61.80 8.70
CA GLU J 570 47.58 61.42 8.93
C GLU J 570 47.02 61.96 10.22
N SER J 571 47.71 61.75 11.34
CA SER J 571 47.17 62.11 12.65
C SER J 571 47.73 63.44 13.12
N PRO J 572 46.90 64.47 13.30
CA PRO J 572 47.38 65.71 13.92
C PRO J 572 47.58 65.59 15.42
N GLU J 573 47.10 64.53 16.05
CA GLU J 573 47.23 64.38 17.49
C GLU J 573 48.68 64.17 17.90
N VAL J 574 49.38 63.25 17.23
CA VAL J 574 50.79 63.04 17.53
C VAL J 574 51.60 64.28 17.19
N LEU J 575 51.10 65.11 16.27
CA LEU J 575 51.78 66.35 15.91
C LEU J 575 51.86 67.30 17.09
N ASN J 576 50.96 67.18 18.07
CA ASN J 576 50.90 68.09 19.21
C ASN J 576 51.69 67.60 20.42
N ILE J 577 52.52 66.57 20.27
CA ILE J 577 53.18 65.96 21.42
C ILE J 577 54.70 66.06 21.23
N ILE J 578 55.16 67.19 20.69
CA ILE J 578 56.58 67.50 20.56
C ILE J 578 56.84 68.80 21.30
N GLN J 579 57.73 68.75 22.30
CA GLN J 579 57.87 69.90 23.21
C GLN J 579 58.99 70.86 22.81
N GLU J 580 60.24 70.46 23.00
CA GLU J 580 61.34 71.34 22.63
C GLU J 580 62.56 70.59 22.10
N ASN J 581 62.67 69.30 22.43
CA ASN J 581 63.90 68.57 22.19
C ASN J 581 63.84 67.67 20.97
N HIS J 582 62.63 67.19 20.63
CA HIS J 582 62.50 66.34 19.45
C HIS J 582 62.78 67.14 18.18
N ILE J 583 62.42 68.42 18.18
CA ILE J 583 62.68 69.26 17.01
C ILE J 583 64.17 69.41 16.77
N LYS J 584 64.95 69.66 17.82
CA LYS J 584 66.39 69.82 17.62
C LYS J 584 67.06 68.49 17.31
N SER J 585 66.45 67.38 17.72
CA SER J 585 66.99 66.06 17.36
C SER J 585 66.94 65.85 15.86
N ILE J 586 65.77 66.07 15.26
CA ILE J 586 65.66 65.92 13.82
C ILE J 586 66.44 67.01 13.09
N ILE J 587 66.56 68.18 13.71
CA ILE J 587 67.41 69.23 13.14
C ILE J 587 68.85 68.76 13.07
N SER J 588 69.34 68.13 14.13
CA SER J 588 70.69 67.60 14.15
C SER J 588 70.86 66.49 13.11
N LEU J 589 69.77 65.80 12.76
CA LEU J 589 69.85 64.78 11.74
C LEU J 589 70.31 65.35 10.41
N LEU J 590 69.78 66.52 10.04
CA LEU J 590 70.23 67.19 8.83
C LEU J 590 71.71 67.57 8.92
N ASP J 591 72.20 67.82 10.13
CA ASP J 591 73.57 68.26 10.34
C ASP J 591 74.56 67.10 10.26
N LYS J 592 74.11 65.86 10.46
CA LYS J 592 75.01 64.71 10.49
C LYS J 592 74.89 63.79 9.29
N HIS J 593 73.79 63.83 8.56
CA HIS J 593 73.57 62.93 7.42
C HIS J 593 73.54 63.67 6.10
N GLY J 594 74.01 64.91 6.07
CA GLY J 594 74.16 65.63 4.82
C GLY J 594 72.91 66.40 4.45
N ARG J 595 72.93 66.91 3.22
CA ARG J 595 71.82 67.67 2.67
C ARG J 595 70.85 66.68 2.03
N ASN J 596 69.74 66.42 2.73
CA ASN J 596 68.75 65.44 2.30
C ASN J 596 67.40 66.14 2.22
N HIS J 597 66.81 66.17 1.03
CA HIS J 597 65.51 66.82 0.86
C HIS J 597 64.40 66.11 1.62
N LYS J 598 64.60 64.83 1.97
CA LYS J 598 63.57 64.10 2.69
C LYS J 598 63.31 64.69 4.07
N VAL J 599 64.37 65.03 4.81
CA VAL J 599 64.19 65.62 6.13
C VAL J 599 63.49 66.98 6.03
N LEU J 600 63.92 67.81 5.08
CA LEU J 600 63.31 69.13 4.92
C LEU J 600 61.82 69.00 4.62
N ASP J 601 61.44 67.97 3.88
CA ASP J 601 60.02 67.71 3.63
C ASP J 601 59.30 67.36 4.93
N VAL J 602 59.95 66.60 5.81
CA VAL J 602 59.33 66.21 7.07
C VAL J 602 59.03 67.43 7.93
N LEU J 603 59.95 68.40 7.96
CA LEU J 603 59.72 69.62 8.73
C LEU J 603 58.50 70.38 8.23
N CYS J 604 58.20 70.28 6.93
CA CYS J 604 56.98 70.88 6.41
C CYS J 604 55.74 70.23 7.01
N SER J 605 55.85 68.97 7.43
CA SER J 605 54.72 68.29 8.07
C SER J 605 54.44 68.85 9.45
N LEU J 606 55.48 69.27 10.19
CA LEU J 606 55.27 69.91 11.48
C LEU J 606 54.49 71.20 11.35
N CYS J 607 54.44 71.77 10.14
CA CYS J 607 53.70 72.99 9.85
C CYS J 607 52.22 72.65 9.73
N VAL J 608 51.45 73.53 9.10
CA VAL J 608 50.00 73.38 8.97
C VAL J 608 49.61 71.96 8.61
N CYS J 609 48.65 71.42 9.35
CA CYS J 609 48.08 70.11 9.09
C CYS J 609 46.90 70.29 8.12
N ASN J 610 46.04 69.28 8.01
CA ASN J 610 44.93 69.35 7.04
C ASN J 610 43.96 70.44 7.46
N GLY J 611 44.10 71.62 6.85
CA GLY J 611 43.23 72.73 7.17
C GLY J 611 43.70 73.54 8.36
N VAL J 612 43.90 72.88 9.49
CA VAL J 612 44.24 73.56 10.74
C VAL J 612 45.75 73.73 10.81
N ALA J 613 46.18 74.83 11.43
CA ALA J 613 47.57 75.13 11.65
C ALA J 613 47.82 75.34 13.13
N VAL J 614 49.01 74.98 13.58
CA VAL J 614 49.39 75.08 14.99
C VAL J 614 50.58 76.04 15.10
N ARG J 615 50.51 76.92 16.10
CA ARG J 615 51.54 77.93 16.31
C ARG J 615 52.47 77.65 17.47
N SER J 616 52.12 76.70 18.34
CA SER J 616 52.99 76.40 19.48
C SER J 616 54.36 75.90 19.03
N ASN J 617 54.45 75.28 17.86
CA ASN J 617 55.72 74.83 17.33
C ASN J 617 56.12 75.51 16.02
N GLN J 618 55.24 76.30 15.42
CA GLN J 618 55.62 77.04 14.21
C GLN J 618 56.34 78.33 14.57
N ASP J 619 57.26 78.25 15.54
CA ASP J 619 58.33 79.23 15.71
C ASP J 619 59.65 78.61 16.11
N LEU J 620 59.64 77.40 16.69
CA LEU J 620 60.87 76.80 17.19
C LEU J 620 61.86 76.54 16.07
N ILE J 621 61.39 76.03 14.94
CA ILE J 621 62.27 75.83 13.79
C ILE J 621 62.79 77.18 13.28
N THR J 622 62.00 78.24 13.41
CA THR J 622 62.46 79.55 12.99
C THR J 622 63.58 80.07 13.89
N GLU J 623 63.57 79.69 15.16
CA GLU J 623 64.58 80.15 16.10
C GLU J 623 65.71 79.16 16.30
N ASN J 624 65.61 77.95 15.76
CA ASN J 624 66.65 76.93 15.92
C ASN J 624 67.35 76.60 14.61
N LEU J 625 66.61 76.31 13.56
CA LEU J 625 67.17 76.04 12.24
C LEU J 625 66.71 77.15 11.31
N LEU J 626 67.46 78.27 11.33
CA LEU J 626 67.17 79.48 10.57
C LEU J 626 68.08 80.63 10.99
N PRO J 627 68.19 80.96 12.28
CA PRO J 627 69.09 82.08 12.65
C PRO J 627 70.55 81.80 12.33
N GLY J 628 71.07 80.65 12.74
CA GLY J 628 72.39 80.26 12.29
C GLY J 628 72.42 80.11 10.78
N ARG J 629 73.48 80.65 10.17
CA ARG J 629 73.57 80.77 8.72
C ARG J 629 74.64 79.85 8.15
N GLU J 630 74.71 78.62 8.66
CA GLU J 630 75.69 77.65 8.20
C GLU J 630 75.08 76.44 7.51
N LEU J 631 73.83 76.10 7.82
CA LEU J 631 73.22 74.90 7.27
C LEU J 631 72.64 75.15 5.87
N LEU J 632 71.76 76.13 5.75
CA LEU J 632 71.03 76.35 4.52
C LEU J 632 71.91 77.07 3.48
N LEU J 633 71.31 77.38 2.34
CA LEU J 633 72.00 78.02 1.23
C LEU J 633 71.49 79.45 1.11
N GLN J 634 72.20 80.39 1.74
CA GLN J 634 71.81 81.79 1.68
C GLN J 634 72.10 82.37 0.29
N THR J 635 71.40 83.45 -0.03
CA THR J 635 71.54 84.08 -1.34
C THR J 635 71.30 85.58 -1.23
N ASN J 636 71.81 86.31 -2.22
CA ASN J 636 71.79 87.76 -2.20
C ASN J 636 72.20 88.27 -3.59
N LEU J 637 72.32 89.59 -3.72
CA LEU J 637 72.71 90.24 -4.96
C LEU J 637 74.13 90.77 -4.85
N ILE J 638 74.93 90.57 -5.89
CA ILE J 638 76.30 91.05 -5.95
C ILE J 638 76.50 91.82 -7.25
N ASN J 639 77.23 92.93 -7.15
CA ASN J 639 77.57 93.71 -8.34
C ASN J 639 78.80 93.11 -9.02
N TYR J 640 79.32 93.80 -10.03
CA TYR J 640 80.40 93.29 -10.86
C TYR J 640 81.62 94.19 -10.74
N VAL J 641 82.79 93.62 -10.98
CA VAL J 641 84.06 94.34 -10.94
C VAL J 641 84.98 93.80 -12.02
N THR J 642 85.93 94.63 -12.46
CA THR J 642 86.85 94.25 -13.51
C THR J 642 88.19 94.89 -13.20
N SER J 643 89.27 94.28 -13.71
CA SER J 643 90.62 94.74 -13.47
C SER J 643 91.31 95.05 -14.80
N ILE J 644 92.16 96.08 -14.78
CA ILE J 644 92.89 96.53 -15.95
C ILE J 644 94.35 96.72 -15.58
N ARG J 645 95.26 96.31 -16.47
CA ARG J 645 96.68 96.45 -16.24
C ARG J 645 97.37 96.91 -17.52
N PRO J 646 98.54 97.56 -17.40
CA PRO J 646 99.30 97.95 -18.60
C PRO J 646 100.06 96.79 -19.22
N ASN J 647 100.85 97.07 -20.25
CA ASN J 647 101.64 96.04 -20.90
C ASN J 647 102.99 95.80 -20.23
N ILE J 648 103.34 96.59 -19.20
CA ILE J 648 104.68 96.50 -18.64
C ILE J 648 104.82 95.21 -17.85
N PHE J 649 106.05 94.71 -17.77
CA PHE J 649 106.32 93.41 -17.15
C PHE J 649 107.67 93.52 -16.44
N VAL J 650 107.65 93.53 -15.12
CA VAL J 650 108.85 93.68 -14.31
C VAL J 650 109.05 92.43 -13.46
N GLY J 651 110.29 91.96 -13.39
CA GLY J 651 110.61 90.80 -12.57
C GLY J 651 112.09 90.79 -12.23
N ARG J 652 112.43 89.95 -11.26
CA ARG J 652 113.79 89.85 -10.74
C ARG J 652 114.31 88.43 -10.92
N ALA J 653 115.49 88.30 -11.54
CA ALA J 653 116.12 87.00 -11.76
C ALA J 653 117.57 87.25 -12.15
N GLU J 654 118.34 86.17 -12.19
CA GLU J 654 119.75 86.25 -12.59
C GLU J 654 119.83 86.62 -14.06
N GLY J 655 120.24 87.85 -14.34
CA GLY J 655 120.29 88.36 -15.69
C GLY J 655 119.79 89.79 -15.71
N SER J 656 119.26 90.20 -16.86
CA SER J 656 118.70 91.54 -17.00
C SER J 656 117.45 91.65 -16.13
N THR J 657 117.56 92.35 -15.01
CA THR J 657 116.46 92.50 -14.06
C THR J 657 116.21 93.95 -13.71
N GLN J 658 116.69 94.88 -14.54
CA GLN J 658 116.51 96.33 -14.35
C GLN J 658 117.05 96.69 -12.96
N TYR J 659 116.30 97.42 -12.14
CA TYR J 659 116.79 97.91 -10.85
C TYR J 659 116.00 97.43 -9.66
N GLY J 660 114.78 96.93 -9.86
CA GLY J 660 113.93 96.62 -8.71
C GLY J 660 113.52 97.87 -7.96
N LYS J 661 113.21 98.95 -8.67
CA LYS J 661 112.80 100.20 -8.04
C LYS J 661 111.91 100.94 -9.04
N TRP J 662 110.60 100.95 -8.77
CA TRP J 662 109.62 101.47 -9.72
C TRP J 662 108.60 102.30 -8.96
N TYR J 663 107.96 103.23 -9.69
CA TYR J 663 107.14 104.26 -9.06
C TYR J 663 106.09 104.78 -10.04
N PHE J 664 104.87 104.95 -9.55
CA PHE J 664 103.82 105.55 -10.39
C PHE J 664 102.71 106.10 -9.49
N GLU J 665 101.89 106.97 -10.07
CA GLU J 665 100.74 107.54 -9.38
C GLU J 665 99.48 107.33 -10.22
N VAL J 666 98.38 107.98 -9.85
CA VAL J 666 97.11 107.78 -10.55
C VAL J 666 96.17 108.92 -10.17
N MET J 667 95.22 109.23 -11.05
CA MET J 667 94.24 110.29 -10.84
C MET J 667 92.83 109.73 -10.80
N VAL J 668 92.07 110.12 -9.77
CA VAL J 668 90.71 109.65 -9.56
C VAL J 668 89.78 110.85 -9.37
N ASP J 669 88.66 110.85 -10.07
CA ASP J 669 87.69 111.95 -10.02
C ASP J 669 86.26 111.40 -10.10
N GLU J 670 85.95 110.38 -9.31
CA GLU J 670 84.64 109.73 -9.32
C GLU J 670 83.89 110.09 -8.04
N VAL J 671 82.60 110.42 -8.20
CA VAL J 671 81.79 110.90 -7.08
C VAL J 671 80.55 110.04 -6.88
N VAL J 672 80.65 108.73 -7.14
CA VAL J 672 79.50 107.84 -7.06
C VAL J 672 79.72 106.77 -6.00
N PRO J 673 79.41 107.05 -4.74
CA PRO J 673 79.72 106.09 -3.69
C PRO J 673 78.67 105.01 -3.50
N PHE J 674 77.42 105.32 -3.79
CA PHE J 674 76.35 104.34 -3.53
C PHE J 674 75.43 104.19 -4.71
N LEU J 675 75.92 104.41 -5.92
CA LEU J 675 75.11 104.14 -7.10
C LEU J 675 74.86 102.64 -7.21
N THR J 676 73.59 102.27 -7.38
CA THR J 676 73.12 100.87 -7.38
C THR J 676 73.52 100.16 -6.08
N ALA J 677 72.93 100.65 -4.99
CA ALA J 677 72.99 100.02 -3.67
C ALA J 677 74.42 99.94 -3.12
N GLN J 678 75.08 98.82 -3.33
CA GLN J 678 76.39 98.57 -2.74
C GLN J 678 77.39 99.66 -3.13
N ALA J 679 78.47 99.73 -2.34
CA ALA J 679 79.50 100.73 -2.58
C ALA J 679 80.25 100.44 -3.86
N THR J 680 80.99 101.45 -4.33
CA THR J 680 81.77 101.36 -5.56
C THR J 680 83.19 100.94 -5.21
N HIS J 681 83.54 99.70 -5.54
CA HIS J 681 84.85 99.17 -5.22
C HIS J 681 85.93 99.86 -6.05
N LEU J 682 87.00 100.29 -5.38
CA LEU J 682 88.11 100.97 -6.05
C LEU J 682 89.41 100.62 -5.34
N ARG J 683 90.32 99.94 -6.03
CA ARG J 683 91.58 99.50 -5.43
C ARG J 683 92.69 99.52 -6.47
N VAL J 684 93.94 99.65 -5.99
CA VAL J 684 95.12 99.66 -6.84
C VAL J 684 96.23 98.89 -6.14
N GLY J 685 97.12 98.29 -6.92
CA GLY J 685 98.25 97.60 -6.32
C GLY J 685 98.96 96.71 -7.33
N TRP J 686 99.62 95.68 -6.80
CA TRP J 686 100.37 94.70 -7.56
C TRP J 686 99.70 93.34 -7.58
N ALA J 687 100.01 92.56 -8.60
CA ALA J 687 99.63 91.15 -8.68
C ALA J 687 100.64 90.43 -9.57
N LEU J 688 100.93 89.19 -9.22
CA LEU J 688 101.91 88.42 -9.98
C LEU J 688 101.24 87.75 -11.19
N THR J 689 102.05 87.13 -12.03
CA THR J 689 101.57 86.66 -13.32
C THR J 689 101.03 85.24 -13.25
N GLU J 690 100.21 84.97 -12.25
CA GLU J 690 99.40 83.77 -12.15
C GLU J 690 98.05 84.06 -11.51
N GLY J 691 97.54 85.28 -11.71
CA GLY J 691 96.32 85.70 -11.07
C GLY J 691 95.10 84.88 -11.43
N TYR J 692 94.67 84.95 -12.69
CA TYR J 692 93.45 84.31 -13.18
C TYR J 692 92.22 84.75 -12.39
N SER J 693 92.34 85.85 -11.65
CA SER J 693 91.24 86.33 -10.83
C SER J 693 90.00 86.75 -11.60
N PRO J 694 90.08 87.52 -12.73
CA PRO J 694 88.88 88.20 -13.25
C PRO J 694 87.59 87.39 -13.25
N TYR J 695 87.56 86.30 -14.03
CA TYR J 695 86.46 85.33 -14.07
C TYR J 695 85.11 85.99 -13.81
N PRO J 696 84.67 86.91 -14.69
CA PRO J 696 83.48 87.73 -14.38
C PRO J 696 82.26 86.90 -13.98
N GLY J 697 81.81 87.09 -12.75
CA GLY J 697 80.70 86.33 -12.20
C GLY J 697 80.95 85.87 -10.79
N GLY J 698 80.88 84.56 -10.56
CA GLY J 698 81.09 84.03 -9.23
C GLY J 698 82.54 84.15 -8.79
N GLY J 699 82.74 84.06 -7.48
CA GLY J 699 84.07 84.16 -6.89
C GLY J 699 84.19 83.27 -5.68
N GLU J 700 84.90 83.76 -4.67
CA GLU J 700 85.13 82.99 -3.44
C GLU J 700 84.32 83.52 -2.26
N GLY J 701 84.60 84.73 -1.81
CA GLY J 701 83.83 85.31 -0.72
C GLY J 701 82.43 85.69 -1.16
N TRP J 702 82.33 86.72 -2.02
CA TRP J 702 81.05 87.14 -2.58
C TRP J 702 81.32 87.67 -3.98
N GLY J 703 81.08 86.84 -4.99
CA GLY J 703 81.20 87.26 -6.37
C GLY J 703 82.63 87.29 -6.85
N GLY J 704 82.78 87.53 -8.15
CA GLY J 704 84.08 87.57 -8.77
C GLY J 704 84.81 88.87 -8.48
N ASN J 705 85.29 89.01 -7.26
CA ASN J 705 85.91 90.23 -6.77
C ASN J 705 87.20 90.57 -7.51
N GLY J 706 87.80 91.70 -7.16
CA GLY J 706 88.99 92.22 -7.84
C GLY J 706 90.26 91.95 -7.07
N VAL J 707 91.13 92.97 -7.02
CA VAL J 707 92.46 92.79 -6.46
C VAL J 707 92.40 92.75 -4.94
N GLY J 708 93.33 92.00 -4.34
CA GLY J 708 93.55 91.97 -2.91
C GLY J 708 92.94 90.80 -2.19
N ASP J 709 91.97 90.11 -2.79
CA ASP J 709 91.30 89.01 -2.13
C ASP J 709 91.89 87.66 -2.52
N ASP J 710 93.20 87.52 -2.39
CA ASP J 710 93.92 86.29 -2.70
C ASP J 710 95.35 86.42 -2.18
N LEU J 711 96.18 85.43 -2.49
CA LEU J 711 97.60 85.48 -2.18
C LEU J 711 98.44 85.80 -3.41
N TYR J 712 97.81 86.08 -4.55
CA TYR J 712 98.51 86.39 -5.78
C TYR J 712 98.36 87.86 -6.16
N SER J 713 97.83 88.70 -5.26
CA SER J 713 97.61 90.11 -5.55
C SER J 713 97.66 90.89 -4.26
N TYR J 714 98.32 92.05 -4.29
CA TYR J 714 98.46 92.92 -3.14
C TYR J 714 97.96 94.30 -3.54
N GLY J 715 97.04 94.85 -2.75
CA GLY J 715 96.41 96.10 -3.13
C GLY J 715 96.01 96.92 -1.92
N PHE J 716 95.49 98.11 -2.21
CA PHE J 716 95.11 99.10 -1.22
C PHE J 716 93.83 99.78 -1.68
N ASP J 717 92.99 100.17 -0.71
CA ASP J 717 91.72 100.80 -1.02
C ASP J 717 91.60 102.23 -0.52
N GLY J 718 92.37 102.62 0.48
CA GLY J 718 92.28 103.94 1.04
C GLY J 718 92.25 103.87 2.56
N LEU J 719 91.71 102.77 3.08
CA LEU J 719 91.63 102.56 4.51
C LEU J 719 92.01 101.16 4.94
N HIS J 720 92.32 100.26 4.02
CA HIS J 720 92.58 98.88 4.39
C HIS J 720 93.59 98.25 3.45
N LEU J 721 94.30 97.25 3.97
CA LEU J 721 95.20 96.42 3.18
C LEU J 721 94.58 95.04 3.00
N TRP J 722 94.53 94.56 1.75
CA TRP J 722 93.84 93.33 1.43
C TRP J 722 94.82 92.28 0.93
N THR J 723 94.89 91.15 1.64
CA THR J 723 95.68 90.00 1.25
C THR J 723 94.97 88.76 1.80
N GLY J 724 94.55 87.86 0.92
CA GLY J 724 93.83 86.68 1.37
C GLY J 724 92.39 86.93 1.74
N HIS J 725 91.75 87.91 1.11
CA HIS J 725 90.33 88.24 1.28
C HIS J 725 90.02 88.78 2.67
N VAL J 726 91.04 89.05 3.49
CA VAL J 726 90.85 89.63 4.82
C VAL J 726 91.54 90.99 4.84
N ALA J 727 90.90 91.97 5.47
CA ALA J 727 91.36 93.35 5.44
C ALA J 727 91.75 93.82 6.84
N ARG J 728 92.72 94.73 6.90
CA ARG J 728 93.17 95.35 8.13
C ARG J 728 93.22 96.86 7.96
N PRO J 729 92.79 97.63 8.96
CA PRO J 729 92.81 99.09 8.84
C PRO J 729 94.22 99.65 8.83
N VAL J 730 94.36 100.81 8.20
CA VAL J 730 95.64 101.52 8.12
C VAL J 730 95.47 102.90 8.74
N THR J 731 96.59 103.55 9.00
CA THR J 731 96.60 104.88 9.58
C THR J 731 97.34 105.84 8.65
N SER J 732 96.87 107.08 8.60
CA SER J 732 97.42 108.12 7.76
C SER J 732 96.74 109.44 8.12
N PRO J 733 97.35 110.57 7.78
CA PRO J 733 96.68 111.86 8.00
C PRO J 733 95.59 112.10 6.97
N GLY J 734 94.34 112.14 7.45
CA GLY J 734 93.19 112.31 6.60
C GLY J 734 92.18 111.19 6.79
N GLN J 735 92.67 109.95 6.87
CA GLN J 735 91.87 108.78 7.21
C GLN J 735 90.59 108.64 6.41
N HIS J 736 90.63 108.97 5.12
CA HIS J 736 89.49 108.76 4.24
C HIS J 736 89.91 107.91 3.05
N LEU J 737 89.01 107.02 2.62
CA LEU J 737 89.28 106.17 1.48
C LEU J 737 89.37 107.00 0.20
N LEU J 738 89.60 106.32 -0.93
CA LEU J 738 89.78 107.02 -2.19
C LEU J 738 88.59 107.90 -2.49
N ALA J 739 88.86 109.17 -2.79
CA ALA J 739 87.87 110.20 -3.05
C ALA J 739 88.28 110.91 -4.33
N PRO J 740 87.36 111.64 -4.96
CA PRO J 740 87.74 112.40 -6.16
C PRO J 740 88.82 113.43 -5.84
N GLU J 741 89.65 113.71 -6.84
CA GLU J 741 90.77 114.65 -6.73
C GLU J 741 91.76 114.21 -5.65
N ASP J 742 92.39 113.07 -5.92
CA ASP J 742 93.35 112.48 -4.99
C ASP J 742 94.42 111.72 -5.78
N VAL J 743 95.55 111.48 -5.11
CA VAL J 743 96.69 110.78 -5.69
C VAL J 743 97.18 109.75 -4.70
N VAL J 744 97.48 108.55 -5.19
CA VAL J 744 98.11 107.51 -4.39
C VAL J 744 99.40 107.08 -5.09
N SER J 745 100.44 106.86 -4.29
CA SER J 745 101.75 106.48 -4.81
C SER J 745 102.14 105.11 -4.26
N CYS J 746 102.43 104.17 -5.14
CA CYS J 746 102.91 102.86 -4.77
C CYS J 746 104.43 102.79 -4.82
N CYS J 747 104.98 101.70 -4.28
CA CYS J 747 106.42 101.54 -4.20
C CYS J 747 106.79 100.10 -4.53
N LEU J 748 108.00 99.92 -5.07
CA LEU J 748 108.51 98.59 -5.39
C LEU J 748 110.01 98.57 -5.14
N ASP J 749 110.48 97.55 -4.42
CA ASP J 749 111.89 97.44 -4.05
C ASP J 749 112.20 95.96 -3.85
N LEU J 750 112.79 95.32 -4.86
CA LEU J 750 112.99 93.88 -4.85
C LEU J 750 114.37 93.46 -4.36
N SER J 751 114.80 93.97 -3.23
CA SER J 751 115.94 93.38 -2.52
C SER J 751 115.59 93.06 -1.08
N VAL J 752 114.89 93.97 -0.41
CA VAL J 752 114.10 93.80 0.81
C VAL J 752 112.92 92.87 0.55
N PRO J 753 112.65 92.47 -0.69
CA PRO J 753 111.40 92.87 -1.36
C PRO J 753 110.18 93.05 -0.48
N SER J 754 109.59 94.23 -0.65
CA SER J 754 108.51 94.75 0.15
C SER J 754 107.79 95.82 -0.64
N ILE J 755 106.49 95.98 -0.41
CA ILE J 755 105.66 96.97 -1.08
C ILE J 755 105.16 97.98 -0.05
N SER J 756 105.36 99.25 -0.34
CA SER J 756 104.81 100.33 0.46
C SER J 756 103.89 101.18 -0.41
N PHE J 757 103.08 102.01 0.25
CA PHE J 757 102.16 102.89 -0.43
C PHE J 757 102.27 104.29 0.18
N ARG J 758 101.82 105.28 -0.60
CA ARG J 758 101.92 106.67 -0.19
C ARG J 758 100.66 107.40 -0.62
N ILE J 759 99.98 108.02 0.34
CA ILE J 759 98.84 108.89 0.05
C ILE J 759 99.41 110.15 -0.59
N ASN J 760 98.53 111.02 -1.10
CA ASN J 760 98.91 112.15 -1.95
C ASN J 760 100.23 112.82 -1.56
N GLY J 761 100.45 113.07 -0.27
CA GLY J 761 101.69 113.68 0.14
C GLY J 761 102.29 113.14 1.42
N CYS J 762 101.76 112.03 1.93
CA CYS J 762 102.19 111.47 3.19
C CYS J 762 102.35 109.96 3.08
N PRO J 763 103.23 109.37 3.87
CA PRO J 763 103.42 107.91 3.81
C PRO J 763 102.27 107.17 4.48
N VAL J 764 102.02 105.96 3.99
CA VAL J 764 101.02 105.06 4.57
C VAL J 764 101.76 104.05 5.44
N GLN J 765 101.39 104.01 6.72
CA GLN J 765 102.12 103.24 7.71
C GLN J 765 101.73 101.76 7.60
N GLY J 766 102.43 101.07 6.69
CA GLY J 766 102.23 99.65 6.51
C GLY J 766 102.97 99.13 5.28
N VAL J 767 103.66 98.00 5.43
CA VAL J 767 104.46 97.43 4.35
C VAL J 767 104.26 95.91 4.34
N PHE J 768 104.12 95.34 3.15
CA PHE J 768 104.07 93.90 2.97
C PHE J 768 105.48 93.34 2.87
N GLU J 769 105.69 92.16 3.44
CA GLU J 769 107.01 91.54 3.43
C GLU J 769 106.86 90.04 3.19
N ALA J 770 108.00 89.35 3.15
CA ALA J 770 108.05 87.88 3.07
C ALA J 770 107.32 87.36 1.84
N PHE J 771 107.84 87.71 0.67
CA PHE J 771 107.23 87.33 -0.59
C PHE J 771 107.76 85.99 -1.09
N ASN J 772 107.29 85.59 -2.25
CA ASN J 772 107.75 84.36 -2.92
C ASN J 772 107.94 84.63 -4.41
N LEU J 773 108.57 85.77 -4.71
CA LEU J 773 108.68 86.25 -6.08
C LEU J 773 109.27 85.19 -7.00
N ASP J 774 108.47 84.76 -7.98
CA ASP J 774 108.90 83.78 -8.97
C ASP J 774 108.55 84.17 -10.39
N GLY J 775 107.58 85.04 -10.62
CA GLY J 775 107.25 85.47 -11.96
C GLY J 775 107.49 86.95 -12.19
N LEU J 776 106.44 87.68 -12.51
CA LEU J 776 106.54 89.11 -12.78
C LEU J 776 105.37 89.80 -12.09
N PHE J 777 105.11 91.06 -12.43
CA PHE J 777 104.13 91.84 -11.67
C PHE J 777 103.34 92.75 -12.59
N PHE J 778 102.10 93.02 -12.19
CA PHE J 778 101.18 93.87 -12.92
C PHE J 778 100.81 95.08 -12.08
N PRO J 779 100.82 96.29 -12.65
CA PRO J 779 100.09 97.40 -12.02
C PRO J 779 98.60 97.20 -12.23
N VAL J 780 97.87 96.85 -11.17
CA VAL J 780 96.46 96.45 -11.30
C VAL J 780 95.57 97.49 -10.65
N VAL J 781 94.39 97.69 -11.25
CA VAL J 781 93.37 98.59 -10.74
C VAL J 781 92.05 97.82 -10.69
N SER J 782 91.18 98.23 -9.76
CA SER J 782 89.88 97.60 -9.57
C SER J 782 88.80 98.67 -9.57
N PHE J 783 87.66 98.37 -10.19
CA PHE J 783 86.59 99.34 -10.30
C PHE J 783 85.27 98.62 -10.52
N SER J 784 84.19 99.12 -9.91
CA SER J 784 82.89 98.50 -10.06
C SER J 784 82.17 98.98 -11.32
N ALA J 785 81.85 100.26 -11.40
CA ALA J 785 81.11 100.84 -12.51
C ALA J 785 81.08 102.35 -12.36
N GLY J 786 80.81 103.02 -13.49
CA GLY J 786 80.73 104.48 -13.50
C GLY J 786 82.03 105.16 -13.10
N VAL J 787 83.14 104.73 -13.69
CA VAL J 787 84.48 105.16 -13.29
C VAL J 787 85.26 105.61 -14.51
N LYS J 788 85.91 106.77 -14.40
CA LYS J 788 86.69 107.41 -15.47
C LYS J 788 88.09 107.76 -14.98
N VAL J 789 88.75 106.83 -14.30
CA VAL J 789 90.06 107.09 -13.71
C VAL J 789 91.11 107.31 -14.80
N ARG J 790 91.93 108.35 -14.62
CA ARG J 790 93.12 108.58 -15.43
C ARG J 790 94.31 107.91 -14.77
N PHE J 791 95.14 107.26 -15.58
CA PHE J 791 96.18 106.37 -15.08
C PHE J 791 97.55 106.95 -15.46
N LEU J 792 98.39 107.20 -14.45
CA LEU J 792 99.62 107.96 -14.61
C LEU J 792 100.81 107.02 -14.78
N LEU J 793 101.65 107.30 -15.77
CA LEU J 793 102.85 106.51 -16.03
C LEU J 793 104.14 107.32 -15.88
N GLY J 794 104.27 108.46 -16.55
CA GLY J 794 105.49 109.23 -16.44
C GLY J 794 105.99 109.91 -17.70
N GLY J 795 107.22 109.58 -18.10
CA GLY J 795 107.90 110.34 -19.15
C GLY J 795 107.14 110.36 -20.47
N ARG J 796 106.41 109.29 -20.77
CA ARG J 796 105.62 109.27 -22.01
C ARG J 796 104.63 110.43 -22.02
N HIS J 797 103.65 110.40 -21.11
CA HIS J 797 102.77 111.54 -20.89
C HIS J 797 102.46 111.82 -19.43
N GLY J 798 102.63 110.85 -18.53
CA GLY J 798 102.26 111.02 -17.13
C GLY J 798 103.01 112.13 -16.42
N GLU J 799 102.31 113.22 -16.12
CA GLU J 799 102.92 114.35 -15.41
C GLU J 799 103.01 114.01 -13.93
N PHE J 800 104.17 113.54 -13.49
CA PHE J 800 104.36 113.23 -12.08
C PHE J 800 104.17 114.47 -11.23
N LYS J 801 103.11 114.50 -10.43
CA LYS J 801 102.88 115.63 -9.55
C LYS J 801 104.00 115.75 -8.51
N PHE J 802 104.44 114.63 -7.97
CA PHE J 802 105.40 114.60 -6.88
C PHE J 802 106.71 113.96 -7.34
N LEU J 803 107.74 114.16 -6.52
CA LEU J 803 109.08 113.66 -6.83
C LEU J 803 109.25 112.24 -6.30
N PRO J 804 109.67 111.30 -7.14
CA PRO J 804 109.92 109.95 -6.64
C PRO J 804 111.04 109.95 -5.63
N PRO J 805 111.01 109.01 -4.67
CA PRO J 805 112.12 108.89 -3.71
C PRO J 805 113.41 108.55 -4.43
N PRO J 806 114.57 108.60 -3.75
CA PRO J 806 115.84 108.50 -4.47
C PRO J 806 116.07 107.13 -5.09
N GLY J 807 115.88 107.07 -6.40
CA GLY J 807 116.17 105.90 -7.22
C GLY J 807 114.93 105.07 -7.49
N TYR J 808 114.27 105.36 -8.62
CA TYR J 808 113.03 104.70 -9.01
C TYR J 808 112.77 105.00 -10.48
N ALA J 809 112.76 103.97 -11.33
CA ALA J 809 112.47 104.19 -12.72
C ALA J 809 111.00 104.57 -12.91
N PRO J 810 110.71 105.53 -13.79
CA PRO J 810 109.31 105.94 -14.02
C PRO J 810 108.47 104.91 -14.73
N CYS J 811 108.98 103.70 -14.98
CA CYS J 811 108.21 102.56 -15.45
C CYS J 811 107.81 102.66 -16.92
N HIS J 812 108.12 103.77 -17.58
CA HIS J 812 107.91 103.85 -19.01
C HIS J 812 109.04 103.19 -19.79
N GLU J 813 110.25 103.12 -19.21
CA GLU J 813 111.36 102.49 -19.90
C GLU J 813 111.11 101.02 -20.13
N ALA J 814 110.55 100.33 -19.12
CA ALA J 814 110.29 98.90 -19.22
C ALA J 814 109.08 98.65 -20.10
N VAL J 815 109.32 98.34 -21.37
CA VAL J 815 108.26 97.94 -22.29
C VAL J 815 108.87 96.88 -23.20
N LEU J 816 108.02 96.02 -23.75
CA LEU J 816 108.51 95.04 -24.71
C LEU J 816 109.03 95.78 -25.94
N PRO J 817 110.31 95.66 -26.29
CA PRO J 817 110.88 96.43 -27.40
C PRO J 817 110.53 95.86 -28.77
N ARG J 818 109.25 95.52 -28.96
CA ARG J 818 108.77 95.00 -30.22
C ARG J 818 107.40 95.55 -30.62
N GLU J 819 106.84 96.46 -29.83
CA GLU J 819 105.52 97.04 -30.10
C GLU J 819 105.34 98.25 -29.18
N ARG J 820 104.16 98.85 -29.20
CA ARG J 820 103.83 99.98 -28.35
C ARG J 820 103.10 99.48 -27.10
N LEU J 821 102.83 100.40 -26.19
CA LEU J 821 102.14 100.10 -24.94
C LEU J 821 100.68 100.50 -25.03
N ARG J 822 99.84 99.78 -24.28
CA ARG J 822 98.39 99.97 -24.34
C ARG J 822 97.77 99.36 -23.10
N LEU J 823 96.49 99.65 -22.89
CA LEU J 823 95.74 99.08 -21.79
C LEU J 823 94.85 97.95 -22.30
N GLU J 824 94.94 96.80 -21.65
CA GLU J 824 94.15 95.64 -22.02
C GLU J 824 93.65 94.94 -20.76
N PRO J 825 92.48 94.31 -20.82
CA PRO J 825 91.99 93.56 -19.66
C PRO J 825 92.65 92.18 -19.59
N ILE J 826 92.96 91.77 -18.37
CA ILE J 826 93.70 90.53 -18.16
C ILE J 826 92.75 89.34 -18.26
N LYS J 827 93.25 88.27 -18.90
CA LYS J 827 92.53 86.99 -19.02
C LYS J 827 91.19 87.16 -19.70
N GLU J 828 91.13 88.05 -20.69
CA GLU J 828 89.91 88.25 -21.44
C GLU J 828 89.62 87.02 -22.32
N TYR J 829 88.36 86.58 -22.34
CA TYR J 829 87.94 85.48 -23.19
C TYR J 829 86.72 85.82 -24.05
N ARG J 830 86.27 87.07 -24.04
CA ARG J 830 85.31 87.54 -25.03
C ARG J 830 85.65 88.98 -25.38
N ARG J 831 85.68 89.30 -26.66
CA ARG J 831 85.93 90.66 -27.12
C ARG J 831 84.97 91.02 -28.24
N GLU J 832 84.70 92.32 -28.36
CA GLU J 832 83.77 92.81 -29.36
C GLU J 832 84.42 92.83 -30.75
N GLY J 833 83.59 93.01 -31.76
CA GLY J 833 84.05 93.04 -33.13
C GLY J 833 82.95 93.40 -34.11
N PRO J 834 83.31 93.57 -35.38
CA PRO J 834 82.29 93.94 -36.38
C PRO J 834 81.18 92.91 -36.51
N ARG J 835 81.50 91.62 -36.47
CA ARG J 835 80.46 90.61 -36.38
C ARG J 835 79.88 90.54 -34.98
N GLY J 836 80.65 90.94 -33.96
CA GLY J 836 80.18 90.95 -32.60
C GLY J 836 81.15 90.27 -31.66
N PRO J 837 80.64 89.36 -30.83
CA PRO J 837 81.50 88.67 -29.88
C PRO J 837 82.57 87.84 -30.57
N HIS J 838 83.74 87.79 -29.94
CA HIS J 838 84.86 86.97 -30.41
C HIS J 838 85.36 86.15 -29.23
N LEU J 839 85.35 84.83 -29.39
CA LEU J 839 85.83 83.92 -28.35
C LEU J 839 87.33 83.70 -28.53
N VAL J 840 88.11 84.10 -27.52
CA VAL J 840 89.56 83.97 -27.57
C VAL J 840 90.01 83.04 -26.45
N GLY J 841 90.95 82.16 -26.76
CA GLY J 841 91.48 81.22 -25.80
C GLY J 841 92.62 81.80 -24.99
N PRO J 842 93.35 80.94 -24.27
CA PRO J 842 94.46 81.41 -23.44
C PRO J 842 95.57 82.03 -24.30
N SER J 843 96.15 83.11 -23.81
CA SER J 843 97.24 83.78 -24.49
C SER J 843 98.58 83.25 -23.98
N ARG J 844 99.68 83.85 -24.43
CA ARG J 844 101.02 83.46 -24.01
C ARG J 844 101.62 84.55 -23.12
N CYS J 845 102.63 84.15 -22.36
CA CYS J 845 103.28 85.06 -21.42
C CYS J 845 104.72 84.63 -21.21
N LEU J 846 105.54 85.57 -20.74
CA LEU J 846 106.95 85.31 -20.48
C LEU J 846 107.10 84.67 -19.09
N SER J 847 108.34 84.52 -18.63
CA SER J 847 108.61 83.91 -17.35
C SER J 847 109.95 84.44 -16.82
N HIS J 848 110.29 84.02 -15.60
CA HIS J 848 111.55 84.45 -15.00
C HIS J 848 112.75 83.95 -15.80
N THR J 849 112.71 82.67 -16.21
CA THR J 849 113.82 82.12 -16.97
C THR J 849 113.95 82.77 -18.34
N ASP J 850 112.81 83.09 -18.97
CA ASP J 850 112.84 83.70 -20.30
C ASP J 850 113.54 85.06 -20.27
N PHE J 851 113.26 85.86 -19.25
CA PHE J 851 113.88 87.17 -19.13
C PHE J 851 115.27 87.07 -18.50
N VAL J 852 116.14 86.26 -19.10
CA VAL J 852 117.50 86.09 -18.61
C VAL J 852 118.41 85.69 -19.76
N PRO J 853 119.27 86.56 -20.24
CA PRO J 853 120.21 86.17 -21.30
C PRO J 853 121.16 85.09 -20.82
N CYS J 854 121.54 84.20 -21.74
CA CYS J 854 122.43 83.09 -21.44
C CYS J 854 123.39 82.87 -22.60
N PRO J 855 124.64 83.30 -22.46
CA PRO J 855 125.64 82.98 -23.47
C PRO J 855 125.83 81.47 -23.65
N VAL J 856 126.17 81.07 -24.86
CA VAL J 856 126.39 79.66 -25.14
C VAL J 856 127.62 79.16 -24.38
N ASP J 857 127.65 77.85 -24.15
CA ASP J 857 128.74 77.21 -23.42
C ASP J 857 130.03 77.19 -24.23
N LEU J 863 143.37 69.91 -32.44
CA LEU J 863 142.93 70.98 -33.33
C LEU J 863 143.60 70.87 -34.69
N PRO J 864 142.79 70.80 -35.75
CA PRO J 864 143.36 70.73 -37.10
C PRO J 864 144.18 71.97 -37.41
N PRO J 865 145.29 71.81 -38.14
CA PRO J 865 146.13 72.99 -38.43
C PRO J 865 145.41 74.07 -39.22
N HIS J 866 144.56 73.69 -40.17
CA HIS J 866 143.91 74.69 -41.02
C HIS J 866 142.95 75.58 -40.24
N LEU J 867 142.38 75.06 -39.15
CA LEU J 867 141.49 75.88 -38.33
C LEU J 867 142.23 77.08 -37.75
N GLU J 868 143.44 76.87 -37.26
CA GLU J 868 144.28 77.93 -36.73
C GLU J 868 145.24 78.52 -37.77
N ARG J 869 145.23 78.00 -38.99
CA ARG J 869 146.13 78.51 -40.02
C ARG J 869 145.56 79.74 -40.71
N ILE J 870 144.23 79.77 -40.92
CA ILE J 870 143.62 80.87 -41.67
C ILE J 870 143.77 82.17 -40.91
N ARG J 871 143.13 82.26 -39.74
CA ARG J 871 143.25 83.40 -38.84
C ARG J 871 143.14 84.74 -39.55
N GLU J 872 144.29 85.38 -39.79
CA GLU J 872 144.31 86.70 -40.42
C GLU J 872 143.65 86.67 -41.80
N LYS J 873 143.78 85.55 -42.51
CA LYS J 873 143.19 85.45 -43.84
C LYS J 873 141.68 85.67 -43.79
N LEU J 874 141.01 85.09 -42.81
CA LEU J 874 139.60 85.40 -42.57
C LEU J 874 139.45 86.76 -41.92
N ALA J 875 140.38 87.13 -41.04
CA ALA J 875 140.31 88.42 -40.37
C ALA J 875 140.46 89.57 -41.37
N GLU J 876 141.45 89.48 -42.26
CA GLU J 876 141.61 90.51 -43.28
C GLU J 876 140.40 90.55 -44.20
N ASN J 877 139.85 89.38 -44.54
CA ASN J 877 138.63 89.34 -45.34
C ASN J 877 137.48 90.00 -44.59
N ILE J 878 137.40 89.81 -43.28
CA ILE J 878 136.46 90.57 -42.47
C ILE J 878 136.89 92.03 -42.38
N HIS J 879 138.20 92.27 -42.29
CA HIS J 879 138.71 93.63 -42.16
C HIS J 879 138.59 94.44 -43.44
N GLU J 880 138.30 93.79 -44.57
CA GLU J 880 138.02 94.55 -45.79
C GLU J 880 136.78 95.42 -45.62
N LEU J 881 135.73 94.88 -45.01
CA LEU J 881 134.49 95.62 -44.86
C LEU J 881 134.60 96.73 -43.82
N TRP J 882 135.66 96.73 -43.00
CA TRP J 882 135.77 97.73 -41.94
C TRP J 882 135.87 99.15 -42.48
N ALA J 883 136.25 99.32 -43.74
CA ALA J 883 136.22 100.63 -44.36
C ALA J 883 135.12 100.77 -45.41
N LEU J 884 134.53 99.65 -45.85
CA LEU J 884 133.59 99.65 -46.96
C LEU J 884 132.55 100.76 -46.85
N THR J 885 131.71 100.70 -45.81
CA THR J 885 130.74 101.77 -45.58
C THR J 885 131.33 102.94 -44.80
N ARG J 886 132.47 102.74 -44.15
CA ARG J 886 133.23 103.86 -43.62
C ARG J 886 133.96 104.67 -44.69
N ILE J 887 133.99 104.20 -45.94
CA ILE J 887 134.21 105.12 -47.05
C ILE J 887 132.99 106.00 -47.26
N GLU J 888 131.79 105.40 -47.24
CA GLU J 888 130.57 106.18 -47.35
C GLU J 888 130.43 107.13 -46.18
N GLN J 889 130.90 106.72 -44.99
CA GLN J 889 130.95 107.63 -43.85
C GLN J 889 132.01 108.71 -44.01
N GLY J 890 133.05 108.47 -44.81
CA GLY J 890 134.12 109.43 -44.99
C GLY J 890 135.02 109.53 -43.79
N TRP J 891 135.62 108.41 -43.40
CA TRP J 891 136.39 108.34 -42.17
C TRP J 891 137.83 107.91 -42.44
N THR J 892 138.49 108.53 -43.42
CA THR J 892 139.75 107.99 -43.93
C THR J 892 140.90 108.13 -42.94
N TYR J 893 141.08 107.09 -42.13
CA TYR J 893 142.15 106.96 -41.15
C TYR J 893 142.41 108.26 -40.38
N GLY J 894 141.41 108.66 -39.60
CA GLY J 894 141.55 109.78 -38.71
C GLY J 894 142.58 109.52 -37.63
N PRO J 895 143.66 110.31 -37.62
CA PRO J 895 144.75 110.07 -36.66
C PRO J 895 144.42 110.44 -35.23
N VAL J 896 143.26 111.04 -34.95
CA VAL J 896 142.96 111.52 -33.60
C VAL J 896 141.62 111.00 -33.12
N ARG J 897 141.07 110.00 -33.82
CA ARG J 897 139.83 109.33 -33.44
C ARG J 897 138.68 110.33 -33.31
N ASP J 898 138.31 110.91 -34.44
CA ASP J 898 137.21 111.86 -34.49
C ASP J 898 135.87 111.16 -34.35
N ASP J 899 135.35 111.09 -33.12
CA ASP J 899 134.10 110.38 -32.86
C ASP J 899 132.89 111.10 -33.42
N ASN J 900 133.01 112.38 -33.76
CA ASN J 900 131.85 113.16 -34.19
C ASN J 900 132.08 113.85 -35.53
N LYS J 901 133.32 114.22 -35.84
CA LYS J 901 133.65 114.88 -37.09
C LYS J 901 134.24 113.93 -38.12
N ARG J 902 133.75 112.69 -38.12
CA ARG J 902 133.85 111.76 -39.26
C ARG J 902 135.29 111.38 -39.59
N LEU J 903 135.94 110.72 -38.63
CA LEU J 903 137.25 110.12 -38.86
C LEU J 903 137.44 108.94 -37.90
N HIS J 904 138.35 108.03 -38.27
CA HIS J 904 138.53 106.77 -37.54
C HIS J 904 140.02 106.43 -37.39
N PRO J 905 140.44 105.92 -36.24
CA PRO J 905 141.87 105.69 -35.98
C PRO J 905 142.38 104.27 -36.18
N CYS J 906 141.52 103.30 -36.50
CA CYS J 906 141.94 101.91 -36.63
C CYS J 906 141.74 101.41 -38.06
N LEU J 907 141.85 102.32 -39.03
CA LEU J 907 141.58 102.01 -40.42
C LEU J 907 142.87 101.82 -41.21
N VAL J 908 143.70 100.85 -40.77
CA VAL J 908 144.95 100.51 -41.44
C VAL J 908 145.18 99.01 -41.34
N ASN J 909 146.32 98.57 -41.85
CA ASN J 909 146.69 97.16 -41.84
C ASN J 909 146.92 96.66 -40.41
N PHE J 910 146.91 95.34 -40.25
CA PHE J 910 146.95 94.73 -38.93
C PHE J 910 148.19 95.13 -38.15
N HIS J 911 149.37 95.02 -38.78
CA HIS J 911 150.59 95.41 -38.09
C HIS J 911 150.66 96.92 -37.88
N SER J 912 150.17 97.68 -38.85
CA SER J 912 150.05 99.13 -38.67
C SER J 912 148.97 99.48 -37.64
N LEU J 913 148.09 98.55 -37.31
CA LEU J 913 147.05 98.80 -36.33
C LEU J 913 147.65 98.92 -34.93
N PRO J 914 146.92 99.56 -34.00
CA PRO J 914 147.39 99.60 -32.61
C PRO J 914 147.44 98.23 -31.95
N GLU J 915 147.89 98.19 -30.70
CA GLU J 915 148.11 96.91 -30.03
C GLU J 915 146.85 96.06 -29.90
N PRO J 916 145.70 96.57 -29.38
CA PRO J 916 144.50 95.73 -29.23
C PRO J 916 143.62 95.72 -30.48
N GLU J 917 144.21 95.37 -31.63
CA GLU J 917 143.49 95.33 -32.89
C GLU J 917 143.64 94.02 -33.65
N ARG J 918 144.51 93.11 -33.22
CA ARG J 918 144.65 91.82 -33.89
C ARG J 918 143.71 90.77 -33.29
N ASN J 919 143.74 90.62 -31.96
CA ASN J 919 142.74 89.80 -31.29
C ASN J 919 141.36 90.43 -31.32
N TYR J 920 141.29 91.74 -31.57
CA TYR J 920 140.00 92.40 -31.72
C TYR J 920 139.18 91.78 -32.84
N ASN J 921 139.83 91.28 -33.89
CA ASN J 921 139.16 90.61 -34.99
C ASN J 921 139.50 89.12 -35.07
N LEU J 922 140.26 88.59 -34.11
CA LEU J 922 140.61 87.18 -34.14
C LEU J 922 140.26 86.43 -32.87
N GLN J 923 140.41 87.05 -31.70
CA GLN J 923 140.10 86.36 -30.45
C GLN J 923 138.61 86.03 -30.37
N MET J 924 137.76 87.01 -30.67
CA MET J 924 136.33 86.76 -30.73
C MET J 924 135.93 85.94 -31.94
N SER J 925 136.83 85.76 -32.92
CA SER J 925 136.58 84.89 -34.06
C SER J 925 137.22 83.52 -33.89
N GLY J 926 138.45 83.46 -33.36
CA GLY J 926 139.08 82.18 -33.10
C GLY J 926 138.31 81.36 -32.08
N GLU J 927 137.86 82.01 -31.00
CA GLU J 927 136.99 81.34 -30.04
C GLU J 927 135.66 80.97 -30.70
N THR J 928 135.14 81.83 -31.57
CA THR J 928 133.91 81.52 -32.30
C THR J 928 134.09 80.25 -33.13
N LEU J 929 135.20 80.15 -33.86
CA LEU J 929 135.50 78.92 -34.58
C LEU J 929 135.74 77.77 -33.62
N LYS J 930 136.41 78.03 -32.49
CA LYS J 930 136.60 77.00 -31.48
C LYS J 930 135.27 76.54 -30.92
N THR J 931 134.36 77.48 -30.65
CA THR J 931 133.03 77.13 -30.20
C THR J 931 132.17 76.57 -31.34
N LEU J 932 132.56 76.84 -32.59
CA LEU J 932 131.75 76.42 -33.73
C LEU J 932 131.55 74.91 -33.77
N LEU J 933 132.49 74.14 -33.20
CA LEU J 933 132.27 72.70 -33.10
C LEU J 933 131.10 72.39 -32.18
N ALA J 934 130.95 73.15 -31.09
CA ALA J 934 129.81 72.98 -30.21
C ALA J 934 128.51 73.44 -30.85
N LEU J 935 128.58 74.22 -31.94
CA LEU J 935 127.38 74.64 -32.64
C LEU J 935 126.70 73.48 -33.38
N GLY J 936 127.36 72.35 -33.52
CA GLY J 936 126.78 71.22 -34.22
C GLY J 936 126.78 71.33 -35.72
N CYS J 937 127.50 72.29 -36.28
CA CYS J 937 127.53 72.46 -37.73
C CYS J 937 128.37 71.37 -38.38
N HIS J 938 128.10 71.14 -39.67
CA HIS J 938 128.82 70.14 -40.47
C HIS J 938 129.73 70.90 -41.42
N VAL J 939 130.93 71.22 -40.95
CA VAL J 939 131.88 72.03 -41.69
C VAL J 939 133.24 71.33 -41.72
N GLY J 940 133.91 71.43 -42.85
CA GLY J 940 135.26 70.90 -42.98
C GLY J 940 136.02 71.61 -44.08
N MET J 941 137.19 72.15 -43.75
CA MET J 941 137.97 72.93 -44.70
C MET J 941 138.57 71.99 -45.73
N ALA J 942 137.94 71.89 -46.90
CA ALA J 942 138.40 70.98 -47.94
C ALA J 942 138.26 71.55 -49.35
N ASP J 943 137.93 72.84 -49.49
CA ASP J 943 137.75 73.41 -50.82
C ASP J 943 139.04 73.37 -51.62
N GLU J 944 140.05 74.14 -51.20
CA GLU J 944 141.37 74.15 -51.83
C GLU J 944 141.29 74.37 -53.34
N LYS J 945 140.36 75.23 -53.78
CA LYS J 945 140.26 75.53 -55.20
C LYS J 945 141.38 76.48 -55.61
N ALA J 946 142.53 75.91 -55.98
CA ALA J 946 143.74 76.64 -56.34
C ALA J 946 144.29 77.46 -55.17
N GLU J 947 143.61 77.40 -54.02
CA GLU J 947 144.05 77.98 -52.76
C GLU J 947 144.15 79.51 -52.84
N ASP J 948 143.85 80.08 -54.01
CA ASP J 948 143.90 81.53 -54.16
C ASP J 948 142.79 82.06 -55.07
N ASN J 949 141.84 81.22 -55.48
CA ASN J 949 140.81 81.65 -56.41
C ASN J 949 139.84 82.66 -55.80
N LEU J 950 139.89 82.86 -54.48
CA LEU J 950 139.04 83.85 -53.83
C LEU J 950 139.54 85.25 -54.17
N LYS J 951 139.00 85.84 -55.23
CA LYS J 951 139.47 87.13 -55.71
C LYS J 951 138.66 88.27 -55.12
N LYS J 952 139.34 89.39 -54.90
CA LYS J 952 138.74 90.55 -54.25
C LYS J 952 138.06 91.46 -55.28
N THR J 953 137.17 92.31 -54.77
CA THR J 953 136.43 93.28 -55.58
C THR J 953 136.86 94.68 -55.16
N LYS J 954 137.39 95.45 -56.11
CA LYS J 954 138.01 96.72 -55.78
C LYS J 954 137.80 97.69 -56.94
N LEU J 955 138.57 98.78 -56.93
CA LEU J 955 138.59 99.85 -57.92
C LEU J 955 137.26 100.61 -58.05
N PRO J 956 136.64 101.06 -56.94
CA PRO J 956 135.52 102.03 -57.07
C PRO J 956 135.99 103.48 -56.99
N LYS J 957 136.56 103.95 -58.10
CA LYS J 957 137.18 105.27 -58.19
C LYS J 957 138.44 105.30 -57.32
N THR J 958 138.79 106.46 -56.76
CA THR J 958 140.01 106.60 -55.98
C THR J 958 140.04 105.59 -54.82
N TYR J 959 139.13 105.71 -53.87
CA TYR J 959 138.85 104.71 -52.84
C TYR J 959 140.09 104.33 -52.04
N MET J 960 141.17 105.11 -52.12
CA MET J 960 142.46 104.74 -51.55
C MET J 960 142.88 105.77 -50.52
N MET J 961 143.55 105.30 -49.47
CA MET J 961 143.84 106.08 -48.26
C MET J 961 145.32 106.42 -48.21
N SER J 962 145.76 106.96 -47.08
CA SER J 962 147.19 107.09 -46.81
C SER J 962 147.83 105.74 -46.49
N ASN J 963 147.06 104.78 -45.96
CA ASN J 963 147.61 103.48 -45.59
C ASN J 963 147.86 102.59 -46.80
N GLY J 964 147.07 102.77 -47.86
CA GLY J 964 147.14 101.91 -49.02
C GLY J 964 146.24 100.70 -48.94
N TYR J 965 145.30 100.66 -48.01
CA TYR J 965 144.42 99.50 -47.88
C TYR J 965 143.56 99.31 -49.11
N LYS J 966 142.84 100.37 -49.52
CA LYS J 966 141.87 100.30 -50.61
C LYS J 966 141.00 99.06 -50.44
N PRO J 967 140.09 99.05 -49.47
CA PRO J 967 139.41 97.81 -49.06
C PRO J 967 138.79 97.08 -50.24
N ALA J 968 138.92 95.75 -50.21
CA ALA J 968 138.48 94.91 -51.33
C ALA J 968 138.07 93.56 -50.78
N PRO J 969 136.78 93.38 -50.46
CA PRO J 969 136.32 92.07 -49.99
C PRO J 969 136.56 90.99 -51.04
N LEU J 970 136.90 89.79 -50.57
CA LEU J 970 137.27 88.68 -51.43
C LEU J 970 136.02 88.07 -52.07
N ASP J 971 136.15 86.86 -52.60
CA ASP J 971 135.12 86.22 -53.39
C ASP J 971 134.18 85.37 -52.54
N LEU J 972 133.99 85.73 -51.28
CA LEU J 972 132.98 85.08 -50.44
C LEU J 972 131.59 85.62 -50.73
N SER J 973 131.22 85.69 -52.01
CA SER J 973 129.94 86.20 -52.43
C SER J 973 129.03 85.13 -53.03
N HIS J 974 129.58 84.18 -53.78
CA HIS J 974 128.80 83.12 -54.39
C HIS J 974 128.73 81.88 -53.50
N VAL J 975 128.34 82.09 -52.24
CA VAL J 975 128.16 81.01 -51.27
C VAL J 975 126.76 81.17 -50.69
N ARG J 976 125.81 80.36 -51.18
CA ARG J 976 124.41 80.48 -50.81
C ARG J 976 124.04 79.64 -49.60
N LEU J 977 125.02 79.23 -48.79
CA LEU J 977 124.81 78.56 -47.51
C LEU J 977 123.88 77.35 -47.58
N THR J 978 123.43 76.89 -46.42
CA THR J 978 122.59 75.70 -46.28
C THR J 978 121.41 76.03 -45.39
N PRO J 979 120.30 75.27 -45.49
CA PRO J 979 119.16 75.52 -44.62
C PRO J 979 119.51 75.63 -43.15
N ALA J 980 120.44 74.80 -42.66
CA ALA J 980 120.91 74.94 -41.29
C ALA J 980 121.75 76.19 -41.13
N GLN J 981 122.56 76.53 -42.14
CA GLN J 981 123.42 77.71 -42.05
C GLN J 981 122.62 79.00 -41.99
N THR J 982 121.40 79.00 -42.56
CA THR J 982 120.53 80.17 -42.42
C THR J 982 120.19 80.43 -40.95
N THR J 983 120.07 79.37 -40.16
CA THR J 983 119.87 79.49 -38.72
C THR J 983 121.15 79.38 -37.92
N LEU J 984 122.14 78.63 -38.42
CA LEU J 984 123.42 78.53 -37.72
C LEU J 984 124.09 79.89 -37.60
N VAL J 985 124.05 80.68 -38.68
CA VAL J 985 124.56 82.04 -38.61
C VAL J 985 123.76 82.86 -37.60
N ASP J 986 122.43 82.70 -37.64
CA ASP J 986 121.59 83.36 -36.64
C ASP J 986 121.86 82.82 -35.24
N ARG J 987 122.05 81.49 -35.12
CA ARG J 987 122.38 80.92 -33.82
C ARG J 987 123.71 81.44 -33.31
N LEU J 988 124.71 81.54 -34.19
CA LEU J 988 125.97 82.17 -33.81
C LEU J 988 125.77 83.63 -33.47
N ALA J 989 124.91 84.32 -34.23
CA ALA J 989 124.60 85.72 -33.93
C ALA J 989 123.93 85.85 -32.57
N GLU J 990 123.04 84.91 -32.24
CA GLU J 990 122.43 84.91 -30.92
C GLU J 990 123.47 84.74 -29.82
N ASN J 991 124.46 83.88 -30.05
CA ASN J 991 125.53 83.71 -29.08
C ASN J 991 126.33 85.01 -28.92
N GLY J 992 126.59 85.70 -30.02
CA GLY J 992 127.33 86.94 -29.94
C GLY J 992 126.60 88.01 -29.13
N HIS J 993 125.29 88.14 -29.37
CA HIS J 993 124.51 89.07 -28.58
C HIS J 993 124.45 88.64 -27.12
N ASN J 994 124.31 87.34 -26.87
CA ASN J 994 124.25 86.85 -25.50
C ASN J 994 125.60 87.00 -24.79
N VAL J 995 126.70 86.70 -25.49
CA VAL J 995 128.02 86.83 -24.88
C VAL J 995 128.29 88.27 -24.50
N TRP J 996 128.01 89.20 -25.41
CA TRP J 996 128.19 90.61 -25.10
C TRP J 996 127.24 91.07 -24.01
N ALA J 997 126.05 90.48 -23.93
CA ALA J 997 125.12 90.80 -22.85
C ALA J 997 125.71 90.41 -21.50
N ARG J 998 126.34 89.24 -21.41
CA ARG J 998 126.99 88.84 -20.16
C ARG J 998 128.13 89.78 -19.81
N ASP J 999 128.89 90.21 -20.82
CA ASP J 999 129.97 91.18 -20.58
C ASP J 999 129.41 92.50 -20.08
N ARG J 1000 128.33 92.98 -20.69
CA ARG J 1000 127.69 94.20 -20.22
C ARG J 1000 127.12 94.03 -18.82
N VAL J 1001 126.51 92.87 -18.55
CA VAL J 1001 125.94 92.61 -17.23
C VAL J 1001 127.01 92.54 -16.17
N ALA J 1002 128.22 92.07 -16.53
CA ALA J 1002 129.29 91.92 -15.55
C ALA J 1002 129.67 93.28 -14.95
N GLN J 1003 129.72 94.32 -15.77
CA GLN J 1003 130.08 95.65 -15.29
C GLN J 1003 128.85 96.37 -14.73
N GLY J 1004 128.15 95.73 -13.81
CA GLY J 1004 126.99 96.33 -13.18
C GLY J 1004 125.89 96.68 -14.17
N TRP J 1005 125.57 95.75 -15.07
CA TRP J 1005 124.59 95.96 -16.13
C TRP J 1005 124.94 97.20 -16.95
N SER J 1006 126.14 97.17 -17.53
CA SER J 1006 126.72 98.26 -18.31
C SER J 1006 126.91 99.54 -17.50
N TYR J 1007 126.82 99.44 -16.16
CA TYR J 1007 127.01 100.58 -15.26
C TYR J 1007 126.08 101.74 -15.61
N SER J 1008 124.84 101.41 -15.99
CA SER J 1008 123.83 102.40 -16.36
C SER J 1008 124.34 103.31 -17.46
N ALA J 1009 124.43 104.61 -17.16
CA ALA J 1009 124.95 105.58 -18.12
C ALA J 1009 125.73 106.67 -17.41
N ARG J 1020 121.37 99.20 -22.57
CA ARG J 1020 120.10 99.30 -23.28
C ARG J 1020 119.96 98.18 -24.31
N LEU J 1021 120.37 96.96 -23.92
CA LEU J 1021 120.29 95.80 -24.77
C LEU J 1021 119.60 94.67 -24.02
N VAL J 1022 118.68 93.98 -24.69
CA VAL J 1022 117.88 92.93 -24.06
C VAL J 1022 118.34 91.57 -24.56
N PRO J 1023 117.80 90.47 -24.02
CA PRO J 1023 118.24 89.15 -24.46
C PRO J 1023 117.88 88.88 -25.91
N TYR J 1024 118.64 87.97 -26.53
CA TYR J 1024 118.42 87.64 -27.93
C TYR J 1024 117.05 87.01 -28.12
N ARG J 1025 116.49 87.24 -29.32
CA ARG J 1025 115.18 86.75 -29.74
C ARG J 1025 114.06 87.52 -29.04
N LEU J 1026 114.42 88.33 -28.06
CA LEU J 1026 113.49 89.25 -27.41
C LEU J 1026 113.76 90.71 -27.74
N LEU J 1027 114.91 91.00 -28.34
CA LEU J 1027 115.34 92.37 -28.59
C LEU J 1027 114.54 92.96 -29.76
N ASP J 1028 114.95 94.14 -30.21
CA ASP J 1028 114.25 94.87 -31.24
C ASP J 1028 114.47 94.21 -32.59
N GLU J 1029 113.96 94.85 -33.65
CA GLU J 1029 114.11 94.35 -35.00
C GLU J 1029 115.35 94.93 -35.69
N ALA J 1030 115.68 96.19 -35.39
CA ALA J 1030 116.84 96.82 -36.03
C ALA J 1030 118.14 96.12 -35.64
N THR J 1031 118.28 95.76 -34.36
CA THR J 1031 119.48 95.04 -33.93
C THR J 1031 119.58 93.67 -34.58
N LYS J 1032 118.44 93.05 -34.90
CA LYS J 1032 118.44 91.76 -35.56
C LYS J 1032 118.92 91.83 -37.01
N ARG J 1033 119.05 93.03 -37.58
CA ARG J 1033 119.45 93.18 -38.97
C ARG J 1033 120.96 93.29 -39.13
N SER J 1034 121.60 94.18 -38.37
CA SER J 1034 123.03 94.41 -38.53
C SER J 1034 123.85 93.18 -38.18
N ASN J 1035 123.47 92.49 -37.10
CA ASN J 1035 124.26 91.37 -36.62
C ASN J 1035 124.31 90.20 -37.59
N ARG J 1036 123.34 90.09 -38.49
CA ARG J 1036 123.36 88.98 -39.45
C ARG J 1036 124.41 89.22 -40.53
N ASP J 1037 124.40 90.39 -41.15
CA ASP J 1037 125.33 90.67 -42.25
C ASP J 1037 126.77 90.71 -41.76
N SER J 1038 127.01 91.29 -40.58
CA SER J 1038 128.36 91.40 -40.07
C SER J 1038 128.98 90.02 -39.83
N LEU J 1039 128.23 89.11 -39.21
CA LEU J 1039 128.73 87.76 -38.99
C LEU J 1039 128.70 86.93 -40.27
N CYS J 1040 127.82 87.25 -41.22
CA CYS J 1040 127.74 86.47 -42.44
C CYS J 1040 129.06 86.50 -43.21
N GLN J 1041 129.64 87.69 -43.36
CA GLN J 1041 130.90 87.82 -44.09
C GLN J 1041 131.99 86.94 -43.48
N ALA J 1042 132.06 86.90 -42.14
CA ALA J 1042 132.96 85.96 -41.48
C ALA J 1042 132.56 84.52 -41.77
N VAL J 1043 131.25 84.25 -41.83
CA VAL J 1043 130.76 82.90 -42.08
C VAL J 1043 130.79 82.53 -43.56
N ARG J 1044 130.88 83.51 -44.47
CA ARG J 1044 130.90 83.19 -45.89
C ARG J 1044 132.21 82.54 -46.33
N THR J 1045 133.22 82.47 -45.46
CA THR J 1045 134.46 81.81 -45.80
C THR J 1045 134.29 80.31 -45.98
N LEU J 1046 133.14 79.76 -45.60
CA LEU J 1046 132.86 78.34 -45.81
C LEU J 1046 132.94 78.01 -47.30
N LEU J 1047 133.46 76.83 -47.59
CA LEU J 1047 133.71 76.33 -48.94
C LEU J 1047 134.70 77.20 -49.71
N GLY J 1048 135.44 78.07 -49.02
CA GLY J 1048 136.45 78.88 -49.65
C GLY J 1048 137.85 78.47 -49.24
N TYR J 1049 137.98 78.02 -47.99
CA TYR J 1049 139.27 77.57 -47.47
C TYR J 1049 139.24 76.08 -47.14
N ASP J 1070 94.68 75.46 -19.05
CA ASP J 1070 96.11 75.71 -19.18
C ASP J 1070 96.59 75.39 -20.59
N ARG J 1071 95.89 74.49 -21.26
CA ARG J 1071 96.25 74.09 -22.62
C ARG J 1071 95.16 74.42 -23.64
N VAL J 1072 93.91 74.06 -23.35
CA VAL J 1072 92.78 74.37 -24.22
C VAL J 1072 91.64 74.91 -23.38
N ARG J 1073 90.77 75.67 -24.02
CA ARG J 1073 89.58 76.26 -23.40
C ARG J 1073 88.39 75.95 -24.30
N ILE J 1074 87.74 74.82 -24.06
CA ILE J 1074 86.66 74.37 -24.92
C ILE J 1074 85.37 75.11 -24.59
N PHE J 1075 84.43 75.12 -25.53
CA PHE J 1075 83.15 75.78 -25.37
C PHE J 1075 82.06 74.85 -25.87
N ARG J 1076 80.88 74.96 -25.25
CA ARG J 1076 79.73 74.15 -25.63
C ARG J 1076 78.47 74.94 -25.34
N ALA J 1077 77.33 74.31 -25.58
CA ALA J 1077 76.04 74.87 -25.21
C ALA J 1077 75.50 74.11 -24.02
N GLU J 1078 74.61 74.76 -23.27
CA GLU J 1078 73.99 74.11 -22.11
C GLU J 1078 73.17 72.92 -22.56
N LYS J 1079 73.16 71.87 -21.72
CA LYS J 1079 72.61 70.59 -22.13
C LYS J 1079 71.11 70.46 -21.83
N SER J 1080 70.33 71.44 -22.31
CA SER J 1080 68.89 71.26 -22.45
C SER J 1080 68.40 71.72 -23.82
N TYR J 1081 69.28 72.15 -24.72
CA TYR J 1081 68.98 72.29 -26.13
C TYR J 1081 69.36 71.04 -26.92
N THR J 1082 69.41 69.90 -26.23
CA THR J 1082 69.78 68.66 -26.88
C THR J 1082 68.81 68.33 -28.00
N VAL J 1083 69.35 67.91 -29.14
CA VAL J 1083 68.57 67.65 -30.34
C VAL J 1083 68.55 66.14 -30.58
N GLN J 1084 67.34 65.60 -30.76
CA GLN J 1084 67.16 64.17 -30.97
C GLN J 1084 66.42 63.84 -32.25
N SER J 1085 66.00 64.84 -33.02
CA SER J 1085 65.34 64.62 -34.30
C SER J 1085 65.28 65.91 -35.11
N GLY J 1086 65.63 65.84 -36.39
CA GLY J 1086 65.55 66.97 -37.28
C GLY J 1086 66.85 67.20 -38.00
N ARG J 1087 66.91 68.32 -38.71
CA ARG J 1087 68.09 68.70 -39.49
C ARG J 1087 68.44 70.13 -39.13
N TRP J 1088 69.69 70.35 -38.72
CA TRP J 1088 70.11 71.61 -38.14
C TRP J 1088 71.48 72.00 -38.70
N TYR J 1089 71.87 73.26 -38.44
CA TYR J 1089 73.04 73.82 -39.09
C TYR J 1089 73.55 75.00 -38.29
N PHE J 1090 74.87 75.18 -38.30
CA PHE J 1090 75.52 76.32 -37.70
C PHE J 1090 76.92 76.44 -38.29
N GLU J 1091 77.46 77.66 -38.25
CA GLU J 1091 78.76 77.93 -38.87
C GLU J 1091 79.74 78.46 -37.86
N PHE J 1092 81.03 78.34 -38.21
CA PHE J 1092 82.14 78.79 -37.39
C PHE J 1092 82.98 79.78 -38.18
N GLU J 1093 83.55 80.76 -37.47
CA GLU J 1093 84.38 81.79 -38.08
C GLU J 1093 85.70 81.87 -37.34
N ALA J 1094 86.80 81.82 -38.08
CA ALA J 1094 88.13 81.90 -37.50
C ALA J 1094 88.92 83.03 -38.17
N VAL J 1095 89.82 83.63 -37.40
CA VAL J 1095 90.64 84.72 -37.91
C VAL J 1095 92.03 84.18 -38.21
N THR J 1096 92.68 83.62 -37.19
CA THR J 1096 94.00 83.06 -37.34
C THR J 1096 93.90 81.64 -37.90
N THR J 1097 95.02 80.94 -37.93
CA THR J 1097 95.10 79.58 -38.47
C THR J 1097 95.83 78.68 -37.48
N GLY J 1098 95.37 78.70 -36.23
CA GLY J 1098 95.97 77.87 -35.21
C GLY J 1098 95.41 76.47 -35.17
N GLU J 1099 94.97 76.01 -34.00
CA GLU J 1099 94.40 74.67 -33.84
C GLU J 1099 92.97 74.82 -33.32
N MET J 1100 92.00 74.50 -34.19
CA MET J 1100 90.58 74.62 -33.87
C MET J 1100 89.93 73.25 -33.96
N ARG J 1101 89.05 72.97 -33.00
CA ARG J 1101 88.24 71.76 -33.03
C ARG J 1101 86.78 72.14 -33.20
N VAL J 1102 86.14 71.56 -34.22
CA VAL J 1102 84.77 71.90 -34.58
C VAL J 1102 84.01 70.62 -34.85
N GLY J 1103 82.82 70.49 -34.27
CA GLY J 1103 82.01 69.31 -34.48
C GLY J 1103 80.85 69.29 -33.51
N TRP J 1104 80.26 68.11 -33.38
CA TRP J 1104 79.16 67.89 -32.45
C TRP J 1104 79.67 67.09 -31.27
N ALA J 1105 78.84 67.01 -30.23
CA ALA J 1105 79.29 66.31 -29.02
C ALA J 1105 78.08 65.81 -28.26
N ARG J 1106 78.29 64.72 -27.53
CA ARG J 1106 77.27 64.20 -26.64
C ARG J 1106 77.22 65.03 -25.36
N PRO J 1107 76.06 65.06 -24.69
CA PRO J 1107 75.93 65.96 -23.53
C PRO J 1107 76.88 65.62 -22.38
N GLU J 1108 77.39 64.40 -22.30
CA GLU J 1108 78.27 64.00 -21.20
C GLU J 1108 79.74 64.30 -21.54
N LEU J 1109 80.00 65.58 -21.83
CA LEU J 1109 81.34 66.00 -22.21
C LEU J 1109 82.21 66.16 -20.97
N ARG J 1110 83.16 65.26 -20.78
CA ARG J 1110 84.06 65.30 -19.64
C ARG J 1110 85.21 66.27 -19.91
N PRO J 1111 85.45 67.27 -19.06
CA PRO J 1111 86.59 68.16 -19.27
C PRO J 1111 87.92 67.50 -18.95
N ASP J 1112 89.01 68.25 -19.07
CA ASP J 1112 90.39 67.77 -18.90
C ASP J 1112 90.74 66.65 -19.88
N VAL J 1113 89.95 66.46 -20.93
CA VAL J 1113 90.22 65.46 -21.95
C VAL J 1113 90.10 66.13 -23.30
N GLU J 1114 91.13 65.97 -24.14
CA GLU J 1114 91.05 66.48 -25.50
C GLU J 1114 89.90 65.81 -26.24
N LEU J 1115 89.05 66.61 -26.84
CA LEU J 1115 87.86 66.08 -27.49
C LEU J 1115 88.23 65.36 -28.78
N GLY J 1116 87.43 64.34 -29.13
CA GLY J 1116 87.67 63.55 -30.31
C GLY J 1116 88.56 62.35 -30.12
N ALA J 1117 89.18 62.20 -28.94
CA ALA J 1117 90.03 61.05 -28.68
C ALA J 1117 89.23 59.78 -28.38
N ASP J 1118 87.92 59.90 -28.19
CA ASP J 1118 87.09 58.75 -27.91
C ASP J 1118 85.70 59.01 -28.50
N GLU J 1119 84.72 58.23 -28.04
CA GLU J 1119 83.36 58.27 -28.58
C GLU J 1119 82.54 59.45 -28.09
N LEU J 1120 83.05 60.25 -27.16
CA LEU J 1120 82.24 61.32 -26.56
C LEU J 1120 81.88 62.39 -27.59
N ALA J 1121 82.79 62.74 -28.49
CA ALA J 1121 82.54 63.84 -29.39
C ALA J 1121 83.06 63.50 -30.78
N TYR J 1122 82.27 63.86 -31.79
CA TYR J 1122 82.68 63.78 -33.19
C TYR J 1122 83.16 65.18 -33.60
N VAL J 1123 84.41 65.28 -34.02
CA VAL J 1123 85.03 66.58 -34.23
C VAL J 1123 85.92 66.52 -35.47
N PHE J 1124 86.08 67.67 -36.12
CA PHE J 1124 86.96 67.82 -37.27
C PHE J 1124 88.01 68.88 -36.97
N ASN J 1125 89.25 68.57 -37.31
CA ASN J 1125 90.37 69.51 -37.18
C ASN J 1125 90.87 69.87 -38.57
N GLY J 1126 90.72 71.14 -38.93
CA GLY J 1126 91.16 71.64 -40.21
C GLY J 1126 92.56 72.18 -40.24
N HIS J 1127 93.34 72.02 -39.17
CA HIS J 1127 94.73 72.44 -39.21
C HIS J 1127 95.58 71.48 -40.04
N ARG J 1128 95.34 70.17 -39.87
CA ARG J 1128 96.08 69.16 -40.59
C ARG J 1128 95.14 68.25 -41.38
N GLY J 1129 93.89 68.65 -41.55
CA GLY J 1129 92.92 67.83 -42.24
C GLY J 1129 92.63 66.53 -41.54
N GLN J 1130 92.35 66.60 -40.24
CA GLN J 1130 92.10 65.40 -39.43
C GLN J 1130 90.71 65.46 -38.81
N ARG J 1131 90.05 64.31 -38.77
CA ARG J 1131 88.80 64.12 -38.02
C ARG J 1131 89.07 63.13 -36.90
N TRP J 1132 88.65 63.47 -35.69
CA TRP J 1132 88.99 62.68 -34.51
C TRP J 1132 87.73 62.01 -33.95
N HIS J 1133 87.78 60.68 -33.89
CA HIS J 1133 86.80 59.88 -33.14
C HIS J 1133 87.47 58.55 -32.86
N LEU J 1134 87.75 58.27 -31.60
CA LEU J 1134 88.54 57.11 -31.18
C LEU J 1134 89.95 57.15 -31.76
N GLY J 1135 90.44 58.34 -32.10
CA GLY J 1135 91.71 58.52 -32.76
C GLY J 1135 91.58 59.36 -34.01
N SER J 1136 92.74 59.78 -34.51
CA SER J 1136 92.77 60.67 -35.66
C SER J 1136 92.60 59.89 -36.97
N GLU J 1137 92.28 60.64 -38.03
CA GLU J 1137 92.05 60.13 -39.38
C GLU J 1137 92.24 61.27 -40.37
N PRO J 1138 92.98 61.07 -41.46
CA PRO J 1138 93.19 62.16 -42.43
C PRO J 1138 91.91 62.44 -43.21
N PHE J 1139 91.47 63.69 -43.19
CA PHE J 1139 90.22 64.07 -43.85
C PHE J 1139 90.24 65.57 -44.13
N GLY J 1140 90.26 65.93 -45.42
CA GLY J 1140 90.19 67.33 -45.80
C GLY J 1140 91.54 68.01 -45.84
N ARG J 1141 91.50 69.26 -46.28
CA ARG J 1141 92.68 70.08 -46.46
C ARG J 1141 92.84 71.06 -45.31
N PRO J 1142 94.06 71.59 -45.09
CA PRO J 1142 94.25 72.60 -44.04
C PRO J 1142 93.51 73.90 -44.30
N TRP J 1143 93.64 74.85 -43.39
CA TRP J 1143 92.89 76.09 -43.46
C TRP J 1143 93.59 77.15 -44.31
N GLN J 1144 92.87 78.25 -44.51
CA GLN J 1144 93.43 79.53 -44.93
C GLN J 1144 92.91 80.58 -43.95
N SER J 1145 92.95 81.84 -44.31
CA SER J 1145 92.29 82.86 -43.49
C SER J 1145 90.79 82.83 -43.73
N GLY J 1146 90.04 83.35 -42.76
CA GLY J 1146 88.58 83.37 -42.87
C GLY J 1146 87.92 82.13 -42.28
N ASP J 1147 88.11 80.99 -42.94
CA ASP J 1147 87.69 79.67 -42.42
C ASP J 1147 86.22 79.66 -42.00
N VAL J 1148 85.36 79.86 -43.00
CA VAL J 1148 83.92 79.81 -42.79
C VAL J 1148 83.51 78.36 -42.96
N VAL J 1149 83.28 77.67 -41.85
CA VAL J 1149 82.98 76.24 -41.87
C VAL J 1149 81.68 76.01 -41.13
N GLY J 1150 80.84 75.11 -41.67
CA GLY J 1150 79.60 74.74 -41.03
C GLY J 1150 79.51 73.25 -40.80
N CYS J 1151 78.50 72.84 -40.05
CA CYS J 1151 78.33 71.44 -39.66
C CYS J 1151 76.95 70.96 -40.08
N MET J 1152 76.92 69.92 -40.91
CA MET J 1152 75.67 69.33 -41.34
C MET J 1152 75.27 68.26 -40.31
N ILE J 1153 73.97 67.98 -40.22
CA ILE J 1153 73.55 66.89 -39.34
C ILE J 1153 72.17 66.36 -39.74
N ASP J 1154 72.04 65.04 -39.81
CA ASP J 1154 70.75 64.46 -40.19
C ASP J 1154 70.62 63.14 -39.43
N LEU J 1155 69.77 63.13 -38.41
CA LEU J 1155 69.56 61.93 -37.61
C LEU J 1155 68.69 60.89 -38.30
N THR J 1156 67.99 61.25 -39.37
CA THR J 1156 67.15 60.27 -40.06
C THR J 1156 68.00 59.16 -40.65
N GLU J 1157 69.04 59.51 -41.40
CA GLU J 1157 69.99 58.54 -41.94
C GLU J 1157 71.25 58.42 -41.09
N ASN J 1158 71.34 59.15 -39.99
CA ASN J 1158 72.46 59.04 -39.04
C ASN J 1158 73.78 59.36 -39.73
N THR J 1159 73.88 60.58 -40.25
CA THR J 1159 75.05 60.98 -41.02
C THR J 1159 75.43 62.42 -40.68
N ILE J 1160 76.73 62.68 -40.62
CA ILE J 1160 77.28 64.00 -40.34
C ILE J 1160 78.17 64.41 -41.50
N ILE J 1161 77.96 65.63 -41.99
CA ILE J 1161 78.69 66.16 -43.13
C ILE J 1161 79.32 67.48 -42.72
N PHE J 1162 80.49 67.79 -43.27
CA PHE J 1162 81.13 69.08 -43.07
C PHE J 1162 81.25 69.82 -44.40
N THR J 1163 81.17 71.14 -44.34
CA THR J 1163 81.29 71.98 -45.53
C THR J 1163 82.27 73.11 -45.24
N LEU J 1164 83.19 73.34 -46.16
CA LEU J 1164 84.16 74.42 -46.06
C LEU J 1164 83.90 75.44 -47.16
N ASN J 1165 83.68 76.69 -46.77
CA ASN J 1165 83.36 77.76 -47.70
C ASN J 1165 82.18 77.38 -48.60
N GLY J 1166 81.19 76.72 -47.99
CA GLY J 1166 80.06 76.22 -48.75
C GLY J 1166 80.40 75.13 -49.74
N GLU J 1167 81.35 74.26 -49.39
CA GLU J 1167 81.75 73.15 -50.26
C GLU J 1167 82.03 71.93 -49.39
N VAL J 1168 81.35 70.83 -49.69
CA VAL J 1168 81.51 69.60 -48.91
C VAL J 1168 82.90 69.03 -49.12
N LEU J 1169 83.48 68.48 -48.06
CA LEU J 1169 84.81 67.88 -48.13
C LEU J 1169 84.69 66.39 -48.43
N MET J 1170 85.39 65.95 -49.47
CA MET J 1170 85.37 64.54 -49.84
C MET J 1170 86.19 63.71 -48.86
N SER J 1171 85.97 62.40 -48.89
CA SER J 1171 86.72 61.47 -48.07
C SER J 1171 88.01 61.09 -48.78
N ASP J 1172 88.71 60.07 -48.25
CA ASP J 1172 89.94 59.61 -48.88
C ASP J 1172 89.67 59.11 -50.30
N SER J 1173 88.68 58.23 -50.45
CA SER J 1173 88.26 57.77 -51.76
C SER J 1173 87.15 58.62 -52.36
N GLY J 1174 86.53 59.51 -51.56
CA GLY J 1174 85.45 60.34 -52.02
C GLY J 1174 84.10 59.82 -51.59
N SER J 1175 83.54 60.41 -50.54
CA SER J 1175 82.23 60.00 -50.02
C SER J 1175 81.68 61.15 -49.19
N GLU J 1176 80.60 60.88 -48.45
CA GLU J 1176 79.93 61.91 -47.67
C GLU J 1176 80.46 61.91 -46.23
N THR J 1177 81.70 62.37 -46.11
CA THR J 1177 82.34 62.68 -44.84
C THR J 1177 82.62 61.42 -44.02
N ALA J 1178 82.19 60.27 -44.53
CA ALA J 1178 82.51 58.96 -43.96
C ALA J 1178 82.01 58.80 -42.53
N PHE J 1179 81.31 59.80 -42.01
CA PHE J 1179 80.72 59.73 -40.67
C PHE J 1179 79.30 59.23 -40.81
N ARG J 1180 79.10 57.93 -40.60
CA ARG J 1180 77.77 57.35 -40.76
C ARG J 1180 77.53 56.36 -39.63
N GLU J 1181 76.25 55.96 -39.52
CA GLU J 1181 75.82 54.98 -38.53
C GLU J 1181 76.11 55.48 -37.11
N ILE J 1182 75.41 56.54 -36.74
CA ILE J 1182 75.54 57.18 -35.44
C ILE J 1182 74.25 56.96 -34.67
N GLU J 1183 74.37 56.60 -33.39
CA GLU J 1183 73.22 56.34 -32.54
C GLU J 1183 72.73 57.64 -31.90
N ILE J 1184 71.42 57.73 -31.72
CA ILE J 1184 70.83 58.95 -31.16
C ILE J 1184 71.29 59.16 -29.73
N GLY J 1185 71.19 58.13 -28.89
CA GLY J 1185 71.61 58.22 -27.51
C GLY J 1185 70.87 59.28 -26.71
N ASP J 1186 71.60 60.30 -26.26
CA ASP J 1186 71.03 61.42 -25.51
C ASP J 1186 71.13 62.72 -26.28
N GLY J 1187 71.00 62.66 -27.60
CA GLY J 1187 71.07 63.86 -28.41
C GLY J 1187 72.50 64.32 -28.61
N PHE J 1188 72.62 65.50 -29.22
CA PHE J 1188 73.92 66.07 -29.51
C PHE J 1188 73.86 67.58 -29.35
N LEU J 1189 75.02 68.18 -29.09
CA LEU J 1189 75.16 69.60 -28.82
C LEU J 1189 76.31 70.16 -29.64
N PRO J 1190 76.20 71.40 -30.09
CA PRO J 1190 77.34 72.00 -30.79
C PRO J 1190 78.47 72.33 -29.83
N VAL J 1191 79.69 72.03 -30.25
CA VAL J 1191 80.87 72.18 -29.42
C VAL J 1191 81.97 72.83 -30.24
N CYS J 1192 82.84 73.57 -29.55
CA CYS J 1192 83.97 74.23 -30.20
C CYS J 1192 85.06 74.46 -29.17
N SER J 1193 86.29 74.24 -29.58
CA SER J 1193 87.47 74.49 -28.76
C SER J 1193 88.31 75.59 -29.39
N LEU J 1194 89.41 75.92 -28.72
CA LEU J 1194 90.33 76.94 -29.24
C LEU J 1194 91.70 76.67 -28.66
N GLY J 1195 92.71 76.64 -29.53
CA GLY J 1195 94.08 76.58 -29.06
C GLY J 1195 94.55 77.94 -28.59
N PRO J 1196 95.76 77.97 -28.03
CA PRO J 1196 96.27 79.21 -27.47
C PRO J 1196 96.43 80.30 -28.53
N GLY J 1197 96.13 81.54 -28.13
CA GLY J 1197 96.35 82.71 -28.95
C GLY J 1197 95.33 82.93 -30.05
N GLN J 1198 94.61 81.90 -30.47
CA GLN J 1198 93.68 82.04 -31.58
C GLN J 1198 92.34 82.59 -31.10
N VAL J 1199 91.47 82.91 -32.04
CA VAL J 1199 90.16 83.49 -31.76
C VAL J 1199 89.12 82.85 -32.67
N GLY J 1200 87.94 82.57 -32.12
CA GLY J 1200 86.86 82.00 -32.88
C GLY J 1200 85.59 82.82 -32.73
N HIS J 1201 84.69 82.65 -33.70
CA HIS J 1201 83.44 83.40 -33.74
C HIS J 1201 82.32 82.46 -34.18
N LEU J 1202 81.50 82.02 -33.24
CA LEU J 1202 80.39 81.13 -33.56
C LEU J 1202 79.21 81.92 -34.14
N ASN J 1203 78.33 81.19 -34.81
CA ASN J 1203 77.10 81.78 -35.35
C ASN J 1203 76.03 80.68 -35.31
N LEU J 1204 75.17 80.74 -34.29
CA LEU J 1204 74.13 79.74 -34.13
C LEU J 1204 72.89 80.02 -34.98
N GLY J 1205 72.89 81.12 -35.74
CA GLY J 1205 71.78 81.39 -36.63
C GLY J 1205 70.57 82.01 -35.99
N GLN J 1206 70.76 82.81 -34.93
CA GLN J 1206 69.61 83.49 -34.33
C GLN J 1206 68.92 84.42 -35.33
N ASP J 1207 69.69 84.96 -36.28
CA ASP J 1207 69.14 85.66 -37.43
C ASP J 1207 69.49 84.88 -38.69
N VAL J 1208 69.13 85.43 -39.85
CA VAL J 1208 69.35 84.78 -41.13
C VAL J 1208 70.31 85.57 -42.01
N SER J 1209 70.19 86.89 -42.01
CA SER J 1209 71.04 87.71 -42.89
C SER J 1209 72.51 87.58 -42.53
N SER J 1210 72.83 87.54 -41.24
CA SER J 1210 74.23 87.46 -40.83
C SER J 1210 74.87 86.15 -41.26
N LEU J 1211 74.08 85.10 -41.42
CA LEU J 1211 74.60 83.82 -41.90
C LEU J 1211 75.06 83.97 -43.34
N ARG J 1212 76.35 83.77 -43.59
CA ARG J 1212 76.97 84.33 -44.80
C ARG J 1212 76.70 83.50 -46.05
N PHE J 1213 77.25 82.29 -46.12
CA PHE J 1213 77.07 81.50 -47.33
C PHE J 1213 75.68 80.86 -47.37
N PHE J 1214 75.44 79.94 -46.43
CA PHE J 1214 74.20 79.14 -46.33
C PHE J 1214 73.67 78.90 -47.75
N ALA J 1215 72.52 79.49 -48.07
CA ALA J 1215 71.92 79.57 -49.40
C ALA J 1215 72.30 78.42 -50.33
N ILE J 1216 73.55 78.40 -50.77
CA ILE J 1216 74.02 77.38 -51.69
C ILE J 1216 73.93 76.00 -51.06
N CYS J 1217 74.19 75.92 -49.75
CA CYS J 1217 73.92 74.72 -48.96
C CYS J 1217 72.94 75.08 -47.86
N GLY J 1218 71.99 74.19 -47.59
CA GLY J 1218 70.87 74.54 -46.73
C GLY J 1218 69.52 74.44 -47.42
N LEU J 1219 68.95 75.61 -47.76
CA LEU J 1219 67.59 75.73 -48.28
C LEU J 1219 67.17 74.58 -49.20
N GLN J 1220 67.93 74.30 -50.26
CA GLN J 1220 67.48 73.29 -51.20
C GLN J 1220 68.05 71.92 -50.89
N GLU J 1221 68.01 71.52 -49.62
CA GLU J 1221 68.09 70.11 -49.29
C GLU J 1221 67.39 69.83 -47.96
N GLY J 1222 66.77 70.84 -47.35
CA GLY J 1222 66.14 70.67 -46.05
C GLY J 1222 67.01 70.87 -44.82
N PHE J 1223 67.36 72.12 -44.54
CA PHE J 1223 68.10 72.46 -43.32
C PHE J 1223 67.69 73.82 -42.80
N GLU J 1224 67.65 73.95 -41.49
CA GLU J 1224 67.28 75.16 -40.77
C GLU J 1224 68.36 75.45 -39.73
N PRO J 1225 68.63 76.72 -39.47
CA PRO J 1225 69.65 77.07 -38.47
C PRO J 1225 69.23 76.61 -37.08
N PHE J 1226 70.22 76.57 -36.19
CA PHE J 1226 69.99 76.08 -34.83
C PHE J 1226 68.92 76.91 -34.13
N ALA J 1227 69.18 78.20 -33.93
CA ALA J 1227 68.23 79.09 -33.28
C ALA J 1227 67.43 79.86 -34.34
N ILE J 1228 66.61 79.09 -35.07
CA ILE J 1228 65.82 79.69 -36.14
C ILE J 1228 64.85 80.72 -35.60
N ASN J 1229 64.19 80.42 -34.48
CA ASN J 1229 63.23 81.34 -33.87
C ASN J 1229 63.45 81.36 -32.36
N MET J 1230 64.19 82.35 -31.89
CA MET J 1230 64.34 82.63 -30.47
C MET J 1230 64.45 84.12 -30.28
N GLN J 1231 64.15 84.57 -29.06
CA GLN J 1231 64.13 85.99 -28.74
C GLN J 1231 65.30 86.43 -27.86
N ARG J 1232 66.32 85.60 -27.71
CA ARG J 1232 67.44 85.91 -26.83
C ARG J 1232 68.64 85.08 -27.27
N PRO J 1233 69.85 85.52 -26.94
CA PRO J 1233 71.03 84.70 -27.26
C PRO J 1233 71.09 83.42 -26.44
N VAL J 1234 71.75 82.42 -27.01
CA VAL J 1234 71.88 81.13 -26.36
C VAL J 1234 73.04 81.15 -25.38
N THR J 1235 72.78 80.78 -24.13
CA THR J 1235 73.81 80.72 -23.12
C THR J 1235 74.80 79.59 -23.42
N THR J 1236 76.03 79.76 -22.94
CA THR J 1236 77.11 78.81 -23.22
C THR J 1236 77.94 78.60 -21.96
N TRP J 1237 78.68 77.50 -21.95
CA TRP J 1237 79.57 77.13 -20.86
C TRP J 1237 81.00 77.01 -21.35
N PHE J 1238 81.91 76.80 -20.40
CA PHE J 1238 83.32 76.61 -20.69
C PHE J 1238 84.02 75.99 -19.50
N SER J 1239 85.22 75.47 -19.74
CA SER J 1239 86.04 74.90 -18.68
C SER J 1239 86.85 76.01 -18.04
N LYS J 1240 86.93 75.97 -16.71
CA LYS J 1240 87.49 77.09 -15.95
C LYS J 1240 89.02 77.01 -15.89
N SER J 1241 89.55 75.91 -15.32
CA SER J 1241 90.95 75.53 -15.14
C SER J 1241 91.25 75.46 -13.65
N LEU J 1242 90.86 76.51 -12.92
CA LEU J 1242 91.07 76.63 -11.49
C LEU J 1242 90.56 75.39 -10.75
N PRO J 1243 91.46 74.62 -10.13
CA PRO J 1243 91.02 73.39 -9.47
C PRO J 1243 90.13 73.66 -8.26
N GLN J 1244 89.21 72.73 -8.02
CA GLN J 1244 88.31 72.82 -6.89
C GLN J 1244 88.06 71.44 -6.30
N PHE J 1245 87.88 71.38 -4.99
CA PHE J 1245 87.69 70.09 -4.33
C PHE J 1245 86.30 69.53 -4.62
N GLU J 1246 86.24 68.21 -4.70
CA GLU J 1246 85.00 67.48 -4.97
C GLU J 1246 85.14 66.07 -4.45
N PRO J 1247 84.06 65.46 -3.97
CA PRO J 1247 84.16 64.09 -3.42
C PRO J 1247 84.62 63.11 -4.48
N VAL J 1248 85.37 62.11 -4.04
CA VAL J 1248 85.95 61.13 -4.96
C VAL J 1248 84.85 60.23 -5.51
N PRO J 1249 84.73 60.08 -6.82
CA PRO J 1249 83.73 59.16 -7.38
C PRO J 1249 84.18 57.72 -7.22
N PRO J 1250 83.31 56.85 -6.70
CA PRO J 1250 83.72 55.45 -6.49
C PRO J 1250 83.69 54.62 -7.77
N GLU J 1251 84.20 55.20 -8.86
CA GLU J 1251 84.42 54.47 -10.10
C GLU J 1251 85.74 54.88 -10.73
N HIS J 1252 86.55 55.54 -9.89
CA HIS J 1252 87.89 56.00 -10.28
C HIS J 1252 88.73 54.76 -10.52
N PRO J 1253 89.19 54.54 -11.75
CA PRO J 1253 89.99 53.40 -12.06
C PRO J 1253 90.82 52.97 -10.86
N HIS J 1254 91.90 53.69 -10.61
CA HIS J 1254 92.83 53.26 -9.57
C HIS J 1254 92.80 54.26 -8.41
N TYR J 1255 91.76 54.13 -7.57
CA TYR J 1255 91.68 54.72 -6.24
C TYR J 1255 90.48 54.13 -5.51
N GLU J 1256 90.70 53.58 -4.31
CA GLU J 1256 89.63 52.95 -3.55
C GLU J 1256 89.72 53.41 -2.10
N VAL J 1257 88.61 53.91 -1.57
CA VAL J 1257 88.54 54.38 -0.19
C VAL J 1257 87.35 53.70 0.48
N ALA J 1258 87.46 53.49 1.78
CA ALA J 1258 86.40 52.83 2.53
C ALA J 1258 86.54 53.17 4.01
N ARG J 1259 85.43 52.99 4.73
CA ARG J 1259 85.41 53.15 6.17
C ARG J 1259 85.76 51.81 6.80
N MET J 1260 86.35 51.99 7.95
CA MET J 1260 86.57 50.94 8.87
C MET J 1260 85.63 51.33 10.03
N ASP J 1261 85.16 50.34 10.76
CA ASP J 1261 84.18 50.59 11.79
C ASP J 1261 84.66 51.39 12.94
N GLY J 1262 85.50 50.80 13.78
CA GLY J 1262 86.01 51.51 14.93
C GLY J 1262 85.67 50.72 16.16
N THR J 1263 86.50 49.76 16.52
CA THR J 1263 86.26 48.90 17.67
C THR J 1263 86.84 49.34 19.00
N VAL J 1264 86.70 48.46 19.98
CA VAL J 1264 87.18 48.70 21.33
C VAL J 1264 88.64 49.06 21.29
N ASP J 1265 89.40 48.19 20.70
CA ASP J 1265 90.81 48.45 20.61
C ASP J 1265 91.30 49.61 19.69
N THR J 1266 90.45 50.23 18.86
CA THR J 1266 90.88 51.34 18.00
C THR J 1266 89.71 52.08 17.42
N PRO J 1267 89.74 53.40 17.47
CA PRO J 1267 88.74 54.31 16.97
C PRO J 1267 88.83 54.31 15.47
N PRO J 1268 87.74 54.58 14.79
CA PRO J 1268 87.33 54.64 13.38
C PRO J 1268 88.38 55.36 12.55
N CYS J 1269 88.42 54.97 11.29
CA CYS J 1269 89.31 55.50 10.37
C CYS J 1269 88.84 55.34 8.99
N LEU J 1270 89.48 56.04 8.06
CA LEU J 1270 89.23 55.89 6.62
C LEU J 1270 90.56 55.50 5.96
N ARG J 1271 90.64 54.81 4.86
CA ARG J 1271 91.97 54.42 4.35
C ARG J 1271 92.05 54.27 2.87
N LEU J 1272 93.13 53.80 2.20
CA LEU J 1272 93.16 53.92 0.75
C LEU J 1272 93.64 52.61 0.14
N ALA J 1273 93.69 52.58 -1.19
CA ALA J 1273 94.17 51.44 -1.93
C ALA J 1273 94.66 51.93 -3.29
N HIS J 1274 95.13 51.01 -4.12
CA HIS J 1274 95.67 51.36 -5.42
C HIS J 1274 95.78 50.07 -6.24
N ARG J 1275 96.02 50.23 -7.53
CA ARG J 1275 96.27 49.10 -8.43
C ARG J 1275 97.71 49.15 -8.91
N THR J 1276 98.64 48.84 -8.02
CA THR J 1276 100.07 48.92 -8.32
C THR J 1276 100.50 47.84 -9.30
N TRP J 1277 100.49 48.19 -10.58
CA TRP J 1277 100.91 47.26 -11.63
C TRP J 1277 101.25 48.01 -12.91
N GLY J 1278 100.90 47.42 -14.04
CA GLY J 1278 101.16 48.04 -15.34
C GLY J 1278 100.04 49.01 -15.72
N SER J 1279 99.58 48.93 -16.96
CA SER J 1279 98.51 49.77 -17.48
C SER J 1279 98.84 51.26 -17.35
N GLN J 1280 98.63 51.80 -16.14
CA GLN J 1280 98.86 53.22 -15.92
C GLN J 1280 99.54 53.48 -14.58
N ASN J 1281 99.76 54.75 -14.27
CA ASN J 1281 100.43 55.15 -13.03
C ASN J 1281 99.68 56.29 -12.35
N SER J 1282 100.41 57.07 -11.55
CA SER J 1282 99.79 58.17 -10.81
C SER J 1282 100.84 59.20 -10.37
N LEU J 1283 100.36 60.37 -9.96
CA LEU J 1283 101.23 61.44 -9.49
C LEU J 1283 101.00 61.69 -8.00
N VAL J 1284 100.88 62.96 -7.62
CA VAL J 1284 100.69 63.33 -6.22
C VAL J 1284 99.23 63.67 -5.94
N GLU J 1285 98.56 62.83 -5.16
CA GLU J 1285 97.15 63.02 -4.86
C GLU J 1285 96.94 63.96 -3.69
N MET J 1286 96.86 65.25 -3.97
CA MET J 1286 96.65 66.26 -2.93
C MET J 1286 95.25 66.14 -2.33
N LEU J 1287 95.09 65.20 -1.41
CA LEU J 1287 93.78 64.92 -0.82
C LEU J 1287 93.49 65.82 0.38
N PHE J 1288 92.22 65.85 0.79
CA PHE J 1288 91.78 66.65 1.93
C PHE J 1288 90.39 66.22 2.38
N LEU J 1289 90.08 66.43 3.65
CA LEU J 1289 88.78 66.03 4.19
C LEU J 1289 87.73 67.11 3.95
N ARG J 1290 86.46 66.75 4.11
CA ARG J 1290 85.36 67.67 3.88
C ARG J 1290 84.86 68.26 5.20
N LEU J 1291 85.42 69.41 5.58
CA LEU J 1291 85.09 70.01 6.86
C LEU J 1291 85.52 71.47 6.95
N SER J 1292 85.25 72.07 8.10
CA SER J 1292 85.61 73.45 8.37
C SER J 1292 85.45 73.75 9.86
N LEU J 1293 86.55 73.51 10.58
CA LEU J 1293 86.70 73.72 12.03
C LEU J 1293 86.92 75.16 12.13
N PRO J 1294 86.09 75.96 12.83
CA PRO J 1294 86.22 77.44 12.91
C PRO J 1294 86.88 78.00 14.12
N VAL J 1295 88.08 78.58 14.03
CA VAL J 1295 88.79 79.01 15.25
C VAL J 1295 88.15 80.10 16.08
N GLN J 1296 87.65 79.67 17.20
CA GLN J 1296 86.94 80.38 18.26
C GLN J 1296 86.37 81.74 18.41
N PHE J 1297 86.71 82.81 17.71
CA PHE J 1297 85.99 84.06 18.07
C PHE J 1297 85.31 84.89 17.02
N ASP J 1422 90.79 60.53 31.41
CA ASP J 1422 90.79 61.95 31.70
C ASP J 1422 89.87 62.29 32.86
N ASP J 1423 90.13 63.43 33.49
CA ASP J 1423 89.20 63.95 34.47
C ASP J 1423 87.99 64.54 33.77
N PRO J 1424 86.80 64.36 34.34
CA PRO J 1424 85.61 65.01 33.76
C PRO J 1424 85.60 66.51 33.90
N GLU J 1425 86.45 67.09 34.75
CA GLU J 1425 86.56 68.53 34.82
C GLU J 1425 87.34 69.09 33.63
N ILE J 1426 88.50 68.51 33.33
CA ILE J 1426 89.34 69.05 32.28
C ILE J 1426 88.77 68.77 30.90
N ILE J 1427 88.07 67.66 30.70
CA ILE J 1427 87.62 67.31 29.37
C ILE J 1427 86.34 68.03 28.99
N LEU J 1428 85.67 68.67 29.95
CA LEU J 1428 84.47 69.41 29.63
C LEU J 1428 84.71 70.90 29.58
N ASN J 1429 85.97 71.33 29.70
CA ASN J 1429 86.32 72.74 29.59
C ASN J 1429 87.40 73.00 28.55
N THR J 1430 88.03 71.94 28.06
CA THR J 1430 89.16 72.06 27.14
C THR J 1430 88.75 72.58 25.78
N THR J 1431 89.59 73.44 25.21
CA THR J 1431 89.50 73.84 23.82
C THR J 1431 90.84 73.55 23.16
N THR J 1432 91.06 72.27 22.83
CA THR J 1432 92.16 71.81 22.00
C THR J 1432 91.84 70.39 21.56
N TYR J 1433 91.75 70.13 20.26
CA TYR J 1433 91.47 68.76 19.78
C TYR J 1433 92.44 68.20 18.76
N TYR J 1434 92.46 66.89 18.69
CA TYR J 1434 93.46 65.99 18.14
C TYR J 1434 92.85 65.16 17.03
N TYR J 1435 93.57 65.05 15.91
CA TYR J 1435 93.31 64.02 14.92
C TYR J 1435 94.62 63.35 14.60
N SER J 1436 94.55 62.28 13.83
CA SER J 1436 95.72 61.43 13.63
C SER J 1436 95.70 60.79 12.26
N VAL J 1437 96.88 60.70 11.66
CA VAL J 1437 97.09 59.91 10.46
C VAL J 1437 98.20 58.92 10.75
N ARG J 1438 98.18 57.80 10.05
CA ARG J 1438 99.22 56.79 10.18
C ARG J 1438 99.68 56.39 8.78
N VAL J 1439 100.92 56.71 8.47
CA VAL J 1439 101.51 56.31 7.21
C VAL J 1439 101.88 54.83 7.32
N PHE J 1440 101.36 53.95 6.49
CA PHE J 1440 101.70 52.55 6.63
C PHE J 1440 102.99 52.27 6.01
N ALA J 1441 103.42 51.05 6.13
CA ALA J 1441 104.67 50.58 5.60
C ALA J 1441 104.62 50.54 4.07
N GLY J 1442 105.77 50.67 3.44
CA GLY J 1442 105.85 50.78 2.01
C GLY J 1442 105.55 52.15 1.46
N GLN J 1443 105.24 53.11 2.32
CA GLN J 1443 105.07 54.50 1.90
C GLN J 1443 106.14 55.34 2.57
N GLU J 1444 106.85 56.12 1.78
CA GLU J 1444 107.92 56.94 2.31
C GLU J 1444 107.36 58.21 2.93
N PRO J 1445 107.72 58.53 4.17
CA PRO J 1445 107.38 59.84 4.73
C PRO J 1445 108.09 61.01 4.07
N SER J 1446 109.11 60.74 3.24
CA SER J 1446 109.72 61.78 2.42
C SER J 1446 108.73 62.38 1.43
N CYS J 1447 107.77 61.59 0.96
CA CYS J 1447 106.75 62.05 0.04
C CYS J 1447 105.37 62.12 0.68
N VAL J 1448 105.30 62.56 1.94
CA VAL J 1448 104.06 62.69 2.67
C VAL J 1448 104.06 64.04 3.35
N TRP J 1449 102.99 64.81 3.17
CA TRP J 1449 102.83 66.09 3.84
C TRP J 1449 101.52 66.07 4.60
N VAL J 1450 101.55 66.41 5.87
CA VAL J 1450 100.38 66.34 6.74
C VAL J 1450 100.19 67.69 7.41
N GLY J 1451 98.94 68.19 7.41
CA GLY J 1451 98.63 69.35 8.19
C GLY J 1451 97.25 69.95 7.94
N TRP J 1452 97.20 71.27 7.70
CA TRP J 1452 95.95 71.99 7.67
C TRP J 1452 95.93 72.95 6.47
N VAL J 1453 94.73 73.17 5.94
CA VAL J 1453 94.52 73.93 4.70
C VAL J 1453 93.25 74.75 4.83
N THR J 1454 93.35 76.05 4.54
CA THR J 1454 92.23 76.97 4.47
C THR J 1454 91.60 76.93 3.08
N PRO J 1455 90.31 77.27 2.94
CA PRO J 1455 89.62 77.12 1.64
C PRO J 1455 90.22 77.87 0.46
N ASP J 1456 90.88 79.01 0.66
CA ASP J 1456 91.45 79.73 -0.49
C ASP J 1456 92.86 79.21 -0.81
N TYR J 1457 92.90 77.96 -1.27
CA TYR J 1457 94.14 77.29 -1.64
C TYR J 1457 93.85 76.44 -2.87
N HIS J 1458 94.48 76.76 -3.99
CA HIS J 1458 94.23 76.07 -5.26
C HIS J 1458 95.53 75.81 -6.01
N GLN J 1459 96.54 75.25 -5.34
CA GLN J 1459 97.80 74.89 -5.98
C GLN J 1459 97.76 73.41 -6.34
N HIS J 1460 97.57 73.12 -7.62
CA HIS J 1460 97.54 71.75 -8.14
C HIS J 1460 98.79 71.57 -8.99
N ASP J 1461 99.83 71.00 -8.39
CA ASP J 1461 101.07 70.75 -9.09
C ASP J 1461 101.66 69.44 -8.62
N MET J 1462 102.44 68.79 -9.49
CA MET J 1462 103.10 67.55 -9.14
C MET J 1462 104.51 67.78 -8.61
N ASN J 1463 104.97 69.02 -8.56
CA ASN J 1463 106.32 69.31 -8.12
C ASN J 1463 106.30 70.06 -6.81
N PHE J 1464 105.30 69.79 -5.99
CA PHE J 1464 105.10 70.56 -4.77
C PHE J 1464 106.10 70.16 -3.70
N ASP J 1465 106.81 71.14 -3.18
CA ASP J 1465 107.57 71.01 -1.95
C ASP J 1465 107.14 72.14 -1.03
N LEU J 1466 107.59 72.08 0.22
CA LEU J 1466 107.17 73.06 1.22
C LEU J 1466 107.67 74.47 0.91
N SER J 1467 108.66 74.63 0.04
CA SER J 1467 109.01 75.94 -0.45
C SER J 1467 107.94 76.52 -1.35
N LYS J 1468 107.15 75.67 -2.01
CA LYS J 1468 106.08 76.13 -2.88
C LYS J 1468 104.78 76.33 -2.12
N VAL J 1469 104.84 77.07 -1.02
CA VAL J 1469 103.67 77.38 -0.20
C VAL J 1469 103.56 78.89 -0.14
N ARG J 1470 102.37 79.42 -0.44
CA ARG J 1470 102.16 80.85 -0.34
C ARG J 1470 102.19 81.27 1.13
N ALA J 1471 102.91 82.35 1.41
CA ALA J 1471 103.01 82.90 2.75
C ALA J 1471 103.35 84.37 2.62
N VAL J 1472 102.48 85.22 3.16
CA VAL J 1472 102.63 86.67 3.05
C VAL J 1472 102.67 87.24 4.46
N THR J 1473 103.73 88.00 4.75
CA THR J 1473 103.93 88.58 6.08
C THR J 1473 103.48 90.02 6.04
N VAL J 1474 102.52 90.37 6.88
CA VAL J 1474 102.01 91.72 7.01
C VAL J 1474 102.54 92.31 8.30
N THR J 1475 103.20 93.46 8.20
CA THR J 1475 103.69 94.20 9.37
C THR J 1475 103.10 95.60 9.33
N MET J 1476 102.82 96.14 10.51
CA MET J 1476 102.33 97.50 10.65
C MET J 1476 103.06 98.17 11.81
N GLY J 1477 103.24 99.48 11.70
CA GLY J 1477 103.89 100.22 12.77
C GLY J 1477 103.27 101.58 12.97
N ASP J 1478 103.95 102.42 13.74
CA ASP J 1478 103.50 103.78 13.98
C ASP J 1478 104.08 104.71 12.93
N GLU J 1479 103.81 106.01 13.07
CA GLU J 1479 104.45 107.02 12.25
C GLU J 1479 105.93 107.17 12.58
N GLN J 1480 106.35 106.74 13.78
CA GLN J 1480 107.77 106.74 14.13
C GLN J 1480 108.54 105.66 13.38
N GLY J 1481 107.84 104.66 12.84
CA GLY J 1481 108.46 103.57 12.12
C GLY J 1481 108.66 102.32 12.95
N ASN J 1482 108.55 102.41 14.27
CA ASN J 1482 108.62 101.24 15.13
C ASN J 1482 107.40 100.37 14.92
N VAL J 1483 107.63 99.07 14.76
CA VAL J 1483 106.56 98.15 14.37
C VAL J 1483 105.62 97.91 15.55
N HIS J 1484 104.50 97.43 15.08
CA HIS J 1484 103.43 97.29 15.91
C HIS J 1484 102.68 95.99 15.94
N SER J 1485 102.95 95.13 14.97
CA SER J 1485 102.51 93.75 14.78
C SER J 1485 103.17 93.21 13.53
N SER J 1486 103.29 91.89 13.49
CA SER J 1486 103.88 91.20 12.33
C SER J 1486 103.07 89.93 12.09
N LEU J 1487 102.08 90.01 11.20
CA LEU J 1487 101.17 88.91 10.95
C LEU J 1487 101.61 88.17 9.70
N LYS J 1488 101.54 86.85 9.73
CA LYS J 1488 101.83 86.00 8.58
C LYS J 1488 100.62 85.17 8.23
N CYS J 1489 100.03 85.43 7.07
CA CYS J 1489 98.95 84.61 6.54
C CYS J 1489 99.55 83.61 5.57
N SER J 1490 99.20 82.34 5.73
CA SER J 1490 99.56 81.31 4.78
C SER J 1490 98.31 80.56 4.39
N ASN J 1491 98.30 80.07 3.15
CA ASN J 1491 97.18 79.29 2.68
C ASN J 1491 97.30 77.81 2.99
N CYS J 1492 98.25 77.44 3.85
CA CYS J 1492 98.60 76.05 4.09
C CYS J 1492 99.38 75.98 5.40
N TYR J 1493 99.02 75.02 6.25
CA TYR J 1493 99.69 74.83 7.53
C TYR J 1493 99.98 73.34 7.69
N MET J 1494 101.15 72.93 7.23
CA MET J 1494 101.54 71.53 7.26
C MET J 1494 102.96 71.36 7.78
N VAL J 1495 103.35 70.10 7.95
CA VAL J 1495 104.70 69.68 8.28
C VAL J 1495 105.16 68.72 7.20
N TRP J 1496 106.43 68.34 7.29
CA TRP J 1496 106.96 67.31 6.42
C TRP J 1496 107.17 66.02 7.22
N GLY J 1497 106.60 64.93 6.72
CA GLY J 1497 106.82 63.64 7.33
C GLY J 1497 108.24 63.13 7.17
N GLY J 1498 108.95 63.61 6.15
CA GLY J 1498 110.36 63.29 5.99
C GLY J 1498 111.27 64.00 6.97
N ASP J 1499 110.74 64.97 7.72
CA ASP J 1499 111.53 65.65 8.74
C ASP J 1499 111.56 64.90 10.06
N PHE J 1500 111.01 63.69 10.12
CA PHE J 1500 111.08 62.91 11.35
C PHE J 1500 111.73 61.55 11.12
N VAL J 1501 111.48 60.94 9.97
CA VAL J 1501 112.10 59.67 9.63
C VAL J 1501 113.07 59.88 8.49
N ILE J 1509 114.28 51.95 3.85
CA ILE J 1509 113.26 50.93 4.02
C ILE J 1509 112.92 50.76 5.48
N SER J 1510 111.83 51.42 5.91
CA SER J 1510 111.37 51.29 7.29
C SER J 1510 110.22 50.31 7.37
N HIS J 1511 110.31 49.36 8.29
CA HIS J 1511 109.26 48.39 8.52
C HIS J 1511 108.26 48.82 9.59
N THR J 1512 108.23 50.11 9.93
CA THR J 1512 107.35 50.63 10.95
C THR J 1512 106.57 51.82 10.44
N ASP J 1513 105.53 52.18 11.18
CA ASP J 1513 104.55 53.17 10.74
C ASP J 1513 104.75 54.49 11.46
N LEU J 1514 105.17 55.51 10.72
CA LEU J 1514 105.29 56.86 11.24
C LEU J 1514 103.89 57.43 11.44
N VAL J 1515 103.52 57.67 12.69
CA VAL J 1515 102.19 58.18 13.03
C VAL J 1515 102.34 59.65 13.40
N ILE J 1516 101.68 60.52 12.65
CA ILE J 1516 101.76 61.95 12.88
C ILE J 1516 100.40 62.43 13.37
N GLY J 1517 100.39 63.10 14.52
CA GLY J 1517 99.19 63.67 15.07
C GLY J 1517 99.36 65.17 15.29
N CYS J 1518 98.28 65.91 15.14
CA CYS J 1518 98.32 67.36 15.21
C CYS J 1518 97.43 67.85 16.33
N LEU J 1519 97.71 69.07 16.80
CA LEU J 1519 97.03 69.64 17.95
C LEU J 1519 96.68 71.09 17.64
N VAL J 1520 95.39 71.41 17.75
CA VAL J 1520 94.88 72.73 17.44
C VAL J 1520 94.07 73.24 18.62
N ASP J 1521 94.48 74.38 19.16
CA ASP J 1521 93.88 74.99 20.34
C ASP J 1521 93.01 76.16 19.89
N LEU J 1522 91.68 75.99 19.99
CA LEU J 1522 90.75 76.92 19.38
C LEU J 1522 90.68 78.27 20.06
N ALA J 1523 90.78 78.33 21.38
CA ALA J 1523 90.62 79.61 22.06
C ALA J 1523 91.89 80.46 21.98
N THR J 1524 92.98 79.89 21.50
CA THR J 1524 94.21 80.66 21.30
C THR J 1524 94.62 80.71 19.85
N GLY J 1525 94.13 79.81 19.02
CA GLY J 1525 94.60 79.73 17.65
C GLY J 1525 96.00 79.18 17.51
N LEU J 1526 96.47 78.47 18.52
CA LEU J 1526 97.81 77.90 18.53
C LEU J 1526 97.76 76.48 17.99
N MET J 1527 98.62 76.18 17.03
CA MET J 1527 98.64 74.87 16.39
C MET J 1527 100.02 74.24 16.57
N THR J 1528 100.05 73.03 17.10
CA THR J 1528 101.27 72.27 17.28
C THR J 1528 101.08 70.88 16.70
N PHE J 1529 102.19 70.15 16.55
CA PHE J 1529 102.22 68.88 15.85
C PHE J 1529 103.11 67.91 16.61
N THR J 1530 102.60 66.70 16.83
CA THR J 1530 103.30 65.67 17.57
C THR J 1530 103.73 64.55 16.63
N ALA J 1531 104.96 64.09 16.81
CA ALA J 1531 105.49 63.00 16.00
C ALA J 1531 105.73 61.80 16.91
N ASN J 1532 104.84 60.81 16.82
CA ASN J 1532 104.87 59.58 17.62
C ASN J 1532 104.88 59.88 19.12
N GLY J 1533 104.13 60.89 19.53
CA GLY J 1533 104.13 61.32 20.91
C GLY J 1533 105.31 62.17 21.31
N LYS J 1534 106.26 62.42 20.40
CA LYS J 1534 107.37 63.31 20.66
C LYS J 1534 107.10 64.61 19.92
N GLU J 1535 107.04 65.72 20.65
CA GLU J 1535 106.66 67.00 20.09
C GLU J 1535 107.75 67.51 19.15
N SER J 1536 107.31 68.04 18.01
CA SER J 1536 108.20 68.59 17.02
C SER J 1536 108.52 70.03 17.40
N ASN J 1537 109.56 70.57 16.77
CA ASN J 1537 110.00 71.92 17.06
C ASN J 1537 109.06 72.98 16.50
N THR J 1538 108.29 72.66 15.47
CA THR J 1538 107.48 73.67 14.82
C THR J 1538 106.18 73.91 15.58
N PHE J 1539 105.52 75.00 15.22
CA PHE J 1539 104.27 75.45 15.82
C PHE J 1539 103.68 76.51 14.92
N PHE J 1540 102.39 76.81 15.13
CA PHE J 1540 101.70 77.77 14.29
C PHE J 1540 100.63 78.50 15.07
N GLN J 1541 100.48 79.79 14.78
CA GLN J 1541 99.48 80.63 15.41
C GLN J 1541 98.80 81.49 14.36
N VAL J 1542 97.47 81.62 14.47
CA VAL J 1542 96.67 82.22 13.41
C VAL J 1542 95.85 83.40 13.90
N GLU J 1543 95.08 84.00 12.98
CA GLU J 1543 94.17 85.09 13.28
C GLU J 1543 92.99 84.58 14.10
N PRO J 1544 92.22 85.49 14.74
CA PRO J 1544 91.04 85.02 15.51
C PRO J 1544 89.95 84.36 14.68
N ASN J 1545 89.38 85.04 13.71
CA ASN J 1545 88.24 84.51 12.99
C ASN J 1545 88.72 83.90 11.69
N THR J 1546 89.16 82.64 11.76
CA THR J 1546 89.53 81.91 10.56
C THR J 1546 89.16 80.44 10.75
N LYS J 1547 89.03 79.74 9.63
CA LYS J 1547 88.68 78.33 9.65
C LYS J 1547 89.82 77.54 9.04
N LEU J 1548 89.73 76.22 9.15
CA LEU J 1548 90.79 75.34 8.70
C LEU J 1548 90.22 73.99 8.34
N PHE J 1549 90.63 73.29 7.30
CA PHE J 1549 90.13 71.94 7.07
C PHE J 1549 91.33 71.09 7.22
N PRO J 1550 91.29 69.97 7.85
CA PRO J 1550 92.38 69.01 8.00
C PRO J 1550 92.86 68.52 6.64
N ALA J 1551 94.16 68.35 6.46
CA ALA J 1551 94.71 68.11 5.14
C ALA J 1551 95.86 67.11 5.19
N VAL J 1552 95.94 66.29 4.15
CA VAL J 1552 97.04 65.36 3.91
C VAL J 1552 97.37 65.40 2.44
N PHE J 1553 98.63 65.67 2.10
CA PHE J 1553 99.09 65.63 0.73
C PHE J 1553 100.06 64.46 0.61
N VAL J 1554 99.94 63.68 -0.46
CA VAL J 1554 100.73 62.46 -0.56
C VAL J 1554 100.93 62.12 -2.03
N LEU J 1555 102.13 61.64 -2.34
CA LEU J 1555 102.38 60.87 -3.54
C LEU J 1555 102.49 59.42 -3.14
N PRO J 1556 101.60 58.53 -3.61
CA PRO J 1556 101.54 57.18 -3.05
C PRO J 1556 102.61 56.29 -3.67
N THR J 1557 103.14 55.36 -2.86
CA THR J 1557 104.11 54.37 -3.34
C THR J 1557 103.85 52.99 -2.78
N HIS J 1558 102.60 52.61 -2.59
CA HIS J 1558 102.28 51.30 -2.02
C HIS J 1558 100.88 50.91 -2.46
N GLN J 1559 100.51 49.65 -2.17
CA GLN J 1559 99.14 49.24 -2.36
C GLN J 1559 98.24 49.85 -1.30
N ASN J 1560 98.74 50.00 -0.09
CA ASN J 1560 98.03 50.66 1.00
C ASN J 1560 98.85 51.86 1.46
N VAL J 1561 98.25 53.04 1.49
CA VAL J 1561 99.08 54.23 1.65
C VAL J 1561 98.94 54.87 3.03
N ILE J 1562 97.77 55.45 3.31
CA ILE J 1562 97.57 56.21 4.55
C ILE J 1562 96.25 55.78 5.18
N GLN J 1563 95.86 56.37 6.31
CA GLN J 1563 94.63 56.01 6.96
C GLN J 1563 94.24 57.02 7.96
N PHE J 1564 93.31 57.87 7.70
CA PHE J 1564 92.83 58.93 8.58
C PHE J 1564 92.27 58.30 9.84
N GLU J 1565 92.83 58.62 10.99
CA GLU J 1565 92.40 58.04 12.27
C GLU J 1565 91.79 59.13 13.15
N LEU J 1566 90.49 59.01 13.39
CA LEU J 1566 89.75 60.05 14.11
C LEU J 1566 89.66 59.68 15.59
N GLY J 1567 90.77 59.88 16.28
CA GLY J 1567 90.87 59.51 17.66
C GLY J 1567 91.20 60.65 18.60
N LYS J 1568 91.13 60.36 19.89
CA LYS J 1568 91.40 61.34 20.93
C LYS J 1568 92.61 60.89 21.75
N GLN J 1569 93.28 61.85 22.38
CA GLN J 1569 94.39 61.56 23.27
C GLN J 1569 93.87 61.50 24.71
N LYS J 1570 94.80 61.55 25.67
CA LYS J 1570 94.51 61.15 27.05
C LYS J 1570 93.58 62.14 27.76
N ASN J 1571 93.60 63.41 27.35
CA ASN J 1571 92.76 64.39 28.06
C ASN J 1571 92.15 65.43 27.14
N ILE J 1572 91.97 65.14 25.86
CA ILE J 1572 91.44 66.10 24.90
C ILE J 1572 90.43 65.43 23.99
N MET J 1573 89.34 66.10 23.65
CA MET J 1573 88.34 65.40 22.85
C MET J 1573 88.66 65.36 21.43
N PRO J 1574 88.04 64.44 20.72
CA PRO J 1574 88.39 64.18 19.32
C PRO J 1574 87.69 65.12 18.36
N LEU J 1575 87.87 64.95 17.07
CA LEU J 1575 87.35 65.91 16.21
C LEU J 1575 85.95 65.92 16.12
N SER J 1576 85.41 64.72 15.92
CA SER J 1576 84.00 64.37 15.74
C SER J 1576 83.11 65.31 16.34
N ALA J 1577 83.18 65.39 17.65
CA ALA J 1577 82.41 66.27 18.44
C ALA J 1577 82.79 67.71 18.52
N ALA J 1578 83.44 68.26 17.54
CA ALA J 1578 83.70 69.65 17.58
C ALA J 1578 83.60 70.28 16.25
N MET J 1579 83.21 69.51 15.27
CA MET J 1579 83.03 70.03 13.96
C MET J 1579 81.67 70.51 13.92
N PHE J 1580 80.71 69.82 14.53
CA PHE J 1580 79.33 70.27 14.53
C PHE J 1580 78.52 70.21 15.76
N LEU J 1581 78.09 71.36 16.19
CA LEU J 1581 77.35 71.56 17.42
C LEU J 1581 76.14 70.85 17.95
N SER J 1582 75.86 69.67 17.48
CA SER J 1582 74.82 68.92 18.16
C SER J 1582 75.46 68.15 19.24
N GLU J 1583 76.73 67.87 19.13
CA GLU J 1583 77.36 67.14 20.11
C GLU J 1583 78.67 67.79 20.30
N ARG J 1584 78.75 68.89 21.02
CA ARG J 1584 80.03 69.49 21.31
C ARG J 1584 80.05 69.30 22.77
N LYS J 1585 79.97 68.07 23.23
CA LYS J 1585 79.98 67.78 24.60
C LYS J 1585 80.40 66.35 24.74
N ASN J 1586 79.68 65.43 24.15
CA ASN J 1586 80.03 64.03 24.23
C ASN J 1586 81.36 63.86 23.67
N PRO J 1587 82.27 63.26 24.40
CA PRO J 1587 83.69 62.98 24.09
C PRO J 1587 83.92 61.74 23.24
N ALA J 1588 82.91 60.91 23.04
CA ALA J 1588 83.10 59.68 22.26
C ALA J 1588 83.34 60.03 20.79
N PRO J 1589 84.38 59.50 20.15
CA PRO J 1589 84.61 59.79 18.75
C PRO J 1589 83.49 59.24 17.87
N GLN J 1590 83.23 59.95 16.77
CA GLN J 1590 82.16 59.60 15.85
C GLN J 1590 82.66 59.77 14.42
N CYS J 1591 82.03 59.03 13.51
CA CYS J 1591 82.34 59.12 12.08
C CYS J 1591 81.03 59.18 11.29
N PRO J 1592 80.35 60.32 11.31
CA PRO J 1592 79.11 60.46 10.54
C PRO J 1592 79.38 60.41 9.05
N PRO J 1593 78.38 60.08 8.24
CA PRO J 1593 78.62 59.89 6.80
C PRO J 1593 79.03 61.15 6.05
N ARG J 1594 78.87 62.33 6.65
CA ARG J 1594 79.23 63.55 5.94
C ARG J 1594 80.74 63.66 5.73
N LEU J 1595 81.54 62.99 6.56
CA LEU J 1595 82.99 63.06 6.45
C LEU J 1595 83.43 62.22 5.25
N GLU J 1596 83.81 62.91 4.17
CA GLU J 1596 84.27 62.24 2.96
C GLU J 1596 85.53 62.93 2.45
N VAL J 1597 86.35 62.15 1.75
CA VAL J 1597 87.61 62.67 1.22
C VAL J 1597 87.35 63.37 -0.11
N GLN J 1598 88.27 64.25 -0.48
CA GLN J 1598 88.18 64.99 -1.73
C GLN J 1598 89.49 64.86 -2.51
N MET J 1599 89.35 64.85 -3.84
CA MET J 1599 90.49 64.80 -4.76
C MET J 1599 90.40 66.00 -5.69
N LEU J 1600 91.52 66.70 -5.86
CA LEU J 1600 91.53 67.90 -6.68
C LEU J 1600 91.50 67.56 -8.17
N MET J 1601 90.66 68.27 -8.91
CA MET J 1601 90.62 68.16 -10.38
C MET J 1601 90.67 69.58 -10.94
N PRO J 1602 91.54 69.85 -11.88
CA PRO J 1602 91.70 71.23 -12.41
C PRO J 1602 90.72 71.55 -13.54
N VAL J 1603 89.43 71.37 -13.28
CA VAL J 1603 88.41 71.68 -14.26
C VAL J 1603 87.09 71.89 -13.55
N SER J 1604 86.22 72.70 -14.16
CA SER J 1604 84.86 72.90 -13.69
C SER J 1604 84.00 73.24 -14.89
N TRP J 1605 82.80 73.76 -14.65
CA TRP J 1605 81.92 74.20 -15.73
C TRP J 1605 81.23 75.47 -15.22
N SER J 1606 81.70 76.64 -15.67
CA SER J 1606 81.14 77.92 -15.26
C SER J 1606 80.33 78.53 -16.39
N ARG J 1607 79.31 79.30 -16.05
CA ARG J 1607 78.44 79.91 -17.06
C ARG J 1607 79.00 81.21 -17.59
N MET J 1608 78.48 81.61 -18.75
CA MET J 1608 78.91 82.81 -19.45
C MET J 1608 77.83 83.88 -19.35
N PRO J 1609 78.05 84.95 -18.59
CA PRO J 1609 77.03 85.98 -18.46
C PRO J 1609 76.68 86.59 -19.81
N ASN J 1610 75.39 86.90 -19.97
CA ASN J 1610 74.88 87.43 -21.23
C ASN J 1610 75.22 88.90 -21.44
N HIS J 1611 75.70 89.61 -20.43
CA HIS J 1611 76.02 91.02 -20.58
C HIS J 1611 77.26 91.33 -19.76
N PHE J 1612 78.22 92.02 -20.37
CA PHE J 1612 79.47 92.41 -19.72
C PHE J 1612 79.46 93.90 -19.41
N LEU J 1613 80.60 94.38 -18.93
CA LEU J 1613 80.75 95.76 -18.47
C LEU J 1613 80.95 96.76 -19.61
N GLN J 1614 80.84 96.32 -20.86
CA GLN J 1614 81.07 97.17 -22.04
C GLN J 1614 82.49 97.70 -21.96
N VAL J 1615 82.71 99.01 -21.87
CA VAL J 1615 84.05 99.57 -21.81
C VAL J 1615 84.63 99.38 -20.41
N GLU J 1622 93.83 107.13 -23.96
CA GLU J 1622 94.22 107.66 -25.27
C GLU J 1622 94.69 109.10 -25.17
N ARG J 1623 93.82 109.96 -24.65
CA ARG J 1623 94.14 111.37 -24.48
C ARG J 1623 94.99 111.54 -23.22
N LEU J 1624 95.16 112.78 -22.78
CA LEU J 1624 95.90 113.11 -21.57
C LEU J 1624 95.50 112.19 -20.42
N GLY J 1625 96.48 111.45 -19.89
CA GLY J 1625 96.27 110.55 -18.78
C GLY J 1625 95.87 109.14 -19.15
N TRP J 1626 95.41 108.91 -20.38
CA TRP J 1626 94.95 107.59 -20.81
C TRP J 1626 93.86 107.05 -19.87
N ALA J 1627 92.74 107.76 -19.84
CA ALA J 1627 91.66 107.45 -18.92
C ALA J 1627 90.91 106.20 -19.36
N VAL J 1628 90.22 105.59 -18.40
CA VAL J 1628 89.36 104.45 -18.66
C VAL J 1628 87.93 104.94 -18.82
N GLN J 1629 87.11 104.14 -19.48
CA GLN J 1629 85.72 104.49 -19.76
C GLN J 1629 84.81 103.45 -19.14
N CYS J 1630 83.85 103.93 -18.34
CA CYS J 1630 82.86 103.05 -17.72
C CYS J 1630 81.70 103.92 -17.23
N GLN J 1631 80.50 103.66 -17.74
CA GLN J 1631 79.32 104.41 -17.33
C GLN J 1631 78.25 103.53 -16.69
N ASP J 1632 77.83 102.46 -17.37
CA ASP J 1632 76.67 101.70 -16.95
C ASP J 1632 76.99 100.77 -15.78
N PRO J 1633 76.01 100.52 -14.91
CA PRO J 1633 76.17 99.51 -13.86
C PRO J 1633 75.58 98.17 -14.25
N LEU J 1634 76.00 97.14 -13.53
CA LEU J 1634 75.54 95.78 -13.78
C LEU J 1634 75.67 94.96 -12.50
N THR J 1635 74.77 93.99 -12.34
CA THR J 1635 74.75 93.18 -11.12
C THR J 1635 74.25 91.77 -11.45
N MET J 1636 74.34 90.89 -10.44
CA MET J 1636 73.95 89.50 -10.62
C MET J 1636 73.58 88.90 -9.27
N MET J 1637 72.84 87.80 -9.33
CA MET J 1637 72.40 87.08 -8.14
C MET J 1637 73.37 85.94 -7.83
N ALA J 1638 73.57 85.66 -6.54
CA ALA J 1638 74.62 84.74 -6.13
C ALA J 1638 74.19 83.92 -4.92
N LEU J 1639 74.89 82.80 -4.71
CA LEU J 1639 74.72 81.88 -3.58
C LEU J 1639 75.98 81.84 -2.74
N HIS J 1640 75.83 81.46 -1.48
CA HIS J 1640 76.94 81.48 -0.52
C HIS J 1640 76.93 80.22 0.34
N ILE J 1641 76.93 79.05 -0.29
CA ILE J 1641 77.04 77.79 0.45
C ILE J 1641 78.15 77.90 1.49
N PRO J 1642 77.80 77.85 2.78
CA PRO J 1642 78.73 78.31 3.82
C PRO J 1642 79.77 77.30 4.28
N GLU J 1643 79.64 76.02 3.91
CA GLU J 1643 80.54 74.99 4.42
C GLU J 1643 81.99 75.27 4.08
N GLU J 1644 82.27 75.52 2.81
CA GLU J 1644 83.61 75.88 2.36
C GLU J 1644 83.72 77.30 1.80
N ASN J 1645 82.59 77.97 1.53
CA ASN J 1645 82.53 79.35 1.06
C ASN J 1645 83.11 79.54 -0.36
N ARG J 1646 82.39 79.03 -1.38
CA ARG J 1646 82.49 79.69 -2.66
C ARG J 1646 81.34 80.68 -2.74
N CYS J 1647 81.13 81.26 -3.91
CA CYS J 1647 79.96 82.09 -4.17
C CYS J 1647 79.61 81.86 -5.63
N MET J 1648 78.62 81.01 -5.87
CA MET J 1648 78.21 80.63 -7.22
C MET J 1648 76.93 81.34 -7.64
N ASP J 1649 76.71 81.37 -8.95
CA ASP J 1649 75.57 82.05 -9.52
C ASP J 1649 74.32 81.16 -9.45
N ILE J 1650 73.16 81.81 -9.27
CA ILE J 1650 71.90 81.07 -9.26
C ILE J 1650 71.56 80.54 -10.64
N LEU J 1651 71.97 81.24 -11.70
CA LEU J 1651 71.55 80.85 -13.03
C LEU J 1651 72.07 79.48 -13.44
N GLU J 1652 73.14 78.98 -12.80
CA GLU J 1652 73.67 77.68 -13.20
C GLU J 1652 73.03 76.53 -12.45
N LEU J 1653 72.14 76.79 -11.49
CA LEU J 1653 71.41 75.71 -10.84
C LEU J 1653 70.44 75.00 -11.78
N SER J 1654 70.18 75.57 -12.96
CA SER J 1654 69.41 74.84 -13.97
C SER J 1654 70.17 73.63 -14.51
N GLU J 1655 71.47 73.51 -14.26
CA GLU J 1655 72.30 72.44 -14.81
C GLU J 1655 72.94 71.57 -13.73
N ARG J 1656 72.40 71.58 -12.52
CA ARG J 1656 72.87 70.70 -11.45
C ARG J 1656 71.89 69.60 -11.11
N LEU J 1657 70.59 69.92 -11.06
CA LEU J 1657 69.51 68.94 -10.93
C LEU J 1657 69.51 68.21 -9.59
N ASP J 1658 70.46 68.51 -8.73
CA ASP J 1658 70.49 67.96 -7.39
C ASP J 1658 70.57 69.04 -6.31
N LEU J 1659 71.37 70.09 -6.55
CA LEU J 1659 71.38 71.21 -5.63
C LEU J 1659 70.12 72.07 -5.80
N GLN J 1660 69.58 72.11 -7.02
CA GLN J 1660 68.30 72.78 -7.23
C GLN J 1660 67.18 72.09 -6.46
N ARG J 1661 67.19 70.75 -6.43
CA ARG J 1661 66.13 70.01 -5.77
C ARG J 1661 66.09 70.32 -4.28
N PHE J 1662 67.26 70.40 -3.65
CA PHE J 1662 67.31 70.78 -2.23
C PHE J 1662 66.81 72.21 -2.04
N HIS J 1663 67.25 73.14 -2.87
CA HIS J 1663 66.82 74.52 -2.69
C HIS J 1663 65.36 74.73 -3.06
N SER J 1664 64.83 73.89 -3.96
CA SER J 1664 63.42 73.98 -4.31
C SER J 1664 62.54 73.72 -3.10
N HIS J 1665 62.87 72.70 -2.31
CA HIS J 1665 62.12 72.43 -1.09
C HIS J 1665 62.36 73.49 -0.02
N THR J 1666 63.52 74.16 -0.06
CA THR J 1666 63.82 75.16 0.96
C THR J 1666 62.82 76.30 0.92
N LEU J 1667 62.56 76.85 -0.26
CA LEU J 1667 61.57 77.91 -0.36
C LEU J 1667 60.15 77.39 -0.13
N ARG J 1668 59.95 76.07 -0.16
CA ARG J 1668 58.66 75.52 0.26
C ARG J 1668 58.51 75.56 1.77
N LEU J 1669 59.61 75.39 2.52
CA LEU J 1669 59.54 75.52 3.97
C LEU J 1669 59.13 76.94 4.36
N TYR J 1670 59.69 77.95 3.70
CA TYR J 1670 59.34 79.33 4.02
C TYR J 1670 57.86 79.59 3.75
N ARG J 1671 57.33 79.04 2.67
CA ARG J 1671 55.89 79.09 2.44
C ARG J 1671 55.13 78.36 3.54
N ALA J 1672 55.73 77.32 4.11
CA ALA J 1672 55.09 76.54 5.16
C ALA J 1672 55.26 77.17 6.54
N VAL J 1673 56.40 77.83 6.77
CA VAL J 1673 56.60 78.54 8.03
C VAL J 1673 55.60 79.68 8.16
N CYS J 1674 55.37 80.41 7.09
CA CYS J 1674 54.32 81.43 7.12
C CYS J 1674 52.98 80.71 7.08
N ALA J 1675 52.49 80.32 8.25
CA ALA J 1675 51.27 79.53 8.37
C ALA J 1675 50.07 80.42 8.06
N LEU J 1676 48.88 79.93 8.37
CA LEU J 1676 47.67 80.67 8.04
C LEU J 1676 47.56 81.92 8.89
N GLY J 1677 48.52 82.83 8.71
CA GLY J 1677 48.58 84.10 9.43
C GLY J 1677 49.55 84.01 10.58
N ASN J 1678 50.79 84.46 10.37
CA ASN J 1678 51.82 84.35 11.40
C ASN J 1678 52.72 85.59 11.38
N ASN J 1679 52.10 86.77 11.37
CA ASN J 1679 52.82 88.03 11.19
C ASN J 1679 54.04 88.17 12.10
N ARG J 1680 54.08 87.44 13.22
CA ARG J 1680 55.29 87.43 14.04
C ARG J 1680 56.51 86.95 13.25
N VAL J 1681 56.50 85.68 12.85
CA VAL J 1681 57.68 85.11 12.19
C VAL J 1681 57.76 85.46 10.72
N ALA J 1682 56.71 86.05 10.15
CA ALA J 1682 56.75 86.41 8.74
C ALA J 1682 57.82 87.45 8.46
N HIS J 1683 57.96 88.44 9.35
CA HIS J 1683 58.93 89.51 9.11
C HIS J 1683 60.36 89.01 9.26
N ALA J 1684 60.59 88.06 10.17
CA ALA J 1684 61.93 87.51 10.34
C ALA J 1684 62.46 86.90 9.05
N LEU J 1685 61.56 86.45 8.16
CA LEU J 1685 62.00 85.96 6.86
C LEU J 1685 62.42 87.10 5.93
N CYS J 1686 61.88 88.31 6.15
CA CYS J 1686 62.20 89.43 5.29
C CYS J 1686 63.69 89.75 5.33
N SER J 1687 64.30 89.72 6.52
CA SER J 1687 65.73 89.89 6.62
C SER J 1687 66.49 88.72 6.01
N HIS J 1688 65.85 87.55 5.92
CA HIS J 1688 66.53 86.36 5.42
C HIS J 1688 66.49 86.29 3.91
N VAL J 1689 65.29 86.34 3.32
CA VAL J 1689 65.22 86.19 1.87
C VAL J 1689 65.58 87.49 1.16
N ASP J 1690 64.76 88.53 1.30
CA ASP J 1690 64.98 89.77 0.57
C ASP J 1690 63.89 90.81 0.81
N GLN J 1691 64.09 91.99 0.21
CA GLN J 1691 63.00 92.82 -0.22
C GLN J 1691 63.20 93.29 -1.66
N ALA J 1692 64.39 93.08 -2.24
CA ALA J 1692 64.73 93.59 -3.56
C ALA J 1692 64.78 92.52 -4.64
N GLN J 1693 65.49 91.41 -4.42
CA GLN J 1693 65.62 90.43 -5.51
C GLN J 1693 64.33 89.72 -5.83
N LEU J 1694 63.37 89.68 -4.89
CA LEU J 1694 62.03 89.27 -5.27
C LEU J 1694 61.46 90.19 -6.32
N LEU J 1695 61.51 91.50 -6.09
CA LEU J 1695 61.11 92.46 -7.11
C LEU J 1695 62.02 92.43 -8.32
N HIS J 1696 63.22 91.86 -8.18
CA HIS J 1696 64.12 91.68 -9.31
C HIS J 1696 63.91 90.33 -10.00
N ALA J 1697 63.29 89.37 -9.33
CA ALA J 1697 63.00 88.08 -9.93
C ALA J 1697 61.89 88.16 -10.96
N LEU J 1698 61.06 89.21 -10.90
CA LEU J 1698 59.95 89.35 -11.84
C LEU J 1698 60.44 89.46 -13.28
N GLU J 1699 61.21 90.51 -13.57
CA GLU J 1699 61.62 90.76 -14.95
C GLU J 1699 62.62 89.75 -15.46
N ASP J 1700 63.23 88.96 -14.58
CA ASP J 1700 64.23 87.99 -15.03
C ASP J 1700 63.57 86.90 -15.87
N ALA J 1701 64.26 86.49 -16.93
CA ALA J 1701 63.71 85.57 -17.92
C ALA J 1701 64.36 84.20 -17.92
N HIS J 1702 65.68 84.13 -17.76
CA HIS J 1702 66.36 82.84 -17.72
C HIS J 1702 65.99 82.14 -16.42
N LEU J 1703 65.29 81.01 -16.53
CA LEU J 1703 64.63 80.45 -15.36
C LEU J 1703 64.68 78.92 -15.35
N PRO J 1704 65.21 78.31 -14.29
CA PRO J 1704 65.29 76.83 -14.24
C PRO J 1704 63.95 76.13 -14.13
N GLY J 1705 62.86 76.81 -13.79
CA GLY J 1705 61.57 76.17 -13.65
C GLY J 1705 61.09 76.07 -12.21
N PRO J 1706 61.14 74.87 -11.62
CA PRO J 1706 60.63 74.70 -10.25
C PRO J 1706 61.28 75.63 -9.24
N LEU J 1707 62.39 76.25 -9.61
CA LEU J 1707 63.07 77.31 -8.85
C LEU J 1707 62.30 78.60 -9.13
N ARG J 1708 63.00 79.74 -9.13
CA ARG J 1708 62.47 81.10 -9.03
C ARG J 1708 61.02 81.29 -9.47
N ALA J 1709 60.58 80.63 -10.53
CA ALA J 1709 59.15 80.58 -10.81
C ALA J 1709 58.35 80.22 -9.56
N GLY J 1710 58.98 79.51 -8.61
CA GLY J 1710 58.38 79.27 -7.31
C GLY J 1710 58.48 80.44 -6.34
N TYR J 1711 59.35 81.41 -6.61
CA TYR J 1711 59.40 82.61 -5.77
C TYR J 1711 58.10 83.40 -5.83
N TYR J 1712 57.41 83.36 -6.97
CA TYR J 1712 56.13 84.04 -7.08
C TYR J 1712 55.15 83.55 -6.02
N ASP J 1713 55.27 82.29 -5.60
CA ASP J 1713 54.46 81.74 -4.53
C ASP J 1713 54.98 82.12 -3.15
N LEU J 1714 56.16 82.73 -3.06
CA LEU J 1714 56.66 83.26 -1.81
C LEU J 1714 56.39 84.75 -1.67
N LEU J 1715 56.47 85.49 -2.77
CA LEU J 1715 56.07 86.89 -2.76
C LEU J 1715 54.59 87.05 -2.42
N ILE J 1716 53.77 86.04 -2.72
CA ILE J 1716 52.34 86.11 -2.53
C ILE J 1716 52.00 85.61 -1.13
N SER J 1717 53.02 85.22 -0.37
CA SER J 1717 52.77 84.62 0.93
C SER J 1717 53.30 85.43 2.10
N ILE J 1718 54.20 86.38 1.87
CA ILE J 1718 54.77 87.19 2.93
C ILE J 1718 54.25 88.63 2.89
N HIS J 1719 53.50 88.98 1.86
CA HIS J 1719 52.94 90.33 1.76
C HIS J 1719 51.44 90.35 1.60
N LEU J 1720 50.82 89.29 1.09
CA LEU J 1720 49.38 89.23 0.89
C LEU J 1720 48.80 88.02 1.63
N GLU J 1721 47.53 87.75 1.36
CA GLU J 1721 46.66 86.77 2.01
C GLU J 1721 46.59 87.02 3.51
N SER J 1722 47.13 88.14 3.97
CA SER J 1722 46.82 88.64 5.29
C SER J 1722 45.52 89.43 5.31
N ALA J 1723 45.03 89.81 4.13
CA ALA J 1723 43.76 90.51 3.99
C ALA J 1723 42.89 89.80 2.96
N CYS J 1724 43.52 89.17 1.96
CA CYS J 1724 42.77 88.36 1.00
C CYS J 1724 42.04 87.23 1.70
N ARG J 1725 42.70 86.57 2.64
CA ARG J 1725 42.05 85.52 3.41
C ARG J 1725 40.89 86.06 4.24
N SER J 1726 40.90 87.35 4.56
CA SER J 1726 39.80 87.98 5.28
C SER J 1726 38.82 88.69 4.35
N ARG J 1727 39.32 89.44 3.37
CA ARG J 1727 38.44 90.14 2.44
C ARG J 1727 37.64 89.20 1.55
N ARG J 1728 38.11 87.97 1.35
CA ARG J 1728 37.31 87.01 0.59
C ARG J 1728 36.03 86.65 1.34
N SER J 1729 36.11 86.49 2.67
CA SER J 1729 34.91 86.27 3.46
C SER J 1729 33.98 87.48 3.43
N MET J 1730 34.54 88.67 3.22
CA MET J 1730 33.76 89.91 3.18
C MET J 1730 32.95 90.06 1.90
N LEU J 1731 33.16 89.20 0.91
CA LEU J 1731 32.56 89.39 -0.40
C LEU J 1731 31.14 88.83 -0.51
N SER J 1732 30.63 88.17 0.52
CA SER J 1732 29.32 87.53 0.42
C SER J 1732 28.18 88.43 0.84
N GLU J 1733 28.34 89.19 1.92
CA GLU J 1733 27.32 90.12 2.39
C GLU J 1733 27.48 91.47 1.72
N TYR J 1734 26.37 92.16 1.51
CA TYR J 1734 26.31 93.36 0.68
C TYR J 1734 25.66 94.52 1.44
N ILE J 1735 26.18 94.82 2.63
CA ILE J 1735 25.67 95.96 3.39
C ILE J 1735 25.86 97.24 2.60
N VAL J 1736 24.82 98.05 2.51
CA VAL J 1736 24.86 99.31 1.77
C VAL J 1736 24.26 100.44 2.60
N PRO J 1737 24.92 101.60 2.69
CA PRO J 1737 24.38 102.72 3.45
C PRO J 1737 23.63 103.71 2.58
N LEU J 1738 22.83 104.54 3.25
CA LEU J 1738 22.11 105.63 2.60
C LEU J 1738 23.08 106.75 2.26
N THR J 1739 23.45 106.87 0.99
CA THR J 1739 24.38 107.90 0.57
C THR J 1739 23.85 108.65 -0.63
N PRO J 1740 24.22 109.92 -0.79
CA PRO J 1740 23.83 110.64 -2.02
C PRO J 1740 24.34 109.99 -3.29
N GLU J 1741 25.53 109.37 -3.25
CA GLU J 1741 26.03 108.66 -4.43
C GLU J 1741 25.12 107.50 -4.80
N THR J 1742 24.61 106.77 -3.80
CA THR J 1742 23.72 105.65 -4.05
C THR J 1742 22.41 106.09 -4.72
N ARG J 1743 22.02 107.35 -4.57
CA ARG J 1743 20.75 107.83 -5.09
C ARG J 1743 20.67 107.83 -6.60
N ALA J 1744 21.80 107.65 -7.30
CA ALA J 1744 21.84 107.66 -8.76
C ALA J 1744 22.58 106.41 -9.23
N ILE J 1745 21.83 105.33 -9.42
CA ILE J 1745 22.36 104.07 -9.94
C ILE J 1745 21.29 103.43 -10.80
N THR J 1746 21.66 103.05 -12.02
CA THR J 1746 20.71 102.47 -12.97
C THR J 1746 21.48 101.65 -13.99
N LEU J 1747 20.80 101.26 -15.07
CA LEU J 1747 21.40 100.46 -16.13
C LEU J 1747 21.93 101.40 -17.23
N PHE J 1748 23.11 101.96 -16.95
CA PHE J 1748 23.84 102.83 -17.86
C PHE J 1748 22.93 103.93 -18.40
N PRO J 1749 22.59 104.93 -17.58
CA PRO J 1749 21.61 105.94 -18.01
C PRO J 1749 22.14 106.97 -19.00
N PRO J 1750 23.41 106.94 -19.41
CA PRO J 1750 23.77 107.63 -20.66
C PRO J 1750 23.41 106.85 -21.92
N GLY J 1751 22.61 105.79 -21.82
CA GLY J 1751 22.17 105.08 -23.00
C GLY J 1751 21.05 105.83 -23.71
N ARG J 1752 21.06 105.73 -25.04
CA ARG J 1752 20.09 106.41 -25.88
C ARG J 1752 19.26 105.37 -26.61
N LYS J 1753 17.98 105.27 -26.23
CA LYS J 1753 17.03 104.36 -26.86
C LYS J 1753 17.53 102.92 -26.81
N GLY J 1754 18.40 102.55 -27.76
CA GLY J 1754 18.96 101.20 -27.76
C GLY J 1754 19.77 100.90 -26.52
N GLY J 1755 20.39 101.91 -25.92
CA GLY J 1755 21.15 101.72 -24.70
C GLY J 1755 20.31 101.30 -23.52
N ASN J 1756 19.00 101.50 -23.59
CA ASN J 1756 18.12 100.99 -22.53
C ASN J 1756 18.07 99.47 -22.54
N ALA J 1757 17.96 98.88 -23.73
CA ALA J 1757 17.89 97.43 -23.88
C ALA J 1757 19.22 96.81 -24.29
N ARG J 1758 20.31 97.59 -24.27
CA ARG J 1758 21.63 97.08 -24.61
C ARG J 1758 22.65 97.87 -23.79
N ARG J 1759 23.92 97.79 -24.17
CA ARG J 1759 25.00 98.51 -23.52
C ARG J 1759 25.04 98.21 -22.03
N HIS J 1760 25.34 96.94 -21.73
CA HIS J 1760 25.37 96.46 -20.35
C HIS J 1760 26.40 97.18 -19.51
N GLY J 1761 27.40 97.81 -20.12
CA GLY J 1761 28.46 98.44 -19.37
C GLY J 1761 29.55 97.45 -19.01
N LEU J 1762 30.80 97.90 -19.06
CA LEU J 1762 31.92 97.02 -18.78
C LEU J 1762 31.84 96.52 -17.33
N PRO J 1763 31.98 95.21 -17.09
CA PRO J 1763 31.83 94.69 -15.73
C PRO J 1763 32.89 95.22 -14.78
N GLY J 1764 32.48 96.12 -13.89
CA GLY J 1764 33.38 96.73 -12.92
C GLY J 1764 33.92 98.05 -13.40
N VAL J 1765 33.36 99.15 -12.89
CA VAL J 1765 33.83 100.49 -13.22
C VAL J 1765 34.14 101.25 -11.94
N GLY J 1766 33.24 101.18 -10.97
CA GLY J 1766 33.41 101.92 -9.74
C GLY J 1766 32.06 102.11 -9.06
N VAL J 1767 32.00 103.13 -8.20
CA VAL J 1767 30.86 103.48 -7.37
C VAL J 1767 30.11 102.25 -6.86
N THR J 1768 30.54 101.74 -5.71
CA THR J 1768 29.93 100.56 -5.12
C THR J 1768 29.35 100.81 -3.74
N THR J 1769 29.93 101.73 -2.96
CA THR J 1769 29.44 102.15 -1.64
C THR J 1769 29.33 100.99 -0.65
N SER J 1770 29.89 99.82 -0.95
CA SER J 1770 29.85 98.73 -0.01
C SER J 1770 30.82 98.97 1.15
N LEU J 1771 30.54 98.36 2.29
CA LEU J 1771 31.33 98.52 3.49
C LEU J 1771 32.36 97.40 3.58
N ARG J 1772 33.64 97.76 3.50
CA ARG J 1772 34.72 96.79 3.58
C ARG J 1772 35.85 97.38 4.42
N PRO J 1773 36.47 96.59 5.28
CA PRO J 1773 37.56 97.11 6.10
C PRO J 1773 38.78 97.42 5.25
N PRO J 1774 39.56 98.43 5.63
CA PRO J 1774 40.77 98.76 4.87
C PRO J 1774 41.98 97.94 5.31
N HIS J 1775 42.89 97.73 4.36
CA HIS J 1775 44.10 96.97 4.64
C HIS J 1775 45.05 97.79 5.51
N HIS J 1776 45.72 97.10 6.44
CA HIS J 1776 46.70 97.72 7.32
C HIS J 1776 48.05 97.04 7.14
N PHE J 1777 49.10 97.85 7.00
CA PHE J 1777 50.43 97.34 6.72
C PHE J 1777 51.45 98.14 7.52
N SER J 1778 52.56 97.50 7.85
CA SER J 1778 53.62 98.14 8.62
C SER J 1778 54.97 97.87 7.96
N PRO J 1779 55.91 98.82 8.06
CA PRO J 1779 57.23 98.63 7.44
C PRO J 1779 58.17 97.91 8.38
N PRO J 1780 59.02 97.03 7.85
CA PRO J 1780 59.96 96.31 8.71
C PRO J 1780 61.12 97.20 9.14
N CYS J 1781 61.49 97.07 10.42
CA CYS J 1781 62.60 97.83 10.97
C CYS J 1781 63.17 97.02 12.14
N PHE J 1782 64.38 96.50 11.99
CA PHE J 1782 64.99 95.64 13.00
C PHE J 1782 65.93 96.39 13.93
N VAL J 1783 66.09 97.71 13.74
CA VAL J 1783 66.84 98.52 14.69
C VAL J 1783 65.93 99.21 15.69
N ALA J 1784 64.63 98.97 15.63
CA ALA J 1784 63.70 99.57 16.57
C ALA J 1784 63.94 99.03 17.98
N ALA J 1785 63.51 99.80 18.97
CA ALA J 1785 63.71 99.41 20.36
C ALA J 1785 62.94 98.14 20.68
N LEU J 1786 63.43 97.40 21.67
CA LEU J 1786 62.83 96.15 22.06
C LEU J 1786 61.42 96.40 22.60
N PRO J 1787 60.39 95.77 22.03
CA PRO J 1787 59.01 96.05 22.47
C PRO J 1787 58.76 95.65 23.91
N ALA J 1788 58.99 94.37 24.23
CA ALA J 1788 58.74 93.86 25.57
C ALA J 1788 59.46 92.53 25.80
N GLU J 1793 50.47 94.51 21.57
CA GLU J 1793 49.53 95.42 20.94
C GLU J 1793 48.86 94.74 19.75
N ALA J 1794 49.37 95.00 18.54
CA ALA J 1794 48.88 94.35 17.35
C ALA J 1794 49.14 92.84 17.44
N PRO J 1795 48.33 92.02 16.79
CA PRO J 1795 48.49 90.57 17.00
C PRO J 1795 49.78 90.06 16.36
N ALA J 1796 50.79 89.97 17.22
CA ALA J 1796 52.15 89.48 16.98
C ALA J 1796 52.91 90.36 16.00
N ARG J 1797 52.18 91.10 15.15
CA ARG J 1797 52.46 92.42 14.58
C ARG J 1797 51.40 92.66 13.51
N LEU J 1798 51.37 93.84 12.91
CA LEU J 1798 50.27 94.15 12.00
C LEU J 1798 50.41 93.43 10.65
N SER J 1799 51.44 93.77 9.87
CA SER J 1799 51.73 93.14 8.59
C SER J 1799 52.99 93.73 7.96
N PRO J 1800 53.69 92.97 7.11
CA PRO J 1800 54.77 93.56 6.31
C PRO J 1800 54.21 94.50 5.25
N ALA J 1801 55.06 95.40 4.79
CA ALA J 1801 54.69 96.39 3.79
C ALA J 1801 55.41 96.10 2.46
N ILE J 1802 54.96 96.81 1.42
CA ILE J 1802 55.52 96.68 0.08
C ILE J 1802 54.98 97.83 -0.77
N PRO J 1803 55.77 98.34 -1.72
CA PRO J 1803 55.25 99.40 -2.61
C PRO J 1803 54.21 98.90 -3.61
N LEU J 1804 52.93 98.94 -3.22
CA LEU J 1804 51.86 98.49 -4.11
C LEU J 1804 51.87 99.23 -5.45
N GLU J 1805 52.31 100.49 -5.46
CA GLU J 1805 52.29 101.27 -6.70
C GLU J 1805 53.20 100.64 -7.77
N ALA J 1806 54.39 100.19 -7.36
CA ALA J 1806 55.31 99.59 -8.32
C ALA J 1806 54.77 98.25 -8.82
N LEU J 1807 54.18 97.45 -7.94
CA LEU J 1807 53.71 96.13 -8.32
C LEU J 1807 52.62 96.20 -9.38
N ARG J 1808 51.67 97.13 -9.22
CA ARG J 1808 50.54 97.20 -10.14
C ARG J 1808 50.99 97.49 -11.57
N ASP J 1809 51.82 98.52 -11.74
CA ASP J 1809 52.30 98.86 -13.08
C ASP J 1809 53.18 97.76 -13.66
N LYS J 1810 54.08 97.20 -12.83
CA LYS J 1810 55.01 96.19 -13.31
C LYS J 1810 54.29 94.93 -13.76
N ALA J 1811 53.30 94.49 -12.99
CA ALA J 1811 52.59 93.25 -13.32
C ALA J 1811 51.90 93.34 -14.67
N LEU J 1812 51.17 94.44 -14.90
CA LEU J 1812 50.46 94.58 -16.17
C LEU J 1812 51.43 94.69 -17.35
N ARG J 1813 52.52 95.45 -17.17
CA ARG J 1813 53.51 95.54 -18.22
C ARG J 1813 54.12 94.19 -18.51
N MET J 1814 54.39 93.41 -17.46
CA MET J 1814 54.91 92.06 -17.63
C MET J 1814 53.95 91.19 -18.43
N LEU J 1815 52.66 91.26 -18.11
CA LEU J 1815 51.67 90.47 -18.83
C LEU J 1815 51.47 90.99 -20.25
N GLY J 1816 51.77 92.27 -20.49
CA GLY J 1816 51.74 92.78 -21.85
C GLY J 1816 52.70 92.08 -22.77
N GLU J 1817 53.89 91.73 -22.26
CA GLU J 1817 54.83 90.92 -23.03
C GLU J 1817 54.27 89.53 -23.30
N ALA J 1818 53.57 88.96 -22.32
CA ALA J 1818 53.13 87.56 -22.43
C ALA J 1818 52.23 87.34 -23.64
N VAL J 1819 51.24 88.21 -23.84
CA VAL J 1819 50.30 88.03 -24.95
C VAL J 1819 51.03 88.19 -26.29
N ARG J 1820 51.91 89.18 -26.39
CA ARG J 1820 52.65 89.38 -27.63
C ARG J 1820 53.63 88.24 -27.88
N ASP J 1821 54.31 87.77 -26.84
CA ASP J 1821 55.29 86.71 -27.01
C ASP J 1821 54.61 85.38 -27.34
N GLY J 1822 53.44 85.13 -26.76
CA GLY J 1822 52.74 83.88 -27.03
C GLY J 1822 52.36 83.71 -28.48
N GLY J 1823 51.85 84.78 -29.11
CA GLY J 1823 51.52 84.72 -30.51
C GLY J 1823 52.72 84.56 -31.41
N GLN J 1824 53.85 85.16 -31.04
CA GLN J 1824 55.06 85.08 -31.86
C GLN J 1824 55.61 83.66 -31.93
N HIS J 1825 55.39 82.87 -30.87
CA HIS J 1825 55.81 81.47 -30.78
C HIS J 1825 57.33 81.33 -30.69
N ALA J 1826 57.79 80.33 -29.95
CA ALA J 1826 59.22 80.09 -29.80
C ALA J 1826 59.43 78.65 -29.36
N ARG J 1827 60.67 78.18 -29.51
CA ARG J 1827 61.04 76.84 -29.08
C ARG J 1827 61.61 76.81 -27.66
N ASP J 1828 61.63 77.95 -26.96
CA ASP J 1828 62.13 78.00 -25.60
C ASP J 1828 61.40 79.12 -24.87
N PRO J 1829 60.22 78.84 -24.33
CA PRO J 1829 59.46 79.88 -23.61
C PRO J 1829 60.09 80.18 -22.27
N VAL J 1830 59.69 81.33 -21.71
CA VAL J 1830 60.19 81.75 -20.41
C VAL J 1830 59.84 80.71 -19.36
N GLY J 1831 60.84 80.23 -18.64
CA GLY J 1831 60.65 79.23 -17.61
C GLY J 1831 60.83 77.80 -18.09
N GLY J 1832 60.72 77.55 -19.39
CA GLY J 1832 60.95 76.23 -19.92
C GLY J 1832 59.82 75.65 -20.74
N SER J 1833 58.57 75.86 -20.31
CA SER J 1833 57.43 75.31 -21.04
C SER J 1833 56.20 76.17 -20.74
N VAL J 1834 55.88 77.07 -21.68
CA VAL J 1834 54.68 77.92 -21.72
C VAL J 1834 54.01 78.16 -20.37
N GLU J 1835 53.60 77.08 -19.69
CA GLU J 1835 52.76 77.22 -18.50
C GLU J 1835 53.53 77.86 -17.34
N PHE J 1836 54.81 77.55 -17.18
CA PHE J 1836 55.63 78.36 -16.29
C PHE J 1836 55.69 79.83 -16.70
N GLN J 1837 55.41 80.15 -17.96
CA GLN J 1837 55.42 81.54 -18.37
C GLN J 1837 54.08 82.22 -18.12
N PHE J 1838 53.04 81.45 -17.81
CA PHE J 1838 51.71 82.00 -17.59
C PHE J 1838 51.20 81.85 -16.17
N VAL J 1839 51.20 80.62 -15.61
CA VAL J 1839 50.49 80.39 -14.35
C VAL J 1839 51.03 81.20 -13.18
N PRO J 1840 52.35 81.33 -12.95
CA PRO J 1840 52.77 82.07 -11.75
C PRO J 1840 52.53 83.56 -11.84
N VAL J 1841 52.52 84.12 -13.05
CA VAL J 1841 52.42 85.57 -13.20
C VAL J 1841 50.98 86.05 -13.15
N LEU J 1842 50.04 85.35 -13.77
CA LEU J 1842 48.66 85.79 -13.72
C LEU J 1842 47.98 85.38 -12.43
N LYS J 1843 48.54 84.41 -11.69
CA LYS J 1843 48.05 84.13 -10.34
C LYS J 1843 48.26 85.33 -9.43
N LEU J 1844 49.39 86.03 -9.58
CA LEU J 1844 49.61 87.27 -8.86
C LEU J 1844 48.56 88.31 -9.24
N VAL J 1845 48.19 88.36 -10.51
CA VAL J 1845 47.19 89.33 -10.97
C VAL J 1845 45.87 89.07 -10.26
N SER J 1846 45.47 87.81 -10.14
CA SER J 1846 44.19 87.48 -9.52
C SER J 1846 44.15 87.93 -8.06
N THR J 1847 45.23 87.68 -7.32
CA THR J 1847 45.24 88.03 -5.89
C THR J 1847 45.18 89.54 -5.69
N LEU J 1848 45.90 90.29 -6.52
CA LEU J 1848 45.81 91.75 -6.43
C LEU J 1848 44.46 92.27 -6.88
N LEU J 1849 43.72 91.48 -7.66
CA LEU J 1849 42.46 91.96 -8.21
C LEU J 1849 41.35 91.98 -7.16
N VAL J 1850 41.33 90.97 -6.27
CA VAL J 1850 40.27 90.92 -5.27
C VAL J 1850 40.39 92.06 -4.27
N MET J 1851 41.62 92.46 -3.92
CA MET J 1851 41.81 93.63 -3.07
C MET J 1851 41.41 94.93 -3.74
N GLY J 1852 41.20 94.92 -5.06
CA GLY J 1852 40.85 96.13 -5.77
C GLY J 1852 41.94 97.18 -5.81
N ILE J 1853 43.21 96.76 -5.89
CA ILE J 1853 44.28 97.72 -6.07
C ILE J 1853 44.13 98.44 -7.40
N PHE J 1854 43.74 97.72 -8.44
CA PHE J 1854 43.46 98.34 -9.73
C PHE J 1854 42.21 99.20 -9.64
N GLY J 1855 42.21 100.31 -10.38
CA GLY J 1855 41.08 101.22 -10.36
C GLY J 1855 40.72 101.82 -11.70
N ASP J 1856 39.45 101.68 -12.08
CA ASP J 1856 38.88 102.26 -13.30
C ASP J 1856 39.73 102.04 -14.53
N GLU J 1857 40.79 102.84 -14.68
CA GLU J 1857 41.62 102.75 -15.88
C GLU J 1857 42.30 101.40 -15.99
N ASP J 1858 42.80 100.88 -14.86
CA ASP J 1858 43.61 99.68 -14.89
C ASP J 1858 42.81 98.47 -15.36
N VAL J 1859 41.61 98.28 -14.79
CA VAL J 1859 40.79 97.14 -15.19
C VAL J 1859 40.31 97.27 -16.62
N LYS J 1860 40.20 98.50 -17.13
CA LYS J 1860 39.81 98.67 -18.53
C LYS J 1860 40.88 98.19 -19.48
N GLN J 1861 42.11 97.96 -19.00
CA GLN J 1861 43.16 97.36 -19.81
C GLN J 1861 43.23 95.84 -19.68
N ILE J 1862 42.98 95.29 -18.48
CA ILE J 1862 42.99 93.83 -18.34
C ILE J 1862 41.87 93.23 -19.17
N LEU J 1863 40.77 93.95 -19.35
CA LEU J 1863 39.74 93.53 -20.28
C LEU J 1863 40.22 93.61 -21.73
N LYS J 1864 41.12 94.55 -22.04
CA LYS J 1864 41.65 94.66 -23.39
C LYS J 1864 42.52 93.47 -23.77
N MET J 1865 42.91 92.62 -22.82
CA MET J 1865 43.58 91.37 -23.15
C MET J 1865 42.62 90.35 -23.78
N ILE J 1866 41.32 90.61 -23.75
CA ILE J 1866 40.34 89.81 -24.49
C ILE J 1866 39.57 90.78 -25.39
N GLU J 1867 40.30 91.77 -25.92
CA GLU J 1867 39.81 92.96 -26.62
C GLU J 1867 38.60 92.78 -27.54
N PRO J 1868 38.62 91.85 -28.52
CA PRO J 1868 37.62 91.92 -29.60
C PRO J 1868 36.17 91.95 -29.15
N GLU J 1869 35.82 91.25 -28.07
CA GLU J 1869 34.43 91.20 -27.63
C GLU J 1869 34.14 92.24 -26.53
N VAL J 1870 34.84 92.14 -25.40
CA VAL J 1870 34.51 92.98 -24.25
C VAL J 1870 34.91 94.44 -24.50
N PHE J 1871 36.06 94.66 -25.14
CA PHE J 1871 36.57 96.03 -25.31
C PHE J 1871 35.84 96.70 -26.47
N THR J 1872 36.36 97.84 -26.91
CA THR J 1872 35.78 98.65 -27.98
C THR J 1872 34.35 99.07 -27.63
N GLU J 1873 34.20 99.64 -26.43
CA GLU J 1873 32.90 100.15 -26.01
C GLU J 1873 32.44 101.29 -26.90
N GLU J 1874 33.35 102.20 -27.25
CA GLU J 1874 33.02 103.33 -28.10
C GLU J 1874 32.94 102.91 -29.56
N LEU J 1922 46.24 90.95 -34.83
CA LEU J 1922 47.04 91.83 -34.01
C LEU J 1922 47.09 91.34 -32.56
N GLU J 1923 46.53 92.14 -31.65
CA GLU J 1923 46.50 91.81 -30.23
C GLU J 1923 45.35 90.83 -29.97
N GLU J 1924 45.59 89.58 -30.35
CA GLU J 1924 44.60 88.52 -30.16
C GLU J 1924 44.33 88.32 -28.68
N GLY J 1925 43.07 88.01 -28.37
CA GLY J 1925 42.67 87.84 -26.99
C GLY J 1925 43.27 86.61 -26.36
N LEU J 1926 43.30 86.62 -25.02
CA LEU J 1926 43.79 85.46 -24.27
C LEU J 1926 42.93 84.23 -24.52
N LEU J 1927 41.65 84.42 -24.81
CA LEU J 1927 40.73 83.31 -25.08
C LEU J 1927 40.66 83.01 -26.57
N GLN J 1928 41.81 82.88 -27.22
CA GLN J 1928 41.85 82.64 -28.66
C GLN J 1928 42.73 81.46 -29.02
N MET J 1929 43.77 81.21 -28.23
CA MET J 1929 44.77 80.20 -28.54
C MET J 1929 44.61 78.98 -27.64
N LYS J 1930 45.19 77.87 -28.09
CA LYS J 1930 45.17 76.65 -27.31
C LYS J 1930 46.10 76.77 -26.11
N LEU J 1931 45.65 76.27 -24.97
CA LEU J 1931 46.39 76.38 -23.72
C LEU J 1931 46.41 75.03 -23.01
N PRO J 1932 47.42 74.79 -22.18
CA PRO J 1932 47.48 73.54 -21.41
C PRO J 1932 46.37 73.48 -20.37
N GLU J 1933 46.27 72.33 -19.72
CA GLU J 1933 45.17 72.05 -18.80
C GLU J 1933 45.40 72.62 -17.39
N SER J 1934 46.30 73.57 -17.23
CA SER J 1934 46.53 74.21 -15.94
C SER J 1934 46.18 75.70 -15.96
N VAL J 1935 46.62 76.43 -17.00
CA VAL J 1935 46.28 77.85 -17.08
C VAL J 1935 44.79 78.04 -17.31
N LYS J 1936 44.12 77.08 -17.95
CA LYS J 1936 42.67 77.19 -18.14
C LYS J 1936 41.95 77.26 -16.79
N LEU J 1937 42.45 76.52 -15.79
CA LEU J 1937 41.87 76.59 -14.46
C LEU J 1937 41.99 78.00 -13.89
N GLN J 1938 43.15 78.63 -14.06
CA GLN J 1938 43.36 79.98 -13.53
C GLN J 1938 42.45 80.98 -14.23
N MET J 1939 42.23 80.82 -15.53
CA MET J 1939 41.30 81.69 -16.24
C MET J 1939 39.92 81.64 -15.60
N CYS J 1940 39.48 80.45 -15.19
CA CYS J 1940 38.21 80.35 -14.47
C CYS J 1940 38.26 81.12 -13.16
N ASN J 1941 39.37 81.05 -12.43
CA ASN J 1941 39.51 81.81 -11.20
C ASN J 1941 39.49 83.31 -11.47
N LEU J 1942 39.86 83.73 -12.68
CA LEU J 1942 39.80 85.14 -13.03
C LEU J 1942 38.42 85.57 -13.48
N LEU J 1943 37.77 84.74 -14.31
CA LEU J 1943 36.42 85.05 -14.77
C LEU J 1943 35.42 85.01 -13.61
N GLU J 1944 35.67 84.17 -12.60
CA GLU J 1944 34.75 84.06 -11.48
C GLU J 1944 34.66 85.37 -10.69
N TYR J 1945 35.75 86.12 -10.59
CA TYR J 1945 35.72 87.38 -9.87
C TYR J 1945 34.81 88.40 -10.53
N PHE J 1946 34.53 88.24 -11.82
CA PHE J 1946 33.74 89.25 -12.51
C PHE J 1946 32.24 88.99 -12.41
N CYS J 1947 31.84 87.74 -12.13
CA CYS J 1947 30.41 87.44 -12.03
C CYS J 1947 29.79 88.18 -10.85
N ASP J 1948 30.38 88.03 -9.66
CA ASP J 1948 29.84 88.69 -8.48
C ASP J 1948 29.99 90.20 -8.53
N GLN J 1949 30.95 90.71 -9.31
CA GLN J 1949 31.02 92.16 -9.50
C GLN J 1949 29.74 92.67 -10.16
N GLU J 1950 29.23 91.94 -11.15
CA GLU J 1950 27.91 92.27 -11.68
C GLU J 1950 26.84 92.06 -10.62
N LEU J 1951 26.93 90.98 -9.85
CA LEU J 1951 25.97 90.74 -8.78
C LEU J 1951 26.01 91.85 -7.75
N GLN J 1952 27.21 92.28 -7.35
CA GLN J 1952 27.32 93.40 -6.43
C GLN J 1952 26.73 94.67 -7.04
N HIS J 1953 26.88 94.85 -8.36
CA HIS J 1953 26.22 95.97 -9.02
C HIS J 1953 24.71 95.78 -9.04
N ARG J 1954 24.24 94.53 -9.09
CA ARG J 1954 22.82 94.26 -9.19
C ARG J 1954 22.08 94.70 -7.93
N VAL J 1955 22.57 94.27 -6.77
CA VAL J 1955 21.85 94.56 -5.52
C VAL J 1955 21.87 96.04 -5.20
N GLU J 1956 22.92 96.76 -5.60
CA GLU J 1956 22.96 98.20 -5.38
C GLU J 1956 21.87 98.90 -6.17
N SER J 1957 21.59 98.42 -7.38
CA SER J 1957 20.49 98.99 -8.16
C SER J 1957 19.16 98.81 -7.44
N LEU J 1958 18.94 97.65 -6.82
CA LEU J 1958 17.73 97.44 -6.03
C LEU J 1958 17.66 98.41 -4.85
N ALA J 1959 18.78 98.60 -4.16
CA ALA J 1959 18.81 99.54 -3.06
C ALA J 1959 18.47 100.95 -3.53
N ALA J 1960 18.93 101.32 -4.72
CA ALA J 1960 18.57 102.61 -5.29
C ALA J 1960 17.06 102.71 -5.52
N PHE J 1961 16.45 101.64 -6.03
CA PHE J 1961 15.00 101.62 -6.16
C PHE J 1961 14.32 101.44 -4.80
N ALA J 1962 15.01 100.84 -3.84
CA ALA J 1962 14.49 100.65 -2.50
C ALA J 1962 14.54 101.93 -1.67
N GLU J 1963 14.93 103.05 -2.28
CA GLU J 1963 15.01 104.34 -1.60
C GLU J 1963 13.96 105.34 -2.10
N ARG J 1964 13.91 105.62 -3.41
CA ARG J 1964 12.99 106.66 -3.86
C ARG J 1964 11.54 106.17 -3.87
N TYR J 1965 11.32 104.88 -4.12
CA TYR J 1965 9.94 104.40 -4.18
C TYR J 1965 9.32 104.28 -2.79
N VAL J 1966 10.10 103.88 -1.79
CA VAL J 1966 9.56 103.83 -0.44
C VAL J 1966 9.33 105.24 0.10
N ASP J 1967 10.06 106.24 -0.41
CA ASP J 1967 9.86 107.62 0.06
C ASP J 1967 8.50 108.15 -0.35
N LYS J 1968 8.13 108.02 -1.63
CA LYS J 1968 6.83 108.50 -2.07
C LYS J 1968 5.71 107.68 -1.46
N LEU J 1969 5.95 106.38 -1.23
CA LEU J 1969 4.94 105.53 -0.64
C LEU J 1969 4.54 106.01 0.74
N GLN J 1970 5.53 106.40 1.55
CA GLN J 1970 5.23 106.95 2.87
C GLN J 1970 4.51 108.28 2.77
N ALA J 1971 4.94 109.14 1.83
CA ALA J 1971 4.32 110.44 1.68
C ALA J 1971 2.89 110.32 1.15
N ASN J 1972 2.69 109.47 0.13
CA ASN J 1972 1.35 109.29 -0.42
C ASN J 1972 0.41 108.63 0.57
N GLN J 1973 0.94 107.81 1.48
CA GLN J 1973 0.09 107.14 2.45
C GLN J 1973 -0.45 108.13 3.47
N ARG J 1974 0.35 109.15 3.83
CA ARG J 1974 -0.16 110.22 4.69
C ARG J 1974 -1.30 110.98 4.00
N SER J 1975 -1.15 111.26 2.71
CA SER J 1975 -2.25 111.89 1.97
C SER J 1975 -3.49 111.01 2.02
N ARG J 1976 -3.31 109.69 1.96
CA ARG J 1976 -4.43 108.78 2.10
C ARG J 1976 -5.06 108.84 3.49
N TYR J 1977 -4.29 109.28 4.49
CA TYR J 1977 -4.83 109.43 5.84
C TYR J 1977 -5.83 110.56 5.91
N ALA J 1978 -5.38 111.78 5.61
CA ALA J 1978 -6.23 112.96 5.79
C ALA J 1978 -7.46 112.92 4.89
N LEU J 1979 -7.38 112.21 3.77
CA LEU J 1979 -8.57 112.01 2.93
C LEU J 1979 -9.63 111.23 3.69
N LEU J 1980 -9.22 110.23 4.48
CA LEU J 1980 -10.15 109.40 5.24
C LEU J 1980 -9.95 109.57 6.75
N MET J 1981 -9.26 110.63 7.18
CA MET J 1981 -9.07 110.92 8.59
C MET J 1981 -10.32 111.58 9.16
N ARG J 1982 -10.18 112.21 10.33
CA ARG J 1982 -11.26 112.86 11.06
C ARG J 1982 -12.24 113.60 10.14
N ALA J 1983 -11.74 114.21 9.08
CA ALA J 1983 -12.59 114.80 8.05
C ALA J 1983 -13.69 113.81 7.65
N PHE J 1984 -13.28 112.65 7.13
CA PHE J 1984 -14.16 111.51 6.88
C PHE J 1984 -15.39 111.94 6.07
N THR J 1985 -16.50 111.22 6.22
CA THR J 1985 -17.75 111.56 5.56
C THR J 1985 -18.92 110.81 6.18
N MET J 1986 -19.22 109.62 5.63
CA MET J 1986 -20.39 108.85 6.03
C MET J 1986 -20.19 107.41 5.62
N SER J 1987 -21.28 106.64 5.56
CA SER J 1987 -21.41 105.27 5.07
C SER J 1987 -20.98 104.22 6.08
N ALA J 1988 -20.49 104.60 7.27
CA ALA J 1988 -20.29 103.66 8.37
C ALA J 1988 -19.33 102.52 8.01
N ALA J 1989 -19.80 101.62 7.14
CA ALA J 1989 -19.01 100.44 6.79
C ALA J 1989 -17.67 100.79 6.15
N GLU J 1990 -17.51 102.01 5.63
CA GLU J 1990 -16.22 102.45 5.13
C GLU J 1990 -15.15 102.39 6.21
N THR J 1991 -15.54 102.60 7.46
CA THR J 1991 -14.57 102.46 8.56
C THR J 1991 -14.06 101.03 8.67
N ALA J 1992 -14.93 100.05 8.42
CA ALA J 1992 -14.48 98.66 8.42
C ALA J 1992 -13.50 98.39 7.29
N ARG J 1993 -13.73 99.02 6.13
CA ARG J 1993 -12.82 98.84 5.00
C ARG J 1993 -11.44 99.39 5.32
N ARG J 1994 -11.35 100.54 5.98
CA ARG J 1994 -10.07 101.17 6.33
C ARG J 1994 -9.62 100.57 7.66
N THR J 1995 -8.89 99.47 7.59
CA THR J 1995 -8.40 98.75 8.76
C THR J 1995 -6.90 98.55 8.76
N ARG J 1996 -6.30 98.31 7.58
CA ARG J 1996 -4.85 98.19 7.51
C ARG J 1996 -4.19 99.47 7.99
N GLU J 1997 -4.87 100.59 7.82
CA GLU J 1997 -4.26 101.90 8.00
C GLU J 1997 -3.95 102.21 9.45
N PHE J 1998 -4.61 101.52 10.40
CA PHE J 1998 -4.31 101.72 11.81
C PHE J 1998 -4.04 100.39 12.50
N ARG J 1999 -4.69 99.31 12.05
CA ARG J 1999 -4.48 97.99 12.60
C ARG J 1999 -3.43 97.24 11.80
N SER J 2000 -3.08 96.04 12.29
CA SER J 2000 -2.10 95.14 11.71
C SER J 2000 -0.68 95.69 11.90
N PRO J 2001 0.31 94.82 12.06
CA PRO J 2001 1.68 95.30 12.22
C PRO J 2001 2.16 95.94 10.93
N PRO J 2002 3.19 96.80 11.01
CA PRO J 2002 3.65 97.51 9.81
C PRO J 2002 4.01 96.60 8.65
N GLN J 2003 4.62 95.44 8.91
CA GLN J 2003 4.94 94.51 7.84
C GLN J 2003 3.70 94.03 7.11
N GLU J 2004 2.59 93.85 7.84
CA GLU J 2004 1.35 93.43 7.21
C GLU J 2004 0.84 94.48 6.23
N GLN J 2005 1.00 95.76 6.58
CA GLN J 2005 0.57 96.83 5.69
C GLN J 2005 1.32 96.79 4.36
N ILE J 2006 2.63 96.54 4.41
CA ILE J 2006 3.41 96.47 3.18
C ILE J 2006 2.88 95.38 2.26
N ASN J 2007 2.51 94.23 2.82
CA ASN J 2007 2.00 93.14 2.00
C ASN J 2007 0.75 93.56 1.24
N MET J 2008 -0.17 94.24 1.91
CA MET J 2008 -1.42 94.65 1.27
C MET J 2008 -1.17 95.67 0.16
N LEU J 2009 -0.33 96.67 0.44
CA LEU J 2009 -0.10 97.74 -0.52
C LEU J 2009 0.83 97.33 -1.66
N LEU J 2010 1.62 96.27 -1.48
CA LEU J 2010 2.56 95.83 -2.50
C LEU J 2010 2.03 94.67 -3.33
N HIS J 2011 1.03 93.95 -2.83
CA HIS J 2011 0.49 92.79 -3.53
C HIS J 2011 0.02 93.15 -4.93
N PHE J 2012 -0.85 94.16 -5.04
CA PHE J 2012 -1.46 94.48 -6.33
C PHE J 2012 -0.49 95.15 -7.29
N LYS J 2013 0.58 95.78 -6.79
CA LYS J 2013 1.50 96.54 -7.63
C LYS J 2013 2.12 95.67 -8.72
N ASP J 2014 2.87 94.64 -8.31
CA ASP J 2014 3.51 93.73 -9.26
C ASP J 2014 2.69 92.48 -9.54
N GLU J 2015 1.41 92.48 -9.16
CA GLU J 2015 0.52 91.37 -9.48
C GLU J 2015 0.03 91.47 -10.91
N ALA J 2016 -0.91 90.59 -11.28
CA ALA J 2016 -1.48 90.56 -12.60
C ALA J 2016 -2.99 90.59 -12.51
N ASP J 2017 -3.62 91.30 -13.46
CA ASP J 2017 -5.07 91.36 -13.59
C ASP J 2017 -5.74 91.90 -12.35
N GLU J 2018 -6.19 91.02 -11.46
CA GLU J 2018 -6.97 91.43 -10.30
C GLU J 2018 -6.17 92.35 -9.39
N GLU J 2019 -6.82 93.41 -8.92
CA GLU J 2019 -6.22 94.37 -8.00
C GLU J 2019 -7.22 94.71 -6.92
N ASP J 2020 -6.78 94.65 -5.66
CA ASP J 2020 -7.63 94.95 -4.51
C ASP J 2020 -6.97 96.02 -3.67
N CYS J 2021 -7.78 96.98 -3.20
CA CYS J 2021 -7.33 98.14 -2.45
C CYS J 2021 -6.13 98.81 -3.14
N PRO J 2022 -6.31 99.26 -4.38
CA PRO J 2022 -5.15 99.65 -5.20
C PRO J 2022 -4.62 101.02 -4.79
N LEU J 2023 -3.52 101.39 -5.43
CA LEU J 2023 -2.88 102.69 -5.30
C LEU J 2023 -3.18 103.53 -6.52
N PRO J 2024 -2.87 104.83 -6.49
CA PRO J 2024 -3.04 105.66 -7.70
C PRO J 2024 -2.26 105.08 -8.87
N GLU J 2025 -2.86 105.16 -10.05
CA GLU J 2025 -2.24 104.60 -11.25
C GLU J 2025 -1.20 105.54 -11.82
N ASP J 2026 -0.31 106.02 -10.97
CA ASP J 2026 0.84 106.82 -11.34
C ASP J 2026 2.14 106.27 -10.79
N ILE J 2027 2.11 105.72 -9.57
CA ILE J 2027 3.28 105.06 -9.00
C ILE J 2027 3.31 103.57 -9.28
N ARG J 2028 2.28 103.02 -9.90
CA ARG J 2028 2.25 101.61 -10.27
C ARG J 2028 2.75 101.37 -11.71
N GLN J 2029 3.44 102.34 -12.29
CA GLN J 2029 3.99 102.19 -13.63
C GLN J 2029 5.49 101.98 -13.66
N ASP J 2030 6.22 102.53 -12.70
CA ASP J 2030 7.67 102.34 -12.69
C ASP J 2030 8.04 100.91 -12.35
N LEU J 2031 7.28 100.24 -11.48
CA LEU J 2031 7.52 98.83 -11.24
C LEU J 2031 7.36 98.02 -12.51
N GLN J 2032 6.29 98.25 -13.26
CA GLN J 2032 6.09 97.56 -14.53
C GLN J 2032 7.15 97.95 -15.55
N ASP J 2033 7.91 99.02 -15.29
CA ASP J 2033 9.10 99.33 -16.07
C ASP J 2033 10.37 98.82 -15.43
N PHE J 2034 10.54 99.05 -14.13
CA PHE J 2034 11.73 98.57 -13.42
C PHE J 2034 11.78 97.05 -13.40
N HIS J 2035 10.68 96.41 -13.01
CA HIS J 2035 10.64 94.95 -13.03
C HIS J 2035 10.78 94.42 -14.44
N GLN J 2036 10.23 95.14 -15.43
CA GLN J 2036 10.56 94.85 -16.81
C GLN J 2036 12.03 95.10 -17.09
N ASP J 2037 12.58 96.22 -16.60
CA ASP J 2037 13.97 96.52 -16.84
C ASP J 2037 14.87 95.48 -16.20
N LEU J 2038 14.57 95.08 -14.98
CA LEU J 2038 15.33 94.01 -14.34
C LEU J 2038 15.20 92.71 -15.11
N LEU J 2039 13.98 92.33 -15.50
CA LEU J 2039 13.82 91.12 -16.31
C LEU J 2039 14.00 91.42 -17.79
N ALA J 2040 15.05 92.19 -18.08
CA ALA J 2040 15.66 92.27 -19.40
C ALA J 2040 17.17 92.24 -19.31
N HIS J 2041 17.75 92.56 -18.16
CA HIS J 2041 19.19 92.63 -17.98
C HIS J 2041 19.77 91.24 -17.69
N CYS J 2042 19.21 90.53 -16.72
CA CYS J 2042 19.83 89.29 -16.26
C CYS J 2042 19.85 88.20 -17.32
N GLY J 2043 18.70 87.61 -17.63
CA GLY J 2043 18.66 86.56 -18.63
C GLY J 2043 17.47 86.55 -19.57
N ILE J 2044 16.45 87.35 -19.26
CA ILE J 2044 15.15 87.18 -19.90
C ILE J 2044 15.21 87.61 -21.35
N GLN J 2045 14.72 86.75 -22.25
CA GLN J 2045 14.59 87.13 -23.64
C GLN J 2045 13.43 88.09 -23.86
N LEU J 2046 12.30 87.83 -23.21
CA LEU J 2046 11.10 88.68 -23.29
C LEU J 2046 10.63 88.83 -24.74
N GLU J 2047 10.27 87.70 -25.33
CA GLU J 2047 9.81 87.68 -26.71
C GLU J 2047 8.46 88.38 -26.85
N LYS J 2089 27.77 84.87 -34.44
CA LYS J 2089 27.81 86.33 -34.37
C LYS J 2089 28.64 86.79 -33.18
N LYS J 2090 28.83 88.10 -33.07
CA LYS J 2090 29.57 88.65 -31.94
C LYS J 2090 28.76 88.48 -30.66
N PRO J 2091 29.34 87.91 -29.60
CA PRO J 2091 28.58 87.76 -28.35
C PRO J 2091 28.01 89.06 -27.81
N GLN J 2092 28.79 90.15 -27.88
CA GLN J 2092 28.35 91.49 -27.47
C GLN J 2092 27.83 91.52 -26.03
N SER J 2093 28.21 90.52 -25.23
CA SER J 2093 27.75 90.43 -23.84
C SER J 2093 28.57 89.37 -23.13
N LEU J 2094 28.79 89.59 -21.82
CA LEU J 2094 29.51 88.61 -21.02
C LEU J 2094 28.75 87.30 -20.94
N GLN J 2095 27.42 87.37 -20.82
CA GLN J 2095 26.61 86.16 -20.75
C GLN J 2095 26.82 85.29 -21.98
N GLU J 2096 26.76 85.88 -23.17
CA GLU J 2096 26.99 85.12 -24.39
C GLU J 2096 28.42 84.65 -24.49
N LEU J 2097 29.38 85.48 -24.04
CA LEU J 2097 30.79 85.14 -24.19
C LEU J 2097 31.15 83.89 -23.38
N VAL J 2098 30.78 83.87 -22.10
CA VAL J 2098 31.14 82.74 -21.25
C VAL J 2098 30.44 81.47 -21.71
N SER J 2099 29.15 81.56 -21.99
CA SER J 2099 28.37 80.38 -22.36
C SER J 2099 28.90 79.77 -23.66
N HIS J 2100 29.18 80.62 -24.66
CA HIS J 2100 29.65 80.11 -25.95
C HIS J 2100 31.09 79.61 -25.87
N MET J 2101 31.83 79.95 -24.81
CA MET J 2101 33.24 79.60 -24.75
C MET J 2101 33.47 78.31 -23.97
N VAL J 2102 32.81 78.15 -22.83
CA VAL J 2102 33.02 76.97 -21.99
C VAL J 2102 32.64 75.71 -22.75
N VAL J 2103 31.60 75.79 -23.58
CA VAL J 2103 31.20 74.63 -24.38
C VAL J 2103 32.30 74.23 -25.34
N ARG J 2104 32.98 75.22 -25.94
CA ARG J 2104 34.05 74.92 -26.88
C ARG J 2104 35.18 74.14 -26.21
N TRP J 2105 35.49 74.47 -24.96
CA TRP J 2105 36.59 73.81 -24.27
C TRP J 2105 36.31 72.32 -24.06
N ALA J 2106 35.06 71.95 -23.77
CA ALA J 2106 34.73 70.55 -23.59
C ALA J 2106 34.61 69.81 -24.91
N GLN J 2107 34.14 70.48 -25.96
CA GLN J 2107 33.98 69.82 -27.26
C GLN J 2107 35.31 69.44 -27.89
N GLU J 2108 36.40 70.10 -27.51
CA GLU J 2108 37.70 69.92 -28.15
C GLU J 2108 38.73 69.30 -27.22
N ASP J 2109 38.30 68.72 -26.11
CA ASP J 2109 39.21 68.07 -25.18
C ASP J 2109 38.42 67.16 -24.25
N TYR J 2110 39.11 66.13 -23.74
CA TYR J 2110 38.59 65.27 -22.69
C TYR J 2110 39.33 65.65 -21.41
N VAL J 2111 38.71 66.49 -20.60
CA VAL J 2111 39.41 67.15 -19.50
C VAL J 2111 39.62 66.17 -18.35
N GLN J 2112 40.88 65.98 -17.98
CA GLN J 2112 41.24 65.24 -16.78
C GLN J 2112 41.35 66.21 -15.61
N SER J 2113 41.92 65.78 -14.48
CA SER J 2113 42.09 66.61 -13.30
C SER J 2113 40.73 67.07 -12.79
N PRO J 2114 39.97 66.19 -12.13
CA PRO J 2114 38.59 66.53 -11.70
C PRO J 2114 38.45 67.89 -11.03
N GLU J 2115 39.51 68.37 -10.39
CA GLU J 2115 39.45 69.69 -9.77
C GLU J 2115 39.19 70.78 -10.81
N LEU J 2116 39.62 70.57 -12.06
CA LEU J 2116 39.33 71.53 -13.11
C LEU J 2116 37.86 71.47 -13.52
N VAL J 2117 37.36 70.28 -13.85
CA VAL J 2117 36.02 70.17 -14.43
C VAL J 2117 34.96 70.69 -13.49
N ARG J 2118 35.21 70.65 -12.18
CA ARG J 2118 34.28 71.23 -11.22
C ARG J 2118 34.24 72.75 -11.32
N ALA J 2119 35.26 73.37 -11.91
CA ALA J 2119 35.32 74.84 -11.92
C ALA J 2119 34.36 75.42 -12.95
N MET J 2120 34.54 75.11 -14.23
CA MET J 2120 33.74 75.76 -15.26
C MET J 2120 32.26 75.37 -15.15
N PHE J 2121 31.97 74.17 -14.66
CA PHE J 2121 30.57 73.77 -14.53
C PHE J 2121 29.83 74.57 -13.48
N SER J 2122 30.54 75.20 -12.54
CA SER J 2122 29.90 76.15 -11.64
C SER J 2122 29.72 77.52 -12.27
N LEU J 2123 30.32 77.78 -13.43
CA LEU J 2123 30.14 79.07 -14.08
C LEU J 2123 28.85 79.13 -14.89
N LEU J 2124 28.74 78.30 -15.94
CA LEU J 2124 27.63 78.45 -16.87
C LEU J 2124 26.29 78.23 -16.18
N HIS J 2125 26.27 77.46 -15.09
CA HIS J 2125 25.05 77.35 -14.30
C HIS J 2125 24.63 78.72 -13.76
N ARG J 2126 25.59 79.51 -13.29
CA ARG J 2126 25.28 80.86 -12.84
C ARG J 2126 24.85 81.75 -14.00
N GLN J 2127 25.53 81.65 -15.14
CA GLN J 2127 25.16 82.46 -16.30
C GLN J 2127 23.89 81.98 -16.98
N TYR J 2128 23.36 80.82 -16.63
CA TYR J 2128 22.09 80.38 -17.18
C TYR J 2128 20.93 80.53 -16.20
N ASP J 2129 21.22 80.66 -14.91
CA ASP J 2129 20.20 80.90 -13.89
C ASP J 2129 20.59 82.19 -13.17
N GLY J 2130 20.17 83.31 -13.73
CA GLY J 2130 20.50 84.61 -13.15
C GLY J 2130 19.71 84.88 -11.89
N LEU J 2131 18.39 84.75 -12.00
CA LEU J 2131 17.52 85.01 -10.85
C LEU J 2131 17.80 84.06 -9.69
N GLY J 2132 18.25 82.84 -9.99
CA GLY J 2132 18.56 81.91 -8.91
C GLY J 2132 19.64 82.43 -7.98
N GLU J 2133 20.71 82.99 -8.54
CA GLU J 2133 21.74 83.60 -7.72
C GLU J 2133 21.21 84.81 -6.97
N LEU J 2134 20.41 85.64 -7.65
CA LEU J 2134 19.85 86.84 -7.01
C LEU J 2134 18.95 86.45 -5.84
N LEU J 2135 18.05 85.47 -6.07
CA LEU J 2135 17.15 85.04 -5.01
C LEU J 2135 17.91 84.48 -3.82
N ARG J 2136 19.09 83.90 -4.07
CA ARG J 2136 19.94 83.36 -3.01
C ARG J 2136 20.94 84.37 -2.47
N ALA J 2137 20.78 85.64 -2.81
CA ALA J 2137 21.68 86.69 -2.35
C ALA J 2137 21.00 87.75 -1.49
N LEU J 2138 19.73 88.05 -1.77
CA LEU J 2138 19.00 89.02 -0.98
C LEU J 2138 18.98 88.74 0.53
N PRO J 2139 18.83 87.49 1.00
CA PRO J 2139 18.85 87.27 2.47
C PRO J 2139 20.16 87.63 3.14
N ARG J 2140 21.15 88.08 2.36
CA ARG J 2140 22.42 88.55 2.91
C ARG J 2140 22.61 90.06 2.69
N ALA J 2141 21.56 90.77 2.28
CA ALA J 2141 21.64 92.18 1.98
C ALA J 2141 20.91 92.98 3.07
N TYR J 2142 21.44 94.16 3.38
CA TYR J 2142 20.89 94.97 4.46
C TYR J 2142 21.25 96.43 4.22
N THR J 2143 20.32 97.32 4.57
CA THR J 2143 20.50 98.76 4.41
C THR J 2143 20.55 99.44 5.77
N ILE J 2144 21.50 100.37 5.92
CA ILE J 2144 21.66 101.14 7.15
C ILE J 2144 21.76 102.62 6.78
N SER J 2145 21.79 103.47 7.81
CA SER J 2145 21.75 104.91 7.67
C SER J 2145 23.08 105.54 8.07
N PRO J 2146 23.38 106.74 7.57
CA PRO J 2146 24.63 107.42 7.95
C PRO J 2146 24.66 107.71 9.44
N SER J 2147 25.81 108.24 9.88
CA SER J 2147 26.15 108.55 11.26
C SER J 2147 26.30 107.29 12.10
N SER J 2148 26.07 106.11 11.52
CA SER J 2148 26.29 104.84 12.19
C SER J 2148 27.31 103.96 11.48
N VAL J 2149 27.74 104.35 10.27
CA VAL J 2149 28.69 103.52 9.53
C VAL J 2149 30.02 103.43 10.27
N GLU J 2150 30.43 104.52 10.92
CA GLU J 2150 31.68 104.49 11.67
C GLU J 2150 31.61 103.48 12.81
N ASP J 2151 30.47 103.40 13.49
CA ASP J 2151 30.32 102.42 14.56
C ASP J 2151 30.35 100.99 14.01
N THR J 2152 29.66 100.75 12.88
CA THR J 2152 29.68 99.44 12.28
C THR J 2152 31.06 99.09 11.72
N MET J 2153 31.80 100.10 11.25
CA MET J 2153 33.12 99.86 10.68
C MET J 2153 34.04 99.20 11.70
N SER J 2154 34.01 99.67 12.94
CA SER J 2154 34.81 99.04 14.00
C SER J 2154 34.33 97.60 14.24
N LEU J 2155 33.02 97.39 14.26
CA LEU J 2155 32.49 96.04 14.47
C LEU J 2155 32.92 95.10 13.36
N LEU J 2156 32.81 95.54 12.11
CA LEU J 2156 33.15 94.68 10.98
C LEU J 2156 34.63 94.31 11.00
N GLU J 2157 35.49 95.29 11.24
CA GLU J 2157 36.93 95.01 11.30
C GLU J 2157 37.27 94.10 12.46
N CYS J 2158 36.66 94.35 13.63
CA CYS J 2158 36.93 93.52 14.79
C CYS J 2158 36.42 92.10 14.60
N LEU J 2159 35.30 91.93 13.91
CA LEU J 2159 34.74 90.59 13.72
C LEU J 2159 35.66 89.72 12.87
N GLY J 2160 36.47 90.33 12.00
CA GLY J 2160 37.32 89.53 11.12
C GLY J 2160 38.30 88.66 11.88
N GLN J 2161 38.84 89.16 12.99
CA GLN J 2161 39.85 88.40 13.73
C GLN J 2161 39.28 87.11 14.32
N ILE J 2162 37.97 87.09 14.62
CA ILE J 2162 37.36 85.85 15.08
C ILE J 2162 37.38 84.80 13.98
N ARG J 2163 37.09 85.22 12.75
CA ARG J 2163 37.07 84.26 11.63
C ARG J 2163 38.44 83.65 11.40
N SER J 2164 39.51 84.44 11.57
CA SER J 2164 40.86 83.90 11.45
C SER J 2164 41.26 83.04 12.63
N LEU J 2165 40.53 83.13 13.74
CA LEU J 2165 40.84 82.31 14.91
C LEU J 2165 40.42 80.85 14.71
N LEU J 2166 39.36 80.61 13.93
CA LEU J 2166 38.87 79.25 13.75
C LEU J 2166 39.89 78.36 13.07
N ILE J 2167 40.55 78.87 12.02
CA ILE J 2167 41.46 78.03 11.23
C ILE J 2167 42.69 77.66 12.07
N VAL J 2168 43.23 78.61 12.81
CA VAL J 2168 44.41 78.34 13.63
C VAL J 2168 44.03 77.51 14.85
N GLN J 2169 44.90 76.58 15.21
CA GLN J 2169 44.71 75.82 16.44
C GLN J 2169 44.85 76.73 17.65
N MET J 2170 44.16 76.37 18.73
CA MET J 2170 44.08 77.23 19.91
C MET J 2170 45.45 77.42 20.55
N GLY J 2171 45.83 78.68 20.74
CA GLY J 2171 47.08 79.02 21.39
C GLY J 2171 46.88 79.96 22.55
N PRO J 2172 47.73 79.84 23.59
CA PRO J 2172 47.58 80.73 24.75
C PRO J 2172 47.64 82.20 24.41
N GLN J 2173 48.52 82.60 23.48
CA GLN J 2173 48.52 83.98 23.03
C GLN J 2173 47.26 84.30 22.24
N GLU J 2174 46.85 83.38 21.36
CA GLU J 2174 45.62 83.60 20.61
C GLU J 2174 44.40 83.58 21.52
N GLU J 2175 44.44 82.80 22.60
CA GLU J 2175 43.33 82.77 23.54
C GLU J 2175 43.10 84.15 24.16
N ASN J 2176 44.19 84.83 24.52
CA ASN J 2176 44.09 86.19 25.00
C ASN J 2176 43.40 87.09 23.98
N LEU J 2177 43.80 86.96 22.71
CA LEU J 2177 43.32 87.87 21.67
C LEU J 2177 41.80 87.91 21.59
N MET J 2178 41.17 86.74 21.66
CA MET J 2178 39.72 86.68 21.48
C MET J 2178 38.97 87.38 22.63
N ILE J 2179 39.48 87.25 23.85
CA ILE J 2179 38.75 87.75 25.02
C ILE J 2179 38.55 89.26 24.91
N GLN J 2180 39.62 89.99 24.55
CA GLN J 2180 39.43 91.40 24.25
C GLN J 2180 38.59 91.58 22.98
N SER J 2181 38.77 90.69 22.00
CA SER J 2181 38.00 90.80 20.76
C SER J 2181 36.51 90.71 21.03
N ILE J 2182 36.08 89.67 21.75
CA ILE J 2182 34.66 89.55 22.09
C ILE J 2182 34.23 90.65 23.04
N GLY J 2183 35.13 91.06 23.95
CA GLY J 2183 34.80 92.14 24.87
C GLY J 2183 34.55 93.45 24.16
N ASN J 2184 35.29 93.72 23.09
CA ASN J 2184 35.03 94.93 22.30
C ASN J 2184 33.80 94.79 21.42
N ILE J 2185 33.36 93.57 21.12
CA ILE J 2185 32.13 93.39 20.34
C ILE J 2185 30.93 93.90 21.12
N MET J 2186 30.87 93.59 22.42
CA MET J 2186 29.69 93.96 23.20
C MET J 2186 29.82 95.37 23.77
N ASN J 2187 30.27 96.31 22.93
CA ASN J 2187 30.22 97.72 23.31
C ASN J 2187 30.00 98.64 22.11
N ASN J 2188 29.66 98.12 20.94
CA ASN J 2188 29.77 98.90 19.71
C ASN J 2188 28.51 99.66 19.35
N LYS J 2189 27.47 99.62 20.19
CA LYS J 2189 26.22 100.35 20.00
C LYS J 2189 25.44 99.82 18.80
N VAL J 2190 25.99 98.90 18.03
CA VAL J 2190 25.31 98.34 16.87
C VAL J 2190 24.82 96.92 17.11
N PHE J 2191 25.49 96.16 17.98
CA PHE J 2191 24.94 94.86 18.40
C PHE J 2191 23.90 95.05 19.51
N TYR J 2192 23.04 96.06 19.34
CA TYR J 2192 21.81 96.21 20.11
C TYR J 2192 20.64 96.73 19.29
N GLN J 2193 20.89 97.42 18.17
CA GLN J 2193 19.85 98.08 17.39
C GLN J 2193 19.43 97.27 16.17
N HIS J 2194 20.33 96.49 15.58
CA HIS J 2194 20.05 95.77 14.34
C HIS J 2194 20.43 94.30 14.52
N PRO J 2195 19.63 93.54 15.29
CA PRO J 2195 19.92 92.10 15.41
C PRO J 2195 19.87 91.37 14.09
N ASN J 2196 19.08 91.85 13.13
CA ASN J 2196 18.97 91.17 11.85
C ASN J 2196 20.32 91.10 11.12
N LEU J 2197 21.20 92.08 11.33
CA LEU J 2197 22.55 91.98 10.82
C LEU J 2197 23.26 90.74 11.35
N MET J 2198 23.22 90.56 12.67
CA MET J 2198 24.12 89.60 13.29
C MET J 2198 23.73 88.15 12.96
N ARG J 2199 22.47 87.91 12.60
CA ARG J 2199 22.11 86.63 12.03
C ARG J 2199 22.47 86.51 10.56
N ALA J 2200 22.61 87.64 9.86
CA ALA J 2200 23.04 87.59 8.48
C ALA J 2200 24.54 87.41 8.37
N LEU J 2201 25.29 88.10 9.24
CA LEU J 2201 26.72 87.80 9.36
C LEU J 2201 26.93 86.48 10.08
N GLY J 2202 26.04 86.13 10.99
CA GLY J 2202 26.07 84.83 11.64
C GLY J 2202 27.32 84.56 12.45
N MET J 2203 27.74 85.52 13.28
CA MET J 2203 28.92 85.26 14.10
C MET J 2203 28.62 84.21 15.17
N HIS J 2204 27.36 84.07 15.56
CA HIS J 2204 27.00 83.03 16.52
C HIS J 2204 27.33 81.66 15.96
N GLU J 2205 27.19 81.48 14.65
CA GLU J 2205 27.64 80.25 14.03
C GLU J 2205 29.14 80.05 14.21
N THR J 2206 29.93 81.06 13.85
CA THR J 2206 31.39 80.91 13.86
C THR J 2206 31.92 80.71 15.28
N VAL J 2207 31.42 81.48 16.24
CA VAL J 2207 31.91 81.35 17.61
C VAL J 2207 31.58 79.98 18.17
N MET J 2208 30.56 79.31 17.63
CA MET J 2208 30.17 78.01 18.15
C MET J 2208 31.27 76.97 17.95
N GLU J 2209 31.91 76.96 16.77
CA GLU J 2209 33.00 76.00 16.57
C GLU J 2209 34.19 76.30 17.47
N VAL J 2210 34.38 77.56 17.86
CA VAL J 2210 35.49 77.90 18.75
C VAL J 2210 35.36 77.11 20.05
N MET J 2211 34.15 76.99 20.58
CA MET J 2211 33.94 76.25 21.81
C MET J 2211 34.14 74.75 21.61
N VAL J 2212 33.69 74.21 20.48
CA VAL J 2212 33.72 72.76 20.30
C VAL J 2212 35.14 72.25 20.14
N ASN J 2213 36.04 73.05 19.55
CA ASN J 2213 37.41 72.59 19.36
C ASN J 2213 38.14 72.44 20.68
N VAL J 2214 38.02 73.46 21.56
CA VAL J 2214 38.76 73.42 22.82
C VAL J 2214 38.21 72.34 23.73
N LEU J 2215 36.90 72.12 23.71
CA LEU J 2215 36.28 71.15 24.61
C LEU J 2215 36.38 69.72 24.07
N GLY J 2216 36.72 69.54 22.81
CA GLY J 2216 36.85 68.21 22.24
C GLY J 2216 37.98 67.41 22.87
N GLY J 2217 37.61 66.39 23.65
CA GLY J 2217 38.60 65.60 24.35
C GLY J 2217 38.03 64.27 24.79
N GLY J 2218 38.94 63.35 25.13
CA GLY J 2218 38.53 62.01 25.50
C GLY J 2218 37.74 61.96 26.80
N GLU J 2219 38.20 62.68 27.82
CA GLU J 2219 37.58 62.62 29.13
C GLU J 2219 37.71 63.99 29.79
N THR J 2220 37.45 64.03 31.10
CA THR J 2220 37.52 65.28 31.85
C THR J 2220 38.95 65.82 31.95
N LYS J 2221 39.95 64.98 31.75
CA LYS J 2221 41.33 65.45 31.78
C LYS J 2221 41.63 66.43 30.66
N GLU J 2222 40.85 66.41 29.58
CA GLU J 2222 41.04 67.32 28.46
C GLU J 2222 40.20 68.59 28.69
N ILE J 2223 40.62 69.35 29.70
CA ILE J 2223 40.01 70.63 30.01
C ILE J 2223 41.03 71.73 29.75
N ARG J 2224 41.88 71.51 28.76
CA ARG J 2224 42.90 72.49 28.41
C ARG J 2224 42.25 73.79 27.97
N PHE J 2225 42.94 74.90 28.27
CA PHE J 2225 42.46 76.26 27.99
C PHE J 2225 41.11 76.52 28.65
N PRO J 2226 41.04 76.53 30.00
CA PRO J 2226 39.83 77.03 30.65
C PRO J 2226 39.82 78.56 30.66
N LYS J 2227 38.86 79.16 31.35
CA LYS J 2227 38.68 80.61 31.46
C LYS J 2227 38.32 81.27 30.15
N MET J 2228 38.19 80.52 29.05
CA MET J 2228 37.72 81.05 27.78
C MET J 2228 36.33 80.56 27.42
N VAL J 2229 35.98 79.33 27.81
CA VAL J 2229 34.60 78.87 27.65
C VAL J 2229 33.66 79.73 28.48
N THR J 2230 34.05 80.04 29.72
CA THR J 2230 33.24 80.93 30.55
C THR J 2230 33.20 82.34 29.96
N SER J 2231 34.34 82.81 29.44
CA SER J 2231 34.40 84.16 28.90
C SER J 2231 33.61 84.32 27.61
N CYS J 2232 33.30 83.22 26.92
CA CYS J 2232 32.54 83.27 25.67
C CYS J 2232 31.09 82.84 25.84
N CYS J 2233 30.83 81.83 26.66
CA CYS J 2233 29.47 81.38 26.89
C CYS J 2233 28.59 82.48 27.50
N ARG J 2234 29.19 83.42 28.24
CA ARG J 2234 28.43 84.56 28.73
C ARG J 2234 27.89 85.41 27.60
N PHE J 2235 28.68 85.58 26.54
CA PHE J 2235 28.24 86.36 25.39
C PHE J 2235 27.05 85.70 24.69
N LEU J 2236 27.04 84.37 24.60
CA LEU J 2236 25.95 83.68 23.92
C LEU J 2236 24.62 83.90 24.63
N CYS J 2237 24.62 83.85 25.96
CA CYS J 2237 23.38 84.00 26.71
C CYS J 2237 22.72 85.35 26.45
N TYR J 2238 23.51 86.43 26.48
CA TYR J 2238 22.95 87.76 26.21
C TYR J 2238 22.47 87.90 24.78
N PHE J 2239 23.10 87.20 23.84
CA PHE J 2239 22.62 87.21 22.47
C PHE J 2239 21.21 86.60 22.39
N CYS J 2240 20.97 85.56 23.18
CA CYS J 2240 19.68 84.86 23.17
C CYS J 2240 18.57 85.68 23.82
N ARG J 2241 18.88 86.79 24.48
CA ARG J 2241 17.88 87.60 25.17
C ARG J 2241 17.76 88.98 24.52
N ILE J 2242 17.74 89.04 23.20
CA ILE J 2242 17.56 90.29 22.49
C ILE J 2242 16.32 90.29 21.61
N SER J 2243 15.91 89.16 21.05
CA SER J 2243 14.71 89.10 20.22
C SER J 2243 14.24 87.66 20.13
N ARG J 2244 12.97 87.50 19.77
CA ARG J 2244 12.41 86.15 19.65
C ARG J 2244 13.08 85.36 18.54
N GLN J 2245 13.30 85.99 17.38
CA GLN J 2245 13.93 85.29 16.27
C GLN J 2245 15.37 84.91 16.62
N ASN J 2246 16.04 85.72 17.43
CA ASN J 2246 17.35 85.34 17.92
C ASN J 2246 17.27 84.08 18.78
N GLN J 2247 16.18 83.92 19.54
CA GLN J 2247 16.02 82.72 20.36
C GLN J 2247 15.84 81.47 19.49
N ARG J 2248 15.02 81.59 18.44
CA ARG J 2248 14.79 80.47 17.53
C ARG J 2248 16.07 80.05 16.81
N SER J 2249 16.82 81.03 16.30
CA SER J 2249 17.95 80.70 15.42
C SER J 2249 19.01 79.86 16.13
N MET J 2250 19.22 80.09 17.41
CA MET J 2250 20.20 79.30 18.16
C MET J 2250 19.57 78.10 18.84
N PHE J 2251 18.25 78.08 18.99
CA PHE J 2251 17.57 76.95 19.63
C PHE J 2251 17.76 75.67 18.84
N ASP J 2252 17.79 75.77 17.50
CA ASP J 2252 17.85 74.58 16.67
C ASP J 2252 19.08 73.73 16.94
N HIS J 2253 20.13 74.30 17.52
CA HIS J 2253 21.33 73.56 17.87
C HIS J 2253 21.27 72.98 19.28
N LEU J 2254 20.08 72.83 19.85
CA LEU J 2254 19.96 72.31 21.21
C LEU J 2254 20.48 70.89 21.32
N SER J 2255 20.11 70.03 20.36
CA SER J 2255 20.61 68.65 20.37
C SER J 2255 22.13 68.63 20.23
N TYR J 2256 22.66 69.48 19.35
CA TYR J 2256 24.11 69.58 19.19
C TYR J 2256 24.78 70.03 20.48
N LEU J 2257 24.17 71.01 21.16
CA LEU J 2257 24.80 71.60 22.34
C LEU J 2257 24.87 70.61 23.49
N LEU J 2258 23.75 69.92 23.77
CA LEU J 2258 23.73 68.98 24.90
C LEU J 2258 24.64 67.78 24.67
N GLU J 2259 25.01 67.48 23.43
CA GLU J 2259 25.86 66.32 23.18
C GLU J 2259 27.21 66.47 23.86
N ASN J 2260 27.74 67.67 23.91
CA ASN J 2260 29.03 67.97 24.52
C ASN J 2260 28.90 69.03 25.60
N SER J 2261 27.98 68.81 26.54
CA SER J 2261 27.75 69.74 27.63
C SER J 2261 27.86 69.11 29.00
N GLY J 2262 27.39 67.88 29.18
CA GLY J 2262 27.38 67.26 30.49
C GLY J 2262 28.63 66.46 30.82
N ILE J 2263 29.79 66.97 30.44
CA ILE J 2263 31.06 66.27 30.71
C ILE J 2263 31.98 67.19 31.50
N GLY J 2264 32.28 68.35 30.93
CA GLY J 2264 33.18 69.30 31.57
C GLY J 2264 32.50 70.15 32.62
N LEU J 2265 32.25 69.56 33.79
CA LEU J 2265 31.58 70.25 34.89
C LEU J 2265 32.57 70.47 36.02
N GLY J 2266 32.48 71.64 36.66
CA GLY J 2266 33.33 71.93 37.80
C GLY J 2266 33.76 73.38 37.92
N MET J 2267 33.58 74.17 36.88
CA MET J 2267 33.97 75.57 36.91
C MET J 2267 32.77 76.44 37.26
N GLN J 2268 32.96 77.76 37.21
CA GLN J 2268 31.92 78.70 37.61
C GLN J 2268 31.65 79.71 36.51
N GLY J 2269 30.87 80.75 36.84
CA GLY J 2269 30.53 81.77 35.87
C GLY J 2269 29.51 81.29 34.87
N SER J 2270 29.89 80.33 34.04
CA SER J 2270 29.01 79.79 33.01
C SER J 2270 29.50 78.40 32.61
N THR J 2271 28.70 77.75 31.77
CA THR J 2271 28.95 76.41 31.26
C THR J 2271 27.99 76.26 30.08
N PRO J 2272 28.27 75.39 29.09
CA PRO J 2272 27.34 75.30 27.96
C PRO J 2272 25.94 74.87 28.35
N LEU J 2273 25.79 74.22 29.51
CA LEU J 2273 24.46 73.83 29.97
C LEU J 2273 23.61 75.07 30.25
N ASP J 2274 24.22 76.14 30.74
CA ASP J 2274 23.46 77.35 31.07
C ASP J 2274 22.83 77.97 29.82
N VAL J 2275 23.62 78.12 28.75
CA VAL J 2275 23.07 78.69 27.53
C VAL J 2275 22.05 77.73 26.91
N ALA J 2276 22.20 76.44 27.15
CA ALA J 2276 21.18 75.48 26.73
C ALA J 2276 19.86 75.76 27.45
N ALA J 2277 19.92 76.03 28.74
CA ALA J 2277 18.71 76.37 29.49
C ALA J 2277 18.14 77.70 29.02
N ALA J 2278 19.01 78.69 28.80
CA ALA J 2278 18.56 80.02 28.38
C ALA J 2278 17.98 80.04 26.97
N SER J 2279 18.15 78.95 26.20
CA SER J 2279 17.61 78.92 24.84
C SER J 2279 16.08 78.90 24.82
N VAL J 2280 15.43 78.49 25.91
CA VAL J 2280 13.98 78.59 26.02
C VAL J 2280 13.60 78.95 27.45
N ILE J 2281 13.23 80.21 27.68
CA ILE J 2281 12.88 80.64 29.03
C ILE J 2281 11.53 81.34 29.08
N ASP J 2282 11.14 82.00 27.97
CA ASP J 2282 9.87 82.72 27.97
C ASP J 2282 9.16 82.63 26.62
N ASN J 2283 9.53 81.68 25.77
CA ASN J 2283 8.99 81.64 24.41
C ASN J 2283 7.50 81.33 24.42
N ASN J 2284 7.11 80.28 25.15
CA ASN J 2284 5.75 79.73 25.29
C ASN J 2284 5.34 78.96 24.05
N GLU J 2285 6.11 79.00 22.97
CA GLU J 2285 5.90 78.15 21.82
C GLU J 2285 7.12 77.30 21.48
N LEU J 2286 8.32 77.75 21.81
CA LEU J 2286 9.49 76.89 21.70
C LEU J 2286 9.38 75.71 22.64
N ALA J 2287 8.86 75.93 23.84
CA ALA J 2287 8.66 74.83 24.79
C ALA J 2287 7.73 73.77 24.22
N LEU J 2288 6.73 74.19 23.44
CA LEU J 2288 5.85 73.22 22.79
C LEU J 2288 6.53 72.52 21.63
N ALA J 2289 7.66 73.03 21.15
CA ALA J 2289 8.36 72.45 20.00
C ALA J 2289 9.54 71.59 20.41
N LEU J 2290 9.47 70.96 21.58
CA LEU J 2290 10.49 70.00 21.98
C LEU J 2290 10.33 68.71 21.18
N GLN J 2291 11.28 67.80 21.35
CA GLN J 2291 11.24 66.54 20.60
C GLN J 2291 11.51 65.34 21.49
N GLU J 2292 11.15 65.44 22.77
CA GLU J 2292 11.21 64.30 23.69
C GLU J 2292 12.63 63.78 23.87
N GLN J 2293 13.25 63.32 22.77
CA GLN J 2293 14.59 62.74 22.84
C GLN J 2293 15.58 63.70 23.50
N ASP J 2294 15.40 65.00 23.29
CA ASP J 2294 16.23 65.97 24.01
C ASP J 2294 16.00 65.87 25.52
N LEU J 2295 14.74 65.77 25.94
CA LEU J 2295 14.44 65.60 27.35
C LEU J 2295 14.86 64.22 27.85
N GLU J 2296 14.73 63.20 27.00
CA GLU J 2296 15.12 61.85 27.41
C GLU J 2296 16.62 61.77 27.67
N LYS J 2297 17.42 62.38 26.79
CA LYS J 2297 18.86 62.20 26.88
C LYS J 2297 19.43 62.96 28.07
N VAL J 2298 18.89 64.14 28.39
CA VAL J 2298 19.36 64.87 29.56
C VAL J 2298 19.02 64.12 30.84
N VAL J 2299 17.89 63.41 30.85
CA VAL J 2299 17.56 62.57 32.01
C VAL J 2299 18.60 61.48 32.19
N SER J 2300 19.03 60.86 31.08
CA SER J 2300 20.06 59.83 31.17
C SER J 2300 21.34 60.36 31.78
N TYR J 2301 21.64 61.64 31.57
CA TYR J 2301 22.74 62.28 32.28
C TYR J 2301 22.52 62.24 33.78
N LEU J 2302 21.29 62.54 34.22
CA LEU J 2302 20.99 62.56 35.64
C LEU J 2302 21.06 61.16 36.23
N ALA J 2303 20.84 60.12 35.42
CA ALA J 2303 21.08 58.76 35.88
C ALA J 2303 22.55 58.56 36.22
N GLY J 2304 23.45 59.24 35.50
CA GLY J 2304 24.86 59.14 35.81
C GLY J 2304 25.21 59.71 37.17
N CYS J 2305 24.69 60.89 37.49
CA CYS J 2305 25.04 61.53 38.77
C CYS J 2305 24.32 60.90 39.95
N GLY J 2306 23.60 59.80 39.74
CA GLY J 2306 22.98 59.08 40.83
C GLY J 2306 23.78 57.89 41.28
N LEU J 2307 24.86 57.57 40.55
CA LEU J 2307 25.72 56.45 40.91
C LEU J 2307 27.21 56.75 40.81
N GLN J 2308 27.62 57.91 40.30
CA GLN J 2308 29.03 58.22 40.14
C GLN J 2308 29.60 58.68 41.48
N SER J 2309 30.85 59.15 41.48
CA SER J 2309 31.46 59.65 42.70
C SER J 2309 32.23 60.95 42.48
N CYS J 2310 32.13 61.55 41.30
CA CYS J 2310 32.80 62.81 40.99
C CYS J 2310 34.31 62.69 41.20
N PRO J 2311 35.03 61.98 40.34
CA PRO J 2311 36.47 61.79 40.55
C PRO J 2311 37.27 63.09 40.61
N MET J 2312 36.87 64.11 39.84
CA MET J 2312 37.50 65.42 39.97
C MET J 2312 37.28 66.00 41.35
N LEU J 2313 36.05 65.89 41.86
CA LEU J 2313 35.78 66.27 43.25
C LEU J 2313 36.57 65.40 44.21
N LEU J 2314 36.67 64.10 43.90
CA LEU J 2314 37.47 63.19 44.72
C LEU J 2314 38.96 63.55 44.68
N ALA J 2315 39.43 64.12 43.56
CA ALA J 2315 40.87 64.39 43.42
C ALA J 2315 41.38 65.33 44.49
N LYS J 2316 40.48 66.14 45.08
CA LYS J 2316 40.85 67.00 46.20
C LYS J 2316 40.95 66.24 47.52
N GLY J 2317 40.80 64.91 47.49
CA GLY J 2317 40.84 64.11 48.69
C GLY J 2317 39.59 64.26 49.54
N TYR J 2318 38.43 63.90 48.97
CA TYR J 2318 37.14 64.04 49.60
C TYR J 2318 36.48 62.67 49.73
N PRO J 2319 35.55 62.50 50.68
CA PRO J 2319 34.93 61.18 50.88
C PRO J 2319 34.30 60.61 49.62
N ASP J 2320 33.36 61.35 49.02
CA ASP J 2320 32.67 60.91 47.80
C ASP J 2320 32.01 59.54 48.04
N ILE J 2321 31.03 59.56 48.93
CA ILE J 2321 30.47 58.32 49.47
C ILE J 2321 29.70 57.55 48.39
N GLY J 2322 28.59 58.11 47.92
CA GLY J 2322 27.76 57.38 46.98
C GLY J 2322 27.42 58.08 45.69
N TRP J 2323 27.42 59.41 45.70
CA TRP J 2323 26.94 60.18 44.55
C TRP J 2323 27.31 61.65 44.76
N ASN J 2324 27.14 62.42 43.71
CA ASN J 2324 27.48 63.84 43.73
C ASN J 2324 26.25 64.73 43.60
N PRO J 2325 25.92 65.53 44.62
CA PRO J 2325 24.81 66.48 44.47
C PRO J 2325 25.16 67.70 43.63
N CYS J 2326 26.44 68.02 43.46
CA CYS J 2326 26.81 69.18 42.67
C CYS J 2326 26.37 69.03 41.23
N GLY J 2327 26.68 67.90 40.61
CA GLY J 2327 26.26 67.67 39.24
C GLY J 2327 24.76 67.61 39.07
N GLY J 2328 24.08 66.94 40.01
CA GLY J 2328 22.63 66.79 39.90
C GLY J 2328 21.89 68.11 39.94
N GLU J 2329 22.35 69.06 40.77
CA GLU J 2329 21.67 70.34 40.89
C GLU J 2329 21.74 71.16 39.61
N ARG J 2330 22.64 70.82 38.68
CA ARG J 2330 22.74 71.55 37.43
C ARG J 2330 21.80 71.01 36.36
N TYR J 2331 21.74 69.69 36.20
CA TYR J 2331 20.81 69.11 35.23
C TYR J 2331 19.38 69.46 35.56
N LEU J 2332 19.02 69.38 36.85
CA LEU J 2332 17.63 69.60 37.25
C LEU J 2332 17.22 71.05 37.06
N ASP J 2333 18.17 71.98 37.23
CA ASP J 2333 17.86 73.39 37.00
C ASP J 2333 17.40 73.63 35.57
N PHE J 2334 17.93 72.85 34.62
CA PHE J 2334 17.47 72.96 33.24
C PHE J 2334 16.03 72.51 33.09
N LEU J 2335 15.68 71.38 33.71
CA LEU J 2335 14.33 70.83 33.57
C LEU J 2335 13.27 71.78 34.09
N ARG J 2336 13.62 72.62 35.06
CA ARG J 2336 12.66 73.58 35.60
C ARG J 2336 12.18 74.55 34.53
N PHE J 2337 13.00 74.84 33.53
CA PHE J 2337 12.64 75.80 32.50
C PHE J 2337 11.90 75.17 31.33
N ALA J 2338 11.67 73.86 31.36
CA ALA J 2338 10.96 73.17 30.30
C ALA J 2338 9.63 72.58 30.76
N VAL J 2339 9.25 72.79 32.02
CA VAL J 2339 7.98 72.29 32.54
C VAL J 2339 6.96 73.43 32.54
N PHE J 2340 7.44 74.65 32.83
CA PHE J 2340 6.60 75.83 32.77
C PHE J 2340 7.35 76.90 32.01
N VAL J 2341 6.59 77.81 31.41
CA VAL J 2341 7.16 78.94 30.67
C VAL J 2341 6.70 80.28 31.22
N ASN J 2342 5.42 80.42 31.55
CA ASN J 2342 4.92 81.70 32.08
C ASN J 2342 3.71 81.38 32.97
N GLY J 2343 3.97 81.33 34.28
CA GLY J 2343 2.90 81.14 35.25
C GLY J 2343 2.18 79.81 35.17
N GLU J 2344 2.91 78.71 35.37
CA GLU J 2344 2.34 77.39 35.59
C GLU J 2344 1.45 76.96 34.42
N SER J 2345 2.11 76.77 33.28
CA SER J 2345 1.41 76.32 32.08
C SER J 2345 2.18 75.21 31.37
N VAL J 2346 1.78 74.92 30.14
CA VAL J 2346 2.36 73.88 29.28
C VAL J 2346 2.58 72.57 30.05
N GLU J 2347 1.65 71.62 29.88
CA GLU J 2347 1.70 70.37 30.61
C GLU J 2347 2.04 69.15 29.75
N GLU J 2348 1.96 69.26 28.42
CA GLU J 2348 2.23 68.11 27.58
C GLU J 2348 3.64 67.57 27.80
N ASN J 2349 4.64 68.45 27.75
CA ASN J 2349 6.00 68.02 28.06
C ASN J 2349 6.14 67.71 29.55
N ALA J 2350 5.40 68.43 30.40
CA ALA J 2350 5.43 68.14 31.84
C ALA J 2350 4.88 66.74 32.12
N ASN J 2351 3.82 66.35 31.41
CA ASN J 2351 3.22 65.03 31.64
C ASN J 2351 4.23 63.91 31.34
N VAL J 2352 4.96 64.04 30.23
CA VAL J 2352 5.90 62.98 29.86
C VAL J 2352 7.15 63.00 30.74
N VAL J 2353 7.43 64.11 31.41
CA VAL J 2353 8.60 64.16 32.29
C VAL J 2353 8.42 63.22 33.47
N VAL J 2354 7.27 63.29 34.14
CA VAL J 2354 7.06 62.46 35.32
C VAL J 2354 6.92 60.99 34.93
N ARG J 2355 6.26 60.71 33.81
CA ARG J 2355 6.12 59.34 33.35
C ARG J 2355 7.46 58.75 32.89
N LEU J 2356 8.41 59.60 32.49
CA LEU J 2356 9.73 59.14 32.10
C LEU J 2356 10.68 59.08 33.29
N LEU J 2357 10.59 60.05 34.20
CA LEU J 2357 11.47 60.08 35.36
C LEU J 2357 11.21 58.91 36.30
N ILE J 2358 9.96 58.45 36.38
CA ILE J 2358 9.65 57.33 37.27
C ILE J 2358 10.29 56.05 36.77
N ARG J 2359 10.49 55.92 35.45
CA ARG J 2359 11.00 54.67 34.88
C ARG J 2359 12.36 54.33 35.44
N LYS J 2360 13.19 55.35 35.71
CA LYS J 2360 14.51 55.13 36.29
C LYS J 2360 14.48 55.55 37.76
N PRO J 2361 14.19 54.62 38.67
CA PRO J 2361 14.14 54.99 40.10
C PRO J 2361 15.48 55.47 40.65
N GLU J 2362 16.59 55.06 40.04
CA GLU J 2362 17.90 55.50 40.51
C GLU J 2362 18.08 57.01 40.37
N CYS J 2363 17.23 57.68 39.59
CA CYS J 2363 17.29 59.13 39.47
C CYS J 2363 17.11 59.80 40.83
N PHE J 2364 16.27 59.25 41.68
CA PHE J 2364 16.13 59.77 43.03
C PHE J 2364 17.39 59.50 43.84
N GLY J 2365 17.73 60.45 44.70
CA GLY J 2365 18.84 60.26 45.62
C GLY J 2365 18.61 59.07 46.51
N PRO J 2366 19.63 58.22 46.67
CA PRO J 2366 19.44 56.95 47.38
C PRO J 2366 19.11 57.10 48.86
N ALA J 2367 19.13 58.32 49.40
CA ALA J 2367 18.71 58.51 50.80
C ALA J 2367 17.25 58.11 50.99
N LEU J 2368 16.42 58.36 49.99
CA LEU J 2368 15.02 57.94 49.99
C LEU J 2368 14.70 57.28 48.66
N ARG J 2369 13.45 56.85 48.51
CA ARG J 2369 12.97 56.18 47.30
C ARG J 2369 13.87 54.99 46.94
N GLY J 2370 14.14 54.17 47.94
CA GLY J 2370 14.98 53.01 47.75
C GLY J 2370 14.53 51.82 48.57
N GLU J 2371 15.43 50.85 48.78
CA GLU J 2371 15.11 49.65 49.53
C GLU J 2371 15.59 49.68 50.98
N GLY J 2372 16.70 50.35 51.26
CA GLY J 2372 17.21 50.41 52.60
C GLY J 2372 16.35 51.24 53.54
N GLY J 2373 16.29 52.55 53.28
CA GLY J 2373 15.50 53.43 54.11
C GLY J 2373 15.22 54.71 53.36
N SER J 2374 14.41 55.56 53.98
CA SER J 2374 14.02 56.83 53.37
C SER J 2374 14.44 58.04 54.17
N GLY J 2375 14.19 58.06 55.48
CA GLY J 2375 14.63 59.15 56.33
C GLY J 2375 14.09 60.51 55.91
N LEU J 2376 12.77 60.58 55.68
CA LEU J 2376 12.14 61.80 55.19
C LEU J 2376 12.58 63.02 55.98
N LEU J 2377 12.35 63.01 57.29
CA LEU J 2377 12.83 64.08 58.15
C LEU J 2377 14.20 63.75 58.75
N ALA J 2378 14.81 62.64 58.36
CA ALA J 2378 16.12 62.25 58.87
C ALA J 2378 17.25 62.51 57.87
N ALA J 2379 16.99 62.36 56.57
CA ALA J 2379 18.04 62.58 55.57
C ALA J 2379 18.53 64.02 55.62
N ILE J 2380 17.61 64.97 55.71
CA ILE J 2380 18.01 66.37 55.92
C ILE J 2380 18.60 66.54 57.31
N GLU J 2381 18.00 65.89 58.32
CA GLU J 2381 18.57 65.94 59.67
C GLU J 2381 19.96 65.34 59.70
N GLU J 2382 20.18 64.25 58.95
CA GLU J 2382 21.53 63.71 58.82
C GLU J 2382 22.47 64.73 58.19
N ALA J 2383 21.99 65.44 57.17
CA ALA J 2383 22.79 66.51 56.57
C ALA J 2383 23.06 67.62 57.58
N ILE J 2384 22.09 67.90 58.46
CA ILE J 2384 22.29 68.88 59.51
C ILE J 2384 23.41 68.42 60.45
N ARG J 2385 23.43 67.14 60.79
CA ARG J 2385 24.49 66.61 61.64
C ARG J 2385 25.85 66.78 60.99
N ILE J 2386 25.96 66.49 59.69
CA ILE J 2386 27.21 66.71 58.99
C ILE J 2386 27.45 68.17 58.66
N SER J 2387 26.41 69.00 58.74
CA SER J 2387 26.58 70.43 58.49
C SER J 2387 27.55 71.05 59.49
N GLU J 2388 27.32 70.82 60.78
CA GLU J 2388 28.24 71.27 61.82
C GLU J 2388 29.24 70.19 62.21
N ASP J 2389 29.90 69.62 61.20
CA ASP J 2389 30.93 68.59 61.41
C ASP J 2389 32.06 68.84 60.43
N PRO J 2390 32.94 69.81 60.72
CA PRO J 2390 34.03 70.12 59.79
C PRO J 2390 34.95 68.94 59.53
N ALA J 2391 35.11 68.04 60.50
CA ALA J 2391 35.97 66.88 60.31
C ALA J 2391 35.47 65.98 59.20
N ARG J 2392 34.16 65.70 59.19
CA ARG J 2392 33.59 64.79 58.20
C ARG J 2392 33.72 65.33 56.78
N ASP J 2393 33.00 66.44 56.51
CA ASP J 2393 32.96 67.19 55.25
C ASP J 2393 33.98 66.76 54.19
N GLY J 2394 34.94 67.63 53.89
CA GLY J 2394 36.01 67.30 53.00
C GLY J 2394 37.35 67.82 53.52
N PRO J 2395 37.45 67.94 54.85
CA PRO J 2395 38.59 68.46 55.63
C PRO J 2395 39.12 69.79 55.09
N ASN J 2414 31.32 71.74 48.44
CA ASN J 2414 32.28 72.21 47.45
C ASN J 2414 33.27 73.20 48.08
N ARG J 2415 33.33 74.41 47.53
CA ARG J 2415 34.21 75.43 48.07
C ARG J 2415 33.78 75.93 49.44
N VAL J 2416 32.57 75.57 49.89
CA VAL J 2416 32.05 75.97 51.19
C VAL J 2416 31.94 74.77 52.12
N HIS J 2417 31.11 73.80 51.77
CA HIS J 2417 30.92 72.59 52.56
C HIS J 2417 30.16 71.58 51.70
N LEU J 2418 29.80 70.44 52.30
CA LEU J 2418 29.08 69.36 51.62
C LEU J 2418 27.61 69.29 52.01
N GLY J 2419 27.27 69.61 53.26
CA GLY J 2419 25.89 69.54 53.68
C GLY J 2419 24.97 70.47 52.91
N HIS J 2420 25.47 71.66 52.54
CA HIS J 2420 24.68 72.59 51.75
C HIS J 2420 24.37 71.99 50.38
N ALA J 2421 25.33 71.26 49.80
CA ALA J 2421 25.08 70.62 48.50
C ALA J 2421 23.98 69.58 48.60
N ILE J 2422 23.97 68.79 49.68
CA ILE J 2422 22.90 67.82 49.89
C ILE J 2422 21.56 68.54 50.06
N MET J 2423 21.55 69.61 50.85
CA MET J 2423 20.32 70.38 51.01
C MET J 2423 19.86 70.96 49.68
N SER J 2424 20.81 71.43 48.86
CA SER J 2424 20.45 72.03 47.58
C SER J 2424 19.75 71.02 46.68
N PHE J 2425 20.22 69.77 46.68
CA PHE J 2425 19.66 68.75 45.77
C PHE J 2425 18.19 68.50 46.08
N TYR J 2426 17.91 67.95 47.27
CA TYR J 2426 16.55 67.49 47.56
C TYR J 2426 15.56 68.64 47.56
N ALA J 2427 15.98 69.82 48.01
CA ALA J 2427 15.10 70.99 47.93
C ALA J 2427 14.78 71.33 46.48
N ALA J 2428 15.79 71.24 45.59
CA ALA J 2428 15.54 71.55 44.18
C ALA J 2428 14.70 70.47 43.51
N LEU J 2429 14.83 69.22 43.92
CA LEU J 2429 14.05 68.15 43.31
C LEU J 2429 12.56 68.32 43.59
N ILE J 2430 12.22 68.61 44.85
CA ILE J 2430 10.82 68.83 45.19
C ILE J 2430 10.31 70.11 44.54
N ASP J 2431 11.18 71.09 44.33
CA ASP J 2431 10.79 72.28 43.57
C ASP J 2431 10.38 71.90 42.15
N LEU J 2432 11.10 70.97 41.53
CA LEU J 2432 10.70 70.47 40.23
C LEU J 2432 9.33 69.78 40.30
N LEU J 2433 9.18 68.84 41.23
CA LEU J 2433 7.89 68.17 41.39
C LEU J 2433 6.95 68.93 42.30
N GLY J 2434 6.86 70.25 42.11
CA GLY J 2434 5.80 71.05 42.68
C GLY J 2434 5.20 71.89 41.58
N ARG J 2435 6.01 72.16 40.56
CA ARG J 2435 5.59 72.87 39.37
C ARG J 2435 5.33 71.93 38.20
N CYS J 2436 5.84 70.70 38.27
CA CYS J 2436 5.43 69.63 37.38
C CYS J 2436 4.10 69.02 37.77
N ALA J 2437 3.37 69.69 38.68
CA ALA J 2437 2.03 69.34 39.10
C ALA J 2437 1.13 69.20 37.86
N PRO J 2438 0.01 68.49 37.94
CA PRO J 2438 -0.81 68.26 36.74
C PRO J 2438 -1.23 69.55 36.06
N GLU J 2439 -1.96 70.40 36.79
CA GLU J 2439 -2.36 71.71 36.29
C GLU J 2439 -3.07 72.48 37.39
N MET J 2440 -3.45 73.71 37.11
CA MET J 2440 -4.35 74.42 38.00
C MET J 2440 -5.73 73.76 37.95
N HIS J 2441 -6.60 74.18 38.86
CA HIS J 2441 -7.91 73.55 38.96
C HIS J 2441 -8.80 73.83 37.75
N LEU J 2442 -8.32 74.51 36.72
CA LEU J 2442 -9.08 74.63 35.48
C LEU J 2442 -9.29 73.27 34.85
N ILE J 2443 -8.29 72.39 34.94
CA ILE J 2443 -8.39 71.04 34.39
C ILE J 2443 -8.70 70.01 35.47
N GLN J 2444 -8.15 70.20 36.68
CA GLN J 2444 -8.31 69.20 37.74
C GLN J 2444 -9.74 69.13 38.27
N ALA J 2445 -10.57 70.13 37.98
CA ALA J 2445 -11.95 70.13 38.45
C ALA J 2445 -12.95 69.80 37.35
N GLY J 2446 -12.49 69.50 36.13
CA GLY J 2446 -13.40 69.19 35.05
C GLY J 2446 -12.90 68.10 34.12
N LYS J 2447 -12.05 67.22 34.61
CA LYS J 2447 -11.46 66.18 33.78
C LYS J 2447 -11.05 65.04 34.71
N GLY J 2448 -10.57 63.94 34.12
CA GLY J 2448 -10.17 62.78 34.88
C GLY J 2448 -8.81 62.24 34.48
N GLU J 2449 -8.16 62.87 33.52
CA GLU J 2449 -6.82 62.47 33.12
C GLU J 2449 -5.77 63.02 34.09
N ALA J 2450 -5.85 64.32 34.38
CA ALA J 2450 -4.86 64.95 35.25
C ALA J 2450 -4.88 64.39 36.67
N LEU J 2451 -6.02 63.85 37.11
CA LEU J 2451 -6.09 63.29 38.46
C LEU J 2451 -5.17 62.09 38.62
N ARG J 2452 -4.90 61.37 37.52
CA ARG J 2452 -3.98 60.25 37.58
C ARG J 2452 -2.58 60.71 37.97
N ILE J 2453 -2.12 61.82 37.39
CA ILE J 2453 -0.79 62.32 37.71
C ILE J 2453 -0.73 62.83 39.15
N ARG J 2454 -1.79 63.52 39.59
CA ARG J 2454 -1.80 64.05 40.95
C ARG J 2454 -1.69 62.95 41.99
N ALA J 2455 -2.33 61.81 41.74
CA ALA J 2455 -2.24 60.69 42.67
C ALA J 2455 -0.81 60.16 42.76
N ILE J 2456 -0.10 60.13 41.64
CA ILE J 2456 1.27 59.59 41.62
C ILE J 2456 2.19 60.44 42.47
N LEU J 2457 2.26 61.75 42.17
CA LEU J 2457 3.21 62.62 42.86
C LEU J 2457 2.86 62.77 44.33
N ARG J 2458 1.57 62.77 44.67
CA ARG J 2458 1.18 62.84 46.07
C ARG J 2458 1.57 61.58 46.83
N SER J 2459 1.71 60.45 46.16
CA SER J 2459 2.08 59.21 46.83
C SER J 2459 3.57 59.08 47.10
N LEU J 2460 4.39 60.02 46.61
CA LEU J 2460 5.83 59.96 46.81
C LEU J 2460 6.33 60.87 47.91
N VAL J 2461 5.57 61.89 48.29
CA VAL J 2461 5.94 62.81 49.36
C VAL J 2461 4.83 62.79 50.42
N PRO J 2462 5.02 62.03 51.50
CA PRO J 2462 4.03 62.05 52.59
C PRO J 2462 3.90 63.43 53.19
N LEU J 2463 2.65 63.81 53.51
CA LEU J 2463 2.41 65.14 54.05
C LEU J 2463 2.87 65.25 55.50
N ASP J 2464 2.84 64.14 56.25
CA ASP J 2464 3.20 64.19 57.66
C ASP J 2464 4.64 64.63 57.87
N ASP J 2465 5.57 64.10 57.08
CA ASP J 2465 6.95 64.54 57.17
C ASP J 2465 7.13 65.93 56.57
N LEU J 2466 6.41 66.22 55.48
CA LEU J 2466 6.58 67.48 54.79
C LEU J 2466 6.18 68.66 55.67
N VAL J 2467 5.10 68.53 56.43
CA VAL J 2467 4.65 69.63 57.27
C VAL J 2467 5.67 69.92 58.36
N GLY J 2468 6.32 68.88 58.87
CA GLY J 2468 7.30 69.07 59.93
C GLY J 2468 8.62 69.66 59.46
N ILE J 2469 8.91 69.59 58.16
CA ILE J 2469 10.20 70.05 57.67
C ILE J 2469 10.34 71.57 57.76
N ILE J 2470 9.23 72.30 57.86
CA ILE J 2470 9.29 73.77 57.95
C ILE J 2470 9.42 74.10 59.44
N SER J 2471 10.66 74.05 59.92
CA SER J 2471 10.98 74.29 61.32
C SER J 2471 12.50 74.32 61.46
N LEU J 2472 12.95 74.64 62.67
CA LEU J 2472 14.36 74.64 63.06
C LEU J 2472 15.19 75.58 62.19
N PRO J 2473 15.05 76.89 62.37
CA PRO J 2473 16.00 77.82 61.74
C PRO J 2473 17.31 77.86 62.51
N LEU J 2474 18.40 78.06 61.78
CA LEU J 2474 19.73 77.92 62.36
C LEU J 2474 19.96 78.94 63.48
N GLN J 2475 20.02 80.22 63.15
CA GLN J 2475 20.27 81.27 64.14
C GLN J 2475 20.07 82.62 63.47
N ILE J 2476 20.33 83.68 64.23
CA ILE J 2476 20.30 85.06 63.72
C ILE J 2476 21.55 85.79 64.20
N PRO J 2477 22.13 86.62 63.35
CA PRO J 2477 23.32 87.38 63.76
C PRO J 2477 23.06 88.18 65.03
N THR J 2478 24.03 88.16 65.94
CA THR J 2478 23.90 88.81 67.23
C THR J 2478 25.28 89.07 67.80
N LEU J 2479 25.33 89.90 68.82
CA LEU J 2479 26.57 90.27 69.51
C LEU J 2479 27.60 90.86 68.56
N GLN J 2487 28.01 89.29 64.34
CA GLN J 2487 28.45 87.92 64.17
C GLN J 2487 27.40 87.09 63.42
N PRO J 2488 27.49 87.09 62.09
CA PRO J 2488 26.53 86.36 61.26
C PRO J 2488 26.99 84.93 61.02
N LYS J 2489 26.14 84.15 60.37
CA LYS J 2489 26.46 82.75 60.06
C LYS J 2489 27.17 82.64 58.71
N MET J 2490 27.24 81.44 58.18
CA MET J 2490 27.92 81.20 56.91
C MET J 2490 26.99 80.50 55.91
N SER J 2491 27.16 80.82 54.63
CA SER J 2491 26.38 80.19 53.58
C SER J 2491 27.04 78.90 53.13
N ALA J 2492 27.39 78.06 54.10
CA ALA J 2492 28.06 76.80 53.82
C ALA J 2492 27.26 75.62 54.37
N SER J 2493 26.33 75.91 55.27
CA SER J 2493 25.50 74.88 55.88
C SER J 2493 24.08 74.92 55.33
N PHE J 2494 23.23 74.02 55.83
CA PHE J 2494 21.84 73.96 55.39
C PHE J 2494 21.08 75.18 55.89
N VAL J 2495 20.92 76.16 55.02
CA VAL J 2495 20.24 77.40 55.37
C VAL J 2495 18.73 77.21 55.49
N PRO J 2496 18.00 78.33 55.47
CA PRO J 2496 16.55 78.28 55.58
C PRO J 2496 15.91 79.11 54.47
N ASP J 2497 16.73 79.84 53.74
CA ASP J 2497 16.25 80.65 52.62
C ASP J 2497 15.73 79.76 51.51
N HIS J 2498 16.39 78.63 51.31
CA HIS J 2498 15.99 77.69 50.28
C HIS J 2498 15.12 76.58 50.87
N LYS J 2499 14.12 76.97 51.66
CA LYS J 2499 13.17 76.03 52.22
C LYS J 2499 11.78 76.34 51.69
N ALA J 2500 11.69 77.35 50.84
CA ALA J 2500 10.43 77.76 50.23
C ALA J 2500 10.08 76.82 49.08
N SER J 2501 10.98 75.90 48.77
CA SER J 2501 10.74 74.90 47.74
C SER J 2501 9.77 73.85 48.25
N MET J 2502 9.54 73.84 49.56
CA MET J 2502 8.59 72.92 50.16
C MET J 2502 7.25 73.64 50.39
N VAL J 2503 7.27 74.96 50.25
CA VAL J 2503 6.05 75.75 50.38
C VAL J 2503 5.19 75.61 49.14
N LEU J 2504 5.82 75.72 47.97
CA LEU J 2504 5.12 75.58 46.70
C LEU J 2504 4.80 74.12 46.44
N PHE J 2505 5.44 73.23 47.21
CA PHE J 2505 5.24 71.80 47.04
C PHE J 2505 3.95 71.34 47.70
N LEU J 2506 3.42 72.18 48.59
CA LEU J 2506 2.18 71.85 49.31
C LEU J 2506 1.07 72.80 48.91
N ASP J 2507 1.43 73.92 48.27
CA ASP J 2507 0.45 74.90 47.84
C ASP J 2507 -0.27 74.42 46.59
N ARG J 2508 0.38 73.57 45.81
CA ARG J 2508 -0.19 73.08 44.56
C ARG J 2508 -0.02 71.57 44.43
N VAL J 2509 -0.46 70.82 45.44
CA VAL J 2509 -0.39 69.37 45.40
C VAL J 2509 -1.39 68.77 46.38
N TYR J 2510 -1.31 69.20 47.63
CA TYR J 2510 -2.25 68.76 48.66
C TYR J 2510 -3.19 69.90 49.03
N GLY J 2511 -2.64 71.10 49.13
CA GLY J 2511 -3.40 72.34 49.34
C GLY J 2511 -4.13 72.41 50.67
N ILE J 2512 -4.45 73.63 51.08
CA ILE J 2512 -5.21 73.86 52.32
C ILE J 2512 -6.67 73.48 52.09
N GLU J 2513 -7.35 73.07 53.16
CA GLU J 2513 -8.74 72.63 53.04
C GLU J 2513 -9.55 72.90 54.30
N ASN J 2514 -9.41 72.02 55.30
CA ASN J 2514 -10.20 72.11 56.51
C ASN J 2514 -9.72 73.23 57.43
N GLN J 2515 -9.26 72.86 58.62
CA GLN J 2515 -8.79 73.83 59.60
C GLN J 2515 -7.39 73.47 60.09
N ASP J 2516 -6.64 72.76 59.25
CA ASP J 2516 -5.27 72.38 59.58
C ASP J 2516 -4.33 73.56 59.39
N PHE J 2517 -4.87 74.65 58.85
CA PHE J 2517 -4.10 75.88 58.65
C PHE J 2517 -3.61 76.42 59.99
N LEU J 2518 -4.39 76.17 61.03
CA LEU J 2518 -4.03 76.60 62.38
C LEU J 2518 -2.78 75.86 62.85
N LEU J 2519 -2.76 74.54 62.61
CA LEU J 2519 -1.58 73.74 62.93
C LEU J 2519 -0.44 74.11 62.01
N HIS J 2520 -0.78 74.54 60.80
CA HIS J 2520 0.21 75.00 59.85
C HIS J 2520 0.72 76.39 60.25
N VAL J 2521 -0.16 77.15 60.89
CA VAL J 2521 0.22 78.46 61.40
C VAL J 2521 0.91 78.31 62.76
N LEU J 2522 0.89 77.09 63.29
CA LEU J 2522 1.57 76.80 64.55
C LEU J 2522 2.97 76.25 64.27
N ASP J 2523 3.51 76.62 63.11
CA ASP J 2523 4.85 76.20 62.71
C ASP J 2523 5.44 77.20 61.73
N VAL J 2524 4.58 77.83 60.94
CA VAL J 2524 5.01 78.83 59.97
C VAL J 2524 5.18 80.18 60.65
N GLY J 2525 4.35 80.44 61.66
CA GLY J 2525 4.41 81.70 62.39
C GLY J 2525 5.60 81.72 63.35
N PHE J 2526 6.15 80.55 63.62
CA PHE J 2526 7.33 80.44 64.46
C PHE J 2526 8.51 81.14 63.78
N LEU J 2527 8.58 81.03 62.46
CA LEU J 2527 9.60 81.71 61.68
C LEU J 2527 9.22 83.17 61.51
N PRO J 2528 7.92 83.43 61.43
CA PRO J 2528 7.41 84.79 61.30
C PRO J 2528 7.55 85.54 62.61
N ASP J 2529 7.77 84.80 63.70
CA ASP J 2529 7.96 85.39 65.01
C ASP J 2529 9.25 86.19 65.03
N MET J 2530 10.18 85.82 64.16
CA MET J 2530 11.43 86.56 64.01
C MET J 2530 11.30 87.57 62.89
N ARG J 2531 10.19 88.30 62.89
CA ARG J 2531 9.93 89.30 61.85
C ARG J 2531 10.89 90.48 61.99
N ALA J 2532 10.58 91.39 62.90
CA ALA J 2532 11.41 92.56 63.13
C ALA J 2532 12.42 92.29 64.24
N ALA J 2533 12.92 91.06 64.29
CA ALA J 2533 13.91 90.67 65.30
C ALA J 2533 15.30 91.14 64.88
N ALA J 2534 15.40 91.69 63.67
CA ALA J 2534 16.66 92.22 63.17
C ALA J 2534 16.43 93.51 62.40
N SER J 2535 15.15 93.80 62.13
CA SER J 2535 14.79 95.00 61.38
C SER J 2535 14.88 96.24 62.26
N LEU J 2536 16.10 96.62 62.63
CA LEU J 2536 16.32 97.79 63.47
C LEU J 2536 17.77 98.25 63.39
N ASP J 2537 18.68 97.43 63.93
CA ASP J 2537 20.10 97.76 63.93
C ASP J 2537 20.66 97.82 62.52
N THR J 2538 20.85 96.65 61.91
CA THR J 2538 21.41 96.57 60.57
C THR J 2538 20.79 95.44 59.76
N ALA J 2539 20.74 94.25 60.36
CA ALA J 2539 20.24 93.04 59.70
C ALA J 2539 21.02 92.72 58.43
N THR J 2540 22.02 91.87 58.56
CA THR J 2540 22.88 91.51 57.43
C THR J 2540 22.11 90.69 56.40
N PHE J 2541 22.10 89.37 56.60
CA PHE J 2541 21.42 88.47 55.67
C PHE J 2541 19.91 88.69 55.70
N SER J 2542 19.41 89.46 54.73
CA SER J 2542 17.99 89.75 54.64
C SER J 2542 17.28 88.72 53.76
N THR J 2543 17.63 87.46 53.93
CA THR J 2543 17.03 86.38 53.16
C THR J 2543 15.65 86.03 53.69
N THR J 2544 15.33 86.55 54.87
CA THR J 2544 14.02 86.32 55.47
C THR J 2544 12.94 87.08 54.70
N GLU J 2545 13.35 88.19 54.09
CA GLU J 2545 12.44 88.97 53.27
C GLU J 2545 12.12 88.22 51.98
N MET J 2546 13.03 87.34 51.57
CA MET J 2546 12.83 86.54 50.38
C MET J 2546 11.84 85.42 50.67
N ALA J 2547 11.67 85.08 51.95
CA ALA J 2547 10.70 84.07 52.35
C ALA J 2547 9.32 84.69 52.47
N LEU J 2548 9.26 86.02 52.33
CA LEU J 2548 7.99 86.73 52.36
C LEU J 2548 7.52 87.00 50.94
N ALA J 2549 7.81 86.06 50.04
CA ALA J 2549 7.39 86.17 48.64
C ALA J 2549 6.74 84.85 48.21
N LEU J 2550 6.59 83.94 49.16
CA LEU J 2550 6.00 82.64 48.89
C LEU J 2550 5.39 82.03 50.15
N ASN J 2551 5.16 82.87 51.16
CA ASN J 2551 4.55 82.41 52.41
C ASN J 2551 3.41 83.33 52.82
N ARG J 2552 3.68 84.63 52.87
CA ARG J 2552 2.66 85.62 53.20
C ARG J 2552 1.68 85.75 52.06
N TYR J 2553 2.15 85.45 50.84
CA TYR J 2553 1.30 85.48 49.67
C TYR J 2553 0.33 84.32 49.69
N LEU J 2554 0.78 83.20 50.25
CA LEU J 2554 -0.05 82.00 50.36
C LEU J 2554 -1.09 82.17 51.47
N CYS J 2555 -0.72 82.92 52.49
CA CYS J 2555 -1.64 83.19 53.60
C CYS J 2555 -2.67 84.23 53.20
N LEU J 2556 -2.27 85.14 52.31
CA LEU J 2556 -3.18 86.16 51.80
C LEU J 2556 -3.99 85.61 50.63
N ALA J 2557 -4.53 84.41 50.82
CA ALA J 2557 -5.32 83.75 49.79
C ALA J 2557 -6.29 82.79 50.42
N VAL J 2558 -6.56 83.00 51.71
CA VAL J 2558 -7.50 82.16 52.44
C VAL J 2558 -8.34 83.01 53.40
N LEU J 2559 -9.59 83.27 53.00
CA LEU J 2559 -10.51 84.04 53.83
C LEU J 2559 -11.18 83.14 54.86
N PRO J 2560 -10.82 81.86 54.85
CA PRO J 2560 -11.36 80.90 55.80
C PRO J 2560 -10.87 81.20 57.20
N LEU J 2561 -11.75 81.75 58.04
CA LEU J 2561 -11.40 82.08 59.41
C LEU J 2561 -12.59 81.81 60.34
N ILE J 2562 -12.31 81.31 61.53
CA ILE J 2562 -13.34 80.97 62.50
C ILE J 2562 -13.09 81.67 63.84
N THR J 2563 -13.16 80.89 64.92
CA THR J 2563 -12.94 81.42 66.26
C THR J 2563 -12.34 80.37 67.18
N LYS J 2564 -12.80 80.37 68.43
CA LYS J 2564 -12.34 79.42 69.45
C LYS J 2564 -10.84 79.49 69.68
N CYS J 2565 -10.24 80.64 69.39
CA CYS J 2565 -8.80 80.84 69.55
C CYS J 2565 -8.46 82.32 69.54
N ALA J 2566 -7.25 82.64 69.99
CA ALA J 2566 -6.79 84.03 70.01
C ALA J 2566 -5.34 84.12 69.58
N PRO J 2567 -4.84 83.06 68.96
CA PRO J 2567 -3.47 83.02 68.46
C PRO J 2567 -3.32 83.94 67.26
N LEU J 2568 -4.43 84.24 66.61
CA LEU J 2568 -4.44 85.15 65.47
C LEU J 2568 -4.07 86.56 65.89
N PHE J 2569 -4.39 86.90 67.14
CA PHE J 2569 -4.09 88.22 67.69
C PHE J 2569 -2.58 88.43 67.74
N ALA J 2570 -1.85 87.37 68.02
CA ALA J 2570 -0.39 87.43 68.04
C ALA J 2570 0.12 87.54 66.60
N GLY J 2571 -0.63 86.96 65.67
CA GLY J 2571 -0.27 86.98 64.26
C GLY J 2571 -0.72 88.27 63.60
N THR J 2572 -1.77 88.88 64.14
CA THR J 2572 -2.30 90.12 63.59
C THR J 2572 -1.31 91.26 63.79
N GLU J 2573 -0.76 91.37 65.00
CA GLU J 2573 0.21 92.41 65.30
C GLU J 2573 1.55 92.10 64.63
N HIS J 2574 1.82 90.81 64.42
CA HIS J 2574 3.06 90.38 63.79
C HIS J 2574 3.17 90.92 62.38
N ARG J 2575 2.05 90.94 61.67
CA ARG J 2575 2.00 91.50 60.33
C ARG J 2575 2.18 93.02 60.41
N ALA J 2576 1.63 93.62 61.45
CA ALA J 2576 1.78 95.05 61.69
C ALA J 2576 3.20 95.35 62.14
N ILE J 2577 3.82 94.39 62.81
CA ILE J 2577 5.20 94.54 63.26
C ILE J 2577 6.15 94.45 62.08
N MET J 2578 5.75 93.70 61.06
CA MET J 2578 6.55 93.57 59.84
C MET J 2578 6.38 94.82 58.97
N VAL J 2579 5.25 95.50 59.13
CA VAL J 2579 4.97 96.70 58.38
C VAL J 2579 5.39 97.94 59.16
N ASP J 2580 6.11 97.72 60.27
CA ASP J 2580 6.58 98.82 61.10
C ASP J 2580 7.61 99.65 60.35
N SER J 2581 8.50 98.97 59.63
CA SER J 2581 9.51 99.63 58.83
C SER J 2581 8.88 100.33 57.64
N MET J 2582 9.03 101.65 57.58
CA MET J 2582 8.46 102.44 56.49
C MET J 2582 9.41 102.47 55.30
N LEU J 2583 10.66 102.08 55.52
CA LEU J 2583 11.66 102.07 54.45
C LEU J 2583 12.83 101.16 54.81
N HIS J 2584 12.90 100.76 56.09
CA HIS J 2584 14.00 99.93 56.56
C HIS J 2584 13.94 98.53 55.94
N THR J 2585 14.57 98.37 54.78
CA THR J 2585 14.64 97.11 54.06
C THR J 2585 13.24 96.54 53.80
N VAL J 2586 12.56 97.09 52.81
CA VAL J 2586 11.20 96.66 52.49
C VAL J 2586 10.99 96.51 50.99
N TYR J 2587 11.65 97.36 50.21
CA TYR J 2587 11.49 97.43 48.75
C TYR J 2587 10.07 97.86 48.37
N ARG J 2588 9.99 98.91 47.55
CA ARG J 2588 8.71 99.50 47.18
C ARG J 2588 7.74 98.52 46.52
N LEU J 2589 8.29 97.42 45.99
CA LEU J 2589 7.46 96.40 45.35
C LEU J 2589 7.16 95.26 46.33
N SER J 2590 8.12 94.92 47.17
CA SER J 2590 7.96 93.83 48.12
C SER J 2590 7.15 94.27 49.33
N ARG J 2591 6.99 95.58 49.50
CA ARG J 2591 6.23 96.13 50.62
C ARG J 2591 4.74 95.98 50.37
N GLY J 2592 4.35 95.91 49.11
CA GLY J 2592 2.95 95.80 48.74
C GLY J 2592 2.39 94.42 49.08
N ARG J 2593 3.28 93.42 49.14
CA ARG J 2593 2.86 92.06 49.47
C ARG J 2593 2.43 91.96 50.92
N SER J 2594 3.18 92.63 51.80
CA SER J 2594 2.86 92.63 53.22
C SER J 2594 1.71 93.59 53.51
N LEU J 2595 1.58 94.61 52.67
CA LEU J 2595 0.52 95.61 52.83
C LEU J 2595 -0.83 95.03 52.41
N THR J 2596 -0.82 94.19 51.38
CA THR J 2596 -2.05 93.57 50.89
C THR J 2596 -2.32 92.29 51.66
N LYS J 2597 -1.41 91.92 52.55
CA LYS J 2597 -1.55 90.71 53.35
C LYS J 2597 -2.50 90.94 54.51
N ALA J 2598 -2.56 92.18 54.99
CA ALA J 2598 -3.41 92.53 56.12
C ALA J 2598 -4.64 93.32 55.69
N GLN J 2599 -4.52 94.03 54.58
CA GLN J 2599 -5.61 94.85 54.07
C GLN J 2599 -6.81 93.99 53.68
N ARG J 2600 -6.56 92.73 53.39
CA ARG J 2600 -7.62 91.80 53.02
C ARG J 2600 -7.82 90.76 54.12
N ASP J 2601 -6.99 90.83 55.16
CA ASP J 2601 -7.10 89.90 56.28
C ASP J 2601 -8.12 90.38 57.30
N VAL J 2602 -8.64 91.58 57.07
CA VAL J 2602 -9.62 92.18 57.98
C VAL J 2602 -11.02 91.63 57.70
N ILE J 2603 -11.31 91.40 56.42
CA ILE J 2603 -12.63 90.92 56.02
C ILE J 2603 -12.74 89.41 56.17
N GLU J 2604 -12.49 88.91 57.39
CA GLU J 2604 -12.55 87.48 57.67
C GLU J 2604 -12.61 87.24 59.18
N ASP J 2605 -12.18 88.21 59.95
CA ASP J 2605 -12.19 88.11 61.40
C ASP J 2605 -13.60 88.14 61.95
N CYS J 2606 -13.77 87.76 63.20
CA CYS J 2606 -15.09 87.69 63.82
C CYS J 2606 -15.45 88.99 64.52
N LEU J 2607 -15.02 90.12 63.93
CA LEU J 2607 -15.27 91.45 64.47
C LEU J 2607 -14.77 91.57 65.91
N MET J 2608 -13.71 90.84 66.23
CA MET J 2608 -13.15 90.85 67.57
C MET J 2608 -11.72 91.39 67.56
N ALA J 2609 -11.41 92.19 66.55
CA ALA J 2609 -10.10 92.82 66.46
C ALA J 2609 -9.94 93.83 67.58
N LEU J 2610 -9.49 93.35 68.74
CA LEU J 2610 -9.41 94.18 69.93
C LEU J 2610 -8.13 95.02 69.97
N CYS J 2611 -7.05 94.39 70.42
CA CYS J 2611 -5.79 95.08 70.65
C CYS J 2611 -5.21 95.67 69.36
N ARG J 2612 -5.61 95.14 68.22
CA ARG J 2612 -5.13 95.63 66.93
C ARG J 2612 -5.52 97.08 66.72
N TYR J 2613 -6.70 97.45 67.20
CA TYR J 2613 -7.16 98.83 67.14
C TYR J 2613 -6.40 99.67 68.16
N ILE J 2614 -6.16 99.10 69.33
CA ILE J 2614 -5.43 99.78 70.37
C ILE J 2614 -3.96 99.89 70.02
N ARG J 2615 -3.49 98.98 69.17
CA ARG J 2615 -2.11 99.02 68.69
C ARG J 2615 -1.91 100.29 67.87
N PRO J 2616 -2.91 100.61 67.05
CA PRO J 2616 -2.90 101.85 66.28
C PRO J 2616 -3.25 103.01 67.21
N SER J 2617 -4.49 103.00 67.70
CA SER J 2617 -4.96 104.00 68.65
C SER J 2617 -4.74 105.43 68.15
N MET J 2618 -3.72 106.08 68.69
CA MET J 2618 -3.37 107.43 68.28
C MET J 2618 -2.01 107.44 67.60
N LEU J 2619 -1.31 106.31 67.67
CA LEU J 2619 -0.02 106.16 66.99
C LEU J 2619 -0.26 106.22 65.48
N GLN J 2620 -1.41 105.71 65.06
CA GLN J 2620 -1.84 105.82 63.66
C GLN J 2620 -2.19 107.28 63.37
N HIS J 2621 -2.80 107.93 64.35
CA HIS J 2621 -3.13 109.35 64.24
C HIS J 2621 -1.85 110.17 64.30
N LEU J 2622 -0.87 109.67 65.05
CA LEU J 2622 0.44 110.32 65.13
C LEU J 2622 1.14 110.17 63.79
N LEU J 2623 2.11 111.05 63.54
CA LEU J 2623 2.81 111.10 62.26
C LEU J 2623 1.82 111.26 61.11
N ARG J 2624 0.85 112.16 61.30
CA ARG J 2624 -0.17 112.41 60.30
C ARG J 2624 0.34 113.32 59.19
N ARG J 2625 1.55 113.04 58.72
CA ARG J 2625 2.17 113.80 57.65
C ARG J 2625 3.28 112.97 57.01
N LEU J 2626 3.22 111.66 57.25
CA LEU J 2626 4.23 110.75 56.73
C LEU J 2626 3.66 109.84 55.65
N VAL J 2627 4.53 109.06 55.02
CA VAL J 2627 4.12 108.14 53.98
C VAL J 2627 3.53 106.87 54.59
N PHE J 2628 3.76 106.69 55.88
CA PHE J 2628 3.25 105.52 56.59
C PHE J 2628 1.80 105.71 57.01
N ASP J 2629 1.23 106.84 56.61
CA ASP J 2629 -0.16 107.16 56.96
C ASP J 2629 -1.14 106.27 56.20
N VAL J 2630 -0.92 106.12 54.89
CA VAL J 2630 -1.83 105.36 54.04
C VAL J 2630 -1.77 103.86 54.32
N PRO J 2631 -0.90 103.46 55.24
CA PRO J 2631 -0.74 102.05 55.59
C PRO J 2631 -1.97 101.54 56.35
N ILE J 2632 -2.51 102.37 57.23
CA ILE J 2632 -3.64 101.97 58.05
C ILE J 2632 -4.83 102.92 57.88
N LEU J 2633 -4.63 103.97 57.10
CA LEU J 2633 -5.70 104.95 56.86
C LEU J 2633 -6.84 104.30 56.07
N ASN J 2634 -6.50 103.70 54.95
CA ASN J 2634 -7.49 103.02 54.11
C ASN J 2634 -7.97 101.74 54.79
N GLU J 2635 -7.12 101.19 55.66
CA GLU J 2635 -7.46 99.96 56.38
C GLU J 2635 -8.49 100.24 57.47
N PHE J 2636 -8.43 101.44 58.04
CA PHE J 2636 -9.37 101.83 59.08
C PHE J 2636 -10.74 102.12 58.49
N ALA J 2637 -10.75 102.63 57.26
CA ALA J 2637 -12.00 102.95 56.57
C ALA J 2637 -12.75 101.68 56.18
N LYS J 2638 -12.02 100.58 56.08
CA LYS J 2638 -12.62 99.30 55.72
C LYS J 2638 -13.39 98.71 56.88
N MET J 2639 -13.01 99.11 58.10
CA MET J 2639 -13.69 98.61 59.30
C MET J 2639 -15.00 99.35 59.53
N PRO J 2640 -14.99 100.66 59.29
CA PRO J 2640 -16.17 101.48 59.49
C PRO J 2640 -17.19 101.29 58.37
N LEU J 2641 -16.71 100.87 57.21
CA LEU J 2641 -17.58 100.64 56.06
C LEU J 2641 -18.17 99.24 56.08
N LYS J 2642 -17.89 98.50 57.15
CA LYS J 2642 -18.40 97.15 57.31
C LYS J 2642 -18.98 96.97 58.72
N LEU J 2643 -19.36 98.10 59.33
CA LEU J 2643 -19.91 98.08 60.68
C LEU J 2643 -20.73 99.33 60.97
N LEU J 2644 -21.37 99.86 59.93
CA LEU J 2644 -22.17 101.07 60.07
C LEU J 2644 -23.57 100.75 60.56
N THR J 2645 -23.69 99.68 61.34
CA THR J 2645 -24.97 99.25 61.89
C THR J 2645 -24.75 98.26 63.03
N ASN J 2646 -23.49 98.01 63.36
CA ASN J 2646 -23.14 97.10 64.44
C ASN J 2646 -21.77 97.42 65.01
N HIS J 2647 -21.13 96.41 65.58
CA HIS J 2647 -19.81 96.55 66.21
C HIS J 2647 -19.81 97.63 67.28
N TYR J 2648 -20.97 97.84 67.90
CA TYR J 2648 -21.11 98.82 68.96
C TYR J 2648 -21.37 98.12 70.29
N GLU J 2649 -21.02 96.84 70.35
CA GLU J 2649 -21.21 96.04 71.56
C GLU J 2649 -19.91 95.95 72.34
N ARG J 2650 -19.37 97.12 72.71
CA ARG J 2650 -18.14 97.18 73.49
C ARG J 2650 -18.23 98.29 74.53
N CYS J 2651 -17.08 98.85 74.90
CA CYS J 2651 -17.03 99.92 75.89
C CYS J 2651 -15.82 100.80 75.68
N TRP J 2652 -14.64 100.27 76.02
CA TRP J 2652 -13.38 101.00 75.88
C TRP J 2652 -13.10 101.25 74.40
N LYS J 2653 -13.48 100.31 73.56
CA LYS J 2653 -13.31 100.46 72.11
C LYS J 2653 -14.20 101.57 71.59
N TYR J 2654 -15.41 101.67 72.14
CA TYR J 2654 -16.33 102.73 71.78
C TYR J 2654 -15.75 104.07 72.23
N TYR J 2655 -15.04 104.04 73.36
CA TYR J 2655 -14.37 105.23 73.87
C TYR J 2655 -13.10 105.50 73.08
N CYS J 2656 -12.49 104.43 72.57
CA CYS J 2656 -11.26 104.55 71.78
C CYS J 2656 -11.56 105.14 70.42
N LEU J 2657 -12.75 104.87 69.90
CA LEU J 2657 -13.16 105.40 68.60
C LEU J 2657 -13.27 106.91 68.66
N PRO J 2658 -13.94 107.42 69.70
CA PRO J 2658 -14.08 108.84 69.89
C PRO J 2658 -12.74 109.47 70.26
N THR J 2659 -11.91 108.70 70.97
CA THR J 2659 -10.59 109.16 71.35
C THR J 2659 -9.73 109.37 70.11
N GLY J 2660 -9.97 108.52 69.10
CA GLY J 2660 -9.26 108.64 67.84
C GLY J 2660 -9.93 109.69 66.96
N TRP J 2661 -11.25 109.75 67.01
CA TRP J 2661 -12.02 110.68 66.19
C TRP J 2661 -11.70 112.14 66.55
N ALA J 2662 -11.62 112.42 67.85
CA ALA J 2662 -11.32 113.77 68.32
C ALA J 2662 -9.87 114.13 67.99
N ASN J 2663 -8.99 113.15 68.11
CA ASN J 2663 -7.57 113.38 67.83
C ASN J 2663 -7.30 113.36 66.34
N PHE J 2664 -8.26 112.86 65.57
CA PHE J 2664 -8.11 112.78 64.11
C PHE J 2664 -8.15 114.15 63.47
N GLY J 2665 -8.63 115.14 64.20
CA GLY J 2665 -8.69 116.51 63.72
C GLY J 2665 -7.30 117.01 63.38
N VAL J 2666 -6.51 117.30 64.43
CA VAL J 2666 -5.12 117.73 64.28
C VAL J 2666 -4.99 118.93 63.33
N THR J 2667 -4.07 118.82 62.39
CA THR J 2667 -3.82 119.90 61.43
C THR J 2667 -4.94 119.97 60.41
N SER J 2668 -5.95 120.78 60.68
CA SER J 2668 -7.06 120.98 59.75
C SER J 2668 -6.74 122.15 58.82
N GLU J 2669 -5.69 122.89 59.15
CA GLU J 2669 -5.27 124.04 58.35
C GLU J 2669 -3.75 124.17 58.38
N GLU J 2670 -3.08 123.47 57.48
CA GLU J 2670 -1.62 123.50 57.39
C GLU J 2670 -1.16 123.22 55.96
N GLU J 2671 -1.07 121.93 55.63
CA GLU J 2671 -0.67 121.52 54.28
C GLU J 2671 -1.75 121.89 53.28
N LEU J 2672 -1.52 122.95 52.52
CA LEU J 2672 -2.49 123.44 51.54
C LEU J 2672 -2.39 122.66 50.22
N HIS J 2673 -1.62 121.59 50.23
CA HIS J 2673 -1.46 120.74 49.04
C HIS J 2673 -2.78 120.11 48.66
N LEU J 2674 -3.19 120.32 47.41
CA LEU J 2674 -4.46 119.79 46.91
C LEU J 2674 -4.39 118.28 46.75
N THR J 2675 -3.20 117.75 46.50
CA THR J 2675 -3.02 116.32 46.29
C THR J 2675 -2.50 115.65 47.56
N ARG J 2676 -2.64 116.35 48.68
CA ARG J 2676 -2.17 115.81 49.96
C ARG J 2676 -3.07 114.69 50.45
N LYS J 2677 -2.70 114.10 51.59
CA LYS J 2677 -3.48 113.02 52.17
C LYS J 2677 -4.81 113.52 52.69
N LEU J 2678 -4.90 114.83 52.90
CA LEU J 2678 -6.13 115.45 53.39
C LEU J 2678 -7.26 115.25 52.38
N PHE J 2679 -6.96 115.47 51.11
CA PHE J 2679 -7.93 115.28 50.05
C PHE J 2679 -8.06 113.80 49.68
N TRP J 2680 -7.11 113.00 50.15
CA TRP J 2680 -7.12 111.57 49.90
C TRP J 2680 -7.86 110.84 51.02
N GLY J 2681 -7.45 111.08 52.25
CA GLY J 2681 -8.08 110.45 53.41
C GLY J 2681 -9.20 111.33 53.96
N ILE J 2682 -9.90 112.02 53.07
CA ILE J 2682 -11.04 112.84 53.47
C ILE J 2682 -12.22 111.96 53.84
N PHE J 2683 -12.29 110.79 53.20
CA PHE J 2683 -13.35 109.82 53.48
C PHE J 2683 -13.15 109.18 54.84
N ASP J 2684 -11.91 109.22 55.34
CA ASP J 2684 -11.58 108.66 56.64
C ASP J 2684 -12.19 109.51 57.76
N SER J 2685 -12.49 110.76 57.43
CA SER J 2685 -13.10 111.67 58.40
C SER J 2685 -14.58 111.34 58.59
N LEU J 2686 -15.22 110.90 57.50
CA LEU J 2686 -16.63 110.54 57.54
C LEU J 2686 -16.81 109.21 58.26
N ALA J 2687 -15.74 108.43 58.35
CA ALA J 2687 -15.77 107.14 59.04
C ALA J 2687 -15.86 107.33 60.54
N HIS J 2688 -17.00 107.84 61.00
CA HIS J 2688 -17.23 108.07 62.42
C HIS J 2688 -18.72 108.07 62.72
N LYS J 2689 -19.50 107.49 61.81
CA LYS J 2689 -20.94 107.40 61.97
C LYS J 2689 -21.32 106.17 62.78
N LYS J 2690 -20.30 105.44 63.25
CA LYS J 2690 -20.53 104.26 64.08
C LYS J 2690 -21.11 104.68 65.43
N TYR J 2691 -20.58 105.77 65.98
CA TYR J 2691 -21.05 106.30 67.25
C TYR J 2691 -22.45 106.89 67.08
N ASP J 2692 -23.41 106.36 67.82
CA ASP J 2692 -24.79 106.81 67.73
C ASP J 2692 -24.97 108.15 68.45
N GLN J 2693 -25.77 108.14 69.51
CA GLN J 2693 -26.00 109.34 70.30
C GLN J 2693 -24.98 109.42 71.43
N GLU J 2694 -23.73 109.11 71.10
CA GLU J 2694 -22.65 109.15 72.09
C GLU J 2694 -22.06 110.54 72.17
N LEU J 2695 -22.91 111.55 72.07
CA LEU J 2695 -22.50 112.94 72.22
C LEU J 2695 -22.18 113.21 73.69
N TYR J 2696 -22.79 112.41 74.56
CA TYR J 2696 -22.54 112.49 75.98
C TYR J 2696 -21.90 111.19 76.48
N ARG J 2697 -20.90 110.71 75.73
CA ARG J 2697 -20.25 109.46 76.05
C ARG J 2697 -19.17 109.65 77.11
N MET J 2698 -18.53 110.81 77.11
CA MET J 2698 -17.46 111.10 78.07
C MET J 2698 -17.43 112.58 78.43
N ALA J 2699 -16.46 112.96 79.27
CA ALA J 2699 -16.32 114.33 79.71
C ALA J 2699 -15.54 115.16 78.71
N MET J 2700 -14.41 115.73 79.15
CA MET J 2700 -13.57 116.56 78.29
C MET J 2700 -12.16 116.66 78.85
N PRO J 2701 -11.23 115.95 78.22
CA PRO J 2701 -9.83 115.96 78.65
C PRO J 2701 -8.87 115.88 77.46
N CYS J 2702 -7.61 116.18 77.72
CA CYS J 2702 -6.59 116.15 76.66
C CYS J 2702 -5.23 115.76 77.23
N LEU J 2703 -4.20 116.49 76.82
CA LEU J 2703 -2.84 116.21 77.30
C LEU J 2703 -2.46 117.19 78.41
N LEU J 2751 1.19 116.77 101.42
CA LEU J 2751 1.27 118.21 101.55
C LEU J 2751 2.09 118.60 102.76
N ASP J 2752 1.73 118.05 103.91
CA ASP J 2752 2.37 118.35 105.19
C ASP J 2752 2.76 117.02 105.82
N SER J 2753 3.18 117.06 107.08
CA SER J 2753 3.55 115.85 107.80
C SER J 2753 2.43 114.80 107.81
N PHE J 2754 1.20 115.20 107.48
CA PHE J 2754 0.12 114.25 107.34
C PHE J 2754 0.31 113.34 106.12
N ILE J 2755 1.15 113.76 105.16
CA ILE J 2755 1.37 112.93 103.98
C ILE J 2755 2.10 111.64 104.34
N ASN J 2756 2.89 111.65 105.41
CA ASN J 2756 3.55 110.43 105.86
C ASN J 2756 2.54 109.37 106.32
N LYS J 2757 1.33 109.80 106.70
CA LYS J 2757 0.26 108.88 107.05
C LYS J 2757 -0.53 108.39 105.85
N PHE J 2758 -0.33 108.97 104.67
CA PHE J 2758 -0.97 108.42 103.47
C PHE J 2758 -0.31 107.12 103.06
N ALA J 2759 1.01 107.02 103.20
CA ALA J 2759 1.68 105.74 102.95
C ALA J 2759 1.21 104.67 103.91
N GLU J 2760 0.75 105.07 105.10
CA GLU J 2760 0.09 104.14 106.01
C GLU J 2760 -1.16 103.56 105.36
N TYR J 2761 -2.01 104.42 104.80
CA TYR J 2761 -3.23 103.95 104.15
C TYR J 2761 -2.92 103.00 103.01
N THR J 2762 -1.94 103.35 102.17
CA THR J 2762 -1.56 102.45 101.09
C THR J 2762 -1.06 101.12 101.63
N HIS J 2763 -0.43 101.13 102.81
CA HIS J 2763 -0.04 99.91 103.49
C HIS J 2763 -1.17 99.29 104.30
N GLU J 2764 -2.05 100.11 104.89
CA GLU J 2764 -3.14 99.57 105.70
C GLU J 2764 -4.04 98.67 104.86
N LYS J 2765 -4.37 99.09 103.64
CA LYS J 2765 -5.07 98.20 102.72
C LYS J 2765 -4.16 97.08 102.24
N TRP J 2766 -2.86 97.35 102.08
CA TRP J 2766 -1.94 96.33 101.59
C TRP J 2766 -1.56 95.33 102.67
N ALA J 2767 -1.55 95.74 103.93
CA ALA J 2767 -1.28 94.79 105.01
C ALA J 2767 -2.48 93.94 105.35
N PHE J 2768 -3.69 94.50 105.25
CA PHE J 2768 -4.89 93.80 105.71
C PHE J 2768 -5.16 92.54 104.90
N ASP J 2769 -5.01 92.62 103.57
CA ASP J 2769 -5.35 91.47 102.73
C ASP J 2769 -4.33 90.35 102.83
N LYS J 2770 -3.11 90.63 103.30
CA LYS J 2770 -2.09 89.59 103.39
C LYS J 2770 -2.47 88.54 104.44
N ILE J 2771 -2.87 88.99 105.64
CA ILE J 2771 -3.37 88.05 106.63
C ILE J 2771 -4.64 87.38 106.12
N GLN J 2772 -5.46 88.13 105.38
CA GLN J 2772 -6.64 87.56 104.76
C GLN J 2772 -6.28 86.49 103.75
N ASN J 2773 -5.07 86.54 103.18
CA ASN J 2773 -4.64 85.64 102.12
C ASN J 2773 -3.38 84.87 102.53
N ASN J 2774 -3.28 84.47 103.80
CA ASN J 2774 -2.27 83.57 104.36
C ASN J 2774 -0.88 84.20 104.46
N TRP J 2775 -0.69 85.44 104.04
CA TRP J 2775 0.61 86.11 104.14
C TRP J 2775 0.70 86.75 105.52
N SER J 2776 1.28 86.03 106.49
CA SER J 2776 1.20 86.49 107.88
C SER J 2776 2.40 87.34 108.27
N TYR J 2777 3.60 86.73 108.34
CA TYR J 2777 4.81 87.44 108.73
C TYR J 2777 5.98 86.47 108.76
N GLY J 2778 7.19 87.03 108.71
CA GLY J 2778 8.36 86.35 109.23
C GLY J 2778 9.67 86.45 108.45
N GLU J 2779 9.67 86.39 107.12
CA GLU J 2779 10.90 86.79 106.44
C GLU J 2779 10.65 87.71 105.26
N ASN J 2780 9.71 87.35 104.38
CA ASN J 2780 9.44 88.09 103.15
C ASN J 2780 8.25 87.51 102.40
N VAL J 2781 7.98 88.04 101.21
CA VAL J 2781 7.06 87.37 100.30
C VAL J 2781 7.78 86.20 99.65
N ASP J 2782 7.19 85.01 99.77
CA ASP J 2782 7.82 83.80 99.24
C ASP J 2782 6.76 82.73 99.06
N GLU J 2783 7.08 81.74 98.22
CA GLU J 2783 6.16 80.64 97.98
C GLU J 2783 6.23 79.60 99.09
N GLU J 2784 7.44 79.21 99.50
CA GLU J 2784 7.60 78.25 100.57
C GLU J 2784 7.30 78.84 101.94
N LEU J 2785 7.45 80.15 102.10
CA LEU J 2785 7.21 80.82 103.38
C LEU J 2785 5.79 81.39 103.47
N LYS J 2786 5.33 82.06 102.43
CA LYS J 2786 4.01 82.70 102.40
C LYS J 2786 3.81 83.62 103.61
N THR J 2787 4.69 84.62 103.69
CA THR J 2787 4.75 85.54 104.81
C THR J 2787 4.64 86.98 104.33
N HIS J 2788 4.41 87.88 105.28
CA HIS J 2788 4.35 89.30 105.00
C HIS J 2788 5.64 89.96 105.45
N PRO J 2789 6.46 90.49 104.52
CA PRO J 2789 7.78 91.02 104.91
C PRO J 2789 7.69 92.21 105.86
N MET J 2790 6.99 93.26 105.45
CA MET J 2790 6.97 94.51 106.19
C MET J 2790 5.68 94.58 107.02
N LEU J 2791 5.70 93.83 108.12
CA LEU J 2791 4.60 93.86 109.10
C LEU J 2791 4.93 94.91 110.15
N ARG J 2792 4.77 96.18 109.76
CA ARG J 2792 5.14 97.29 110.63
C ARG J 2792 4.48 98.55 110.12
N PRO J 2793 4.00 99.43 111.01
CA PRO J 2793 3.35 100.66 110.56
C PRO J 2793 4.36 101.64 109.96
N TYR J 2794 3.87 102.46 109.04
CA TYR J 2794 4.72 103.48 108.39
C TYR J 2794 4.87 104.74 109.23
N LYS J 2795 4.11 104.88 110.32
CA LYS J 2795 4.19 106.09 111.14
C LYS J 2795 5.61 106.29 111.68
N THR J 2796 6.22 105.21 112.16
CA THR J 2796 7.63 105.19 112.57
C THR J 2796 8.30 104.11 111.72
N PHE J 2797 8.75 104.51 110.52
CA PHE J 2797 9.24 103.57 109.53
C PHE J 2797 10.70 103.84 109.21
N SER J 2798 11.34 102.85 108.61
CA SER J 2798 12.72 102.96 108.14
C SER J 2798 12.73 103.67 106.78
N GLU J 2799 13.87 103.63 106.09
CA GLU J 2799 14.03 104.32 104.82
C GLU J 2799 13.83 103.41 103.61
N LYS J 2800 13.38 102.17 103.80
CA LYS J 2800 13.24 101.26 102.66
C LYS J 2800 12.03 101.60 101.80
N ASP J 2801 10.99 102.18 102.38
CA ASP J 2801 9.82 102.61 101.61
C ASP J 2801 9.93 104.04 101.13
N LYS J 2802 10.98 104.77 101.52
CA LYS J 2802 11.21 106.10 100.99
C LYS J 2802 11.54 106.07 99.50
N GLU J 2803 11.86 104.90 98.94
CA GLU J 2803 12.07 104.75 97.52
C GLU J 2803 10.77 104.62 96.74
N ILE J 2804 9.64 104.44 97.43
CA ILE J 2804 8.33 104.31 96.79
C ILE J 2804 7.46 105.47 97.23
N TYR J 2805 7.26 105.59 98.54
CA TYR J 2805 6.44 106.65 99.12
C TYR J 2805 7.30 107.91 99.30
N ARG J 2806 6.80 108.89 100.05
CA ARG J 2806 7.48 110.16 100.30
C ARG J 2806 7.50 111.00 99.03
N TRP J 2807 8.67 111.47 98.61
CA TRP J 2807 8.75 112.41 97.50
C TRP J 2807 8.01 111.97 96.25
N PRO J 2808 8.09 110.71 95.80
CA PRO J 2808 7.19 110.27 94.72
C PRO J 2808 5.71 110.44 95.05
N ILE J 2809 5.31 110.17 96.30
CA ILE J 2809 3.93 110.43 96.69
C ILE J 2809 3.72 111.87 97.10
N LYS J 2810 4.80 112.59 97.46
CA LYS J 2810 4.68 114.03 97.68
C LYS J 2810 4.37 114.75 96.38
N GLU J 2811 5.14 114.49 95.32
CA GLU J 2811 4.89 115.13 94.03
C GLU J 2811 3.54 114.70 93.47
N SER J 2812 3.04 113.53 93.88
CA SER J 2812 1.67 113.17 93.55
C SER J 2812 0.68 114.11 94.22
N LEU J 2813 0.99 114.55 95.45
CA LEU J 2813 0.17 115.49 96.18
C LEU J 2813 0.72 116.91 96.15
N LYS J 2814 1.84 117.13 95.45
CA LYS J 2814 2.41 118.47 95.29
C LYS J 2814 2.20 119.05 93.90
N ALA J 2815 1.99 118.20 92.89
CA ALA J 2815 1.66 118.71 91.57
C ALA J 2815 0.27 119.33 91.54
N MET J 2816 -0.65 118.80 92.37
CA MET J 2816 -2.01 119.32 92.41
C MET J 2816 -2.04 120.75 92.92
N ILE J 2817 -1.23 121.06 93.93
CA ILE J 2817 -1.22 122.42 94.46
C ILE J 2817 -0.56 123.40 93.50
N ALA J 2818 0.18 122.89 92.50
CA ALA J 2818 0.80 123.77 91.52
C ALA J 2818 -0.23 124.36 90.56
N TRP J 2819 -0.93 123.50 89.84
CA TRP J 2819 -1.97 123.96 88.92
C TRP J 2819 -3.30 124.15 89.63
N TYR J 2855 0.04 92.37 113.68
CA TYR J 2855 -0.30 93.73 113.26
C TYR J 2855 -1.36 93.68 112.17
N ASN J 2856 -2.56 94.14 112.52
CA ASN J 2856 -3.72 94.13 111.62
C ASN J 2856 -4.31 95.53 111.56
N PRO J 2857 -3.73 96.42 110.76
CA PRO J 2857 -4.29 97.76 110.61
C PRO J 2857 -5.63 97.71 109.88
N GLN J 2858 -6.50 98.67 110.22
CA GLN J 2858 -7.84 98.73 109.65
C GLN J 2858 -7.96 99.95 108.75
N PRO J 2859 -7.93 99.79 107.42
CA PRO J 2859 -8.14 100.93 106.54
C PRO J 2859 -9.61 101.28 106.45
N PRO J 2860 -9.98 102.54 106.68
CA PRO J 2860 -11.39 102.93 106.63
C PRO J 2860 -11.90 102.99 105.19
N ASP J 2861 -13.23 103.02 105.08
CA ASP J 2861 -13.86 103.14 103.76
C ASP J 2861 -13.71 104.57 103.26
N LEU J 2862 -13.30 104.70 102.00
CA LEU J 2862 -13.05 106.01 101.41
C LEU J 2862 -14.16 106.49 100.50
N SER J 2863 -15.07 105.60 100.08
CA SER J 2863 -16.12 105.94 99.12
C SER J 2863 -17.35 106.55 99.78
N GLY J 2864 -17.20 107.14 100.97
CA GLY J 2864 -18.35 107.76 101.63
C GLY J 2864 -18.94 108.89 100.82
N VAL J 2865 -18.09 109.66 100.14
CA VAL J 2865 -18.53 110.76 99.27
C VAL J 2865 -18.05 110.45 97.87
N THR J 2866 -19.00 110.29 96.94
CA THR J 2866 -18.65 110.06 95.55
C THR J 2866 -18.09 111.32 94.92
N LEU J 2867 -17.13 111.14 94.01
CA LEU J 2867 -16.49 112.27 93.34
C LEU J 2867 -17.42 112.80 92.26
N SER J 2868 -17.97 113.99 92.50
CA SER J 2868 -18.83 114.63 91.52
C SER J 2868 -18.01 115.14 90.33
N ARG J 2869 -18.71 115.65 89.32
CA ARG J 2869 -18.06 116.08 88.08
C ARG J 2869 -17.00 117.15 88.35
N GLU J 2870 -17.13 117.93 89.43
CA GLU J 2870 -16.06 118.84 89.81
C GLU J 2870 -14.78 118.08 90.14
N LEU J 2871 -14.91 116.92 90.78
CA LEU J 2871 -13.77 116.10 91.15
C LEU J 2871 -13.61 114.86 90.28
N GLN J 2872 -14.68 114.38 89.63
CA GLN J 2872 -14.57 113.19 88.78
C GLN J 2872 -13.65 113.45 87.60
N ALA J 2873 -13.80 114.59 86.93
CA ALA J 2873 -12.89 114.95 85.85
C ALA J 2873 -11.51 115.30 86.36
N MET J 2874 -11.38 115.57 87.67
CA MET J 2874 -10.07 115.81 88.26
C MET J 2874 -9.34 114.50 88.52
N ALA J 2875 -10.06 113.43 88.86
CA ALA J 2875 -9.47 112.10 88.85
C ALA J 2875 -9.12 111.66 87.43
N GLU J 2876 -9.93 112.10 86.45
CA GLU J 2876 -9.54 111.96 85.05
C GLU J 2876 -8.18 112.59 84.79
N GLN J 2877 -7.84 113.63 85.56
CA GLN J 2877 -6.52 114.23 85.50
C GLN J 2877 -5.52 113.56 86.44
N LEU J 2878 -5.99 113.01 87.57
CA LEU J 2878 -5.10 112.26 88.45
C LEU J 2878 -4.62 110.98 87.79
N ALA J 2879 -5.51 110.30 87.06
CA ALA J 2879 -5.07 109.13 86.29
C ALA J 2879 -4.14 109.55 85.15
N GLU J 2880 -4.32 110.77 84.64
CA GLU J 2880 -3.41 111.29 83.63
C GLU J 2880 -1.99 111.45 84.17
N ASN J 2881 -1.86 111.67 85.49
CA ASN J 2881 -0.54 111.78 86.09
C ASN J 2881 0.22 110.47 85.99
N TYR J 2882 -0.47 109.34 86.11
CA TYR J 2882 0.19 108.04 86.04
C TYR J 2882 0.81 107.81 84.66
N HIS J 2883 0.26 108.44 83.63
CA HIS J 2883 0.83 108.37 82.30
C HIS J 2883 1.64 109.62 81.93
N ASN J 2884 1.70 110.60 82.83
CA ASN J 2884 2.55 111.78 82.64
C ASN J 2884 3.83 111.70 83.46
N THR J 2885 3.70 111.54 84.78
CA THR J 2885 4.89 111.44 85.63
C THR J 2885 5.65 110.15 85.34
N TRP J 2886 4.95 109.02 85.35
CA TRP J 2886 5.58 107.75 85.00
C TRP J 2886 5.67 107.57 83.48
N GLY J 2887 4.72 108.14 82.74
CA GLY J 2887 4.75 108.00 81.28
C GLY J 2887 5.93 108.71 80.65
N ARG J 2888 6.29 109.89 81.17
CA ARG J 2888 7.51 110.54 80.71
C ARG J 2888 8.73 109.69 81.04
N LYS J 2889 8.75 109.09 82.23
CA LYS J 2889 9.79 108.12 82.55
C LYS J 2889 9.70 106.91 81.63
N LYS J 2890 8.48 106.51 81.25
CA LYS J 2890 8.31 105.40 80.32
C LYS J 2890 8.97 105.71 78.99
N LYS J 2891 8.80 106.93 78.48
CA LYS J 2891 9.55 107.34 77.29
C LYS J 2891 11.04 107.35 77.55
N GLN J 2892 11.46 107.71 78.77
CA GLN J 2892 12.86 107.70 79.15
C GLN J 2892 13.31 106.36 79.70
N GLU J 2893 12.41 105.38 79.80
CA GLU J 2893 12.78 104.03 80.25
C GLU J 2893 13.27 103.17 79.09
N LEU J 2894 12.53 103.17 77.98
CA LEU J 2894 12.93 102.39 76.82
C LEU J 2894 14.00 103.08 75.98
N GLU J 2895 14.20 104.39 76.16
CA GLU J 2895 15.23 105.13 75.45
C GLU J 2895 16.51 105.28 76.25
N ALA J 2896 16.58 104.68 77.44
CA ALA J 2896 17.80 104.68 78.25
C ALA J 2896 18.31 103.26 78.50
N LYS J 2897 17.79 102.27 77.76
CA LYS J 2897 18.22 100.90 77.88
C LYS J 2897 19.02 100.40 76.69
N GLY J 2898 18.83 100.99 75.52
CA GLY J 2898 19.55 100.57 74.33
C GLY J 2898 18.66 100.15 73.19
N GLY J 2899 17.41 100.62 73.20
CA GLY J 2899 16.46 100.35 72.15
C GLY J 2899 15.17 99.80 72.71
N GLY J 2900 14.33 99.31 71.81
CA GLY J 2900 13.05 98.75 72.18
C GLY J 2900 11.91 99.73 72.00
N THR J 2901 10.74 99.20 71.65
CA THR J 2901 9.54 100.01 71.47
C THR J 2901 8.35 99.29 72.08
N HIS J 2902 7.39 100.07 72.57
CA HIS J 2902 6.20 99.54 73.20
C HIS J 2902 4.97 100.28 72.69
N PRO J 2903 3.86 99.58 72.46
CA PRO J 2903 2.66 100.27 71.96
C PRO J 2903 1.97 101.17 72.97
N LEU J 2904 2.40 101.17 74.23
CA LEU J 2904 1.74 101.96 75.26
C LEU J 2904 1.91 103.45 75.06
N LEU J 2905 2.88 103.88 74.24
CA LEU J 2905 3.15 105.30 74.09
C LEU J 2905 2.07 106.00 73.27
N VAL J 2906 0.88 106.11 73.86
CA VAL J 2906 -0.25 106.81 73.24
C VAL J 2906 -0.90 107.69 74.31
N PRO J 2907 -1.60 108.74 73.89
CA PRO J 2907 -2.28 109.61 74.88
C PRO J 2907 -3.26 108.82 75.74
N TYR J 2908 -3.61 109.44 76.88
CA TYR J 2908 -4.37 108.73 77.90
C TYR J 2908 -5.78 108.39 77.43
N ASP J 2909 -6.38 109.21 76.56
CA ASP J 2909 -7.72 108.94 76.06
C ASP J 2909 -7.80 107.62 75.29
N THR J 2910 -6.68 107.13 74.79
CA THR J 2910 -6.65 105.91 73.98
C THR J 2910 -6.11 104.70 74.74
N LEU J 2911 -6.11 104.76 76.07
CA LEU J 2911 -5.61 103.64 76.85
C LEU J 2911 -6.57 102.46 76.81
N THR J 2912 -6.05 101.29 77.13
CA THR J 2912 -6.84 100.07 77.10
C THR J 2912 -7.80 100.03 78.29
N ALA J 2913 -8.74 99.08 78.24
CA ALA J 2913 -9.70 98.92 79.32
C ALA J 2913 -9.03 98.53 80.63
N LYS J 2914 -7.86 97.91 80.58
CA LYS J 2914 -7.16 97.51 81.80
C LYS J 2914 -6.58 98.73 82.53
N GLU J 2915 -6.04 99.69 81.78
CA GLU J 2915 -5.45 100.88 82.37
C GLU J 2915 -6.44 102.00 82.58
N LYS J 2916 -7.68 101.84 82.13
CA LYS J 2916 -8.74 102.82 82.36
C LYS J 2916 -9.70 102.41 83.46
N ALA J 2917 -9.38 101.34 84.20
CA ALA J 2917 -10.24 100.86 85.27
C ALA J 2917 -9.46 100.73 86.58
N ARG J 2918 -8.15 100.47 86.48
CA ARG J 2918 -7.30 100.32 87.65
C ARG J 2918 -6.53 101.59 88.00
N ASP J 2919 -5.98 102.28 86.99
CA ASP J 2919 -5.32 103.54 87.26
C ASP J 2919 -6.31 104.61 87.71
N ARG J 2920 -7.52 104.60 87.16
CA ARG J 2920 -8.56 105.49 87.66
C ARG J 2920 -8.92 105.15 89.10
N GLU J 2921 -8.98 103.85 89.43
CA GLU J 2921 -9.12 103.46 90.83
C GLU J 2921 -7.92 103.93 91.65
N LYS J 2922 -6.72 103.80 91.10
CA LYS J 2922 -5.54 104.37 91.73
C LYS J 2922 -5.61 105.89 91.82
N ALA J 2923 -6.48 106.52 91.04
CA ALA J 2923 -6.66 107.97 91.04
C ALA J 2923 -7.90 108.42 91.77
N GLN J 2924 -9.01 107.69 91.64
CA GLN J 2924 -10.24 108.09 92.31
C GLN J 2924 -10.11 108.00 93.82
N GLU J 2925 -9.43 106.97 94.32
CA GLU J 2925 -9.34 106.79 95.77
C GLU J 2925 -8.42 107.82 96.42
N LEU J 2926 -7.48 108.39 95.67
CA LEU J 2926 -6.60 109.40 96.25
C LEU J 2926 -7.38 110.64 96.64
N LEU J 2927 -8.29 111.09 95.79
CA LEU J 2927 -9.18 112.19 96.15
C LEU J 2927 -10.03 111.83 97.36
N LYS J 2928 -10.47 110.57 97.44
CA LYS J 2928 -11.23 110.14 98.61
C LYS J 2928 -10.39 110.20 99.87
N PHE J 2929 -9.09 109.90 99.76
CA PHE J 2929 -8.19 110.12 100.88
C PHE J 2929 -8.02 111.60 101.19
N LEU J 2930 -8.05 112.45 100.16
CA LEU J 2930 -7.98 113.88 100.41
C LEU J 2930 -9.15 114.37 101.25
N GLN J 2931 -10.36 113.87 100.94
CA GLN J 2931 -11.54 114.28 101.69
C GLN J 2931 -11.49 113.80 103.14
N MET J 2932 -10.64 112.84 103.45
CA MET J 2932 -10.38 112.49 104.84
C MET J 2932 -9.74 113.68 105.55
N ASN J 2933 -10.20 113.95 106.77
CA ASN J 2933 -9.69 115.04 107.60
C ASN J 2933 -9.87 116.40 106.94
N GLY J 2934 -10.88 116.52 106.07
CA GLY J 2934 -11.27 117.80 105.52
C GLY J 2934 -10.24 118.52 104.67
N TYR J 2935 -9.61 117.82 103.73
CA TYR J 2935 -8.70 118.43 102.76
C TYR J 2935 -9.34 118.34 101.38
N ALA J 2936 -10.19 119.31 101.06
CA ALA J 2936 -10.87 119.36 99.78
C ALA J 2936 -10.19 120.39 98.87
N VAL J 2937 -9.82 119.96 97.67
CA VAL J 2937 -9.15 120.81 96.69
C VAL J 2937 -9.91 120.71 95.39
N THR J 2938 -10.63 121.77 95.03
CA THR J 2938 -11.38 121.83 93.78
C THR J 2938 -11.00 123.11 93.03
N ARG J 2939 -10.90 123.00 91.72
CA ARG J 2939 -10.56 124.16 90.89
C ARG J 2939 -11.80 124.69 90.18
N LEU J 2946 -24.15 113.52 84.60
CA LEU J 2946 -24.17 113.17 83.18
C LEU J 2946 -24.89 114.24 82.37
N ASP J 2947 -24.48 115.49 82.57
CA ASP J 2947 -25.07 116.62 81.85
C ASP J 2947 -24.80 116.49 80.36
N THR J 2948 -25.87 116.52 79.56
CA THR J 2948 -25.75 116.37 78.11
C THR J 2948 -25.06 117.59 77.50
N SER J 2949 -23.75 117.67 77.66
CA SER J 2949 -22.97 118.73 77.03
C SER J 2949 -22.94 118.51 75.53
N SER J 2950 -23.10 117.24 75.14
CA SER J 2950 -23.20 116.82 73.74
C SER J 2950 -21.94 117.10 72.93
N ILE J 2951 -21.21 116.02 72.62
CA ILE J 2951 -20.04 116.12 71.76
C ILE J 2951 -20.45 116.58 70.37
N GLU J 2952 -21.67 116.22 69.97
CA GLU J 2952 -22.23 116.66 68.70
C GLU J 2952 -22.38 118.17 68.72
N LYS J 2953 -22.85 118.70 69.84
CA LYS J 2953 -22.94 120.15 70.01
C LYS J 2953 -21.55 120.72 70.22
N ARG J 2954 -20.68 119.93 70.84
CA ARG J 2954 -19.28 120.34 71.03
C ARG J 2954 -18.59 120.36 69.68
N PHE J 2955 -18.97 119.43 68.81
CA PHE J 2955 -18.49 119.43 67.43
C PHE J 2955 -19.04 120.66 66.73
N ALA J 2956 -20.29 120.98 67.05
CA ALA J 2956 -20.93 122.19 66.54
C ALA J 2956 -20.27 123.40 67.19
N PHE J 2957 -19.85 123.25 68.44
CA PHE J 2957 -19.12 124.29 69.14
C PHE J 2957 -17.72 124.42 68.56
N GLY J 2958 -17.16 123.29 68.16
CA GLY J 2958 -15.88 123.28 67.47
C GLY J 2958 -16.07 123.86 66.07
N PHE J 2959 -17.28 123.71 65.55
CA PHE J 2959 -17.65 124.30 64.27
C PHE J 2959 -18.02 125.77 64.49
N LEU J 2960 -18.53 126.07 65.68
CA LEU J 2960 -18.90 127.43 66.03
C LEU J 2960 -17.67 128.34 66.04
N GLN J 2961 -16.57 127.82 66.56
CA GLN J 2961 -15.31 128.55 66.57
C GLN J 2961 -14.87 128.83 65.14
N GLN J 2962 -15.17 127.89 64.25
CA GLN J 2962 -14.90 128.07 62.83
C GLN J 2962 -15.99 128.93 62.20
N LEU J 2963 -17.20 128.84 62.75
CA LEU J 2963 -18.32 129.64 62.27
C LEU J 2963 -18.19 131.09 62.72
N LEU J 2964 -17.75 131.27 63.97
CA LEU J 2964 -17.53 132.62 64.49
C LEU J 2964 -16.41 133.29 63.71
N ARG J 2965 -15.43 132.50 63.29
CA ARG J 2965 -14.39 132.97 62.40
C ARG J 2965 -14.96 133.07 60.99
N TRP J 2966 -14.55 132.16 60.11
CA TRP J 2966 -15.06 132.09 58.75
C TRP J 2966 -15.01 133.43 58.04
N MET J 2967 -16.11 134.18 58.13
CA MET J 2967 -16.21 135.49 57.51
C MET J 2967 -15.41 136.54 58.28
N ASP J 2968 -15.01 136.19 59.50
CA ASP J 2968 -14.25 137.10 60.34
C ASP J 2968 -12.79 137.15 59.91
N ILE J 2969 -12.34 136.09 59.23
CA ILE J 2969 -10.95 136.01 58.81
C ILE J 2969 -10.81 135.99 57.29
N SER J 2970 -11.81 135.42 56.62
CA SER J 2970 -11.79 135.33 55.16
C SER J 2970 -12.46 136.54 54.52
N GLN J 2971 -13.72 136.79 54.87
CA GLN J 2971 -14.48 137.90 54.29
C GLN J 2971 -13.89 139.25 54.69
N GLU J 2972 -13.07 139.25 55.74
CA GLU J 2972 -12.37 140.46 56.16
C GLU J 2972 -11.26 140.78 55.17
N PHE J 2973 -10.92 139.80 54.33
CA PHE J 2973 -9.90 139.98 53.31
C PHE J 2973 -10.46 139.66 51.92
N ILE J 2974 -11.46 138.79 51.88
CA ILE J 2974 -12.10 138.44 50.62
C ILE J 2974 -12.92 139.61 50.08
N ALA J 2975 -13.62 140.29 50.98
CA ALA J 2975 -14.41 141.45 50.60
C ALA J 2975 -13.58 142.73 50.72
N HIS J 2976 -12.29 142.56 50.99
CA HIS J 2976 -11.38 143.69 51.11
C HIS J 2976 -10.17 143.50 50.19
N ILE J 2995 -3.90 131.97 51.80
CA ILE J 2995 -3.57 131.43 53.10
C ILE J 2995 -3.91 129.94 53.19
N LYS J 2996 -3.28 129.25 54.14
CA LYS J 2996 -3.52 127.82 54.33
C LYS J 2996 -4.83 127.59 55.07
N PHE J 2997 -5.39 128.66 55.62
CA PHE J 2997 -6.64 128.57 56.36
C PHE J 2997 -7.82 128.34 55.43
N PHE J 2998 -7.59 128.56 54.13
CA PHE J 2998 -8.64 128.35 53.13
C PHE J 2998 -8.64 126.91 52.63
N ALA J 2999 -8.38 125.98 53.53
CA ALA J 2999 -8.38 124.56 53.20
C ALA J 2999 -9.29 123.78 54.13
N LYS J 3000 -9.52 124.32 55.32
CA LYS J 3000 -10.40 123.70 56.30
C LYS J 3000 -11.85 123.73 55.83
N ILE J 3001 -12.17 124.74 55.03
CA ILE J 3001 -13.52 124.87 54.47
C ILE J 3001 -13.74 123.84 53.37
N LEU J 3002 -12.64 123.36 52.79
CA LEU J 3002 -12.72 122.33 51.75
C LEU J 3002 -12.51 120.94 52.35
N LEU J 3003 -12.75 120.82 53.66
CA LEU J 3003 -12.60 119.56 54.36
C LEU J 3003 -13.71 119.36 55.37
N PRO J 3004 -14.16 120.45 55.98
CA PRO J 3004 -15.21 120.38 57.00
C PRO J 3004 -16.59 120.42 56.35
N LEU J 3005 -16.71 121.20 55.28
CA LEU J 3005 -17.99 121.33 54.57
C LEU J 3005 -18.38 120.02 53.91
N ILE J 3006 -17.38 119.27 53.46
CA ILE J 3006 -17.62 117.97 52.83
C ILE J 3006 -18.01 116.93 53.88
N ASN J 3007 -17.49 117.11 55.10
CA ASN J 3007 -17.76 116.18 56.18
C ASN J 3007 -19.13 116.44 56.79
N GLN J 3008 -19.64 117.65 56.61
CA GLN J 3008 -20.93 118.03 57.16
C GLN J 3008 -22.08 117.50 56.32
N TYR J 3009 -21.78 117.10 55.08
CA TYR J 3009 -22.79 116.59 54.17
C TYR J 3009 -23.13 115.14 54.48
N PHE J 3010 -22.30 114.51 55.30
CA PHE J 3010 -22.48 113.10 55.63
C PHE J 3010 -23.19 112.93 56.98
N THR J 3011 -22.59 113.45 58.04
CA THR J 3011 -23.10 113.26 59.39
C THR J 3011 -24.53 113.76 59.55
N ASN J 3012 -24.86 114.87 58.89
CA ASN J 3012 -26.21 115.42 58.94
C ASN J 3012 -27.18 114.51 58.21
N HIS J 3013 -26.69 113.86 57.15
CA HIS J 3013 -27.53 112.96 56.37
C HIS J 3013 -27.43 111.53 56.90
N CYS J 3014 -26.43 111.28 57.74
CA CYS J 3014 -26.26 109.96 58.34
C CYS J 3014 -27.27 109.76 59.47
N LEU J 3015 -27.28 110.69 60.41
CA LEU J 3015 -28.20 110.63 61.54
C LEU J 3015 -29.64 110.81 61.06
N TYR J 3016 -30.03 112.05 60.83
CA TYR J 3016 -31.37 112.38 60.36
C TYR J 3016 -32.45 111.85 61.30
N PHE J 3017 -32.11 111.75 62.58
CA PHE J 3017 -33.03 111.26 63.59
C PHE J 3017 -32.75 111.93 64.93
N LEU J 3018 -31.83 112.89 64.92
CA LEU J 3018 -31.52 113.66 66.11
C LEU J 3018 -32.71 114.51 66.50
N SER J 3019 -33.52 114.86 65.51
CA SER J 3019 -34.74 115.63 65.76
C SER J 3019 -35.87 114.72 66.22
N THR J 3020 -35.72 114.17 67.43
CA THR J 3020 -36.74 113.27 67.98
C THR J 3020 -36.61 113.18 69.50
N PRO J 3021 -35.39 113.08 70.00
CA PRO J 3021 -35.15 112.94 71.43
C PRO J 3021 -34.50 114.19 72.02
N ALA J 3022 -33.17 114.13 72.20
CA ALA J 3022 -32.43 115.24 72.77
C ALA J 3022 -32.40 116.44 71.83
N LYS J 3023 -33.50 117.19 71.80
CA LYS J 3023 -33.61 118.34 70.92
C LYS J 3023 -32.83 119.54 71.45
N VAL J 3024 -32.04 120.14 70.57
CA VAL J 3024 -31.26 121.31 70.93
C VAL J 3024 -31.33 122.35 69.80
N LEU J 3025 -31.61 123.59 70.16
CA LEU J 3025 -31.72 124.67 69.18
C LEU J 3025 -30.35 125.10 68.68
N GLY J 3026 -29.30 124.55 69.30
CA GLY J 3026 -27.92 124.86 68.91
C GLY J 3026 -27.65 124.42 67.48
N SER J 3027 -28.35 123.38 67.03
CA SER J 3027 -28.20 122.87 65.68
C SER J 3027 -28.82 123.84 64.68
N GLY J 3028 -29.94 124.46 65.08
CA GLY J 3028 -30.63 125.41 64.21
C GLY J 3028 -29.85 126.70 64.09
N GLY J 3029 -28.98 126.96 65.07
CA GLY J 3029 -28.16 128.16 65.07
C GLY J 3029 -27.14 128.11 63.94
N HIS J 3030 -26.48 126.96 63.81
CA HIS J 3030 -25.45 126.76 62.79
C HIS J 3030 -26.03 126.89 61.38
N ALA J 3031 -27.31 126.57 61.24
CA ALA J 3031 -27.99 126.71 59.97
C ALA J 3031 -28.14 128.18 59.59
N SER J 3032 -28.34 129.02 60.59
CA SER J 3032 -28.48 130.45 60.36
C SER J 3032 -27.12 131.15 60.47
N ASN J 3033 -26.24 130.61 61.31
CA ASN J 3033 -24.91 131.19 61.48
C ASN J 3033 -24.10 131.03 60.20
N LYS J 3034 -24.39 129.97 59.44
CA LYS J 3034 -23.75 129.75 58.16
C LYS J 3034 -24.51 130.45 57.05
N GLU J 3035 -25.80 130.66 57.27
CA GLU J 3035 -26.65 131.35 56.31
C GLU J 3035 -26.18 132.79 56.10
N LYS J 3036 -25.73 133.40 57.19
CA LYS J 3036 -25.18 134.75 57.13
C LYS J 3036 -23.85 134.75 56.40
N GLU J 3037 -23.11 133.65 56.56
CA GLU J 3037 -21.83 133.49 55.88
C GLU J 3037 -22.07 133.08 54.44
N MET J 3038 -23.23 132.48 54.19
CA MET J 3038 -23.60 132.05 52.83
C MET J 3038 -24.17 133.23 52.06
N ILE J 3039 -24.38 134.35 52.74
CA ILE J 3039 -24.90 135.54 52.11
C ILE J 3039 -23.83 136.22 51.27
N THR J 3040 -23.32 137.36 51.76
CA THR J 3040 -22.34 138.16 51.04
C THR J 3040 -22.83 138.48 49.63
N SER J 3041 -22.69 137.50 48.74
CA SER J 3041 -23.26 137.59 47.40
C SER J 3041 -24.20 136.41 47.19
N LEU J 3042 -25.45 136.55 47.63
CA LEU J 3042 -26.43 135.48 47.56
C LEU J 3042 -26.99 135.33 46.14
N PHE J 3043 -26.17 135.66 45.14
CA PHE J 3043 -26.55 135.53 43.74
C PHE J 3043 -25.30 135.48 42.87
N CYS J 3044 -24.17 135.19 43.50
CA CYS J 3044 -22.89 135.14 42.79
C CYS J 3044 -21.86 134.31 43.55
N LYS J 3045 -21.22 134.94 44.55
CA LYS J 3045 -20.16 134.30 45.34
C LYS J 3045 -19.02 133.81 44.45
N LEU J 3046 -18.29 132.81 44.92
CA LEU J 3046 -17.17 132.26 44.16
C LEU J 3046 -16.79 130.87 44.67
N ALA J 3047 -15.68 130.35 44.16
CA ALA J 3047 -15.12 129.06 44.57
C ALA J 3047 -16.10 127.91 44.37
N ALA J 3048 -16.79 127.52 45.44
CA ALA J 3048 -17.69 126.37 45.41
C ALA J 3048 -19.15 126.77 45.61
N LEU J 3049 -20.04 126.04 44.96
CA LEU J 3049 -21.48 126.25 45.11
C LEU J 3049 -22.12 125.05 45.79
N VAL J 3050 -21.26 124.12 46.24
CA VAL J 3050 -21.73 122.91 46.90
C VAL J 3050 -22.24 123.21 48.30
N ARG J 3051 -21.90 124.39 48.81
CA ARG J 3051 -22.37 124.83 50.12
C ARG J 3051 -23.89 125.02 50.08
N HIS J 3052 -24.39 125.38 48.90
CA HIS J 3052 -25.83 125.50 48.70
C HIS J 3052 -26.48 124.12 48.79
N ARG J 3053 -25.79 123.12 48.26
CA ARG J 3053 -26.25 121.74 48.34
C ARG J 3053 -26.07 121.21 49.76
N VAL J 3054 -25.02 121.70 50.42
CA VAL J 3054 -24.77 121.34 51.81
C VAL J 3054 -25.83 121.96 52.71
N SER J 3055 -26.34 123.12 52.28
CA SER J 3055 -27.41 123.79 53.00
C SER J 3055 -28.72 123.03 52.79
N LEU J 3056 -28.87 122.42 51.62
CA LEU J 3056 -30.05 121.63 51.30
C LEU J 3056 -30.11 120.38 52.16
N PHE J 3057 -28.94 119.89 52.55
CA PHE J 3057 -28.85 118.71 53.41
C PHE J 3057 -29.27 119.07 54.83
N GLY J 3058 -28.85 120.25 55.28
CA GLY J 3058 -29.20 120.72 56.61
C GLY J 3058 -30.64 121.24 56.62
N THR J 3059 -31.19 121.46 55.44
CA THR J 3059 -32.56 121.95 55.30
C THR J 3059 -33.55 120.87 55.73
N ASP J 3060 -33.18 119.61 55.52
CA ASP J 3060 -34.04 118.49 55.89
C ASP J 3060 -34.10 118.33 57.41
N ALA J 3061 -33.03 118.73 58.08
CA ALA J 3061 -32.95 118.60 59.53
C ALA J 3061 -34.00 119.48 60.22
N PRO J 3062 -34.28 120.63 59.63
CA PRO J 3062 -35.26 121.56 60.18
C PRO J 3062 -36.63 121.27 59.58
N ALA J 3063 -36.75 121.45 58.27
CA ALA J 3063 -38.00 121.18 57.57
C ALA J 3063 -37.97 119.79 56.94
N VAL J 3134 -43.32 126.19 73.05
CA VAL J 3134 -41.94 126.13 73.51
C VAL J 3134 -41.10 127.22 72.85
N ALA J 3135 -39.79 127.09 72.97
CA ALA J 3135 -38.87 128.07 72.39
C ALA J 3135 -38.94 128.06 70.87
N LEU J 3136 -38.57 126.92 70.27
CA LEU J 3136 -38.58 126.74 68.83
C LEU J 3136 -37.77 127.81 68.10
N LEU J 3137 -38.32 129.01 67.99
CA LEU J 3137 -37.65 130.11 67.32
C LEU J 3137 -37.36 131.25 68.29
N PRO J 3138 -36.29 131.99 68.03
CA PRO J 3138 -35.91 133.11 68.88
C PRO J 3138 -35.17 134.17 68.07
N VAL J 3139 -33.93 134.48 68.47
CA VAL J 3139 -33.11 135.45 67.77
C VAL J 3139 -32.69 134.91 66.40
N LEU J 3140 -33.44 135.25 65.38
CA LEU J 3140 -33.15 134.79 64.03
C LEU J 3140 -33.69 135.75 62.97
N THR J 3141 -35.01 135.78 62.83
CA THR J 3141 -35.69 136.60 61.83
C THR J 3141 -35.15 136.33 60.43
N THR J 3142 -34.88 135.07 60.15
CA THR J 3142 -34.39 134.66 58.84
C THR J 3142 -35.44 134.91 57.77
N LEU J 3143 -36.70 134.69 58.13
CA LEU J 3143 -37.81 134.95 57.24
C LEU J 3143 -37.89 136.44 56.92
N PHE J 3144 -37.62 137.26 57.94
CA PHE J 3144 -37.56 138.70 57.76
C PHE J 3144 -36.35 139.06 56.90
N GLN J 3145 -35.27 138.30 57.08
CA GLN J 3145 -34.07 138.49 56.29
C GLN J 3145 -34.29 137.95 54.88
N HIS J 3146 -35.22 137.02 54.75
CA HIS J 3146 -35.55 136.45 53.45
C HIS J 3146 -36.36 137.43 52.62
N ILE J 3147 -37.06 138.34 53.31
CA ILE J 3147 -37.90 139.32 52.63
C ILE J 3147 -37.05 140.46 52.07
N ALA J 3148 -35.78 140.51 52.44
CA ALA J 3148 -34.88 141.57 52.01
C ALA J 3148 -34.62 141.51 50.51
N GLN J 3149 -33.79 140.57 50.09
CA GLN J 3149 -33.39 140.46 48.69
C GLN J 3149 -34.53 140.01 47.79
N HIS J 3150 -35.53 139.35 48.38
CA HIS J 3150 -36.67 138.85 47.62
C HIS J 3150 -37.59 139.98 47.20
N GLN J 3151 -37.54 141.09 47.93
CA GLN J 3151 -38.38 142.24 47.64
C GLN J 3151 -38.02 142.86 46.29
N PHE J 3152 -36.77 143.30 46.17
CA PHE J 3152 -36.29 143.91 44.94
C PHE J 3152 -36.19 142.88 43.81
N GLY J 3153 -36.25 141.61 44.18
CA GLY J 3153 -36.22 140.53 43.20
C GLY J 3153 -37.49 140.54 42.36
N ASP J 3154 -38.54 141.16 42.90
CA ASP J 3154 -39.80 141.32 42.17
C ASP J 3154 -39.66 142.41 41.11
N ASP J 3155 -38.75 143.34 41.37
CA ASP J 3155 -38.47 144.42 40.42
C ASP J 3155 -37.46 143.96 39.38
N VAL J 3156 -36.84 142.80 39.63
CA VAL J 3156 -35.89 142.22 38.70
C VAL J 3156 -36.61 141.81 37.41
N ILE J 3157 -37.87 141.41 37.55
CA ILE J 3157 -38.70 141.10 36.39
C ILE J 3157 -39.01 142.38 35.62
N LEU J 3158 -39.11 143.48 36.36
CA LEU J 3158 -39.34 144.79 35.76
C LEU J 3158 -38.00 145.40 35.33
N ASP J 3159 -36.91 144.78 35.76
CA ASP J 3159 -35.58 145.22 35.39
C ASP J 3159 -35.14 144.51 34.10
N ASP J 3160 -36.06 143.77 33.50
CA ASP J 3160 -35.79 143.05 32.26
C ASP J 3160 -37.08 142.81 31.48
N VAL J 3161 -38.09 143.64 31.76
CA VAL J 3161 -39.38 143.53 31.08
C VAL J 3161 -39.36 144.27 29.75
N CYS J 3170 -29.35 140.46 40.70
CA CYS J 3170 -30.26 139.33 40.90
C CYS J 3170 -30.29 138.43 39.66
N SER J 3171 -29.59 137.31 39.74
CA SER J 3171 -29.55 136.35 38.62
C SER J 3171 -29.37 134.93 39.14
N ILE J 3172 -28.89 134.81 40.37
CA ILE J 3172 -28.71 133.51 40.99
C ILE J 3172 -29.37 133.46 42.37
N TYR J 3173 -30.00 134.57 42.75
CA TYR J 3173 -30.79 134.62 43.97
C TYR J 3173 -32.11 133.91 43.71
N SER J 3174 -32.47 133.80 42.45
CA SER J 3174 -33.64 133.05 42.03
C SER J 3174 -33.24 131.60 41.77
N LEU J 3175 -31.98 131.29 42.03
CA LEU J 3175 -31.45 129.95 41.84
C LEU J 3175 -30.94 129.37 43.15
N GLY J 3176 -29.90 129.99 43.70
CA GLY J 3176 -29.29 129.52 44.94
C GLY J 3176 -30.14 129.88 46.16
N THR J 3177 -30.53 131.15 46.25
CA THR J 3177 -31.31 131.63 47.38
C THR J 3177 -32.76 131.18 47.28
N THR J 3178 -33.12 130.64 46.11
CA THR J 3178 -34.47 130.13 45.90
C THR J 3178 -34.48 128.60 45.96
N LYS J 3179 -33.29 128.01 46.04
CA LYS J 3179 -33.15 126.56 46.15
C LYS J 3179 -33.62 126.10 47.52
N ASN J 3180 -32.92 126.55 48.56
CA ASN J 3180 -33.25 126.20 49.93
C ASN J 3180 -34.57 126.85 50.35
N THR J 3181 -34.95 127.92 49.67
CA THR J 3181 -36.20 128.60 49.94
C THR J 3181 -37.37 127.72 49.53
N TYR J 3182 -37.35 127.27 48.28
CA TYR J 3182 -38.39 126.39 47.76
C TYR J 3182 -38.33 125.02 48.43
N VAL J 3183 -37.13 124.64 48.86
CA VAL J 3183 -36.94 123.37 49.54
C VAL J 3183 -37.61 123.38 50.91
N GLU J 3184 -37.08 124.20 51.81
CA GLU J 3184 -37.58 124.27 53.18
C GLU J 3184 -39.07 124.60 53.26
N LYS J 3185 -39.57 125.32 52.26
CA LYS J 3185 -40.99 125.63 52.20
C LYS J 3185 -41.80 124.38 51.87
N LEU J 3186 -41.29 123.59 50.94
CA LEU J 3186 -41.96 122.35 50.54
C LEU J 3186 -41.55 121.21 51.47
N ARG J 3187 -40.50 121.42 52.25
CA ARG J 3187 -40.02 120.40 53.18
C ARG J 3187 -40.67 120.56 54.55
N PRO J 3188 -41.39 121.66 54.75
CA PRO J 3188 -42.11 121.90 55.99
C PRO J 3188 -43.09 120.76 56.28
N ALA J 3189 -44.24 120.81 55.63
CA ALA J 3189 -45.22 119.73 55.66
C ALA J 3189 -45.62 119.30 57.08
N LEU J 3190 -44.69 118.62 57.76
CA LEU J 3190 -44.96 118.09 59.09
C LEU J 3190 -45.27 119.18 60.10
N GLY J 3191 -44.22 119.82 60.62
CA GLY J 3191 -44.39 120.86 61.64
C GLY J 3191 -44.82 122.17 61.01
N GLU J 3192 -45.30 123.09 61.84
CA GLU J 3192 -45.75 124.40 61.39
C GLU J 3192 -45.76 125.39 62.54
N CYS J 3193 -44.79 126.29 62.56
CA CYS J 3193 -44.67 127.29 63.63
C CYS J 3193 -45.83 128.27 63.59
N LEU J 3194 -45.70 129.32 62.77
CA LEU J 3194 -46.74 130.33 62.64
C LEU J 3194 -46.60 131.07 61.32
N ALA J 3195 -46.99 132.35 61.32
CA ALA J 3195 -46.93 133.17 60.12
C ALA J 3195 -46.80 134.65 60.48
N ARG J 3196 -45.67 135.02 61.07
CA ARG J 3196 -45.42 136.40 61.45
C ARG J 3196 -44.70 137.16 60.33
N LEU J 3197 -45.42 138.07 59.69
CA LEU J 3197 -44.89 138.89 58.59
C LEU J 3197 -44.42 138.05 57.42
N ALA J 3198 -44.82 136.78 57.38
CA ALA J 3198 -44.45 135.89 56.30
C ALA J 3198 -45.37 136.13 55.10
N ALA J 3199 -46.65 136.34 55.39
CA ALA J 3199 -47.63 136.65 54.36
C ALA J 3199 -47.35 138.00 53.74
N ALA J 3200 -46.72 138.88 54.53
CA ALA J 3200 -46.33 140.21 54.05
C ALA J 3200 -45.32 140.08 52.93
N MET J 3201 -44.33 139.22 53.14
CA MET J 3201 -43.32 138.96 52.12
C MET J 3201 -43.90 138.09 51.01
N PRO J 3202 -44.85 137.24 51.38
CA PRO J 3202 -45.51 136.36 50.43
C PRO J 3202 -46.37 137.15 49.46
N VAL J 3203 -47.20 138.04 50.00
CA VAL J 3203 -48.07 138.86 49.17
C VAL J 3203 -47.25 139.84 48.33
N ALA J 3204 -46.06 140.18 48.84
CA ALA J 3204 -45.14 141.03 48.11
C ALA J 3204 -44.43 140.22 47.03
N PHE J 3205 -44.57 138.91 47.11
CA PHE J 3205 -43.98 138.01 46.12
C PHE J 3205 -45.05 137.36 45.26
N LEU J 3206 -46.19 137.03 45.87
CA LEU J 3206 -47.29 136.39 45.15
C LEU J 3206 -47.88 137.31 44.10
N GLU J 3207 -48.42 138.45 44.55
CA GLU J 3207 -49.04 139.43 43.65
C GLU J 3207 -48.02 139.95 42.64
N PRO J 3208 -46.76 140.00 43.04
CA PRO J 3208 -45.69 140.44 42.14
C PRO J 3208 -45.45 139.39 41.07
N GLN J 3209 -45.53 138.12 41.45
CA GLN J 3209 -45.33 137.03 40.51
C GLN J 3209 -46.63 136.69 39.79
N LEU J 3210 -47.75 137.10 40.36
CA LEU J 3210 -49.06 136.85 39.75
C LEU J 3210 -49.22 137.66 38.47
N ASN J 3211 -48.41 138.71 38.34
CA ASN J 3211 -48.45 139.55 37.15
C ASN J 3211 -47.09 139.63 36.47
N GLU J 3212 -46.15 138.82 36.95
CA GLU J 3212 -44.80 138.79 36.39
C GLU J 3212 -44.75 137.91 35.14
N TYR J 3213 -45.86 137.25 34.83
CA TYR J 3213 -45.92 136.38 33.66
C TYR J 3213 -46.42 137.16 32.44
N ASN J 3214 -46.66 138.46 32.62
CA ASN J 3214 -47.11 139.31 31.53
C ASN J 3214 -45.91 139.85 30.76
N ALA J 3215 -44.79 140.01 31.46
CA ALA J 3215 -43.56 140.50 30.84
C ALA J 3215 -43.01 139.48 29.84
N CYS J 3216 -43.08 139.81 28.56
CA CYS J 3216 -42.60 138.92 27.51
C CYS J 3216 -41.08 138.92 27.43
N SER J 3217 -40.55 138.48 26.28
CA SER J 3217 -39.12 138.42 26.04
C SER J 3217 -38.41 137.59 27.12
N VAL J 3218 -38.16 138.21 28.26
CA VAL J 3218 -37.51 137.53 29.38
C VAL J 3218 -38.54 137.09 30.40
N TYR J 3219 -39.03 135.86 30.26
CA TYR J 3219 -40.02 135.31 31.19
C TYR J 3219 -39.35 134.65 32.39
N THR J 3220 -38.03 134.76 32.45
CA THR J 3220 -37.23 134.17 33.52
C THR J 3220 -37.47 132.67 33.65
N THR J 3221 -37.51 132.17 34.89
CA THR J 3221 -37.69 130.75 35.14
C THR J 3221 -39.05 130.46 35.77
N LYS J 3222 -39.58 129.27 35.51
CA LYS J 3222 -40.86 128.86 36.07
C LYS J 3222 -40.65 127.94 37.27
N SER J 3223 -39.38 127.79 37.66
CA SER J 3223 -39.04 126.96 38.82
C SER J 3223 -39.51 127.61 40.11
N PRO J 3224 -39.21 128.89 40.26
CA PRO J 3224 -39.63 129.64 41.44
C PRO J 3224 -41.12 129.92 41.37
N ARG J 3225 -41.70 129.74 40.18
CA ARG J 3225 -43.14 129.90 40.00
C ARG J 3225 -43.86 128.73 40.67
N GLU J 3226 -43.14 127.64 40.87
CA GLU J 3226 -43.67 126.47 41.57
C GLU J 3226 -43.29 126.53 43.04
N ARG J 3227 -42.47 127.51 43.39
CA ARG J 3227 -42.05 127.69 44.78
C ARG J 3227 -43.16 128.35 45.59
N ALA J 3228 -44.02 129.09 44.90
CA ALA J 3228 -45.17 129.71 45.55
C ALA J 3228 -46.14 128.62 46.01
N ILE J 3229 -46.23 127.57 45.22
CA ILE J 3229 -47.05 126.41 45.58
C ILE J 3229 -46.35 125.60 46.66
N LEU J 3230 -45.02 125.60 46.62
CA LEU J 3230 -44.21 124.89 47.59
C LEU J 3230 -44.35 125.54 48.97
N GLY J 3231 -44.56 126.85 48.98
CA GLY J 3231 -44.71 127.60 50.22
C GLY J 3231 -46.20 127.74 50.57
N LEU J 3232 -47.06 127.22 49.71
CA LEU J 3232 -48.50 127.29 49.94
C LEU J 3232 -48.94 126.26 50.98
N PRO J 3233 -48.51 126.48 52.22
CA PRO J 3233 -48.87 125.58 53.32
C PRO J 3233 -48.70 126.30 54.65
N ASN J 3234 -48.67 127.62 54.61
CA ASN J 3234 -48.50 128.44 55.82
C ASN J 3234 -49.84 128.64 56.53
N SER J 3235 -50.66 129.53 55.99
CA SER J 3235 -51.95 129.83 56.58
C SER J 3235 -52.95 130.29 55.51
N VAL J 3236 -53.83 131.21 55.89
CA VAL J 3236 -54.85 131.73 54.98
C VAL J 3236 -54.22 132.60 53.89
N PRO J 3241 -50.97 143.81 47.79
CA PRO J 3241 -52.21 143.17 48.25
C PRO J 3241 -53.23 143.10 47.13
N ASP J 3242 -53.63 141.89 46.77
CA ASP J 3242 -54.64 141.68 45.74
C ASP J 3242 -55.99 142.21 46.22
N ILE J 3243 -56.31 141.92 47.48
CA ILE J 3243 -57.56 142.39 48.08
C ILE J 3243 -57.45 142.30 49.60
N PRO J 3244 -56.22 142.25 50.11
CA PRO J 3244 -55.97 142.15 51.54
C PRO J 3244 -56.15 143.49 52.22
N VAL J 3245 -57.39 143.92 52.38
CA VAL J 3245 -57.69 145.18 53.05
C VAL J 3245 -57.41 145.07 54.54
N LEU J 3246 -58.16 144.20 55.21
CA LEU J 3246 -57.96 143.97 56.64
C LEU J 3246 -57.01 142.80 56.88
N ASP J 3247 -55.85 142.85 56.24
CA ASP J 3247 -54.87 141.78 56.36
C ASP J 3247 -53.46 142.25 56.02
N ARG J 3248 -53.36 143.32 55.22
CA ARG J 3248 -52.06 143.81 54.78
C ARG J 3248 -51.78 145.22 55.30
N LEU J 3249 -52.14 146.22 54.50
CA LEU J 3249 -51.86 147.62 54.82
C LEU J 3249 -52.61 148.07 56.07
N MET J 3250 -53.91 147.81 56.12
CA MET J 3250 -54.74 148.20 57.25
C MET J 3250 -54.72 147.12 58.34
N ALA J 3251 -53.53 146.81 58.83
CA ALA J 3251 -53.39 145.79 59.88
C ALA J 3251 -52.05 145.94 60.60
N ASP J 3252 -51.71 147.16 60.97
CA ASP J 3252 -50.46 147.42 61.67
C ASP J 3252 -50.72 147.68 63.15
N ILE J 3253 -51.92 147.32 63.61
CA ILE J 3253 -52.30 147.53 65.00
C ILE J 3253 -51.78 146.40 65.88
N GLY J 3254 -52.02 145.16 65.45
CA GLY J 3254 -51.58 143.99 66.21
C GLY J 3254 -51.42 142.78 65.28
N ALA J 3261 -56.45 137.49 64.23
CA ALA J 3261 -56.08 136.34 63.42
C ALA J 3261 -57.01 135.16 63.70
N ARG J 3262 -58.27 135.45 63.97
CA ARG J 3262 -59.25 134.41 64.28
C ARG J 3262 -59.86 133.84 63.00
N TYR J 3263 -61.19 133.84 62.92
CA TYR J 3263 -61.89 133.27 61.78
C TYR J 3263 -62.29 134.34 60.77
N THR J 3264 -61.31 135.12 60.32
CA THR J 3264 -61.54 136.13 59.30
C THR J 3264 -61.89 135.46 57.97
N GLU J 3265 -63.18 135.41 57.66
CA GLU J 3265 -63.67 134.73 56.46
C GLU J 3265 -63.19 135.42 55.18
N MET J 3266 -61.87 135.43 54.97
CA MET J 3266 -61.27 136.04 53.80
C MET J 3266 -59.83 135.59 53.65
N PRO J 3267 -59.52 134.96 52.52
CA PRO J 3267 -58.16 134.49 52.25
C PRO J 3267 -57.89 134.50 50.76
N HIS J 3268 -58.09 133.34 50.11
CA HIS J 3268 -57.98 133.24 48.67
C HIS J 3268 -59.35 133.45 48.03
N VAL J 3269 -60.22 134.13 48.77
CA VAL J 3269 -61.59 134.40 48.30
C VAL J 3269 -61.60 135.54 47.28
N ILE J 3270 -60.45 136.17 47.10
CA ILE J 3270 -60.30 137.22 46.09
C ILE J 3270 -60.37 136.62 44.70
N GLU J 3271 -60.18 135.30 44.62
CA GLU J 3271 -60.27 134.58 43.36
C GLU J 3271 -60.93 133.22 43.59
N ILE J 3272 -61.83 133.17 44.56
CA ILE J 3272 -62.54 131.93 44.88
C ILE J 3272 -63.40 131.50 43.70
N THR J 3273 -64.35 132.34 43.31
CA THR J 3273 -65.18 132.07 42.15
C THR J 3273 -64.63 132.79 40.93
N LEU J 3274 -63.82 133.82 41.18
CA LEU J 3274 -63.22 134.62 40.11
C LEU J 3274 -62.27 133.79 39.27
N PRO J 3275 -61.28 133.18 39.92
CA PRO J 3275 -60.33 132.31 39.22
C PRO J 3275 -61.04 131.07 38.72
N MET J 3276 -62.11 130.69 39.41
CA MET J 3276 -62.93 129.56 39.00
C MET J 3276 -63.66 129.91 37.70
N LEU J 3277 -64.20 131.13 37.64
CA LEU J 3277 -64.85 131.61 36.43
C LEU J 3277 -63.81 131.92 35.37
N CYS J 3278 -62.63 132.35 35.80
CA CYS J 3278 -61.54 132.64 34.90
C CYS J 3278 -61.05 131.35 34.24
N SER J 3279 -60.89 130.31 35.04
CA SER J 3279 -60.47 129.01 34.53
C SER J 3279 -61.55 128.41 33.65
N TYR J 3280 -62.81 128.56 34.08
CA TYR J 3280 -63.95 128.06 33.31
C TYR J 3280 -64.03 128.75 31.95
N LEU J 3281 -63.69 130.04 31.94
CA LEU J 3281 -63.66 130.79 30.69
C LEU J 3281 -62.41 130.45 29.90
N PRO J 3282 -61.31 130.19 30.61
CA PRO J 3282 -60.07 129.77 29.98
C PRO J 3282 -60.26 128.39 29.37
N ARG J 3283 -61.03 127.55 30.05
CA ARG J 3283 -61.33 126.22 29.56
C ARG J 3283 -62.35 126.30 28.42
N TRP J 3284 -63.27 127.24 28.53
CA TRP J 3284 -64.28 127.46 27.50
C TRP J 3284 -63.61 127.86 26.19
N TRP J 3285 -62.63 128.74 26.28
CA TRP J 3285 -61.84 129.14 25.12
C TRP J 3285 -60.92 127.98 24.74
N GLU J 3286 -60.34 128.06 23.54
CA GLU J 3286 -59.44 127.02 23.05
C GLU J 3286 -58.21 126.93 23.95
N ARG J 3287 -57.56 128.07 24.17
CA ARG J 3287 -56.38 128.15 25.03
C ARG J 3287 -55.29 127.17 24.63
N GLY J 3288 -55.18 126.93 23.31
CA GLY J 3288 -54.19 126.00 22.80
C GLY J 3288 -52.92 126.72 22.37
N PRO J 3289 -52.39 127.56 23.26
CA PRO J 3289 -51.18 128.31 22.96
C PRO J 3289 -50.39 128.59 24.24
N GLU J 3290 -49.13 128.98 24.07
CA GLU J 3290 -48.27 129.32 25.20
C GLU J 3290 -48.72 130.63 25.84
N ALA J 3291 -49.37 131.48 25.03
CA ALA J 3291 -49.90 132.75 25.52
C ALA J 3291 -51.05 132.48 26.48
N PRO J 3292 -51.75 131.37 26.26
CA PRO J 3292 -52.81 130.95 27.16
C PRO J 3292 -52.22 130.53 28.50
N PRO J 3293 -53.06 130.52 29.54
CA PRO J 3293 -52.61 130.22 30.89
C PRO J 3293 -51.47 131.16 31.30
N PRO J 3294 -50.26 130.85 30.83
CA PRO J 3294 -49.07 131.65 31.10
C PRO J 3294 -48.89 131.90 32.60
N ALA J 3295 -49.67 132.82 33.15
CA ALA J 3295 -49.70 133.04 34.59
C ALA J 3295 -50.25 131.82 35.27
N LEU J 3296 -51.34 131.28 34.73
CA LEU J 3296 -51.95 130.06 35.25
C LEU J 3296 -51.00 128.88 35.06
N PRO J 3297 -50.23 128.92 33.98
CA PRO J 3297 -49.25 127.87 33.71
C PRO J 3297 -48.07 127.96 34.67
N ALA J 3298 -48.06 129.01 35.50
CA ALA J 3298 -46.98 129.20 36.46
C ALA J 3298 -47.51 129.67 37.81
N GLY J 3299 -48.80 129.47 38.07
CA GLY J 3299 -49.38 129.86 39.36
C GLY J 3299 -50.65 129.08 39.70
N ALA J 3300 -51.38 128.62 38.69
CA ALA J 3300 -52.62 127.89 38.93
C ALA J 3300 -52.32 126.47 39.45
N PRO J 3301 -51.05 126.11 39.47
CA PRO J 3301 -50.63 124.84 40.06
C PRO J 3301 -50.67 124.97 41.58
N PRO J 3302 -50.72 126.21 42.06
CA PRO J 3302 -50.81 126.48 43.49
C PRO J 3302 -52.28 126.56 43.92
N PRO J 3303 -53.18 126.48 42.95
CA PRO J 3303 -54.61 126.54 43.23
C PRO J 3303 -55.12 125.21 43.80
N CYS J 3304 -54.28 124.19 43.70
CA CYS J 3304 -54.63 122.87 44.21
C CYS J 3304 -54.16 122.69 45.65
N THR J 3305 -53.22 123.53 46.07
CA THR J 3305 -52.69 123.47 47.43
C THR J 3305 -53.70 124.02 48.44
N ALA J 3306 -54.75 124.64 47.93
CA ALA J 3306 -55.79 125.23 48.78
C ALA J 3306 -56.71 124.15 49.35
N VAL J 3307 -56.54 122.92 48.87
CA VAL J 3307 -57.34 121.80 49.35
C VAL J 3307 -56.73 121.18 50.60
N THR J 3308 -55.75 121.86 51.18
CA THR J 3308 -55.07 121.36 52.36
C THR J 3308 -55.88 121.62 53.63
N SER J 3309 -55.89 122.87 54.08
CA SER J 3309 -56.57 123.24 55.30
C SER J 3309 -58.08 123.11 55.18
N ASP J 3310 -58.58 123.08 53.94
CA ASP J 3310 -60.00 122.94 53.69
C ASP J 3310 -60.43 121.48 53.71
N HIS J 3311 -59.94 120.75 54.71
CA HIS J 3311 -60.21 119.32 54.85
C HIS J 3311 -59.86 118.58 53.55
N LEU J 3312 -60.82 117.82 53.04
CA LEU J 3312 -60.66 117.18 51.75
C LEU J 3312 -61.00 118.20 50.66
N ASN J 3313 -62.29 118.50 50.54
CA ASN J 3313 -62.77 119.51 49.59
C ASN J 3313 -64.22 119.86 49.90
N SER J 3314 -64.42 120.93 50.67
CA SER J 3314 -65.76 121.40 50.99
C SER J 3314 -66.49 121.73 49.70
N LEU J 3315 -65.81 122.43 48.80
CA LEU J 3315 -66.30 122.64 47.45
C LEU J 3315 -65.88 121.46 46.59
N LEU J 3316 -66.54 120.32 46.82
CA LEU J 3316 -66.19 119.07 46.16
C LEU J 3316 -66.31 119.16 44.64
N GLY J 3317 -67.35 119.86 44.17
CA GLY J 3317 -67.56 120.03 42.74
C GLY J 3317 -66.45 120.86 42.11
N ASN J 3318 -65.88 121.76 42.91
CA ASN J 3318 -64.78 122.60 42.44
C ASN J 3318 -63.54 121.75 42.21
N ILE J 3319 -63.30 120.80 43.11
CA ILE J 3319 -62.16 119.89 42.99
C ILE J 3319 -62.45 118.79 41.97
N LEU J 3320 -63.73 118.67 41.59
CA LEU J 3320 -64.14 117.69 40.62
C LEU J 3320 -64.30 118.31 39.24
N ARG J 3321 -63.87 119.57 39.12
CA ARG J 3321 -63.98 120.29 37.86
C ARG J 3321 -62.69 121.02 37.51
N ILE J 3322 -61.95 121.43 38.54
CA ILE J 3322 -60.68 122.14 38.34
C ILE J 3322 -59.69 121.27 37.58
N ILE J 3323 -59.72 119.97 37.87
CA ILE J 3323 -58.87 119.02 37.17
C ILE J 3323 -59.47 118.71 35.80
N VAL J 3324 -60.80 118.68 35.74
CA VAL J 3324 -61.51 118.41 34.50
C VAL J 3324 -61.29 119.54 33.51
N ASN J 3325 -61.30 120.77 34.02
CA ASN J 3325 -61.02 121.94 33.20
C ASN J 3325 -59.54 121.97 32.82
N ASN J 3326 -58.70 121.47 33.72
CA ASN J 3326 -57.28 121.34 33.46
C ASN J 3326 -57.06 120.25 32.43
N LEU J 3327 -57.90 119.22 32.50
CA LEU J 3327 -57.85 118.13 31.53
C LEU J 3327 -58.29 118.62 30.16
N GLY J 3328 -59.19 119.59 30.15
CA GLY J 3328 -59.65 120.20 28.90
C GLY J 3328 -58.50 120.93 28.22
N ILE J 3329 -57.61 121.50 29.03
CA ILE J 3329 -56.41 122.14 28.51
C ILE J 3329 -55.49 121.08 27.92
N ASP J 3330 -55.53 119.89 28.51
CA ASP J 3330 -54.77 118.75 28.00
C ASP J 3330 -55.54 118.11 26.86
N GLU J 3331 -56.87 118.26 26.89
CA GLU J 3331 -57.72 117.75 25.83
C GLU J 3331 -57.60 118.64 24.59
N ALA J 3332 -57.11 119.85 24.79
CA ALA J 3332 -56.89 120.79 23.70
C ALA J 3332 -55.78 120.27 22.79
N THR J 3333 -54.91 119.44 23.35
CA THR J 3333 -53.82 118.79 22.63
C THR J 3333 -52.76 119.78 22.13
N TRP J 3334 -51.53 119.57 22.56
CA TRP J 3334 -50.42 120.42 22.16
C TRP J 3334 -49.99 120.14 20.73
N MET J 3335 -48.83 120.66 20.34
CA MET J 3335 -48.31 120.47 19.00
C MET J 3335 -47.03 119.64 19.01
N LYS J 3336 -46.03 120.09 18.25
CA LYS J 3336 -44.74 119.40 18.19
C LYS J 3336 -44.02 119.52 19.53
N ARG J 3337 -43.23 120.58 19.68
CA ARG J 3337 -42.58 120.84 20.96
C ARG J 3337 -43.63 121.29 21.96
N LEU J 3338 -44.11 122.53 21.80
CA LEU J 3338 -45.20 123.09 22.60
C LEU J 3338 -44.97 122.94 24.10
N ALA J 3339 -45.72 122.04 24.72
CA ALA J 3339 -45.60 121.81 26.16
C ALA J 3339 -44.52 120.77 26.46
N VAL J 3340 -43.32 121.01 25.96
CA VAL J 3340 -42.19 120.11 26.20
C VAL J 3340 -41.78 120.18 27.67
N PHE J 3341 -41.64 121.39 28.18
CA PHE J 3341 -41.30 121.60 29.59
C PHE J 3341 -42.57 121.89 30.38
N ALA J 3342 -43.65 122.20 29.67
CA ALA J 3342 -44.92 122.50 30.29
C ALA J 3342 -45.72 121.22 30.52
N GLN J 3343 -45.16 120.30 31.30
CA GLN J 3343 -45.82 119.04 31.61
C GLN J 3343 -45.28 118.48 32.91
N PRO J 3344 -44.40 119.25 33.56
CA PRO J 3344 -43.81 118.84 34.82
C PRO J 3344 -44.74 119.18 35.98
N ILE J 3345 -45.89 119.76 35.66
CA ILE J 3345 -46.88 120.11 36.67
C ILE J 3345 -47.81 118.93 36.96
N VAL J 3346 -47.48 117.78 36.37
CA VAL J 3346 -48.25 116.57 36.56
C VAL J 3346 -48.04 116.01 37.97
N SER J 3347 -46.98 116.46 38.63
CA SER J 3347 -46.68 116.03 39.99
C SER J 3347 -47.76 116.53 40.94
N ARG J 3348 -48.22 117.76 40.72
CA ARG J 3348 -49.28 118.33 41.53
C ARG J 3348 -50.62 117.71 41.15
N ALA J 3349 -50.70 117.24 39.91
CA ALA J 3349 -51.91 116.59 39.40
C ALA J 3349 -52.12 115.25 40.08
N ARG J 3350 -51.04 114.68 40.61
CA ARG J 3350 -51.11 113.42 41.33
C ARG J 3350 -51.42 113.66 42.81
N PRO J 3351 -52.14 114.75 43.07
CA PRO J 3351 -52.54 115.10 44.42
C PRO J 3351 -53.95 115.65 44.43
N GLU J 3352 -54.39 116.10 43.25
CA GLU J 3352 -55.75 116.61 43.09
C GLU J 3352 -56.74 115.46 43.01
N LEU J 3353 -56.22 114.25 42.82
CA LEU J 3353 -57.05 113.06 42.73
C LEU J 3353 -57.19 112.40 44.10
N LEU J 3354 -56.81 113.13 45.15
CA LEU J 3354 -56.93 112.62 46.52
C LEU J 3354 -58.38 112.40 46.90
N HIS J 3355 -59.12 113.50 47.04
CA HIS J 3355 -60.55 113.42 47.33
C HIS J 3355 -61.34 113.45 46.03
N SER J 3356 -60.79 112.81 45.00
CA SER J 3356 -61.43 112.77 43.69
C SER J 3356 -62.75 112.02 43.76
N HIS J 3357 -63.82 112.74 44.09
CA HIS J 3357 -65.15 112.15 44.13
C HIS J 3357 -65.78 112.19 42.74
N PHE J 3358 -64.97 111.90 41.73
CA PHE J 3358 -65.43 111.93 40.34
C PHE J 3358 -66.26 110.70 40.01
N ILE J 3359 -67.33 110.48 40.79
CA ILE J 3359 -68.25 109.39 40.54
C ILE J 3359 -69.04 109.68 39.28
N PRO J 3360 -69.06 110.96 38.90
CA PRO J 3360 -69.69 111.38 37.66
C PRO J 3360 -68.97 110.75 36.47
N THR J 3361 -67.76 111.23 36.20
CA THR J 3361 -66.95 110.75 35.09
C THR J 3361 -67.75 110.78 33.79
N ILE J 3362 -68.19 109.60 33.36
CA ILE J 3362 -69.05 109.47 32.17
C ILE J 3362 -68.46 110.19 30.97
N GLY J 3363 -68.77 111.48 30.86
CA GLY J 3363 -68.22 112.32 29.81
C GLY J 3363 -66.74 112.56 30.07
N ARG J 3364 -66.40 112.77 31.35
CA ARG J 3364 -65.01 112.92 31.75
C ARG J 3364 -64.28 111.59 31.57
N LEU J 3365 -65.00 110.50 31.80
CA LEU J 3365 -64.46 109.17 31.54
C LEU J 3365 -64.30 108.98 30.03
N ARG J 3366 -65.26 109.48 29.28
CA ARG J 3366 -65.19 109.45 27.82
C ARG J 3366 -64.13 110.43 27.33
N LYS J 3367 -63.94 111.52 28.07
CA LYS J 3367 -62.91 112.48 27.76
C LYS J 3367 -61.54 111.84 27.88
N ARG J 3368 -61.43 110.87 28.78
CA ARG J 3368 -60.19 110.12 28.96
C ARG J 3368 -60.17 108.92 28.03
N ALA J 3369 -61.34 108.56 27.50
CA ALA J 3369 -61.47 107.40 26.63
C ALA J 3369 -61.47 107.79 25.16
N GLY J 3370 -62.38 108.67 24.78
CA GLY J 3370 -62.52 109.06 23.37
C GLY J 3370 -61.26 109.76 22.87
N LYS J 3371 -60.60 110.51 23.75
CA LYS J 3371 -59.36 111.18 23.39
C LYS J 3371 -58.27 110.14 23.15
N VAL J 3372 -58.20 109.15 24.05
CA VAL J 3372 -57.26 108.06 23.90
C VAL J 3372 -57.60 107.23 22.68
N VAL J 3373 -58.90 107.07 22.42
CA VAL J 3373 -59.37 106.39 21.24
C VAL J 3373 -59.01 107.20 20.00
N ALA J 3374 -59.09 108.51 20.12
CA ALA J 3374 -58.65 109.41 19.06
C ALA J 3374 -57.14 109.33 18.94
N GLU J 3375 -56.47 109.18 20.08
CA GLU J 3375 -55.02 109.01 20.10
C GLU J 3375 -54.65 107.64 19.54
N GLU J 3376 -55.49 106.65 19.83
CA GLU J 3376 -55.29 105.31 19.29
C GLU J 3376 -55.51 105.33 17.78
N GLU J 3377 -56.46 106.14 17.35
CA GLU J 3377 -56.73 106.31 15.92
C GLU J 3377 -55.59 107.08 15.28
N GLN J 3378 -55.07 108.06 16.02
CA GLN J 3378 -53.94 108.86 15.54
C GLN J 3378 -52.67 108.01 15.48
N LEU J 3379 -52.49 107.15 16.48
CA LEU J 3379 -51.36 106.24 16.52
C LEU J 3379 -51.50 105.21 15.41
N ARG J 3380 -52.73 104.75 15.18
CA ARG J 3380 -53.00 103.81 14.10
C ARG J 3380 -52.79 104.49 12.75
N LEU J 3381 -53.03 105.79 12.70
CA LEU J 3381 -52.80 106.56 11.48
C LEU J 3381 -51.30 106.76 11.27
N GLU J 3382 -50.52 106.52 12.30
CA GLU J 3382 -49.07 106.65 12.22
C GLU J 3382 -48.40 105.29 12.15
N ALA J 3383 -48.97 104.32 12.87
CA ALA J 3383 -48.42 102.96 12.88
C ALA J 3383 -48.66 102.26 11.55
N LYS J 3384 -49.87 102.37 11.03
CA LYS J 3384 -50.22 101.77 9.75
C LYS J 3384 -49.52 102.52 8.62
N ALA J 3385 -49.15 103.77 8.88
CA ALA J 3385 -48.38 104.55 7.93
C ALA J 3385 -46.93 104.08 7.92
N GLU J 3386 -46.57 103.28 8.92
CA GLU J 3386 -45.24 102.71 9.01
C GLU J 3386 -45.29 101.21 8.74
N ALA J 3387 -46.44 100.61 9.01
CA ALA J 3387 -46.64 99.18 8.80
C ALA J 3387 -46.92 98.87 7.33
N GLU J 3388 -47.64 99.79 6.67
CA GLU J 3388 -47.98 99.62 5.27
C GLU J 3388 -47.10 100.50 4.39
N GLU J 3389 -45.84 100.62 4.75
CA GLU J 3389 -44.90 101.44 3.98
C GLU J 3389 -43.51 100.80 3.96
N GLY J 3390 -43.40 99.66 3.26
CA GLY J 3390 -42.13 98.98 3.11
C GLY J 3390 -41.71 98.98 1.65
N GLU J 3391 -41.66 100.17 1.06
CA GLU J 3391 -41.31 100.32 -0.35
C GLU J 3391 -39.82 100.67 -0.50
N LEU J 3392 -39.00 100.18 0.43
CA LEU J 3392 -37.56 100.39 0.41
C LEU J 3392 -37.21 101.88 0.35
N LEU J 3393 -37.43 102.59 1.46
CA LEU J 3393 -37.12 104.00 1.54
C LEU J 3393 -36.90 104.42 2.99
N VAL J 3394 -35.68 104.87 3.29
CA VAL J 3394 -35.35 105.29 4.64
C VAL J 3394 -35.73 106.75 4.88
N ARG J 3395 -36.40 107.35 3.90
CA ARG J 3395 -36.85 108.73 4.00
C ARG J 3395 -38.10 108.82 4.89
N ASP J 3396 -38.78 107.69 5.05
CA ASP J 3396 -39.98 107.63 5.88
C ASP J 3396 -39.62 107.59 7.36
N GLU J 3397 -38.34 107.40 7.65
CA GLU J 3397 -37.86 107.34 9.04
C GLU J 3397 -38.09 108.68 9.73
N PHE J 3398 -38.12 109.76 8.95
CA PHE J 3398 -38.39 111.09 9.49
C PHE J 3398 -39.89 111.32 9.60
N SER J 3399 -40.66 110.61 8.76
CA SER J 3399 -42.10 110.76 8.73
C SER J 3399 -42.79 109.74 9.62
N VAL J 3400 -42.60 108.46 9.33
CA VAL J 3400 -43.20 107.38 10.10
C VAL J 3400 -42.69 107.39 11.53
N LEU J 3401 -41.38 107.30 11.70
CA LEU J 3401 -40.77 107.39 13.02
C LEU J 3401 -40.62 108.85 13.41
N CYS J 3402 -39.75 109.13 14.38
CA CYS J 3402 -39.50 110.49 14.87
C CYS J 3402 -40.78 111.15 15.40
N ARG J 3403 -41.77 111.32 14.52
CA ARG J 3403 -43.06 111.89 14.90
C ARG J 3403 -43.80 110.98 15.86
N ASP J 3404 -43.42 109.71 15.88
CA ASP J 3404 -44.02 108.74 16.80
C ASP J 3404 -43.68 109.08 18.24
N LEU J 3405 -42.51 109.70 18.43
CA LEU J 3405 -42.06 110.09 19.75
C LEU J 3405 -42.85 111.29 20.27
N TYR J 3406 -43.43 112.04 19.34
CA TYR J 3406 -44.24 113.20 19.71
C TYR J 3406 -45.54 112.75 20.35
N ALA J 3407 -46.16 111.72 19.77
CA ALA J 3407 -47.40 111.17 20.31
C ALA J 3407 -47.11 110.30 21.53
N LEU J 3408 -45.90 109.73 21.57
CA LEU J 3408 -45.49 108.89 22.67
C LEU J 3408 -45.36 109.69 23.96
N TYR J 3409 -44.67 110.83 23.88
CA TYR J 3409 -44.51 111.70 25.04
C TYR J 3409 -45.85 112.28 25.46
N PRO J 3410 -46.74 112.44 24.49
CA PRO J 3410 -48.09 112.92 24.77
C PRO J 3410 -48.89 111.83 25.50
N LEU J 3411 -48.63 110.58 25.12
CA LEU J 3411 -49.32 109.44 25.72
C LEU J 3411 -48.82 109.19 27.13
N LEU J 3412 -47.59 109.60 27.40
CA LEU J 3412 -46.99 109.44 28.73
C LEU J 3412 -47.35 110.60 29.64
N ILE J 3413 -48.54 111.16 29.43
CA ILE J 3413 -49.01 112.28 30.23
C ILE J 3413 -50.39 111.98 30.83
N ARG J 3414 -51.27 111.42 30.02
CA ARG J 3414 -52.61 111.09 30.47
C ARG J 3414 -52.61 109.78 31.25
N TYR J 3415 -51.65 108.91 30.97
CA TYR J 3415 -51.55 107.62 31.62
C TYR J 3415 -51.09 107.77 33.07
N VAL J 3416 -50.40 108.86 33.35
CA VAL J 3416 -49.89 109.12 34.70
C VAL J 3416 -50.98 109.77 35.56
N ASP J 3417 -52.16 109.97 34.97
CA ASP J 3417 -53.28 110.57 35.68
C ASP J 3417 -54.40 109.56 35.88
N ASN J 3418 -54.57 108.67 34.91
CA ASN J 3418 -55.63 107.67 34.96
C ASN J 3418 -55.28 106.55 35.94
N ASN J 3419 -54.00 106.42 36.27
CA ASN J 3419 -53.54 105.38 37.18
C ASN J 3419 -54.10 105.59 38.58
N ARG J 3420 -53.88 106.78 39.13
CA ARG J 3420 -54.40 107.12 40.45
C ARG J 3420 -55.92 107.18 40.43
N ALA J 3421 -56.48 107.46 39.25
CA ALA J 3421 -57.92 107.50 39.08
C ALA J 3421 -58.52 106.11 39.19
N HIS J 3422 -57.76 105.11 38.75
CA HIS J 3422 -58.21 103.72 38.80
C HIS J 3422 -57.83 103.10 40.14
N TRP J 3423 -57.08 103.83 40.96
CA TRP J 3423 -56.68 103.36 42.27
C TRP J 3423 -57.72 103.71 43.32
N LEU J 3424 -58.93 104.00 42.86
CA LEU J 3424 -60.04 104.34 43.75
C LEU J 3424 -61.36 103.96 43.09
N THR J 3425 -61.35 103.91 41.77
CA THR J 3425 -62.54 103.52 41.00
C THR J 3425 -62.44 102.06 40.60
N GLU J 3426 -62.17 101.20 41.57
CA GLU J 3426 -62.03 99.77 41.32
C GLU J 3426 -62.93 98.96 42.26
N PRO J 3427 -63.23 99.53 43.42
CA PRO J 3427 -64.08 98.87 44.40
C PRO J 3427 -65.50 98.69 43.88
N ASN J 3428 -66.22 99.80 43.79
CA ASN J 3428 -67.61 99.78 43.32
C ASN J 3428 -67.66 99.41 41.84
N ALA J 3429 -66.56 99.64 41.12
CA ALA J 3429 -66.49 99.32 39.70
C ALA J 3429 -66.52 97.82 39.47
N ASN J 3430 -65.73 97.08 40.26
CA ASN J 3430 -65.69 95.63 40.13
C ASN J 3430 -66.87 94.99 40.84
N ALA J 3431 -67.44 95.71 41.81
CA ALA J 3431 -68.61 95.23 42.52
C ALA J 3431 -69.88 95.59 41.76
N GLU J 3432 -71.02 95.17 42.30
CA GLU J 3432 -72.32 95.43 41.68
C GLU J 3432 -72.38 94.94 40.24
N GLU J 3433 -71.92 95.79 39.32
CA GLU J 3433 -71.92 95.45 37.90
C GLU J 3433 -70.63 95.89 37.23
N LEU J 3434 -70.74 96.38 36.00
CA LEU J 3434 -69.58 96.84 35.25
C LEU J 3434 -70.01 97.80 34.14
N PHE J 3435 -69.88 97.36 32.89
CA PHE J 3435 -70.31 98.12 31.70
C PHE J 3435 -69.57 99.43 31.52
N ARG J 3436 -69.50 100.25 32.58
CA ARG J 3436 -68.85 101.56 32.52
C ARG J 3436 -67.38 101.44 32.14
N MET J 3437 -66.62 100.70 32.95
CA MET J 3437 -65.19 100.56 32.72
C MET J 3437 -64.91 99.55 31.60
N VAL J 3438 -65.95 98.88 31.13
CA VAL J 3438 -65.81 97.90 30.06
C VAL J 3438 -65.39 98.57 28.76
N GLY J 3439 -65.77 99.84 28.61
CA GLY J 3439 -65.40 100.61 27.42
C GLY J 3439 -63.91 100.90 27.44
N GLU J 3440 -63.39 101.19 28.63
CA GLU J 3440 -61.97 101.50 28.80
C GLU J 3440 -61.12 100.26 28.53
N ILE J 3441 -61.60 99.11 29.00
CA ILE J 3441 -60.87 97.85 28.84
C ILE J 3441 -60.83 97.43 27.37
N PHE J 3442 -61.92 97.70 26.65
CA PHE J 3442 -62.00 97.34 25.24
C PHE J 3442 -61.13 98.26 24.40
N ILE J 3443 -60.83 99.44 24.93
CA ILE J 3443 -60.03 100.43 24.22
C ILE J 3443 -58.65 100.56 24.85
N TYR J 3444 -58.32 99.66 25.78
CA TYR J 3444 -57.03 99.68 26.44
C TYR J 3444 -56.00 98.90 25.64
N TRP J 3445 -56.36 98.51 24.43
CA TRP J 3445 -55.45 97.78 23.55
C TRP J 3445 -54.56 98.73 22.76
N SER J 3446 -54.08 99.77 23.44
CA SER J 3446 -53.20 100.76 22.81
C SER J 3446 -51.84 100.15 22.52
N LYS J 3447 -51.16 99.69 23.58
CA LYS J 3447 -49.86 99.05 23.43
C LYS J 3447 -50.02 97.70 22.75
N SER J 3448 -51.20 97.11 22.87
CA SER J 3448 -51.51 95.85 22.22
C SER J 3448 -51.56 96.05 20.70
N HIS J 3449 -51.89 97.27 20.29
CA HIS J 3449 -51.88 97.64 18.88
C HIS J 3449 -50.64 98.47 18.57
N ASN J 3450 -49.63 98.36 19.43
CA ASN J 3450 -48.39 99.11 19.26
C ASN J 3450 -47.20 98.35 19.85
N PHE J 3451 -46.94 98.58 21.14
CA PHE J 3451 -45.80 97.97 21.81
C PHE J 3451 -45.84 96.45 21.74
N LYS J 3452 -47.03 95.88 21.71
CA LYS J 3452 -47.20 94.45 21.61
C LYS J 3452 -47.46 94.03 20.16
N ARG J 3453 -47.66 95.01 19.29
CA ARG J 3453 -47.93 94.74 17.88
C ARG J 3453 -46.66 94.82 17.05
N GLU J 3454 -45.53 94.50 17.69
CA GLU J 3454 -44.22 94.49 17.03
C GLU J 3454 -43.86 95.85 16.42
N GLU J 3455 -44.42 96.92 16.96
CA GLU J 3455 -44.08 98.26 16.51
C GLU J 3455 -42.79 98.71 17.16
N GLN J 3456 -41.67 98.43 16.49
CA GLN J 3456 -40.35 98.78 17.01
C GLN J 3456 -40.23 100.28 17.20
N ASN J 3457 -40.86 101.05 16.31
CA ASN J 3457 -40.85 102.50 16.40
C ASN J 3457 -41.53 102.97 17.68
N PHE J 3458 -42.72 102.43 17.95
CA PHE J 3458 -43.45 102.74 19.17
C PHE J 3458 -42.67 102.20 20.37
N VAL J 3459 -41.99 101.08 20.16
CA VAL J 3459 -41.14 100.49 21.19
C VAL J 3459 -39.86 101.31 21.33
N VAL J 3460 -39.53 102.05 20.28
CA VAL J 3460 -38.35 102.92 20.30
C VAL J 3460 -38.65 104.21 21.03
N GLN J 3461 -38.98 104.09 22.31
CA GLN J 3461 -39.18 105.25 23.16
C GLN J 3461 -37.88 106.03 23.23
N ASN J 3462 -36.78 105.29 23.39
CA ASN J 3462 -35.43 105.85 23.38
C ASN J 3462 -35.31 107.07 24.30
N GLU J 3463 -35.52 108.24 23.73
CA GLU J 3463 -35.51 109.48 24.50
C GLU J 3463 -36.65 109.47 25.50
N ILE J 3464 -37.79 108.94 25.07
CA ILE J 3464 -38.94 108.80 25.96
C ILE J 3464 -38.64 107.76 27.03
N ASN J 3465 -37.78 106.81 26.69
CA ASN J 3465 -37.35 105.78 27.64
C ASN J 3465 -36.22 106.29 28.52
N ASN J 3466 -35.52 107.32 28.04
CA ASN J 3466 -34.40 107.89 28.78
C ASN J 3466 -34.79 109.22 29.43
N MET J 3467 -34.70 110.30 28.68
CA MET J 3467 -34.99 111.63 29.19
C MET J 3467 -36.47 112.00 29.02
N SER J 3468 -37.31 110.98 28.89
CA SER J 3468 -38.75 111.16 28.74
C SER J 3468 -39.09 112.06 27.55
N VAL J 3511 -38.07 97.21 29.61
CA VAL J 3511 -38.15 97.30 31.07
C VAL J 3511 -39.59 97.42 31.53
N ALA J 3512 -39.79 98.07 32.67
CA ALA J 3512 -41.13 98.25 33.23
C ALA J 3512 -41.42 99.72 33.49
N THR J 3513 -42.21 100.32 32.61
CA THR J 3513 -42.57 101.74 32.75
C THR J 3513 -43.86 102.06 32.00
N LEU J 3514 -44.98 102.01 32.71
CA LEU J 3514 -46.30 102.33 32.16
C LEU J 3514 -46.60 101.52 30.90
N LYS J 3515 -47.20 102.18 29.91
CA LYS J 3515 -47.56 101.57 28.63
C LYS J 3515 -48.46 100.36 28.82
N LYS J 3516 -47.87 99.23 29.22
CA LYS J 3516 -48.63 98.01 29.45
C LYS J 3516 -48.77 97.73 30.94
N MET J 3517 -47.99 98.45 31.74
CA MET J 3517 -48.05 98.29 33.20
C MET J 3517 -49.37 98.79 33.75
N LEU J 3518 -49.99 99.74 33.04
CA LEU J 3518 -51.27 100.29 33.46
C LEU J 3518 -52.39 99.31 33.17
N PRO J 3519 -52.19 98.48 32.16
CA PRO J 3519 -53.20 97.50 31.77
C PRO J 3519 -53.34 96.40 32.82
N ILE J 3520 -52.26 96.18 33.56
CA ILE J 3520 -52.24 95.14 34.60
C ILE J 3520 -53.17 95.48 35.76
N GLY J 3521 -53.41 96.78 35.96
CA GLY J 3521 -54.25 97.23 37.06
C GLY J 3521 -55.73 96.97 36.75
N LEU J 3522 -56.05 96.88 35.47
CA LEU J 3522 -57.43 96.68 35.06
C LEU J 3522 -57.60 95.35 34.32
N ASN J 3523 -56.52 94.58 34.24
CA ASN J 3523 -56.56 93.27 33.58
C ASN J 3523 -57.53 92.35 34.31
N MET J 3524 -57.56 92.46 35.63
CA MET J 3524 -58.47 91.68 36.46
C MET J 3524 -59.90 92.13 36.21
N CYS J 3525 -60.09 93.44 36.04
CA CYS J 3525 -61.41 93.99 35.79
C CYS J 3525 -61.88 93.65 34.40
N ALA J 3526 -60.93 93.35 33.51
CA ALA J 3526 -61.24 92.98 32.14
C ALA J 3526 -61.74 91.54 32.09
N PRO J 3527 -61.10 90.67 32.87
CA PRO J 3527 -61.49 89.26 32.93
C PRO J 3527 -62.63 89.06 33.92
N THR J 3528 -62.98 90.13 34.64
CA THR J 3528 -64.05 90.05 35.63
C THR J 3528 -65.40 89.91 34.95
N ASP J 3529 -65.56 90.56 33.80
CA ASP J 3529 -66.80 90.49 33.04
C ASP J 3529 -66.71 89.43 31.95
N GLN J 3530 -65.70 88.58 32.04
CA GLN J 3530 -65.50 87.53 31.06
C GLN J 3530 -66.41 86.33 31.36
N ASP J 3531 -65.82 85.14 31.34
CA ASP J 3531 -66.57 83.91 31.58
C ASP J 3531 -67.03 83.82 33.05
N LEU J 3532 -68.34 83.87 33.25
CA LEU J 3532 -68.91 83.72 34.58
C LEU J 3532 -69.22 82.26 34.86
N ILE J 3533 -68.62 81.38 34.06
CA ILE J 3533 -68.84 79.94 34.20
C ILE J 3533 -67.72 79.16 33.51
N MET J 3534 -67.96 78.79 32.26
CA MET J 3534 -67.03 77.95 31.52
C MET J 3534 -66.08 78.77 30.65
N LEU J 3535 -64.80 78.74 30.99
CA LEU J 3535 -63.77 79.38 30.18
C LEU J 3535 -63.37 78.42 29.07
N ALA J 3536 -62.33 77.62 29.34
CA ALA J 3536 -61.90 76.54 28.44
C ALA J 3536 -61.52 77.03 27.03
N LYS J 3537 -62.50 77.54 26.31
CA LYS J 3537 -62.31 77.99 24.93
C LYS J 3537 -61.27 79.10 24.83
N THR J 3538 -61.09 79.85 25.92
CA THR J 3538 -60.09 80.90 25.98
C THR J 3538 -58.69 80.31 25.82
N ARG J 3539 -58.49 79.12 26.37
CA ARG J 3539 -57.21 78.43 26.26
C ARG J 3539 -57.00 77.94 24.84
N TYR J 3540 -58.08 77.54 24.18
CA TYR J 3540 -58.02 77.11 22.80
C TYR J 3540 -57.79 78.32 21.90
N ALA J 3541 -58.33 79.45 22.31
CA ALA J 3541 -58.15 80.71 21.58
C ALA J 3541 -56.73 81.24 21.79
N LEU J 3542 -56.17 80.95 22.95
CA LEU J 3542 -54.80 81.34 23.25
C LEU J 3542 -53.83 80.55 22.38
N LYS J 3543 -54.18 79.30 22.11
CA LYS J 3543 -53.38 78.46 21.24
C LYS J 3543 -53.60 78.85 19.79
N ASP J 3544 -54.81 79.34 19.49
CA ASP J 3544 -55.15 79.79 18.16
C ASP J 3544 -54.41 81.07 17.81
N THR J 3545 -54.39 82.01 18.74
CA THR J 3545 -53.69 83.27 18.56
C THR J 3545 -52.18 83.04 18.55
N ASP J 3546 -51.75 81.96 19.19
CA ASP J 3546 -50.34 81.59 19.21
C ASP J 3546 -49.91 81.10 17.83
N GLU J 3547 -50.88 80.62 17.04
CA GLU J 3547 -50.61 80.16 15.69
C GLU J 3547 -50.72 81.32 14.71
N GLU J 3548 -50.93 82.52 15.23
CA GLU J 3548 -51.05 83.73 14.42
C GLU J 3548 -52.16 83.62 13.38
N VAL J 3549 -53.41 83.77 13.83
CA VAL J 3549 -54.55 83.70 12.94
C VAL J 3549 -55.19 85.08 12.78
N ARG J 3550 -54.36 86.07 12.49
CA ARG J 3550 -54.80 87.46 12.29
C ARG J 3550 -55.56 88.00 13.50
N GLU J 3551 -56.86 88.19 13.33
CA GLU J 3551 -57.71 88.71 14.41
C GLU J 3551 -59.12 88.18 14.29
N PHE J 3552 -59.87 88.70 13.32
CA PHE J 3552 -61.23 88.25 13.07
C PHE J 3552 -61.22 86.95 12.30
N LEU J 3553 -60.05 86.58 11.78
CA LEU J 3553 -59.89 85.34 11.03
C LEU J 3553 -59.85 84.14 11.97
N GLN J 3554 -59.75 84.42 13.27
CA GLN J 3554 -59.74 83.37 14.28
C GLN J 3554 -61.10 83.27 14.95
N ASN J 3555 -61.81 84.40 15.01
CA ASN J 3555 -63.13 84.45 15.63
C ASN J 3555 -64.12 83.57 14.87
N ASN J 3556 -64.00 83.55 13.56
CA ASN J 3556 -64.83 82.70 12.72
C ASN J 3556 -64.50 81.24 12.98
N LEU J 3557 -63.23 80.97 13.24
CA LEU J 3557 -62.78 79.62 13.59
C LEU J 3557 -63.18 79.31 15.02
N HIS J 3558 -63.25 80.35 15.85
CA HIS J 3558 -63.67 80.20 17.23
C HIS J 3558 -65.19 80.06 17.30
N LEU J 3559 -65.87 80.57 16.28
CA LEU J 3559 -67.32 80.44 16.20
C LEU J 3559 -67.71 78.98 16.03
N GLN J 3560 -66.80 78.20 15.46
CA GLN J 3560 -67.01 76.77 15.29
C GLN J 3560 -66.20 75.99 16.31
N GLY J 3561 -66.67 75.97 17.56
CA GLY J 3561 -65.99 75.27 18.64
C GLY J 3561 -66.98 74.57 19.55
N LYS J 3562 -67.92 73.84 18.95
CA LYS J 3562 -68.95 73.11 19.68
C LYS J 3562 -69.71 74.02 20.64
N VAL J 3563 -69.36 73.95 21.92
CA VAL J 3563 -69.99 74.77 22.95
C VAL J 3563 -69.15 74.79 24.22
N GLU J 3564 -69.54 75.64 25.17
CA GLU J 3564 -68.87 75.70 26.45
C GLU J 3564 -69.21 74.47 27.29
N GLY J 3565 -68.19 73.79 27.80
CA GLY J 3565 -68.39 72.58 28.57
C GLY J 3565 -67.89 72.72 30.00
N SER J 3566 -68.78 72.49 30.97
CA SER J 3566 -68.42 72.57 32.38
C SER J 3566 -69.46 71.87 33.24
N PRO J 3567 -69.08 70.72 33.79
CA PRO J 3567 -69.99 69.94 34.64
C PRO J 3567 -69.22 68.94 35.50
N SER J 3568 -68.27 69.44 36.29
CA SER J 3568 -67.48 68.58 37.17
C SER J 3568 -66.95 69.37 38.36
N LEU J 3569 -65.63 69.33 38.56
CA LEU J 3569 -65.00 70.05 39.66
C LEU J 3569 -65.11 71.56 39.44
N ARG J 3570 -64.73 72.32 40.47
CA ARG J 3570 -64.89 73.78 40.47
C ARG J 3570 -66.35 74.14 40.18
N TRP J 3571 -66.55 75.02 39.21
CA TRP J 3571 -67.90 75.45 38.81
C TRP J 3571 -68.71 75.94 39.99
N GLN J 3572 -69.22 75.01 40.79
CA GLN J 3572 -69.98 75.35 42.00
C GLN J 3572 -69.06 75.98 43.04
N MET J 3573 -67.75 75.81 42.85
CA MET J 3573 -66.76 76.44 43.72
C MET J 3573 -66.20 77.69 43.05
N ALA J 3574 -66.94 78.21 42.09
CA ALA J 3574 -66.51 79.38 41.34
C ALA J 3574 -67.70 80.12 40.71
N LEU J 3575 -68.41 79.45 39.81
CA LEU J 3575 -69.51 80.07 39.09
C LEU J 3575 -70.75 80.25 39.96
N TYR J 3576 -70.73 79.65 41.15
CA TYR J 3576 -71.84 79.81 42.08
C TYR J 3576 -71.95 81.27 42.53
N ARG J 3577 -70.79 81.89 42.74
CA ARG J 3577 -70.74 83.30 43.11
C ARG J 3577 -71.06 84.17 41.89
N GLY J 3578 -70.65 83.69 40.72
CA GLY J 3578 -70.88 84.41 39.48
C GLY J 3578 -72.35 84.31 39.07
N LEU J 3579 -73.04 83.30 39.57
CA LEU J 3579 -74.46 83.12 39.29
C LEU J 3579 -75.31 83.92 40.28
N PRO J 3580 -74.65 84.75 41.07
CA PRO J 3580 -75.34 85.57 42.06
C PRO J 3580 -74.82 87.01 42.01
N GLY J 3581 -73.73 87.21 41.30
CA GLY J 3581 -73.12 88.54 41.18
C GLY J 3581 -73.35 89.14 39.80
N ARG J 3582 -73.57 88.28 38.81
CA ARG J 3582 -73.80 88.74 37.45
C ARG J 3582 -75.21 89.29 37.28
N GLU J 3583 -76.16 88.40 37.01
CA GLU J 3583 -77.56 88.77 36.79
C GLU J 3583 -77.67 89.81 35.68
N GLU J 3584 -77.27 89.43 34.47
CA GLU J 3584 -77.31 90.32 33.33
C GLU J 3584 -78.04 89.69 32.15
N ASP J 3585 -77.34 88.86 31.39
CA ASP J 3585 -77.92 88.22 30.22
C ASP J 3585 -77.15 86.95 29.84
N ALA J 3586 -77.69 86.22 28.86
CA ALA J 3586 -77.07 85.00 28.38
C ALA J 3586 -77.58 84.64 26.99
N ASP J 3587 -76.70 84.71 25.99
CA ASP J 3587 -77.09 84.41 24.62
C ASP J 3587 -75.87 84.05 23.77
N ASP J 3588 -76.10 83.91 22.46
CA ASP J 3588 -75.03 83.57 21.52
C ASP J 3588 -74.51 84.81 20.82
N PRO J 3589 -74.99 85.98 21.25
CA PRO J 3589 -74.55 87.25 20.67
C PRO J 3589 -73.14 87.57 21.11
N GLU J 3590 -72.73 87.01 22.25
CA GLU J 3590 -71.37 87.19 22.75
C GLU J 3590 -70.38 86.46 21.85
N LYS J 3591 -70.54 85.15 21.76
CA LYS J 3591 -69.68 84.30 20.94
C LYS J 3591 -68.21 84.54 21.27
N ILE J 3592 -67.45 85.00 20.29
CA ILE J 3592 -66.08 85.43 20.52
C ILE J 3592 -66.11 86.84 21.08
N VAL J 3593 -65.50 87.78 20.36
CA VAL J 3593 -65.51 89.20 20.73
C VAL J 3593 -65.11 89.42 22.18
N ARG J 3594 -66.05 89.21 23.09
CA ARG J 3594 -65.78 89.30 24.52
C ARG J 3594 -64.80 88.21 24.93
N ARG J 3595 -64.85 87.09 24.23
CA ARG J 3595 -63.90 86.00 24.46
C ARG J 3595 -62.63 86.24 23.65
N VAL J 3596 -62.78 86.95 22.54
CA VAL J 3596 -61.64 87.28 21.69
C VAL J 3596 -60.98 88.57 22.16
N GLN J 3597 -61.52 89.15 23.22
CA GLN J 3597 -60.99 90.39 23.77
C GLN J 3597 -59.66 90.14 24.47
N GLU J 3598 -59.72 89.48 25.62
CA GLU J 3598 -58.53 89.23 26.43
C GLU J 3598 -57.72 88.06 25.90
N VAL J 3599 -58.26 87.38 24.88
CA VAL J 3599 -57.59 86.23 24.29
C VAL J 3599 -56.26 86.63 23.66
N SER J 3600 -56.34 87.41 22.59
CA SER J 3600 -55.14 87.87 21.89
C SER J 3600 -54.42 88.94 22.71
N ALA J 3601 -55.14 89.57 23.62
CA ALA J 3601 -54.59 90.62 24.45
C ALA J 3601 -53.58 90.06 25.45
N VAL J 3602 -54.01 89.07 26.22
CA VAL J 3602 -53.14 88.45 27.22
C VAL J 3602 -52.14 87.51 26.55
N LEU J 3603 -52.38 87.18 25.29
CA LEU J 3603 -51.49 86.32 24.53
C LEU J 3603 -50.13 86.97 24.36
N TYR J 3604 -50.12 88.20 23.82
CA TYR J 3604 -48.89 88.95 23.62
C TYR J 3604 -48.32 89.37 24.97
N HIS J 3605 -49.19 89.58 25.95
CA HIS J 3605 -48.77 89.94 27.30
C HIS J 3605 -48.00 88.78 27.92
N LEU J 3606 -48.38 87.56 27.56
CA LEU J 3606 -47.69 86.38 28.04
C LEU J 3606 -46.33 86.26 27.36
N GLU J 3607 -46.28 86.63 26.09
CA GLU J 3607 -45.05 86.60 25.32
C GLU J 3607 -44.06 87.64 25.86
N GLN J 3608 -44.60 88.73 26.39
CA GLN J 3608 -43.77 89.77 26.99
C GLN J 3608 -43.20 89.29 28.32
N THR J 3609 -43.82 88.26 28.88
CA THR J 3609 -43.37 87.70 30.15
C THR J 3609 -42.80 86.30 29.95
N GLU J 3610 -42.80 85.83 28.70
CA GLU J 3610 -42.27 84.52 28.36
C GLU J 3610 -40.74 84.54 28.32
N HIS J 3611 -40.19 84.44 27.12
CA HIS J 3611 -38.75 84.49 26.94
C HIS J 3611 -38.26 85.94 27.04
N PRO J 3612 -39.20 86.87 26.93
CA PRO J 3612 -38.88 88.29 27.05
C PRO J 3612 -38.73 88.68 28.52
N TYR J 3613 -39.25 87.85 29.40
CA TYR J 3613 -39.15 88.11 30.84
C TYR J 3613 -39.30 86.81 31.63
N LEU J 3623 -13.86 81.35 24.29
CA LEU J 3623 -12.58 81.43 24.96
C LEU J 3623 -11.51 81.81 23.93
N LEU J 3624 -10.40 82.36 24.39
CA LEU J 3624 -9.34 82.81 23.57
C LEU J 3624 -8.42 82.99 24.70
N SER J 3625 -7.46 82.09 24.88
CA SER J 3625 -6.57 82.15 26.05
C SER J 3625 -5.54 83.22 26.19
N LYS J 3626 -5.06 83.31 27.42
CA LYS J 3626 -4.08 84.25 27.93
C LYS J 3626 -3.15 84.77 26.91
N GLN J 3627 -2.37 83.90 26.32
CA GLN J 3627 -1.44 84.40 25.34
C GLN J 3627 -2.04 85.04 24.12
N ARG J 3628 -3.23 84.63 23.71
CA ARG J 3628 -3.81 85.27 22.61
C ARG J 3628 -4.55 86.46 23.06
N ARG J 3629 -4.83 86.64 24.32
CA ARG J 3629 -5.52 87.83 24.73
C ARG J 3629 -4.56 88.90 24.49
N ARG J 3630 -3.36 88.72 25.02
CA ARG J 3630 -2.25 89.60 24.82
C ARG J 3630 -2.09 90.20 23.42
N ALA J 3631 -2.24 89.43 22.35
CA ALA J 3631 -2.18 90.01 21.03
C ALA J 3631 -3.26 90.97 20.87
N VAL J 3632 -4.49 90.59 21.17
CA VAL J 3632 -5.55 91.58 20.99
C VAL J 3632 -5.48 92.82 21.81
N VAL J 3633 -4.86 92.76 22.95
CA VAL J 3633 -4.60 93.91 23.68
C VAL J 3633 -3.70 94.72 22.85
N ALA J 3634 -2.61 94.15 22.36
CA ALA J 3634 -1.64 94.85 21.60
C ALA J 3634 -2.10 95.44 20.38
N CYS J 3635 -3.07 94.88 19.70
CA CYS J 3635 -3.46 95.46 18.44
C CYS J 3635 -3.99 96.88 18.25
N PHE J 3636 -3.65 97.85 19.05
CA PHE J 3636 -4.11 99.16 18.84
C PHE J 3636 -2.97 100.13 18.90
N ARG J 3637 -1.88 99.71 19.49
CA ARG J 3637 -0.71 100.52 19.59
C ARG J 3637 0.23 100.19 18.46
N MET J 3638 -0.15 99.31 17.56
CA MET J 3638 0.71 98.91 16.45
C MET J 3638 0.85 100.10 15.63
N THR J 3639 1.99 100.75 15.80
CA THR J 3639 2.30 101.98 15.11
C THR J 3639 1.99 101.99 13.70
N PRO J 3640 1.62 103.11 13.25
CA PRO J 3640 1.38 103.41 11.83
C PRO J 3640 2.68 103.33 11.04
N LEU J 3641 2.52 103.21 9.72
CA LEU J 3641 3.68 103.07 8.85
C LEU J 3641 4.42 104.40 8.69
N TYR J 3642 3.70 105.52 8.75
CA TYR J 3642 4.36 106.79 8.43
C TYR J 3642 5.30 107.29 9.54
N ASN J 3643 5.59 106.58 10.63
CA ASN J 3643 6.58 107.04 11.60
C ASN J 3643 7.83 106.16 11.58
N LEU J 3644 8.06 105.45 10.49
CA LEU J 3644 9.23 104.62 10.63
C LEU J 3644 10.46 105.30 10.03
N PRO J 3645 11.62 105.08 10.62
CA PRO J 3645 12.85 105.62 10.04
C PRO J 3645 13.09 105.06 8.65
N THR J 3646 13.70 105.89 7.80
CA THR J 3646 13.85 105.51 6.39
C THR J 3646 14.69 104.26 6.24
N HIS J 3647 15.78 104.14 7.01
CA HIS J 3647 16.66 102.99 6.86
C HIS J 3647 15.93 101.69 7.20
N ARG J 3648 15.11 101.69 8.25
CA ARG J 3648 14.41 100.47 8.63
C ARG J 3648 13.25 100.17 7.68
N ALA J 3649 12.61 101.20 7.14
CA ALA J 3649 11.47 101.02 6.25
C ALA J 3649 11.87 100.54 4.86
N CYS J 3650 13.16 100.27 4.65
CA CYS J 3650 13.65 99.71 3.40
C CYS J 3650 13.92 98.22 3.49
N ASN J 3651 14.49 97.77 4.60
CA ASN J 3651 14.74 96.35 4.79
C ASN J 3651 13.44 95.55 4.77
N MET J 3652 12.36 96.09 5.34
CA MET J 3652 11.08 95.41 5.28
C MET J 3652 10.56 95.33 3.85
N PHE J 3653 10.86 96.33 3.03
CA PHE J 3653 10.40 96.31 1.64
C PHE J 3653 11.02 95.13 0.88
N LEU J 3654 12.34 94.98 0.97
CA LEU J 3654 13.02 93.92 0.23
C LEU J 3654 12.55 92.54 0.69
N GLU J 3655 12.50 92.32 2.01
CA GLU J 3655 12.07 91.03 2.54
C GLU J 3655 10.62 90.74 2.16
N SER J 3656 9.76 91.76 2.19
CA SER J 3656 8.37 91.57 1.79
C SER J 3656 8.22 91.48 0.28
N TYR J 3657 9.14 92.06 -0.50
CA TYR J 3657 9.01 92.09 -1.95
C TYR J 3657 9.55 90.77 -2.57
N LYS J 3658 9.64 89.72 -1.74
CA LYS J 3658 9.81 88.37 -2.27
C LYS J 3658 8.45 87.86 -2.69
N ALA J 3659 7.77 88.65 -3.52
CA ALA J 3659 6.49 88.28 -4.12
C ALA J 3659 6.47 88.61 -5.61
N ALA J 3660 7.63 88.85 -6.21
CA ALA J 3660 7.76 89.00 -7.65
C ALA J 3660 8.81 88.09 -8.27
N TRP J 3661 9.74 87.56 -7.50
CA TRP J 3661 10.65 86.52 -7.99
C TRP J 3661 10.16 85.12 -7.67
N ILE J 3662 9.72 84.88 -6.43
CA ILE J 3662 9.40 83.53 -6.02
C ILE J 3662 8.24 82.95 -6.81
N LEU J 3663 7.36 83.80 -7.35
CA LEU J 3663 6.25 83.32 -8.16
C LEU J 3663 6.53 83.39 -9.65
N THR J 3664 7.33 84.34 -10.11
CA THR J 3664 7.64 84.40 -11.53
C THR J 3664 8.49 83.18 -11.92
N GLU J 3665 8.30 82.73 -13.16
CA GLU J 3665 9.02 81.58 -13.68
C GLU J 3665 9.82 82.01 -14.90
N ASP J 3666 11.10 81.65 -14.91
CA ASP J 3666 11.95 81.91 -16.07
C ASP J 3666 11.91 80.79 -17.08
N HIS J 3667 11.62 79.57 -16.62
CA HIS J 3667 11.70 78.37 -17.46
C HIS J 3667 13.06 78.31 -18.13
N SER J 3668 13.12 78.76 -19.39
CA SER J 3668 14.37 78.96 -20.11
C SER J 3668 15.30 77.76 -19.99
N PHE J 3669 16.27 77.86 -19.09
CA PHE J 3669 17.22 76.77 -18.88
C PHE J 3669 16.52 75.53 -18.34
N GLU J 3670 16.29 74.56 -19.23
CA GLU J 3670 15.57 73.30 -19.00
C GLU J 3670 15.59 72.51 -20.30
N ASP J 3671 14.95 73.07 -21.33
CA ASP J 3671 14.91 72.49 -22.67
C ASP J 3671 16.01 73.03 -23.57
N ARG J 3672 16.35 74.31 -23.43
CA ARG J 3672 17.49 74.85 -24.18
C ARG J 3672 18.82 74.40 -23.60
N MET J 3673 18.82 73.91 -22.35
CA MET J 3673 20.06 73.45 -21.73
C MET J 3673 20.53 72.14 -22.36
N ILE J 3674 19.73 71.09 -22.26
CA ILE J 3674 20.10 69.80 -22.83
C ILE J 3674 20.14 69.85 -24.36
N ASP J 3675 19.60 70.90 -24.96
CA ASP J 3675 19.65 71.03 -26.41
C ASP J 3675 21.02 71.52 -26.88
N ASP J 3676 21.45 72.70 -26.42
CA ASP J 3676 22.73 73.22 -26.85
C ASP J 3676 23.88 72.45 -26.21
N LEU J 3677 23.77 72.13 -24.93
CA LEU J 3677 24.69 71.20 -24.30
C LEU J 3677 24.33 69.77 -24.72
N SER J 3678 25.24 68.84 -24.44
CA SER J 3678 25.02 67.43 -24.74
C SER J 3678 24.79 67.22 -26.24
N LYS J 3679 23.51 67.18 -26.62
CA LYS J 3679 23.15 67.02 -28.02
C LYS J 3679 23.77 68.13 -28.86
N ALA J 3680 24.18 67.78 -30.07
CA ALA J 3680 24.92 68.66 -30.98
C ALA J 3680 26.25 69.11 -30.39
N GLY J 3681 26.69 68.51 -29.29
CA GLY J 3681 28.00 68.84 -28.74
C GLY J 3681 29.13 68.45 -29.67
N GLU J 3682 29.06 67.24 -30.22
CA GLU J 3682 30.08 66.76 -31.15
C GLU J 3682 29.83 67.44 -32.50
N GLN J 3683 30.43 68.61 -32.68
CA GLN J 3683 30.26 69.38 -33.90
C GLN J 3683 31.30 68.94 -34.94
N GLU J 3684 31.39 69.69 -36.04
CA GLU J 3684 32.35 69.40 -37.09
C GLU J 3684 33.79 69.71 -36.70
N GLU J 3685 34.04 70.09 -35.45
CA GLU J 3685 35.41 70.35 -35.01
C GLU J 3685 36.26 69.10 -35.10
N GLU J 3686 35.70 67.95 -34.76
CA GLU J 3686 36.45 66.69 -34.85
C GLU J 3686 36.82 66.41 -36.30
N GLU J 3687 38.07 65.99 -36.51
CA GLU J 3687 38.61 65.77 -37.84
C GLU J 3687 38.66 64.30 -38.23
N GLU J 3688 39.03 63.41 -37.30
CA GLU J 3688 39.15 62.00 -37.63
C GLU J 3688 38.95 61.17 -36.36
N GLU J 3689 38.66 59.89 -36.56
CA GLU J 3689 38.47 58.95 -35.47
C GLU J 3689 38.88 57.58 -35.96
N VAL J 3690 39.14 56.67 -35.00
CA VAL J 3690 39.62 55.34 -35.35
C VAL J 3690 38.64 54.28 -34.85
N GLU J 3691 38.47 54.18 -33.54
CA GLU J 3691 37.61 53.15 -32.97
C GLU J 3691 36.55 53.69 -32.03
N GLU J 3692 36.88 54.69 -31.22
CA GLU J 3692 35.96 55.27 -30.25
C GLU J 3692 35.62 56.70 -30.65
N LYS J 3693 34.85 57.37 -29.79
CA LYS J 3693 34.43 58.74 -30.02
C LYS J 3693 34.67 59.59 -28.78
N LYS J 3694 34.98 60.85 -29.02
CA LYS J 3694 35.23 61.77 -27.92
C LYS J 3694 33.94 62.01 -27.14
N PRO J 3695 33.93 61.83 -25.83
CA PRO J 3695 32.70 62.05 -25.06
C PRO J 3695 32.18 63.47 -25.20
N ASP J 3696 30.87 63.58 -25.42
CA ASP J 3696 30.22 64.88 -25.56
C ASP J 3696 30.14 65.58 -24.20
N PRO J 3697 29.91 66.91 -24.20
CA PRO J 3697 30.06 67.67 -22.94
C PRO J 3697 29.25 67.13 -21.76
N LEU J 3698 28.03 66.64 -21.99
CA LEU J 3698 27.26 66.08 -20.89
C LEU J 3698 27.94 64.85 -20.32
N HIS J 3699 28.56 64.04 -21.17
CA HIS J 3699 29.16 62.80 -20.72
C HIS J 3699 30.26 63.04 -19.69
N GLN J 3700 31.01 64.12 -19.84
CA GLN J 3700 32.00 64.46 -18.83
C GLN J 3700 31.35 64.79 -17.49
N LEU J 3701 30.20 65.48 -17.54
CA LEU J 3701 29.56 65.93 -16.31
C LEU J 3701 29.14 64.77 -15.43
N VAL J 3702 28.39 63.81 -15.99
CA VAL J 3702 27.83 62.75 -15.17
C VAL J 3702 28.93 61.88 -14.59
N LEU J 3703 29.93 61.53 -15.39
CA LEU J 3703 31.02 60.70 -14.90
C LEU J 3703 31.78 61.37 -13.78
N HIS J 3704 31.84 62.71 -13.81
CA HIS J 3704 32.43 63.44 -12.69
C HIS J 3704 31.66 63.17 -11.39
N PHE J 3705 30.32 63.20 -11.45
CA PHE J 3705 29.54 62.86 -10.27
C PHE J 3705 29.73 61.40 -9.88
N SER J 3706 29.82 60.51 -10.88
CA SER J 3706 30.18 59.13 -10.60
C SER J 3706 31.59 59.05 -10.02
N ARG J 3707 32.50 59.89 -10.51
CA ARG J 3707 33.87 59.89 -10.00
C ARG J 3707 33.91 60.26 -8.52
N THR J 3708 33.24 61.35 -8.16
CA THR J 3708 33.23 61.76 -6.75
C THR J 3708 32.39 60.86 -5.87
N ALA J 3709 31.43 60.13 -6.46
CA ALA J 3709 30.63 59.20 -5.68
C ALA J 3709 31.47 58.02 -5.20
N LEU J 3710 32.38 57.54 -6.04
CA LEU J 3710 33.21 56.39 -5.67
C LEU J 3710 34.34 56.75 -4.73
N THR J 3711 34.58 58.04 -4.48
CA THR J 3711 35.65 58.42 -3.56
C THR J 3711 35.39 57.82 -2.19
N GLU J 3712 36.42 57.19 -1.63
CA GLU J 3712 36.27 56.48 -0.36
C GLU J 3712 36.13 57.49 0.77
N LYS J 3713 34.91 57.66 1.26
CA LYS J 3713 34.63 58.61 2.32
C LYS J 3713 33.65 57.98 3.30
N SER J 3714 33.43 58.65 4.42
CA SER J 3714 32.54 58.15 5.46
C SER J 3714 31.10 58.61 5.24
N LYS J 3715 30.90 59.91 5.03
CA LYS J 3715 29.58 60.46 4.80
C LYS J 3715 29.66 61.48 3.66
N LEU J 3716 28.64 61.48 2.81
CA LEU J 3716 28.61 62.42 1.69
C LEU J 3716 28.47 63.85 2.19
N ASP J 3717 29.12 64.76 1.48
CA ASP J 3717 29.07 66.18 1.82
C ASP J 3717 27.81 66.79 1.21
N GLU J 3718 27.70 68.12 1.25
CA GLU J 3718 26.51 68.78 0.73
C GLU J 3718 26.55 68.92 -0.78
N ASP J 3719 27.53 69.66 -1.31
CA ASP J 3719 27.72 69.80 -2.75
C ASP J 3719 26.44 70.27 -3.42
N TYR J 3720 26.04 71.51 -3.09
CA TYR J 3720 24.83 72.07 -3.67
C TYR J 3720 24.89 72.10 -5.18
N LEU J 3721 26.11 72.13 -5.74
CA LEU J 3721 26.27 72.05 -7.19
C LEU J 3721 25.60 70.80 -7.74
N TYR J 3722 25.63 69.69 -6.98
CA TYR J 3722 24.94 68.48 -7.41
C TYR J 3722 23.43 68.69 -7.44
N MET J 3723 22.88 69.40 -6.44
CA MET J 3723 21.45 69.70 -6.45
C MET J 3723 21.06 70.54 -7.65
N ALA J 3724 21.88 71.53 -8.00
CA ALA J 3724 21.53 72.44 -9.08
C ALA J 3724 21.36 71.71 -10.41
N TYR J 3725 22.18 70.69 -10.66
CA TYR J 3725 22.10 69.93 -11.89
C TYR J 3725 21.20 68.72 -11.80
N ALA J 3726 21.03 68.13 -10.61
CA ALA J 3726 20.13 67.00 -10.47
C ALA J 3726 18.69 67.38 -10.81
N ASP J 3727 18.25 68.56 -10.33
CA ASP J 3727 16.88 68.99 -10.58
C ASP J 3727 16.66 69.32 -12.05
N ILE J 3728 17.60 70.02 -12.67
CA ILE J 3728 17.38 70.45 -14.05
C ILE J 3728 17.43 69.27 -15.01
N MET J 3729 18.09 68.16 -14.62
CA MET J 3729 18.03 66.96 -15.45
C MET J 3729 16.68 66.26 -15.37
N ALA J 3730 15.90 66.52 -14.32
CA ALA J 3730 14.63 65.84 -14.14
C ALA J 3730 13.52 66.46 -14.98
N LYS J 3731 13.40 67.79 -14.94
CA LYS J 3731 12.36 68.47 -15.70
C LYS J 3731 12.59 68.40 -17.21
N SER J 3732 13.79 68.01 -17.65
CA SER J 3732 14.07 67.89 -19.07
C SER J 3732 13.32 66.74 -19.73
N CYS J 3733 12.71 65.85 -18.95
CA CYS J 3733 12.03 64.68 -19.48
C CYS J 3733 10.51 64.74 -19.32
N HIS J 3734 10.03 65.03 -18.11
CA HIS J 3734 8.61 64.97 -17.78
C HIS J 3734 7.83 66.19 -18.25
N LEU J 3735 8.39 67.00 -19.16
CA LEU J 3735 7.69 68.21 -19.60
C LEU J 3735 6.31 67.89 -20.15
N GLU J 3736 6.21 66.87 -20.98
CA GLU J 3736 4.94 66.46 -21.56
C GLU J 3736 4.21 65.42 -20.71
N GLU J 3737 4.82 64.96 -19.62
CA GLU J 3737 4.20 63.96 -18.76
C GLU J 3737 3.01 64.55 -18.01
N GLU J 3747 -14.09 67.39 -19.02
CA GLU J 3747 -13.32 68.63 -19.09
C GLU J 3747 -12.23 68.54 -20.15
N GLU J 3748 -12.23 67.44 -20.91
CA GLU J 3748 -11.23 67.23 -21.95
C GLU J 3748 -11.76 66.20 -22.93
N VAL J 3749 -11.63 66.48 -24.22
CA VAL J 3749 -12.11 65.55 -25.24
C VAL J 3749 -11.28 64.27 -25.21
N GLU J 3750 -11.85 63.21 -25.77
CA GLU J 3750 -11.16 61.92 -25.83
C GLU J 3750 -9.96 62.02 -26.76
N VAL J 3751 -8.84 61.44 -26.33
CA VAL J 3751 -7.61 61.47 -27.11
C VAL J 3751 -7.68 60.44 -28.23
N SER J 3752 -7.33 60.85 -29.44
CA SER J 3752 -7.31 59.92 -30.56
C SER J 3752 -6.10 58.99 -30.46
N PHE J 3753 -6.12 57.88 -31.17
CA PHE J 3753 -5.02 56.93 -31.05
C PHE J 3753 -3.71 57.42 -31.65
N GLU J 3754 -3.76 58.14 -32.77
CA GLU J 3754 -2.50 58.52 -33.41
C GLU J 3754 -1.69 59.49 -32.55
N GLU J 3755 -2.36 60.41 -31.85
CA GLU J 3755 -1.64 61.44 -31.13
C GLU J 3755 -0.98 60.90 -29.86
N LYS J 3756 -1.62 59.94 -29.19
CA LYS J 3756 -1.13 59.53 -27.87
C LYS J 3756 0.20 58.80 -27.96
N GLU J 3757 0.50 58.15 -29.08
CA GLU J 3757 1.84 57.59 -29.26
C GLU J 3757 2.92 58.66 -29.35
N MET J 3758 2.59 59.83 -29.89
CA MET J 3758 3.58 60.90 -30.00
C MET J 3758 4.11 61.29 -28.63
N GLU J 3759 3.23 61.37 -27.63
CA GLU J 3759 3.70 61.68 -26.28
C GLU J 3759 4.58 60.57 -25.73
N LYS J 3760 4.14 59.31 -25.83
CA LYS J 3760 4.96 58.23 -25.29
C LYS J 3760 6.17 57.90 -26.16
N GLN J 3761 6.23 58.41 -27.39
CA GLN J 3761 7.47 58.33 -28.15
C GLN J 3761 8.40 59.50 -27.85
N ARG J 3762 7.84 60.71 -27.73
CA ARG J 3762 8.65 61.85 -27.34
C ARG J 3762 9.24 61.66 -25.96
N LEU J 3763 8.43 61.18 -25.01
CA LEU J 3763 8.95 60.87 -23.67
C LEU J 3763 10.02 59.78 -23.75
N LEU J 3764 9.78 58.75 -24.57
CA LEU J 3764 10.76 57.68 -24.71
C LEU J 3764 12.07 58.18 -25.31
N TYR J 3765 12.00 59.17 -26.19
CA TYR J 3765 13.21 59.74 -26.77
C TYR J 3765 13.85 60.78 -25.86
N GLN J 3766 13.04 61.57 -25.15
CA GLN J 3766 13.59 62.61 -24.29
C GLN J 3766 14.50 62.01 -23.22
N GLN J 3767 14.10 60.88 -22.65
CA GLN J 3767 14.96 60.18 -21.70
C GLN J 3767 15.88 59.17 -22.36
N SER J 3768 15.72 58.91 -23.67
CA SER J 3768 16.63 58.00 -24.36
C SER J 3768 18.04 58.56 -24.39
N ARG J 3769 18.17 59.86 -24.66
CA ARG J 3769 19.48 60.51 -24.63
C ARG J 3769 20.07 60.52 -23.24
N LEU J 3770 19.25 60.37 -22.21
CA LEU J 3770 19.70 60.53 -20.83
C LEU J 3770 19.97 59.19 -20.14
N HIS J 3771 19.85 58.06 -20.84
CA HIS J 3771 20.35 56.81 -20.29
C HIS J 3771 21.45 56.16 -21.12
N THR J 3772 21.47 56.40 -22.43
CA THR J 3772 22.59 55.96 -23.24
C THR J 3772 23.86 56.69 -22.84
N ARG J 3773 23.74 57.98 -22.50
CA ARG J 3773 24.89 58.83 -22.18
C ARG J 3773 25.27 58.68 -20.71
N GLY J 3774 25.68 57.47 -20.36
CA GLY J 3774 26.04 57.15 -18.99
C GLY J 3774 24.88 57.28 -18.04
N ALA J 3775 24.91 58.30 -17.19
CA ALA J 3775 23.78 58.68 -16.34
C ALA J 3775 23.21 57.53 -15.54
N ALA J 3776 22.14 56.90 -16.05
CA ALA J 3776 21.31 55.95 -15.31
C ALA J 3776 22.10 55.08 -14.35
N GLU J 3777 23.27 54.60 -14.77
CA GLU J 3777 24.14 53.89 -13.85
C GLU J 3777 24.98 54.88 -13.05
N MET J 3778 24.33 55.86 -12.41
CA MET J 3778 24.97 56.63 -11.36
C MET J 3778 24.03 56.78 -10.18
N VAL J 3779 22.72 56.72 -10.45
CA VAL J 3779 21.74 56.88 -9.37
C VAL J 3779 21.83 55.74 -8.37
N LEU J 3780 22.12 54.52 -8.85
CA LEU J 3780 22.36 53.42 -7.93
C LEU J 3780 23.65 53.64 -7.15
N GLN J 3781 24.66 54.22 -7.81
CA GLN J 3781 25.91 54.52 -7.14
C GLN J 3781 25.74 55.63 -6.13
N MET J 3782 24.85 56.59 -6.40
CA MET J 3782 24.66 57.72 -5.48
C MET J 3782 23.89 57.30 -4.23
N ILE J 3783 22.88 56.46 -4.39
CA ILE J 3783 22.10 55.99 -3.24
C ILE J 3783 22.96 55.10 -2.34
N SER J 3784 23.78 54.25 -2.94
CA SER J 3784 24.59 53.31 -2.16
C SER J 3784 25.57 54.05 -1.26
N ALA J 3785 26.12 55.17 -1.73
CA ALA J 3785 27.08 55.92 -0.92
C ALA J 3785 26.43 56.47 0.34
N CYS J 3786 25.20 56.96 0.24
CA CYS J 3786 24.48 57.49 1.40
C CYS J 3786 23.82 56.32 2.13
N LYS J 3787 24.43 55.91 3.24
CA LYS J 3787 23.99 54.70 3.94
C LYS J 3787 22.57 54.79 4.47
N GLY J 3788 22.33 55.67 5.44
CA GLY J 3788 21.02 55.71 6.07
C GLY J 3788 20.53 57.08 6.49
N GLU J 3789 21.11 58.13 5.93
CA GLU J 3789 20.81 59.50 6.34
C GLU J 3789 19.90 60.13 5.30
N THR J 3790 18.65 60.39 5.69
CA THR J 3790 17.65 60.90 4.75
C THR J 3790 17.73 62.41 4.59
N GLY J 3791 18.94 62.92 4.35
CA GLY J 3791 19.12 64.33 4.11
C GLY J 3791 18.62 64.74 2.74
N ALA J 3792 19.00 65.96 2.35
CA ALA J 3792 18.63 66.47 1.04
C ALA J 3792 19.33 65.74 -0.11
N MET J 3793 20.34 64.92 0.19
CA MET J 3793 21.10 64.22 -0.82
C MET J 3793 20.22 63.28 -1.65
N VAL J 3794 19.66 62.27 -0.99
CA VAL J 3794 18.88 61.26 -1.70
C VAL J 3794 17.56 61.84 -2.19
N SER J 3795 17.00 62.81 -1.47
CA SER J 3795 15.72 63.38 -1.88
C SER J 3795 15.80 63.98 -3.27
N SER J 3796 16.86 64.74 -3.54
CA SER J 3796 17.06 65.27 -4.88
C SER J 3796 17.56 64.22 -5.86
N THR J 3797 18.04 63.08 -5.38
CA THR J 3797 18.48 62.00 -6.25
C THR J 3797 17.33 61.08 -6.63
N LEU J 3798 16.52 60.68 -5.64
CA LEU J 3798 15.34 59.86 -5.94
C LEU J 3798 14.37 60.61 -6.85
N LYS J 3799 14.30 61.93 -6.74
CA LYS J 3799 13.47 62.71 -7.65
C LYS J 3799 13.91 62.51 -9.09
N LEU J 3800 15.22 62.44 -9.32
CA LEU J 3800 15.72 62.17 -10.67
C LEU J 3800 15.29 60.80 -11.16
N GLY J 3801 15.51 59.77 -10.33
CA GLY J 3801 15.32 58.40 -10.80
C GLY J 3801 13.94 58.10 -11.31
N ILE J 3802 12.93 58.82 -10.81
CA ILE J 3802 11.58 58.65 -11.31
C ILE J 3802 11.49 59.11 -12.77
N SER J 3803 12.24 60.16 -13.13
CA SER J 3803 12.08 60.75 -14.45
C SER J 3803 12.68 59.89 -15.54
N ILE J 3804 13.75 59.14 -15.24
CA ILE J 3804 14.37 58.30 -16.27
C ILE J 3804 13.46 57.13 -16.64
N LEU J 3805 12.84 56.51 -15.65
CA LEU J 3805 12.13 55.25 -15.84
C LEU J 3805 10.63 55.38 -15.55
N ASN J 3806 10.04 56.50 -15.94
CA ASN J 3806 8.58 56.58 -15.96
C ASN J 3806 8.02 55.67 -17.04
N GLY J 3807 6.70 55.52 -17.04
CA GLY J 3807 6.08 54.56 -17.95
C GLY J 3807 6.58 53.17 -17.64
N GLY J 3808 6.99 52.44 -18.67
CA GLY J 3808 7.61 51.15 -18.45
C GLY J 3808 9.12 51.18 -18.62
N ASN J 3809 9.58 51.78 -19.71
CA ASN J 3809 11.01 51.92 -20.02
C ASN J 3809 11.79 50.63 -19.76
N ALA J 3810 11.52 49.64 -20.61
CA ALA J 3810 12.13 48.33 -20.43
C ALA J 3810 13.65 48.40 -20.53
N GLU J 3811 14.17 49.21 -21.45
CA GLU J 3811 15.61 49.22 -21.70
C GLU J 3811 16.39 49.71 -20.48
N VAL J 3812 15.92 50.75 -19.81
CA VAL J 3812 16.68 51.29 -18.68
C VAL J 3812 16.69 50.31 -17.52
N GLN J 3813 15.63 49.52 -17.35
CA GLN J 3813 15.62 48.50 -16.31
C GLN J 3813 16.69 47.44 -16.57
N GLN J 3814 16.89 47.08 -17.83
CA GLN J 3814 17.88 46.06 -18.16
C GLN J 3814 19.28 46.50 -17.79
N LYS J 3815 19.62 47.77 -18.05
CA LYS J 3815 20.95 48.27 -17.71
C LYS J 3815 21.19 48.22 -16.21
N MET J 3816 20.18 48.61 -15.42
CA MET J 3816 20.34 48.62 -13.97
C MET J 3816 20.54 47.21 -13.43
N LEU J 3817 19.82 46.23 -13.98
CA LEU J 3817 19.98 44.85 -13.51
C LEU J 3817 21.38 44.34 -13.81
N ASP J 3818 21.91 44.65 -14.99
CA ASP J 3818 23.22 44.14 -15.38
C ASP J 3818 24.31 44.62 -14.42
N TYR J 3819 24.27 45.89 -14.03
CA TYR J 3819 25.29 46.41 -13.12
C TYR J 3819 25.24 45.72 -11.77
N LEU J 3820 24.04 45.52 -11.22
CA LEU J 3820 23.93 44.87 -9.92
C LEU J 3820 24.45 43.43 -9.98
N LYS J 3821 24.26 42.76 -11.12
CA LYS J 3821 24.84 41.45 -11.33
C LYS J 3821 26.33 41.48 -11.59
N ASP J 3822 26.89 42.66 -11.88
CA ASP J 3822 28.29 42.79 -12.25
C ASP J 3822 29.14 43.23 -11.07
N LYS J 3823 28.77 44.32 -10.40
CA LYS J 3823 29.51 44.76 -9.22
C LYS J 3823 29.45 43.71 -8.11
N LYS J 3824 28.29 43.10 -7.91
CA LYS J 3824 28.14 41.95 -7.01
C LYS J 3824 28.56 42.29 -5.58
N GLU J 3825 28.36 43.55 -5.20
CA GLU J 3825 28.50 44.00 -3.82
C GLU J 3825 27.12 44.33 -3.28
N VAL J 3826 26.98 44.32 -1.96
CA VAL J 3826 25.64 44.56 -1.42
C VAL J 3826 25.38 46.05 -1.48
N GLY J 3827 25.99 46.80 -0.57
CA GLY J 3827 26.25 48.23 -0.73
C GLY J 3827 25.02 49.13 -0.92
N PHE J 3828 23.92 48.54 -1.38
CA PHE J 3828 22.75 49.29 -1.79
C PHE J 3828 21.48 48.84 -1.09
N PHE J 3829 21.22 47.54 -1.04
CA PHE J 3829 20.04 47.04 -0.34
C PHE J 3829 20.11 47.29 1.16
N GLN J 3830 21.30 47.48 1.71
CA GLN J 3830 21.40 47.96 3.09
C GLN J 3830 20.76 49.33 3.23
N SER J 3831 21.01 50.22 2.27
CA SER J 3831 20.47 51.57 2.35
C SER J 3831 18.95 51.56 2.26
N ILE J 3832 18.40 50.87 1.26
CA ILE J 3832 16.94 50.83 1.09
C ILE J 3832 16.27 50.26 2.33
N GLN J 3833 16.81 49.16 2.86
CA GLN J 3833 16.22 48.55 4.06
C GLN J 3833 16.29 49.50 5.25
N ALA J 3834 17.44 50.13 5.46
CA ALA J 3834 17.59 51.01 6.61
C ALA J 3834 16.79 52.30 6.43
N LEU J 3835 16.79 52.84 5.21
CA LEU J 3835 16.17 54.14 4.99
C LEU J 3835 14.68 54.12 5.28
N MET J 3836 13.97 53.13 4.74
CA MET J 3836 12.51 53.10 4.90
C MET J 3836 12.08 52.77 6.32
N GLN J 3837 12.98 52.26 7.17
CA GLN J 3837 12.64 52.07 8.57
C GLN J 3837 12.65 53.36 9.35
N THR J 3838 13.25 54.42 8.80
CA THR J 3838 13.24 55.73 9.43
C THR J 3838 12.08 56.61 8.98
N CYS J 3839 11.23 56.10 8.09
CA CYS J 3839 10.07 56.85 7.65
C CYS J 3839 9.09 57.03 8.80
N SER J 3840 8.40 58.16 8.80
CA SER J 3840 7.48 58.49 9.88
C SER J 3840 6.08 57.97 9.58
N VAL J 3841 5.26 57.93 10.64
CA VAL J 3841 3.86 57.56 10.54
C VAL J 3841 3.03 58.64 11.21
N LEU J 3842 1.72 58.45 11.21
CA LEU J 3842 0.81 59.45 11.77
C LEU J 3842 0.89 59.36 13.28
N ASP J 3843 1.74 60.20 13.87
CA ASP J 3843 1.82 60.31 15.31
C ASP J 3843 0.65 61.15 15.82
N LEU J 3844 0.25 60.90 17.06
CA LEU J 3844 -0.83 61.69 17.65
C LEU J 3844 -0.28 62.71 18.64
N ASN J 3845 0.69 62.33 19.46
CA ASN J 3845 1.18 63.30 20.44
C ASN J 3845 1.59 64.60 19.76
N ALA J 3846 2.28 64.51 18.63
CA ALA J 3846 2.70 65.71 17.92
C ALA J 3846 1.51 66.53 17.44
N PHE J 3847 0.37 65.88 17.21
CA PHE J 3847 -0.82 66.60 16.76
C PHE J 3847 -1.30 67.59 17.83
N GLU J 3848 -1.28 67.17 19.09
CA GLU J 3848 -1.71 68.05 20.17
C GLU J 3848 -0.82 69.28 20.27
N ARG J 3849 0.46 69.13 19.96
CA ARG J 3849 1.38 70.27 20.04
C ARG J 3849 1.00 71.35 19.02
N GLN J 3850 0.54 70.95 17.84
CA GLN J 3850 -0.05 71.92 16.92
C GLN J 3850 -1.33 72.52 17.49
N ASN J 3851 -2.19 71.68 18.07
CA ASN J 3851 -3.55 72.12 18.37
C ASN J 3851 -3.60 73.24 19.40
N LYS J 3852 -2.56 73.41 20.21
CA LYS J 3852 -2.48 74.58 21.07
C LYS J 3852 -1.54 75.65 20.54
N ALA J 3853 -0.50 75.27 19.82
CA ALA J 3853 0.38 76.25 19.19
C ALA J 3853 -0.37 77.09 18.17
N GLU J 3854 -1.31 76.47 17.45
CA GLU J 3854 -2.16 77.21 16.53
C GLU J 3854 -3.12 78.14 17.25
N GLY J 3855 -3.28 78.01 18.58
CA GLY J 3855 -4.16 78.90 19.30
C GLY J 3855 -3.71 80.35 19.25
N LEU J 3856 -2.40 80.57 19.22
CA LEU J 3856 -1.86 81.92 19.10
C LEU J 3856 -1.93 82.38 17.65
N GLY J 3857 -2.02 83.70 17.46
CA GLY J 3857 -2.19 84.24 16.13
C GLY J 3857 -1.08 85.14 15.66
N MET J 3858 -0.40 85.80 16.60
CA MET J 3858 0.68 86.72 16.25
C MET J 3858 1.52 86.99 17.49
N VAL J 3859 2.81 87.25 17.26
CA VAL J 3859 3.72 87.65 18.32
C VAL J 3859 3.34 89.04 18.79
N ASN J 3860 3.93 89.49 19.90
CA ASN J 3860 3.65 90.82 20.43
C ASN J 3860 3.69 91.87 19.33
N GLU J 3861 4.86 92.07 18.71
CA GLU J 3861 4.93 92.76 17.42
C GLU J 3861 6.16 92.24 16.68
N ASP J 3862 5.98 91.17 15.90
CA ASP J 3862 7.00 90.73 14.96
C ASP J 3862 6.30 89.97 13.83
N GLY J 3863 5.93 90.69 12.78
CA GLY J 3863 5.46 90.12 11.54
C GLY J 3863 4.50 88.95 11.62
N THR J 3864 3.78 88.83 12.75
CA THR J 3864 2.93 87.69 13.04
C THR J 3864 3.73 86.39 13.00
N VAL J 3865 3.05 85.25 13.03
CA VAL J 3865 3.72 83.95 12.98
C VAL J 3865 4.35 83.81 11.60
N ILE J 3866 5.69 83.88 11.54
CA ILE J 3866 6.38 83.82 10.25
C ILE J 3866 6.25 82.42 9.65
N ASN J 3867 6.31 81.38 10.48
CA ASN J 3867 6.21 80.02 9.97
C ASN J 3867 4.84 79.74 9.38
N ARG J 3868 3.79 80.44 9.85
CA ARG J 3868 2.43 80.29 9.36
C ARG J 3868 1.97 78.85 9.45
N GLN J 3869 2.05 78.11 8.33
CA GLN J 3869 1.64 76.72 8.32
C GLN J 3869 2.53 75.87 9.23
N ASN J 3870 3.85 75.95 9.04
CA ASN J 3870 4.81 75.19 9.83
C ASN J 3870 4.45 73.71 9.86
N GLY J 3871 4.10 73.17 8.70
CA GLY J 3871 3.56 71.82 8.60
C GLY J 3871 4.49 70.73 9.11
N GLU J 3872 5.77 71.03 9.29
CA GLU J 3872 6.74 70.02 9.68
C GLU J 3872 6.43 69.57 11.10
N LYS J 3873 5.75 68.42 11.22
CA LYS J 3873 5.44 67.81 12.50
C LYS J 3873 4.80 66.44 12.30
N VAL J 3874 3.56 66.41 11.80
CA VAL J 3874 2.81 65.16 11.70
C VAL J 3874 3.47 64.19 10.72
N MET J 3875 3.77 64.67 9.52
CA MET J 3875 4.53 63.87 8.56
C MET J 3875 5.89 64.48 8.25
N ALA J 3876 5.92 65.71 7.74
CA ALA J 3876 7.14 66.37 7.29
C ALA J 3876 7.93 65.52 6.29
N ASP J 3877 7.31 64.47 5.75
CA ASP J 3877 7.99 63.57 4.83
C ASP J 3877 7.17 63.12 3.64
N ASP J 3878 5.85 63.39 3.61
CA ASP J 3878 5.00 62.87 2.54
C ASP J 3878 5.52 63.23 1.16
N GLU J 3879 6.15 64.40 1.02
CA GLU J 3879 6.74 64.77 -0.25
C GLU J 3879 7.93 63.89 -0.61
N PHE J 3880 8.46 63.13 0.35
CA PHE J 3880 9.62 62.28 0.12
C PHE J 3880 9.29 60.80 0.24
N THR J 3881 8.65 60.37 1.33
CA THR J 3881 8.36 58.96 1.52
C THR J 3881 7.37 58.42 0.48
N GLN J 3882 6.59 59.30 -0.15
CA GLN J 3882 5.72 58.86 -1.23
C GLN J 3882 6.48 58.53 -2.50
N ASP J 3883 7.70 59.07 -2.66
CA ASP J 3883 8.51 58.80 -3.83
C ASP J 3883 9.36 57.55 -3.69
N LEU J 3884 9.77 57.21 -2.47
CA LEU J 3884 10.58 56.01 -2.27
C LEU J 3884 9.82 54.77 -2.72
N PHE J 3885 8.56 54.65 -2.33
CA PHE J 3885 7.76 53.49 -2.75
C PHE J 3885 7.45 53.55 -4.24
N ARG J 3886 7.19 54.75 -4.78
CA ARG J 3886 6.96 54.87 -6.22
C ARG J 3886 8.19 54.41 -6.99
N PHE J 3887 9.39 54.70 -6.48
CA PHE J 3887 10.60 54.25 -7.14
C PHE J 3887 10.65 52.73 -7.18
N LEU J 3888 10.30 52.07 -6.08
CA LEU J 3888 10.28 50.61 -6.04
C LEU J 3888 9.22 50.05 -6.98
N GLN J 3889 8.04 50.66 -7.01
CA GLN J 3889 6.96 50.15 -7.86
C GLN J 3889 7.34 50.23 -9.33
N LEU J 3890 7.91 51.35 -9.75
CA LEU J 3890 8.28 51.52 -11.16
C LEU J 3890 9.39 50.57 -11.58
N LEU J 3891 10.15 50.03 -10.65
CA LEU J 3891 11.17 49.05 -11.00
C LEU J 3891 10.53 47.79 -11.60
N CYS J 3892 9.50 47.28 -10.95
CA CYS J 3892 8.80 46.07 -11.39
C CYS J 3892 7.57 46.44 -12.21
N GLU J 3893 7.78 47.21 -13.26
CA GLU J 3893 6.70 47.62 -14.15
C GLU J 3893 6.82 46.88 -15.48
N GLY J 3894 5.67 46.68 -16.12
CA GLY J 3894 5.66 45.89 -17.34
C GLY J 3894 5.79 44.40 -17.09
N HIS J 3895 5.48 43.95 -15.88
CA HIS J 3895 5.50 42.53 -15.52
C HIS J 3895 6.88 41.91 -15.70
N ASN J 3896 7.92 42.69 -15.49
CA ASN J 3896 9.29 42.17 -15.56
C ASN J 3896 9.47 41.09 -14.51
N ASN J 3897 9.94 39.92 -14.94
CA ASN J 3897 10.03 38.75 -14.08
C ASN J 3897 11.46 38.47 -13.65
N ASP J 3898 12.27 39.53 -13.52
CA ASP J 3898 13.60 39.40 -12.95
C ASP J 3898 13.77 40.24 -11.69
N PHE J 3899 13.38 41.52 -11.73
CA PHE J 3899 13.29 42.29 -10.50
C PHE J 3899 12.24 41.71 -9.56
N GLN J 3900 11.10 41.27 -10.09
CA GLN J 3900 10.08 40.68 -9.25
C GLN J 3900 10.58 39.43 -8.54
N ASN J 3901 11.65 38.82 -9.04
CA ASN J 3901 12.30 37.70 -8.37
C ASN J 3901 13.58 38.10 -7.65
N TYR J 3902 14.29 39.11 -8.16
CA TYR J 3902 15.54 39.54 -7.54
C TYR J 3902 15.29 40.18 -6.18
N LEU J 3903 14.24 40.99 -6.06
CA LEU J 3903 13.97 41.68 -4.80
C LEU J 3903 13.70 40.71 -3.66
N ARG J 3904 13.18 39.52 -3.97
CA ARG J 3904 12.90 38.54 -2.93
C ARG J 3904 14.20 37.99 -2.34
N THR J 3905 15.13 37.58 -3.20
CA THR J 3905 16.41 37.04 -2.75
C THR J 3905 17.47 37.43 -3.76
N GLN J 3906 18.64 37.84 -3.26
CA GLN J 3906 19.77 38.18 -4.10
C GLN J 3906 20.69 36.97 -4.18
N THR J 3907 20.76 36.35 -5.36
CA THR J 3907 21.65 35.22 -5.53
C THR J 3907 23.11 35.69 -5.52
N GLY J 3908 24.01 34.76 -5.23
CA GLY J 3908 25.40 35.13 -5.05
C GLY J 3908 25.55 36.07 -3.87
N ASN J 3909 26.34 37.12 -4.07
CA ASN J 3909 26.65 38.09 -3.03
C ASN J 3909 27.06 37.41 -1.72
N THR J 3910 26.67 37.99 -0.60
CA THR J 3910 26.94 37.38 0.69
C THR J 3910 25.68 37.23 1.54
N THR J 3911 24.78 38.20 1.53
CA THR J 3911 23.58 38.16 2.35
C THR J 3911 22.40 38.70 1.54
N THR J 3912 21.20 38.31 1.97
CA THR J 3912 19.96 38.74 1.35
C THR J 3912 19.18 39.65 2.29
N ILE J 3913 18.26 40.42 1.72
CA ILE J 3913 17.48 41.40 2.47
C ILE J 3913 15.98 41.12 2.41
N ASN J 3914 15.48 40.70 1.24
CA ASN J 3914 14.07 40.35 1.05
C ASN J 3914 13.16 41.55 1.32
N ILE J 3915 13.28 42.53 0.42
CA ILE J 3915 12.49 43.77 0.51
C ILE J 3915 11.00 43.49 0.62
N ILE J 3916 10.52 42.40 0.02
CA ILE J 3916 9.08 42.11 0.01
C ILE J 3916 8.53 42.09 1.43
N ILE J 3917 9.07 41.22 2.28
CA ILE J 3917 8.62 41.16 3.66
C ILE J 3917 9.06 42.40 4.44
N CYS J 3918 10.04 43.14 3.91
CA CYS J 3918 10.51 44.34 4.59
C CYS J 3918 9.63 45.55 4.34
N THR J 3919 8.70 45.47 3.40
CA THR J 3919 7.76 46.57 3.17
C THR J 3919 6.41 46.33 3.82
N VAL J 3920 5.98 45.07 3.94
CA VAL J 3920 4.70 44.78 4.55
C VAL J 3920 4.67 45.21 6.01
N ASP J 3921 5.82 45.17 6.69
CA ASP J 3921 5.87 45.62 8.08
C ASP J 3921 5.53 47.10 8.20
N TYR J 3922 5.95 47.90 7.22
CA TYR J 3922 5.57 49.31 7.22
C TYR J 3922 4.06 49.46 7.08
N LEU J 3923 3.43 48.67 6.21
CA LEU J 3923 1.98 48.77 6.07
C LEU J 3923 1.31 47.90 7.13
N LEU J 3924 1.86 47.97 8.32
CA LEU J 3924 1.21 47.51 9.54
C LEU J 3924 1.34 48.52 10.67
N ARG J 3925 2.50 49.17 10.80
CA ARG J 3925 2.63 50.25 11.77
C ARG J 3925 1.77 51.44 11.37
N LEU J 3926 1.74 51.75 10.08
CA LEU J 3926 0.86 52.82 9.60
C LEU J 3926 -0.60 52.48 9.85
N GLN J 3927 -0.99 51.21 9.66
CA GLN J 3927 -2.36 50.81 9.92
C GLN J 3927 -2.70 50.95 11.40
N GLU J 3928 -1.80 50.56 12.30
CA GLU J 3928 -2.01 50.77 13.72
C GLU J 3928 -2.09 52.25 14.07
N SER J 3929 -1.59 53.13 13.22
CA SER J 3929 -1.63 54.55 13.51
C SER J 3929 -2.98 55.17 13.13
N ILE J 3930 -3.51 54.82 11.96
CA ILE J 3930 -4.81 55.36 11.56
C ILE J 3930 -5.90 54.86 12.49
N SER J 3931 -5.90 53.57 12.80
CA SER J 3931 -6.89 53.03 13.74
C SER J 3931 -6.76 53.70 15.10
N ASP J 3932 -5.64 54.28 15.23
CA ASP J 3932 -5.52 54.89 16.44
C ASP J 3932 -6.08 56.15 16.40
N PHE J 3933 -5.79 56.84 15.42
CA PHE J 3933 -6.37 58.17 15.20
C PHE J 3933 -7.88 58.14 15.25
N TYR J 3934 -8.49 57.02 14.86
CA TYR J 3934 -9.95 56.93 14.85
C TYR J 3934 -10.53 57.07 16.24
N TRP J 3935 -9.92 56.42 17.23
CA TRP J 3935 -10.44 56.48 18.60
C TRP J 3935 -10.43 57.91 19.14
N TYR J 3936 -9.42 58.70 18.79
CA TYR J 3936 -9.37 60.08 19.27
C TYR J 3936 -10.57 60.87 18.79
N TYR J 3937 -11.15 60.50 17.65
CA TYR J 3937 -12.31 61.20 17.10
C TYR J 3937 -13.59 60.38 17.22
N SER J 3938 -13.58 59.30 18.00
CA SER J 3938 -14.76 58.47 18.12
C SER J 3938 -15.88 59.17 18.89
N GLY J 3939 -15.52 60.01 19.86
CA GLY J 3939 -16.52 60.62 20.71
C GLY J 3939 -17.00 61.96 20.23
N LYS J 3940 -16.34 62.54 19.23
CA LYS J 3940 -16.76 63.81 18.67
C LYS J 3940 -17.90 63.57 17.67
N ASP J 3941 -18.35 64.64 17.02
CA ASP J 3941 -19.48 64.54 16.10
C ASP J 3941 -19.13 65.12 14.74
N VAL J 3942 -18.25 66.12 14.71
CA VAL J 3942 -17.81 66.75 13.47
C VAL J 3942 -16.29 66.88 13.51
N ILE J 3943 -15.65 66.62 12.37
CA ILE J 3943 -14.20 66.68 12.27
C ILE J 3943 -13.82 68.09 11.82
N GLU J 3944 -13.01 68.78 12.63
CA GLU J 3944 -12.61 70.13 12.31
C GLU J 3944 -11.68 70.15 11.10
N GLU J 3945 -11.45 71.35 10.57
CA GLU J 3945 -10.73 71.49 9.30
C GLU J 3945 -9.31 70.96 9.40
N GLN J 3946 -8.62 71.20 10.52
CA GLN J 3946 -7.29 70.65 10.70
C GLN J 3946 -7.32 69.18 11.10
N GLY J 3947 -8.50 68.62 11.37
CA GLY J 3947 -8.60 67.19 11.57
C GLY J 3947 -8.71 66.40 10.29
N LYS J 3948 -8.93 67.06 9.16
CA LYS J 3948 -9.00 66.42 7.86
C LYS J 3948 -7.77 66.66 7.00
N ARG J 3949 -7.14 67.83 7.14
CA ARG J 3949 -5.97 68.14 6.32
C ARG J 3949 -4.84 67.15 6.57
N ASN J 3950 -4.58 66.84 7.84
CA ASN J 3950 -3.58 65.83 8.16
C ASN J 3950 -4.08 64.43 7.84
N PHE J 3951 -5.38 64.18 8.03
CA PHE J 3951 -5.91 62.85 7.81
C PHE J 3951 -5.78 62.43 6.35
N SER J 3952 -6.11 63.34 5.42
CA SER J 3952 -6.01 63.01 4.00
C SER J 3952 -4.56 62.80 3.60
N LYS J 3953 -3.62 63.42 4.31
CA LYS J 3953 -2.20 63.21 4.03
C LYS J 3953 -1.81 61.74 4.23
N ALA J 3954 -2.24 61.16 5.35
CA ALA J 3954 -1.87 59.78 5.65
C ALA J 3954 -2.51 58.79 4.69
N MET J 3955 -3.79 58.98 4.38
CA MET J 3955 -4.49 58.03 3.53
C MET J 3955 -3.94 58.04 2.10
N SER J 3956 -3.48 59.19 1.62
CA SER J 3956 -2.85 59.24 0.31
C SER J 3956 -1.58 58.41 0.27
N VAL J 3957 -0.79 58.44 1.36
CA VAL J 3957 0.41 57.63 1.44
C VAL J 3957 0.06 56.14 1.41
N ALA J 3958 -0.98 55.74 2.16
CA ALA J 3958 -1.35 54.34 2.22
C ALA J 3958 -1.78 53.82 0.85
N LYS J 3959 -2.42 54.66 0.04
CA LYS J 3959 -2.80 54.24 -1.30
C LYS J 3959 -1.58 53.94 -2.15
N GLN J 3960 -0.54 54.78 -2.05
CA GLN J 3960 0.67 54.56 -2.85
C GLN J 3960 1.35 53.26 -2.46
N VAL J 3961 1.38 52.94 -1.18
CA VAL J 3961 1.96 51.67 -0.75
C VAL J 3961 1.20 50.50 -1.34
N PHE J 3962 -0.13 50.56 -1.32
CA PHE J 3962 -0.94 49.47 -1.86
C PHE J 3962 -0.68 49.26 -3.34
N ASN J 3963 -0.45 50.34 -4.09
CA ASN J 3963 -0.14 50.19 -5.51
C ASN J 3963 1.11 49.36 -5.72
N SER J 3964 2.14 49.59 -4.91
CA SER J 3964 3.39 48.83 -5.05
C SER J 3964 3.15 47.34 -4.83
N LEU J 3965 2.48 46.99 -3.74
CA LEU J 3965 2.28 45.58 -3.40
C LEU J 3965 1.66 44.80 -4.56
N THR J 3966 0.76 45.43 -5.31
CA THR J 3966 0.18 44.76 -6.47
C THR J 3966 1.24 44.47 -7.53
N GLU J 3967 2.20 45.37 -7.73
CA GLU J 3967 3.15 45.23 -8.83
C GLU J 3967 4.29 44.30 -8.51
N TYR J 3968 4.33 43.68 -7.32
CA TYR J 3968 5.19 42.53 -7.13
C TYR J 3968 4.48 41.22 -7.44
N ILE J 3969 3.16 41.26 -7.62
CA ILE J 3969 2.36 40.06 -7.83
C ILE J 3969 1.81 39.99 -9.26
N GLN J 3970 1.44 41.13 -9.84
CA GLN J 3970 0.97 41.17 -11.21
C GLN J 3970 2.00 40.53 -12.14
N GLY J 3971 1.53 39.76 -13.12
CA GLY J 3971 2.43 38.98 -13.92
C GLY J 3971 2.96 37.82 -13.10
N PRO J 3972 2.08 36.84 -12.81
CA PRO J 3972 2.27 35.91 -11.67
C PRO J 3972 3.70 35.49 -11.39
N CYS J 3973 4.08 35.61 -10.13
CA CYS J 3973 5.43 35.38 -9.63
C CYS J 3973 5.37 34.43 -8.45
N THR J 3974 4.74 33.27 -8.67
CA THR J 3974 4.32 32.32 -7.64
C THR J 3974 5.29 32.24 -6.46
N GLY J 3975 6.58 32.21 -6.73
CA GLY J 3975 7.55 32.25 -5.65
C GLY J 3975 7.35 33.44 -4.73
N ASN J 3976 6.98 34.59 -5.30
CA ASN J 3976 6.67 35.77 -4.50
C ASN J 3976 5.30 35.69 -3.84
N GLN J 3977 4.34 35.01 -4.48
CA GLN J 3977 2.99 34.91 -3.92
C GLN J 3977 3.01 34.18 -2.57
N GLN J 3978 3.77 33.09 -2.48
CA GLN J 3978 3.81 32.34 -1.23
C GLN J 3978 4.43 33.15 -0.10
N SER J 3979 5.32 34.09 -0.44
CA SER J 3979 5.96 34.91 0.60
C SER J 3979 4.94 35.76 1.33
N LEU J 3980 4.04 36.42 0.59
CA LEU J 3980 3.01 37.21 1.24
C LEU J 3980 2.02 36.34 2.01
N ALA J 3981 1.73 35.14 1.52
CA ALA J 3981 0.84 34.23 2.25
C ALA J 3981 1.43 33.85 3.59
N HIS J 3982 2.74 33.56 3.63
CA HIS J 3982 3.43 33.25 4.87
C HIS J 3982 4.01 34.52 5.49
N SER J 3983 3.18 35.55 5.61
CA SER J 3983 3.63 36.85 6.09
C SER J 3983 2.56 37.46 6.99
N ARG J 3984 2.98 38.44 7.79
CA ARG J 3984 2.12 39.15 8.72
C ARG J 3984 1.28 40.17 7.96
N LEU J 3985 0.47 39.68 7.03
CA LEU J 3985 -0.37 40.51 6.17
C LEU J 3985 -1.85 40.44 6.50
N TRP J 3986 -2.38 39.26 6.81
CA TRP J 3986 -3.80 39.14 7.11
C TRP J 3986 -4.20 39.97 8.33
N ASP J 3987 -3.36 39.97 9.37
CA ASP J 3987 -3.73 40.77 10.55
C ASP J 3987 -3.73 42.26 10.24
N ALA J 3988 -3.15 42.67 9.10
CA ALA J 3988 -3.20 44.07 8.70
C ALA J 3988 -4.51 44.41 8.01
N VAL J 3989 -4.96 43.55 7.09
CA VAL J 3989 -6.19 43.85 6.35
C VAL J 3989 -7.41 43.76 7.25
N VAL J 3990 -7.43 42.79 8.16
CA VAL J 3990 -8.58 42.66 9.07
C VAL J 3990 -8.71 43.92 9.93
N GLY J 3991 -7.58 44.50 10.34
CA GLY J 3991 -7.64 45.79 10.99
C GLY J 3991 -8.14 46.88 10.08
N PHE J 3992 -7.71 46.86 8.81
CA PHE J 3992 -8.20 47.84 7.86
C PHE J 3992 -9.71 47.70 7.65
N LEU J 3993 -10.20 46.45 7.55
CA LEU J 3993 -11.62 46.24 7.37
C LEU J 3993 -12.41 46.83 8.53
N HIS J 3994 -11.87 46.72 9.75
CA HIS J 3994 -12.56 47.27 10.92
C HIS J 3994 -12.65 48.79 10.85
N VAL J 3995 -11.54 49.47 10.57
CA VAL J 3995 -11.54 50.93 10.57
C VAL J 3995 -12.31 51.47 9.37
N PHE J 3996 -12.34 50.73 8.26
CA PHE J 3996 -13.09 51.18 7.08
C PHE J 3996 -14.58 51.28 7.35
N ALA J 3997 -15.10 50.42 8.22
CA ALA J 3997 -16.55 50.35 8.41
C ALA J 3997 -17.07 51.57 9.15
N HIS J 3998 -16.41 51.96 10.24
CA HIS J 3998 -16.96 52.99 11.11
C HIS J 3998 -16.89 54.37 10.45
N MET J 3999 -15.75 54.74 9.89
CA MET J 3999 -15.65 56.04 9.24
C MET J 3999 -16.58 56.12 8.04
N MET J 4000 -16.66 55.05 7.25
CA MET J 4000 -17.64 54.99 6.17
C MET J 4000 -19.05 55.20 6.70
N MET J 4001 -19.31 54.75 7.94
CA MET J 4001 -20.61 54.95 8.56
C MET J 4001 -20.72 56.32 9.21
N LYS J 4002 -19.66 56.76 9.90
CA LYS J 4002 -19.69 58.05 10.59
C LYS J 4002 -19.75 59.21 9.61
N LEU J 4003 -18.97 59.14 8.52
CA LEU J 4003 -18.86 60.27 7.61
C LEU J 4003 -20.19 60.59 6.93
N ALA J 4004 -21.00 59.56 6.68
CA ALA J 4004 -22.27 59.77 5.98
C ALA J 4004 -23.26 60.60 6.78
N GLN J 4005 -23.06 60.76 8.08
CA GLN J 4005 -23.99 61.51 8.93
C GLN J 4005 -23.63 62.99 8.97
N ASP J 4006 -23.40 63.58 7.80
CA ASP J 4006 -23.01 64.98 7.69
C ASP J 4006 -23.01 65.36 6.22
N SER J 4007 -23.14 66.65 5.95
CA SER J 4007 -23.14 67.15 4.58
C SER J 4007 -21.88 67.93 4.20
N SER J 4008 -21.12 68.41 5.16
CA SER J 4008 -19.93 69.22 4.86
C SER J 4008 -18.67 68.38 4.69
N GLN J 4009 -18.54 67.28 5.43
CA GLN J 4009 -17.38 66.42 5.34
C GLN J 4009 -17.52 65.34 4.28
N ILE J 4010 -18.52 65.46 3.40
CA ILE J 4010 -18.75 64.46 2.36
C ILE J 4010 -17.56 64.38 1.40
N GLU J 4011 -16.81 65.47 1.26
CA GLU J 4011 -15.72 65.49 0.30
C GLU J 4011 -14.63 64.49 0.66
N LEU J 4012 -14.36 64.31 1.96
CA LEU J 4012 -13.35 63.35 2.37
C LEU J 4012 -13.78 61.92 2.07
N LEU J 4013 -15.08 61.66 2.03
CA LEU J 4013 -15.55 60.29 1.86
C LEU J 4013 -15.16 59.74 0.49
N LYS J 4014 -15.10 60.60 -0.53
CA LYS J 4014 -14.80 60.13 -1.88
C LYS J 4014 -13.44 59.43 -1.95
N GLU J 4015 -12.39 60.09 -1.47
CA GLU J 4015 -11.08 59.47 -1.53
C GLU J 4015 -10.92 58.33 -0.52
N LEU J 4016 -11.79 58.24 0.48
CA LEU J 4016 -11.80 57.07 1.34
C LEU J 4016 -12.24 55.83 0.57
N LEU J 4017 -13.26 55.98 -0.30
CA LEU J 4017 -13.67 54.86 -1.14
C LEU J 4017 -12.57 54.46 -2.11
N ASP J 4018 -11.82 55.43 -2.63
CA ASP J 4018 -10.72 55.11 -3.52
C ASP J 4018 -9.70 54.20 -2.86
N LEU J 4019 -9.50 54.34 -1.56
CA LEU J 4019 -8.62 53.43 -0.84
C LEU J 4019 -9.19 52.01 -0.85
N GLN J 4020 -10.51 51.88 -0.73
CA GLN J 4020 -11.13 50.56 -0.80
C GLN J 4020 -10.88 49.93 -2.16
N LYS J 4021 -10.84 50.71 -3.22
CA LYS J 4021 -10.66 50.16 -4.56
C LYS J 4021 -9.25 49.69 -4.75
N ASP J 4022 -8.32 50.39 -4.12
CA ASP J 4022 -6.92 50.00 -4.24
C ASP J 4022 -6.51 48.95 -3.22
N MET J 4023 -7.42 48.57 -2.32
CA MET J 4023 -7.14 47.51 -1.35
C MET J 4023 -7.70 46.16 -1.80
N VAL J 4024 -8.93 46.14 -2.33
CA VAL J 4024 -9.52 44.89 -2.77
C VAL J 4024 -8.82 44.39 -4.03
N VAL J 4025 -8.33 45.29 -4.87
CA VAL J 4025 -7.72 44.89 -6.14
C VAL J 4025 -6.47 44.05 -5.90
N MET J 4026 -5.72 44.36 -4.84
CA MET J 4026 -4.53 43.56 -4.55
C MET J 4026 -4.91 42.17 -4.07
N LEU J 4027 -6.08 42.02 -3.42
CA LEU J 4027 -6.55 40.68 -3.08
C LEU J 4027 -6.85 39.86 -4.33
N LEU J 4028 -7.29 40.51 -5.41
CA LEU J 4028 -7.42 39.81 -6.68
C LEU J 4028 -6.07 39.31 -7.19
N SER J 4029 -5.03 40.13 -7.04
CA SER J 4029 -3.71 39.73 -7.53
C SER J 4029 -3.22 38.46 -6.83
N LEU J 4030 -3.43 38.36 -5.53
CA LEU J 4030 -3.11 37.12 -4.83
C LEU J 4030 -3.89 35.97 -5.42
N LEU J 4031 -5.14 36.21 -5.79
CA LEU J 4031 -6.02 35.13 -6.22
C LEU J 4031 -5.83 34.75 -7.69
N GLU J 4032 -5.20 35.60 -8.51
CA GLU J 4032 -5.05 35.28 -9.92
C GLU J 4032 -4.09 34.13 -10.13
N GLY J 4033 -4.37 33.30 -11.12
CA GLY J 4033 -3.50 32.17 -11.40
C GLY J 4033 -3.58 31.06 -10.39
N ASN J 4034 -4.64 31.00 -9.61
CA ASN J 4034 -4.80 30.04 -8.52
C ASN J 4034 -5.49 28.77 -9.02
N VAL J 4035 -5.18 27.66 -8.35
CA VAL J 4035 -5.81 26.39 -8.65
C VAL J 4035 -7.10 26.29 -7.84
N VAL J 4036 -8.02 25.44 -8.30
CA VAL J 4036 -9.29 25.27 -7.59
C VAL J 4036 -9.01 24.62 -6.24
N ASN J 4037 -9.71 25.08 -5.20
CA ASN J 4037 -9.56 24.53 -3.86
C ASN J 4037 -8.11 24.62 -3.39
N GLY J 4038 -7.42 25.69 -3.80
CA GLY J 4038 -6.03 25.85 -3.48
C GLY J 4038 -5.80 26.34 -2.06
N MET J 4039 -4.53 26.45 -1.70
CA MET J 4039 -4.19 26.85 -0.35
C MET J 4039 -4.31 28.35 -0.16
N ILE J 4040 -3.99 29.14 -1.20
CA ILE J 4040 -4.11 30.58 -1.11
C ILE J 4040 -5.56 30.99 -0.91
N ALA J 4041 -6.47 30.39 -1.67
CA ALA J 4041 -7.88 30.74 -1.56
C ALA J 4041 -8.50 30.31 -0.24
N ARG J 4042 -7.92 29.31 0.43
CA ARG J 4042 -8.45 28.88 1.72
C ARG J 4042 -8.33 29.98 2.76
N GLN J 4043 -7.16 30.65 2.80
CA GLN J 4043 -6.99 31.74 3.75
C GLN J 4043 -7.84 32.95 3.38
N MET J 4044 -8.18 33.11 2.10
CA MET J 4044 -9.05 34.20 1.69
C MET J 4044 -10.40 34.14 2.40
N VAL J 4045 -11.05 32.99 2.36
CA VAL J 4045 -12.31 32.83 3.07
C VAL J 4045 -12.08 32.74 4.57
N ASP J 4046 -10.95 32.15 4.98
CA ASP J 4046 -10.66 32.01 6.41
C ASP J 4046 -10.51 33.37 7.08
N MET J 4047 -9.78 34.29 6.42
CA MET J 4047 -9.59 35.62 6.97
C MET J 4047 -10.91 36.37 7.09
N LEU J 4048 -11.86 36.09 6.21
CA LEU J 4048 -13.16 36.74 6.29
C LEU J 4048 -13.96 36.25 7.49
N VAL J 4049 -13.72 35.03 7.94
CA VAL J 4049 -14.51 34.45 9.03
C VAL J 4049 -14.28 35.23 10.33
N GLU J 4050 -13.03 35.65 10.50
CA GLU J 4050 -12.71 36.50 11.63
C GLU J 4050 -13.02 37.96 11.27
N SER J 4051 -12.67 38.37 10.06
CA SER J 4051 -12.96 39.74 9.63
C SER J 4051 -14.35 39.85 9.04
N SER J 4052 -15.29 39.07 9.54
CA SER J 4052 -16.63 39.08 8.97
C SER J 4052 -17.38 40.35 9.27
N SER J 4053 -17.67 40.59 10.54
CA SER J 4053 -18.45 41.77 10.91
C SER J 4053 -18.14 42.96 10.03
N ASN J 4054 -16.87 43.27 9.88
CA ASN J 4054 -16.48 44.43 9.09
C ASN J 4054 -16.99 44.29 7.66
N VAL J 4055 -16.62 43.20 7.00
CA VAL J 4055 -17.11 42.97 5.65
C VAL J 4055 -18.61 43.22 5.56
N GLU J 4056 -19.41 42.43 6.26
CA GLU J 4056 -20.86 42.56 6.17
C GLU J 4056 -21.28 44.02 6.22
N MET J 4057 -20.70 44.78 7.14
CA MET J 4057 -21.06 46.18 7.26
C MET J 4057 -20.94 46.87 5.92
N ILE J 4058 -19.82 46.67 5.24
CA ILE J 4058 -19.62 47.30 3.95
C ILE J 4058 -20.73 46.90 2.97
N LEU J 4059 -20.91 45.60 2.77
CA LEU J 4059 -21.93 45.14 1.85
C LEU J 4059 -23.26 45.81 2.14
N LYS J 4060 -23.61 45.95 3.41
CA LYS J 4060 -24.85 46.62 3.76
C LYS J 4060 -24.84 48.06 3.27
N PHE J 4061 -23.79 48.79 3.58
CA PHE J 4061 -23.69 50.18 3.14
C PHE J 4061 -24.09 50.33 1.69
N PHE J 4062 -23.83 49.31 0.89
CA PHE J 4062 -24.19 49.36 -0.53
C PHE J 4062 -25.67 49.11 -0.72
N ASP J 4063 -26.14 47.93 -0.34
CA ASP J 4063 -27.55 47.63 -0.46
C ASP J 4063 -28.39 48.83 -0.07
N MET J 4064 -28.34 49.18 1.21
CA MET J 4064 -29.12 50.31 1.69
C MET J 4064 -29.25 51.40 0.65
N PHE J 4065 -28.12 51.89 0.14
CA PHE J 4065 -28.16 53.01 -0.79
C PHE J 4065 -28.41 52.60 -2.22
N LEU J 4066 -28.83 51.36 -2.44
CA LEU J 4066 -29.17 50.91 -3.78
C LEU J 4066 -30.62 50.53 -3.80
N LYS J 4067 -31.16 50.26 -2.62
CA LYS J 4067 -32.57 49.96 -2.52
C LYS J 4067 -33.34 51.25 -2.39
N LEU J 4068 -32.68 52.30 -1.93
CA LEU J 4068 -33.32 53.59 -1.83
C LEU J 4068 -33.50 54.15 -3.22
N LYS J 4069 -32.51 53.95 -4.08
CA LYS J 4069 -32.60 54.45 -5.44
C LYS J 4069 -33.85 53.96 -6.11
N ASP J 4070 -34.33 52.81 -5.67
CA ASP J 4070 -35.56 52.25 -6.24
C ASP J 4070 -36.77 52.78 -5.48
N ILE J 4071 -36.82 52.54 -4.18
CA ILE J 4071 -37.92 53.03 -3.39
C ILE J 4071 -38.32 54.41 -3.87
N VAL J 4072 -37.47 55.40 -3.67
CA VAL J 4072 -37.77 56.72 -4.19
C VAL J 4072 -37.96 56.59 -5.69
N GLY J 4073 -39.19 56.70 -6.19
CA GLY J 4073 -39.38 56.47 -7.61
C GLY J 4073 -40.50 55.45 -7.74
N SER J 4074 -40.69 54.64 -6.71
CA SER J 4074 -41.78 53.68 -6.72
C SER J 4074 -43.09 54.40 -6.52
N GLU J 4075 -44.07 54.12 -7.36
CA GLU J 4075 -45.36 54.78 -7.26
C GLU J 4075 -45.73 55.04 -5.81
N ALA J 4076 -45.71 53.99 -5.00
CA ALA J 4076 -46.04 54.15 -3.59
C ALA J 4076 -45.41 55.41 -3.01
N PHE J 4077 -44.08 55.45 -2.95
CA PHE J 4077 -43.42 56.59 -2.35
C PHE J 4077 -43.99 57.88 -2.88
N GLN J 4078 -44.00 58.04 -4.19
CA GLN J 4078 -44.46 59.30 -4.78
C GLN J 4078 -45.89 59.64 -4.36
N ASP J 4079 -46.50 58.79 -3.54
CA ASP J 4079 -47.84 59.09 -3.05
C ASP J 4079 -47.76 59.68 -1.65
N TYR J 4080 -46.61 59.54 -1.00
CA TYR J 4080 -46.42 60.13 0.31
C TYR J 4080 -45.94 61.56 0.14
N VAL J 4081 -45.07 61.78 -0.84
CA VAL J 4081 -44.59 63.14 -1.09
C VAL J 4081 -45.73 64.02 -1.53
N THR J 4082 -46.07 65.00 -0.71
CA THR J 4082 -47.14 65.93 -1.05
C THR J 4082 -46.67 67.37 -0.93
N ASP J 4083 -46.02 67.87 -1.99
CA ASP J 4083 -45.51 69.24 -1.96
C ASP J 4083 -45.00 69.64 -3.34
N PRO J 4084 -45.22 70.91 -3.71
CA PRO J 4084 -44.80 71.38 -5.03
C PRO J 4084 -43.28 71.48 -5.16
N ARG J 4085 -42.63 72.12 -4.19
CA ARG J 4085 -41.18 72.31 -4.27
C ARG J 4085 -40.49 71.05 -4.78
N GLY J 4086 -40.87 69.90 -4.23
CA GLY J 4086 -40.25 68.65 -4.64
C GLY J 4086 -39.52 68.01 -3.48
N LEU J 4087 -39.97 68.30 -2.27
CA LEU J 4087 -39.29 67.77 -1.09
C LEU J 4087 -40.23 67.03 -0.17
N ILE J 4088 -39.74 65.97 0.46
CA ILE J 4088 -40.55 65.23 1.41
C ILE J 4088 -40.16 65.70 2.80
N SER J 4089 -40.91 65.28 3.81
CA SER J 4089 -40.60 65.67 5.17
C SER J 4089 -40.13 64.48 5.96
N LYS J 4090 -39.52 64.73 7.11
CA LYS J 4090 -38.96 63.64 7.90
C LYS J 4090 -40.03 62.62 8.23
N LYS J 4091 -41.10 63.07 8.87
CA LYS J 4091 -42.18 62.17 9.22
C LYS J 4091 -42.54 61.30 8.03
N ASP J 4092 -42.90 61.93 6.92
CA ASP J 4092 -43.26 61.19 5.73
C ASP J 4092 -42.21 60.15 5.40
N PHE J 4093 -41.00 60.60 5.11
CA PHE J 4093 -39.93 59.68 4.79
C PHE J 4093 -40.00 58.46 5.68
N GLN J 4094 -40.05 58.68 6.98
CA GLN J 4094 -40.10 57.56 7.91
C GLN J 4094 -41.25 56.67 7.51
N LYS J 4095 -42.46 57.21 7.52
CA LYS J 4095 -43.64 56.42 7.17
C LYS J 4095 -43.43 55.64 5.89
N ALA J 4096 -42.94 56.31 4.86
CA ALA J 4096 -42.75 55.65 3.58
C ALA J 4096 -41.88 54.41 3.73
N MET J 4097 -40.59 54.60 3.99
CA MET J 4097 -39.68 53.47 4.07
C MET J 4097 -40.15 52.43 5.08
N ASP J 4098 -40.97 52.85 6.03
CA ASP J 4098 -41.46 51.94 7.05
C ASP J 4098 -42.73 51.25 6.58
N SER J 4099 -43.62 52.00 5.93
CA SER J 4099 -44.84 51.41 5.42
C SER J 4099 -44.41 50.30 4.53
N GLN J 4100 -43.39 50.56 3.73
CA GLN J 4100 -42.86 49.48 2.92
C GLN J 4100 -42.11 48.55 3.82
N LYS J 4101 -42.24 47.25 3.61
CA LYS J 4101 -41.52 46.21 4.32
C LYS J 4101 -40.04 46.57 4.37
N GLN J 4102 -39.22 45.61 4.83
CA GLN J 4102 -37.78 45.75 5.07
C GLN J 4102 -37.46 47.03 5.84
N PHE J 4103 -36.20 47.45 5.82
CA PHE J 4103 -35.76 48.68 6.48
C PHE J 4103 -36.15 48.67 7.97
N THR J 4104 -35.50 47.75 8.69
CA THR J 4104 -35.72 47.59 10.12
C THR J 4104 -35.63 48.94 10.83
N GLY J 4105 -36.43 49.10 11.88
CA GLY J 4105 -36.59 50.34 12.61
C GLY J 4105 -35.34 51.16 12.84
N PRO J 4106 -34.32 50.57 13.50
CA PRO J 4106 -33.09 51.33 13.74
C PRO J 4106 -32.44 51.85 12.47
N GLU J 4107 -32.52 51.09 11.38
CA GLU J 4107 -32.01 51.59 10.10
C GLU J 4107 -32.76 52.84 9.65
N ILE J 4108 -34.07 52.87 9.87
CA ILE J 4108 -34.84 54.06 9.53
C ILE J 4108 -34.36 55.26 10.34
N GLN J 4109 -34.07 55.04 11.62
CA GLN J 4109 -33.52 56.13 12.43
C GLN J 4109 -32.20 56.61 11.86
N PHE J 4110 -31.36 55.69 11.38
CA PHE J 4110 -30.09 56.08 10.77
C PHE J 4110 -30.32 56.88 9.48
N LEU J 4111 -31.24 56.41 8.63
CA LEU J 4111 -31.48 57.09 7.36
C LEU J 4111 -32.02 58.50 7.58
N LEU J 4112 -32.82 58.69 8.61
CA LEU J 4112 -33.26 60.04 8.91
C LEU J 4112 -32.12 60.79 9.56
N SER J 4113 -30.89 60.33 9.32
CA SER J 4113 -29.71 61.00 9.89
C SER J 4113 -28.73 61.41 8.80
N CYS J 4114 -28.36 60.46 7.95
CA CYS J 4114 -27.48 60.78 6.83
C CYS J 4114 -28.19 61.75 5.91
N SER J 4115 -29.47 61.99 6.17
CA SER J 4115 -30.24 62.93 5.37
C SER J 4115 -29.93 64.35 5.76
N GLU J 4116 -30.39 65.31 4.96
CA GLU J 4116 -30.21 66.69 5.33
C GLU J 4116 -31.37 67.10 6.21
N ALA J 4117 -31.87 68.32 6.04
CA ALA J 4117 -32.95 68.79 6.88
C ALA J 4117 -33.66 69.99 6.28
N ASP J 4118 -33.26 71.19 6.69
CA ASP J 4118 -33.92 72.41 6.22
C ASP J 4118 -35.38 72.39 6.64
N GLU J 4119 -35.70 73.05 7.74
CA GLU J 4119 -37.07 73.02 8.26
C GLU J 4119 -37.51 71.59 8.52
N ASN J 4120 -36.56 70.67 8.59
CA ASN J 4120 -36.87 69.27 8.86
C ASN J 4120 -37.88 68.70 7.87
N GLU J 4121 -38.13 69.41 6.79
CA GLU J 4121 -39.11 68.96 5.81
C GLU J 4121 -38.65 69.32 4.42
N MET J 4122 -37.36 69.54 4.27
CA MET J 4122 -36.84 69.83 2.95
C MET J 4122 -35.86 68.75 2.54
N ILE J 4123 -36.06 67.54 3.06
CA ILE J 4123 -35.21 66.43 2.65
C ILE J 4123 -35.46 66.23 1.19
N ASN J 4124 -34.78 66.99 0.34
CA ASN J 4124 -34.99 66.89 -1.08
C ASN J 4124 -34.76 65.47 -1.47
N PHE J 4125 -35.79 64.64 -1.44
CA PHE J 4125 -35.62 63.21 -1.70
C PHE J 4125 -34.64 62.87 -2.83
N GLU J 4126 -34.73 63.56 -3.96
CA GLU J 4126 -33.88 63.23 -5.11
C GLU J 4126 -32.40 63.08 -4.77
N GLU J 4127 -31.67 64.18 -4.69
CA GLU J 4127 -30.23 64.13 -4.41
C GLU J 4127 -29.87 62.92 -3.56
N PHE J 4128 -30.34 62.90 -2.32
CA PHE J 4128 -30.07 61.79 -1.43
C PHE J 4128 -29.90 60.50 -2.21
N ALA J 4129 -30.95 60.08 -2.90
CA ALA J 4129 -30.90 58.85 -3.67
C ALA J 4129 -29.66 58.80 -4.53
N ASN J 4130 -29.56 59.69 -5.50
CA ASN J 4130 -28.42 59.70 -6.40
C ASN J 4130 -27.27 60.53 -5.88
N ARG J 4131 -26.80 60.24 -4.67
CA ARG J 4131 -25.67 60.96 -4.12
C ARG J 4131 -24.47 60.04 -4.04
N PHE J 4132 -24.53 59.06 -3.16
CA PHE J 4132 -23.42 58.13 -2.99
C PHE J 4132 -23.47 57.04 -4.04
N GLN J 4133 -23.82 57.40 -5.26
CA GLN J 4133 -23.85 56.41 -6.34
C GLN J 4133 -22.51 56.37 -7.03
N GLU J 4134 -22.27 57.34 -7.92
CA GLU J 4134 -21.02 57.38 -8.65
C GLU J 4134 -19.82 57.03 -7.78
N PRO J 4135 -19.64 57.74 -6.66
CA PRO J 4135 -18.45 57.46 -5.86
C PRO J 4135 -18.17 55.97 -5.72
N ALA J 4136 -19.22 55.17 -5.53
CA ALA J 4136 -19.02 53.73 -5.32
C ALA J 4136 -19.45 52.89 -6.51
N ARG J 4137 -19.58 53.51 -7.67
CA ARG J 4137 -19.95 52.77 -8.87
C ARG J 4137 -19.08 51.56 -8.90
N ASP J 4138 -17.86 51.70 -8.42
CA ASP J 4138 -16.96 50.58 -8.37
C ASP J 4138 -17.14 49.81 -7.09
N ILE J 4139 -16.24 49.92 -6.12
CA ILE J 4139 -16.23 49.24 -4.83
C ILE J 4139 -17.27 48.14 -4.85
N GLY J 4140 -18.55 48.53 -4.93
CA GLY J 4140 -19.62 47.55 -5.03
C GLY J 4140 -19.41 46.58 -6.18
N PHE J 4141 -18.85 47.06 -7.28
CA PHE J 4141 -18.51 46.16 -8.38
C PHE J 4141 -17.35 45.25 -8.00
N ASN J 4142 -16.32 45.80 -7.38
CA ASN J 4142 -15.12 45.02 -7.10
C ASN J 4142 -15.25 44.14 -5.86
N VAL J 4143 -16.38 44.16 -5.18
CA VAL J 4143 -16.65 43.17 -4.15
C VAL J 4143 -17.52 42.08 -4.77
N ALA J 4144 -18.32 42.47 -5.77
CA ALA J 4144 -19.08 41.47 -6.52
C ALA J 4144 -18.15 40.52 -7.25
N VAL J 4145 -17.08 41.05 -7.86
CA VAL J 4145 -16.08 40.20 -8.50
C VAL J 4145 -15.36 39.35 -7.46
N LEU J 4146 -15.07 39.92 -6.30
CA LEU J 4146 -14.34 39.18 -5.27
C LEU J 4146 -15.15 37.99 -4.78
N LEU J 4147 -16.42 38.20 -4.42
CA LEU J 4147 -17.24 37.11 -3.93
C LEU J 4147 -17.48 36.06 -5.00
N THR J 4148 -17.74 36.48 -6.24
CA THR J 4148 -17.99 35.54 -7.31
C THR J 4148 -16.78 34.65 -7.58
N ASN J 4149 -15.63 35.29 -7.81
CA ASN J 4149 -14.40 34.55 -8.17
C ASN J 4149 -14.01 33.50 -7.16
N LEU J 4150 -13.71 33.90 -5.94
CA LEU J 4150 -13.42 32.92 -4.93
C LEU J 4150 -14.50 31.88 -5.03
N SER J 4151 -15.75 32.30 -5.22
CA SER J 4151 -16.85 31.38 -5.36
C SER J 4151 -16.79 30.63 -6.66
N GLU J 4152 -15.62 30.14 -7.02
CA GLU J 4152 -15.46 29.37 -8.25
C GLU J 4152 -14.16 28.63 -8.14
N HIS J 4153 -13.18 29.25 -7.49
CA HIS J 4153 -11.90 28.59 -7.27
C HIS J 4153 -11.96 27.82 -5.97
N VAL J 4154 -12.72 28.29 -5.00
CA VAL J 4154 -12.92 27.51 -3.78
C VAL J 4154 -14.38 27.14 -3.82
N PRO J 4155 -14.72 26.12 -4.61
CA PRO J 4155 -16.14 25.79 -4.80
C PRO J 4155 -16.84 25.39 -3.52
N HIS J 4156 -16.89 24.09 -3.24
CA HIS J 4156 -17.56 23.61 -2.05
C HIS J 4156 -17.02 24.28 -0.80
N ASP J 4157 -17.71 25.30 -0.31
CA ASP J 4157 -17.29 25.98 0.92
C ASP J 4157 -18.44 26.74 1.51
N PRO J 4158 -18.95 26.28 2.65
CA PRO J 4158 -20.08 26.95 3.28
C PRO J 4158 -19.74 28.38 3.62
N ARG J 4159 -18.74 28.59 4.46
CA ARG J 4159 -18.37 29.93 4.89
C ARG J 4159 -18.67 30.97 3.84
N LEU J 4160 -18.04 30.85 2.67
CA LEU J 4160 -18.23 31.84 1.62
C LEU J 4160 -19.69 31.99 1.25
N ARG J 4161 -20.37 30.87 0.99
CA ARG J 4161 -21.76 30.94 0.59
C ARG J 4161 -22.48 32.05 1.33
N ASN J 4162 -22.45 31.99 2.66
CA ASN J 4162 -23.15 32.99 3.45
C ASN J 4162 -22.90 34.38 2.91
N PHE J 4163 -21.64 34.73 2.70
CA PHE J 4163 -21.30 36.07 2.22
C PHE J 4163 -22.03 36.37 0.92
N LEU J 4164 -21.96 35.45 -0.04
CA LEU J 4164 -22.59 35.68 -1.32
C LEU J 4164 -24.07 35.98 -1.16
N GLU J 4165 -24.71 35.38 -0.18
CA GLU J 4165 -26.13 35.62 0.05
C GLU J 4165 -26.41 37.04 0.49
N LEU J 4166 -25.54 37.59 1.33
CA LEU J 4166 -25.72 38.96 1.79
C LEU J 4166 -25.48 39.91 0.64
N ALA J 4167 -24.73 39.45 -0.36
CA ALA J 4167 -24.42 40.29 -1.50
C ALA J 4167 -25.12 39.79 -2.74
N GLU J 4168 -26.44 39.93 -2.78
CA GLU J 4168 -27.19 39.53 -3.96
C GLU J 4168 -27.55 40.77 -4.73
N SER J 4169 -28.09 41.76 -4.03
CA SER J 4169 -28.41 43.01 -4.69
C SER J 4169 -27.23 43.49 -5.51
N ILE J 4170 -26.06 43.58 -4.88
CA ILE J 4170 -24.86 44.05 -5.57
C ILE J 4170 -24.48 43.10 -6.70
N LEU J 4171 -24.47 41.81 -6.44
CA LEU J 4171 -24.09 40.85 -7.46
C LEU J 4171 -25.18 40.68 -8.49
N GLU J 4172 -26.08 41.64 -8.58
CA GLU J 4172 -27.11 41.58 -9.61
C GLU J 4172 -27.11 42.88 -10.38
N TYR J 4173 -27.06 44.00 -9.67
CA TYR J 4173 -26.98 45.27 -10.36
C TYR J 4173 -25.81 45.19 -11.33
N PHE J 4174 -24.75 44.51 -10.92
CA PHE J 4174 -23.55 44.40 -11.76
C PHE J 4174 -23.50 43.07 -12.47
N ARG J 4175 -24.59 42.64 -13.05
CA ARG J 4175 -24.58 41.40 -13.82
C ARG J 4175 -24.54 41.73 -15.30
N PRO J 4176 -25.22 42.81 -15.70
CA PRO J 4176 -25.08 43.16 -17.11
C PRO J 4176 -23.78 43.88 -17.43
N TYR J 4177 -22.97 44.20 -16.42
CA TYR J 4177 -21.76 44.95 -16.65
C TYR J 4177 -20.58 44.13 -16.21
N LEU J 4178 -20.66 42.82 -16.37
CA LEU J 4178 -19.55 41.95 -16.06
C LEU J 4178 -19.52 40.92 -17.14
N GLY J 4179 -18.42 40.20 -17.28
CA GLY J 4179 -18.28 39.17 -18.30
C GLY J 4179 -17.27 38.13 -17.88
N ARG J 4180 -17.55 36.88 -18.21
CA ARG J 4180 -16.71 35.75 -17.82
C ARG J 4180 -16.08 35.15 -19.06
N ILE J 4181 -14.76 35.04 -19.05
CA ILE J 4181 -13.99 34.53 -20.18
C ILE J 4181 -13.20 33.32 -19.69
N GLU J 4182 -12.93 32.41 -20.60
CA GLU J 4182 -12.23 31.20 -20.22
C GLU J 4182 -11.10 30.95 -21.19
N ILE J 4183 -10.14 31.85 -21.25
CA ILE J 4183 -8.93 31.73 -22.06
C ILE J 4183 -7.99 30.69 -21.46
N MET J 4184 -6.98 30.31 -22.24
CA MET J 4184 -5.98 29.33 -21.81
C MET J 4184 -4.61 29.82 -22.23
N GLY J 4185 -3.69 29.93 -21.28
CA GLY J 4185 -2.37 30.42 -21.64
C GLY J 4185 -1.38 30.26 -20.50
N ALA J 4186 -0.15 30.70 -20.78
CA ALA J 4186 0.96 30.66 -19.84
C ALA J 4186 1.23 29.24 -19.36
N SER J 4187 0.68 28.88 -18.21
CA SER J 4187 0.91 27.62 -17.53
C SER J 4187 0.27 26.41 -18.22
N ARG J 4188 -0.22 26.55 -19.46
CA ARG J 4188 -0.88 25.47 -20.19
C ARG J 4188 -2.08 24.93 -19.40
N ARG J 4189 -2.92 25.85 -18.93
CA ARG J 4189 -4.05 25.49 -18.09
C ARG J 4189 -5.18 26.47 -18.33
N ILE J 4190 -6.40 26.05 -17.99
CA ILE J 4190 -7.59 26.89 -18.16
C ILE J 4190 -7.71 27.82 -16.96
N GLU J 4191 -7.97 29.09 -17.25
CA GLU J 4191 -8.15 30.09 -16.21
C GLU J 4191 -9.30 31.01 -16.61
N ARG J 4192 -9.95 31.60 -15.61
CA ARG J 4192 -11.11 32.45 -15.83
C ARG J 4192 -10.74 33.92 -15.70
N ILE J 4193 -11.45 34.76 -16.44
CA ILE J 4193 -11.21 36.20 -16.46
C ILE J 4193 -12.52 36.91 -16.16
N TYR J 4194 -12.46 37.94 -15.32
CA TYR J 4194 -13.60 38.80 -15.02
C TYR J 4194 -13.23 40.23 -15.33
N PHE J 4195 -14.22 41.01 -15.75
CA PHE J 4195 -13.99 42.38 -16.16
C PHE J 4195 -15.32 43.14 -16.13
N GLU J 4196 -15.29 44.39 -16.58
CA GLU J 4196 -16.42 45.29 -16.49
C GLU J 4196 -16.75 45.85 -17.86
N ILE J 4197 -18.04 45.99 -18.15
CA ILE J 4197 -18.51 46.54 -19.42
C ILE J 4197 -19.53 47.63 -19.14
N SER J 4198 -19.39 48.75 -19.83
CA SER J 4198 -20.24 49.90 -19.59
C SER J 4198 -21.62 49.69 -20.20
N GLU J 4199 -22.57 50.54 -19.80
CA GLU J 4199 -23.92 50.44 -20.34
C GLU J 4199 -23.93 50.76 -21.83
N THR J 4200 -23.24 51.83 -22.23
CA THR J 4200 -23.20 52.21 -23.63
C THR J 4200 -22.49 51.15 -24.46
N ASN J 4201 -21.51 50.46 -23.87
CA ASN J 4201 -20.82 49.40 -24.59
C ASN J 4201 -21.78 48.30 -24.99
N ARG J 4202 -22.65 47.88 -24.07
CA ARG J 4202 -23.67 46.89 -24.37
C ARG J 4202 -24.85 47.48 -25.11
N ALA J 4203 -25.18 48.76 -24.88
CA ALA J 4203 -26.34 49.35 -25.51
C ALA J 4203 -26.22 49.33 -27.03
N GLN J 4204 -25.04 49.65 -27.55
CA GLN J 4204 -24.82 49.60 -28.99
C GLN J 4204 -24.51 48.18 -29.44
N TRP J 4205 -25.32 47.22 -29.03
CA TRP J 4205 -25.13 45.83 -29.47
C TRP J 4205 -26.45 45.18 -29.85
N GLU J 4206 -27.56 45.66 -29.26
CA GLU J 4206 -28.87 45.06 -29.51
C GLU J 4206 -29.68 45.83 -30.54
N MET J 4207 -29.13 46.87 -31.14
CA MET J 4207 -29.80 47.53 -32.24
C MET J 4207 -29.93 46.56 -33.42
N PRO J 4208 -31.03 46.60 -34.17
CA PRO J 4208 -31.29 45.56 -35.15
C PRO J 4208 -30.21 45.39 -36.20
N GLN J 4209 -29.50 46.46 -36.57
CA GLN J 4209 -28.50 46.35 -37.62
C GLN J 4209 -27.39 45.37 -37.24
N VAL J 4210 -26.89 45.45 -36.00
CA VAL J 4210 -25.82 44.57 -35.57
C VAL J 4210 -26.33 43.14 -35.44
N LYS J 4211 -27.55 42.97 -34.94
CA LYS J 4211 -28.08 41.63 -34.71
C LYS J 4211 -28.17 40.84 -36.00
N GLU J 4212 -28.62 41.48 -37.08
CA GLU J 4212 -28.68 40.78 -38.37
C GLU J 4212 -27.29 40.46 -38.89
N SER J 4213 -26.30 41.30 -38.58
CA SER J 4213 -24.92 41.00 -38.96
C SER J 4213 -24.42 39.74 -38.26
N LYS J 4214 -24.81 39.56 -36.99
CA LYS J 4214 -24.46 38.34 -36.28
C LYS J 4214 -25.03 37.11 -36.99
N ARG J 4215 -26.31 37.18 -37.37
CA ARG J 4215 -26.97 36.02 -37.98
C ARG J 4215 -26.33 35.66 -39.31
N GLN J 4216 -26.00 36.65 -40.13
CA GLN J 4216 -25.44 36.37 -41.45
C GLN J 4216 -24.02 35.82 -41.32
N PHE J 4217 -23.23 36.34 -40.39
CA PHE J 4217 -21.87 35.83 -40.20
C PHE J 4217 -21.88 34.38 -39.71
N ILE J 4218 -22.76 34.06 -38.77
CA ILE J 4218 -22.83 32.69 -38.26
C ILE J 4218 -23.25 31.73 -39.37
N PHE J 4219 -24.10 32.20 -40.29
CA PHE J 4219 -24.61 31.32 -41.33
C PHE J 4219 -23.50 30.89 -42.29
N ASP J 4220 -22.66 31.83 -42.74
CA ASP J 4220 -21.69 31.56 -43.80
C ASP J 4220 -20.30 31.27 -43.27
N VAL J 4221 -20.18 30.69 -42.08
CA VAL J 4221 -18.91 30.17 -41.59
C VAL J 4221 -18.98 28.71 -41.20
N VAL J 4222 -20.16 28.09 -41.23
CA VAL J 4222 -20.31 26.68 -40.88
C VAL J 4222 -20.43 25.86 -42.16
N ASN J 4223 -21.00 26.46 -43.20
CA ASN J 4223 -21.23 25.79 -44.48
C ASN J 4223 -20.36 26.34 -45.61
N GLU J 4224 -19.15 26.77 -45.27
CA GLU J 4224 -18.06 27.01 -46.24
C GLU J 4224 -16.77 26.53 -45.61
N GLY J 4225 -15.65 26.92 -46.21
CA GLY J 4225 -14.35 26.39 -45.87
C GLY J 4225 -13.74 26.94 -44.59
N GLY J 4226 -14.30 26.61 -43.44
CA GLY J 4226 -13.68 26.98 -42.18
C GLY J 4226 -12.92 25.84 -41.55
N GLU J 4227 -13.46 25.29 -40.46
CA GLU J 4227 -13.07 24.03 -39.82
C GLU J 4227 -11.65 24.05 -39.27
N ALA J 4228 -10.86 25.05 -39.63
CA ALA J 4228 -9.57 25.32 -38.99
C ALA J 4228 -9.37 26.82 -38.75
N GLU J 4229 -9.35 27.59 -39.84
CA GLU J 4229 -9.11 29.02 -39.85
C GLU J 4229 -10.37 29.83 -39.56
N LYS J 4230 -11.39 29.19 -39.01
CA LYS J 4230 -12.61 29.92 -38.66
C LYS J 4230 -12.34 30.98 -37.59
N MET J 4231 -11.36 30.74 -36.72
CA MET J 4231 -11.16 31.64 -35.59
C MET J 4231 -10.66 33.01 -36.03
N GLU J 4232 -9.75 33.06 -37.01
CA GLU J 4232 -9.27 34.35 -37.48
C GLU J 4232 -10.38 35.13 -38.18
N LEU J 4233 -11.33 34.42 -38.80
CA LEU J 4233 -12.50 35.08 -39.35
C LEU J 4233 -13.33 35.73 -38.26
N PHE J 4234 -13.47 35.05 -37.11
CA PHE J 4234 -14.22 35.61 -35.99
C PHE J 4234 -13.55 36.88 -35.48
N VAL J 4235 -12.22 36.88 -35.35
CA VAL J 4235 -11.53 38.11 -34.97
C VAL J 4235 -11.71 39.19 -36.02
N SER J 4236 -11.64 38.81 -37.29
CA SER J 4236 -11.91 39.77 -38.36
C SER J 4236 -13.35 40.26 -38.28
N PHE J 4237 -14.28 39.41 -37.86
CA PHE J 4237 -15.64 39.84 -37.64
C PHE J 4237 -15.72 40.92 -36.56
N CYS J 4238 -14.99 40.73 -35.46
CA CYS J 4238 -15.02 41.72 -34.39
C CYS J 4238 -14.44 43.05 -34.86
N GLU J 4239 -13.37 43.01 -35.66
CA GLU J 4239 -12.67 44.23 -36.02
C GLU J 4239 -13.53 45.17 -36.85
N ASP J 4240 -14.47 44.64 -37.64
CA ASP J 4240 -15.29 45.52 -38.46
C ASP J 4240 -16.52 46.03 -37.72
N THR J 4241 -17.12 45.21 -36.85
CA THR J 4241 -18.19 45.72 -35.99
C THR J 4241 -17.66 46.77 -35.02
N ILE J 4242 -16.37 46.71 -34.69
CA ILE J 4242 -15.74 47.80 -33.95
C ILE J 4242 -15.91 49.10 -34.70
N PHE J 4243 -15.60 49.11 -36.00
CA PHE J 4243 -15.75 50.30 -36.81
C PHE J 4243 -17.22 50.72 -36.93
N GLU J 4244 -18.09 49.72 -37.12
CA GLU J 4244 -19.51 50.01 -37.35
C GLU J 4244 -20.11 50.80 -36.19
N MET J 4245 -19.82 50.39 -34.95
CA MET J 4245 -20.43 51.04 -33.80
C MET J 4245 -19.94 52.46 -33.63
N GLN J 4246 -18.70 52.74 -34.05
CA GLN J 4246 -18.19 54.12 -33.98
C GLN J 4246 -18.97 55.05 -34.90
N ILE J 4247 -19.32 54.58 -36.10
CA ILE J 4247 -20.05 55.41 -37.03
C ILE J 4247 -21.42 55.76 -36.48
N ALA J 4248 -22.12 54.79 -35.90
CA ALA J 4248 -23.46 55.03 -35.38
C ALA J 4248 -23.46 56.09 -34.27
N ALA J 4249 -22.39 56.15 -33.48
CA ALA J 4249 -22.30 57.17 -32.45
C ALA J 4249 -22.20 58.57 -33.06
N GLN J 4250 -21.48 58.68 -34.18
CA GLN J 4250 -21.26 59.98 -34.81
C GLN J 4250 -22.50 60.54 -35.50
N ILE J 4251 -23.58 59.77 -35.61
CA ILE J 4251 -24.82 60.23 -36.23
C ILE J 4251 -25.93 60.41 -35.22
N SER J 4252 -25.61 60.38 -33.93
CA SER J 4252 -26.61 60.54 -32.88
C SER J 4252 -26.02 61.21 -31.65
N TRP J 4541 -20.49 81.40 -45.88
CA TRP J 4541 -19.94 81.57 -44.54
C TRP J 4541 -19.94 80.26 -43.78
N GLY J 4542 -18.95 80.10 -42.90
CA GLY J 4542 -18.75 78.86 -42.17
C GLY J 4542 -20.04 78.29 -41.64
N GLU J 4543 -20.95 79.15 -41.21
CA GLU J 4543 -22.23 78.70 -40.70
C GLU J 4543 -22.80 77.52 -41.46
N LEU J 4544 -22.84 77.60 -42.80
CA LEU J 4544 -23.49 76.53 -43.56
C LEU J 4544 -22.91 75.13 -43.29
N GLU J 4545 -21.68 75.03 -42.78
CA GLU J 4545 -21.04 73.75 -42.44
C GLU J 4545 -21.81 73.00 -41.34
N VAL J 4546 -22.40 73.70 -40.38
CA VAL J 4546 -23.20 73.09 -39.30
C VAL J 4546 -24.48 72.47 -39.85
N GLN J 4547 -25.16 73.18 -40.77
CA GLN J 4547 -26.31 72.66 -41.49
C GLN J 4547 -25.96 71.45 -42.37
N ARG J 4548 -24.85 71.51 -43.12
CA ARG J 4548 -24.43 70.41 -44.02
C ARG J 4548 -24.05 69.13 -43.26
N VAL J 4549 -23.35 69.22 -42.13
CA VAL J 4549 -23.09 68.03 -41.30
C VAL J 4549 -24.39 67.46 -40.72
N LYS J 4550 -25.32 68.30 -40.26
CA LYS J 4550 -26.62 67.83 -39.79
C LYS J 4550 -27.45 67.17 -40.91
N PHE J 4551 -27.39 67.70 -42.13
CA PHE J 4551 -28.09 67.14 -43.28
C PHE J 4551 -27.54 65.78 -43.72
N LEU J 4552 -26.21 65.64 -43.84
CA LEU J 4552 -25.58 64.35 -44.15
C LEU J 4552 -25.83 63.31 -43.06
N ASN J 4553 -25.83 63.69 -41.79
CA ASN J 4553 -26.25 62.81 -40.71
C ASN J 4553 -27.73 62.43 -40.84
N TYR J 4554 -28.60 63.33 -41.32
CA TYR J 4554 -30.02 63.02 -41.52
C TYR J 4554 -30.24 61.99 -42.65
N LEU J 4555 -29.70 62.21 -43.86
CA LEU J 4555 -29.89 61.30 -45.00
C LEU J 4555 -29.35 59.89 -44.73
N SER J 4556 -28.31 59.77 -43.90
CA SER J 4556 -27.76 58.47 -43.49
C SER J 4556 -28.46 57.86 -42.28
N ARG J 4557 -29.11 58.65 -41.42
CA ARG J 4557 -29.81 58.14 -40.23
C ARG J 4557 -31.05 57.30 -40.53
N ASN J 4558 -31.72 57.57 -41.66
CA ASN J 4558 -32.97 56.92 -42.08
C ASN J 4558 -32.92 56.35 -43.52
N PHE J 4559 -31.73 55.95 -43.99
CA PHE J 4559 -31.49 55.42 -45.34
C PHE J 4559 -32.50 54.34 -45.78
N TYR J 4560 -32.93 53.46 -44.88
CA TYR J 4560 -33.90 52.41 -45.23
C TYR J 4560 -35.34 52.91 -45.43
N THR J 4561 -35.71 54.08 -44.91
CA THR J 4561 -37.00 54.70 -45.24
C THR J 4561 -37.01 55.31 -46.64
N LEU J 4562 -35.91 55.91 -47.10
CA LEU J 4562 -35.78 56.42 -48.47
C LEU J 4562 -35.96 55.28 -49.48
N LYS J 4563 -35.41 54.09 -49.18
CA LYS J 4563 -35.63 52.88 -49.99
C LYS J 4563 -37.10 52.45 -50.05
N TYR J 4564 -37.82 52.37 -48.93
CA TYR J 4564 -39.27 52.05 -48.98
C TYR J 4564 -40.08 53.11 -49.74
N LEU J 4565 -39.72 54.38 -49.63
CA LEU J 4565 -40.43 55.46 -50.30
C LEU J 4565 -40.19 55.44 -51.82
N ALA J 4566 -38.97 55.14 -52.29
CA ALA J 4566 -38.72 54.93 -53.71
C ALA J 4566 -39.49 53.73 -54.27
N LEU J 4567 -39.60 52.65 -53.49
CA LEU J 4567 -40.36 51.46 -53.89
C LEU J 4567 -41.86 51.75 -54.03
N PHE J 4568 -42.46 52.49 -53.09
CA PHE J 4568 -43.85 52.92 -53.21
C PHE J 4568 -44.09 53.82 -54.44
N LEU J 4569 -43.19 54.75 -54.76
CA LEU J 4569 -43.33 55.60 -55.94
C LEU J 4569 -43.22 54.84 -57.26
N ALA J 4570 -42.46 53.74 -57.33
CA ALA J 4570 -42.43 52.91 -58.54
C ALA J 4570 -43.83 52.35 -58.84
N PHE J 4571 -44.49 51.71 -57.85
CA PHE J 4571 -45.86 51.23 -58.04
C PHE J 4571 -46.85 52.36 -58.31
N ALA J 4572 -46.76 53.49 -57.61
CA ALA J 4572 -47.66 54.61 -57.89
C ALA J 4572 -47.53 55.12 -59.33
N ILE J 4573 -46.32 55.26 -59.89
CA ILE J 4573 -46.17 55.65 -61.31
C ILE J 4573 -46.70 54.56 -62.24
N ASN J 4574 -46.35 53.28 -62.02
CA ASN J 4574 -46.77 52.21 -62.93
C ASN J 4574 -48.28 51.95 -62.92
N PHE J 4575 -48.98 52.15 -61.81
CA PHE J 4575 -50.44 52.10 -61.81
C PHE J 4575 -51.04 53.19 -62.72
N ILE J 4576 -50.49 54.40 -62.74
CA ILE J 4576 -50.94 55.50 -63.59
C ILE J 4576 -50.62 55.27 -65.06
N LEU J 4577 -49.58 54.49 -65.39
CA LEU J 4577 -49.26 54.12 -66.78
C LEU J 4577 -50.24 53.13 -67.41
N LEU J 4578 -51.01 52.33 -66.64
CA LEU J 4578 -52.00 51.42 -67.23
C LEU J 4578 -53.11 52.15 -68.00
N PHE J 4579 -53.30 53.45 -67.80
CA PHE J 4579 -54.37 54.22 -68.44
C PHE J 4579 -54.00 54.79 -69.81
N TYR J 4580 -52.74 54.90 -70.16
CA TYR J 4580 -52.42 55.58 -71.41
C TYR J 4580 -53.22 55.04 -72.59
N LYS J 4581 -53.46 55.86 -73.60
CA LYS J 4581 -54.18 55.40 -74.77
C LYS J 4581 -53.70 56.09 -76.01
N VAL J 4582 -53.42 55.30 -77.05
CA VAL J 4582 -52.98 55.89 -78.31
C VAL J 4582 -54.18 56.29 -79.12
N SER J 4583 -53.96 56.84 -80.31
CA SER J 4583 -55.06 57.33 -81.15
C SER J 4583 -54.61 57.66 -82.57
N ASP J 4584 -55.48 57.41 -83.55
CA ASP J 4584 -55.23 57.71 -84.96
C ASP J 4584 -55.21 59.21 -85.30
N SER J 4585 -55.71 60.06 -84.41
CA SER J 4585 -55.68 61.54 -84.50
C SER J 4585 -55.69 62.19 -83.12
N PRO J 4586 -55.27 63.46 -82.96
CA PRO J 4586 -55.16 64.10 -81.66
C PRO J 4586 -56.47 64.14 -80.84
N PRO J 4587 -56.40 64.12 -79.49
CA PRO J 4587 -57.56 64.24 -78.60
C PRO J 4587 -58.46 65.45 -78.91
N ASN J 4626 -51.46 61.40 -86.58
CA ASN J 4626 -51.27 59.95 -86.43
C ASN J 4626 -50.40 59.60 -85.20
N MET J 4627 -50.64 58.43 -84.61
CA MET J 4627 -49.89 57.89 -83.49
C MET J 4627 -49.77 58.84 -82.29
N VAL J 4628 -50.89 59.44 -81.86
CA VAL J 4628 -50.92 60.41 -80.76
C VAL J 4628 -51.25 59.69 -79.45
N TYR J 4629 -50.52 59.94 -78.38
CA TYR J 4629 -50.67 59.26 -77.09
C TYR J 4629 -51.44 60.13 -76.10
N TYR J 4630 -52.43 59.56 -75.42
CA TYR J 4630 -53.28 60.24 -74.45
C TYR J 4630 -53.32 59.48 -73.13
N PHE J 4631 -53.44 60.24 -72.04
CA PHE J 4631 -53.53 59.65 -70.71
C PHE J 4631 -54.98 59.73 -70.35
N LEU J 4632 -55.84 59.66 -71.34
CA LEU J 4632 -57.27 59.76 -71.11
C LEU J 4632 -57.75 59.08 -69.84
N GLU J 4633 -58.44 59.84 -69.00
CA GLU J 4633 -59.01 59.29 -67.77
C GLU J 4633 -59.94 60.35 -67.26
N GLU J 4634 -60.93 59.97 -66.45
CA GLU J 4634 -61.79 60.97 -65.86
C GLU J 4634 -60.84 62.03 -65.34
N SER J 4635 -61.01 63.28 -65.77
CA SER J 4635 -60.03 64.30 -65.37
C SER J 4635 -59.64 64.26 -63.89
N THR J 4636 -60.59 64.02 -62.99
CA THR J 4636 -60.43 63.66 -61.56
C THR J 4636 -59.70 64.67 -60.64
N GLY J 4637 -58.93 65.61 -61.17
CA GLY J 4637 -57.82 66.24 -60.44
C GLY J 4637 -56.62 65.28 -60.30
N TYR J 4638 -56.42 64.38 -61.27
CA TYR J 4638 -55.44 63.29 -61.23
C TYR J 4638 -54.92 62.94 -62.63
N MET J 4639 -54.32 61.76 -62.80
CA MET J 4639 -53.65 61.36 -64.04
C MET J 4639 -52.50 62.31 -64.42
N GLU J 4640 -52.57 63.04 -65.53
CA GLU J 4640 -51.42 63.73 -66.13
C GLU J 4640 -50.60 64.63 -65.18
N PRO J 4641 -51.20 65.54 -64.38
CA PRO J 4641 -50.47 66.31 -63.37
C PRO J 4641 -49.77 65.47 -62.30
N ALA J 4642 -50.38 64.37 -61.85
CA ALA J 4642 -49.78 63.46 -60.87
C ALA J 4642 -48.67 62.60 -61.48
N LEU J 4643 -48.78 62.19 -62.74
CA LEU J 4643 -47.69 61.51 -63.45
C LEU J 4643 -46.49 62.45 -63.62
N TRP J 4644 -46.72 63.72 -63.96
CA TRP J 4644 -45.64 64.71 -63.99
C TRP J 4644 -45.01 64.89 -62.60
N CYS J 4645 -45.82 65.13 -61.57
CA CYS J 4645 -45.34 65.38 -60.21
C CYS J 4645 -44.55 64.21 -59.61
N LEU J 4646 -45.04 62.96 -59.68
CA LEU J 4646 -44.34 61.81 -59.12
C LEU J 4646 -43.01 61.51 -59.83
N SER J 4647 -42.85 61.84 -61.10
CA SER J 4647 -41.59 61.62 -61.80
C SER J 4647 -40.43 62.45 -61.23
N LEU J 4648 -40.71 63.65 -60.72
CA LEU J 4648 -39.72 64.46 -59.99
C LEU J 4648 -39.40 63.83 -58.64
N LEU J 4649 -40.39 63.45 -57.83
CA LEU J 4649 -40.11 62.86 -56.53
C LEU J 4649 -39.33 61.56 -56.63
N HIS J 4650 -39.63 60.67 -57.59
CA HIS J 4650 -38.85 59.45 -57.73
C HIS J 4650 -37.41 59.74 -58.11
N THR J 4651 -37.14 60.75 -58.95
CA THR J 4651 -35.77 61.13 -59.30
C THR J 4651 -35.03 61.77 -58.13
N LEU J 4652 -35.68 62.62 -57.36
CA LEU J 4652 -35.09 63.21 -56.16
C LEU J 4652 -34.69 62.12 -55.16
N VAL J 4653 -35.58 61.18 -54.85
CA VAL J 4653 -35.28 60.08 -53.92
C VAL J 4653 -34.21 59.14 -54.47
N ALA J 4654 -34.24 58.79 -55.76
CA ALA J 4654 -33.19 57.98 -56.37
C ALA J 4654 -31.82 58.68 -56.39
N PHE J 4655 -31.78 60.01 -56.41
CA PHE J 4655 -30.55 60.78 -56.22
C PHE J 4655 -30.10 60.78 -54.75
N LEU J 4656 -30.98 61.07 -53.79
CA LEU J 4656 -30.61 61.10 -52.37
C LEU J 4656 -30.07 59.76 -51.85
N MET J 4657 -30.46 58.62 -52.42
CA MET J 4657 -29.87 57.33 -52.05
C MET J 4657 -28.41 57.13 -52.51
N ILE J 4658 -27.90 57.87 -53.51
CA ILE J 4658 -26.46 57.87 -53.81
C ILE J 4658 -25.68 58.51 -52.66
N ILE J 4659 -26.11 59.69 -52.21
CA ILE J 4659 -25.51 60.40 -51.06
C ILE J 4659 -25.68 59.55 -49.79
N GLY J 4660 -26.87 59.02 -49.55
CA GLY J 4660 -27.14 58.17 -48.39
C GLY J 4660 -26.27 56.92 -48.34
N TYR J 4661 -25.94 56.30 -49.47
CA TYR J 4661 -25.01 55.17 -49.52
C TYR J 4661 -23.57 55.60 -49.28
N ASN J 4662 -23.11 56.66 -49.94
CA ASN J 4662 -21.71 57.13 -49.86
C ASN J 4662 -21.27 57.56 -48.46
N CYS J 4663 -22.21 57.89 -47.57
CA CYS J 4663 -21.93 58.38 -46.23
C CYS J 4663 -22.31 57.39 -45.12
N LEU J 4664 -22.59 56.13 -45.47
CA LEU J 4664 -23.03 55.10 -44.53
C LEU J 4664 -22.41 53.73 -44.81
N LYS J 4665 -22.38 53.29 -46.08
CA LYS J 4665 -22.00 51.92 -46.45
C LYS J 4665 -20.69 51.82 -47.25
N VAL J 4666 -20.10 52.96 -47.59
CA VAL J 4666 -18.84 53.00 -48.33
C VAL J 4666 -17.62 53.12 -47.42
N PRO J 4667 -17.77 53.76 -46.25
CA PRO J 4667 -16.62 53.79 -45.37
C PRO J 4667 -16.13 52.37 -45.05
N LEU J 4668 -17.02 51.48 -44.65
CA LEU J 4668 -16.61 50.14 -44.27
C LEU J 4668 -16.00 49.44 -45.45
N VAL J 4669 -16.50 49.71 -46.65
CA VAL J 4669 -15.90 49.15 -47.85
C VAL J 4669 -14.44 49.57 -47.91
N ILE J 4670 -14.19 50.87 -48.02
CA ILE J 4670 -12.80 51.29 -48.17
C ILE J 4670 -11.95 50.75 -47.01
N PHE J 4671 -12.56 50.53 -45.86
CA PHE J 4671 -11.84 49.97 -44.71
C PHE J 4671 -11.38 48.54 -44.94
N LYS J 4672 -12.32 47.62 -45.14
CA LYS J 4672 -11.94 46.23 -45.33
C LYS J 4672 -10.97 46.10 -46.48
N ARG J 4673 -10.62 47.22 -47.09
CA ARG J 4673 -9.70 47.25 -48.21
C ARG J 4673 -8.32 47.70 -47.78
N GLU J 4674 -8.22 48.69 -46.89
CA GLU J 4674 -6.83 49.03 -46.48
C GLU J 4674 -6.14 48.01 -45.57
N LYS J 4675 -6.92 47.47 -44.65
CA LYS J 4675 -6.39 46.45 -43.78
C LYS J 4675 -5.65 45.44 -44.61
N GLU J 4676 -6.36 44.79 -45.52
CA GLU J 4676 -5.73 43.80 -46.38
C GLU J 4676 -4.35 44.25 -46.83
N LEU J 4677 -4.28 45.34 -47.56
CA LEU J 4677 -3.00 45.80 -48.08
C LEU J 4677 -1.96 45.90 -46.97
N ALA J 4678 -2.27 46.64 -45.91
CA ALA J 4678 -1.29 46.84 -44.84
C ALA J 4678 -1.13 45.62 -43.97
N ARG J 4679 -1.58 44.47 -44.44
CA ARG J 4679 -1.43 43.24 -43.69
C ARG J 4679 -0.69 42.24 -44.56
N LYS J 4680 -0.54 42.57 -45.84
CA LYS J 4680 0.20 41.71 -46.73
C LYS J 4680 1.62 42.19 -46.76
N LEU J 4681 1.79 43.49 -46.91
CA LEU J 4681 3.12 44.08 -47.01
C LEU J 4681 4.04 43.61 -45.90
N GLU J 4682 3.60 43.69 -44.67
CA GLU J 4682 4.45 43.33 -43.55
C GLU J 4682 4.65 41.83 -43.37
N PHE J 4683 3.61 41.12 -42.94
CA PHE J 4683 3.75 39.70 -42.66
C PHE J 4683 3.87 38.78 -43.87
N ASP J 4684 4.21 39.31 -45.04
CA ASP J 4684 4.40 38.47 -46.22
C ASP J 4684 5.43 39.04 -47.17
N GLY J 4685 5.39 40.36 -47.38
CA GLY J 4685 6.34 40.99 -48.27
C GLY J 4685 5.82 41.08 -49.68
N LEU J 4686 4.53 41.30 -49.84
CA LEU J 4686 3.94 41.35 -51.16
C LEU J 4686 4.83 42.04 -52.17
N TYR J 4687 4.87 43.37 -52.13
CA TYR J 4687 5.63 44.10 -53.13
C TYR J 4687 7.11 44.23 -52.76
N ILE J 4688 7.47 43.76 -51.57
CA ILE J 4688 8.85 43.86 -51.13
C ILE J 4688 9.65 42.63 -51.54
N THR J 4689 8.96 41.54 -51.82
CA THR J 4689 9.63 40.31 -52.25
C THR J 4689 8.97 39.72 -53.49
N GLU J 4690 7.69 39.39 -53.41
CA GLU J 4690 6.99 38.83 -54.55
C GLU J 4690 6.37 39.92 -55.42
N GLN J 4691 5.16 39.69 -55.91
CA GLN J 4691 4.58 40.66 -56.79
C GLN J 4691 3.15 40.28 -57.05
N PRO J 4692 2.27 41.27 -57.16
CA PRO J 4692 0.88 40.97 -57.47
C PRO J 4692 0.76 39.72 -58.32
N GLY J 4693 1.34 39.75 -59.51
CA GLY J 4693 1.30 38.59 -60.38
C GLY J 4693 0.29 38.70 -61.51
N ASP J 4694 0.04 39.92 -61.96
CA ASP J 4694 -0.89 40.16 -63.06
C ASP J 4694 -2.32 39.76 -62.72
N ASP J 4695 -2.65 38.48 -62.90
CA ASP J 4695 -4.01 38.00 -62.63
C ASP J 4695 -4.77 38.82 -61.60
N ASP J 4696 -4.15 39.12 -60.47
CA ASP J 4696 -4.84 39.85 -59.41
C ASP J 4696 -5.08 41.31 -59.74
N VAL J 4697 -5.99 41.57 -60.67
CA VAL J 4697 -6.32 42.95 -61.02
C VAL J 4697 -6.49 43.79 -59.76
N LYS J 4698 -7.30 43.31 -58.83
CA LYS J 4698 -7.48 44.02 -57.58
C LYS J 4698 -6.11 44.32 -57.02
N GLY J 4699 -5.31 43.29 -56.89
CA GLY J 4699 -3.95 43.47 -56.41
C GLY J 4699 -3.12 44.34 -57.31
N GLN J 4700 -3.77 45.14 -58.14
CA GLN J 4700 -3.05 46.05 -59.00
C GLN J 4700 -3.64 47.44 -58.93
N TRP J 4701 -4.95 47.54 -58.96
CA TRP J 4701 -5.53 48.84 -58.78
C TRP J 4701 -4.97 49.36 -57.49
N ASP J 4702 -4.51 48.47 -56.61
CA ASP J 4702 -4.07 48.92 -55.29
C ASP J 4702 -2.58 49.11 -55.18
N ARG J 4703 -1.89 49.17 -56.29
CA ARG J 4703 -0.48 49.47 -56.23
C ARG J 4703 -0.35 50.97 -56.34
N LEU J 4704 -1.48 51.66 -56.37
CA LEU J 4704 -1.47 53.10 -56.52
C LEU J 4704 -1.44 53.77 -55.18
N VAL J 4705 -2.10 53.18 -54.19
CA VAL J 4705 -2.20 53.81 -52.88
C VAL J 4705 -0.94 53.65 -52.06
N LEU J 4706 -0.26 52.51 -52.20
CA LEU J 4706 0.94 52.25 -51.40
C LEU J 4706 1.73 53.53 -51.17
N ASN J 4707 2.11 54.21 -52.24
CA ASN J 4707 2.90 55.44 -52.13
C ASN J 4707 2.16 56.60 -51.51
N THR J 4708 0.84 56.62 -51.64
CA THR J 4708 0.04 57.76 -51.16
C THR J 4708 0.42 58.15 -49.75
N PRO J 4709 0.24 59.44 -49.42
CA PRO J 4709 0.62 59.93 -48.10
C PRO J 4709 -0.50 59.82 -47.10
N SER J 4710 -1.50 59.02 -47.42
CA SER J 4710 -2.59 58.82 -46.48
C SER J 4710 -3.03 57.38 -46.51
N PHE J 4711 -2.08 56.50 -46.83
CA PHE J 4711 -2.41 55.09 -47.02
C PHE J 4711 -3.18 54.53 -45.84
N PRO J 4712 -2.64 54.69 -44.64
CA PRO J 4712 -3.47 54.18 -43.55
C PRO J 4712 -4.46 55.27 -43.18
N SER J 4713 -5.44 55.53 -44.03
CA SER J 4713 -6.45 56.53 -43.73
C SER J 4713 -7.50 55.96 -42.79
N ASN J 4714 -8.47 55.23 -43.33
CA ASN J 4714 -9.48 54.60 -42.49
C ASN J 4714 -8.92 53.29 -41.95
N TYR J 4715 -7.82 53.37 -41.22
CA TYR J 4715 -7.23 52.18 -40.62
C TYR J 4715 -6.47 52.67 -39.41
N TRP J 4716 -6.65 52.00 -38.27
CA TRP J 4716 -6.02 52.48 -37.05
C TRP J 4716 -4.52 52.71 -37.14
N ASP J 4717 -3.75 51.73 -37.60
CA ASP J 4717 -2.29 51.85 -37.60
C ASP J 4717 -1.74 52.81 -38.62
N LYS J 4718 -1.58 54.07 -38.23
CA LYS J 4718 -0.99 55.03 -39.13
C LYS J 4718 0.53 54.94 -39.06
N PHE J 4719 1.05 53.73 -38.93
CA PHE J 4719 2.49 53.53 -38.83
C PHE J 4719 2.96 52.38 -39.70
N VAL J 4720 2.02 51.65 -40.30
CA VAL J 4720 2.37 50.55 -41.17
C VAL J 4720 3.62 50.91 -41.94
N LYS J 4721 3.60 52.04 -42.62
CA LYS J 4721 4.78 52.50 -43.34
C LYS J 4721 5.84 52.90 -42.35
N ARG J 4722 6.55 51.93 -41.77
CA ARG J 4722 7.61 52.19 -40.81
C ARG J 4722 7.82 50.90 -40.08
N LYS J 4723 6.91 49.97 -40.26
CA LYS J 4723 7.09 48.66 -39.67
C LYS J 4723 7.48 47.75 -40.80
N VAL J 4724 7.41 48.26 -42.03
CA VAL J 4724 7.88 47.48 -43.16
C VAL J 4724 9.28 47.95 -43.49
N LEU J 4725 9.58 49.22 -43.21
CA LEU J 4725 10.93 49.70 -43.43
C LEU J 4725 11.83 49.08 -42.40
N ASP J 4726 11.30 48.87 -41.21
CA ASP J 4726 12.11 48.31 -40.15
C ASP J 4726 12.33 46.84 -40.37
N LYS J 4727 11.39 46.16 -41.00
CA LYS J 4727 11.51 44.72 -41.20
C LYS J 4727 12.28 44.41 -42.47
N HIS J 4728 11.60 44.40 -43.60
CA HIS J 4728 12.26 44.11 -44.86
C HIS J 4728 13.12 45.28 -45.24
N GLY J 4729 13.86 45.83 -44.29
CA GLY J 4729 14.65 47.01 -44.55
C GLY J 4729 16.14 46.79 -44.61
N ASP J 4730 16.58 45.54 -44.45
CA ASP J 4730 17.99 45.23 -44.57
C ASP J 4730 18.21 44.39 -45.79
N ILE J 4731 17.56 43.24 -45.85
CA ILE J 4731 17.67 42.39 -47.03
C ILE J 4731 17.31 43.17 -48.28
N PHE J 4732 16.64 44.31 -48.12
CA PHE J 4732 16.33 45.16 -49.26
C PHE J 4732 16.74 46.56 -48.88
N GLY J 4733 17.34 47.29 -49.80
CA GLY J 4733 17.84 48.60 -49.47
C GLY J 4733 16.95 49.46 -48.60
N ARG J 4734 17.46 49.90 -47.47
CA ARG J 4734 16.70 50.80 -46.62
C ARG J 4734 16.26 52.00 -47.43
N GLU J 4735 16.90 52.22 -48.58
CA GLU J 4735 16.53 53.33 -49.44
C GLU J 4735 15.86 52.82 -50.71
N ARG J 4736 15.34 51.61 -50.64
CA ARG J 4736 14.61 51.07 -51.78
C ARG J 4736 13.20 50.84 -51.31
N ILE J 4737 13.04 50.37 -50.08
CA ILE J 4737 11.70 50.21 -49.52
C ILE J 4737 11.31 51.56 -48.96
N ALA J 4738 12.15 52.56 -49.20
CA ALA J 4738 11.84 53.89 -48.74
C ALA J 4738 11.19 54.64 -49.87
N GLU J 4739 10.56 53.91 -50.78
CA GLU J 4739 9.84 54.55 -51.87
C GLU J 4739 8.49 53.89 -52.10
N LEU J 4740 8.48 52.59 -52.36
CA LEU J 4740 7.23 51.90 -52.67
C LEU J 4740 6.43 51.82 -51.41
N LEU J 4741 6.52 52.86 -50.60
CA LEU J 4741 5.75 52.91 -49.38
C LEU J 4741 5.72 54.36 -49.02
N GLY J 4742 5.89 55.20 -50.02
CA GLY J 4742 5.88 56.61 -49.78
C GLY J 4742 7.03 56.97 -48.89
N MET J 4743 6.75 57.61 -47.77
CA MET J 4743 7.81 58.04 -46.85
C MET J 4743 9.09 58.38 -47.61
N ASP J 4744 8.93 59.04 -48.75
CA ASP J 4744 10.09 59.45 -49.53
C ASP J 4744 10.95 60.38 -48.71
N LEU J 4745 12.22 60.04 -48.51
CA LEU J 4745 13.12 60.85 -47.69
C LEU J 4745 12.66 60.88 -46.24
N ALA J 4746 11.42 60.49 -45.98
CA ALA J 4746 10.93 60.44 -44.62
C ALA J 4746 11.85 59.54 -43.83
N SER J 4747 12.42 58.53 -44.50
CA SER J 4747 13.36 57.67 -43.83
C SER J 4747 14.36 58.54 -43.11
N LEU J 4748 14.69 59.68 -43.71
CA LEU J 4748 15.59 60.62 -43.07
C LEU J 4748 14.79 61.54 -42.17
N GLU J 4749 13.60 61.93 -42.61
CA GLU J 4749 12.75 62.79 -41.79
C GLU J 4749 12.06 61.98 -40.70
N ILE J 4750 12.75 60.97 -40.18
CA ILE J 4750 12.17 60.13 -39.16
C ILE J 4750 12.15 60.82 -37.80
N LEU J 4765 -10.35 77.99 -49.87
CA LEU J 4765 -10.02 77.66 -48.48
C LEU J 4765 -9.25 76.35 -48.39
N THR J 4766 -9.83 75.36 -47.72
CA THR J 4766 -9.17 74.06 -47.61
C THR J 4766 -9.41 73.24 -48.87
N TRP J 4767 -10.07 72.10 -48.73
CA TRP J 4767 -10.36 71.26 -49.88
C TRP J 4767 -9.34 71.44 -50.99
N LEU J 4768 -9.67 72.24 -51.99
CA LEU J 4768 -8.77 72.46 -53.12
C LEU J 4768 -7.31 72.63 -52.69
N MET J 4769 -7.08 73.25 -51.55
CA MET J 4769 -5.72 73.47 -51.09
C MET J 4769 -4.99 72.18 -50.74
N SER J 4770 -5.71 71.20 -50.17
CA SER J 4770 -5.05 69.96 -49.75
C SER J 4770 -5.79 68.73 -50.22
N ILE J 4771 -5.35 68.15 -51.33
CA ILE J 4771 -5.99 66.97 -51.88
C ILE J 4771 -4.97 66.04 -52.50
N ASP J 4772 -4.79 64.87 -51.91
CA ASP J 4772 -3.87 63.90 -52.49
C ASP J 4772 -4.47 63.36 -53.77
N VAL J 4773 -4.38 64.14 -54.84
CA VAL J 4773 -4.95 63.73 -56.11
C VAL J 4773 -4.80 62.24 -56.32
N LYS J 4774 -3.61 61.70 -56.10
CA LYS J 4774 -3.37 60.29 -56.37
C LYS J 4774 -4.09 59.33 -55.41
N TYR J 4775 -4.40 59.75 -54.18
CA TYR J 4775 -5.11 58.83 -53.33
C TYR J 4775 -6.54 58.82 -53.79
N GLN J 4776 -7.11 60.00 -54.00
CA GLN J 4776 -8.49 60.10 -54.43
C GLN J 4776 -8.74 59.22 -55.63
N ILE J 4777 -7.87 59.29 -56.63
CA ILE J 4777 -8.01 58.43 -57.79
C ILE J 4777 -8.17 56.99 -57.33
N TRP J 4778 -7.17 56.47 -56.64
CA TRP J 4778 -7.25 55.11 -56.15
C TRP J 4778 -8.61 54.87 -55.52
N LYS J 4779 -8.97 55.72 -54.56
CA LYS J 4779 -10.23 55.54 -53.87
C LYS J 4779 -11.36 55.36 -54.85
N PHE J 4780 -11.55 56.33 -55.73
CA PHE J 4780 -12.66 56.27 -56.66
C PHE J 4780 -12.73 54.92 -57.35
N GLY J 4781 -11.64 54.48 -57.93
CA GLY J 4781 -11.62 53.17 -58.54
C GLY J 4781 -12.28 52.16 -57.63
N VAL J 4782 -11.74 52.01 -56.42
CA VAL J 4782 -12.28 51.03 -55.48
C VAL J 4782 -13.79 51.14 -55.30
N ILE J 4783 -14.41 52.30 -55.45
CA ILE J 4783 -15.91 52.32 -55.31
C ILE J 4783 -16.81 51.90 -56.53
N PHE J 4784 -16.48 52.29 -57.76
CA PHE J 4784 -17.34 51.99 -58.93
C PHE J 4784 -17.35 50.52 -59.35
N THR J 4785 -16.69 49.65 -58.61
CA THR J 4785 -16.65 48.19 -58.82
C THR J 4785 -17.38 47.41 -57.73
N ASP J 4786 -17.95 48.07 -56.73
CA ASP J 4786 -18.81 47.42 -55.74
C ASP J 4786 -20.19 47.10 -56.34
N ASN J 4787 -20.60 45.84 -56.29
CA ASN J 4787 -21.87 45.39 -56.87
C ASN J 4787 -23.10 46.03 -56.21
N SER J 4788 -23.00 46.59 -55.01
CA SER J 4788 -24.08 47.36 -54.39
C SER J 4788 -24.12 48.83 -54.85
N PHE J 4789 -22.95 49.42 -55.15
CA PHE J 4789 -22.90 50.78 -55.69
C PHE J 4789 -23.39 50.82 -57.13
N LEU J 4790 -22.94 49.88 -57.98
CA LEU J 4790 -23.36 49.85 -59.38
C LEU J 4790 -24.89 49.70 -59.54
N TYR J 4791 -25.54 48.91 -58.69
CA TYR J 4791 -27.00 48.83 -58.69
C TYR J 4791 -27.64 50.18 -58.33
N SER J 4792 -27.12 50.87 -57.33
CA SER J 4792 -27.63 52.18 -56.91
C SER J 4792 -27.43 53.25 -57.99
N GLY J 4793 -26.33 53.21 -58.74
CA GLY J 4793 -26.10 54.09 -59.88
C GLY J 4793 -27.06 53.82 -61.04
N TRP J 4794 -27.28 52.56 -61.40
CA TRP J 4794 -28.25 52.18 -62.42
C TRP J 4794 -29.66 52.66 -62.11
N TYR J 4795 -30.11 52.53 -60.85
CA TYR J 4795 -31.43 52.98 -60.44
C TYR J 4795 -31.65 54.47 -60.72
N MET J 4796 -30.65 55.30 -60.42
CA MET J 4796 -30.65 56.73 -60.73
C MET J 4796 -30.67 57.00 -62.23
N VAL J 4797 -29.82 56.32 -63.02
CA VAL J 4797 -29.79 56.52 -64.49
C VAL J 4797 -31.13 56.21 -65.13
N MET J 4798 -31.80 55.11 -64.78
CA MET J 4798 -33.12 54.82 -65.33
C MET J 4798 -34.16 55.87 -64.93
N SER J 4799 -34.05 56.49 -63.76
CA SER J 4799 -34.95 57.57 -63.35
C SER J 4799 -34.75 58.85 -64.17
N LEU J 4800 -33.54 59.09 -64.69
CA LEU J 4800 -33.29 60.16 -65.67
C LEU J 4800 -33.88 59.80 -67.05
N LEU J 4801 -33.69 58.58 -67.54
CA LEU J 4801 -34.33 58.12 -68.78
C LEU J 4801 -35.87 58.17 -68.68
N GLY J 4802 -36.45 58.04 -67.49
CA GLY J 4802 -37.88 58.22 -67.25
C GLY J 4802 -38.43 59.58 -67.67
N HIS J 4803 -37.59 60.61 -67.79
CA HIS J 4803 -37.97 61.92 -68.33
C HIS J 4803 -37.88 62.02 -69.86
N TYR J 4804 -37.12 61.14 -70.51
CA TYR J 4804 -37.06 61.03 -71.97
C TYR J 4804 -38.27 60.28 -72.54
N ASN J 4805 -38.69 59.20 -71.88
CA ASN J 4805 -39.88 58.42 -72.23
C ASN J 4805 -40.42 57.71 -70.98
N ASN J 4806 -41.62 58.03 -70.51
CA ASN J 4806 -42.06 57.61 -69.17
C ASN J 4806 -42.13 56.10 -68.96
N PHE J 4807 -42.24 55.30 -70.01
CA PHE J 4807 -42.22 53.84 -69.88
C PHE J 4807 -40.90 53.29 -69.32
N PHE J 4808 -39.78 54.03 -69.33
CA PHE J 4808 -38.56 53.60 -68.66
C PHE J 4808 -38.73 53.46 -67.14
N PHE J 4809 -39.72 54.11 -66.51
CA PHE J 4809 -40.03 53.85 -65.10
C PHE J 4809 -40.54 52.43 -64.84
N ALA J 4810 -40.94 51.66 -65.85
CA ALA J 4810 -41.25 50.25 -65.68
C ALA J 4810 -40.03 49.40 -65.33
N ALA J 4811 -38.80 49.85 -65.62
CA ALA J 4811 -37.60 49.10 -65.23
C ALA J 4811 -37.47 49.00 -63.70
N HIS J 4812 -37.89 50.02 -62.96
CA HIS J 4812 -37.81 50.03 -61.49
C HIS J 4812 -38.70 49.00 -60.80
N LEU J 4813 -39.61 48.34 -61.50
CA LEU J 4813 -40.40 47.30 -60.85
C LEU J 4813 -39.62 46.01 -60.68
N LEU J 4814 -38.38 46.00 -61.16
CA LEU J 4814 -37.56 44.80 -61.07
C LEU J 4814 -37.00 44.64 -59.68
N ASP J 4815 -37.18 45.63 -58.82
CA ASP J 4815 -36.74 45.49 -57.44
C ASP J 4815 -37.68 44.53 -56.74
N ILE J 4816 -38.90 44.41 -57.27
CA ILE J 4816 -39.88 43.48 -56.70
C ILE J 4816 -39.33 42.07 -56.79
N ALA J 4817 -38.06 41.91 -57.17
CA ALA J 4817 -37.37 40.63 -57.14
C ALA J 4817 -36.07 40.67 -56.32
N MET J 4818 -35.58 41.85 -55.94
CA MET J 4818 -34.20 41.99 -55.52
C MET J 4818 -33.96 41.61 -54.05
N GLU J 4819 -34.70 42.17 -53.09
CA GLU J 4819 -34.49 41.87 -51.66
C GLU J 4819 -35.72 42.05 -50.74
N VAL J 4820 -36.82 41.39 -51.08
CA VAL J 4820 -37.82 40.95 -50.08
C VAL J 4820 -37.73 39.42 -49.97
N LYS J 4821 -37.72 38.88 -48.74
CA LYS J 4821 -37.13 37.58 -48.46
C LYS J 4821 -37.79 36.40 -49.20
N THR J 4822 -39.10 36.42 -49.40
CA THR J 4822 -39.81 35.38 -50.17
C THR J 4822 -39.42 35.41 -51.65
N LEU J 4823 -39.32 36.58 -52.29
CA LEU J 4823 -38.84 36.67 -53.68
C LEU J 4823 -37.36 36.31 -53.78
N ARG J 4824 -36.50 36.81 -52.88
CA ARG J 4824 -35.06 36.49 -52.93
C ARG J 4824 -34.81 35.00 -52.73
N THR J 4825 -35.44 34.34 -51.77
CA THR J 4825 -35.26 32.88 -51.61
C THR J 4825 -35.82 32.08 -52.78
N ILE J 4826 -36.94 32.50 -53.40
CA ILE J 4826 -37.45 31.85 -54.62
C ILE J 4826 -36.49 32.04 -55.80
N LEU J 4827 -36.06 33.26 -56.13
CA LEU J 4827 -35.14 33.51 -57.25
C LEU J 4827 -33.75 32.91 -57.02
N SER J 4828 -33.30 32.80 -55.77
CA SER J 4828 -32.03 32.14 -55.41
C SER J 4828 -31.99 30.68 -55.87
N SER J 4829 -33.13 29.98 -55.94
CA SER J 4829 -33.20 28.63 -56.51
C SER J 4829 -32.91 28.56 -58.01
N VAL J 4830 -33.07 29.68 -58.74
CA VAL J 4830 -32.77 29.78 -60.17
C VAL J 4830 -31.33 30.21 -60.41
N THR J 4831 -30.89 31.18 -59.61
CA THR J 4831 -29.52 31.66 -59.70
C THR J 4831 -28.64 30.56 -59.26
N HIS J 4832 -28.86 30.04 -58.04
CA HIS J 4832 -28.11 28.87 -57.64
C HIS J 4832 -28.37 27.98 -58.81
N ASN J 4833 -27.31 27.48 -59.44
CA ASN J 4833 -27.45 26.67 -60.65
C ASN J 4833 -27.57 27.59 -61.85
N GLY J 4834 -26.43 28.06 -62.37
CA GLY J 4834 -26.43 28.92 -63.54
C GLY J 4834 -25.72 28.23 -64.69
N LYS J 4835 -24.38 28.20 -64.66
CA LYS J 4835 -23.65 27.48 -65.69
C LYS J 4835 -24.26 26.13 -66.08
N GLN J 4836 -24.96 25.48 -65.16
CA GLN J 4836 -25.61 24.25 -65.56
C GLN J 4836 -26.67 24.64 -66.58
N LEU J 4837 -27.62 25.45 -66.13
CA LEU J 4837 -28.73 25.89 -66.98
C LEU J 4837 -28.36 26.58 -68.28
N VAL J 4838 -27.59 27.66 -68.17
CA VAL J 4838 -27.13 28.34 -69.37
C VAL J 4838 -26.47 27.33 -70.29
N MET J 4839 -26.03 26.20 -69.75
CA MET J 4839 -25.45 25.17 -70.59
C MET J 4839 -26.57 24.26 -71.08
N THR J 4840 -27.52 23.95 -70.21
CA THR J 4840 -28.65 23.16 -70.64
C THR J 4840 -29.22 23.77 -71.90
N VAL J 4841 -29.52 25.07 -71.85
CA VAL J 4841 -30.07 25.73 -73.03
C VAL J 4841 -29.10 25.58 -74.19
N GLY J 4842 -27.81 25.61 -73.91
CA GLY J 4842 -26.84 25.40 -74.95
C GLY J 4842 -27.10 24.11 -75.69
N LEU J 4843 -27.23 23.02 -74.95
CA LEU J 4843 -27.51 21.74 -75.58
C LEU J 4843 -28.82 21.79 -76.34
N LEU J 4844 -29.82 22.47 -75.80
CA LEU J 4844 -31.10 22.57 -76.47
C LEU J 4844 -31.01 23.43 -77.71
N ALA J 4845 -29.82 23.54 -78.27
CA ALA J 4845 -29.66 24.29 -79.50
C ALA J 4845 -28.83 23.45 -80.42
N VAL J 4846 -27.94 22.65 -79.85
CA VAL J 4846 -27.14 21.75 -80.65
C VAL J 4846 -27.96 20.50 -80.86
N VAL J 4847 -29.11 20.40 -80.20
CA VAL J 4847 -29.98 19.26 -80.39
C VAL J 4847 -31.16 19.68 -81.24
N VAL J 4848 -31.15 20.90 -81.74
CA VAL J 4848 -32.19 21.35 -82.64
C VAL J 4848 -31.50 21.74 -83.92
N TYR J 4849 -30.18 21.77 -83.91
CA TYR J 4849 -29.43 22.06 -85.11
C TYR J 4849 -29.27 20.79 -85.87
N LEU J 4850 -29.21 19.68 -85.15
CA LEU J 4850 -29.02 18.39 -85.79
C LEU J 4850 -30.32 17.93 -86.40
N TYR J 4851 -31.45 18.29 -85.79
CA TYR J 4851 -32.72 17.93 -86.38
C TYR J 4851 -32.99 18.87 -87.53
N THR J 4852 -32.18 19.92 -87.66
CA THR J 4852 -32.33 20.81 -88.78
C THR J 4852 -31.59 20.21 -89.96
N VAL J 4853 -30.34 19.84 -89.77
CA VAL J 4853 -29.53 19.28 -90.84
C VAL J 4853 -30.21 18.11 -91.53
N VAL J 4854 -30.32 16.97 -90.86
CA VAL J 4854 -31.01 15.78 -91.39
C VAL J 4854 -32.18 16.14 -92.28
N ALA J 4855 -33.32 16.55 -91.71
CA ALA J 4855 -34.44 16.98 -92.50
C ALA J 4855 -33.92 17.39 -93.84
N PHE J 4856 -33.35 18.57 -93.92
CA PHE J 4856 -32.81 19.07 -95.19
C PHE J 4856 -32.51 17.97 -96.17
N ASN J 4857 -31.37 17.32 -96.00
CA ASN J 4857 -30.97 16.26 -96.93
C ASN J 4857 -32.16 15.47 -97.47
N PHE J 4858 -33.03 15.00 -96.60
CA PHE J 4858 -34.09 14.14 -97.11
C PHE J 4858 -35.44 14.81 -97.06
N PHE J 4859 -35.97 15.01 -95.87
CA PHE J 4859 -37.29 15.58 -95.76
C PHE J 4859 -37.25 17.07 -96.00
N ARG J 4860 -37.24 17.49 -97.25
CA ARG J 4860 -37.28 18.91 -97.57
C ARG J 4860 -38.59 19.22 -98.26
N LYS J 4861 -39.26 18.18 -98.75
CA LYS J 4861 -40.53 18.37 -99.42
C LYS J 4861 -41.66 18.19 -98.42
N PHE J 4862 -41.47 17.30 -97.46
CA PHE J 4862 -42.49 17.05 -96.45
C PHE J 4862 -42.76 18.31 -95.68
N TYR J 4863 -41.91 19.33 -95.86
CA TYR J 4863 -42.10 20.63 -95.21
C TYR J 4863 -42.98 21.55 -96.01
N ASN J 4864 -42.55 22.80 -96.17
CA ASN J 4864 -43.31 23.80 -96.96
C ASN J 4864 -44.56 24.27 -96.23
N LYS J 4865 -44.69 25.59 -96.06
CA LYS J 4865 -45.82 26.11 -95.31
C LYS J 4865 -46.62 27.14 -96.08
N SER J 4866 -47.17 26.75 -97.22
CA SER J 4866 -48.00 27.66 -98.00
C SER J 4866 -49.29 26.98 -98.41
N GLU J 4867 -50.19 27.72 -99.04
CA GLU J 4867 -51.46 27.14 -99.48
C GLU J 4867 -51.80 27.58 -100.90
N ASP J 4868 -51.40 28.79 -101.27
CA ASP J 4868 -51.66 29.29 -102.61
C ASP J 4868 -51.07 28.35 -103.64
N GLU J 4869 -51.77 28.14 -104.74
CA GLU J 4869 -51.26 27.28 -105.80
C GLU J 4869 -49.80 27.58 -106.01
N ASP J 4870 -49.48 28.85 -106.24
CA ASP J 4870 -48.09 29.24 -106.36
C ASP J 4870 -47.51 29.22 -104.97
N GLU J 4871 -47.38 28.03 -104.39
CA GLU J 4871 -46.91 27.92 -103.01
C GLU J 4871 -45.41 28.04 -102.88
N PRO J 4872 -44.95 29.12 -102.24
CA PRO J 4872 -43.52 29.24 -102.00
C PRO J 4872 -43.28 28.99 -100.52
N ASP J 4873 -43.13 30.06 -99.74
CA ASP J 4873 -42.87 29.92 -98.31
C ASP J 4873 -42.29 28.57 -97.97
N MET J 4874 -41.16 28.22 -98.58
CA MET J 4874 -40.53 26.96 -98.29
C MET J 4874 -39.48 27.17 -97.22
N LYS J 4875 -39.81 26.81 -95.99
CA LYS J 4875 -38.89 27.05 -94.90
C LYS J 4875 -37.77 26.03 -94.83
N CYS J 4876 -37.33 25.53 -95.98
CA CYS J 4876 -36.20 24.60 -95.99
C CYS J 4876 -35.41 24.72 -97.27
N ASP J 4877 -35.41 25.91 -97.81
CA ASP J 4877 -34.81 26.02 -99.11
C ASP J 4877 -33.87 27.14 -99.02
N ASP J 4878 -33.51 27.45 -97.80
CA ASP J 4878 -32.53 28.46 -97.64
C ASP J 4878 -31.66 28.19 -96.47
N MET J 4879 -30.83 29.16 -96.16
CA MET J 4879 -29.85 28.98 -95.11
C MET J 4879 -30.32 28.57 -93.76
N MET J 4880 -30.34 29.54 -92.84
CA MET J 4880 -30.78 29.28 -91.48
C MET J 4880 -32.28 29.12 -91.30
N THR J 4881 -33.10 29.67 -92.20
CA THR J 4881 -34.55 29.61 -92.02
C THR J 4881 -34.99 28.32 -91.38
N CYS J 4882 -34.48 27.19 -91.85
CA CYS J 4882 -34.81 25.93 -91.21
C CYS J 4882 -34.27 25.95 -89.79
N TYR J 4883 -32.95 26.13 -89.58
CA TYR J 4883 -32.55 26.19 -88.18
C TYR J 4883 -33.51 27.06 -87.41
N LEU J 4884 -33.95 28.16 -87.99
CA LEU J 4884 -34.93 29.00 -87.31
C LEU J 4884 -36.24 28.25 -87.15
N PHE J 4885 -36.83 27.82 -88.26
CA PHE J 4885 -38.09 27.09 -88.21
C PHE J 4885 -38.05 25.97 -87.20
N HIS J 4886 -36.87 25.49 -86.86
CA HIS J 4886 -36.79 24.37 -85.93
C HIS J 4886 -36.63 24.85 -84.51
N MET J 4887 -36.12 26.06 -84.33
CA MET J 4887 -36.00 26.62 -82.99
C MET J 4887 -37.21 27.49 -82.69
N TYR J 4888 -38.13 27.63 -83.61
CA TYR J 4888 -39.24 28.53 -83.36
C TYR J 4888 -40.44 27.68 -83.28
N VAL J 4889 -41.01 27.36 -84.43
CA VAL J 4889 -42.15 26.47 -84.45
C VAL J 4889 -41.90 25.22 -83.64
N GLY J 4890 -40.75 24.59 -83.82
CA GLY J 4890 -40.44 23.37 -83.12
C GLY J 4890 -40.41 23.47 -81.61
N VAL J 4891 -39.24 23.56 -80.99
CA VAL J 4891 -39.16 23.56 -79.53
C VAL J 4891 -40.45 23.93 -78.81
N ARG J 4892 -41.09 25.02 -79.22
CA ARG J 4892 -42.32 25.46 -78.57
C ARG J 4892 -43.57 24.81 -79.12
N ALA J 4893 -43.85 23.59 -78.71
CA ALA J 4893 -45.07 22.91 -79.16
C ALA J 4893 -45.33 21.70 -78.28
N GLY J 4894 -46.16 20.78 -78.76
CA GLY J 4894 -46.52 19.61 -77.97
C GLY J 4894 -45.91 18.32 -78.49
N GLY J 4895 -45.97 18.11 -79.80
CA GLY J 4895 -45.40 16.92 -80.38
C GLY J 4895 -44.22 17.25 -81.24
N GLY J 4896 -43.62 18.40 -81.01
CA GLY J 4896 -42.47 18.80 -81.78
C GLY J 4896 -42.76 19.02 -83.23
N ILE J 4897 -41.73 18.92 -84.07
CA ILE J 4897 -41.90 19.20 -85.48
C ILE J 4897 -43.05 18.43 -86.11
N GLY J 4898 -43.43 17.31 -85.53
CA GLY J 4898 -44.47 16.50 -86.12
C GLY J 4898 -45.81 17.17 -86.25
N ASP J 4899 -45.95 18.36 -85.67
CA ASP J 4899 -47.23 19.03 -85.69
C ASP J 4899 -47.26 20.23 -86.64
N GLU J 4900 -46.16 20.50 -87.34
CA GLU J 4900 -46.18 21.59 -88.30
C GLU J 4900 -45.53 21.19 -89.62
N ILE J 4901 -45.66 19.94 -90.02
CA ILE J 4901 -45.00 19.48 -91.23
C ILE J 4901 -45.75 18.34 -91.92
N GLU J 4902 -46.65 18.69 -92.83
CA GLU J 4902 -47.42 17.71 -93.57
C GLU J 4902 -47.76 16.48 -92.76
N ASP J 4903 -47.77 15.33 -93.41
CA ASP J 4903 -48.08 14.10 -92.73
C ASP J 4903 -47.53 12.95 -93.53
N PRO J 4904 -46.56 12.23 -92.97
CA PRO J 4904 -46.01 11.08 -93.67
C PRO J 4904 -47.10 10.34 -94.41
N ALA J 4905 -48.07 9.80 -93.68
CA ALA J 4905 -49.18 9.06 -94.28
C ALA J 4905 -48.86 8.54 -95.67
N GLY J 4906 -49.10 9.36 -96.70
CA GLY J 4906 -48.82 8.96 -98.06
C GLY J 4906 -47.43 8.40 -98.26
N ASP J 4907 -47.26 7.12 -97.96
CA ASP J 4907 -45.95 6.48 -98.12
C ASP J 4907 -44.79 7.47 -98.04
N GLU J 4908 -43.92 7.43 -99.04
CA GLU J 4908 -42.78 8.34 -99.05
C GLU J 4908 -42.01 8.30 -97.75
N TYR J 4909 -41.15 7.30 -97.59
CA TYR J 4909 -40.32 7.25 -96.39
C TYR J 4909 -41.17 7.35 -95.13
N GLU J 4910 -42.39 6.86 -95.18
CA GLU J 4910 -43.27 7.02 -94.04
C GLU J 4910 -42.54 6.70 -92.76
N LEU J 4911 -41.89 5.54 -92.71
CA LEU J 4911 -41.24 5.12 -91.47
C LEU J 4911 -39.94 5.83 -91.18
N TYR J 4912 -39.70 6.96 -91.81
CA TYR J 4912 -38.52 7.73 -91.52
C TYR J 4912 -38.93 9.02 -90.86
N ARG J 4913 -40.04 9.57 -91.32
CA ARG J 4913 -40.55 10.78 -90.70
C ARG J 4913 -41.30 10.42 -89.44
N VAL J 4914 -41.60 9.15 -89.24
CA VAL J 4914 -42.22 8.76 -87.99
C VAL J 4914 -41.08 8.75 -87.01
N VAL J 4915 -40.11 7.89 -87.27
CA VAL J 4915 -38.94 7.86 -86.42
C VAL J 4915 -38.51 9.28 -86.13
N PHE J 4916 -38.22 10.07 -87.15
CA PHE J 4916 -37.80 11.45 -86.96
C PHE J 4916 -38.60 12.13 -85.86
N ASP J 4917 -39.85 12.47 -86.15
CA ASP J 4917 -40.71 13.14 -85.18
C ASP J 4917 -40.68 12.52 -83.78
N ILE J 4918 -40.88 11.22 -83.66
CA ILE J 4918 -40.96 10.61 -82.33
C ILE J 4918 -39.65 10.79 -81.58
N THR J 4919 -38.53 10.59 -82.28
CA THR J 4919 -37.25 10.83 -81.66
C THR J 4919 -37.10 12.28 -81.28
N PHE J 4920 -37.45 13.20 -82.17
CA PHE J 4920 -37.45 14.64 -81.79
C PHE J 4920 -38.20 14.92 -80.50
N PHE J 4921 -39.51 15.00 -80.57
CA PHE J 4921 -40.33 15.27 -79.40
C PHE J 4921 -39.81 14.55 -78.17
N PHE J 4922 -39.50 13.27 -78.28
CA PHE J 4922 -39.09 12.55 -77.09
C PHE J 4922 -37.86 13.21 -76.52
N PHE J 4923 -36.76 13.26 -77.26
CA PHE J 4923 -35.67 14.00 -76.64
C PHE J 4923 -36.01 15.45 -76.29
N VAL J 4924 -36.02 16.31 -77.31
CA VAL J 4924 -36.19 17.76 -77.00
C VAL J 4924 -37.32 18.17 -76.04
N ILE J 4925 -38.37 17.36 -75.88
CA ILE J 4925 -39.44 17.79 -75.00
C ILE J 4925 -39.56 17.03 -73.67
N VAL J 4926 -39.19 15.78 -73.67
CA VAL J 4926 -39.15 15.11 -72.41
C VAL J 4926 -37.75 15.44 -71.94
N ILE J 4927 -36.82 14.52 -72.10
CA ILE J 4927 -35.44 14.73 -71.65
C ILE J 4927 -35.01 16.17 -71.39
N LEU J 4928 -34.77 17.01 -72.39
CA LEU J 4928 -34.23 18.36 -72.13
C LEU J 4928 -35.06 19.32 -71.25
N LEU J 4929 -36.30 19.54 -71.66
CA LEU J 4929 -37.10 20.49 -70.90
C LEU J 4929 -37.24 19.92 -69.51
N ALA J 4930 -37.15 18.60 -69.40
CA ALA J 4930 -37.26 17.97 -68.11
C ALA J 4930 -36.04 18.32 -67.26
N ILE J 4931 -34.87 18.04 -67.80
CA ILE J 4931 -33.65 18.40 -67.10
C ILE J 4931 -33.77 19.81 -66.56
N ILE J 4932 -34.37 20.72 -67.31
CA ILE J 4932 -34.39 22.11 -66.75
C ILE J 4932 -35.13 22.22 -65.40
N GLN J 4933 -36.34 21.71 -65.37
CA GLN J 4933 -37.09 21.71 -64.12
C GLN J 4933 -36.28 20.95 -63.10
N GLY J 4934 -35.60 19.90 -63.54
CA GLY J 4934 -34.77 19.13 -62.63
C GLY J 4934 -33.83 20.06 -61.91
N LEU J 4935 -32.96 20.75 -62.62
CA LEU J 4935 -31.95 21.57 -61.93
C LEU J 4935 -32.51 22.48 -60.83
N ILE J 4936 -33.54 23.25 -61.12
CA ILE J 4936 -34.07 24.21 -60.15
C ILE J 4936 -34.56 23.58 -58.84
N ILE J 4937 -35.35 22.52 -58.97
CA ILE J 4937 -35.85 21.83 -57.80
C ILE J 4937 -34.69 21.45 -56.90
N ASP J 4938 -33.65 20.88 -57.48
CA ASP J 4938 -32.49 20.49 -56.71
C ASP J 4938 -31.92 21.72 -56.03
N ALA J 4939 -31.54 22.70 -56.82
CA ALA J 4939 -31.03 23.95 -56.25
C ALA J 4939 -31.80 24.31 -55.01
N PHE J 4940 -33.12 24.20 -55.03
CA PHE J 4940 -33.91 24.46 -53.82
C PHE J 4940 -33.46 23.57 -52.67
N GLY J 4941 -33.74 22.26 -52.75
CA GLY J 4941 -33.29 21.33 -51.74
C GLY J 4941 -31.92 21.70 -51.26
N GLU J 4942 -31.05 22.10 -52.18
CA GLU J 4942 -29.70 22.47 -51.83
C GLU J 4942 -29.71 23.59 -50.82
N LEU J 4943 -30.32 24.73 -51.09
CA LEU J 4943 -30.24 25.81 -50.09
C LEU J 4943 -30.74 25.38 -48.71
N ARG J 4944 -31.87 24.70 -48.69
CA ARG J 4944 -32.44 24.27 -47.41
C ARG J 4944 -31.48 23.41 -46.63
N ASP J 4945 -30.81 22.49 -47.30
CA ASP J 4945 -29.90 21.60 -46.60
C ASP J 4945 -28.82 22.42 -45.94
N GLN J 4946 -28.17 23.31 -46.69
CA GLN J 4946 -27.18 24.19 -46.09
C GLN J 4946 -27.72 24.86 -44.85
N GLN J 4947 -28.88 25.51 -44.98
CA GLN J 4947 -29.44 26.23 -43.84
C GLN J 4947 -29.57 25.32 -42.61
N GLU J 4948 -30.18 24.15 -42.81
CA GLU J 4948 -30.38 23.24 -41.70
C GLU J 4948 -29.05 22.86 -41.08
N GLN J 4949 -28.10 22.44 -41.90
CA GLN J 4949 -26.77 22.14 -41.37
C GLN J 4949 -26.34 23.27 -40.47
N VAL J 4950 -26.24 24.48 -41.00
CA VAL J 4950 -25.90 25.62 -40.15
C VAL J 4950 -26.63 25.55 -38.82
N LYS J 4951 -27.93 25.77 -38.83
CA LYS J 4951 -28.68 25.79 -37.57
C LYS J 4951 -28.27 24.68 -36.61
N GLU J 4952 -28.32 23.44 -37.06
CA GLU J 4952 -28.02 22.31 -36.17
C GLU J 4952 -26.62 22.37 -35.62
N ASP J 4953 -25.63 22.39 -36.51
CA ASP J 4953 -24.25 22.50 -36.06
C ASP J 4953 -24.27 23.49 -34.94
N MET J 4954 -25.14 24.49 -35.04
CA MET J 4954 -25.22 25.38 -33.86
C MET J 4954 -26.11 24.90 -32.72
N GLU J 4955 -27.40 24.72 -32.92
CA GLU J 4955 -28.20 24.18 -31.85
C GLU J 4955 -27.41 23.14 -31.06
N THR J 4956 -26.54 22.39 -31.72
CA THR J 4956 -25.81 21.32 -31.01
C THR J 4956 -24.44 21.61 -30.41
N LYS J 4957 -23.53 22.29 -31.13
CA LYS J 4957 -22.14 22.46 -30.61
C LYS J 4957 -21.63 23.90 -30.38
N CYS J 4958 -20.42 24.04 -29.84
CA CYS J 4958 -19.90 25.38 -29.53
C CYS J 4958 -19.09 26.00 -30.65
N PHE J 4959 -18.95 27.32 -30.62
CA PHE J 4959 -18.21 28.03 -31.66
C PHE J 4959 -16.75 28.19 -31.27
N ILE J 4960 -16.54 28.88 -30.15
CA ILE J 4960 -15.20 29.12 -29.65
C ILE J 4960 -14.39 27.86 -29.68
N CYS J 4961 -14.67 26.96 -28.77
CA CYS J 4961 -14.01 25.66 -28.70
C CYS J 4961 -14.65 24.77 -29.74
N GLY J 4962 -14.67 23.47 -29.50
CA GLY J 4962 -15.32 22.57 -30.43
C GLY J 4962 -16.07 21.45 -29.75
N ILE J 4963 -16.08 21.46 -28.42
CA ILE J 4963 -16.75 20.42 -27.66
C ILE J 4963 -18.22 20.37 -28.00
N GLY J 4964 -18.85 19.21 -27.88
CA GLY J 4964 -20.25 19.07 -28.24
C GLY J 4964 -21.20 19.29 -27.10
N SER J 4965 -22.47 18.95 -27.30
CA SER J 4965 -23.46 19.14 -26.25
C SER J 4965 -23.29 18.11 -25.17
N ASP J 4966 -23.04 16.88 -25.56
CA ASP J 4966 -22.89 15.80 -24.59
C ASP J 4966 -21.96 16.14 -23.45
N TYR J 4967 -20.67 16.31 -23.73
CA TYR J 4967 -19.70 16.56 -22.66
C TYR J 4967 -20.05 17.80 -21.87
N PHE J 4968 -21.11 18.49 -22.25
CA PHE J 4968 -21.48 19.71 -21.56
C PHE J 4968 -22.86 19.58 -20.96
N ASP J 4969 -23.56 18.51 -21.30
CA ASP J 4969 -24.94 18.37 -20.82
C ASP J 4969 -25.05 17.29 -19.76
N THR J 4970 -23.92 16.73 -19.36
CA THR J 4970 -23.93 15.75 -18.29
C THR J 4970 -24.58 16.34 -17.06
N THR J 4971 -24.54 17.66 -16.96
CA THR J 4971 -25.17 18.33 -15.84
C THR J 4971 -26.41 19.07 -16.33
N PRO J 4972 -27.31 19.43 -15.40
CA PRO J 4972 -28.56 20.10 -15.78
C PRO J 4972 -28.31 21.39 -16.55
N HIS J 4973 -29.16 21.73 -17.50
CA HIS J 4973 -28.97 22.93 -18.32
C HIS J 4973 -27.50 23.22 -18.55
N GLY J 4974 -26.82 22.37 -19.30
CA GLY J 4974 -25.39 22.55 -19.52
C GLY J 4974 -25.00 23.26 -20.78
N PHE J 4975 -25.42 22.76 -21.93
CA PHE J 4975 -25.00 23.39 -23.18
C PHE J 4975 -25.60 24.76 -23.27
N GLU J 4976 -26.34 25.13 -22.26
CA GLU J 4976 -26.94 26.45 -22.25
C GLU J 4976 -26.15 27.38 -21.35
N THR J 4977 -25.14 26.85 -20.68
CA THR J 4977 -24.29 27.68 -19.84
C THR J 4977 -22.96 27.88 -20.53
N HIS J 4978 -22.33 26.80 -20.98
CA HIS J 4978 -21.04 26.91 -21.67
C HIS J 4978 -21.20 27.57 -22.99
N THR J 4979 -22.26 28.34 -23.17
CA THR J 4979 -22.47 29.06 -24.40
C THR J 4979 -23.28 30.31 -24.12
N LEU J 4980 -23.28 30.74 -22.88
CA LEU J 4980 -24.03 31.93 -22.51
C LEU J 4980 -23.35 32.64 -21.35
N GLU J 4981 -22.38 31.98 -20.74
CA GLU J 4981 -21.64 32.59 -19.66
C GLU J 4981 -20.16 32.46 -19.91
N GLU J 4982 -19.64 31.24 -19.81
CA GLU J 4982 -18.22 31.00 -20.03
C GLU J 4982 -17.78 31.39 -21.43
N HIS J 4983 -17.68 30.44 -22.33
CA HIS J 4983 -17.21 30.75 -23.67
C HIS J 4983 -18.22 31.53 -24.51
N ASN J 4984 -18.91 32.52 -23.94
CA ASN J 4984 -19.85 33.26 -24.80
C ASN J 4984 -19.03 33.90 -25.90
N LEU J 4985 -19.71 34.37 -26.95
CA LEU J 4985 -19.00 34.92 -28.09
C LEU J 4985 -18.89 36.41 -27.96
N ALA J 4986 -20.01 37.07 -27.77
CA ALA J 4986 -20.03 38.51 -27.65
C ALA J 4986 -18.96 38.97 -26.69
N ASN J 4987 -18.65 38.16 -25.68
CA ASN J 4987 -17.67 38.57 -24.66
C ASN J 4987 -16.24 38.48 -25.16
N TYR J 4988 -15.90 37.50 -25.97
CA TYR J 4988 -14.57 37.43 -26.52
C TYR J 4988 -14.39 38.61 -27.42
N MET J 4989 -15.43 39.42 -27.57
CA MET J 4989 -15.30 40.65 -28.36
C MET J 4989 -15.19 41.90 -27.51
N PHE J 4990 -16.00 42.00 -26.47
CA PHE J 4990 -15.96 43.16 -25.61
C PHE J 4990 -14.61 43.25 -24.93
N PHE J 4991 -13.90 42.13 -24.83
CA PHE J 4991 -12.57 42.17 -24.25
C PHE J 4991 -11.73 43.08 -25.11
N LEU J 4992 -11.68 42.80 -26.40
CA LEU J 4992 -10.89 43.61 -27.30
C LEU J 4992 -11.17 45.08 -27.04
N MET J 4993 -12.41 45.51 -27.20
CA MET J 4993 -12.72 46.92 -27.02
C MET J 4993 -12.25 47.41 -25.66
N TYR J 4994 -12.34 46.55 -24.67
CA TYR J 4994 -11.88 46.90 -23.34
C TYR J 4994 -10.41 47.14 -23.38
N LEU J 4995 -9.64 46.08 -23.50
CA LEU J 4995 -8.19 46.19 -23.49
C LEU J 4995 -7.70 47.36 -24.37
N ILE J 4996 -8.41 47.66 -25.45
CA ILE J 4996 -8.00 48.76 -26.34
C ILE J 4996 -8.08 50.10 -25.62
N ASN J 4997 -8.94 50.20 -24.62
CA ASN J 4997 -9.08 51.45 -23.88
C ASN J 4997 -8.21 51.49 -22.63
N LYS J 4998 -8.17 50.39 -21.89
CA LYS J 4998 -7.32 50.32 -20.69
C LYS J 4998 -5.96 50.91 -21.00
N ASP J 4999 -5.60 51.99 -20.33
CA ASP J 4999 -4.34 52.70 -20.62
C ASP J 4999 -3.09 51.92 -20.33
N GLU J 5000 -2.84 50.85 -21.06
CA GLU J 5000 -1.57 50.11 -20.94
C GLU J 5000 -0.98 49.93 -19.56
N THR J 5001 -0.18 50.88 -19.12
CA THR J 5001 0.49 50.75 -17.82
C THR J 5001 -0.38 50.14 -16.73
N GLU J 5002 -1.69 50.11 -16.93
CA GLU J 5002 -2.58 49.51 -15.96
C GLU J 5002 -3.15 48.19 -16.46
N HIS J 5003 -2.40 47.47 -17.29
CA HIS J 5003 -2.85 46.18 -17.76
C HIS J 5003 -2.45 45.17 -16.73
N THR J 5004 -3.31 44.20 -16.45
CA THR J 5004 -2.97 43.15 -15.51
C THR J 5004 -2.02 42.16 -16.15
N GLY J 5005 -1.98 40.94 -15.66
CA GLY J 5005 -1.05 39.98 -16.18
C GLY J 5005 -1.62 39.24 -17.36
N GLN J 5006 -2.86 38.80 -17.22
CA GLN J 5006 -3.50 38.06 -18.29
C GLN J 5006 -3.89 38.99 -19.44
N GLU J 5007 -4.28 40.21 -19.14
CA GLU J 5007 -4.65 41.17 -20.16
C GLU J 5007 -3.45 41.71 -20.88
N SER J 5008 -2.26 41.22 -20.56
CA SER J 5008 -1.08 41.64 -21.28
C SER J 5008 -0.51 40.46 -22.01
N TYR J 5009 -1.06 39.28 -21.81
CA TYR J 5009 -0.63 38.15 -22.59
C TYR J 5009 -1.47 38.22 -23.84
N VAL J 5010 -2.76 38.47 -23.67
CA VAL J 5010 -3.66 38.59 -24.81
C VAL J 5010 -3.25 39.77 -25.69
N TRP J 5011 -3.04 40.94 -25.12
CA TRP J 5011 -2.68 42.11 -25.90
C TRP J 5011 -1.50 41.81 -26.79
N LYS J 5012 -0.40 41.34 -26.23
CA LYS J 5012 0.81 41.09 -27.03
C LYS J 5012 0.56 40.06 -28.09
N MET J 5013 -0.37 39.14 -27.84
CA MET J 5013 -0.73 38.14 -28.83
C MET J 5013 -1.68 38.65 -29.90
N TYR J 5014 -2.33 39.78 -29.64
CA TYR J 5014 -3.20 40.38 -30.64
C TYR J 5014 -2.35 41.21 -31.56
N GLN J 5015 -1.39 41.93 -31.00
CA GLN J 5015 -0.57 42.82 -31.80
C GLN J 5015 0.44 42.06 -32.65
N GLU J 5016 0.53 40.75 -32.48
CA GLU J 5016 1.47 39.95 -33.27
C GLU J 5016 0.77 38.82 -33.99
N ARG J 5017 -0.55 38.85 -34.03
CA ARG J 5017 -1.32 37.83 -34.72
C ARG J 5017 -0.93 36.42 -34.35
N CYS J 5018 -1.23 36.01 -33.13
CA CYS J 5018 -0.96 34.65 -32.69
C CYS J 5018 -2.16 34.13 -31.99
N TRP J 5019 -3.21 33.83 -32.75
CA TRP J 5019 -4.47 33.41 -32.14
C TRP J 5019 -4.44 32.04 -31.51
N ASP J 5020 -3.71 31.91 -30.41
CA ASP J 5020 -3.66 30.63 -29.70
C ASP J 5020 -4.07 30.83 -28.27
N PHE J 5021 -4.74 31.95 -27.98
CA PHE J 5021 -5.22 32.19 -26.63
C PHE J 5021 -6.68 31.80 -26.54
N PHE J 5022 -7.26 31.34 -27.63
CA PHE J 5022 -8.65 30.91 -27.60
C PHE J 5022 -8.66 29.49 -27.11
N PRO J 5023 -9.71 29.09 -26.36
CA PRO J 5023 -9.66 27.75 -25.77
C PRO J 5023 -9.32 26.68 -26.80
N ALA J 5024 -10.24 26.38 -27.71
CA ALA J 5024 -10.00 25.37 -28.75
C ALA J 5024 -9.58 24.02 -28.21
N GLY J 5025 -10.54 23.13 -28.03
CA GLY J 5025 -10.24 21.80 -27.55
C GLY J 5025 -10.51 21.56 -26.07
N ASP J 5026 -10.52 22.62 -25.27
CA ASP J 5026 -10.67 22.43 -23.82
C ASP J 5026 -11.58 23.43 -23.14
N CYS J 5027 -11.69 23.33 -21.83
CA CYS J 5027 -12.55 24.22 -21.07
C CYS J 5027 -12.43 23.95 -19.59
N PHE J 5028 -12.45 24.99 -18.77
CA PHE J 5028 -12.38 24.84 -17.32
C PHE J 5028 -12.98 23.53 -16.87
N ARG J 5029 -14.29 23.40 -16.98
CA ARG J 5029 -14.95 22.19 -16.53
C ARG J 5029 -14.11 20.96 -16.82
N LYS J 5030 -13.58 20.84 -18.02
CA LYS J 5030 -12.80 19.67 -18.39
C LYS J 5030 -11.50 19.65 -17.62
N GLN J 5031 -10.74 20.74 -17.70
CA GLN J 5031 -9.46 20.79 -17.03
C GLN J 5031 -9.64 20.41 -15.58
N TYR J 5032 -10.42 21.17 -14.83
CA TYR J 5032 -10.54 20.88 -13.42
C TYR J 5032 -11.69 19.91 -13.17
N GLU J 5033 -11.68 18.78 -13.87
CA GLU J 5033 -12.76 17.80 -13.70
C GLU J 5033 -12.80 17.23 -12.30
N ASP J 5034 -11.86 16.35 -12.00
CA ASP J 5034 -11.83 15.71 -10.69
C ASP J 5034 -12.13 16.67 -9.56
N GLN J 5035 -11.25 17.64 -9.33
CA GLN J 5035 -11.44 18.59 -8.24
C GLN J 5035 -12.91 18.88 -8.02
N LEU J 5036 -13.54 19.53 -9.00
CA LEU J 5036 -14.96 19.80 -8.89
C LEU J 5036 -15.45 20.51 -10.13
N SER J 5037 -14.70 21.50 -10.57
CA SER J 5037 -15.10 22.25 -11.76
C SER J 5037 -13.88 22.72 -12.52
N GLN K 12 -0.25 27.48 19.77
CA GLN K 12 0.47 28.22 18.74
C GLN K 12 0.66 29.69 19.15
N PHE K 13 -0.45 30.40 19.37
CA PHE K 13 -0.39 31.77 19.84
C PHE K 13 -1.54 32.02 20.80
N LEU K 14 -1.38 33.05 21.63
CA LEU K 14 -2.41 33.39 22.59
C LEU K 14 -3.59 34.06 21.91
N ARG K 15 -4.78 33.81 22.45
CA ARG K 15 -6.02 34.34 21.90
C ARG K 15 -6.87 34.85 23.05
N THR K 16 -7.89 35.62 22.72
CA THR K 16 -8.83 36.05 23.75
C THR K 16 -9.66 34.86 24.24
N ASP K 17 -10.26 35.04 25.42
CA ASP K 17 -11.11 34.02 26.05
C ASP K 17 -10.34 32.73 26.31
N ASP K 18 -9.07 32.86 26.67
CA ASP K 18 -8.23 31.72 27.01
C ASP K 18 -7.85 31.77 28.48
N GLU K 19 -7.72 30.60 29.10
CA GLU K 19 -7.37 30.49 30.50
C GLU K 19 -5.90 30.13 30.65
N VAL K 20 -5.17 30.92 31.43
CA VAL K 20 -3.72 30.85 31.52
C VAL K 20 -3.31 31.12 32.97
N VAL K 21 -2.01 30.96 33.24
CA VAL K 21 -1.46 31.20 34.56
C VAL K 21 -0.12 31.91 34.41
N LEU K 22 0.17 32.80 35.36
CA LEU K 22 1.44 33.49 35.42
C LEU K 22 2.51 32.57 36.01
N GLN K 23 3.77 32.96 35.84
CA GLN K 23 4.87 32.15 36.32
C GLN K 23 6.13 33.00 36.42
N CYS K 24 6.81 32.90 37.54
CA CYS K 24 8.10 33.55 37.75
C CYS K 24 9.08 32.56 38.35
N SER K 25 10.37 32.77 38.08
CA SER K 25 11.42 31.85 38.51
C SER K 25 12.50 32.63 39.24
N ALA K 26 12.63 32.38 40.55
CA ALA K 26 13.64 33.02 41.38
C ALA K 26 14.26 31.96 42.28
N THR K 27 15.57 31.77 42.16
CA THR K 27 16.27 30.80 42.98
C THR K 27 16.43 31.32 44.41
N VAL K 28 16.39 30.38 45.37
CA VAL K 28 16.52 30.70 46.79
C VAL K 28 17.69 29.94 47.42
N LEU K 29 17.72 28.63 47.24
CA LEU K 29 18.76 27.76 47.81
C LEU K 29 19.81 27.41 46.77
N LYS K 30 20.16 28.36 45.90
CA LYS K 30 21.05 28.17 44.76
C LYS K 30 20.46 27.20 43.74
N GLU K 31 19.17 26.90 43.85
CA GLU K 31 18.46 26.08 42.88
C GLU K 31 17.17 26.79 42.50
N GLN K 32 16.76 26.60 41.24
CA GLN K 32 15.60 27.33 40.72
C GLN K 32 14.32 26.83 41.39
N LEU K 33 13.47 27.77 41.78
CA LEU K 33 12.15 27.47 42.34
C LEU K 33 11.11 28.20 41.52
N LYS K 34 10.16 27.46 40.96
CA LYS K 34 9.08 28.08 40.19
C LYS K 34 8.01 28.60 41.13
N LEU K 35 7.61 29.85 40.90
CA LEU K 35 6.62 30.52 41.75
C LEU K 35 5.53 31.10 40.87
N CYS K 36 4.28 30.80 41.21
CA CYS K 36 3.13 31.33 40.49
C CYS K 36 2.39 32.33 41.37
N LEU K 37 1.43 33.02 40.76
CA LEU K 37 0.68 34.07 41.42
C LEU K 37 -0.78 33.64 41.53
N ALA K 38 -1.33 33.70 42.73
CA ALA K 38 -2.71 33.28 42.96
C ALA K 38 -3.24 33.92 44.23
N ALA K 39 -4.57 33.97 44.32
CA ALA K 39 -5.24 34.51 45.47
C ALA K 39 -6.56 33.76 45.67
N GLU K 40 -7.02 33.70 46.92
CA GLU K 40 -8.19 32.91 47.24
C GLU K 40 -9.49 33.60 46.85
N GLY K 41 -9.55 34.92 46.92
CA GLY K 41 -10.77 35.64 46.59
C GLY K 41 -11.53 36.16 47.79
N PHE K 42 -12.62 35.49 48.15
CA PHE K 42 -13.50 35.95 49.22
C PHE K 42 -12.81 35.90 50.58
N GLY K 43 -12.51 37.06 51.15
CA GLY K 43 -11.92 37.16 52.47
C GLY K 43 -10.50 37.67 52.51
N ASN K 44 -9.77 37.59 51.39
CA ASN K 44 -8.41 38.11 51.32
C ASN K 44 -8.23 38.79 49.97
N ARG K 45 -8.37 40.12 49.96
CA ARG K 45 -8.17 40.88 48.74
C ARG K 45 -6.72 40.91 48.28
N LEU K 46 -5.79 40.50 49.13
CA LEU K 46 -4.37 40.49 48.76
C LEU K 46 -4.05 39.23 47.94
N CYS K 47 -2.83 39.20 47.43
CA CYS K 47 -2.34 38.10 46.60
C CYS K 47 -0.98 37.65 47.10
N PHE K 48 -0.68 36.38 46.89
CA PHE K 48 0.55 35.79 47.41
C PHE K 48 1.11 34.82 46.37
N LEU K 49 2.16 34.09 46.76
CA LEU K 49 2.88 33.18 45.87
C LEU K 49 2.66 31.75 46.30
N GLU K 50 2.63 30.85 45.33
CA GLU K 50 2.43 29.42 45.57
C GLU K 50 3.58 28.64 44.94
N PRO K 51 4.49 28.05 45.74
CA PRO K 51 5.57 27.25 45.16
C PRO K 51 5.05 26.02 44.45
N THR K 52 5.66 25.69 43.32
CA THR K 52 5.30 24.52 42.53
C THR K 52 6.58 23.83 42.06
N SER K 53 7.49 23.58 42.99
CA SER K 53 8.78 23.00 42.66
C SER K 53 8.94 21.54 43.06
N ASN K 54 8.01 20.99 43.84
CA ASN K 54 8.09 19.62 44.32
C ASN K 54 6.80 18.87 43.98
N ALA K 55 6.39 18.96 42.72
CA ALA K 55 5.16 18.30 42.29
C ALA K 55 5.21 16.80 42.51
N GLN K 56 6.41 16.21 42.51
CA GLN K 56 6.53 14.77 42.73
C GLN K 56 6.18 14.38 44.15
N ASN K 57 6.25 15.30 45.10
CA ASN K 57 5.90 14.99 46.48
C ASN K 57 4.88 15.96 47.07
N VAL K 58 4.98 17.24 46.74
CA VAL K 58 4.06 18.26 47.26
C VAL K 58 3.06 18.60 46.16
N PRO K 59 1.78 18.31 46.35
CA PRO K 59 0.78 18.65 45.33
C PRO K 59 0.46 20.12 45.34
N PRO K 60 0.81 20.84 44.28
CA PRO K 60 0.51 22.28 44.23
C PRO K 60 -0.98 22.53 44.07
N ASP K 61 -1.43 23.64 44.64
CA ASP K 61 -2.84 24.04 44.57
C ASP K 61 -3.04 24.89 43.33
N LEU K 62 -3.63 24.32 42.29
CA LEU K 62 -3.91 25.03 41.06
C LEU K 62 -5.39 25.35 40.88
N ALA K 63 -6.19 25.23 41.95
CA ALA K 63 -7.60 25.57 41.85
C ALA K 63 -7.81 27.09 41.81
N ILE K 64 -6.87 27.85 42.37
CA ILE K 64 -6.99 29.31 42.45
C ILE K 64 -5.95 30.02 41.60
N CYS K 65 -5.07 29.30 40.92
CA CYS K 65 -4.06 29.93 40.10
C CYS K 65 -4.55 30.27 38.70
N CYS K 66 -5.70 29.72 38.29
CA CYS K 66 -6.17 29.92 36.93
C CYS K 66 -6.64 31.36 36.71
N PHE K 67 -6.22 31.94 35.60
CA PHE K 67 -6.65 33.25 35.14
C PHE K 67 -7.29 33.13 33.78
N THR K 68 -7.73 34.25 33.21
CA THR K 68 -8.32 34.23 31.88
C THR K 68 -8.21 35.63 31.27
N LEU K 69 -8.07 35.67 29.95
CA LEU K 69 -7.94 36.92 29.21
C LEU K 69 -9.28 37.27 28.57
N GLU K 70 -9.77 38.47 28.84
CA GLU K 70 -11.07 38.90 28.35
C GLU K 70 -11.03 40.03 27.33
N GLN K 71 -10.10 40.97 27.47
CA GLN K 71 -10.05 42.12 26.57
C GLN K 71 -8.59 42.40 26.21
N SER K 72 -8.41 42.98 25.04
CA SER K 72 -7.08 43.40 24.58
C SER K 72 -7.26 44.57 23.64
N LEU K 73 -6.73 45.73 24.00
CA LEU K 73 -6.97 46.96 23.26
C LEU K 73 -5.68 47.77 23.19
N SER K 74 -5.62 48.65 22.20
CA SER K 74 -4.54 49.61 22.14
C SER K 74 -4.74 50.69 23.19
N VAL K 75 -3.66 51.42 23.49
CA VAL K 75 -3.71 52.41 24.57
C VAL K 75 -4.72 53.51 24.24
N ARG K 76 -4.90 53.73 22.97
CA ARG K 76 -5.77 54.77 22.65
C ARG K 76 -7.03 54.38 22.82
N ALA K 77 -7.35 53.31 22.22
CA ALA K 77 -8.68 52.74 22.33
C ALA K 77 -9.13 52.67 23.78
N LEU K 78 -8.21 52.24 24.67
CA LEU K 78 -8.52 52.20 26.09
C LEU K 78 -8.87 53.58 26.62
N GLN K 79 -8.06 54.59 26.29
CA GLN K 79 -8.29 55.92 26.85
C GLN K 79 -9.55 56.55 26.30
N GLU K 80 -9.94 56.26 25.06
CA GLU K 80 -11.19 56.80 24.56
C GLU K 80 -12.38 56.06 25.16
N MET K 81 -12.22 54.75 25.42
CA MET K 81 -13.28 54.01 26.09
C MET K 81 -13.48 54.49 27.52
N LEU K 82 -12.40 54.96 28.16
CA LEU K 82 -12.51 55.40 29.55
C LEU K 82 -13.50 56.55 29.72
N ALA K 83 -13.70 57.37 28.68
CA ALA K 83 -14.64 58.47 28.76
C ALA K 83 -16.08 58.04 28.54
N ASN K 84 -16.31 56.80 28.14
CA ASN K 84 -17.66 56.31 27.90
C ASN K 84 -17.90 54.97 28.59
N GLY K 97 -15.74 38.41 19.63
CA GLY K 97 -14.74 37.99 18.67
C GLY K 97 -13.54 37.34 19.30
N HIS K 98 -12.42 37.30 18.57
CA HIS K 98 -11.20 36.68 19.06
C HIS K 98 -10.01 37.41 18.43
N ARG K 99 -9.34 38.24 19.21
CA ARG K 99 -8.16 38.96 18.77
C ARG K 99 -6.90 38.26 19.27
N THR K 100 -5.78 38.62 18.65
CA THR K 100 -4.47 38.07 19.01
C THR K 100 -3.65 39.15 19.70
N LEU K 101 -2.94 38.76 20.75
CA LEU K 101 -2.16 39.72 21.53
C LEU K 101 -0.93 40.19 20.74
N LEU K 102 -0.61 41.47 20.88
CA LEU K 102 0.62 42.04 20.35
C LEU K 102 1.28 42.88 21.43
N TYR K 103 2.61 42.92 21.42
CA TYR K 103 3.33 43.74 22.38
C TYR K 103 2.99 45.21 22.18
N GLY K 104 2.73 45.90 23.29
CA GLY K 104 2.31 47.29 23.28
C GLY K 104 0.84 47.49 23.56
N HIS K 105 0.02 46.45 23.42
CA HIS K 105 -1.39 46.57 23.72
C HIS K 105 -1.62 46.50 25.23
N ALA K 106 -2.85 46.77 25.64
CA ALA K 106 -3.26 46.66 27.03
C ALA K 106 -3.86 45.28 27.26
N ILE K 107 -4.30 45.02 28.50
CA ILE K 107 -4.84 43.71 28.86
C ILE K 107 -5.75 43.89 30.06
N LEU K 108 -6.68 42.94 30.22
CA LEU K 108 -7.61 42.91 31.35
C LEU K 108 -7.60 41.49 31.90
N LEU K 109 -6.84 41.27 32.97
CA LEU K 109 -6.84 39.96 33.61
C LEU K 109 -8.17 39.72 34.31
N ARG K 110 -8.45 38.45 34.59
CA ARG K 110 -9.69 38.09 35.26
C ARG K 110 -9.49 36.76 35.97
N HIS K 111 -9.60 36.75 37.29
CA HIS K 111 -9.46 35.51 38.04
C HIS K 111 -10.65 34.60 37.74
N ALA K 112 -10.35 33.35 37.39
CA ALA K 112 -11.39 32.47 36.87
C ALA K 112 -12.38 32.06 37.96
N HIS K 113 -11.87 31.66 39.12
CA HIS K 113 -12.74 31.06 40.13
C HIS K 113 -13.61 32.10 40.82
N SER K 114 -12.99 33.10 41.44
CA SER K 114 -13.76 34.10 42.18
C SER K 114 -14.44 35.11 41.27
N ARG K 115 -14.08 35.15 39.98
CA ARG K 115 -14.68 36.06 39.01
C ARG K 115 -14.47 37.52 39.41
N MET K 116 -13.25 37.84 39.81
CA MET K 116 -12.89 39.20 40.16
C MET K 116 -11.69 39.64 39.33
N TYR K 117 -11.62 40.93 39.05
CA TYR K 117 -10.62 41.46 38.14
C TYR K 117 -9.36 41.83 38.90
N LEU K 118 -8.22 41.35 38.41
CA LEU K 118 -6.93 41.71 39.00
C LEU K 118 -6.63 43.18 38.78
N SER K 119 -6.08 43.84 39.80
CA SER K 119 -5.83 45.28 39.73
C SER K 119 -4.67 45.61 40.66
N CYS K 120 -4.51 46.90 40.97
CA CYS K 120 -3.50 47.37 41.89
C CYS K 120 -4.13 48.35 42.86
N LEU K 121 -3.91 48.12 44.15
CA LEU K 121 -4.53 48.93 45.19
C LEU K 121 -3.62 50.10 45.57
N THR K 122 -4.04 50.89 46.55
CA THR K 122 -3.31 52.07 46.99
C THR K 122 -3.04 52.00 48.49
N THR K 123 -2.77 50.80 49.00
CA THR K 123 -2.48 50.61 50.40
C THR K 123 -0.97 50.57 50.62
N SER K 124 -0.56 50.49 51.88
CA SER K 124 0.86 50.45 52.18
C SER K 124 1.34 49.03 52.41
N ARG K 125 2.49 48.69 51.86
CA ARG K 125 3.06 47.37 52.08
C ARG K 125 4.31 47.51 52.92
N SER K 126 4.97 46.39 53.19
CA SER K 126 6.21 46.44 53.94
C SER K 126 7.37 46.74 53.01
N MET K 127 8.59 46.47 53.47
CA MET K 127 9.77 46.69 52.63
C MET K 127 9.68 47.99 51.83
N THR K 128 9.24 47.91 50.58
CA THR K 128 9.10 49.09 49.74
C THR K 128 7.99 50.01 50.22
N ASP K 129 7.67 49.96 51.51
CA ASP K 129 6.63 50.81 52.07
C ASP K 129 6.54 52.14 51.36
N LYS K 130 7.68 52.82 51.20
CA LYS K 130 7.71 54.11 50.52
C LYS K 130 6.57 54.21 49.54
N LEU K 131 6.52 53.28 48.60
CA LEU K 131 5.42 53.25 47.65
C LEU K 131 4.91 51.85 47.61
N ALA K 132 5.66 50.96 46.97
CA ALA K 132 5.26 49.57 46.79
C ALA K 132 3.89 49.45 46.11
N PHE K 133 2.84 49.94 46.78
CA PHE K 133 1.47 49.83 46.29
C PHE K 133 1.11 48.36 46.01
N ASP K 134 1.07 47.59 47.10
CA ASP K 134 0.84 46.15 47.04
C ASP K 134 -0.36 45.80 46.16
N VAL K 135 -0.26 44.64 45.51
CA VAL K 135 -1.26 44.25 44.52
C VAL K 135 -2.52 43.73 45.22
N GLY K 136 -3.65 43.88 44.54
CA GLY K 136 -4.91 43.36 45.04
C GLY K 136 -5.98 43.45 43.97
N LEU K 137 -7.00 42.60 44.12
CA LEU K 137 -8.10 42.51 43.18
C LEU K 137 -9.41 42.68 43.94
N GLN K 138 -10.23 43.66 43.53
CA GLN K 138 -11.48 43.89 44.24
C GLN K 138 -12.72 43.70 43.37
N GLU K 139 -13.00 44.58 42.42
CA GLU K 139 -14.15 44.40 41.53
C GLU K 139 -13.93 45.14 40.22
N ASP K 140 -12.75 45.74 40.05
CA ASP K 140 -12.64 46.99 39.29
C ASP K 140 -12.91 46.76 37.81
N ALA K 141 -14.20 46.57 37.50
CA ALA K 141 -14.64 46.61 36.11
C ALA K 141 -14.45 48.01 35.54
N THR K 142 -14.68 49.04 36.37
CA THR K 142 -14.43 50.41 35.96
C THR K 142 -12.97 50.60 35.63
N GLY K 143 -12.70 51.10 34.42
CA GLY K 143 -11.35 51.13 33.88
C GLY K 143 -10.47 52.28 34.33
N GLU K 144 -9.95 52.20 35.53
CA GLU K 144 -8.97 53.23 35.89
C GLU K 144 -7.64 52.64 36.32
N ALA K 145 -7.64 51.52 37.06
CA ALA K 145 -6.41 50.92 37.55
C ALA K 145 -6.39 49.42 37.36
N CYS K 146 -7.24 48.88 36.49
CA CYS K 146 -7.38 47.44 36.31
C CYS K 146 -6.77 46.95 35.00
N TRP K 147 -5.89 47.75 34.40
CA TRP K 147 -5.35 47.46 33.08
C TRP K 147 -3.83 47.45 33.14
N TRP K 148 -3.23 46.61 32.30
CA TRP K 148 -1.78 46.50 32.20
C TRP K 148 -1.37 46.54 30.74
N THR K 149 -0.19 47.11 30.49
CA THR K 149 0.46 47.05 29.19
C THR K 149 1.70 46.19 29.31
N MET K 150 1.96 45.41 28.28
CA MET K 150 3.06 44.45 28.26
C MET K 150 4.09 44.87 27.23
N HIS K 151 5.37 44.70 27.58
CA HIS K 151 6.47 45.04 26.69
C HIS K 151 7.40 43.85 26.56
N PRO K 152 8.06 43.71 25.41
CA PRO K 152 9.05 42.63 25.28
C PRO K 152 10.24 42.89 26.18
N ALA K 153 10.89 41.80 26.61
CA ALA K 153 12.00 41.91 27.54
C ALA K 153 13.30 42.27 26.84
N SER K 154 13.74 41.44 25.90
CA SER K 154 15.01 41.60 25.23
C SER K 154 14.84 42.30 23.88
N LYS K 155 15.98 42.64 23.27
CA LYS K 155 15.99 43.37 22.01
C LYS K 155 15.58 42.52 20.82
N GLN K 156 15.43 41.20 20.99
CA GLN K 156 15.03 40.35 19.87
C GLN K 156 13.64 40.69 19.37
N ARG K 157 12.73 41.06 20.26
CA ARG K 157 11.36 41.36 19.90
C ARG K 157 11.19 42.87 19.73
N SER K 158 10.00 43.28 19.30
CA SER K 158 9.70 44.68 19.06
C SER K 158 8.20 44.87 19.17
N GLU K 159 7.77 46.12 19.09
CA GLU K 159 6.35 46.43 19.21
C GLU K 159 5.60 45.96 17.97
N GLY K 160 4.30 45.74 18.15
CA GLY K 160 3.47 45.30 17.04
C GLY K 160 3.78 43.91 16.53
N GLU K 161 4.41 43.07 17.35
CA GLU K 161 4.73 41.70 16.96
C GLU K 161 3.81 40.72 17.67
N LYS K 162 3.51 39.63 16.99
CA LYS K 162 2.66 38.59 17.56
C LYS K 162 3.37 37.92 18.73
N VAL K 163 2.59 37.47 19.70
CA VAL K 163 3.12 36.97 20.97
C VAL K 163 3.30 35.46 20.87
N ARG K 164 4.56 35.04 20.77
CA ARG K 164 4.88 33.62 20.74
C ARG K 164 4.54 32.98 22.08
N VAL K 165 3.99 31.76 22.03
CA VAL K 165 3.66 31.05 23.25
C VAL K 165 4.93 30.76 24.03
N GLY K 166 4.92 31.06 25.32
CA GLY K 166 6.08 30.83 26.16
C GLY K 166 7.13 31.91 26.12
N ASP K 167 6.76 33.13 25.74
CA ASP K 167 7.70 34.23 25.74
C ASP K 167 7.93 34.75 27.16
N ASP K 168 8.69 35.83 27.27
CA ASP K 168 8.94 36.50 28.53
C ASP K 168 8.38 37.92 28.45
N LEU K 169 7.54 38.29 29.41
CA LEU K 169 6.83 39.56 29.38
C LEU K 169 7.26 40.44 30.55
N ILE K 170 7.12 41.74 30.35
CA ILE K 170 7.24 42.73 31.42
C ILE K 170 5.92 43.49 31.45
N LEU K 171 5.29 43.54 32.62
CA LEU K 171 3.96 44.13 32.76
C LEU K 171 4.06 45.43 33.55
N VAL K 172 3.33 46.44 33.08
CA VAL K 172 3.35 47.78 33.67
C VAL K 172 1.91 48.21 33.90
N SER K 173 1.64 48.77 35.09
CA SER K 173 0.32 49.28 35.39
C SER K 173 0.02 50.50 34.54
N VAL K 174 -1.20 50.56 33.99
CA VAL K 174 -1.59 51.72 33.18
C VAL K 174 -1.73 52.95 34.05
N SER K 175 -2.30 52.79 35.25
CA SER K 175 -2.60 53.95 36.10
C SER K 175 -1.36 54.44 36.86
N SER K 176 -0.76 53.56 37.66
CA SER K 176 0.33 53.97 38.53
C SER K 176 1.68 53.99 37.82
N GLU K 177 1.84 53.22 36.75
CA GLU K 177 3.07 53.20 35.96
C GLU K 177 4.24 52.61 36.75
N ARG K 178 4.01 51.44 37.35
CA ARG K 178 5.04 50.71 38.07
C ARG K 178 5.09 49.27 37.58
N TYR K 179 6.29 48.74 37.39
CA TYR K 179 6.45 47.32 37.08
C TYR K 179 6.00 46.47 38.24
N LEU K 180 5.30 45.37 37.93
CA LEU K 180 4.90 44.42 38.95
C LEU K 180 6.17 43.72 39.45
N HIS K 181 6.61 44.10 40.65
CA HIS K 181 7.92 43.68 41.16
C HIS K 181 7.80 42.50 42.11
N LEU K 182 8.60 41.48 41.88
CA LEU K 182 8.79 40.39 42.84
C LEU K 182 9.76 40.91 43.90
N SER K 183 9.23 41.59 44.91
CA SER K 183 10.03 42.27 45.92
C SER K 183 10.30 41.31 47.07
N THR K 184 11.49 40.72 47.10
CA THR K 184 11.92 39.92 48.23
C THR K 184 12.58 40.81 49.27
N ALA K 185 12.50 40.38 50.53
CA ALA K 185 13.00 41.18 51.64
C ALA K 185 13.49 40.23 52.73
N SER K 186 13.66 40.74 53.95
CA SER K 186 14.12 39.91 55.06
C SER K 186 13.16 38.76 55.32
N GLY K 187 11.85 39.01 55.20
CA GLY K 187 10.86 37.96 55.41
C GLY K 187 10.75 37.03 54.22
N GLU K 188 9.53 36.57 53.94
CA GLU K 188 9.30 35.69 52.81
C GLU K 188 9.25 36.52 51.52
N LEU K 189 8.85 35.90 50.42
CA LEU K 189 8.78 36.56 49.13
C LEU K 189 7.42 37.21 48.94
N GLN K 190 7.42 38.49 48.61
CA GLN K 190 6.20 39.26 48.44
C GLN K 190 6.16 39.87 47.04
N VAL K 191 4.96 40.23 46.60
CA VAL K 191 4.72 40.79 45.28
C VAL K 191 4.11 42.17 45.43
N ASP K 192 4.64 43.14 44.69
CA ASP K 192 4.12 44.50 44.65
C ASP K 192 4.59 45.12 43.34
N ALA K 193 4.44 46.44 43.22
CA ALA K 193 4.91 47.16 42.03
C ALA K 193 5.70 48.39 42.46
N SER K 194 6.99 48.22 42.75
CA SER K 194 7.76 49.34 43.27
C SER K 194 8.98 49.72 42.43
N PHE K 195 9.96 48.83 42.25
CA PHE K 195 11.29 49.28 41.86
C PHE K 195 11.76 48.80 40.49
N MET K 196 11.87 47.50 40.24
CA MET K 196 12.40 47.06 38.95
C MET K 196 11.55 46.01 38.24
N GLN K 197 12.14 45.41 37.20
CA GLN K 197 11.46 44.47 36.34
C GLN K 197 11.26 43.13 37.05
N THR K 198 10.39 42.31 36.45
CA THR K 198 10.18 40.94 36.91
C THR K 198 9.79 40.11 35.70
N LEU K 199 10.65 39.17 35.32
CA LEU K 199 10.43 38.36 34.13
C LEU K 199 9.31 37.35 34.40
N TRP K 200 8.18 37.54 33.73
CA TRP K 200 7.03 36.66 33.85
C TRP K 200 6.88 35.82 32.58
N ASN K 201 6.83 34.50 32.75
CA ASN K 201 6.62 33.57 31.66
C ASN K 201 5.18 33.12 31.66
N MET K 202 4.54 33.19 30.50
CA MET K 202 3.13 32.84 30.40
C MET K 202 2.99 31.33 30.29
N ASN K 203 1.76 30.84 30.41
CA ASN K 203 1.57 29.40 30.37
C ASN K 203 0.14 29.06 29.92
N PRO K 204 -0.02 28.40 28.78
CA PRO K 204 -1.36 28.08 28.28
C PRO K 204 -2.01 26.92 28.99
N ILE K 205 -2.69 27.20 30.11
CA ILE K 205 -3.38 26.14 30.85
C ILE K 205 -4.36 25.39 29.95
N CYS K 206 -5.15 26.11 29.18
CA CYS K 206 -6.14 25.49 28.30
C CYS K 206 -6.61 26.54 27.30
N SER K 207 -7.58 26.15 26.47
CA SER K 207 -8.13 27.01 25.43
C SER K 207 -9.59 26.63 25.24
N CYS K 208 -10.18 27.03 24.11
CA CYS K 208 -11.59 26.76 23.83
C CYS K 208 -11.77 25.28 23.56
N CYS K 209 -12.18 24.53 24.59
CA CYS K 209 -12.33 23.10 24.49
C CYS K 209 -13.58 22.73 23.69
N GLU K 210 -13.72 21.44 23.40
CA GLU K 210 -14.86 20.91 22.69
C GLU K 210 -15.98 20.55 23.64
N GLU K 211 -17.22 20.74 23.18
CA GLU K 211 -18.38 20.47 24.01
C GLU K 211 -18.58 18.97 24.20
N GLY K 212 -19.06 18.60 25.39
CA GLY K 212 -19.42 17.22 25.65
C GLY K 212 -18.26 16.28 25.83
N TYR K 213 -17.09 16.78 26.19
CA TYR K 213 -15.91 15.96 26.38
C TYR K 213 -15.22 16.33 27.68
N VAL K 214 -14.71 15.33 28.39
CA VAL K 214 -14.10 15.55 29.69
C VAL K 214 -12.75 16.24 29.51
N THR K 215 -12.51 17.29 30.30
CA THR K 215 -11.24 17.99 30.33
C THR K 215 -10.73 18.04 31.76
N GLY K 216 -9.42 18.26 31.88
CA GLY K 216 -8.84 18.37 33.21
C GLY K 216 -9.30 19.62 33.94
N GLY K 217 -9.20 19.55 35.25
CA GLY K 217 -9.54 20.69 36.09
C GLY K 217 -11.02 20.93 36.30
N HIS K 218 -11.87 19.96 36.00
CA HIS K 218 -13.30 20.11 36.22
C HIS K 218 -13.70 19.55 37.58
N VAL K 219 -14.87 19.99 38.06
CA VAL K 219 -15.44 19.53 39.31
C VAL K 219 -16.76 18.84 38.98
N LEU K 220 -16.88 17.58 39.36
CA LEU K 220 -17.94 16.75 38.80
C LEU K 220 -18.12 15.50 39.67
N ARG K 221 -19.22 14.80 39.43
CA ARG K 221 -19.66 13.69 40.26
C ARG K 221 -19.39 12.36 39.57
N LEU K 222 -19.42 11.30 40.38
CA LEU K 222 -19.09 9.94 39.95
C LEU K 222 -20.25 9.00 40.23
N PHE K 223 -21.18 8.87 39.27
CA PHE K 223 -22.20 7.84 39.40
C PHE K 223 -21.62 6.45 39.17
N HIS K 224 -22.29 5.46 39.76
CA HIS K 224 -22.01 4.05 39.58
C HIS K 224 -23.31 3.35 39.27
N GLY K 225 -23.21 2.22 38.57
CA GLY K 225 -24.39 1.45 38.25
C GLY K 225 -25.17 2.02 37.08
N HIS K 226 -26.50 2.03 37.18
CA HIS K 226 -27.35 2.37 36.05
C HIS K 226 -28.08 3.70 36.24
N MET K 227 -28.81 3.87 37.33
CA MET K 227 -29.71 5.02 37.48
C MET K 227 -29.32 5.94 38.63
N ASP K 228 -29.32 5.45 39.86
CA ASP K 228 -29.14 6.30 41.05
C ASP K 228 -28.17 5.61 42.01
N GLU K 229 -26.89 5.92 41.86
CA GLU K 229 -25.83 5.45 42.75
C GLU K 229 -24.58 6.25 42.44
N CYS K 230 -23.85 6.66 43.47
CA CYS K 230 -22.70 7.51 43.24
C CYS K 230 -21.69 7.35 44.37
N LEU K 231 -20.45 7.73 44.08
CA LEU K 231 -19.39 7.73 45.08
C LEU K 231 -19.63 8.85 46.09
N THR K 232 -19.12 8.65 47.30
CA THR K 232 -19.30 9.60 48.37
C THR K 232 -18.32 9.27 49.49
N ILE K 233 -18.38 10.07 50.56
CA ILE K 233 -17.57 9.91 51.75
C ILE K 233 -18.55 9.88 52.94
N SER K 234 -18.02 9.65 54.14
CA SER K 234 -18.85 9.64 55.33
C SER K 234 -19.45 11.02 55.59
N ALA K 235 -20.53 11.04 56.37
CA ALA K 235 -21.27 12.27 56.63
C ALA K 235 -20.50 13.15 57.60
N ALA K 236 -21.05 14.34 57.85
CA ALA K 236 -20.43 15.31 58.75
C ALA K 236 -20.66 14.93 60.21
N ASP K 237 -19.93 15.62 61.09
CA ASP K 237 -20.04 15.45 62.54
C ASP K 237 -19.76 14.01 62.96
N SER K 238 -18.54 13.57 62.66
CA SER K 238 -18.10 12.23 63.03
C SER K 238 -16.60 12.26 63.29
N ASP K 239 -16.14 11.29 64.07
CA ASP K 239 -14.74 11.17 64.45
C ASP K 239 -13.92 10.35 63.46
N ASP K 240 -14.54 9.85 62.39
CA ASP K 240 -13.83 9.03 61.41
C ASP K 240 -12.79 9.82 60.63
N GLN K 241 -12.80 11.15 60.72
CA GLN K 241 -11.84 12.03 60.04
C GLN K 241 -11.92 11.91 58.52
N ARG K 242 -13.04 11.43 58.00
CA ARG K 242 -13.28 11.33 56.56
C ARG K 242 -12.15 10.56 55.86
N ARG K 243 -11.98 9.30 56.26
CA ARG K 243 -10.89 8.47 55.75
C ARG K 243 -11.38 7.26 54.97
N LEU K 244 -12.67 7.13 54.71
CA LEU K 244 -13.22 5.94 54.07
C LEU K 244 -14.11 6.36 52.91
N VAL K 245 -14.20 5.49 51.90
CA VAL K 245 -14.94 5.75 50.68
C VAL K 245 -16.15 4.84 50.63
N TYR K 246 -17.28 5.37 50.19
CA TYR K 246 -18.54 4.63 50.22
C TYR K 246 -19.34 4.90 48.95
N TYR K 247 -20.52 4.26 48.87
CA TYR K 247 -21.47 4.43 47.79
C TYR K 247 -22.82 4.84 48.36
N GLU K 248 -23.59 5.58 47.57
CA GLU K 248 -24.87 6.08 48.06
C GLU K 248 -25.80 6.37 46.90
N GLY K 249 -27.10 6.21 47.14
CA GLY K 249 -28.12 6.40 46.13
C GLY K 249 -28.51 7.84 45.89
N GLY K 250 -29.80 8.08 45.66
CA GLY K 250 -30.27 9.41 45.30
C GLY K 250 -30.56 10.31 46.48
N ALA K 251 -29.61 10.38 47.42
CA ALA K 251 -29.71 11.28 48.56
C ALA K 251 -28.59 12.31 48.56
N VAL K 252 -27.34 11.88 48.38
CA VAL K 252 -26.20 12.80 48.34
C VAL K 252 -25.97 13.35 46.94
N CYS K 253 -26.74 12.89 45.95
CA CYS K 253 -26.53 13.32 44.57
C CYS K 253 -26.74 14.81 44.36
N THR K 254 -27.40 15.49 45.30
CA THR K 254 -27.56 16.94 45.25
C THR K 254 -26.79 17.62 46.39
N HIS K 255 -25.65 17.03 46.79
CA HIS K 255 -24.90 17.51 47.94
C HIS K 255 -23.45 17.72 47.57
N ALA K 256 -22.77 18.57 48.33
CA ALA K 256 -21.38 18.90 48.05
C ALA K 256 -20.42 17.77 48.42
N ARG K 257 -20.90 16.77 49.18
CA ARG K 257 -20.02 15.70 49.62
C ARG K 257 -19.52 14.85 48.45
N SER K 258 -20.38 14.61 47.46
CA SER K 258 -20.06 13.74 46.34
C SER K 258 -19.36 14.44 45.18
N LEU K 259 -18.73 15.59 45.40
CA LEU K 259 -18.07 16.32 44.33
C LEU K 259 -16.58 16.01 44.31
N TRP K 260 -16.04 15.73 43.13
CA TRP K 260 -14.65 15.36 42.95
C TRP K 260 -14.02 16.22 41.87
N ARG K 261 -12.71 16.45 42.02
CA ARG K 261 -11.92 17.22 41.07
C ARG K 261 -10.77 16.38 40.56
N LEU K 262 -10.52 16.45 39.25
CA LEU K 262 -9.45 15.70 38.61
C LEU K 262 -8.28 16.65 38.33
N GLU K 263 -7.10 16.26 38.79
CA GLU K 263 -5.89 17.09 38.64
C GLU K 263 -4.81 16.27 37.95
N PRO K 264 -4.56 16.51 36.67
CA PRO K 264 -3.48 15.78 35.98
C PRO K 264 -2.11 16.21 36.49
N LEU K 265 -1.10 15.39 36.17
CA LEU K 265 0.22 15.58 36.74
C LEU K 265 1.02 16.67 36.04
N ARG K 266 0.63 17.08 34.84
CA ARG K 266 1.38 18.09 34.13
C ARG K 266 1.11 19.48 34.70
N ILE K 267 2.03 20.41 34.41
CA ILE K 267 1.84 21.80 34.80
C ILE K 267 1.20 22.61 33.68
N SER K 268 1.54 22.32 32.42
CA SER K 268 0.96 23.00 31.27
C SER K 268 -0.05 22.09 30.60
N TRP K 269 -1.04 22.72 29.96
CA TRP K 269 -2.10 22.02 29.24
C TRP K 269 -2.87 21.06 30.14
N SER K 270 -2.95 21.38 31.44
CA SER K 270 -3.67 20.54 32.38
C SER K 270 -5.17 20.50 32.06
N GLY K 271 -5.69 21.55 31.44
CA GLY K 271 -7.09 21.63 31.09
C GLY K 271 -7.46 21.02 29.76
N SER K 272 -6.51 20.35 29.10
CA SER K 272 -6.76 19.74 27.80
C SER K 272 -7.77 18.61 27.92
N HIS K 273 -8.20 18.11 26.76
CA HIS K 273 -9.13 16.98 26.74
C HIS K 273 -8.51 15.76 27.41
N LEU K 274 -9.33 15.02 28.14
CA LEU K 274 -8.86 13.84 28.85
C LEU K 274 -9.03 12.61 27.97
N ARG K 275 -7.97 11.80 27.89
CA ARG K 275 -7.91 10.66 26.98
C ARG K 275 -7.52 9.41 27.76
N TRP K 276 -7.82 8.26 27.14
CA TRP K 276 -7.53 6.98 27.78
C TRP K 276 -6.03 6.82 27.98
N GLY K 277 -5.66 6.17 29.09
CA GLY K 277 -4.27 5.93 29.38
C GLY K 277 -3.52 7.21 29.71
N GLN K 278 -3.89 7.83 30.83
CA GLN K 278 -3.27 9.08 31.26
C GLN K 278 -3.30 9.17 32.77
N PRO K 279 -2.15 9.20 33.43
CA PRO K 279 -2.13 9.27 34.89
C PRO K 279 -2.69 10.60 35.39
N LEU K 280 -3.36 10.55 36.53
CA LEU K 280 -4.02 11.71 37.08
C LEU K 280 -4.33 11.45 38.55
N ARG K 281 -4.66 12.52 39.26
CA ARG K 281 -5.00 12.46 40.67
C ARG K 281 -6.47 12.77 40.87
N ILE K 282 -6.99 12.47 42.06
CA ILE K 282 -8.37 12.72 42.40
C ILE K 282 -8.41 13.51 43.71
N ARG K 283 -9.17 14.60 43.73
CA ARG K 283 -9.26 15.50 44.87
C ARG K 283 -10.71 15.67 45.30
N HIS K 284 -10.95 15.62 46.61
CA HIS K 284 -12.24 15.95 47.17
C HIS K 284 -12.29 17.45 47.44
N VAL K 285 -13.39 18.10 47.01
CA VAL K 285 -13.40 19.55 46.96
C VAL K 285 -13.58 20.16 48.35
N THR K 286 -14.63 19.77 49.06
CA THR K 286 -14.89 20.38 50.37
C THR K 286 -13.95 19.84 51.43
N THR K 287 -13.52 18.59 51.32
CA THR K 287 -12.56 18.04 52.26
C THR K 287 -11.16 18.57 51.99
N GLY K 288 -10.86 18.92 50.74
CA GLY K 288 -9.53 19.37 50.39
C GLY K 288 -8.47 18.28 50.51
N ARG K 289 -8.80 17.06 50.10
CA ARG K 289 -7.92 15.92 50.27
C ARG K 289 -7.97 15.05 49.03
N TYR K 290 -6.93 14.25 48.84
CA TYR K 290 -6.85 13.31 47.74
C TYR K 290 -7.24 11.91 48.21
N LEU K 291 -7.14 10.95 47.30
CA LEU K 291 -7.47 9.56 47.55
C LEU K 291 -6.25 8.68 47.26
N ALA K 292 -5.94 7.77 48.17
CA ALA K 292 -4.73 6.97 48.04
C ALA K 292 -4.86 5.68 48.82
N LEU K 293 -3.96 4.74 48.52
CA LEU K 293 -3.82 3.48 49.24
C LEU K 293 -2.32 3.32 49.51
N THR K 294 -1.89 3.64 50.73
CA THR K 294 -0.45 3.75 50.99
C THR K 294 0.20 2.38 51.18
N GLU K 295 -0.12 1.69 52.28
CA GLU K 295 0.41 0.34 52.39
C GLU K 295 -0.61 -0.70 52.83
N ASP K 296 -1.42 -0.39 53.83
CA ASP K 296 -2.36 -1.38 54.37
C ASP K 296 -3.73 -0.85 54.75
N GLN K 297 -3.91 0.47 54.86
CA GLN K 297 -5.13 1.01 55.44
C GLN K 297 -6.33 0.98 54.49
N GLY K 298 -6.09 0.74 53.20
CA GLY K 298 -7.17 0.73 52.22
C GLY K 298 -7.22 2.01 51.42
N LEU K 299 -8.31 2.13 50.67
CA LEU K 299 -8.55 3.33 49.85
C LEU K 299 -8.97 4.46 50.78
N VAL K 300 -7.95 5.08 51.38
CA VAL K 300 -8.14 6.10 52.41
C VAL K 300 -7.97 7.48 51.79
N VAL K 301 -8.80 8.42 52.23
CA VAL K 301 -8.73 9.80 51.76
C VAL K 301 -7.55 10.46 52.47
N VAL K 302 -6.42 10.52 51.78
CA VAL K 302 -5.20 11.07 52.38
C VAL K 302 -5.18 12.59 52.20
N ASP K 303 -4.41 13.26 53.05
CA ASP K 303 -4.31 14.72 53.01
C ASP K 303 -3.50 15.16 51.80
N ALA K 304 -3.26 16.47 51.71
CA ALA K 304 -2.47 17.06 50.64
C ALA K 304 -0.99 17.17 50.99
N CYS K 305 -0.52 16.34 51.92
CA CYS K 305 0.89 16.33 52.29
C CYS K 305 1.53 14.95 52.22
N LYS K 306 0.77 13.89 51.95
CA LYS K 306 1.30 12.54 51.85
C LYS K 306 0.78 11.88 50.57
N ALA K 307 0.87 12.61 49.46
CA ALA K 307 0.35 12.18 48.17
C ALA K 307 1.43 12.28 47.10
N HIS K 308 2.59 11.70 47.36
CA HIS K 308 3.76 11.88 46.51
C HIS K 308 3.69 11.03 45.25
N THR K 309 2.63 11.22 44.46
CA THR K 309 2.44 10.76 43.07
C THR K 309 2.58 9.25 42.94
N LYS K 310 2.78 8.55 44.05
CA LYS K 310 2.85 7.11 44.07
C LYS K 310 1.68 6.47 44.82
N ALA K 311 1.22 7.10 45.90
CA ALA K 311 0.04 6.61 46.60
C ALA K 311 -1.23 6.89 45.83
N THR K 312 -1.30 8.01 45.11
CA THR K 312 -2.52 8.32 44.35
C THR K 312 -2.53 7.58 43.01
N SER K 313 -1.65 7.97 42.10
CA SER K 313 -1.34 7.25 40.86
C SER K 313 -2.54 6.56 40.21
N PHE K 314 -3.59 7.30 39.87
CA PHE K 314 -4.75 6.71 39.22
C PHE K 314 -4.74 7.00 37.72
N CYS K 315 -5.51 6.21 36.99
CA CYS K 315 -5.67 6.37 35.54
C CYS K 315 -6.97 5.68 35.13
N PHE K 316 -7.36 5.88 33.87
CA PHE K 316 -8.55 5.27 33.32
C PHE K 316 -8.18 4.26 32.24
N ARG K 317 -8.95 3.18 32.18
CA ARG K 317 -8.74 2.12 31.20
C ARG K 317 -10.05 1.84 30.48
N VAL K 318 -9.94 1.48 29.20
CA VAL K 318 -11.13 1.28 28.38
C VAL K 318 -11.96 0.10 28.90
N SER K 319 -11.30 -1.02 29.15
CA SER K 319 -11.99 -2.23 29.58
C SER K 319 -11.03 -3.04 30.46
N LYS K 320 -11.40 -4.28 30.74
CA LYS K 320 -10.54 -5.17 31.52
C LYS K 320 -9.88 -6.22 30.63
N VAL K 331 1.74 15.64 23.85
CA VAL K 331 0.90 16.52 23.05
C VAL K 331 0.90 17.93 23.63
N GLU K 332 1.40 18.89 22.86
CA GLU K 332 1.44 20.28 23.26
C GLU K 332 0.26 21.08 22.73
N GLY K 333 -0.86 20.42 22.47
CA GLY K 333 -2.05 21.09 22.00
C GLY K 333 -3.28 20.75 22.82
N MET K 334 -4.47 20.93 22.23
CA MET K 334 -5.70 20.61 22.94
C MET K 334 -5.86 19.10 23.12
N GLY K 335 -5.43 18.31 22.15
CA GLY K 335 -5.54 16.86 22.24
C GLY K 335 -6.83 16.33 21.65
N PRO K 336 -6.86 15.05 21.37
CA PRO K 336 -8.07 14.43 20.79
C PRO K 336 -9.15 14.24 21.83
N PRO K 337 -10.35 14.78 21.61
CA PRO K 337 -11.44 14.60 22.56
C PRO K 337 -12.06 13.22 22.45
N GLU K 338 -11.95 12.44 23.52
CA GLU K 338 -12.42 11.05 23.52
C GLU K 338 -13.49 10.79 24.56
N ILE K 339 -13.23 11.10 25.83
CA ILE K 339 -14.10 10.69 26.92
C ILE K 339 -15.30 11.64 27.02
N LYS K 340 -16.49 11.08 26.85
CA LYS K 340 -17.73 11.86 26.84
C LYS K 340 -18.32 11.95 28.25
N TYR K 341 -19.43 12.69 28.36
CA TYR K 341 -20.21 12.80 29.59
C TYR K 341 -21.33 11.77 29.58
N GLY K 342 -21.40 10.96 30.63
CA GLY K 342 -22.55 10.13 30.90
C GLY K 342 -22.57 8.78 30.23
N GLU K 343 -21.69 8.54 29.24
CA GLU K 343 -21.69 7.27 28.54
C GLU K 343 -20.30 6.75 28.23
N SER K 344 -19.24 7.37 28.75
CA SER K 344 -17.89 6.92 28.44
C SER K 344 -17.60 5.57 29.09
N LEU K 345 -18.21 5.28 30.24
CA LEU K 345 -18.07 3.98 30.90
C LEU K 345 -16.62 3.65 31.21
N CYS K 346 -15.87 4.63 31.71
CA CYS K 346 -14.47 4.42 32.02
C CYS K 346 -14.33 3.49 33.23
N PHE K 347 -13.18 2.82 33.29
CA PHE K 347 -12.81 1.93 34.39
C PHE K 347 -11.62 2.52 35.13
N VAL K 348 -11.73 2.62 36.44
CA VAL K 348 -10.67 3.17 37.27
C VAL K 348 -9.68 2.07 37.63
N GLN K 349 -8.39 2.42 37.64
CA GLN K 349 -7.34 1.46 37.93
C GLN K 349 -6.15 2.17 38.52
N HIS K 350 -5.61 1.64 39.62
CA HIS K 350 -4.38 2.17 40.18
C HIS K 350 -3.21 1.83 39.28
N VAL K 351 -2.29 2.78 39.11
CA VAL K 351 -1.20 2.61 38.16
C VAL K 351 -0.12 1.69 38.73
N ALA K 352 0.38 2.01 39.92
CA ALA K 352 1.49 1.24 40.49
C ALA K 352 1.06 -0.19 40.82
N SER K 353 -0.08 -0.35 41.49
CA SER K 353 -0.51 -1.68 41.92
C SER K 353 -1.26 -2.43 40.84
N GLY K 354 -1.74 -1.76 39.80
CA GLY K 354 -2.44 -2.44 38.72
C GLY K 354 -3.75 -3.08 39.11
N LEU K 355 -4.31 -2.70 40.26
CA LEU K 355 -5.53 -3.32 40.74
C LEU K 355 -6.75 -2.67 40.07
N TRP K 356 -7.93 -3.22 40.38
CA TRP K 356 -9.20 -2.69 39.91
C TRP K 356 -10.06 -2.33 41.11
N LEU K 357 -10.82 -1.24 41.00
CA LEU K 357 -11.61 -0.74 42.11
C LEU K 357 -13.03 -1.28 42.02
N THR K 358 -13.53 -1.82 43.12
CA THR K 358 -14.90 -2.31 43.23
C THR K 358 -15.29 -2.29 44.69
N TYR K 359 -16.51 -2.73 44.97
CA TYR K 359 -17.06 -2.70 46.33
C TYR K 359 -16.90 -4.05 46.98
N ALA K 360 -16.39 -4.04 48.22
CA ALA K 360 -16.34 -5.28 49.00
C ALA K 360 -17.74 -5.74 49.37
N ALA K 361 -18.58 -4.82 49.84
CA ALA K 361 -19.98 -5.04 50.18
C ALA K 361 -20.16 -6.18 51.17
N PRO K 362 -19.33 -6.26 52.21
CA PRO K 362 -19.59 -7.22 53.30
C PRO K 362 -20.68 -6.69 54.21
N ASP K 363 -21.87 -7.29 54.09
CA ASP K 363 -23.05 -6.78 54.79
C ASP K 363 -23.60 -7.82 55.75
N PRO K 364 -23.61 -7.57 57.06
CA PRO K 364 -24.29 -8.48 57.97
C PRO K 364 -25.79 -8.26 57.98
N LYS K 365 -26.51 -8.96 58.87
CA LYS K 365 -27.96 -8.79 58.93
C LYS K 365 -28.34 -7.38 59.35
N ALA K 366 -27.64 -6.82 60.33
CA ALA K 366 -27.94 -5.47 60.79
C ALA K 366 -27.61 -4.44 59.70
N LEU K 367 -26.51 -4.63 58.99
CA LEU K 367 -26.10 -3.66 57.98
C LEU K 367 -27.06 -3.63 56.80
N ARG K 368 -27.66 -4.77 56.45
CA ARG K 368 -28.57 -4.80 55.30
C ARG K 368 -29.80 -3.95 55.55
N LEU K 369 -30.39 -4.05 56.75
CA LEU K 369 -31.59 -3.29 57.08
C LEU K 369 -31.28 -1.97 57.79
N GLY K 370 -30.01 -1.66 58.00
CA GLY K 370 -29.65 -0.40 58.65
C GLY K 370 -29.08 0.61 57.67
N VAL K 371 -27.77 0.79 57.71
CA VAL K 371 -27.12 1.75 56.82
C VAL K 371 -26.95 1.15 55.44
N LEU K 372 -27.44 1.87 54.43
CA LEU K 372 -27.32 1.43 53.03
C LEU K 372 -26.00 1.91 52.43
N LYS K 373 -24.91 1.43 53.02
CA LYS K 373 -23.57 1.91 52.71
C LYS K 373 -22.63 0.74 52.43
N LYS K 374 -21.77 0.93 51.43
CA LYS K 374 -20.82 -0.09 51.00
C LYS K 374 -19.43 0.52 50.94
N LYS K 375 -18.40 -0.32 51.03
CA LYS K 375 -17.02 0.15 51.02
C LYS K 375 -16.34 -0.31 49.74
N ALA K 376 -15.60 0.59 49.11
CA ALA K 376 -14.90 0.31 47.86
C ALA K 376 -13.46 -0.07 48.16
N ILE K 377 -12.97 -1.10 47.45
CA ILE K 377 -11.61 -1.59 47.65
C ILE K 377 -11.00 -1.90 46.28
N LEU K 378 -9.68 -1.77 46.20
CA LEU K 378 -8.93 -2.06 44.97
C LEU K 378 -8.63 -3.56 44.94
N HIS K 379 -9.63 -4.34 44.53
CA HIS K 379 -9.45 -5.76 44.41
C HIS K 379 -8.58 -6.09 43.19
N GLN K 380 -7.98 -7.29 43.23
CA GLN K 380 -7.07 -7.69 42.17
C GLN K 380 -7.79 -7.99 40.86
N GLU K 381 -9.05 -8.41 40.92
CA GLU K 381 -9.77 -8.75 39.69
C GLU K 381 -11.07 -7.96 39.60
N GLY K 382 -11.68 -7.66 40.75
CA GLY K 382 -12.82 -6.78 40.80
C GLY K 382 -14.12 -7.46 40.39
N HIS K 383 -15.19 -6.66 40.40
CA HIS K 383 -16.49 -7.13 39.96
C HIS K 383 -16.67 -6.81 38.46
N MET K 384 -17.89 -6.98 37.97
CA MET K 384 -18.22 -6.77 36.56
C MET K 384 -19.27 -5.68 36.37
N ASP K 385 -19.50 -4.85 37.38
CA ASP K 385 -20.61 -3.90 37.38
C ASP K 385 -20.16 -2.51 37.80
N ASP K 386 -18.96 -2.10 37.38
CA ASP K 386 -18.48 -0.76 37.73
C ASP K 386 -19.07 0.29 36.77
N ALA K 387 -18.69 0.21 35.50
CA ALA K 387 -19.23 1.08 34.44
C ALA K 387 -19.35 2.53 34.90
N LEU K 388 -18.25 3.07 35.43
CA LEU K 388 -18.27 4.39 36.04
C LEU K 388 -18.35 5.45 34.95
N PHE K 389 -19.53 6.06 34.80
CA PHE K 389 -19.73 7.17 33.87
C PHE K 389 -19.80 8.49 34.64
N LEU K 390 -19.49 9.57 33.92
CA LEU K 390 -19.24 10.86 34.54
C LEU K 390 -20.34 11.84 34.17
N THR K 391 -20.67 12.71 35.11
CA THR K 391 -21.67 13.77 34.92
C THR K 391 -21.05 15.11 35.26
N ARG K 392 -21.41 16.13 34.50
CA ARG K 392 -20.84 17.46 34.64
C ARG K 392 -21.75 18.36 35.46
N CYS K 393 -21.21 18.95 36.52
CA CYS K 393 -21.89 19.96 37.33
C CYS K 393 -20.91 21.12 37.53
N GLN K 394 -20.84 22.00 36.55
CA GLN K 394 -19.96 23.18 36.59
C GLN K 394 -20.84 24.41 36.48
N GLN K 395 -21.22 24.96 37.62
CA GLN K 395 -22.19 26.04 37.67
C GLN K 395 -21.98 26.82 38.96
N GLU K 396 -22.97 27.62 39.34
CA GLU K 396 -22.85 28.47 40.53
C GLU K 396 -22.52 27.66 41.78
N GLU K 397 -22.97 26.40 41.86
CA GLU K 397 -22.70 25.60 43.04
C GLU K 397 -21.22 25.21 43.14
N SER K 398 -20.56 25.02 41.99
CA SER K 398 -19.14 24.66 42.01
C SER K 398 -18.31 25.79 42.60
N GLN K 399 -18.65 27.05 42.28
CA GLN K 399 -18.00 28.18 42.92
C GLN K 399 -18.25 28.16 44.42
N ALA K 400 -19.48 27.85 44.82
CA ALA K 400 -19.78 27.71 46.25
C ALA K 400 -19.44 26.31 46.74
N ALA K 401 -18.26 25.82 46.38
CA ALA K 401 -17.69 24.61 46.96
C ALA K 401 -16.35 24.87 47.62
N ARG K 402 -15.45 25.56 46.91
CA ARG K 402 -14.19 25.99 47.50
C ARG K 402 -14.41 26.95 48.66
N MET K 403 -15.53 27.66 48.67
CA MET K 403 -15.84 28.56 49.78
C MET K 403 -15.94 27.80 51.10
N ILE K 404 -16.54 26.61 51.08
CA ILE K 404 -16.69 25.82 52.30
C ILE K 404 -15.32 25.50 52.88
N HIS K 405 -14.40 25.00 52.05
CA HIS K 405 -13.09 24.63 52.53
C HIS K 405 -12.32 25.83 53.06
N SER K 406 -12.38 26.96 52.35
CA SER K 406 -11.64 28.14 52.79
C SER K 406 -12.21 28.70 54.09
N THR K 407 -13.53 28.82 54.19
CA THR K 407 -14.12 29.39 55.39
C THR K 407 -14.01 28.44 56.58
N ALA K 408 -14.27 27.15 56.36
CA ALA K 408 -14.13 26.18 57.44
C ALA K 408 -12.69 25.98 57.87
N GLY K 409 -11.74 26.22 56.97
CA GLY K 409 -10.34 26.19 57.36
C GLY K 409 -9.84 27.45 58.01
N LEU K 410 -10.59 28.55 57.87
CA LEU K 410 -10.24 29.81 58.51
C LEU K 410 -10.96 30.01 59.84
N TYR K 411 -12.09 29.34 60.04
CA TYR K 411 -12.85 29.53 61.28
C TYR K 411 -12.25 28.72 62.43
N ASN K 412 -12.20 27.40 62.28
CA ASN K 412 -11.77 26.55 63.39
C ASN K 412 -10.39 26.96 63.92
N GLN K 413 -9.52 27.43 63.02
CA GLN K 413 -8.22 27.93 63.47
C GLN K 413 -8.40 29.17 64.35
N PHE K 414 -9.42 29.98 64.10
CA PHE K 414 -9.67 31.14 64.95
C PHE K 414 -10.10 30.70 66.34
N ILE K 415 -11.06 29.79 66.44
CA ILE K 415 -11.52 29.31 67.74
C ILE K 415 -10.40 28.58 68.47
N LYS K 416 -9.66 27.73 67.74
CA LYS K 416 -8.59 26.97 68.36
C LYS K 416 -7.53 27.90 68.96
N GLY K 417 -7.15 28.94 68.22
CA GLY K 417 -6.27 29.95 68.77
C GLY K 417 -6.92 30.72 69.92
N LEU K 418 -8.20 31.05 69.76
CA LEU K 418 -8.93 31.72 70.83
C LEU K 418 -9.03 30.85 72.07
N ASP K 419 -9.13 29.53 71.89
CA ASP K 419 -9.37 28.63 73.01
C ASP K 419 -8.14 28.48 73.90
N SER K 420 -6.95 28.82 73.40
CA SER K 420 -5.72 28.62 74.18
C SER K 420 -5.75 29.42 75.48
N PHE K 421 -6.14 30.69 75.40
CA PHE K 421 -6.26 31.53 76.59
C PHE K 421 -7.67 31.47 77.17
N SER K 422 -8.16 30.25 77.43
CA SER K 422 -9.51 30.11 77.95
C SER K 422 -9.65 30.66 79.36
N GLY K 423 -8.66 30.40 80.22
CA GLY K 423 -8.76 30.83 81.60
C GLY K 423 -7.49 31.39 82.20
N LYS K 424 -6.68 32.06 81.39
CA LYS K 424 -5.42 32.63 81.87
C LYS K 424 -5.47 34.15 81.86
N PRO K 425 -5.58 34.80 83.02
CA PRO K 425 -5.44 36.25 83.06
C PRO K 425 -4.10 36.70 82.51
N ARG K 426 -4.10 37.83 81.80
CA ARG K 426 -2.92 38.25 81.08
C ARG K 426 -1.82 38.71 82.03
N GLY K 427 -0.59 38.30 81.72
CA GLY K 427 0.59 38.81 82.39
C GLY K 427 0.98 40.14 81.78
N SER K 428 0.29 41.20 82.21
CA SER K 428 0.30 42.51 81.55
C SER K 428 1.67 42.85 80.97
N GLY K 429 1.68 43.25 79.71
CA GLY K 429 2.87 43.28 78.91
C GLY K 429 2.79 42.26 77.80
N PRO K 430 3.56 41.18 77.89
CA PRO K 430 3.39 40.07 76.97
C PRO K 430 1.96 39.58 76.95
N PRO K 431 1.23 39.81 75.85
CA PRO K 431 -0.20 39.46 75.83
C PRO K 431 -0.45 37.96 75.81
N ALA K 432 0.17 37.26 74.88
CA ALA K 432 -0.08 35.83 74.64
C ALA K 432 1.05 35.32 73.74
N GLY K 433 0.87 34.12 73.21
CA GLY K 433 1.84 33.54 72.31
C GLY K 433 1.53 33.88 70.87
N PRO K 434 1.06 32.90 70.10
CA PRO K 434 0.69 33.18 68.71
C PRO K 434 -0.43 34.20 68.63
N ALA K 435 -0.36 35.05 67.61
CA ALA K 435 -1.33 36.13 67.46
C ALA K 435 -2.64 35.59 66.88
N LEU K 436 -3.61 36.48 66.73
CA LEU K 436 -4.92 36.12 66.22
C LEU K 436 -5.25 36.97 64.99
N PRO K 437 -5.95 36.40 64.02
CA PRO K 437 -6.39 37.20 62.87
C PRO K 437 -7.72 37.89 63.11
N ILE K 438 -7.78 39.20 62.88
CA ILE K 438 -9.00 39.97 63.05
C ILE K 438 -9.43 40.65 61.75
N GLU K 439 -8.47 41.23 61.00
CA GLU K 439 -8.83 41.86 59.73
C GLU K 439 -9.34 40.83 58.73
N ALA K 440 -8.81 39.61 58.78
CA ALA K 440 -9.23 38.58 57.83
C ALA K 440 -10.70 38.22 58.03
N VAL K 441 -11.11 37.98 59.28
CA VAL K 441 -12.47 37.50 59.52
C VAL K 441 -13.50 38.59 59.23
N ILE K 442 -13.19 39.84 59.59
CA ILE K 442 -14.17 40.91 59.38
C ILE K 442 -14.50 41.04 57.90
N LEU K 443 -13.48 40.98 57.04
CA LEU K 443 -13.73 40.98 55.61
C LEU K 443 -14.48 39.71 55.19
N SER K 444 -14.13 38.57 55.80
CA SER K 444 -14.76 37.31 55.43
C SER K 444 -16.26 37.33 55.74
N LEU K 445 -16.63 37.73 56.95
CA LEU K 445 -18.04 37.76 57.31
C LEU K 445 -18.80 38.76 56.46
N GLN K 446 -18.21 39.92 56.18
CA GLN K 446 -18.88 40.93 55.36
C GLN K 446 -19.16 40.43 53.95
N ASP K 447 -18.50 39.36 53.51
CA ASP K 447 -18.77 38.81 52.19
C ASP K 447 -20.00 37.90 52.19
N LEU K 448 -20.07 36.98 53.14
CA LEU K 448 -21.16 36.00 53.15
C LEU K 448 -22.52 36.66 53.36
N ILE K 449 -22.59 37.67 54.23
CA ILE K 449 -23.85 38.39 54.41
C ILE K 449 -24.28 39.04 53.11
N GLY K 450 -23.32 39.62 52.39
CA GLY K 450 -23.62 40.09 51.03
C GLY K 450 -23.93 38.95 50.09
N TYR K 451 -23.21 37.83 50.23
CA TYR K 451 -23.45 36.68 49.37
C TYR K 451 -24.83 36.09 49.61
N PHE K 452 -25.26 36.02 50.87
CA PHE K 452 -26.56 35.48 51.23
C PHE K 452 -27.65 36.54 51.32
N GLU K 453 -27.40 37.72 50.77
CA GLU K 453 -28.37 38.80 50.87
C GLU K 453 -29.65 38.42 50.14
N PRO K 454 -30.82 38.61 50.76
CA PRO K 454 -32.07 38.10 50.18
C PRO K 454 -32.43 38.81 48.88
N PRO K 455 -33.29 38.22 48.06
CA PRO K 455 -33.65 38.85 46.79
C PRO K 455 -34.32 40.20 47.00
N SER K 456 -34.12 41.09 46.03
CA SER K 456 -34.60 42.46 46.12
C SER K 456 -36.11 42.51 45.97
N GLU K 457 -36.67 43.72 45.95
CA GLU K 457 -38.12 43.92 45.90
C GLU K 457 -38.62 44.41 44.56
N GLU K 458 -37.85 45.25 43.86
CA GLU K 458 -38.33 45.84 42.61
C GLU K 458 -38.30 44.87 41.44
N LEU K 459 -37.65 43.73 41.58
CA LEU K 459 -37.53 42.78 40.48
C LEU K 459 -38.86 42.10 40.20
N GLN K 460 -39.04 41.68 38.94
CA GLN K 460 -40.28 41.05 38.52
C GLN K 460 -40.38 39.65 39.11
N HIS K 461 -41.52 38.99 38.86
CA HIS K 461 -41.79 37.71 39.49
C HIS K 461 -40.84 36.63 38.98
N GLU K 462 -40.66 36.54 37.66
CA GLU K 462 -39.86 35.45 37.09
C GLU K 462 -38.42 35.51 37.58
N GLU K 463 -37.82 36.70 37.60
CA GLU K 463 -36.45 36.81 38.07
C GLU K 463 -36.36 36.57 39.57
N LYS K 464 -37.34 37.06 40.32
CA LYS K 464 -37.36 36.84 41.76
C LYS K 464 -37.50 35.36 42.09
N GLN K 465 -38.40 34.66 41.40
CA GLN K 465 -38.60 33.24 41.65
C GLN K 465 -37.36 32.43 41.28
N SER K 466 -36.71 32.78 40.18
CA SER K 466 -35.52 32.05 39.75
C SER K 466 -34.42 32.13 40.79
N LYS K 467 -34.17 33.33 41.34
CA LYS K 467 -33.14 33.47 42.36
C LYS K 467 -33.58 32.88 43.68
N LEU K 468 -34.88 32.85 43.94
CA LEU K 468 -35.38 32.25 45.19
C LEU K 468 -35.06 30.77 45.28
N ARG K 469 -34.98 30.08 44.14
CA ARG K 469 -34.53 28.69 44.14
C ARG K 469 -33.03 28.59 44.32
N SER K 470 -32.27 29.56 43.83
CA SER K 470 -30.82 29.54 43.93
C SER K 470 -30.31 30.04 45.27
N LEU K 471 -31.21 30.47 46.17
CA LEU K 471 -30.81 30.86 47.52
C LEU K 471 -31.13 29.79 48.55
N ARG K 472 -32.29 29.16 48.45
CA ARG K 472 -32.65 28.10 49.39
C ARG K 472 -31.68 26.94 49.32
N ASN K 473 -31.24 26.58 48.10
CA ASN K 473 -30.32 25.47 47.93
C ASN K 473 -29.00 25.78 48.64
N ARG K 474 -28.43 26.96 48.39
CA ARG K 474 -27.15 27.31 49.01
C ARG K 474 -27.26 27.45 50.52
N GLN K 475 -28.41 27.88 51.03
CA GLN K 475 -28.60 27.91 52.47
C GLN K 475 -28.55 26.51 53.07
N SER K 476 -29.19 25.55 52.41
CA SER K 476 -29.12 24.17 52.87
C SER K 476 -27.74 23.58 52.64
N LEU K 477 -27.04 24.03 51.60
CA LEU K 477 -25.71 23.52 51.29
C LEU K 477 -24.67 23.93 52.33
N PHE K 478 -24.92 24.98 53.10
CA PHE K 478 -23.99 25.41 54.14
C PHE K 478 -24.30 24.77 55.49
N GLN K 479 -25.32 23.93 55.57
CA GLN K 479 -25.66 23.21 56.79
C GLN K 479 -25.10 21.80 56.82
N GLU K 480 -25.06 21.14 55.68
CA GLU K 480 -24.60 19.75 55.61
C GLU K 480 -23.10 19.62 55.83
N GLU K 481 -22.36 20.72 55.72
CA GLU K 481 -20.93 20.75 55.96
C GLU K 481 -20.61 21.45 57.27
N GLY K 482 -21.44 21.25 58.28
CA GLY K 482 -21.32 22.04 59.49
C GLY K 482 -21.72 23.47 59.24
N MET K 483 -20.91 24.39 59.78
CA MET K 483 -21.05 25.83 59.55
C MET K 483 -22.30 26.41 60.21
N LEU K 484 -23.15 25.54 60.76
CA LEU K 484 -24.15 25.97 61.73
C LEU K 484 -23.67 25.74 63.15
N SER K 485 -23.07 24.57 63.40
CA SER K 485 -22.36 24.38 64.66
C SER K 485 -21.19 25.33 64.79
N LEU K 486 -20.47 25.56 63.69
CA LEU K 486 -19.30 26.45 63.72
C LEU K 486 -19.69 27.85 64.17
N VAL K 487 -20.69 28.46 63.52
CA VAL K 487 -21.13 29.78 63.93
C VAL K 487 -21.73 29.73 65.33
N LEU K 488 -22.35 28.60 65.70
CA LEU K 488 -22.78 28.41 67.08
C LEU K 488 -21.58 28.32 68.02
N ASN K 489 -20.53 27.62 67.58
CA ASN K 489 -19.37 27.43 68.45
C ASN K 489 -18.66 28.76 68.75
N CYS K 490 -18.56 29.63 67.75
CA CYS K 490 -17.93 30.93 67.97
C CYS K 490 -18.70 31.73 69.01
N ILE K 491 -20.03 31.69 68.97
CA ILE K 491 -20.83 32.44 69.93
C ILE K 491 -20.57 31.91 71.35
N ASP K 492 -20.48 30.59 71.50
CA ASP K 492 -20.22 30.03 72.82
C ASP K 492 -18.91 30.55 73.40
N ARG K 493 -17.84 30.56 72.60
CA ARG K 493 -16.54 31.00 73.09
C ARG K 493 -16.52 32.51 73.35
N LEU K 494 -17.03 33.30 72.39
CA LEU K 494 -16.98 34.76 72.54
C LEU K 494 -17.87 35.22 73.69
N ASN K 495 -19.05 34.61 73.84
CA ASN K 495 -20.03 35.10 74.81
C ASN K 495 -19.63 34.85 76.25
N VAL K 496 -18.54 34.11 76.48
CA VAL K 496 -18.01 33.96 77.83
C VAL K 496 -17.59 35.32 78.38
N TYR K 497 -16.92 36.12 77.55
CA TYR K 497 -16.47 37.46 77.93
C TYR K 497 -17.67 38.40 78.01
N THR K 498 -18.08 38.73 79.23
CA THR K 498 -19.30 39.51 79.44
C THR K 498 -18.96 41.01 79.45
N THR K 499 -19.91 41.83 79.88
CA THR K 499 -19.70 43.26 80.14
C THR K 499 -19.29 44.00 78.88
N ALA K 500 -17.99 44.20 78.69
CA ALA K 500 -17.49 44.96 77.56
C ALA K 500 -16.11 44.42 77.20
N ALA K 501 -15.38 45.17 76.38
CA ALA K 501 -14.03 44.79 76.01
C ALA K 501 -13.07 44.79 77.20
N HIS K 502 -13.44 45.44 78.30
CA HIS K 502 -12.57 45.49 79.46
C HIS K 502 -12.32 44.10 80.05
N PHE K 503 -13.36 43.27 80.13
CA PHE K 503 -13.14 41.91 80.60
C PHE K 503 -12.39 41.08 79.56
N ALA K 504 -12.58 41.37 78.28
CA ALA K 504 -11.80 40.72 77.24
C ALA K 504 -10.36 41.23 77.17
N GLU K 505 -9.92 42.03 78.17
CA GLU K 505 -8.60 42.63 78.10
C GLU K 505 -7.49 41.57 78.06
N TYR K 506 -7.67 40.48 78.80
CA TYR K 506 -6.64 39.44 78.84
C TYR K 506 -6.71 38.51 77.64
N ALA K 507 -6.83 39.14 76.47
CA ALA K 507 -6.71 38.44 75.21
C ALA K 507 -5.92 39.25 74.20
N GLY K 508 -5.36 40.39 74.58
CA GLY K 508 -4.74 41.33 73.66
C GLY K 508 -5.54 42.61 73.57
N GLU K 509 -5.09 43.65 74.28
CA GLU K 509 -5.86 44.90 74.34
C GLU K 509 -5.93 45.61 73.01
N GLU K 510 -5.06 45.26 72.06
CA GLU K 510 -5.13 45.85 70.73
C GLU K 510 -6.36 45.39 69.98
N ALA K 511 -6.89 44.21 70.30
CA ALA K 511 -8.11 43.70 69.68
C ALA K 511 -9.35 44.00 70.50
N ALA K 512 -9.21 44.65 71.65
CA ALA K 512 -10.37 44.91 72.50
C ALA K 512 -11.36 45.85 71.83
N GLU K 513 -10.85 46.93 71.23
CA GLU K 513 -11.73 47.92 70.61
C GLU K 513 -12.45 47.38 69.38
N SER K 514 -12.05 46.22 68.86
CA SER K 514 -12.75 45.55 67.77
C SER K 514 -13.58 44.39 68.26
N TRP K 515 -14.19 44.52 69.44
CA TRP K 515 -15.01 43.46 70.01
C TRP K 515 -16.46 43.53 69.58
N LYS K 516 -17.07 44.72 69.65
CA LYS K 516 -18.51 44.84 69.44
C LYS K 516 -18.91 44.34 68.06
N GLU K 517 -18.20 44.78 67.02
CA GLU K 517 -18.61 44.42 65.66
C GLU K 517 -18.48 42.93 65.41
N ILE K 518 -17.41 42.29 65.90
CA ILE K 518 -17.29 40.85 65.72
C ILE K 518 -18.46 40.13 66.37
N VAL K 519 -18.83 40.53 67.59
CA VAL K 519 -19.97 39.91 68.25
C VAL K 519 -21.24 40.13 67.44
N ASN K 520 -21.40 41.35 66.90
CA ASN K 520 -22.57 41.65 66.10
C ASN K 520 -22.64 40.81 64.84
N LEU K 521 -21.54 40.77 64.07
CA LEU K 521 -21.60 40.29 62.69
C LEU K 521 -22.05 38.82 62.59
N LEU K 522 -21.77 38.01 63.60
CA LEU K 522 -22.20 36.61 63.54
C LEU K 522 -23.71 36.49 63.50
N TYR K 523 -24.41 37.32 64.28
CA TYR K 523 -25.84 37.12 64.50
C TYR K 523 -26.65 37.31 63.23
N GLU K 524 -26.43 38.41 62.49
CA GLU K 524 -27.19 38.58 61.26
C GLU K 524 -26.70 37.61 60.17
N LEU K 525 -25.47 37.12 60.29
CA LEU K 525 -25.03 36.03 59.41
C LEU K 525 -25.90 34.80 59.61
N LEU K 526 -26.13 34.41 60.87
CA LEU K 526 -26.96 33.25 61.15
C LEU K 526 -28.40 33.50 60.71
N ALA K 527 -28.87 34.75 60.79
CA ALA K 527 -30.22 35.06 60.33
C ALA K 527 -30.35 34.80 58.83
N SER K 528 -29.28 35.06 58.07
CA SER K 528 -29.31 34.78 56.63
C SER K 528 -29.44 33.28 56.37
N LEU K 529 -28.79 32.45 57.17
CA LEU K 529 -28.87 31.00 57.00
C LEU K 529 -30.20 30.42 57.43
N ILE K 530 -31.06 31.19 58.09
CA ILE K 530 -32.32 30.69 58.61
C ILE K 530 -33.52 31.32 57.91
N ARG K 531 -33.43 32.62 57.60
CA ARG K 531 -34.57 33.33 57.03
C ARG K 531 -35.01 32.67 55.73
N GLY K 532 -36.30 32.43 55.60
CA GLY K 532 -36.86 31.84 54.41
C GLY K 532 -36.87 30.33 54.42
N ASN K 533 -35.72 29.72 54.65
CA ASN K 533 -35.60 28.27 54.60
C ASN K 533 -36.37 27.63 55.75
N ARG K 534 -36.82 26.40 55.52
CA ARG K 534 -37.63 25.66 56.48
C ARG K 534 -36.89 24.54 57.16
N ALA K 535 -36.06 23.79 56.43
CA ALA K 535 -35.39 22.64 57.01
C ALA K 535 -34.43 23.06 58.13
N ASN K 536 -33.70 24.16 57.93
CA ASN K 536 -32.74 24.60 58.94
C ASN K 536 -33.44 25.04 60.22
N CYS K 537 -34.65 25.56 60.11
CA CYS K 537 -35.36 26.05 61.29
C CYS K 537 -35.65 24.94 62.29
N ALA K 538 -35.83 23.70 61.81
CA ALA K 538 -36.14 22.60 62.71
C ALA K 538 -34.97 22.27 63.64
N LEU K 539 -33.75 22.66 63.28
CA LEU K 539 -32.59 22.30 64.08
C LEU K 539 -32.59 22.99 65.43
N PHE K 540 -33.25 24.13 65.55
CA PHE K 540 -33.22 24.92 66.77
C PHE K 540 -34.22 24.48 67.83
N SER K 541 -34.96 23.40 67.59
CA SER K 541 -35.90 22.91 68.60
C SER K 541 -35.17 22.51 69.87
N THR K 542 -34.05 21.81 69.75
CA THR K 542 -33.27 21.44 70.92
C THR K 542 -32.49 22.62 71.48
N ASN K 543 -32.10 23.57 70.62
CA ASN K 543 -31.33 24.73 71.03
C ASN K 543 -32.20 25.95 71.28
N LEU K 544 -33.52 25.78 71.36
CA LEU K 544 -34.41 26.91 71.62
C LEU K 544 -34.09 27.57 72.94
N ASP K 545 -33.83 26.77 73.98
CA ASP K 545 -33.53 27.33 75.30
C ASP K 545 -32.27 28.19 75.27
N TRP K 546 -31.32 27.88 74.39
CA TRP K 546 -30.06 28.60 74.40
C TRP K 546 -30.22 30.01 73.83
N VAL K 547 -30.91 30.14 72.68
CA VAL K 547 -31.05 31.46 72.06
C VAL K 547 -31.90 32.37 72.94
N VAL K 548 -32.99 31.85 73.49
CA VAL K 548 -33.88 32.66 74.30
C VAL K 548 -33.23 33.05 75.61
N SER K 549 -32.13 32.39 75.98
CA SER K 549 -31.52 32.62 77.29
C SER K 549 -31.05 34.05 77.44
N LYS K 550 -30.24 34.54 76.49
CA LYS K 550 -29.59 35.83 76.71
C LYS K 550 -30.56 37.01 76.73
N LEU K 551 -31.02 37.44 75.55
CA LEU K 551 -32.02 38.52 75.41
C LEU K 551 -31.69 39.75 76.25
N ASP K 552 -30.44 39.90 76.70
CA ASP K 552 -30.13 40.97 77.65
C ASP K 552 -28.85 41.73 77.37
N ARG K 553 -27.92 41.20 76.58
CA ARG K 553 -26.65 41.88 76.35
C ARG K 553 -26.88 43.26 75.75
N LEU K 554 -26.18 44.25 76.30
CA LEU K 554 -26.35 45.63 75.87
C LEU K 554 -25.96 45.83 74.40
N GLU K 555 -25.16 44.95 73.83
CA GLU K 555 -24.93 44.93 72.40
C GLU K 555 -25.32 43.55 71.86
N ALA K 556 -26.62 43.32 71.80
CA ALA K 556 -27.19 42.20 71.06
C ALA K 556 -28.57 42.53 70.49
N SER K 557 -29.07 43.75 70.66
CA SER K 557 -30.50 44.00 70.53
C SER K 557 -31.01 43.67 69.14
N SER K 558 -30.36 44.19 68.11
CA SER K 558 -30.79 43.91 66.74
C SER K 558 -30.56 42.44 66.38
N GLY K 559 -29.45 41.87 66.82
CA GLY K 559 -29.14 40.50 66.43
C GLY K 559 -30.14 39.49 66.97
N ILE K 560 -30.41 39.53 68.27
CA ILE K 560 -31.20 38.47 68.90
C ILE K 560 -32.67 38.58 68.53
N LEU K 561 -33.22 39.80 68.50
CA LEU K 561 -34.63 39.94 68.17
C LEU K 561 -34.92 39.55 66.74
N GLU K 562 -33.94 39.65 65.84
CA GLU K 562 -34.15 39.26 64.46
C GLU K 562 -33.96 37.76 64.25
N VAL K 563 -32.99 37.15 64.93
CA VAL K 563 -32.81 35.71 64.79
C VAL K 563 -33.99 34.96 65.40
N LEU K 564 -34.53 35.48 66.51
CA LEU K 564 -35.71 34.85 67.09
C LEU K 564 -36.94 35.05 66.21
N TYR K 565 -37.03 36.20 65.54
CA TYR K 565 -38.19 36.47 64.70
C TYR K 565 -38.27 35.52 63.51
N CYS K 566 -37.12 35.13 62.96
CA CYS K 566 -37.12 34.31 61.75
C CYS K 566 -37.31 32.83 62.01
N VAL K 567 -37.15 32.37 63.26
CA VAL K 567 -37.37 30.96 63.56
C VAL K 567 -38.80 30.67 64.03
N LEU K 568 -39.58 31.69 64.35
CA LEU K 568 -40.98 31.49 64.70
C LEU K 568 -41.93 31.85 63.56
N ILE K 569 -41.41 32.10 62.36
CA ILE K 569 -42.24 32.42 61.22
C ILE K 569 -42.39 31.24 60.26
N GLU K 570 -41.55 30.21 60.39
CA GLU K 570 -41.56 29.09 59.47
C GLU K 570 -41.98 27.78 60.12
N SER K 571 -41.36 27.41 61.25
CA SER K 571 -41.58 26.11 61.86
C SER K 571 -42.56 26.22 63.00
N PRO K 572 -43.74 25.58 62.92
CA PRO K 572 -44.63 25.52 64.10
C PRO K 572 -44.15 24.55 65.16
N GLU K 573 -43.17 23.70 64.86
CA GLU K 573 -42.72 22.72 65.83
C GLU K 573 -42.01 23.40 67.01
N VAL K 574 -41.07 24.31 66.72
CA VAL K 574 -40.40 25.04 67.80
C VAL K 574 -41.39 25.90 68.56
N LEU K 575 -42.50 26.28 67.91
CA LEU K 575 -43.52 27.07 68.57
C LEU K 575 -44.16 26.31 69.74
N ASN K 576 -44.11 24.99 69.72
CA ASN K 576 -44.75 24.16 70.73
C ASN K 576 -43.81 23.78 71.88
N ILE K 577 -42.64 24.39 71.98
CA ILE K 577 -41.64 23.97 72.96
C ILE K 577 -41.34 25.14 73.89
N ILE K 578 -42.36 25.90 74.25
CA ILE K 578 -42.25 26.98 75.23
C ILE K 578 -43.24 26.68 76.35
N GLN K 579 -42.73 26.55 77.58
CA GLN K 579 -43.59 26.03 78.66
C GLN K 579 -44.24 27.14 79.50
N GLU K 580 -43.45 27.84 80.33
CA GLU K 580 -44.04 28.90 81.13
C GLU K 580 -43.07 30.07 81.35
N ASN K 581 -41.78 29.83 81.19
CA ASN K 581 -40.77 30.80 81.61
C ASN K 581 -40.20 31.60 80.45
N HIS K 582 -40.16 31.01 79.25
CA HIS K 582 -39.66 31.74 78.10
C HIS K 582 -40.56 32.90 77.74
N ILE K 583 -41.88 32.73 77.95
CA ILE K 583 -42.82 33.80 77.66
C ILE K 583 -42.56 35.01 78.56
N LYS K 584 -42.35 34.77 79.86
CA LYS K 584 -42.13 35.90 80.75
C LYS K 584 -40.75 36.52 80.54
N SER K 585 -39.80 35.74 80.00
CA SER K 585 -38.49 36.29 79.67
C SER K 585 -38.60 37.35 78.58
N ILE K 586 -39.27 37.01 77.48
CA ILE K 586 -39.45 37.98 76.41
C ILE K 586 -40.40 39.10 76.85
N ILE K 587 -41.34 38.80 77.76
CA ILE K 587 -42.18 39.85 78.32
C ILE K 587 -41.32 40.86 79.09
N SER K 588 -40.37 40.36 79.89
CA SER K 588 -39.48 41.25 80.62
C SER K 588 -38.60 42.05 79.67
N LEU K 589 -38.35 41.53 78.46
CA LEU K 589 -37.57 42.28 77.49
C LEU K 589 -38.25 43.60 77.14
N LEU K 590 -39.56 43.58 76.95
CA LEU K 590 -40.30 44.82 76.71
C LEU K 590 -40.21 45.76 77.90
N ASP K 591 -40.05 45.21 79.10
CA ASP K 591 -40.01 46.03 80.32
C ASP K 591 -38.65 46.68 80.54
N LYS K 592 -37.59 46.16 79.92
CA LYS K 592 -36.25 46.69 80.14
C LYS K 592 -35.66 47.45 78.96
N HIS K 593 -36.16 47.23 77.75
CA HIS K 593 -35.62 47.87 76.55
C HIS K 593 -36.59 48.86 75.93
N GLY K 594 -37.61 49.28 76.67
CA GLY K 594 -38.49 50.32 76.22
C GLY K 594 -39.65 49.80 75.39
N ARG K 595 -40.36 50.75 74.80
CA ARG K 595 -41.52 50.43 73.95
C ARG K 595 -41.01 50.19 72.54
N ASN K 596 -40.95 48.91 72.15
CA ASN K 596 -40.42 48.50 70.86
C ASN K 596 -41.47 47.68 70.15
N HIS K 597 -41.92 48.15 68.98
CA HIS K 597 -42.94 47.44 68.24
C HIS K 597 -42.45 46.09 67.72
N LYS K 598 -41.13 45.90 67.64
CA LYS K 598 -40.60 44.64 67.14
C LYS K 598 -40.96 43.48 68.07
N VAL K 599 -40.81 43.68 69.38
CA VAL K 599 -41.16 42.61 70.33
C VAL K 599 -42.65 42.30 70.28
N LEU K 600 -43.50 43.32 70.24
CA LEU K 600 -44.93 43.10 70.19
C LEU K 600 -45.32 42.30 68.95
N ASP K 601 -44.61 42.54 67.85
CA ASP K 601 -44.83 41.74 66.63
C ASP K 601 -44.47 40.28 66.86
N VAL K 602 -43.39 40.03 67.61
CA VAL K 602 -42.96 38.66 67.87
C VAL K 602 -44.01 37.89 68.66
N LEU K 603 -44.63 38.56 69.64
CA LEU K 603 -45.69 37.90 70.42
C LEU K 603 -46.85 37.49 69.53
N CYS K 604 -47.12 38.23 68.46
CA CYS K 604 -48.14 37.81 67.51
C CYS K 604 -47.77 36.51 66.82
N SER K 605 -46.48 36.20 66.73
CA SER K 605 -46.05 34.93 66.14
C SER K 605 -46.38 33.75 67.05
N LEU K 606 -46.31 33.94 68.37
CA LEU K 606 -46.71 32.89 69.30
C LEU K 606 -48.18 32.54 69.15
N CYS K 607 -48.97 33.42 68.53
CA CYS K 607 -50.37 33.19 68.26
C CYS K 607 -50.52 32.26 67.06
N VAL K 608 -51.70 32.24 66.45
CA VAL K 608 -52.02 31.35 65.34
C VAL K 608 -50.88 31.27 64.35
N CYS K 609 -50.51 30.05 63.99
CA CYS K 609 -49.50 29.79 62.96
C CYS K 609 -50.21 29.70 61.61
N ASN K 610 -49.55 29.16 60.60
CA ASN K 610 -50.13 29.12 59.26
C ASN K 610 -51.35 28.20 59.26
N GLY K 611 -52.53 28.82 59.36
CA GLY K 611 -53.77 28.06 59.38
C GLY K 611 -54.15 27.55 60.75
N VAL K 612 -53.24 26.82 61.39
CA VAL K 612 -53.52 26.18 62.66
C VAL K 612 -53.22 27.15 63.79
N ALA K 613 -54.00 27.04 64.87
CA ALA K 613 -53.82 27.85 66.06
C ALA K 613 -53.66 26.93 67.26
N VAL K 614 -52.88 27.39 68.23
CA VAL K 614 -52.58 26.63 69.43
C VAL K 614 -53.10 27.39 70.65
N ARG K 615 -53.74 26.67 71.56
CA ARG K 615 -54.35 27.27 72.74
C ARG K 615 -53.57 27.03 74.02
N SER K 616 -52.62 26.10 74.03
CA SER K 616 -51.84 25.84 75.24
C SER K 616 -51.07 27.07 75.70
N ASN K 617 -50.70 27.95 74.78
CA ASN K 617 -50.00 29.19 75.13
C ASN K 617 -50.78 30.44 74.80
N GLN K 618 -51.90 30.33 74.08
CA GLN K 618 -52.72 31.51 73.82
C GLN K 618 -53.65 31.82 75.00
N ASP K 619 -53.11 31.73 76.21
CA ASP K 619 -53.68 32.37 77.39
C ASP K 619 -52.62 32.94 78.32
N LEU K 620 -51.39 32.45 78.27
CA LEU K 620 -50.36 32.88 79.21
C LEU K 620 -50.04 34.36 79.06
N ILE K 621 -49.94 34.84 77.82
CA ILE K 621 -49.73 36.26 77.60
C ILE K 621 -50.92 37.06 78.10
N THR K 622 -52.13 36.49 78.03
CA THR K 622 -53.31 37.19 78.53
C THR K 622 -53.28 37.31 80.04
N GLU K 623 -52.66 36.35 80.73
CA GLU K 623 -52.61 36.37 82.19
C GLU K 623 -51.31 36.94 82.74
N ASN K 624 -50.32 37.20 81.88
CA ASN K 624 -49.04 37.72 82.33
C ASN K 624 -48.79 39.14 81.84
N LEU K 625 -48.94 39.40 80.54
CA LEU K 625 -48.78 40.74 79.98
C LEU K 625 -50.15 41.16 79.46
N LEU K 626 -50.97 41.72 80.36
CA LEU K 626 -52.33 42.16 80.09
C LEU K 626 -53.06 42.52 81.39
N PRO K 627 -53.07 41.67 82.43
CA PRO K 627 -53.78 42.08 83.66
C PRO K 627 -53.16 43.27 84.34
N GLY K 628 -51.84 43.26 84.54
CA GLY K 628 -51.17 44.47 85.01
C GLY K 628 -51.33 45.59 84.00
N ARG K 629 -51.65 46.77 84.50
CA ARG K 629 -52.03 47.90 83.66
C ARG K 629 -50.97 49.00 83.71
N GLU K 630 -49.70 48.61 83.65
CA GLU K 630 -48.59 49.56 83.67
C GLU K 630 -47.78 49.58 82.39
N LEU K 631 -47.77 48.49 81.61
CA LEU K 631 -46.93 48.42 80.42
C LEU K 631 -47.61 49.07 79.22
N LEU K 632 -48.81 48.61 78.89
CA LEU K 632 -49.49 49.04 77.67
C LEU K 632 -50.10 50.42 77.84
N LEU K 633 -50.81 50.87 76.81
CA LEU K 633 -51.42 52.19 76.77
C LEU K 633 -52.94 52.01 76.86
N GLN K 634 -53.47 52.09 78.09
CA GLN K 634 -54.91 51.95 78.28
C GLN K 634 -55.65 53.19 77.78
N THR K 635 -56.93 53.01 77.47
CA THR K 635 -57.73 54.10 76.94
C THR K 635 -59.19 53.95 77.38
N ASN K 636 -59.91 55.06 77.34
CA ASN K 636 -61.28 55.10 77.84
C ASN K 636 -61.90 56.44 77.40
N LEU K 637 -63.13 56.68 77.86
CA LEU K 637 -63.88 57.90 77.54
C LEU K 637 -63.92 58.80 78.77
N ILE K 638 -63.72 60.11 78.55
CA ILE K 638 -63.76 61.10 79.61
C ILE K 638 -64.69 62.23 79.18
N ASN K 639 -65.50 62.72 80.11
CA ASN K 639 -66.37 63.86 79.85
C ASN K 639 -65.58 65.15 80.02
N TYR K 640 -66.27 66.29 79.95
CA TYR K 640 -65.64 67.60 79.97
C TYR K 640 -66.11 68.40 81.19
N VAL K 641 -65.26 69.33 81.62
CA VAL K 641 -65.58 70.19 82.76
C VAL K 641 -65.00 71.58 82.48
N THR K 642 -65.59 72.59 83.12
CA THR K 642 -65.19 73.97 82.94
C THR K 642 -65.31 74.70 84.28
N SER K 643 -64.52 75.75 84.45
CA SER K 643 -64.51 76.53 85.69
C SER K 643 -64.86 77.98 85.40
N ILE K 644 -65.57 78.59 86.34
CA ILE K 644 -66.02 79.98 86.23
C ILE K 644 -65.69 80.71 87.53
N ARG K 645 -65.22 81.94 87.41
CA ARG K 645 -64.87 82.76 88.57
C ARG K 645 -65.37 84.18 88.37
N PRO K 646 -65.60 84.93 89.46
CA PRO K 646 -65.99 86.34 89.33
C PRO K 646 -64.80 87.25 89.03
N ASN K 647 -65.03 88.56 89.00
CA ASN K 647 -63.96 89.51 88.75
C ASN K 647 -63.22 89.91 90.01
N ILE K 648 -63.64 89.44 91.19
CA ILE K 648 -63.05 89.94 92.42
C ILE K 648 -61.64 89.36 92.58
N PHE K 649 -60.80 90.12 93.29
CA PHE K 649 -59.38 89.78 93.41
C PHE K 649 -58.94 90.19 94.82
N VAL K 650 -58.69 89.19 95.67
CA VAL K 650 -58.31 89.43 97.06
C VAL K 650 -56.93 88.86 97.30
N GLY K 651 -56.09 89.62 98.02
CA GLY K 651 -54.75 89.18 98.36
C GLY K 651 -54.24 89.92 99.58
N ARG K 652 -53.17 89.39 100.14
CA ARG K 652 -52.57 89.94 101.36
C ARG K 652 -51.13 90.34 101.09
N ALA K 653 -50.78 91.58 101.44
CA ALA K 653 -49.43 92.10 101.26
C ALA K 653 -49.31 93.38 102.08
N GLU K 654 -48.08 93.87 102.19
CA GLU K 654 -47.82 95.11 102.91
C GLU K 654 -48.44 96.28 102.14
N GLY K 655 -49.52 96.83 102.67
CA GLY K 655 -50.26 97.88 102.01
C GLY K 655 -51.74 97.63 102.15
N SER K 656 -52.51 98.14 101.19
CA SER K 656 -53.96 97.94 101.20
C SER K 656 -54.24 96.47 100.96
N THR K 657 -54.64 95.76 102.01
CA THR K 657 -54.92 94.33 101.94
C THR K 657 -56.29 93.98 102.51
N GLN K 658 -57.17 94.96 102.62
CA GLN K 658 -58.54 94.78 103.13
C GLN K 658 -58.44 94.15 104.52
N TYR K 659 -59.18 93.08 104.81
CA TYR K 659 -59.24 92.50 106.14
C TYR K 659 -58.78 91.06 106.22
N GLY K 660 -58.72 90.35 105.10
CA GLY K 660 -58.46 88.92 105.15
C GLY K 660 -59.58 88.15 105.80
N LYS K 661 -60.83 88.53 105.51
CA LYS K 661 -62.00 87.86 106.08
C LYS K 661 -63.15 88.03 105.10
N TRP K 662 -63.49 86.95 104.40
CA TRP K 662 -64.44 87.02 103.30
C TRP K 662 -65.38 85.81 103.38
N TYR K 663 -66.58 85.96 102.82
CA TYR K 663 -67.66 85.00 103.03
C TYR K 663 -68.64 85.04 101.88
N PHE K 664 -69.08 83.86 101.42
CA PHE K 664 -70.11 83.80 100.39
C PHE K 664 -70.77 82.42 100.42
N GLU K 665 -71.94 82.34 99.78
CA GLU K 665 -72.67 81.09 99.66
C GLU K 665 -73.00 80.84 98.20
N VAL K 666 -73.87 79.86 97.92
CA VAL K 666 -74.20 79.50 96.54
C VAL K 666 -75.45 78.65 96.56
N MET K 667 -76.21 78.67 95.45
CA MET K 667 -77.45 77.91 95.31
C MET K 667 -77.33 76.90 94.17
N VAL K 668 -77.71 75.65 94.47
CA VAL K 668 -77.63 74.55 93.52
C VAL K 668 -78.98 73.83 93.45
N ASP K 669 -79.46 73.61 92.23
CA ASP K 669 -80.75 72.96 92.00
C ASP K 669 -80.69 72.03 90.80
N GLU K 670 -79.66 71.18 90.74
CA GLU K 670 -79.45 70.26 89.64
C GLU K 670 -79.75 68.83 90.06
N VAL K 671 -80.47 68.10 89.21
CA VAL K 671 -80.93 66.75 89.55
C VAL K 671 -80.44 65.72 88.55
N VAL K 672 -79.25 65.92 87.99
CA VAL K 672 -78.74 65.02 86.95
C VAL K 672 -77.46 64.33 87.41
N PRO K 673 -77.57 63.21 88.12
CA PRO K 673 -76.36 62.60 88.68
C PRO K 673 -75.62 61.68 87.71
N PHE K 674 -76.34 61.07 86.79
CA PHE K 674 -75.69 60.11 85.88
C PHE K 674 -76.06 60.33 84.45
N LEU K 675 -76.35 61.57 84.07
CA LEU K 675 -76.59 61.86 82.66
C LEU K 675 -75.27 61.70 81.90
N THR K 676 -75.33 60.94 80.80
CA THR K 676 -74.17 60.54 80.00
C THR K 676 -73.13 59.81 80.86
N ALA K 677 -73.54 58.65 81.34
CA ALA K 677 -72.67 57.69 82.02
C ALA K 677 -72.07 58.24 83.31
N GLN K 678 -70.86 58.79 83.22
CA GLN K 678 -70.13 59.23 84.40
C GLN K 678 -70.92 60.25 85.21
N ALA K 679 -70.52 60.41 86.47
CA ALA K 679 -71.20 61.32 87.36
C ALA K 679 -70.97 62.78 86.93
N THR K 680 -71.78 63.67 87.49
CA THR K 680 -71.71 65.09 87.18
C THR K 680 -70.84 65.77 88.21
N HIS K 681 -69.64 66.19 87.79
CA HIS K 681 -68.69 66.81 88.70
C HIS K 681 -69.19 68.18 89.14
N LEU K 682 -69.14 68.45 90.45
CA LEU K 682 -69.57 69.73 91.00
C LEU K 682 -68.73 70.05 92.22
N ARG K 683 -67.96 71.15 92.14
CA ARG K 683 -67.06 71.53 93.22
C ARG K 683 -66.96 73.05 93.31
N VAL K 684 -66.62 73.55 94.50
CA VAL K 684 -66.46 74.97 94.75
C VAL K 684 -65.27 75.16 95.69
N GLY K 685 -64.61 76.31 95.57
CA GLY K 685 -63.50 76.60 96.47
C GLY K 685 -62.66 77.77 95.99
N TRP K 686 -61.40 77.77 96.41
CA TRP K 686 -60.41 78.79 96.08
C TRP K 686 -59.34 78.26 95.14
N ALA K 687 -58.73 79.19 94.40
CA ALA K 687 -57.55 78.91 93.60
C ALA K 687 -56.75 80.20 93.45
N LEU K 688 -55.44 80.08 93.44
CA LEU K 688 -54.57 81.25 93.33
C LEU K 688 -54.40 81.64 91.86
N THR K 689 -53.75 82.78 91.65
CA THR K 689 -53.70 83.38 90.32
C THR K 689 -52.52 82.88 89.50
N GLU K 690 -52.32 81.57 89.51
CA GLU K 690 -51.40 80.88 88.59
C GLU K 690 -51.95 79.52 88.22
N GLY K 691 -53.27 79.39 88.16
CA GLY K 691 -53.91 78.12 87.91
C GLY K 691 -53.57 77.51 86.55
N TYR K 692 -54.02 78.15 85.48
CA TYR K 692 -53.87 77.64 84.10
C TYR K 692 -54.49 76.26 83.94
N SER K 693 -55.33 75.86 84.90
CA SER K 693 -55.93 74.53 84.85
C SER K 693 -56.86 74.28 83.66
N PRO K 694 -57.78 75.21 83.25
CA PRO K 694 -58.88 74.82 82.35
C PRO K 694 -58.49 73.90 81.20
N TYR K 695 -57.63 74.38 80.28
CA TYR K 695 -57.07 73.62 79.17
C TYR K 695 -58.03 72.56 78.66
N PRO K 696 -59.20 72.93 78.12
CA PRO K 696 -60.24 71.95 77.81
C PRO K 696 -59.74 70.80 76.96
N GLY K 697 -59.82 69.59 77.51
CA GLY K 697 -59.32 68.40 76.85
C GLY K 697 -58.53 67.50 77.77
N GLY K 698 -57.29 67.22 77.42
CA GLY K 698 -56.46 66.36 78.25
C GLY K 698 -56.05 67.02 79.55
N GLY K 699 -55.65 66.19 80.49
CA GLY K 699 -55.22 66.66 81.81
C GLY K 699 -54.13 65.81 82.36
N GLU K 700 -54.17 65.57 83.67
CA GLU K 700 -53.14 64.79 84.35
C GLU K 700 -53.63 63.41 84.76
N GLY K 701 -54.60 63.33 85.67
CA GLY K 701 -55.15 62.04 86.06
C GLY K 701 -56.00 61.43 84.97
N TRP K 702 -57.15 62.05 84.71
CA TRP K 702 -58.04 61.62 83.62
C TRP K 702 -58.74 62.86 83.09
N GLY K 703 -58.24 63.40 81.99
CA GLY K 703 -58.86 64.51 81.31
C GLY K 703 -58.57 65.84 81.98
N GLY K 704 -59.01 66.91 81.31
CA GLY K 704 -58.80 68.25 81.80
C GLY K 704 -59.74 68.60 82.93
N ASN K 705 -59.47 68.03 84.11
CA ASN K 705 -60.34 68.17 85.28
C ASN K 705 -60.43 69.61 85.78
N GLY K 706 -61.23 69.82 86.81
CA GLY K 706 -61.51 71.15 87.35
C GLY K 706 -60.72 71.43 88.61
N VAL K 707 -61.40 72.04 89.59
CA VAL K 707 -60.74 72.51 90.79
C VAL K 707 -60.41 71.36 91.72
N GLY K 708 -59.31 71.51 92.47
CA GLY K 708 -58.94 70.60 93.54
C GLY K 708 -57.88 69.59 93.19
N ASP K 709 -57.64 69.35 91.90
CA ASP K 709 -56.68 68.34 91.47
C ASP K 709 -55.32 68.95 91.16
N ASP K 710 -54.78 69.74 92.07
CA ASP K 710 -53.48 70.38 91.93
C ASP K 710 -53.08 70.98 93.27
N LEU K 711 -51.97 71.71 93.29
CA LEU K 711 -51.53 72.45 94.47
C LEU K 711 -51.83 73.94 94.35
N TYR K 712 -52.51 74.36 93.28
CA TYR K 712 -52.85 75.75 93.06
C TYR K 712 -54.34 76.01 93.22
N SER K 713 -55.09 75.04 93.74
CA SER K 713 -56.53 75.19 93.91
C SER K 713 -56.99 74.31 95.05
N TYR K 714 -57.89 74.85 95.88
CA TYR K 714 -58.43 74.15 97.03
C TYR K 714 -59.95 74.17 96.93
N GLY K 715 -60.58 73.00 97.01
CA GLY K 715 -62.00 72.93 96.79
C GLY K 715 -62.65 71.82 97.58
N PHE K 716 -63.97 71.75 97.46
CA PHE K 716 -64.80 70.82 98.20
C PHE K 716 -65.92 70.32 97.28
N ASP K 717 -66.32 69.07 97.47
CA ASP K 717 -67.35 68.47 96.64
C ASP K 717 -68.62 68.11 97.38
N GLY K 718 -68.56 67.91 98.70
CA GLY K 718 -69.71 67.51 99.46
C GLY K 718 -69.35 66.38 100.40
N LEU K 719 -68.37 65.57 99.99
CA LEU K 719 -67.92 64.45 100.79
C LEU K 719 -66.41 64.31 100.83
N HIS K 720 -65.66 65.15 100.12
CA HIS K 720 -64.21 64.97 100.05
C HIS K 720 -63.52 66.31 99.90
N LEU K 721 -62.27 66.35 100.36
CA LEU K 721 -61.39 67.50 100.17
C LEU K 721 -60.32 67.14 99.15
N TRP K 722 -60.13 67.99 98.14
CA TRP K 722 -59.25 67.69 97.03
C TRP K 722 -58.08 68.66 96.99
N THR K 723 -56.87 68.11 97.11
CA THR K 723 -55.63 68.87 96.98
C THR K 723 -54.58 67.93 96.43
N GLY K 724 -54.05 68.24 95.26
CA GLY K 724 -53.06 67.36 94.64
C GLY K 724 -53.63 66.12 94.01
N HIS K 725 -54.87 66.20 93.50
CA HIS K 725 -55.56 65.14 92.78
C HIS K 725 -55.88 63.94 93.67
N VAL K 726 -55.67 64.04 94.98
CA VAL K 726 -56.00 62.97 95.92
C VAL K 726 -57.07 63.50 96.88
N ALA K 727 -58.04 62.66 97.20
CA ALA K 727 -59.20 63.07 97.97
C ALA K 727 -59.23 62.33 99.31
N ARG K 728 -59.80 62.99 100.32
CA ARG K 728 -60.00 62.42 101.64
C ARG K 728 -61.43 62.68 102.09
N PRO K 729 -62.07 61.69 102.73
CA PRO K 729 -63.46 61.87 103.17
C PRO K 729 -63.56 62.87 104.31
N VAL K 730 -64.73 63.49 104.41
CA VAL K 730 -65.04 64.45 105.46
C VAL K 730 -66.26 63.96 106.24
N THR K 731 -66.48 64.56 107.39
CA THR K 731 -67.60 64.23 108.25
C THR K 731 -68.46 65.46 108.49
N SER K 732 -69.77 65.24 108.57
CA SER K 732 -70.75 66.30 108.76
C SER K 732 -72.11 65.65 109.00
N PRO K 733 -73.07 66.38 109.58
CA PRO K 733 -74.42 65.83 109.74
C PRO K 733 -75.17 65.85 108.41
N GLY K 734 -75.48 64.66 107.90
CA GLY K 734 -76.15 64.51 106.62
C GLY K 734 -75.36 63.63 105.67
N GLN K 735 -74.04 63.83 105.63
CA GLN K 735 -73.10 62.98 104.90
C GLN K 735 -73.52 62.69 103.46
N HIS K 736 -74.07 63.68 102.77
CA HIS K 736 -74.39 63.54 101.36
C HIS K 736 -73.71 64.65 100.57
N LEU K 737 -73.24 64.31 99.37
CA LEU K 737 -72.58 65.29 98.50
C LEU K 737 -73.59 66.33 98.03
N LEU K 738 -73.12 67.27 97.22
CA LEU K 738 -73.96 68.36 96.76
C LEU K 738 -75.21 67.83 96.07
N ALA K 739 -76.36 68.30 96.51
CA ALA K 739 -77.67 67.88 96.04
C ALA K 739 -78.48 69.13 95.73
N PRO K 740 -79.54 69.02 94.96
CA PRO K 740 -80.38 70.20 94.70
C PRO K 740 -80.97 70.75 95.99
N GLU K 741 -81.18 72.07 96.01
CA GLU K 741 -81.73 72.79 97.16
C GLU K 741 -80.80 72.64 98.38
N ASP K 742 -79.59 73.21 98.23
CA ASP K 742 -78.58 73.15 99.27
C ASP K 742 -77.72 74.39 99.22
N VAL K 743 -77.02 74.66 100.32
CA VAL K 743 -76.15 75.82 100.47
C VAL K 743 -74.83 75.37 101.09
N VAL K 744 -73.72 75.87 100.55
CA VAL K 744 -72.41 75.65 101.12
C VAL K 744 -71.77 77.00 101.39
N SER K 745 -71.10 77.12 102.52
CA SER K 745 -70.46 78.36 102.94
C SER K 745 -68.97 78.13 103.08
N CYS K 746 -68.18 78.93 102.37
CA CYS K 746 -66.72 78.91 102.47
C CYS K 746 -66.24 79.97 103.45
N CYS K 747 -64.95 79.89 103.77
CA CYS K 747 -64.35 80.80 104.74
C CYS K 747 -62.96 81.22 104.27
N LEU K 748 -62.55 82.41 104.67
CA LEU K 748 -61.22 82.92 104.35
C LEU K 748 -60.70 83.75 105.51
N ASP K 749 -59.47 83.47 105.94
CA ASP K 749 -58.88 84.16 107.09
C ASP K 749 -57.36 84.14 106.92
N LEU K 750 -56.80 85.25 106.43
CA LEU K 750 -55.38 85.30 106.05
C LEU K 750 -54.49 85.85 107.16
N SER K 751 -54.62 85.34 108.37
CA SER K 751 -53.59 85.55 109.38
C SER K 751 -53.11 84.24 109.97
N VAL K 752 -54.02 83.34 110.25
CA VAL K 752 -53.85 81.89 110.45
C VAL K 752 -53.37 81.22 109.17
N PRO K 753 -53.34 81.94 108.03
CA PRO K 753 -54.21 81.61 106.89
C PRO K 753 -54.57 80.14 106.71
N SER K 754 -55.87 79.93 106.61
CA SER K 754 -56.52 78.63 106.59
C SER K 754 -57.89 78.80 105.96
N ILE K 755 -58.37 77.74 105.30
CA ILE K 755 -59.67 77.74 104.66
C ILE K 755 -60.55 76.70 105.33
N SER K 756 -61.75 77.12 105.74
CA SER K 756 -62.77 76.22 106.27
C SER K 756 -64.00 76.28 105.38
N PHE K 757 -64.87 75.30 105.55
CA PHE K 757 -66.12 75.22 104.80
C PHE K 757 -67.26 74.92 105.76
N ARG K 758 -68.47 75.25 105.31
CA ARG K 758 -69.66 75.09 106.12
C ARG K 758 -70.81 74.60 105.25
N ILE K 759 -71.40 73.47 105.63
CA ILE K 759 -72.60 72.97 104.99
C ILE K 759 -73.74 73.89 105.40
N ASN K 760 -74.92 73.71 104.77
CA ASN K 760 -76.03 74.66 104.88
C ASN K 760 -76.19 75.30 106.25
N GLY K 761 -76.08 74.52 107.32
CA GLY K 761 -76.22 75.09 108.65
C GLY K 761 -75.28 74.52 109.68
N CYS K 762 -74.29 73.74 109.27
CA CYS K 762 -73.40 73.07 110.20
C CYS K 762 -71.96 73.16 109.69
N PRO K 763 -70.98 73.15 110.59
CA PRO K 763 -69.58 73.24 110.16
C PRO K 763 -69.10 71.93 109.56
N VAL K 764 -68.14 72.05 108.64
CA VAL K 764 -67.48 70.92 108.04
C VAL K 764 -66.15 70.71 108.74
N GLN K 765 -65.95 69.52 109.30
CA GLN K 765 -64.81 69.23 110.18
C GLN K 765 -63.57 68.98 109.33
N GLY K 766 -62.90 70.07 108.96
CA GLY K 766 -61.67 70.00 108.21
C GLY K 766 -61.21 71.36 107.74
N VAL K 767 -59.92 71.66 107.88
CA VAL K 767 -59.37 72.97 107.52
C VAL K 767 -58.02 72.74 106.85
N PHE K 768 -57.76 73.50 105.78
CA PHE K 768 -56.46 73.51 105.12
C PHE K 768 -55.55 74.51 105.82
N GLU K 769 -54.27 74.18 105.91
CA GLU K 769 -53.30 75.03 106.59
C GLU K 769 -52.00 75.03 105.80
N ALA K 770 -51.01 75.79 106.29
CA ALA K 770 -49.65 75.81 105.76
C ALA K 770 -49.63 76.19 104.28
N PHE K 771 -50.03 77.42 104.00
CA PHE K 771 -50.11 77.91 102.64
C PHE K 771 -48.80 78.54 102.20
N ASN K 772 -48.79 79.07 100.98
CA ASN K 772 -47.65 79.79 100.43
C ASN K 772 -48.16 81.02 99.69
N LEU K 773 -49.08 81.75 100.32
CA LEU K 773 -49.78 82.85 99.67
C LEU K 773 -48.79 83.87 99.09
N ASP K 774 -48.83 84.02 97.77
CA ASP K 774 -47.99 84.98 97.08
C ASP K 774 -48.73 85.82 96.05
N GLY K 775 -49.88 85.38 95.55
CA GLY K 775 -50.65 86.16 94.61
C GLY K 775 -52.00 86.56 95.15
N LEU K 776 -53.07 86.13 94.49
CA LEU K 776 -54.43 86.49 94.88
C LEU K 776 -55.27 85.22 94.79
N PHE K 777 -56.60 85.36 94.83
CA PHE K 777 -57.45 84.19 94.94
C PHE K 777 -58.72 84.38 94.13
N PHE K 778 -59.26 83.26 93.64
CA PHE K 778 -60.47 83.22 92.85
C PHE K 778 -61.54 82.42 93.57
N PRO K 779 -62.78 82.91 93.64
CA PRO K 779 -63.91 82.02 93.94
C PRO K 779 -64.21 81.14 92.74
N VAL K 780 -63.89 79.86 92.80
CA VAL K 780 -63.94 78.98 91.64
C VAL K 780 -65.05 77.96 91.81
N VAL K 781 -65.70 77.61 90.70
CA VAL K 781 -66.75 76.60 90.65
C VAL K 781 -66.41 75.61 89.53
N SER K 782 -66.86 74.37 89.69
CA SER K 782 -66.61 73.32 88.72
C SER K 782 -67.94 72.64 88.37
N PHE K 783 -68.11 72.32 87.09
CA PHE K 783 -69.37 71.71 86.64
C PHE K 783 -69.12 70.95 85.34
N SER K 784 -69.79 69.81 85.21
CA SER K 784 -69.62 68.99 84.00
C SER K 784 -70.52 69.46 82.87
N ALA K 785 -71.84 69.37 83.06
CA ALA K 785 -72.81 69.72 82.03
C ALA K 785 -74.20 69.68 82.65
N GLY K 786 -75.15 70.35 81.98
CA GLY K 786 -76.52 70.39 82.43
C GLY K 786 -76.70 71.02 83.79
N VAL K 787 -76.09 72.18 84.00
CA VAL K 787 -76.02 72.81 85.32
C VAL K 787 -76.45 74.27 85.22
N LYS K 788 -77.32 74.68 86.14
CA LYS K 788 -77.91 76.03 86.20
C LYS K 788 -77.73 76.64 87.59
N VAL K 789 -76.52 76.54 88.13
CA VAL K 789 -76.26 77.02 89.49
C VAL K 789 -76.37 78.53 89.57
N ARG K 790 -77.07 79.01 90.61
CA ARG K 790 -77.10 80.42 90.95
C ARG K 790 -75.99 80.71 91.96
N PHE K 791 -75.30 81.83 91.77
CA PHE K 791 -74.06 82.13 92.49
C PHE K 791 -74.28 83.35 93.37
N LEU K 792 -74.05 83.19 94.67
CA LEU K 792 -74.44 84.19 95.67
C LEU K 792 -73.24 85.07 96.03
N LEU K 793 -73.47 86.38 96.04
CA LEU K 793 -72.42 87.34 96.42
C LEU K 793 -72.76 88.14 97.66
N GLY K 794 -73.92 88.79 97.72
CA GLY K 794 -74.27 89.58 98.89
C GLY K 794 -75.01 90.88 98.64
N GLY K 795 -74.41 92.00 99.09
CA GLY K 795 -75.12 93.26 99.13
C GLY K 795 -75.64 93.72 97.78
N ARG K 796 -74.92 93.38 96.71
CA ARG K 796 -75.39 93.75 95.37
C ARG K 796 -76.75 93.15 95.10
N HIS K 797 -76.83 91.83 95.02
CA HIS K 797 -78.12 91.14 94.98
C HIS K 797 -78.17 89.86 95.80
N GLY K 798 -77.04 89.26 96.17
CA GLY K 798 -77.04 88.00 96.89
C GLY K 798 -77.70 88.05 98.24
N GLU K 799 -78.86 87.41 98.35
CA GLU K 799 -79.60 87.38 99.62
C GLU K 799 -78.96 86.32 100.52
N PHE K 800 -78.08 86.77 101.42
CA PHE K 800 -77.46 85.84 102.36
C PHE K 800 -78.51 85.16 103.22
N LYS K 801 -78.69 83.85 103.03
CA LYS K 801 -79.63 83.11 103.85
C LYS K 801 -79.21 83.11 105.31
N PHE K 802 -77.92 82.96 105.57
CA PHE K 802 -77.39 82.81 106.92
C PHE K 802 -76.50 83.99 107.28
N LEU K 803 -76.22 84.10 108.58
CA LEU K 803 -75.42 85.21 109.10
C LEU K 803 -73.94 84.85 109.06
N PRO K 804 -73.10 85.69 108.47
CA PRO K 804 -71.67 85.42 108.48
C PRO K 804 -71.13 85.44 109.89
N PRO K 805 -70.08 84.67 110.17
CA PRO K 805 -69.44 84.71 111.49
C PRO K 805 -68.89 86.09 111.78
N PRO K 806 -68.45 86.37 113.02
CA PRO K 806 -68.13 87.76 113.37
C PRO K 806 -66.91 88.29 112.64
N GLY K 807 -67.16 89.13 111.64
CA GLY K 807 -66.16 89.86 110.89
C GLY K 807 -65.81 89.17 109.59
N TYR K 808 -66.49 89.57 108.52
CA TYR K 808 -66.31 88.98 107.19
C TYR K 808 -66.97 89.90 106.17
N ALA K 809 -66.18 90.45 105.26
CA ALA K 809 -66.75 91.29 104.22
C ALA K 809 -67.58 90.45 103.24
N PRO K 810 -68.74 90.96 102.82
CA PRO K 810 -69.58 90.20 101.87
C PRO K 810 -69.01 90.10 100.47
N CYS K 811 -67.77 90.57 100.24
CA CYS K 811 -67.03 90.33 99.01
C CYS K 811 -67.54 91.13 97.82
N HIS K 812 -68.62 91.89 98.00
CA HIS K 812 -69.04 92.81 96.94
C HIS K 812 -68.26 94.11 96.98
N GLU K 813 -67.72 94.49 98.13
CA GLU K 813 -66.94 95.72 98.23
C GLU K 813 -65.67 95.63 97.38
N ALA K 814 -64.99 94.49 97.42
CA ALA K 814 -63.75 94.30 96.68
C ALA K 814 -64.06 94.10 95.21
N VAL K 815 -63.96 95.18 94.43
CA VAL K 815 -64.08 95.12 92.97
C VAL K 815 -63.08 96.14 92.42
N LEU K 816 -62.65 95.92 91.19
CA LEU K 816 -61.77 96.90 90.56
C LEU K 816 -62.57 98.19 90.37
N PRO K 817 -62.15 99.31 90.97
CA PRO K 817 -62.92 100.55 90.90
C PRO K 817 -62.76 101.29 89.57
N ARG K 818 -62.85 100.54 88.47
CA ARG K 818 -62.77 101.12 87.13
C ARG K 818 -63.77 100.51 86.16
N GLU K 819 -64.63 99.60 86.60
CA GLU K 819 -65.60 98.94 85.74
C GLU K 819 -66.60 98.22 86.65
N ARG K 820 -67.52 97.47 86.04
CA ARG K 820 -68.49 96.68 86.78
C ARG K 820 -68.00 95.24 86.91
N LEU K 821 -68.76 94.44 87.65
CA LEU K 821 -68.42 93.04 87.88
C LEU K 821 -69.26 92.13 86.98
N ARG K 822 -68.68 90.97 86.65
CA ARG K 822 -69.28 90.06 85.70
C ARG K 822 -68.64 88.69 85.87
N LEU K 823 -69.26 87.69 85.26
CA LEU K 823 -68.73 86.33 85.26
C LEU K 823 -68.04 86.04 83.94
N GLU K 824 -66.80 85.56 84.01
CA GLU K 824 -66.02 85.24 82.83
C GLU K 824 -65.27 83.93 83.07
N PRO K 825 -65.04 83.14 82.02
CA PRO K 825 -64.24 81.93 82.17
C PRO K 825 -62.76 82.24 82.17
N ILE K 826 -62.02 81.53 83.03
CA ILE K 826 -60.61 81.81 83.22
C ILE K 826 -59.79 81.18 82.11
N LYS K 827 -58.77 81.92 81.65
CA LYS K 827 -57.82 81.46 80.65
C LYS K 827 -58.51 81.05 79.35
N GLU K 828 -59.56 81.79 78.99
CA GLU K 828 -60.24 81.52 77.74
C GLU K 828 -59.37 81.90 76.55
N TYR K 829 -59.33 81.03 75.54
CA TYR K 829 -58.60 81.31 74.30
C TYR K 829 -59.45 81.15 73.04
N ARG K 830 -60.75 80.91 73.18
CA ARG K 830 -61.66 81.00 72.06
C ARG K 830 -62.97 81.57 72.58
N ARG K 831 -63.53 82.55 71.86
CA ARG K 831 -64.81 83.13 72.23
C ARG K 831 -65.66 83.33 70.98
N GLU K 832 -66.97 83.30 71.17
CA GLU K 832 -67.91 83.43 70.07
C GLU K 832 -68.01 84.89 69.61
N GLY K 833 -68.64 85.08 68.45
CA GLY K 833 -68.79 86.40 67.89
C GLY K 833 -69.66 86.39 66.65
N PRO K 834 -69.97 87.58 66.13
CA PRO K 834 -70.81 87.65 64.91
C PRO K 834 -70.20 86.93 63.71
N ARG K 835 -68.89 87.05 63.50
CA ARG K 835 -68.23 86.22 62.51
C ARG K 835 -68.06 84.79 63.00
N GLY K 836 -68.01 84.59 64.31
CA GLY K 836 -67.88 83.28 64.88
C GLY K 836 -66.77 83.21 65.91
N PRO K 837 -65.91 82.21 65.78
CA PRO K 837 -64.81 82.05 66.74
C PRO K 837 -63.87 83.24 66.72
N HIS K 838 -63.35 83.56 67.90
CA HIS K 838 -62.34 84.60 68.07
C HIS K 838 -61.19 84.04 68.88
N LEU K 839 -59.99 84.08 68.31
CA LEU K 839 -58.79 83.59 68.99
C LEU K 839 -58.19 84.72 69.81
N VAL K 840 -58.12 84.54 71.12
CA VAL K 840 -57.58 85.55 72.03
C VAL K 840 -56.36 84.97 72.74
N GLY K 841 -55.32 85.79 72.85
CA GLY K 841 -54.10 85.38 73.49
C GLY K 841 -54.14 85.60 75.00
N PRO K 842 -52.98 85.52 75.65
CA PRO K 842 -52.93 85.70 77.10
C PRO K 842 -53.36 87.10 77.51
N SER K 843 -54.09 87.20 78.61
CA SER K 843 -54.53 88.48 79.14
C SER K 843 -53.53 88.98 80.19
N ARG K 844 -53.86 90.09 80.84
CA ARG K 844 -53.02 90.67 81.88
C ARG K 844 -53.68 90.47 83.24
N CYS K 845 -52.86 90.58 84.29
CA CYS K 845 -53.34 90.39 85.66
C CYS K 845 -52.46 91.19 86.61
N LEU K 846 -53.01 91.44 87.79
CA LEU K 846 -52.29 92.19 88.82
C LEU K 846 -51.37 91.25 89.60
N SER K 847 -50.78 91.74 90.69
CA SER K 847 -49.87 90.94 91.49
C SER K 847 -49.86 91.49 92.91
N HIS K 848 -49.13 90.81 93.80
CA HIS K 848 -49.04 91.25 95.19
C HIS K 848 -48.37 92.61 95.29
N THR K 849 -47.28 92.81 94.55
CA THR K 849 -46.58 94.09 94.60
C THR K 849 -47.43 95.22 94.03
N ASP K 850 -48.20 94.93 92.97
CA ASP K 850 -49.02 95.96 92.34
C ASP K 850 -50.08 96.48 93.31
N PHE K 851 -50.70 95.60 94.08
CA PHE K 851 -51.72 96.00 95.03
C PHE K 851 -51.10 96.47 96.33
N VAL K 852 -50.20 97.45 96.25
CA VAL K 852 -49.55 98.01 97.43
C VAL K 852 -49.13 99.45 97.15
N PRO K 853 -49.79 100.43 97.73
CA PRO K 853 -49.36 101.83 97.53
C PRO K 853 -47.96 102.05 98.11
N CYS K 854 -47.22 102.94 97.45
CA CYS K 854 -45.85 103.27 97.87
C CYS K 854 -45.59 104.75 97.68
N PRO K 855 -45.61 105.51 98.76
CA PRO K 855 -45.21 106.91 98.67
C PRO K 855 -43.79 107.10 98.15
N VAL K 856 -43.56 108.18 97.46
CA VAL K 856 -42.23 108.45 96.92
C VAL K 856 -41.25 108.70 98.06
N ASP K 857 -39.97 108.48 97.77
CA ASP K 857 -38.90 108.65 98.75
C ASP K 857 -38.65 110.12 99.09
N LEU K 863 -29.58 124.76 100.21
CA LEU K 863 -30.89 125.18 99.71
C LEU K 863 -30.85 126.64 99.23
N PRO K 864 -31.24 126.86 97.98
CA PRO K 864 -31.29 128.23 97.45
C PRO K 864 -32.27 129.08 98.25
N PRO K 865 -31.94 130.36 98.47
CA PRO K 865 -32.85 131.20 99.26
C PRO K 865 -34.23 131.36 98.65
N HIS K 866 -34.31 131.45 97.32
CA HIS K 866 -35.60 131.70 96.68
C HIS K 866 -36.56 130.53 96.83
N LEU K 867 -36.03 129.31 96.99
CA LEU K 867 -36.89 128.16 97.21
C LEU K 867 -37.68 128.30 98.51
N GLU K 868 -37.02 128.74 99.57
CA GLU K 868 -37.67 128.98 100.85
C GLU K 868 -38.14 130.42 101.03
N ARG K 869 -37.90 131.29 100.04
CA ARG K 869 -38.33 132.68 100.17
C ARG K 869 -39.78 132.87 99.76
N ILE K 870 -40.23 132.13 98.75
CA ILE K 870 -41.59 132.33 98.23
C ILE K 870 -42.62 131.94 99.29
N ARG K 871 -42.65 130.65 99.65
CA ARG K 871 -43.51 130.14 100.71
C ARG K 871 -44.93 130.66 100.65
N GLU K 872 -45.24 131.65 101.49
CA GLU K 872 -46.59 132.20 101.56
C GLU K 872 -47.02 132.76 100.22
N LYS K 873 -46.09 133.31 99.44
CA LYS K 873 -46.44 133.88 98.14
C LYS K 873 -47.08 132.84 97.24
N LEU K 874 -46.53 131.62 97.23
CA LEU K 874 -47.19 130.52 96.53
C LEU K 874 -48.38 130.01 97.33
N ALA K 875 -48.27 130.01 98.66
CA ALA K 875 -49.37 129.55 99.50
C ALA K 875 -50.60 130.45 99.36
N GLU K 876 -50.40 131.76 99.41
CA GLU K 876 -51.52 132.68 99.23
C GLU K 876 -52.10 132.55 97.83
N ASN K 877 -51.24 132.35 96.83
CA ASN K 877 -51.71 132.10 95.47
C ASN K 877 -52.53 130.82 95.41
N ILE K 878 -52.10 129.80 96.14
CA ILE K 878 -52.93 128.61 96.31
C ILE K 878 -54.15 128.91 97.17
N HIS K 879 -53.97 129.75 98.20
CA HIS K 879 -55.06 130.07 99.10
C HIS K 879 -56.11 130.97 98.47
N GLU K 880 -55.82 131.57 97.30
CA GLU K 880 -56.86 132.31 96.59
C GLU K 880 -58.01 131.41 96.18
N LEU K 881 -57.68 130.21 95.67
CA LEU K 881 -58.70 129.30 95.20
C LEU K 881 -59.51 128.68 96.34
N TRP K 882 -59.03 128.79 97.59
CA TRP K 882 -59.71 128.15 98.69
C TRP K 882 -61.12 128.69 98.92
N ALA K 883 -61.42 129.88 98.40
CA ALA K 883 -62.79 130.40 98.44
C ALA K 883 -63.45 130.44 97.08
N LEU K 884 -62.66 130.28 96.00
CA LEU K 884 -63.17 130.47 94.64
C LEU K 884 -64.48 129.74 94.41
N THR K 885 -64.47 128.41 94.49
CA THR K 885 -65.70 127.65 94.36
C THR K 885 -66.46 127.53 95.67
N ARG K 886 -65.81 127.82 96.80
CA ARG K 886 -66.52 128.00 98.06
C ARG K 886 -67.28 129.32 98.14
N ILE K 887 -67.09 130.23 97.19
CA ILE K 887 -68.10 131.25 96.93
C ILE K 887 -69.33 130.64 96.27
N GLU K 888 -69.12 129.78 95.28
CA GLU K 888 -70.22 129.07 94.65
C GLU K 888 -70.93 128.17 95.66
N GLN K 889 -70.16 127.60 96.60
CA GLN K 889 -70.77 126.84 97.70
C GLN K 889 -71.50 127.74 98.69
N GLY K 890 -71.13 129.01 98.78
CA GLY K 890 -71.75 129.93 99.71
C GLY K 890 -71.34 129.67 101.15
N TRP K 891 -70.03 129.72 101.41
CA TRP K 891 -69.49 129.33 102.70
C TRP K 891 -68.72 130.48 103.35
N THR K 892 -69.30 131.68 103.37
CA THR K 892 -68.53 132.88 103.69
C THR K 892 -68.12 132.94 105.17
N TYR K 893 -66.94 132.40 105.45
CA TYR K 893 -66.30 132.40 106.77
C TYR K 893 -67.29 132.10 107.89
N GLY K 894 -67.80 130.87 107.86
CA GLY K 894 -68.63 130.37 108.93
C GLY K 894 -67.87 130.26 110.24
N PRO K 895 -68.29 131.02 111.25
CA PRO K 895 -67.54 131.05 112.52
C PRO K 895 -67.70 129.80 113.36
N VAL K 896 -68.54 128.84 112.98
CA VAL K 896 -68.82 127.67 113.82
C VAL K 896 -68.62 126.38 113.04
N ARG K 897 -67.99 126.47 111.86
CA ARG K 897 -67.65 125.31 111.03
C ARG K 897 -68.91 124.49 110.71
N ASP K 898 -69.78 125.11 109.92
CA ASP K 898 -71.00 124.45 109.49
C ASP K 898 -70.70 123.40 108.42
N ASP K 899 -70.55 122.14 108.84
CA ASP K 899 -70.21 121.07 107.92
C ASP K 899 -71.35 120.70 106.99
N ASN K 900 -72.59 121.10 107.31
CA ASN K 900 -73.74 120.68 106.52
C ASN K 900 -74.57 121.85 106.04
N LYS K 901 -74.61 122.93 106.81
CA LYS K 901 -75.40 124.11 106.45
C LYS K 901 -74.53 125.22 105.85
N ARG K 902 -73.52 124.82 105.08
CA ARG K 902 -72.86 125.67 104.08
C ARG K 902 -72.14 126.86 104.71
N LEU K 903 -71.14 126.57 105.53
CA LEU K 903 -70.23 127.59 106.06
C LEU K 903 -68.89 126.95 106.38
N HIS K 904 -67.85 127.77 106.45
CA HIS K 904 -66.46 127.30 106.60
C HIS K 904 -65.68 128.18 107.58
N PRO K 905 -64.85 127.58 108.42
CA PRO K 905 -64.17 128.35 109.48
C PRO K 905 -62.73 128.75 109.20
N CYS K 906 -62.14 128.36 108.07
CA CYS K 906 -60.75 128.66 107.78
C CYS K 906 -60.62 129.55 106.54
N LEU K 907 -61.63 130.39 106.31
CA LEU K 907 -61.70 131.21 105.11
C LEU K 907 -61.29 132.65 105.40
N VAL K 908 -60.08 132.83 105.90
CA VAL K 908 -59.51 134.15 106.20
C VAL K 908 -58.02 134.15 105.88
N ASN K 909 -57.37 135.27 106.17
CA ASN K 909 -55.94 135.43 105.93
C ASN K 909 -55.13 134.52 106.84
N PHE K 910 -53.87 134.32 106.47
CA PHE K 910 -53.01 133.34 107.14
C PHE K 910 -52.87 133.64 108.63
N HIS K 911 -52.54 134.88 108.96
CA HIS K 911 -52.40 135.23 110.37
C HIS K 911 -53.75 135.21 111.09
N SER K 912 -54.82 135.64 110.39
CA SER K 912 -56.15 135.49 110.94
C SER K 912 -56.60 134.04 111.01
N LEU K 913 -55.92 133.14 110.30
CA LEU K 913 -56.26 131.72 110.33
C LEU K 913 -55.92 131.11 111.68
N PRO K 914 -56.54 129.97 112.02
CA PRO K 914 -56.17 129.27 113.25
C PRO K 914 -54.74 128.75 113.23
N GLU K 915 -54.32 128.14 114.34
CA GLU K 915 -52.92 127.72 114.47
C GLU K 915 -52.48 126.72 113.40
N PRO K 916 -53.19 125.59 113.13
CA PRO K 916 -52.73 124.62 112.14
C PRO K 916 -53.22 124.94 110.73
N GLU K 917 -52.95 126.17 110.26
CA GLU K 917 -53.38 126.59 108.93
C GLU K 917 -52.28 127.19 108.08
N ARG K 918 -51.07 127.40 108.63
CA ARG K 918 -49.96 127.92 107.85
C ARG K 918 -49.15 126.79 107.22
N ASN K 919 -48.73 125.82 108.05
CA ASN K 919 -48.10 124.62 107.52
C ASN K 919 -49.12 123.73 106.80
N TYR K 920 -50.42 123.94 107.04
CA TYR K 920 -51.45 123.22 106.31
C TYR K 920 -51.34 123.45 104.81
N ASN K 921 -50.88 124.63 104.40
CA ASN K 921 -50.67 124.96 102.99
C ASN K 921 -49.20 125.15 102.65
N LEU K 922 -48.28 124.93 103.59
CA LEU K 922 -46.87 125.12 103.31
C LEU K 922 -46.02 123.90 103.63
N GLN K 923 -46.32 123.19 104.72
CA GLN K 923 -45.52 122.02 105.08
C GLN K 923 -45.63 120.93 104.01
N MET K 924 -46.86 120.63 103.59
CA MET K 924 -47.05 119.69 102.50
C MET K 924 -46.64 120.25 101.15
N SER K 925 -46.41 121.57 101.06
CA SER K 925 -45.90 122.20 99.84
C SER K 925 -44.40 122.43 99.90
N GLY K 926 -43.88 122.87 101.06
CA GLY K 926 -42.44 123.03 101.18
C GLY K 926 -41.70 121.71 101.05
N GLU K 927 -42.22 120.66 101.68
CA GLU K 927 -41.66 119.33 101.47
C GLU K 927 -41.83 118.88 100.02
N THR K 928 -42.97 119.23 99.41
CA THR K 928 -43.17 118.91 98.00
C THR K 928 -42.12 119.57 97.13
N LEU K 929 -41.84 120.85 97.38
CA LEU K 929 -40.75 121.51 96.68
C LEU K 929 -39.40 120.91 97.06
N LYS K 930 -39.23 120.55 98.33
CA LYS K 930 -38.00 119.89 98.75
C LYS K 930 -37.85 118.54 98.06
N THR K 931 -38.94 117.78 97.95
CA THR K 931 -38.93 116.53 97.21
C THR K 931 -38.88 116.75 95.71
N LEU K 932 -39.25 117.95 95.25
CA LEU K 932 -39.34 118.21 93.81
C LEU K 932 -38.00 118.02 93.12
N LEU K 933 -36.89 118.20 93.86
CA LEU K 933 -35.58 117.90 93.27
C LEU K 933 -35.45 116.41 92.97
N ALA K 934 -36.00 115.56 93.84
CA ALA K 934 -35.99 114.12 93.59
C ALA K 934 -36.93 113.74 92.45
N LEU K 935 -37.86 114.62 92.07
CA LEU K 935 -38.75 114.35 90.94
C LEU K 935 -38.02 114.38 89.61
N GLY K 936 -36.78 114.86 89.57
CA GLY K 936 -36.03 114.92 88.33
C GLY K 936 -36.45 116.02 87.38
N CYS K 937 -37.25 116.98 87.84
CA CYS K 937 -37.69 118.07 86.98
C CYS K 937 -36.55 119.05 86.74
N HIS K 938 -36.67 119.81 85.65
CA HIS K 938 -35.69 120.82 85.25
C HIS K 938 -36.32 122.18 85.52
N VAL K 939 -36.17 122.66 86.75
CA VAL K 939 -36.80 123.89 87.20
C VAL K 939 -35.75 124.79 87.84
N GLY K 940 -35.86 126.09 87.59
CA GLY K 940 -35.01 127.06 88.25
C GLY K 940 -35.66 128.43 88.29
N MET K 941 -35.75 129.01 89.48
CA MET K 941 -36.45 130.28 89.65
C MET K 941 -35.60 131.40 89.07
N ALA K 942 -35.93 131.81 87.85
CA ALA K 942 -35.15 132.84 87.17
C ALA K 942 -36.01 133.81 86.36
N ASP K 943 -37.33 133.77 86.49
CA ASP K 943 -38.20 134.65 85.71
C ASP K 943 -37.93 136.12 86.05
N GLU K 944 -38.27 136.51 87.27
CA GLU K 944 -38.02 137.88 87.76
C GLU K 944 -38.55 138.95 86.80
N LYS K 945 -39.71 138.69 86.19
CA LYS K 945 -40.32 139.68 85.30
C LYS K 945 -40.95 140.79 86.13
N ALA K 946 -40.15 141.80 86.46
CA ALA K 946 -40.56 142.93 87.30
C ALA K 946 -40.91 142.49 88.71
N GLU K 947 -40.83 141.18 88.98
CA GLU K 947 -40.99 140.59 90.30
C GLU K 947 -42.40 140.81 90.86
N ASP K 948 -43.27 141.49 90.10
CA ASP K 948 -44.64 141.72 90.55
C ASP K 948 -45.64 141.66 89.39
N ASN K 949 -45.22 141.28 88.19
CA ASN K 949 -46.11 141.27 87.04
C ASN K 949 -47.22 140.23 87.14
N LEU K 950 -47.13 139.31 88.10
CA LEU K 950 -48.17 138.32 88.30
C LEU K 950 -49.40 138.98 88.91
N LYS K 951 -50.32 139.42 88.07
CA LYS K 951 -51.48 140.17 88.52
C LYS K 951 -52.67 139.25 88.76
N LYS K 952 -53.48 139.61 89.76
CA LYS K 952 -54.61 138.80 90.19
C LYS K 952 -55.86 139.14 89.39
N THR K 953 -56.82 138.21 89.40
CA THR K 953 -58.10 138.36 88.72
C THR K 953 -59.20 138.42 89.78
N LYS K 954 -59.95 139.51 89.79
CA LYS K 954 -60.89 139.77 90.87
C LYS K 954 -62.10 140.53 90.31
N LEU K 955 -62.88 141.11 91.22
CA LEU K 955 -64.08 141.90 90.97
C LEU K 955 -65.20 141.15 90.26
N PRO K 956 -65.58 139.94 90.72
CA PRO K 956 -66.84 139.32 90.22
C PRO K 956 -68.04 139.67 91.11
N LYS K 957 -68.54 140.89 90.93
CA LYS K 957 -69.61 141.46 91.76
C LYS K 957 -69.08 141.67 93.18
N THR K 958 -69.96 141.56 94.19
CA THR K 958 -69.57 141.82 95.56
C THR K 958 -68.39 140.94 95.98
N TYR K 959 -68.58 139.62 96.03
CA TYR K 959 -67.52 138.63 96.16
C TYR K 959 -66.64 138.85 97.38
N MET K 960 -67.06 139.69 98.33
CA MET K 960 -66.22 140.12 99.43
C MET K 960 -66.85 139.71 100.76
N MET K 961 -66.01 139.35 101.72
CA MET K 961 -66.41 138.72 102.97
C MET K 961 -66.27 139.71 104.13
N SER K 962 -66.44 139.20 105.35
CA SER K 962 -66.07 139.98 106.53
C SER K 962 -64.56 140.09 106.70
N ASN K 963 -63.79 139.14 106.18
CA ASN K 963 -62.34 139.16 106.34
C ASN K 963 -61.68 140.17 105.41
N GLY K 964 -62.29 140.42 104.26
CA GLY K 964 -61.70 141.27 103.25
C GLY K 964 -60.81 140.55 102.26
N TYR K 965 -60.87 139.21 102.22
CA TYR K 965 -60.02 138.46 101.31
C TYR K 965 -60.34 138.77 99.85
N LYS K 966 -61.62 138.65 99.46
CA LYS K 966 -62.06 138.78 98.08
C LYS K 966 -61.12 138.00 97.18
N PRO K 967 -61.19 136.66 97.19
CA PRO K 967 -60.15 135.85 96.56
C PRO K 967 -59.88 136.24 95.12
N ALA K 968 -58.60 136.25 94.75
CA ALA K 968 -58.16 136.72 93.44
C ALA K 968 -56.91 135.96 93.04
N PRO K 969 -57.06 134.85 92.33
CA PRO K 969 -55.88 134.11 91.85
C PRO K 969 -55.01 134.98 90.95
N LEU K 970 -53.70 134.81 91.07
CA LEU K 970 -52.72 135.62 90.37
C LEU K 970 -52.65 135.21 88.89
N ASP K 971 -51.57 135.63 88.22
CA ASP K 971 -51.45 135.47 86.77
C ASP K 971 -50.76 134.15 86.39
N LEU K 972 -50.90 133.12 87.21
CA LEU K 972 -50.42 131.79 86.84
C LEU K 972 -51.40 131.10 85.91
N SER K 973 -51.83 131.78 84.86
CA SER K 973 -52.77 131.26 83.89
C SER K 973 -52.16 131.02 82.52
N HIS K 974 -51.26 131.89 82.08
CA HIS K 974 -50.62 131.75 80.77
C HIS K 974 -49.30 130.98 80.88
N VAL K 975 -49.36 129.80 81.50
CA VAL K 975 -48.20 128.91 81.63
C VAL K 975 -48.66 127.55 81.11
N ARG K 976 -48.28 127.21 79.88
CA ARG K 976 -48.73 126.00 79.21
C ARG K 976 -47.80 124.81 79.44
N LEU K 977 -46.96 124.86 80.48
CA LEU K 977 -46.14 123.74 80.95
C LEU K 977 -45.31 123.09 79.85
N THR K 978 -44.76 121.91 80.13
CA THR K 978 -43.89 121.17 79.24
C THR K 978 -44.37 119.73 79.14
N PRO K 979 -43.99 119.03 78.06
CA PRO K 979 -44.40 117.62 77.94
C PRO K 979 -44.09 116.79 79.18
N ALA K 980 -42.95 117.02 79.82
CA ALA K 980 -42.67 116.34 81.08
C ALA K 980 -43.56 116.86 82.20
N GLN K 981 -43.85 118.16 82.20
CA GLN K 981 -44.68 118.75 83.25
C GLN K 981 -46.10 118.23 83.20
N THR K 982 -46.58 117.82 82.02
CA THR K 982 -47.89 117.20 81.93
C THR K 982 -47.94 115.91 82.74
N THR K 983 -46.83 115.18 82.81
CA THR K 983 -46.72 113.99 83.65
C THR K 983 -46.07 114.27 84.99
N LEU K 984 -45.18 115.27 85.07
CA LEU K 984 -44.56 115.61 86.35
C LEU K 984 -45.61 116.06 87.36
N VAL K 985 -46.59 116.87 86.92
CA VAL K 985 -47.69 117.23 87.79
C VAL K 985 -48.50 116.00 88.18
N ASP K 986 -48.74 115.12 87.20
CA ASP K 986 -49.41 113.85 87.51
C ASP K 986 -48.53 112.99 88.42
N ARG K 987 -47.22 112.94 88.16
CA ARG K 987 -46.32 112.19 89.02
C ARG K 987 -46.31 112.74 90.44
N LEU K 988 -46.29 114.07 90.57
CA LEU K 988 -46.42 114.68 91.88
C LEU K 988 -47.80 114.37 92.49
N ALA K 989 -48.84 114.39 91.66
CA ALA K 989 -50.17 114.03 92.14
C ALA K 989 -50.22 112.59 92.62
N GLU K 990 -49.53 111.69 91.90
CA GLU K 990 -49.45 110.31 92.35
C GLU K 990 -48.77 110.20 93.71
N ASN K 991 -47.72 110.99 93.91
CA ASN K 991 -47.06 111.00 95.22
C ASN K 991 -48.00 111.48 96.31
N GLY K 992 -48.79 112.52 96.01
CA GLY K 992 -49.72 113.03 97.01
C GLY K 992 -50.76 112.01 97.41
N HIS K 993 -51.31 111.30 96.42
CA HIS K 993 -52.27 110.23 96.73
C HIS K 993 -51.59 109.10 97.48
N ASN K 994 -50.36 108.75 97.10
CA ASN K 994 -49.64 107.68 97.78
C ASN K 994 -49.25 108.07 99.20
N VAL K 995 -48.79 109.31 99.37
CA VAL K 995 -48.39 109.76 100.71
C VAL K 995 -49.58 109.76 101.65
N TRP K 996 -50.72 110.29 101.20
CA TRP K 996 -51.93 110.27 102.01
C TRP K 996 -52.41 108.84 102.25
N ALA K 997 -52.18 107.95 101.28
CA ALA K 997 -52.54 106.54 101.47
C ALA K 997 -51.74 105.92 102.61
N ARG K 998 -50.44 106.23 102.68
CA ARG K 998 -49.63 105.73 103.78
C ARG K 998 -50.10 106.29 105.11
N ASP K 999 -50.48 107.57 105.13
CA ASP K 999 -51.01 108.18 106.35
C ASP K 999 -52.31 107.51 106.76
N ARG K 1000 -53.20 107.26 105.80
CA ARG K 1000 -54.44 106.55 106.12
C ARG K 1000 -54.17 105.13 106.57
N VAL K 1001 -53.20 104.45 105.93
CA VAL K 1001 -52.87 103.08 106.31
C VAL K 1001 -52.27 103.02 107.70
N ALA K 1002 -51.55 104.07 108.11
CA ALA K 1002 -50.91 104.07 109.42
C ALA K 1002 -51.94 103.96 110.54
N GLN K 1003 -53.06 104.66 110.41
CA GLN K 1003 -54.10 104.62 111.43
C GLN K 1003 -55.02 103.43 111.22
N GLY K 1004 -54.45 102.24 111.12
CA GLY K 1004 -55.23 101.02 110.95
C GLY K 1004 -56.08 101.02 109.70
N TRP K 1005 -55.48 101.42 108.57
CA TRP K 1005 -56.18 101.54 107.29
C TRP K 1005 -57.40 102.45 107.43
N SER K 1006 -57.13 103.69 107.85
CA SER K 1006 -58.14 104.71 108.12
C SER K 1006 -59.11 104.31 109.22
N TYR K 1007 -58.78 103.27 110.00
CA TYR K 1007 -59.60 102.81 111.11
C TYR K 1007 -61.04 102.50 110.67
N SER K 1008 -61.16 101.91 109.47
CA SER K 1008 -62.45 101.56 108.90
C SER K 1008 -63.39 102.76 108.85
N ALA K 1009 -64.51 102.68 109.56
CA ALA K 1009 -65.47 103.78 109.62
C ALA K 1009 -66.11 103.86 111.00
N ARG K 1020 -61.44 104.26 102.08
CA ARG K 1020 -62.05 103.94 100.79
C ARG K 1020 -61.25 104.53 99.63
N LEU K 1021 -59.93 104.46 99.74
CA LEU K 1021 -59.02 104.96 98.72
C LEU K 1021 -58.02 103.88 98.35
N VAL K 1022 -57.79 103.70 97.06
CA VAL K 1022 -56.91 102.64 96.55
C VAL K 1022 -55.60 103.25 96.06
N PRO K 1023 -54.63 102.42 95.66
CA PRO K 1023 -53.35 102.96 95.21
C PRO K 1023 -53.50 103.78 93.92
N TYR K 1024 -52.55 104.70 93.73
CA TYR K 1024 -52.59 105.56 92.55
C TYR K 1024 -52.44 104.75 91.27
N ARG K 1025 -53.06 105.24 90.20
CA ARG K 1025 -53.08 104.65 88.87
C ARG K 1025 -53.98 103.42 88.84
N LEU K 1026 -54.44 102.98 90.01
CA LEU K 1026 -55.44 101.92 90.12
C LEU K 1026 -56.79 102.44 90.60
N LEU K 1027 -56.85 103.66 91.09
CA LEU K 1027 -58.06 104.22 91.70
C LEU K 1027 -59.07 104.57 90.62
N ASP K 1028 -60.14 105.24 91.02
CA ASP K 1028 -61.24 105.56 90.13
C ASP K 1028 -60.83 106.67 89.16
N GLU K 1029 -61.78 107.14 88.36
CA GLU K 1029 -61.56 108.21 87.41
C GLU K 1029 -61.86 109.58 88.01
N ALA K 1030 -62.88 109.66 88.86
CA ALA K 1030 -63.25 110.94 89.45
C ALA K 1030 -62.13 111.50 90.33
N THR K 1031 -61.49 110.64 91.13
CA THR K 1031 -60.40 111.10 91.97
C THR K 1031 -59.21 111.56 91.13
N LYS K 1032 -59.04 110.99 89.94
CA LYS K 1032 -57.96 111.40 89.05
C LYS K 1032 -58.18 112.78 88.46
N ARG K 1033 -59.37 113.36 88.61
CA ARG K 1033 -59.68 114.66 88.03
C ARG K 1033 -59.37 115.82 88.98
N SER K 1034 -59.86 115.74 90.21
CA SER K 1034 -59.69 116.85 91.16
C SER K 1034 -58.22 117.06 91.51
N ASN K 1035 -57.47 115.98 91.70
CA ASN K 1035 -56.09 116.10 92.15
C ASN K 1035 -55.18 116.78 91.13
N ARG K 1036 -55.55 116.77 89.85
CA ARG K 1036 -54.70 117.43 88.86
C ARG K 1036 -54.82 118.95 88.96
N ASP K 1037 -56.05 119.46 88.97
CA ASP K 1037 -56.26 120.91 88.98
C ASP K 1037 -55.77 121.53 90.27
N SER K 1038 -56.00 120.86 91.41
CA SER K 1038 -55.60 121.41 92.69
C SER K 1038 -54.09 121.58 92.77
N LEU K 1039 -53.34 120.56 92.36
CA LEU K 1039 -51.89 120.66 92.35
C LEU K 1039 -51.37 121.53 91.21
N CYS K 1040 -52.13 121.66 90.13
CA CYS K 1040 -51.66 122.45 89.00
C CYS K 1040 -51.46 123.91 89.39
N GLN K 1041 -52.42 124.49 90.12
CA GLN K 1041 -52.32 125.88 90.53
C GLN K 1041 -51.05 126.11 91.36
N ALA K 1042 -50.73 125.18 92.25
CA ALA K 1042 -49.46 125.25 92.96
C ALA K 1042 -48.29 125.11 91.99
N VAL K 1043 -48.43 124.25 90.98
CA VAL K 1043 -47.36 124.04 90.01
C VAL K 1043 -47.31 125.11 88.94
N ARG K 1044 -48.37 125.89 88.76
CA ARG K 1044 -48.36 126.94 87.74
C ARG K 1044 -47.45 128.10 88.09
N THR K 1045 -46.92 128.15 89.32
CA THR K 1045 -46.00 129.20 89.71
C THR K 1045 -44.68 129.13 88.95
N LEU K 1046 -44.44 128.04 88.23
CA LEU K 1046 -43.24 127.93 87.40
C LEU K 1046 -43.21 129.07 86.37
N LEU K 1047 -42.00 129.56 86.12
CA LEU K 1047 -41.73 130.70 85.24
C LEU K 1047 -42.40 131.97 85.71
N GLY K 1048 -42.86 132.02 86.96
CA GLY K 1048 -43.45 133.22 87.52
C GLY K 1048 -42.57 133.84 88.59
N TYR K 1049 -41.86 132.99 89.33
CA TYR K 1049 -40.96 133.44 90.38
C TYR K 1049 -39.51 133.11 90.04
N ASP K 1070 -46.42 82.28 78.01
CA ASP K 1070 -46.25 83.36 78.98
C ASP K 1070 -46.10 84.71 78.28
N ARG K 1071 -45.61 84.68 77.05
CA ARG K 1071 -45.40 85.89 76.27
C ARG K 1071 -46.22 85.92 75.00
N VAL K 1072 -46.20 84.84 74.21
CA VAL K 1072 -46.99 84.74 72.99
C VAL K 1072 -47.66 83.37 72.96
N ARG K 1073 -48.77 83.31 72.23
CA ARG K 1073 -49.53 82.07 72.04
C ARG K 1073 -49.79 81.91 70.54
N ILE K 1074 -48.87 81.22 69.86
CA ILE K 1074 -48.94 81.10 68.41
C ILE K 1074 -49.94 80.02 68.02
N PHE K 1075 -50.42 80.08 66.78
CA PHE K 1075 -51.38 79.13 66.25
C PHE K 1075 -50.94 78.70 64.86
N ARG K 1076 -51.25 77.46 64.51
CA ARG K 1076 -50.92 76.91 63.20
C ARG K 1076 -51.97 75.90 62.82
N ALA K 1077 -51.77 75.27 61.67
CA ALA K 1077 -52.60 74.15 61.24
C ALA K 1077 -51.80 72.86 61.38
N GLU K 1078 -52.52 71.75 61.50
CA GLU K 1078 -51.87 70.45 61.61
C GLU K 1078 -51.09 70.15 60.34
N LYS K 1079 -49.94 69.47 60.51
CA LYS K 1079 -48.98 69.32 59.42
C LYS K 1079 -49.25 68.08 58.55
N SER K 1080 -50.49 67.96 58.06
CA SER K 1080 -50.78 67.09 56.94
C SER K 1080 -51.63 67.78 55.87
N TYR K 1081 -51.94 69.06 56.04
CA TYR K 1081 -52.45 69.91 54.98
C TYR K 1081 -51.33 70.67 54.28
N THR K 1082 -50.11 70.13 54.35
CA THR K 1082 -48.96 70.79 53.74
C THR K 1082 -49.17 70.93 52.24
N VAL K 1083 -48.85 72.12 51.73
CA VAL K 1083 -49.07 72.46 50.32
C VAL K 1083 -47.73 72.53 49.63
N GLN K 1084 -47.61 71.81 48.51
CA GLN K 1084 -46.36 71.76 47.75
C GLN K 1084 -46.54 72.18 46.29
N SER K 1085 -47.75 72.52 45.87
CA SER K 1085 -47.99 73.00 44.51
C SER K 1085 -49.38 73.63 44.40
N GLY K 1086 -49.46 74.80 43.78
CA GLY K 1086 -50.72 75.47 43.55
C GLY K 1086 -50.69 76.89 44.04
N ARG K 1087 -51.87 77.51 44.00
CA ARG K 1087 -52.03 78.90 44.44
C ARG K 1087 -53.20 78.96 45.41
N TRP K 1088 -52.96 79.51 46.59
CA TRP K 1088 -53.89 79.44 47.70
C TRP K 1088 -53.96 80.80 48.40
N TYR K 1089 -54.97 80.93 49.27
CA TYR K 1089 -55.28 82.25 49.83
C TYR K 1089 -56.07 82.06 51.11
N PHE K 1090 -55.86 82.99 52.05
CA PHE K 1090 -56.62 83.04 53.29
C PHE K 1090 -56.43 84.43 53.90
N GLU K 1091 -57.39 84.84 54.71
CA GLU K 1091 -57.40 86.19 55.28
C GLU K 1091 -57.39 86.14 56.80
N PHE K 1092 -56.98 87.26 57.38
CA PHE K 1092 -56.91 87.43 58.82
C PHE K 1092 -57.74 88.64 59.22
N GLU K 1093 -58.34 88.57 60.41
CA GLU K 1093 -59.19 89.63 60.93
C GLU K 1093 -58.72 89.98 62.34
N ALA K 1094 -58.51 91.27 62.58
CA ALA K 1094 -58.07 91.75 63.88
C ALA K 1094 -59.02 92.83 64.38
N VAL K 1095 -59.17 92.92 65.70
CA VAL K 1095 -60.04 93.91 66.30
C VAL K 1095 -59.19 95.04 66.86
N THR K 1096 -58.28 94.69 67.76
CA THR K 1096 -57.40 95.67 68.36
C THR K 1096 -56.21 95.93 67.43
N THR K 1097 -55.22 96.67 67.91
CA THR K 1097 -54.05 97.05 67.14
C THR K 1097 -52.79 96.77 67.95
N GLY K 1098 -52.68 95.54 68.47
CA GLY K 1098 -51.53 95.15 69.25
C GLY K 1098 -50.38 94.66 68.39
N GLU K 1099 -49.84 93.48 68.70
CA GLU K 1099 -48.72 92.90 67.95
C GLU K 1099 -49.18 91.56 67.36
N MET K 1100 -49.35 91.52 66.04
CA MET K 1100 -49.82 90.34 65.33
C MET K 1100 -48.75 89.89 64.35
N ARG K 1101 -48.54 88.57 64.28
CA ARG K 1101 -47.66 87.97 63.29
C ARG K 1101 -48.48 87.14 62.34
N VAL K 1102 -48.34 87.41 61.04
CA VAL K 1102 -49.12 86.77 59.99
C VAL K 1102 -48.20 86.38 58.86
N GLY K 1103 -48.33 85.15 58.39
CA GLY K 1103 -47.50 84.69 57.30
C GLY K 1103 -47.63 83.19 57.13
N TRP K 1104 -46.67 82.63 56.40
CA TRP K 1104 -46.61 81.19 56.17
C TRP K 1104 -45.47 80.62 57.01
N ALA K 1105 -45.43 79.29 57.11
CA ALA K 1105 -44.41 78.67 57.94
C ALA K 1105 -44.14 77.26 57.45
N ARG K 1106 -42.91 76.80 57.68
CA ARG K 1106 -42.55 75.43 57.38
C ARG K 1106 -43.08 74.51 58.47
N PRO K 1107 -43.33 73.24 58.14
CA PRO K 1107 -43.96 72.34 59.12
C PRO K 1107 -43.15 72.13 60.39
N GLU K 1108 -41.83 72.34 60.35
CA GLU K 1108 -40.98 72.10 61.51
C GLU K 1108 -40.90 73.37 62.39
N LEU K 1109 -42.06 73.83 62.84
CA LEU K 1109 -42.14 75.04 63.63
C LEU K 1109 -41.79 74.73 65.09
N ARG K 1110 -40.63 75.19 65.52
CA ARG K 1110 -40.18 74.96 66.89
C ARG K 1110 -40.80 75.99 67.83
N PRO K 1111 -41.49 75.58 68.89
CA PRO K 1111 -42.03 76.56 69.85
C PRO K 1111 -40.95 77.19 70.72
N ASP K 1112 -41.36 78.06 71.64
CA ASP K 1112 -40.46 78.84 72.50
C ASP K 1112 -39.52 79.74 71.72
N VAL K 1113 -39.78 79.96 70.44
CA VAL K 1113 -38.97 80.84 69.60
C VAL K 1113 -39.90 81.78 68.88
N GLU K 1114 -39.62 83.08 68.98
CA GLU K 1114 -40.39 84.06 68.22
C GLU K 1114 -40.25 83.79 66.73
N LEU K 1115 -41.37 83.69 66.04
CA LEU K 1115 -41.35 83.33 64.63
C LEU K 1115 -40.84 84.50 63.80
N GLY K 1116 -40.19 84.16 62.68
CA GLY K 1116 -39.62 85.14 61.78
C GLY K 1116 -38.19 85.53 62.10
N ALA K 1117 -37.64 85.08 63.21
CA ALA K 1117 -36.26 85.40 63.55
C ALA K 1117 -35.25 84.56 62.77
N ASP K 1118 -35.70 83.55 62.05
CA ASP K 1118 -34.82 82.71 61.26
C ASP K 1118 -35.58 82.22 60.03
N GLU K 1119 -35.06 81.18 59.39
CA GLU K 1119 -35.61 80.66 58.14
C GLU K 1119 -36.85 79.80 58.32
N LEU K 1120 -37.26 79.50 59.56
CA LEU K 1120 -38.37 78.59 59.77
C LEU K 1120 -39.68 79.15 59.24
N ALA K 1121 -39.92 80.45 59.39
CA ALA K 1121 -41.21 81.01 59.02
C ALA K 1121 -41.03 82.36 58.36
N TYR K 1122 -41.79 82.58 57.29
CA TYR K 1122 -41.88 83.88 56.64
C TYR K 1122 -43.12 84.57 57.18
N VAL K 1123 -42.93 85.74 57.79
CA VAL K 1123 -44.01 86.40 58.52
C VAL K 1123 -43.94 87.90 58.30
N PHE K 1124 -45.10 88.55 58.39
CA PHE K 1124 -45.21 90.00 58.29
C PHE K 1124 -45.83 90.56 59.57
N ASN K 1125 -45.24 91.63 60.07
CA ASN K 1125 -45.76 92.33 61.24
C ASN K 1125 -46.23 93.72 60.81
N GLY K 1126 -47.53 93.95 60.91
CA GLY K 1126 -48.14 95.21 60.55
C GLY K 1126 -48.23 96.22 61.67
N HIS K 1127 -47.64 95.95 62.83
CA HIS K 1127 -47.63 96.95 63.90
C HIS K 1127 -46.64 98.06 63.59
N ARG K 1128 -45.46 97.72 63.09
CA ARG K 1128 -44.44 98.69 62.75
C ARG K 1128 -44.03 98.59 61.29
N GLY K 1129 -44.80 97.89 60.48
CA GLY K 1129 -44.46 97.68 59.08
C GLY K 1129 -43.19 96.90 58.90
N GLN K 1130 -43.07 95.75 59.56
CA GLN K 1130 -41.87 94.93 59.50
C GLN K 1130 -42.21 93.54 58.99
N ARG K 1131 -41.32 92.99 58.17
CA ARG K 1131 -41.36 91.59 57.75
C ARG K 1131 -40.14 90.90 58.31
N TRP K 1132 -40.33 89.74 58.93
CA TRP K 1132 -39.26 89.06 59.63
C TRP K 1132 -38.89 87.76 58.93
N HIS K 1133 -37.63 87.67 58.52
CA HIS K 1133 -37.01 86.42 58.08
C HIS K 1133 -35.51 86.60 58.22
N LEU K 1134 -34.91 85.84 59.15
CA LEU K 1134 -33.51 86.00 59.54
C LEU K 1134 -33.26 87.39 60.13
N GLY K 1135 -34.29 88.02 60.66
CA GLY K 1135 -34.20 89.39 61.14
C GLY K 1135 -35.29 90.27 60.54
N SER K 1136 -35.44 91.44 61.15
CA SER K 1136 -36.49 92.36 60.74
C SER K 1136 -36.08 93.15 59.50
N GLU K 1137 -37.08 93.75 58.85
CA GLU K 1137 -36.94 94.56 57.64
C GLU K 1137 -38.16 95.49 57.54
N PRO K 1138 -37.96 96.77 57.26
CA PRO K 1138 -39.12 97.69 57.15
C PRO K 1138 -39.91 97.41 55.88
N PHE K 1139 -41.21 97.17 56.03
CA PHE K 1139 -42.06 96.83 54.89
C PHE K 1139 -43.51 97.13 55.25
N GLY K 1140 -44.11 98.10 54.56
CA GLY K 1140 -45.51 98.42 54.75
C GLY K 1140 -45.76 99.40 55.88
N ARG K 1141 -47.02 99.76 56.01
CA ARG K 1141 -47.48 100.75 56.98
C ARG K 1141 -48.12 100.06 58.18
N PRO K 1142 -48.21 100.76 59.32
CA PRO K 1142 -48.88 100.17 60.49
C PRO K 1142 -50.37 99.93 60.27
N TRP K 1143 -51.04 99.41 61.29
CA TRP K 1143 -52.43 99.02 61.18
C TRP K 1143 -53.39 100.17 61.47
N GLN K 1144 -54.67 99.89 61.24
CA GLN K 1144 -55.79 100.65 61.80
C GLN K 1144 -56.71 99.64 62.46
N SER K 1145 -57.97 100.01 62.69
CA SER K 1145 -58.94 99.02 63.14
C SER K 1145 -59.40 98.18 61.96
N GLY K 1146 -59.91 96.98 62.25
CA GLY K 1146 -60.37 96.07 61.22
C GLY K 1146 -59.30 95.12 60.72
N ASP K 1147 -58.31 95.66 60.02
CA ASP K 1147 -57.10 94.94 59.61
C ASP K 1147 -57.45 93.63 58.89
N VAL K 1148 -58.08 93.79 57.74
CA VAL K 1148 -58.41 92.66 56.88
C VAL K 1148 -57.22 92.42 55.98
N VAL K 1149 -56.41 91.42 56.30
CA VAL K 1149 -55.17 91.15 55.59
C VAL K 1149 -55.18 89.71 55.11
N GLY K 1150 -54.71 89.49 53.87
CA GLY K 1150 -54.60 88.16 53.32
C GLY K 1150 -53.19 87.85 52.88
N CYS K 1151 -52.95 86.59 52.55
CA CYS K 1151 -51.61 86.12 52.19
C CYS K 1151 -51.65 85.45 50.82
N MET K 1152 -50.86 85.99 49.90
CA MET K 1152 -50.75 85.42 48.57
C MET K 1152 -49.68 84.34 48.58
N ILE K 1153 -49.77 83.38 47.67
CA ILE K 1153 -48.70 82.39 47.57
C ILE K 1153 -48.70 81.71 46.21
N ASP K 1154 -47.52 81.60 45.60
CA ASP K 1154 -47.42 80.98 44.29
C ASP K 1154 -46.08 80.26 44.22
N LEU K 1155 -46.12 78.93 44.30
CA LEU K 1155 -44.89 78.15 44.26
C LEU K 1155 -44.32 77.99 42.86
N THR K 1156 -45.08 78.32 41.82
CA THR K 1156 -44.55 78.21 40.46
C THR K 1156 -43.38 79.16 40.26
N GLU K 1157 -43.56 80.44 40.60
CA GLU K 1157 -42.47 81.41 40.55
C GLU K 1157 -41.82 81.64 41.90
N ASN K 1158 -42.25 80.93 42.94
CA ASN K 1158 -41.64 80.99 44.27
C ASN K 1158 -41.67 82.41 44.82
N THR K 1159 -42.90 82.92 44.99
CA THR K 1159 -43.08 84.30 45.41
C THR K 1159 -44.24 84.39 46.40
N ILE K 1160 -44.09 85.24 47.41
CA ILE K 1160 -45.11 85.48 48.43
C ILE K 1160 -45.46 86.96 48.41
N ILE K 1161 -46.76 87.25 48.39
CA ILE K 1161 -47.27 88.61 48.33
C ILE K 1161 -48.24 88.80 49.48
N PHE K 1162 -48.29 90.02 50.02
CA PHE K 1162 -49.27 90.38 51.04
C PHE K 1162 -50.19 91.48 50.51
N THR K 1163 -51.44 91.45 50.96
CA THR K 1163 -52.42 92.45 50.58
C THR K 1163 -53.13 92.97 51.82
N LEU K 1164 -53.26 94.28 51.92
CA LEU K 1164 -53.96 94.92 53.02
C LEU K 1164 -55.21 95.61 52.48
N ASN K 1165 -56.36 95.24 53.04
CA ASN K 1165 -57.66 95.76 52.58
C ASN K 1165 -57.82 95.60 51.09
N GLY K 1166 -57.38 94.46 50.57
CA GLY K 1166 -57.40 94.22 49.14
C GLY K 1166 -56.47 95.12 48.35
N GLU K 1167 -55.31 95.46 48.90
CA GLU K 1167 -54.32 96.30 48.23
C GLU K 1167 -52.93 95.79 48.55
N VAL K 1168 -52.16 95.48 47.50
CA VAL K 1168 -50.81 94.95 47.69
C VAL K 1168 -49.91 96.01 48.28
N LEU K 1169 -49.01 95.60 49.17
CA LEU K 1169 -48.07 96.52 49.81
C LEU K 1169 -46.78 96.57 49.00
N MET K 1170 -46.36 97.78 48.65
CA MET K 1170 -45.14 97.96 47.90
C MET K 1170 -43.92 97.76 48.80
N SER K 1171 -42.77 97.55 48.16
CA SER K 1171 -41.52 97.40 48.89
C SER K 1171 -40.91 98.78 49.16
N ASP K 1172 -39.66 98.81 49.60
CA ASP K 1172 -38.99 100.08 49.86
C ASP K 1172 -38.88 100.91 48.59
N SER K 1173 -38.38 100.29 47.52
CA SER K 1173 -38.34 100.95 46.22
C SER K 1173 -39.59 100.67 45.38
N GLY K 1174 -40.43 99.73 45.80
CA GLY K 1174 -41.63 99.38 45.05
C GLY K 1174 -41.45 98.12 44.24
N SER K 1175 -41.95 97.00 44.76
CA SER K 1175 -41.85 95.72 44.08
C SER K 1175 -42.92 94.80 44.65
N GLU K 1176 -42.84 93.51 44.29
CA GLU K 1176 -43.84 92.54 44.72
C GLU K 1176 -43.40 91.85 46.00
N THR K 1177 -43.44 92.63 47.09
CA THR K 1177 -43.29 92.14 48.46
C THR K 1177 -41.86 91.66 48.74
N ALA K 1178 -41.01 91.67 47.70
CA ALA K 1178 -39.58 91.40 47.83
C ALA K 1178 -39.29 90.00 48.37
N PHE K 1179 -40.33 89.20 48.58
CA PHE K 1179 -40.17 87.82 49.03
C PHE K 1179 -40.15 86.93 47.79
N ARG K 1180 -38.96 86.56 47.34
CA ARG K 1180 -38.84 85.76 46.14
C ARG K 1180 -37.76 84.70 46.36
N GLU K 1181 -37.72 83.74 45.44
CA GLU K 1181 -36.74 82.65 45.43
C GLU K 1181 -36.84 81.84 46.73
N ILE K 1182 -37.97 81.16 46.87
CA ILE K 1182 -38.26 80.32 48.03
C ILE K 1182 -38.28 78.87 47.59
N GLU K 1183 -37.65 78.01 48.38
CA GLU K 1183 -37.59 76.58 48.05
C GLU K 1183 -38.81 75.85 48.60
N ILE K 1184 -39.25 74.84 47.86
CA ILE K 1184 -40.45 74.09 48.25
C ILE K 1184 -40.22 73.38 49.58
N GLY K 1185 -39.12 72.63 49.69
CA GLY K 1185 -38.81 71.91 50.90
C GLY K 1185 -39.86 70.89 51.29
N ASP K 1186 -40.50 71.10 52.43
CA ASP K 1186 -41.56 70.22 52.92
C ASP K 1186 -42.91 70.93 52.95
N GLY K 1187 -43.16 71.81 51.99
CA GLY K 1187 -44.41 72.52 51.94
C GLY K 1187 -44.46 73.65 52.93
N PHE K 1188 -45.65 74.26 53.03
CA PHE K 1188 -45.86 75.38 53.93
C PHE K 1188 -47.26 75.31 54.52
N LEU K 1189 -47.41 75.92 55.68
CA LEU K 1189 -48.65 75.90 56.44
C LEU K 1189 -49.00 77.32 56.89
N PRO K 1190 -50.29 77.65 56.96
CA PRO K 1190 -50.65 78.97 57.49
C PRO K 1190 -50.43 79.05 58.99
N VAL K 1191 -49.88 80.17 59.43
CA VAL K 1191 -49.50 80.36 60.82
C VAL K 1191 -49.95 81.74 61.26
N CYS K 1192 -50.25 81.87 62.55
CA CYS K 1192 -50.66 83.15 63.11
C CYS K 1192 -50.34 83.14 64.60
N SER K 1193 -49.87 84.27 65.09
CA SER K 1193 -49.58 84.47 66.50
C SER K 1193 -50.49 85.57 67.05
N LEU K 1194 -50.34 85.84 68.34
CA LEU K 1194 -51.12 86.90 68.98
C LEU K 1194 -50.35 87.39 70.19
N GLY K 1195 -50.20 88.70 70.30
CA GLY K 1195 -49.66 89.29 71.50
C GLY K 1195 -50.68 89.34 72.60
N PRO K 1196 -50.24 89.75 73.79
CA PRO K 1196 -51.15 89.76 74.94
C PRO K 1196 -52.33 90.69 74.74
N GLY K 1197 -53.49 90.27 75.24
CA GLY K 1197 -54.68 91.09 75.25
C GLY K 1197 -55.42 91.21 73.93
N GLN K 1198 -54.75 90.98 72.81
CA GLN K 1198 -55.38 91.18 71.52
C GLN K 1198 -56.18 89.93 71.12
N VAL K 1199 -56.94 90.07 70.03
CA VAL K 1199 -57.80 89.00 69.54
C VAL K 1199 -57.70 88.93 68.02
N GLY K 1200 -57.67 87.70 67.50
CA GLY K 1200 -57.61 87.50 66.07
C GLY K 1200 -58.72 86.58 65.59
N HIS K 1201 -59.03 86.67 64.30
CA HIS K 1201 -60.09 85.89 63.69
C HIS K 1201 -59.63 85.41 62.31
N LEU K 1202 -59.27 84.14 62.21
CA LEU K 1202 -58.84 83.58 60.95
C LEU K 1202 -60.04 83.25 60.06
N ASN K 1203 -59.75 83.10 58.77
CA ASN K 1203 -60.76 82.69 57.79
C ASN K 1203 -60.05 81.89 56.72
N LEU K 1204 -60.16 80.56 56.82
CA LEU K 1204 -59.50 79.68 55.87
C LEU K 1204 -60.30 79.47 54.59
N GLY K 1205 -61.47 80.09 54.48
CA GLY K 1205 -62.23 80.01 53.24
C GLY K 1205 -63.04 78.76 53.06
N GLN K 1206 -63.51 78.14 54.15
CA GLN K 1206 -64.37 76.98 54.02
C GLN K 1206 -65.64 77.29 53.23
N ASP K 1207 -66.11 78.54 53.31
CA ASP K 1207 -67.16 79.05 52.44
C ASP K 1207 -66.58 80.17 51.59
N VAL K 1208 -67.43 80.80 50.79
CA VAL K 1208 -67.02 81.86 49.87
C VAL K 1208 -67.65 83.20 50.23
N SER K 1209 -68.92 83.20 50.62
CA SER K 1209 -69.62 84.45 50.91
C SER K 1209 -68.98 85.18 52.08
N SER K 1210 -68.59 84.45 53.13
CA SER K 1210 -68.02 85.08 54.31
C SER K 1210 -66.70 85.77 54.00
N LEU K 1211 -65.98 85.29 52.99
CA LEU K 1211 -64.72 85.92 52.59
C LEU K 1211 -65.02 87.30 52.00
N ARG K 1212 -64.50 88.35 52.64
CA ARG K 1212 -65.09 89.68 52.48
C ARG K 1212 -64.64 90.38 51.20
N PHE K 1213 -63.36 90.73 51.08
CA PHE K 1213 -62.92 91.45 49.89
C PHE K 1213 -62.74 90.50 48.72
N PHE K 1214 -61.76 89.60 48.83
CA PHE K 1214 -61.37 88.65 47.79
C PHE K 1214 -61.58 89.31 46.43
N ALA K 1215 -62.53 88.80 45.65
CA ALA K 1215 -63.05 89.37 44.41
C ALA K 1215 -62.05 90.25 43.66
N ILE K 1216 -61.76 91.42 44.21
CA ILE K 1216 -60.85 92.36 43.57
C ILE K 1216 -59.45 91.75 43.44
N CYS K 1217 -59.03 90.96 44.42
CA CYS K 1217 -57.84 90.14 44.34
C CYS K 1217 -58.25 88.69 44.51
N GLY K 1218 -57.63 87.79 43.73
CA GLY K 1218 -58.12 86.42 43.66
C GLY K 1218 -58.58 86.01 42.27
N LEU K 1219 -59.89 85.93 42.08
CA LEU K 1219 -60.51 85.41 40.87
C LEU K 1219 -59.74 85.73 39.59
N GLN K 1220 -59.48 87.01 39.31
CA GLN K 1220 -58.86 87.34 38.03
C GLN K 1220 -57.34 87.42 38.13
N GLU K 1221 -56.73 86.44 38.81
CA GLU K 1221 -55.32 86.17 38.57
C GLU K 1221 -55.00 84.71 38.86
N GLY K 1222 -56.00 83.89 39.19
CA GLY K 1222 -55.76 82.50 39.55
C GLY K 1222 -55.45 82.20 41.00
N PHE K 1223 -56.45 82.30 41.87
CA PHE K 1223 -56.31 81.92 43.28
C PHE K 1223 -57.61 81.35 43.81
N GLU K 1224 -57.47 80.36 44.69
CA GLU K 1224 -58.56 79.65 45.33
C GLU K 1224 -58.31 79.64 46.83
N PRO K 1225 -59.37 79.71 47.64
CA PRO K 1225 -59.19 79.67 49.09
C PRO K 1225 -58.60 78.34 49.55
N PHE K 1226 -58.10 78.36 50.78
CA PHE K 1226 -57.44 77.18 51.34
C PHE K 1226 -58.39 75.99 51.37
N ALA K 1227 -59.47 76.09 52.13
CA ALA K 1227 -60.45 75.02 52.21
C ALA K 1227 -61.61 75.29 51.25
N ILE K 1228 -61.29 75.23 49.97
CA ILE K 1228 -62.30 75.52 48.94
C ILE K 1228 -63.44 74.52 49.01
N ASN K 1229 -63.13 73.24 49.18
CA ASN K 1229 -64.15 72.20 49.25
C ASN K 1229 -63.79 71.23 50.38
N MET K 1230 -64.40 71.44 51.54
CA MET K 1230 -64.34 70.52 52.66
C MET K 1230 -65.67 70.54 53.38
N GLN K 1231 -65.93 69.47 54.13
CA GLN K 1231 -67.20 69.30 54.83
C GLN K 1231 -67.09 69.47 56.34
N ARG K 1232 -65.98 70.00 56.83
CA ARG K 1232 -65.76 70.13 58.26
C ARG K 1232 -64.72 71.21 58.50
N PRO K 1233 -64.71 71.82 59.69
CA PRO K 1233 -63.67 72.81 59.98
C PRO K 1233 -62.30 72.18 60.12
N VAL K 1234 -61.27 72.99 59.84
CA VAL K 1234 -59.90 72.53 59.88
C VAL K 1234 -59.38 72.60 61.32
N THR K 1235 -58.86 71.48 61.81
CA THR K 1235 -58.29 71.44 63.14
C THR K 1235 -57.01 72.26 63.22
N THR K 1236 -56.71 72.75 64.42
CA THR K 1236 -55.56 73.63 64.63
C THR K 1236 -54.87 73.26 65.94
N TRP K 1237 -53.63 73.70 66.07
CA TRP K 1237 -52.79 73.48 67.24
C TRP K 1237 -52.36 74.80 67.84
N PHE K 1238 -51.70 74.70 69.00
CA PHE K 1238 -51.17 75.86 69.69
C PHE K 1238 -50.14 75.41 70.72
N SER K 1239 -49.35 76.38 71.19
CA SER K 1239 -48.37 76.13 72.23
C SER K 1239 -49.03 76.27 73.59
N LYS K 1240 -48.71 75.35 74.48
CA LYS K 1240 -49.44 75.24 75.75
C LYS K 1240 -48.90 76.22 76.79
N SER K 1241 -47.60 76.10 77.12
CA SER K 1241 -46.79 76.89 78.05
C SER K 1241 -46.35 76.00 79.21
N LEU K 1242 -47.29 75.26 79.78
CA LEU K 1242 -47.06 74.35 80.90
C LEU K 1242 -45.90 73.41 80.59
N PRO K 1243 -44.79 73.51 81.33
CA PRO K 1243 -43.64 72.66 81.04
C PRO K 1243 -43.92 71.19 81.31
N GLN K 1244 -43.26 70.34 80.52
CA GLN K 1244 -43.39 68.90 80.68
C GLN K 1244 -42.06 68.22 80.41
N PHE K 1245 -41.78 67.14 81.12
CA PHE K 1245 -40.51 66.45 80.96
C PHE K 1245 -40.45 65.69 79.64
N GLU K 1246 -39.26 65.64 79.07
CA GLU K 1246 -38.99 64.95 77.81
C GLU K 1246 -37.53 64.58 77.76
N PRO K 1247 -37.18 63.47 77.11
CA PRO K 1247 -35.77 63.06 77.06
C PRO K 1247 -34.92 64.10 76.34
N VAL K 1248 -33.68 64.22 76.78
CA VAL K 1248 -32.78 65.23 76.23
C VAL K 1248 -32.37 64.84 74.81
N PRO K 1249 -32.53 65.71 73.82
CA PRO K 1249 -32.08 65.39 72.47
C PRO K 1249 -30.57 65.50 72.37
N PRO K 1250 -29.90 64.49 71.80
CA PRO K 1250 -28.43 64.53 71.73
C PRO K 1250 -27.92 65.39 70.59
N GLU K 1251 -28.52 66.58 70.44
CA GLU K 1251 -28.04 67.60 69.52
C GLU K 1251 -28.15 68.98 70.13
N HIS K 1252 -28.36 68.94 71.47
CA HIS K 1252 -28.47 70.17 72.28
C HIS K 1252 -27.12 70.84 72.26
N PRO K 1253 -27.02 72.05 71.69
CA PRO K 1253 -25.78 72.74 71.63
C PRO K 1253 -24.90 72.41 72.81
N HIS K 1254 -25.21 73.00 73.96
CA HIS K 1254 -24.32 72.83 75.11
C HIS K 1254 -25.03 72.01 76.19
N TYR K 1255 -25.05 70.69 75.99
CA TYR K 1255 -25.36 69.69 77.00
C TYR K 1255 -25.01 68.31 76.46
N GLU K 1256 -24.19 67.55 77.19
CA GLU K 1256 -23.76 66.24 76.75
C GLU K 1256 -23.88 65.26 77.92
N VAL K 1257 -24.56 64.14 77.69
CA VAL K 1257 -24.75 63.12 78.69
C VAL K 1257 -24.33 61.78 78.09
N ALA K 1258 -23.83 60.88 78.94
CA ALA K 1258 -23.39 59.58 78.48
C ALA K 1258 -23.36 58.60 79.65
N ARG K 1259 -23.39 57.32 79.31
CA ARG K 1259 -23.25 56.25 80.28
C ARG K 1259 -21.76 55.95 80.46
N MET K 1260 -21.53 55.52 81.66
CA MET K 1260 -20.29 54.94 82.04
C MET K 1260 -20.71 53.48 82.30
N ASP K 1261 -19.77 52.57 82.10
CA ASP K 1261 -20.09 51.16 82.20
C ASP K 1261 -20.46 50.69 83.55
N GLY K 1262 -19.50 50.59 84.45
CA GLY K 1262 -19.78 50.14 85.80
C GLY K 1262 -18.90 48.96 86.09
N THR K 1263 -17.68 49.22 86.55
CA THR K 1263 -16.71 48.16 86.83
C THR K 1263 -16.69 47.59 88.24
N VAL K 1264 -15.71 46.74 88.46
CA VAL K 1264 -15.52 46.07 89.74
C VAL K 1264 -15.44 47.13 90.83
N ASP K 1265 -14.52 48.03 90.66
CA ASP K 1265 -14.37 49.06 91.64
C ASP K 1265 -15.49 50.12 91.78
N THR K 1266 -16.49 50.19 90.89
CA THR K 1266 -17.58 51.17 91.01
C THR K 1266 -18.72 50.85 90.10
N PRO K 1267 -19.93 50.91 90.62
CA PRO K 1267 -21.19 50.65 89.95
C PRO K 1267 -21.46 51.81 89.04
N PRO K 1268 -22.17 51.59 87.95
CA PRO K 1268 -22.62 52.36 86.79
C PRO K 1268 -23.16 53.71 87.20
N CYS K 1269 -23.03 54.63 86.27
CA CYS K 1269 -23.44 55.94 86.47
C CYS K 1269 -23.72 56.64 85.20
N LEU K 1270 -24.36 57.78 85.26
CA LEU K 1270 -24.59 58.68 84.12
C LEU K 1270 -23.97 60.02 84.46
N ARG K 1271 -23.51 60.86 83.54
CA ARG K 1271 -22.87 62.11 83.97
C ARG K 1271 -23.00 63.24 83.02
N LEU K 1272 -22.38 64.43 83.14
CA LEU K 1272 -22.76 65.51 82.25
C LEU K 1272 -21.52 66.22 81.74
N ALA K 1273 -21.75 67.22 80.90
CA ALA K 1273 -20.68 68.04 80.32
C ALA K 1273 -21.28 69.39 79.94
N HIS K 1274 -20.45 70.26 79.41
CA HIS K 1274 -20.87 71.62 79.04
C HIS K 1274 -19.80 72.22 78.14
N ARG K 1275 -20.14 73.34 77.52
CA ARG K 1275 -19.20 74.09 76.70
C ARG K 1275 -18.91 75.43 77.38
N THR K 1276 -18.16 75.39 78.47
CA THR K 1276 -17.88 76.57 79.28
C THR K 1276 -16.93 77.52 78.55
N TRP K 1277 -17.52 78.49 77.82
CA TRP K 1277 -16.74 79.48 77.11
C TRP K 1277 -17.61 80.70 76.77
N GLY K 1278 -17.39 81.25 75.58
CA GLY K 1278 -18.16 82.42 75.14
C GLY K 1278 -19.46 81.99 74.49
N SER K 1279 -19.76 82.58 73.34
CA SER K 1279 -20.97 82.29 72.58
C SER K 1279 -22.24 82.49 73.40
N GLN K 1280 -22.57 81.51 74.24
CA GLN K 1280 -23.78 81.57 75.04
C GLN K 1280 -23.55 81.07 76.46
N ASN K 1281 -24.62 81.06 77.26
CA ASN K 1281 -24.54 80.63 78.65
C ASN K 1281 -25.69 79.68 78.98
N SER K 1282 -26.04 79.63 80.27
CA SER K 1282 -27.11 78.75 80.72
C SER K 1282 -27.67 79.17 82.08
N LEU K 1283 -28.83 78.62 82.42
CA LEU K 1283 -29.48 78.92 83.71
C LEU K 1283 -29.47 77.69 84.61
N VAL K 1284 -30.63 77.40 85.21
CA VAL K 1284 -30.74 76.26 86.12
C VAL K 1284 -31.44 75.09 85.44
N GLU K 1285 -30.69 74.02 85.19
CA GLU K 1285 -31.22 72.85 84.51
C GLU K 1285 -31.93 71.90 85.47
N MET K 1286 -33.22 72.12 85.68
CA MET K 1286 -34.01 71.28 86.57
C MET K 1286 -34.19 69.89 85.97
N LEU K 1287 -33.17 69.04 86.13
CA LEU K 1287 -33.17 67.71 85.53
C LEU K 1287 -33.85 66.68 86.43
N PHE K 1288 -34.18 65.53 85.85
CA PHE K 1288 -34.83 64.44 86.57
C PHE K 1288 -34.76 63.14 85.77
N LEU K 1289 -34.78 62.01 86.46
CA LEU K 1289 -34.69 60.71 85.80
C LEU K 1289 -36.05 60.25 85.32
N ARG K 1290 -36.05 59.24 84.44
CA ARG K 1290 -37.29 58.71 83.88
C ARG K 1290 -37.72 57.44 84.60
N LEU K 1291 -38.55 57.61 85.63
CA LEU K 1291 -38.95 56.48 86.45
C LEU K 1291 -40.17 56.78 87.31
N SER K 1292 -40.58 55.78 88.08
CA SER K 1292 -41.72 55.91 88.99
C SER K 1292 -41.75 54.73 89.95
N LEU K 1293 -41.05 54.94 91.08
CA LEU K 1293 -40.91 53.98 92.19
C LEU K 1293 -42.17 54.13 92.92
N PRO K 1294 -43.01 53.11 93.08
CA PRO K 1294 -44.35 53.23 93.74
C PRO K 1294 -44.44 52.81 95.18
N VAL K 1295 -44.64 53.72 96.13
CA VAL K 1295 -44.58 53.33 97.54
C VAL K 1295 -45.63 52.35 98.05
N GLN K 1296 -45.15 51.16 98.28
CA GLN K 1296 -45.81 49.94 98.74
C GLN K 1296 -47.22 49.52 98.93
N PHE K 1297 -48.25 50.33 99.09
CA PHE K 1297 -49.57 49.65 99.27
C PHE K 1297 -50.75 50.01 98.43
N ASP K 1422 -23.50 41.80 102.89
CA ASP K 1422 -24.77 41.66 103.58
C ASP K 1422 -25.11 40.21 103.83
N ASP K 1423 -25.99 39.99 104.82
CA ASP K 1423 -26.53 38.66 105.01
C ASP K 1423 -27.60 38.39 103.95
N PRO K 1424 -27.66 37.16 103.44
CA PRO K 1424 -28.74 36.82 102.49
C PRO K 1424 -30.11 36.78 103.11
N GLU K 1425 -30.23 36.77 104.44
CA GLU K 1425 -31.53 36.88 105.08
C GLU K 1425 -32.06 38.30 105.02
N ILE K 1426 -31.24 39.27 105.41
CA ILE K 1426 -31.70 40.65 105.48
C ILE K 1426 -31.90 41.27 104.09
N ILE K 1427 -31.10 40.87 103.10
CA ILE K 1427 -31.16 41.53 101.81
C ILE K 1427 -32.30 40.97 100.96
N LEU K 1428 -32.90 39.85 101.36
CA LEU K 1428 -34.02 39.32 100.60
C LEU K 1428 -35.35 39.60 101.26
N ASN K 1429 -35.36 40.39 102.33
CA ASN K 1429 -36.58 40.79 103.00
C ASN K 1429 -36.71 42.29 103.13
N THR K 1430 -35.64 43.03 102.87
CA THR K 1430 -35.60 44.47 103.08
C THR K 1430 -36.48 45.21 102.10
N THR K 1431 -37.16 46.25 102.61
CA THR K 1431 -37.83 47.23 101.78
C THR K 1431 -37.30 48.61 102.16
N THR K 1432 -36.11 48.92 101.63
CA THR K 1432 -35.52 50.25 101.68
C THR K 1432 -34.37 50.28 100.68
N TYR K 1433 -34.42 51.16 99.68
CA TYR K 1433 -33.32 51.25 98.70
C TYR K 1433 -32.71 52.62 98.50
N TYR K 1434 -31.50 52.62 97.99
CA TYR K 1434 -30.48 53.64 97.99
C TYR K 1434 -30.10 53.99 96.57
N TYR K 1435 -30.01 55.30 96.29
CA TYR K 1435 -29.32 55.79 95.12
C TYR K 1435 -28.38 56.88 95.55
N SER K 1436 -27.54 57.34 94.63
CA SER K 1436 -26.45 58.22 94.99
C SER K 1436 -26.14 59.19 93.86
N VAL K 1437 -25.83 60.42 94.23
CA VAL K 1437 -25.26 61.39 93.32
C VAL K 1437 -23.95 61.88 93.91
N ARG K 1438 -23.05 62.32 93.05
CA ARG K 1438 -21.78 62.87 93.48
C ARG K 1438 -21.55 64.19 92.75
N VAL K 1439 -21.54 65.27 93.48
CA VAL K 1439 -21.24 66.57 92.92
C VAL K 1439 -19.74 66.66 92.71
N PHE K 1440 -19.23 66.87 91.53
CA PHE K 1440 -17.80 66.91 91.35
C PHE K 1440 -17.28 68.23 91.73
N ALA K 1441 -15.98 68.36 91.66
CA ALA K 1441 -15.28 69.59 92.00
C ALA K 1441 -15.57 70.65 90.96
N GLY K 1442 -15.48 71.91 91.38
CA GLY K 1442 -15.84 73.01 90.53
C GLY K 1442 -17.33 73.29 90.45
N GLN K 1443 -18.14 72.51 91.15
CA GLN K 1443 -19.57 72.77 91.24
C GLN K 1443 -19.91 73.06 92.70
N GLU K 1444 -20.59 74.17 92.94
CA GLU K 1444 -20.92 74.55 94.29
C GLU K 1444 -22.15 73.79 94.76
N PRO K 1445 -22.10 73.13 95.92
CA PRO K 1445 -23.31 72.56 96.52
C PRO K 1445 -24.33 73.60 96.98
N SER K 1446 -23.95 74.88 97.04
CA SER K 1446 -24.90 75.95 97.27
C SER K 1446 -25.95 76.04 96.18
N CYS K 1447 -25.59 75.69 94.94
CA CYS K 1447 -26.50 75.70 93.82
C CYS K 1447 -26.86 74.30 93.34
N VAL K 1448 -27.04 73.36 94.26
CA VAL K 1448 -27.37 71.98 93.94
C VAL K 1448 -28.50 71.56 94.87
N TRP K 1449 -29.57 71.01 94.29
CA TRP K 1449 -30.67 70.48 95.07
C TRP K 1449 -30.89 69.03 94.67
N VAL K 1450 -30.94 68.14 95.64
CA VAL K 1450 -31.04 66.71 95.39
C VAL K 1450 -32.23 66.17 96.17
N GLY K 1451 -33.05 65.35 95.51
CA GLY K 1451 -34.09 64.64 96.21
C GLY K 1451 -35.10 63.92 95.33
N TRP K 1452 -36.38 64.13 95.61
CA TRP K 1452 -37.45 63.35 94.99
C TRP K 1452 -38.58 64.26 94.53
N VAL K 1453 -39.25 63.86 93.46
CA VAL K 1453 -40.27 64.67 92.80
C VAL K 1453 -41.39 63.75 92.30
N THR K 1454 -42.63 64.11 92.63
CA THR K 1454 -43.84 63.45 92.16
C THR K 1454 -44.26 64.05 90.82
N PRO K 1455 -44.99 63.29 89.99
CA PRO K 1455 -45.31 63.77 88.62
C PRO K 1455 -46.07 65.09 88.52
N ASP K 1456 -46.91 65.45 89.49
CA ASP K 1456 -47.64 66.72 89.39
C ASP K 1456 -46.80 67.88 89.94
N TYR K 1457 -45.72 68.18 89.23
CA TYR K 1457 -44.80 69.25 89.59
C TYR K 1457 -44.33 69.90 88.31
N HIS K 1458 -44.68 71.17 88.11
CA HIS K 1458 -44.35 71.89 86.88
C HIS K 1458 -43.87 73.31 87.18
N GLN K 1459 -42.92 73.47 88.10
CA GLN K 1459 -42.35 74.77 88.40
C GLN K 1459 -41.05 74.93 87.62
N HIS K 1460 -41.09 75.73 86.55
CA HIS K 1460 -39.92 76.01 85.71
C HIS K 1460 -39.55 77.47 85.94
N ASP K 1461 -38.60 77.71 86.84
CA ASP K 1461 -38.14 79.05 87.14
C ASP K 1461 -36.64 79.03 87.37
N MET K 1462 -35.99 80.15 87.10
CA MET K 1462 -34.57 80.27 87.34
C MET K 1462 -34.25 80.85 88.72
N ASN K 1463 -35.27 81.20 89.49
CA ASN K 1463 -35.05 81.81 90.79
C ASN K 1463 -35.49 80.87 91.90
N PHE K 1464 -35.38 79.57 91.66
CA PHE K 1464 -35.91 78.59 92.59
C PHE K 1464 -35.02 78.45 93.81
N ASP K 1465 -35.63 78.62 94.98
CA ASP K 1465 -35.04 78.22 96.24
C ASP K 1465 -36.03 77.31 96.94
N LEU K 1466 -35.59 76.69 98.03
CA LEU K 1466 -36.43 75.74 98.76
C LEU K 1466 -37.66 76.36 99.38
N SER K 1467 -37.69 77.70 99.55
CA SER K 1467 -38.92 78.38 99.92
C SER K 1467 -39.96 78.34 98.82
N LYS K 1468 -39.53 78.24 97.56
CA LYS K 1468 -40.45 78.17 96.43
C LYS K 1468 -40.86 76.75 96.12
N VAL K 1469 -41.32 76.02 97.14
CA VAL K 1469 -41.79 74.66 96.98
C VAL K 1469 -43.22 74.62 97.49
N ARG K 1470 -44.12 74.06 96.68
CA ARG K 1470 -45.50 73.93 97.11
C ARG K 1470 -45.58 72.90 98.22
N ALA K 1471 -46.33 73.23 99.26
CA ALA K 1471 -46.55 72.35 100.40
C ALA K 1471 -47.84 72.75 101.06
N VAL K 1472 -48.79 71.82 101.13
CA VAL K 1472 -50.12 72.08 101.66
C VAL K 1472 -50.35 71.11 102.81
N THR K 1473 -50.69 71.64 103.97
CA THR K 1473 -50.91 70.85 105.18
C THR K 1473 -52.41 70.65 105.36
N VAL K 1474 -52.83 69.40 105.38
CA VAL K 1474 -54.22 69.04 105.60
C VAL K 1474 -54.36 68.47 107.00
N THR K 1475 -55.27 69.06 107.78
CA THR K 1475 -55.57 68.58 109.13
C THR K 1475 -57.06 68.29 109.20
N MET K 1476 -57.41 67.26 109.96
CA MET K 1476 -58.80 66.91 110.21
C MET K 1476 -58.98 66.59 111.68
N GLY K 1477 -60.17 66.86 112.20
CA GLY K 1477 -60.46 66.57 113.59
C GLY K 1477 -61.87 66.06 113.80
N ASP K 1478 -62.30 66.02 115.04
CA ASP K 1478 -63.66 65.60 115.37
C ASP K 1478 -64.57 66.82 115.41
N GLU K 1479 -65.83 66.60 115.76
CA GLU K 1479 -66.75 67.70 116.03
C GLU K 1479 -66.39 68.47 117.30
N GLN K 1480 -65.63 67.86 118.20
CA GLN K 1480 -65.14 68.56 119.38
C GLN K 1480 -64.05 69.56 119.04
N GLY K 1481 -63.43 69.44 117.87
CA GLY K 1481 -62.36 70.32 117.44
C GLY K 1481 -60.97 69.77 117.66
N ASN K 1482 -60.83 68.73 118.48
CA ASN K 1482 -59.54 68.09 118.68
C ASN K 1482 -59.13 67.36 117.40
N VAL K 1483 -57.88 67.57 117.00
CA VAL K 1483 -57.41 67.08 115.71
C VAL K 1483 -57.23 65.56 115.74
N HIS K 1484 -57.21 65.12 114.53
CA HIS K 1484 -57.22 63.78 114.29
C HIS K 1484 -56.22 63.18 113.35
N SER K 1485 -55.54 64.03 112.59
CA SER K 1485 -54.42 63.79 111.69
C SER K 1485 -53.96 65.12 111.13
N SER K 1486 -52.70 65.16 110.72
CA SER K 1486 -52.12 66.37 110.12
C SER K 1486 -51.22 65.93 108.98
N LEU K 1487 -51.76 65.92 107.76
CA LEU K 1487 -51.06 65.42 106.60
C LEU K 1487 -50.49 66.60 105.82
N LYS K 1488 -49.27 66.44 105.34
CA LYS K 1488 -48.63 67.44 104.49
C LYS K 1488 -48.27 66.82 103.15
N CYS K 1489 -48.92 67.30 102.09
CA CYS K 1489 -48.58 66.92 100.73
C CYS K 1489 -47.67 67.98 100.14
N SER K 1490 -46.55 67.55 99.57
CA SER K 1490 -45.66 68.44 98.84
C SER K 1490 -45.41 67.83 97.47
N ASN K 1491 -45.21 68.71 96.49
CA ASN K 1491 -44.91 68.25 95.15
C ASN K 1491 -43.42 68.02 94.91
N CYS K 1492 -42.62 68.01 95.97
CA CYS K 1492 -41.17 67.99 95.88
C CYS K 1492 -40.61 67.55 97.23
N TYR K 1493 -39.65 66.63 97.22
CA TYR K 1493 -39.02 66.14 98.43
C TYR K 1493 -37.52 66.14 98.20
N MET K 1494 -36.88 67.24 98.55
CA MET K 1494 -35.44 67.40 98.33
C MET K 1494 -34.77 67.98 99.57
N VAL K 1495 -33.45 68.04 99.49
CA VAL K 1495 -32.59 68.69 100.47
C VAL K 1495 -31.77 69.75 99.75
N TRP K 1496 -31.02 70.52 100.53
CA TRP K 1496 -30.07 71.47 99.95
C TRP K 1496 -28.66 70.94 100.16
N GLY K 1497 -27.90 70.85 99.07
CA GLY K 1497 -26.50 70.49 99.16
C GLY K 1497 -25.65 71.53 99.84
N GLY K 1498 -26.09 72.80 99.83
CA GLY K 1498 -25.40 73.85 100.55
C GLY K 1498 -25.60 73.78 102.06
N ASP K 1499 -26.52 72.93 102.52
CA ASP K 1499 -26.72 72.76 103.96
C ASP K 1499 -25.74 71.77 104.57
N PHE K 1500 -24.75 71.29 103.82
CA PHE K 1500 -23.76 70.39 104.39
C PHE K 1500 -22.35 70.92 104.20
N VAL K 1501 -22.09 71.55 103.07
CA VAL K 1501 -20.78 72.15 102.83
C VAL K 1501 -20.92 73.65 102.81
N ILE K 1509 -14.09 77.44 97.82
CA ILE K 1509 -13.40 76.56 96.88
C ILE K 1509 -13.05 75.25 97.55
N SER K 1510 -13.89 74.24 97.32
CA SER K 1510 -13.64 72.91 97.86
C SER K 1510 -13.04 72.01 96.79
N HIS K 1511 -11.94 71.35 97.12
CA HIS K 1511 -11.30 70.41 96.21
C HIS K 1511 -11.79 68.97 96.39
N THR K 1512 -12.93 68.78 97.03
CA THR K 1512 -13.46 67.46 97.30
C THR K 1512 -14.91 67.38 96.85
N ASP K 1513 -15.41 66.15 96.76
CA ASP K 1513 -16.70 65.87 96.16
C ASP K 1513 -17.74 65.54 97.23
N LEU K 1514 -18.72 66.43 97.38
CA LEU K 1514 -19.84 66.20 98.28
C LEU K 1514 -20.75 65.14 97.67
N VAL K 1515 -20.83 63.99 98.31
CA VAL K 1515 -21.63 62.87 97.82
C VAL K 1515 -22.88 62.78 98.68
N ILE K 1516 -24.04 62.93 98.05
CA ILE K 1516 -25.31 62.90 98.76
C ILE K 1516 -26.05 61.64 98.33
N GLY K 1517 -26.45 60.84 99.30
CA GLY K 1517 -27.24 59.64 99.05
C GLY K 1517 -28.53 59.69 99.84
N CYS K 1518 -29.58 59.10 99.28
CA CYS K 1518 -30.91 59.16 99.85
C CYS K 1518 -31.40 57.76 100.16
N LEU K 1519 -32.36 57.68 101.08
CA LEU K 1519 -32.87 56.41 101.57
C LEU K 1519 -34.39 56.47 101.63
N VAL K 1520 -35.04 55.54 100.95
CA VAL K 1520 -36.49 55.50 100.87
C VAL K 1520 -36.96 54.11 101.28
N ASP K 1521 -37.81 54.06 102.30
CA ASP K 1521 -38.32 52.81 102.88
C ASP K 1521 -39.75 52.62 102.40
N LEU K 1522 -39.97 51.64 101.52
CA LEU K 1522 -41.24 51.51 100.82
C LEU K 1522 -42.38 51.04 101.69
N ALA K 1523 -42.13 50.14 102.65
CA ALA K 1523 -43.24 49.61 103.42
C ALA K 1523 -43.68 50.56 104.52
N THR K 1524 -42.91 51.64 104.76
CA THR K 1524 -43.32 52.66 105.72
C THR K 1524 -43.54 54.01 105.07
N GLY K 1525 -43.00 54.24 103.88
CA GLY K 1525 -43.07 55.55 103.28
C GLY K 1525 -42.17 56.56 103.94
N LEU K 1526 -41.16 56.10 104.67
CA LEU K 1526 -40.24 56.97 105.38
C LEU K 1526 -39.03 57.25 104.50
N MET K 1527 -38.70 58.53 104.34
CA MET K 1527 -37.59 58.93 103.49
C MET K 1527 -36.57 59.70 104.31
N THR K 1528 -35.32 59.26 104.24
CA THR K 1528 -34.21 59.91 104.92
C THR K 1528 -33.08 60.14 103.92
N PHE K 1529 -32.11 60.96 104.32
CA PHE K 1529 -31.05 61.41 103.44
C PHE K 1529 -29.73 61.40 104.18
N THR K 1530 -28.70 60.83 103.55
CA THR K 1530 -27.39 60.71 104.16
C THR K 1530 -26.41 61.62 103.44
N ALA K 1531 -25.57 62.30 104.22
CA ALA K 1531 -24.55 63.19 103.67
C ALA K 1531 -23.19 62.62 104.00
N ASN K 1532 -22.54 62.04 102.99
CA ASN K 1532 -21.23 61.39 103.10
C ASN K 1532 -21.20 60.33 104.18
N GLY K 1533 -22.28 59.56 104.30
CA GLY K 1533 -22.41 58.58 105.35
C GLY K 1533 -22.78 59.13 106.71
N LYS K 1534 -22.91 60.44 106.84
CA LYS K 1534 -23.37 61.06 108.08
C LYS K 1534 -24.81 61.50 107.86
N GLU K 1535 -25.71 60.97 108.70
CA GLU K 1535 -27.13 61.21 108.52
C GLU K 1535 -27.49 62.66 108.83
N SER K 1536 -28.32 63.22 107.98
CA SER K 1536 -28.79 64.59 108.13
C SER K 1536 -29.96 64.61 109.09
N ASN K 1537 -30.28 65.80 109.58
CA ASN K 1537 -31.36 65.97 110.54
C ASN K 1537 -32.74 65.80 109.91
N THR K 1538 -32.87 66.02 108.61
CA THR K 1538 -34.19 66.00 107.99
C THR K 1538 -34.64 64.58 107.70
N PHE K 1539 -35.93 64.46 107.41
CA PHE K 1539 -36.58 63.20 107.11
C PHE K 1539 -37.93 63.51 106.49
N PHE K 1540 -38.55 62.50 105.88
CA PHE K 1540 -39.83 62.71 105.20
C PHE K 1540 -40.66 61.45 105.25
N GLN K 1541 -41.98 61.63 105.40
CA GLN K 1541 -42.92 60.53 105.44
C GLN K 1541 -44.14 60.90 104.60
N VAL K 1542 -44.63 59.93 103.82
CA VAL K 1542 -45.64 60.19 102.80
C VAL K 1542 -46.90 59.35 102.99
N GLU K 1543 -47.85 59.53 102.09
CA GLU K 1543 -49.08 58.76 102.06
C GLU K 1543 -48.79 57.31 101.61
N PRO K 1544 -49.73 56.38 101.82
CA PRO K 1544 -49.49 55.00 101.36
C PRO K 1544 -49.36 54.83 99.86
N ASN K 1545 -50.36 55.19 99.08
CA ASN K 1545 -50.34 54.92 97.65
C ASN K 1545 -49.88 56.18 96.91
N THR K 1546 -48.58 56.34 96.81
CA THR K 1546 -48.02 57.43 96.03
C THR K 1546 -46.72 56.96 95.39
N LYS K 1547 -46.33 57.65 94.32
CA LYS K 1547 -45.12 57.33 93.61
C LYS K 1547 -44.16 58.50 93.71
N LEU K 1548 -42.94 58.28 93.25
CA LEU K 1548 -41.89 59.29 93.36
C LEU K 1548 -40.87 59.09 92.27
N PHE K 1549 -40.30 60.09 91.62
CA PHE K 1549 -39.23 59.85 90.67
C PHE K 1549 -38.05 60.49 91.27
N PRO K 1550 -36.89 59.96 91.26
CA PRO K 1550 -35.63 60.52 91.75
C PRO K 1550 -35.31 61.81 91.02
N ALA K 1551 -34.81 62.82 91.72
CA ALA K 1551 -34.69 64.15 91.15
C ALA K 1551 -33.41 64.83 91.60
N VAL K 1552 -32.83 65.61 90.69
CA VAL K 1552 -31.69 66.47 90.96
C VAL K 1552 -31.92 67.78 90.24
N PHE K 1553 -31.87 68.89 90.97
CA PHE K 1553 -31.96 70.21 90.36
C PHE K 1553 -30.61 70.88 90.53
N VAL K 1554 -30.13 71.54 89.48
CA VAL K 1554 -28.78 72.08 89.51
C VAL K 1554 -28.69 73.29 88.58
N LEU K 1555 -27.96 74.29 89.01
CA LEU K 1555 -27.42 75.31 88.13
C LEU K 1555 -25.94 75.02 87.95
N PRO K 1556 -25.47 74.69 86.75
CA PRO K 1556 -24.11 74.17 86.59
C PRO K 1556 -23.08 75.29 86.60
N THR K 1557 -21.90 75.02 87.15
CA THR K 1557 -20.80 75.97 87.14
C THR K 1557 -19.46 75.31 86.84
N HIS K 1558 -19.43 74.28 85.99
CA HIS K 1558 -18.19 73.58 85.69
C HIS K 1558 -18.33 72.94 84.33
N GLN K 1559 -17.21 72.41 83.82
CA GLN K 1559 -17.26 71.59 82.62
C GLN K 1559 -17.88 70.24 82.92
N ASN K 1560 -17.63 69.70 84.11
CA ASN K 1560 -18.24 68.45 84.57
C ASN K 1560 -19.02 68.74 85.83
N VAL K 1561 -20.30 68.37 85.85
CA VAL K 1561 -21.13 68.88 86.94
C VAL K 1561 -21.50 67.81 87.96
N ILE K 1562 -22.33 66.85 87.58
CA ILE K 1562 -22.84 65.84 88.51
C ILE K 1562 -22.71 64.47 87.88
N GLN K 1563 -23.15 63.41 88.55
CA GLN K 1563 -23.04 62.08 88.01
C GLN K 1563 -23.90 61.13 88.77
N PHE K 1564 -25.02 60.75 88.27
CA PHE K 1564 -25.97 59.85 88.89
C PHE K 1564 -25.30 58.50 89.10
N GLU K 1565 -25.20 58.04 90.34
CA GLU K 1565 -24.54 56.79 90.67
C GLU K 1565 -25.55 55.80 91.21
N LEU K 1566 -25.78 54.73 90.47
CA LEU K 1566 -26.82 53.75 90.78
C LEU K 1566 -26.21 52.59 91.56
N GLY K 1567 -25.93 52.85 92.84
CA GLY K 1567 -25.27 51.88 93.67
C GLY K 1567 -26.06 51.48 94.90
N LYS K 1568 -25.55 50.46 95.59
CA LYS K 1568 -26.16 49.94 96.79
C LYS K 1568 -25.23 50.14 97.98
N GLN K 1569 -25.80 50.18 99.16
CA GLN K 1569 -25.02 50.26 100.39
C GLN K 1569 -24.84 48.86 100.96
N LYS K 1570 -24.42 48.77 102.23
CA LYS K 1570 -23.86 47.54 102.78
C LYS K 1570 -24.90 46.45 102.96
N ASN K 1571 -26.17 46.83 103.16
CA ASN K 1571 -27.18 45.80 103.40
C ASN K 1571 -28.53 46.11 102.77
N ILE K 1572 -28.57 46.92 101.70
CA ILE K 1572 -29.81 47.33 101.07
C ILE K 1572 -29.66 47.26 99.56
N MET K 1573 -30.69 46.83 98.83
CA MET K 1573 -30.49 46.69 97.40
C MET K 1573 -30.65 47.94 96.68
N PRO K 1574 -30.10 48.00 95.48
CA PRO K 1574 -30.03 49.24 94.71
C PRO K 1574 -31.31 49.52 93.95
N LEU K 1575 -31.36 50.58 93.18
CA LEU K 1575 -32.58 50.92 92.60
C LEU K 1575 -33.02 50.03 91.60
N SER K 1576 -32.10 49.76 90.68
CA SER K 1576 -32.22 48.91 89.49
C SER K 1576 -33.24 47.92 89.62
N ALA K 1577 -33.04 47.02 90.53
CA ALA K 1577 -33.92 45.95 90.85
C ALA K 1577 -35.15 46.24 91.65
N ALA K 1578 -35.65 47.42 91.66
CA ALA K 1578 -36.87 47.65 92.34
C ALA K 1578 -37.76 48.61 91.64
N MET K 1579 -37.36 49.00 90.46
CA MET K 1579 -38.16 49.87 89.67
C MET K 1579 -39.01 49.00 88.90
N PHE K 1580 -38.52 47.86 88.41
CA PHE K 1580 -39.35 46.97 87.63
C PHE K 1580 -39.30 45.51 87.86
N LEU K 1581 -40.41 44.96 88.25
CA LEU K 1581 -40.56 43.58 88.62
C LEU K 1581 -40.15 42.33 87.90
N SER K 1582 -39.22 42.41 87.00
CA SER K 1582 -38.69 41.18 86.47
C SER K 1582 -37.57 40.76 87.34
N GLU K 1583 -36.97 41.70 88.03
CA GLU K 1583 -35.90 41.36 88.82
C GLU K 1583 -36.07 42.14 90.06
N ARG K 1584 -36.93 41.72 90.98
CA ARG K 1584 -37.07 42.42 92.23
C ARG K 1584 -36.59 41.35 93.13
N LYS K 1585 -35.36 40.90 92.93
CA LYS K 1585 -34.82 39.86 93.72
C LYS K 1585 -33.33 39.98 93.60
N ASN K 1586 -32.80 39.87 92.40
CA ASN K 1586 -31.38 39.96 92.21
C ASN K 1586 -30.94 41.28 92.68
N PRO K 1587 -29.96 41.32 93.56
CA PRO K 1587 -29.34 42.49 94.22
C PRO K 1587 -28.29 43.21 93.38
N ALA K 1588 -27.83 42.62 92.28
CA ALA K 1588 -26.80 43.25 91.47
C ALA K 1588 -27.35 44.51 90.80
N PRO K 1589 -26.67 45.65 90.91
CA PRO K 1589 -27.16 46.87 90.24
C PRO K 1589 -27.15 46.71 88.73
N GLN K 1590 -28.12 47.38 88.08
CA GLN K 1590 -28.29 47.31 86.64
C GLN K 1590 -28.59 48.70 86.11
N CYS K 1591 -28.26 48.92 84.83
CA CYS K 1591 -28.54 50.17 84.14
C CYS K 1591 -29.14 49.87 82.76
N PRO K 1592 -30.41 49.46 82.73
CA PRO K 1592 -31.06 49.20 81.44
C PRO K 1592 -31.24 50.47 80.64
N PRO K 1593 -31.38 50.36 79.32
CA PRO K 1593 -31.41 51.58 78.48
C PRO K 1593 -32.62 52.47 78.71
N ARG K 1594 -33.66 51.98 79.40
CA ARG K 1594 -34.83 52.82 79.64
C ARG K 1594 -34.53 54.00 80.55
N LEU K 1595 -33.50 53.89 81.37
CA LEU K 1595 -33.15 54.96 82.31
C LEU K 1595 -32.49 56.10 81.55
N GLU K 1596 -33.22 57.19 81.34
CA GLU K 1596 -32.73 58.35 80.63
C GLU K 1596 -33.09 59.61 81.38
N VAL K 1597 -32.26 60.64 81.22
CA VAL K 1597 -32.48 61.91 81.91
C VAL K 1597 -33.48 62.75 81.11
N GLN K 1598 -34.11 63.69 81.80
CA GLN K 1598 -35.07 64.60 81.19
C GLN K 1598 -34.73 66.04 81.51
N MET K 1599 -35.02 66.92 80.56
CA MET K 1599 -34.83 68.36 80.72
C MET K 1599 -36.16 69.06 80.47
N LEU K 1600 -36.51 69.98 81.36
CA LEU K 1600 -37.80 70.65 81.26
C LEU K 1600 -37.78 71.71 80.15
N MET K 1601 -38.84 71.73 79.35
CA MET K 1601 -39.05 72.76 78.33
C MET K 1601 -40.48 73.29 78.50
N PRO K 1602 -40.67 74.59 78.58
CA PRO K 1602 -42.01 75.16 78.83
C PRO K 1602 -42.82 75.34 77.54
N VAL K 1603 -42.99 74.27 76.78
CA VAL K 1603 -43.77 74.31 75.56
C VAL K 1603 -44.23 72.90 75.21
N SER K 1604 -45.35 72.82 74.51
CA SER K 1604 -45.84 71.56 73.97
C SER K 1604 -46.66 71.88 72.73
N TRP K 1605 -47.44 70.92 72.25
CA TRP K 1605 -48.34 71.14 71.12
C TRP K 1605 -49.62 70.37 71.44
N SER K 1606 -50.67 71.08 71.87
CA SER K 1606 -51.95 70.48 72.21
C SER K 1606 -52.98 70.79 71.15
N ARG K 1607 -53.93 69.89 70.95
CA ARG K 1607 -54.95 70.07 69.93
C ARG K 1607 -56.12 70.92 70.41
N MET K 1608 -56.88 71.44 69.45
CA MET K 1608 -58.01 72.31 69.71
C MET K 1608 -59.31 71.57 69.41
N PRO K 1609 -60.09 71.22 70.44
CA PRO K 1609 -61.33 70.49 70.20
C PRO K 1609 -62.27 71.28 69.30
N ASN K 1610 -62.97 70.54 68.44
CA ASN K 1610 -63.87 71.15 67.46
C ASN K 1610 -65.19 71.62 68.07
N HIS K 1611 -65.50 71.23 69.30
CA HIS K 1611 -66.76 71.65 69.92
C HIS K 1611 -66.52 71.90 71.40
N PHE K 1612 -67.01 73.03 71.89
CA PHE K 1612 -66.87 73.43 73.29
C PHE K 1612 -68.20 73.28 74.01
N LEU K 1613 -68.23 73.72 75.26
CA LEU K 1613 -69.38 73.56 76.13
C LEU K 1613 -70.47 74.59 75.88
N GLN K 1614 -70.34 75.41 74.85
CA GLN K 1614 -71.31 76.48 74.53
C GLN K 1614 -71.38 77.41 75.73
N VAL K 1615 -72.52 77.56 76.40
CA VAL K 1615 -72.62 78.47 77.54
C VAL K 1615 -72.00 77.82 78.77
N GLU K 1622 -77.25 87.09 85.40
CA GLU K 1622 -77.88 88.34 85.00
C GLU K 1622 -79.07 88.67 85.89
N ARG K 1623 -80.03 87.74 85.94
CA ARG K 1623 -81.22 87.91 86.76
C ARG K 1623 -80.87 87.57 88.22
N LEU K 1624 -81.90 87.44 89.05
CA LEU K 1624 -81.74 87.05 90.45
C LEU K 1624 -80.77 85.89 90.60
N GLY K 1625 -79.69 86.13 91.35
CA GLY K 1625 -78.69 85.12 91.61
C GLY K 1625 -77.56 85.05 90.60
N TRP K 1626 -77.72 85.62 89.42
CA TRP K 1626 -76.71 85.56 88.36
C TRP K 1626 -76.33 84.11 88.05
N ALA K 1627 -77.33 83.36 87.56
CA ALA K 1627 -77.17 81.94 87.32
C ALA K 1627 -76.31 81.67 86.09
N VAL K 1628 -75.75 80.48 86.03
CA VAL K 1628 -74.99 80.02 84.89
C VAL K 1628 -75.91 79.20 83.99
N GLN K 1629 -75.53 79.09 82.72
CA GLN K 1629 -76.32 78.37 81.72
C GLN K 1629 -75.51 77.23 81.15
N CYS K 1630 -76.07 76.03 81.19
CA CYS K 1630 -75.42 74.84 80.61
C CYS K 1630 -76.46 73.76 80.46
N GLN K 1631 -76.68 73.30 79.23
CA GLN K 1631 -77.65 72.24 78.96
C GLN K 1631 -77.02 71.00 78.34
N ASP K 1632 -76.26 71.15 77.26
CA ASP K 1632 -75.82 70.02 76.46
C ASP K 1632 -74.62 69.32 77.12
N PRO K 1633 -74.50 68.01 76.93
CA PRO K 1633 -73.31 67.29 77.37
C PRO K 1633 -72.30 67.11 76.24
N LEU K 1634 -71.06 66.80 76.63
CA LEU K 1634 -69.98 66.59 75.67
C LEU K 1634 -68.92 65.70 76.31
N THR K 1635 -68.25 64.92 75.46
CA THR K 1635 -67.25 63.96 75.95
C THR K 1635 -66.15 63.79 74.91
N MET K 1636 -65.11 63.06 75.31
CA MET K 1636 -63.95 62.86 74.45
C MET K 1636 -63.23 61.58 74.86
N MET K 1637 -62.43 61.05 73.93
CA MET K 1637 -61.65 59.84 74.15
C MET K 1637 -60.24 60.21 74.62
N ALA K 1638 -59.66 59.38 75.48
CA ALA K 1638 -58.41 59.74 76.14
C ALA K 1638 -57.52 58.51 76.35
N LEU K 1639 -56.22 58.77 76.57
CA LEU K 1639 -55.20 57.78 76.85
C LEU K 1639 -54.62 58.02 78.24
N HIS K 1640 -54.06 56.97 78.82
CA HIS K 1640 -53.55 57.01 80.19
C HIS K 1640 -52.20 56.31 80.31
N ILE K 1641 -51.24 56.70 79.49
CA ILE K 1641 -49.88 56.16 79.58
C ILE K 1641 -49.44 56.16 81.04
N PRO K 1642 -49.23 54.97 81.64
CA PRO K 1642 -49.20 54.86 83.11
C PRO K 1642 -47.85 55.17 83.74
N GLU K 1643 -46.77 55.28 82.96
CA GLU K 1643 -45.43 55.47 83.54
C GLU K 1643 -45.34 56.71 84.41
N GLU K 1644 -45.75 57.85 83.86
CA GLU K 1644 -45.78 59.10 84.59
C GLU K 1644 -47.19 59.67 84.80
N ASN K 1645 -48.20 59.13 84.10
CA ASN K 1645 -49.60 59.52 84.24
C ASN K 1645 -49.89 60.96 83.78
N ARG K 1646 -49.83 61.20 82.46
CA ARG K 1646 -50.68 62.24 81.92
C ARG K 1646 -51.96 61.57 81.44
N CYS K 1647 -52.79 62.33 80.74
CA CYS K 1647 -53.97 61.77 80.07
C CYS K 1647 -54.14 62.59 78.81
N MET K 1648 -53.69 62.05 77.69
CA MET K 1648 -53.73 62.75 76.40
C MET K 1648 -54.85 62.22 75.52
N ASP K 1649 -55.20 63.05 74.53
CA ASP K 1649 -56.29 62.72 73.63
C ASP K 1649 -55.81 61.78 72.52
N ILE K 1650 -56.73 60.89 72.09
CA ILE K 1650 -56.41 59.99 70.98
C ILE K 1650 -56.28 60.74 69.66
N LEU K 1651 -57.03 61.83 69.50
CA LEU K 1651 -57.06 62.51 68.21
C LEU K 1651 -55.71 63.09 67.81
N GLU K 1652 -54.81 63.31 68.77
CA GLU K 1652 -53.51 63.89 68.43
C GLU K 1652 -52.46 62.84 68.06
N LEU K 1653 -52.79 61.55 68.19
CA LEU K 1653 -51.86 60.52 67.74
C LEU K 1653 -51.67 60.52 66.22
N SER K 1654 -52.52 61.24 65.48
CA SER K 1654 -52.26 61.42 64.06
C SER K 1654 -51.01 62.26 63.77
N GLU K 1655 -50.47 62.95 64.79
CA GLU K 1655 -49.34 63.85 64.61
C GLU K 1655 -48.12 63.44 65.44
N ARG K 1656 -48.05 62.19 65.86
CA ARG K 1656 -46.87 61.68 66.56
C ARG K 1656 -46.06 60.69 65.74
N LEU K 1657 -46.73 59.80 65.00
CA LEU K 1657 -46.12 58.92 64.01
C LEU K 1657 -45.17 57.90 64.63
N ASP K 1658 -45.00 57.93 65.93
CA ASP K 1658 -44.19 56.92 66.63
C ASP K 1658 -44.96 56.27 67.76
N LEU K 1659 -45.76 57.02 68.51
CA LEU K 1659 -46.63 56.42 69.52
C LEU K 1659 -47.83 55.75 68.86
N GLN K 1660 -48.27 56.27 67.72
CA GLN K 1660 -49.32 55.59 66.95
C GLN K 1660 -48.84 54.24 66.44
N ARG K 1661 -47.59 54.16 66.01
CA ARG K 1661 -47.07 52.90 65.46
C ARG K 1661 -47.07 51.80 66.51
N PHE K 1662 -46.67 52.13 67.74
CA PHE K 1662 -46.73 51.16 68.82
C PHE K 1662 -48.17 50.74 69.12
N HIS K 1663 -49.09 51.71 69.19
CA HIS K 1663 -50.47 51.37 69.52
C HIS K 1663 -51.16 50.67 68.36
N SER K 1664 -50.72 50.91 67.12
CA SER K 1664 -51.30 50.22 65.98
C SER K 1664 -51.06 48.72 66.09
N HIS K 1665 -49.85 48.31 66.46
CA HIS K 1665 -49.58 46.88 66.65
C HIS K 1665 -50.28 46.34 67.88
N THR K 1666 -50.56 47.18 68.88
CA THR K 1666 -51.21 46.69 70.09
C THR K 1666 -52.58 46.10 69.79
N LEU K 1667 -53.41 46.82 69.04
CA LEU K 1667 -54.71 46.28 68.68
C LEU K 1667 -54.60 45.13 67.69
N ARG K 1668 -53.43 44.94 67.07
CA ARG K 1668 -53.21 43.74 66.28
C ARG K 1668 -52.99 42.52 67.17
N LEU K 1669 -52.36 42.70 68.34
CA LEU K 1669 -52.22 41.60 69.28
C LEU K 1669 -53.58 41.11 69.75
N TYR K 1670 -54.49 42.04 70.06
CA TYR K 1670 -55.82 41.64 70.52
C TYR K 1670 -56.55 40.86 69.44
N ARG K 1671 -56.41 41.26 68.18
CA ARG K 1671 -56.93 40.46 67.08
C ARG K 1671 -56.25 39.09 67.03
N ALA K 1672 -54.99 39.02 67.43
CA ALA K 1672 -54.24 37.77 67.42
C ALA K 1672 -54.50 36.93 68.65
N VAL K 1673 -54.72 37.56 69.79
CA VAL K 1673 -55.07 36.81 71.00
C VAL K 1673 -56.41 36.09 70.82
N CYS K 1674 -57.39 36.76 70.21
CA CYS K 1674 -58.63 36.08 69.89
C CYS K 1674 -58.37 35.16 68.70
N ALA K 1675 -57.91 33.95 68.99
CA ALA K 1675 -57.51 33.00 67.97
C ALA K 1675 -58.75 32.47 67.27
N LEU K 1676 -58.58 31.41 66.50
CA LEU K 1676 -59.69 30.87 65.72
C LEU K 1676 -60.74 30.24 66.65
N GLY K 1677 -61.34 31.07 67.50
CA GLY K 1677 -62.35 30.67 68.45
C GLY K 1677 -61.76 30.47 69.82
N ASN K 1678 -61.85 31.48 70.69
CA ASN K 1678 -61.24 31.42 72.01
C ASN K 1678 -62.13 32.10 73.04
N ASN K 1679 -63.43 31.76 73.03
CA ASN K 1679 -64.43 32.46 73.84
C ASN K 1679 -64.02 32.62 75.31
N ARG K 1680 -63.11 31.79 75.80
CA ARG K 1680 -62.57 32.00 77.15
C ARG K 1680 -61.92 33.37 77.28
N VAL K 1681 -60.82 33.60 76.58
CA VAL K 1681 -60.07 34.84 76.74
C VAL K 1681 -60.67 36.00 75.96
N ALA K 1682 -61.64 35.75 75.09
CA ALA K 1682 -62.26 36.83 74.32
C ALA K 1682 -62.96 37.81 75.24
N HIS K 1683 -63.67 37.31 76.25
CA HIS K 1683 -64.43 38.20 77.13
C HIS K 1683 -63.51 39.03 78.01
N ALA K 1684 -62.37 38.47 78.42
CA ALA K 1684 -61.43 39.23 79.24
C ALA K 1684 -60.97 40.49 78.54
N LEU K 1685 -60.99 40.51 77.21
CA LEU K 1685 -60.66 41.73 76.48
C LEU K 1685 -61.79 42.76 76.57
N CYS K 1686 -63.03 42.29 76.77
CA CYS K 1686 -64.16 43.22 76.83
C CYS K 1686 -64.01 44.21 77.97
N SER K 1687 -63.56 43.74 79.14
CA SER K 1687 -63.28 44.66 80.23
C SER K 1687 -62.08 45.55 79.94
N HIS K 1688 -61.20 45.12 79.04
CA HIS K 1688 -59.99 45.88 78.75
C HIS K 1688 -60.24 46.97 77.71
N VAL K 1689 -60.76 46.58 76.54
CA VAL K 1689 -60.93 47.59 75.50
C VAL K 1689 -62.18 48.42 75.75
N ASP K 1690 -63.36 47.83 75.64
CA ASP K 1690 -64.60 48.57 75.76
C ASP K 1690 -65.84 47.73 75.54
N GLN K 1691 -67.01 48.36 75.70
CA GLN K 1691 -68.20 48.00 74.98
C GLN K 1691 -68.86 49.21 74.34
N ALA K 1692 -68.43 50.42 74.70
CA ALA K 1692 -69.07 51.66 74.25
C ALA K 1692 -68.28 52.42 73.21
N GLN K 1693 -66.99 52.68 73.43
CA GLN K 1693 -66.26 53.51 72.48
C GLN K 1693 -66.03 52.83 71.15
N LEU K 1694 -66.08 51.49 71.10
CA LEU K 1694 -66.17 50.83 69.80
C LEU K 1694 -67.42 51.28 69.06
N LEU K 1695 -68.58 51.22 69.71
CA LEU K 1695 -69.80 51.75 69.11
C LEU K 1695 -69.74 53.25 68.93
N HIS K 1696 -68.83 53.93 69.63
CA HIS K 1696 -68.62 55.36 69.44
C HIS K 1696 -67.57 55.65 68.37
N ALA K 1697 -66.71 54.67 68.05
CA ALA K 1697 -65.71 54.86 67.01
C ALA K 1697 -66.33 54.85 65.61
N LEU K 1698 -67.54 54.31 65.47
CA LEU K 1698 -68.18 54.25 64.16
C LEU K 1698 -68.43 55.65 63.60
N GLU K 1699 -69.24 56.44 64.30
CA GLU K 1699 -69.63 57.75 63.77
C GLU K 1699 -68.49 58.74 63.75
N ASP K 1700 -67.39 58.47 64.45
CA ASP K 1700 -66.29 59.42 64.50
C ASP K 1700 -65.64 59.52 63.12
N ALA K 1701 -65.26 60.75 62.75
CA ALA K 1701 -64.76 61.05 61.42
C ALA K 1701 -63.29 61.41 61.38
N HIS K 1702 -62.80 62.19 62.34
CA HIS K 1702 -61.39 62.55 62.38
C HIS K 1702 -60.58 61.30 62.72
N LEU K 1703 -59.75 60.84 61.78
CA LEU K 1703 -59.19 59.51 61.90
C LEU K 1703 -57.75 59.45 61.39
N PRO K 1704 -56.81 59.00 62.23
CA PRO K 1704 -55.40 58.93 61.80
C PRO K 1704 -55.11 57.90 60.71
N GLY K 1705 -56.00 56.95 60.45
CA GLY K 1705 -55.75 55.95 59.45
C GLY K 1705 -55.52 54.56 60.01
N PRO K 1706 -54.26 54.09 60.01
CA PRO K 1706 -53.97 52.73 60.49
C PRO K 1706 -54.45 52.48 61.92
N LEU K 1707 -54.78 53.53 62.65
CA LEU K 1707 -55.40 53.51 63.96
C LEU K 1707 -56.90 53.26 63.73
N ARG K 1708 -57.76 53.79 64.58
CA ARG K 1708 -59.17 53.44 64.78
C ARG K 1708 -59.86 52.79 63.59
N ALA K 1709 -59.59 53.24 62.36
CA ALA K 1709 -60.02 52.47 61.20
C ALA K 1709 -59.66 50.98 61.34
N GLY K 1710 -58.63 50.68 62.14
CA GLY K 1710 -58.33 49.31 62.49
C GLY K 1710 -59.18 48.72 63.60
N TYR K 1711 -59.89 49.57 64.37
CA TYR K 1711 -60.82 49.05 65.35
C TYR K 1711 -61.96 48.25 64.71
N TYR K 1712 -62.36 48.63 63.49
CA TYR K 1712 -63.39 47.87 62.80
C TYR K 1712 -63.00 46.41 62.66
N ASP K 1713 -61.71 46.12 62.57
CA ASP K 1713 -61.23 44.75 62.52
C ASP K 1713 -61.14 44.11 63.90
N LEU K 1714 -61.35 44.88 64.98
CA LEU K 1714 -61.45 44.32 66.30
C LEU K 1714 -62.89 44.12 66.74
N LEU K 1715 -63.78 45.03 66.33
CA LEU K 1715 -65.21 44.83 66.57
C LEU K 1715 -65.72 43.59 65.85
N ILE K 1716 -65.07 43.21 64.75
CA ILE K 1716 -65.53 42.09 63.93
C ILE K 1716 -64.89 40.81 64.44
N SER K 1717 -64.06 40.91 65.47
CA SER K 1717 -63.31 39.77 65.95
C SER K 1717 -63.68 39.30 67.35
N ILE K 1718 -64.36 40.14 68.14
CA ILE K 1718 -64.73 39.78 69.50
C ILE K 1718 -66.23 39.55 69.62
N HIS K 1719 -66.99 39.82 68.56
CA HIS K 1719 -68.42 39.59 68.61
C HIS K 1719 -68.92 38.69 67.49
N LEU K 1720 -68.22 38.58 66.37
CA LEU K 1720 -68.62 37.75 65.26
C LEU K 1720 -67.52 36.75 64.92
N GLU K 1721 -67.70 36.08 63.78
CA GLU K 1721 -66.91 34.95 63.28
C GLU K 1721 -66.86 33.82 64.29
N SER K 1722 -67.65 33.91 65.36
CA SER K 1722 -67.95 32.75 66.19
C SER K 1722 -69.06 31.91 65.58
N ALA K 1723 -69.80 32.46 64.62
CA ALA K 1723 -70.85 31.75 63.93
C ALA K 1723 -70.65 31.86 62.42
N CYS K 1724 -70.08 33.00 61.98
CA CYS K 1724 -69.75 33.15 60.57
C CYS K 1724 -68.76 32.07 60.12
N ARG K 1725 -67.75 31.80 60.95
CA ARG K 1725 -66.81 30.73 60.65
C ARG K 1725 -67.50 29.37 60.60
N SER K 1726 -68.64 29.22 61.26
CA SER K 1726 -69.40 27.98 61.21
C SER K 1726 -70.53 28.03 60.18
N ARG K 1727 -71.28 29.13 60.15
CA ARG K 1727 -72.39 29.25 59.20
C ARG K 1727 -71.93 29.31 57.76
N ARG K 1728 -70.68 29.71 57.50
CA ARG K 1728 -70.16 29.67 56.14
C ARG K 1728 -70.06 28.24 55.64
N SER K 1729 -69.62 27.32 56.49
CA SER K 1729 -69.61 25.90 56.12
C SER K 1729 -71.01 25.36 55.90
N MET K 1730 -72.01 25.96 56.57
CA MET K 1730 -73.41 25.54 56.45
C MET K 1730 -74.05 25.93 55.12
N LEU K 1731 -73.38 26.75 54.32
CA LEU K 1731 -73.99 27.31 53.12
C LEU K 1731 -73.91 26.40 51.91
N SER K 1732 -73.23 25.26 52.01
CA SER K 1732 -73.03 24.43 50.82
C SER K 1732 -74.14 23.39 50.64
N GLU K 1733 -74.58 22.74 51.73
CA GLU K 1733 -75.65 21.76 51.66
C GLU K 1733 -77.00 22.44 51.82
N TYR K 1734 -78.01 21.88 51.17
CA TYR K 1734 -79.33 22.51 51.01
C TYR K 1734 -80.44 21.59 51.48
N ILE K 1735 -80.34 21.07 52.71
CA ILE K 1735 -81.40 20.23 53.26
C ILE K 1735 -82.70 21.02 53.32
N VAL K 1736 -83.79 20.42 52.85
CA VAL K 1736 -85.09 21.06 52.84
C VAL K 1736 -86.16 20.12 53.37
N PRO K 1737 -87.03 20.56 54.28
CA PRO K 1737 -88.08 19.70 54.81
C PRO K 1737 -89.41 19.88 54.08
N LEU K 1738 -90.28 18.89 54.28
CA LEU K 1738 -91.65 18.95 53.75
C LEU K 1738 -92.48 19.92 54.57
N THR K 1739 -92.73 21.11 54.03
CA THR K 1739 -93.50 22.10 54.76
C THR K 1739 -94.60 22.67 53.88
N PRO K 1740 -95.71 23.11 54.48
CA PRO K 1740 -96.74 23.79 53.68
C PRO K 1740 -96.24 25.02 52.97
N GLU K 1741 -95.30 25.76 53.57
CA GLU K 1741 -94.73 26.93 52.90
C GLU K 1741 -93.99 26.52 51.63
N THR K 1742 -93.26 25.40 51.68
CA THR K 1742 -92.53 24.92 50.51
C THR K 1742 -93.45 24.55 49.35
N ARG K 1743 -94.72 24.25 49.65
CA ARG K 1743 -95.64 23.79 48.61
C ARG K 1743 -95.96 24.86 47.58
N ALA K 1744 -95.60 26.12 47.82
CA ALA K 1744 -95.90 27.21 46.91
C ALA K 1744 -94.61 27.99 46.65
N ILE K 1745 -93.85 27.56 45.64
CA ILE K 1745 -92.62 28.23 45.22
C ILE K 1745 -92.52 28.11 43.72
N THR K 1746 -92.30 29.23 43.04
CA THR K 1746 -92.22 29.25 41.58
C THR K 1746 -91.44 30.48 41.15
N LEU K 1747 -91.49 30.78 39.85
CA LEU K 1747 -90.77 31.93 39.28
C LEU K 1747 -91.71 33.14 39.27
N PHE K 1748 -91.84 33.76 40.44
CA PHE K 1748 -92.62 34.98 40.65
C PHE K 1748 -94.02 34.81 40.07
N PRO K 1749 -94.89 34.05 40.72
CA PRO K 1749 -96.21 33.75 40.13
C PRO K 1749 -97.22 34.90 40.21
N PRO K 1750 -96.89 36.05 40.80
CA PRO K 1750 -97.67 37.25 40.47
C PRO K 1750 -97.32 37.89 39.13
N GLY K 1751 -96.54 37.22 38.29
CA GLY K 1751 -96.24 37.74 36.98
C GLY K 1751 -97.41 37.55 36.02
N ARG K 1752 -97.59 38.53 35.13
CA ARG K 1752 -98.69 38.53 34.17
C ARG K 1752 -98.10 38.43 32.77
N LYS K 1753 -98.29 37.28 32.12
CA LYS K 1753 -97.85 37.05 30.76
C LYS K 1753 -96.36 37.27 30.60
N GLY K 1754 -95.94 38.54 30.45
CA GLY K 1754 -94.52 38.84 30.35
C GLY K 1754 -93.75 38.46 31.60
N GLY K 1755 -94.40 38.51 32.77
CA GLY K 1755 -93.75 38.11 34.00
C GLY K 1755 -93.36 36.65 34.05
N ASN K 1756 -93.95 35.82 33.20
CA ASN K 1756 -93.53 34.42 33.11
C ASN K 1756 -92.12 34.31 32.53
N ALA K 1757 -91.83 35.09 31.48
CA ALA K 1757 -90.53 35.06 30.82
C ALA K 1757 -89.64 36.23 31.25
N ARG K 1758 -90.05 36.99 32.26
CA ARG K 1758 -89.26 38.11 32.75
C ARG K 1758 -89.52 38.24 34.24
N ARG K 1759 -89.15 39.39 34.82
CA ARG K 1759 -89.38 39.67 36.23
C ARG K 1759 -88.78 38.58 37.13
N HIS K 1760 -87.45 38.51 37.07
CA HIS K 1760 -86.72 37.48 37.81
C HIS K 1760 -86.91 37.60 39.32
N GLY K 1761 -87.34 38.76 39.81
CA GLY K 1761 -87.45 38.96 41.24
C GLY K 1761 -86.14 39.39 41.86
N LEU K 1762 -86.20 40.29 42.82
CA LEU K 1762 -84.98 40.79 43.45
C LEU K 1762 -84.25 39.65 44.15
N PRO K 1763 -82.95 39.50 43.95
CA PRO K 1763 -82.24 38.36 44.55
C PRO K 1763 -82.23 38.42 46.07
N GLY K 1764 -83.01 37.54 46.69
CA GLY K 1764 -83.10 37.48 48.14
C GLY K 1764 -84.29 38.26 48.66
N VAL K 1765 -85.37 37.56 48.99
CA VAL K 1765 -86.55 38.20 49.57
C VAL K 1765 -86.92 37.52 50.88
N GLY K 1766 -86.93 36.20 50.88
CA GLY K 1766 -87.32 35.44 52.05
C GLY K 1766 -87.75 34.04 51.65
N VAL K 1767 -88.56 33.44 52.53
CA VAL K 1767 -89.07 32.07 52.42
C VAL K 1767 -88.03 31.13 51.81
N THR K 1768 -87.19 30.55 52.66
CA THR K 1768 -86.15 29.63 52.22
C THR K 1768 -86.26 28.23 52.82
N THR K 1769 -86.81 28.10 54.03
CA THR K 1769 -87.07 26.84 54.71
C THR K 1769 -85.84 25.96 54.87
N SER K 1770 -84.64 26.50 54.64
CA SER K 1770 -83.44 25.72 54.84
C SER K 1770 -83.15 25.54 56.33
N LEU K 1771 -82.42 24.48 56.66
CA LEU K 1771 -82.10 24.14 58.05
C LEU K 1771 -80.74 24.70 58.40
N ARG K 1772 -80.70 25.66 59.33
CA ARG K 1772 -79.47 26.27 59.78
C ARG K 1772 -79.53 26.46 61.29
N PRO K 1773 -78.42 26.19 61.99
CA PRO K 1773 -78.43 26.36 63.45
C PRO K 1773 -78.53 27.83 63.81
N PRO K 1774 -79.16 28.14 64.95
CA PRO K 1774 -79.27 29.54 65.39
C PRO K 1774 -78.06 29.99 66.20
N HIS K 1775 -77.79 31.28 66.12
CA HIS K 1775 -76.66 31.86 66.85
C HIS K 1775 -76.97 31.91 68.34
N HIS K 1776 -75.95 31.64 69.15
CA HIS K 1776 -76.06 31.69 70.61
C HIS K 1776 -75.07 32.70 71.16
N PHE K 1777 -75.54 33.55 72.07
CA PHE K 1777 -74.73 34.63 72.61
C PHE K 1777 -75.02 34.79 74.09
N SER K 1778 -74.02 35.26 74.83
CA SER K 1778 -74.15 35.45 76.27
C SER K 1778 -73.64 36.84 76.66
N PRO K 1779 -74.23 37.44 77.69
CA PRO K 1779 -73.79 38.78 78.11
C PRO K 1779 -72.64 38.69 79.09
N PRO K 1780 -71.68 39.60 79.01
CA PRO K 1780 -70.56 39.57 79.95
C PRO K 1780 -70.96 40.09 81.33
N CYS K 1781 -70.48 39.40 82.36
CA CYS K 1781 -70.74 39.79 83.75
C CYS K 1781 -69.59 39.26 84.59
N PHE K 1782 -68.78 40.17 85.13
CA PHE K 1782 -67.59 39.79 85.90
C PHE K 1782 -67.83 39.79 87.40
N VAL K 1783 -69.05 40.11 87.84
CA VAL K 1783 -69.40 39.97 89.26
C VAL K 1783 -70.11 38.66 89.55
N ALA K 1784 -70.28 37.81 88.54
CA ALA K 1784 -70.93 36.52 88.73
C ALA K 1784 -70.06 35.63 89.62
N ALA K 1785 -70.71 34.64 90.23
CA ALA K 1785 -70.02 33.74 91.14
C ALA K 1785 -68.98 32.91 90.38
N LEU K 1786 -67.96 32.48 91.10
CA LEU K 1786 -66.88 31.71 90.50
C LEU K 1786 -67.42 30.38 89.99
N PRO K 1787 -67.26 30.06 88.71
CA PRO K 1787 -67.84 28.82 88.16
C PRO K 1787 -67.24 27.56 88.78
N ALA K 1788 -65.92 27.42 88.71
CA ALA K 1788 -65.25 26.23 89.22
C ALA K 1788 -63.75 26.49 89.39
N GLU K 1793 -69.08 23.61 81.28
CA GLU K 1793 -70.33 23.49 80.54
C GLU K 1793 -70.15 23.87 79.08
N ALA K 1794 -70.49 25.12 78.74
CA ALA K 1794 -70.26 25.63 77.40
C ALA K 1794 -68.76 25.65 77.11
N PRO K 1795 -68.35 25.53 75.84
CA PRO K 1795 -66.91 25.41 75.57
C PRO K 1795 -66.17 26.71 75.86
N ALA K 1796 -65.63 26.77 77.07
CA ALA K 1796 -64.82 27.83 77.65
C ALA K 1796 -65.62 29.12 77.85
N ARG K 1797 -66.69 29.28 77.06
CA ARG K 1797 -67.96 29.96 77.34
C ARG K 1797 -68.71 30.05 76.02
N LEU K 1798 -69.95 30.54 76.02
CA LEU K 1798 -70.74 30.48 74.79
C LEU K 1798 -70.30 31.52 73.76
N SER K 1799 -70.46 32.81 74.08
CA SER K 1799 -70.05 33.92 73.21
C SER K 1799 -70.34 35.26 73.86
N PRO K 1800 -69.61 36.32 73.51
CA PRO K 1800 -70.00 37.66 73.93
C PRO K 1800 -71.25 38.12 73.19
N ALA K 1801 -71.94 39.09 73.79
CA ALA K 1801 -73.17 39.62 73.24
C ALA K 1801 -72.96 41.06 72.75
N ILE K 1802 -73.96 41.56 72.03
CA ILE K 1802 -73.95 42.92 71.49
C ILE K 1802 -75.35 43.25 70.98
N PRO K 1803 -75.79 44.50 71.07
CA PRO K 1803 -77.11 44.87 70.52
C PRO K 1803 -77.14 44.87 68.99
N LEU K 1804 -77.48 43.71 68.39
CA LEU K 1804 -77.55 43.62 66.94
C LEU K 1804 -78.51 44.65 66.34
N GLU K 1805 -79.56 45.02 67.07
CA GLU K 1805 -80.53 45.96 66.52
C GLU K 1805 -79.90 47.32 66.22
N ALA K 1806 -79.05 47.82 67.13
CA ALA K 1806 -78.40 49.10 66.91
C ALA K 1806 -77.42 49.03 65.76
N LEU K 1807 -76.67 47.94 65.65
CA LEU K 1807 -75.64 47.82 64.62
C LEU K 1807 -76.24 47.86 63.22
N ARG K 1808 -77.36 47.17 63.01
CA ARG K 1808 -77.95 47.07 61.68
C ARG K 1808 -78.36 48.45 61.16
N ASP K 1809 -79.13 49.20 61.97
CA ASP K 1809 -79.57 50.52 61.54
C ASP K 1809 -78.39 51.48 61.38
N LYS K 1810 -77.45 51.45 62.32
CA LYS K 1810 -76.32 52.37 62.28
C LYS K 1810 -75.44 52.14 61.06
N ALA K 1811 -75.17 50.88 60.73
CA ALA K 1811 -74.29 50.57 59.61
C ALA K 1811 -74.85 51.10 58.30
N LEU K 1812 -76.13 50.84 58.04
CA LEU K 1812 -76.73 51.30 56.79
C LEU K 1812 -76.78 52.82 56.72
N ARG K 1813 -77.14 53.48 57.83
CA ARG K 1813 -77.15 54.93 57.86
C ARG K 1813 -75.75 55.48 57.60
N MET K 1814 -74.75 54.85 58.19
CA MET K 1814 -73.36 55.24 57.95
C MET K 1814 -72.99 55.13 56.48
N LEU K 1815 -73.37 54.02 55.84
CA LEU K 1815 -73.07 53.84 54.43
C LEU K 1815 -73.90 54.78 53.56
N GLY K 1816 -75.05 55.23 54.06
CA GLY K 1816 -75.82 56.22 53.32
C GLY K 1816 -75.06 57.52 53.14
N GLU K 1817 -74.28 57.93 54.15
CA GLU K 1817 -73.40 59.09 54.00
C GLU K 1817 -72.32 58.83 52.96
N ALA K 1818 -71.80 57.60 52.92
CA ALA K 1818 -70.65 57.31 52.06
C ALA K 1818 -70.95 57.58 50.59
N VAL K 1819 -72.09 57.09 50.10
CA VAL K 1819 -72.42 57.27 48.69
C VAL K 1819 -72.62 58.75 48.36
N ARG K 1820 -73.31 59.48 49.24
CA ARG K 1820 -73.53 60.90 48.99
C ARG K 1820 -72.23 61.69 49.09
N ASP K 1821 -71.38 61.36 50.07
CA ASP K 1821 -70.12 62.08 50.23
C ASP K 1821 -69.15 61.79 49.10
N GLY K 1822 -69.15 60.55 48.59
CA GLY K 1822 -68.23 60.21 47.51
C GLY K 1822 -68.49 61.02 46.25
N GLY K 1823 -69.76 61.18 45.89
CA GLY K 1823 -70.09 61.99 44.72
C GLY K 1823 -69.77 63.46 44.90
N GLN K 1824 -69.91 63.98 46.12
CA GLN K 1824 -69.64 65.39 46.36
C GLN K 1824 -68.17 65.74 46.19
N HIS K 1825 -67.28 64.77 46.45
CA HIS K 1825 -65.83 64.91 46.30
C HIS K 1825 -65.24 65.86 47.33
N ALA K 1826 -64.02 65.58 47.78
CA ALA K 1826 -63.35 66.42 48.76
C ALA K 1826 -61.85 66.16 48.67
N ARG K 1827 -61.08 67.09 49.25
CA ARG K 1827 -59.63 66.94 49.31
C ARG K 1827 -59.15 66.29 50.60
N ASP K 1828 -60.07 65.85 51.46
CA ASP K 1828 -59.70 65.19 52.71
C ASP K 1828 -60.80 64.22 53.08
N PRO K 1829 -60.79 63.01 52.53
CA PRO K 1829 -61.83 62.03 52.85
C PRO K 1829 -61.67 61.49 54.27
N VAL K 1830 -62.74 60.87 54.76
CA VAL K 1830 -62.72 60.28 56.09
C VAL K 1830 -61.65 59.21 56.15
N GLY K 1831 -60.77 59.34 57.13
CA GLY K 1831 -59.68 58.40 57.32
C GLY K 1831 -58.39 58.79 56.63
N GLY K 1832 -58.44 59.66 55.63
CA GLY K 1832 -57.24 60.12 54.98
C GLY K 1832 -57.20 59.93 53.47
N SER K 1833 -57.67 58.78 52.99
CA SER K 1833 -57.65 58.50 51.55
C SER K 1833 -58.75 57.50 51.22
N VAL K 1834 -59.88 58.03 50.70
CA VAL K 1834 -61.03 57.31 50.17
C VAL K 1834 -61.18 55.87 50.67
N GLU K 1835 -60.16 55.03 50.46
CA GLU K 1835 -60.30 53.60 50.72
C GLU K 1835 -60.44 53.31 52.22
N PHE K 1836 -59.73 54.04 53.08
CA PHE K 1836 -60.08 53.98 54.49
C PHE K 1836 -61.51 54.41 54.78
N GLN K 1837 -62.15 55.16 53.89
CA GLN K 1837 -63.53 55.54 54.12
C GLN K 1837 -64.51 54.49 53.61
N PHE K 1838 -64.04 53.51 52.84
CA PHE K 1838 -64.90 52.48 52.28
C PHE K 1838 -64.61 51.08 52.82
N VAL K 1839 -63.36 50.61 52.75
CA VAL K 1839 -63.10 49.19 53.00
C VAL K 1839 -63.46 48.74 54.41
N PRO K 1840 -63.15 49.47 55.49
CA PRO K 1840 -63.47 48.91 56.81
C PRO K 1840 -64.95 48.91 57.12
N VAL K 1841 -65.73 49.82 56.52
CA VAL K 1841 -67.13 49.95 56.87
C VAL K 1841 -68.01 48.96 56.10
N LEU K 1842 -67.75 48.75 54.82
CA LEU K 1842 -68.56 47.79 54.08
C LEU K 1842 -68.11 46.35 54.31
N LYS K 1843 -66.90 46.14 54.82
CA LYS K 1843 -66.52 44.81 55.27
C LYS K 1843 -67.38 44.34 56.42
N LEU K 1844 -67.73 45.26 57.32
CA LEU K 1844 -68.68 44.94 58.39
C LEU K 1844 -70.04 44.58 57.81
N VAL K 1845 -70.45 45.27 56.74
CA VAL K 1845 -71.74 44.97 56.12
C VAL K 1845 -71.76 43.55 55.58
N SER K 1846 -70.67 43.12 54.95
CA SER K 1846 -70.61 41.78 54.38
C SER K 1846 -70.74 40.71 55.46
N THR K 1847 -70.05 40.87 56.58
CA THR K 1847 -70.09 39.86 57.63
C THR K 1847 -71.48 39.75 58.25
N LEU K 1848 -72.14 40.89 58.47
CA LEU K 1848 -73.50 40.85 58.98
C LEU K 1848 -74.48 40.29 57.96
N LEU K 1849 -74.11 40.32 56.68
CA LEU K 1849 -75.05 39.90 55.64
C LEU K 1849 -75.18 38.37 55.58
N VAL K 1850 -74.07 37.65 55.79
CA VAL K 1850 -74.13 36.19 55.71
C VAL K 1850 -74.96 35.61 56.84
N MET K 1851 -74.90 36.21 58.04
CA MET K 1851 -75.76 35.77 59.13
C MET K 1851 -77.23 36.07 58.87
N GLY K 1852 -77.54 36.89 57.88
CA GLY K 1852 -78.93 37.25 57.60
C GLY K 1852 -79.59 38.07 58.69
N ILE K 1853 -78.84 38.96 59.33
CA ILE K 1853 -79.45 39.88 60.28
C ILE K 1853 -80.45 40.79 59.57
N PHE K 1854 -80.10 41.26 58.38
CA PHE K 1854 -81.01 42.05 57.58
C PHE K 1854 -82.17 41.18 57.09
N GLY K 1855 -83.36 41.79 57.01
CA GLY K 1855 -84.53 41.06 56.58
C GLY K 1855 -85.46 41.83 55.67
N ASP K 1856 -85.78 41.25 54.51
CA ASP K 1856 -86.74 41.78 53.55
C ASP K 1856 -86.53 43.25 53.24
N GLU K 1857 -87.01 44.12 54.13
CA GLU K 1857 -86.92 45.56 53.89
C GLU K 1857 -85.47 46.03 53.81
N ASP K 1858 -84.61 45.50 54.69
CA ASP K 1858 -83.25 46.01 54.80
C ASP K 1858 -82.46 45.74 53.53
N VAL K 1859 -82.51 44.51 53.02
CA VAL K 1859 -81.76 44.18 51.81
C VAL K 1859 -82.33 44.91 50.61
N LYS K 1860 -83.61 45.28 50.62
CA LYS K 1860 -84.17 46.05 49.52
C LYS K 1860 -83.59 47.45 49.46
N GLN K 1861 -82.92 47.91 50.52
CA GLN K 1861 -82.21 49.19 50.49
C GLN K 1861 -80.74 49.04 50.08
N ILE K 1862 -80.06 47.98 50.50
CA ILE K 1862 -78.67 47.80 50.08
C ILE K 1862 -78.60 47.62 48.57
N LEU K 1863 -79.64 47.03 47.97
CA LEU K 1863 -79.72 47.00 46.51
C LEU K 1863 -79.95 48.39 45.93
N LYS K 1864 -80.62 49.27 46.67
CA LYS K 1864 -80.84 50.63 46.19
C LYS K 1864 -79.56 51.44 46.11
N MET K 1865 -78.46 50.95 46.69
CA MET K 1865 -77.16 51.58 46.48
C MET K 1865 -76.61 51.34 45.09
N ILE K 1866 -77.23 50.45 44.30
CA ILE K 1866 -76.92 50.28 42.89
C ILE K 1866 -78.24 50.48 42.13
N GLU K 1867 -79.06 51.41 42.61
CA GLU K 1867 -80.46 51.66 42.25
C GLU K 1867 -80.82 51.50 40.77
N PRO K 1868 -80.14 52.19 39.84
CA PRO K 1868 -80.72 52.31 38.47
C PRO K 1868 -81.08 51.00 37.81
N GLU K 1869 -80.32 49.93 38.02
CA GLU K 1869 -80.60 48.66 37.35
C GLU K 1869 -81.43 47.72 38.23
N VAL K 1870 -80.90 47.36 39.41
CA VAL K 1870 -81.56 46.34 40.23
C VAL K 1870 -82.85 46.88 40.85
N PHE K 1871 -82.86 48.12 41.29
CA PHE K 1871 -84.00 48.68 41.99
C PHE K 1871 -85.08 49.07 40.99
N THR K 1872 -86.09 49.82 41.46
CA THR K 1872 -87.23 50.25 40.65
C THR K 1872 -87.97 49.05 40.07
N GLU K 1873 -88.30 48.10 40.95
CA GLU K 1873 -89.08 46.94 40.52
C GLU K 1873 -90.46 47.35 40.04
N GLU K 1874 -91.11 48.27 40.75
CA GLU K 1874 -92.44 48.74 40.37
C GLU K 1874 -92.36 49.73 39.22
N LEU K 1922 -78.33 61.93 40.55
CA LEU K 1922 -78.75 61.92 41.94
C LEU K 1922 -77.99 60.86 42.74
N GLU K 1923 -78.71 59.86 43.24
CA GLU K 1923 -78.13 58.78 44.01
C GLU K 1923 -77.50 57.76 43.07
N GLU K 1924 -76.33 58.12 42.55
CA GLU K 1924 -75.60 57.26 41.63
C GLU K 1924 -75.19 55.97 42.33
N GLY K 1925 -75.21 54.88 41.57
CA GLY K 1925 -74.90 53.58 42.15
C GLY K 1925 -73.43 53.45 42.53
N LEU K 1926 -73.17 52.49 43.41
CA LEU K 1926 -71.80 52.22 43.82
C LEU K 1926 -70.95 51.74 42.65
N LEU K 1927 -71.56 51.10 41.67
CA LEU K 1927 -70.86 50.62 40.48
C LEU K 1927 -70.90 51.65 39.36
N GLN K 1928 -70.56 52.90 39.66
CA GLN K 1928 -70.62 53.96 38.67
C GLN K 1928 -69.32 54.76 38.62
N MET K 1929 -68.63 54.87 39.75
CA MET K 1929 -67.45 55.72 39.86
C MET K 1929 -66.18 54.88 39.91
N LYS K 1930 -65.07 55.54 39.62
CA LYS K 1930 -63.77 54.88 39.68
C LYS K 1930 -63.36 54.65 41.14
N LEU K 1931 -62.80 53.47 41.39
CA LEU K 1931 -62.43 53.06 42.74
C LEU K 1931 -61.03 52.48 42.74
N PRO K 1932 -60.33 52.55 43.88
CA PRO K 1932 -59.00 51.95 43.97
C PRO K 1932 -59.07 50.44 43.88
N GLU K 1933 -57.89 49.82 43.84
CA GLU K 1933 -57.76 48.39 43.59
C GLU K 1933 -57.94 47.54 44.85
N SER K 1934 -58.55 48.09 45.90
CA SER K 1934 -58.82 47.33 47.12
C SER K 1934 -60.30 47.19 47.39
N VAL K 1935 -61.07 48.28 47.27
CA VAL K 1935 -62.51 48.20 47.49
C VAL K 1935 -63.18 47.36 46.40
N LYS K 1936 -62.61 47.34 45.20
CA LYS K 1936 -63.17 46.49 44.14
C LYS K 1936 -63.17 45.03 44.56
N LEU K 1937 -62.14 44.60 45.28
CA LEU K 1937 -62.11 43.23 45.78
C LEU K 1937 -63.28 42.96 46.72
N GLN K 1938 -63.55 43.91 47.61
CA GLN K 1938 -64.65 43.74 48.57
C GLN K 1938 -65.99 43.68 47.86
N MET K 1939 -66.16 44.49 46.81
CA MET K 1939 -67.40 44.42 46.03
C MET K 1939 -67.64 43.02 45.50
N CYS K 1940 -66.57 42.35 45.05
CA CYS K 1940 -66.70 40.96 44.63
C CYS K 1940 -67.15 40.08 45.78
N ASN K 1941 -66.60 40.30 46.98
CA ASN K 1941 -67.03 39.52 48.14
C ASN K 1941 -68.49 39.79 48.47
N LEU K 1942 -69.02 40.95 48.09
CA LEU K 1942 -70.42 41.25 48.33
C LEU K 1942 -71.32 40.67 47.24
N LEU K 1943 -70.90 40.80 45.97
CA LEU K 1943 -71.69 40.23 44.88
C LEU K 1943 -71.70 38.71 44.94
N GLU K 1944 -70.65 38.09 45.48
CA GLU K 1944 -70.59 36.63 45.55
C GLU K 1944 -71.68 36.06 46.45
N TYR K 1945 -72.03 36.78 47.51
CA TYR K 1945 -73.08 36.30 48.41
C TYR K 1945 -74.43 36.22 47.72
N PHE K 1946 -74.62 36.97 46.65
CA PHE K 1946 -75.94 37.00 46.02
C PHE K 1946 -76.11 35.89 44.98
N CYS K 1947 -75.02 35.34 44.45
CA CYS K 1947 -75.14 34.29 43.45
C CYS K 1947 -75.76 33.05 44.05
N ASP K 1948 -75.22 32.56 45.17
CA ASP K 1948 -75.76 31.37 45.80
C ASP K 1948 -77.13 31.59 46.40
N GLN K 1949 -77.48 32.84 46.74
CA GLN K 1949 -78.86 33.10 47.16
C GLN K 1949 -79.84 32.76 46.05
N GLU K 1950 -79.51 33.09 44.80
CA GLU K 1950 -80.32 32.60 43.69
C GLU K 1950 -80.22 31.09 43.57
N LEU K 1951 -79.03 30.53 43.76
CA LEU K 1951 -78.88 29.08 43.72
C LEU K 1951 -79.70 28.41 44.82
N GLN K 1952 -79.66 28.96 46.03
CA GLN K 1952 -80.50 28.42 47.09
C GLN K 1952 -81.97 28.54 46.74
N HIS K 1953 -82.36 29.62 46.07
CA HIS K 1953 -83.73 29.72 45.57
C HIS K 1953 -84.01 28.70 44.48
N ARG K 1954 -82.99 28.36 43.69
CA ARG K 1954 -83.18 27.44 42.57
C ARG K 1954 -83.55 26.04 43.04
N VAL K 1955 -82.77 25.49 43.98
CA VAL K 1955 -83.00 24.12 44.41
C VAL K 1955 -84.32 23.98 45.15
N GLU K 1956 -84.76 25.03 45.85
CA GLU K 1956 -86.05 24.96 46.52
C GLU K 1956 -87.18 24.85 45.52
N SER K 1957 -87.06 25.51 44.38
CA SER K 1957 -88.06 25.38 43.33
C SER K 1957 -88.16 23.93 42.84
N LEU K 1958 -87.00 23.26 42.70
CA LEU K 1958 -87.02 21.86 42.31
C LEU K 1958 -87.69 21.00 43.37
N ALA K 1959 -87.40 21.27 44.64
CA ALA K 1959 -88.06 20.52 45.71
C ALA K 1959 -89.57 20.71 45.66
N ALA K 1960 -90.01 21.93 45.34
CA ALA K 1960 -91.45 22.17 45.17
C ALA K 1960 -92.02 21.32 44.04
N PHE K 1961 -91.31 21.22 42.93
CA PHE K 1961 -91.74 20.33 41.85
C PHE K 1961 -91.50 18.88 42.22
N ALA K 1962 -90.55 18.61 43.11
CA ALA K 1962 -90.25 17.25 43.54
C ALA K 1962 -91.28 16.75 44.55
N GLU K 1963 -92.32 17.52 44.83
CA GLU K 1963 -93.37 17.15 45.77
C GLU K 1963 -94.70 16.87 45.10
N ARG K 1964 -95.25 17.80 44.32
CA ARG K 1964 -96.59 17.57 43.77
C ARG K 1964 -96.56 16.58 42.61
N TYR K 1965 -95.46 16.52 41.84
CA TYR K 1965 -95.43 15.62 40.70
C TYR K 1965 -95.22 14.17 41.14
N VAL K 1966 -94.42 13.95 42.19
CA VAL K 1966 -94.28 12.58 42.68
C VAL K 1966 -95.55 12.10 43.37
N ASP K 1967 -96.37 13.02 43.88
CA ASP K 1967 -97.61 12.62 44.54
C ASP K 1967 -98.59 12.03 43.54
N LYS K 1968 -98.84 12.72 42.42
CA LYS K 1968 -99.76 12.19 41.42
C LYS K 1968 -99.20 10.93 40.77
N LEU K 1969 -97.88 10.86 40.63
CA LEU K 1969 -97.25 9.70 40.02
C LEU K 1969 -97.55 8.43 40.82
N GLN K 1970 -97.46 8.53 42.15
CA GLN K 1970 -97.78 7.39 42.99
C GLN K 1970 -99.26 7.06 42.93
N ALA K 1971 -100.13 8.08 42.90
CA ALA K 1971 -101.56 7.85 42.84
C ALA K 1971 -101.97 7.27 41.50
N ASN K 1972 -101.45 7.82 40.40
CA ASN K 1972 -101.78 7.32 39.08
C ASN K 1972 -101.23 5.91 38.85
N GLN K 1973 -100.13 5.57 39.51
CA GLN K 1973 -99.56 4.23 39.33
C GLN K 1973 -100.45 3.17 39.98
N ARG K 1974 -101.09 3.51 41.11
CA ARG K 1974 -102.08 2.59 41.70
C ARG K 1974 -103.25 2.37 40.76
N SER K 1975 -103.72 3.43 40.11
CA SER K 1975 -104.78 3.27 39.11
C SER K 1975 -104.32 2.35 37.98
N ARG K 1976 -103.05 2.43 37.62
CA ARG K 1976 -102.50 1.52 36.62
C ARG K 1976 -102.46 0.09 37.14
N TYR K 1977 -102.45 -0.11 38.46
CA TYR K 1977 -102.48 -1.46 39.02
C TYR K 1977 -103.82 -2.13 38.79
N ALA K 1978 -104.89 -1.54 39.33
CA ALA K 1978 -106.20 -2.18 39.28
C ALA K 1978 -106.71 -2.35 37.86
N LEU K 1979 -106.25 -1.51 36.93
CA LEU K 1979 -106.57 -1.72 35.52
C LEU K 1979 -106.00 -3.03 35.02
N LEU K 1980 -104.79 -3.38 35.45
CA LEU K 1980 -104.13 -4.62 35.04
C LEU K 1980 -103.93 -5.59 36.21
N MET K 1981 -104.63 -5.38 37.33
CA MET K 1981 -104.57 -6.27 38.47
C MET K 1981 -105.44 -7.50 38.23
N ARG K 1982 -105.75 -8.23 39.31
CA ARG K 1982 -106.53 -9.45 39.28
C ARG K 1982 -107.68 -9.40 38.28
N ALA K 1983 -108.33 -8.24 38.14
CA ALA K 1983 -109.34 -8.03 37.11
C ALA K 1983 -108.81 -8.53 35.76
N PHE K 1984 -107.72 -7.95 35.29
CA PHE K 1984 -106.96 -8.43 34.13
C PHE K 1984 -107.89 -8.64 32.93
N THR K 1985 -107.51 -9.55 32.03
CA THR K 1985 -108.33 -9.88 30.87
C THR K 1985 -107.84 -11.17 30.21
N MET K 1986 -106.93 -11.03 29.25
CA MET K 1986 -106.49 -12.17 28.45
C MET K 1986 -105.15 -11.80 27.82
N SER K 1987 -104.78 -12.55 26.77
CA SER K 1987 -103.63 -12.36 25.87
C SER K 1987 -102.31 -12.86 26.45
N ALA K 1988 -102.29 -13.38 27.68
CA ALA K 1988 -101.13 -14.10 28.21
C ALA K 1988 -99.86 -13.26 28.22
N ALA K 1989 -99.32 -12.98 27.02
CA ALA K 1989 -98.06 -12.26 26.91
C ALA K 1989 -98.12 -10.86 27.52
N GLU K 1990 -99.33 -10.32 27.72
CA GLU K 1990 -99.45 -9.04 28.41
C GLU K 1990 -98.86 -9.11 29.82
N THR K 1991 -98.92 -10.29 30.46
CA THR K 1991 -98.29 -10.45 31.76
C THR K 1991 -96.78 -10.25 31.67
N ALA K 1992 -96.17 -10.71 30.58
CA ALA K 1992 -94.74 -10.49 30.39
C ALA K 1992 -94.43 -9.01 30.23
N ARG K 1993 -95.31 -8.28 29.54
CA ARG K 1993 -95.10 -6.84 29.37
C ARG K 1993 -95.14 -6.11 30.71
N ARG K 1994 -96.07 -6.48 31.58
CA ARG K 1994 -96.19 -5.83 32.90
C ARG K 1994 -95.25 -6.54 33.86
N THR K 1995 -94.02 -6.05 33.91
CA THR K 1995 -92.96 -6.62 34.75
C THR K 1995 -92.33 -5.61 35.69
N ARG K 1996 -92.16 -4.35 35.25
CA ARG K 1996 -91.64 -3.32 36.13
C ARG K 1996 -92.54 -3.15 37.35
N GLU K 1997 -93.83 -3.44 37.16
CA GLU K 1997 -94.85 -3.08 38.15
C GLU K 1997 -94.75 -3.92 39.41
N PHE K 1998 -94.10 -5.09 39.35
CA PHE K 1998 -93.93 -5.92 40.53
C PHE K 1998 -92.45 -6.32 40.70
N ARG K 1999 -91.74 -6.49 39.59
CA ARG K 1999 -90.33 -6.83 39.62
C ARG K 1999 -89.47 -5.57 39.53
N SER K 2000 -88.16 -5.75 39.67
CA SER K 2000 -87.14 -4.71 39.64
C SER K 2000 -87.20 -3.86 40.91
N PRO K 2001 -86.06 -3.37 41.38
CA PRO K 2001 -86.08 -2.52 42.58
C PRO K 2001 -86.80 -1.22 42.29
N PRO K 2002 -87.26 -0.53 43.34
CA PRO K 2002 -88.05 0.70 43.11
C PRO K 2002 -87.32 1.75 42.29
N GLN K 2003 -86.01 1.90 42.46
CA GLN K 2003 -85.26 2.86 41.66
C GLN K 2003 -85.33 2.52 40.17
N GLU K 2004 -85.33 1.23 39.84
CA GLU K 2004 -85.44 0.82 38.45
C GLU K 2004 -86.77 1.25 37.84
N GLN K 2005 -87.84 1.18 38.62
CA GLN K 2005 -89.15 1.61 38.12
C GLN K 2005 -89.14 3.08 37.76
N ILE K 2006 -88.51 3.93 38.59
CA ILE K 2006 -88.46 5.35 38.29
C ILE K 2006 -87.79 5.61 36.95
N ASN K 2007 -86.73 4.87 36.66
CA ASN K 2007 -86.01 5.08 35.40
C ASN K 2007 -86.92 4.81 34.21
N MET K 2008 -87.71 3.73 34.27
CA MET K 2008 -88.58 3.38 33.15
C MET K 2008 -89.68 4.41 32.96
N LEU K 2009 -90.31 4.83 34.06
CA LEU K 2009 -91.44 5.77 33.96
C LEU K 2009 -91.00 7.20 33.72
N LEU K 2010 -89.75 7.54 33.99
CA LEU K 2010 -89.27 8.90 33.81
C LEU K 2010 -88.50 9.09 32.49
N HIS K 2011 -88.02 8.00 31.90
CA HIS K 2011 -87.24 8.08 30.67
C HIS K 2011 -88.00 8.82 29.56
N PHE K 2012 -89.21 8.37 29.26
CA PHE K 2012 -89.95 8.92 28.13
C PHE K 2012 -90.49 10.33 28.40
N LYS K 2013 -90.65 10.70 29.66
CA LYS K 2013 -91.26 11.99 30.00
C LYS K 2013 -90.49 13.15 29.41
N ASP K 2014 -89.22 13.32 29.82
CA ASP K 2014 -88.38 14.40 29.32
C ASP K 2014 -87.52 13.97 28.14
N GLU K 2015 -87.82 12.82 27.52
CA GLU K 2015 -87.10 12.39 26.33
C GLU K 2015 -87.63 13.11 25.10
N ALA K 2016 -87.14 12.70 23.93
CA ALA K 2016 -87.55 13.29 22.67
C ALA K 2016 -88.01 12.20 21.71
N ASP K 2017 -89.05 12.51 20.93
CA ASP K 2017 -89.55 11.63 19.88
C ASP K 2017 -90.02 10.29 20.43
N GLU K 2018 -89.14 9.28 20.40
CA GLU K 2018 -89.52 7.93 20.77
C GLU K 2018 -89.96 7.85 22.21
N GLU K 2019 -91.05 7.13 22.45
CA GLU K 2019 -91.59 6.91 23.79
C GLU K 2019 -91.98 5.46 23.94
N ASP K 2020 -91.55 4.83 25.04
CA ASP K 2020 -91.84 3.43 25.32
C ASP K 2020 -92.49 3.31 26.69
N CYS K 2021 -93.52 2.48 26.77
CA CYS K 2021 -94.32 2.31 27.98
C CYS K 2021 -94.74 3.66 28.57
N PRO K 2022 -95.45 4.48 27.81
CA PRO K 2022 -95.66 5.87 28.19
C PRO K 2022 -96.69 6.02 29.31
N LEU K 2023 -96.84 7.24 29.76
CA LEU K 2023 -97.84 7.66 30.73
C LEU K 2023 -98.97 8.40 30.03
N PRO K 2024 -100.07 8.66 30.73
CA PRO K 2024 -101.13 9.47 30.11
C PRO K 2024 -100.60 10.83 29.67
N GLU K 2025 -101.09 11.30 28.53
CA GLU K 2025 -100.62 12.55 27.97
C GLU K 2025 -101.32 13.73 28.64
N ASP K 2026 -101.34 13.75 29.96
CA ASP K 2026 -101.82 14.84 30.77
C ASP K 2026 -100.80 15.29 31.81
N ILE K 2027 -100.05 14.33 32.39
CA ILE K 2027 -98.98 14.67 33.32
C ILE K 2027 -97.63 14.82 32.63
N ARG K 2028 -97.54 14.55 31.34
CA ARG K 2028 -96.32 14.73 30.58
C ARG K 2028 -96.23 16.09 29.90
N GLN K 2029 -97.05 17.05 30.34
CA GLN K 2029 -97.02 18.39 29.78
C GLN K 2029 -96.38 19.42 30.69
N ASP K 2030 -96.49 19.24 32.01
CA ASP K 2030 -95.89 20.20 32.93
C ASP K 2030 -94.37 20.14 32.89
N LEU K 2031 -93.79 18.94 32.71
CA LEU K 2031 -92.35 18.85 32.53
C LEU K 2031 -91.90 19.63 31.31
N GLN K 2032 -92.58 19.46 30.17
CA GLN K 2032 -92.26 20.22 28.99
C GLN K 2032 -92.52 21.71 29.18
N ASP K 2033 -93.24 22.09 30.22
CA ASP K 2033 -93.33 23.48 30.63
C ASP K 2033 -92.36 23.84 31.73
N PHE K 2034 -92.26 23.02 32.78
CA PHE K 2034 -91.31 23.28 33.87
C PHE K 2034 -89.87 23.22 33.38
N HIS K 2035 -89.52 22.15 32.66
CA HIS K 2035 -88.18 22.05 32.11
C HIS K 2035 -87.92 23.16 31.10
N GLN K 2036 -88.96 23.54 30.35
CA GLN K 2036 -88.87 24.77 29.56
C GLN K 2036 -88.72 25.99 30.45
N ASP K 2037 -89.51 26.05 31.54
CA ASP K 2037 -89.43 27.19 32.44
C ASP K 2037 -88.06 27.28 33.09
N LEU K 2038 -87.52 26.14 33.53
CA LEU K 2038 -86.18 26.14 34.09
C LEU K 2038 -85.15 26.54 33.05
N LEU K 2039 -85.24 25.98 31.84
CA LEU K 2039 -84.32 26.40 30.78
C LEU K 2039 -84.85 27.62 30.05
N ALA K 2040 -85.31 28.59 30.83
CA ALA K 2040 -85.47 29.97 30.41
C ALA K 2040 -84.98 30.94 31.47
N HIS K 2041 -84.89 30.50 32.73
CA HIS K 2041 -84.48 31.34 33.84
C HIS K 2041 -82.96 31.45 33.93
N CYS K 2042 -82.27 30.32 33.93
CA CYS K 2042 -80.83 30.32 34.21
C CYS K 2042 -80.01 31.06 33.16
N GLY K 2043 -79.87 30.48 31.98
CA GLY K 2043 -79.09 31.13 30.93
C GLY K 2043 -79.63 31.01 29.51
N ILE K 2044 -80.61 30.14 29.30
CA ILE K 2044 -80.96 29.71 27.96
C ILE K 2044 -81.64 30.84 27.20
N GLN K 2045 -81.17 31.11 25.99
CA GLN K 2045 -81.84 32.08 25.12
C GLN K 2045 -83.12 31.50 24.54
N LEU K 2046 -83.08 30.24 24.12
CA LEU K 2046 -84.24 29.54 23.55
C LEU K 2046 -84.81 30.30 22.36
N GLU K 2047 -83.98 30.42 21.32
CA GLU K 2047 -84.37 31.12 20.10
C GLU K 2047 -85.44 30.35 19.34
N LYS K 2089 -78.01 48.81 26.21
CA LYS K 2089 -79.34 48.84 26.80
C LYS K 2089 -79.29 48.57 28.30
N LYS K 2090 -80.43 48.69 28.95
CA LYS K 2090 -80.51 48.40 30.38
C LYS K 2090 -80.34 46.90 30.61
N PRO K 2091 -79.41 46.48 31.48
CA PRO K 2091 -79.24 45.03 31.73
C PRO K 2091 -80.53 44.34 32.15
N GLN K 2092 -81.33 44.97 33.01
CA GLN K 2092 -82.62 44.44 33.46
C GLN K 2092 -82.51 43.04 34.05
N SER K 2093 -81.30 42.65 34.49
CA SER K 2093 -81.08 41.32 35.04
C SER K 2093 -79.71 41.29 35.68
N LEU K 2094 -79.58 40.49 36.75
CA LEU K 2094 -78.30 40.34 37.42
C LEU K 2094 -77.28 39.69 36.49
N GLN K 2095 -77.71 38.70 35.70
CA GLN K 2095 -76.80 38.03 34.76
C GLN K 2095 -76.17 39.02 33.80
N GLU K 2096 -76.99 39.90 33.20
CA GLU K 2096 -76.45 40.90 32.30
C GLU K 2096 -75.61 41.93 33.04
N LEU K 2097 -76.01 42.29 34.25
CA LEU K 2097 -75.30 43.34 34.99
C LEU K 2097 -73.88 42.92 35.33
N VAL K 2098 -73.71 41.73 35.90
CA VAL K 2098 -72.38 41.28 36.30
C VAL K 2098 -71.49 41.08 35.08
N SER K 2099 -72.01 40.40 34.06
CA SER K 2099 -71.21 40.09 32.88
C SER K 2099 -70.76 41.36 32.17
N HIS K 2100 -71.65 42.33 32.02
CA HIS K 2100 -71.30 43.57 31.33
C HIS K 2100 -70.39 44.46 32.16
N MET K 2101 -70.29 44.21 33.46
CA MET K 2101 -69.53 45.09 34.34
C MET K 2101 -68.10 44.61 34.55
N VAL K 2102 -67.92 43.31 34.79
CA VAL K 2102 -66.58 42.78 35.06
C VAL K 2102 -65.66 43.01 33.86
N VAL K 2103 -66.21 42.92 32.65
CA VAL K 2103 -65.41 43.16 31.45
C VAL K 2103 -64.91 44.60 31.43
N ARG K 2104 -65.75 45.55 31.85
CA ARG K 2104 -65.34 46.95 31.85
C ARG K 2104 -64.15 47.17 32.77
N TRP K 2105 -64.12 46.48 33.92
CA TRP K 2105 -63.04 46.68 34.87
C TRP K 2105 -61.69 46.26 34.29
N ALA K 2106 -61.65 45.19 33.51
CA ALA K 2106 -60.40 44.75 32.91
C ALA K 2106 -60.00 45.60 31.71
N GLN K 2107 -60.98 46.09 30.95
CA GLN K 2107 -60.67 46.89 29.77
C GLN K 2107 -60.05 48.23 30.12
N GLU K 2108 -60.28 48.73 31.34
CA GLU K 2108 -59.85 50.07 31.73
C GLU K 2108 -58.78 50.04 32.81
N ASP K 2109 -58.13 48.91 33.03
CA ASP K 2109 -57.08 48.80 34.03
C ASP K 2109 -56.28 47.54 33.78
N TYR K 2110 -55.02 47.57 34.21
CA TYR K 2110 -54.15 46.40 34.25
C TYR K 2110 -54.03 46.00 35.71
N VAL K 2111 -54.83 45.02 36.11
CA VAL K 2111 -55.03 44.72 37.53
C VAL K 2111 -53.83 43.98 38.07
N GLN K 2112 -53.20 44.54 39.09
CA GLN K 2112 -52.16 43.87 39.85
C GLN K 2112 -52.81 43.14 41.03
N SER K 2113 -51.99 42.68 42.00
CA SER K 2113 -52.48 41.96 43.17
C SER K 2113 -53.22 40.69 42.75
N PRO K 2114 -52.49 39.64 42.34
CA PRO K 2114 -53.12 38.43 41.82
C PRO K 2114 -54.30 37.90 42.63
N GLU K 2115 -54.31 38.17 43.94
CA GLU K 2115 -55.44 37.76 44.76
C GLU K 2115 -56.74 38.40 44.30
N LEU K 2116 -56.67 39.60 43.70
CA LEU K 2116 -57.86 40.23 43.16
C LEU K 2116 -58.32 39.53 41.89
N VAL K 2117 -57.42 39.37 40.90
CA VAL K 2117 -57.82 38.89 39.60
C VAL K 2117 -58.43 37.50 39.68
N ARG K 2118 -58.06 36.71 40.68
CA ARG K 2118 -58.69 35.41 40.87
C ARG K 2118 -60.14 35.53 41.31
N ALA K 2119 -60.54 36.69 41.84
CA ALA K 2119 -61.89 36.83 42.39
C ALA K 2119 -62.93 36.96 41.28
N MET K 2120 -62.83 38.01 40.46
CA MET K 2120 -63.89 38.25 39.48
C MET K 2120 -63.94 37.16 38.43
N PHE K 2121 -62.80 36.52 38.12
CA PHE K 2121 -62.81 35.47 37.11
C PHE K 2121 -63.57 34.24 37.58
N SER K 2122 -63.76 34.06 38.89
CA SER K 2122 -64.65 33.03 39.38
C SER K 2122 -66.12 33.43 39.33
N LEU K 2123 -66.42 34.71 39.07
CA LEU K 2123 -67.81 35.14 38.99
C LEU K 2123 -68.41 34.86 37.61
N LEU K 2124 -67.87 35.52 36.57
CA LEU K 2124 -68.53 35.45 35.27
C LEU K 2124 -68.57 34.03 34.74
N HIS K 2125 -67.65 33.17 35.16
CA HIS K 2125 -67.74 31.76 34.80
C HIS K 2125 -69.03 31.15 35.35
N ARG K 2126 -69.40 31.51 36.58
CA ARG K 2126 -70.66 31.04 37.13
C ARG K 2126 -71.85 31.65 36.42
N GLN K 2127 -71.79 32.94 36.10
CA GLN K 2127 -72.88 33.59 35.38
C GLN K 2127 -72.95 33.20 33.92
N TYR K 2128 -71.94 32.52 33.37
CA TYR K 2128 -72.01 32.04 32.01
C TYR K 2128 -72.30 30.55 31.92
N ASP K 2129 -72.08 29.79 32.98
CA ASP K 2129 -72.40 28.37 33.06
C ASP K 2129 -73.34 28.18 34.24
N GLY K 2130 -74.64 28.36 33.99
CA GLY K 2130 -75.63 28.24 35.03
C GLY K 2130 -75.87 26.80 35.42
N LEU K 2131 -76.15 25.97 34.41
CA LEU K 2131 -76.42 24.56 34.66
C LEU K 2131 -75.22 23.85 35.26
N GLY K 2132 -74.00 24.29 34.95
CA GLY K 2132 -72.83 23.66 35.53
C GLY K 2132 -72.81 23.74 37.04
N GLU K 2133 -73.13 24.91 37.59
CA GLU K 2133 -73.23 25.04 39.05
C GLU K 2133 -74.37 24.19 39.60
N LEU K 2134 -75.52 24.20 38.92
CA LEU K 2134 -76.67 23.42 39.37
C LEU K 2134 -76.34 21.93 39.38
N LEU K 2135 -75.75 21.43 38.29
CA LEU K 2135 -75.40 20.02 38.21
C LEU K 2135 -74.40 19.64 39.30
N ARG K 2136 -73.57 20.58 39.74
CA ARG K 2136 -72.59 20.35 40.79
C ARG K 2136 -73.14 20.68 42.18
N ALA K 2137 -74.44 20.89 42.31
CA ALA K 2137 -75.06 21.23 43.58
C ALA K 2137 -76.08 20.20 44.05
N LEU K 2138 -76.78 19.56 43.12
CA LEU K 2138 -77.76 18.53 43.49
C LEU K 2138 -77.19 17.41 44.35
N PRO K 2139 -75.97 16.88 44.12
CA PRO K 2139 -75.47 15.82 44.99
C PRO K 2139 -75.29 16.23 46.44
N ARG K 2140 -75.57 17.49 46.77
CA ARG K 2140 -75.54 17.97 48.14
C ARG K 2140 -76.92 18.34 48.66
N ALA K 2141 -77.98 17.98 47.94
CA ALA K 2141 -79.35 18.33 48.29
C ALA K 2141 -80.08 17.09 48.79
N TYR K 2142 -80.96 17.29 49.77
CA TYR K 2142 -81.67 16.16 50.38
C TYR K 2142 -82.97 16.66 50.97
N THR K 2143 -84.02 15.82 50.90
CA THR K 2143 -85.33 16.15 51.42
C THR K 2143 -85.68 15.23 52.58
N ILE K 2144 -86.24 15.80 53.64
CA ILE K 2144 -86.67 15.05 54.81
C ILE K 2144 -88.09 15.47 55.16
N SER K 2145 -88.67 14.79 56.14
CA SER K 2145 -90.06 14.94 56.54
C SER K 2145 -90.17 15.60 57.91
N PRO K 2146 -91.31 16.22 58.22
CA PRO K 2146 -91.49 16.82 59.55
C PRO K 2146 -91.47 15.77 60.65
N SER K 2147 -91.53 16.26 61.88
CA SER K 2147 -91.44 15.49 63.12
C SER K 2147 -90.05 14.91 63.32
N SER K 2148 -89.13 15.11 62.37
CA SER K 2148 -87.75 14.70 62.51
C SER K 2148 -86.77 15.86 62.43
N VAL K 2149 -87.25 17.06 62.07
CA VAL K 2149 -86.35 18.21 61.94
C VAL K 2149 -85.72 18.56 63.28
N GLU K 2150 -86.48 18.41 64.37
CA GLU K 2150 -85.93 18.72 65.69
C GLU K 2150 -84.77 17.78 66.03
N ASP K 2151 -84.91 16.49 65.68
CA ASP K 2151 -83.82 15.55 65.91
C ASP K 2151 -82.60 15.90 65.08
N THR K 2152 -82.80 16.24 63.80
CA THR K 2152 -81.67 16.63 62.96
C THR K 2152 -81.07 17.95 63.40
N MET K 2153 -81.89 18.86 63.95
CA MET K 2153 -81.38 20.15 64.38
C MET K 2153 -80.29 20.00 65.43
N SER K 2154 -80.49 19.09 66.39
CA SER K 2154 -79.45 18.82 67.38
C SER K 2154 -78.21 18.24 66.73
N LEU K 2155 -78.38 17.33 65.77
CA LEU K 2155 -77.24 16.72 65.09
C LEU K 2155 -76.46 17.78 64.31
N LEU K 2156 -77.16 18.65 63.59
CA LEU K 2156 -76.48 19.66 62.78
C LEU K 2156 -75.69 20.63 63.66
N GLU K 2157 -76.30 21.10 64.74
CA GLU K 2157 -75.62 22.01 65.65
C GLU K 2157 -74.43 21.33 66.32
N CYS K 2158 -74.61 20.07 66.74
CA CYS K 2158 -73.52 19.36 67.39
C CYS K 2158 -72.37 19.07 66.42
N LEU K 2159 -72.68 18.82 65.15
CA LEU K 2159 -71.64 18.51 64.19
C LEU K 2159 -70.72 19.70 63.96
N GLY K 2160 -71.22 20.92 64.14
CA GLY K 2160 -70.41 22.09 63.87
C GLY K 2160 -69.15 22.15 64.72
N GLN K 2161 -69.24 21.73 65.98
CA GLN K 2161 -68.09 21.83 66.87
C GLN K 2161 -66.94 20.94 66.41
N ILE K 2162 -67.23 19.84 65.72
CA ILE K 2162 -66.17 19.01 65.18
C ILE K 2162 -65.40 19.78 64.10
N ARG K 2163 -66.12 20.51 63.24
CA ARG K 2163 -65.46 21.25 62.18
C ARG K 2163 -64.52 22.32 62.74
N SER K 2164 -64.91 22.97 63.85
CA SER K 2164 -64.04 23.94 64.49
C SER K 2164 -62.88 23.29 65.22
N LEU K 2165 -62.95 21.99 65.48
CA LEU K 2165 -61.86 21.30 66.16
C LEU K 2165 -60.67 21.08 65.24
N LEU K 2166 -60.91 20.92 63.94
CA LEU K 2166 -59.82 20.64 63.01
C LEU K 2166 -58.82 21.79 62.93
N ILE K 2167 -59.31 23.03 62.88
CA ILE K 2167 -58.43 24.17 62.69
C ILE K 2167 -57.55 24.37 63.92
N VAL K 2168 -58.12 24.24 65.11
CA VAL K 2168 -57.36 24.43 66.34
C VAL K 2168 -56.45 23.23 66.58
N GLN K 2169 -55.26 23.50 67.09
CA GLN K 2169 -54.35 22.43 67.49
C GLN K 2169 -54.92 21.69 68.68
N MET K 2170 -54.57 20.41 68.79
CA MET K 2170 -55.15 19.53 69.81
C MET K 2170 -54.81 20.01 71.20
N GLY K 2171 -55.84 20.19 72.04
CA GLY K 2171 -55.65 20.58 73.41
C GLY K 2171 -56.36 19.64 74.38
N PRO K 2172 -55.79 19.46 75.56
CA PRO K 2172 -56.42 18.55 76.54
C PRO K 2172 -57.86 18.92 76.87
N GLN K 2173 -58.16 20.21 77.00
CA GLN K 2173 -59.54 20.64 77.20
C GLN K 2173 -60.36 20.38 75.96
N GLU K 2174 -59.81 20.69 74.78
CA GLU K 2174 -60.51 20.42 73.54
C GLU K 2174 -60.67 18.93 73.29
N GLU K 2175 -59.72 18.12 73.76
CA GLU K 2175 -59.83 16.68 73.60
C GLU K 2175 -61.05 16.15 74.33
N ASN K 2176 -61.30 16.65 75.54
CA ASN K 2176 -62.51 16.30 76.27
C ASN K 2176 -63.76 16.64 75.45
N LEU K 2177 -63.78 17.83 74.86
CA LEU K 2177 -64.98 18.32 74.18
C LEU K 2177 -65.47 17.35 73.12
N MET K 2178 -64.55 16.80 72.32
CA MET K 2178 -64.96 15.95 71.21
C MET K 2178 -65.60 14.66 71.70
N ILE K 2179 -65.08 14.08 72.79
CA ILE K 2179 -65.54 12.77 73.23
C ILE K 2179 -67.03 12.80 73.55
N GLN K 2180 -67.47 13.81 74.29
CA GLN K 2180 -68.90 13.99 74.47
C GLN K 2180 -69.57 14.37 73.14
N SER K 2181 -68.88 15.16 72.32
CA SER K 2181 -69.46 15.56 71.03
C SER K 2181 -69.76 14.34 70.17
N ILE K 2182 -68.77 13.45 69.98
CA ILE K 2182 -69.01 12.24 69.20
C ILE K 2182 -69.98 11.32 69.92
N GLY K 2183 -69.91 11.28 71.26
CA GLY K 2183 -70.83 10.45 72.02
C GLY K 2183 -72.28 10.87 71.85
N ASN K 2184 -72.53 12.17 71.75
CA ASN K 2184 -73.88 12.64 71.48
C ASN K 2184 -74.29 12.46 70.03
N ILE K 2185 -73.34 12.31 69.11
CA ILE K 2185 -73.70 12.03 67.71
C ILE K 2185 -74.37 10.67 67.60
N MET K 2186 -73.84 9.66 68.28
CA MET K 2186 -74.38 8.31 68.13
C MET K 2186 -75.54 8.07 69.08
N ASN K 2187 -76.44 9.04 69.17
CA ASN K 2187 -77.70 8.81 69.87
C ASN K 2187 -78.87 9.58 69.27
N ASN K 2188 -78.73 10.19 68.10
CA ASN K 2188 -79.66 11.21 67.65
C ASN K 2188 -80.82 10.66 66.83
N LYS K 2189 -80.91 9.34 66.67
CA LYS K 2189 -82.00 8.67 65.95
C LYS K 2189 -81.99 8.99 64.46
N VAL K 2190 -81.11 9.89 64.01
CA VAL K 2190 -81.02 10.23 62.61
C VAL K 2190 -79.79 9.65 61.93
N PHE K 2191 -78.71 9.42 62.68
CA PHE K 2191 -77.59 8.67 62.12
C PHE K 2191 -77.84 7.16 62.21
N TYR K 2192 -79.07 6.76 61.88
CA TYR K 2192 -79.41 5.38 61.60
C TYR K 2192 -80.41 5.21 60.46
N GLN K 2193 -81.20 6.24 60.14
CA GLN K 2193 -82.28 6.15 59.17
C GLN K 2193 -81.90 6.70 57.81
N HIS K 2194 -81.03 7.70 57.75
CA HIS K 2194 -80.67 8.39 56.51
C HIS K 2194 -79.16 8.43 56.37
N PRO K 2195 -78.53 7.29 56.05
CA PRO K 2195 -77.08 7.30 55.83
C PRO K 2195 -76.66 8.20 54.67
N ASN K 2196 -77.55 8.40 53.69
CA ASN K 2196 -77.21 9.24 52.54
C ASN K 2196 -76.88 10.66 52.96
N LEU K 2197 -77.50 11.16 54.04
CA LEU K 2197 -77.11 12.46 54.58
C LEU K 2197 -75.64 12.47 54.96
N MET K 2198 -75.21 11.47 55.73
CA MET K 2198 -73.92 11.57 56.40
C MET K 2198 -72.76 11.46 55.43
N ARG K 2199 -72.97 10.86 54.25
CA ARG K 2199 -71.99 10.96 53.18
C ARG K 2199 -72.08 12.28 52.43
N ALA K 2200 -73.23 12.95 52.47
CA ALA K 2200 -73.33 14.26 51.83
C ALA K 2200 -72.75 15.35 52.72
N LEU K 2201 -72.99 15.26 54.04
CA LEU K 2201 -72.27 16.11 54.96
C LEU K 2201 -70.82 15.66 55.11
N GLY K 2202 -70.58 14.35 54.98
CA GLY K 2202 -69.22 13.83 54.96
C GLY K 2202 -68.45 14.06 56.24
N MET K 2203 -69.05 13.80 57.40
CA MET K 2203 -68.29 13.99 58.63
C MET K 2203 -67.19 12.95 58.77
N HIS K 2204 -67.36 11.79 58.11
CA HIS K 2204 -66.29 10.79 58.13
C HIS K 2204 -65.02 11.34 57.51
N GLU K 2205 -65.16 12.20 56.50
CA GLU K 2205 -64.00 12.89 55.96
C GLU K 2205 -63.34 13.76 57.02
N THR K 2206 -64.12 14.62 57.67
CA THR K 2206 -63.55 15.58 58.61
C THR K 2206 -62.92 14.90 59.82
N VAL K 2207 -63.60 13.90 60.38
CA VAL K 2207 -63.07 13.21 61.55
C VAL K 2207 -61.76 12.50 61.22
N MET K 2208 -61.55 12.18 59.94
CA MET K 2208 -60.35 11.45 59.56
C MET K 2208 -59.09 12.28 59.80
N GLU K 2209 -59.12 13.58 59.47
CA GLU K 2209 -57.95 14.42 59.73
C GLU K 2209 -57.69 14.57 61.22
N VAL K 2210 -58.74 14.49 62.05
CA VAL K 2210 -58.55 14.60 63.48
C VAL K 2210 -57.59 13.52 63.98
N MET K 2211 -57.74 12.30 63.45
CA MET K 2211 -56.85 11.21 63.85
C MET K 2211 -55.43 11.41 63.32
N VAL K 2212 -55.29 11.90 62.09
CA VAL K 2212 -53.96 11.98 61.50
C VAL K 2212 -53.09 13.04 62.18
N ASN K 2213 -53.69 14.12 62.68
CA ASN K 2213 -52.90 15.16 63.32
C ASN K 2213 -52.29 14.67 64.62
N VAL K 2214 -53.08 14.01 65.46
CA VAL K 2214 -52.58 13.58 66.76
C VAL K 2214 -51.55 12.48 66.61
N LEU K 2215 -51.74 11.59 65.63
CA LEU K 2215 -50.83 10.47 65.45
C LEU K 2215 -49.58 10.84 64.66
N GLY K 2216 -49.56 12.00 64.01
CA GLY K 2216 -48.39 12.43 63.26
C GLY K 2216 -47.19 12.67 64.15
N GLY K 2217 -46.19 11.80 64.05
CA GLY K 2217 -45.02 11.92 64.90
C GLY K 2217 -43.86 11.13 64.34
N GLY K 2218 -42.66 11.46 64.84
CA GLY K 2218 -41.46 10.82 64.33
C GLY K 2218 -41.39 9.34 64.63
N GLU K 2219 -41.71 8.94 65.85
CA GLU K 2219 -41.58 7.55 66.26
C GLU K 2219 -42.68 7.23 67.26
N THR K 2220 -42.54 6.10 67.95
CA THR K 2220 -43.53 5.67 68.93
C THR K 2220 -43.60 6.58 70.14
N LYS K 2221 -42.55 7.36 70.39
CA LYS K 2221 -42.58 8.31 71.51
C LYS K 2221 -43.64 9.38 71.33
N GLU K 2222 -44.06 9.64 70.09
CA GLU K 2222 -45.09 10.65 69.82
C GLU K 2222 -46.47 9.99 69.85
N ILE K 2223 -46.85 9.57 71.06
CA ILE K 2223 -48.17 8.99 71.30
C ILE K 2223 -48.95 9.94 72.20
N ARG K 2224 -48.69 11.24 72.05
CA ARG K 2224 -49.38 12.23 72.85
C ARG K 2224 -50.87 12.19 72.59
N PHE K 2225 -51.65 12.50 73.63
CA PHE K 2225 -53.10 12.45 73.62
C PHE K 2225 -53.62 11.07 73.24
N PRO K 2226 -53.38 10.04 74.05
CA PRO K 2226 -54.08 8.77 73.84
C PRO K 2226 -55.50 8.84 74.38
N LYS K 2227 -56.21 7.71 74.38
CA LYS K 2227 -57.59 7.59 74.85
C LYS K 2227 -58.58 8.35 73.98
N MET K 2228 -58.13 9.02 72.93
CA MET K 2228 -59.02 9.67 71.97
C MET K 2228 -59.05 8.96 70.62
N VAL K 2229 -57.93 8.36 70.21
CA VAL K 2229 -57.94 7.53 69.01
C VAL K 2229 -58.85 6.33 69.21
N THR K 2230 -58.78 5.70 70.39
CA THR K 2230 -59.67 4.60 70.70
C THR K 2230 -61.12 5.08 70.79
N SER K 2231 -61.34 6.26 71.40
CA SER K 2231 -62.69 6.77 71.55
C SER K 2231 -63.32 7.19 70.23
N CYS K 2232 -62.52 7.42 69.19
CA CYS K 2232 -63.05 7.84 67.90
C CYS K 2232 -63.04 6.71 66.88
N CYS K 2233 -62.00 5.86 66.87
CA CYS K 2233 -61.95 4.74 65.94
C CYS K 2233 -63.10 3.77 66.13
N ARG K 2234 -63.66 3.69 67.34
CA ARG K 2234 -64.84 2.87 67.56
C ARG K 2234 -66.03 3.39 66.75
N PHE K 2235 -66.16 4.71 66.66
CA PHE K 2235 -67.25 5.30 65.89
C PHE K 2235 -67.13 4.96 64.40
N LEU K 2236 -65.91 4.95 63.87
CA LEU K 2236 -65.72 4.67 62.45
C LEU K 2236 -66.17 3.26 62.09
N CYS K 2237 -65.87 2.28 62.94
CA CYS K 2237 -66.23 0.90 62.64
C CYS K 2237 -67.74 0.73 62.50
N TYR K 2238 -68.50 1.30 63.43
CA TYR K 2238 -69.95 1.19 63.35
C TYR K 2238 -70.51 1.93 62.15
N PHE K 2239 -69.87 3.00 61.72
CA PHE K 2239 -70.30 3.68 60.50
C PHE K 2239 -70.16 2.75 59.30
N CYS K 2240 -69.10 1.95 59.27
CA CYS K 2240 -68.82 1.05 58.16
C CYS K 2240 -69.79 -0.13 58.11
N ARG K 2241 -70.60 -0.34 59.14
CA ARG K 2241 -71.51 -1.48 59.20
C ARG K 2241 -72.96 -1.02 59.19
N ILE K 2242 -73.28 -0.05 58.33
CA ILE K 2242 -74.65 0.42 58.19
C ILE K 2242 -75.21 0.22 56.78
N SER K 2243 -74.38 0.30 55.75
CA SER K 2243 -74.85 0.08 54.38
C SER K 2243 -73.65 -0.25 53.50
N ARG K 2244 -73.95 -0.86 52.35
CA ARG K 2244 -72.88 -1.22 51.42
C ARG K 2244 -72.16 0.01 50.87
N GLN K 2245 -72.92 1.04 50.48
CA GLN K 2245 -72.30 2.24 49.94
C GLN K 2245 -71.45 2.94 51.01
N ASN K 2246 -71.85 2.85 52.27
CA ASN K 2246 -71.01 3.34 53.35
C ASN K 2246 -69.68 2.60 53.40
N GLN K 2247 -69.70 1.29 53.11
CA GLN K 2247 -68.46 0.51 53.11
C GLN K 2247 -67.54 0.96 51.99
N ARG K 2248 -68.09 1.19 50.79
CA ARG K 2248 -67.29 1.63 49.65
C ARG K 2248 -66.68 3.00 49.90
N SER K 2249 -67.47 3.94 50.42
CA SER K 2249 -67.01 5.32 50.49
C SER K 2249 -65.76 5.47 51.36
N MET K 2250 -65.65 4.70 52.43
CA MET K 2250 -64.48 4.76 53.29
C MET K 2250 -63.40 3.77 52.89
N PHE K 2251 -63.75 2.77 52.09
CA PHE K 2251 -62.77 1.77 51.64
C PHE K 2251 -61.67 2.41 50.81
N ASP K 2252 -62.02 3.42 50.00
CA ASP K 2252 -61.07 4.01 49.07
C ASP K 2252 -59.85 4.59 49.79
N HIS K 2253 -59.96 4.90 51.07
CA HIS K 2253 -58.84 5.42 51.85
C HIS K 2253 -58.03 4.32 52.52
N LEU K 2254 -58.13 3.08 52.03
CA LEU K 2254 -57.41 1.98 52.65
C LEU K 2254 -55.90 2.17 52.57
N SER K 2255 -55.40 2.58 51.40
CA SER K 2255 -53.96 2.82 51.26
C SER K 2255 -53.53 3.96 52.18
N TYR K 2256 -54.34 5.01 52.27
CA TYR K 2256 -54.04 6.12 53.17
C TYR K 2256 -54.01 5.65 54.63
N LEU K 2257 -54.96 4.79 55.01
CA LEU K 2257 -55.09 4.39 56.40
C LEU K 2257 -53.91 3.51 56.84
N LEU K 2258 -53.54 2.53 56.03
CA LEU K 2258 -52.44 1.64 56.42
C LEU K 2258 -51.10 2.35 56.47
N GLU K 2259 -50.96 3.50 55.80
CA GLU K 2259 -49.68 4.20 55.80
C GLU K 2259 -49.27 4.61 57.20
N ASN K 2260 -50.24 5.01 58.02
CA ASN K 2260 -50.02 5.46 59.38
C ASN K 2260 -50.83 4.62 60.37
N SER K 2261 -50.70 3.30 60.29
CA SER K 2261 -51.43 2.40 61.17
C SER K 2261 -50.53 1.43 61.92
N GLY K 2262 -49.48 0.90 61.28
CA GLY K 2262 -48.64 -0.09 61.91
C GLY K 2262 -47.46 0.46 62.68
N ILE K 2263 -47.67 1.56 63.39
CA ILE K 2263 -46.59 2.18 64.17
C ILE K 2263 -47.02 2.28 65.63
N GLY K 2264 -48.13 2.96 65.88
CA GLY K 2264 -48.62 3.16 67.23
C GLY K 2264 -49.41 1.97 67.76
N LEU K 2265 -48.69 0.92 68.14
CA LEU K 2265 -49.31 -0.31 68.64
C LEU K 2265 -49.00 -0.46 70.13
N GLY K 2266 -50.00 -0.92 70.89
CA GLY K 2266 -49.79 -1.16 72.30
C GLY K 2266 -50.99 -0.89 73.20
N MET K 2267 -52.00 -0.20 72.66
CA MET K 2267 -53.18 0.13 73.43
C MET K 2267 -54.27 -0.90 73.16
N GLN K 2268 -55.46 -0.66 73.72
CA GLN K 2268 -56.57 -1.61 73.61
C GLN K 2268 -57.82 -0.93 73.08
N GLY K 2269 -58.94 -1.63 73.12
CA GLY K 2269 -60.19 -1.10 72.63
C GLY K 2269 -60.25 -1.08 71.11
N SER K 2270 -59.40 -0.27 70.50
CA SER K 2270 -59.36 -0.14 69.05
C SER K 2270 -58.01 0.41 68.62
N THR K 2271 -57.79 0.44 67.32
CA THR K 2271 -56.58 0.92 66.68
C THR K 2271 -56.96 1.13 65.21
N PRO K 2272 -56.27 2.00 64.46
CA PRO K 2272 -56.67 2.19 63.06
C PRO K 2272 -56.61 0.93 62.23
N LEU K 2273 -55.80 -0.06 62.64
CA LEU K 2273 -55.75 -1.32 61.91
C LEU K 2273 -57.10 -2.03 61.95
N ASP K 2274 -57.83 -1.92 63.07
CA ASP K 2274 -59.11 -2.60 63.18
C ASP K 2274 -60.12 -2.08 62.17
N VAL K 2275 -60.24 -0.76 62.05
CA VAL K 2275 -61.18 -0.20 61.09
C VAL K 2275 -60.71 -0.49 59.67
N ALA K 2276 -59.41 -0.64 59.47
CA ALA K 2276 -58.91 -1.07 58.17
C ALA K 2276 -59.41 -2.47 57.85
N ALA K 2277 -59.38 -3.37 58.82
CA ALA K 2277 -59.91 -4.72 58.61
C ALA K 2277 -61.42 -4.69 58.39
N ALA K 2278 -62.13 -3.88 59.18
CA ALA K 2278 -63.58 -3.81 59.07
C ALA K 2278 -64.05 -3.16 57.78
N SER K 2279 -63.15 -2.54 57.01
CA SER K 2279 -63.55 -1.92 55.75
C SER K 2279 -63.99 -2.93 54.70
N VAL K 2280 -63.57 -4.19 54.83
CA VAL K 2280 -64.07 -5.26 53.95
C VAL K 2280 -64.23 -6.54 54.75
N ILE K 2281 -65.47 -6.89 55.09
CA ILE K 2281 -65.71 -8.09 55.88
C ILE K 2281 -66.75 -9.00 55.25
N ASP K 2282 -67.70 -8.42 54.50
CA ASP K 2282 -68.75 -9.24 53.90
C ASP K 2282 -69.14 -8.73 52.51
N ASN K 2283 -68.32 -7.91 51.88
CA ASN K 2283 -68.71 -7.28 50.62
C ASN K 2283 -68.86 -8.31 49.50
N ASN K 2284 -67.85 -9.17 49.34
CA ASN K 2284 -67.71 -10.22 48.33
C ASN K 2284 -67.36 -9.64 46.98
N GLU K 2285 -67.39 -8.32 46.81
CA GLU K 2285 -66.89 -7.67 45.61
C GLU K 2285 -65.80 -6.64 45.91
N LEU K 2286 -65.80 -6.05 47.11
CA LEU K 2286 -64.67 -5.21 47.52
C LEU K 2286 -63.42 -6.04 47.64
N ALA K 2287 -63.53 -7.27 48.15
CA ALA K 2287 -62.37 -8.16 48.25
C ALA K 2287 -61.77 -8.44 46.87
N LEU K 2288 -62.62 -8.51 45.84
CA LEU K 2288 -62.10 -8.69 44.48
C LEU K 2288 -61.47 -7.42 43.95
N ALA K 2289 -61.71 -6.27 44.57
CA ALA K 2289 -61.20 -4.99 44.09
C ALA K 2289 -59.96 -4.54 44.86
N LEU K 2290 -59.16 -5.48 45.34
CA LEU K 2290 -57.89 -5.13 45.95
C LEU K 2290 -56.89 -4.73 44.87
N GLN K 2291 -55.72 -4.26 45.31
CA GLN K 2291 -54.72 -3.80 44.35
C GLN K 2291 -53.33 -4.34 44.68
N GLU K 2292 -53.26 -5.52 45.31
CA GLU K 2292 -52.00 -6.21 45.54
C GLU K 2292 -51.07 -5.41 46.43
N GLN K 2293 -50.67 -4.21 45.97
CA GLN K 2293 -49.72 -3.39 46.72
C GLN K 2293 -50.19 -3.16 48.15
N ASP K 2294 -51.50 -3.05 48.36
CA ASP K 2294 -52.02 -2.97 49.72
C ASP K 2294 -51.69 -4.22 50.51
N LEU K 2295 -51.89 -5.39 49.90
CA LEU K 2295 -51.53 -6.65 50.56
C LEU K 2295 -50.02 -6.80 50.68
N GLU K 2296 -49.28 -6.33 49.69
CA GLU K 2296 -47.83 -6.44 49.73
C GLU K 2296 -47.26 -5.62 50.88
N LYS K 2297 -47.75 -4.39 51.05
CA LYS K 2297 -47.16 -3.49 52.03
C LYS K 2297 -47.44 -3.94 53.46
N VAL K 2298 -48.65 -4.48 53.71
CA VAL K 2298 -48.96 -4.97 55.04
C VAL K 2298 -48.11 -6.19 55.38
N VAL K 2299 -47.76 -7.00 54.38
CA VAL K 2299 -46.85 -8.12 54.61
C VAL K 2299 -45.49 -7.61 55.05
N SER K 2300 -44.99 -6.55 54.41
CA SER K 2300 -43.72 -5.97 54.79
C SER K 2300 -43.72 -5.52 56.25
N TYR K 2301 -44.88 -5.09 56.75
CA TYR K 2301 -44.99 -4.83 58.18
C TYR K 2301 -44.72 -6.09 58.99
N LEU K 2302 -45.29 -7.22 58.55
CA LEU K 2302 -45.10 -8.47 59.28
C LEU K 2302 -43.65 -8.93 59.23
N ALA K 2303 -42.91 -8.54 58.18
CA ALA K 2303 -41.48 -8.78 58.16
C ALA K 2303 -40.79 -8.06 59.31
N GLY K 2304 -41.30 -6.88 59.68
CA GLY K 2304 -40.73 -6.16 60.80
C GLY K 2304 -40.88 -6.89 62.12
N CYS K 2305 -42.08 -7.41 62.39
CA CYS K 2305 -42.32 -8.07 63.67
C CYS K 2305 -41.71 -9.46 63.74
N GLY K 2306 -40.93 -9.86 62.73
CA GLY K 2306 -40.22 -11.12 62.78
C GLY K 2306 -38.78 -10.97 63.19
N LEU K 2307 -38.32 -9.72 63.32
CA LEU K 2307 -36.94 -9.47 63.75
C LEU K 2307 -36.80 -8.36 64.78
N GLN K 2308 -37.87 -7.66 65.14
CA GLN K 2308 -37.77 -6.56 66.11
C GLN K 2308 -37.76 -7.14 67.52
N SER K 2309 -37.85 -6.26 68.52
CA SER K 2309 -37.87 -6.70 69.90
C SER K 2309 -38.91 -5.97 70.73
N CYS K 2310 -39.74 -5.13 70.11
CA CYS K 2310 -40.78 -4.37 70.81
C CYS K 2310 -40.18 -3.51 71.93
N PRO K 2311 -39.48 -2.44 71.59
CA PRO K 2311 -38.84 -1.62 72.64
C PRO K 2311 -39.80 -1.05 73.67
N MET K 2312 -41.03 -0.70 73.26
CA MET K 2312 -42.05 -0.29 74.24
C MET K 2312 -42.37 -1.43 75.18
N LEU K 2313 -42.52 -2.65 74.65
CA LEU K 2313 -42.68 -3.82 75.50
C LEU K 2313 -41.44 -4.04 76.35
N LEU K 2314 -40.26 -3.82 75.76
CA LEU K 2314 -39.02 -3.93 76.52
C LEU K 2314 -38.92 -2.87 77.62
N ALA K 2315 -39.54 -1.70 77.41
CA ALA K 2315 -39.40 -0.60 78.38
C ALA K 2315 -39.91 -1.00 79.75
N LYS K 2316 -40.81 -1.99 79.81
CA LYS K 2316 -41.28 -2.51 81.09
C LYS K 2316 -40.28 -3.46 81.74
N GLY K 2317 -39.09 -3.60 81.16
CA GLY K 2317 -38.08 -4.51 81.68
C GLY K 2317 -38.42 -5.97 81.44
N TYR K 2318 -38.55 -6.35 80.18
CA TYR K 2318 -38.93 -7.69 79.75
C TYR K 2318 -37.81 -8.31 78.91
N PRO K 2319 -37.73 -9.64 78.83
CA PRO K 2319 -36.65 -10.29 78.09
C PRO K 2319 -36.55 -9.81 76.64
N ASP K 2320 -37.64 -9.97 75.88
CA ASP K 2320 -37.67 -9.58 74.47
C ASP K 2320 -36.55 -10.27 73.70
N ILE K 2321 -36.68 -11.59 73.63
CA ILE K 2321 -35.58 -12.43 73.16
C ILE K 2321 -35.30 -12.20 71.68
N GLY K 2322 -36.24 -12.58 70.81
CA GLY K 2322 -35.98 -12.49 69.38
C GLY K 2322 -37.01 -11.73 68.56
N TRP K 2323 -38.25 -11.67 69.03
CA TRP K 2323 -39.34 -11.10 68.24
C TRP K 2323 -40.54 -10.92 69.14
N ASN K 2324 -41.55 -10.22 68.61
CA ASN K 2324 -42.76 -9.93 69.37
C ASN K 2324 -43.98 -10.62 68.75
N PRO K 2325 -44.62 -11.56 69.48
CA PRO K 2325 -45.87 -12.13 68.98
C PRO K 2325 -47.07 -11.22 69.08
N CYS K 2326 -47.02 -10.20 69.96
CA CYS K 2326 -48.16 -9.31 70.11
C CYS K 2326 -48.44 -8.56 68.82
N GLY K 2327 -47.41 -7.96 68.22
CA GLY K 2327 -47.60 -7.24 66.97
C GLY K 2327 -48.01 -8.15 65.83
N GLY K 2328 -47.41 -9.34 65.73
CA GLY K 2328 -47.72 -10.24 64.64
C GLY K 2328 -49.16 -10.70 64.64
N GLU K 2329 -49.74 -10.94 65.81
CA GLU K 2329 -51.11 -11.41 65.88
C GLU K 2329 -52.12 -10.38 65.39
N ARG K 2330 -51.73 -9.11 65.27
CA ARG K 2330 -52.63 -8.08 64.79
C ARG K 2330 -52.62 -7.96 63.26
N TYR K 2331 -51.42 -7.97 62.66
CA TYR K 2331 -51.35 -7.92 61.20
C TYR K 2331 -52.04 -9.11 60.58
N LEU K 2332 -51.81 -10.30 61.13
CA LEU K 2332 -52.34 -11.53 60.54
C LEU K 2332 -53.86 -11.58 60.66
N ASP K 2333 -54.42 -11.02 61.73
CA ASP K 2333 -55.87 -10.97 61.87
C ASP K 2333 -56.52 -10.22 60.72
N PHE K 2334 -55.83 -9.21 60.18
CA PHE K 2334 -56.34 -8.49 59.02
C PHE K 2334 -56.37 -9.40 57.78
N LEU K 2335 -55.29 -10.15 57.55
CA LEU K 2335 -55.20 -10.98 56.35
C LEU K 2335 -56.30 -12.04 56.32
N ARG K 2336 -56.79 -12.46 57.48
CA ARG K 2336 -57.87 -13.45 57.52
C ARG K 2336 -59.12 -12.94 56.84
N PHE K 2337 -59.36 -11.63 56.85
CA PHE K 2337 -60.56 -11.07 56.27
C PHE K 2337 -60.42 -10.75 54.79
N ALA K 2338 -59.25 -11.00 54.20
CA ALA K 2338 -59.04 -10.74 52.78
C ALA K 2338 -58.78 -12.01 51.98
N VAL K 2339 -58.84 -13.18 52.61
CA VAL K 2339 -58.64 -14.46 51.92
C VAL K 2339 -60.00 -15.07 51.64
N PHE K 2340 -60.94 -14.90 52.57
CA PHE K 2340 -62.31 -15.36 52.39
C PHE K 2340 -63.25 -14.23 52.77
N VAL K 2341 -64.45 -14.25 52.19
CA VAL K 2341 -65.48 -13.27 52.48
C VAL K 2341 -66.75 -13.91 53.02
N ASN K 2342 -67.20 -15.00 52.41
CA ASN K 2342 -68.42 -15.66 52.87
C ASN K 2342 -68.31 -17.15 52.53
N GLY K 2343 -67.94 -17.94 53.52
CA GLY K 2343 -67.87 -19.39 53.37
C GLY K 2343 -66.86 -19.89 52.37
N GLU K 2344 -65.57 -19.60 52.61
CA GLU K 2344 -64.45 -20.23 51.89
C GLU K 2344 -64.55 -20.00 50.39
N SER K 2345 -64.41 -18.72 50.01
CA SER K 2345 -64.44 -18.34 48.61
C SER K 2345 -63.32 -17.36 48.28
N VAL K 2346 -63.41 -16.74 47.11
CA VAL K 2346 -62.43 -15.78 46.58
C VAL K 2346 -61.00 -16.27 46.75
N GLU K 2347 -60.41 -16.83 45.68
CA GLU K 2347 -59.09 -17.40 45.75
C GLU K 2347 -58.03 -16.60 45.00
N GLU K 2348 -58.42 -15.67 44.13
CA GLU K 2348 -57.42 -14.93 43.35
C GLU K 2348 -56.47 -14.18 44.25
N ASN K 2349 -57.00 -13.42 45.21
CA ASN K 2349 -56.13 -12.75 46.17
C ASN K 2349 -55.51 -13.76 47.13
N ALA K 2350 -56.22 -14.84 47.43
CA ALA K 2350 -55.65 -15.89 48.27
C ALA K 2350 -54.46 -16.55 47.60
N ASN K 2351 -54.54 -16.78 46.29
CA ASN K 2351 -53.44 -17.41 45.57
C ASN K 2351 -52.17 -16.58 45.66
N VAL K 2352 -52.28 -15.26 45.47
CA VAL K 2352 -51.10 -14.42 45.50
C VAL K 2352 -50.57 -14.21 46.92
N VAL K 2353 -51.39 -14.45 47.94
CA VAL K 2353 -50.92 -14.29 49.32
C VAL K 2353 -49.85 -15.34 49.64
N VAL K 2354 -50.12 -16.61 49.31
CA VAL K 2354 -49.17 -17.67 49.64
C VAL K 2354 -47.92 -17.56 48.78
N ARG K 2355 -48.08 -17.20 47.51
CA ARG K 2355 -46.92 -17.02 46.63
C ARG K 2355 -46.08 -15.82 47.04
N LEU K 2356 -46.67 -14.84 47.71
CA LEU K 2356 -45.93 -13.68 48.19
C LEU K 2356 -45.35 -13.91 49.58
N LEU K 2357 -46.11 -14.58 50.45
CA LEU K 2357 -45.65 -14.84 51.81
C LEU K 2357 -44.43 -15.77 51.83
N ILE K 2358 -44.36 -16.71 50.88
CA ILE K 2358 -43.23 -17.63 50.85
C ILE K 2358 -41.93 -16.90 50.51
N ARG K 2359 -42.03 -15.81 49.74
CA ARG K 2359 -40.82 -15.12 49.28
C ARG K 2359 -40.00 -14.62 50.44
N LYS K 2360 -40.64 -14.19 51.52
CA LYS K 2360 -39.95 -13.74 52.73
C LYS K 2360 -40.04 -14.82 53.80
N PRO K 2361 -39.08 -15.74 53.87
CA PRO K 2361 -39.15 -16.80 54.89
C PRO K 2361 -39.09 -16.27 56.32
N GLU K 2362 -38.51 -15.09 56.53
CA GLU K 2362 -38.44 -14.52 57.87
C GLU K 2362 -39.82 -14.22 58.43
N CYS K 2363 -40.85 -14.17 57.59
CA CYS K 2363 -42.21 -13.96 58.07
C CYS K 2363 -42.63 -15.05 59.06
N PHE K 2364 -42.18 -16.28 58.86
CA PHE K 2364 -42.44 -17.34 59.81
C PHE K 2364 -41.65 -17.09 61.09
N GLY K 2365 -42.26 -17.43 62.23
CA GLY K 2365 -41.59 -17.37 63.50
C GLY K 2365 -40.36 -18.25 63.50
N PRO K 2366 -39.24 -17.72 64.00
CA PRO K 2366 -37.96 -18.44 63.88
C PRO K 2366 -37.90 -19.74 64.68
N ALA K 2367 -38.93 -20.06 65.47
CA ALA K 2367 -38.95 -21.35 66.16
C ALA K 2367 -38.96 -22.50 65.16
N LEU K 2368 -39.65 -22.32 64.02
CA LEU K 2368 -39.67 -23.29 62.95
C LEU K 2368 -39.41 -22.57 61.64
N ARG K 2369 -39.41 -23.34 60.54
CA ARG K 2369 -39.16 -22.80 59.20
C ARG K 2369 -37.87 -22.00 59.16
N GLY K 2370 -36.81 -22.60 59.70
CA GLY K 2370 -35.52 -21.95 59.74
C GLY K 2370 -34.37 -22.92 59.54
N GLU K 2371 -33.17 -22.52 59.95
CA GLU K 2371 -31.98 -23.36 59.79
C GLU K 2371 -31.58 -24.09 61.05
N GLY K 2372 -31.83 -23.51 62.23
CA GLY K 2372 -31.45 -24.14 63.47
C GLY K 2372 -32.29 -25.36 63.79
N GLY K 2373 -33.58 -25.15 64.04
CA GLY K 2373 -34.49 -26.23 64.36
C GLY K 2373 -35.91 -25.82 64.13
N SER K 2374 -36.83 -26.77 64.29
CA SER K 2374 -38.23 -26.51 64.07
C SER K 2374 -39.10 -26.74 65.31
N GLY K 2375 -38.91 -27.87 65.99
CA GLY K 2375 -39.63 -28.14 67.22
C GLY K 2375 -41.15 -28.13 67.06
N LEU K 2376 -41.65 -28.85 66.05
CA LEU K 2376 -43.08 -28.84 65.74
C LEU K 2376 -43.94 -29.05 66.98
N LEU K 2377 -43.73 -30.18 67.66
CA LEU K 2377 -44.40 -30.42 68.94
C LEU K 2377 -43.58 -29.94 70.12
N ALA K 2378 -42.43 -29.31 69.89
CA ALA K 2378 -41.58 -28.82 70.96
C ALA K 2378 -41.70 -27.31 71.17
N ALA K 2379 -41.89 -26.54 70.10
CA ALA K 2379 -41.99 -25.09 70.24
C ALA K 2379 -43.17 -24.71 71.12
N ILE K 2380 -44.33 -25.33 70.88
CA ILE K 2380 -45.47 -25.15 71.78
C ILE K 2380 -45.16 -25.75 73.14
N GLU K 2381 -44.54 -26.93 73.16
CA GLU K 2381 -44.15 -27.54 74.43
C GLU K 2381 -43.17 -26.65 75.18
N GLU K 2382 -42.25 -26.02 74.47
CA GLU K 2382 -41.37 -25.04 75.10
C GLU K 2382 -42.17 -23.89 75.68
N ALA K 2383 -43.18 -23.41 74.94
CA ALA K 2383 -44.06 -22.38 75.48
C ALA K 2383 -44.81 -22.88 76.70
N ILE K 2384 -45.18 -24.16 76.71
CA ILE K 2384 -45.83 -24.74 77.89
C ILE K 2384 -44.89 -24.70 79.09
N ARG K 2385 -43.61 -25.01 78.87
CA ARG K 2385 -42.64 -24.94 79.95
C ARG K 2385 -42.52 -23.53 80.51
N ILE K 2386 -42.48 -22.52 79.63
CA ILE K 2386 -42.45 -21.14 80.09
C ILE K 2386 -43.82 -20.67 80.56
N SER K 2387 -44.89 -21.38 80.19
CA SER K 2387 -46.23 -21.00 80.65
C SER K 2387 -46.31 -21.05 82.18
N GLU K 2388 -45.91 -22.16 82.78
CA GLU K 2388 -45.86 -22.28 84.24
C GLU K 2388 -44.48 -21.94 84.77
N ASP K 2389 -43.94 -20.79 84.37
CA ASP K 2389 -42.64 -20.31 84.82
C ASP K 2389 -42.74 -18.80 85.06
N PRO K 2390 -43.32 -18.38 86.17
CA PRO K 2390 -43.47 -16.93 86.41
C PRO K 2390 -42.16 -16.18 86.46
N ALA K 2391 -41.07 -16.84 86.87
CA ALA K 2391 -39.78 -16.17 86.92
C ALA K 2391 -39.30 -15.76 85.53
N ARG K 2392 -39.44 -16.64 84.55
CA ARG K 2392 -38.95 -16.35 83.20
C ARG K 2392 -39.70 -15.20 82.57
N ASP K 2393 -41.00 -15.42 82.30
CA ASP K 2393 -41.96 -14.48 81.71
C ASP K 2393 -41.48 -13.04 81.56
N GLY K 2394 -42.07 -12.13 82.32
CA GLY K 2394 -41.62 -10.76 82.35
C GLY K 2394 -41.61 -10.21 83.77
N PRO K 2395 -41.43 -11.11 84.75
CA PRO K 2395 -41.42 -10.88 86.20
C PRO K 2395 -42.61 -10.06 86.67
N ASN K 2414 -48.06 -10.35 77.79
CA ASN K 2414 -48.42 -8.95 77.96
C ASN K 2414 -48.92 -8.69 79.39
N ARG K 2415 -50.15 -8.17 79.49
CA ARG K 2415 -50.74 -7.90 80.79
C ARG K 2415 -51.06 -9.18 81.56
N VAL K 2416 -50.99 -10.34 80.92
CA VAL K 2416 -51.25 -11.63 81.56
C VAL K 2416 -49.97 -12.45 81.66
N HIS K 2417 -49.38 -12.82 80.53
CA HIS K 2417 -48.15 -13.60 80.49
C HIS K 2417 -47.60 -13.54 79.06
N LEU K 2418 -46.52 -14.28 78.81
CA LEU K 2418 -45.88 -14.32 77.51
C LEU K 2418 -46.16 -15.61 76.73
N GLY K 2419 -46.31 -16.74 77.44
CA GLY K 2419 -46.56 -17.99 76.75
C GLY K 2419 -47.87 -17.99 75.97
N HIS K 2420 -48.89 -17.32 76.48
CA HIS K 2420 -50.15 -17.22 75.76
C HIS K 2420 -49.96 -16.47 74.45
N ALA K 2421 -49.12 -15.43 74.45
CA ALA K 2421 -48.84 -14.68 73.23
C ALA K 2421 -48.18 -15.55 72.19
N ILE K 2422 -47.23 -16.40 72.60
CA ILE K 2422 -46.59 -17.33 71.68
C ILE K 2422 -47.62 -18.33 71.14
N MET K 2423 -48.48 -18.85 72.01
CA MET K 2423 -49.52 -19.76 71.56
C MET K 2423 -50.47 -19.05 70.59
N SER K 2424 -50.79 -17.79 70.86
CA SER K 2424 -51.70 -17.06 70.00
C SER K 2424 -51.15 -16.93 68.59
N PHE K 2425 -49.85 -16.67 68.47
CA PHE K 2425 -49.25 -16.45 67.15
C PHE K 2425 -49.37 -17.69 66.26
N TYR K 2426 -48.72 -18.78 66.65
CA TYR K 2426 -48.63 -19.94 65.77
C TYR K 2426 -49.99 -20.55 65.49
N ALA K 2427 -50.88 -20.53 66.49
CA ALA K 2427 -52.25 -20.99 66.25
C ALA K 2427 -52.95 -20.12 65.21
N ALA K 2428 -52.75 -18.81 65.28
CA ALA K 2428 -53.39 -17.92 64.32
C ALA K 2428 -52.77 -18.05 62.93
N LEU K 2429 -51.47 -18.33 62.85
CA LEU K 2429 -50.82 -18.47 61.54
C LEU K 2429 -51.36 -19.67 60.79
N ILE K 2430 -51.49 -20.81 61.47
CA ILE K 2430 -52.03 -22.00 60.82
C ILE K 2430 -53.52 -21.81 60.51
N ASP K 2431 -54.21 -21.00 61.31
CA ASP K 2431 -55.59 -20.64 60.97
C ASP K 2431 -55.65 -19.90 59.65
N LEU K 2432 -54.69 -19.02 59.40
CA LEU K 2432 -54.61 -18.36 58.10
C LEU K 2432 -54.34 -19.36 57.00
N LEU K 2433 -53.32 -20.20 57.15
CA LEU K 2433 -53.04 -21.23 56.15
C LEU K 2433 -53.86 -22.50 56.38
N GLY K 2434 -55.15 -22.35 56.66
CA GLY K 2434 -56.10 -23.44 56.60
C GLY K 2434 -57.28 -22.99 55.77
N ARG K 2435 -57.48 -21.68 55.76
CA ARG K 2435 -58.51 -21.05 54.95
C ARG K 2435 -57.96 -20.42 53.69
N CYS K 2436 -56.64 -20.20 53.64
CA CYS K 2436 -55.94 -19.87 52.41
C CYS K 2436 -55.69 -21.10 51.54
N ALA K 2437 -56.34 -22.21 51.88
CA ALA K 2437 -56.33 -23.46 51.12
C ALA K 2437 -56.71 -23.16 49.67
N PRO K 2438 -56.35 -24.03 48.71
CA PRO K 2438 -56.62 -23.71 47.30
C PRO K 2438 -58.09 -23.42 47.03
N GLU K 2439 -58.94 -24.40 47.31
CA GLU K 2439 -60.39 -24.24 47.17
C GLU K 2439 -61.10 -25.48 47.68
N MET K 2440 -62.43 -25.45 47.68
CA MET K 2440 -63.17 -26.68 47.90
C MET K 2440 -62.97 -27.62 46.70
N HIS K 2441 -63.44 -28.86 46.85
CA HIS K 2441 -63.23 -29.85 45.82
C HIS K 2441 -63.98 -29.56 44.52
N LEU K 2442 -64.68 -28.43 44.44
CA LEU K 2442 -65.27 -28.03 43.15
C LEU K 2442 -64.18 -27.79 42.12
N ILE K 2443 -63.05 -27.22 42.54
CA ILE K 2443 -61.92 -26.96 41.65
C ILE K 2443 -60.85 -28.03 41.78
N GLN K 2444 -60.62 -28.53 43.00
CA GLN K 2444 -59.52 -29.46 43.22
C GLN K 2444 -59.76 -30.82 42.58
N ALA K 2445 -60.99 -31.12 42.18
CA ALA K 2445 -61.32 -32.39 41.55
C ALA K 2445 -61.51 -32.29 40.05
N GLY K 2446 -61.34 -31.11 39.47
CA GLY K 2446 -61.54 -30.94 38.04
C GLY K 2446 -60.56 -29.99 37.38
N LYS K 2447 -59.38 -29.81 37.97
CA LYS K 2447 -58.41 -28.86 37.47
C LYS K 2447 -57.03 -29.33 37.95
N GLY K 2448 -55.99 -28.63 37.50
CA GLY K 2448 -54.64 -28.99 37.86
C GLY K 2448 -53.81 -27.81 38.32
N GLU K 2449 -54.41 -26.63 38.35
CA GLU K 2449 -53.72 -25.45 38.87
C GLU K 2449 -53.73 -25.42 40.39
N ALA K 2450 -54.90 -25.61 40.99
CA ALA K 2450 -55.02 -25.55 42.44
C ALA K 2450 -54.22 -26.63 43.15
N LEU K 2451 -53.97 -27.76 42.49
CA LEU K 2451 -53.19 -28.82 43.11
C LEU K 2451 -51.76 -28.38 43.41
N ARG K 2452 -51.23 -27.45 42.62
CA ARG K 2452 -49.90 -26.92 42.90
C ARG K 2452 -49.85 -26.23 44.26
N ILE K 2453 -50.86 -25.43 44.58
CA ILE K 2453 -50.88 -24.73 45.86
C ILE K 2453 -51.05 -25.73 47.01
N ARG K 2454 -51.90 -26.73 46.82
CA ARG K 2454 -52.14 -27.71 47.89
C ARG K 2454 -50.87 -28.45 48.25
N ALA K 2455 -50.04 -28.77 47.25
CA ALA K 2455 -48.79 -29.45 47.53
C ALA K 2455 -47.86 -28.58 48.37
N ILE K 2456 -47.83 -27.27 48.09
CA ILE K 2456 -46.94 -26.37 48.82
C ILE K 2456 -47.29 -26.33 50.30
N LEU K 2457 -48.55 -25.98 50.60
CA LEU K 2457 -48.94 -25.79 52.00
C LEU K 2457 -48.89 -27.11 52.77
N ARG K 2458 -49.20 -28.23 52.12
CA ARG K 2458 -49.10 -29.51 52.79
C ARG K 2458 -47.66 -29.88 53.11
N SER K 2459 -46.69 -29.35 52.37
CA SER K 2459 -45.30 -29.67 52.61
C SER K 2459 -44.69 -28.87 53.75
N LEU K 2460 -45.42 -27.90 54.32
CA LEU K 2460 -44.89 -27.08 55.39
C LEU K 2460 -45.38 -27.50 56.77
N VAL K 2461 -46.49 -28.22 56.86
CA VAL K 2461 -47.02 -28.71 58.12
C VAL K 2461 -47.11 -30.23 58.06
N PRO K 2462 -46.13 -30.94 58.62
CA PRO K 2462 -46.21 -32.40 58.67
C PRO K 2462 -47.43 -32.86 59.46
N LEU K 2463 -48.08 -33.91 58.96
CA LEU K 2463 -49.29 -34.41 59.62
C LEU K 2463 -48.96 -35.16 60.90
N ASP K 2464 -47.78 -35.78 60.98
CA ASP K 2464 -47.44 -36.58 62.15
C ASP K 2464 -47.40 -35.73 63.42
N ASP K 2465 -46.78 -34.55 63.34
CA ASP K 2465 -46.77 -33.65 64.49
C ASP K 2465 -48.13 -33.01 64.71
N LEU K 2466 -48.83 -32.69 63.61
CA LEU K 2466 -50.11 -31.99 63.73
C LEU K 2466 -51.15 -32.83 64.44
N VAL K 2467 -51.18 -34.14 64.16
CA VAL K 2467 -52.18 -35.01 64.79
C VAL K 2467 -51.94 -35.10 66.28
N GLY K 2468 -50.66 -35.08 66.69
CA GLY K 2468 -50.34 -35.18 68.11
C GLY K 2468 -50.60 -33.92 68.90
N ILE K 2469 -50.71 -32.77 68.24
CA ILE K 2469 -50.86 -31.51 68.95
C ILE K 2469 -52.22 -31.40 69.63
N ILE K 2470 -53.20 -32.18 69.21
CA ILE K 2470 -54.54 -32.13 69.83
C ILE K 2470 -54.52 -33.11 70.99
N SER K 2471 -54.01 -32.63 72.13
CA SER K 2471 -53.86 -33.42 73.33
C SER K 2471 -53.41 -32.50 74.46
N LEU K 2472 -53.33 -33.07 75.66
CA LEU K 2472 -52.83 -32.39 76.85
C LEU K 2472 -53.65 -31.14 77.19
N PRO K 2473 -54.88 -31.30 77.67
CA PRO K 2473 -55.59 -30.14 78.23
C PRO K 2473 -55.09 -29.81 79.63
N LEU K 2474 -55.11 -28.53 79.95
CA LEU K 2474 -54.47 -28.06 81.18
C LEU K 2474 -55.12 -28.66 82.43
N GLN K 2475 -56.37 -28.32 82.70
CA GLN K 2475 -57.07 -28.82 83.88
C GLN K 2475 -58.53 -28.38 83.79
N ILE K 2476 -59.30 -28.71 84.83
CA ILE K 2476 -60.69 -28.27 84.97
C ILE K 2476 -60.90 -27.74 86.37
N PRO K 2477 -61.69 -26.67 86.51
CA PRO K 2477 -61.96 -26.13 87.84
C PRO K 2477 -62.54 -27.19 88.77
N THR K 2478 -62.04 -27.21 90.01
CA THR K 2478 -62.43 -28.20 90.98
C THR K 2478 -62.15 -27.67 92.38
N LEU K 2479 -62.72 -28.35 93.38
CA LEU K 2479 -62.55 -27.99 94.79
C LEU K 2479 -62.99 -26.55 95.07
N GLN K 2487 -62.25 -23.28 92.05
CA GLN K 2487 -60.88 -22.92 91.76
C GLN K 2487 -60.56 -23.13 90.28
N PRO K 2488 -60.80 -22.10 89.47
CA PRO K 2488 -60.57 -22.18 88.03
C PRO K 2488 -59.13 -21.77 87.68
N LYS K 2489 -58.79 -21.91 86.40
CA LYS K 2489 -57.46 -21.54 85.92
C LYS K 2489 -57.42 -20.08 85.49
N MET K 2490 -56.37 -19.71 84.77
CA MET K 2490 -56.22 -18.33 84.32
C MET K 2490 -56.03 -18.27 82.81
N SER K 2491 -56.54 -17.20 82.20
CA SER K 2491 -56.39 -16.99 80.76
C SER K 2491 -55.07 -16.28 80.48
N ALA K 2492 -53.99 -16.81 81.03
CA ALA K 2492 -52.67 -16.22 80.87
C ALA K 2492 -51.70 -17.23 80.26
N SER K 2493 -52.07 -18.50 80.32
CA SER K 2493 -51.22 -19.56 79.80
C SER K 2493 -51.80 -20.12 78.49
N PHE K 2494 -51.10 -21.11 77.93
CA PHE K 2494 -51.53 -21.74 76.69
C PHE K 2494 -52.80 -22.56 76.93
N VAL K 2495 -53.95 -21.97 76.60
CA VAL K 2495 -55.23 -22.62 76.81
C VAL K 2495 -55.47 -23.73 75.80
N PRO K 2496 -56.74 -24.15 75.68
CA PRO K 2496 -57.11 -25.21 74.77
C PRO K 2496 -58.28 -24.80 73.90
N ASP K 2497 -58.88 -23.65 74.25
CA ASP K 2497 -60.00 -23.12 73.48
C ASP K 2497 -59.54 -22.70 72.09
N HIS K 2498 -58.32 -22.18 72.01
CA HIS K 2498 -57.77 -21.75 70.73
C HIS K 2498 -56.88 -22.83 70.14
N LYS K 2499 -57.38 -24.06 70.13
CA LYS K 2499 -56.66 -25.17 69.52
C LYS K 2499 -57.47 -25.70 68.34
N ALA K 2500 -58.61 -25.07 68.09
CA ALA K 2500 -59.48 -25.47 66.99
C ALA K 2500 -58.94 -24.92 65.66
N SER K 2501 -57.88 -24.14 65.75
CA SER K 2501 -57.23 -23.59 64.57
C SER K 2501 -56.42 -24.68 63.87
N MET K 2502 -56.22 -25.79 64.57
CA MET K 2502 -55.53 -26.94 63.99
C MET K 2502 -56.54 -27.97 63.50
N VAL K 2503 -57.80 -27.78 63.87
CA VAL K 2503 -58.87 -28.66 63.42
C VAL K 2503 -59.24 -28.34 61.98
N LEU K 2504 -59.40 -27.05 61.69
CA LEU K 2504 -59.72 -26.60 60.35
C LEU K 2504 -58.49 -26.69 59.44
N PHE K 2505 -57.33 -26.88 60.06
CA PHE K 2505 -56.08 -26.98 59.32
C PHE K 2505 -55.90 -28.37 58.72
N LEU K 2506 -56.67 -29.32 59.22
CA LEU K 2506 -56.58 -30.70 58.74
C LEU K 2506 -57.88 -31.11 58.07
N ASP K 2507 -58.93 -30.34 58.29
CA ASP K 2507 -60.23 -30.62 57.69
C ASP K 2507 -60.25 -30.23 56.23
N ARG K 2508 -59.42 -29.27 55.86
CA ARG K 2508 -59.38 -28.76 54.49
C ARG K 2508 -57.94 -28.63 53.99
N VAL K 2509 -57.18 -29.71 54.08
CA VAL K 2509 -55.80 -29.72 53.59
C VAL K 2509 -55.34 -31.15 53.34
N TYR K 2510 -55.47 -31.99 54.36
CA TYR K 2510 -55.12 -33.40 54.25
C TYR K 2510 -56.40 -34.25 54.25
N GLY K 2511 -57.33 -33.88 55.11
CA GLY K 2511 -58.67 -34.47 55.17
C GLY K 2511 -58.69 -35.95 55.57
N ILE K 2512 -59.84 -36.40 56.05
CA ILE K 2512 -60.03 -37.80 56.42
C ILE K 2512 -60.14 -38.65 55.15
N GLU K 2513 -59.76 -39.92 55.24
CA GLU K 2513 -59.77 -40.79 54.08
C GLU K 2513 -60.01 -42.25 54.44
N ASN K 2514 -58.96 -42.94 54.87
CA ASN K 2514 -59.03 -44.36 55.17
C ASN K 2514 -59.75 -44.65 56.47
N GLN K 2515 -59.02 -45.23 57.41
CA GLN K 2515 -59.60 -45.58 58.72
C GLN K 2515 -58.75 -45.01 59.85
N ASP K 2516 -58.03 -43.93 59.56
CA ASP K 2516 -57.21 -43.27 60.57
C ASP K 2516 -58.07 -42.42 61.50
N PHE K 2517 -59.36 -42.32 61.16
CA PHE K 2517 -60.31 -41.59 61.98
C PHE K 2517 -60.41 -42.21 63.37
N LEU K 2518 -60.20 -43.52 63.44
CA LEU K 2518 -60.23 -44.24 64.71
C LEU K 2518 -59.07 -43.77 65.59
N LEU K 2519 -57.88 -43.65 64.99
CA LEU K 2519 -56.72 -43.15 65.71
C LEU K 2519 -56.91 -41.67 66.01
N HIS K 2520 -57.66 -40.99 65.15
CA HIS K 2520 -57.99 -39.59 65.36
C HIS K 2520 -59.05 -39.47 66.45
N VAL K 2521 -59.90 -40.49 66.56
CA VAL K 2521 -60.91 -40.54 67.60
C VAL K 2521 -60.29 -41.07 68.89
N LEU K 2522 -59.05 -41.55 68.79
CA LEU K 2522 -58.33 -42.03 69.96
C LEU K 2522 -57.46 -40.91 70.54
N ASP K 2523 -57.87 -39.67 70.28
CA ASP K 2523 -57.17 -38.49 70.77
C ASP K 2523 -58.12 -37.32 70.89
N VAL K 2524 -59.12 -37.28 70.01
CA VAL K 2524 -60.13 -36.23 70.02
C VAL K 2524 -61.21 -36.54 71.05
N GLY K 2525 -61.49 -37.82 71.24
CA GLY K 2525 -62.50 -38.25 72.20
C GLY K 2525 -61.98 -38.14 73.63
N PHE K 2526 -60.67 -38.03 73.77
CA PHE K 2526 -60.05 -37.86 75.08
C PHE K 2526 -60.49 -36.52 75.68
N LEU K 2527 -60.63 -35.51 74.83
CA LEU K 2527 -61.13 -34.21 75.25
C LEU K 2527 -62.64 -34.26 75.40
N PRO K 2528 -63.27 -35.07 74.55
CA PRO K 2528 -64.72 -35.23 74.60
C PRO K 2528 -65.12 -36.07 75.81
N ASP K 2529 -64.14 -36.77 76.40
CA ASP K 2529 -64.37 -37.56 77.59
C ASP K 2529 -64.74 -36.65 78.76
N MET K 2530 -64.29 -35.41 78.69
CA MET K 2530 -64.64 -34.41 79.69
C MET K 2530 -65.86 -33.61 79.23
N ARG K 2531 -66.87 -34.33 78.75
CA ARG K 2531 -68.08 -33.69 78.25
C ARG K 2531 -68.87 -33.08 79.40
N ALA K 2532 -69.63 -33.90 80.10
CA ALA K 2532 -70.44 -33.44 81.22
C ALA K 2532 -69.67 -33.58 82.54
N ALA K 2533 -68.36 -33.35 82.47
CA ALA K 2533 -67.51 -33.44 83.65
C ALA K 2533 -67.62 -32.17 84.49
N ALA K 2534 -68.34 -31.19 83.96
CA ALA K 2534 -68.56 -29.94 84.68
C ALA K 2534 -70.00 -29.46 84.47
N SER K 2535 -70.69 -30.10 83.53
CA SER K 2535 -72.07 -29.73 83.23
C SER K 2535 -73.03 -30.25 84.29
N LEU K 2536 -72.95 -29.67 85.49
CA LEU K 2536 -73.81 -30.08 86.60
C LEU K 2536 -73.83 -29.00 87.69
N ASP K 2537 -72.70 -28.83 88.36
CA ASP K 2537 -72.58 -27.85 89.44
C ASP K 2537 -72.75 -26.44 88.91
N THR K 2538 -71.73 -25.93 88.24
CA THR K 2538 -71.76 -24.57 87.72
C THR K 2538 -71.04 -24.46 86.38
N ALA K 2539 -69.82 -24.99 86.32
CA ALA K 2539 -68.97 -24.92 85.12
C ALA K 2539 -68.71 -23.48 84.71
N THR K 2540 -67.58 -22.94 85.18
CA THR K 2540 -67.21 -21.55 84.89
C THR K 2540 -66.88 -21.37 83.42
N PHE K 2541 -65.62 -21.59 83.06
CA PHE K 2541 -65.16 -21.42 81.69
C PHE K 2541 -65.81 -22.45 80.77
N SER K 2542 -66.87 -22.03 80.08
CA SER K 2542 -67.58 -22.91 79.15
C SER K 2542 -67.01 -22.80 77.75
N THR K 2543 -65.68 -22.77 77.66
CA THR K 2543 -65.01 -22.67 76.37
C THR K 2543 -64.98 -24.02 75.66
N THR K 2544 -65.33 -25.07 76.39
CA THR K 2544 -65.38 -26.41 75.81
C THR K 2544 -66.56 -26.52 74.87
N GLU K 2545 -67.60 -25.74 75.12
CA GLU K 2545 -68.77 -25.70 74.26
C GLU K 2545 -68.41 -25.03 72.94
N MET K 2546 -67.40 -24.15 72.98
CA MET K 2546 -66.94 -23.47 71.79
C MET K 2546 -66.14 -24.41 70.91
N ALA K 2547 -65.62 -25.48 71.51
CA ALA K 2547 -64.88 -26.48 70.77
C ALA K 2547 -65.84 -27.47 70.13
N LEU K 2548 -67.12 -27.35 70.46
CA LEU K 2548 -68.16 -28.18 69.87
C LEU K 2548 -68.84 -27.44 68.73
N ALA K 2549 -68.06 -26.64 68.01
CA ALA K 2549 -68.55 -25.90 66.86
C ALA K 2549 -67.60 -26.09 65.68
N LEU K 2550 -66.61 -26.94 65.88
CA LEU K 2550 -65.61 -27.22 64.84
C LEU K 2550 -64.97 -28.58 65.04
N ASN K 2551 -65.63 -29.44 65.82
CA ASN K 2551 -65.13 -30.79 66.07
C ASN K 2551 -66.24 -31.81 65.89
N ARG K 2552 -67.36 -31.59 66.57
CA ARG K 2552 -68.52 -32.47 66.44
C ARG K 2552 -69.17 -32.28 65.07
N TYR K 2553 -68.99 -31.09 64.51
CA TYR K 2553 -69.51 -30.81 63.18
C TYR K 2553 -68.69 -31.53 62.12
N LEU K 2554 -67.40 -31.71 62.40
CA LEU K 2554 -66.51 -32.42 61.49
C LEU K 2554 -66.75 -33.92 61.57
N CYS K 2555 -67.14 -34.39 62.75
CA CYS K 2555 -67.43 -35.81 62.94
C CYS K 2555 -68.80 -36.15 62.35
N LEU K 2556 -69.70 -35.19 62.37
CA LEU K 2556 -71.03 -35.36 61.78
C LEU K 2556 -70.99 -35.08 60.29
N ALA K 2557 -69.99 -35.65 59.62
CA ALA K 2557 -69.81 -35.46 58.18
C ALA K 2557 -69.06 -36.66 57.60
N VAL K 2558 -69.09 -37.77 58.32
CA VAL K 2558 -68.44 -38.99 57.88
C VAL K 2558 -69.28 -40.22 58.22
N LEU K 2559 -69.97 -40.75 57.22
CA LEU K 2559 -70.79 -41.93 57.41
C LEU K 2559 -69.95 -43.20 57.31
N PRO K 2560 -68.65 -43.02 57.09
CA PRO K 2560 -67.72 -44.13 57.00
C PRO K 2560 -67.58 -44.81 58.36
N LEU K 2561 -68.18 -45.99 58.49
CA LEU K 2561 -68.11 -46.75 59.74
C LEU K 2561 -68.03 -48.25 59.45
N ILE K 2562 -67.22 -48.96 60.24
CA ILE K 2562 -67.04 -50.39 60.05
C ILE K 2562 -67.33 -51.16 61.34
N THR K 2563 -66.41 -52.04 61.71
CA THR K 2563 -66.58 -52.85 62.91
C THR K 2563 -65.23 -53.18 63.55
N LYS K 2564 -65.12 -54.41 64.05
CA LYS K 2564 -63.90 -54.90 64.69
C LYS K 2564 -63.46 -54.04 65.87
N CYS K 2565 -64.42 -53.36 66.49
CA CYS K 2565 -64.15 -52.50 67.64
C CYS K 2565 -65.44 -52.17 68.38
N ALA K 2566 -65.30 -51.67 69.60
CA ALA K 2566 -66.45 -51.29 70.41
C ALA K 2566 -66.19 -49.98 71.14
N PRO K 2567 -65.17 -49.24 70.70
CA PRO K 2567 -64.84 -47.96 71.30
C PRO K 2567 -65.89 -46.93 70.95
N LEU K 2568 -66.64 -47.18 69.87
CA LEU K 2568 -67.71 -46.29 69.44
C LEU K 2568 -68.84 -46.29 70.48
N PHE K 2569 -69.01 -47.40 71.18
CA PHE K 2569 -70.03 -47.52 72.20
C PHE K 2569 -69.78 -46.52 73.32
N ALA K 2570 -68.51 -46.29 73.64
CA ALA K 2570 -68.13 -45.32 74.64
C ALA K 2570 -68.37 -43.92 74.10
N GLY K 2571 -68.24 -43.77 72.79
CA GLY K 2571 -68.44 -42.48 72.13
C GLY K 2571 -69.91 -42.24 71.84
N THR K 2572 -70.68 -43.32 71.70
CA THR K 2572 -72.11 -43.20 71.42
C THR K 2572 -72.84 -42.61 72.62
N GLU K 2573 -72.54 -43.12 73.81
CA GLU K 2573 -73.16 -42.63 75.03
C GLU K 2573 -72.61 -41.25 75.39
N HIS K 2574 -71.37 -40.99 74.98
CA HIS K 2574 -70.73 -39.70 75.26
C HIS K 2574 -71.49 -38.56 74.60
N ARG K 2575 -71.97 -38.80 73.39
CA ARG K 2575 -72.79 -37.81 72.70
C ARG K 2575 -74.13 -37.66 73.40
N ALA K 2576 -74.64 -38.78 73.91
CA ALA K 2576 -75.89 -38.77 74.67
C ALA K 2576 -75.67 -38.12 76.02
N ILE K 2577 -74.45 -38.24 76.54
CA ILE K 2577 -74.09 -37.63 77.82
C ILE K 2577 -73.97 -36.12 77.66
N MET K 2578 -73.59 -35.69 76.46
CA MET K 2578 -73.47 -34.27 76.16
C MET K 2578 -74.86 -33.67 75.93
N VAL K 2579 -75.79 -34.52 75.51
CA VAL K 2579 -77.16 -34.08 75.26
C VAL K 2579 -78.03 -34.31 76.49
N ASP K 2580 -77.40 -34.64 77.60
CA ASP K 2580 -78.12 -34.87 78.85
C ASP K 2580 -78.74 -33.57 79.35
N SER K 2581 -77.99 -32.49 79.24
CA SER K 2581 -78.47 -31.17 79.65
C SER K 2581 -79.55 -30.69 78.68
N MET K 2582 -80.75 -30.47 79.22
CA MET K 2582 -81.87 -30.01 78.40
C MET K 2582 -81.86 -28.49 78.27
N LEU K 2583 -81.08 -27.84 79.13
CA LEU K 2583 -80.99 -26.38 79.11
C LEU K 2583 -79.72 -25.89 79.82
N HIS K 2584 -79.07 -26.80 80.54
CA HIS K 2584 -77.88 -26.46 81.30
C HIS K 2584 -76.72 -26.12 80.37
N THR K 2585 -76.62 -24.84 79.98
CA THR K 2585 -75.56 -24.35 79.12
C THR K 2585 -75.49 -25.13 77.80
N VAL K 2586 -76.41 -24.83 76.89
CA VAL K 2586 -76.47 -25.54 75.62
C VAL K 2586 -76.69 -24.60 74.45
N TYR K 2587 -77.45 -23.53 74.69
CA TYR K 2587 -77.84 -22.57 73.66
C TYR K 2587 -78.75 -23.22 72.61
N ARG K 2588 -79.91 -22.62 72.38
CA ARG K 2588 -80.92 -23.18 71.49
C ARG K 2588 -80.41 -23.40 70.07
N LEU K 2589 -79.33 -22.71 69.70
CA LEU K 2589 -78.75 -22.86 68.38
C LEU K 2589 -77.59 -23.84 68.40
N SER K 2590 -76.82 -23.82 69.47
CA SER K 2590 -75.65 -24.69 69.60
C SER K 2590 -76.07 -26.10 70.00
N ARG K 2591 -77.30 -26.26 70.47
CA ARG K 2591 -77.80 -27.57 70.87
C ARG K 2591 -78.15 -28.41 69.64
N GLY K 2592 -78.46 -27.74 68.54
CA GLY K 2592 -78.84 -28.43 67.31
C GLY K 2592 -77.65 -29.13 66.67
N ARG K 2593 -76.44 -28.64 66.96
CA ARG K 2593 -75.23 -29.23 66.42
C ARG K 2593 -74.98 -30.60 67.04
N SER K 2594 -75.19 -30.70 68.34
CA SER K 2594 -75.01 -31.96 69.05
C SER K 2594 -76.18 -32.90 68.80
N LEU K 2595 -77.35 -32.31 68.53
CA LEU K 2595 -78.56 -33.08 68.27
C LEU K 2595 -78.50 -33.73 66.89
N THR K 2596 -77.93 -33.01 65.93
CA THR K 2596 -77.80 -33.52 64.56
C THR K 2596 -76.53 -34.35 64.42
N LYS K 2597 -75.74 -34.39 65.49
CA LYS K 2597 -74.49 -35.14 65.47
C LYS K 2597 -74.75 -36.63 65.68
N ALA K 2598 -75.84 -36.94 66.38
CA ALA K 2598 -76.18 -38.34 66.67
C ALA K 2598 -77.36 -38.81 65.84
N GLN K 2599 -78.22 -37.86 65.45
CA GLN K 2599 -79.41 -38.19 64.67
C GLN K 2599 -79.05 -38.76 63.31
N ARG K 2600 -77.84 -38.45 62.84
CA ARG K 2600 -77.36 -38.96 61.56
C ARG K 2600 -76.22 -39.95 61.77
N ASP K 2601 -75.84 -40.15 63.03
CA ASP K 2601 -74.78 -41.10 63.37
C ASP K 2601 -75.33 -42.50 63.50
N VAL K 2602 -76.65 -42.63 63.43
CA VAL K 2602 -77.31 -43.92 63.56
C VAL K 2602 -77.28 -44.69 62.24
N ILE K 2603 -77.40 -43.97 61.14
CA ILE K 2603 -77.41 -44.59 59.82
C ILE K 2603 -76.00 -44.87 59.31
N GLU K 2604 -75.22 -45.60 60.10
CA GLU K 2604 -73.85 -45.95 59.73
C GLU K 2604 -73.33 -47.10 60.58
N ASP K 2605 -73.97 -47.32 61.73
CA ASP K 2605 -73.57 -48.39 62.63
C ASP K 2605 -73.92 -49.75 62.03
N CYS K 2606 -73.35 -50.81 62.59
CA CYS K 2606 -73.56 -52.16 62.09
C CYS K 2606 -74.74 -52.84 62.76
N LEU K 2607 -75.78 -52.06 63.05
CA LEU K 2607 -76.99 -52.56 63.71
C LEU K 2607 -76.67 -53.27 65.02
N MET K 2608 -75.61 -52.82 65.69
CA MET K 2608 -75.18 -53.43 66.95
C MET K 2608 -75.27 -52.42 68.09
N ALA K 2609 -76.12 -51.41 67.93
CA ALA K 2609 -76.35 -50.43 68.97
C ALA K 2609 -77.02 -51.09 70.16
N LEU K 2610 -76.22 -51.66 71.04
CA LEU K 2610 -76.73 -52.44 72.17
C LEU K 2610 -77.12 -51.56 73.36
N CYS K 2611 -76.12 -51.19 74.16
CA CYS K 2611 -76.35 -50.46 75.40
C CYS K 2611 -76.99 -49.09 75.16
N ARG K 2612 -76.84 -48.56 73.96
CA ARG K 2612 -77.41 -47.25 73.62
C ARG K 2612 -78.92 -47.29 73.73
N TYR K 2613 -79.52 -48.42 73.38
CA TYR K 2613 -80.96 -48.60 73.51
C TYR K 2613 -81.33 -48.79 74.97
N ILE K 2614 -80.48 -49.52 75.70
CA ILE K 2614 -80.69 -49.76 77.11
C ILE K 2614 -80.43 -48.49 77.91
N ARG K 2615 -79.62 -47.60 77.36
CA ARG K 2615 -79.35 -46.31 77.99
C ARG K 2615 -80.63 -45.50 78.04
N PRO K 2616 -81.39 -45.56 76.94
CA PRO K 2616 -82.70 -44.92 76.88
C PRO K 2616 -83.70 -45.77 77.66
N SER K 2617 -83.95 -46.98 77.15
CA SER K 2617 -84.85 -47.93 77.79
C SER K 2617 -86.21 -47.34 78.12
N MET K 2618 -86.41 -47.01 79.39
CA MET K 2618 -87.65 -46.39 79.83
C MET K 2618 -87.39 -44.97 80.32
N LEU K 2619 -86.11 -44.61 80.44
CA LEU K 2619 -85.74 -43.25 80.80
C LEU K 2619 -86.17 -42.31 79.69
N GLN K 2620 -86.12 -42.80 78.45
CA GLN K 2620 -86.63 -42.05 77.31
C GLN K 2620 -88.14 -42.00 77.40
N HIS K 2621 -88.75 -43.11 77.84
CA HIS K 2621 -90.18 -43.16 78.05
C HIS K 2621 -90.56 -42.29 79.24
N LEU K 2622 -89.66 -42.21 80.22
CA LEU K 2622 -89.86 -41.35 81.37
C LEU K 2622 -89.79 -39.90 80.92
N LEU K 2623 -90.37 -39.00 81.73
CA LEU K 2623 -90.46 -37.59 81.39
C LEU K 2623 -91.14 -37.41 80.03
N ARG K 2624 -92.23 -38.15 79.82
CA ARG K 2624 -92.97 -38.10 78.55
C ARG K 2624 -93.89 -36.88 78.51
N ARG K 2625 -93.36 -35.73 78.92
CA ARG K 2625 -94.11 -34.48 78.91
C ARG K 2625 -93.13 -33.31 78.95
N LEU K 2626 -91.88 -33.59 78.61
CA LEU K 2626 -90.82 -32.59 78.63
C LEU K 2626 -90.37 -32.24 77.22
N VAL K 2627 -89.51 -31.22 77.13
CA VAL K 2627 -88.98 -30.79 75.85
C VAL K 2627 -87.84 -31.71 75.40
N PHE K 2628 -87.34 -32.52 76.33
CA PHE K 2628 -86.25 -33.44 76.04
C PHE K 2628 -86.78 -34.72 75.39
N ASP K 2629 -88.09 -34.76 75.15
CA ASP K 2629 -88.72 -35.93 74.56
C ASP K 2629 -88.34 -36.09 73.09
N VAL K 2630 -88.39 -35.00 72.34
CA VAL K 2630 -88.12 -35.02 70.91
C VAL K 2630 -86.64 -35.26 70.60
N PRO K 2631 -85.83 -35.38 71.64
CA PRO K 2631 -84.40 -35.61 71.47
C PRO K 2631 -84.13 -37.03 70.96
N ILE K 2632 -84.89 -37.98 71.46
CA ILE K 2632 -84.69 -39.38 71.09
C ILE K 2632 -85.95 -40.00 70.50
N LEU K 2633 -87.04 -39.24 70.51
CA LEU K 2633 -88.31 -39.73 69.98
C LEU K 2633 -88.20 -39.96 68.47
N ASN K 2634 -87.75 -38.93 67.75
CA ASN K 2634 -87.59 -39.04 66.30
C ASN K 2634 -86.39 -39.93 65.97
N GLU K 2635 -85.45 -40.03 66.91
CA GLU K 2635 -84.27 -40.85 66.73
C GLU K 2635 -84.61 -42.33 66.83
N PHE K 2636 -85.60 -42.65 67.67
CA PHE K 2636 -86.03 -44.03 67.85
C PHE K 2636 -86.83 -44.50 66.64
N ALA K 2637 -87.55 -43.58 66.01
CA ALA K 2637 -88.36 -43.90 64.84
C ALA K 2637 -87.47 -44.19 63.64
N LYS K 2638 -86.25 -43.68 63.67
CA LYS K 2638 -85.30 -43.89 62.58
C LYS K 2638 -84.73 -45.31 62.60
N MET K 2639 -84.75 -45.92 63.79
CA MET K 2639 -84.26 -47.29 63.95
C MET K 2639 -85.28 -48.30 63.46
N PRO K 2640 -86.55 -48.05 63.78
CA PRO K 2640 -87.63 -48.95 63.40
C PRO K 2640 -87.97 -48.82 61.93
N LEU K 2641 -87.67 -47.67 61.34
CA LEU K 2641 -87.95 -47.43 59.93
C LEU K 2641 -86.80 -47.93 59.06
N LYS K 2642 -85.82 -48.56 59.68
CA LYS K 2642 -84.68 -49.10 58.97
C LYS K 2642 -84.40 -50.53 59.43
N LEU K 2643 -85.43 -51.18 59.95
CA LEU K 2643 -85.30 -52.55 60.46
C LEU K 2643 -86.67 -53.24 60.53
N LEU K 2644 -87.56 -52.88 59.62
CA LEU K 2644 -88.90 -53.46 59.59
C LEU K 2644 -88.91 -54.79 58.84
N THR K 2645 -87.79 -55.50 58.91
CA THR K 2645 -87.66 -56.79 58.24
C THR K 2645 -86.44 -57.53 58.79
N ASN K 2646 -85.77 -56.93 59.76
CA ASN K 2646 -84.59 -57.54 60.36
C ASN K 2646 -84.37 -57.02 61.78
N HIS K 2647 -83.13 -57.06 62.24
CA HIS K 2647 -82.74 -56.62 63.57
C HIS K 2647 -83.54 -57.35 64.65
N TYR K 2648 -83.95 -58.57 64.34
CA TYR K 2648 -84.70 -59.39 65.28
C TYR K 2648 -83.85 -60.58 65.72
N GLU K 2649 -82.54 -60.45 65.54
CA GLU K 2649 -81.61 -61.51 65.92
C GLU K 2649 -80.99 -61.22 67.28
N ARG K 2650 -81.84 -61.05 68.30
CA ARG K 2650 -81.38 -60.79 69.65
C ARG K 2650 -82.23 -61.56 70.66
N CYS K 2651 -82.35 -61.02 71.87
CA CYS K 2651 -83.14 -61.65 72.92
C CYS K 2651 -83.64 -60.62 73.92
N TRP K 2652 -82.72 -60.12 74.74
CA TRP K 2652 -83.07 -59.11 75.74
C TRP K 2652 -83.52 -57.82 75.07
N LYS K 2653 -82.92 -57.51 73.92
CA LYS K 2653 -83.30 -56.33 73.16
C LYS K 2653 -84.70 -56.48 72.62
N TYR K 2654 -85.04 -57.69 72.19
CA TYR K 2654 -86.38 -58.00 71.72
C TYR K 2654 -87.37 -57.87 72.87
N TYR K 2655 -86.91 -58.21 74.06
CA TYR K 2655 -87.72 -58.07 75.27
C TYR K 2655 -87.76 -56.61 75.70
N CYS K 2656 -86.68 -55.89 75.42
CA CYS K 2656 -86.58 -54.47 75.77
C CYS K 2656 -87.50 -53.63 74.90
N LEU K 2657 -87.70 -54.08 73.66
CA LEU K 2657 -88.56 -53.38 72.72
C LEU K 2657 -90.00 -53.41 73.22
N PRO K 2658 -90.47 -54.59 73.62
CA PRO K 2658 -91.80 -54.75 74.15
C PRO K 2658 -91.92 -54.08 75.52
N THR K 2659 -90.82 -54.08 76.27
CA THR K 2659 -90.78 -53.44 77.57
C THR K 2659 -90.97 -51.94 77.41
N GLY K 2660 -90.45 -51.41 76.30
CA GLY K 2660 -90.61 -50.00 76.00
C GLY K 2660 -91.96 -49.74 75.35
N TRP K 2661 -92.40 -50.67 74.51
CA TRP K 2661 -93.67 -50.54 73.79
C TRP K 2661 -94.85 -50.50 74.75
N ALA K 2662 -94.83 -51.39 75.74
CA ALA K 2662 -95.91 -51.45 76.73
C ALA K 2662 -95.88 -50.22 77.63
N ASN K 2663 -94.69 -49.76 77.95
CA ASN K 2663 -94.54 -48.58 78.81
C ASN K 2663 -94.74 -47.30 78.01
N PHE K 2664 -94.71 -47.41 76.68
CA PHE K 2664 -94.88 -46.25 75.82
C PHE K 2664 -96.31 -45.72 75.85
N GLY K 2665 -97.22 -46.54 76.36
CA GLY K 2665 -98.62 -46.14 76.47
C GLY K 2665 -98.75 -44.92 77.39
N VAL K 2666 -98.58 -45.14 78.68
CA VAL K 2666 -98.60 -44.07 79.67
C VAL K 2666 -99.86 -43.23 79.58
N THR K 2667 -99.68 -41.91 79.55
CA THR K 2667 -100.81 -40.98 79.47
C THR K 2667 -101.41 -40.98 78.07
N SER K 2668 -102.41 -41.83 77.86
CA SER K 2668 -103.11 -41.88 76.58
C SER K 2668 -104.29 -40.91 76.61
N GLU K 2669 -104.62 -40.41 77.79
CA GLU K 2669 -105.71 -39.47 77.96
C GLU K 2669 -105.38 -38.45 79.04
N GLU K 2670 -104.72 -37.36 78.66
CA GLU K 2670 -104.34 -36.33 79.59
C GLU K 2670 -104.22 -34.98 78.88
N GLU K 2671 -103.06 -34.74 78.27
CA GLU K 2671 -102.84 -33.51 77.53
C GLU K 2671 -103.69 -33.47 76.28
N LEU K 2672 -104.78 -32.71 76.32
CA LEU K 2672 -105.70 -32.62 75.19
C LEU K 2672 -105.22 -31.63 74.14
N HIS K 2673 -103.98 -31.18 74.28
CA HIS K 2673 -103.39 -30.25 73.33
C HIS K 2673 -103.26 -30.89 71.96
N LEU K 2674 -103.82 -30.24 70.94
CA LEU K 2674 -103.81 -30.77 69.58
C LEU K 2674 -102.40 -30.68 68.98
N THR K 2675 -101.62 -29.71 69.43
CA THR K 2675 -100.27 -29.53 68.93
C THR K 2675 -99.24 -30.14 69.86
N ARG K 2676 -99.70 -31.02 70.75
CA ARG K 2676 -98.81 -31.67 71.71
C ARG K 2676 -97.92 -32.71 71.02
N LYS K 2677 -97.04 -33.32 71.79
CA LYS K 2677 -96.13 -34.34 71.27
C LYS K 2677 -96.89 -35.60 70.89
N LEU K 2678 -98.10 -35.75 71.42
CA LEU K 2678 -98.94 -36.90 71.12
C LEU K 2678 -99.29 -36.94 69.64
N PHE K 2679 -99.65 -35.78 69.10
CA PHE K 2679 -99.99 -35.67 67.68
C PHE K 2679 -98.72 -35.57 66.84
N TRP K 2680 -97.60 -35.31 67.50
CA TRP K 2680 -96.31 -35.22 66.83
C TRP K 2680 -95.63 -36.58 66.79
N GLY K 2681 -95.48 -37.19 67.97
CA GLY K 2681 -94.85 -38.50 68.06
C GLY K 2681 -95.88 -39.62 67.98
N ILE K 2682 -96.91 -39.40 67.16
CA ILE K 2682 -97.94 -40.42 66.95
C ILE K 2682 -97.38 -41.54 66.08
N PHE K 2683 -96.44 -41.18 65.21
CA PHE K 2683 -95.80 -42.16 64.34
C PHE K 2683 -94.87 -43.06 65.14
N ASP K 2684 -94.44 -42.58 66.31
CA ASP K 2684 -93.56 -43.35 67.18
C ASP K 2684 -94.31 -44.53 67.79
N SER K 2685 -95.64 -44.43 67.82
CA SER K 2685 -96.46 -45.50 68.35
C SER K 2685 -96.55 -46.66 67.36
N LEU K 2686 -96.55 -46.31 66.07
CA LEU K 2686 -96.61 -47.33 65.02
C LEU K 2686 -95.28 -48.05 64.89
N ALA K 2687 -94.22 -47.44 65.40
CA ALA K 2687 -92.89 -48.02 65.37
C ALA K 2687 -92.79 -49.19 66.35
N HIS K 2688 -93.51 -50.26 66.06
CA HIS K 2688 -93.51 -51.44 66.92
C HIS K 2688 -93.88 -52.67 66.10
N LYS K 2689 -93.76 -52.56 64.78
CA LYS K 2689 -94.07 -53.67 63.89
C LYS K 2689 -92.86 -54.58 63.72
N LYS K 2690 -91.79 -54.28 64.45
CA LYS K 2690 -90.59 -55.11 64.42
C LYS K 2690 -90.87 -56.46 65.06
N TYR K 2691 -91.63 -56.45 66.15
CA TYR K 2691 -92.01 -57.68 66.84
C TYR K 2691 -93.01 -58.47 66.00
N ASP K 2692 -92.64 -59.69 65.64
CA ASP K 2692 -93.49 -60.53 64.82
C ASP K 2692 -94.65 -61.11 65.63
N GLN K 2693 -94.66 -62.42 65.77
CA GLN K 2693 -95.70 -63.10 66.56
C GLN K 2693 -95.25 -63.23 68.01
N GLU K 2694 -94.65 -62.16 68.53
CA GLU K 2694 -94.18 -62.15 69.90
C GLU K 2694 -95.28 -61.73 70.86
N LEU K 2695 -96.50 -62.18 70.56
CA LEU K 2695 -97.64 -61.93 71.43
C LEU K 2695 -97.50 -62.78 72.69
N TYR K 2696 -96.77 -63.88 72.57
CA TYR K 2696 -96.48 -64.74 73.69
C TYR K 2696 -94.98 -64.74 73.99
N ARG K 2697 -94.39 -63.55 74.00
CA ARG K 2697 -92.96 -63.41 74.21
C ARG K 2697 -92.61 -63.45 75.70
N MET K 2698 -93.51 -62.95 76.54
CA MET K 2698 -93.27 -62.91 77.98
C MET K 2698 -94.57 -63.07 78.76
N ALA K 2699 -94.47 -63.01 80.09
CA ALA K 2699 -95.63 -63.16 80.95
C ALA K 2699 -96.37 -61.85 81.12
N MET K 2700 -96.47 -61.38 82.36
CA MET K 2700 -97.18 -60.14 82.66
C MET K 2700 -96.73 -59.59 84.02
N PRO K 2701 -95.93 -58.53 83.99
CA PRO K 2701 -95.44 -57.90 85.22
C PRO K 2701 -95.33 -56.39 85.05
N CYS K 2702 -95.19 -55.69 86.18
CA CYS K 2702 -95.07 -54.24 86.17
C CYS K 2702 -94.18 -53.76 87.31
N LEU K 2703 -94.64 -52.72 88.01
CA LEU K 2703 -93.89 -52.16 89.14
C LEU K 2703 -94.47 -52.66 90.46
N LEU K 2751 -88.39 -67.10 107.70
CA LEU K 2751 -89.69 -67.06 108.35
C LEU K 2751 -89.56 -67.37 109.83
N ASP K 2752 -88.92 -68.50 110.14
CA ASP K 2752 -88.77 -68.97 111.51
C ASP K 2752 -87.28 -69.25 111.71
N SER K 2753 -86.94 -69.90 112.83
CA SER K 2753 -85.55 -70.24 113.13
C SER K 2753 -84.91 -71.06 112.00
N PHE K 2754 -85.70 -71.62 111.10
CA PHE K 2754 -85.17 -72.31 109.94
C PHE K 2754 -84.50 -71.34 108.96
N ILE K 2755 -84.84 -70.04 109.05
CA ILE K 2755 -84.24 -69.06 108.15
C ILE K 2755 -82.74 -68.92 108.41
N ASN K 2756 -82.30 -69.17 109.64
CA ASN K 2756 -80.87 -69.12 109.94
C ASN K 2756 -80.10 -70.20 109.19
N LYS K 2757 -80.77 -71.26 108.77
CA LYS K 2757 -80.16 -72.30 107.97
C LYS K 2757 -80.18 -71.99 106.47
N PHE K 2758 -80.90 -70.95 106.05
CA PHE K 2758 -80.81 -70.54 104.65
C PHE K 2758 -79.48 -69.86 104.36
N ALA K 2759 -78.97 -69.08 105.31
CA ALA K 2759 -77.64 -68.51 105.15
C ALA K 2759 -76.58 -69.60 105.08
N GLU K 2760 -76.85 -70.76 105.69
CA GLU K 2760 -75.99 -71.92 105.50
C GLU K 2760 -75.94 -72.32 104.03
N TYR K 2761 -77.11 -72.43 103.40
CA TYR K 2761 -77.16 -72.82 101.99
C TYR K 2761 -76.41 -71.82 101.12
N THR K 2762 -76.62 -70.53 101.36
CA THR K 2762 -75.88 -69.52 100.60
C THR K 2762 -74.38 -69.66 100.81
N HIS K 2763 -73.99 -70.09 102.02
CA HIS K 2763 -72.58 -70.40 102.29
C HIS K 2763 -72.18 -71.80 101.83
N GLU K 2764 -73.08 -72.78 101.91
CA GLU K 2764 -72.73 -74.13 101.51
C GLU K 2764 -72.33 -74.19 100.05
N LYS K 2765 -73.06 -73.49 99.18
CA LYS K 2765 -72.62 -73.34 97.80
C LYS K 2765 -71.40 -72.43 97.70
N TRP K 2766 -71.30 -71.42 98.57
CA TRP K 2766 -70.19 -70.49 98.52
C TRP K 2766 -68.92 -71.08 99.11
N ALA K 2767 -69.04 -71.97 100.10
CA ALA K 2767 -67.86 -72.64 100.65
C ALA K 2767 -67.36 -73.75 99.74
N PHE K 2768 -68.25 -74.47 99.07
CA PHE K 2768 -67.86 -75.65 98.31
C PHE K 2768 -66.92 -75.30 97.16
N ASP K 2769 -67.21 -74.23 96.43
CA ASP K 2769 -66.42 -73.91 95.24
C ASP K 2769 -65.04 -73.35 95.60
N LYS K 2770 -64.86 -72.85 96.83
CA LYS K 2770 -63.57 -72.29 97.21
C LYS K 2770 -62.49 -73.37 97.26
N ILE K 2771 -62.78 -74.49 97.93
CA ILE K 2771 -61.86 -75.62 97.91
C ILE K 2771 -61.71 -76.15 96.49
N GLN K 2772 -62.79 -76.12 95.73
CA GLN K 2772 -62.73 -76.49 94.31
C GLN K 2772 -61.82 -75.56 93.53
N ASN K 2773 -61.63 -74.33 94.00
CA ASN K 2773 -60.87 -73.31 93.29
C ASN K 2773 -59.71 -72.79 94.12
N ASN K 2774 -59.05 -73.68 94.87
CA ASN K 2774 -57.81 -73.46 95.60
C ASN K 2774 -57.95 -72.55 96.82
N TRP K 2775 -59.15 -72.05 97.11
CA TRP K 2775 -59.37 -71.20 98.29
C TRP K 2775 -59.66 -72.12 99.47
N SER K 2776 -58.62 -72.47 100.23
CA SER K 2776 -58.79 -73.53 101.25
C SER K 2776 -59.16 -72.95 102.62
N TYR K 2777 -58.23 -72.24 103.25
CA TYR K 2777 -58.46 -71.66 104.58
C TYR K 2777 -57.20 -70.94 105.04
N GLY K 2778 -57.37 -70.05 106.02
CA GLY K 2778 -56.29 -69.67 106.91
C GLY K 2778 -56.15 -68.22 107.33
N GLU K 2779 -56.36 -67.24 106.44
CA GLU K 2779 -56.51 -65.90 106.96
C GLU K 2779 -57.68 -65.13 106.35
N ASN K 2780 -57.80 -65.15 105.02
CA ASN K 2780 -58.82 -64.39 104.31
C ASN K 2780 -58.77 -64.67 102.81
N VAL K 2781 -59.59 -63.97 102.03
CA VAL K 2781 -59.42 -63.95 100.58
C VAL K 2781 -58.24 -63.05 100.25
N ASP K 2782 -57.27 -63.60 99.51
CA ASP K 2782 -56.07 -62.85 99.17
C ASP K 2782 -55.42 -63.50 97.95
N GLU K 2783 -54.57 -62.73 97.27
CA GLU K 2783 -53.86 -63.24 96.11
C GLU K 2783 -52.64 -64.06 96.51
N GLU K 2784 -51.84 -63.56 97.46
CA GLU K 2784 -50.68 -64.29 97.92
C GLU K 2784 -51.05 -65.47 98.82
N LEU K 2785 -52.19 -65.42 99.49
CA LEU K 2785 -52.63 -66.47 100.39
C LEU K 2785 -53.56 -67.47 99.70
N LYS K 2786 -54.54 -66.98 98.94
CA LYS K 2786 -55.53 -67.82 98.25
C LYS K 2786 -56.20 -68.78 99.23
N THR K 2787 -56.86 -68.19 100.23
CA THR K 2787 -57.47 -68.93 101.32
C THR K 2787 -58.95 -68.56 101.44
N HIS K 2788 -59.67 -69.36 102.22
CA HIS K 2788 -61.08 -69.13 102.49
C HIS K 2788 -61.22 -68.54 103.89
N PRO K 2789 -61.66 -67.28 104.03
CA PRO K 2789 -61.70 -66.64 105.35
C PRO K 2789 -62.64 -67.33 106.33
N MET K 2790 -63.91 -67.45 105.96
CA MET K 2790 -64.94 -67.94 106.86
C MET K 2790 -65.20 -69.41 106.55
N LEU K 2791 -64.29 -70.25 107.03
CA LEU K 2791 -64.44 -71.71 106.93
C LEU K 2791 -65.11 -72.20 108.21
N ARG K 2792 -66.43 -71.95 108.30
CA ARG K 2792 -67.17 -72.27 109.49
C ARG K 2792 -68.66 -72.28 109.17
N PRO K 2793 -69.43 -73.22 109.72
CA PRO K 2793 -70.87 -73.25 109.43
C PRO K 2793 -71.60 -72.06 110.07
N TYR K 2794 -72.71 -71.68 109.43
CA TYR K 2794 -73.53 -70.58 109.94
C TYR K 2794 -74.50 -71.02 111.03
N LYS K 2795 -74.64 -72.32 111.27
CA LYS K 2795 -75.58 -72.79 112.29
C LYS K 2795 -75.23 -72.22 113.66
N THR K 2796 -73.95 -72.22 114.01
CA THR K 2796 -73.43 -71.57 115.21
C THR K 2796 -72.40 -70.55 114.74
N PHE K 2797 -72.88 -69.35 114.41
CA PHE K 2797 -72.06 -68.34 113.76
C PHE K 2797 -71.95 -67.10 114.63
N SER K 2798 -70.94 -66.27 114.32
CA SER K 2798 -70.74 -64.99 114.99
C SER K 2798 -71.68 -63.95 114.35
N GLU K 2799 -71.44 -62.68 114.66
CA GLU K 2799 -72.29 -61.60 114.18
C GLU K 2799 -71.75 -60.90 112.95
N LYS K 2800 -70.67 -61.41 112.33
CA LYS K 2800 -70.09 -60.72 111.19
C LYS K 2800 -70.95 -60.89 109.93
N ASP K 2801 -71.68 -61.99 109.81
CA ASP K 2801 -72.57 -62.19 108.67
C ASP K 2801 -73.98 -61.69 108.94
N LYS K 2802 -74.27 -61.22 110.16
CA LYS K 2802 -75.56 -60.60 110.43
C LYS K 2802 -75.74 -59.28 109.68
N GLU K 2803 -74.65 -58.72 109.12
CA GLU K 2803 -74.74 -57.54 108.28
C GLU K 2803 -75.16 -57.86 106.85
N ILE K 2804 -75.18 -59.15 106.48
CA ILE K 2804 -75.58 -59.57 105.14
C ILE K 2804 -76.83 -60.42 105.24
N TYR K 2805 -76.74 -61.51 106.00
CA TYR K 2805 -77.86 -62.42 106.20
C TYR K 2805 -78.73 -61.90 107.34
N ARG K 2806 -79.64 -62.74 107.84
CA ARG K 2806 -80.59 -62.39 108.89
C ARG K 2806 -81.62 -61.40 108.37
N TRP K 2807 -81.79 -60.27 109.07
CA TRP K 2807 -82.89 -59.35 108.74
C TRP K 2807 -82.93 -58.96 107.26
N PRO K 2808 -81.81 -58.65 106.58
CA PRO K 2808 -81.90 -58.48 105.12
C PRO K 2808 -82.42 -59.73 104.40
N ILE K 2809 -82.04 -60.93 104.84
CA ILE K 2809 -82.60 -62.12 104.24
C ILE K 2809 -83.94 -62.49 104.89
N LYS K 2810 -84.21 -61.99 106.10
CA LYS K 2810 -85.55 -62.15 106.67
C LYS K 2810 -86.58 -61.36 105.87
N GLU K 2811 -86.31 -60.08 105.62
CA GLU K 2811 -87.24 -59.27 104.83
C GLU K 2811 -87.35 -59.79 103.41
N SER K 2812 -86.34 -60.49 102.92
CA SER K 2812 -86.46 -61.21 101.66
C SER K 2812 -87.50 -62.31 101.77
N LEU K 2813 -87.57 -62.98 102.91
CA LEU K 2813 -88.56 -64.03 103.18
C LEU K 2813 -89.72 -63.54 104.02
N LYS K 2814 -89.74 -62.26 104.40
CA LYS K 2814 -90.85 -61.68 105.15
C LYS K 2814 -91.73 -60.77 104.32
N ALA K 2815 -91.20 -60.21 103.21
CA ALA K 2815 -92.04 -59.45 102.30
C ALA K 2815 -93.03 -60.34 101.57
N MET K 2816 -92.64 -61.59 101.31
CA MET K 2816 -93.52 -62.51 100.60
C MET K 2816 -94.77 -62.84 101.40
N ILE K 2817 -94.62 -63.00 102.72
CA ILE K 2817 -95.78 -63.31 103.56
C ILE K 2817 -96.69 -62.10 103.71
N ALA K 2818 -96.20 -60.90 103.40
CA ALA K 2818 -97.02 -59.70 103.49
C ALA K 2818 -98.07 -59.67 102.37
N TRP K 2819 -97.62 -59.67 101.12
CA TRP K 2819 -98.55 -59.66 99.99
C TRP K 2819 -98.97 -61.08 99.62
N TYR K 2855 -63.47 -78.24 106.32
CA TYR K 2855 -64.92 -78.08 106.28
C TYR K 2855 -65.42 -78.01 104.84
N ASN K 2856 -66.13 -79.05 104.42
CA ASN K 2856 -66.63 -79.17 103.05
C ASN K 2856 -68.13 -79.45 103.10
N PRO K 2857 -68.94 -78.42 103.30
CA PRO K 2857 -70.39 -78.63 103.28
C PRO K 2857 -70.89 -79.00 101.89
N GLN K 2858 -71.97 -79.77 101.86
CA GLN K 2858 -72.54 -80.26 100.61
C GLN K 2858 -73.91 -79.62 100.37
N PRO K 2859 -74.00 -78.63 99.48
CA PRO K 2859 -75.31 -78.06 99.16
C PRO K 2859 -76.09 -78.98 98.23
N PRO K 2860 -77.32 -79.32 98.59
CA PRO K 2860 -78.11 -80.21 97.73
C PRO K 2860 -78.61 -79.51 96.48
N ASP K 2861 -79.05 -80.31 95.51
CA ASP K 2861 -79.62 -79.78 94.29
C ASP K 2861 -81.00 -79.22 94.57
N LEU K 2862 -81.27 -78.01 94.07
CA LEU K 2862 -82.53 -77.33 94.31
C LEU K 2862 -83.49 -77.40 93.13
N SER K 2863 -83.01 -77.75 91.95
CA SER K 2863 -83.83 -77.74 90.74
C SER K 2863 -84.64 -79.02 90.55
N GLY K 2864 -84.89 -79.77 91.63
CA GLY K 2864 -85.68 -80.98 91.50
C GLY K 2864 -87.09 -80.73 90.97
N VAL K 2865 -87.69 -79.61 91.37
CA VAL K 2865 -89.01 -79.22 90.90
C VAL K 2865 -88.87 -77.88 90.21
N THR K 2866 -89.18 -77.85 88.91
CA THR K 2866 -89.14 -76.61 88.15
C THR K 2866 -90.28 -75.69 88.58
N LEU K 2867 -90.02 -74.38 88.56
CA LEU K 2867 -91.01 -73.39 88.96
C LEU K 2867 -92.00 -73.21 87.82
N SER K 2868 -93.23 -73.68 88.02
CA SER K 2868 -94.27 -73.52 87.02
C SER K 2868 -94.74 -72.05 86.99
N ARG K 2869 -95.63 -71.76 86.04
CA ARG K 2869 -96.09 -70.39 85.83
C ARG K 2869 -96.73 -69.81 87.09
N GLU K 2870 -97.27 -70.64 87.98
CA GLU K 2870 -97.74 -70.15 89.27
C GLU K 2870 -96.58 -69.57 90.08
N LEU K 2871 -95.40 -70.20 89.99
CA LEU K 2871 -94.23 -69.73 90.72
C LEU K 2871 -93.19 -69.06 89.83
N GLN K 2872 -93.20 -69.33 88.51
CA GLN K 2872 -92.23 -68.69 87.62
C GLN K 2872 -92.42 -67.20 87.56
N ALA K 2873 -93.68 -66.74 87.42
CA ALA K 2873 -93.95 -65.31 87.46
C ALA K 2873 -93.77 -64.74 88.86
N MET K 2874 -93.73 -65.59 89.88
CA MET K 2874 -93.45 -65.12 91.23
C MET K 2874 -91.95 -64.90 91.45
N ALA K 2875 -91.10 -65.69 90.79
CA ALA K 2875 -89.69 -65.36 90.72
C ALA K 2875 -89.46 -64.11 89.88
N GLU K 2876 -90.30 -63.91 88.85
CA GLU K 2876 -90.34 -62.63 88.15
C GLU K 2876 -90.58 -61.48 89.12
N GLN K 2877 -91.29 -61.75 90.21
CA GLN K 2877 -91.48 -60.78 91.28
C GLN K 2877 -90.37 -60.83 92.32
N LEU K 2878 -89.77 -62.01 92.55
CA LEU K 2878 -88.64 -62.11 93.46
C LEU K 2878 -87.42 -61.36 92.90
N ALA K 2879 -87.19 -61.46 91.60
CA ALA K 2879 -86.14 -60.67 90.97
C ALA K 2879 -86.48 -59.18 91.01
N GLU K 2880 -87.77 -58.86 90.99
CA GLU K 2880 -88.19 -57.47 91.13
C GLU K 2880 -87.82 -56.90 92.50
N ASN K 2881 -87.72 -57.76 93.51
CA ASN K 2881 -87.31 -57.31 94.84
C ASN K 2881 -85.88 -56.79 94.83
N TYR K 2882 -85.01 -57.41 94.03
CA TYR K 2882 -83.61 -56.98 93.98
C TYR K 2882 -83.49 -55.57 93.42
N HIS K 2883 -84.45 -55.15 92.60
CA HIS K 2883 -84.48 -53.78 92.09
C HIS K 2883 -85.48 -52.90 92.84
N ASN K 2884 -86.20 -53.46 93.82
CA ASN K 2884 -87.09 -52.69 94.68
C ASN K 2884 -86.48 -52.42 96.05
N THR K 2885 -86.10 -53.49 96.77
CA THR K 2885 -85.48 -53.30 98.08
C THR K 2885 -84.12 -52.66 97.95
N TRP K 2886 -83.26 -53.20 97.09
CA TRP K 2886 -81.97 -52.58 96.83
C TRP K 2886 -82.07 -51.43 95.85
N GLY K 2887 -83.03 -51.48 94.92
CA GLY K 2887 -83.18 -50.41 93.96
C GLY K 2887 -83.63 -49.10 94.58
N ARG K 2888 -84.52 -49.17 95.58
CA ARG K 2888 -84.86 -47.98 96.34
C ARG K 2888 -83.64 -47.44 97.08
N LYS K 2889 -82.83 -48.34 97.65
CA LYS K 2889 -81.56 -47.92 98.22
C LYS K 2889 -80.64 -47.37 97.13
N LYS K 2890 -80.70 -47.94 95.93
CA LYS K 2890 -79.90 -47.44 94.82
C LYS K 2890 -80.26 -45.99 94.49
N LYS K 2891 -81.55 -45.66 94.49
CA LYS K 2891 -81.95 -44.27 94.36
C LYS K 2891 -81.47 -43.45 95.55
N GLN K 2892 -81.45 -44.04 96.73
CA GLN K 2892 -80.94 -43.37 97.93
C GLN K 2892 -79.44 -43.54 98.13
N GLU K 2893 -78.78 -44.28 97.24
CA GLU K 2893 -77.32 -44.43 97.29
C GLU K 2893 -76.60 -43.30 96.57
N LEU K 2894 -77.04 -42.98 95.36
CA LEU K 2894 -76.43 -41.90 94.60
C LEU K 2894 -76.93 -40.52 95.01
N GLU K 2895 -78.05 -40.45 95.73
CA GLU K 2895 -78.59 -39.19 96.21
C GLU K 2895 -78.19 -38.90 97.65
N ALA K 2896 -77.37 -39.76 98.26
CA ALA K 2896 -76.84 -39.53 99.61
C ALA K 2896 -75.33 -39.44 99.62
N LYS K 2897 -74.70 -39.32 98.44
CA LYS K 2897 -73.26 -39.18 98.32
C LYS K 2897 -72.80 -37.80 97.91
N GLY K 2898 -73.65 -37.04 97.23
CA GLY K 2898 -73.27 -35.70 96.81
C GLY K 2898 -73.37 -35.49 95.31
N GLY K 2899 -74.19 -36.31 94.64
CA GLY K 2899 -74.43 -36.20 93.22
C GLY K 2899 -74.19 -37.52 92.52
N GLY K 2900 -74.14 -37.46 91.21
CA GLY K 2900 -73.92 -38.63 90.38
C GLY K 2900 -75.21 -39.21 89.84
N THR K 2901 -75.13 -39.78 88.64
CA THR K 2901 -76.28 -40.40 88.00
C THR K 2901 -75.83 -41.71 87.34
N HIS K 2902 -76.75 -42.67 87.30
CA HIS K 2902 -76.47 -43.97 86.71
C HIS K 2902 -77.63 -44.38 85.82
N PRO K 2903 -77.36 -45.01 84.66
CA PRO K 2903 -78.45 -45.42 83.76
C PRO K 2903 -79.29 -46.57 84.28
N LEU K 2904 -78.91 -47.21 85.38
CA LEU K 2904 -79.63 -48.37 85.88
C LEU K 2904 -81.03 -48.02 86.40
N LEU K 2905 -81.30 -46.74 86.66
CA LEU K 2905 -82.58 -46.35 87.25
C LEU K 2905 -83.71 -46.46 86.23
N VAL K 2906 -84.05 -47.69 85.85
CA VAL K 2906 -85.16 -47.96 84.94
C VAL K 2906 -85.96 -49.13 85.51
N PRO K 2907 -87.23 -49.25 85.13
CA PRO K 2907 -88.04 -50.38 85.63
C PRO K 2907 -87.43 -51.71 85.24
N TYR K 2908 -87.88 -52.76 85.96
CA TYR K 2908 -87.23 -54.06 85.86
C TYR K 2908 -87.42 -54.69 84.48
N ASP K 2909 -88.55 -54.41 83.81
CA ASP K 2909 -88.77 -54.97 82.48
C ASP K 2909 -87.73 -54.53 81.47
N THR K 2910 -87.03 -53.42 81.72
CA THR K 2910 -86.06 -52.88 80.79
C THR K 2910 -84.62 -53.15 81.21
N LEU K 2911 -84.40 -54.11 82.10
CA LEU K 2911 -83.06 -54.41 82.56
C LEU K 2911 -82.25 -55.10 81.46
N THR K 2912 -80.92 -55.04 81.61
CA THR K 2912 -80.03 -55.63 80.63
C THR K 2912 -80.04 -57.15 80.75
N ALA K 2913 -79.43 -57.80 79.75
CA ALA K 2913 -79.35 -59.26 79.74
C ALA K 2913 -78.52 -59.79 80.90
N LYS K 2914 -77.60 -58.99 81.44
CA LYS K 2914 -76.80 -59.44 82.56
C LYS K 2914 -77.61 -59.51 83.85
N GLU K 2915 -78.50 -58.54 84.07
CA GLU K 2915 -79.31 -58.51 85.28
C GLU K 2915 -80.62 -59.27 85.14
N LYS K 2916 -80.94 -59.79 83.94
CA LYS K 2916 -82.11 -60.62 83.73
C LYS K 2916 -81.77 -62.10 83.65
N ALA K 2917 -80.54 -62.48 83.98
CA ALA K 2917 -80.13 -63.88 83.92
C ALA K 2917 -79.52 -64.32 85.24
N ARG K 2918 -78.91 -63.38 85.97
CA ARG K 2918 -78.28 -63.67 87.25
C ARG K 2918 -79.17 -63.33 88.45
N ASP K 2919 -79.86 -62.18 88.41
CA ASP K 2919 -80.79 -61.86 89.48
C ASP K 2919 -81.99 -62.80 89.47
N ARG K 2920 -82.44 -63.22 88.29
CA ARG K 2920 -83.48 -64.24 88.23
C ARG K 2920 -82.98 -65.55 88.81
N GLU K 2921 -81.72 -65.92 88.53
CA GLU K 2921 -81.11 -67.06 89.20
C GLU K 2921 -81.03 -66.82 90.70
N LYS K 2922 -80.68 -65.60 91.11
CA LYS K 2922 -80.73 -65.24 92.53
C LYS K 2922 -82.15 -65.28 93.06
N ALA K 2923 -83.15 -65.26 92.19
CA ALA K 2923 -84.55 -65.29 92.59
C ALA K 2923 -85.21 -66.64 92.38
N GLN K 2924 -84.87 -67.34 91.28
CA GLN K 2924 -85.47 -68.64 91.03
C GLN K 2924 -85.05 -69.68 92.07
N GLU K 2925 -83.79 -69.63 92.50
CA GLU K 2925 -83.29 -70.64 93.43
C GLU K 2925 -83.86 -70.45 94.83
N LEU K 2926 -84.26 -69.22 95.19
CA LEU K 2926 -84.83 -69.00 96.50
C LEU K 2926 -86.14 -69.75 96.68
N LEU K 2927 -87.00 -69.71 95.66
CA LEU K 2927 -88.23 -70.52 95.69
C LEU K 2927 -87.89 -72.00 95.77
N LYS K 2928 -86.84 -72.43 95.08
CA LYS K 2928 -86.41 -73.82 95.17
C LYS K 2928 -85.98 -74.17 96.58
N PHE K 2929 -85.33 -73.23 97.28
CA PHE K 2929 -85.04 -73.43 98.69
C PHE K 2929 -86.31 -73.46 99.53
N LEU K 2930 -87.33 -72.68 99.14
CA LEU K 2930 -88.60 -72.73 99.86
C LEU K 2930 -89.22 -74.12 99.78
N GLN K 2931 -89.18 -74.73 98.59
CA GLN K 2931 -89.75 -76.06 98.42
C GLN K 2931 -89.00 -77.11 99.23
N MET K 2932 -87.78 -76.82 99.67
CA MET K 2932 -87.11 -77.68 100.62
C MET K 2932 -87.89 -77.70 101.93
N ASN K 2933 -88.03 -78.90 102.51
CA ASN K 2933 -88.73 -79.10 103.78
C ASN K 2933 -90.20 -78.67 103.70
N GLY K 2934 -90.78 -78.71 102.50
CA GLY K 2934 -92.20 -78.49 102.33
C GLY K 2934 -92.74 -77.13 102.72
N TYR K 2935 -92.09 -76.06 102.29
CA TYR K 2935 -92.58 -74.69 102.50
C TYR K 2935 -92.96 -74.12 101.14
N ALA K 2936 -94.18 -74.39 100.70
CA ALA K 2936 -94.69 -73.92 99.42
C ALA K 2936 -95.63 -72.74 99.65
N VAL K 2937 -95.36 -71.63 98.97
CA VAL K 2937 -96.15 -70.41 99.09
C VAL K 2937 -96.55 -69.98 97.69
N THR K 2938 -97.82 -70.14 97.34
CA THR K 2938 -98.36 -69.73 96.05
C THR K 2938 -99.58 -68.86 96.27
N ARG K 2939 -99.72 -67.82 95.44
CA ARG K 2939 -100.87 -66.92 95.55
C ARG K 2939 -101.88 -67.21 94.43
N LEU K 2946 -96.19 -72.10 78.55
CA LEU K 2946 -96.16 -71.09 77.50
C LEU K 2946 -97.53 -70.92 76.88
N ASP K 2947 -98.54 -70.73 77.71
CA ASP K 2947 -99.90 -70.54 77.24
C ASP K 2947 -100.01 -69.26 76.41
N THR K 2948 -100.51 -69.40 75.19
CA THR K 2948 -100.63 -68.27 74.27
C THR K 2948 -101.67 -67.28 74.76
N SER K 2949 -101.34 -66.51 75.78
CA SER K 2949 -102.22 -65.46 76.28
C SER K 2949 -102.31 -64.34 75.24
N SER K 2950 -101.25 -64.24 74.44
CA SER K 2950 -101.17 -63.31 73.30
C SER K 2950 -101.22 -61.84 73.73
N ILE K 2951 -100.07 -61.18 73.64
CA ILE K 2951 -99.99 -59.75 73.91
C ILE K 2951 -100.81 -58.99 72.89
N GLU K 2952 -100.91 -59.53 71.68
CA GLU K 2952 -101.74 -58.96 70.63
C GLU K 2952 -103.20 -58.99 71.08
N LYS K 2953 -103.62 -60.09 71.68
CA LYS K 2953 -104.95 -60.21 72.24
C LYS K 2953 -105.03 -59.39 73.52
N ARG K 2954 -103.92 -59.29 74.22
CA ARG K 2954 -103.85 -58.46 75.42
C ARG K 2954 -103.93 -57.01 75.03
N PHE K 2955 -103.36 -56.67 73.88
CA PHE K 2955 -103.49 -55.34 73.31
C PHE K 2955 -104.94 -55.13 72.91
N ALA K 2956 -105.55 -56.19 72.39
CA ALA K 2956 -106.96 -56.19 72.06
C ALA K 2956 -107.78 -56.14 73.36
N PHE K 2957 -107.25 -56.79 74.39
CA PHE K 2957 -107.87 -56.75 75.71
C PHE K 2957 -107.70 -55.37 76.31
N GLY K 2958 -106.55 -54.75 76.04
CA GLY K 2958 -106.32 -53.37 76.45
C GLY K 2958 -107.19 -52.45 75.62
N PHE K 2959 -107.51 -52.90 74.41
CA PHE K 2959 -108.43 -52.19 73.54
C PHE K 2959 -109.86 -52.51 73.95
N LEU K 2960 -110.06 -53.71 74.48
CA LEU K 2960 -111.38 -54.15 74.94
C LEU K 2960 -111.85 -53.27 76.10
N GLN K 2961 -110.93 -52.93 76.99
CA GLN K 2961 -111.25 -52.05 78.11
C GLN K 2961 -111.66 -50.68 77.58
N GLN K 2962 -111.05 -50.28 76.46
CA GLN K 2962 -111.42 -49.05 75.78
C GLN K 2962 -112.67 -49.28 74.94
N LEU K 2963 -112.83 -50.50 74.46
CA LEU K 2963 -114.01 -50.86 73.67
C LEU K 2963 -115.23 -51.02 74.55
N LEU K 2964 -115.04 -51.63 75.72
CA LEU K 2964 -116.12 -51.79 76.69
C LEU K 2964 -116.58 -50.42 77.18
N ARG K 2965 -115.62 -49.50 77.29
CA ARG K 2965 -115.94 -48.11 77.58
C ARG K 2965 -116.49 -47.47 76.30
N TRP K 2966 -115.70 -46.60 75.70
CA TRP K 2966 -116.04 -45.94 74.44
C TRP K 2966 -117.43 -45.31 74.49
N MET K 2967 -118.44 -46.07 74.06
CA MET K 2967 -119.81 -45.61 74.06
C MET K 2967 -120.40 -45.57 75.47
N ASP K 2968 -119.71 -46.23 76.40
CA ASP K 2968 -120.16 -46.28 77.78
C ASP K 2968 -119.87 -44.97 78.51
N ILE K 2969 -118.89 -44.22 78.01
CA ILE K 2969 -118.48 -42.97 78.64
C ILE K 2969 -118.74 -41.78 77.72
N SER K 2970 -118.63 -41.99 76.42
CA SER K 2970 -118.83 -40.91 75.46
C SER K 2970 -120.29 -40.82 75.03
N GLN K 2971 -120.83 -41.92 74.48
CA GLN K 2971 -122.20 -41.94 73.99
C GLN K 2971 -123.21 -41.77 75.12
N GLU K 2972 -122.75 -41.98 76.35
CA GLU K 2972 -123.59 -41.75 77.51
C GLU K 2972 -123.76 -40.25 77.75
N PHE K 2973 -122.92 -39.46 77.09
CA PHE K 2973 -122.98 -38.01 77.17
C PHE K 2973 -123.14 -37.39 75.78
N ILE K 2974 -122.64 -38.09 74.77
CA ILE K 2974 -122.74 -37.62 73.39
C ILE K 2974 -124.18 -37.71 72.91
N ALA K 2975 -124.85 -38.80 73.26
CA ALA K 2975 -126.25 -39.00 72.89
C ALA K 2975 -127.16 -38.44 73.96
N HIS K 2976 -126.57 -37.79 74.95
CA HIS K 2976 -127.33 -37.19 76.05
C HIS K 2976 -126.99 -35.71 76.20
N ILE K 2995 -114.04 -33.28 77.41
CA ILE K 2995 -113.18 -34.05 78.30
C ILE K 2995 -111.87 -34.43 77.60
N LYS K 2996 -110.85 -34.74 78.39
CA LYS K 2996 -109.56 -35.12 77.86
C LYS K 2996 -109.56 -36.57 77.37
N PHE K 2997 -110.62 -37.29 77.73
CA PHE K 2997 -110.76 -38.69 77.33
C PHE K 2997 -111.08 -38.81 75.85
N PHE K 2998 -111.47 -37.70 75.23
CA PHE K 2998 -111.79 -37.68 73.81
C PHE K 2998 -110.54 -37.39 72.98
N ALA K 2999 -109.41 -37.93 73.41
CA ALA K 2999 -108.15 -37.76 72.70
C ALA K 2999 -107.51 -39.11 72.40
N LYS K 3000 -107.85 -40.11 73.22
CA LYS K 3000 -107.33 -41.45 73.04
C LYS K 3000 -107.88 -42.09 71.78
N ILE K 3001 -109.08 -41.66 71.38
CA ILE K 3001 -109.71 -42.15 70.17
C ILE K 3001 -109.02 -41.55 68.94
N LEU K 3002 -108.36 -40.42 69.13
CA LEU K 3002 -107.64 -39.76 68.05
C LEU K 3002 -106.17 -40.15 68.09
N LEU K 3003 -105.87 -41.27 68.72
CA LEU K 3003 -104.50 -41.75 68.84
C LEU K 3003 -104.42 -43.27 68.68
N PRO K 3004 -105.45 -43.95 69.16
CA PRO K 3004 -105.50 -45.42 69.08
C PRO K 3004 -106.08 -45.88 67.75
N LEU K 3005 -107.06 -45.13 67.24
CA LEU K 3005 -107.70 -45.45 65.97
C LEU K 3005 -106.72 -45.31 64.82
N ILE K 3006 -105.81 -44.35 64.93
CA ILE K 3006 -104.81 -44.12 63.91
C ILE K 3006 -103.73 -45.21 63.96
N ASN K 3007 -103.50 -45.74 65.16
CA ASN K 3007 -102.49 -46.77 65.35
C ASN K 3007 -103.01 -48.14 64.92
N GLN K 3008 -104.33 -48.27 64.88
CA GLN K 3008 -104.96 -49.53 64.50
C GLN K 3008 -104.97 -49.72 62.99
N TYR K 3009 -104.76 -48.63 62.25
CA TYR K 3009 -104.76 -48.68 60.80
C TYR K 3009 -103.45 -49.22 60.27
N PHE K 3010 -102.44 -49.30 61.13
CA PHE K 3010 -101.12 -49.74 60.73
C PHE K 3010 -100.89 -51.22 61.06
N THR K 3011 -100.99 -51.55 62.34
CA THR K 3011 -100.70 -52.91 62.82
C THR K 3011 -101.56 -53.96 62.13
N ASN K 3012 -102.81 -53.64 61.86
CA ASN K 3012 -103.71 -54.55 61.18
C ASN K 3012 -103.30 -54.73 59.73
N HIS K 3013 -102.76 -53.67 59.14
CA HIS K 3013 -102.32 -53.71 57.75
C HIS K 3013 -100.85 -54.11 57.67
N CYS K 3014 -100.16 -54.06 58.79
CA CYS K 3014 -98.76 -54.46 58.83
C CYS K 3014 -98.63 -55.98 58.82
N LEU K 3015 -99.32 -56.63 59.75
CA LEU K 3015 -99.31 -58.09 59.84
C LEU K 3015 -99.99 -58.70 58.62
N TYR K 3016 -101.31 -58.72 58.64
CA TYR K 3016 -102.12 -59.27 57.55
C TYR K 3016 -101.74 -60.72 57.25
N PHE K 3017 -101.30 -61.43 58.28
CA PHE K 3017 -100.90 -62.82 58.13
C PHE K 3017 -101.18 -63.58 59.43
N LEU K 3018 -101.81 -62.90 60.38
CA LEU K 3018 -102.20 -63.51 61.64
C LEU K 3018 -103.27 -64.56 61.39
N SER K 3019 -104.03 -64.37 60.32
CA SER K 3019 -105.06 -65.33 59.93
C SER K 3019 -104.45 -66.48 59.15
N THR K 3020 -103.66 -67.30 59.83
CA THR K 3020 -103.00 -68.44 59.20
C THR K 3020 -102.57 -69.48 60.23
N PRO K 3021 -102.02 -69.02 61.35
CA PRO K 3021 -101.54 -69.92 62.38
C PRO K 3021 -102.39 -69.84 63.65
N ALA K 3022 -101.91 -69.08 64.63
CA ALA K 3022 -102.61 -68.93 65.91
C ALA K 3022 -103.91 -68.15 65.73
N LYS K 3023 -104.94 -68.84 65.24
CA LYS K 3023 -106.23 -68.20 64.99
C LYS K 3023 -107.00 -67.99 66.28
N VAL K 3024 -107.51 -66.78 66.46
CA VAL K 3024 -108.31 -66.44 67.63
C VAL K 3024 -109.52 -65.61 67.22
N LEU K 3025 -110.70 -65.99 67.70
CA LEU K 3025 -111.93 -65.29 67.37
C LEU K 3025 -112.03 -63.97 68.12
N GLY K 3026 -111.09 -63.74 69.03
CA GLY K 3026 -111.05 -62.51 69.81
C GLY K 3026 -110.84 -61.29 68.92
N SER K 3027 -110.16 -61.51 67.79
CA SER K 3027 -109.92 -60.43 66.83
C SER K 3027 -111.21 -60.07 66.11
N GLY K 3028 -112.03 -61.08 65.83
CA GLY K 3028 -113.29 -60.87 65.13
C GLY K 3028 -114.30 -60.17 66.04
N GLY K 3029 -114.09 -60.30 67.35
CA GLY K 3029 -114.97 -59.67 68.33
C GLY K 3029 -114.84 -58.15 68.28
N HIS K 3030 -113.61 -57.67 68.22
CA HIS K 3030 -113.33 -56.23 68.18
C HIS K 3030 -113.90 -55.60 66.93
N ALA K 3031 -114.01 -56.38 65.87
CA ALA K 3031 -114.58 -55.89 64.61
C ALA K 3031 -116.08 -55.62 64.79
N SER K 3032 -116.72 -56.45 65.60
CA SER K 3032 -118.15 -56.30 65.87
C SER K 3032 -118.38 -55.43 67.09
N ASN K 3033 -117.45 -55.47 68.04
CA ASN K 3033 -117.56 -54.66 69.26
C ASN K 3033 -117.43 -53.18 68.91
N LYS K 3034 -116.69 -52.89 67.85
CA LYS K 3034 -116.53 -51.52 67.38
C LYS K 3034 -117.65 -51.18 66.39
N GLU K 3035 -118.17 -52.21 65.73
CA GLU K 3035 -119.26 -52.03 64.77
C GLU K 3035 -120.50 -51.49 65.47
N LYS K 3036 -120.73 -51.94 66.70
CA LYS K 3036 -121.86 -51.46 67.50
C LYS K 3036 -121.59 -50.02 67.93
N GLU K 3037 -120.32 -49.69 68.15
CA GLU K 3037 -119.93 -48.33 68.50
C GLU K 3037 -119.91 -47.46 67.26
N MET K 3038 -119.73 -48.10 66.11
CA MET K 3038 -119.72 -47.39 64.83
C MET K 3038 -121.14 -47.13 64.35
N ILE K 3039 -122.10 -47.71 65.06
CA ILE K 3039 -123.51 -47.54 64.71
C ILE K 3039 -123.99 -46.16 65.13
N THR K 3040 -124.81 -46.11 66.18
CA THR K 3040 -125.41 -44.86 66.67
C THR K 3040 -126.13 -44.15 65.54
N SER K 3041 -125.36 -43.46 64.70
CA SER K 3041 -125.88 -42.86 63.48
C SER K 3041 -125.10 -43.41 62.29
N LEU K 3042 -125.51 -44.57 61.79
CA LEU K 3042 -124.81 -45.23 60.69
C LEU K 3042 -125.11 -44.59 59.35
N PHE K 3043 -125.38 -43.28 59.37
CA PHE K 3043 -125.66 -42.52 58.16
C PHE K 3043 -125.42 -41.03 58.43
N CYS K 3044 -124.68 -40.74 59.50
CA CYS K 3044 -124.40 -39.36 59.88
C CYS K 3044 -123.18 -39.27 60.78
N LYS K 3045 -123.37 -39.53 62.07
CA LYS K 3045 -122.31 -39.42 63.08
C LYS K 3045 -121.69 -38.03 63.10
N LEU K 3046 -120.45 -37.94 63.54
CA LEU K 3046 -119.76 -36.66 63.61
C LEU K 3046 -118.24 -36.85 63.71
N ALA K 3047 -117.53 -35.75 63.94
CA ALA K 3047 -116.08 -35.74 64.12
C ALA K 3047 -115.33 -36.33 62.93
N ALA K 3048 -114.96 -37.60 63.03
CA ALA K 3048 -114.15 -38.25 62.00
C ALA K 3048 -114.92 -39.36 61.29
N LEU K 3049 -114.62 -39.53 60.00
CA LEU K 3049 -115.22 -40.60 59.21
C LEU K 3049 -114.14 -41.60 58.80
N VAL K 3050 -112.94 -41.40 59.32
CA VAL K 3050 -111.81 -42.27 59.03
C VAL K 3050 -111.96 -43.63 59.70
N ARG K 3051 -112.86 -43.70 60.68
CA ARG K 3051 -113.15 -44.96 61.35
C ARG K 3051 -113.78 -45.94 60.38
N HIS K 3052 -114.50 -45.41 59.39
CA HIS K 3052 -115.08 -46.22 58.33
C HIS K 3052 -113.96 -46.81 57.47
N ARG K 3053 -112.94 -46.01 57.24
CA ARG K 3053 -111.76 -46.46 56.49
C ARG K 3053 -110.94 -47.41 57.35
N VAL K 3054 -110.95 -47.15 58.66
CA VAL K 3054 -110.25 -48.03 59.60
C VAL K 3054 -110.97 -49.36 59.69
N SER K 3055 -112.29 -49.33 59.47
CA SER K 3055 -113.08 -50.55 59.45
C SER K 3055 -112.80 -51.33 58.18
N LEU K 3056 -112.52 -50.60 57.09
CA LEU K 3056 -112.19 -51.20 55.82
C LEU K 3056 -110.87 -51.95 55.89
N PHE K 3057 -109.98 -51.47 56.77
CA PHE K 3057 -108.68 -52.11 56.97
C PHE K 3057 -108.85 -53.41 57.73
N GLY K 3058 -109.74 -53.40 58.72
CA GLY K 3058 -110.02 -54.58 59.52
C GLY K 3058 -110.92 -55.53 58.74
N THR K 3059 -111.54 -55.03 57.67
CA THR K 3059 -112.41 -55.83 56.83
C THR K 3059 -111.62 -56.88 56.07
N ASP K 3060 -110.37 -56.54 55.74
CA ASP K 3060 -109.51 -57.45 55.00
C ASP K 3060 -109.06 -58.62 55.88
N ALA K 3061 -108.99 -58.37 57.19
CA ALA K 3061 -108.56 -59.38 58.14
C ALA K 3061 -109.55 -60.55 58.19
N PRO K 3062 -110.83 -60.24 58.02
CA PRO K 3062 -111.87 -61.26 58.03
C PRO K 3062 -112.12 -61.76 56.62
N ALA K 3063 -112.59 -60.87 55.76
CA ALA K 3063 -112.85 -61.22 54.37
C ALA K 3063 -111.67 -60.82 53.49
N VAL K 3134 -115.99 -75.90 62.59
CA VAL K 3134 -115.44 -75.31 63.80
C VAL K 3134 -116.34 -74.19 64.32
N ALA K 3135 -115.81 -73.40 65.24
CA ALA K 3135 -116.57 -72.29 65.83
C ALA K 3135 -116.89 -71.23 64.78
N LEU K 3136 -115.84 -70.60 64.26
CA LEU K 3136 -115.96 -69.56 63.24
C LEU K 3136 -116.86 -68.41 63.70
N LEU K 3137 -118.16 -68.65 63.67
CA LEU K 3137 -119.13 -67.64 64.07
C LEU K 3137 -119.92 -68.09 65.30
N PRO K 3138 -120.34 -67.13 66.11
CA PRO K 3138 -121.11 -67.42 67.33
C PRO K 3138 -122.05 -66.27 67.66
N VAL K 3139 -121.89 -65.72 68.87
CA VAL K 3139 -122.70 -64.59 69.30
C VAL K 3139 -122.34 -63.34 68.52
N LEU K 3140 -123.09 -63.07 67.46
CA LEU K 3140 -122.84 -61.91 66.62
C LEU K 3140 -124.10 -61.45 65.91
N THR K 3141 -124.55 -62.23 64.94
CA THR K 3141 -125.72 -61.92 64.12
C THR K 3141 -125.59 -60.54 63.48
N THR K 3142 -124.39 -60.22 63.02
CA THR K 3142 -124.12 -58.95 62.38
C THR K 3142 -124.89 -58.87 61.05
N LEU K 3143 -124.98 -60.00 60.36
CA LEU K 3143 -125.73 -60.07 59.12
C LEU K 3143 -127.20 -59.82 59.40
N PHE K 3144 -127.69 -60.33 60.53
CA PHE K 3144 -129.05 -60.08 60.96
C PHE K 3144 -129.20 -58.61 61.33
N GLN K 3145 -128.15 -58.06 61.91
CA GLN K 3145 -128.12 -56.65 62.28
C GLN K 3145 -127.96 -55.79 61.03
N HIS K 3146 -127.40 -56.38 59.98
CA HIS K 3146 -127.22 -55.68 58.72
C HIS K 3146 -128.54 -55.57 57.97
N ILE K 3147 -129.46 -56.49 58.27
CA ILE K 3147 -130.76 -56.50 57.63
C ILE K 3147 -131.70 -55.46 58.22
N ALA K 3148 -131.28 -54.87 59.34
CA ALA K 3148 -132.09 -53.89 60.04
C ALA K 3148 -132.27 -52.61 59.22
N GLN K 3149 -131.22 -51.80 59.17
CA GLN K 3149 -131.28 -50.50 58.50
C GLN K 3149 -131.38 -50.65 56.99
N HIS K 3150 -130.94 -51.79 56.46
CA HIS K 3150 -130.96 -52.02 55.03
C HIS K 3150 -132.37 -52.29 54.53
N GLN K 3151 -133.25 -52.71 55.43
CA GLN K 3151 -134.64 -53.00 55.07
C GLN K 3151 -135.37 -51.74 54.66
N PHE K 3152 -135.44 -50.78 55.58
CA PHE K 3152 -136.12 -49.51 55.32
C PHE K 3152 -135.36 -48.69 54.30
N GLY K 3153 -134.11 -49.06 54.04
CA GLY K 3153 -133.29 -48.38 53.04
C GLY K 3153 -133.83 -48.63 51.65
N ASP K 3154 -134.62 -49.70 51.50
CA ASP K 3154 -135.28 -50.00 50.25
C ASP K 3154 -136.47 -49.07 50.04
N ASP K 3155 -137.03 -48.60 51.14
CA ASP K 3155 -138.14 -47.66 51.10
C ASP K 3155 -137.61 -46.24 50.94
N VAL K 3156 -136.30 -46.06 51.11
CA VAL K 3156 -135.67 -44.77 50.94
C VAL K 3156 -135.76 -44.32 49.48
N ILE K 3157 -135.73 -45.31 48.58
CA ILE K 3157 -135.92 -45.03 47.16
C ILE K 3157 -137.36 -44.61 46.90
N LEU K 3158 -138.27 -45.16 47.70
CA LEU K 3158 -139.67 -44.79 47.61
C LEU K 3158 -139.94 -43.55 48.45
N ASP K 3159 -138.95 -43.15 49.25
CA ASP K 3159 -139.04 -41.95 50.06
C ASP K 3159 -138.51 -40.76 49.27
N ASP K 3160 -138.21 -40.98 48.00
CA ASP K 3160 -137.71 -39.93 47.12
C ASP K 3160 -138.02 -40.25 45.67
N VAL K 3161 -139.04 -41.09 45.46
CA VAL K 3161 -139.45 -41.47 44.11
C VAL K 3161 -140.40 -40.44 43.52
N CYS K 3170 -131.69 -41.90 56.03
CA CYS K 3170 -130.87 -42.72 55.15
C CYS K 3170 -130.29 -41.89 54.01
N SER K 3171 -129.01 -41.55 54.14
CA SER K 3171 -128.34 -40.75 53.11
C SER K 3171 -126.85 -41.08 53.06
N ILE K 3172 -126.35 -41.67 54.14
CA ILE K 3172 -124.95 -42.07 54.21
C ILE K 3172 -124.84 -43.53 54.64
N TYR K 3173 -125.98 -44.17 54.86
CA TYR K 3173 -126.01 -45.61 55.12
C TYR K 3173 -125.79 -46.36 53.82
N SER K 3174 -126.05 -45.66 52.72
CA SER K 3174 -125.77 -46.19 51.39
C SER K 3174 -124.35 -45.83 50.99
N LEU K 3175 -123.64 -45.18 51.91
CA LEU K 3175 -122.27 -44.76 51.65
C LEU K 3175 -121.31 -45.40 52.66
N GLY K 3176 -121.48 -45.07 53.93
CA GLY K 3176 -120.60 -45.59 54.98
C GLY K 3176 -120.95 -47.03 55.33
N THR K 3177 -122.22 -47.29 55.57
CA THR K 3177 -122.68 -48.62 55.94
C THR K 3177 -122.71 -49.55 54.73
N THR K 3178 -122.55 -48.99 53.55
CA THR K 3178 -122.51 -49.77 52.31
C THR K 3178 -121.08 -49.90 51.82
N LYS K 3179 -120.15 -49.19 52.46
CA LYS K 3179 -118.74 -49.26 52.11
C LYS K 3179 -118.17 -50.61 52.53
N ASN K 3180 -118.17 -50.86 53.84
CA ASN K 3180 -117.67 -52.12 54.37
C ASN K 3180 -118.57 -53.29 53.99
N THR K 3181 -119.83 -52.98 53.67
CA THR K 3181 -120.78 -53.98 53.24
C THR K 3181 -120.39 -54.53 51.87
N TYR K 3182 -120.20 -53.62 50.92
CA TYR K 3182 -119.80 -54.01 49.57
C TYR K 3182 -118.36 -54.52 49.57
N VAL K 3183 -117.57 -54.05 50.51
CA VAL K 3183 -116.19 -54.48 50.65
C VAL K 3183 -116.13 -55.94 51.08
N GLU K 3184 -116.56 -56.20 52.31
CA GLU K 3184 -116.49 -57.54 52.90
C GLU K 3184 -117.22 -58.59 52.05
N LYS K 3185 -118.25 -58.16 51.32
CA LYS K 3185 -118.97 -59.05 50.43
C LYS K 3185 -118.10 -59.43 49.23
N LEU K 3186 -117.40 -58.44 48.69
CA LEU K 3186 -116.52 -58.67 47.55
C LEU K 3186 -115.14 -59.15 48.02
N ARG K 3187 -114.87 -59.00 49.31
CA ARG K 3187 -113.59 -59.41 49.88
C ARG K 3187 -113.66 -60.84 50.38
N PRO K 3188 -114.86 -61.41 50.41
CA PRO K 3188 -115.05 -62.80 50.83
C PRO K 3188 -114.22 -63.73 49.96
N ALA K 3189 -114.74 -64.03 48.77
CA ALA K 3189 -114.00 -64.79 47.76
C ALA K 3189 -113.43 -66.12 48.26
N LEU K 3190 -112.39 -66.03 49.07
CA LEU K 3190 -111.70 -67.22 49.57
C LEU K 3190 -112.61 -68.11 50.41
N GLY K 3191 -112.79 -67.75 51.68
CA GLY K 3191 -113.61 -68.54 52.59
C GLY K 3191 -115.09 -68.30 52.36
N GLU K 3192 -115.92 -69.19 52.89
CA GLU K 3192 -117.37 -69.08 52.76
C GLU K 3192 -118.07 -69.89 53.84
N CYS K 3193 -118.62 -69.19 54.83
CA CYS K 3193 -119.30 -69.84 55.96
C CYS K 3193 -120.57 -70.54 55.49
N LEU K 3194 -121.67 -69.80 55.41
CA LEU K 3194 -122.95 -70.35 54.98
C LEU K 3194 -123.87 -69.24 54.48
N ALA K 3195 -125.18 -69.44 54.67
CA ALA K 3195 -126.17 -68.46 54.22
C ALA K 3195 -127.44 -68.55 55.06
N ARG K 3196 -127.34 -68.20 56.34
CA ARG K 3196 -128.47 -68.24 57.24
C ARG K 3196 -129.20 -66.89 57.27
N LEU K 3197 -130.39 -66.85 56.68
CA LEU K 3197 -131.22 -65.64 56.61
C LEU K 3197 -130.52 -64.51 55.88
N ALA K 3198 -129.46 -64.83 55.14
CA ALA K 3198 -128.74 -63.83 54.36
C ALA K 3198 -129.48 -63.56 53.06
N ALA K 3199 -130.00 -64.63 52.45
CA ALA K 3199 -130.78 -64.52 51.23
C ALA K 3199 -132.09 -63.79 51.50
N ALA K 3200 -132.57 -63.89 52.74
CA ALA K 3200 -133.78 -63.21 53.16
C ALA K 3200 -133.59 -61.71 53.06
N MET K 3201 -132.46 -61.24 53.58
CA MET K 3201 -132.13 -59.81 53.50
C MET K 3201 -131.70 -59.45 52.08
N PRO K 3202 -131.11 -60.43 51.39
CA PRO K 3202 -130.66 -60.22 50.02
C PRO K 3202 -131.86 -60.04 49.09
N VAL K 3203 -132.83 -60.95 49.17
CA VAL K 3203 -134.03 -60.89 48.35
C VAL K 3203 -134.86 -59.66 48.71
N ALA K 3204 -134.73 -59.21 49.95
CA ALA K 3204 -135.40 -58.00 50.40
C ALA K 3204 -134.65 -56.76 49.88
N PHE K 3205 -133.45 -57.00 49.37
CA PHE K 3205 -132.63 -55.93 48.83
C PHE K 3205 -132.52 -56.06 47.31
N LEU K 3206 -132.43 -57.29 46.83
CA LEU K 3206 -132.29 -57.54 45.40
C LEU K 3206 -133.54 -57.13 44.64
N GLU K 3207 -134.66 -57.75 44.97
CA GLU K 3207 -135.94 -57.46 44.32
C GLU K 3207 -136.34 -55.99 44.52
N PRO K 3208 -135.94 -55.44 45.65
CA PRO K 3208 -136.20 -54.04 45.95
C PRO K 3208 -135.38 -53.14 45.04
N GLN K 3209 -134.13 -53.54 44.78
CA GLN K 3209 -133.24 -52.77 43.93
C GLN K 3209 -133.44 -53.14 42.46
N LEU K 3210 -134.05 -54.30 42.22
CA LEU K 3210 -134.32 -54.75 40.86
C LEU K 3210 -135.38 -53.88 40.20
N ASN K 3211 -136.15 -53.17 41.03
CA ASN K 3211 -137.20 -52.29 40.53
C ASN K 3211 -136.99 -50.86 41.03
N GLU K 3212 -135.86 -50.62 41.70
CA GLU K 3212 -135.55 -49.30 42.23
C GLU K 3212 -134.97 -48.39 41.15
N TYR K 3213 -134.74 -48.94 39.97
CA TYR K 3213 -134.19 -48.18 38.86
C TYR K 3213 -135.30 -47.58 38.00
N ASN K 3214 -136.54 -47.81 38.41
CA ASN K 3214 -137.69 -47.27 37.71
C ASN K 3214 -138.01 -45.85 38.20
N ALA K 3215 -137.67 -45.60 39.46
CA ALA K 3215 -137.90 -44.29 40.07
C ALA K 3215 -136.99 -43.24 39.44
N CYS K 3216 -137.57 -42.34 38.67
CA CYS K 3216 -136.81 -41.28 37.99
C CYS K 3216 -136.38 -40.20 38.97
N SER K 3217 -136.05 -39.03 38.42
CA SER K 3217 -135.61 -37.87 39.22
C SER K 3217 -134.41 -38.23 40.09
N VAL K 3218 -134.69 -38.87 41.24
CA VAL K 3218 -133.63 -39.29 42.15
C VAL K 3218 -133.32 -40.77 41.96
N TYR K 3219 -132.34 -41.06 41.12
CA TYR K 3219 -131.94 -42.44 40.85
C TYR K 3219 -130.89 -42.91 41.85
N THR K 3220 -130.58 -42.04 42.82
CA THR K 3220 -129.58 -42.33 43.85
C THR K 3220 -128.22 -42.67 43.24
N THR K 3221 -127.53 -43.63 43.84
CA THR K 3221 -126.20 -44.02 43.38
C THR K 3221 -126.21 -45.42 42.78
N LYS K 3222 -125.30 -45.64 41.83
CA LYS K 3222 -125.18 -46.95 41.18
C LYS K 3222 -124.02 -47.74 41.78
N SER K 3223 -123.43 -47.18 42.84
CA SER K 3223 -122.32 -47.84 43.52
C SER K 3223 -122.80 -49.07 44.28
N PRO K 3224 -123.88 -48.90 45.03
CA PRO K 3224 -124.47 -50.00 45.77
C PRO K 3224 -125.19 -50.95 44.82
N ARG K 3225 -125.42 -50.49 43.60
CA ARG K 3225 -126.03 -51.32 42.57
C ARG K 3225 -125.02 -52.36 42.10
N GLU K 3226 -123.74 -52.08 42.34
CA GLU K 3226 -122.68 -53.02 42.02
C GLU K 3226 -122.33 -53.84 43.25
N ARG K 3227 -122.92 -53.49 44.37
CA ARG K 3227 -122.70 -54.21 45.63
C ARG K 3227 -123.47 -55.51 45.64
N ALA K 3228 -124.56 -55.56 44.87
CA ALA K 3228 -125.35 -56.77 44.73
C ALA K 3228 -124.52 -57.83 44.00
N ILE K 3229 -123.71 -57.38 43.04
CA ILE K 3229 -122.80 -58.26 42.32
C ILE K 3229 -121.63 -58.62 43.21
N LEU K 3230 -121.25 -57.69 44.07
CA LEU K 3230 -120.14 -57.90 45.00
C LEU K 3230 -120.52 -58.96 46.04
N GLY K 3231 -121.80 -59.04 46.36
CA GLY K 3231 -122.29 -60.01 47.32
C GLY K 3231 -122.79 -61.27 46.60
N LEU K 3232 -122.73 -61.25 45.28
CA LEU K 3232 -123.18 -62.39 44.48
C LEU K 3232 -122.14 -63.51 44.50
N PRO K 3233 -121.96 -64.11 45.67
CA PRO K 3233 -121.02 -65.21 45.84
C PRO K 3233 -121.37 -66.04 47.06
N ASN K 3234 -122.61 -65.91 47.52
CA ASN K 3234 -123.07 -66.64 48.70
C ASN K 3234 -123.51 -68.05 48.34
N SER K 3235 -124.70 -68.16 47.75
CA SER K 3235 -125.25 -69.45 47.35
C SER K 3235 -126.17 -69.32 46.15
N VAL K 3236 -127.22 -70.13 46.14
CA VAL K 3236 -128.19 -70.13 45.04
C VAL K 3236 -129.04 -68.87 45.07
N PRO K 3241 -139.76 -61.56 47.24
CA PRO K 3241 -139.46 -62.77 46.48
C PRO K 3241 -139.91 -62.64 45.03
N ASP K 3242 -138.96 -62.73 44.10
CA ASP K 3242 -139.27 -62.66 42.69
C ASP K 3242 -140.07 -63.89 42.27
N ILE K 3243 -139.64 -65.05 42.77
CA ILE K 3243 -140.33 -66.31 42.50
C ILE K 3243 -139.90 -67.36 43.51
N PRO K 3244 -139.40 -66.89 44.65
CA PRO K 3244 -138.94 -67.79 45.71
C PRO K 3244 -140.12 -68.33 46.51
N VAL K 3245 -140.84 -69.27 45.93
CA VAL K 3245 -141.98 -69.89 46.60
C VAL K 3245 -141.49 -70.80 47.72
N LEU K 3246 -140.76 -71.85 47.35
CA LEU K 3246 -140.20 -72.78 48.33
C LEU K 3246 -138.79 -72.38 48.71
N ASP K 3247 -138.62 -71.11 49.09
CA ASP K 3247 -137.31 -70.60 49.45
C ASP K 3247 -137.40 -69.37 50.35
N ARG K 3248 -138.53 -68.66 50.27
CA ARG K 3248 -138.69 -67.43 51.04
C ARG K 3248 -139.83 -67.54 52.06
N LEU K 3249 -141.03 -67.14 51.65
CA LEU K 3249 -142.18 -67.11 52.54
C LEU K 3249 -142.56 -68.51 53.01
N MET K 3250 -142.71 -69.43 52.06
CA MET K 3250 -143.08 -70.80 52.39
C MET K 3250 -141.86 -71.65 52.72
N ALA K 3251 -141.11 -71.23 53.74
CA ALA K 3251 -139.91 -71.95 54.15
C ALA K 3251 -139.51 -71.57 55.57
N ASP K 3252 -140.48 -71.54 56.47
CA ASP K 3252 -140.22 -71.20 57.87
C ASP K 3252 -140.24 -72.45 58.75
N ILE K 3253 -140.16 -73.61 58.11
CA ILE K 3253 -140.20 -74.88 58.82
C ILE K 3253 -138.80 -75.23 59.34
N GLY K 3254 -137.81 -75.16 58.47
CA GLY K 3254 -136.43 -75.47 58.85
C GLY K 3254 -135.44 -74.75 57.92
N ALA K 3261 -132.19 -77.69 51.99
CA ALA K 3261 -131.16 -76.91 51.30
C ALA K 3261 -130.27 -77.80 50.45
N ARG K 3262 -130.87 -78.84 49.88
CA ARG K 3262 -130.13 -79.79 49.04
C ARG K 3262 -130.03 -79.29 47.60
N TYR K 3263 -130.44 -80.14 46.66
CA TYR K 3263 -130.34 -79.81 45.24
C TYR K 3263 -131.66 -79.28 44.70
N THR K 3264 -132.19 -78.24 45.35
CA THR K 3264 -133.41 -77.59 44.87
C THR K 3264 -133.15 -76.89 43.55
N GLU K 3265 -133.54 -77.54 42.45
CA GLU K 3265 -133.29 -77.02 41.11
C GLU K 3265 -134.05 -75.72 40.84
N MET K 3266 -133.71 -74.68 41.60
CA MET K 3266 -134.35 -73.37 41.45
C MET K 3266 -133.53 -72.32 42.17
N PRO K 3267 -133.08 -71.31 41.43
CA PRO K 3267 -132.28 -70.22 42.00
C PRO K 3267 -132.52 -68.94 41.21
N HIS K 3268 -131.62 -68.67 40.26
CA HIS K 3268 -131.79 -67.53 39.36
C HIS K 3268 -132.52 -67.99 38.10
N VAL K 3269 -133.27 -69.09 38.23
CA VAL K 3269 -134.01 -69.65 37.10
C VAL K 3269 -135.28 -68.84 36.83
N ILE K 3270 -135.57 -67.89 37.71
CA ILE K 3270 -136.71 -67.00 37.52
C ILE K 3270 -136.45 -66.05 36.35
N GLU K 3271 -135.18 -65.94 35.97
CA GLU K 3271 -134.78 -65.12 34.84
C GLU K 3271 -133.65 -65.81 34.07
N ILE K 3272 -133.68 -67.14 34.07
CA ILE K 3272 -132.67 -67.92 33.36
C ILE K 3272 -132.75 -67.66 31.86
N THR K 3273 -133.89 -67.97 31.27
CA THR K 3273 -134.12 -67.70 29.86
C THR K 3273 -134.88 -66.38 29.70
N LEU K 3274 -135.55 -65.97 30.77
CA LEU K 3274 -136.33 -64.74 30.75
C LEU K 3274 -135.44 -63.52 30.56
N PRO K 3275 -134.46 -63.35 31.43
CA PRO K 3275 -133.52 -62.25 31.32
C PRO K 3275 -132.65 -62.44 30.08
N MET K 3276 -132.48 -63.69 29.67
CA MET K 3276 -131.75 -64.00 28.45
C MET K 3276 -132.55 -63.52 27.23
N LEU K 3277 -133.85 -63.78 27.26
CA LEU K 3277 -134.74 -63.31 26.21
C LEU K 3277 -134.94 -61.80 26.33
N CYS K 3278 -134.90 -61.31 27.56
CA CYS K 3278 -135.04 -59.87 27.81
C CYS K 3278 -133.82 -59.13 27.26
N SER K 3279 -132.64 -59.67 27.52
CA SER K 3279 -131.41 -59.08 27.01
C SER K 3279 -131.33 -59.21 25.50
N TYR K 3280 -131.77 -60.36 24.98
CA TYR K 3280 -131.78 -60.61 23.55
C TYR K 3280 -132.72 -59.62 22.85
N LEU K 3281 -133.83 -59.31 23.52
CA LEU K 3281 -134.78 -58.33 23.00
C LEU K 3281 -134.25 -56.92 23.21
N PRO K 3282 -133.54 -56.72 24.32
CA PRO K 3282 -132.91 -55.43 24.60
C PRO K 3282 -131.80 -55.19 23.59
N ARG K 3283 -131.10 -56.26 23.22
CA ARG K 3283 -130.04 -56.19 22.22
C ARG K 3283 -130.65 -56.03 20.83
N TRP K 3284 -131.78 -56.68 20.60
CA TRP K 3284 -132.49 -56.60 19.33
C TRP K 3284 -132.92 -55.17 19.07
N TRP K 3285 -133.44 -54.51 20.11
CA TRP K 3285 -133.81 -53.11 20.03
C TRP K 3285 -132.54 -52.27 19.99
N GLU K 3286 -132.69 -50.99 19.62
CA GLU K 3286 -131.55 -50.08 19.56
C GLU K 3286 -130.91 -49.92 20.93
N ARG K 3287 -131.74 -49.57 21.92
CA ARG K 3287 -131.31 -49.41 23.30
C ARG K 3287 -130.15 -48.41 23.43
N GLY K 3288 -130.16 -47.40 22.57
CA GLY K 3288 -129.09 -46.40 22.57
C GLY K 3288 -129.47 -45.18 23.41
N PRO K 3289 -129.92 -45.44 24.63
CA PRO K 3289 -130.33 -44.36 25.53
C PRO K 3289 -130.10 -44.74 26.98
N GLU K 3290 -130.14 -43.73 27.87
CA GLU K 3290 -129.97 -43.96 29.29
C GLU K 3290 -131.20 -44.67 29.86
N ALA K 3291 -132.34 -44.46 29.21
CA ALA K 3291 -133.58 -45.11 29.61
C ALA K 3291 -133.48 -46.61 29.36
N PRO K 3292 -132.70 -46.98 28.36
CA PRO K 3292 -132.44 -48.39 28.08
C PRO K 3292 -131.61 -48.99 29.20
N PRO K 3293 -131.63 -50.32 29.31
CA PRO K 3293 -130.95 -51.03 30.38
C PRO K 3293 -131.41 -50.51 31.74
N PRO K 3294 -130.86 -49.37 32.15
CA PRO K 3294 -131.21 -48.72 33.42
C PRO K 3294 -131.07 -49.67 34.58
N ALA K 3295 -132.06 -50.55 34.74
CA ALA K 3295 -132.00 -51.61 35.74
C ALA K 3295 -130.87 -52.56 35.37
N LEU K 3296 -130.80 -52.92 34.10
CA LEU K 3296 -129.73 -53.79 33.60
C LEU K 3296 -128.39 -53.07 33.70
N PRO K 3297 -128.41 -51.76 33.54
CA PRO K 3297 -127.20 -50.95 33.65
C PRO K 3297 -126.75 -50.86 35.10
N ALA K 3298 -127.55 -51.39 36.01
CA ALA K 3298 -127.23 -51.36 37.43
C ALA K 3298 -127.55 -52.69 38.12
N GLY K 3299 -127.69 -53.76 37.34
CA GLY K 3299 -127.96 -55.07 37.92
C GLY K 3299 -127.54 -56.22 37.02
N ALA K 3300 -127.53 -56.01 35.71
CA ALA K 3300 -127.16 -57.06 34.77
C ALA K 3300 -125.65 -57.32 34.80
N PRO K 3301 -124.93 -56.50 35.56
CA PRO K 3301 -123.51 -56.73 35.78
C PRO K 3301 -123.33 -57.86 36.78
N PRO K 3302 -124.40 -58.18 37.49
CA PRO K 3302 -124.40 -59.26 38.45
C PRO K 3302 -124.81 -60.57 37.77
N PRO K 3303 -125.20 -60.47 36.51
CA PRO K 3303 -125.62 -61.64 35.75
C PRO K 3303 -124.42 -62.48 35.31
N CYS K 3304 -123.23 -61.89 35.45
CA CYS K 3304 -122.00 -62.59 35.08
C CYS K 3304 -121.41 -63.33 36.26
N THR K 3305 -121.83 -62.96 37.46
CA THR K 3305 -121.35 -63.59 38.68
C THR K 3305 -121.95 -64.99 38.84
N ALA K 3306 -122.96 -65.29 38.03
CA ALA K 3306 -123.64 -66.58 38.09
C ALA K 3306 -122.78 -67.69 37.45
N VAL K 3307 -121.68 -67.29 36.84
CA VAL K 3307 -120.77 -68.25 36.21
C VAL K 3307 -119.76 -68.79 37.20
N THR K 3308 -119.99 -68.50 38.49
CA THR K 3308 -119.09 -68.93 39.55
C THR K 3308 -119.32 -70.40 39.91
N SER K 3309 -120.39 -70.66 40.63
CA SER K 3309 -120.69 -72.02 41.10
C SER K 3309 -121.04 -72.96 39.94
N ASP K 3310 -121.41 -72.38 38.81
CA ASP K 3310 -121.75 -73.16 37.63
C ASP K 3310 -120.51 -73.56 36.84
N HIS K 3311 -119.47 -73.99 37.56
CA HIS K 3311 -118.19 -74.36 36.96
C HIS K 3311 -117.66 -73.21 36.10
N LEU K 3312 -117.33 -73.52 34.86
CA LEU K 3312 -116.96 -72.52 33.90
C LEU K 3312 -118.22 -71.89 33.32
N ASN K 3313 -118.91 -72.65 32.49
CA ASN K 3313 -120.17 -72.24 31.90
C ASN K 3313 -120.87 -73.43 31.25
N SER K 3314 -121.78 -74.06 31.99
CA SER K 3314 -122.55 -75.18 31.45
C SER K 3314 -123.33 -74.71 30.24
N LEU K 3315 -123.96 -73.55 30.37
CA LEU K 3315 -124.58 -72.87 29.23
C LEU K 3315 -123.52 -72.03 28.54
N LEU K 3316 -122.61 -72.70 27.84
CA LEU K 3316 -121.47 -72.05 27.21
C LEU K 3316 -121.89 -71.01 26.17
N GLY K 3317 -122.95 -71.33 25.42
CA GLY K 3317 -123.46 -70.42 24.40
C GLY K 3317 -124.02 -69.16 25.04
N ASN K 3318 -124.54 -69.30 26.25
CA ASN K 3318 -125.09 -68.17 26.99
C ASN K 3318 -123.98 -67.21 27.38
N ILE K 3319 -122.84 -67.76 27.79
CA ILE K 3319 -121.69 -66.95 28.16
C ILE K 3319 -120.95 -66.46 26.91
N LEU K 3320 -121.29 -67.06 25.76
CA LEU K 3320 -120.69 -66.68 24.50
C LEU K 3320 -121.60 -65.73 23.73
N ARG K 3321 -122.66 -65.28 24.38
CA ARG K 3321 -123.63 -64.40 23.74
C ARG K 3321 -124.00 -63.23 24.64
N ILE K 3322 -123.96 -63.45 25.95
CA ILE K 3322 -124.28 -62.42 26.92
C ILE K 3322 -123.33 -61.24 26.80
N ILE K 3323 -122.07 -61.54 26.51
CA ILE K 3323 -121.07 -60.50 26.29
C ILE K 3323 -121.22 -59.93 24.89
N VAL K 3324 -121.59 -60.78 23.94
CA VAL K 3324 -121.81 -60.36 22.56
C VAL K 3324 -123.00 -59.43 22.47
N ASN K 3325 -124.06 -59.73 23.23
CA ASN K 3325 -125.23 -58.88 23.29
C ASN K 3325 -124.89 -57.60 24.05
N ASN K 3326 -124.00 -57.73 25.03
CA ASN K 3326 -123.51 -56.57 25.78
C ASN K 3326 -122.63 -55.74 24.87
N LEU K 3327 -121.91 -56.41 23.98
CA LEU K 3327 -121.07 -55.73 23.00
C LEU K 3327 -121.93 -54.98 21.99
N GLY K 3328 -123.11 -55.53 21.72
CA GLY K 3328 -124.06 -54.90 20.81
C GLY K 3328 -124.54 -53.58 21.40
N ILE K 3329 -124.66 -53.54 22.72
CA ILE K 3329 -124.99 -52.31 23.42
C ILE K 3329 -123.85 -51.32 23.29
N ASP K 3330 -122.63 -51.84 23.24
CA ASP K 3330 -121.45 -51.01 23.01
C ASP K 3330 -121.31 -50.73 21.52
N GLU K 3331 -121.83 -51.64 20.70
CA GLU K 3331 -121.82 -51.47 19.26
C GLU K 3331 -122.86 -50.44 18.84
N ALA K 3332 -123.81 -50.18 19.74
CA ALA K 3332 -124.84 -49.18 19.51
C ALA K 3332 -124.22 -47.79 19.48
N THR K 3333 -123.06 -47.66 20.14
CA THR K 3333 -122.28 -46.42 20.17
C THR K 3333 -123.00 -45.29 20.92
N TRP K 3334 -122.35 -44.78 21.95
CA TRP K 3334 -122.90 -43.69 22.75
C TRP K 3334 -122.79 -42.36 22.00
N MET K 3335 -123.01 -41.26 22.72
CA MET K 3335 -122.96 -39.93 22.12
C MET K 3335 -121.80 -39.12 22.70
N LYS K 3336 -122.08 -37.87 23.04
CA LYS K 3336 -121.07 -36.99 23.63
C LYS K 3336 -120.70 -37.48 25.03
N ARG K 3337 -121.42 -37.00 26.03
CA ARG K 3337 -121.23 -37.48 27.40
C ARG K 3337 -121.76 -38.90 27.50
N LEU K 3338 -123.08 -39.03 27.51
CA LEU K 3338 -123.76 -40.32 27.49
C LEU K 3338 -123.26 -41.28 28.57
N ALA K 3339 -122.51 -42.29 28.15
CA ALA K 3339 -121.97 -43.28 29.07
C ALA K 3339 -120.62 -42.83 29.63
N VAL K 3340 -120.59 -41.64 30.20
CA VAL K 3340 -119.38 -41.10 30.79
C VAL K 3340 -119.02 -41.89 32.05
N PHE K 3341 -120.02 -42.10 32.91
CA PHE K 3341 -119.82 -42.90 34.12
C PHE K 3341 -120.31 -44.31 33.89
N ALA K 3342 -121.06 -44.51 32.81
CA ALA K 3342 -121.59 -45.83 32.46
C ALA K 3342 -120.60 -46.60 31.61
N GLN K 3343 -119.42 -46.84 32.17
CA GLN K 3343 -118.36 -47.58 31.49
C GLN K 3343 -117.41 -48.21 32.50
N PRO K 3344 -117.75 -48.04 33.78
CA PRO K 3344 -116.94 -48.59 34.86
C PRO K 3344 -117.29 -50.05 35.11
N ILE K 3345 -118.24 -50.56 34.33
CA ILE K 3345 -118.66 -51.96 34.44
C ILE K 3345 -117.77 -52.86 33.58
N VAL K 3346 -116.71 -52.27 33.02
CA VAL K 3346 -115.77 -53.01 32.20
C VAL K 3346 -114.91 -53.93 33.05
N SER K 3347 -114.88 -53.66 34.35
CA SER K 3347 -114.13 -54.48 35.28
C SER K 3347 -114.71 -55.88 35.36
N ARG K 3348 -116.04 -55.97 35.34
CA ARG K 3348 -116.72 -57.25 35.35
C ARG K 3348 -116.62 -57.91 33.97
N ALA K 3349 -116.45 -57.08 32.95
CA ALA K 3349 -116.30 -57.56 31.58
C ALA K 3349 -114.97 -58.27 31.40
N ARG K 3350 -114.02 -57.97 32.28
CA ARG K 3350 -112.71 -58.61 32.25
C ARG K 3350 -112.74 -59.89 33.08
N PRO K 3351 -113.91 -60.52 33.16
CA PRO K 3351 -114.08 -61.76 33.89
C PRO K 3351 -115.02 -62.68 33.13
N GLU K 3352 -115.80 -62.10 32.22
CA GLU K 3352 -116.71 -62.87 31.40
C GLU K 3352 -115.94 -63.54 30.27
N LEU K 3353 -114.70 -63.12 30.07
CA LEU K 3353 -113.85 -63.69 29.03
C LEU K 3353 -113.01 -64.82 29.59
N LEU K 3354 -113.36 -65.30 30.78
CA LEU K 3354 -112.64 -66.39 31.42
C LEU K 3354 -112.79 -67.68 30.61
N HIS K 3355 -114.00 -68.23 30.59
CA HIS K 3355 -114.29 -69.40 29.78
C HIS K 3355 -114.82 -68.99 28.42
N SER K 3356 -114.26 -67.90 27.89
CA SER K 3356 -114.67 -67.37 26.60
C SER K 3356 -114.35 -68.35 25.48
N HIS K 3357 -115.27 -69.28 25.24
CA HIS K 3357 -115.10 -70.25 24.16
C HIS K 3357 -115.60 -69.65 22.85
N PHE K 3358 -115.29 -68.38 22.63
CA PHE K 3358 -115.73 -67.67 21.43
C PHE K 3358 -114.90 -68.06 20.22
N ILE K 3359 -114.86 -69.36 19.94
CA ILE K 3359 -114.15 -69.86 18.76
C ILE K 3359 -114.92 -69.46 17.51
N PRO K 3360 -116.19 -69.13 17.70
CA PRO K 3360 -117.03 -68.61 16.62
C PRO K 3360 -116.46 -67.29 16.11
N THR K 3361 -116.60 -66.25 16.93
CA THR K 3361 -116.13 -64.91 16.58
C THR K 3361 -116.66 -64.51 15.21
N ILE K 3362 -115.78 -64.54 14.21
CA ILE K 3362 -116.14 -64.26 12.82
C ILE K 3362 -116.89 -62.94 12.69
N GLY K 3363 -118.20 -63.01 12.86
CA GLY K 3363 -119.04 -61.81 12.85
C GLY K 3363 -118.77 -60.99 14.10
N ARG K 3364 -118.61 -61.68 15.23
CA ARG K 3364 -118.27 -61.02 16.48
C ARG K 3364 -116.85 -60.47 16.39
N LEU K 3365 -115.99 -61.18 15.67
CA LEU K 3365 -114.64 -60.70 15.40
C LEU K 3365 -114.72 -59.50 14.47
N ARG K 3366 -115.62 -59.57 13.50
CA ARG K 3366 -115.86 -58.46 12.59
C ARG K 3366 -116.56 -57.33 13.33
N LYS K 3367 -117.37 -57.69 14.32
CA LYS K 3367 -118.04 -56.70 15.16
C LYS K 3367 -117.01 -55.89 15.94
N ARG K 3368 -115.89 -56.54 16.25
CA ARG K 3368 -114.80 -55.87 16.94
C ARG K 3368 -113.85 -55.24 15.93
N ALA K 3369 -113.96 -55.67 14.67
CA ALA K 3369 -113.09 -55.19 13.61
C ALA K 3369 -113.74 -54.07 12.79
N GLY K 3370 -114.91 -54.36 12.23
CA GLY K 3370 -115.61 -53.41 11.37
C GLY K 3370 -115.99 -52.14 12.14
N LYS K 3371 -116.32 -52.30 13.42
CA LYS K 3371 -116.64 -51.15 14.26
C LYS K 3371 -115.41 -50.30 14.47
N VAL K 3372 -114.28 -50.97 14.76
CA VAL K 3372 -113.01 -50.29 14.92
C VAL K 3372 -112.59 -49.67 13.59
N VAL K 3373 -112.87 -50.37 12.49
CA VAL K 3373 -112.61 -49.86 11.16
C VAL K 3373 -113.50 -48.66 10.89
N ALA K 3374 -114.74 -48.73 11.38
CA ALA K 3374 -115.66 -47.61 11.30
C ALA K 3374 -115.17 -46.49 12.21
N GLU K 3375 -114.60 -46.89 13.35
CA GLU K 3375 -114.01 -45.93 14.28
C GLU K 3375 -112.73 -45.35 13.68
N GLU K 3376 -111.98 -46.18 12.97
CA GLU K 3376 -110.79 -45.73 12.27
C GLU K 3376 -111.18 -44.77 11.15
N GLU K 3377 -112.30 -45.05 10.51
CA GLU K 3377 -112.82 -44.18 9.47
C GLU K 3377 -113.34 -42.89 10.09
N GLN K 3378 -113.94 -43.01 11.27
CA GLN K 3378 -114.46 -41.86 12.00
C GLN K 3378 -113.30 -41.01 12.51
N LEU K 3379 -112.25 -41.67 12.98
CA LEU K 3379 -111.06 -40.98 13.45
C LEU K 3379 -110.36 -40.32 12.27
N ARG K 3380 -110.34 -41.00 11.14
CA ARG K 3380 -109.76 -40.45 9.91
C ARG K 3380 -110.60 -39.28 9.42
N LEU K 3381 -111.90 -39.34 9.68
CA LEU K 3381 -112.79 -38.25 9.32
C LEU K 3381 -112.59 -37.05 10.26
N GLU K 3382 -111.92 -37.30 11.38
CA GLU K 3382 -111.63 -36.25 12.35
C GLU K 3382 -110.17 -35.82 12.27
N ALA K 3383 -109.29 -36.79 12.02
CA ALA K 3383 -107.86 -36.50 11.92
C ALA K 3383 -107.54 -35.72 10.64
N LYS K 3384 -108.11 -36.17 9.53
CA LYS K 3384 -107.91 -35.49 8.26
C LYS K 3384 -108.63 -34.14 8.25
N ALA K 3385 -109.62 -34.02 9.11
CA ALA K 3385 -110.33 -32.75 9.29
C ALA K 3385 -109.46 -31.79 10.10
N GLU K 3386 -108.41 -32.33 10.70
CA GLU K 3386 -107.46 -31.53 11.46
C GLU K 3386 -106.13 -31.45 10.72
N ALA K 3387 -105.85 -32.46 9.91
CA ALA K 3387 -104.61 -32.52 9.14
C ALA K 3387 -104.71 -31.64 7.89
N GLU K 3388 -105.91 -31.60 7.31
CA GLU K 3388 -106.13 -30.81 6.10
C GLU K 3388 -106.87 -29.52 6.42
N GLU K 3389 -106.54 -28.92 7.57
CA GLU K 3389 -107.17 -27.68 7.98
C GLU K 3389 -106.19 -26.75 8.67
N GLY K 3390 -105.23 -26.23 7.90
CA GLY K 3390 -104.23 -25.30 8.42
C GLY K 3390 -104.42 -23.94 7.76
N GLU K 3391 -105.63 -23.41 7.82
CA GLU K 3391 -105.95 -22.13 7.20
C GLU K 3391 -105.88 -20.99 8.22
N LEU K 3392 -104.98 -21.15 9.20
CA LEU K 3392 -104.76 -20.14 10.24
C LEU K 3392 -106.06 -19.77 10.96
N LEU K 3393 -106.56 -20.70 11.78
CA LEU K 3393 -107.79 -20.48 12.54
C LEU K 3393 -107.83 -21.36 13.78
N VAL K 3394 -107.82 -20.74 14.95
CA VAL K 3394 -107.84 -21.48 16.21
C VAL K 3394 -109.27 -21.82 16.61
N ARG K 3395 -110.22 -21.53 15.74
CA ARG K 3395 -111.62 -21.83 15.98
C ARG K 3395 -111.89 -23.32 15.76
N ASP K 3396 -111.00 -23.96 15.01
CA ASP K 3396 -111.14 -25.39 14.71
C ASP K 3396 -110.70 -26.23 15.89
N GLU K 3397 -110.08 -25.59 16.88
CA GLU K 3397 -109.61 -26.28 18.08
C GLU K 3397 -110.79 -26.87 18.86
N PHE K 3398 -111.96 -26.27 18.70
CA PHE K 3398 -113.17 -26.77 19.34
C PHE K 3398 -113.82 -27.85 18.48
N SER K 3399 -113.54 -27.79 17.18
CA SER K 3399 -114.12 -28.74 16.23
C SER K 3399 -113.19 -29.92 15.98
N VAL K 3400 -111.99 -29.64 15.48
CA VAL K 3400 -111.01 -30.68 15.18
C VAL K 3400 -110.58 -31.40 16.47
N LEU K 3401 -110.08 -30.62 17.42
CA LEU K 3401 -109.71 -31.18 18.73
C LEU K 3401 -110.96 -31.28 19.60
N CYS K 3402 -110.76 -31.38 20.91
CA CYS K 3402 -111.87 -31.50 21.87
C CYS K 3402 -112.75 -32.72 21.58
N ARG K 3403 -113.38 -32.73 20.41
CA ARG K 3403 -114.22 -33.85 20.00
C ARG K 3403 -113.40 -35.12 19.79
N ASP K 3404 -112.09 -34.95 19.61
CA ASP K 3404 -111.18 -36.07 19.45
C ASP K 3404 -111.11 -36.88 20.75
N LEU K 3405 -111.29 -36.20 21.88
CA LEU K 3405 -111.27 -36.84 23.19
C LEU K 3405 -112.52 -37.69 23.39
N TYR K 3406 -113.58 -37.36 22.68
CA TYR K 3406 -114.83 -38.11 22.77
C TYR K 3406 -114.65 -39.49 22.15
N ALA K 3407 -114.00 -39.54 21.00
CA ALA K 3407 -113.74 -40.80 20.32
C ALA K 3407 -112.60 -41.55 21.00
N LEU K 3408 -111.71 -40.79 21.64
CA LEU K 3408 -110.57 -41.37 22.34
C LEU K 3408 -111.03 -42.18 23.54
N TYR K 3409 -111.89 -41.60 24.35
CA TYR K 3409 -112.43 -42.28 25.52
C TYR K 3409 -113.29 -43.47 25.10
N PRO K 3410 -113.89 -43.36 23.93
CA PRO K 3410 -114.67 -44.46 23.36
C PRO K 3410 -113.76 -45.57 22.91
N LEU K 3411 -112.59 -45.21 22.40
CA LEU K 3411 -111.61 -46.17 21.93
C LEU K 3411 -110.94 -46.89 23.10
N LEU K 3412 -110.91 -46.22 24.25
CA LEU K 3412 -110.31 -46.79 25.45
C LEU K 3412 -111.32 -47.65 26.21
N ILE K 3413 -112.24 -48.27 25.47
CA ILE K 3413 -113.26 -49.11 26.07
C ILE K 3413 -113.27 -50.50 25.43
N ARG K 3414 -113.16 -50.53 24.10
CA ARG K 3414 -113.16 -51.79 23.36
C ARG K 3414 -111.77 -52.44 23.42
N TYR K 3415 -110.74 -51.62 23.57
CA TYR K 3415 -109.37 -52.12 23.61
C TYR K 3415 -109.09 -52.86 24.91
N VAL K 3416 -109.85 -52.53 25.96
CA VAL K 3416 -109.68 -53.17 27.25
C VAL K 3416 -110.42 -54.50 27.30
N ASP K 3417 -111.08 -54.84 26.20
CA ASP K 3417 -111.83 -56.09 26.13
C ASP K 3417 -111.17 -57.05 25.14
N ASN K 3418 -110.59 -56.50 24.08
CA ASN K 3418 -109.95 -57.32 23.05
C ASN K 3418 -108.60 -57.86 23.53
N ASN K 3419 -108.04 -57.25 24.56
CA ASN K 3419 -106.75 -57.67 25.09
C ASN K 3419 -106.84 -59.05 25.70
N ARG K 3420 -107.78 -59.25 26.62
CA ARG K 3420 -107.98 -60.54 27.26
C ARG K 3420 -108.49 -61.56 26.23
N ALA K 3421 -109.14 -61.05 25.18
CA ALA K 3421 -109.65 -61.90 24.12
C ALA K 3421 -108.49 -62.47 23.30
N HIS K 3422 -107.42 -61.68 23.17
CA HIS K 3422 -106.25 -62.10 22.42
C HIS K 3422 -105.28 -62.87 23.32
N TRP K 3423 -105.60 -62.92 24.60
CA TRP K 3423 -104.77 -63.64 25.57
C TRP K 3423 -105.19 -65.09 25.67
N LEU K 3424 -105.91 -65.56 24.66
CA LEU K 3424 -106.38 -66.94 24.61
C LEU K 3424 -106.54 -67.38 23.16
N THR K 3425 -106.76 -66.40 22.28
CA THR K 3425 -106.90 -66.67 20.85
C THR K 3425 -105.58 -66.38 20.14
N GLU K 3426 -104.50 -66.97 20.65
CA GLU K 3426 -103.18 -66.77 20.07
C GLU K 3426 -102.50 -68.10 19.80
N PRO K 3427 -102.89 -69.13 20.55
CA PRO K 3427 -102.32 -70.46 20.38
C PRO K 3427 -102.68 -71.05 19.02
N ASN K 3428 -103.95 -71.42 18.86
CA ASN K 3428 -104.43 -72.00 17.61
C ASN K 3428 -104.39 -70.97 16.49
N ALA K 3429 -104.43 -69.70 16.85
CA ALA K 3429 -104.41 -68.62 15.86
C ALA K 3429 -103.05 -68.56 15.16
N ASN K 3430 -101.97 -68.65 15.94
CA ASN K 3430 -100.63 -68.60 15.38
C ASN K 3430 -100.22 -69.95 14.83
N ALA K 3431 -100.88 -71.00 15.32
CA ALA K 3431 -100.63 -72.35 14.82
C ALA K 3431 -101.49 -72.64 13.61
N GLU K 3432 -101.33 -73.82 13.03
CA GLU K 3432 -102.08 -74.25 11.85
C GLU K 3432 -101.93 -73.24 10.70
N GLU K 3433 -102.77 -72.21 10.71
CA GLU K 3433 -102.74 -71.20 9.66
C GLU K 3433 -102.91 -69.80 10.26
N LEU K 3434 -103.65 -68.95 9.56
CA LEU K 3434 -103.89 -67.58 10.01
C LEU K 3434 -105.14 -67.00 9.35
N PHE K 3435 -104.93 -66.03 8.46
CA PHE K 3435 -106.00 -65.42 7.68
C PHE K 3435 -107.06 -64.70 8.51
N ARG K 3436 -107.58 -65.38 9.53
CA ARG K 3436 -108.62 -64.82 10.38
C ARG K 3436 -108.16 -63.56 11.10
N MET K 3437 -107.09 -63.68 11.88
CA MET K 3437 -106.57 -62.54 12.64
C MET K 3437 -105.76 -61.59 11.75
N VAL K 3438 -105.55 -61.99 10.50
CA VAL K 3438 -104.80 -61.17 9.56
C VAL K 3438 -105.57 -59.89 9.23
N GLY K 3439 -106.89 -59.97 9.32
CA GLY K 3439 -107.74 -58.80 9.08
C GLY K 3439 -107.58 -57.79 10.21
N GLU K 3440 -107.46 -58.29 11.42
CA GLU K 3440 -107.29 -57.44 12.59
C GLU K 3440 -105.94 -56.74 12.55
N ILE K 3441 -104.91 -57.47 12.13
CA ILE K 3441 -103.55 -56.93 12.07
C ILE K 3441 -103.44 -55.85 11.01
N PHE K 3442 -104.15 -56.04 9.91
CA PHE K 3442 -104.12 -55.08 8.80
C PHE K 3442 -104.89 -53.82 9.17
N ILE K 3443 -105.81 -53.95 10.13
CA ILE K 3443 -106.63 -52.83 10.56
C ILE K 3443 -106.22 -52.35 11.94
N TYR K 3444 -105.11 -52.86 12.44
CA TYR K 3444 -104.61 -52.46 13.76
C TYR K 3444 -103.73 -51.23 13.66
N TRP K 3445 -103.73 -50.60 12.49
CA TRP K 3445 -102.94 -49.38 12.28
C TRP K 3445 -103.73 -48.15 12.70
N SER K 3446 -104.43 -48.26 13.83
CA SER K 3446 -105.21 -47.15 14.37
C SER K 3446 -104.30 -46.05 14.88
N LYS K 3447 -103.46 -46.38 15.86
CA LYS K 3447 -102.51 -45.43 16.42
C LYS K 3447 -101.43 -45.11 15.40
N SER K 3448 -101.20 -46.05 14.47
CA SER K 3448 -100.25 -45.84 13.39
C SER K 3448 -100.76 -44.75 12.45
N HIS K 3449 -102.07 -44.60 12.39
CA HIS K 3449 -102.70 -43.54 11.61
C HIS K 3449 -103.17 -42.43 12.54
N ASN K 3450 -102.60 -42.39 13.73
CA ASN K 3450 -102.97 -41.38 14.73
C ASN K 3450 -101.80 -41.05 15.64
N PHE K 3451 -101.67 -41.80 16.73
CA PHE K 3451 -100.63 -41.56 17.73
C PHE K 3451 -99.24 -41.61 17.12
N LYS K 3452 -99.07 -42.43 16.09
CA LYS K 3452 -97.79 -42.55 15.41
C LYS K 3452 -97.77 -41.69 14.15
N ARG K 3453 -98.92 -41.14 13.79
CA ARG K 3453 -99.03 -40.30 12.60
C ARG K 3453 -98.90 -38.83 12.95
N GLU K 3454 -98.14 -38.55 14.01
CA GLU K 3454 -97.87 -37.18 14.46
C GLU K 3454 -99.15 -36.40 14.79
N GLU K 3455 -100.21 -37.13 15.14
CA GLU K 3455 -101.46 -36.49 15.54
C GLU K 3455 -101.36 -36.07 17.00
N GLN K 3456 -100.90 -34.83 17.22
CA GLN K 3456 -100.75 -34.30 18.56
C GLN K 3456 -102.08 -34.28 19.30
N ASN K 3457 -103.16 -34.01 18.57
CA ASN K 3457 -104.49 -33.98 19.15
C ASN K 3457 -104.88 -35.36 19.68
N PHE K 3458 -104.66 -36.39 18.87
CA PHE K 3458 -104.92 -37.77 19.28
C PHE K 3458 -103.94 -38.16 20.39
N VAL K 3459 -102.75 -37.59 20.32
CA VAL K 3459 -101.74 -37.81 21.35
C VAL K 3459 -102.10 -36.99 22.59
N VAL K 3460 -102.91 -35.96 22.39
CA VAL K 3460 -103.36 -35.12 23.51
C VAL K 3460 -104.51 -35.80 24.24
N GLN K 3461 -104.24 -36.97 24.81
CA GLN K 3461 -105.22 -37.66 25.62
C GLN K 3461 -105.54 -36.78 26.83
N ASN K 3462 -104.50 -36.20 27.41
CA ASN K 3462 -104.62 -35.25 28.51
C ASN K 3462 -105.54 -35.77 29.62
N GLU K 3463 -106.82 -35.43 29.51
CA GLU K 3463 -107.82 -35.91 30.46
C GLU K 3463 -107.94 -37.43 30.34
N ILE K 3464 -107.87 -37.92 29.10
CA ILE K 3464 -107.89 -39.35 28.85
C ILE K 3464 -106.62 -40.00 29.39
N ASN K 3465 -105.54 -39.22 29.42
CA ASN K 3465 -104.27 -39.68 29.95
C ASN K 3465 -104.25 -39.53 31.47
N ASN K 3466 -105.09 -38.65 31.98
CA ASN K 3466 -105.15 -38.41 33.42
C ASN K 3466 -106.37 -39.07 34.06
N MET K 3467 -107.51 -38.39 34.00
CA MET K 3467 -108.73 -38.89 34.61
C MET K 3467 -109.54 -39.74 33.64
N SER K 3468 -108.87 -40.28 32.63
CA SER K 3468 -109.49 -41.14 31.62
C SER K 3468 -110.67 -40.44 30.93
N VAL K 3511 -96.07 -42.09 27.74
CA VAL K 3511 -95.88 -43.20 28.66
C VAL K 3511 -96.35 -44.51 28.03
N ALA K 3512 -96.78 -45.44 28.87
CA ALA K 3512 -97.22 -46.75 28.39
C ALA K 3512 -98.63 -47.06 28.87
N THR K 3513 -99.61 -46.92 27.99
CA THR K 3513 -101.00 -47.18 28.32
C THR K 3513 -101.84 -47.49 27.08
N LEU K 3514 -101.98 -48.77 26.77
CA LEU K 3514 -102.77 -49.24 25.64
C LEU K 3514 -102.36 -48.58 24.33
N LYS K 3515 -103.36 -48.21 23.52
CA LYS K 3515 -103.15 -47.56 22.23
C LYS K 3515 -102.23 -48.37 21.32
N LYS K 3516 -100.94 -48.32 21.59
CA LYS K 3516 -99.97 -49.07 20.79
C LYS K 3516 -99.45 -50.28 21.56
N MET K 3517 -99.73 -50.31 22.86
CA MET K 3517 -99.31 -51.41 23.72
C MET K 3517 -100.05 -52.69 23.36
N LEU K 3518 -101.26 -52.53 22.82
CA LEU K 3518 -102.07 -53.68 22.42
C LEU K 3518 -101.55 -54.28 21.12
N PRO K 3519 -100.92 -53.46 20.30
CA PRO K 3519 -100.37 -53.90 19.02
C PRO K 3519 -99.18 -54.83 19.24
N ILE K 3520 -98.50 -54.66 20.37
CA ILE K 3520 -97.33 -55.46 20.68
C ILE K 3520 -97.68 -56.92 20.93
N GLY K 3521 -98.91 -57.16 21.37
CA GLY K 3521 -99.37 -58.51 21.66
C GLY K 3521 -99.63 -59.30 20.39
N LEU K 3522 -99.90 -58.59 19.30
CA LEU K 3522 -100.19 -59.22 18.02
C LEU K 3522 -99.15 -58.88 16.96
N ASN K 3523 -98.12 -58.12 17.37
CA ASN K 3523 -97.05 -57.74 16.46
C ASN K 3523 -96.33 -58.98 15.95
N MET K 3524 -96.18 -59.97 16.84
CA MET K 3524 -95.55 -61.22 16.48
C MET K 3524 -96.43 -62.01 15.51
N CYS K 3525 -97.74 -61.93 15.74
CA CYS K 3525 -98.71 -62.62 14.88
C CYS K 3525 -98.81 -61.92 13.53
N ALA K 3526 -98.43 -60.66 13.49
CA ALA K 3526 -98.44 -59.88 12.25
C ALA K 3526 -97.25 -60.26 11.38
N PRO K 3527 -96.11 -60.45 12.02
CA PRO K 3527 -94.88 -60.83 11.31
C PRO K 3527 -94.83 -62.34 11.11
N THR K 3528 -95.78 -63.05 11.71
CA THR K 3528 -95.85 -64.50 11.61
C THR K 3528 -96.24 -64.93 10.20
N ASP K 3529 -97.12 -64.16 9.57
CA ASP K 3529 -97.58 -64.45 8.22
C ASP K 3529 -96.78 -63.65 7.20
N GLN K 3530 -95.67 -63.06 7.64
CA GLN K 3530 -94.82 -62.27 6.77
C GLN K 3530 -93.91 -63.16 5.93
N ASP K 3531 -92.63 -62.83 5.90
CA ASP K 3531 -91.66 -63.58 5.12
C ASP K 3531 -91.41 -64.96 5.73
N LEU K 3532 -91.80 -66.00 4.99
CA LEU K 3532 -91.56 -67.37 5.42
C LEU K 3532 -90.23 -67.87 4.87
N ILE K 3533 -89.39 -66.93 4.44
CA ILE K 3533 -88.08 -67.25 3.90
C ILE K 3533 -87.16 -66.04 3.92
N MET K 3534 -87.13 -65.31 2.81
CA MET K 3534 -86.22 -64.17 2.67
C MET K 3534 -86.89 -62.85 3.03
N LEU K 3535 -86.42 -62.24 4.12
CA LEU K 3535 -86.87 -60.91 4.49
C LEU K 3535 -86.08 -59.87 3.71
N ALA K 3536 -84.98 -59.42 4.29
CA ALA K 3536 -84.03 -58.52 3.63
C ALA K 3536 -84.65 -57.21 3.15
N LYS K 3537 -85.56 -57.31 2.18
CA LYS K 3537 -86.19 -56.14 1.59
C LYS K 3537 -86.95 -55.30 2.62
N THR K 3538 -87.38 -55.94 3.71
CA THR K 3538 -88.05 -55.25 4.78
C THR K 3538 -87.12 -54.21 5.42
N ARG K 3539 -85.84 -54.56 5.50
CA ARG K 3539 -84.84 -53.65 6.05
C ARG K 3539 -84.61 -52.48 5.09
N TYR K 3540 -84.68 -52.75 3.80
CA TYR K 3540 -84.54 -51.72 2.79
C TYR K 3540 -85.78 -50.84 2.78
N ALA K 3541 -86.92 -51.45 3.09
CA ALA K 3541 -88.18 -50.71 3.17
C ALA K 3541 -88.23 -49.88 4.45
N LEU K 3542 -87.55 -50.38 5.48
CA LEU K 3542 -87.46 -49.65 6.74
C LEU K 3542 -86.61 -48.39 6.55
N LYS K 3543 -85.59 -48.51 5.70
CA LYS K 3543 -84.74 -47.36 5.38
C LYS K 3543 -85.47 -46.42 4.42
N ASP K 3544 -86.34 -47.00 3.60
CA ASP K 3544 -87.12 -46.22 2.65
C ASP K 3544 -88.17 -45.39 3.37
N THR K 3545 -88.86 -46.02 4.32
CA THR K 3545 -89.87 -45.34 5.13
C THR K 3545 -89.22 -44.32 6.05
N ASP K 3546 -87.95 -44.55 6.37
CA ASP K 3546 -87.18 -43.64 7.20
C ASP K 3546 -86.87 -42.36 6.43
N GLU K 3547 -86.88 -42.47 5.11
CA GLU K 3547 -86.63 -41.33 4.24
C GLU K 3547 -87.94 -40.61 3.93
N GLU K 3548 -89.03 -41.07 4.55
CA GLU K 3548 -90.36 -40.49 4.38
C GLU K 3548 -90.78 -40.48 2.91
N VAL K 3549 -91.19 -41.65 2.41
CA VAL K 3549 -91.66 -41.78 1.04
C VAL K 3549 -93.16 -42.02 0.99
N ARG K 3550 -93.91 -41.19 1.71
CA ARG K 3550 -95.37 -41.26 1.77
C ARG K 3550 -95.85 -42.63 2.23
N GLU K 3551 -96.45 -43.38 1.32
CA GLU K 3551 -96.97 -44.70 1.64
C GLU K 3551 -96.92 -45.62 0.41
N PHE K 3552 -97.83 -45.37 -0.53
CA PHE K 3552 -97.85 -46.14 -1.77
C PHE K 3552 -96.78 -45.64 -2.73
N LEU K 3553 -96.19 -44.49 -2.40
CA LEU K 3553 -95.15 -43.90 -3.22
C LEU K 3553 -93.82 -44.64 -3.00
N GLN K 3554 -93.79 -45.50 -2.00
CA GLN K 3554 -92.61 -46.29 -1.70
C GLN K 3554 -92.78 -47.72 -2.22
N ASN K 3555 -94.03 -48.17 -2.26
CA ASN K 3555 -94.34 -49.52 -2.73
C ASN K 3555 -93.95 -49.68 -4.20
N ASN K 3556 -94.17 -48.63 -4.98
CA ASN K 3556 -93.80 -48.64 -6.39
C ASN K 3556 -92.28 -48.69 -6.51
N LEU K 3557 -91.60 -48.02 -5.58
CA LEU K 3557 -90.15 -48.05 -5.52
C LEU K 3557 -89.68 -49.39 -4.96
N HIS K 3558 -90.51 -49.99 -4.11
CA HIS K 3558 -90.22 -51.29 -3.55
C HIS K 3558 -90.51 -52.38 -4.57
N LEU K 3559 -91.38 -52.07 -5.52
CA LEU K 3559 -91.73 -52.99 -6.60
C LEU K 3559 -90.50 -53.21 -7.48
N GLN K 3560 -89.62 -52.22 -7.51
CA GLN K 3560 -88.38 -52.33 -8.27
C GLN K 3560 -87.21 -52.57 -7.32
N GLY K 3561 -87.08 -53.81 -6.86
CA GLY K 3561 -86.01 -54.17 -5.94
C GLY K 3561 -85.45 -55.55 -6.26
N LYS K 3562 -85.18 -55.79 -7.54
CA LYS K 3562 -84.65 -57.07 -8.02
C LYS K 3562 -85.53 -58.23 -7.59
N VAL K 3563 -85.11 -58.93 -6.54
CA VAL K 3563 -85.85 -60.07 -6.02
C VAL K 3563 -85.37 -60.43 -4.61
N GLU K 3564 -86.08 -61.35 -3.97
CA GLU K 3564 -85.68 -61.83 -2.65
C GLU K 3564 -84.47 -62.74 -2.78
N GLY K 3565 -83.43 -62.47 -2.00
CA GLY K 3565 -82.20 -63.24 -2.06
C GLY K 3565 -81.90 -63.94 -0.73
N SER K 3566 -81.75 -65.26 -0.80
CA SER K 3566 -81.45 -66.06 0.39
C SER K 3566 -80.92 -67.43 0.00
N PRO K 3567 -79.62 -67.65 0.22
CA PRO K 3567 -78.99 -68.92 -0.12
C PRO K 3567 -77.66 -69.08 0.61
N SER K 3568 -77.69 -68.99 1.93
CA SER K 3568 -76.48 -69.15 2.73
C SER K 3568 -76.82 -69.63 4.14
N LEU K 3569 -76.36 -68.88 5.14
CA LEU K 3569 -76.62 -69.21 6.54
C LEU K 3569 -78.10 -69.05 6.86
N ARG K 3570 -78.51 -69.51 8.04
CA ARG K 3570 -79.91 -69.53 8.45
C ARG K 3570 -80.73 -70.28 7.41
N TRP K 3571 -81.81 -69.66 6.94
CA TRP K 3571 -82.68 -70.26 5.93
C TRP K 3571 -83.15 -71.65 6.33
N GLN K 3572 -82.27 -72.63 6.17
CA GLN K 3572 -82.58 -74.00 6.57
C GLN K 3572 -82.68 -74.12 8.09
N MET K 3573 -82.18 -73.10 8.79
CA MET K 3573 -82.30 -73.04 10.24
C MET K 3573 -83.43 -72.09 10.62
N ALA K 3574 -84.33 -71.86 9.67
CA ALA K 3574 -85.45 -70.95 9.89
C ALA K 3574 -86.61 -71.25 8.95
N LEU K 3575 -86.37 -71.11 7.65
CA LEU K 3575 -87.42 -71.29 6.66
C LEU K 3575 -87.78 -72.76 6.46
N TYR K 3576 -86.98 -73.66 7.02
CA TYR K 3576 -87.26 -75.09 6.94
C TYR K 3576 -88.57 -75.40 7.67
N ARG K 3577 -88.77 -74.74 8.80
CA ARG K 3577 -90.00 -74.90 9.57
C ARG K 3577 -91.14 -74.17 8.87
N GLY K 3578 -90.81 -73.06 8.22
CA GLY K 3578 -91.80 -72.27 7.51
C GLY K 3578 -92.23 -72.96 6.21
N LEU K 3579 -91.39 -73.87 5.73
CA LEU K 3579 -91.70 -74.62 4.52
C LEU K 3579 -92.50 -75.88 4.87
N PRO K 3580 -92.91 -75.97 6.12
CA PRO K 3580 -93.69 -77.12 6.58
C PRO K 3580 -94.89 -76.65 7.40
N GLY K 3581 -94.91 -75.36 7.76
CA GLY K 3581 -95.99 -74.81 8.56
C GLY K 3581 -96.89 -73.91 7.72
N ARG K 3582 -96.34 -73.38 6.63
CA ARG K 3582 -97.11 -72.50 5.75
C ARG K 3582 -98.08 -73.31 4.89
N GLU K 3583 -97.58 -73.80 3.76
CA GLU K 3583 -98.38 -74.56 2.80
C GLU K 3583 -99.61 -73.77 2.36
N GLU K 3584 -99.37 -72.64 1.71
CA GLU K 3584 -100.45 -71.77 1.27
C GLU K 3584 -100.32 -71.44 -0.21
N ASP K 3585 -99.49 -70.45 -0.53
CA ASP K 3585 -99.29 -70.02 -1.91
C ASP K 3585 -97.96 -69.29 -2.09
N ALA K 3586 -97.63 -68.98 -3.34
CA ALA K 3586 -96.40 -68.27 -3.66
C ALA K 3586 -96.50 -67.63 -5.04
N ASP K 3587 -96.51 -66.30 -5.07
CA ASP K 3587 -96.61 -65.56 -6.33
C ASP K 3587 -96.09 -64.14 -6.19
N ASP K 3588 -96.30 -63.34 -7.23
CA ASP K 3588 -95.84 -61.95 -7.24
C ASP K 3588 -96.99 -61.01 -6.91
N PRO K 3589 -98.13 -61.58 -6.54
CA PRO K 3589 -99.31 -60.80 -6.18
C PRO K 3589 -99.10 -60.13 -4.82
N GLU K 3590 -98.24 -60.73 -4.00
CA GLU K 3590 -97.91 -60.17 -2.70
C GLU K 3590 -97.11 -58.88 -2.88
N LYS K 3591 -95.95 -58.98 -3.50
CA LYS K 3591 -95.07 -57.84 -3.75
C LYS K 3591 -94.80 -57.09 -2.46
N ILE K 3592 -95.19 -55.83 -2.43
CA ILE K 3592 -95.14 -55.04 -1.20
C ILE K 3592 -96.37 -55.40 -0.36
N VAL K 3593 -97.21 -54.41 -0.08
CA VAL K 3593 -98.46 -54.60 0.64
C VAL K 3593 -98.25 -55.38 1.94
N ARG K 3594 -98.15 -56.70 1.81
CA ARG K 3594 -97.87 -57.57 2.96
C ARG K 3594 -96.49 -57.26 3.51
N ARG K 3595 -95.59 -56.84 2.62
CA ARG K 3595 -94.25 -56.44 3.03
C ARG K 3595 -94.26 -54.96 3.44
N VAL K 3596 -95.19 -54.20 2.88
CA VAL K 3596 -95.33 -52.80 3.20
C VAL K 3596 -96.25 -52.62 4.40
N GLN K 3597 -96.74 -53.73 4.93
CA GLN K 3597 -97.63 -53.70 6.08
C GLN K 3597 -96.87 -53.33 7.35
N GLU K 3598 -96.04 -54.25 7.82
CA GLU K 3598 -95.30 -54.06 9.06
C GLU K 3598 -94.06 -53.18 8.84
N VAL K 3599 -93.79 -52.85 7.59
CA VAL K 3599 -92.63 -52.01 7.26
C VAL K 3599 -92.75 -50.63 7.88
N SER K 3600 -93.71 -49.85 7.40
CA SER K 3600 -93.93 -48.51 7.93
C SER K 3600 -94.56 -48.55 9.32
N ALA K 3601 -95.17 -49.68 9.64
CA ALA K 3601 -95.83 -49.86 10.93
C ALA K 3601 -94.80 -49.93 12.06
N VAL K 3602 -93.84 -50.85 11.93
CA VAL K 3602 -92.81 -51.02 12.94
C VAL K 3602 -91.77 -49.92 12.85
N LEU K 3603 -91.80 -49.17 11.75
CA LEU K 3603 -90.88 -48.06 11.56
C LEU K 3603 -91.12 -46.98 12.60
N TYR K 3604 -92.36 -46.52 12.68
CA TYR K 3604 -92.74 -45.50 13.64
C TYR K 3604 -92.70 -46.07 15.06
N HIS K 3605 -92.96 -47.37 15.17
CA HIS K 3605 -92.89 -48.05 16.45
C HIS K 3605 -91.46 -48.06 16.98
N LEU K 3606 -90.52 -48.11 16.06
CA LEU K 3606 -89.10 -48.06 16.41
C LEU K 3606 -88.74 -46.64 16.85
N GLU K 3607 -89.33 -45.66 16.19
CA GLU K 3607 -89.09 -44.26 16.51
C GLU K 3607 -89.65 -43.94 17.89
N GLN K 3608 -90.72 -44.62 18.26
CA GLN K 3608 -91.34 -44.44 19.57
C GLN K 3608 -90.45 -45.06 20.65
N THR K 3609 -89.56 -45.95 20.24
CA THR K 3609 -88.64 -46.60 21.17
C THR K 3609 -87.21 -46.14 20.92
N GLU K 3610 -87.03 -45.26 19.95
CA GLU K 3610 -85.70 -44.73 19.63
C GLU K 3610 -85.29 -43.67 20.64
N HIS K 3611 -85.28 -42.41 20.19
CA HIS K 3611 -84.94 -41.30 21.07
C HIS K 3611 -86.11 -40.97 21.98
N PRO K 3612 -87.29 -41.47 21.60
CA PRO K 3612 -88.50 -41.27 22.39
C PRO K 3612 -88.54 -42.21 23.58
N TYR K 3613 -87.73 -43.27 23.51
CA TYR K 3613 -87.64 -44.23 24.60
C TYR K 3613 -86.31 -44.98 24.55
N LEU K 3623 -75.20 -22.67 35.02
CA LEU K 3623 -74.76 -22.30 36.36
C LEU K 3623 -75.01 -20.80 36.53
N LEU K 3624 -75.11 -20.36 37.77
CA LEU K 3624 -75.38 -19.01 38.12
C LEU K 3624 -75.05 -19.20 39.55
N SER K 3625 -73.89 -18.73 39.99
CA SER K 3625 -73.44 -18.99 41.36
C SER K 3625 -74.11 -18.34 42.52
N LYS K 3626 -73.80 -18.91 43.69
CA LYS K 3626 -74.30 -18.56 45.00
C LYS K 3626 -74.71 -17.16 45.16
N GLN K 3627 -73.78 -16.25 44.99
CA GLN K 3627 -74.17 -14.87 45.16
C GLN K 3627 -75.19 -14.35 44.19
N ARG K 3628 -75.24 -14.87 42.98
CA ARG K 3628 -76.24 -14.42 42.09
C ARG K 3628 -77.48 -15.18 42.29
N ARG K 3629 -77.47 -16.30 43.00
CA ARG K 3629 -78.71 -16.99 43.21
C ARG K 3629 -79.47 -16.10 44.09
N ARG K 3630 -78.84 -15.70 45.17
CA ARG K 3630 -79.38 -14.75 46.11
C ARG K 3630 -80.17 -13.58 45.51
N ALA K 3631 -79.71 -12.93 44.45
CA ALA K 3631 -80.50 -11.89 43.83
C ALA K 3631 -81.75 -12.46 43.34
N VAL K 3632 -81.71 -13.53 42.57
CA VAL K 3632 -82.98 -14.06 42.08
C VAL K 3632 -83.95 -14.54 43.10
N VAL K 3633 -83.47 -14.96 44.24
CA VAL K 3633 -84.33 -15.26 45.30
C VAL K 3633 -84.99 -13.99 45.65
N ALA K 3634 -84.23 -12.93 45.86
CA ALA K 3634 -84.75 -11.67 46.27
C ALA K 3634 -85.69 -11.06 45.37
N CYS K 3635 -85.59 -11.24 44.08
CA CYS K 3635 -86.49 -10.57 43.20
C CYS K 3635 -88.00 -10.70 43.23
N PHE K 3636 -88.66 -10.99 44.32
CA PHE K 3636 -90.07 -11.07 44.33
C PHE K 3636 -90.62 -10.31 45.48
N ARG K 3637 -89.78 -10.02 46.46
CA ARG K 3637 -90.18 -9.26 47.58
C ARG K 3637 -89.82 -7.81 47.38
N MET K 3638 -89.29 -7.45 46.22
CA MET K 3638 -88.89 -6.09 45.94
C MET K 3638 -90.12 -5.32 45.92
N THR K 3639 -90.35 -4.63 47.03
CA THR K 3639 -91.55 -3.84 47.24
C THR K 3639 -91.94 -3.02 46.10
N PRO K 3640 -93.19 -2.88 45.95
CA PRO K 3640 -93.82 -1.99 44.99
C PRO K 3640 -93.53 -0.53 45.31
N LEU K 3641 -93.72 0.32 44.31
CA LEU K 3641 -93.42 1.74 44.48
C LEU K 3641 -94.48 2.44 45.33
N TYR K 3642 -95.72 1.96 45.28
CA TYR K 3642 -96.77 2.72 45.96
C TYR K 3642 -96.74 2.56 47.50
N ASN K 3643 -95.78 1.92 48.15
CA ASN K 3643 -95.72 1.91 49.61
C ASN K 3643 -94.54 2.72 50.13
N LEU K 3644 -94.04 3.64 49.32
CA LEU K 3644 -92.87 4.28 49.92
C LEU K 3644 -93.27 5.59 50.60
N PRO K 3645 -92.61 5.93 51.69
CA PRO K 3645 -92.87 7.22 52.33
C PRO K 3645 -92.56 8.37 51.39
N THR K 3646 -93.32 9.45 51.54
CA THR K 3646 -93.21 10.57 50.60
C THR K 3646 -91.81 11.19 50.62
N HIS K 3647 -91.22 11.34 51.82
CA HIS K 3647 -89.91 11.97 51.91
C HIS K 3647 -88.85 11.17 51.18
N ARG K 3648 -88.89 9.84 51.31
CA ARG K 3648 -87.88 9.02 50.65
C ARG K 3648 -88.13 8.92 49.16
N ALA K 3649 -89.39 8.93 48.73
CA ALA K 3649 -89.73 8.80 47.32
C ALA K 3649 -89.45 10.07 46.52
N CYS K 3650 -88.85 11.08 47.15
CA CYS K 3650 -88.45 12.30 46.48
C CYS K 3650 -86.96 12.33 46.19
N ASN K 3651 -86.14 11.88 47.15
CA ASN K 3651 -84.70 11.83 46.93
C ASN K 3651 -84.34 10.92 45.77
N MET K 3652 -85.05 9.81 45.60
CA MET K 3652 -84.80 8.94 44.45
C MET K 3652 -85.16 9.63 43.15
N PHE K 3653 -86.17 10.50 43.16
CA PHE K 3653 -86.56 11.21 41.95
C PHE K 3653 -85.44 12.11 41.46
N LEU K 3654 -84.89 12.93 42.36
CA LEU K 3654 -83.84 13.87 41.96
C LEU K 3654 -82.61 13.14 41.45
N GLU K 3655 -82.16 12.12 42.19
CA GLU K 3655 -80.97 11.38 41.79
C GLU K 3655 -81.20 10.66 40.47
N SER K 3656 -82.40 10.12 40.28
CA SER K 3656 -82.71 9.46 39.01
C SER K 3656 -82.97 10.46 37.88
N TYR K 3657 -83.40 11.68 38.21
CA TYR K 3657 -83.76 12.66 37.19
C TYR K 3657 -82.49 13.41 36.70
N LYS K 3658 -81.32 12.81 36.93
CA LYS K 3658 -80.11 13.23 36.22
C LYS K 3658 -80.12 12.59 34.84
N ALA K 3659 -81.23 12.77 34.12
CA ALA K 3659 -81.37 12.33 32.75
C ALA K 3659 -81.99 13.42 31.89
N ALA K 3660 -81.99 14.67 32.36
CA ALA K 3660 -82.39 15.82 31.56
C ALA K 3660 -81.36 16.94 31.54
N TRP K 3661 -80.42 16.98 32.50
CA TRP K 3661 -79.29 17.89 32.43
C TRP K 3661 -78.06 17.25 31.81
N ILE K 3662 -77.72 16.03 32.22
CA ILE K 3662 -76.46 15.42 31.80
C ILE K 3662 -76.43 15.20 30.30
N LEU K 3663 -77.59 15.04 29.66
CA LEU K 3663 -77.62 14.86 28.21
C LEU K 3663 -77.91 16.13 27.46
N THR K 3664 -78.65 17.08 28.04
CA THR K 3664 -78.89 18.33 27.35
C THR K 3664 -77.60 19.12 27.23
N GLU K 3665 -77.48 19.88 26.15
CA GLU K 3665 -76.29 20.69 25.89
C GLU K 3665 -76.70 22.15 25.78
N ASP K 3666 -75.99 23.01 26.51
CA ASP K 3666 -76.22 24.43 26.44
C ASP K 3666 -75.38 25.10 25.35
N HIS K 3667 -74.23 24.50 25.02
CA HIS K 3667 -73.26 25.09 24.11
C HIS K 3667 -72.93 26.50 24.58
N SER K 3668 -73.59 27.49 23.96
CA SER K 3668 -73.56 28.88 24.41
C SER K 3668 -72.14 29.35 24.68
N PHE K 3669 -71.76 29.36 25.95
CA PHE K 3669 -70.43 29.79 26.35
C PHE K 3669 -69.36 28.85 25.79
N GLU K 3670 -68.71 29.29 24.72
CA GLU K 3670 -67.69 28.57 23.94
C GLU K 3670 -67.21 29.49 22.83
N ASP K 3671 -68.12 29.84 21.93
CA ASP K 3671 -67.86 30.76 20.83
C ASP K 3671 -68.22 32.20 21.17
N ARG K 3672 -69.30 32.40 21.94
CA ARG K 3672 -69.62 33.74 22.41
C ARG K 3672 -68.69 34.19 23.53
N MET K 3673 -67.97 33.26 24.16
CA MET K 3673 -67.05 33.62 25.24
C MET K 3673 -65.82 34.33 24.69
N ILE K 3674 -65.05 33.65 23.84
CA ILE K 3674 -63.85 34.25 23.27
C ILE K 3674 -64.20 35.39 22.33
N ASP K 3675 -65.47 35.52 21.94
CA ASP K 3675 -65.86 36.63 21.08
C ASP K 3675 -66.00 37.94 21.87
N ASP K 3676 -66.89 37.95 22.87
CA ASP K 3676 -67.09 39.16 23.64
C ASP K 3676 -65.89 39.43 24.55
N LEU K 3677 -65.37 38.40 25.20
CA LEU K 3677 -64.10 38.51 25.91
C LEU K 3677 -62.96 38.49 24.90
N SER K 3678 -61.77 38.85 25.36
CA SER K 3678 -60.57 38.84 24.52
C SER K 3678 -60.75 39.76 23.31
N LYS K 3679 -61.16 39.18 22.19
CA LYS K 3679 -61.39 39.96 20.98
C LYS K 3679 -62.42 41.05 21.26
N ALA K 3680 -62.22 42.21 20.62
CA ALA K 3680 -63.00 43.41 20.84
C ALA K 3680 -62.92 43.92 22.27
N GLY K 3681 -61.99 43.37 23.08
CA GLY K 3681 -61.82 43.87 24.42
C GLY K 3681 -61.30 45.30 24.44
N GLU K 3682 -60.31 45.59 23.62
CA GLU K 3682 -59.74 46.93 23.54
C GLU K 3682 -60.71 47.79 22.73
N GLN K 3683 -61.67 48.40 23.42
CA GLN K 3683 -62.69 49.22 22.78
C GLN K 3683 -62.19 50.66 22.66
N GLU K 3684 -63.08 51.57 22.27
CA GLU K 3684 -62.73 52.99 22.13
C GLU K 3684 -62.52 53.68 23.47
N GLU K 3685 -62.55 52.95 24.58
CA GLU K 3685 -62.30 53.57 25.89
C GLU K 3685 -60.90 54.16 25.97
N GLU K 3686 -59.91 53.45 25.40
CA GLU K 3686 -58.55 53.95 25.40
C GLU K 3686 -58.46 55.26 24.61
N GLU K 3687 -57.75 56.23 25.18
CA GLU K 3687 -57.64 57.56 24.59
C GLU K 3687 -56.34 57.79 23.86
N GLU K 3688 -55.22 57.32 24.40
CA GLU K 3688 -53.93 57.56 23.78
C GLU K 3688 -52.96 56.46 24.17
N GLU K 3689 -51.89 56.33 23.38
CA GLU K 3689 -50.84 55.36 23.64
C GLU K 3689 -49.52 55.91 23.12
N VAL K 3690 -48.42 55.33 23.59
CA VAL K 3690 -47.11 55.82 23.22
C VAL K 3690 -46.30 54.74 22.51
N GLU K 3691 -46.00 53.67 23.22
CA GLU K 3691 -45.17 52.61 22.64
C GLU K 3691 -45.80 51.23 22.73
N GLU K 3692 -46.48 50.92 23.82
CA GLU K 3692 -47.09 49.62 24.04
C GLU K 3692 -48.62 49.76 24.05
N LYS K 3693 -49.29 48.65 24.33
CA LYS K 3693 -50.74 48.61 24.37
C LYS K 3693 -51.21 47.91 25.64
N LYS K 3694 -52.34 48.36 26.15
CA LYS K 3694 -52.92 47.77 27.35
C LYS K 3694 -53.36 46.34 27.06
N PRO K 3695 -52.94 45.36 27.85
CA PRO K 3695 -53.35 43.98 27.59
C PRO K 3695 -54.86 43.81 27.65
N ASP K 3696 -55.39 43.08 26.66
CA ASP K 3696 -56.82 42.82 26.59
C ASP K 3696 -57.24 41.81 27.67
N PRO K 3697 -58.53 41.73 27.98
CA PRO K 3697 -58.95 40.95 29.16
C PRO K 3697 -58.45 39.51 29.20
N LEU K 3698 -58.41 38.82 28.06
CA LEU K 3698 -57.88 37.46 28.06
C LEU K 3698 -56.41 37.43 28.45
N HIS K 3699 -55.65 38.43 28.02
CA HIS K 3699 -54.21 38.44 28.29
C HIS K 3699 -53.92 38.44 29.78
N GLN K 3700 -54.74 39.12 30.58
CA GLN K 3700 -54.56 39.06 32.03
C GLN K 3700 -54.79 37.66 32.55
N LEU K 3701 -55.77 36.96 32.01
CA LEU K 3701 -56.15 35.65 32.52
C LEU K 3701 -55.01 34.65 32.40
N VAL K 3702 -54.45 34.50 31.20
CA VAL K 3702 -53.46 33.46 30.98
C VAL K 3702 -52.19 33.73 31.80
N LEU K 3703 -51.74 34.98 31.82
CA LEU K 3703 -50.54 35.31 32.57
C LEU K 3703 -50.73 35.05 34.06
N HIS K 3704 -51.96 35.16 34.56
CA HIS K 3704 -52.25 34.78 35.93
C HIS K 3704 -51.96 33.30 36.16
N PHE K 3705 -52.40 32.45 35.23
CA PHE K 3705 -52.07 31.03 35.35
C PHE K 3705 -50.57 30.80 35.22
N SER K 3706 -49.91 31.54 34.32
CA SER K 3706 -48.46 31.50 34.26
C SER K 3706 -47.86 32.01 35.56
N ARG K 3707 -48.46 33.04 36.15
CA ARG K 3707 -47.96 33.60 37.40
C ARG K 3707 -48.00 32.56 38.52
N THR K 3708 -49.15 31.89 38.69
CA THR K 3708 -49.25 30.88 39.74
C THR K 3708 -48.48 29.62 39.42
N ALA K 3709 -48.20 29.36 38.13
CA ALA K 3709 -47.41 28.19 37.78
C ALA K 3709 -45.96 28.35 38.24
N LEU K 3710 -45.41 29.55 38.14
CA LEU K 3710 -44.02 29.78 38.53
C LEU K 3710 -43.83 29.87 40.04
N THR K 3711 -44.92 29.93 40.81
CA THR K 3711 -44.79 29.99 42.26
C THR K 3711 -44.03 28.78 42.77
N GLU K 3712 -43.01 29.03 43.60
CA GLU K 3712 -42.14 27.96 44.08
C GLU K 3712 -42.90 27.10 45.07
N LYS K 3713 -43.31 25.91 44.63
CA LYS K 3713 -44.08 25.00 45.46
C LYS K 3713 -43.58 23.59 45.22
N SER K 3714 -44.05 22.65 46.04
CA SER K 3714 -43.63 21.26 45.92
C SER K 3714 -44.53 20.47 44.98
N LYS K 3715 -45.84 20.56 45.17
CA LYS K 3715 -46.80 19.87 44.32
C LYS K 3715 -47.96 20.80 43.99
N LEU K 3716 -48.42 20.75 42.75
CA LEU K 3716 -49.53 21.60 42.33
C LEU K 3716 -50.81 21.22 43.07
N ASP K 3717 -51.62 22.23 43.37
CA ASP K 3717 -52.89 22.03 44.05
C ASP K 3717 -53.95 21.66 43.02
N GLU K 3718 -55.22 21.63 43.44
CA GLU K 3718 -56.29 21.23 42.53
C GLU K 3718 -56.71 22.38 41.62
N ASP K 3719 -57.22 23.47 42.20
CA ASP K 3719 -57.58 24.67 41.46
C ASP K 3719 -58.54 24.32 40.31
N TYR K 3720 -59.74 23.88 40.70
CA TYR K 3720 -60.74 23.50 39.71
C TYR K 3720 -61.05 24.67 38.77
N LEU K 3721 -60.84 25.90 39.23
CA LEU K 3721 -61.00 27.07 38.38
C LEU K 3721 -60.14 26.94 37.13
N TYR K 3722 -58.96 26.35 37.26
CA TYR K 3722 -58.11 26.13 36.09
C TYR K 3722 -58.75 25.15 35.12
N MET K 3723 -59.38 24.09 35.65
CA MET K 3723 -60.07 23.13 34.78
C MET K 3723 -61.22 23.79 34.03
N ALA K 3724 -61.97 24.67 34.71
CA ALA K 3724 -63.14 25.26 34.09
C ALA K 3724 -62.78 26.09 32.85
N TYR K 3725 -61.63 26.77 32.89
CA TYR K 3725 -61.19 27.58 31.77
C TYR K 3725 -60.30 26.83 30.79
N ALA K 3726 -59.58 25.82 31.24
CA ALA K 3726 -58.75 25.04 30.33
C ALA K 3726 -59.61 24.34 29.28
N ASP K 3727 -60.73 23.75 29.71
CA ASP K 3727 -61.58 23.03 28.78
C ASP K 3727 -62.26 23.96 27.78
N ILE K 3728 -62.76 25.10 28.26
CA ILE K 3728 -63.49 26.00 27.36
C ILE K 3728 -62.57 26.67 26.36
N MET K 3729 -61.27 26.77 26.67
CA MET K 3729 -60.33 27.27 25.67
C MET K 3729 -60.06 26.25 24.57
N ALA K 3730 -60.33 24.97 24.81
CA ALA K 3730 -60.02 23.94 23.83
C ALA K 3730 -61.11 23.84 22.75
N LYS K 3731 -62.37 23.80 23.17
CA LYS K 3731 -63.46 23.70 22.21
C LYS K 3731 -63.63 24.96 21.37
N SER K 3732 -63.00 26.07 21.75
CA SER K 3732 -63.10 27.29 20.98
C SER K 3732 -62.37 27.21 19.63
N CYS K 3733 -61.56 26.17 19.42
CA CYS K 3733 -60.77 26.03 18.20
C CYS K 3733 -61.24 24.89 17.31
N HIS K 3734 -61.41 23.69 17.87
CA HIS K 3734 -61.71 22.49 17.10
C HIS K 3734 -63.18 22.37 16.71
N LEU K 3735 -63.95 23.46 16.78
CA LEU K 3735 -65.38 23.38 16.45
C LEU K 3735 -65.60 22.82 15.04
N GLU K 3736 -64.84 23.33 14.07
CA GLU K 3736 -64.94 22.86 12.70
C GLU K 3736 -64.01 21.68 12.40
N GLU K 3737 -63.19 21.27 13.35
CA GLU K 3737 -62.26 20.16 13.14
C GLU K 3737 -63.01 18.84 13.04
N GLU K 3747 -70.91 8.16 1.85
CA GLU K 3747 -71.85 8.80 2.75
C GLU K 3747 -71.66 10.32 2.77
N GLU K 3748 -70.79 10.81 1.89
CA GLU K 3748 -70.49 12.24 1.81
C GLU K 3748 -69.89 12.53 0.45
N VAL K 3749 -70.38 13.60 -0.20
CA VAL K 3749 -69.85 13.96 -1.51
C VAL K 3749 -68.41 14.44 -1.37
N GLU K 3750 -67.69 14.39 -2.50
CA GLU K 3750 -66.31 14.84 -2.52
C GLU K 3750 -66.22 16.34 -2.29
N VAL K 3751 -65.27 16.75 -1.46
CA VAL K 3751 -65.09 18.16 -1.12
C VAL K 3751 -64.36 18.87 -2.26
N SER K 3752 -64.90 20.02 -2.67
CA SER K 3752 -64.25 20.80 -3.71
C SER K 3752 -63.01 21.50 -3.15
N PHE K 3753 -62.13 21.98 -4.01
CA PHE K 3753 -60.89 22.55 -3.49
C PHE K 3753 -61.11 23.89 -2.83
N GLU K 3754 -61.98 24.73 -3.37
CA GLU K 3754 -62.09 26.07 -2.80
C GLU K 3754 -62.59 26.04 -1.36
N GLU K 3755 -63.50 25.12 -1.04
CA GLU K 3755 -64.11 25.14 0.29
C GLU K 3755 -63.16 24.63 1.36
N LYS K 3756 -62.32 23.65 1.03
CA LYS K 3756 -61.52 23.00 2.07
C LYS K 3756 -60.46 23.91 2.65
N GLU K 3757 -60.00 24.91 1.90
CA GLU K 3757 -59.11 25.91 2.49
C GLU K 3757 -59.81 26.77 3.52
N MET K 3758 -61.12 27.01 3.37
CA MET K 3758 -61.84 27.82 4.34
C MET K 3758 -61.78 27.20 5.73
N GLU K 3759 -61.91 25.87 5.81
CA GLU K 3759 -61.78 25.21 7.11
C GLU K 3759 -60.38 25.35 7.68
N LYS K 3760 -59.36 25.05 6.88
CA LYS K 3760 -58.00 25.15 7.40
C LYS K 3760 -57.51 26.59 7.53
N GLN K 3761 -58.22 27.56 6.95
CA GLN K 3761 -57.92 28.95 7.26
C GLN K 3761 -58.69 29.42 8.50
N ARG K 3762 -59.96 29.03 8.63
CA ARG K 3762 -60.71 29.36 9.83
C ARG K 3762 -60.07 28.73 11.06
N LEU K 3763 -59.67 27.46 10.96
CA LEU K 3763 -58.97 26.82 12.06
C LEU K 3763 -57.64 27.53 12.34
N LEU K 3764 -56.92 27.92 11.29
CA LEU K 3764 -55.65 28.61 11.49
C LEU K 3764 -55.86 29.97 12.15
N TYR K 3765 -56.98 30.63 11.89
CA TYR K 3765 -57.28 31.91 12.53
C TYR K 3765 -57.87 31.73 13.92
N GLN K 3766 -58.71 30.71 14.11
CA GLN K 3766 -59.35 30.51 15.40
C GLN K 3766 -58.30 30.30 16.50
N GLN K 3767 -57.25 29.55 16.21
CA GLN K 3767 -56.15 29.39 17.16
C GLN K 3767 -55.07 30.45 16.99
N SER K 3768 -55.14 31.28 15.95
CA SER K 3768 -54.15 32.36 15.79
C SER K 3768 -54.28 33.36 16.93
N ARG K 3769 -55.50 33.72 17.29
CA ARG K 3769 -55.72 34.63 18.40
C ARG K 3769 -55.29 34.01 19.73
N LEU K 3770 -55.17 32.68 19.78
CA LEU K 3770 -54.91 31.99 21.03
C LEU K 3770 -53.45 31.59 21.19
N HIS K 3771 -52.56 31.96 20.27
CA HIS K 3771 -51.13 31.82 20.52
C HIS K 3771 -50.38 33.13 20.50
N THR K 3772 -50.86 34.13 19.74
CA THR K 3772 -50.27 35.46 19.82
C THR K 3772 -50.51 36.07 21.20
N ARG K 3773 -51.68 35.80 21.79
CA ARG K 3773 -52.06 36.39 23.06
C ARG K 3773 -51.51 35.57 24.22
N GLY K 3774 -50.19 35.51 24.30
CA GLY K 3774 -49.51 34.74 25.33
C GLY K 3774 -49.78 33.26 25.20
N ALA K 3775 -50.56 32.72 26.13
CA ALA K 3775 -51.09 31.35 26.05
C ALA K 3775 -50.01 30.31 25.79
N ALA K 3776 -49.85 29.92 24.52
CA ALA K 3776 -49.05 28.78 24.09
C ALA K 3776 -47.80 28.55 24.95
N GLU K 3777 -47.10 29.62 25.29
CA GLU K 3777 -46.00 29.50 26.23
C GLU K 3777 -46.52 29.54 27.66
N MET K 3778 -47.49 28.68 27.98
CA MET K 3778 -47.82 28.39 29.38
C MET K 3778 -48.01 26.89 29.55
N VAL K 3779 -48.37 26.19 28.47
CA VAL K 3779 -48.61 24.76 28.57
C VAL K 3779 -47.31 24.02 28.87
N LEU K 3780 -46.19 24.49 28.33
CA LEU K 3780 -44.90 23.92 28.70
C LEU K 3780 -44.57 24.25 30.16
N GLN K 3781 -44.94 25.43 30.61
CA GLN K 3781 -44.72 25.82 32.01
C GLN K 3781 -45.61 25.02 32.94
N MET K 3782 -46.82 24.66 32.50
CA MET K 3782 -47.74 23.92 33.36
C MET K 3782 -47.32 22.47 33.51
N ILE K 3783 -46.87 21.84 32.42
CA ILE K 3783 -46.43 20.45 32.49
C ILE K 3783 -45.17 20.33 33.33
N SER K 3784 -44.25 21.28 33.19
CA SER K 3784 -42.99 21.20 33.91
C SER K 3784 -43.20 21.24 35.42
N ALA K 3785 -44.18 22.01 35.88
CA ALA K 3785 -44.44 22.11 37.31
C ALA K 3785 -44.88 20.78 37.90
N CYS K 3786 -45.73 20.05 37.17
CA CYS K 3786 -46.20 18.74 37.61
C CYS K 3786 -45.15 17.69 37.25
N LYS K 3787 -44.37 17.26 38.23
CA LYS K 3787 -43.23 16.40 37.96
C LYS K 3787 -43.63 15.04 37.39
N GLY K 3788 -44.32 14.21 38.16
CA GLY K 3788 -44.62 12.87 37.70
C GLY K 3788 -45.95 12.31 38.12
N GLU K 3789 -46.88 13.17 38.52
CA GLU K 3789 -48.17 12.74 39.06
C GLU K 3789 -49.24 12.93 38.00
N THR K 3790 -49.77 11.81 37.49
CA THR K 3790 -50.73 11.85 36.40
C THR K 3790 -52.15 12.11 36.89
N GLY K 3791 -52.33 13.13 37.71
CA GLY K 3791 -53.64 13.51 38.18
C GLY K 3791 -54.44 14.20 37.09
N ALA K 3792 -55.54 14.81 37.52
CA ALA K 3792 -56.40 15.55 36.60
C ALA K 3792 -55.74 16.81 36.08
N MET K 3793 -54.61 17.24 36.67
CA MET K 3793 -53.94 18.46 36.26
C MET K 3793 -53.49 18.42 34.82
N VAL K 3794 -52.57 17.50 34.50
CA VAL K 3794 -51.99 17.44 33.16
C VAL K 3794 -53.02 16.93 32.16
N SER K 3795 -53.95 16.08 32.58
CA SER K 3795 -54.95 15.53 31.66
C SER K 3795 -55.76 16.66 31.03
N SER K 3796 -56.21 17.62 31.84
CA SER K 3796 -56.91 18.77 31.28
C SER K 3796 -55.99 19.77 30.61
N THR K 3797 -54.68 19.67 30.85
CA THR K 3797 -53.72 20.55 30.19
C THR K 3797 -53.27 19.99 28.85
N LEU K 3798 -52.94 18.70 28.80
CA LEU K 3798 -52.58 18.07 27.53
C LEU K 3798 -53.74 18.12 26.55
N LYS K 3799 -54.98 18.07 27.05
CA LYS K 3799 -56.13 18.21 26.16
C LYS K 3799 -56.11 19.55 25.45
N LEU K 3800 -55.70 20.61 26.16
CA LEU K 3800 -55.58 21.93 25.53
C LEU K 3800 -54.52 21.91 24.44
N GLY K 3801 -53.33 21.41 24.76
CA GLY K 3801 -52.20 21.55 23.85
C GLY K 3801 -52.44 20.96 22.48
N ILE K 3802 -53.30 19.95 22.38
CA ILE K 3802 -53.64 19.40 21.07
C ILE K 3802 -54.39 20.43 20.23
N SER K 3803 -55.21 21.25 20.88
CA SER K 3803 -56.08 22.15 20.13
C SER K 3803 -55.32 23.32 19.51
N ILE K 3804 -54.24 23.78 20.16
CA ILE K 3804 -53.49 24.91 19.61
C ILE K 3804 -52.73 24.49 18.36
N LEU K 3805 -52.13 23.31 18.37
CA LEU K 3805 -51.21 22.90 17.32
C LEU K 3805 -51.71 21.68 16.54
N ASN K 3806 -53.01 21.63 16.28
CA ASN K 3806 -53.52 20.66 15.31
C ASN K 3806 -53.05 21.03 13.91
N GLY K 3807 -53.30 20.12 12.97
CA GLY K 3807 -52.77 20.31 11.62
C GLY K 3807 -51.26 20.35 11.67
N GLY K 3808 -50.66 21.35 11.02
CA GLY K 3808 -49.23 21.53 11.13
C GLY K 3808 -48.85 22.67 12.05
N ASN K 3809 -49.49 23.82 11.86
CA ASN K 3809 -49.27 25.02 12.67
C ASN K 3809 -47.78 25.29 12.92
N ALA K 3810 -47.10 25.68 11.83
CA ALA K 3810 -45.65 25.89 11.91
C ALA K 3810 -45.30 26.99 12.89
N GLU K 3811 -46.08 28.06 12.93
CA GLU K 3811 -45.73 29.22 13.74
C GLU K 3811 -45.70 28.89 15.23
N VAL K 3812 -46.69 28.14 15.71
CA VAL K 3812 -46.74 27.85 17.15
C VAL K 3812 -45.58 26.95 17.57
N GLN K 3813 -45.13 26.06 16.68
CA GLN K 3813 -43.97 25.24 16.99
C GLN K 3813 -42.72 26.09 17.17
N GLN K 3814 -42.57 27.13 16.36
CA GLN K 3814 -41.40 27.99 16.45
C GLN K 3814 -41.32 28.69 17.80
N LYS K 3815 -42.45 29.18 18.30
CA LYS K 3815 -42.46 29.85 19.59
C LYS K 3815 -42.05 28.92 20.71
N MET K 3816 -42.55 27.68 20.68
CA MET K 3816 -42.21 26.72 21.73
C MET K 3816 -40.73 26.38 21.72
N LEU K 3817 -40.14 26.24 20.54
CA LEU K 3817 -38.71 25.92 20.46
C LEU K 3817 -37.88 27.06 21.03
N ASP K 3818 -38.26 28.31 20.74
CA ASP K 3818 -37.47 29.46 21.19
C ASP K 3818 -37.40 29.52 22.71
N TYR K 3819 -38.52 29.27 23.38
CA TYR K 3819 -38.53 29.33 24.84
C TYR K 3819 -37.62 28.26 25.44
N LEU K 3820 -37.68 27.04 24.93
CA LEU K 3820 -36.84 25.97 25.46
C LEU K 3820 -35.37 26.29 25.27
N LYS K 3821 -35.02 26.96 24.17
CA LYS K 3821 -33.66 27.42 23.95
C LYS K 3821 -33.31 28.63 24.82
N ASP K 3822 -34.30 29.29 25.41
CA ASP K 3822 -34.09 30.52 26.16
C ASP K 3822 -34.00 30.25 27.66
N LYS K 3823 -35.00 29.56 28.22
CA LYS K 3823 -34.96 29.23 29.64
C LYS K 3823 -33.77 28.32 29.95
N LYS K 3824 -33.49 27.35 29.08
CA LYS K 3824 -32.30 26.52 29.16
C LYS K 3824 -32.20 25.77 30.49
N GLU K 3825 -33.36 25.43 31.05
CA GLU K 3825 -33.46 24.54 32.19
C GLU K 3825 -34.07 23.23 31.73
N VAL K 3826 -33.83 22.16 32.49
CA VAL K 3826 -34.35 20.88 32.02
C VAL K 3826 -35.83 20.82 32.33
N GLY K 3827 -36.17 20.61 33.61
CA GLY K 3827 -37.45 20.98 34.17
C GLY K 3827 -38.68 20.35 33.55
N PHE K 3828 -38.56 19.90 32.30
CA PHE K 3828 -39.70 19.45 31.50
C PHE K 3828 -39.51 18.05 30.94
N PHE K 3829 -38.35 17.77 30.34
CA PHE K 3829 -38.09 16.43 29.82
C PHE K 3829 -38.02 15.39 30.93
N GLN K 3830 -37.73 15.80 32.16
CA GLN K 3830 -37.87 14.88 33.29
C GLN K 3830 -39.31 14.42 33.43
N SER K 3831 -40.26 15.34 33.30
CA SER K 3831 -41.67 15.00 33.45
C SER K 3831 -42.12 14.03 32.37
N ILE K 3832 -41.83 14.35 31.10
CA ILE K 3832 -42.27 13.49 30.00
C ILE K 3832 -41.67 12.10 30.14
N GLN K 3833 -40.39 12.01 30.47
CA GLN K 3833 -39.75 10.70 30.64
C GLN K 3833 -40.37 9.93 31.78
N ALA K 3834 -40.57 10.59 32.93
CA ALA K 3834 -41.14 9.89 34.09
C ALA K 3834 -42.60 9.55 33.88
N LEU K 3835 -43.36 10.48 33.28
CA LEU K 3835 -44.80 10.30 33.17
C LEU K 3835 -45.15 9.06 32.35
N MET K 3836 -44.55 8.93 31.17
CA MET K 3836 -44.92 7.82 30.29
C MET K 3836 -44.46 6.48 30.80
N GLN K 3837 -43.55 6.43 31.77
CA GLN K 3837 -43.18 5.17 32.39
C GLN K 3837 -44.24 4.67 33.36
N THR K 3838 -45.17 5.54 33.78
CA THR K 3838 -46.27 5.15 34.64
C THR K 3838 -47.51 4.73 33.86
N CYS K 3839 -47.46 4.79 32.54
CA CYS K 3839 -48.60 4.36 31.74
C CYS K 3839 -48.82 2.86 31.89
N SER K 3840 -50.08 2.46 31.82
CA SER K 3840 -50.44 1.07 32.02
C SER K 3840 -50.43 0.30 30.70
N VAL K 3841 -50.42 -1.02 30.81
CA VAL K 3841 -50.50 -1.92 29.68
C VAL K 3841 -51.62 -2.92 29.94
N LEU K 3842 -51.84 -3.81 28.98
CA LEU K 3842 -52.94 -4.79 29.08
C LEU K 3842 -52.52 -5.85 30.08
N ASP K 3843 -52.93 -5.65 31.34
CA ASP K 3843 -52.73 -6.65 32.37
C ASP K 3843 -53.75 -7.77 32.21
N LEU K 3844 -53.40 -8.97 32.67
CA LEU K 3844 -54.35 -10.07 32.58
C LEU K 3844 -54.91 -10.47 33.95
N ASN K 3845 -54.11 -10.35 35.01
CA ASN K 3845 -54.67 -10.68 36.31
C ASN K 3845 -55.89 -9.84 36.62
N ALA K 3846 -55.84 -8.54 36.31
CA ALA K 3846 -56.99 -7.67 36.55
C ALA K 3846 -58.19 -8.08 35.73
N PHE K 3847 -57.97 -8.72 34.57
CA PHE K 3847 -59.09 -9.15 33.75
C PHE K 3847 -59.94 -10.20 34.46
N GLU K 3848 -59.29 -11.14 35.14
CA GLU K 3848 -60.02 -12.18 35.87
C GLU K 3848 -60.89 -11.58 36.96
N ARG K 3849 -60.43 -10.49 37.58
CA ARG K 3849 -61.21 -9.85 38.64
C ARG K 3849 -62.53 -9.31 38.11
N GLN K 3850 -62.53 -8.77 36.89
CA GLN K 3850 -63.80 -8.45 36.23
C GLN K 3850 -64.62 -9.70 35.96
N ASN K 3851 -63.98 -10.75 35.45
CA ASN K 3851 -64.72 -11.87 34.89
C ASN K 3851 -65.58 -12.59 35.91
N LYS K 3852 -65.27 -12.48 37.20
CA LYS K 3852 -66.16 -12.99 38.23
C LYS K 3852 -66.99 -11.91 38.90
N ALA K 3853 -66.47 -10.69 39.00
CA ALA K 3853 -67.26 -9.58 39.53
C ALA K 3853 -68.47 -9.30 38.65
N GLU K 3854 -68.31 -9.44 37.33
CA GLU K 3854 -69.44 -9.30 36.42
C GLU K 3854 -70.45 -10.42 36.57
N GLY K 3855 -70.10 -11.51 37.27
CA GLY K 3855 -71.05 -12.58 37.48
C GLY K 3855 -72.28 -12.16 38.24
N LEU K 3856 -72.11 -11.24 39.19
CA LEU K 3856 -73.23 -10.72 39.94
C LEU K 3856 -73.98 -9.67 39.13
N GLY K 3857 -75.27 -9.52 39.41
CA GLY K 3857 -76.10 -8.63 38.61
C GLY K 3857 -76.71 -7.48 39.38
N MET K 3858 -76.94 -7.67 40.68
CA MET K 3858 -77.54 -6.63 41.50
C MET K 3858 -77.30 -6.96 42.96
N VAL K 3859 -77.22 -5.91 43.78
CA VAL K 3859 -77.10 -6.04 45.22
C VAL K 3859 -78.42 -6.56 45.76
N ASN K 3860 -78.44 -6.96 47.04
CA ASN K 3860 -79.67 -7.46 47.66
C ASN K 3860 -80.86 -6.57 47.34
N GLU K 3861 -80.81 -5.31 47.80
CA GLU K 3861 -81.70 -4.28 47.25
C GLU K 3861 -81.00 -2.94 47.42
N ASP K 3862 -80.21 -2.56 46.42
CA ASP K 3862 -79.69 -1.19 46.33
C ASP K 3862 -79.41 -0.87 44.86
N GLY K 3863 -80.41 -0.32 44.18
CA GLY K 3863 -80.26 0.26 42.86
C GLY K 3863 -79.44 -0.53 41.86
N THR K 3864 -79.31 -1.85 42.06
CA THR K 3864 -78.43 -2.70 41.27
C THR K 3864 -76.99 -2.21 41.33
N VAL K 3865 -76.12 -2.75 40.49
CA VAL K 3865 -74.72 -2.33 40.46
C VAL K 3865 -74.68 -0.90 39.93
N ILE K 3866 -74.36 0.05 40.82
CA ILE K 3866 -74.35 1.46 40.43
C ILE K 3866 -73.21 1.75 39.46
N ASN K 3867 -72.06 1.11 39.67
CA ASN K 3867 -70.92 1.33 38.79
C ASN K 3867 -71.17 0.83 37.38
N ARG K 3868 -72.05 -0.19 37.24
CA ARG K 3868 -72.40 -0.76 35.94
C ARG K 3868 -71.17 -1.22 35.18
N GLN K 3869 -70.70 -0.38 34.25
CA GLN K 3869 -69.50 -0.73 33.48
C GLN K 3869 -68.28 -0.84 34.37
N ASN K 3870 -68.00 0.20 35.16
CA ASN K 3870 -66.85 0.22 36.07
C ASN K 3870 -65.56 -0.13 35.32
N GLY K 3871 -65.39 0.46 34.13
CA GLY K 3871 -64.31 0.09 33.24
C GLY K 3871 -62.92 0.30 33.81
N GLU K 3872 -62.78 1.04 34.90
CA GLU K 3872 -61.47 1.35 35.45
C GLU K 3872 -60.86 0.08 36.00
N LYS K 3873 -59.97 -0.53 35.21
CA LYS K 3873 -59.23 -1.72 35.62
C LYS K 3873 -58.18 -2.08 34.58
N VAL K 3874 -58.61 -2.56 33.40
CA VAL K 3874 -57.68 -3.07 32.40
C VAL K 3874 -56.78 -1.95 31.87
N MET K 3875 -57.37 -0.83 31.46
CA MET K 3875 -56.60 0.33 31.06
C MET K 3875 -56.84 1.52 31.99
N ALA K 3876 -58.08 1.98 32.12
CA ALA K 3876 -58.42 3.17 32.89
C ALA K 3876 -57.60 4.40 32.46
N ASP K 3877 -56.92 4.31 31.33
CA ASP K 3877 -56.05 5.40 30.88
C ASP K 3877 -56.12 5.69 29.39
N ASP K 3878 -56.76 4.84 28.58
CA ASP K 3878 -56.74 5.01 27.13
C ASP K 3878 -57.20 6.40 26.70
N GLU K 3879 -58.13 6.99 27.45
CA GLU K 3879 -58.56 8.35 27.15
C GLU K 3879 -57.46 9.36 27.41
N PHE K 3880 -56.40 8.98 28.12
CA PHE K 3880 -55.31 9.88 28.46
C PHE K 3880 -54.00 9.50 27.79
N THR K 3881 -53.57 8.23 27.91
CA THR K 3881 -52.30 7.82 27.34
C THR K 3881 -52.30 7.88 25.82
N GLN K 3882 -53.47 7.86 25.19
CA GLN K 3882 -53.53 8.04 23.74
C GLN K 3882 -53.26 9.47 23.32
N ASP K 3883 -53.44 10.44 24.22
CA ASP K 3883 -53.18 11.84 23.92
C ASP K 3883 -51.73 12.24 24.15
N LEU K 3884 -51.05 11.60 25.09
CA LEU K 3884 -49.65 11.94 25.34
C LEU K 3884 -48.80 11.69 24.11
N PHE K 3885 -48.99 10.53 23.46
CA PHE K 3885 -48.23 10.24 22.24
C PHE K 3885 -48.67 11.13 21.09
N ARG K 3886 -49.97 11.41 20.98
CA ARG K 3886 -50.44 12.32 19.94
C ARG K 3886 -49.80 13.69 20.10
N PHE K 3887 -49.62 14.15 21.34
CA PHE K 3887 -48.97 15.43 21.58
C PHE K 3887 -47.54 15.41 21.05
N LEU K 3888 -46.81 14.32 21.30
CA LEU K 3888 -45.45 14.20 20.79
C LEU K 3888 -45.43 14.14 19.28
N GLN K 3889 -46.35 13.39 18.67
CA GLN K 3889 -46.37 13.26 17.22
C GLN K 3889 -46.62 14.60 16.54
N LEU K 3890 -47.59 15.37 17.06
CA LEU K 3890 -47.91 16.65 16.44
C LEU K 3890 -46.80 17.67 16.58
N LEU K 3891 -45.87 17.46 17.52
CA LEU K 3891 -44.72 18.37 17.62
C LEU K 3891 -43.86 18.29 16.37
N CYS K 3892 -43.56 17.09 15.91
CA CYS K 3892 -42.72 16.88 14.73
C CYS K 3892 -43.58 16.66 13.49
N GLU K 3893 -44.46 17.62 13.22
CA GLU K 3893 -45.34 17.56 12.07
C GLU K 3893 -44.87 18.57 11.02
N GLY K 3894 -45.17 18.26 9.76
CA GLY K 3894 -44.66 19.09 8.69
C GLY K 3894 -43.19 18.92 8.41
N HIS K 3895 -42.61 17.79 8.84
CA HIS K 3895 -41.21 17.46 8.58
C HIS K 3895 -40.26 18.50 9.16
N ASN K 3896 -40.64 19.10 10.29
CA ASN K 3896 -39.77 20.04 10.97
C ASN K 3896 -38.50 19.33 11.39
N ASN K 3897 -37.34 19.90 11.04
CA ASN K 3897 -36.05 19.26 11.23
C ASN K 3897 -35.29 19.90 12.39
N ASP K 3898 -36.00 20.42 13.39
CA ASP K 3898 -35.38 20.89 14.61
C ASP K 3898 -35.87 20.13 15.83
N PHE K 3899 -37.18 19.97 16.00
CA PHE K 3899 -37.68 19.04 17.00
C PHE K 3899 -37.26 17.61 16.71
N GLN K 3900 -37.30 17.20 15.43
CA GLN K 3900 -36.87 15.86 15.09
C GLN K 3900 -35.41 15.61 15.44
N ASN K 3901 -34.63 16.67 15.63
CA ASN K 3901 -33.25 16.55 16.10
C ASN K 3901 -33.12 16.92 17.57
N TYR K 3902 -33.95 17.83 18.08
CA TYR K 3902 -33.85 18.24 19.47
C TYR K 3902 -34.26 17.11 20.42
N LEU K 3903 -35.30 16.36 20.07
CA LEU K 3903 -35.76 15.29 20.95
C LEU K 3903 -34.71 14.22 21.16
N ARG K 3904 -33.82 14.02 20.18
CA ARG K 3904 -32.77 13.02 20.34
C ARG K 3904 -31.76 13.43 21.41
N THR K 3905 -31.28 14.66 21.33
CA THR K 3905 -30.30 15.19 22.28
C THR K 3905 -30.55 16.67 22.49
N GLN K 3906 -30.50 17.11 23.74
CA GLN K 3906 -30.65 18.51 24.09
C GLN K 3906 -29.26 19.12 24.23
N THR K 3907 -28.91 20.00 23.30
CA THR K 3907 -27.62 20.67 23.39
C THR K 3907 -27.63 21.67 24.54
N GLY K 3908 -26.44 22.02 25.00
CA GLY K 3908 -26.33 22.85 26.19
C GLY K 3908 -26.92 22.14 27.38
N ASN K 3909 -27.71 22.88 28.16
CA ASN K 3909 -28.33 22.37 29.39
C ASN K 3909 -27.31 21.65 30.27
N THR K 3910 -27.74 20.60 30.94
CA THR K 3910 -26.84 19.80 31.75
C THR K 3910 -26.89 18.32 31.40
N THR K 3911 -28.07 17.77 31.12
CA THR K 3911 -28.21 16.35 30.82
C THR K 3911 -29.23 16.17 29.70
N THR K 3912 -29.14 15.03 29.03
CA THR K 3912 -30.03 14.67 27.95
C THR K 3912 -30.92 13.50 28.35
N ILE K 3913 -32.03 13.34 27.63
CA ILE K 3913 -33.01 12.32 27.94
C ILE K 3913 -33.21 11.34 26.79
N ASN K 3914 -33.19 11.83 25.54
CA ASN K 3914 -33.32 11.00 24.34
C ASN K 3914 -34.65 10.25 24.33
N ILE K 3915 -35.72 11.04 24.18
CA ILE K 3915 -37.09 10.52 24.13
C ILE K 3915 -37.25 9.40 23.11
N ILE K 3916 -36.49 9.45 22.01
CA ILE K 3916 -36.64 8.47 20.93
C ILE K 3916 -36.51 7.05 21.47
N ILE K 3917 -35.36 6.75 22.07
CA ILE K 3917 -35.15 5.43 22.65
C ILE K 3917 -36.04 5.23 23.88
N CYS K 3918 -36.54 6.32 24.47
CA CYS K 3918 -37.38 6.22 25.65
C CYS K 3918 -38.83 5.86 25.32
N THR K 3919 -39.23 5.92 24.05
CA THR K 3919 -40.56 5.51 23.65
C THR K 3919 -40.61 4.11 23.08
N VAL K 3920 -39.53 3.66 22.43
CA VAL K 3920 -39.51 2.31 21.85
C VAL K 3920 -39.64 1.26 22.93
N ASP K 3921 -39.12 1.54 24.14
CA ASP K 3921 -39.25 0.57 25.24
C ASP K 3921 -40.72 0.34 25.60
N TYR K 3922 -41.54 1.39 25.54
CA TYR K 3922 -42.97 1.20 25.76
C TYR K 3922 -43.58 0.29 24.72
N LEU K 3923 -43.20 0.46 23.45
CA LEU K 3923 -43.74 -0.41 22.41
C LEU K 3923 -42.92 -1.69 22.35
N LEU K 3924 -42.59 -2.19 23.52
CA LEU K 3924 -42.09 -3.54 23.70
C LEU K 3924 -42.77 -4.22 24.88
N ARG K 3925 -43.02 -3.51 25.98
CA ARG K 3925 -43.79 -4.07 27.07
C ARG K 3925 -45.24 -4.29 26.66
N LEU K 3926 -45.81 -3.34 25.90
CA LEU K 3926 -47.14 -3.53 25.37
C LEU K 3926 -47.21 -4.72 24.43
N GLN K 3927 -46.18 -4.91 23.61
CA GLN K 3927 -46.16 -6.06 22.71
C GLN K 3927 -46.10 -7.37 23.48
N GLU K 3928 -45.28 -7.43 24.53
CA GLU K 3928 -45.26 -8.61 25.39
C GLU K 3928 -46.58 -8.84 26.09
N SER K 3929 -47.44 -7.82 26.18
CA SER K 3929 -48.73 -7.99 26.84
C SER K 3929 -49.76 -8.58 25.91
N ILE K 3930 -49.83 -8.12 24.66
CA ILE K 3930 -50.80 -8.66 23.72
C ILE K 3930 -50.48 -10.12 23.41
N SER K 3931 -49.19 -10.42 23.16
CA SER K 3931 -48.80 -11.80 22.91
C SER K 3931 -49.12 -12.68 24.11
N ASP K 3932 -49.30 -11.98 25.16
CA ASP K 3932 -49.60 -12.75 26.24
C ASP K 3932 -50.94 -13.04 26.29
N PHE K 3933 -51.70 -12.08 26.09
CA PHE K 3933 -53.15 -12.23 26.03
C PHE K 3933 -53.56 -13.30 25.02
N TYR K 3934 -52.78 -13.49 23.97
CA TYR K 3934 -53.13 -14.46 22.94
C TYR K 3934 -53.14 -15.89 23.50
N TRP K 3935 -52.16 -16.23 24.33
CA TRP K 3935 -52.09 -17.58 24.88
C TRP K 3935 -53.31 -17.90 25.75
N TYR K 3936 -53.82 -16.90 26.48
CA TYR K 3936 -55.00 -17.14 27.30
C TYR K 3936 -56.21 -17.56 26.47
N TYR K 3937 -56.25 -17.14 25.21
CA TYR K 3937 -57.35 -17.47 24.31
C TYR K 3937 -56.95 -18.48 23.25
N SER K 3938 -55.78 -19.09 23.37
CA SER K 3938 -55.33 -20.04 22.36
C SER K 3938 -56.14 -21.32 22.35
N GLY K 3939 -56.62 -21.75 23.52
CA GLY K 3939 -57.32 -23.01 23.62
C GLY K 3939 -58.83 -22.92 23.44
N LYS K 3940 -59.35 -21.70 23.45
CA LYS K 3940 -60.79 -21.49 23.25
C LYS K 3940 -61.10 -21.55 21.75
N ASP K 3941 -62.36 -21.32 21.40
CA ASP K 3941 -62.78 -21.41 20.01
C ASP K 3941 -63.51 -20.15 19.55
N VAL K 3942 -64.18 -19.47 20.49
CA VAL K 3942 -64.89 -18.23 20.21
C VAL K 3942 -64.55 -17.22 21.29
N ILE K 3943 -64.35 -15.98 20.89
CA ILE K 3943 -64.01 -14.91 21.83
C ILE K 3943 -65.29 -14.25 22.29
N GLU K 3944 -65.53 -14.25 23.60
CA GLU K 3944 -66.76 -13.67 24.14
C GLU K 3944 -66.73 -12.14 23.99
N GLU K 3945 -67.89 -11.54 24.23
CA GLU K 3945 -68.07 -10.11 23.95
C GLU K 3945 -67.12 -9.26 24.77
N GLN K 3946 -66.94 -9.60 26.04
CA GLN K 3946 -65.98 -8.86 26.86
C GLN K 3946 -64.55 -9.25 26.60
N GLY K 3947 -64.32 -10.28 25.78
CA GLY K 3947 -62.97 -10.58 25.33
C GLY K 3947 -62.51 -9.75 24.15
N LYS K 3948 -63.43 -9.04 23.50
CA LYS K 3948 -63.11 -8.17 22.38
C LYS K 3948 -63.15 -6.69 22.73
N ARG K 3949 -64.02 -6.29 23.66
CA ARG K 3949 -64.13 -4.89 24.03
C ARG K 3949 -62.83 -4.37 24.60
N ASN K 3950 -62.21 -5.14 25.50
CA ASN K 3950 -60.90 -4.75 26.02
C ASN K 3950 -59.81 -4.94 24.98
N PHE K 3951 -59.92 -5.97 24.15
CA PHE K 3951 -58.87 -6.25 23.17
C PHE K 3951 -58.74 -5.11 22.17
N SER K 3952 -59.87 -4.60 21.66
CA SER K 3952 -59.82 -3.50 20.70
C SER K 3952 -59.28 -2.24 21.34
N LYS K 3953 -59.43 -2.08 22.65
CA LYS K 3953 -58.88 -0.93 23.35
C LYS K 3953 -57.35 -0.90 23.23
N ALA K 3954 -56.70 -2.04 23.46
CA ALA K 3954 -55.25 -2.09 23.42
C ALA K 3954 -54.71 -1.88 22.02
N MET K 3955 -55.33 -2.51 21.02
CA MET K 3955 -54.81 -2.40 19.66
C MET K 3955 -54.94 -0.99 19.11
N SER K 3956 -55.98 -0.26 19.52
CA SER K 3956 -56.11 1.14 19.11
C SER K 3956 -54.96 1.98 19.65
N VAL K 3957 -54.55 1.71 20.89
CA VAL K 3957 -53.41 2.43 21.46
C VAL K 3957 -52.14 2.12 20.69
N ALA K 3958 -51.92 0.86 20.34
CA ALA K 3958 -50.71 0.47 19.63
C ALA K 3958 -50.61 1.16 18.27
N LYS K 3959 -51.75 1.36 17.60
CA LYS K 3959 -51.74 2.07 16.33
C LYS K 3959 -51.27 3.51 16.50
N GLN K 3960 -51.73 4.19 17.55
CA GLN K 3960 -51.34 5.57 17.78
C GLN K 3960 -49.84 5.69 18.03
N VAL K 3961 -49.27 4.73 18.77
CA VAL K 3961 -47.83 4.75 19.00
C VAL K 3961 -47.07 4.60 17.69
N PHE K 3962 -47.53 3.68 16.82
CA PHE K 3962 -46.84 3.47 15.55
C PHE K 3962 -46.87 4.73 14.69
N ASN K 3963 -47.97 5.49 14.74
CA ASN K 3963 -48.03 6.73 13.97
C ASN K 3963 -46.92 7.68 14.38
N SER K 3964 -46.65 7.80 15.68
CA SER K 3964 -45.62 8.71 16.16
C SER K 3964 -44.26 8.31 15.63
N LEU K 3965 -43.90 7.03 15.76
CA LEU K 3965 -42.57 6.57 15.34
C LEU K 3965 -42.26 6.95 13.90
N THR K 3966 -43.27 6.93 13.03
CA THR K 3966 -43.05 7.36 11.65
C THR K 3966 -42.68 8.83 11.57
N GLU K 3967 -43.28 9.67 12.40
CA GLU K 3967 -43.08 11.11 12.28
C GLU K 3967 -41.81 11.60 12.94
N TYR K 3968 -40.99 10.72 13.52
CA TYR K 3968 -39.62 11.09 13.82
C TYR K 3968 -38.67 10.77 12.68
N ILE K 3969 -39.13 10.02 11.67
CA ILE K 3969 -38.29 9.56 10.58
C ILE K 3969 -38.67 10.23 9.27
N GLN K 3970 -39.96 10.47 9.04
CA GLN K 3970 -40.41 11.17 7.84
C GLN K 3970 -39.70 12.50 7.71
N GLY K 3971 -39.32 12.86 6.48
CA GLY K 3971 -38.46 14.01 6.29
C GLY K 3971 -37.07 13.71 6.78
N PRO K 3972 -36.36 12.84 6.03
CA PRO K 3972 -35.21 12.09 6.57
C PRO K 3972 -34.34 12.82 7.56
N CYS K 3973 -34.09 12.16 8.69
CA CYS K 3973 -33.37 12.70 9.84
C CYS K 3973 -32.25 11.75 10.23
N THR K 3974 -31.41 11.41 9.26
CA THR K 3974 -30.43 10.32 9.30
C THR K 3974 -29.83 10.10 10.69
N GLY K 3975 -29.49 11.17 11.38
CA GLY K 3975 -29.01 11.03 12.76
C GLY K 3975 -30.01 10.29 13.63
N ASN K 3976 -31.30 10.52 13.41
CA ASN K 3976 -32.34 9.80 14.15
C ASN K 3976 -32.53 8.38 13.61
N GLN K 3977 -32.31 8.16 12.31
CA GLN K 3977 -32.49 6.83 11.74
C GLN K 3977 -31.54 5.82 12.36
N GLN K 3978 -30.28 6.19 12.55
CA GLN K 3978 -29.31 5.27 13.13
C GLN K 3978 -29.67 4.91 14.57
N SER K 3979 -30.36 5.81 15.28
CA SER K 3979 -30.72 5.53 16.67
C SER K 3979 -31.67 4.34 16.75
N LEU K 3980 -32.69 4.32 15.90
CA LEU K 3980 -33.61 3.18 15.90
C LEU K 3980 -32.93 1.91 15.43
N ALA K 3981 -32.00 2.00 14.49
CA ALA K 3981 -31.26 0.82 14.05
C ALA K 3981 -30.46 0.21 15.18
N HIS K 3982 -29.80 1.05 15.98
CA HIS K 3982 -29.06 0.59 17.15
C HIS K 3982 -29.94 0.60 18.39
N SER K 3983 -31.13 0.00 18.28
CA SER K 3983 -32.12 0.03 19.34
C SER K 3983 -32.82 -1.32 19.42
N ARG K 3984 -33.44 -1.56 20.57
CA ARG K 3984 -34.18 -2.79 20.83
C ARG K 3984 -35.55 -2.75 20.14
N LEU K 3985 -35.50 -2.65 18.81
CA LEU K 3985 -36.70 -2.53 17.99
C LEU K 3985 -37.01 -3.79 17.18
N TRP K 3986 -36.00 -4.43 16.61
CA TRP K 3986 -36.24 -5.62 15.80
C TRP K 3986 -36.88 -6.74 16.62
N ASP K 3987 -36.44 -6.95 17.85
CA ASP K 3987 -37.06 -8.00 18.66
C ASP K 3987 -38.51 -7.69 18.98
N ALA K 3988 -38.95 -6.45 18.79
CA ALA K 3988 -40.35 -6.11 18.98
C ALA K 3988 -41.19 -6.46 17.76
N VAL K 3989 -40.71 -6.15 16.56
CA VAL K 3989 -41.51 -6.41 15.36
C VAL K 3989 -41.60 -7.92 15.09
N VAL K 3990 -40.51 -8.65 15.32
CA VAL K 3990 -40.54 -10.10 15.09
C VAL K 3990 -41.59 -10.75 16.00
N GLY K 3991 -41.71 -10.25 17.23
CA GLY K 3991 -42.80 -10.71 18.08
C GLY K 3991 -44.16 -10.31 17.52
N PHE K 3992 -44.27 -9.09 16.98
CA PHE K 3992 -45.51 -8.66 16.38
C PHE K 3992 -45.87 -9.53 15.18
N LEU K 3993 -44.87 -9.87 14.35
CA LEU K 3993 -45.13 -10.72 13.19
C LEU K 3993 -45.68 -12.07 13.63
N HIS K 3994 -45.18 -12.60 14.74
CA HIS K 3994 -45.65 -13.89 15.23
C HIS K 3994 -47.12 -13.82 15.65
N VAL K 3995 -47.48 -12.82 16.46
CA VAL K 3995 -48.84 -12.74 16.97
C VAL K 3995 -49.81 -12.36 15.86
N PHE K 3996 -49.36 -11.60 14.86
CA PHE K 3996 -50.24 -11.22 13.76
C PHE K 3996 -50.70 -12.42 12.96
N ALA K 3997 -49.88 -13.46 12.87
CA ALA K 3997 -50.21 -14.58 11.99
C ALA K 3997 -51.36 -15.41 12.56
N HIS K 3998 -51.31 -15.74 13.84
CA HIS K 3998 -52.26 -16.69 14.40
C HIS K 3998 -53.66 -16.10 14.50
N MET K 3999 -53.78 -14.89 15.04
CA MET K 3999 -55.10 -14.27 15.14
C MET K 3999 -55.68 -14.01 13.76
N MET K 4000 -54.86 -13.54 12.82
CA MET K 4000 -55.32 -13.42 11.44
C MET K 4000 -55.82 -14.75 10.90
N MET K 4001 -55.23 -15.85 11.37
CA MET K 4001 -55.67 -17.18 10.97
C MET K 4001 -56.86 -17.66 11.80
N LYS K 4002 -56.81 -17.42 13.12
CA LYS K 4002 -57.88 -17.87 14.00
C LYS K 4002 -59.19 -17.13 13.73
N LEU K 4003 -59.11 -15.81 13.53
CA LEU K 4003 -60.32 -15.01 13.41
C LEU K 4003 -61.14 -15.40 12.19
N ALA K 4004 -60.47 -15.81 11.10
CA ALA K 4004 -61.19 -16.15 9.88
C ALA K 4004 -62.09 -17.37 10.02
N GLN K 4005 -61.91 -18.17 11.06
CA GLN K 4005 -62.73 -19.38 11.24
C GLN K 4005 -63.99 -19.09 12.04
N ASP K 4006 -64.72 -18.04 11.63
CA ASP K 4006 -65.94 -17.62 12.31
C ASP K 4006 -66.57 -16.51 11.49
N SER K 4007 -67.88 -16.32 11.70
CA SER K 4007 -68.62 -15.30 10.98
C SER K 4007 -69.04 -14.12 11.85
N SER K 4008 -69.09 -14.28 13.17
CA SER K 4008 -69.54 -13.22 14.05
C SER K 4008 -68.43 -12.29 14.48
N GLN K 4009 -67.21 -12.81 14.68
CA GLN K 4009 -66.08 -11.99 15.09
C GLN K 4009 -65.33 -11.38 13.93
N ILE K 4010 -65.91 -11.40 12.72
CA ILE K 4010 -65.25 -10.85 11.55
C ILE K 4010 -65.02 -9.34 11.70
N GLU K 4011 -65.85 -8.67 12.50
CA GLU K 4011 -65.74 -7.21 12.61
C GLU K 4011 -64.41 -6.80 13.24
N LEU K 4012 -63.91 -7.58 14.20
CA LEU K 4012 -62.62 -7.26 14.81
C LEU K 4012 -61.48 -7.40 13.82
N LEU K 4013 -61.63 -8.27 12.82
CA LEU K 4013 -60.52 -8.55 11.91
C LEU K 4013 -60.16 -7.31 11.10
N LYS K 4014 -61.14 -6.47 10.78
CA LYS K 4014 -60.89 -5.31 9.93
C LYS K 4014 -59.86 -4.37 10.56
N GLU K 4015 -60.07 -3.97 11.82
CA GLU K 4015 -59.10 -3.07 12.44
C GLU K 4015 -57.80 -3.77 12.81
N LEU K 4016 -57.78 -5.11 12.82
CA LEU K 4016 -56.51 -5.80 12.98
C LEU K 4016 -55.64 -5.60 11.73
N LEU K 4017 -56.24 -5.64 10.55
CA LEU K 4017 -55.49 -5.38 9.33
C LEU K 4017 -54.99 -3.94 9.29
N ASP K 4018 -55.78 -3.00 9.81
CA ASP K 4018 -55.34 -1.62 9.85
C ASP K 4018 -54.05 -1.45 10.65
N LEU K 4019 -53.86 -2.28 11.69
CA LEU K 4019 -52.60 -2.26 12.42
C LEU K 4019 -51.45 -2.72 11.54
N GLN K 4020 -51.69 -3.71 10.68
CA GLN K 4020 -50.67 -4.15 9.74
C GLN K 4020 -50.27 -3.02 8.80
N LYS K 4021 -51.20 -2.17 8.42
CA LYS K 4021 -50.91 -1.09 7.48
C LYS K 4021 -50.09 -0.03 8.13
N ASP K 4022 -50.33 0.20 9.42
CA ASP K 4022 -49.58 1.20 10.14
C ASP K 4022 -48.28 0.67 10.72
N MET K 4023 -48.01 -0.63 10.56
CA MET K 4023 -46.74 -1.21 10.99
C MET K 4023 -45.74 -1.33 9.86
N VAL K 4024 -46.19 -1.78 8.68
CA VAL K 4024 -45.27 -1.92 7.55
C VAL K 4024 -44.86 -0.56 7.02
N VAL K 4025 -45.73 0.44 7.14
CA VAL K 4025 -45.43 1.76 6.58
C VAL K 4025 -44.23 2.39 7.28
N MET K 4026 -44.09 2.14 8.59
CA MET K 4026 -42.93 2.68 9.29
C MET K 4026 -41.64 1.99 8.86
N LEU K 4027 -41.71 0.73 8.45
CA LEU K 4027 -40.54 0.08 7.88
C LEU K 4027 -40.11 0.74 6.57
N LEU K 4028 -41.06 1.28 5.80
CA LEU K 4028 -40.70 2.08 4.64
C LEU K 4028 -39.94 3.33 5.06
N SER K 4029 -40.36 3.98 6.14
CA SER K 4029 -39.70 5.21 6.57
C SER K 4029 -38.24 4.96 6.91
N LEU K 4030 -37.94 3.85 7.59
CA LEU K 4030 -36.55 3.49 7.81
C LEU K 4030 -35.82 3.34 6.49
N LEU K 4031 -36.49 2.77 5.50
CA LEU K 4031 -35.82 2.43 4.24
C LEU K 4031 -35.71 3.62 3.28
N GLU K 4032 -36.49 4.68 3.48
CA GLU K 4032 -36.42 5.81 2.55
C GLU K 4032 -35.10 6.55 2.66
N GLY K 4033 -34.60 7.04 1.53
CA GLY K 4033 -33.35 7.77 1.54
C GLY K 4033 -32.13 6.92 1.75
N ASN K 4034 -32.24 5.61 1.50
CA ASN K 4034 -31.18 4.67 1.77
C ASN K 4034 -30.29 4.49 0.55
N VAL K 4035 -29.04 4.14 0.79
CA VAL K 4035 -28.08 3.86 -0.27
C VAL K 4035 -28.21 2.39 -0.65
N VAL K 4036 -27.78 2.06 -1.87
CA VAL K 4036 -27.85 0.67 -2.32
C VAL K 4036 -26.88 -0.16 -1.49
N ASN K 4037 -27.31 -1.37 -1.13
CA ASN K 4037 -26.48 -2.30 -0.35
C ASN K 4037 -26.05 -1.66 0.96
N GLY K 4038 -26.92 -0.83 1.54
CA GLY K 4038 -26.60 -0.10 2.75
C GLY K 4038 -26.71 -0.97 3.98
N MET K 4039 -26.37 -0.36 5.12
CA MET K 4039 -26.37 -1.11 6.38
C MET K 4039 -27.78 -1.24 6.95
N ILE K 4040 -28.61 -0.22 6.76
CA ILE K 4040 -29.99 -0.28 7.25
C ILE K 4040 -30.76 -1.40 6.54
N ALA K 4041 -30.61 -1.49 5.23
CA ALA K 4041 -31.33 -2.50 4.47
C ALA K 4041 -30.84 -3.91 4.76
N ARG K 4042 -29.61 -4.07 5.23
CA ARG K 4042 -29.11 -5.40 5.56
C ARG K 4042 -29.89 -6.00 6.71
N GLN K 4043 -30.17 -5.22 7.75
CA GLN K 4043 -30.94 -5.73 8.87
C GLN K 4043 -32.40 -5.97 8.48
N MET K 4044 -32.90 -5.25 7.47
CA MET K 4044 -34.26 -5.48 7.01
C MET K 4044 -34.46 -6.91 6.55
N VAL K 4045 -33.58 -7.39 5.66
CA VAL K 4045 -33.67 -8.78 5.21
C VAL K 4045 -33.21 -9.72 6.33
N ASP K 4046 -32.24 -9.30 7.14
CA ASP K 4046 -31.75 -10.16 8.21
C ASP K 4046 -32.84 -10.46 9.22
N MET K 4047 -33.61 -9.44 9.62
CA MET K 4047 -34.69 -9.65 10.57
C MET K 4047 -35.75 -10.58 10.02
N LEU K 4048 -35.95 -10.58 8.71
CA LEU K 4048 -36.93 -11.50 8.11
C LEU K 4048 -36.46 -12.95 8.19
N VAL K 4049 -35.15 -13.18 8.21
CA VAL K 4049 -34.63 -14.55 8.18
C VAL K 4049 -35.04 -15.30 9.44
N GLU K 4050 -35.03 -14.56 10.55
CA GLU K 4050 -35.49 -15.12 11.80
C GLU K 4050 -37.01 -14.99 11.87
N SER K 4051 -37.54 -13.84 11.46
CA SER K 4051 -38.99 -13.64 11.47
C SER K 4051 -39.63 -14.14 10.19
N SER K 4052 -39.07 -15.19 9.60
CA SER K 4052 -39.58 -15.68 8.34
C SER K 4052 -40.94 -16.33 8.47
N SER K 4053 -40.99 -17.45 9.19
CA SER K 4053 -42.25 -18.19 9.32
C SER K 4053 -43.44 -17.26 9.37
N ASN K 4054 -43.39 -16.27 10.24
CA ASN K 4054 -44.52 -15.35 10.40
C ASN K 4054 -44.83 -14.68 9.09
N VAL K 4055 -43.84 -13.99 8.52
CA VAL K 4055 -44.04 -13.36 7.22
C VAL K 4055 -44.73 -14.30 6.25
N GLU K 4056 -44.08 -15.38 5.88
CA GLU K 4056 -44.65 -16.29 4.89
C GLU K 4056 -46.13 -16.52 5.16
N MET K 4057 -46.49 -16.76 6.41
CA MET K 4057 -47.88 -17.02 6.75
C MET K 4057 -48.75 -15.93 6.20
N ILE K 4058 -48.37 -14.68 6.43
CA ILE K 4058 -49.16 -13.56 5.95
C ILE K 4058 -49.31 -13.62 4.43
N LEU K 4059 -48.19 -13.67 3.73
CA LEU K 4059 -48.24 -13.71 2.27
C LEU K 4059 -49.20 -14.78 1.79
N LYS K 4060 -49.18 -15.94 2.44
CA LYS K 4060 -50.11 -17.01 2.07
C LYS K 4060 -51.54 -16.55 2.25
N PHE K 4061 -51.86 -16.03 3.43
CA PHE K 4061 -53.21 -15.56 3.69
C PHE K 4061 -53.76 -14.76 2.54
N PHE K 4062 -52.89 -14.05 1.84
CA PHE K 4062 -53.33 -13.26 0.69
C PHE K 4062 -53.57 -14.14 -0.52
N ASP K 4063 -52.53 -14.79 -1.00
CA ASP K 4063 -52.69 -15.68 -2.15
C ASP K 4063 -53.97 -16.47 -2.03
N MET K 4064 -54.04 -17.35 -1.04
CA MET K 4064 -55.22 -18.17 -0.87
C MET K 4064 -56.49 -17.43 -1.23
N PHE K 4065 -56.71 -16.27 -0.63
CA PHE K 4065 -57.96 -15.55 -0.87
C PHE K 4065 -57.94 -14.68 -2.12
N LEU K 4066 -56.94 -14.88 -2.97
CA LEU K 4066 -56.90 -14.15 -4.23
C LEU K 4066 -56.97 -15.15 -5.35
N LYS K 4067 -56.65 -16.39 -5.04
CA LYS K 4067 -56.75 -17.43 -6.05
C LYS K 4067 -58.17 -17.98 -6.01
N LEU K 4068 -58.86 -17.81 -4.90
CA LEU K 4068 -60.24 -18.25 -4.82
C LEU K 4068 -61.09 -17.31 -5.66
N LYS K 4069 -60.78 -16.02 -5.61
CA LYS K 4069 -61.55 -15.05 -6.38
C LYS K 4069 -61.58 -15.44 -7.83
N ASP K 4070 -60.57 -16.16 -8.27
CA ASP K 4070 -60.53 -16.60 -9.66
C ASP K 4070 -61.23 -17.94 -9.81
N ILE K 4071 -60.75 -18.94 -9.08
CA ILE K 4071 -61.38 -20.25 -9.13
C ILE K 4071 -62.88 -20.08 -9.24
N VAL K 4072 -63.52 -19.60 -8.18
CA VAL K 4072 -64.94 -19.35 -8.26
C VAL K 4072 -65.16 -18.38 -9.40
N GLY K 4073 -65.75 -18.85 -10.51
CA GLY K 4073 -65.87 -17.95 -11.65
C GLY K 4073 -65.27 -18.66 -12.85
N SER K 4074 -64.36 -19.59 -12.59
CA SER K 4074 -63.78 -20.38 -13.68
C SER K 4074 -64.80 -21.37 -14.17
N GLU K 4075 -65.00 -21.43 -15.48
CA GLU K 4075 -65.98 -22.35 -16.05
C GLU K 4075 -66.04 -23.65 -15.27
N ALA K 4076 -64.90 -24.29 -15.10
CA ALA K 4076 -64.86 -25.54 -14.34
C ALA K 4076 -65.73 -25.46 -13.11
N PHE K 4077 -65.37 -24.61 -12.16
CA PHE K 4077 -66.11 -24.53 -10.92
C PHE K 4077 -67.60 -24.46 -11.19
N GLN K 4078 -68.02 -23.50 -12.00
CA GLN K 4078 -69.44 -23.31 -12.24
C GLN K 4078 -70.09 -24.55 -12.82
N ASP K 4079 -69.31 -25.62 -13.00
CA ASP K 4079 -69.89 -26.88 -13.47
C ASP K 4079 -70.13 -27.81 -12.30
N TYR K 4080 -69.54 -27.51 -11.15
CA TYR K 4080 -69.78 -28.33 -9.96
C TYR K 4080 -71.00 -27.79 -9.24
N VAL K 4081 -71.15 -26.48 -9.22
CA VAL K 4081 -72.32 -25.88 -8.59
C VAL K 4081 -73.57 -26.29 -9.33
N THR K 4082 -74.43 -27.06 -8.68
CA THR K 4082 -75.68 -27.48 -9.30
C THR K 4082 -76.85 -27.17 -8.39
N ASP K 4083 -77.35 -25.94 -8.46
CA ASP K 4083 -78.46 -25.52 -7.62
C ASP K 4083 -78.97 -24.15 -8.03
N PRO K 4084 -80.29 -23.95 -7.98
CA PRO K 4084 -80.87 -22.66 -8.37
C PRO K 4084 -80.55 -21.55 -7.40
N ARG K 4085 -80.77 -21.77 -6.11
CA ARG K 4085 -80.53 -20.73 -5.12
C ARG K 4085 -79.24 -19.96 -5.43
N GLY K 4086 -78.17 -20.68 -5.74
CA GLY K 4086 -76.91 -20.03 -6.02
C GLY K 4086 -75.86 -20.43 -5.01
N LEU K 4087 -76.02 -21.61 -4.42
CA LEU K 4087 -75.09 -22.03 -3.38
C LEU K 4087 -74.50 -23.39 -3.67
N ILE K 4088 -73.23 -23.58 -3.31
CA ILE K 4088 -72.59 -24.87 -3.50
C ILE K 4088 -72.63 -25.59 -2.17
N SER K 4089 -72.26 -26.86 -2.16
CA SER K 4089 -72.27 -27.63 -0.93
C SER K 4089 -70.85 -27.96 -0.52
N LYS K 4090 -70.67 -28.38 0.72
CA LYS K 4090 -69.33 -28.65 1.22
C LYS K 4090 -68.63 -29.67 0.36
N LYS K 4091 -69.24 -30.84 0.22
CA LYS K 4091 -68.64 -31.87 -0.60
C LYS K 4091 -68.18 -31.29 -1.92
N ASP K 4092 -69.10 -30.69 -2.66
CA ASP K 4092 -68.74 -30.11 -3.95
C ASP K 4092 -67.53 -29.20 -3.81
N PHE K 4093 -67.65 -28.14 -3.02
CA PHE K 4093 -66.54 -27.23 -2.84
C PHE K 4093 -65.24 -28.00 -2.73
N GLN K 4094 -65.20 -28.98 -1.84
CA GLN K 4094 -63.99 -29.76 -1.68
C GLN K 4094 -63.56 -30.30 -3.03
N LYS K 4095 -64.44 -31.10 -3.65
CA LYS K 4095 -64.12 -31.68 -4.94
C LYS K 4095 -63.57 -30.64 -5.90
N ALA K 4096 -64.26 -29.52 -6.02
CA ALA K 4096 -63.84 -28.48 -6.95
C ALA K 4096 -62.41 -28.07 -6.70
N MET K 4097 -62.16 -27.38 -5.59
CA MET K 4097 -60.81 -26.89 -5.32
C MET K 4097 -59.78 -28.00 -5.35
N ASP K 4098 -60.22 -29.23 -5.15
CA ASP K 4098 -59.30 -30.36 -5.13
C ASP K 4098 -59.12 -30.92 -6.53
N SER K 4099 -60.22 -31.01 -7.28
CA SER K 4099 -60.14 -31.48 -8.66
C SER K 4099 -59.15 -30.61 -9.34
N GLN K 4100 -59.24 -29.32 -9.07
CA GLN K 4100 -58.26 -28.43 -9.62
C GLN K 4100 -56.98 -28.63 -8.85
N LYS K 4101 -55.85 -28.63 -9.54
CA LYS K 4101 -54.52 -28.72 -8.95
C LYS K 4101 -54.41 -27.73 -7.80
N GLN K 4102 -53.18 -27.57 -7.28
CA GLN K 4102 -52.83 -26.77 -6.11
C GLN K 4102 -53.78 -27.05 -4.95
N PHE K 4103 -53.81 -26.14 -3.96
CA PHE K 4103 -54.70 -26.28 -2.81
C PHE K 4103 -54.50 -27.62 -2.11
N THR K 4104 -53.31 -27.77 -1.52
CA THR K 4104 -52.94 -28.98 -0.79
C THR K 4104 -54.02 -29.35 0.21
N GLY K 4105 -54.20 -30.66 0.39
CA GLY K 4105 -55.26 -31.24 1.20
C GLY K 4105 -55.60 -30.52 2.49
N PRO K 4106 -54.63 -30.34 3.38
CA PRO K 4106 -54.93 -29.64 4.65
C PRO K 4106 -55.47 -28.24 4.44
N GLU K 4107 -55.02 -27.53 3.41
CA GLU K 4107 -55.59 -26.22 3.10
C GLU K 4107 -57.06 -26.33 2.74
N ILE K 4108 -57.44 -27.38 2.01
CA ILE K 4108 -58.85 -27.59 1.69
C ILE K 4108 -59.66 -27.79 2.96
N GLN K 4109 -59.11 -28.54 3.92
CA GLN K 4109 -59.79 -28.70 5.20
C GLN K 4109 -59.97 -27.36 5.88
N PHE K 4110 -58.96 -26.49 5.82
CA PHE K 4110 -59.08 -25.16 6.41
C PHE K 4110 -60.15 -24.33 5.70
N LEU K 4111 -60.15 -24.35 4.36
CA LEU K 4111 -61.12 -23.55 3.62
C LEU K 4111 -62.55 -23.99 3.90
N LEU K 4112 -62.75 -25.28 4.09
CA LEU K 4112 -64.09 -25.73 4.46
C LEU K 4112 -64.31 -25.38 5.92
N SER K 4113 -63.58 -24.40 6.44
CA SER K 4113 -63.75 -23.98 7.83
C SER K 4113 -64.05 -22.50 7.92
N CYS K 4114 -63.23 -21.68 7.29
CA CYS K 4114 -63.50 -20.24 7.27
C CYS K 4114 -64.80 -19.99 6.53
N SER K 4115 -65.34 -21.04 5.92
CA SER K 4115 -66.61 -20.91 5.21
C SER K 4115 -67.76 -20.90 6.18
N GLU K 4116 -68.95 -20.59 5.68
CA GLU K 4116 -70.12 -20.65 6.54
C GLU K 4116 -70.68 -22.07 6.47
N ALA K 4117 -71.99 -22.20 6.44
CA ALA K 4117 -72.58 -23.54 6.43
C ALA K 4117 -74.03 -23.51 5.99
N ASP K 4118 -74.95 -23.47 6.95
CA ASP K 4118 -76.38 -23.50 6.62
C ASP K 4118 -76.70 -24.81 5.91
N GLU K 4119 -77.19 -25.79 6.63
CA GLU K 4119 -77.47 -27.10 6.04
C GLU K 4119 -76.21 -27.67 5.41
N ASN K 4120 -75.05 -27.12 5.77
CA ASN K 4120 -73.78 -27.62 5.24
C ASN K 4120 -73.74 -27.61 3.72
N GLU K 4121 -74.70 -26.93 3.10
CA GLU K 4121 -74.76 -26.92 1.65
C GLU K 4121 -75.24 -25.57 1.18
N MET K 4122 -75.10 -24.57 2.02
CA MET K 4122 -75.48 -23.22 1.62
C MET K 4122 -74.26 -22.33 1.64
N ILE K 4123 -73.09 -22.90 1.42
CA ILE K 4123 -71.89 -22.10 1.34
C ILE K 4123 -72.06 -21.20 0.14
N ASN K 4124 -72.74 -20.07 0.33
CA ASN K 4124 -72.99 -19.17 -0.79
C ASN K 4124 -71.68 -18.81 -1.38
N PHE K 4125 -71.20 -19.58 -2.35
CA PHE K 4125 -69.86 -19.35 -2.91
C PHE K 4125 -69.49 -17.88 -3.10
N GLU K 4126 -70.38 -17.07 -3.64
CA GLU K 4126 -70.06 -15.68 -3.93
C GLU K 4126 -69.42 -14.94 -2.77
N GLU K 4127 -70.22 -14.44 -1.84
CA GLU K 4127 -69.69 -13.67 -0.71
C GLU K 4127 -68.29 -14.12 -0.34
N PHE K 4128 -68.16 -15.35 0.14
CA PHE K 4128 -66.85 -15.88 0.52
C PHE K 4128 -65.76 -15.26 -0.34
N ALA K 4129 -65.81 -15.50 -1.64
CA ALA K 4129 -64.80 -14.96 -2.53
C ALA K 4129 -64.56 -13.49 -2.28
N ASN K 4130 -65.57 -12.66 -2.52
CA ASN K 4130 -65.41 -11.23 -2.34
C ASN K 4130 -65.75 -10.79 -0.93
N ARG K 4131 -65.10 -11.38 0.07
CA ARG K 4131 -65.32 -10.96 1.44
C ARG K 4131 -64.10 -10.26 1.97
N PHE K 4132 -63.02 -11.02 2.17
CA PHE K 4132 -61.80 -10.43 2.70
C PHE K 4132 -61.00 -9.77 1.59
N GLN K 4133 -61.68 -9.08 0.69
CA GLN K 4133 -60.98 -8.37 -0.36
C GLN K 4133 -60.69 -6.95 0.07
N GLU K 4134 -61.70 -6.09 0.00
CA GLU K 4134 -61.52 -4.70 0.37
C GLU K 4134 -60.66 -4.55 1.64
N PRO K 4135 -61.04 -5.22 2.73
CA PRO K 4135 -60.28 -5.01 3.95
C PRO K 4135 -58.77 -5.01 3.69
N ALA K 4136 -58.29 -5.90 2.85
CA ALA K 4136 -56.86 -5.99 2.61
C ALA K 4136 -56.43 -5.46 1.25
N ARG K 4137 -57.28 -4.66 0.62
CA ARG K 4137 -56.93 -4.07 -0.67
C ARG K 4137 -55.56 -3.52 -0.53
N ASP K 4138 -55.23 -3.06 0.66
CA ASP K 4138 -53.91 -2.54 0.91
C ASP K 4138 -52.99 -3.65 1.34
N ILE K 4139 -52.63 -3.73 2.62
CA ILE K 4139 -51.73 -4.71 3.22
C ILE K 4139 -51.02 -5.47 2.12
N GLY K 4140 -51.77 -6.25 1.35
CA GLY K 4140 -51.19 -6.95 0.21
C GLY K 4140 -50.46 -6.02 -0.74
N PHE K 4141 -50.96 -4.81 -0.90
CA PHE K 4141 -50.24 -3.83 -1.70
C PHE K 4141 -48.97 -3.37 -1.00
N ASN K 4142 -49.05 -3.10 0.29
CA ASN K 4142 -47.92 -2.53 1.01
C ASN K 4142 -46.88 -3.57 1.42
N VAL K 4143 -47.10 -4.85 1.10
CA VAL K 4143 -46.04 -5.84 1.24
C VAL K 4143 -45.41 -6.03 -0.13
N ALA K 4144 -46.21 -5.83 -1.18
CA ALA K 4144 -45.66 -5.84 -2.53
C ALA K 4144 -44.63 -4.72 -2.71
N VAL K 4145 -44.94 -3.52 -2.19
CA VAL K 4145 -43.99 -2.43 -2.24
C VAL K 4145 -42.76 -2.75 -1.38
N LEU K 4146 -42.98 -3.37 -0.23
CA LEU K 4146 -41.87 -3.68 0.67
C LEU K 4146 -40.89 -4.66 0.02
N LEU K 4147 -41.40 -5.75 -0.53
CA LEU K 4147 -40.51 -6.75 -1.14
C LEU K 4147 -39.81 -6.18 -2.37
N THR K 4148 -40.54 -5.41 -3.19
CA THR K 4148 -39.94 -4.86 -4.40
C THR K 4148 -38.81 -3.89 -4.07
N ASN K 4149 -39.12 -2.90 -3.21
CA ASN K 4149 -38.15 -1.85 -2.88
C ASN K 4149 -36.84 -2.38 -2.34
N LEU K 4150 -36.89 -3.05 -1.21
CA LEU K 4150 -35.68 -3.65 -0.69
C LEU K 4150 -35.04 -4.37 -1.86
N SER K 4151 -35.84 -5.05 -2.66
CA SER K 4151 -35.33 -5.75 -3.82
C SER K 4151 -34.87 -4.80 -4.89
N GLU K 4152 -34.15 -3.76 -4.51
CA GLU K 4152 -33.63 -2.79 -5.47
C GLU K 4152 -32.53 -2.04 -4.77
N HIS K 4153 -32.69 -1.81 -3.48
CA HIS K 4153 -31.66 -1.14 -2.72
C HIS K 4153 -30.69 -2.18 -2.18
N VAL K 4154 -31.16 -3.39 -1.90
CA VAL K 4154 -30.25 -4.45 -1.51
C VAL K 4154 -30.35 -5.44 -2.65
N PRO K 4155 -29.65 -5.15 -3.76
CA PRO K 4155 -29.79 -5.99 -4.95
C PRO K 4155 -29.36 -7.42 -4.73
N HIS K 4156 -28.12 -7.74 -5.04
CA HIS K 4156 -27.62 -9.09 -4.88
C HIS K 4156 -27.84 -9.60 -3.47
N ASP K 4157 -28.90 -10.37 -3.26
CA ASP K 4157 -29.15 -10.95 -1.95
C ASP K 4157 -30.10 -12.13 -2.07
N PRO K 4158 -29.58 -13.33 -1.84
CA PRO K 4158 -30.41 -14.52 -1.95
C PRO K 4158 -31.58 -14.46 -1.00
N ARG K 4159 -31.31 -14.39 0.30
CA ARG K 4159 -32.37 -14.38 1.29
C ARG K 4159 -33.65 -13.74 0.78
N LEU K 4160 -33.59 -12.47 0.40
CA LEU K 4160 -34.77 -11.77 -0.06
C LEU K 4160 -35.41 -12.49 -1.24
N ARG K 4161 -34.62 -12.81 -2.25
CA ARG K 4161 -35.18 -13.45 -3.43
C ARG K 4161 -36.28 -14.43 -3.04
N ASN K 4162 -35.95 -15.38 -2.18
CA ASN K 4162 -36.93 -16.38 -1.78
C ASN K 4162 -38.27 -15.74 -1.47
N PHE K 4163 -38.27 -14.70 -0.64
CA PHE K 4163 -39.50 -14.05 -0.26
C PHE K 4163 -40.26 -13.59 -1.48
N LEU K 4164 -39.58 -12.89 -2.37
CA LEU K 4164 -40.23 -12.35 -3.57
C LEU K 4164 -40.93 -13.45 -4.35
N GLU K 4165 -40.34 -14.65 -4.35
CA GLU K 4165 -40.94 -15.76 -5.08
C GLU K 4165 -42.26 -16.19 -4.48
N LEU K 4166 -42.35 -16.20 -3.16
CA LEU K 4166 -43.60 -16.57 -2.50
C LEU K 4166 -44.64 -15.51 -2.74
N ALA K 4167 -44.19 -14.30 -3.05
CA ALA K 4167 -45.11 -13.20 -3.29
C ALA K 4167 -45.11 -12.80 -4.73
N GLU K 4168 -45.63 -13.66 -5.60
CA GLU K 4168 -45.71 -13.32 -7.01
C GLU K 4168 -47.13 -12.92 -7.33
N SER K 4169 -48.07 -13.75 -6.88
CA SER K 4169 -49.47 -13.41 -7.09
C SER K 4169 -49.73 -11.98 -6.65
N ILE K 4170 -49.36 -11.65 -5.43
CA ILE K 4170 -49.58 -10.31 -4.91
C ILE K 4170 -48.81 -9.27 -5.72
N LEU K 4171 -47.55 -9.53 -6.00
CA LEU K 4171 -46.74 -8.57 -6.74
C LEU K 4171 -47.10 -8.57 -8.20
N GLU K 4172 -48.29 -9.05 -8.53
CA GLU K 4172 -48.74 -9.01 -9.91
C GLU K 4172 -50.11 -8.37 -9.95
N TYR K 4173 -51.00 -8.78 -9.07
CA TYR K 4173 -52.29 -8.15 -9.01
C TYR K 4173 -52.08 -6.66 -8.88
N PHE K 4174 -51.04 -6.28 -8.14
CA PHE K 4174 -50.76 -4.87 -7.92
C PHE K 4174 -49.65 -4.38 -8.80
N ARG K 4175 -49.68 -4.72 -10.07
CA ARG K 4175 -48.68 -4.20 -11.00
C ARG K 4175 -49.27 -3.09 -11.82
N PRO K 4176 -50.55 -3.19 -12.17
CA PRO K 4176 -51.12 -2.04 -12.87
C PRO K 4176 -51.48 -0.89 -11.93
N TYR K 4177 -51.34 -1.06 -10.62
CA TYR K 4177 -51.72 -0.02 -9.69
C TYR K 4177 -50.53 0.41 -8.89
N LEU K 4178 -49.36 0.39 -9.52
CA LEU K 4178 -48.15 0.86 -8.86
C LEU K 4178 -47.40 1.63 -9.92
N GLY K 4179 -46.43 2.43 -9.51
CA GLY K 4179 -45.64 3.21 -10.45
C GLY K 4179 -44.28 3.53 -9.86
N ARG K 4180 -43.26 3.50 -10.70
CA ARG K 4180 -41.88 3.73 -10.28
C ARG K 4180 -41.39 5.05 -10.87
N ILE K 4181 -41.17 6.03 -10.01
CA ILE K 4181 -40.82 7.36 -10.48
C ILE K 4181 -39.56 7.81 -9.79
N GLU K 4182 -38.72 8.58 -10.46
CA GLU K 4182 -37.55 9.11 -9.82
C GLU K 4182 -37.66 10.62 -9.68
N ILE K 4183 -37.11 11.18 -8.61
CA ILE K 4183 -37.15 12.62 -8.40
C ILE K 4183 -35.87 13.07 -7.74
N MET K 4184 -34.81 13.26 -8.51
CA MET K 4184 -33.52 13.58 -7.89
C MET K 4184 -33.66 14.84 -7.07
N GLY K 4185 -33.30 14.76 -5.79
CA GLY K 4185 -33.45 15.95 -4.96
C GLY K 4185 -32.78 15.78 -3.61
N ALA K 4186 -32.87 16.84 -2.83
CA ALA K 4186 -32.32 16.90 -1.47
C ALA K 4186 -30.82 16.65 -1.47
N SER K 4187 -30.42 15.41 -1.23
CA SER K 4187 -29.02 15.00 -1.07
C SER K 4187 -28.23 15.00 -2.38
N ARG K 4188 -28.76 15.58 -3.46
CA ARG K 4188 -28.08 15.61 -4.76
C ARG K 4188 -27.78 14.20 -5.26
N ARG K 4189 -28.79 13.34 -5.19
CA ARG K 4189 -28.62 11.93 -5.52
C ARG K 4189 -29.92 11.40 -6.10
N ILE K 4190 -29.82 10.31 -6.85
CA ILE K 4190 -30.97 9.67 -7.47
C ILE K 4190 -31.64 8.76 -6.45
N GLU K 4191 -32.96 8.86 -6.35
CA GLU K 4191 -33.74 8.02 -5.45
C GLU K 4191 -35.02 7.60 -6.17
N ARG K 4192 -35.56 6.46 -5.74
CA ARG K 4192 -36.75 5.88 -6.37
C ARG K 4192 -37.98 6.12 -5.52
N ILE K 4193 -39.12 6.22 -6.18
CA ILE K 4193 -40.40 6.49 -5.53
C ILE K 4193 -41.40 5.42 -5.97
N TYR K 4194 -42.16 4.91 -5.02
CA TYR K 4194 -43.24 3.96 -5.29
C TYR K 4194 -44.54 4.51 -4.74
N PHE K 4195 -45.63 4.19 -5.41
CA PHE K 4195 -46.94 4.73 -5.03
C PHE K 4195 -48.03 3.86 -5.65
N GLU K 4196 -49.27 4.27 -5.48
CA GLU K 4196 -50.44 3.49 -5.87
C GLU K 4196 -51.33 4.32 -6.78
N ILE K 4197 -51.91 3.66 -7.79
CA ILE K 4197 -52.80 4.30 -8.75
C ILE K 4197 -54.07 3.46 -8.85
N SER K 4198 -55.22 4.12 -8.82
CA SER K 4198 -56.50 3.44 -8.83
C SER K 4198 -56.83 2.94 -10.23
N GLU K 4199 -57.82 2.04 -10.31
CA GLU K 4199 -58.24 1.53 -11.61
C GLU K 4199 -58.83 2.63 -12.47
N THR K 4200 -59.71 3.45 -11.89
CA THR K 4200 -60.33 4.53 -12.63
C THR K 4200 -59.30 5.56 -13.07
N ASN K 4201 -58.25 5.74 -12.27
CA ASN K 4201 -57.21 6.69 -12.65
C ASN K 4201 -56.54 6.27 -13.94
N ARG K 4202 -56.22 4.98 -14.07
CA ARG K 4202 -55.64 4.45 -15.30
C ARG K 4202 -56.70 4.23 -16.38
N ALA K 4203 -57.93 3.90 -15.99
CA ALA K 4203 -58.97 3.62 -16.99
C ALA K 4203 -59.21 4.82 -17.89
N GLN K 4204 -59.26 6.02 -17.32
CA GLN K 4204 -59.45 7.21 -18.13
C GLN K 4204 -58.13 7.68 -18.71
N TRP K 4205 -57.38 6.77 -19.33
CA TRP K 4205 -56.12 7.14 -19.97
C TRP K 4205 -55.98 6.49 -21.34
N GLU K 4206 -56.62 5.35 -21.55
CA GLU K 4206 -56.50 4.60 -22.79
C GLU K 4206 -57.66 4.85 -23.74
N MET K 4207 -58.59 5.73 -23.38
CA MET K 4207 -59.64 6.11 -24.33
C MET K 4207 -59.00 6.84 -25.51
N PRO K 4208 -59.51 6.64 -26.73
CA PRO K 4208 -58.80 7.13 -27.92
C PRO K 4208 -58.55 8.62 -27.92
N GLN K 4209 -59.41 9.43 -27.31
CA GLN K 4209 -59.23 10.88 -27.35
C GLN K 4209 -57.91 11.29 -26.70
N VAL K 4210 -57.59 10.73 -25.53
CA VAL K 4210 -56.36 11.09 -24.84
C VAL K 4210 -55.15 10.57 -25.59
N LYS K 4211 -55.26 9.36 -26.16
CA LYS K 4211 -54.11 8.76 -26.84
C LYS K 4211 -53.66 9.61 -28.01
N GLU K 4212 -54.60 10.12 -28.80
CA GLU K 4212 -54.22 10.99 -29.92
C GLU K 4212 -53.62 12.30 -29.43
N SER K 4213 -54.06 12.79 -28.27
CA SER K 4213 -53.44 13.98 -27.69
C SER K 4213 -51.98 13.73 -27.35
N LYS K 4214 -51.66 12.53 -26.85
CA LYS K 4214 -50.27 12.18 -26.58
C LYS K 4214 -49.44 12.25 -27.85
N ARG K 4215 -49.96 11.66 -28.94
CA ARG K 4215 -49.20 11.60 -30.18
C ARG K 4215 -48.94 12.99 -30.75
N GLN K 4216 -49.94 13.86 -30.71
CA GLN K 4216 -49.77 15.19 -31.29
C GLN K 4216 -48.81 16.04 -30.45
N PHE K 4217 -48.87 15.91 -29.12
CA PHE K 4217 -47.96 16.67 -28.27
C PHE K 4217 -46.52 16.23 -28.46
N ILE K 4218 -46.28 14.91 -28.55
CA ILE K 4218 -44.92 14.42 -28.76
C ILE K 4218 -44.38 14.89 -30.09
N PHE K 4219 -45.24 15.02 -31.10
CA PHE K 4219 -44.79 15.40 -32.43
C PHE K 4219 -44.25 16.83 -32.46
N ASP K 4220 -44.97 17.77 -31.86
CA ASP K 4220 -44.64 19.19 -31.99
C ASP K 4220 -43.86 19.73 -30.80
N VAL K 4221 -43.03 18.90 -30.15
CA VAL K 4221 -42.08 19.38 -29.16
C VAL K 4221 -40.65 18.95 -29.46
N VAL K 4222 -40.43 18.15 -30.50
CA VAL K 4222 -39.09 17.72 -30.87
C VAL K 4222 -38.61 18.53 -32.07
N ASN K 4223 -39.56 18.93 -32.93
CA ASN K 4223 -39.24 19.68 -34.14
C ASN K 4223 -39.74 21.13 -34.08
N GLU K 4224 -39.71 21.73 -32.91
CA GLU K 4224 -39.81 23.17 -32.73
C GLU K 4224 -38.85 23.57 -31.61
N GLY K 4225 -39.00 24.79 -31.11
CA GLY K 4225 -38.06 25.38 -30.19
C GLY K 4225 -38.15 24.90 -28.76
N GLY K 4226 -37.77 23.65 -28.51
CA GLY K 4226 -37.68 23.17 -27.15
C GLY K 4226 -36.26 23.17 -26.62
N GLU K 4227 -35.68 21.97 -26.47
CA GLU K 4227 -34.27 21.68 -26.23
C GLU K 4227 -33.75 22.24 -24.91
N ALA K 4228 -34.53 23.10 -24.25
CA ALA K 4228 -34.28 23.51 -22.87
C ALA K 4228 -35.57 23.56 -22.06
N GLU K 4229 -36.50 24.42 -22.48
CA GLU K 4229 -37.77 24.67 -21.82
C GLU K 4229 -38.84 23.66 -22.20
N LYS K 4230 -38.44 22.52 -22.76
CA LYS K 4230 -39.40 21.47 -23.09
C LYS K 4230 -40.09 20.94 -21.85
N MET K 4231 -39.41 20.94 -20.71
CA MET K 4231 -39.96 20.30 -19.52
C MET K 4231 -41.19 21.05 -18.98
N GLU K 4232 -41.15 22.38 -18.99
CA GLU K 4232 -42.32 23.12 -18.52
C GLU K 4232 -43.51 22.94 -19.45
N LEU K 4233 -43.26 22.70 -20.74
CA LEU K 4233 -44.34 22.34 -21.66
C LEU K 4233 -44.97 21.01 -21.28
N PHE K 4234 -44.14 20.04 -20.87
CA PHE K 4234 -44.66 18.75 -20.44
C PHE K 4234 -45.55 18.89 -19.21
N VAL K 4235 -45.13 19.70 -18.24
CA VAL K 4235 -45.99 19.95 -17.08
C VAL K 4235 -47.27 20.67 -17.51
N SER K 4236 -47.16 21.63 -18.42
CA SER K 4236 -48.33 22.28 -18.96
C SER K 4236 -49.21 21.28 -19.70
N PHE K 4237 -48.60 20.29 -20.36
CA PHE K 4237 -49.36 19.23 -20.99
C PHE K 4237 -50.17 18.45 -19.96
N CYS K 4238 -49.56 18.13 -18.82
CA CYS K 4238 -50.29 17.37 -17.80
C CYS K 4238 -51.44 18.18 -17.24
N GLU K 4239 -51.26 19.49 -17.06
CA GLU K 4239 -52.26 20.30 -16.39
C GLU K 4239 -53.56 20.38 -17.18
N ASP K 4240 -53.50 20.29 -18.50
CA ASP K 4240 -54.73 20.38 -19.29
C ASP K 4240 -55.42 19.04 -19.45
N THR K 4241 -54.65 17.95 -19.57
CA THR K 4241 -55.26 16.62 -19.56
C THR K 4241 -55.91 16.33 -18.21
N ILE K 4242 -55.40 16.96 -17.13
CA ILE K 4242 -56.09 16.90 -15.85
C ILE K 4242 -57.51 17.42 -16.00
N PHE K 4243 -57.68 18.57 -16.64
CA PHE K 4243 -59.01 19.14 -16.83
C PHE K 4243 -59.83 18.26 -17.76
N GLU K 4244 -59.22 17.75 -18.82
CA GLU K 4244 -59.95 16.97 -19.83
C GLU K 4244 -60.63 15.76 -19.21
N MET K 4245 -59.91 15.02 -18.35
CA MET K 4245 -60.47 13.79 -17.78
C MET K 4245 -61.62 14.09 -16.83
N GLN K 4246 -61.60 15.25 -16.18
CA GLN K 4246 -62.71 15.61 -15.30
C GLN K 4246 -64.00 15.82 -16.10
N ILE K 4247 -63.90 16.43 -17.27
CA ILE K 4247 -65.08 16.67 -18.09
C ILE K 4247 -65.71 15.36 -18.53
N ALA K 4248 -64.88 14.40 -18.96
CA ALA K 4248 -65.40 13.13 -19.44
C ALA K 4248 -66.16 12.38 -18.36
N ALA K 4249 -65.75 12.52 -17.09
CA ALA K 4249 -66.47 11.88 -16.01
C ALA K 4249 -67.86 12.48 -15.85
N GLN K 4250 -68.00 13.80 -16.05
CA GLN K 4250 -69.28 14.48 -15.85
C GLN K 4250 -70.29 14.17 -16.94
N ILE K 4251 -69.91 13.48 -18.02
CA ILE K 4251 -70.83 13.14 -19.08
C ILE K 4251 -71.12 11.64 -19.11
N SER K 4252 -70.75 10.91 -18.07
CA SER K 4252 -70.98 9.47 -18.01
C SER K 4252 -71.18 9.02 -16.57
N TRP K 4541 -92.27 23.48 -13.31
CA TRP K 4541 -91.09 24.13 -13.85
C TRP K 4541 -89.85 23.25 -13.72
N GLY K 4542 -89.28 23.21 -12.51
CA GLY K 4542 -87.89 22.87 -12.34
C GLY K 4542 -87.52 21.58 -13.04
N GLU K 4543 -88.43 20.62 -13.03
CA GLU K 4543 -88.17 19.33 -13.67
C GLU K 4543 -87.36 19.42 -14.96
N LEU K 4544 -87.80 20.25 -15.90
CA LEU K 4544 -87.14 20.31 -17.22
C LEU K 4544 -85.61 20.43 -17.14
N GLU K 4545 -85.05 20.87 -16.01
CA GLU K 4545 -83.59 20.99 -15.82
C GLU K 4545 -82.90 19.63 -15.88
N VAL K 4546 -83.53 18.56 -15.39
CA VAL K 4546 -82.98 17.19 -15.46
C VAL K 4546 -82.90 16.70 -16.90
N GLN K 4547 -83.94 16.95 -17.70
CA GLN K 4547 -83.93 16.66 -19.13
C GLN K 4547 -82.89 17.49 -19.89
N ARG K 4548 -82.76 18.79 -19.61
CA ARG K 4548 -81.79 19.66 -20.29
C ARG K 4548 -80.33 19.30 -20.00
N VAL K 4549 -79.98 18.95 -18.76
CA VAL K 4549 -78.62 18.45 -18.47
C VAL K 4549 -78.35 17.11 -19.17
N LYS K 4550 -79.33 16.19 -19.19
CA LYS K 4550 -79.18 14.94 -19.93
C LYS K 4550 -79.03 15.16 -21.45
N PHE K 4551 -79.75 16.13 -22.02
CA PHE K 4551 -79.67 16.47 -23.44
C PHE K 4551 -78.32 17.09 -23.82
N LEU K 4552 -77.82 18.06 -23.06
CA LEU K 4552 -76.50 18.65 -23.29
C LEU K 4552 -75.38 17.62 -23.12
N ASN K 4553 -75.48 16.72 -22.15
CA ASN K 4553 -74.56 15.58 -22.05
C ASN K 4553 -74.67 14.65 -23.27
N TYR K 4554 -75.86 14.47 -23.84
CA TYR K 4554 -76.02 13.65 -25.05
C TYR K 4554 -75.36 14.26 -26.29
N LEU K 4555 -75.65 15.52 -26.63
CA LEU K 4555 -75.08 16.19 -27.82
C LEU K 4555 -73.56 16.28 -27.78
N SER K 4556 -72.96 16.35 -26.58
CA SER K 4556 -71.52 16.37 -26.40
C SER K 4556 -70.90 14.97 -26.29
N ARG K 4557 -71.66 13.93 -25.90
CA ARG K 4557 -71.15 12.56 -25.78
C ARG K 4557 -70.79 11.90 -27.12
N ASN K 4558 -71.46 12.29 -28.21
CA ASN K 4558 -71.31 11.72 -29.54
C ASN K 4558 -71.06 12.77 -30.64
N PHE K 4559 -70.42 13.89 -30.30
CA PHE K 4559 -70.13 15.02 -31.19
C PHE K 4559 -69.51 14.60 -32.54
N TYR K 4560 -68.63 13.60 -32.56
CA TYR K 4560 -68.00 13.14 -33.80
C TYR K 4560 -68.93 12.35 -34.73
N THR K 4561 -70.04 11.78 -34.23
CA THR K 4561 -71.06 11.17 -35.10
C THR K 4561 -71.91 12.24 -35.80
N LEU K 4562 -72.24 13.34 -35.14
CA LEU K 4562 -72.96 14.47 -35.76
C LEU K 4562 -72.14 15.03 -36.94
N LYS K 4563 -70.81 15.11 -36.80
CA LYS K 4563 -69.90 15.48 -37.89
C LYS K 4563 -69.96 14.51 -39.08
N TYR K 4564 -69.86 13.20 -38.87
CA TYR K 4564 -70.00 12.25 -39.98
C TYR K 4564 -71.38 12.30 -40.65
N LEU K 4565 -72.44 12.54 -39.89
CA LEU K 4565 -73.79 12.62 -40.42
C LEU K 4565 -74.01 13.89 -41.25
N ALA K 4566 -73.47 15.04 -40.85
CA ALA K 4566 -73.48 16.24 -41.68
C ALA K 4566 -72.70 16.06 -42.98
N LEU K 4567 -71.57 15.35 -42.93
CA LEU K 4567 -70.76 15.07 -44.12
C LEU K 4567 -71.50 14.17 -45.11
N PHE K 4568 -72.18 13.11 -44.65
CA PHE K 4568 -73.02 12.29 -45.52
C PHE K 4568 -74.17 13.07 -46.15
N LEU K 4569 -74.84 13.97 -45.43
CA LEU K 4569 -75.92 14.79 -45.99
C LEU K 4569 -75.43 15.79 -47.04
N ALA K 4570 -74.20 16.30 -46.96
CA ALA K 4570 -73.66 17.15 -48.02
C ALA K 4570 -73.60 16.39 -49.36
N PHE K 4571 -73.01 15.19 -49.38
CA PHE K 4571 -72.99 14.38 -50.60
C PHE K 4571 -74.40 13.96 -51.04
N ALA K 4572 -75.29 13.57 -50.13
CA ALA K 4572 -76.65 13.24 -50.52
C ALA K 4572 -77.38 14.41 -51.19
N ILE K 4573 -77.42 15.57 -50.56
CA ILE K 4573 -78.20 16.67 -51.14
C ILE K 4573 -77.59 17.12 -52.45
N ASN K 4574 -76.33 17.51 -52.42
CA ASN K 4574 -75.67 18.00 -53.61
C ASN K 4574 -75.73 17.02 -54.78
N PHE K 4575 -75.75 15.72 -54.51
CA PHE K 4575 -75.88 14.75 -55.59
C PHE K 4575 -77.15 15.10 -56.29
N ILE K 4576 -78.26 14.87 -55.65
CA ILE K 4576 -79.59 15.24 -56.12
C ILE K 4576 -79.57 16.53 -56.95
N LEU K 4577 -78.61 17.43 -56.73
CA LEU K 4577 -78.45 18.64 -57.54
C LEU K 4577 -77.93 18.38 -58.97
N LEU K 4578 -77.28 17.27 -59.27
CA LEU K 4578 -76.82 16.97 -60.63
C LEU K 4578 -77.98 16.82 -61.63
N PHE K 4579 -79.22 16.64 -61.16
CA PHE K 4579 -80.37 16.41 -62.04
C PHE K 4579 -81.08 17.70 -62.49
N TYR K 4580 -80.91 18.81 -61.78
CA TYR K 4580 -81.70 20.04 -62.09
C TYR K 4580 -81.80 20.42 -63.56
N LYS K 4581 -82.66 21.37 -63.91
CA LYS K 4581 -82.86 21.71 -65.31
C LYS K 4581 -83.63 22.98 -65.61
N VAL K 4582 -82.97 24.01 -66.14
CA VAL K 4582 -83.67 25.22 -66.54
C VAL K 4582 -84.45 24.94 -67.82
N SER K 4583 -85.24 25.90 -68.30
CA SER K 4583 -86.09 25.64 -69.47
C SER K 4583 -86.68 26.88 -70.13
N ASP K 4584 -86.72 26.93 -71.46
CA ASP K 4584 -87.21 28.14 -72.12
C ASP K 4584 -88.68 28.49 -71.80
N SER K 4585 -89.44 27.55 -71.25
CA SER K 4585 -90.82 27.72 -70.78
C SER K 4585 -91.15 26.73 -69.64
N PRO K 4586 -92.19 26.97 -68.82
CA PRO K 4586 -92.50 26.13 -67.67
C PRO K 4586 -92.76 24.64 -68.01
N PRO K 4587 -92.44 23.69 -67.10
CA PRO K 4587 -92.72 22.27 -67.26
C PRO K 4587 -94.17 21.95 -67.64
N ASN K 4626 -89.87 32.09 -69.32
CA ASN K 4626 -88.44 32.04 -69.60
C ASN K 4626 -87.60 31.70 -68.35
N MET K 4627 -86.46 31.04 -68.54
CA MET K 4627 -85.50 30.70 -67.49
C MET K 4627 -86.12 29.94 -66.30
N VAL K 4628 -86.92 28.91 -66.56
CA VAL K 4628 -87.62 28.13 -65.53
C VAL K 4628 -86.79 26.90 -65.16
N TYR K 4629 -86.58 26.63 -63.87
CA TYR K 4629 -85.74 25.55 -63.39
C TYR K 4629 -86.58 24.35 -62.95
N TYR K 4630 -86.20 23.15 -63.38
CA TYR K 4630 -86.89 21.90 -63.09
C TYR K 4630 -85.93 20.86 -62.51
N PHE K 4631 -86.41 19.93 -61.69
CA PHE K 4631 -85.60 18.85 -61.14
C PHE K 4631 -85.37 17.67 -62.09
N LEU K 4632 -85.96 17.68 -63.29
CA LEU K 4632 -85.59 16.86 -64.45
C LEU K 4632 -85.26 15.38 -64.20
N GLU K 4633 -86.12 14.67 -63.49
CA GLU K 4633 -85.98 13.23 -63.24
C GLU K 4633 -87.32 12.51 -63.29
N GLU K 4634 -87.30 11.18 -63.47
CA GLU K 4634 -88.47 10.34 -63.29
C GLU K 4634 -88.94 10.38 -61.83
N SER K 4635 -90.26 10.47 -61.60
CA SER K 4635 -90.84 10.89 -60.31
C SER K 4635 -90.40 10.08 -59.10
N THR K 4636 -90.27 8.74 -59.24
CA THR K 4636 -89.60 7.79 -58.34
C THR K 4636 -90.15 7.66 -56.89
N GLY K 4637 -90.90 8.64 -56.38
CA GLY K 4637 -91.02 8.88 -54.94
C GLY K 4637 -89.75 9.53 -54.38
N TYR K 4638 -89.04 10.32 -55.19
CA TYR K 4638 -87.73 10.90 -54.89
C TYR K 4638 -87.53 12.27 -55.56
N MET K 4639 -86.28 12.72 -55.69
CA MET K 4639 -85.96 14.07 -56.18
C MET K 4639 -86.58 15.17 -55.32
N GLU K 4640 -87.51 15.99 -55.83
CA GLU K 4640 -87.93 17.24 -55.20
C GLU K 4640 -88.34 17.15 -53.72
N PRO K 4641 -89.20 16.22 -53.28
CA PRO K 4641 -89.51 16.01 -51.86
C PRO K 4641 -88.30 15.65 -50.99
N ALA K 4642 -87.36 14.84 -51.49
CA ALA K 4642 -86.15 14.48 -50.78
C ALA K 4642 -85.13 15.63 -50.72
N LEU K 4643 -85.04 16.46 -51.76
CA LEU K 4643 -84.22 17.68 -51.73
C LEU K 4643 -84.79 18.67 -50.70
N TRP K 4644 -86.10 18.83 -50.63
CA TRP K 4644 -86.72 19.64 -49.57
C TRP K 4644 -86.42 19.06 -48.18
N CYS K 4645 -86.68 17.77 -47.98
CA CYS K 4645 -86.50 17.11 -46.68
C CYS K 4645 -85.04 17.14 -46.18
N LEU K 4646 -84.05 16.79 -46.99
CA LEU K 4646 -82.65 16.79 -46.55
C LEU K 4646 -82.11 18.18 -46.23
N SER K 4647 -82.64 19.25 -46.82
CA SER K 4647 -82.19 20.61 -46.50
C SER K 4647 -82.52 21.02 -45.06
N LEU K 4648 -83.63 20.52 -44.49
CA LEU K 4648 -83.95 20.70 -43.07
C LEU K 4648 -82.98 19.89 -42.20
N LEU K 4649 -82.76 18.61 -42.48
CA LEU K 4649 -81.86 17.80 -41.65
C LEU K 4649 -80.43 18.35 -41.65
N HIS K 4650 -79.90 18.79 -42.79
CA HIS K 4650 -78.55 19.35 -42.79
C HIS K 4650 -78.48 20.63 -41.95
N THR K 4651 -79.51 21.48 -41.96
CA THR K 4651 -79.53 22.68 -41.12
C THR K 4651 -79.68 22.37 -39.65
N LEU K 4652 -80.50 21.41 -39.28
CA LEU K 4652 -80.63 20.95 -37.90
C LEU K 4652 -79.30 20.43 -37.36
N VAL K 4653 -78.62 19.54 -38.09
CA VAL K 4653 -77.32 19.00 -37.67
C VAL K 4653 -76.24 20.09 -37.65
N ALA K 4654 -76.18 20.99 -38.63
CA ALA K 4654 -75.24 22.10 -38.59
C ALA K 4654 -75.49 23.08 -37.44
N PHE K 4655 -76.73 23.20 -36.95
CA PHE K 4655 -77.03 23.94 -35.73
C PHE K 4655 -76.62 23.17 -34.46
N LEU K 4656 -76.95 21.88 -34.35
CA LEU K 4656 -76.58 21.09 -33.16
C LEU K 4656 -75.07 21.01 -32.94
N MET K 4657 -74.24 21.09 -33.96
CA MET K 4657 -72.78 21.15 -33.77
C MET K 4657 -72.26 22.46 -33.17
N ILE K 4658 -73.00 23.58 -33.21
CA ILE K 4658 -72.64 24.78 -32.44
C ILE K 4658 -72.77 24.50 -30.93
N ILE K 4659 -73.91 23.94 -30.51
CA ILE K 4659 -74.16 23.55 -29.12
C ILE K 4659 -73.17 22.45 -28.71
N GLY K 4660 -72.97 21.43 -29.54
CA GLY K 4660 -72.03 20.35 -29.26
C GLY K 4660 -70.59 20.84 -29.08
N TYR K 4661 -70.15 21.85 -29.82
CA TYR K 4661 -68.82 22.46 -29.62
C TYR K 4661 -68.75 23.28 -28.35
N ASN K 4662 -69.74 24.15 -28.08
CA ASN K 4662 -69.75 25.06 -26.93
C ASN K 4662 -69.75 24.35 -25.58
N CYS K 4663 -70.14 23.09 -25.51
CA CYS K 4663 -70.25 22.31 -24.27
C CYS K 4663 -69.22 21.18 -24.16
N LEU K 4664 -68.20 21.18 -25.02
CA LEU K 4664 -67.17 20.13 -25.07
C LEU K 4664 -65.77 20.68 -25.33
N LYS K 4665 -65.60 21.62 -26.28
CA LYS K 4665 -64.28 22.08 -26.75
C LYS K 4665 -63.97 23.53 -26.42
N VAL K 4666 -64.93 24.25 -25.83
CA VAL K 4666 -64.74 25.65 -25.45
C VAL K 4666 -64.31 25.82 -23.99
N PRO K 4667 -64.72 24.89 -23.11
CA PRO K 4667 -64.22 25.03 -21.75
C PRO K 4667 -62.70 25.04 -21.72
N LEU K 4668 -62.05 24.09 -22.37
CA LEU K 4668 -60.60 24.01 -22.32
C LEU K 4668 -60.00 25.27 -22.92
N VAL K 4669 -60.64 25.81 -23.95
CA VAL K 4669 -60.18 27.07 -24.51
C VAL K 4669 -60.16 28.13 -23.42
N ILE K 4670 -61.32 28.45 -22.86
CA ILE K 4670 -61.33 29.52 -21.87
C ILE K 4670 -60.35 29.21 -20.73
N PHE K 4671 -60.09 27.94 -20.48
CA PHE K 4671 -59.12 27.56 -19.44
C PHE K 4671 -57.69 27.96 -19.79
N LYS K 4672 -57.16 27.43 -20.88
CA LYS K 4672 -55.78 27.73 -21.24
C LYS K 4672 -55.61 29.23 -21.36
N ARG K 4673 -56.67 29.98 -21.15
CA ARG K 4673 -56.65 31.43 -21.23
C ARG K 4673 -56.59 32.07 -19.86
N GLU K 4674 -57.29 31.53 -18.87
CA GLU K 4674 -57.13 32.21 -17.55
C GLU K 4674 -55.78 31.94 -16.85
N LYS K 4675 -55.32 30.72 -16.97
CA LYS K 4675 -54.04 30.37 -16.40
C LYS K 4675 -53.05 31.42 -16.80
N GLU K 4676 -52.83 31.58 -18.09
CA GLU K 4676 -51.88 32.57 -18.58
C GLU K 4676 -51.99 33.86 -17.79
N LEU K 4677 -53.14 34.51 -17.82
CA LEU K 4677 -53.30 35.79 -17.13
C LEU K 4677 -52.86 35.67 -15.69
N ALA K 4678 -53.43 34.73 -14.94
CA ALA K 4678 -53.11 34.62 -13.53
C ALA K 4678 -51.74 34.03 -13.28
N ARG K 4679 -50.91 34.00 -14.29
CA ARG K 4679 -49.56 33.48 -14.15
C ARG K 4679 -48.59 34.57 -14.54
N LYS K 4680 -49.10 35.62 -15.17
CA LYS K 4680 -48.26 36.73 -15.54
C LYS K 4680 -48.30 37.75 -14.45
N LEU K 4681 -49.50 38.04 -13.97
CA LEU K 4681 -49.67 39.04 -12.92
C LEU K 4681 -48.74 38.84 -11.75
N GLU K 4682 -48.69 37.63 -11.22
CA GLU K 4682 -47.88 37.36 -10.04
C GLU K 4682 -46.40 37.29 -10.33
N PHE K 4683 -45.96 36.23 -10.99
CA PHE K 4683 -44.53 36.04 -11.21
C PHE K 4683 -43.87 36.95 -12.24
N ASP K 4684 -44.50 38.07 -12.59
CA ASP K 4684 -43.90 39.02 -13.53
C ASP K 4684 -44.32 40.45 -13.24
N GLY K 4685 -45.60 40.65 -12.96
CA GLY K 4685 -46.09 41.98 -12.66
C GLY K 4685 -46.61 42.67 -13.89
N LEU K 4686 -47.23 41.92 -14.78
CA LEU K 4686 -47.71 42.49 -16.03
C LEU K 4686 -48.30 43.87 -15.84
N TYR K 4687 -49.51 43.95 -15.32
CA TYR K 4687 -50.17 45.24 -15.19
C TYR K 4687 -49.79 45.97 -13.92
N ILE K 4688 -49.01 45.32 -13.06
CA ILE K 4688 -48.61 45.94 -11.81
C ILE K 4688 -47.31 46.71 -11.98
N THR K 4689 -46.54 46.39 -13.02
CA THR K 4689 -45.28 47.08 -13.27
C THR K 4689 -45.18 47.52 -14.72
N GLU K 4690 -45.23 46.58 -15.64
CA GLU K 4690 -45.14 46.90 -17.06
C GLU K 4690 -46.51 47.18 -17.66
N GLN K 4691 -46.76 46.72 -18.87
CA GLN K 4691 -48.02 47.02 -19.50
C GLN K 4691 -48.12 46.22 -20.76
N PRO K 4692 -49.33 45.76 -21.08
CA PRO K 4692 -49.53 45.03 -22.31
C PRO K 4692 -48.57 45.50 -23.39
N GLY K 4693 -48.66 46.77 -23.76
CA GLY K 4693 -47.76 47.32 -24.77
C GLY K 4693 -48.39 47.46 -26.14
N ASP K 4694 -49.70 47.70 -26.16
CA ASP K 4694 -50.40 47.89 -27.44
C ASP K 4694 -50.38 46.64 -28.31
N ASP K 4695 -49.33 46.48 -29.11
CA ASP K 4695 -49.23 45.34 -30.01
C ASP K 4695 -50.01 44.12 -29.58
N ASP K 4696 -49.88 43.72 -28.32
CA ASP K 4696 -50.55 42.52 -27.83
C ASP K 4696 -52.06 42.68 -27.69
N VAL K 4697 -52.76 42.76 -28.82
CA VAL K 4697 -54.21 42.87 -28.78
C VAL K 4697 -54.79 41.88 -27.78
N LYS K 4698 -54.39 40.62 -27.89
CA LYS K 4698 -54.86 39.62 -26.95
C LYS K 4698 -54.62 40.16 -25.57
N GLY K 4699 -53.40 40.55 -25.30
CA GLY K 4699 -53.07 41.12 -24.01
C GLY K 4699 -53.82 42.40 -23.73
N GLN K 4700 -54.93 42.61 -24.43
CA GLN K 4700 -55.73 43.78 -24.17
C GLN K 4700 -57.20 43.40 -24.03
N TRP K 4701 -57.69 42.54 -24.91
CA TRP K 4701 -59.03 42.09 -24.72
C TRP K 4701 -59.09 41.55 -23.32
N ASP K 4702 -57.95 41.17 -22.77
CA ASP K 4702 -57.97 40.53 -21.44
C ASP K 4702 -57.69 41.46 -20.30
N ARG K 4703 -57.77 42.76 -20.54
CA ARG K 4703 -57.62 43.68 -19.43
C ARG K 4703 -59.00 43.93 -18.90
N LEU K 4704 -59.99 43.22 -19.44
CA LEU K 4704 -61.36 43.42 -19.03
C LEU K 4704 -61.71 42.49 -17.90
N VAL K 4705 -61.15 41.29 -17.90
CA VAL K 4705 -61.51 40.30 -16.90
C VAL K 4705 -60.83 40.54 -15.58
N LEU K 4706 -59.59 41.03 -15.60
CA LEU K 4706 -58.84 41.24 -14.37
C LEU K 4706 -59.75 41.69 -13.24
N ASN K 4707 -60.49 42.77 -13.44
CA ASN K 4707 -61.38 43.29 -12.40
C ASN K 4707 -62.56 42.40 -12.09
N THR K 4708 -62.99 41.60 -13.05
CA THR K 4708 -64.19 40.77 -12.88
C THR K 4708 -64.18 40.01 -11.57
N PRO K 4709 -65.36 39.71 -11.02
CA PRO K 4709 -65.43 39.05 -9.73
C PRO K 4709 -65.47 37.54 -9.88
N SER K 4710 -65.07 37.05 -11.04
CA SER K 4710 -65.02 35.61 -11.25
C SER K 4710 -63.81 35.26 -12.07
N PHE K 4711 -62.77 36.09 -11.95
CA PHE K 4711 -61.59 35.92 -12.79
C PHE K 4711 -61.06 34.51 -12.73
N PRO K 4712 -60.81 34.00 -11.53
CA PRO K 4712 -60.36 32.61 -11.57
C PRO K 4712 -61.60 31.74 -11.60
N SER K 4713 -62.30 31.70 -12.73
CA SER K 4713 -63.47 30.85 -12.86
C SER K 4713 -63.05 29.43 -13.17
N ASN K 4714 -62.77 29.13 -14.42
CA ASN K 4714 -62.31 27.80 -14.78
C ASN K 4714 -60.82 27.70 -14.51
N TYR K 4715 -60.41 27.91 -13.27
CA TYR K 4715 -59.01 27.81 -12.90
C TYR K 4715 -59.00 27.46 -11.44
N TRP K 4716 -58.20 26.48 -11.06
CA TRP K 4716 -58.22 26.02 -9.67
C TRP K 4716 -58.01 27.11 -8.63
N ASP K 4717 -56.96 27.91 -8.76
CA ASP K 4717 -56.64 28.91 -7.73
C ASP K 4717 -57.58 30.09 -7.68
N LYS K 4718 -58.63 29.98 -6.88
CA LYS K 4718 -59.54 31.10 -6.73
C LYS K 4718 -59.00 32.06 -5.69
N PHE K 4719 -57.68 32.26 -5.68
CA PHE K 4719 -57.05 33.15 -4.71
C PHE K 4719 -56.01 34.04 -5.37
N VAL K 4720 -55.73 33.81 -6.65
CA VAL K 4720 -54.77 34.62 -7.37
C VAL K 4720 -54.88 36.05 -6.89
N LYS K 4721 -56.09 36.59 -6.95
CA LYS K 4721 -56.31 37.95 -6.46
C LYS K 4721 -56.17 37.96 -4.95
N ARG K 4722 -54.95 37.96 -4.45
CA ARG K 4722 -54.69 38.00 -3.01
C ARG K 4722 -53.27 37.53 -2.85
N LYS K 4723 -52.71 36.99 -3.91
CA LYS K 4723 -51.31 36.60 -3.87
C LYS K 4723 -50.58 37.64 -4.66
N VAL K 4724 -51.31 38.53 -5.32
CA VAL K 4724 -50.68 39.64 -6.02
C VAL K 4724 -50.77 40.85 -5.12
N LEU K 4725 -51.81 40.92 -4.29
CA LEU K 4725 -51.91 42.02 -3.36
C LEU K 4725 -50.86 41.84 -2.30
N ASP K 4726 -50.58 40.60 -1.96
CA ASP K 4726 -49.61 40.33 -0.92
C ASP K 4726 -48.20 40.56 -1.43
N LYS K 4727 -47.98 40.36 -2.72
CA LYS K 4727 -46.63 40.50 -3.27
C LYS K 4727 -46.37 41.93 -3.68
N HIS K 4728 -46.79 42.31 -4.88
CA HIS K 4728 -46.59 43.66 -5.35
C HIS K 4728 -47.50 44.60 -4.61
N GLY K 4729 -47.60 44.42 -3.30
CA GLY K 4729 -48.52 45.22 -2.52
C GLY K 4729 -47.89 46.26 -1.64
N ASP K 4730 -46.57 46.36 -1.68
CA ASP K 4730 -45.89 47.38 -0.91
C ASP K 4730 -45.28 48.39 -1.85
N ILE K 4731 -44.40 47.93 -2.74
CA ILE K 4731 -43.82 48.81 -3.73
C ILE K 4731 -44.90 49.54 -4.50
N PHE K 4732 -46.13 49.04 -4.45
CA PHE K 4732 -47.25 49.71 -5.10
C PHE K 4732 -48.35 49.78 -4.08
N GLY K 4733 -49.04 50.90 -4.02
CA GLY K 4733 -50.07 51.07 -3.00
C GLY K 4733 -50.95 49.88 -2.74
N ARG K 4734 -50.98 49.42 -1.50
CA ARG K 4734 -51.88 48.33 -1.15
C ARG K 4734 -53.29 48.71 -1.54
N GLU K 4735 -53.53 49.98 -1.78
CA GLU K 4735 -54.86 50.43 -2.21
C GLU K 4735 -54.82 50.88 -3.65
N ARG K 4736 -53.84 50.41 -4.39
CA ARG K 4736 -53.79 50.71 -5.82
C ARG K 4736 -53.88 49.40 -6.54
N ILE K 4737 -53.24 48.36 -6.02
CA ILE K 4737 -53.39 47.05 -6.61
C ILE K 4737 -54.64 46.45 -6.03
N ALA K 4738 -55.38 47.25 -5.28
CA ALA K 4738 -56.63 46.78 -4.71
C ALA K 4738 -57.74 47.20 -5.61
N GLU K 4739 -57.43 47.40 -6.89
CA GLU K 4739 -58.46 47.76 -7.86
C GLU K 4739 -58.28 46.97 -9.16
N LEU K 4740 -57.12 47.08 -9.80
CA LEU K 4740 -56.90 46.43 -11.07
C LEU K 4740 -56.82 44.96 -10.83
N LEU K 4741 -57.59 44.48 -9.86
CA LEU K 4741 -57.63 43.07 -9.58
C LEU K 4741 -58.91 42.86 -8.86
N GLY K 4742 -59.85 43.76 -9.10
CA GLY K 4742 -61.13 43.65 -8.45
C GLY K 4742 -60.93 43.79 -6.97
N MET K 4743 -61.41 42.83 -6.21
CA MET K 4743 -61.30 42.89 -4.75
C MET K 4743 -61.40 44.32 -4.27
N ASP K 4744 -62.30 45.10 -4.87
CA ASP K 4744 -62.50 46.48 -4.45
C ASP K 4744 -62.95 46.50 -3.01
N LEU K 4745 -62.20 47.20 -2.15
CA LEU K 4745 -62.54 47.25 -0.73
C LEU K 4745 -62.41 45.87 -0.08
N ALA K 4746 -62.36 44.83 -0.89
CA ALA K 4746 -62.18 43.50 -0.35
C ALA K 4746 -60.91 43.49 0.47
N SER K 4747 -59.94 44.30 0.06
CA SER K 4747 -58.71 44.41 0.83
C SER K 4747 -59.10 44.60 2.28
N LEU K 4748 -60.17 45.33 2.51
CA LEU K 4748 -60.66 45.52 3.86
C LEU K 4748 -61.58 44.38 4.23
N GLU K 4749 -62.38 43.92 3.28
CA GLU K 4749 -63.27 42.79 3.54
C GLU K 4749 -62.51 41.48 3.50
N ILE K 4750 -61.25 41.51 3.95
CA ILE K 4750 -60.42 40.31 3.92
C ILE K 4750 -60.81 39.34 5.03
N LEU K 4765 -85.90 33.92 -11.93
CA LEU K 4765 -85.21 33.11 -10.93
C LEU K 4765 -83.75 33.50 -10.82
N THR K 4766 -82.85 32.55 -11.10
CA THR K 4766 -81.42 32.84 -11.05
C THR K 4766 -80.99 33.55 -12.31
N TRP K 4767 -80.10 32.94 -13.08
CA TRP K 4767 -79.61 33.54 -14.32
C TRP K 4767 -79.70 35.06 -14.27
N LEU K 4768 -80.75 35.62 -14.88
CA LEU K 4768 -80.93 37.07 -14.92
C LEU K 4768 -80.56 37.75 -13.60
N MET K 4769 -80.85 37.10 -12.48
CA MET K 4769 -80.56 37.70 -11.19
C MET K 4769 -79.06 37.86 -10.93
N SER K 4770 -78.25 36.91 -11.38
CA SER K 4770 -76.82 36.97 -11.10
C SER K 4770 -75.98 36.75 -12.35
N ILE K 4771 -75.53 37.83 -12.97
CA ILE K 4771 -74.73 37.73 -14.17
C ILE K 4771 -73.68 38.82 -14.21
N ASP K 4772 -72.41 38.46 -14.13
CA ASP K 4772 -71.35 39.45 -14.23
C ASP K 4772 -71.28 39.95 -15.65
N VAL K 4773 -72.21 40.83 -16.01
CA VAL K 4773 -72.24 41.36 -17.36
C VAL K 4773 -70.84 41.54 -17.93
N LYS K 4774 -69.94 42.14 -17.16
CA LYS K 4774 -68.61 42.42 -17.67
C LYS K 4774 -67.73 41.18 -17.88
N TYR K 4775 -67.97 40.10 -17.14
CA TYR K 4775 -67.15 38.93 -17.38
C TYR K 4775 -67.65 38.31 -18.65
N GLN K 4776 -68.97 38.15 -18.76
CA GLN K 4776 -69.55 37.52 -19.92
C GLN K 4776 -69.04 38.19 -21.19
N ILE K 4777 -69.05 39.51 -21.23
CA ILE K 4777 -68.52 40.22 -22.38
C ILE K 4777 -67.13 39.70 -22.70
N TRP K 4778 -66.21 39.84 -21.75
CA TRP K 4778 -64.87 39.35 -21.97
C TRP K 4778 -64.92 37.95 -22.56
N LYS K 4779 -65.63 37.05 -21.89
CA LYS K 4779 -65.69 35.68 -22.35
C LYS K 4779 -66.05 35.62 -23.81
N PHE K 4780 -67.19 36.20 -24.16
CA PHE K 4780 -67.64 36.12 -25.54
C PHE K 4780 -66.54 36.51 -26.51
N GLY K 4781 -65.93 37.65 -26.31
CA GLY K 4781 -64.83 38.03 -27.15
C GLY K 4781 -63.89 36.87 -27.35
N VAL K 4782 -63.35 36.33 -26.27
CA VAL K 4782 -62.40 35.22 -26.36
C VAL K 4782 -62.91 34.07 -27.22
N ILE K 4783 -64.23 33.87 -27.27
CA ILE K 4783 -64.79 32.84 -28.16
C ILE K 4783 -64.92 33.25 -29.65
N PHE K 4784 -65.19 34.52 -29.95
CA PHE K 4784 -65.38 34.97 -31.34
C PHE K 4784 -64.08 35.25 -32.08
N THR K 4785 -63.04 34.46 -31.86
CA THR K 4785 -61.70 34.55 -32.47
C THR K 4785 -60.98 33.22 -32.53
N ASP K 4786 -61.56 32.13 -32.05
CA ASP K 4786 -61.02 30.79 -32.20
C ASP K 4786 -61.23 30.28 -33.63
N ASN K 4787 -60.16 29.89 -34.32
CA ASN K 4787 -60.23 29.43 -35.71
C ASN K 4787 -61.07 28.15 -35.90
N SER K 4788 -61.33 27.37 -34.85
CA SER K 4788 -62.24 26.23 -34.90
C SER K 4788 -63.70 26.63 -34.71
N PHE K 4789 -63.97 27.66 -33.91
CA PHE K 4789 -65.34 28.17 -33.75
C PHE K 4789 -65.81 28.90 -35.00
N LEU K 4790 -64.98 29.78 -35.58
CA LEU K 4790 -65.35 30.52 -36.78
C LEU K 4790 -65.69 29.60 -37.96
N TYR K 4791 -64.97 28.49 -38.13
CA TYR K 4791 -65.33 27.49 -39.14
C TYR K 4791 -66.70 26.86 -38.88
N SER K 4792 -67.00 26.53 -37.62
CA SER K 4792 -68.29 25.94 -37.25
C SER K 4792 -69.45 26.93 -37.43
N GLY K 4793 -69.23 28.21 -37.19
CA GLY K 4793 -70.21 29.26 -37.46
C GLY K 4793 -70.48 29.45 -38.96
N TRP K 4794 -69.43 29.49 -39.78
CA TRP K 4794 -69.57 29.56 -41.24
C TRP K 4794 -70.37 28.40 -41.81
N TYR K 4795 -70.13 27.17 -41.35
CA TYR K 4795 -70.86 26.01 -41.81
C TYR K 4795 -72.38 26.15 -41.62
N MET K 4796 -72.80 26.65 -40.45
CA MET K 4796 -74.19 26.94 -40.15
C MET K 4796 -74.75 28.06 -41.04
N VAL K 4797 -74.03 29.18 -41.23
CA VAL K 4797 -74.49 30.28 -42.08
C VAL K 4797 -74.73 29.83 -43.51
N MET K 4798 -73.83 29.06 -44.13
CA MET K 4798 -74.05 28.55 -45.48
C MET K 4798 -75.27 27.61 -45.56
N SER K 4799 -75.57 26.86 -44.49
CA SER K 4799 -76.78 26.02 -44.46
C SER K 4799 -78.07 26.82 -44.40
N LEU K 4800 -78.05 28.04 -43.85
CA LEU K 4800 -79.17 28.99 -43.93
C LEU K 4800 -79.28 29.57 -45.34
N LEU K 4801 -78.18 30.00 -45.97
CA LEU K 4801 -78.20 30.45 -47.38
C LEU K 4801 -78.68 29.34 -48.33
N GLY K 4802 -78.47 28.06 -47.98
CA GLY K 4802 -79.02 26.93 -48.73
C GLY K 4802 -80.54 26.93 -48.91
N HIS K 4803 -81.29 27.65 -48.06
CA HIS K 4803 -82.73 27.87 -48.20
C HIS K 4803 -83.09 29.05 -49.10
N TYR K 4804 -82.18 30.00 -49.31
CA TYR K 4804 -82.36 31.11 -50.25
C TYR K 4804 -82.11 30.66 -51.70
N ASN K 4805 -81.10 29.83 -51.95
CA ASN K 4805 -80.80 29.23 -53.25
C ASN K 4805 -80.02 27.92 -53.05
N ASN K 4806 -80.59 26.77 -53.44
CA ASN K 4806 -80.07 25.47 -53.01
C ASN K 4806 -78.63 25.19 -53.46
N PHE K 4807 -78.13 25.84 -54.50
CA PHE K 4807 -76.74 25.68 -54.91
C PHE K 4807 -75.73 26.13 -53.85
N PHE K 4808 -76.09 26.94 -52.84
CA PHE K 4808 -75.18 27.24 -51.73
C PHE K 4808 -74.80 26.00 -50.91
N PHE K 4809 -75.57 24.91 -50.93
CA PHE K 4809 -75.15 23.65 -50.33
C PHE K 4809 -73.92 23.03 -51.00
N ALA K 4810 -73.51 23.47 -52.20
CA ALA K 4810 -72.25 23.05 -52.80
C ALA K 4810 -71.03 23.57 -52.04
N ALA K 4811 -71.14 24.64 -51.24
CA ALA K 4811 -70.02 25.12 -50.44
C ALA K 4811 -69.57 24.09 -49.40
N HIS K 4812 -70.50 23.31 -48.83
CA HIS K 4812 -70.19 22.30 -47.83
C HIS K 4812 -69.35 21.13 -48.35
N LEU K 4813 -69.14 20.99 -49.64
CA LEU K 4813 -68.28 19.90 -50.13
C LEU K 4813 -66.81 20.25 -49.94
N LEU K 4814 -66.54 21.43 -49.43
CA LEU K 4814 -65.15 21.86 -49.23
C LEU K 4814 -64.54 21.21 -48.01
N ASP K 4815 -65.35 20.50 -47.22
CA ASP K 4815 -64.83 19.78 -46.08
C ASP K 4815 -64.07 18.58 -46.61
N ILE K 4816 -64.42 18.13 -47.81
CA ILE K 4816 -63.72 17.02 -48.43
C ILE K 4816 -62.26 17.37 -48.60
N ALA K 4817 -61.81 18.48 -48.06
CA ALA K 4817 -60.40 18.86 -48.02
C ALA K 4817 -59.90 19.14 -46.61
N MET K 4818 -60.77 19.27 -45.61
CA MET K 4818 -60.42 19.91 -44.34
C MET K 4818 -59.70 18.96 -43.37
N GLU K 4819 -60.25 17.79 -43.04
CA GLU K 4819 -59.61 16.87 -42.08
C GLU K 4819 -59.96 15.38 -42.25
N VAL K 4820 -59.98 14.90 -43.48
CA VAL K 4820 -60.30 13.51 -43.69
C VAL K 4820 -58.94 12.85 -43.78
N LYS K 4821 -58.06 13.25 -42.86
CA LYS K 4821 -56.71 12.73 -42.87
C LYS K 4821 -56.09 12.97 -44.23
N THR K 4822 -56.15 11.97 -45.10
CA THR K 4822 -55.56 12.10 -46.43
C THR K 4822 -55.70 13.50 -47.00
N LEU K 4823 -56.93 13.97 -47.19
CA LEU K 4823 -57.09 15.27 -47.83
C LEU K 4823 -56.43 16.39 -47.03
N ARG K 4824 -56.73 16.49 -45.75
CA ARG K 4824 -56.05 17.50 -44.95
C ARG K 4824 -54.56 17.49 -45.25
N THR K 4825 -53.93 16.34 -45.10
CA THR K 4825 -52.49 16.26 -45.33
C THR K 4825 -52.15 16.70 -46.74
N ILE K 4826 -52.88 16.19 -47.72
CA ILE K 4826 -52.64 16.57 -49.10
C ILE K 4826 -52.69 18.08 -49.21
N LEU K 4827 -53.69 18.70 -48.60
CA LEU K 4827 -53.85 20.15 -48.67
C LEU K 4827 -52.89 20.88 -47.75
N SER K 4828 -51.77 20.27 -47.42
CA SER K 4828 -50.77 20.94 -46.60
C SER K 4828 -49.52 21.25 -47.44
N SER K 4829 -48.97 20.27 -48.13
CA SER K 4829 -47.83 20.56 -49.03
C SER K 4829 -48.00 21.86 -49.82
N VAL K 4830 -49.22 22.34 -50.02
CA VAL K 4830 -49.52 23.60 -50.72
C VAL K 4830 -49.55 24.78 -49.73
N THR K 4831 -50.22 24.59 -48.59
CA THR K 4831 -50.35 25.68 -47.61
C THR K 4831 -49.03 26.01 -47.02
N HIS K 4832 -48.44 25.08 -46.27
CA HIS K 4832 -47.10 25.31 -45.78
C HIS K 4832 -46.40 25.83 -47.00
N ASN K 4833 -45.80 27.02 -46.92
CA ASN K 4833 -45.18 27.67 -48.08
C ASN K 4833 -46.25 28.45 -48.81
N GLY K 4834 -46.70 29.55 -48.21
CA GLY K 4834 -47.69 30.40 -48.86
C GLY K 4834 -46.98 31.62 -49.40
N LYS K 4835 -46.48 32.48 -48.52
CA LYS K 4835 -45.80 33.70 -48.94
C LYS K 4835 -44.79 33.49 -50.08
N GLN K 4836 -44.21 32.30 -50.20
CA GLN K 4836 -43.34 32.09 -51.32
C GLN K 4836 -44.20 32.15 -52.55
N LEU K 4837 -45.27 31.33 -52.56
CA LEU K 4837 -46.22 31.30 -53.66
C LEU K 4837 -46.94 32.61 -53.93
N VAL K 4838 -47.69 33.12 -52.96
CA VAL K 4838 -48.46 34.33 -53.23
C VAL K 4838 -47.53 35.39 -53.80
N MET K 4839 -46.35 35.52 -53.22
CA MET K 4839 -45.38 36.47 -53.74
C MET K 4839 -44.94 36.10 -55.14
N THR K 4840 -44.78 34.81 -55.40
CA THR K 4840 -44.45 34.38 -56.74
C THR K 4840 -45.46 34.96 -57.71
N VAL K 4841 -46.74 34.75 -57.41
CA VAL K 4841 -47.80 35.27 -58.27
C VAL K 4841 -47.79 36.79 -58.28
N GLY K 4842 -46.94 37.38 -57.47
CA GLY K 4842 -46.82 38.83 -57.48
C GLY K 4842 -45.81 39.22 -58.51
N LEU K 4843 -44.80 38.39 -58.71
CA LEU K 4843 -43.81 38.66 -59.73
C LEU K 4843 -44.39 38.33 -61.09
N LEU K 4844 -45.28 37.35 -61.14
CA LEU K 4844 -45.91 36.97 -62.41
C LEU K 4844 -46.88 38.04 -62.87
N ALA K 4845 -46.76 39.23 -62.34
CA ALA K 4845 -47.59 40.32 -62.78
C ALA K 4845 -46.65 41.41 -63.20
N VAL K 4846 -45.69 41.72 -62.34
CA VAL K 4846 -44.71 42.71 -62.68
C VAL K 4846 -44.00 42.25 -63.95
N VAL K 4847 -43.87 40.94 -64.13
CA VAL K 4847 -43.15 40.42 -65.30
C VAL K 4847 -44.03 40.40 -66.54
N VAL K 4848 -45.34 40.55 -66.38
CA VAL K 4848 -46.22 40.62 -67.54
C VAL K 4848 -46.54 42.07 -67.81
N TYR K 4849 -46.14 42.94 -66.90
CA TYR K 4849 -46.36 44.37 -67.10
C TYR K 4849 -45.29 44.91 -68.01
N LEU K 4850 -44.07 44.43 -67.87
CA LEU K 4850 -42.96 44.97 -68.65
C LEU K 4850 -43.09 44.66 -70.13
N TYR K 4851 -43.13 43.39 -70.51
CA TYR K 4851 -43.30 42.98 -71.89
C TYR K 4851 -44.39 43.82 -72.49
N THR K 4852 -45.40 44.16 -71.70
CA THR K 4852 -46.44 45.03 -72.20
C THR K 4852 -45.85 46.35 -72.59
N VAL K 4853 -45.15 46.99 -71.65
CA VAL K 4853 -44.50 48.25 -71.94
C VAL K 4853 -43.74 48.14 -73.27
N VAL K 4854 -42.99 47.06 -73.47
CA VAL K 4854 -42.19 46.92 -74.70
C VAL K 4854 -43.05 46.79 -75.95
N ALA K 4855 -43.65 45.63 -76.20
CA ALA K 4855 -44.54 45.47 -77.32
C ALA K 4855 -45.04 46.84 -77.70
N PHE K 4856 -46.00 47.35 -76.94
CA PHE K 4856 -46.56 48.66 -77.22
C PHE K 4856 -45.64 49.53 -78.06
N ASN K 4857 -44.66 50.15 -77.41
CA ASN K 4857 -43.74 51.03 -78.11
C ASN K 4857 -43.46 50.58 -79.54
N PHE K 4858 -43.09 49.33 -79.73
CA PHE K 4858 -42.71 48.93 -81.07
C PHE K 4858 -43.72 48.02 -81.71
N PHE K 4859 -43.83 46.80 -81.23
CA PHE K 4859 -44.73 45.85 -81.85
C PHE K 4859 -46.16 46.14 -81.46
N ARG K 4860 -46.79 47.09 -82.11
CA ARG K 4860 -48.20 47.37 -81.85
C ARG K 4860 -49.01 47.03 -83.07
N LYS K 4861 -48.34 46.87 -84.20
CA LYS K 4861 -49.02 46.50 -85.43
C LYS K 4861 -48.99 45.00 -85.60
N PHE K 4862 -47.91 44.37 -85.17
CA PHE K 4862 -47.78 42.93 -85.30
C PHE K 4862 -48.87 42.25 -84.52
N TYR K 4863 -49.61 43.01 -83.72
CA TYR K 4863 -50.75 42.48 -82.97
C TYR K 4863 -52.04 42.53 -83.75
N ASN K 4864 -53.11 43.00 -83.12
CA ASN K 4864 -54.42 43.12 -83.80
C ASN K 4864 -55.09 41.77 -84.00
N LYS K 4865 -56.32 41.63 -83.52
CA LYS K 4865 -56.99 40.34 -83.60
C LYS K 4865 -58.34 40.43 -84.28
N SER K 4866 -58.36 40.86 -85.54
CA SER K 4866 -59.62 40.93 -86.27
C SER K 4866 -59.44 40.31 -87.66
N GLU K 4867 -60.53 40.20 -88.41
CA GLU K 4867 -60.45 39.64 -89.75
C GLU K 4867 -61.25 40.48 -90.75
N ASP K 4868 -62.34 41.08 -90.29
CA ASP K 4868 -63.14 41.93 -91.16
C ASP K 4868 -62.29 43.03 -91.77
N GLU K 4869 -62.54 43.35 -93.03
CA GLU K 4869 -61.79 44.42 -93.68
C GLU K 4869 -61.68 45.58 -92.72
N ASP K 4870 -62.82 46.03 -92.20
CA ASP K 4870 -62.79 47.10 -91.21
C ASP K 4870 -62.32 46.47 -89.92
N GLU K 4871 -61.06 46.06 -89.88
CA GLU K 4871 -60.54 45.37 -88.70
C GLU K 4871 -60.19 46.29 -87.57
N PRO K 4872 -60.92 46.19 -86.46
CA PRO K 4872 -60.57 46.99 -85.29
C PRO K 4872 -59.97 46.06 -84.26
N ASP K 4873 -60.76 45.63 -83.28
CA ASP K 4873 -60.28 44.75 -82.22
C ASP K 4873 -58.77 44.82 -82.10
N MET K 4874 -58.25 46.02 -81.84
CA MET K 4874 -56.82 46.17 -81.68
C MET K 4874 -56.50 46.09 -80.21
N LYS K 4875 -56.00 44.96 -79.75
CA LYS K 4875 -55.74 44.78 -78.34
C LYS K 4875 -54.45 45.44 -77.89
N CYS K 4876 -54.08 46.55 -78.51
CA CYS K 4876 -52.87 47.27 -78.09
C CYS K 4876 -53.01 48.76 -78.34
N ASP K 4877 -54.10 49.31 -77.82
CA ASP K 4877 -54.35 50.72 -77.95
C ASP K 4877 -54.68 51.27 -76.57
N ASP K 4878 -54.22 50.61 -75.51
CA ASP K 4878 -54.41 51.10 -74.15
C ASP K 4878 -53.47 50.31 -73.25
N MET K 4879 -52.56 50.98 -72.55
CA MET K 4879 -51.55 50.26 -71.75
C MET K 4879 -52.27 49.39 -70.78
N MET K 4880 -53.58 49.42 -70.85
CA MET K 4880 -54.37 48.52 -70.03
C MET K 4880 -54.61 47.26 -70.84
N THR K 4881 -55.45 47.35 -71.86
CA THR K 4881 -55.82 46.18 -72.63
C THR K 4881 -54.64 45.31 -72.99
N CYS K 4882 -53.52 45.92 -73.34
CA CYS K 4882 -52.34 45.13 -73.61
C CYS K 4882 -52.04 44.27 -72.39
N TYR K 4883 -52.07 44.86 -71.21
CA TYR K 4883 -51.72 44.11 -70.01
C TYR K 4883 -52.66 42.93 -69.83
N LEU K 4884 -53.94 43.12 -70.12
CA LEU K 4884 -54.87 42.01 -70.04
C LEU K 4884 -54.53 40.97 -71.10
N PHE K 4885 -54.51 41.36 -72.36
CA PHE K 4885 -54.21 40.42 -73.44
C PHE K 4885 -52.94 39.64 -73.14
N HIS K 4886 -52.08 40.17 -72.29
CA HIS K 4886 -50.82 39.48 -72.04
C HIS K 4886 -50.94 38.57 -70.84
N MET K 4887 -51.88 38.85 -69.96
CA MET K 4887 -52.11 37.98 -68.81
C MET K 4887 -53.21 36.99 -69.12
N TYR K 4888 -53.79 37.04 -70.30
CA TYR K 4888 -54.92 36.17 -70.55
C TYR K 4888 -54.45 35.25 -71.62
N VAL K 4889 -54.55 35.69 -72.86
CA VAL K 4889 -54.08 34.88 -73.95
C VAL K 4889 -52.66 34.39 -73.70
N GLY K 4890 -51.77 35.27 -73.26
CA GLY K 4890 -50.39 34.89 -73.03
C GLY K 4890 -50.18 33.81 -71.99
N VAL K 4891 -49.78 34.15 -70.78
CA VAL K 4891 -49.47 33.14 -69.76
C VAL K 4891 -50.06 31.76 -70.04
N ARG K 4892 -51.35 31.68 -70.35
CA ARG K 4892 -52.00 30.39 -70.60
C ARG K 4892 -51.87 29.92 -72.03
N ALA K 4893 -50.72 29.36 -72.39
CA ALA K 4893 -50.54 28.83 -73.74
C ALA K 4893 -49.31 27.93 -73.77
N GLY K 4894 -48.79 27.68 -74.97
CA GLY K 4894 -47.64 26.79 -75.11
C GLY K 4894 -46.36 27.50 -75.48
N GLY K 4895 -46.45 28.40 -76.45
CA GLY K 4895 -45.28 29.16 -76.86
C GLY K 4895 -45.42 30.62 -76.52
N GLY K 4896 -46.27 30.90 -75.55
CA GLY K 4896 -46.46 32.28 -75.13
C GLY K 4896 -47.04 33.16 -76.19
N ILE K 4897 -46.81 34.46 -76.08
CA ILE K 4897 -47.41 35.39 -77.01
C ILE K 4897 -47.15 35.04 -78.47
N GLY K 4898 -46.10 34.28 -78.74
CA GLY K 4898 -45.76 33.98 -80.11
C GLY K 4898 -46.81 33.20 -80.87
N ASP K 4899 -47.84 32.76 -80.16
CA ASP K 4899 -48.87 31.94 -80.80
C ASP K 4899 -50.19 32.68 -81.02
N GLU K 4900 -50.25 33.94 -80.64
CA GLU K 4900 -51.46 34.71 -80.89
C GLU K 4900 -51.18 36.09 -81.45
N ILE K 4901 -50.11 36.23 -82.23
CA ILE K 4901 -49.73 37.53 -82.74
C ILE K 4901 -49.02 37.46 -84.09
N GLU K 4902 -49.80 37.54 -85.17
CA GLU K 4902 -49.26 37.51 -86.51
C GLU K 4902 -48.05 36.62 -86.65
N ASP K 4903 -47.11 37.03 -87.48
CA ASP K 4903 -45.91 36.24 -87.68
C ASP K 4903 -44.83 37.15 -88.23
N PRO K 4904 -43.77 37.35 -87.46
CA PRO K 4904 -42.67 38.17 -87.96
C PRO K 4904 -42.45 37.92 -89.43
N ALA K 4905 -42.08 36.71 -89.81
CA ALA K 4905 -41.84 36.37 -91.21
C ALA K 4905 -41.54 37.57 -92.07
N GLY K 4906 -42.58 38.19 -92.61
CA GLY K 4906 -42.40 39.36 -93.45
C GLY K 4906 -41.51 40.43 -92.84
N ASP K 4907 -40.19 40.26 -92.97
CA ASP K 4907 -39.25 41.23 -92.43
C ASP K 4907 -39.81 42.01 -91.25
N GLU K 4908 -39.73 43.33 -91.32
CA GLU K 4908 -40.24 44.16 -90.24
C GLU K 4908 -39.71 43.72 -88.89
N TYR K 4909 -38.50 44.13 -88.55
CA TYR K 4909 -37.96 43.81 -87.24
C TYR K 4909 -38.04 42.31 -86.96
N GLU K 4910 -37.95 41.49 -87.99
CA GLU K 4910 -38.14 40.06 -87.77
C GLU K 4910 -37.37 39.61 -86.57
N LEU K 4911 -36.09 39.95 -86.51
CA LEU K 4911 -35.26 39.45 -85.42
C LEU K 4911 -35.48 40.16 -84.09
N TYR K 4912 -36.60 40.85 -83.95
CA TYR K 4912 -36.90 41.49 -82.68
C TYR K 4912 -38.10 40.79 -82.09
N ARG K 4913 -39.04 40.40 -82.94
CA ARG K 4913 -40.19 39.67 -82.46
C ARG K 4913 -39.82 38.22 -82.27
N VAL K 4914 -38.68 37.80 -82.79
CA VAL K 4914 -38.24 36.44 -82.53
C VAL K 4914 -37.70 36.50 -81.14
N VAL K 4915 -36.67 37.29 -80.95
CA VAL K 4915 -36.12 37.46 -79.61
C VAL K 4915 -37.26 37.62 -78.64
N PHE K 4916 -38.12 38.61 -78.82
CA PHE K 4916 -39.25 38.83 -77.93
C PHE K 4916 -39.90 37.52 -77.53
N ASP K 4917 -40.65 36.91 -78.44
CA ASP K 4917 -41.33 35.65 -78.14
C ASP K 4917 -40.46 34.61 -77.44
N ILE K 4918 -39.28 34.31 -77.96
CA ILE K 4918 -38.47 33.25 -77.36
C ILE K 4918 -38.10 33.59 -75.92
N THR K 4919 -37.73 34.83 -75.69
CA THR K 4919 -37.44 35.28 -74.34
C THR K 4919 -38.68 35.18 -73.49
N PHE K 4920 -39.76 35.86 -73.87
CA PHE K 4920 -41.02 35.79 -73.13
C PHE K 4920 -41.30 34.37 -72.79
N PHE K 4921 -41.77 33.55 -73.72
CA PHE K 4921 -42.15 32.20 -73.34
C PHE K 4921 -41.12 31.55 -72.45
N PHE K 4922 -39.86 31.60 -72.84
CA PHE K 4922 -38.84 30.90 -72.07
C PHE K 4922 -38.96 31.27 -70.64
N PHE K 4923 -38.69 32.53 -70.30
CA PHE K 4923 -38.94 32.84 -68.90
C PHE K 4923 -40.32 32.44 -68.39
N VAL K 4924 -41.34 33.22 -68.76
CA VAL K 4924 -42.68 32.97 -68.17
C VAL K 4924 -43.19 31.51 -68.16
N ILE K 4925 -42.71 30.65 -69.05
CA ILE K 4925 -43.27 29.29 -69.05
C ILE K 4925 -42.31 28.20 -68.54
N VAL K 4926 -41.03 28.38 -68.72
CA VAL K 4926 -40.14 27.44 -68.11
C VAL K 4926 -39.97 28.06 -66.75
N ILE K 4927 -38.85 28.76 -66.56
CA ILE K 4927 -38.55 29.38 -65.27
C ILE K 4927 -39.71 29.56 -64.28
N LEU K 4928 -40.63 30.49 -64.48
CA LEU K 4928 -41.68 30.76 -63.47
C LEU K 4928 -42.65 29.59 -63.12
N LEU K 4929 -43.31 29.07 -64.14
CA LEU K 4929 -44.26 28.03 -63.86
C LEU K 4929 -43.49 26.88 -63.25
N ALA K 4930 -42.22 26.79 -63.58
CA ALA K 4930 -41.41 25.72 -63.04
C ALA K 4930 -41.21 25.95 -61.55
N ILE K 4931 -40.70 27.12 -61.20
CA ILE K 4931 -40.54 27.45 -59.80
C ILE K 4931 -41.78 27.05 -59.03
N ILE K 4932 -42.97 27.24 -59.61
CA ILE K 4932 -44.15 26.90 -58.77
C ILE K 4932 -44.21 25.42 -58.35
N GLN K 4933 -44.07 24.55 -59.33
CA GLN K 4933 -44.05 23.13 -59.02
C GLN K 4933 -42.89 22.88 -58.08
N GLY K 4934 -41.80 23.61 -58.27
CA GLY K 4934 -40.66 23.46 -57.40
C GLY K 4934 -41.10 23.62 -55.97
N LEU K 4935 -41.64 24.77 -55.60
CA LEU K 4935 -41.96 24.99 -54.18
C LEU K 4935 -42.75 23.85 -53.53
N ILE K 4936 -43.85 23.41 -54.13
CA ILE K 4936 -44.70 22.39 -53.52
C ILE K 4936 -44.00 21.06 -53.23
N ILE K 4937 -43.27 20.57 -54.22
CA ILE K 4937 -42.52 19.33 -54.04
C ILE K 4937 -41.64 19.44 -52.82
N ASP K 4938 -40.93 20.54 -52.68
CA ASP K 4938 -40.06 20.73 -51.54
C ASP K 4938 -40.91 20.69 -50.29
N ALA K 4939 -41.88 21.58 -50.19
CA ALA K 4939 -42.77 21.58 -49.04
C ALA K 4939 -43.09 20.17 -48.62
N PHE K 4940 -43.39 19.29 -49.56
CA PHE K 4940 -43.62 17.88 -49.21
C PHE K 4940 -42.42 17.29 -48.48
N GLY K 4941 -41.30 17.09 -49.18
CA GLY K 4941 -40.09 16.58 -48.56
C GLY K 4941 -39.94 17.19 -47.19
N GLU K 4942 -40.24 18.47 -47.06
CA GLU K 4942 -40.12 19.15 -45.79
C GLU K 4942 -40.97 18.48 -44.74
N LEU K 4943 -42.26 18.31 -44.94
CA LEU K 4943 -43.05 17.69 -43.84
C LEU K 4943 -42.51 16.32 -43.43
N ARG K 4944 -42.21 15.50 -44.43
CA ARG K 4944 -41.73 14.15 -44.14
C ARG K 4944 -40.48 14.18 -43.28
N ASP K 4945 -39.55 15.08 -43.59
CA ASP K 4945 -38.32 15.14 -42.83
C ASP K 4945 -38.63 15.43 -41.39
N GLN K 4946 -39.43 16.45 -41.13
CA GLN K 4946 -39.83 16.75 -39.76
C GLN K 4946 -40.37 15.50 -39.09
N GLN K 4947 -41.34 14.86 -39.72
CA GLN K 4947 -41.94 13.68 -39.10
C GLN K 4947 -40.90 12.64 -38.71
N GLU K 4948 -40.03 12.30 -39.66
CA GLU K 4948 -39.00 11.31 -39.40
C GLU K 4948 -38.13 11.73 -38.24
N GLN K 4949 -37.62 12.95 -38.27
CA GLN K 4949 -36.85 13.45 -37.14
C GLN K 4949 -37.59 13.14 -35.86
N VAL K 4950 -38.81 13.66 -35.73
CA VAL K 4950 -39.61 13.33 -34.54
C VAL K 4950 -39.48 11.86 -34.18
N LYS K 4951 -40.07 11.00 -35.00
CA LYS K 4951 -40.06 9.57 -34.67
C LYS K 4951 -38.70 9.08 -34.18
N GLU K 4952 -37.65 9.30 -34.94
CA GLU K 4952 -36.33 8.80 -34.55
C GLU K 4952 -35.87 9.34 -33.22
N ASP K 4953 -35.77 10.66 -33.13
CA ASP K 4953 -35.38 11.27 -31.87
C ASP K 4953 -36.08 10.49 -30.80
N MET K 4954 -37.29 10.03 -31.11
CA MET K 4954 -37.92 9.17 -30.08
C MET K 4954 -37.49 7.69 -30.11
N GLU K 4955 -37.76 6.96 -31.17
CA GLU K 4955 -37.27 5.60 -31.22
C GLU K 4955 -35.91 5.50 -30.52
N THR K 4956 -35.07 6.53 -30.63
CA THR K 4956 -33.72 6.44 -30.06
C THR K 4956 -33.46 6.95 -28.64
N LYS K 4957 -33.97 8.13 -28.25
CA LYS K 4957 -33.63 8.70 -26.92
C LYS K 4957 -34.77 8.96 -25.93
N CYS K 4958 -34.44 9.39 -24.71
CA CYS K 4958 -35.48 9.59 -23.68
C CYS K 4958 -36.04 11.00 -23.64
N PHE K 4959 -37.23 11.12 -23.04
CA PHE K 4959 -37.92 12.40 -22.97
C PHE K 4959 -37.62 13.17 -21.71
N ILE K 4960 -37.88 12.57 -20.56
CA ILE K 4960 -37.62 13.21 -19.26
C ILE K 4960 -36.17 13.62 -19.12
N CYS K 4961 -35.26 12.66 -19.10
CA CYS K 4961 -33.84 12.99 -19.08
C CYS K 4961 -33.40 13.27 -20.50
N GLY K 4962 -32.15 13.01 -20.81
CA GLY K 4962 -31.68 13.19 -22.16
C GLY K 4962 -30.71 12.12 -22.62
N ILE K 4963 -30.46 11.14 -21.76
CA ILE K 4963 -29.53 10.07 -22.09
C ILE K 4963 -30.00 9.33 -23.33
N GLY K 4964 -29.07 8.74 -24.08
CA GLY K 4964 -29.43 8.06 -25.30
C GLY K 4964 -29.69 6.57 -25.13
N SER K 4965 -29.78 5.84 -26.23
CA SER K 4965 -30.04 4.43 -26.15
C SER K 4965 -28.81 3.68 -25.70
N ASP K 4966 -27.66 4.08 -26.21
CA ASP K 4966 -26.42 3.41 -25.86
C ASP K 4966 -26.23 3.22 -24.37
N TYR K 4967 -26.06 4.31 -23.63
CA TYR K 4967 -25.80 4.18 -22.20
C TYR K 4967 -26.90 3.45 -21.47
N PHE K 4968 -27.93 3.01 -22.18
CA PHE K 4968 -29.05 2.35 -21.51
C PHE K 4968 -29.20 0.89 -21.89
N ASP K 4969 -28.71 0.52 -23.06
CA ASP K 4969 -28.84 -0.86 -23.50
C ASP K 4969 -27.55 -1.62 -23.32
N THR K 4970 -26.61 -1.09 -22.54
CA THR K 4970 -25.39 -1.82 -22.24
C THR K 4970 -25.85 -3.12 -21.66
N THR K 4971 -27.13 -3.21 -21.41
CA THR K 4971 -27.75 -4.41 -20.86
C THR K 4971 -28.94 -4.83 -21.71
N PRO K 4972 -29.58 -5.96 -21.37
CA PRO K 4972 -30.70 -6.47 -22.16
C PRO K 4972 -31.97 -5.64 -22.02
N HIS K 4973 -32.61 -5.28 -23.13
CA HIS K 4973 -33.86 -4.50 -23.09
C HIS K 4973 -33.77 -3.27 -22.21
N GLY K 4974 -32.56 -2.77 -21.99
CA GLY K 4974 -32.37 -1.62 -21.12
C GLY K 4974 -33.24 -0.43 -21.42
N PHE K 4975 -33.21 0.06 -22.65
CA PHE K 4975 -33.96 1.28 -22.95
C PHE K 4975 -35.44 1.03 -22.87
N GLU K 4976 -35.87 -0.11 -23.37
CA GLU K 4976 -37.28 -0.43 -23.28
C GLU K 4976 -37.61 -0.55 -21.82
N THR K 4977 -36.62 -0.38 -20.95
CA THR K 4977 -36.97 -0.37 -19.54
C THR K 4977 -36.91 1.05 -19.01
N HIS K 4978 -35.80 1.75 -19.26
CA HIS K 4978 -35.66 3.13 -18.81
C HIS K 4978 -36.59 4.03 -19.55
N THR K 4979 -37.66 3.49 -20.10
CA THR K 4979 -38.65 4.29 -20.79
C THR K 4979 -39.99 3.61 -20.72
N LEU K 4980 -40.15 2.72 -19.76
CA LEU K 4980 -41.41 2.00 -19.61
C LEU K 4980 -41.64 1.66 -18.15
N GLU K 4981 -40.62 1.83 -17.32
CA GLU K 4981 -40.75 1.56 -15.91
C GLU K 4981 -40.24 2.75 -15.13
N GLU K 4982 -38.93 2.96 -15.14
CA GLU K 4982 -38.32 4.07 -14.41
C GLU K 4982 -38.85 5.41 -14.88
N HIS K 4983 -38.12 6.09 -15.73
CA HIS K 4983 -38.55 7.38 -16.14
C HIS K 4983 -39.65 7.27 -17.15
N ASN K 4984 -40.73 6.56 -16.88
CA ASN K 4984 -41.87 6.60 -17.80
C ASN K 4984 -42.45 7.98 -17.74
N LEU K 4985 -43.32 8.34 -18.68
CA LEU K 4985 -43.86 9.70 -18.74
C LEU K 4985 -45.20 9.77 -18.10
N ALA K 4986 -46.08 8.88 -18.51
CA ALA K 4986 -47.40 8.85 -17.93
C ALA K 4986 -47.33 8.89 -16.43
N ASN K 4987 -46.28 8.32 -15.83
CA ASN K 4987 -46.17 8.26 -14.38
C ASN K 4987 -45.77 9.59 -13.76
N TYR K 4988 -44.91 10.35 -14.41
CA TYR K 4988 -44.55 11.66 -13.90
C TYR K 4988 -45.79 12.51 -13.94
N MET K 4989 -46.88 11.96 -14.46
CA MET K 4989 -48.16 12.70 -14.45
C MET K 4989 -49.12 12.22 -13.38
N PHE K 4990 -49.24 10.91 -13.22
CA PHE K 4990 -50.14 10.37 -12.22
C PHE K 4990 -49.69 10.80 -10.84
N PHE K 4991 -48.42 11.14 -10.69
CA PHE K 4991 -47.94 11.63 -9.40
C PHE K 4991 -48.72 12.87 -9.08
N LEU K 4992 -48.71 13.84 -9.98
CA LEU K 4992 -49.42 15.07 -9.74
C LEU K 4992 -50.81 14.77 -9.24
N MET K 4993 -51.61 14.07 -10.03
CA MET K 4993 -52.99 13.82 -9.63
C MET K 4993 -53.03 13.16 -8.26
N TYR K 4994 -52.05 12.32 -7.98
CA TYR K 4994 -51.98 11.68 -6.67
C TYR K 4994 -51.79 12.73 -5.63
N LEU K 4995 -50.59 13.27 -5.56
CA LEU K 4995 -50.27 14.26 -4.54
C LEU K 4995 -51.38 15.29 -4.37
N ILE K 4996 -52.09 15.62 -5.44
CA ILE K 4996 -53.17 16.61 -5.36
C ILE K 4996 -54.31 16.11 -4.48
N ASN K 4997 -54.45 14.79 -4.37
CA ASN K 4997 -55.51 14.22 -3.55
C ASN K 4997 -55.04 13.90 -2.14
N LYS K 4998 -53.85 13.32 -2.01
CA LYS K 4998 -53.31 13.01 -0.69
C LYS K 4998 -53.52 14.20 0.23
N ASP K 4999 -54.29 14.02 1.29
CA ASP K 4999 -54.63 15.12 2.19
C ASP K 4999 -53.49 15.71 2.96
N GLU K 5000 -52.55 16.35 2.29
CA GLU K 5000 -51.46 17.08 2.95
C GLU K 5000 -50.84 16.46 4.18
N THR K 5001 -51.41 16.73 5.35
CA THR K 5001 -50.83 16.22 6.60
C THR K 5001 -50.30 14.81 6.51
N GLU K 5002 -50.70 14.06 5.47
CA GLU K 5002 -50.19 12.71 5.30
C GLU K 5002 -49.23 12.62 4.13
N HIS K 5003 -48.51 13.69 3.84
CA HIS K 5003 -47.53 13.66 2.78
C HIS K 5003 -46.25 13.12 3.36
N THR K 5004 -45.54 12.28 2.61
CA THR K 5004 -44.28 11.76 3.09
C THR K 5004 -43.22 12.82 2.97
N GLY K 5005 -41.96 12.41 2.88
CA GLY K 5005 -40.89 13.38 2.83
C GLY K 5005 -40.60 13.81 1.42
N GLN K 5006 -40.52 12.85 0.52
CA GLN K 5006 -40.25 13.17 -0.87
C GLN K 5006 -41.44 13.78 -1.54
N GLU K 5007 -42.65 13.36 -1.18
CA GLU K 5007 -43.86 13.91 -1.76
C GLU K 5007 -44.16 15.29 -1.22
N SER K 5008 -43.28 15.83 -0.39
CA SER K 5008 -43.47 17.19 0.09
C SER K 5008 -42.35 18.04 -0.42
N TYR K 5009 -41.37 17.46 -1.08
CA TYR K 5009 -40.34 18.27 -1.69
C TYR K 5009 -40.90 18.61 -3.04
N VAL K 5010 -41.49 17.63 -3.71
CA VAL K 5010 -42.10 17.86 -5.01
C VAL K 5010 -43.24 18.85 -4.90
N TRP K 5011 -44.16 18.63 -3.97
CA TRP K 5011 -45.31 19.51 -3.83
C TRP K 5011 -44.87 20.96 -3.72
N LYS K 5012 -43.99 21.26 -2.77
CA LYS K 5012 -43.56 22.66 -2.56
C LYS K 5012 -42.87 23.20 -3.78
N MET K 5013 -42.25 22.34 -4.57
CA MET K 5013 -41.61 22.77 -5.81
C MET K 5013 -42.59 22.94 -6.95
N TYR K 5014 -43.78 22.37 -6.84
CA TYR K 5014 -44.79 22.55 -7.87
C TYR K 5014 -45.50 23.84 -7.59
N GLN K 5015 -45.78 24.13 -6.33
CA GLN K 5015 -46.53 25.32 -5.98
C GLN K 5015 -45.69 26.59 -6.13
N GLU K 5016 -44.42 26.45 -6.41
CA GLU K 5016 -43.55 27.62 -6.57
C GLU K 5016 -42.83 27.61 -7.91
N ARG K 5017 -43.27 26.74 -8.81
CA ARG K 5017 -42.68 26.67 -10.14
C ARG K 5017 -41.17 26.59 -10.12
N CYS K 5018 -40.63 25.46 -9.68
CA CYS K 5018 -39.19 25.26 -9.70
C CYS K 5018 -38.92 23.90 -10.24
N TRP K 5019 -39.09 23.72 -11.54
CA TRP K 5019 -38.96 22.40 -12.14
C TRP K 5019 -37.54 21.89 -12.20
N ASP K 5020 -36.98 21.57 -11.05
CA ASP K 5020 -35.64 21.00 -11.00
C ASP K 5020 -35.66 19.68 -10.26
N PHE K 5021 -36.83 19.09 -10.15
CA PHE K 5021 -36.94 17.79 -9.50
C PHE K 5021 -36.99 16.70 -10.56
N PHE K 5022 -37.24 17.07 -11.80
CA PHE K 5022 -37.37 16.07 -12.81
C PHE K 5022 -35.94 15.65 -13.01
N PRO K 5023 -35.67 14.36 -13.14
CA PRO K 5023 -34.28 13.88 -13.21
C PRO K 5023 -33.36 14.74 -14.06
N ALA K 5024 -33.35 14.54 -15.38
CA ALA K 5024 -32.49 15.33 -16.28
C ALA K 5024 -30.99 15.10 -16.12
N GLY K 5025 -30.32 14.70 -17.19
CA GLY K 5025 -28.88 14.47 -17.14
C GLY K 5025 -28.45 13.21 -16.45
N ASP K 5026 -29.28 12.66 -15.56
CA ASP K 5026 -28.86 11.49 -14.79
C ASP K 5026 -29.92 10.43 -14.62
N CYS K 5027 -29.59 9.39 -13.86
CA CYS K 5027 -30.52 8.29 -13.65
C CYS K 5027 -29.95 7.28 -12.70
N PHE K 5028 -30.76 6.71 -11.82
CA PHE K 5028 -30.30 5.69 -10.88
C PHE K 5028 -29.17 4.89 -11.46
N ARG K 5029 -29.46 4.08 -12.45
CA ARG K 5029 -28.43 3.23 -13.03
C ARG K 5029 -27.09 3.93 -13.08
N LYS K 5030 -27.07 5.17 -13.55
CA LYS K 5030 -25.81 5.90 -13.67
C LYS K 5030 -25.27 6.21 -12.30
N GLN K 5031 -26.07 6.85 -11.46
CA GLN K 5031 -25.60 7.23 -10.14
C GLN K 5031 -25.01 6.02 -9.46
N TYR K 5032 -25.80 4.99 -9.23
CA TYR K 5032 -25.29 3.85 -8.49
C TYR K 5032 -24.67 2.84 -9.45
N GLU K 5033 -23.76 3.29 -10.29
CA GLU K 5033 -23.11 2.39 -11.26
C GLU K 5033 -22.31 1.30 -10.58
N ASP K 5034 -21.16 1.66 -10.05
CA ASP K 5034 -20.28 0.68 -9.41
C ASP K 5034 -21.04 -0.29 -8.55
N GLN K 5035 -21.64 0.18 -7.47
CA GLN K 5035 -22.37 -0.68 -6.55
C GLN K 5035 -23.03 -1.82 -7.29
N LEU K 5036 -24.02 -1.50 -8.13
CA LEU K 5036 -24.67 -2.52 -8.92
C LEU K 5036 -25.72 -1.91 -9.80
N SER K 5037 -26.53 -1.02 -9.24
CA SER K 5037 -27.57 -0.38 -10.01
C SER K 5037 -27.80 1.04 -9.52
N GLN L 12 -21.91 -13.17 22.39
CA GLN L 12 -22.61 -11.89 22.46
C GLN L 12 -23.84 -11.99 23.37
N PHE L 13 -24.78 -12.87 23.02
CA PHE L 13 -25.95 -13.09 23.85
C PHE L 13 -26.33 -14.56 23.78
N LEU L 14 -27.07 -15.01 24.80
CA LEU L 14 -27.50 -16.39 24.84
C LEU L 14 -28.61 -16.65 23.84
N ARG L 15 -28.62 -17.87 23.30
CA ARG L 15 -29.59 -18.27 22.30
C ARG L 15 -30.08 -19.67 22.65
N THR L 16 -31.17 -20.09 22.01
CA THR L 16 -31.64 -21.44 22.21
C THR L 16 -30.67 -22.43 21.56
N ASP L 17 -30.78 -23.70 21.98
CA ASP L 17 -29.96 -24.78 21.45
C ASP L 17 -28.47 -24.52 21.68
N ASP L 18 -28.14 -23.92 22.81
CA ASP L 18 -26.76 -23.66 23.20
C ASP L 18 -26.40 -24.48 24.43
N GLU L 19 -25.15 -24.92 24.50
CA GLU L 19 -24.66 -25.72 25.61
C GLU L 19 -23.85 -24.84 26.57
N VAL L 20 -24.22 -24.88 27.85
CA VAL L 20 -23.71 -23.97 28.86
C VAL L 20 -23.54 -24.74 30.17
N VAL L 21 -22.96 -24.06 31.16
CA VAL L 21 -22.74 -24.64 32.48
C VAL L 21 -23.05 -23.59 33.54
N LEU L 22 -23.60 -24.05 34.66
CA LEU L 22 -23.86 -23.18 35.80
C LEU L 22 -22.57 -22.95 36.58
N GLN L 23 -22.59 -21.94 37.44
CA GLN L 23 -21.41 -21.59 38.22
C GLN L 23 -21.82 -20.76 39.43
N CYS L 24 -21.30 -21.13 40.59
CA CYS L 24 -21.49 -20.37 41.82
C CYS L 24 -20.15 -20.21 42.52
N SER L 25 -20.02 -19.13 43.29
CA SER L 25 -18.77 -18.78 43.95
C SER L 25 -19.02 -18.55 45.43
N ALA L 26 -18.50 -19.43 46.27
CA ALA L 26 -18.63 -19.31 47.72
C ALA L 26 -17.28 -19.61 48.36
N THR L 27 -16.73 -18.64 49.08
CA THR L 27 -15.45 -18.83 49.76
C THR L 27 -15.60 -19.75 50.96
N VAL L 28 -14.55 -20.52 51.23
CA VAL L 28 -14.52 -21.45 52.35
C VAL L 28 -13.34 -21.16 53.28
N LEU L 29 -12.13 -21.09 52.72
CA LEU L 29 -10.91 -20.84 53.49
C LEU L 29 -10.48 -19.39 53.40
N LYS L 30 -11.43 -18.47 53.42
CA LYS L 30 -11.23 -17.04 53.20
C LYS L 30 -10.71 -16.74 51.79
N GLU L 31 -10.78 -17.71 50.88
CA GLU L 31 -10.42 -17.53 49.49
C GLU L 31 -11.54 -18.08 48.63
N GLN L 32 -11.74 -17.45 47.48
CA GLN L 32 -12.87 -17.81 46.61
C GLN L 32 -12.64 -19.20 46.00
N LEU L 33 -13.70 -20.01 46.02
CA LEU L 33 -13.68 -21.33 45.39
C LEU L 33 -14.84 -21.39 44.41
N LYS L 34 -14.55 -21.68 43.15
CA LYS L 34 -15.59 -21.80 42.14
C LYS L 34 -16.21 -23.19 42.21
N LEU L 35 -17.54 -23.23 42.22
CA LEU L 35 -18.28 -24.48 42.36
C LEU L 35 -19.32 -24.53 41.25
N CYS L 36 -19.35 -25.65 40.52
CA CYS L 36 -20.32 -25.88 39.47
C CYS L 36 -21.28 -26.96 39.89
N LEU L 37 -22.34 -27.13 39.09
CA LEU L 37 -23.41 -28.07 39.39
C LEU L 37 -23.42 -29.16 38.32
N ALA L 38 -23.39 -30.41 38.76
CA ALA L 38 -23.36 -31.53 37.82
C ALA L 38 -23.85 -32.79 38.51
N ALA L 39 -24.28 -33.74 37.69
CA ALA L 39 -24.74 -35.04 38.18
C ALA L 39 -24.39 -36.10 37.16
N GLU L 40 -24.21 -37.34 37.64
CA GLU L 40 -23.76 -38.41 36.77
C GLU L 40 -24.86 -38.97 35.89
N GLY L 41 -26.11 -38.99 36.36
CA GLY L 41 -27.20 -39.53 35.58
C GLY L 41 -27.67 -40.91 36.03
N PHE L 42 -27.29 -41.95 35.28
CA PHE L 42 -27.76 -43.29 35.56
C PHE L 42 -27.23 -43.83 36.88
N GLY L 43 -28.11 -43.98 37.87
CA GLY L 43 -27.77 -44.55 39.15
C GLY L 43 -27.81 -43.58 40.31
N ASN L 44 -27.76 -42.27 40.05
CA ASN L 44 -27.84 -41.27 41.11
C ASN L 44 -28.71 -40.13 40.60
N ARG L 45 -30.00 -40.14 40.97
CA ARG L 45 -30.90 -39.06 40.57
C ARG L 45 -30.59 -37.75 41.25
N LEU L 46 -29.75 -37.75 42.31
CA LEU L 46 -29.41 -36.53 43.00
C LEU L 46 -28.31 -35.78 42.26
N CYS L 47 -28.02 -34.58 42.74
CA CYS L 47 -27.02 -33.70 42.14
C CYS L 47 -26.09 -33.17 43.22
N PHE L 48 -24.85 -32.88 42.85
CA PHE L 48 -23.83 -32.46 43.80
C PHE L 48 -22.98 -31.37 43.15
N LEU L 49 -21.93 -30.98 43.85
CA LEU L 49 -21.04 -29.90 43.44
C LEU L 49 -19.66 -30.44 43.07
N GLU L 50 -19.04 -29.79 42.09
CA GLU L 50 -17.71 -30.18 41.62
C GLU L 50 -16.77 -28.99 41.71
N PRO L 51 -15.80 -28.99 42.62
CA PRO L 51 -14.85 -27.87 42.70
C PRO L 51 -13.99 -27.77 41.46
N THR L 52 -13.74 -26.54 41.02
CA THR L 52 -12.91 -26.28 39.84
C THR L 52 -11.98 -25.09 40.16
N SER L 53 -11.29 -25.17 41.29
CA SER L 53 -10.44 -24.09 41.75
C SER L 53 -8.95 -24.35 41.59
N ASN L 54 -8.55 -25.59 41.28
CA ASN L 54 -7.14 -25.96 41.16
C ASN L 54 -6.90 -26.63 39.82
N ALA L 55 -7.35 -25.97 38.75
CA ALA L 55 -7.19 -26.53 37.40
C ALA L 55 -5.73 -26.74 37.05
N GLN L 56 -4.82 -25.95 37.65
CA GLN L 56 -3.40 -26.11 37.37
C GLN L 56 -2.85 -27.42 37.91
N ASN L 57 -3.50 -28.02 38.90
CA ASN L 57 -3.03 -29.29 39.45
C ASN L 57 -4.11 -30.36 39.49
N VAL L 58 -5.35 -29.98 39.80
CA VAL L 58 -6.47 -30.92 39.88
C VAL L 58 -7.30 -30.78 38.61
N PRO L 59 -7.37 -31.80 37.76
CA PRO L 59 -8.18 -31.70 36.54
C PRO L 59 -9.65 -31.86 36.86
N PRO L 60 -10.45 -30.79 36.66
CA PRO L 60 -11.88 -30.89 36.94
C PRO L 60 -12.58 -31.76 35.92
N ASP L 61 -13.64 -32.43 36.37
CA ASP L 61 -14.43 -33.31 35.52
C ASP L 61 -15.55 -32.49 34.89
N LEU L 62 -15.39 -32.16 33.61
CA LEU L 62 -16.39 -31.41 32.86
C LEU L 62 -17.16 -32.27 31.87
N ALA L 63 -17.07 -33.59 31.99
CA ALA L 63 -17.83 -34.46 31.10
C ALA L 63 -19.30 -34.49 31.46
N ILE L 64 -19.64 -34.23 32.72
CA ILE L 64 -21.01 -34.28 33.21
C ILE L 64 -21.55 -32.92 33.61
N CYS L 65 -20.74 -31.87 33.50
CA CYS L 65 -21.21 -30.53 33.87
C CYS L 65 -21.95 -29.83 32.74
N CYS L 66 -21.86 -30.33 31.52
CA CYS L 66 -22.47 -29.65 30.39
C CYS L 66 -23.99 -29.73 30.44
N PHE L 67 -24.63 -28.59 30.20
CA PHE L 67 -26.08 -28.48 30.09
C PHE L 67 -26.42 -27.91 28.72
N THR L 68 -27.72 -27.74 28.45
CA THR L 68 -28.14 -27.16 27.19
C THR L 68 -29.54 -26.57 27.37
N LEU L 69 -29.80 -25.50 26.61
CA LEU L 69 -31.08 -24.80 26.65
C LEU L 69 -31.93 -25.21 25.46
N GLU L 70 -33.15 -25.67 25.73
CA GLU L 70 -34.04 -26.18 24.69
C GLU L 70 -35.27 -25.34 24.46
N GLN L 71 -35.86 -24.76 25.50
CA GLN L 71 -37.09 -24.02 25.37
C GLN L 71 -37.01 -22.75 26.21
N SER L 72 -37.73 -21.73 25.78
CA SER L 72 -37.82 -20.47 26.52
C SER L 72 -39.16 -19.84 26.20
N LEU L 73 -40.01 -19.68 27.21
CA LEU L 73 -41.37 -19.23 27.00
C LEU L 73 -41.77 -18.27 28.10
N SER L 74 -42.78 -17.45 27.82
CA SER L 74 -43.37 -16.62 28.85
C SER L 74 -44.23 -17.47 29.78
N VAL L 75 -44.52 -16.91 30.95
CA VAL L 75 -45.25 -17.68 31.97
C VAL L 75 -46.64 -18.06 31.47
N ARG L 76 -47.16 -17.25 30.60
CA ARG L 76 -48.44 -17.56 30.16
C ARG L 76 -48.42 -18.55 29.28
N ALA L 77 -47.63 -18.38 28.31
CA ALA L 77 -47.47 -19.40 27.28
C ALA L 77 -47.24 -20.76 27.90
N LEU L 78 -46.39 -20.81 28.94
CA LEU L 78 -46.16 -22.07 29.64
C LEU L 78 -47.44 -22.62 30.23
N GLN L 79 -48.21 -21.78 30.91
CA GLN L 79 -49.41 -22.27 31.60
C GLN L 79 -50.49 -22.69 30.62
N GLU L 80 -50.57 -22.06 29.45
CA GLU L 80 -51.55 -22.52 28.47
C GLU L 80 -51.08 -23.80 27.80
N MET L 81 -49.77 -23.95 27.60
CA MET L 81 -49.25 -25.21 27.07
C MET L 81 -49.47 -26.36 28.03
N LEU L 82 -49.46 -26.08 29.34
CA LEU L 82 -49.63 -27.14 30.32
C LEU L 82 -50.95 -27.87 30.17
N ALA L 83 -51.98 -27.20 29.66
CA ALA L 83 -53.27 -27.83 29.46
C ALA L 83 -53.34 -28.68 28.19
N ASN L 84 -52.33 -28.61 27.33
CA ASN L 84 -52.32 -29.37 26.10
C ASN L 84 -51.00 -30.11 25.92
N GLY L 97 -36.71 -22.97 15.71
CA GLY L 97 -36.21 -21.62 15.61
C GLY L 97 -35.12 -21.30 16.61
N HIS L 98 -34.91 -20.01 16.87
CA HIS L 98 -33.87 -19.57 17.80
C HIS L 98 -34.34 -18.26 18.44
N ARG L 99 -34.75 -18.34 19.70
CA ARG L 99 -35.16 -17.18 20.45
C ARG L 99 -34.04 -16.73 21.38
N THR L 100 -34.17 -15.50 21.86
CA THR L 100 -33.21 -14.91 22.78
C THR L 100 -33.84 -14.80 24.17
N LEU L 101 -33.04 -15.11 25.19
CA LEU L 101 -33.55 -15.09 26.56
C LEU L 101 -33.79 -13.66 27.04
N LEU L 102 -34.85 -13.48 27.80
CA LEU L 102 -35.14 -12.22 28.49
C LEU L 102 -35.52 -12.53 29.93
N TYR L 103 -35.16 -11.62 30.84
CA TYR L 103 -35.52 -11.78 32.23
C TYR L 103 -37.03 -11.78 32.39
N GLY L 104 -37.53 -12.74 33.18
CA GLY L 104 -38.95 -12.94 33.38
C GLY L 104 -39.51 -14.13 32.64
N HIS L 105 -38.82 -14.64 31.63
CA HIS L 105 -39.28 -15.81 30.91
C HIS L 105 -38.98 -17.07 31.72
N ALA L 106 -39.50 -18.20 31.25
CA ALA L 106 -39.24 -19.50 31.84
C ALA L 106 -38.08 -20.16 31.09
N ILE L 107 -37.72 -21.36 31.51
CA ILE L 107 -36.59 -22.08 30.92
C ILE L 107 -36.77 -23.56 31.15
N LEU L 108 -36.13 -24.36 30.28
CA LEU L 108 -36.14 -25.82 30.38
C LEU L 108 -34.71 -26.30 30.24
N LEU L 109 -34.06 -26.59 31.38
CA LEU L 109 -32.71 -27.12 31.33
C LEU L 109 -32.72 -28.55 30.81
N ARG L 110 -31.57 -29.01 30.35
CA ARG L 110 -31.47 -30.36 29.82
C ARG L 110 -30.02 -30.82 29.94
N HIS L 111 -29.79 -31.86 30.72
CA HIS L 111 -28.42 -32.38 30.86
C HIS L 111 -27.99 -33.01 29.55
N ALA L 112 -26.81 -32.63 29.08
CA ALA L 112 -26.39 -33.00 27.74
C ALA L 112 -26.08 -34.49 27.63
N HIS L 113 -25.32 -35.03 28.58
CA HIS L 113 -24.80 -36.38 28.44
C HIS L 113 -25.90 -37.42 28.66
N SER L 114 -26.52 -37.41 29.85
CA SER L 114 -27.54 -38.41 30.16
C SER L 114 -28.86 -38.15 29.46
N ARG L 115 -29.05 -36.96 28.89
CA ARG L 115 -30.28 -36.61 28.17
C ARG L 115 -31.49 -36.68 29.09
N MET L 116 -31.36 -36.12 30.29
CA MET L 116 -32.46 -36.06 31.23
C MET L 116 -32.67 -34.62 31.65
N TYR L 117 -33.91 -34.30 31.97
CA TYR L 117 -34.30 -32.92 32.26
C TYR L 117 -34.12 -32.61 33.73
N LEU L 118 -33.44 -31.49 34.01
CA LEU L 118 -33.28 -31.04 35.38
C LEU L 118 -34.61 -30.59 35.96
N SER L 119 -34.85 -30.93 37.22
CA SER L 119 -36.13 -30.63 37.86
C SER L 119 -35.91 -30.51 39.36
N CYS L 120 -37.01 -30.56 40.12
CA CYS L 120 -36.97 -30.51 41.57
C CYS L 120 -37.87 -31.60 42.12
N LEU L 121 -37.33 -32.42 43.03
CA LEU L 121 -38.06 -33.56 43.56
C LEU L 121 -38.80 -33.15 44.84
N THR L 122 -39.47 -34.11 45.46
CA THR L 122 -40.27 -33.89 46.66
C THR L 122 -39.82 -34.80 47.79
N THR L 123 -38.52 -35.05 47.88
CA THR L 123 -37.97 -35.90 48.93
C THR L 123 -37.45 -35.04 50.07
N SER L 124 -37.02 -35.70 51.15
CA SER L 124 -36.53 -35.03 52.35
C SER L 124 -35.07 -35.38 52.55
N ARG L 125 -34.25 -34.37 52.84
CA ARG L 125 -32.83 -34.58 53.06
C ARG L 125 -32.32 -33.56 54.06
N SER L 126 -31.13 -33.82 54.61
CA SER L 126 -30.55 -32.93 55.59
C SER L 126 -31.62 -32.71 56.63
N MET L 127 -32.02 -33.80 57.29
CA MET L 127 -33.11 -33.72 58.23
C MET L 127 -34.24 -33.08 57.45
N THR L 128 -34.52 -31.81 57.73
CA THR L 128 -35.52 -31.11 56.98
C THR L 128 -35.10 -29.68 56.83
N ASP L 129 -34.21 -29.22 57.72
CA ASP L 129 -33.81 -27.82 57.70
C ASP L 129 -35.07 -27.05 57.44
N LYS L 130 -36.10 -27.29 58.25
CA LYS L 130 -37.40 -26.67 57.99
C LYS L 130 -37.85 -27.21 56.66
N LEU L 131 -37.45 -26.54 55.59
CA LEU L 131 -37.77 -27.05 54.27
C LEU L 131 -36.50 -27.24 53.47
N ALA L 132 -36.61 -27.84 52.30
CA ALA L 132 -35.46 -28.07 51.42
C ALA L 132 -35.89 -28.50 50.03
N PHE L 133 -36.51 -29.68 49.92
CA PHE L 133 -36.91 -30.25 48.63
C PHE L 133 -35.70 -30.36 47.70
N ASP L 134 -34.78 -31.24 48.11
CA ASP L 134 -33.51 -31.43 47.40
C ASP L 134 -33.72 -31.61 45.90
N VAL L 135 -32.74 -31.13 45.13
CA VAL L 135 -32.86 -31.11 43.68
C VAL L 135 -32.61 -32.50 43.11
N GLY L 136 -33.22 -32.76 41.95
CA GLY L 136 -33.01 -34.01 41.24
C GLY L 136 -33.62 -33.95 39.86
N LEU L 137 -33.09 -34.80 38.98
CA LEU L 137 -33.52 -34.85 37.59
C LEU L 137 -33.92 -36.29 37.26
N GLN L 138 -35.15 -36.49 36.79
CA GLN L 138 -35.59 -37.84 36.48
C GLN L 138 -35.95 -38.06 35.02
N GLU L 139 -37.06 -37.50 34.51
CA GLU L 139 -37.40 -37.64 33.10
C GLU L 139 -38.30 -36.49 32.67
N ASP L 140 -38.54 -35.53 33.56
CA ASP L 140 -39.83 -34.83 33.59
C ASP L 140 -39.99 -33.94 32.36
N ALA L 141 -40.25 -34.59 31.23
CA ALA L 141 -40.71 -33.87 30.05
C ALA L 141 -42.08 -33.26 30.30
N THR L 142 -42.94 -33.96 31.04
CA THR L 142 -44.23 -33.42 31.42
C THR L 142 -44.04 -32.16 32.26
N GLY L 143 -44.68 -31.08 31.84
CA GLY L 143 -44.42 -29.77 32.40
C GLY L 143 -45.14 -29.44 33.69
N GLU L 144 -44.67 -29.96 34.80
CA GLU L 144 -45.26 -29.51 36.06
C GLU L 144 -44.24 -28.96 37.03
N ALA L 145 -43.05 -29.56 37.11
CA ALA L 145 -42.02 -29.11 38.05
C ALA L 145 -40.64 -29.04 37.41
N CYS L 146 -40.57 -29.01 36.08
CA CYS L 146 -39.31 -29.06 35.36
C CYS L 146 -38.94 -27.71 34.74
N TRP L 147 -39.55 -26.62 35.23
CA TRP L 147 -39.37 -25.31 34.63
C TRP L 147 -38.91 -24.32 35.69
N TRP L 148 -38.12 -23.34 35.26
CA TRP L 148 -37.62 -22.30 36.13
C TRP L 148 -37.82 -20.94 35.48
N THR L 149 -38.07 -19.94 36.31
CA THR L 149 -38.08 -18.55 35.89
C THR L 149 -36.89 -17.84 36.50
N MET L 150 -36.29 -16.94 35.72
CA MET L 150 -35.07 -16.25 36.13
C MET L 150 -35.37 -14.77 36.29
N HIS L 151 -34.77 -14.16 37.32
CA HIS L 151 -34.94 -12.76 37.60
C HIS L 151 -33.58 -12.09 37.72
N PRO L 152 -33.48 -10.80 37.37
CA PRO L 152 -32.22 -10.09 37.58
C PRO L 152 -31.92 -9.94 39.06
N ALA L 153 -30.63 -9.87 39.38
CA ALA L 153 -30.21 -9.79 40.78
C ALA L 153 -30.31 -8.37 41.32
N SER L 154 -29.59 -7.44 40.71
CA SER L 154 -29.51 -6.07 41.19
C SER L 154 -30.49 -5.16 40.46
N LYS L 155 -30.59 -3.93 40.95
CA LYS L 155 -31.53 -2.96 40.39
C LYS L 155 -31.08 -2.41 39.04
N GLN L 156 -29.87 -2.71 38.59
CA GLN L 156 -29.42 -2.19 37.30
C GLN L 156 -30.25 -2.75 36.15
N ARG L 157 -30.67 -4.00 36.24
CA ARG L 157 -31.44 -4.65 35.19
C ARG L 157 -32.93 -4.56 35.50
N SER L 158 -33.75 -5.03 34.56
CA SER L 158 -35.19 -4.99 34.71
C SER L 158 -35.80 -6.07 33.83
N GLU L 159 -37.11 -6.23 33.93
CA GLU L 159 -37.78 -7.26 33.16
C GLU L 159 -37.82 -6.89 31.68
N GLY L 160 -37.97 -7.91 30.84
CA GLY L 160 -38.01 -7.69 29.41
C GLY L 160 -36.73 -7.18 28.81
N GLU L 161 -35.60 -7.40 29.45
CA GLU L 161 -34.30 -6.97 28.94
C GLU L 161 -33.52 -8.17 28.43
N LYS L 162 -32.72 -7.93 27.40
CA LYS L 162 -31.88 -8.98 26.84
C LYS L 162 -30.81 -9.40 27.84
N VAL L 163 -30.42 -10.66 27.78
CA VAL L 163 -29.55 -11.26 28.79
C VAL L 163 -28.10 -11.14 28.31
N ARG L 164 -27.36 -10.25 28.94
CA ARG L 164 -25.94 -10.08 28.64
C ARG L 164 -25.17 -11.33 29.06
N VAL L 165 -24.22 -11.73 28.22
CA VAL L 165 -23.39 -12.89 28.54
C VAL L 165 -22.59 -12.61 29.80
N GLY L 166 -22.61 -13.56 30.73
CA GLY L 166 -21.88 -13.40 31.98
C GLY L 166 -22.59 -12.59 33.04
N ASP L 167 -23.92 -12.50 32.98
CA ASP L 167 -24.68 -11.80 34.00
C ASP L 167 -24.80 -12.66 35.25
N ASP L 168 -25.56 -12.17 36.22
CA ASP L 168 -25.87 -12.90 37.45
C ASP L 168 -27.37 -13.13 37.52
N LEU L 169 -27.76 -14.39 37.70
CA LEU L 169 -29.17 -14.78 37.66
C LEU L 169 -29.62 -15.30 39.01
N ILE L 170 -30.92 -15.18 39.25
CA ILE L 170 -31.60 -15.82 40.38
C ILE L 170 -32.69 -16.70 39.77
N LEU L 171 -32.68 -17.98 40.13
CA LEU L 171 -33.59 -18.95 39.54
C LEU L 171 -34.63 -19.39 40.56
N VAL L 172 -35.87 -19.49 40.13
CA VAL L 172 -37.00 -19.83 40.98
C VAL L 172 -37.78 -20.96 40.32
N SER L 173 -38.14 -21.97 41.11
CA SER L 173 -38.94 -23.06 40.60
C SER L 173 -40.35 -22.57 40.27
N VAL L 174 -40.87 -23.00 39.13
CA VAL L 174 -42.23 -22.61 38.74
C VAL L 174 -43.25 -23.28 39.64
N SER L 175 -43.02 -24.55 39.99
CA SER L 175 -44.02 -25.30 40.74
C SER L 175 -43.96 -25.01 42.24
N SER L 176 -42.80 -25.23 42.86
CA SER L 176 -42.68 -25.11 44.30
C SER L 176 -42.46 -23.67 44.76
N GLU L 177 -41.90 -22.81 43.90
CA GLU L 177 -41.68 -21.40 44.21
C GLU L 177 -40.63 -21.22 45.30
N ARG L 178 -39.48 -21.88 45.12
CA ARG L 178 -38.35 -21.74 46.02
C ARG L 178 -37.09 -21.44 45.24
N TYR L 179 -36.28 -20.50 45.74
CA TYR L 179 -34.98 -20.24 45.14
C TYR L 179 -34.07 -21.46 45.29
N LEU L 180 -33.32 -21.76 44.23
CA LEU L 180 -32.33 -22.83 44.28
C LEU L 180 -31.21 -22.38 45.21
N HIS L 181 -31.18 -22.94 46.42
CA HIS L 181 -30.32 -22.45 47.49
C HIS L 181 -29.06 -23.29 47.60
N LEU L 182 -27.90 -22.63 47.64
CA LEU L 182 -26.65 -23.27 48.01
C LEU L 182 -26.63 -23.36 49.53
N SER L 183 -27.21 -24.43 50.07
CA SER L 183 -27.40 -24.58 51.51
C SER L 183 -26.20 -25.31 52.10
N THR L 184 -25.30 -24.55 52.70
CA THR L 184 -24.19 -25.13 53.45
C THR L 184 -24.62 -25.40 54.89
N ALA L 185 -23.98 -26.40 55.49
CA ALA L 185 -24.35 -26.84 56.83
C ALA L 185 -23.10 -27.35 57.54
N SER L 186 -23.29 -28.11 58.62
CA SER L 186 -22.15 -28.65 59.36
C SER L 186 -21.30 -29.55 58.47
N GLY L 187 -21.95 -30.34 57.61
CA GLY L 187 -21.21 -31.22 56.71
C GLY L 187 -20.62 -30.47 55.53
N GLU L 188 -20.61 -31.11 54.36
CA GLU L 188 -20.09 -30.49 53.16
C GLU L 188 -21.13 -29.53 52.58
N LEU L 189 -20.89 -29.03 51.37
CA LEU L 189 -21.79 -28.10 50.73
C LEU L 189 -22.83 -28.85 49.92
N GLN L 190 -24.10 -28.54 50.14
CA GLN L 190 -25.22 -29.20 49.49
C GLN L 190 -26.08 -28.16 48.78
N VAL L 191 -26.85 -28.64 47.81
CA VAL L 191 -27.72 -27.78 46.99
C VAL L 191 -29.16 -28.25 47.16
N ASP L 192 -30.05 -27.30 47.38
CA ASP L 192 -31.48 -27.55 47.49
C ASP L 192 -32.19 -26.23 47.17
N ALA L 193 -33.50 -26.16 47.46
CA ALA L 193 -34.27 -24.93 47.25
C ALA L 193 -35.10 -24.66 48.50
N SER L 194 -34.50 -23.99 49.50
CA SER L 194 -35.22 -23.79 50.75
C SER L 194 -35.38 -22.33 51.16
N PHE L 195 -34.30 -21.59 51.39
CA PHE L 195 -34.41 -20.37 52.19
C PHE L 195 -34.09 -19.08 51.45
N MET L 196 -32.90 -18.90 50.90
CA MET L 196 -32.60 -17.61 50.27
C MET L 196 -32.00 -17.73 48.87
N GLN L 197 -31.49 -16.60 48.38
CA GLN L 197 -30.98 -16.47 47.03
C GLN L 197 -29.65 -17.20 46.88
N THR L 198 -29.25 -17.40 45.62
CA THR L 198 -27.95 -17.95 45.29
C THR L 198 -27.53 -17.37 43.95
N LEU L 199 -26.47 -16.56 43.96
CA LEU L 199 -26.03 -15.89 42.74
C LEU L 199 -25.37 -16.89 41.81
N TRP L 200 -26.00 -17.15 40.68
CA TRP L 200 -25.49 -18.07 39.66
C TRP L 200 -25.01 -17.28 38.45
N ASN L 201 -23.76 -17.53 38.06
CA ASN L 201 -23.17 -16.91 36.88
C ASN L 201 -23.17 -17.91 35.74
N MET L 202 -23.68 -17.49 34.59
CA MET L 202 -23.77 -18.39 33.45
C MET L 202 -22.42 -18.49 32.76
N ASN L 203 -22.31 -19.45 31.83
CA ASN L 203 -21.03 -19.62 31.16
C ASN L 203 -21.21 -20.27 29.79
N PRO L 204 -20.89 -19.57 28.71
CA PRO L 204 -21.09 -20.13 27.37
C PRO L 204 -20.04 -21.17 26.98
N ILE L 205 -20.28 -22.43 27.34
CA ILE L 205 -19.33 -23.50 26.99
C ILE L 205 -19.10 -23.54 25.49
N CYS L 206 -20.17 -23.48 24.70
CA CYS L 206 -20.06 -23.54 23.25
C CYS L 206 -21.38 -23.06 22.65
N SER L 207 -21.48 -23.14 21.33
CA SER L 207 -22.65 -22.70 20.58
C SER L 207 -22.77 -23.57 19.34
N CYS L 208 -23.53 -23.11 18.35
CA CYS L 208 -23.76 -23.87 17.12
C CYS L 208 -22.47 -23.88 16.30
N CYS L 209 -21.70 -24.97 16.43
CA CYS L 209 -20.42 -25.06 15.75
C CYS L 209 -20.61 -25.34 14.26
N GLU L 210 -19.49 -25.30 13.54
CA GLU L 210 -19.48 -25.57 12.11
C GLU L 210 -19.29 -27.06 11.85
N GLU L 211 -19.93 -27.55 10.78
CA GLU L 211 -19.84 -28.96 10.44
C GLU L 211 -18.46 -29.32 9.90
N GLY L 212 -18.01 -30.53 10.22
CA GLY L 212 -16.77 -31.04 9.66
C GLY L 212 -15.52 -30.44 10.22
N TYR L 213 -15.58 -29.87 11.43
CA TYR L 213 -14.42 -29.27 12.05
C TYR L 213 -14.30 -29.73 13.49
N VAL L 214 -13.07 -29.96 13.94
CA VAL L 214 -12.83 -30.48 15.28
C VAL L 214 -13.13 -29.40 16.32
N THR L 215 -13.87 -29.77 17.36
CA THR L 215 -14.15 -28.89 18.48
C THR L 215 -13.76 -29.58 19.77
N GLY L 216 -13.55 -28.79 20.80
CA GLY L 216 -13.21 -29.35 22.10
C GLY L 216 -14.36 -30.12 22.71
N GLY L 217 -14.01 -31.04 23.60
CA GLY L 217 -15.00 -31.81 24.32
C GLY L 217 -15.62 -32.95 23.54
N HIS L 218 -15.02 -33.37 22.43
CA HIS L 218 -15.54 -34.49 21.66
C HIS L 218 -14.86 -35.79 22.07
N VAL L 219 -15.53 -36.90 21.76
CA VAL L 219 -15.01 -38.24 22.02
C VAL L 219 -14.82 -38.93 20.67
N LEU L 220 -13.60 -39.35 20.39
CA LEU L 220 -13.24 -39.71 19.02
C LEU L 220 -11.95 -40.53 19.02
N ARG L 221 -11.67 -41.14 17.88
CA ARG L 221 -10.60 -42.11 17.73
C ARG L 221 -9.41 -41.50 17.00
N LEU L 222 -8.27 -42.17 17.12
CA LEU L 222 -6.98 -41.70 16.60
C LEU L 222 -6.40 -42.75 15.66
N PHE L 223 -6.74 -42.67 14.37
CA PHE L 223 -6.05 -43.51 13.40
C PHE L 223 -4.63 -43.03 13.14
N HIS L 224 -3.79 -43.97 12.73
CA HIS L 224 -2.43 -43.72 12.30
C HIS L 224 -2.21 -44.43 10.97
N GLY L 225 -1.27 -43.91 10.19
CA GLY L 225 -0.97 -44.51 8.92
C GLY L 225 -1.96 -44.15 7.83
N HIS L 226 -2.34 -45.12 7.00
CA HIS L 226 -3.14 -44.85 5.81
C HIS L 226 -4.55 -45.41 5.92
N MET L 227 -4.71 -46.70 6.19
CA MET L 227 -6.01 -47.35 6.09
C MET L 227 -6.53 -47.87 7.43
N ASP L 228 -5.82 -48.81 8.05
CA ASP L 228 -6.32 -49.51 9.24
C ASP L 228 -5.20 -49.60 10.28
N GLU L 229 -5.15 -48.61 11.16
CA GLU L 229 -4.22 -48.58 12.28
C GLU L 229 -4.65 -47.44 13.20
N CYS L 230 -4.62 -47.69 14.51
CA CYS L 230 -5.12 -46.69 15.44
C CYS L 230 -4.44 -46.84 16.79
N LEU L 231 -4.48 -45.76 17.58
CA LEU L 231 -3.98 -45.79 18.93
C LEU L 231 -4.89 -46.63 19.83
N THR L 232 -4.30 -47.18 20.88
CA THR L 232 -5.04 -48.04 21.80
C THR L 232 -4.20 -48.22 23.07
N ILE L 233 -4.76 -48.99 24.00
CA ILE L 233 -4.13 -49.33 25.26
C ILE L 233 -4.14 -50.86 25.37
N SER L 234 -3.52 -51.40 26.41
CA SER L 234 -3.52 -52.84 26.62
C SER L 234 -4.93 -53.36 26.87
N ALA L 235 -5.12 -54.65 26.66
CA ALA L 235 -6.42 -55.28 26.77
C ALA L 235 -6.83 -55.43 28.24
N ALA L 236 -8.04 -55.92 28.44
CA ALA L 236 -8.59 -56.10 29.77
C ALA L 236 -8.00 -57.35 30.44
N ASP L 237 -8.27 -57.47 31.75
CA ASP L 237 -7.85 -58.61 32.56
C ASP L 237 -6.33 -58.80 32.51
N SER L 238 -5.61 -57.79 32.98
CA SER L 238 -4.16 -57.83 33.04
C SER L 238 -3.69 -57.01 34.22
N ASP L 239 -2.49 -57.33 34.70
CA ASP L 239 -1.90 -56.65 35.85
C ASP L 239 -1.09 -55.42 35.47
N ASP L 240 -1.03 -55.08 34.19
CA ASP L 240 -0.25 -53.92 33.74
C ASP L 240 -0.83 -52.60 34.21
N GLN L 241 -2.06 -52.61 34.73
CA GLN L 241 -2.74 -51.42 35.25
C GLN L 241 -2.96 -50.35 34.17
N ARG L 242 -2.94 -50.75 32.90
CA ARG L 242 -3.21 -49.87 31.77
C ARG L 242 -2.30 -48.64 31.80
N ARG L 243 -1.00 -48.88 31.75
CA ARG L 243 -0.01 -47.82 31.85
C ARG L 243 0.82 -47.63 30.59
N LEU L 244 0.51 -48.33 29.51
CA LEU L 244 1.34 -48.29 28.30
C LEU L 244 0.45 -48.03 27.09
N VAL L 245 1.04 -47.40 26.07
CA VAL L 245 0.32 -46.98 24.87
C VAL L 245 0.80 -47.82 23.70
N TYR L 246 -0.12 -48.23 22.83
CA TYR L 246 0.21 -49.15 21.75
C TYR L 246 -0.53 -48.74 20.48
N TYR L 247 -0.30 -49.52 19.42
CA TYR L 247 -0.95 -49.36 18.13
C TYR L 247 -1.62 -50.68 17.73
N GLU L 248 -2.70 -50.58 16.96
CA GLU L 248 -3.44 -51.78 16.60
C GLU L 248 -4.22 -51.54 15.30
N GLY L 249 -4.40 -52.61 14.54
CA GLY L 249 -5.08 -52.55 13.26
C GLY L 249 -6.60 -52.55 13.36
N GLY L 250 -7.25 -53.25 12.41
CA GLY L 250 -8.70 -53.23 12.34
C GLY L 250 -9.38 -54.24 13.23
N ALA L 251 -8.99 -54.28 14.49
CA ALA L 251 -9.61 -55.13 15.50
C ALA L 251 -10.26 -54.33 16.62
N VAL L 252 -9.52 -53.37 17.19
CA VAL L 252 -10.05 -52.52 18.25
C VAL L 252 -10.77 -51.30 17.69
N CYS L 253 -10.78 -51.13 16.37
CA CYS L 253 -11.40 -49.95 15.75
C CYS L 253 -12.90 -49.85 16.02
N THR L 254 -13.54 -50.96 16.41
CA THR L 254 -14.94 -50.94 16.80
C THR L 254 -15.11 -51.22 18.29
N HIS L 255 -14.17 -50.78 19.11
CA HIS L 255 -14.14 -51.09 20.53
C HIS L 255 -13.99 -49.81 21.34
N ALA L 256 -14.43 -49.87 22.60
CA ALA L 256 -14.39 -48.70 23.47
C ALA L 256 -12.97 -48.40 23.95
N ARG L 257 -12.03 -49.32 23.77
CA ARG L 257 -10.68 -49.11 24.26
C ARG L 257 -9.99 -47.96 23.55
N SER L 258 -10.21 -47.83 22.24
CA SER L 258 -9.53 -46.84 21.41
C SER L 258 -10.21 -45.47 21.38
N LEU L 259 -11.05 -45.15 22.36
CA LEU L 259 -11.76 -43.87 22.38
C LEU L 259 -11.04 -42.87 23.26
N TRP L 260 -10.86 -41.66 22.74
CA TRP L 260 -10.13 -40.59 23.43
C TRP L 260 -10.96 -39.32 23.47
N ARG L 261 -10.78 -38.54 24.53
CA ARG L 261 -11.46 -37.27 24.72
C ARG L 261 -10.44 -36.16 24.87
N LEU L 262 -10.69 -35.03 24.20
CA LEU L 262 -9.80 -33.87 24.25
C LEU L 262 -10.40 -32.83 25.19
N GLU L 263 -9.60 -32.37 26.15
CA GLU L 263 -10.05 -31.42 27.16
C GLU L 263 -9.11 -30.22 27.15
N PRO L 264 -9.52 -29.09 26.57
CA PRO L 264 -8.66 -27.90 26.59
C PRO L 264 -8.55 -27.32 28.01
N LEU L 265 -7.56 -26.45 28.18
CA LEU L 265 -7.23 -25.95 29.52
C LEU L 265 -8.14 -24.83 29.98
N ARG L 266 -8.89 -24.20 29.08
CA ARG L 266 -9.76 -23.11 29.49
C ARG L 266 -11.02 -23.64 30.17
N ILE L 267 -11.67 -22.75 30.92
CA ILE L 267 -12.95 -23.09 31.55
C ILE L 267 -14.12 -22.66 30.67
N SER L 268 -14.00 -21.53 29.98
CA SER L 268 -15.04 -21.04 29.08
C SER L 268 -14.63 -21.28 27.64
N TRP L 269 -15.64 -21.45 26.79
CA TRP L 269 -15.44 -21.68 25.35
C TRP L 269 -14.58 -22.91 25.09
N SER L 270 -14.66 -23.90 25.99
CA SER L 270 -13.89 -25.13 25.81
C SER L 270 -14.35 -25.91 24.59
N GLY L 271 -15.62 -25.75 24.21
CA GLY L 271 -16.17 -26.44 23.06
C GLY L 271 -15.97 -25.73 21.73
N SER L 272 -15.21 -24.65 21.70
CA SER L 272 -14.98 -23.91 20.47
C SER L 272 -14.20 -24.74 19.47
N HIS L 273 -14.08 -24.20 18.25
CA HIS L 273 -13.31 -24.88 17.21
C HIS L 273 -11.85 -25.02 17.64
N LEU L 274 -11.25 -26.14 17.29
CA LEU L 274 -9.87 -26.42 17.66
C LEU L 274 -8.94 -25.96 16.54
N ARG L 275 -7.90 -25.23 16.92
CA ARG L 275 -7.01 -24.58 15.96
C ARG L 275 -5.56 -24.95 16.28
N TRP L 276 -4.69 -24.76 15.28
CA TRP L 276 -3.30 -25.10 15.43
C TRP L 276 -2.64 -24.24 16.52
N GLY L 277 -1.71 -24.84 17.26
CA GLY L 277 -1.02 -24.12 18.31
C GLY L 277 -1.93 -23.80 19.47
N GLN L 278 -2.39 -24.82 20.18
CA GLN L 278 -3.29 -24.65 21.31
C GLN L 278 -3.08 -25.78 22.31
N PRO L 279 -2.63 -25.47 23.52
CA PRO L 279 -2.40 -26.53 24.51
C PRO L 279 -3.71 -27.20 24.91
N LEU L 280 -3.62 -28.50 25.19
CA LEU L 280 -4.79 -29.29 25.51
C LEU L 280 -4.34 -30.59 26.16
N ARG L 281 -5.29 -31.28 26.78
CA ARG L 281 -5.05 -32.55 27.45
C ARG L 281 -5.74 -33.67 26.68
N ILE L 282 -5.36 -34.91 27.00
CA ILE L 282 -5.94 -36.09 26.39
C ILE L 282 -6.42 -37.02 27.49
N ARG L 283 -7.66 -37.49 27.37
CA ARG L 283 -8.29 -38.34 28.38
C ARG L 283 -8.79 -39.63 27.74
N HIS L 284 -8.55 -40.76 28.41
CA HIS L 284 -9.13 -42.03 28.02
C HIS L 284 -10.49 -42.17 28.68
N VAL L 285 -11.50 -42.57 27.90
CA VAL L 285 -12.88 -42.46 28.36
C VAL L 285 -13.22 -43.57 29.35
N THR L 286 -13.02 -44.83 28.97
CA THR L 286 -13.40 -45.92 29.86
C THR L 286 -12.40 -46.09 31.00
N THR L 287 -11.12 -45.79 30.76
CA THR L 287 -10.14 -45.86 31.84
C THR L 287 -10.28 -44.69 32.80
N GLY L 288 -10.77 -43.55 32.31
CA GLY L 288 -10.86 -42.36 33.14
C GLY L 288 -9.52 -41.80 33.55
N ARG L 289 -8.56 -41.79 32.63
CA ARG L 289 -7.20 -41.37 32.93
C ARG L 289 -6.65 -40.55 31.77
N TYR L 290 -5.63 -39.75 32.08
CA TYR L 290 -4.95 -38.93 31.08
C TYR L 290 -3.66 -39.62 30.63
N LEU L 291 -2.93 -38.94 29.76
CA LEU L 291 -1.67 -39.42 29.22
C LEU L 291 -0.56 -38.42 29.54
N ALA L 292 0.57 -38.93 30.02
CA ALA L 292 1.65 -38.07 30.47
C ALA L 292 2.98 -38.80 30.43
N LEU L 293 4.05 -38.01 30.51
CA LEU L 293 5.42 -38.51 30.64
C LEU L 293 6.07 -37.71 31.76
N THR L 294 6.14 -38.30 32.95
CA THR L 294 6.51 -37.51 34.13
C THR L 294 8.03 -37.28 34.21
N GLU L 295 8.80 -38.34 34.46
CA GLU L 295 10.24 -38.13 34.42
C GLU L 295 11.00 -39.21 33.65
N ASP L 296 10.67 -40.48 33.86
CA ASP L 296 11.43 -41.56 33.23
C ASP L 296 10.60 -42.73 32.73
N GLN L 297 9.34 -42.86 33.15
CA GLN L 297 8.60 -44.09 32.90
C GLN L 297 8.08 -44.20 31.47
N GLY L 298 8.11 -43.11 30.70
CA GLY L 298 7.61 -43.13 29.34
C GLY L 298 6.24 -42.50 29.23
N LEU L 299 5.63 -42.68 28.05
CA LEU L 299 4.29 -42.18 27.78
C LEU L 299 3.31 -43.08 28.51
N VAL L 300 3.14 -42.80 29.80
CA VAL L 300 2.35 -43.63 30.69
C VAL L 300 0.98 -42.99 30.89
N VAL L 301 -0.05 -43.82 30.96
CA VAL L 301 -1.42 -43.36 31.19
C VAL L 301 -1.55 -43.03 32.67
N VAL L 302 -1.41 -41.76 33.01
CA VAL L 302 -1.45 -41.35 34.41
C VAL L 302 -2.89 -41.12 34.85
N ASP L 303 -3.12 -41.19 36.16
CA ASP L 303 -4.45 -41.01 36.71
C ASP L 303 -4.88 -39.54 36.63
N ALA L 304 -6.05 -39.24 37.19
CA ALA L 304 -6.59 -37.90 37.24
C ALA L 304 -6.18 -37.15 38.50
N CYS L 305 -5.08 -37.55 39.13
CA CYS L 305 -4.57 -36.87 40.32
C CYS L 305 -3.12 -36.45 40.23
N LYS L 306 -2.41 -36.83 39.17
CA LYS L 306 -1.01 -36.47 38.98
C LYS L 306 -0.80 -35.92 37.56
N ALA L 307 -1.68 -35.01 37.16
CA ALA L 307 -1.69 -34.44 35.81
C ALA L 307 -1.69 -32.92 35.89
N HIS L 308 -0.74 -32.35 36.63
CA HIS L 308 -0.74 -30.92 36.93
C HIS L 308 -0.23 -30.09 35.76
N THR L 309 -0.89 -30.22 34.60
CA THR L 309 -0.79 -29.36 33.42
C THR L 309 0.63 -29.24 32.90
N LYS L 310 1.58 -29.96 33.51
CA LYS L 310 2.95 -30.01 33.05
C LYS L 310 3.35 -31.39 32.53
N ALA L 311 2.84 -32.46 33.14
CA ALA L 311 3.10 -33.79 32.63
C ALA L 311 2.31 -34.08 31.37
N THR L 312 1.09 -33.53 31.24
CA THR L 312 0.29 -33.79 30.04
C THR L 312 0.71 -32.86 28.90
N SER L 313 0.42 -31.57 29.05
CA SER L 313 0.93 -30.49 28.20
C SER L 313 1.09 -30.86 26.72
N PHE L 314 0.03 -31.28 26.05
CA PHE L 314 0.09 -31.62 24.64
C PHE L 314 -0.48 -30.50 23.77
N CYS L 315 -0.11 -30.53 22.50
CA CYS L 315 -0.61 -29.57 21.52
C CYS L 315 -0.42 -30.19 20.13
N PHE L 316 -0.97 -29.52 19.12
CA PHE L 316 -0.87 -29.95 17.74
C PHE L 316 -0.03 -28.97 16.94
N ARG L 317 0.74 -29.50 15.99
CA ARG L 317 1.59 -28.69 15.13
C ARG L 317 1.32 -29.06 13.68
N VAL L 318 1.43 -28.08 12.79
CA VAL L 318 1.10 -28.29 11.38
C VAL L 318 2.06 -29.30 10.76
N SER L 319 3.35 -29.10 10.96
CA SER L 319 4.37 -29.95 10.36
C SER L 319 5.58 -29.98 11.28
N LYS L 320 6.69 -30.51 10.78
CA LYS L 320 7.93 -30.54 11.55
C LYS L 320 8.92 -29.49 11.04
N VAL L 331 -9.44 -15.46 22.19
CA VAL L 331 -10.68 -15.41 21.42
C VAL L 331 -11.87 -15.76 22.29
N GLU L 332 -12.78 -14.79 22.47
CA GLU L 332 -13.99 -14.99 23.26
C GLU L 332 -15.19 -15.36 22.40
N GLY L 333 -14.94 -15.97 21.23
CA GLY L 333 -16.02 -16.39 20.36
C GLY L 333 -15.90 -17.84 19.93
N MET L 334 -16.54 -18.20 18.82
CA MET L 334 -16.45 -19.57 18.34
C MET L 334 -15.07 -19.90 17.81
N GLY L 335 -14.39 -18.93 17.19
CA GLY L 335 -13.06 -19.15 16.68
C GLY L 335 -13.06 -19.62 15.24
N PRO L 336 -11.92 -19.51 14.58
CA PRO L 336 -11.82 -19.93 13.18
C PRO L 336 -11.75 -21.44 13.05
N PRO L 337 -12.65 -22.06 12.29
CA PRO L 337 -12.62 -23.51 12.10
C PRO L 337 -11.52 -23.91 11.13
N GLU L 338 -10.55 -24.68 11.62
CA GLU L 338 -9.39 -25.07 10.82
C GLU L 338 -9.25 -26.57 10.67
N ILE L 339 -9.21 -27.31 11.78
CA ILE L 339 -8.86 -28.72 11.76
C ILE L 339 -10.07 -29.55 11.35
N LYS L 340 -9.94 -30.28 10.24
CA LYS L 340 -11.02 -31.05 9.68
C LYS L 340 -11.01 -32.49 10.23
N TYR L 341 -12.00 -33.27 9.80
CA TYR L 341 -12.09 -34.70 10.12
C TYR L 341 -11.45 -35.51 8.99
N GLY L 342 -10.50 -36.37 9.35
CA GLY L 342 -10.03 -37.39 8.44
C GLY L 342 -8.89 -36.99 7.53
N GLU L 343 -8.62 -35.69 7.40
CA GLU L 343 -7.57 -35.24 6.48
C GLU L 343 -6.74 -34.10 7.04
N SER L 344 -6.90 -33.73 8.31
CA SER L 344 -6.15 -32.62 8.86
C SER L 344 -4.67 -32.95 9.01
N LEU L 345 -4.34 -34.23 9.24
CA LEU L 345 -2.95 -34.70 9.30
C LEU L 345 -2.15 -33.96 10.37
N CYS L 346 -2.75 -33.77 11.54
CA CYS L 346 -2.07 -33.06 12.60
C CYS L 346 -0.92 -33.89 13.16
N PHE L 347 0.05 -33.19 13.74
CA PHE L 347 1.21 -33.80 14.38
C PHE L 347 1.16 -33.50 15.88
N VAL L 348 1.30 -34.54 16.68
CA VAL L 348 1.26 -34.40 18.14
C VAL L 348 2.65 -34.06 18.65
N GLN L 349 2.71 -33.17 19.64
CA GLN L 349 3.98 -32.71 20.19
C GLN L 349 3.78 -32.29 21.64
N HIS L 350 4.67 -32.77 22.52
CA HIS L 350 4.64 -32.32 23.91
C HIS L 350 5.12 -30.88 24.00
N VAL L 351 4.47 -30.09 24.84
CA VAL L 351 4.77 -28.66 24.90
C VAL L 351 6.06 -28.40 25.67
N ALA L 352 6.15 -28.92 26.90
CA ALA L 352 7.30 -28.63 27.74
C ALA L 352 8.58 -29.24 27.16
N SER L 353 8.53 -30.51 26.76
CA SER L 353 9.73 -31.19 26.29
C SER L 353 9.99 -30.95 24.81
N GLY L 354 9.01 -30.47 24.05
CA GLY L 354 9.22 -30.19 22.65
C GLY L 354 9.52 -31.39 21.79
N LEU L 355 9.24 -32.60 22.29
CA LEU L 355 9.54 -33.82 21.56
C LEU L 355 8.45 -34.12 20.53
N TRP L 356 8.67 -35.17 19.75
CA TRP L 356 7.71 -35.66 18.77
C TRP L 356 7.37 -37.10 19.10
N LEU L 357 6.11 -37.47 18.89
CA LEU L 357 5.63 -38.80 19.25
C LEU L 357 5.69 -39.72 18.05
N THR L 358 6.28 -40.90 18.25
CA THR L 358 6.35 -41.93 17.22
C THR L 358 6.52 -43.27 17.92
N TYR L 359 6.63 -44.33 17.12
CA TYR L 359 6.69 -45.69 17.63
C TYR L 359 8.15 -46.13 17.70
N ALA L 360 8.55 -46.70 18.84
CA ALA L 360 9.88 -47.30 18.94
C ALA L 360 9.97 -48.55 18.08
N ALA L 361 8.95 -49.40 18.14
CA ALA L 361 8.81 -50.62 17.34
C ALA L 361 10.03 -51.53 17.46
N PRO L 362 10.55 -51.74 18.67
CA PRO L 362 11.60 -52.76 18.85
C PRO L 362 10.97 -54.14 18.90
N ASP L 363 11.15 -54.90 17.82
CA ASP L 363 10.46 -56.18 17.64
C ASP L 363 11.48 -57.30 17.53
N PRO L 364 11.51 -58.26 18.46
CA PRO L 364 12.35 -59.45 18.28
C PRO L 364 11.69 -60.46 17.34
N LYS L 365 12.32 -61.63 17.19
CA LYS L 365 11.75 -62.65 16.32
C LYS L 365 10.40 -63.14 16.83
N ALA L 366 10.28 -63.35 18.14
CA ALA L 366 9.02 -63.82 18.70
C ALA L 366 7.94 -62.75 18.59
N LEU L 367 8.30 -61.48 18.80
CA LEU L 367 7.32 -60.41 18.77
C LEU L 367 6.76 -60.20 17.37
N ARG L 368 7.57 -60.40 16.33
CA ARG L 368 7.11 -60.19 14.96
C ARG L 368 5.99 -61.16 14.59
N LEU L 369 6.15 -62.43 14.94
CA LEU L 369 5.17 -63.46 14.61
C LEU L 369 4.16 -63.69 15.73
N GLY L 370 4.29 -62.97 16.85
CA GLY L 370 3.35 -63.13 17.95
C GLY L 370 2.38 -61.98 18.07
N VAL L 371 2.61 -61.10 19.04
CA VAL L 371 1.72 -59.96 19.24
C VAL L 371 2.05 -58.87 18.23
N LEU L 372 1.03 -58.41 17.51
CA LEU L 372 1.19 -57.33 16.52
C LEU L 372 1.01 -55.97 17.19
N LYS L 373 1.90 -55.69 18.14
CA LYS L 373 1.79 -54.53 19.01
C LYS L 373 3.09 -53.75 19.05
N LYS L 374 2.97 -52.43 19.05
CA LYS L 374 4.11 -51.52 19.04
C LYS L 374 3.94 -50.50 20.16
N LYS L 375 5.04 -49.92 20.61
CA LYS L 375 5.01 -48.95 21.70
C LYS L 375 5.38 -47.58 21.17
N ALA L 376 4.62 -46.56 21.59
CA ALA L 376 4.84 -45.19 21.15
C ALA L 376 5.69 -44.44 22.17
N ILE L 377 6.64 -43.66 21.69
CA ILE L 377 7.54 -42.90 22.54
C ILE L 377 7.73 -41.50 21.96
N LEU L 378 7.99 -40.54 22.85
CA LEU L 378 8.23 -39.15 22.45
C LEU L 378 9.70 -39.00 22.11
N HIS L 379 10.05 -39.43 20.90
CA HIS L 379 11.43 -39.29 20.43
C HIS L 379 11.74 -37.83 20.12
N GLN L 380 13.04 -37.52 20.12
CA GLN L 380 13.47 -36.14 19.91
C GLN L 380 13.27 -35.68 18.46
N GLU L 381 13.31 -36.60 17.50
CA GLU L 381 13.16 -36.22 16.10
C GLU L 381 12.02 -36.98 15.45
N GLY L 382 11.79 -38.22 15.90
CA GLY L 382 10.65 -38.99 15.46
C GLY L 382 10.81 -39.60 14.08
N HIS L 383 9.76 -40.29 13.65
CA HIS L 383 9.72 -40.86 12.32
C HIS L 383 9.06 -39.88 11.35
N MET L 384 8.77 -40.35 10.14
CA MET L 384 8.19 -39.54 9.08
C MET L 384 6.82 -40.05 8.63
N ASP L 385 6.18 -40.89 9.43
CA ASP L 385 4.97 -41.59 9.01
C ASP L 385 3.89 -41.52 10.09
N ASP L 386 3.78 -40.38 10.76
CA ASP L 386 2.73 -40.24 11.77
C ASP L 386 1.39 -39.88 11.13
N ALA L 387 1.31 -38.69 10.53
CA ALA L 387 0.13 -38.23 9.80
C ALA L 387 -1.17 -38.57 10.52
N LEU L 388 -1.23 -38.19 11.79
CA LEU L 388 -2.36 -38.57 12.65
C LEU L 388 -3.60 -37.77 12.26
N PHE L 389 -4.54 -38.42 11.58
CA PHE L 389 -5.82 -37.82 11.24
C PHE L 389 -6.92 -38.36 12.16
N LEU L 390 -7.98 -37.58 12.28
CA LEU L 390 -8.98 -37.78 13.30
C LEU L 390 -10.30 -38.20 12.66
N THR L 391 -11.03 -39.07 13.36
CA THR L 391 -12.33 -39.54 12.94
C THR L 391 -13.34 -39.30 14.05
N ARG L 392 -14.55 -38.93 13.67
CA ARG L 392 -15.60 -38.58 14.63
C ARG L 392 -16.54 -39.76 14.85
N CYS L 393 -16.72 -40.13 16.12
CA CYS L 393 -17.70 -41.13 16.53
C CYS L 393 -18.45 -40.55 17.74
N GLN L 394 -19.47 -39.73 17.46
CA GLN L 394 -20.28 -39.10 18.50
C GLN L 394 -21.72 -39.55 18.26
N GLN L 395 -22.12 -40.61 18.94
CA GLN L 395 -23.41 -41.25 18.70
C GLN L 395 -23.81 -42.01 19.96
N GLU L 396 -24.77 -42.92 19.82
CA GLU L 396 -25.28 -43.66 20.98
C GLU L 396 -24.18 -44.41 21.72
N GLU L 397 -23.12 -44.84 21.02
CA GLU L 397 -22.05 -45.57 21.69
C GLU L 397 -21.24 -44.65 22.61
N SER L 398 -21.09 -43.37 22.25
CA SER L 398 -20.35 -42.44 23.09
C SER L 398 -21.03 -42.25 24.44
N GLN L 399 -22.37 -42.18 24.43
CA GLN L 399 -23.10 -42.15 25.69
C GLN L 399 -22.86 -43.42 26.49
N ALA L 400 -22.84 -44.57 25.81
CA ALA L 400 -22.51 -45.82 26.48
C ALA L 400 -21.00 -46.03 26.53
N ALA L 401 -20.27 -45.00 26.93
CA ALA L 401 -18.85 -45.10 27.26
C ALA L 401 -18.58 -44.65 28.68
N ARG L 402 -19.09 -43.49 29.07
CA ARG L 402 -19.01 -43.04 30.46
C ARG L 402 -19.73 -43.99 31.40
N MET L 403 -20.73 -44.73 30.90
CA MET L 403 -21.44 -45.70 31.73
C MET L 403 -20.49 -46.77 32.25
N ILE L 404 -19.55 -47.22 31.41
CA ILE L 404 -18.62 -48.26 31.83
C ILE L 404 -17.79 -47.78 33.02
N HIS L 405 -17.22 -46.59 32.91
CA HIS L 405 -16.39 -46.06 33.98
C HIS L 405 -17.18 -45.87 35.26
N SER L 406 -18.39 -45.33 35.16
CA SER L 406 -19.19 -45.09 36.36
C SER L 406 -19.62 -46.39 37.02
N THR L 407 -20.10 -47.35 36.24
CA THR L 407 -20.57 -48.60 36.83
C THR L 407 -19.40 -49.45 37.33
N ALA L 408 -18.32 -49.53 36.56
CA ALA L 408 -17.16 -50.29 37.02
C ALA L 408 -16.46 -49.63 38.19
N GLY L 409 -16.58 -48.32 38.34
CA GLY L 409 -16.06 -47.66 39.52
C GLY L 409 -16.97 -47.73 40.73
N LEU L 410 -18.24 -48.07 40.52
CA LEU L 410 -19.19 -48.24 41.61
C LEU L 410 -19.32 -49.69 42.06
N TYR L 411 -18.98 -50.65 41.19
CA TYR L 411 -19.13 -52.05 41.55
C TYR L 411 -17.97 -52.54 42.41
N ASN L 412 -16.74 -52.46 41.89
CA ASN L 412 -15.60 -53.03 42.60
C ASN L 412 -15.48 -52.45 44.01
N GLN L 413 -15.83 -51.19 44.18
CA GLN L 413 -15.83 -50.61 45.53
C GLN L 413 -16.86 -51.31 46.42
N PHE L 414 -17.97 -51.76 45.85
CA PHE L 414 -18.95 -52.50 46.64
C PHE L 414 -18.39 -53.83 47.11
N ILE L 415 -17.80 -54.62 46.19
CA ILE L 415 -17.23 -55.91 46.56
C ILE L 415 -16.07 -55.71 47.53
N LYS L 416 -15.20 -54.73 47.26
CA LYS L 416 -14.05 -54.50 48.12
C LYS L 416 -14.49 -54.17 49.54
N GLY L 417 -15.50 -53.31 49.69
CA GLY L 417 -16.07 -53.06 51.00
C GLY L 417 -16.74 -54.30 51.57
N LEU L 418 -17.46 -55.03 50.72
CA LEU L 418 -18.09 -56.28 51.16
C LEU L 418 -17.04 -57.31 51.60
N ASP L 419 -15.88 -57.32 50.94
CA ASP L 419 -14.88 -58.34 51.19
C ASP L 419 -14.21 -58.17 52.55
N SER L 420 -14.28 -56.98 53.14
CA SER L 420 -13.57 -56.73 54.41
C SER L 420 -14.06 -57.66 55.51
N PHE L 421 -15.38 -57.80 55.65
CA PHE L 421 -15.96 -58.71 56.64
C PHE L 421 -16.20 -60.09 56.04
N SER L 422 -15.15 -60.68 55.45
CA SER L 422 -15.30 -61.98 54.81
C SER L 422 -15.58 -63.08 55.84
N GLY L 423 -14.88 -63.05 56.97
CA GLY L 423 -15.02 -64.11 57.95
C GLY L 423 -15.05 -63.65 59.40
N LYS L 424 -15.62 -62.48 59.66
CA LYS L 424 -15.67 -61.95 61.02
C LYS L 424 -17.10 -61.90 61.51
N PRO L 425 -17.51 -62.78 62.41
CA PRO L 425 -18.82 -62.64 63.04
C PRO L 425 -18.94 -61.30 63.75
N ARG L 426 -20.15 -60.72 63.69
CA ARG L 426 -20.35 -59.37 64.17
C ARG L 426 -20.26 -59.29 65.69
N GLY L 427 -19.58 -58.27 66.18
CA GLY L 427 -19.57 -57.92 67.59
C GLY L 427 -20.81 -57.14 67.92
N SER L 428 -21.93 -57.86 68.11
CA SER L 428 -23.28 -57.29 68.15
C SER L 428 -23.31 -55.93 68.82
N GLY L 429 -23.93 -54.98 68.14
CA GLY L 429 -23.77 -53.58 68.44
C GLY L 429 -23.08 -52.87 67.30
N PRO L 430 -21.83 -52.48 67.51
CA PRO L 430 -21.02 -51.98 66.40
C PRO L 430 -21.00 -52.96 65.25
N PRO L 431 -21.63 -52.64 64.13
CA PRO L 431 -21.73 -53.62 63.03
C PRO L 431 -20.41 -53.86 62.31
N ALA L 432 -19.76 -52.79 61.89
CA ALA L 432 -18.56 -52.85 61.05
C ALA L 432 -17.93 -51.46 61.05
N GLY L 433 -16.96 -51.25 60.16
CA GLY L 433 -16.31 -49.97 60.02
C GLY L 433 -17.01 -49.10 59.00
N PRO L 434 -16.39 -48.91 57.84
CA PRO L 434 -17.05 -48.13 56.78
C PRO L 434 -18.35 -48.77 56.34
N ALA L 435 -19.34 -47.94 56.03
CA ALA L 435 -20.66 -48.41 55.65
C ALA L 435 -20.65 -48.91 54.21
N LEU L 436 -21.80 -49.41 53.77
CA LEU L 436 -21.96 -49.94 52.43
C LEU L 436 -23.09 -49.23 51.71
N PRO L 437 -22.97 -49.01 50.41
CA PRO L 437 -24.08 -48.41 49.64
C PRO L 437 -25.05 -49.46 49.15
N ILE L 438 -26.35 -49.26 49.42
CA ILE L 438 -27.40 -50.17 48.98
C ILE L 438 -28.42 -49.47 48.10
N GLU L 439 -28.82 -48.25 48.44
CA GLU L 439 -29.77 -47.52 47.61
C GLU L 439 -29.17 -47.19 46.25
N ALA L 440 -27.86 -46.93 46.21
CA ALA L 440 -27.21 -46.57 44.95
C ALA L 440 -27.26 -47.74 43.96
N VAL L 441 -26.92 -48.94 44.40
CA VAL L 441 -26.82 -50.07 43.48
C VAL L 441 -28.20 -50.50 42.98
N ILE L 442 -29.20 -50.48 43.86
CA ILE L 442 -30.53 -50.93 43.46
C ILE L 442 -31.05 -50.07 42.31
N LEU L 443 -30.88 -48.74 42.42
CA LEU L 443 -31.23 -47.87 41.32
C LEU L 443 -30.35 -48.14 40.10
N SER L 444 -29.05 -48.41 40.33
CA SER L 444 -28.14 -48.64 39.21
C SER L 444 -28.54 -49.86 38.41
N LEU L 445 -28.77 -50.99 39.09
CA LEU L 445 -29.15 -52.21 38.38
C LEU L 445 -30.48 -52.05 37.66
N GLN L 446 -31.44 -51.37 38.30
CA GLN L 446 -32.75 -51.18 37.67
C GLN L 446 -32.65 -50.35 36.39
N ASP L 447 -31.54 -49.65 36.16
CA ASP L 447 -31.39 -48.89 34.93
C ASP L 447 -30.89 -49.78 33.79
N LEU L 448 -29.85 -50.58 34.03
CA LEU L 448 -29.26 -51.37 32.96
C LEU L 448 -30.24 -52.40 32.41
N ILE L 449 -31.02 -53.04 33.28
CA ILE L 449 -32.02 -53.99 32.81
C ILE L 449 -33.03 -53.28 31.91
N GLY L 450 -33.44 -52.07 32.29
CA GLY L 450 -34.24 -51.26 31.38
C GLY L 450 -33.45 -50.84 30.15
N TYR L 451 -32.17 -50.52 30.33
CA TYR L 451 -31.34 -50.11 29.20
C TYR L 451 -31.14 -51.25 28.22
N PHE L 452 -30.95 -52.47 28.72
CA PHE L 452 -30.75 -53.65 27.89
C PHE L 452 -32.04 -54.39 27.59
N GLU L 453 -33.18 -53.76 27.81
CA GLU L 453 -34.46 -54.43 27.61
C GLU L 453 -34.63 -54.77 26.13
N PRO L 454 -35.03 -56.01 25.81
CA PRO L 454 -35.04 -56.47 24.42
C PRO L 454 -36.07 -55.72 23.59
N PRO L 455 -35.93 -55.73 22.26
CA PRO L 455 -36.89 -55.01 21.42
C PRO L 455 -38.31 -55.54 21.58
N SER L 456 -39.27 -54.65 21.39
CA SER L 456 -40.68 -54.97 21.63
C SER L 456 -41.19 -55.88 20.52
N GLU L 457 -42.49 -56.18 20.56
CA GLU L 457 -43.12 -57.11 19.63
C GLU L 457 -44.00 -56.44 18.58
N GLU L 458 -44.70 -55.36 18.93
CA GLU L 458 -45.64 -54.74 18.02
C GLU L 458 -44.97 -53.91 16.94
N LEU L 459 -43.67 -53.64 17.07
CA LEU L 459 -42.99 -52.80 16.10
C LEU L 459 -42.80 -53.53 14.78
N GLN L 460 -42.71 -52.75 13.70
CA GLN L 460 -42.57 -53.31 12.36
C GLN L 460 -41.16 -53.89 12.17
N HIS L 461 -40.95 -54.52 11.02
CA HIS L 461 -39.69 -55.24 10.79
C HIS L 461 -38.51 -54.27 10.72
N GLU L 462 -38.64 -53.19 9.95
CA GLU L 462 -37.51 -52.29 9.73
C GLU L 462 -37.04 -51.68 11.05
N GLU L 463 -37.97 -51.20 11.88
CA GLU L 463 -37.57 -50.61 13.15
C GLU L 463 -37.02 -51.67 14.10
N LYS L 464 -37.62 -52.86 14.11
CA LYS L 464 -37.11 -53.94 14.95
C LYS L 464 -35.71 -54.36 14.54
N GLN L 465 -35.47 -54.50 13.24
CA GLN L 465 -34.15 -54.89 12.76
C GLN L 465 -33.10 -53.83 13.08
N SER L 466 -33.47 -52.57 12.93
CA SER L 466 -32.52 -51.49 13.19
C SER L 466 -32.06 -51.50 14.64
N LYS L 467 -32.99 -51.66 15.58
CA LYS L 467 -32.61 -51.70 16.99
C LYS L 467 -31.92 -53.01 17.34
N LEU L 468 -32.22 -54.09 16.63
CA LEU L 468 -31.56 -55.37 16.89
C LEU L 468 -30.06 -55.30 16.63
N ARG L 469 -29.62 -54.44 15.71
CA ARG L 469 -28.20 -54.21 15.52
C ARG L 469 -27.61 -53.34 16.61
N SER L 470 -28.40 -52.41 17.15
CA SER L 470 -27.93 -51.50 18.19
C SER L 470 -28.00 -52.11 19.58
N LEU L 471 -28.46 -53.35 19.71
CA LEU L 471 -28.44 -54.05 20.98
C LEU L 471 -27.33 -55.08 21.06
N ARG L 472 -27.10 -55.83 19.99
CA ARG L 472 -26.03 -56.83 19.99
C ARG L 472 -24.67 -56.17 20.18
N ASN L 473 -24.46 -55.01 19.56
CA ASN L 473 -23.18 -54.32 19.68
C ASN L 473 -22.94 -53.92 21.15
N ARG L 474 -23.92 -53.30 21.78
CA ARG L 474 -23.75 -52.86 23.16
C ARG L 474 -23.60 -54.04 24.12
N GLN L 475 -24.25 -55.16 23.82
CA GLN L 475 -24.04 -56.35 24.65
C GLN L 475 -22.60 -56.83 24.57
N SER L 476 -22.01 -56.83 23.37
CA SER L 476 -20.61 -57.20 23.23
C SER L 476 -19.70 -56.12 23.81
N LEU L 477 -20.13 -54.87 23.76
CA LEU L 477 -19.32 -53.76 24.28
C LEU L 477 -19.18 -53.80 25.79
N PHE L 478 -20.09 -54.48 26.50
CA PHE L 478 -20.01 -54.60 27.95
C PHE L 478 -19.23 -55.82 28.40
N GLN L 479 -18.72 -56.62 27.46
CA GLN L 479 -17.91 -57.79 27.77
C GLN L 479 -16.42 -57.51 27.67
N GLU L 480 -16.02 -56.66 26.72
CA GLU L 480 -14.61 -56.39 26.49
C GLU L 480 -14.00 -55.54 27.61
N GLU L 481 -14.83 -54.89 28.42
CA GLU L 481 -14.38 -54.10 29.55
C GLU L 481 -14.68 -54.81 30.87
N GLY L 482 -14.53 -56.13 30.89
CA GLY L 482 -14.98 -56.89 32.03
C GLY L 482 -16.49 -56.89 32.12
N MET L 483 -17.01 -56.69 33.32
CA MET L 483 -18.45 -56.54 33.60
C MET L 483 -19.21 -57.84 33.38
N LEU L 484 -18.54 -58.86 32.87
CA LEU L 484 -19.03 -60.23 32.97
C LEU L 484 -18.39 -60.96 34.13
N SER L 485 -17.08 -60.80 34.29
CA SER L 485 -16.42 -61.26 35.51
C SER L 485 -16.96 -60.50 36.73
N LEU L 486 -17.18 -59.20 36.58
CA LEU L 486 -17.66 -58.38 37.70
C LEU L 486 -18.99 -58.89 38.23
N VAL L 487 -19.98 -59.06 37.34
CA VAL L 487 -21.27 -59.60 37.78
C VAL L 487 -21.10 -61.03 38.26
N LEU L 488 -20.16 -61.78 37.68
CA LEU L 488 -19.83 -63.09 38.23
C LEU L 488 -19.21 -62.97 39.60
N ASN L 489 -18.33 -61.99 39.80
CA ASN L 489 -17.63 -61.84 41.07
C ASN L 489 -18.60 -61.50 42.21
N CYS L 490 -19.59 -60.66 41.93
CA CYS L 490 -20.59 -60.32 42.96
C CYS L 490 -21.34 -61.57 43.41
N ILE L 491 -21.70 -62.43 42.46
CA ILE L 491 -22.44 -63.64 42.82
C ILE L 491 -21.60 -64.54 43.72
N ASP L 492 -20.30 -64.66 43.43
CA ASP L 492 -19.42 -65.48 44.25
C ASP L 492 -19.41 -65.00 45.70
N ARG L 493 -19.27 -63.67 45.89
CA ARG L 493 -19.19 -63.14 47.25
C ARG L 493 -20.54 -63.23 47.96
N LEU L 494 -21.63 -62.82 47.28
CA LEU L 494 -22.94 -62.83 47.93
C LEU L 494 -23.41 -64.24 48.22
N ASN L 495 -23.15 -65.19 47.32
CA ASN L 495 -23.70 -66.54 47.45
C ASN L 495 -23.05 -67.33 48.58
N VAL L 496 -22.00 -66.80 49.20
CA VAL L 496 -21.44 -67.45 50.38
C VAL L 496 -22.47 -67.48 51.50
N TYR L 497 -23.19 -66.38 51.69
CA TYR L 497 -24.23 -66.28 52.72
C TYR L 497 -25.43 -67.10 52.30
N THR L 498 -25.63 -68.27 52.91
CA THR L 498 -26.67 -69.19 52.52
C THR L 498 -27.97 -68.89 53.28
N THR L 499 -28.93 -69.82 53.21
CA THR L 499 -30.15 -69.77 54.01
C THR L 499 -30.98 -68.53 53.74
N ALA L 500 -30.81 -67.50 54.56
CA ALA L 500 -31.61 -66.29 54.43
C ALA L 500 -30.77 -65.13 54.94
N ALA L 501 -31.43 -63.99 55.17
CA ALA L 501 -30.74 -62.82 55.70
C ALA L 501 -30.22 -63.05 57.12
N HIS L 502 -30.71 -64.07 57.81
CA HIS L 502 -30.27 -64.33 59.17
C HIS L 502 -28.79 -64.67 59.23
N PHE L 503 -28.30 -65.48 58.29
CA PHE L 503 -26.87 -65.75 58.26
C PHE L 503 -26.08 -64.52 57.81
N ALA L 504 -26.67 -63.69 56.95
CA ALA L 504 -26.04 -62.43 56.57
C ALA L 504 -26.11 -61.39 57.68
N GLU L 505 -26.52 -61.77 58.90
CA GLU L 505 -26.70 -60.79 59.96
C GLU L 505 -25.40 -60.08 60.29
N TYR L 506 -24.28 -60.79 60.28
CA TYR L 506 -22.99 -60.19 60.64
C TYR L 506 -22.39 -59.41 59.47
N ALA L 507 -23.26 -58.59 58.85
CA ALA L 507 -22.82 -57.62 57.87
C ALA L 507 -23.55 -56.29 58.04
N GLY L 508 -24.38 -56.14 59.07
CA GLY L 508 -25.25 -54.99 59.21
C GLY L 508 -26.71 -55.40 59.07
N GLU L 509 -27.41 -55.55 60.20
CA GLU L 509 -28.77 -56.06 60.16
C GLU L 509 -29.73 -55.08 59.51
N GLU L 510 -29.34 -53.82 59.35
CA GLU L 510 -30.19 -52.86 58.64
C GLU L 510 -30.28 -53.17 57.16
N ALA L 511 -29.26 -53.83 56.60
CA ALA L 511 -29.26 -54.22 55.21
C ALA L 511 -29.75 -55.65 54.99
N ALA L 512 -30.08 -56.37 56.07
CA ALA L 512 -30.49 -57.77 55.93
C ALA L 512 -31.80 -57.89 55.17
N GLU L 513 -32.78 -57.04 55.49
CA GLU L 513 -34.08 -57.14 54.85
C GLU L 513 -34.04 -56.76 53.38
N SER L 514 -32.95 -56.16 52.90
CA SER L 514 -32.75 -55.86 51.49
C SER L 514 -31.80 -56.86 50.83
N TRP L 515 -31.87 -58.14 51.23
CA TRP L 515 -31.00 -59.16 50.69
C TRP L 515 -31.59 -59.82 49.44
N LYS L 516 -32.87 -60.23 49.51
CA LYS L 516 -33.44 -61.03 48.44
C LYS L 516 -33.37 -60.33 47.10
N GLU L 517 -33.78 -59.06 47.05
CA GLU L 517 -33.85 -58.36 45.77
C GLU L 517 -32.47 -58.17 45.16
N ILE L 518 -31.46 -57.84 45.97
CA ILE L 518 -30.11 -57.70 45.44
C ILE L 518 -29.64 -59.01 44.81
N VAL L 519 -29.88 -60.13 45.50
CA VAL L 519 -29.51 -61.42 44.94
C VAL L 519 -30.26 -61.67 43.64
N ASN L 520 -31.55 -61.31 43.61
CA ASN L 520 -32.34 -61.51 42.41
C ASN L 520 -31.82 -60.69 41.24
N LEU L 521 -31.63 -59.37 41.46
CA LEU L 521 -31.47 -58.43 40.36
C LEU L 521 -30.26 -58.74 39.48
N LEU L 522 -29.21 -59.34 40.03
CA LEU L 522 -28.04 -59.65 39.21
C LEU L 522 -28.38 -60.67 38.13
N TYR L 523 -29.20 -61.66 38.45
CA TYR L 523 -29.39 -62.80 37.56
C TYR L 523 -30.06 -62.40 36.25
N GLU L 524 -31.17 -61.66 36.32
CA GLU L 524 -31.80 -61.26 35.06
C GLU L 524 -30.98 -60.18 34.35
N LEU L 525 -30.13 -59.46 35.08
CA LEU L 525 -29.17 -58.58 34.42
C LEU L 525 -28.23 -59.37 33.53
N LEU L 526 -27.69 -60.48 34.06
CA LEU L 526 -26.79 -61.31 33.27
C LEU L 526 -27.53 -61.96 32.10
N ALA L 527 -28.81 -62.26 32.28
CA ALA L 527 -29.59 -62.81 31.18
C ALA L 527 -29.69 -61.81 30.03
N SER L 528 -29.78 -60.52 30.34
CA SER L 528 -29.81 -59.51 29.29
C SER L 528 -28.51 -59.49 28.50
N LEU L 529 -27.38 -59.67 29.17
CA LEU L 529 -26.08 -59.68 28.49
C LEU L 529 -25.84 -60.93 27.67
N ILE L 530 -26.68 -61.95 27.80
CA ILE L 530 -26.48 -63.22 27.10
C ILE L 530 -27.57 -63.49 26.07
N ARG L 531 -28.81 -63.13 26.38
CA ARG L 531 -29.93 -63.43 25.49
C ARG L 531 -29.71 -62.82 24.13
N GLY L 532 -29.89 -63.62 23.08
CA GLY L 532 -29.75 -63.15 21.72
C GLY L 532 -28.34 -63.25 21.18
N ASN L 533 -27.38 -62.67 21.90
CA ASN L 533 -26.00 -62.63 21.43
C ASN L 533 -25.40 -64.03 21.44
N ARG L 534 -24.43 -64.24 20.56
CA ARG L 534 -23.80 -65.53 20.36
C ARG L 534 -22.37 -65.59 20.91
N ALA L 535 -21.58 -64.54 20.73
CA ALA L 535 -20.19 -64.56 21.16
C ALA L 535 -20.08 -64.71 22.68
N ASN L 536 -20.92 -64.01 23.43
CA ASN L 536 -20.85 -64.07 24.88
C ASN L 536 -21.20 -65.46 25.41
N CYS L 537 -22.08 -66.19 24.69
CA CYS L 537 -22.50 -67.50 25.15
C CYS L 537 -21.35 -68.49 25.21
N ALA L 538 -20.34 -68.33 24.35
CA ALA L 538 -19.21 -69.26 24.33
C ALA L 538 -18.37 -69.17 25.60
N LEU L 539 -18.45 -68.06 26.33
CA LEU L 539 -17.61 -67.87 27.51
C LEU L 539 -17.98 -68.83 28.63
N PHE L 540 -19.23 -69.29 28.66
CA PHE L 540 -19.70 -70.13 29.76
C PHE L 540 -19.38 -71.61 29.61
N SER L 541 -18.63 -71.99 28.57
CA SER L 541 -18.25 -73.39 28.42
C SER L 541 -17.40 -73.87 29.60
N THR L 542 -16.44 -73.05 30.03
CA THR L 542 -15.63 -73.39 31.19
C THR L 542 -16.39 -73.21 32.49
N ASN L 543 -17.34 -72.27 32.53
CA ASN L 543 -18.11 -71.99 33.73
C ASN L 543 -19.46 -72.70 33.73
N LEU L 544 -19.66 -73.66 32.83
CA LEU L 544 -20.93 -74.38 32.80
C LEU L 544 -21.18 -75.11 34.11
N ASP L 545 -20.15 -75.73 34.68
CA ASP L 545 -20.32 -76.46 35.93
C ASP L 545 -20.77 -75.55 37.07
N TRP L 546 -20.36 -74.28 37.03
CA TRP L 546 -20.67 -73.38 38.13
C TRP L 546 -22.14 -73.00 38.16
N VAL L 547 -22.70 -72.62 37.00
CA VAL L 547 -24.10 -72.19 36.96
C VAL L 547 -25.03 -73.36 37.28
N VAL L 548 -24.74 -74.53 36.71
CA VAL L 548 -25.61 -75.68 36.92
C VAL L 548 -25.51 -76.17 38.36
N SER L 549 -24.49 -75.73 39.10
CA SER L 549 -24.26 -76.27 40.44
C SER L 549 -25.44 -75.98 41.37
N LYS L 550 -25.85 -74.72 41.48
CA LYS L 550 -26.82 -74.36 42.51
C LYS L 550 -28.20 -74.97 42.28
N LEU L 551 -28.98 -74.40 41.35
CA LEU L 551 -30.30 -74.90 40.97
C LEU L 551 -31.18 -75.23 42.17
N ASP L 552 -30.87 -74.72 43.36
CA ASP L 552 -31.58 -75.15 44.56
C ASP L 552 -31.97 -74.03 45.52
N ARG L 553 -31.36 -72.85 45.44
CA ARG L 553 -31.67 -71.78 46.39
C ARG L 553 -33.14 -71.42 46.34
N LEU L 554 -33.75 -71.30 47.52
CA LEU L 554 -35.18 -71.02 47.59
C LEU L 554 -35.55 -69.68 46.99
N GLU L 555 -34.60 -68.76 46.85
CA GLU L 555 -34.81 -67.55 46.06
C GLU L 555 -33.75 -67.50 44.96
N ALA L 556 -33.93 -68.35 43.96
CA ALA L 556 -33.21 -68.25 42.70
C ALA L 556 -34.03 -68.75 41.53
N SER L 557 -35.28 -69.15 41.72
CA SER L 557 -35.98 -70.01 40.77
C SER L 557 -36.08 -69.35 39.39
N SER L 558 -36.59 -68.12 39.35
CA SER L 558 -36.73 -67.43 38.08
C SER L 558 -35.37 -67.09 37.47
N GLY L 559 -34.41 -66.69 38.31
CA GLY L 559 -33.12 -66.27 37.79
C GLY L 559 -32.37 -67.39 37.10
N ILE L 560 -32.22 -68.53 37.78
CA ILE L 560 -31.34 -69.59 37.29
C ILE L 560 -31.95 -70.31 36.09
N LEU L 561 -33.25 -70.58 36.13
CA LEU L 561 -33.86 -71.30 35.02
C LEU L 561 -33.87 -70.46 33.75
N GLU L 562 -33.86 -69.13 33.87
CA GLU L 562 -33.84 -68.28 32.69
C GLU L 562 -32.43 -68.09 32.16
N VAL L 563 -31.43 -67.96 33.04
CA VAL L 563 -30.05 -67.81 32.56
C VAL L 563 -29.58 -69.10 31.89
N LEU L 564 -30.01 -70.25 32.43
CA LEU L 564 -29.65 -71.51 31.80
C LEU L 564 -30.37 -71.70 30.47
N TYR L 565 -31.61 -71.20 30.37
CA TYR L 565 -32.37 -71.35 29.14
C TYR L 565 -31.76 -70.58 27.98
N CYS L 566 -31.15 -69.42 28.25
CA CYS L 566 -30.64 -68.57 27.19
C CYS L 566 -29.26 -68.98 26.70
N VAL L 567 -28.53 -69.81 27.45
CA VAL L 567 -27.22 -70.27 27.01
C VAL L 567 -27.27 -71.58 26.24
N LEU L 568 -28.39 -72.30 26.28
CA LEU L 568 -28.56 -73.51 25.50
C LEU L 568 -29.39 -73.31 24.25
N ILE L 569 -29.71 -72.06 23.91
CA ILE L 569 -30.48 -71.76 22.71
C ILE L 569 -29.62 -71.22 21.58
N GLU L 570 -28.39 -70.80 21.87
CA GLU L 570 -27.53 -70.20 20.87
C GLU L 570 -26.29 -71.03 20.55
N SER L 571 -25.55 -71.46 21.57
CA SER L 571 -24.27 -72.12 21.35
C SER L 571 -24.43 -73.63 21.47
N PRO L 572 -24.20 -74.40 20.39
CA PRO L 572 -24.17 -75.86 20.54
C PRO L 572 -22.90 -76.38 21.21
N GLU L 573 -21.88 -75.54 21.38
CA GLU L 573 -20.63 -76.00 21.98
C GLU L 573 -20.82 -76.34 23.44
N VAL L 574 -21.46 -75.45 24.21
CA VAL L 574 -21.72 -75.74 25.62
C VAL L 574 -22.67 -76.92 25.76
N LEU L 575 -23.48 -77.17 24.73
CA LEU L 575 -24.38 -78.32 24.74
C LEU L 575 -23.63 -79.64 24.80
N ASN L 576 -22.37 -79.67 24.36
CA ASN L 576 -21.59 -80.89 24.29
C ASN L 576 -20.72 -81.12 25.52
N ILE L 577 -20.94 -80.36 26.60
CA ILE L 577 -20.04 -80.43 27.75
C ILE L 577 -20.85 -80.84 28.99
N ILE L 578 -21.79 -81.75 28.79
CA ILE L 578 -22.57 -82.34 29.88
C ILE L 578 -22.36 -83.85 29.84
N GLN L 579 -21.84 -84.42 30.93
CA GLN L 579 -21.39 -85.82 30.88
C GLN L 579 -22.45 -86.82 31.37
N GLU L 580 -22.70 -86.85 32.69
CA GLU L 580 -23.69 -87.78 33.19
C GLU L 580 -24.46 -87.23 34.39
N ASN L 581 -23.89 -86.24 35.08
CA ASN L 581 -24.42 -85.81 36.36
C ASN L 581 -25.23 -84.53 36.29
N HIS L 582 -24.92 -83.66 35.33
CA HIS L 582 -25.67 -82.43 35.18
C HIS L 582 -27.10 -82.72 34.74
N ILE L 583 -27.28 -83.77 33.93
CA ILE L 583 -28.62 -84.14 33.49
C ILE L 583 -29.49 -84.56 34.67
N LYS L 584 -28.95 -85.38 35.57
CA LYS L 584 -29.76 -85.82 36.70
C LYS L 584 -29.97 -84.69 37.70
N SER L 585 -29.07 -83.71 37.72
CA SER L 585 -29.26 -82.55 38.59
C SER L 585 -30.50 -81.77 38.18
N ILE L 586 -30.61 -81.42 36.89
CA ILE L 586 -31.79 -80.72 36.42
C ILE L 586 -33.02 -81.62 36.47
N ILE L 587 -32.83 -82.93 36.32
CA ILE L 587 -33.95 -83.86 36.49
C ILE L 587 -34.48 -83.79 37.92
N SER L 588 -33.57 -83.76 38.89
CA SER L 588 -34.00 -83.64 40.28
C SER L 588 -34.68 -82.31 40.55
N LEU L 589 -34.37 -81.28 39.75
CA LEU L 589 -35.04 -79.99 39.91
C LEU L 589 -36.53 -80.12 39.70
N LEU L 590 -36.94 -80.89 38.68
CA LEU L 590 -38.36 -81.14 38.46
C LEU L 590 -38.98 -81.89 39.63
N ASP L 591 -38.18 -82.70 40.32
CA ASP L 591 -38.67 -83.53 41.42
C ASP L 591 -38.84 -82.73 42.71
N LYS L 592 -38.17 -81.58 42.84
CA LYS L 592 -38.22 -80.81 44.08
C LYS L 592 -38.99 -79.50 43.97
N HIS L 593 -39.19 -78.96 42.77
CA HIS L 593 -39.87 -77.68 42.59
C HIS L 593 -41.21 -77.83 41.88
N GLY L 594 -41.74 -79.04 41.82
CA GLY L 594 -43.07 -79.25 41.29
C GLY L 594 -43.09 -79.46 39.80
N ARG L 595 -44.31 -79.46 39.26
CA ARG L 595 -44.53 -79.63 37.84
C ARG L 595 -44.42 -78.26 37.17
N ASN L 596 -43.30 -78.01 36.51
CA ASN L 596 -43.02 -76.72 35.88
C ASN L 596 -42.71 -76.97 34.42
N HIS L 597 -43.52 -76.38 33.54
CA HIS L 597 -43.30 -76.56 32.10
C HIS L 597 -42.00 -75.93 31.63
N LYS L 598 -41.45 -74.99 32.39
CA LYS L 598 -40.22 -74.33 31.98
C LYS L 598 -39.06 -75.32 31.94
N VAL L 599 -38.93 -76.18 32.95
CA VAL L 599 -37.84 -77.16 32.96
C VAL L 599 -37.99 -78.15 31.81
N LEU L 600 -39.21 -78.64 31.59
CA LEU L 600 -39.44 -79.60 30.50
C LEU L 600 -39.06 -78.98 29.15
N ASP L 601 -39.30 -77.68 29.00
CA ASP L 601 -38.86 -76.99 27.78
C ASP L 601 -37.34 -76.98 27.66
N VAL L 602 -36.63 -76.82 28.79
CA VAL L 602 -35.18 -76.79 28.76
C VAL L 602 -34.62 -78.12 28.29
N LEU L 603 -35.22 -79.23 28.74
CA LEU L 603 -34.76 -80.54 28.30
C LEU L 603 -34.90 -80.71 26.80
N CYS L 604 -35.89 -80.06 26.18
CA CYS L 604 -35.99 -80.08 24.73
C CYS L 604 -34.80 -79.40 24.07
N SER L 605 -34.15 -78.47 24.78
CA SER L 605 -32.96 -77.82 24.23
C SER L 605 -31.77 -78.78 24.19
N LEU L 606 -31.66 -79.69 25.16
CA LEU L 606 -30.61 -80.70 25.12
C LEU L 606 -30.74 -81.60 23.90
N CYS L 607 -31.91 -81.63 23.29
CA CYS L 607 -32.17 -82.40 22.08
C CYS L 607 -31.59 -81.67 20.88
N VAL L 608 -32.05 -82.03 19.68
CA VAL L 608 -31.54 -81.48 18.43
C VAL L 608 -31.32 -79.96 18.53
N CYS L 609 -30.14 -79.52 18.10
CA CYS L 609 -29.81 -78.11 18.03
C CYS L 609 -30.22 -77.60 16.64
N ASN L 610 -29.71 -76.44 16.24
CA ASN L 610 -30.13 -75.85 14.96
C ASN L 610 -29.63 -76.73 13.82
N GLY L 611 -30.53 -77.57 13.31
CA GLY L 611 -30.18 -78.46 12.22
C GLY L 611 -29.53 -79.75 12.67
N VAL L 612 -28.46 -79.64 13.44
CA VAL L 612 -27.68 -80.81 13.84
C VAL L 612 -28.27 -81.37 15.13
N ALA L 613 -28.19 -82.70 15.27
CA ALA L 613 -28.65 -83.41 16.44
C ALA L 613 -27.50 -84.23 17.01
N VAL L 614 -27.50 -84.38 18.33
CA VAL L 614 -26.45 -85.10 19.04
C VAL L 614 -27.08 -86.31 19.74
N ARG L 615 -26.40 -87.45 19.65
CA ARG L 615 -26.90 -88.70 20.22
C ARG L 615 -26.19 -89.13 21.49
N SER L 616 -25.04 -88.53 21.81
CA SER L 616 -24.34 -88.91 23.02
C SER L 616 -25.15 -88.66 24.28
N ASN L 617 -26.06 -87.68 24.24
CA ASN L 617 -26.93 -87.40 25.37
C ASN L 617 -28.40 -87.62 25.07
N GLN L 618 -28.78 -87.85 23.82
CA GLN L 618 -30.18 -88.16 23.52
C GLN L 618 -30.49 -89.64 23.75
N ASP L 619 -30.01 -90.17 24.88
CA ASP L 619 -30.54 -91.38 25.49
C ASP L 619 -30.57 -91.32 27.00
N LEU L 620 -29.76 -90.45 27.63
CA LEU L 620 -29.66 -90.43 29.09
C LEU L 620 -30.98 -90.03 29.72
N ILE L 621 -31.65 -89.02 29.15
CA ILE L 621 -32.96 -88.65 29.66
C ILE L 621 -33.95 -89.78 29.46
N THR L 622 -33.80 -90.57 28.39
CA THR L 622 -34.69 -91.69 28.18
C THR L 622 -34.50 -92.78 29.22
N GLU L 623 -33.28 -92.92 29.75
CA GLU L 623 -32.98 -93.96 30.73
C GLU L 623 -33.02 -93.44 32.17
N ASN L 624 -33.15 -92.13 32.37
CA ASN L 624 -33.17 -91.56 33.71
C ASN L 624 -34.52 -90.96 34.06
N LEU L 625 -35.06 -90.09 33.21
CA LEU L 625 -36.38 -89.50 33.42
C LEU L 625 -37.29 -90.02 32.32
N LEU L 626 -37.87 -91.21 32.55
CA LEU L 626 -38.73 -91.92 31.60
C LEU L 626 -39.02 -93.34 32.09
N PRO L 627 -38.02 -94.15 32.45
CA PRO L 627 -38.35 -95.51 32.91
C PRO L 627 -39.15 -95.52 34.20
N GLY L 628 -38.71 -94.79 35.21
CA GLY L 628 -39.55 -94.61 36.39
C GLY L 628 -40.85 -93.92 36.03
N ARG L 629 -41.95 -94.44 36.57
CA ARG L 629 -43.29 -94.01 36.16
C ARG L 629 -43.99 -93.28 37.29
N GLU L 630 -43.26 -92.39 37.96
CA GLU L 630 -43.82 -91.60 39.05
C GLU L 630 -43.86 -90.11 38.78
N LEU L 631 -42.99 -89.59 37.91
CA LEU L 631 -42.93 -88.15 37.67
C LEU L 631 -43.98 -87.70 36.66
N LEU L 632 -43.97 -88.30 35.46
CA LEU L 632 -44.81 -87.84 34.38
C LEU L 632 -46.25 -88.30 34.56
N LEU L 633 -47.08 -88.00 33.58
CA LEU L 633 -48.51 -88.32 33.61
C LEU L 633 -48.76 -89.42 32.58
N GLN L 634 -48.75 -90.67 33.03
CA GLN L 634 -49.01 -91.80 32.14
C GLN L 634 -50.48 -91.86 31.75
N THR L 635 -50.75 -92.52 30.64
CA THR L 635 -52.12 -92.62 30.14
C THR L 635 -52.31 -93.93 29.39
N ASN L 636 -53.57 -94.33 29.26
CA ASN L 636 -53.92 -95.62 28.68
C ASN L 636 -55.43 -95.64 28.45
N LEU L 637 -55.93 -96.79 28.00
CA LEU L 637 -57.35 -97.00 27.73
C LEU L 637 -57.96 -97.89 28.81
N ILE L 638 -59.15 -97.52 29.27
CA ILE L 638 -59.89 -98.27 30.27
C ILE L 638 -61.30 -98.53 29.77
N ASN L 639 -61.81 -99.73 30.00
CA ASN L 639 -63.17 -100.07 29.64
C ASN L 639 -64.12 -99.58 30.75
N TYR L 640 -65.40 -99.94 30.64
CA TYR L 640 -66.43 -99.46 31.53
C TYR L 640 -67.07 -100.62 32.29
N VAL L 641 -67.60 -100.32 33.47
CA VAL L 641 -68.27 -101.32 34.31
C VAL L 641 -69.45 -100.64 35.00
N THR L 642 -70.44 -101.46 35.38
CA THR L 642 -71.65 -100.98 36.02
C THR L 642 -72.09 -102.01 37.05
N SER L 643 -72.81 -101.55 38.08
CA SER L 643 -73.28 -102.39 39.15
C SER L 643 -74.80 -102.34 39.25
N ILE L 644 -75.39 -103.49 39.61
CA ILE L 644 -76.84 -103.64 39.72
C ILE L 644 -77.16 -104.32 41.03
N ARG L 645 -78.20 -103.85 41.71
CA ARG L 645 -78.62 -104.43 42.98
C ARG L 645 -80.14 -104.53 43.03
N PRO L 646 -80.68 -105.44 43.84
CA PRO L 646 -82.14 -105.54 43.99
C PRO L 646 -82.70 -104.46 44.92
N ASN L 647 -84.01 -104.53 45.20
CA ASN L 647 -84.63 -103.57 46.10
C ASN L 647 -84.53 -103.97 47.56
N ILE L 648 -83.98 -105.14 47.87
CA ILE L 648 -84.01 -105.63 49.24
C ILE L 648 -83.04 -104.81 50.10
N PHE L 649 -83.35 -104.72 51.39
CA PHE L 649 -82.59 -103.87 52.30
C PHE L 649 -82.55 -104.58 53.66
N VAL L 650 -81.38 -105.10 54.03
CA VAL L 650 -81.21 -105.85 55.27
C VAL L 650 -80.22 -105.11 56.16
N GLY L 651 -80.53 -105.03 57.45
CA GLY L 651 -79.66 -104.39 58.42
C GLY L 651 -79.96 -104.90 59.81
N ARG L 652 -79.04 -104.61 60.73
CA ARG L 652 -79.12 -105.07 62.11
C ARG L 652 -79.12 -103.87 63.05
N ALA L 653 -80.11 -103.83 63.95
CA ALA L 653 -80.24 -102.76 64.92
C ALA L 653 -81.23 -103.21 65.99
N GLU L 654 -81.30 -102.43 67.06
CA GLU L 654 -82.25 -102.71 68.15
C GLU L 654 -83.67 -102.50 67.64
N GLY L 655 -84.40 -103.59 67.45
CA GLY L 655 -85.73 -103.55 66.90
C GLY L 655 -85.91 -104.68 65.90
N SER L 656 -86.80 -104.47 64.94
CA SER L 656 -87.04 -105.46 63.89
C SER L 656 -85.80 -105.55 63.03
N THR L 657 -85.04 -106.65 63.19
CA THR L 657 -83.80 -106.85 62.46
C THR L 657 -83.76 -108.22 61.78
N GLN L 658 -84.91 -108.85 61.60
CA GLN L 658 -85.04 -110.15 60.95
C GLN L 658 -84.15 -111.15 61.69
N TYR L 659 -83.30 -111.92 61.00
CA TYR L 659 -82.51 -112.97 61.63
C TYR L 659 -81.01 -112.78 61.48
N GLY L 660 -80.56 -111.96 60.55
CA GLY L 660 -79.13 -111.90 60.25
C GLY L 660 -78.62 -113.18 59.64
N LYS L 661 -79.39 -113.78 58.74
CA LYS L 661 -79.00 -115.04 58.10
C LYS L 661 -79.70 -115.09 56.73
N TRP L 662 -78.94 -114.86 55.66
CA TRP L 662 -79.49 -114.71 54.33
C TRP L 662 -78.62 -115.46 53.34
N TYR L 663 -79.24 -115.85 52.22
CA TYR L 663 -78.61 -116.79 51.29
C TYR L 663 -79.17 -116.61 49.88
N PHE L 664 -78.29 -116.63 48.89
CA PHE L 664 -78.74 -116.58 47.49
C PHE L 664 -77.65 -117.12 46.58
N GLU L 665 -78.05 -117.45 45.35
CA GLU L 665 -77.11 -117.93 44.33
C GLU L 665 -77.27 -117.09 43.08
N VAL L 666 -76.67 -117.53 41.96
CA VAL L 666 -76.72 -116.76 40.72
C VAL L 666 -76.28 -117.67 39.58
N MET L 667 -76.74 -117.37 38.37
CA MET L 667 -76.43 -118.14 37.17
C MET L 667 -75.68 -117.29 36.15
N VAL L 668 -74.56 -117.83 35.65
CA VAL L 668 -73.71 -117.14 34.69
C VAL L 668 -73.45 -118.04 33.49
N ASP L 669 -73.63 -117.49 32.30
CA ASP L 669 -73.45 -118.23 31.05
C ASP L 669 -72.81 -117.35 29.98
N GLU L 670 -71.73 -116.66 30.34
CA GLU L 670 -71.03 -115.75 29.44
C GLU L 670 -69.69 -116.35 29.01
N VAL L 671 -69.39 -116.25 27.72
CA VAL L 671 -68.20 -116.90 27.15
C VAL L 671 -67.30 -115.88 26.46
N VAL L 672 -67.24 -114.66 26.97
CA VAL L 672 -66.47 -113.59 26.32
C VAL L 672 -65.35 -113.11 27.24
N PRO L 673 -64.20 -113.75 27.24
CA PRO L 673 -63.15 -113.38 28.20
C PRO L 673 -62.28 -112.22 27.74
N PHE L 674 -62.10 -112.05 26.44
CA PHE L 674 -61.20 -111.02 25.96
C PHE L 674 -61.81 -110.19 24.86
N LEU L 675 -63.13 -110.05 24.84
CA LEU L 675 -63.75 -109.16 23.89
C LEU L 675 -63.36 -107.72 24.21
N THR L 676 -62.90 -106.99 23.19
CA THR L 676 -62.35 -105.64 23.32
C THR L 676 -61.18 -105.61 24.32
N ALA L 677 -60.12 -106.30 23.93
CA ALA L 677 -58.83 -106.26 24.63
C ALA L 677 -58.92 -106.77 26.06
N GLN L 678 -59.08 -105.85 27.01
CA GLN L 678 -59.03 -106.20 28.43
C GLN L 678 -60.06 -107.28 28.78
N ALA L 679 -59.84 -107.92 29.92
CA ALA L 679 -60.71 -108.99 30.37
C ALA L 679 -62.09 -108.43 30.76
N THR L 680 -63.05 -109.34 30.89
CA THR L 680 -64.42 -108.99 31.24
C THR L 680 -64.59 -109.12 32.75
N HIS L 681 -64.70 -107.99 33.42
CA HIS L 681 -64.82 -107.98 34.87
C HIS L 681 -66.17 -108.56 35.29
N LEU L 682 -66.13 -109.47 36.28
CA LEU L 682 -67.35 -110.09 36.79
C LEU L 682 -67.16 -110.40 38.27
N ARG L 683 -67.96 -109.77 39.12
CA ARG L 683 -67.85 -109.93 40.56
C ARG L 683 -69.22 -109.84 41.22
N VAL L 684 -69.33 -110.45 42.40
CA VAL L 684 -70.57 -110.45 43.18
C VAL L 684 -70.21 -110.32 44.66
N GLY L 685 -71.10 -109.72 45.43
CA GLY L 685 -70.86 -109.61 46.87
C GLY L 685 -71.82 -108.64 47.52
N TRP L 686 -71.36 -108.09 48.65
CA TRP L 686 -72.09 -107.12 49.47
C TRP L 686 -71.47 -105.74 49.38
N ALA L 687 -72.30 -104.73 49.65
CA ALA L 687 -71.85 -103.36 49.83
C ALA L 687 -72.86 -102.63 50.72
N LEU L 688 -72.36 -101.74 51.56
CA LEU L 688 -73.23 -101.01 52.48
C LEU L 688 -73.84 -99.80 51.79
N THR L 689 -74.76 -99.14 52.49
CA THR L 689 -75.57 -98.11 51.87
C THR L 689 -74.93 -96.72 51.95
N GLU L 690 -73.63 -96.66 51.64
CA GLU L 690 -72.90 -95.41 51.42
C GLU L 690 -71.87 -95.58 50.32
N GLY L 691 -72.15 -96.44 49.35
CA GLY L 691 -71.20 -96.75 48.31
C GLY L 691 -70.80 -95.57 47.44
N TYR L 692 -71.76 -95.04 46.67
CA TYR L 692 -71.52 -93.97 45.70
C TYR L 692 -70.43 -94.34 44.69
N SER L 693 -70.12 -95.63 44.59
CA SER L 693 -69.06 -96.09 43.69
C SER L 693 -69.34 -95.85 42.21
N PRO L 694 -70.56 -96.12 41.66
CA PRO L 694 -70.71 -96.23 40.19
C PRO L 694 -69.97 -95.18 39.38
N TYR L 695 -70.35 -93.89 39.53
CA TYR L 695 -69.70 -92.74 38.92
C TYR L 695 -69.08 -93.08 37.56
N PRO L 696 -69.90 -93.44 36.56
CA PRO L 696 -69.35 -93.97 35.31
C PRO L 696 -68.30 -93.08 34.69
N GLY L 697 -67.08 -93.61 34.57
CA GLY L 697 -65.96 -92.85 34.05
C GLY L 697 -64.70 -93.04 34.87
N GLY L 698 -64.14 -91.94 35.39
CA GLY L 698 -62.93 -92.04 36.17
C GLY L 698 -63.16 -92.68 37.52
N GLY L 699 -62.08 -93.15 38.11
CA GLY L 699 -62.13 -93.80 39.42
C GLY L 699 -60.88 -93.51 40.22
N GLU L 700 -60.41 -94.51 40.96
CA GLU L 700 -59.24 -94.35 41.81
C GLU L 700 -58.02 -95.07 41.25
N GLY L 701 -58.04 -96.39 41.17
CA GLY L 701 -56.92 -97.11 40.60
C GLY L 701 -56.83 -96.93 39.10
N TRP L 702 -57.80 -97.49 38.37
CA TRP L 702 -57.87 -97.32 36.92
C TRP L 702 -59.35 -97.33 36.54
N GLY L 703 -59.92 -96.14 36.35
CA GLY L 703 -61.29 -96.02 35.88
C GLY L 703 -62.31 -96.24 36.97
N GLY L 704 -63.56 -95.99 36.63
CA GLY L 704 -64.66 -96.12 37.56
C GLY L 704 -65.03 -97.57 37.78
N ASN L 705 -64.19 -98.29 38.53
CA ASN L 705 -64.33 -99.72 38.75
C ASN L 705 -65.60 -100.08 39.52
N GLY L 706 -65.83 -101.36 39.73
CA GLY L 706 -67.03 -101.88 40.36
C GLY L 706 -66.82 -102.26 41.81
N VAL L 707 -67.39 -103.40 42.20
CA VAL L 707 -67.39 -103.81 43.59
C VAL L 707 -66.02 -104.33 44.02
N GLY L 708 -65.69 -104.13 45.30
CA GLY L 708 -64.53 -104.71 45.91
C GLY L 708 -63.34 -103.78 46.05
N ASP L 709 -63.30 -102.70 45.28
CA ASP L 709 -62.16 -101.78 45.31
C ASP L 709 -62.39 -100.59 46.23
N ASP L 710 -62.79 -100.87 47.47
CA ASP L 710 -63.03 -99.83 48.47
C ASP L 710 -63.20 -100.52 49.82
N LEU L 711 -63.55 -99.74 50.84
CA LEU L 711 -63.88 -100.27 52.16
C LEU L 711 -65.38 -100.30 52.40
N TYR L 712 -66.19 -99.95 51.41
CA TYR L 712 -67.63 -99.94 51.53
C TYR L 712 -68.28 -101.06 50.72
N SER L 713 -67.49 -102.00 50.21
CA SER L 713 -68.01 -103.09 49.40
C SER L 713 -67.11 -104.30 49.52
N TYR L 714 -67.70 -105.48 49.65
CA TYR L 714 -66.98 -106.72 49.78
C TYR L 714 -67.47 -107.68 48.70
N GLY L 715 -66.54 -108.23 47.91
CA GLY L 715 -66.94 -109.03 46.78
C GLY L 715 -65.93 -110.12 46.47
N PHE L 716 -66.28 -110.93 45.48
CA PHE L 716 -65.50 -112.09 45.06
C PHE L 716 -65.55 -112.19 43.55
N ASP L 717 -64.47 -112.67 42.95
CA ASP L 717 -64.38 -112.79 41.50
C ASP L 717 -64.27 -114.22 41.01
N GLY L 718 -63.79 -115.15 41.83
CA GLY L 718 -63.60 -116.52 41.41
C GLY L 718 -62.25 -117.02 41.86
N LEU L 719 -61.29 -116.09 41.96
CA LEU L 719 -59.94 -116.44 42.40
C LEU L 719 -59.36 -115.45 43.40
N HIS L 720 -60.07 -114.38 43.73
CA HIS L 720 -59.49 -113.37 44.60
C HIS L 720 -60.58 -112.71 45.45
N LEU L 721 -60.15 -112.20 46.60
CA LEU L 721 -61.00 -111.40 47.47
C LEU L 721 -60.55 -109.95 47.40
N TRP L 722 -61.50 -109.03 47.17
CA TRP L 722 -61.18 -107.63 46.94
C TRP L 722 -61.76 -106.77 48.05
N THR L 723 -60.87 -106.06 48.74
CA THR L 723 -61.24 -105.08 49.77
C THR L 723 -60.15 -104.01 49.79
N GLY L 724 -60.52 -102.77 49.50
CA GLY L 724 -59.54 -101.71 49.46
C GLY L 724 -58.68 -101.69 48.21
N HIS L 725 -59.22 -102.16 47.09
CA HIS L 725 -58.58 -102.16 45.78
C HIS L 725 -57.37 -103.10 45.71
N VAL L 726 -57.14 -103.90 46.74
CA VAL L 726 -56.06 -104.87 46.74
C VAL L 726 -56.66 -106.27 46.84
N ALA L 727 -56.09 -107.21 46.09
CA ALA L 727 -56.66 -108.54 45.96
C ALA L 727 -55.71 -109.58 46.54
N ARG L 728 -56.29 -110.67 47.05
CA ARG L 728 -55.56 -111.81 47.57
C ARG L 728 -56.12 -113.10 46.98
N PRO L 729 -55.26 -114.05 46.63
CA PRO L 729 -55.75 -115.30 46.05
C PRO L 729 -56.48 -116.16 47.06
N VAL L 730 -57.39 -116.99 46.56
CA VAL L 730 -58.15 -117.92 47.38
C VAL L 730 -57.89 -119.33 46.88
N THR L 731 -58.29 -120.31 47.70
CA THR L 731 -58.14 -121.71 47.37
C THR L 731 -59.50 -122.39 47.38
N SER L 732 -59.65 -123.35 46.47
CA SER L 732 -60.89 -124.10 46.31
C SER L 732 -60.63 -125.23 45.32
N PRO L 733 -61.48 -126.27 45.31
CA PRO L 733 -61.33 -127.33 44.31
C PRO L 733 -61.84 -126.86 42.96
N GLY L 734 -60.93 -126.77 42.00
CA GLY L 734 -61.25 -126.29 40.66
C GLY L 734 -60.38 -125.11 40.27
N GLN L 735 -60.19 -124.17 41.20
CA GLN L 735 -59.27 -123.05 41.05
C GLN L 735 -59.41 -122.30 39.73
N HIS L 736 -60.64 -122.10 39.26
CA HIS L 736 -60.89 -121.29 38.08
C HIS L 736 -61.88 -120.19 38.43
N LEU L 737 -61.67 -119.01 37.84
CA LEU L 737 -62.57 -117.88 38.07
C LEU L 737 -63.93 -118.16 37.45
N LEU L 738 -64.83 -117.19 37.58
CA LEU L 738 -66.20 -117.37 37.09
C LEU L 738 -66.20 -117.73 35.61
N ALA L 739 -66.89 -118.81 35.29
CA ALA L 739 -66.99 -119.38 33.95
C ALA L 739 -68.45 -119.63 33.66
N PRO L 740 -68.82 -119.79 32.38
CA PRO L 740 -70.22 -120.11 32.08
C PRO L 740 -70.64 -121.43 32.71
N GLU L 741 -71.93 -121.50 33.05
CA GLU L 741 -72.53 -122.68 33.69
C GLU L 741 -71.88 -122.95 35.04
N ASP L 742 -72.08 -122.00 35.95
CA ASP L 742 -71.51 -122.08 37.29
C ASP L 742 -72.44 -121.39 38.28
N VAL L 743 -72.25 -121.71 39.56
CA VAL L 743 -73.06 -121.17 40.65
C VAL L 743 -72.12 -120.75 41.79
N VAL L 744 -72.37 -119.57 42.36
CA VAL L 744 -71.67 -119.12 43.54
C VAL L 744 -72.69 -118.81 44.62
N SER L 745 -72.37 -119.19 45.85
CA SER L 745 -73.25 -118.98 46.99
C SER L 745 -72.57 -118.09 48.01
N CYS L 746 -73.23 -116.99 48.37
CA CYS L 746 -72.76 -116.08 49.39
C CYS L 746 -73.40 -116.41 50.74
N CYS L 747 -72.89 -115.78 51.79
CA CYS L 747 -73.36 -116.03 53.14
C CYS L 747 -73.44 -114.72 53.91
N LEU L 748 -74.36 -114.68 54.88
CA LEU L 748 -74.51 -113.51 55.74
C LEU L 748 -74.89 -113.96 57.14
N ASP L 749 -74.19 -113.46 58.15
CA ASP L 749 -74.42 -113.87 59.54
C ASP L 749 -74.00 -112.71 60.44
N LEU L 750 -74.96 -111.91 60.89
CA LEU L 750 -74.67 -110.67 61.62
C LEU L 750 -74.70 -110.86 63.13
N SER L 751 -74.01 -111.85 63.65
CA SER L 751 -73.70 -111.88 65.08
C SER L 751 -72.21 -112.06 65.33
N VAL L 752 -71.58 -112.94 64.57
CA VAL L 752 -70.13 -113.05 64.31
C VAL L 752 -69.64 -111.82 63.55
N PRO L 753 -70.53 -110.91 63.10
CA PRO L 753 -70.70 -110.69 61.65
C PRO L 753 -69.47 -110.88 60.78
N SER L 754 -69.69 -111.71 59.77
CA SER L 754 -68.66 -112.21 58.86
C SER L 754 -69.35 -112.66 57.58
N ILE L 755 -68.64 -112.56 56.45
CA ILE L 755 -69.16 -112.97 55.15
C ILE L 755 -68.30 -114.12 54.64
N SER L 756 -68.96 -115.21 54.24
CA SER L 756 -68.32 -116.32 53.58
C SER L 756 -68.91 -116.51 52.19
N PHE L 757 -68.21 -117.28 51.37
CA PHE L 757 -68.67 -117.57 50.01
C PHE L 757 -68.54 -119.06 49.76
N ARG L 758 -69.28 -119.54 48.77
CA ARG L 758 -69.32 -120.95 48.43
C ARG L 758 -69.37 -121.12 46.92
N ILE L 759 -68.41 -121.86 46.38
CA ILE L 759 -68.43 -122.23 44.97
C ILE L 759 -69.54 -123.25 44.79
N ASN L 760 -69.85 -123.60 43.54
CA ASN L 760 -71.04 -124.38 43.19
C ASN L 760 -71.41 -125.46 44.20
N GLY L 761 -70.42 -126.22 44.68
CA GLY L 761 -70.73 -127.25 45.66
C GLY L 761 -69.72 -127.41 46.77
N CYS L 762 -68.77 -126.48 46.88
CA CYS L 762 -67.70 -126.58 47.85
C CYS L 762 -67.48 -125.24 48.53
N PRO L 763 -66.99 -125.23 49.77
CA PRO L 763 -66.75 -123.96 50.46
C PRO L 763 -65.51 -123.27 49.94
N VAL L 764 -65.53 -121.94 50.03
CA VAL L 764 -64.38 -121.11 49.68
C VAL L 764 -63.66 -120.74 50.97
N GLN L 765 -62.37 -121.07 51.04
CA GLN L 765 -61.60 -120.96 52.27
C GLN L 765 -61.16 -119.50 52.47
N GLY L 766 -62.06 -118.73 53.07
CA GLY L 766 -61.79 -117.35 53.39
C GLY L 766 -63.03 -116.61 53.86
N VAL L 767 -62.90 -115.84 54.94
CA VAL L 767 -64.02 -115.12 55.54
C VAL L 767 -63.56 -113.73 55.94
N PHE L 768 -64.40 -112.73 55.68
CA PHE L 768 -64.16 -111.37 56.13
C PHE L 768 -64.70 -111.20 57.55
N GLU L 769 -63.98 -110.42 58.36
CA GLU L 769 -64.36 -110.21 59.75
C GLU L 769 -64.13 -108.75 60.11
N ALA L 770 -64.45 -108.41 61.37
CA ALA L 770 -64.17 -107.10 61.95
C ALA L 770 -64.82 -105.97 61.13
N PHE L 771 -66.14 -105.97 61.11
CA PHE L 771 -66.90 -105.00 60.34
C PHE L 771 -67.20 -103.76 61.17
N ASN L 772 -67.93 -102.82 60.58
CA ASN L 772 -68.38 -101.61 61.24
C ASN L 772 -69.84 -101.33 60.86
N LEU L 773 -70.66 -102.38 60.89
CA LEU L 773 -72.03 -102.33 60.39
C LEU L 773 -72.80 -101.19 61.05
N ASP L 774 -73.21 -100.23 60.22
CA ASP L 774 -74.01 -99.09 60.68
C ASP L 774 -75.22 -98.80 59.80
N GLY L 775 -75.24 -99.24 58.55
CA GLY L 775 -76.40 -99.03 57.69
C GLY L 775 -77.06 -100.31 57.27
N LEU L 776 -77.11 -100.58 55.97
CA LEU L 776 -77.75 -101.77 55.44
C LEU L 776 -76.84 -102.34 54.35
N PHE L 777 -77.35 -103.26 53.55
CA PHE L 777 -76.49 -103.98 52.63
C PHE L 777 -77.20 -104.24 51.31
N PHE L 778 -76.41 -104.31 50.24
CA PHE L 778 -76.90 -104.55 48.89
C PHE L 778 -76.33 -105.85 48.35
N PRO L 779 -77.13 -106.71 47.73
CA PRO L 779 -76.56 -107.75 46.86
C PRO L 779 -76.08 -107.12 45.57
N VAL L 780 -74.77 -107.01 45.37
CA VAL L 780 -74.20 -106.25 44.26
C VAL L 780 -73.54 -107.18 43.27
N VAL L 781 -73.63 -106.83 41.99
CA VAL L 781 -73.00 -107.55 40.89
C VAL L 781 -72.21 -106.56 40.05
N SER L 782 -71.15 -107.05 39.41
CA SER L 782 -70.29 -106.22 38.57
C SER L 782 -70.12 -106.90 37.21
N PHE L 783 -70.13 -106.10 36.15
CA PHE L 783 -70.03 -106.65 34.81
C PHE L 783 -69.50 -105.57 33.86
N SER L 784 -68.66 -105.98 32.91
CA SER L 784 -68.08 -105.04 31.96
C SER L 784 -69.02 -104.79 30.78
N ALA L 785 -69.28 -105.83 29.99
CA ALA L 785 -70.10 -105.71 28.79
C ALA L 785 -70.36 -107.11 28.23
N GLY L 786 -71.39 -107.22 27.40
CA GLY L 786 -71.75 -108.48 26.78
C GLY L 786 -72.10 -109.57 27.76
N VAL L 787 -72.98 -109.25 28.73
CA VAL L 787 -73.27 -110.13 29.85
C VAL L 787 -74.78 -110.27 30.00
N LYS L 788 -75.25 -111.51 30.16
CA LYS L 788 -76.65 -111.88 30.28
C LYS L 788 -76.89 -112.74 31.52
N VAL L 789 -76.33 -112.33 32.66
CA VAL L 789 -76.42 -113.12 33.88
C VAL L 789 -77.87 -113.18 34.39
N ARG L 790 -78.30 -114.39 34.76
CA ARG L 790 -79.56 -114.59 35.47
C ARG L 790 -79.29 -114.55 36.97
N PHE L 791 -80.18 -113.88 37.70
CA PHE L 791 -79.95 -113.55 39.11
C PHE L 791 -80.98 -114.28 39.97
N LEU L 792 -80.50 -115.09 40.91
CA LEU L 792 -81.34 -116.02 41.65
C LEU L 792 -81.74 -115.43 42.99
N LEU L 793 -83.02 -115.53 43.32
CA LEU L 793 -83.54 -115.04 44.60
C LEU L 793 -84.13 -116.14 45.47
N GLY L 794 -85.07 -116.93 44.95
CA GLY L 794 -85.67 -117.98 45.76
C GLY L 794 -87.15 -118.23 45.56
N GLY L 795 -87.93 -118.10 46.64
CA GLY L 795 -89.31 -118.54 46.64
C GLY L 795 -90.17 -117.88 45.57
N ARG L 796 -89.85 -116.62 45.25
CA ARG L 796 -90.61 -115.93 44.20
C ARG L 796 -90.51 -116.69 42.87
N HIS L 797 -89.30 -116.76 42.30
CA HIS L 797 -89.05 -117.64 41.16
C HIS L 797 -87.71 -118.35 41.22
N GLY L 798 -86.74 -117.88 42.01
CA GLY L 798 -85.41 -118.47 42.03
C GLY L 798 -85.38 -119.91 42.48
N GLU L 799 -85.10 -120.82 41.54
CA GLU L 799 -85.03 -122.24 41.86
C GLU L 799 -83.69 -122.54 42.49
N PHE L 800 -83.66 -122.59 43.83
CA PHE L 800 -82.41 -122.89 44.53
C PHE L 800 -81.92 -124.27 44.15
N LYS L 801 -80.78 -124.32 43.44
CA LYS L 801 -80.20 -125.61 43.08
C LYS L 801 -79.78 -126.39 44.31
N PHE L 802 -79.21 -125.72 45.29
CA PHE L 802 -78.63 -126.36 46.47
C PHE L 802 -79.41 -125.95 47.72
N LEU L 803 -79.16 -126.70 48.80
CA LEU L 803 -79.86 -126.49 50.06
C LEU L 803 -79.10 -125.48 50.91
N PRO L 804 -79.76 -124.42 51.39
CA PRO L 804 -79.07 -123.48 52.26
C PRO L 804 -78.65 -124.15 53.54
N PRO L 805 -77.57 -123.69 54.17
CA PRO L 805 -77.15 -124.22 55.47
C PRO L 805 -78.22 -123.97 56.52
N PRO L 806 -78.10 -124.59 57.71
CA PRO L 806 -79.24 -124.54 58.65
C PRO L 806 -79.52 -123.15 59.19
N GLY L 807 -80.57 -122.55 58.66
CA GLY L 807 -81.12 -121.28 59.11
C GLY L 807 -80.64 -120.13 58.25
N TYR L 808 -81.43 -119.78 57.24
CA TYR L 808 -81.09 -118.71 56.29
C TYR L 808 -82.34 -118.36 55.51
N ALA L 809 -82.81 -117.13 55.64
CA ALA L 809 -83.98 -116.71 54.89
C ALA L 809 -83.64 -116.60 53.40
N PRO L 810 -84.54 -117.04 52.52
CA PRO L 810 -84.27 -116.96 51.07
C PRO L 810 -84.29 -115.55 50.51
N CYS L 811 -84.41 -114.52 51.36
CA CYS L 811 -84.21 -113.13 50.98
C CYS L 811 -85.36 -112.56 50.15
N HIS L 812 -86.35 -113.38 49.79
CA HIS L 812 -87.54 -112.84 49.15
C HIS L 812 -88.53 -112.26 50.16
N GLU L 813 -88.48 -112.73 51.42
CA GLU L 813 -89.38 -112.20 52.43
C GLU L 813 -89.10 -110.72 52.71
N ALA L 814 -87.82 -110.36 52.78
CA ALA L 814 -87.42 -108.99 53.08
C ALA L 814 -87.64 -108.12 51.84
N VAL L 815 -88.77 -107.42 51.79
CA VAL L 815 -89.04 -106.43 50.74
C VAL L 815 -89.82 -105.31 51.41
N LEU L 816 -89.73 -104.12 50.84
CA LEU L 816 -90.52 -103.01 51.35
C LEU L 816 -92.00 -103.33 51.15
N PRO L 817 -92.79 -103.42 52.22
CA PRO L 817 -94.20 -103.83 52.10
C PRO L 817 -95.11 -102.71 51.60
N ARG L 818 -94.67 -102.01 50.56
CA ARG L 818 -95.45 -100.94 49.95
C ARG L 818 -95.37 -100.94 48.43
N GLU L 819 -94.69 -101.89 47.82
CA GLU L 819 -94.53 -101.97 46.37
C GLU L 819 -93.96 -103.34 46.03
N ARG L 820 -93.65 -103.56 44.75
CA ARG L 820 -93.06 -104.80 44.29
C ARG L 820 -91.53 -104.65 44.21
N LEU L 821 -90.86 -105.74 43.89
CA LEU L 821 -89.41 -105.77 43.78
C LEU L 821 -88.99 -105.71 42.31
N ARG L 822 -87.80 -105.15 42.08
CA ARG L 822 -87.32 -104.91 40.72
C ARG L 822 -85.82 -104.67 40.78
N LEU L 823 -85.18 -104.69 39.61
CA LEU L 823 -83.77 -104.41 39.50
C LEU L 823 -83.56 -102.99 39.00
N GLU L 824 -82.74 -102.23 39.71
CA GLU L 824 -82.44 -100.85 39.36
C GLU L 824 -80.95 -100.58 39.56
N PRO L 825 -80.37 -99.71 38.76
CA PRO L 825 -78.96 -99.34 38.97
C PRO L 825 -78.81 -98.32 40.08
N ILE L 826 -77.77 -98.49 40.88
CA ILE L 826 -77.56 -97.67 42.06
C ILE L 826 -76.97 -96.32 41.66
N LYS L 827 -77.46 -95.26 42.31
CA LYS L 827 -76.94 -93.90 42.14
C LYS L 827 -77.03 -93.44 40.68
N GLU L 828 -78.10 -93.84 40.01
CA GLU L 828 -78.31 -93.41 38.63
C GLU L 828 -78.65 -91.92 38.60
N TYR L 829 -78.03 -91.20 37.66
CA TYR L 829 -78.32 -89.78 37.44
C TYR L 829 -78.67 -89.45 36.00
N ARG L 830 -78.80 -90.44 35.13
CA ARG L 830 -79.39 -90.22 33.81
C ARG L 830 -80.19 -91.47 33.47
N ARG L 831 -81.42 -91.27 32.97
CA ARG L 831 -82.27 -92.38 32.55
C ARG L 831 -82.95 -92.02 31.24
N GLU L 832 -83.27 -93.06 30.47
CA GLU L 832 -83.90 -92.87 29.17
C GLU L 832 -85.37 -92.52 29.32
N GLY L 833 -85.98 -92.09 28.22
CA GLY L 833 -87.37 -91.71 28.20
C GLY L 833 -87.87 -91.38 26.81
N PRO L 834 -89.18 -91.15 26.68
CA PRO L 834 -89.72 -90.83 25.36
C PRO L 834 -89.13 -89.57 24.74
N ARG L 835 -88.90 -88.52 25.53
CA ARG L 835 -88.12 -87.39 25.03
C ARG L 835 -86.64 -87.72 24.96
N GLY L 836 -86.18 -88.65 25.78
CA GLY L 836 -84.79 -89.05 25.77
C GLY L 836 -84.19 -89.06 27.16
N PRO L 837 -83.03 -88.44 27.31
CA PRO L 837 -82.35 -88.41 28.61
C PRO L 837 -83.21 -87.69 29.66
N HIS L 838 -83.11 -88.18 30.89
CA HIS L 838 -83.76 -87.56 32.04
C HIS L 838 -82.73 -87.41 33.14
N LEU L 839 -82.52 -86.18 33.60
CA LEU L 839 -81.57 -85.90 34.67
C LEU L 839 -82.29 -86.02 36.01
N VAL L 840 -81.84 -86.95 36.84
CA VAL L 840 -82.44 -87.20 38.15
C VAL L 840 -81.40 -86.92 39.23
N GLY L 841 -81.83 -86.26 40.30
CA GLY L 841 -80.96 -85.92 41.40
C GLY L 841 -80.87 -87.03 42.41
N PRO L 842 -80.32 -86.74 43.59
CA PRO L 842 -80.18 -87.76 44.64
C PRO L 842 -81.54 -88.26 45.11
N SER L 843 -81.62 -89.57 45.36
CA SER L 843 -82.84 -90.18 45.85
C SER L 843 -82.79 -90.25 47.38
N ARG L 844 -83.80 -90.89 47.98
CA ARG L 844 -83.88 -91.06 49.42
C ARG L 844 -83.62 -92.51 49.80
N CYS L 845 -83.26 -92.72 51.06
CA CYS L 845 -82.95 -94.05 51.56
C CYS L 845 -83.25 -94.11 53.05
N LEU L 846 -83.40 -95.33 53.55
CA LEU L 846 -83.68 -95.56 54.96
C LEU L 846 -82.37 -95.56 55.74
N SER L 847 -82.44 -95.93 57.02
CA SER L 847 -81.26 -95.95 57.88
C SER L 847 -81.49 -96.97 59.00
N HIS L 848 -80.46 -97.14 59.83
CA HIS L 848 -80.55 -98.08 60.94
C HIS L 848 -81.61 -97.63 61.94
N THR L 849 -81.63 -96.34 62.28
CA THR L 849 -82.61 -95.83 63.23
C THR L 849 -84.03 -95.92 62.68
N ASP L 850 -84.20 -95.68 61.38
CA ASP L 850 -85.53 -95.73 60.78
C ASP L 850 -86.14 -97.12 60.88
N PHE L 851 -85.33 -98.16 60.64
CA PHE L 851 -85.82 -99.53 60.72
C PHE L 851 -85.81 -100.04 62.15
N VAL L 852 -86.47 -99.31 63.05
CA VAL L 852 -86.57 -99.70 64.45
C VAL L 852 -87.83 -99.14 65.06
N PRO L 853 -88.84 -99.96 65.33
CA PRO L 853 -90.05 -99.44 65.99
C PRO L 853 -89.75 -98.91 67.38
N CYS L 854 -90.49 -97.88 67.77
CA CYS L 854 -90.30 -97.23 69.08
C CYS L 854 -91.65 -96.85 69.65
N PRO L 855 -92.14 -97.60 70.62
CA PRO L 855 -93.36 -97.19 71.31
C PRO L 855 -93.21 -95.83 72.01
N VAL L 856 -94.30 -95.10 72.10
CA VAL L 856 -94.27 -93.81 72.74
C VAL L 856 -93.98 -93.96 74.23
N ASP L 857 -93.46 -92.90 74.82
CA ASP L 857 -93.10 -92.88 76.24
C ASP L 857 -94.34 -92.88 77.15
N LEU L 863 -105.12 -86.76 89.15
CA LEU L 863 -105.99 -87.26 88.10
C LEU L 863 -107.44 -86.80 88.32
N PRO L 864 -108.02 -86.14 87.33
CA PRO L 864 -109.42 -85.71 87.43
C PRO L 864 -110.33 -86.91 87.60
N PRO L 865 -111.38 -86.78 88.42
CA PRO L 865 -112.29 -87.92 88.61
C PRO L 865 -112.96 -88.40 87.34
N HIS L 866 -113.35 -87.48 86.44
CA HIS L 866 -114.09 -87.87 85.25
C HIS L 866 -113.24 -88.70 84.30
N LEU L 867 -111.91 -88.52 84.32
CA LEU L 867 -111.04 -89.33 83.48
C LEU L 867 -111.16 -90.80 83.84
N GLU L 868 -111.16 -91.12 85.13
CA GLU L 868 -111.30 -92.48 85.60
C GLU L 868 -112.75 -92.85 85.91
N ARG L 869 -113.69 -91.93 85.74
CA ARG L 869 -115.09 -92.23 86.03
C ARG L 869 -115.78 -92.90 84.85
N ILE L 870 -115.43 -92.51 83.62
CA ILE L 870 -116.12 -93.04 82.45
C ILE L 870 -115.85 -94.52 82.31
N ARG L 871 -114.58 -94.89 82.05
CA ARG L 871 -114.13 -96.27 81.99
C ARG L 871 -115.06 -97.16 81.17
N GLU L 872 -115.90 -97.93 81.86
CA GLU L 872 -116.79 -98.87 81.19
C GLU L 872 -117.73 -98.15 80.22
N LYS L 873 -118.11 -96.91 80.55
CA LYS L 873 -119.01 -96.17 79.67
C LYS L 873 -118.41 -95.99 78.28
N LEU L 874 -117.11 -95.68 78.21
CA LEU L 874 -116.43 -95.68 76.93
C LEU L 874 -116.14 -97.11 76.47
N ALA L 875 -115.84 -98.01 77.41
CA ALA L 875 -115.55 -99.39 77.04
C ALA L 875 -116.78 -100.07 76.44
N GLU L 876 -117.95 -99.90 77.08
CA GLU L 876 -119.16 -100.47 76.52
C GLU L 876 -119.49 -99.84 75.17
N ASN L 877 -119.27 -98.54 75.04
CA ASN L 877 -119.45 -97.88 73.75
C ASN L 877 -118.50 -98.46 72.71
N ILE L 878 -117.27 -98.76 73.11
CA ILE L 878 -116.37 -99.51 72.23
C ILE L 878 -116.85 -100.95 72.08
N HIS L 879 -117.36 -101.54 73.17
CA HIS L 879 -117.80 -102.93 73.13
C HIS L 879 -119.09 -103.12 72.33
N GLU L 880 -119.78 -102.04 71.99
CA GLU L 880 -120.93 -102.17 71.09
C GLU L 880 -120.51 -102.70 69.73
N LEU L 881 -119.39 -102.18 69.20
CA LEU L 881 -118.94 -102.57 67.88
C LEU L 881 -118.37 -103.98 67.86
N TRP L 882 -118.07 -104.56 69.03
CA TRP L 882 -117.46 -105.89 69.05
C TRP L 882 -118.33 -106.96 68.44
N ALA L 883 -119.64 -106.73 68.34
CA ALA L 883 -120.51 -107.65 67.62
C ALA L 883 -121.01 -107.09 66.29
N LEU L 884 -120.86 -105.78 66.07
CA LEU L 884 -121.46 -105.12 64.91
C LEU L 884 -121.21 -105.88 63.62
N THR L 885 -119.95 -106.00 63.22
CA THR L 885 -119.61 -106.79 62.03
C THR L 885 -119.48 -108.28 62.33
N ARG L 886 -119.33 -108.64 63.61
CA ARG L 886 -119.44 -110.04 64.00
C ARG L 886 -120.89 -110.54 64.01
N ILE L 887 -121.88 -109.65 63.84
CA ILE L 887 -123.18 -110.10 63.36
C ILE L 887 -123.10 -110.49 61.89
N GLU L 888 -122.43 -109.66 61.07
CA GLU L 888 -122.22 -109.99 59.67
C GLU L 888 -121.38 -111.25 59.54
N GLN L 889 -120.43 -111.45 60.45
CA GLN L 889 -119.69 -112.71 60.50
C GLN L 889 -120.54 -113.88 60.96
N GLY L 890 -121.61 -113.62 61.72
CA GLY L 890 -122.45 -114.69 62.23
C GLY L 890 -121.79 -115.47 63.35
N TRP L 891 -121.40 -114.78 64.42
CA TRP L 891 -120.62 -115.37 65.49
C TRP L 891 -121.34 -115.27 66.83
N THR L 892 -122.63 -115.61 66.87
CA THR L 892 -123.45 -115.26 68.02
C THR L 892 -123.09 -116.07 69.27
N TYR L 893 -122.19 -115.50 70.07
CA TYR L 893 -121.74 -116.03 71.36
C TYR L 893 -121.51 -117.54 71.31
N GLY L 894 -120.51 -117.94 70.51
CA GLY L 894 -120.08 -119.31 70.48
C GLY L 894 -119.49 -119.76 71.80
N PRO L 895 -120.12 -120.74 72.45
CA PRO L 895 -119.66 -121.17 73.78
C PRO L 895 -118.37 -121.96 73.78
N VAL L 896 -117.80 -122.30 72.61
CA VAL L 896 -116.63 -123.16 72.56
C VAL L 896 -115.51 -122.53 71.74
N ARG L 897 -115.65 -121.24 71.43
CA ARG L 897 -114.63 -120.46 70.71
C ARG L 897 -114.30 -121.12 69.36
N ASP L 898 -115.30 -121.10 68.48
CA ASP L 898 -115.13 -121.65 67.14
C ASP L 898 -114.28 -120.72 66.28
N ASP L 899 -112.98 -121.00 66.21
CA ASP L 899 -112.07 -120.14 65.47
C ASP L 899 -112.24 -120.26 63.96
N ASN L 900 -112.91 -121.30 63.49
CA ASN L 900 -113.01 -121.53 62.04
C ASN L 900 -114.46 -121.68 61.59
N LYS L 901 -115.33 -122.21 62.44
CA LYS L 901 -116.73 -122.42 62.10
C LYS L 901 -117.63 -121.33 62.67
N ARG L 902 -117.12 -120.10 62.71
CA ARG L 902 -117.91 -118.87 62.81
C ARG L 902 -118.70 -118.78 64.13
N LEU L 903 -117.96 -118.72 65.23
CA LEU L 903 -118.54 -118.44 66.54
C LEU L 903 -117.47 -117.81 67.44
N HIS L 904 -117.93 -117.10 68.47
CA HIS L 904 -117.05 -116.29 69.34
C HIS L 904 -117.44 -116.44 70.80
N PRO L 905 -116.46 -116.53 71.71
CA PRO L 905 -116.76 -116.80 73.12
C PRO L 905 -116.78 -115.59 74.05
N CYS L 906 -116.47 -114.39 73.57
CA CYS L 906 -116.40 -113.20 74.43
C CYS L 906 -117.44 -112.17 74.03
N LEU L 907 -118.56 -112.64 73.50
CA LEU L 907 -119.59 -111.77 72.96
C LEU L 907 -120.77 -111.63 73.93
N VAL L 908 -120.48 -111.15 75.15
CA VAL L 908 -121.48 -110.92 76.19
C VAL L 908 -121.11 -109.67 76.97
N ASN L 909 -121.90 -109.39 78.00
CA ASN L 909 -121.68 -108.24 78.86
C ASN L 909 -120.41 -108.40 79.68
N PHE L 910 -119.92 -107.28 80.22
CA PHE L 910 -118.61 -107.25 80.89
C PHE L 910 -118.55 -108.22 82.05
N HIS L 911 -119.55 -108.20 82.93
CA HIS L 911 -119.55 -109.10 84.06
C HIS L 911 -119.79 -110.54 83.61
N SER L 912 -120.64 -110.74 82.59
CA SER L 912 -120.80 -112.05 81.98
C SER L 912 -119.55 -112.49 81.21
N LEU L 913 -118.65 -111.55 80.90
CA LEU L 913 -117.43 -111.88 80.19
C LEU L 913 -116.48 -112.67 81.08
N PRO L 914 -115.53 -113.41 80.48
CA PRO L 914 -114.51 -114.10 81.29
C PRO L 914 -113.61 -113.14 82.05
N GLU L 915 -112.68 -113.69 82.84
CA GLU L 915 -111.87 -112.87 83.72
C GLU L 915 -111.02 -111.84 82.97
N PRO L 916 -110.22 -112.19 81.93
CA PRO L 916 -109.39 -111.20 81.24
C PRO L 916 -110.11 -110.49 80.11
N GLU L 917 -111.28 -109.89 80.42
CA GLU L 917 -112.07 -109.19 79.42
C GLU L 917 -112.46 -107.78 79.82
N ARG L 918 -112.20 -107.35 81.06
CA ARG L 918 -112.52 -105.99 81.48
C ARG L 918 -111.35 -105.06 81.23
N ASN L 919 -110.16 -105.42 81.71
CA ASN L 919 -108.95 -104.68 81.35
C ASN L 919 -108.57 -104.89 79.90
N TYR L 920 -109.09 -105.93 79.26
CA TYR L 920 -108.88 -106.13 77.82
C TYR L 920 -109.36 -104.94 77.01
N ASN L 921 -110.41 -104.26 77.47
CA ASN L 921 -110.94 -103.08 76.82
C ASN L 921 -110.75 -101.82 77.65
N LEU L 922 -110.09 -101.90 78.79
CA LEU L 922 -109.91 -100.73 79.63
C LEU L 922 -108.46 -100.46 79.99
N GLN L 923 -107.65 -101.49 80.24
CA GLN L 923 -106.26 -101.28 80.60
C GLN L 923 -105.50 -100.63 79.45
N MET L 924 -105.65 -101.17 78.24
CA MET L 924 -105.06 -100.55 77.07
C MET L 924 -105.74 -99.25 76.67
N SER L 925 -106.92 -98.96 77.24
CA SER L 925 -107.60 -97.69 77.01
C SER L 925 -107.37 -96.70 78.14
N GLY L 926 -107.39 -97.17 79.40
CA GLY L 926 -107.09 -96.28 80.51
C GLY L 926 -105.66 -95.75 80.46
N GLU L 927 -104.71 -96.62 80.13
CA GLU L 927 -103.34 -96.16 79.91
C GLU L 927 -103.27 -95.25 78.70
N THR L 928 -104.05 -95.55 77.66
CA THR L 928 -104.10 -94.67 76.49
C THR L 928 -104.58 -93.28 76.87
N LEU L 929 -105.64 -93.21 77.67
CA LEU L 929 -106.09 -91.91 78.19
C LEU L 929 -105.04 -91.31 79.13
N LYS L 930 -104.40 -92.15 79.94
CA LYS L 930 -103.34 -91.66 80.81
C LYS L 930 -102.17 -91.12 79.98
N THR L 931 -101.81 -91.83 78.91
CA THR L 931 -100.78 -91.34 78.01
C THR L 931 -101.28 -90.20 77.14
N LEU L 932 -102.61 -90.04 77.01
CA LEU L 932 -103.16 -89.04 76.11
C LEU L 932 -102.73 -87.63 76.50
N LEU L 933 -102.42 -87.41 77.78
CA LEU L 933 -101.88 -86.11 78.18
C LEU L 933 -100.51 -85.88 77.55
N ALA L 934 -99.70 -86.94 77.45
CA ALA L 934 -98.41 -86.83 76.78
C ALA L 934 -98.55 -86.65 75.27
N LEU L 935 -99.73 -86.95 74.71
CA LEU L 935 -99.97 -86.75 73.29
C LEU L 935 -100.05 -85.27 72.92
N GLY L 936 -100.14 -84.37 73.90
CA GLY L 936 -100.23 -82.95 73.62
C GLY L 936 -101.57 -82.48 73.12
N CYS L 937 -102.61 -83.30 73.21
CA CYS L 937 -103.93 -82.91 72.75
C CYS L 937 -104.56 -81.91 73.70
N HIS L 938 -105.52 -81.16 73.18
CA HIS L 938 -106.26 -80.14 73.94
C HIS L 938 -107.66 -80.69 74.16
N VAL L 939 -107.82 -81.46 75.24
CA VAL L 939 -109.07 -82.15 75.53
C VAL L 939 -109.46 -81.87 76.98
N GLY L 940 -110.77 -81.70 77.21
CA GLY L 940 -111.29 -81.53 78.54
C GLY L 940 -112.75 -81.93 78.61
N MET L 941 -113.08 -82.85 79.53
CA MET L 941 -114.44 -83.37 79.62
C MET L 941 -115.34 -82.31 80.21
N ALA L 942 -116.07 -81.61 79.34
CA ALA L 942 -116.94 -80.53 79.78
C ALA L 942 -118.26 -80.47 79.02
N ASP L 943 -118.59 -81.47 78.20
CA ASP L 943 -119.82 -81.43 77.43
C ASP L 943 -121.04 -81.41 78.33
N GLU L 944 -121.27 -82.52 79.05
CA GLU L 944 -122.37 -82.63 80.02
C GLU L 944 -123.72 -82.23 79.41
N LYS L 945 -123.94 -82.59 78.15
CA LYS L 945 -125.22 -82.29 77.51
C LYS L 945 -126.28 -83.26 78.01
N ALA L 946 -126.93 -82.91 79.12
CA ALA L 946 -127.94 -83.74 79.79
C ALA L 946 -127.34 -85.05 80.31
N GLU L 947 -126.04 -85.26 80.08
CA GLU L 947 -125.26 -86.37 80.62
C GLU L 947 -125.77 -87.71 80.10
N ASP L 948 -126.81 -87.71 79.29
CA ASP L 948 -127.34 -88.95 78.72
C ASP L 948 -127.81 -88.79 77.28
N ASN L 949 -127.57 -87.64 76.64
CA ASN L 949 -128.07 -87.40 75.30
C ASN L 949 -127.40 -88.29 74.25
N LEU L 950 -126.32 -88.97 74.61
CA LEU L 950 -125.65 -89.89 73.68
C LEU L 950 -126.52 -91.12 73.49
N LYS L 951 -127.37 -91.11 72.47
CA LYS L 951 -128.32 -92.19 72.24
C LYS L 951 -127.76 -93.22 71.27
N LYS L 952 -128.12 -94.48 71.51
CA LYS L 952 -127.63 -95.60 70.74
C LYS L 952 -128.46 -95.85 69.49
N THR L 953 -127.88 -96.56 68.53
CA THR L 953 -128.54 -96.92 67.28
C THR L 953 -128.71 -98.43 67.25
N LYS L 954 -129.95 -98.89 67.13
CA LYS L 954 -130.24 -100.31 67.29
C LYS L 954 -131.41 -100.68 66.38
N LEU L 955 -132.00 -101.84 66.65
CA LEU L 955 -133.15 -102.42 65.96
C LEU L 955 -132.91 -102.71 64.48
N PRO L 956 -131.81 -103.37 64.08
CA PRO L 956 -131.70 -103.89 62.70
C PRO L 956 -132.19 -105.32 62.59
N LYS L 957 -133.53 -105.47 62.56
CA LYS L 957 -134.20 -106.77 62.58
C LYS L 957 -133.95 -107.45 63.93
N THR L 958 -133.90 -108.78 63.95
CA THR L 958 -133.75 -109.51 65.21
C THR L 958 -132.50 -109.07 65.96
N TYR L 959 -131.32 -109.31 65.41
CA TYR L 959 -130.06 -108.74 65.85
C TYR L 959 -129.76 -109.03 67.32
N MET L 960 -130.47 -109.97 67.94
CA MET L 960 -130.40 -110.18 69.38
C MET L 960 -129.94 -111.60 69.66
N MET L 961 -129.17 -111.76 70.73
CA MET L 961 -128.43 -112.98 71.04
C MET L 961 -129.08 -113.68 72.24
N SER L 962 -128.40 -114.71 72.74
CA SER L 962 -128.78 -115.30 74.03
C SER L 962 -128.41 -114.38 75.20
N ASN L 963 -127.39 -113.54 75.04
CA ASN L 963 -126.97 -112.66 76.13
C ASN L 963 -127.91 -111.48 76.33
N GLY L 964 -128.56 -111.03 75.26
CA GLY L 964 -129.38 -109.85 75.29
C GLY L 964 -128.64 -108.56 75.00
N TYR L 965 -127.42 -108.64 74.47
CA TYR L 965 -126.65 -107.44 74.19
C TYR L 965 -127.33 -106.58 73.13
N LYS L 966 -127.67 -107.17 71.98
CA LYS L 966 -128.20 -106.45 70.83
C LYS L 966 -127.38 -105.19 70.59
N PRO L 967 -126.15 -105.32 70.09
CA PRO L 967 -125.20 -104.19 70.09
C PRO L 967 -125.79 -102.93 69.48
N ALA L 968 -125.48 -101.80 70.10
CA ALA L 968 -126.07 -100.51 69.72
C ALA L 968 -125.07 -99.42 70.04
N PRO L 969 -124.22 -99.05 69.07
CA PRO L 969 -123.28 -97.94 69.30
C PRO L 969 -124.02 -96.64 69.62
N LEU L 970 -123.44 -95.86 70.51
CA LEU L 970 -124.06 -94.63 71.01
C LEU L 970 -123.96 -93.52 69.95
N ASP L 971 -124.17 -92.28 70.38
CA ASP L 971 -124.26 -91.14 69.47
C ASP L 971 -122.92 -90.46 69.23
N LEU L 972 -121.83 -91.22 69.30
CA LEU L 972 -120.52 -90.69 68.92
C LEU L 972 -120.34 -90.71 67.40
N SER L 973 -121.33 -90.20 66.68
CA SER L 973 -121.31 -90.15 65.23
C SER L 973 -121.19 -88.74 64.67
N HIS L 974 -121.83 -87.76 65.29
CA HIS L 974 -121.77 -86.37 64.83
C HIS L 974 -120.64 -85.60 65.51
N VAL L 975 -119.44 -86.16 65.47
CA VAL L 975 -118.24 -85.52 66.01
C VAL L 975 -117.20 -85.52 64.89
N ARG L 976 -117.03 -84.38 64.22
CA ARG L 976 -116.16 -84.27 63.06
C ARG L 976 -114.73 -83.87 63.42
N LEU L 977 -114.32 -84.07 64.67
CA LEU L 977 -112.94 -83.92 65.13
C LEU L 977 -112.31 -82.57 64.75
N THR L 978 -110.99 -82.48 64.89
CA THR L 978 -110.22 -81.27 64.63
C THR L 978 -109.04 -81.59 63.74
N PRO L 979 -108.49 -80.59 63.04
CA PRO L 979 -107.32 -80.85 62.19
C PRO L 979 -106.19 -81.60 62.91
N ALA L 980 -105.95 -81.29 64.17
CA ALA L 980 -104.98 -82.06 64.94
C ALA L 980 -105.50 -83.45 65.25
N GLN L 981 -106.80 -83.57 65.52
CA GLN L 981 -107.38 -84.87 65.85
C GLN L 981 -107.32 -85.83 64.68
N THR L 982 -107.32 -85.31 63.44
CA THR L 982 -107.14 -86.17 62.28
C THR L 982 -105.79 -86.87 62.32
N THR L 983 -104.76 -86.20 62.86
CA THR L 983 -103.45 -86.80 63.05
C THR L 983 -103.26 -87.34 64.46
N LEU L 984 -103.91 -86.75 65.47
CA LEU L 984 -103.78 -87.24 66.83
C LEU L 984 -104.31 -88.68 66.94
N VAL L 985 -105.45 -88.96 66.28
CA VAL L 985 -105.93 -90.33 66.23
C VAL L 985 -104.93 -91.23 65.51
N ASP L 986 -104.38 -90.73 64.40
CA ASP L 986 -103.33 -91.47 63.71
C ASP L 986 -102.08 -91.60 64.58
N ARG L 987 -101.71 -90.52 65.27
CA ARG L 987 -100.56 -90.57 66.17
C ARG L 987 -100.79 -91.58 67.29
N LEU L 988 -101.99 -91.59 67.86
CA LEU L 988 -102.34 -92.62 68.84
C LEU L 988 -102.33 -94.01 68.20
N ALA L 989 -102.83 -94.11 66.96
CA ALA L 989 -102.80 -95.38 66.26
C ALA L 989 -101.36 -95.84 66.01
N GLU L 990 -100.47 -94.89 65.70
CA GLU L 990 -99.05 -95.24 65.56
C GLU L 990 -98.48 -95.78 66.86
N ASN L 991 -98.86 -95.18 67.99
CA ASN L 991 -98.42 -95.68 69.28
C ASN L 991 -98.92 -97.10 69.52
N GLY L 992 -100.18 -97.36 69.17
CA GLY L 992 -100.73 -98.70 69.37
C GLY L 992 -100.00 -99.75 68.55
N HIS L 993 -99.69 -99.44 67.29
CA HIS L 993 -98.92 -100.36 66.48
C HIS L 993 -97.51 -100.52 67.02
N ASN L 994 -96.90 -99.43 67.48
CA ASN L 994 -95.55 -99.50 68.02
C ASN L 994 -95.52 -100.24 69.35
N VAL L 995 -96.51 -100.01 70.22
CA VAL L 995 -96.54 -100.68 71.51
C VAL L 995 -96.70 -102.19 71.32
N TRP L 996 -97.62 -102.59 70.44
CA TRP L 996 -97.79 -104.01 70.14
C TRP L 996 -96.54 -104.58 69.47
N ALA L 997 -95.84 -103.78 68.68
CA ALA L 997 -94.60 -104.23 68.07
C ALA L 997 -93.55 -104.56 69.12
N ARG L 998 -93.44 -103.72 70.15
CA ARG L 998 -92.51 -104.00 71.24
C ARG L 998 -92.91 -105.26 71.98
N ASP L 999 -94.22 -105.46 72.20
CA ASP L 999 -94.69 -106.69 72.84
C ASP L 999 -94.36 -107.91 72.00
N ARG L 1000 -94.58 -107.82 70.68
CA ARG L 1000 -94.23 -108.93 69.80
C ARG L 1000 -92.72 -109.16 69.78
N VAL L 1001 -91.94 -108.07 69.77
CA VAL L 1001 -90.48 -108.19 69.75
C VAL L 1001 -89.97 -108.81 71.05
N ALA L 1002 -90.66 -108.56 72.17
CA ALA L 1002 -90.20 -109.09 73.45
C ALA L 1002 -90.18 -110.61 73.45
N GLN L 1003 -91.18 -111.24 72.85
CA GLN L 1003 -91.25 -112.70 72.80
C GLN L 1003 -90.45 -113.23 71.62
N GLY L 1004 -89.19 -112.84 71.52
CA GLY L 1004 -88.31 -113.31 70.46
C GLY L 1004 -88.83 -112.96 69.07
N TRP L 1005 -89.24 -111.71 68.88
CA TRP L 1005 -89.83 -111.24 67.63
C TRP L 1005 -91.00 -112.11 67.21
N SER L 1006 -92.00 -112.18 68.11
CA SER L 1006 -93.19 -113.01 67.96
C SER L 1006 -92.88 -114.49 67.89
N TYR L 1007 -91.65 -114.89 68.23
CA TYR L 1007 -91.24 -116.29 68.24
C TYR L 1007 -91.47 -116.95 66.88
N SER L 1008 -91.20 -116.19 65.81
CA SER L 1008 -91.35 -116.67 64.44
C SER L 1008 -92.77 -117.20 64.20
N ALA L 1009 -92.87 -118.49 63.89
CA ALA L 1009 -94.17 -119.11 63.66
C ALA L 1009 -94.15 -120.56 64.15
N ARG L 1020 -94.97 -110.84 61.65
CA ARG L 1020 -95.10 -110.32 60.29
C ARG L 1020 -95.66 -108.90 60.29
N LEU L 1021 -95.18 -108.08 61.23
CA LEU L 1021 -95.59 -106.69 61.34
C LEU L 1021 -94.36 -105.80 61.41
N VAL L 1022 -94.38 -104.70 60.66
CA VAL L 1022 -93.24 -103.81 60.55
C VAL L 1022 -93.51 -102.51 61.32
N PRO L 1023 -92.54 -101.61 61.43
CA PRO L 1023 -92.77 -100.38 62.19
C PRO L 1023 -93.83 -99.51 61.55
N TYR L 1024 -94.45 -98.66 62.38
CA TYR L 1024 -95.51 -97.77 61.90
C TYR L 1024 -94.96 -96.78 60.88
N ARG L 1025 -95.83 -96.38 59.94
CA ARG L 1025 -95.54 -95.45 58.86
C ARG L 1025 -94.65 -96.11 57.79
N LEU L 1026 -94.16 -97.30 58.09
CA LEU L 1026 -93.44 -98.12 57.12
C LEU L 1026 -94.22 -99.36 56.70
N LEU L 1027 -95.28 -99.69 57.41
CA LEU L 1027 -96.03 -100.92 57.18
C LEU L 1027 -96.88 -100.80 55.93
N ASP L 1028 -97.73 -101.79 55.70
CA ASP L 1028 -98.54 -101.86 54.49
C ASP L 1028 -99.65 -100.81 54.54
N GLU L 1029 -100.53 -100.84 53.53
CA GLU L 1029 -101.66 -99.93 53.46
C GLU L 1029 -102.90 -100.51 54.11
N ALA L 1030 -103.12 -101.82 54.01
CA ALA L 1030 -104.29 -102.44 54.60
C ALA L 1030 -104.31 -102.29 56.11
N THR L 1031 -103.15 -102.50 56.76
CA THR L 1031 -103.08 -102.34 58.21
C THR L 1031 -103.34 -100.90 58.63
N LYS L 1032 -103.00 -99.94 57.77
CA LYS L 1032 -103.25 -98.53 58.07
C LYS L 1032 -104.73 -98.17 58.03
N ARG L 1033 -105.59 -99.06 57.52
CA ARG L 1033 -107.01 -98.76 57.39
C ARG L 1033 -107.80 -99.19 58.63
N SER L 1034 -107.62 -100.44 59.07
CA SER L 1034 -108.42 -100.94 60.19
C SER L 1034 -108.11 -100.20 61.48
N ASN L 1035 -106.84 -99.88 61.74
CA ASN L 1035 -106.46 -99.29 63.00
C ASN L 1035 -107.03 -97.89 63.20
N ARG L 1036 -107.39 -97.20 62.12
CA ARG L 1036 -107.96 -95.85 62.27
C ARG L 1036 -109.39 -95.92 62.79
N ASP L 1037 -110.23 -96.73 62.14
CA ASP L 1037 -111.64 -96.81 62.53
C ASP L 1037 -111.82 -97.40 63.91
N SER L 1038 -111.02 -98.42 64.25
CA SER L 1038 -111.17 -99.06 65.56
C SER L 1038 -110.86 -98.09 66.68
N LEU L 1039 -109.77 -97.32 66.56
CA LEU L 1039 -109.44 -96.34 67.57
C LEU L 1039 -110.33 -95.11 67.49
N CYS L 1040 -110.89 -94.80 66.32
CA CYS L 1040 -111.73 -93.62 66.18
C CYS L 1040 -112.94 -93.70 67.09
N GLN L 1041 -113.63 -94.85 67.11
CA GLN L 1041 -114.81 -95.01 67.94
C GLN L 1041 -114.50 -94.74 69.41
N ALA L 1042 -113.35 -95.23 69.88
CA ALA L 1042 -112.89 -94.88 71.23
C ALA L 1042 -112.62 -93.39 71.33
N VAL L 1043 -112.06 -92.79 70.27
CA VAL L 1043 -111.73 -91.36 70.29
C VAL L 1043 -112.94 -90.48 70.02
N ARG L 1044 -114.03 -91.04 69.45
CA ARG L 1044 -115.20 -90.22 69.17
C ARG L 1044 -115.96 -89.80 70.43
N THR L 1045 -115.59 -90.34 71.60
CA THR L 1045 -116.23 -89.94 72.84
C THR L 1045 -115.93 -88.49 73.21
N LEU L 1046 -114.98 -87.85 72.53
CA LEU L 1046 -114.70 -86.45 72.75
C LEU L 1046 -115.94 -85.61 72.51
N LEU L 1047 -116.10 -84.58 73.34
CA LEU L 1047 -117.27 -83.69 73.34
C LEU L 1047 -118.57 -84.42 73.65
N GLY L 1048 -118.48 -85.64 74.16
CA GLY L 1048 -119.67 -86.38 74.55
C GLY L 1048 -119.77 -86.55 76.06
N TYR L 1049 -118.62 -86.65 76.72
CA TYR L 1049 -118.56 -86.78 78.17
C TYR L 1049 -117.89 -85.57 78.81
N ASP L 1070 -74.89 -84.19 48.41
CA ASP L 1070 -75.65 -84.74 49.52
C ASP L 1070 -77.01 -84.05 49.65
N ARG L 1071 -77.09 -82.82 49.17
CA ARG L 1071 -78.31 -82.03 49.23
C ARG L 1071 -78.84 -81.66 47.86
N VAL L 1072 -77.99 -81.12 46.99
CA VAL L 1072 -78.38 -80.77 45.63
C VAL L 1072 -77.31 -81.28 44.67
N ARG L 1073 -77.71 -81.49 43.42
CA ARG L 1073 -76.81 -81.94 42.35
C ARG L 1073 -77.05 -81.02 41.16
N ILE L 1074 -76.28 -79.94 41.09
CA ILE L 1074 -76.47 -78.93 40.06
C ILE L 1074 -75.84 -79.38 38.75
N PHE L 1075 -76.29 -78.79 37.64
CA PHE L 1075 -75.78 -79.10 36.32
C PHE L 1075 -75.55 -77.80 35.56
N ARG L 1076 -74.55 -77.83 34.68
CA ARG L 1076 -74.20 -76.67 33.87
C ARG L 1076 -73.64 -77.16 32.54
N ALA L 1077 -73.22 -76.22 31.72
CA ALA L 1077 -72.51 -76.52 30.48
C ALA L 1077 -71.04 -76.15 30.65
N GLU L 1078 -70.19 -76.80 29.86
CA GLU L 1078 -68.77 -76.50 29.91
C GLU L 1078 -68.51 -75.05 29.51
N LYS L 1079 -67.51 -74.45 30.14
CA LYS L 1079 -67.30 -73.00 30.03
C LYS L 1079 -66.40 -72.62 28.86
N SER L 1080 -66.76 -73.10 27.67
CA SER L 1080 -66.25 -72.52 26.42
C SER L 1080 -67.36 -72.27 25.41
N TYR L 1081 -68.61 -72.54 25.77
CA TYR L 1081 -69.77 -72.06 25.02
C TYR L 1081 -70.29 -70.75 25.59
N THR L 1082 -69.43 -70.01 26.27
CA THR L 1082 -69.82 -68.75 26.89
C THR L 1082 -70.32 -67.78 25.82
N VAL L 1083 -71.44 -67.12 26.12
CA VAL L 1083 -72.10 -66.23 25.18
C VAL L 1083 -71.91 -64.79 25.66
N GLN L 1084 -71.43 -63.93 24.76
CA GLN L 1084 -71.18 -62.54 25.08
C GLN L 1084 -71.91 -61.56 24.18
N SER L 1085 -72.68 -62.05 23.21
CA SER L 1085 -73.47 -61.20 22.33
C SER L 1085 -74.48 -62.02 21.54
N GLY L 1086 -75.72 -61.57 21.51
CA GLY L 1086 -76.77 -62.19 20.73
C GLY L 1086 -77.99 -62.48 21.57
N ARG L 1087 -78.92 -63.21 20.98
CA ARG L 1087 -80.18 -63.56 21.63
C ARG L 1087 -80.38 -65.06 21.50
N TRP L 1088 -80.60 -65.73 22.63
CA TRP L 1088 -80.57 -67.19 22.70
C TRP L 1088 -81.72 -67.67 23.57
N TYR L 1089 -81.97 -68.98 23.52
CA TYR L 1089 -83.16 -69.53 24.12
C TYR L 1089 -82.97 -71.02 24.36
N PHE L 1090 -83.57 -71.51 25.44
CA PHE L 1090 -83.60 -72.94 25.76
C PHE L 1090 -84.72 -73.17 26.76
N GLU L 1091 -85.22 -74.41 26.79
CA GLU L 1091 -86.37 -74.75 27.62
C GLU L 1091 -86.02 -75.86 28.60
N PHE L 1092 -86.82 -75.95 29.66
CA PHE L 1092 -86.67 -76.95 30.71
C PHE L 1092 -87.97 -77.75 30.82
N GLU L 1093 -87.83 -79.03 31.16
CA GLU L 1093 -88.96 -79.92 31.30
C GLU L 1093 -88.88 -80.62 32.66
N ALA L 1094 -89.96 -80.58 33.42
CA ALA L 1094 -90.03 -81.22 34.73
C ALA L 1094 -91.21 -82.16 34.79
N VAL L 1095 -91.06 -83.23 35.57
CA VAL L 1095 -92.13 -84.21 35.72
C VAL L 1095 -92.82 -83.98 37.06
N THR L 1096 -92.04 -84.04 38.13
CA THR L 1096 -92.58 -83.83 39.47
C THR L 1096 -92.66 -82.33 39.76
N THR L 1097 -92.97 -81.98 41.00
CA THR L 1097 -93.12 -80.58 41.41
C THR L 1097 -92.33 -80.34 42.70
N GLY L 1098 -91.05 -80.72 42.67
CA GLY L 1098 -90.19 -80.53 43.82
C GLY L 1098 -89.57 -79.15 43.86
N GLU L 1099 -88.24 -79.07 44.00
CA GLU L 1099 -87.52 -77.80 44.07
C GLU L 1099 -86.54 -77.76 42.91
N MET L 1100 -86.81 -76.90 41.92
CA MET L 1100 -85.98 -76.77 40.73
C MET L 1100 -85.44 -75.34 40.66
N ARG L 1101 -84.17 -75.22 40.28
CA ARG L 1101 -83.56 -73.93 40.03
C ARG L 1101 -83.21 -73.83 38.55
N VAL L 1102 -83.68 -72.77 37.91
CA VAL L 1102 -83.53 -72.57 36.48
C VAL L 1102 -83.12 -71.13 36.22
N GLY L 1103 -82.10 -70.95 35.40
CA GLY L 1103 -81.65 -69.61 35.08
C GLY L 1103 -80.31 -69.65 34.35
N TRP L 1104 -79.66 -68.50 34.33
CA TRP L 1104 -78.35 -68.37 33.72
C TRP L 1104 -77.31 -68.24 34.83
N ALA L 1105 -76.04 -68.36 34.45
CA ALA L 1105 -74.99 -68.30 35.46
C ALA L 1105 -73.69 -67.84 34.82
N ARG L 1106 -72.86 -67.20 35.64
CA ARG L 1106 -71.53 -66.81 35.21
C ARG L 1106 -70.60 -68.02 35.23
N PRO L 1107 -69.56 -68.02 34.40
CA PRO L 1107 -68.71 -69.22 34.30
C PRO L 1107 -68.01 -69.60 35.59
N GLU L 1108 -67.84 -68.68 36.53
CA GLU L 1108 -67.12 -68.98 37.77
C GLU L 1108 -68.10 -69.48 38.84
N LEU L 1109 -68.78 -70.57 38.50
CA LEU L 1109 -69.78 -71.15 39.40
C LEU L 1109 -69.09 -71.99 40.47
N ARG L 1110 -69.09 -71.50 41.70
CA ARG L 1110 -68.47 -72.22 42.81
C ARG L 1110 -69.42 -73.27 43.37
N PRO L 1111 -69.02 -74.54 43.45
CA PRO L 1111 -69.91 -75.55 44.04
C PRO L 1111 -70.00 -75.41 45.56
N ASP L 1112 -70.74 -76.32 46.20
CA ASP L 1112 -71.03 -76.31 47.63
C ASP L 1112 -71.75 -75.05 48.07
N VAL L 1113 -72.30 -74.27 47.14
CA VAL L 1113 -73.04 -73.07 47.45
C VAL L 1113 -74.36 -73.12 46.70
N GLU L 1114 -75.46 -72.92 47.40
CA GLU L 1114 -76.76 -72.84 46.74
C GLU L 1114 -76.76 -71.67 45.78
N LEU L 1115 -77.15 -71.93 44.53
CA LEU L 1115 -77.09 -70.90 43.51
C LEU L 1115 -78.19 -69.87 43.72
N GLY L 1116 -77.91 -68.64 43.31
CA GLY L 1116 -78.84 -67.54 43.46
C GLY L 1116 -78.73 -66.77 44.77
N ALA L 1117 -77.91 -67.24 45.70
CA ALA L 1117 -77.73 -66.53 46.97
C ALA L 1117 -76.82 -65.33 46.85
N ASP L 1118 -76.15 -65.16 45.72
CA ASP L 1118 -75.27 -64.03 45.50
C ASP L 1118 -75.28 -63.67 44.02
N GLU L 1119 -74.29 -62.91 43.58
CA GLU L 1119 -74.22 -62.39 42.23
C GLU L 1119 -73.74 -63.41 41.20
N LEU L 1120 -73.34 -64.61 41.63
CA LEU L 1120 -72.76 -65.56 40.68
C LEU L 1120 -73.78 -66.03 39.65
N ALA L 1121 -75.03 -66.24 40.05
CA ALA L 1121 -76.01 -66.81 39.14
C ALA L 1121 -77.35 -66.12 39.31
N TYR L 1122 -78.00 -65.85 38.17
CA TYR L 1122 -79.37 -65.36 38.15
C TYR L 1122 -80.29 -66.56 37.92
N VAL L 1123 -81.19 -66.82 38.86
CA VAL L 1123 -81.97 -68.04 38.83
C VAL L 1123 -83.40 -67.75 39.27
N PHE L 1124 -84.33 -68.57 38.78
CA PHE L 1124 -85.73 -68.49 39.15
C PHE L 1124 -86.18 -69.82 39.76
N ASN L 1125 -86.91 -69.73 40.86
CA ASN L 1125 -87.47 -70.91 41.51
C ASN L 1125 -89.00 -70.83 41.39
N GLY L 1126 -89.58 -71.78 40.67
CA GLY L 1126 -91.01 -71.85 40.49
C GLY L 1126 -91.76 -72.69 41.50
N HIS L 1127 -91.08 -73.15 42.56
CA HIS L 1127 -91.80 -73.86 43.61
C HIS L 1127 -92.62 -72.91 44.46
N ARG L 1128 -92.05 -71.77 44.81
CA ARG L 1128 -92.72 -70.77 45.63
C ARG L 1128 -92.80 -69.42 44.92
N GLY L 1129 -92.54 -69.39 43.62
CA GLY L 1129 -92.53 -68.15 42.87
C GLY L 1129 -91.46 -67.19 43.34
N GLN L 1130 -90.23 -67.66 43.45
CA GLN L 1130 -89.11 -66.86 43.92
C GLN L 1130 -88.02 -66.79 42.86
N ARG L 1131 -87.41 -65.61 42.75
CA ARG L 1131 -86.21 -65.41 41.95
C ARG L 1131 -85.08 -65.02 42.90
N TRP L 1132 -83.93 -65.67 42.76
CA TRP L 1132 -82.83 -65.50 43.70
C TRP L 1132 -81.65 -64.80 43.04
N HIS L 1133 -81.27 -63.65 43.59
CA HIS L 1133 -80.03 -62.98 43.27
C HIS L 1133 -79.72 -62.06 44.44
N LEU L 1134 -78.65 -62.37 45.17
CA LEU L 1134 -78.31 -61.71 46.43
C LEU L 1134 -79.40 -61.88 47.48
N GLY L 1135 -80.20 -62.94 47.35
CA GLY L 1135 -81.35 -63.17 48.20
C GLY L 1135 -82.61 -63.41 47.39
N SER L 1136 -83.63 -63.90 48.10
CA SER L 1136 -84.88 -64.26 47.44
C SER L 1136 -85.75 -63.03 47.19
N GLU L 1137 -86.74 -63.19 46.31
CA GLU L 1137 -87.69 -62.17 45.91
C GLU L 1137 -88.93 -62.87 45.35
N PRO L 1138 -90.14 -62.46 45.75
CA PRO L 1138 -91.35 -63.12 45.22
C PRO L 1138 -91.58 -62.73 43.76
N PHE L 1139 -91.71 -63.73 42.90
CA PHE L 1139 -91.87 -63.50 41.47
C PHE L 1139 -92.51 -64.72 40.82
N GLY L 1140 -93.73 -64.57 40.34
CA GLY L 1140 -94.40 -65.65 39.63
C GLY L 1140 -95.17 -66.58 40.53
N ARG L 1141 -95.85 -67.52 39.89
CA ARG L 1141 -96.70 -68.49 40.56
C ARG L 1141 -96.01 -69.84 40.66
N PRO L 1142 -96.46 -70.70 41.59
CA PRO L 1142 -95.88 -72.04 41.68
C PRO L 1142 -96.13 -72.91 40.46
N TRP L 1143 -95.64 -74.13 40.49
CA TRP L 1143 -95.70 -75.02 39.34
C TRP L 1143 -97.00 -75.82 39.29
N GLN L 1144 -97.16 -76.53 38.18
CA GLN L 1144 -98.09 -77.65 38.05
C GLN L 1144 -97.28 -78.81 37.50
N SER L 1145 -97.95 -79.82 36.93
CA SER L 1145 -97.21 -80.85 36.22
C SER L 1145 -96.81 -80.35 34.84
N GLY L 1146 -95.78 -80.98 34.28
CA GLY L 1146 -95.28 -80.59 32.97
C GLY L 1146 -94.18 -79.55 33.04
N ASP L 1147 -94.54 -78.32 33.44
CA ASP L 1147 -93.58 -77.26 33.73
C ASP L 1147 -92.61 -77.03 32.57
N VAL L 1148 -93.18 -76.60 31.44
CA VAL L 1148 -92.39 -76.27 30.26
C VAL L 1148 -92.00 -74.81 30.41
N VAL L 1149 -90.76 -74.55 30.80
CA VAL L 1149 -90.29 -73.20 31.08
C VAL L 1149 -89.04 -72.93 30.25
N GLY L 1150 -88.96 -71.71 29.70
CA GLY L 1150 -87.79 -71.31 28.94
C GLY L 1150 -87.17 -70.05 29.51
N CYS L 1151 -85.99 -69.71 29.00
CA CYS L 1151 -85.23 -68.57 29.50
C CYS L 1151 -84.90 -67.63 28.36
N MET L 1152 -85.36 -66.39 28.47
CA MET L 1152 -85.06 -65.37 27.48
C MET L 1152 -83.73 -64.71 27.84
N ILE L 1153 -83.05 -64.15 26.84
CA ILE L 1153 -81.82 -63.42 27.15
C ILE L 1153 -81.47 -62.45 26.03
N ASP L 1154 -81.14 -61.21 26.39
CA ASP L 1154 -80.80 -60.21 25.38
C ASP L 1154 -79.75 -59.30 25.99
N LEU L 1155 -78.50 -59.45 25.55
CA LEU L 1155 -77.41 -58.64 26.07
C LEU L 1155 -77.38 -57.23 25.50
N THR L 1156 -78.14 -56.96 24.42
CA THR L 1156 -78.15 -55.62 23.86
C THR L 1156 -78.73 -54.62 24.86
N GLU L 1157 -79.90 -54.91 25.40
CA GLU L 1157 -80.50 -54.09 26.45
C GLU L 1157 -80.25 -54.63 27.85
N ASN L 1158 -79.50 -55.72 27.98
CA ASN L 1158 -79.10 -56.28 29.27
C ASN L 1158 -80.33 -56.64 30.11
N THR L 1159 -81.14 -57.55 29.58
CA THR L 1159 -82.40 -57.92 30.21
C THR L 1159 -82.62 -59.42 30.10
N ILE L 1160 -83.17 -60.01 31.16
CA ILE L 1160 -83.48 -61.43 31.22
C ILE L 1160 -84.97 -61.59 31.49
N ILE L 1161 -85.64 -62.43 30.70
CA ILE L 1161 -87.06 -62.66 30.80
C ILE L 1161 -87.30 -64.15 30.97
N PHE L 1162 -88.34 -64.52 31.71
CA PHE L 1162 -88.76 -65.90 31.84
C PHE L 1162 -90.15 -66.08 31.27
N THR L 1163 -90.41 -67.26 30.71
CA THR L 1163 -91.72 -67.59 30.14
C THR L 1163 -92.16 -68.95 30.66
N LEU L 1164 -93.40 -69.04 31.10
CA LEU L 1164 -93.98 -70.29 31.57
C LEU L 1164 -95.09 -70.71 30.62
N ASN L 1165 -94.98 -71.91 30.07
CA ASN L 1165 -95.94 -72.43 29.09
C ASN L 1165 -96.14 -71.45 27.94
N GLY L 1166 -95.05 -70.83 27.51
CA GLY L 1166 -95.12 -69.81 26.48
C GLY L 1166 -95.84 -68.55 26.91
N GLU L 1167 -95.70 -68.16 28.18
CA GLU L 1167 -96.34 -66.95 28.69
C GLU L 1167 -95.38 -66.26 29.66
N VAL L 1168 -95.09 -64.99 29.41
CA VAL L 1168 -94.15 -64.25 30.23
C VAL L 1168 -94.77 -64.01 31.61
N LEU L 1169 -93.94 -64.08 32.64
CA LEU L 1169 -94.38 -63.85 34.01
C LEU L 1169 -94.22 -62.39 34.38
N MET L 1170 -95.29 -61.79 34.86
CA MET L 1170 -95.25 -60.39 35.27
C MET L 1170 -94.52 -60.24 36.60
N SER L 1171 -94.12 -59.01 36.89
CA SER L 1171 -93.47 -58.69 38.15
C SER L 1171 -94.53 -58.41 39.21
N ASP L 1172 -94.09 -57.89 40.36
CA ASP L 1172 -95.03 -57.55 41.43
C ASP L 1172 -96.03 -56.50 40.97
N SER L 1173 -95.53 -55.41 40.38
CA SER L 1173 -96.39 -54.40 39.81
C SER L 1173 -96.67 -54.64 38.33
N GLY L 1174 -95.95 -55.56 37.70
CA GLY L 1174 -96.13 -55.85 36.29
C GLY L 1174 -95.06 -55.21 35.44
N SER L 1175 -94.06 -55.98 35.04
CA SER L 1175 -92.97 -55.49 34.21
C SER L 1175 -92.31 -56.68 33.54
N GLU L 1176 -91.15 -56.43 32.91
CA GLU L 1176 -90.46 -57.48 32.15
C GLU L 1176 -89.42 -58.15 33.04
N THR L 1177 -89.93 -58.94 33.99
CA THR L 1177 -89.16 -59.86 34.82
C THR L 1177 -88.24 -59.13 35.79
N ALA L 1178 -88.20 -57.79 35.69
CA ALA L 1178 -87.52 -56.94 36.65
C ALA L 1178 -86.01 -57.20 36.70
N PHE L 1179 -85.52 -58.11 35.86
CA PHE L 1179 -84.09 -58.40 35.76
C PHE L 1179 -83.51 -57.54 34.67
N ARG L 1180 -82.91 -56.42 35.05
CA ARG L 1180 -82.36 -55.49 34.06
C ARG L 1180 -81.01 -54.98 34.56
N GLU L 1181 -80.29 -54.34 33.64
CA GLU L 1181 -78.99 -53.73 33.92
C GLU L 1181 -77.99 -54.79 34.41
N ILE L 1182 -77.66 -55.70 33.50
CA ILE L 1182 -76.74 -56.79 33.75
C ILE L 1182 -75.48 -56.55 32.94
N GLU L 1183 -74.32 -56.75 33.57
CA GLU L 1183 -73.04 -56.55 32.91
C GLU L 1183 -72.61 -57.81 32.18
N ILE L 1184 -71.93 -57.62 31.04
CA ILE L 1184 -71.51 -58.77 30.22
C ILE L 1184 -70.51 -59.62 30.99
N GLY L 1185 -69.47 -59.00 31.54
CA GLY L 1185 -68.45 -59.72 32.28
C GLY L 1185 -67.73 -60.78 31.47
N ASP L 1186 -67.88 -62.04 31.85
CA ASP L 1186 -67.28 -63.16 31.15
C ASP L 1186 -68.33 -64.06 30.50
N GLY L 1187 -69.41 -63.46 30.01
CA GLY L 1187 -70.46 -64.25 29.39
C GLY L 1187 -71.34 -64.96 30.40
N PHE L 1188 -72.23 -65.79 29.88
CA PHE L 1188 -73.16 -66.53 30.72
C PHE L 1188 -73.38 -67.92 30.13
N LEU L 1189 -73.77 -68.84 30.99
CA LEU L 1189 -73.96 -70.24 30.65
C LEU L 1189 -75.30 -70.72 31.21
N PRO L 1190 -75.97 -71.63 30.50
CA PRO L 1190 -77.20 -72.20 31.05
C PRO L 1190 -76.89 -73.14 32.21
N VAL L 1191 -77.70 -73.02 33.27
CA VAL L 1191 -77.48 -73.78 34.49
C VAL L 1191 -78.82 -74.33 34.96
N CYS L 1192 -78.77 -75.47 35.65
CA CYS L 1192 -79.96 -76.10 36.18
C CYS L 1192 -79.56 -76.97 37.36
N SER L 1193 -80.38 -76.94 38.40
CA SER L 1193 -80.20 -77.78 39.57
C SER L 1193 -81.38 -78.74 39.71
N LEU L 1194 -81.33 -79.57 40.74
CA LEU L 1194 -82.41 -80.50 41.00
C LEU L 1194 -82.41 -80.86 42.48
N GLY L 1195 -83.56 -80.75 43.12
CA GLY L 1195 -83.70 -81.24 44.47
C GLY L 1195 -83.83 -82.73 44.51
N PRO L 1196 -83.84 -83.29 45.72
CA PRO L 1196 -83.88 -84.74 45.86
C PRO L 1196 -85.15 -85.34 45.27
N GLY L 1197 -84.99 -86.52 44.65
CA GLY L 1197 -86.10 -87.29 44.15
C GLY L 1197 -86.70 -86.82 42.85
N GLN L 1198 -86.52 -85.55 42.49
CA GLN L 1198 -87.15 -85.02 41.29
C GLN L 1198 -86.30 -85.34 40.05
N VAL L 1199 -86.87 -85.05 38.88
CA VAL L 1199 -86.23 -85.33 37.61
C VAL L 1199 -86.43 -84.15 36.67
N GLY L 1200 -85.40 -83.81 35.91
CA GLY L 1200 -85.47 -82.73 34.95
C GLY L 1200 -85.04 -83.19 33.58
N HIS L 1201 -85.48 -82.44 32.56
CA HIS L 1201 -85.18 -82.76 31.16
C HIS L 1201 -84.89 -81.46 30.42
N LEU L 1202 -83.60 -81.22 30.15
CA LEU L 1202 -83.21 -80.02 29.42
C LEU L 1202 -83.43 -80.21 27.93
N ASN L 1203 -83.47 -79.07 27.22
CA ASN L 1203 -83.59 -79.07 25.76
C ASN L 1203 -82.84 -77.84 25.26
N LEU L 1204 -81.62 -78.05 24.78
CA LEU L 1204 -80.79 -76.95 24.30
C LEU L 1204 -81.09 -76.57 22.85
N GLY L 1205 -82.04 -77.25 22.21
CA GLY L 1205 -82.44 -76.87 20.87
C GLY L 1205 -81.54 -77.35 19.76
N GLN L 1206 -80.89 -78.51 19.93
CA GLN L 1206 -80.08 -79.06 18.86
C GLN L 1206 -80.91 -79.31 17.61
N ASP L 1207 -82.18 -79.62 17.78
CA ASP L 1207 -83.15 -79.68 16.69
C ASP L 1207 -84.20 -78.59 16.93
N VAL L 1208 -85.20 -78.55 16.06
CA VAL L 1208 -86.25 -77.54 16.11
C VAL L 1208 -87.62 -78.15 16.40
N SER L 1209 -87.92 -79.31 15.79
CA SER L 1209 -89.23 -79.91 15.95
C SER L 1209 -89.49 -80.31 17.40
N SER L 1210 -88.47 -80.85 18.08
CA SER L 1210 -88.66 -81.30 19.45
C SER L 1210 -88.98 -80.14 20.39
N LEU L 1211 -88.53 -78.93 20.04
CA LEU L 1211 -88.82 -77.75 20.85
C LEU L 1211 -90.32 -77.46 20.75
N ARG L 1212 -91.01 -77.52 21.89
CA ARG L 1212 -92.46 -77.71 21.86
C ARG L 1212 -93.24 -76.43 21.57
N PHE L 1213 -93.22 -75.47 22.50
CA PHE L 1213 -94.00 -74.26 22.27
C PHE L 1213 -93.30 -73.32 21.30
N PHE L 1214 -92.15 -72.79 21.70
CA PHE L 1214 -91.36 -71.82 20.96
C PHE L 1214 -92.31 -70.92 20.18
N ALA L 1215 -92.27 -71.03 18.84
CA ALA L 1215 -93.21 -70.43 17.89
C ALA L 1215 -93.88 -69.15 18.38
N ILE L 1216 -94.78 -69.31 19.37
CA ILE L 1216 -95.52 -68.16 19.89
C ILE L 1216 -94.57 -67.15 20.53
N CYS L 1217 -93.51 -67.64 21.17
CA CYS L 1217 -92.41 -66.81 21.63
C CYS L 1217 -91.14 -67.29 20.95
N GLY L 1218 -90.28 -66.36 20.55
CA GLY L 1218 -89.16 -66.71 19.68
C GLY L 1218 -89.18 -66.02 18.34
N LEU L 1219 -89.54 -66.78 17.30
CA LEU L 1219 -89.48 -66.33 15.90
C LEU L 1219 -89.82 -64.85 15.71
N GLN L 1220 -90.97 -64.41 16.16
CA GLN L 1220 -91.37 -63.03 15.86
C GLN L 1220 -90.98 -62.07 16.99
N GLU L 1221 -89.75 -62.20 17.48
CA GLU L 1221 -89.12 -61.09 18.18
C GLU L 1221 -87.61 -61.17 18.07
N GLY L 1222 -87.07 -62.13 17.33
CA GLY L 1222 -85.63 -62.31 17.22
C GLY L 1222 -84.96 -63.18 18.28
N PHE L 1223 -85.18 -64.49 18.19
CA PHE L 1223 -84.51 -65.44 19.07
C PHE L 1223 -84.23 -66.75 18.34
N GLU L 1224 -83.09 -67.35 18.65
CA GLU L 1224 -82.62 -68.60 18.09
C GLU L 1224 -82.23 -69.53 19.22
N PRO L 1225 -82.45 -70.83 19.05
CA PRO L 1225 -82.07 -71.78 20.11
C PRO L 1225 -80.56 -71.79 20.33
N PHE L 1226 -80.18 -72.35 21.48
CA PHE L 1226 -78.77 -72.39 21.87
C PHE L 1226 -77.92 -73.10 20.83
N ALA L 1227 -78.19 -74.39 20.62
CA ALA L 1227 -77.46 -75.19 19.64
C ALA L 1227 -78.26 -75.25 18.33
N ILE L 1228 -78.36 -74.09 17.69
CA ILE L 1228 -79.14 -74.01 16.45
C ILE L 1228 -78.52 -74.88 15.37
N ASN L 1229 -77.19 -74.86 15.24
CA ASN L 1229 -76.51 -75.67 14.23
C ASN L 1229 -75.28 -76.31 14.86
N MET L 1230 -75.42 -77.56 15.27
CA MET L 1230 -74.31 -78.38 15.73
C MET L 1230 -74.57 -79.82 15.30
N GLN L 1231 -73.50 -80.61 15.23
CA GLN L 1231 -73.57 -81.98 14.76
C GLN L 1231 -73.40 -83.01 15.88
N ARG L 1232 -73.46 -82.58 17.14
CA ARG L 1232 -73.23 -83.48 18.26
C ARG L 1232 -73.89 -82.89 19.50
N PRO L 1233 -74.22 -83.72 20.49
CA PRO L 1233 -74.78 -83.18 21.74
C PRO L 1233 -73.75 -82.38 22.52
N VAL L 1234 -74.26 -81.44 23.31
CA VAL L 1234 -73.42 -80.56 24.11
C VAL L 1234 -73.04 -81.26 25.41
N THR L 1235 -71.74 -81.33 25.69
CA THR L 1235 -71.26 -81.94 26.93
C THR L 1235 -71.64 -81.07 28.13
N THR L 1236 -71.76 -81.72 29.29
CA THR L 1236 -72.21 -81.05 30.51
C THR L 1236 -71.40 -81.56 31.69
N TRP L 1237 -71.41 -80.77 32.76
CA TRP L 1237 -70.71 -81.09 34.01
C TRP L 1237 -71.71 -81.16 35.17
N PHE L 1238 -71.19 -81.57 36.32
CA PHE L 1238 -71.98 -81.66 37.53
C PHE L 1238 -71.05 -81.75 38.73
N SER L 1239 -71.62 -81.49 39.91
CA SER L 1239 -70.90 -81.60 41.16
C SER L 1239 -70.94 -83.04 41.65
N LYS L 1240 -69.80 -83.54 42.13
CA LYS L 1240 -69.66 -84.97 42.42
C LYS L 1240 -70.20 -85.31 43.80
N SER L 1241 -69.64 -84.68 44.85
CA SER L 1241 -69.96 -84.78 46.28
C SER L 1241 -68.77 -85.37 47.01
N LEU L 1242 -68.22 -86.48 46.48
CA LEU L 1242 -67.09 -87.18 47.05
C LEU L 1242 -65.92 -86.23 47.30
N PRO L 1243 -65.55 -86.01 48.55
CA PRO L 1243 -64.47 -85.05 48.85
C PRO L 1243 -63.12 -85.53 48.31
N GLN L 1244 -62.29 -84.55 47.95
CA GLN L 1244 -60.95 -84.84 47.45
C GLN L 1244 -59.99 -83.76 47.93
N PHE L 1245 -58.75 -84.16 48.19
CA PHE L 1245 -57.77 -83.22 48.71
C PHE L 1245 -57.30 -82.25 47.63
N GLU L 1246 -57.02 -81.03 48.05
CA GLU L 1246 -56.56 -79.97 47.16
C GLU L 1246 -55.80 -78.95 47.98
N PRO L 1247 -54.77 -78.30 47.41
CA PRO L 1247 -54.00 -77.33 48.18
C PRO L 1247 -54.85 -76.16 48.64
N VAL L 1248 -54.52 -75.64 49.82
CA VAL L 1248 -55.31 -74.57 50.42
C VAL L 1248 -55.11 -73.28 49.64
N PRO L 1249 -56.18 -72.62 49.20
CA PRO L 1249 -56.02 -71.34 48.51
C PRO L 1249 -55.70 -70.23 49.50
N PRO L 1250 -54.66 -69.42 49.23
CA PRO L 1250 -54.28 -68.37 50.19
C PRO L 1250 -55.18 -67.14 50.10
N GLU L 1251 -56.49 -67.38 50.01
CA GLU L 1251 -57.48 -66.31 50.09
C GLU L 1251 -58.68 -66.77 50.92
N HIS L 1252 -58.45 -67.89 51.62
CA HIS L 1252 -59.46 -68.49 52.51
C HIS L 1252 -59.69 -67.52 53.64
N PRO L 1253 -60.90 -66.97 53.76
CA PRO L 1253 -61.20 -66.06 54.80
C PRO L 1253 -60.39 -66.35 56.05
N HIS L 1254 -60.80 -67.36 56.80
CA HIS L 1254 -60.15 -67.61 58.08
C HIS L 1254 -59.37 -68.92 58.02
N TYR L 1255 -58.19 -68.86 57.41
CA TYR L 1255 -57.14 -69.87 57.50
C TYR L 1255 -55.86 -69.31 56.89
N GLU L 1256 -54.77 -69.34 57.65
CA GLU L 1256 -53.49 -68.79 57.19
C GLU L 1256 -52.38 -69.78 57.53
N VAL L 1257 -51.58 -70.14 56.52
CA VAL L 1257 -50.47 -71.06 56.68
C VAL L 1257 -49.23 -70.40 56.10
N ALA L 1258 -48.07 -70.74 56.67
CA ALA L 1258 -46.81 -70.16 56.22
C ALA L 1258 -45.66 -71.07 56.64
N ARG L 1259 -44.53 -70.90 55.96
CA ARG L 1259 -43.30 -71.57 56.31
C ARG L 1259 -42.54 -70.72 57.32
N MET L 1260 -41.84 -71.47 58.10
CA MET L 1260 -40.85 -70.94 58.97
C MET L 1260 -39.56 -71.48 58.34
N ASP L 1261 -38.46 -70.76 58.53
CA ASP L 1261 -37.22 -71.12 57.88
C ASP L 1261 -36.61 -72.39 58.34
N GLY L 1262 -36.07 -72.40 59.55
CA GLY L 1262 -35.46 -73.60 60.07
C GLY L 1262 -34.04 -73.28 60.43
N THR L 1263 -33.82 -72.79 61.64
CA THR L 1263 -32.49 -72.39 62.10
C THR L 1263 -31.67 -73.44 62.83
N VAL L 1264 -30.53 -72.99 63.34
CA VAL L 1264 -29.61 -73.84 64.06
C VAL L 1264 -30.34 -74.53 65.19
N ASP L 1265 -30.96 -73.73 66.02
CA ASP L 1265 -31.67 -74.29 67.12
C ASP L 1265 -32.96 -75.09 66.83
N THR L 1266 -33.50 -75.10 65.60
CA THR L 1266 -34.72 -75.87 65.30
C THR L 1266 -34.93 -76.01 63.83
N PRO L 1267 -35.23 -77.21 63.37
CA PRO L 1267 -35.51 -77.57 61.99
C PRO L 1267 -36.85 -77.03 61.63
N PRO L 1268 -37.07 -76.72 60.36
CA PRO L 1268 -38.16 -76.14 59.57
C PRO L 1268 -39.50 -76.73 59.96
N CYS L 1269 -40.51 -75.91 59.77
CA CYS L 1269 -41.81 -76.26 60.08
C CYS L 1269 -42.80 -75.48 59.32
N LEU L 1270 -44.05 -75.90 59.33
CA LEU L 1270 -45.18 -75.17 58.75
C LEU L 1270 -46.20 -74.92 59.85
N ARG L 1271 -47.02 -73.89 59.87
CA ARG L 1271 -47.91 -73.71 61.02
C ARG L 1271 -49.19 -73.03 60.71
N LEU L 1272 -50.10 -72.64 61.64
CA LEU L 1272 -51.40 -72.19 61.18
C LEU L 1272 -51.81 -70.93 61.93
N ALA L 1273 -52.98 -70.41 61.58
CA ALA L 1273 -53.55 -69.23 62.22
C ALA L 1273 -55.06 -69.28 62.05
N HIS L 1274 -55.74 -68.27 62.58
CA HIS L 1274 -57.20 -68.22 62.52
C HIS L 1274 -57.63 -66.81 62.88
N ARG L 1275 -58.90 -66.51 62.63
CA ARG L 1275 -59.49 -65.24 63.02
C ARG L 1275 -60.52 -65.47 64.11
N THR L 1276 -60.04 -65.77 65.32
CA THR L 1276 -60.90 -66.10 66.44
C THR L 1276 -61.67 -64.88 66.95
N TRP L 1277 -62.87 -64.69 66.42
CA TRP L 1277 -63.73 -63.58 66.83
C TRP L 1277 -65.18 -63.85 66.46
N GLY L 1278 -65.88 -62.81 66.03
CA GLY L 1278 -67.28 -62.93 65.64
C GLY L 1278 -67.39 -63.36 64.18
N SER L 1279 -68.28 -62.69 63.45
CA SER L 1279 -68.50 -62.98 62.03
C SER L 1279 -68.91 -64.43 61.79
N GLN L 1280 -67.91 -65.31 61.75
CA GLN L 1280 -68.16 -66.72 61.48
C GLN L 1280 -67.34 -67.63 62.38
N ASN L 1281 -67.49 -68.94 62.18
CA ASN L 1281 -66.77 -69.92 62.98
C ASN L 1281 -66.17 -71.01 62.09
N SER L 1282 -65.96 -72.19 62.67
CA SER L 1282 -65.36 -73.30 61.93
C SER L 1282 -65.65 -74.65 62.58
N LEU L 1283 -65.40 -75.71 61.83
CA LEU L 1283 -65.61 -77.07 62.33
C LEU L 1283 -64.28 -77.80 62.49
N VAL L 1284 -64.22 -79.04 62.00
CA VAL L 1284 -63.02 -79.85 62.11
C VAL L 1284 -62.26 -79.89 60.78
N GLU L 1285 -61.09 -79.26 60.75
CA GLU L 1285 -60.30 -79.18 59.53
C GLU L 1285 -59.42 -80.41 59.35
N MET L 1286 -59.97 -81.43 58.69
CA MET L 1286 -59.23 -82.66 58.44
C MET L 1286 -58.10 -82.42 57.44
N LEU L 1287 -56.99 -81.89 57.92
CA LEU L 1287 -55.85 -81.53 57.07
C LEU L 1287 -54.92 -82.70 56.83
N PHE L 1288 -54.06 -82.57 55.83
CA PHE L 1288 -53.07 -83.60 55.47
C PHE L 1288 -52.00 -83.03 54.54
N LEU L 1289 -50.82 -83.61 54.58
CA LEU L 1289 -49.71 -83.14 53.75
C LEU L 1289 -49.78 -83.73 52.35
N ARG L 1290 -49.02 -83.14 51.43
CA ARG L 1290 -49.00 -83.59 50.04
C ARG L 1290 -47.79 -84.49 49.78
N LEU L 1291 -47.99 -85.79 49.94
CA LEU L 1291 -46.88 -86.73 49.81
C LEU L 1291 -47.35 -88.17 49.64
N SER L 1292 -46.38 -89.07 49.52
CA SER L 1292 -46.65 -90.50 49.39
C SER L 1292 -45.37 -91.29 49.57
N LEU L 1293 -45.12 -91.63 50.84
CA LEU L 1293 -43.97 -92.41 51.33
C LEU L 1293 -44.33 -93.78 51.00
N PRO L 1294 -43.59 -94.54 50.17
CA PRO L 1294 -43.95 -95.92 49.75
C PRO L 1294 -43.31 -97.06 50.47
N VAL L 1295 -44.02 -97.84 51.28
CA VAL L 1295 -43.35 -98.85 52.10
C VAL L 1295 -42.64 -99.98 51.37
N GLN L 1296 -41.34 -99.90 51.43
CA GLN L 1296 -40.31 -100.75 50.85
C GLN L 1296 -40.29 -101.86 49.88
N PHE L 1297 -41.31 -102.64 49.56
CA PHE L 1297 -41.03 -103.70 48.55
C PHE L 1297 -41.89 -103.87 47.34
N ASP L 1422 -25.29 -89.11 65.70
CA ASP L 1422 -25.40 -90.49 65.25
C ASP L 1422 -24.10 -90.99 64.67
N ASP L 1423 -23.95 -92.32 64.64
CA ASP L 1423 -22.83 -92.90 63.93
C ASP L 1423 -23.10 -92.85 62.42
N PRO L 1424 -22.07 -92.59 61.62
CA PRO L 1424 -22.26 -92.65 60.16
C PRO L 1424 -22.52 -94.04 59.62
N GLU L 1425 -22.26 -95.09 60.41
CA GLU L 1425 -22.62 -96.42 59.97
C GLU L 1425 -24.12 -96.67 60.08
N ILE L 1426 -24.70 -96.34 61.24
CA ILE L 1426 -26.12 -96.64 61.45
C ILE L 1426 -27.03 -95.71 60.64
N ILE L 1427 -26.62 -94.48 60.39
CA ILE L 1427 -27.52 -93.53 59.74
C ILE L 1427 -27.50 -93.71 58.22
N LEU L 1428 -26.55 -94.46 57.69
CA LEU L 1428 -26.53 -94.70 56.25
C LEU L 1428 -27.05 -96.07 55.89
N ASN L 1429 -27.58 -96.81 56.85
CA ASN L 1429 -28.18 -98.11 56.60
C ASN L 1429 -29.60 -98.22 57.13
N THR L 1430 -30.02 -97.27 57.94
CA THR L 1430 -31.31 -97.31 58.61
C THR L 1430 -32.47 -97.15 57.64
N THR L 1431 -33.53 -97.92 57.89
CA THR L 1431 -34.82 -97.72 57.24
C THR L 1431 -35.87 -97.55 58.33
N THR L 1432 -35.91 -96.35 58.90
CA THR L 1432 -36.97 -95.90 59.80
C THR L 1432 -36.86 -94.40 59.94
N TYR L 1433 -37.91 -93.66 59.56
CA TYR L 1433 -37.85 -92.18 59.70
C TYR L 1433 -39.00 -91.55 60.46
N TYR L 1434 -38.75 -90.36 60.96
CA TYR L 1434 -39.40 -89.61 62.01
C TYR L 1434 -39.91 -88.28 61.46
N TYR L 1435 -41.16 -87.96 61.80
CA TYR L 1435 -41.66 -86.60 61.66
C TYR L 1435 -42.30 -86.22 62.98
N SER L 1436 -42.67 -84.95 63.11
CA SER L 1436 -43.10 -84.43 64.38
C SER L 1436 -44.14 -83.33 64.20
N VAL L 1437 -45.12 -83.33 65.09
CA VAL L 1437 -46.06 -82.22 65.22
C VAL L 1437 -46.00 -81.74 66.67
N ARG L 1438 -46.32 -80.48 66.87
CA ARG L 1438 -46.38 -79.90 68.20
C ARG L 1438 -47.68 -79.14 68.34
N VAL L 1439 -48.55 -79.62 69.21
CA VAL L 1439 -49.78 -78.93 69.50
C VAL L 1439 -49.46 -77.75 70.41
N PHE L 1440 -49.75 -76.53 70.05
CA PHE L 1440 -49.41 -75.42 70.93
C PHE L 1440 -50.41 -75.28 71.99
N ALA L 1441 -50.17 -74.34 72.86
CA ALA L 1441 -51.03 -74.05 73.99
C ALA L 1441 -52.32 -73.42 73.49
N GLY L 1442 -53.39 -73.60 74.26
CA GLY L 1442 -54.70 -73.16 73.87
C GLY L 1442 -55.41 -74.11 72.91
N GLN L 1443 -54.77 -75.20 72.53
CA GLN L 1443 -55.43 -76.23 71.74
C GLN L 1443 -55.50 -77.51 72.54
N GLU L 1444 -56.68 -78.08 72.64
CA GLU L 1444 -56.87 -79.29 73.42
C GLU L 1444 -56.42 -80.50 72.63
N PRO L 1445 -55.56 -81.35 73.19
CA PRO L 1445 -55.27 -82.64 72.55
C PRO L 1445 -56.44 -83.61 72.54
N SER L 1446 -57.51 -83.33 73.29
CA SER L 1446 -58.74 -84.09 73.17
C SER L 1446 -59.35 -83.99 71.79
N CYS L 1447 -59.17 -82.86 71.11
CA CYS L 1447 -59.69 -82.66 69.77
C CYS L 1447 -58.58 -82.61 68.72
N VAL L 1448 -57.56 -83.46 68.87
CA VAL L 1448 -56.44 -83.53 67.94
C VAL L 1448 -56.19 -85.00 67.63
N TRP L 1449 -56.11 -85.33 66.36
CA TRP L 1449 -55.78 -86.68 65.93
C TRP L 1449 -54.58 -86.61 65.00
N VAL L 1450 -53.56 -87.42 65.28
CA VAL L 1450 -52.30 -87.37 64.55
C VAL L 1450 -51.99 -88.78 64.06
N GLY L 1451 -51.60 -88.89 62.78
CA GLY L 1451 -51.09 -90.15 62.28
C GLY L 1451 -50.89 -90.23 60.79
N TRP L 1452 -51.42 -91.29 60.17
CA TRP L 1452 -51.13 -91.60 58.78
C TRP L 1452 -52.40 -91.99 58.05
N VAL L 1453 -52.44 -91.67 56.75
CA VAL L 1453 -53.64 -91.82 55.93
C VAL L 1453 -53.22 -92.27 54.53
N THR L 1454 -53.84 -93.34 54.04
CA THR L 1454 -53.68 -93.85 52.67
C THR L 1454 -54.64 -93.12 51.73
N PRO L 1455 -54.31 -93.04 50.44
CA PRO L 1455 -55.13 -92.23 49.50
C PRO L 1455 -56.60 -92.60 49.39
N ASP L 1456 -57.00 -93.86 49.58
CA ASP L 1456 -58.41 -94.21 49.48
C ASP L 1456 -59.14 -93.98 50.80
N TYR L 1457 -59.24 -92.71 51.18
CA TYR L 1457 -59.90 -92.30 52.41
C TYR L 1457 -60.63 -91.00 52.13
N HIS L 1458 -61.96 -91.02 52.21
CA HIS L 1458 -62.78 -89.87 51.88
C HIS L 1458 -63.90 -89.68 52.91
N GLN L 1459 -63.59 -89.71 54.19
CA GLN L 1459 -64.58 -89.45 55.24
C GLN L 1459 -64.50 -88.00 55.66
N HIS L 1460 -65.48 -87.21 55.22
CA HIS L 1460 -65.56 -85.79 55.56
C HIS L 1460 -66.77 -85.63 56.48
N ASP L 1461 -66.52 -85.62 57.79
CA ASP L 1461 -67.59 -85.46 58.76
C ASP L 1461 -67.07 -84.61 59.92
N MET L 1462 -67.99 -83.91 60.58
CA MET L 1462 -67.63 -83.11 61.74
C MET L 1462 -67.81 -83.88 63.05
N ASN L 1463 -68.27 -85.12 62.98
CA ASN L 1463 -68.52 -85.89 64.20
C ASN L 1463 -67.54 -87.05 64.28
N PHE L 1464 -66.34 -86.87 63.74
CA PHE L 1464 -65.40 -87.96 63.64
C PHE L 1464 -64.76 -88.26 64.99
N ASP L 1465 -64.85 -89.53 65.39
CA ASP L 1465 -64.06 -90.08 66.47
C ASP L 1465 -63.36 -91.31 65.93
N LEU L 1466 -62.43 -91.85 66.72
CA LEU L 1466 -61.64 -93.00 66.29
C LEU L 1466 -62.46 -94.26 66.09
N SER L 1467 -63.68 -94.32 66.64
CA SER L 1467 -64.60 -95.39 66.31
C SER L 1467 -65.08 -95.30 64.87
N LYS L 1468 -65.12 -94.09 64.30
CA LYS L 1468 -65.57 -93.89 62.93
C LYS L 1468 -64.42 -94.02 61.95
N VAL L 1469 -63.67 -95.11 62.05
CA VAL L 1469 -62.56 -95.39 61.14
C VAL L 1469 -62.85 -96.73 60.49
N ARG L 1470 -62.75 -96.78 59.17
CA ARG L 1470 -62.95 -98.04 58.47
C ARG L 1470 -61.78 -98.96 58.76
N ALA L 1471 -62.10 -100.21 59.06
CA ALA L 1471 -61.12 -101.24 59.34
C ALA L 1471 -61.75 -102.59 59.03
N VAL L 1472 -61.13 -103.33 58.12
CA VAL L 1472 -61.66 -104.60 57.65
C VAL L 1472 -60.59 -105.66 57.90
N THR L 1473 -60.95 -106.72 58.62
CA THR L 1473 -60.03 -107.78 58.96
C THR L 1473 -60.25 -108.94 58.01
N VAL L 1474 -59.20 -109.31 57.29
CA VAL L 1474 -59.23 -110.43 56.36
C VAL L 1474 -58.46 -111.59 56.98
N THR L 1475 -59.11 -112.75 57.09
CA THR L 1475 -58.49 -113.97 57.59
C THR L 1475 -58.64 -115.05 56.53
N MET L 1476 -57.62 -115.90 56.43
CA MET L 1476 -57.65 -117.04 55.52
C MET L 1476 -57.11 -118.25 56.25
N GLY L 1477 -57.61 -119.43 55.88
CA GLY L 1477 -57.13 -120.66 56.47
C GLY L 1477 -57.05 -121.79 55.48
N ASP L 1478 -56.87 -123.00 55.98
CA ASP L 1478 -56.82 -124.19 55.14
C ASP L 1478 -58.22 -124.76 54.98
N GLU L 1479 -58.31 -125.89 54.28
CA GLU L 1479 -59.56 -126.65 54.22
C GLU L 1479 -59.90 -127.29 55.56
N GLN L 1480 -58.92 -127.48 56.44
CA GLN L 1480 -59.19 -127.98 57.78
C GLN L 1480 -59.89 -126.92 58.65
N GLY L 1481 -59.82 -125.66 58.27
CA GLY L 1481 -60.43 -124.57 59.02
C GLY L 1481 -59.46 -123.83 59.90
N ASN L 1482 -58.28 -124.38 60.16
CA ASN L 1482 -57.26 -123.69 60.93
C ASN L 1482 -56.71 -122.51 60.12
N VAL L 1483 -56.62 -121.36 60.78
CA VAL L 1483 -56.28 -120.12 60.08
C VAL L 1483 -54.82 -120.11 59.70
N HIS L 1484 -54.64 -119.22 58.77
CA HIS L 1484 -53.45 -119.13 58.13
C HIS L 1484 -52.78 -117.80 57.98
N SER L 1485 -53.51 -116.73 58.26
CA SER L 1485 -53.14 -115.32 58.34
C SER L 1485 -54.37 -114.54 58.75
N SER L 1486 -54.12 -113.38 59.35
CA SER L 1486 -55.20 -112.48 59.77
C SER L 1486 -54.76 -111.06 59.48
N LEU L 1487 -55.15 -110.54 58.33
CA LEU L 1487 -54.72 -109.23 57.88
C LEU L 1487 -55.81 -108.20 58.17
N LYS L 1488 -55.40 -107.03 58.62
CA LYS L 1488 -56.32 -105.92 58.86
C LYS L 1488 -55.90 -104.72 58.01
N CYS L 1489 -56.75 -104.36 57.05
CA CYS L 1489 -56.57 -103.16 56.25
C CYS L 1489 -57.42 -102.05 56.88
N SER L 1490 -56.80 -100.91 57.10
CA SER L 1490 -57.52 -99.72 57.54
C SER L 1490 -57.15 -98.57 56.61
N ASN L 1491 -58.11 -97.67 56.41
CA ASN L 1491 -57.86 -96.50 55.59
C ASN L 1491 -57.26 -95.34 56.36
N CYS L 1492 -56.80 -95.58 57.58
CA CYS L 1492 -56.37 -94.53 58.49
C CYS L 1492 -55.53 -95.16 59.59
N TYR L 1493 -54.39 -94.55 59.90
CA TYR L 1493 -53.50 -95.04 60.94
C TYR L 1493 -53.10 -93.85 61.80
N MET L 1494 -53.88 -93.61 62.86
CA MET L 1494 -53.64 -92.48 63.74
C MET L 1494 -53.74 -92.90 65.19
N VAL L 1495 -53.41 -91.93 66.06
CA VAL L 1495 -53.57 -92.05 67.50
C VAL L 1495 -54.47 -90.90 67.96
N TRP L 1496 -54.81 -90.92 69.24
CA TRP L 1496 -55.53 -89.81 69.84
C TRP L 1496 -54.58 -89.02 70.75
N GLY L 1497 -54.49 -87.72 70.51
CA GLY L 1497 -53.74 -86.86 71.40
C GLY L 1497 -54.32 -86.72 72.77
N GLY L 1498 -55.63 -86.94 72.91
CA GLY L 1498 -56.26 -86.95 74.22
C GLY L 1498 -55.96 -88.19 75.04
N ASP L 1499 -55.34 -89.20 74.43
CA ASP L 1499 -54.94 -90.40 75.15
C ASP L 1499 -53.60 -90.24 75.87
N PHE L 1500 -53.02 -89.05 75.88
CA PHE L 1500 -51.77 -88.84 76.59
C PHE L 1500 -51.89 -87.71 77.61
N VAL L 1501 -52.64 -86.66 77.28
CA VAL L 1501 -52.85 -85.58 78.20
C VAL L 1501 -54.31 -85.58 78.64
N ILE L 1509 -56.84 -77.08 81.34
CA ILE L 1509 -56.02 -75.97 80.89
C ILE L 1509 -54.54 -76.30 81.09
N SER L 1510 -53.90 -76.76 80.02
CA SER L 1510 -52.47 -77.06 80.07
C SER L 1510 -51.67 -75.92 79.45
N HIS L 1511 -50.67 -75.44 80.18
CA HIS L 1511 -49.79 -74.39 79.69
C HIS L 1511 -48.55 -74.94 78.98
N THR L 1512 -48.58 -76.20 78.55
CA THR L 1512 -47.45 -76.82 77.90
C THR L 1512 -47.88 -77.48 76.60
N ASP L 1513 -46.90 -77.82 75.77
CA ASP L 1513 -47.14 -78.26 74.41
C ASP L 1513 -46.93 -79.77 74.29
N LEU L 1514 -48.01 -80.49 74.05
CA LEU L 1514 -47.95 -81.94 73.79
C LEU L 1514 -47.35 -82.16 72.41
N VAL L 1515 -46.15 -82.75 72.37
CA VAL L 1515 -45.45 -82.99 71.12
C VAL L 1515 -45.57 -84.47 70.80
N ILE L 1516 -46.18 -84.79 69.66
CA ILE L 1516 -46.37 -86.16 69.25
C ILE L 1516 -45.51 -86.42 68.03
N GLY L 1517 -44.67 -87.45 68.11
CA GLY L 1517 -43.84 -87.86 67.00
C GLY L 1517 -44.10 -89.32 66.65
N CYS L 1518 -43.98 -89.64 65.36
CA CYS L 1518 -44.31 -90.97 64.87
C CYS L 1518 -43.08 -91.60 64.23
N LEU L 1519 -43.11 -92.93 64.16
CA LEU L 1519 -41.97 -93.70 63.69
C LEU L 1519 -42.46 -94.78 62.73
N VAL L 1520 -41.92 -94.76 61.52
CA VAL L 1520 -42.33 -95.69 60.47
C VAL L 1520 -41.09 -96.39 59.93
N ASP L 1521 -41.08 -97.72 60.00
CA ASP L 1521 -39.94 -98.55 59.59
C ASP L 1521 -40.28 -99.19 58.26
N LEU L 1522 -39.61 -98.73 57.19
CA LEU L 1522 -40.00 -99.08 55.84
C LEU L 1522 -39.72 -100.53 55.46
N ALA L 1523 -38.62 -101.11 55.93
CA ALA L 1523 -38.29 -102.46 55.51
C ALA L 1523 -39.09 -103.51 56.25
N THR L 1524 -39.82 -103.11 57.30
CA THR L 1524 -40.69 -104.02 58.01
C THR L 1524 -42.15 -103.63 57.92
N GLY L 1525 -42.45 -102.38 57.59
CA GLY L 1525 -43.81 -101.92 57.62
C GLY L 1525 -44.37 -101.74 59.01
N LEU L 1526 -43.49 -101.61 60.00
CA LEU L 1526 -43.89 -101.46 61.39
C LEU L 1526 -43.97 -99.99 61.73
N MET L 1527 -45.09 -99.56 62.30
CA MET L 1527 -45.33 -98.17 62.64
C MET L 1527 -45.57 -98.04 64.13
N THR L 1528 -44.81 -97.17 64.78
CA THR L 1528 -44.95 -96.87 66.20
C THR L 1528 -45.03 -95.37 66.39
N PHE L 1529 -45.43 -94.96 67.59
CA PHE L 1529 -45.72 -93.56 67.90
C PHE L 1529 -45.17 -93.22 69.27
N THR L 1530 -44.47 -92.09 69.35
CA THR L 1530 -43.85 -91.65 70.58
C THR L 1530 -44.55 -90.41 71.10
N ALA L 1531 -44.78 -90.38 72.41
CA ALA L 1531 -45.43 -89.25 73.05
C ALA L 1531 -44.43 -88.59 73.99
N ASN L 1532 -43.89 -87.44 73.56
CA ASN L 1532 -42.88 -86.66 74.29
C ASN L 1532 -41.66 -87.50 74.63
N GLY L 1533 -41.25 -88.36 73.71
CA GLY L 1533 -40.15 -89.26 73.96
C GLY L 1533 -40.49 -90.49 74.78
N LYS L 1534 -41.73 -90.61 75.25
CA LYS L 1534 -42.20 -91.78 75.95
C LYS L 1534 -43.07 -92.58 75.00
N GLU L 1535 -42.68 -93.83 74.75
CA GLU L 1535 -43.35 -94.65 73.77
C GLU L 1535 -44.75 -95.03 74.23
N SER L 1536 -45.70 -94.95 73.32
CA SER L 1536 -47.08 -95.30 73.59
C SER L 1536 -47.24 -96.81 73.43
N ASN L 1537 -48.36 -97.31 73.95
CA ASN L 1537 -48.64 -98.74 73.90
C ASN L 1537 -49.00 -99.23 72.50
N THR L 1538 -49.51 -98.35 71.65
CA THR L 1538 -50.01 -98.79 70.36
C THR L 1538 -48.87 -98.95 69.36
N PHE L 1539 -49.20 -99.61 68.26
CA PHE L 1539 -48.28 -99.91 67.17
C PHE L 1539 -49.10 -100.36 65.98
N PHE L 1540 -48.45 -100.38 64.81
CA PHE L 1540 -49.16 -100.73 63.58
C PHE L 1540 -48.22 -101.41 62.60
N GLN L 1541 -48.75 -102.40 61.88
CA GLN L 1541 -48.00 -103.13 60.88
C GLN L 1541 -48.86 -103.32 59.64
N VAL L 1542 -48.25 -103.13 58.47
CA VAL L 1542 -49.02 -103.06 57.22
C VAL L 1542 -48.55 -104.09 56.20
N GLU L 1543 -49.18 -104.07 55.03
CA GLU L 1543 -48.83 -104.91 53.90
C GLU L 1543 -47.49 -104.47 53.31
N PRO L 1544 -46.86 -105.31 52.47
CA PRO L 1544 -45.58 -104.88 51.85
C PRO L 1544 -45.69 -103.70 50.91
N ASN L 1545 -46.49 -103.80 49.86
CA ASN L 1545 -46.51 -102.74 48.85
C ASN L 1545 -47.69 -101.83 49.12
N THR L 1546 -47.49 -100.86 50.00
CA THR L 1546 -48.50 -99.85 50.24
C THR L 1546 -47.81 -98.52 50.54
N LYS L 1547 -48.55 -97.44 50.35
CA LYS L 1547 -48.04 -96.11 50.59
C LYS L 1547 -48.83 -95.47 51.71
N LEU L 1548 -48.37 -94.31 52.16
CA LEU L 1548 -48.96 -93.64 53.30
C LEU L 1548 -48.70 -92.14 53.21
N PHE L 1549 -49.61 -91.24 53.53
CA PHE L 1549 -49.26 -89.83 53.54
C PHE L 1549 -49.40 -89.43 54.95
N PRO L 1550 -48.55 -88.68 55.54
CA PRO L 1550 -48.61 -88.15 56.91
C PRO L 1550 -49.86 -87.33 57.10
N ALA L 1551 -50.52 -87.45 58.25
CA ALA L 1551 -51.84 -86.87 58.43
C ALA L 1551 -52.01 -86.30 59.83
N VAL L 1552 -52.75 -85.19 59.91
CA VAL L 1552 -53.16 -84.58 61.16
C VAL L 1552 -54.61 -84.13 60.99
N PHE L 1553 -55.48 -84.57 61.89
CA PHE L 1553 -56.86 -84.12 61.90
C PHE L 1553 -57.06 -83.29 63.15
N VAL L 1554 -57.75 -82.16 63.03
CA VAL L 1554 -57.84 -81.24 64.15
C VAL L 1554 -59.13 -80.43 64.04
N LEU L 1555 -59.77 -80.19 65.17
CA LEU L 1555 -60.74 -79.13 65.32
C LEU L 1555 -60.06 -78.01 66.09
N PRO L 1556 -59.87 -76.83 65.52
CA PRO L 1556 -59.00 -75.81 66.14
C PRO L 1556 -59.76 -75.06 67.23
N THR L 1557 -59.03 -74.68 68.29
CA THR L 1557 -59.60 -73.88 69.37
C THR L 1557 -58.65 -72.79 69.85
N HIS L 1558 -57.86 -72.20 68.95
CA HIS L 1558 -56.91 -71.18 69.34
C HIS L 1558 -56.61 -70.30 68.14
N GLN L 1559 -55.90 -69.20 68.38
CA GLN L 1559 -55.40 -68.40 67.27
C GLN L 1559 -54.25 -69.11 66.57
N ASN L 1560 -53.43 -69.85 67.32
CA ASN L 1560 -52.35 -70.65 66.77
C ASN L 1560 -52.60 -72.11 67.16
N VAL L 1561 -52.62 -73.01 66.18
CA VAL L 1561 -53.13 -74.34 66.51
C VAL L 1561 -52.03 -75.40 66.56
N ILE L 1562 -51.44 -75.73 65.40
CA ILE L 1562 -50.47 -76.81 65.31
C ILE L 1562 -49.28 -76.34 64.50
N GLN L 1563 -48.28 -77.19 64.27
CA GLN L 1563 -47.11 -76.79 63.52
C GLN L 1563 -46.33 -77.98 63.09
N PHE L 1564 -46.40 -78.39 61.87
CA PHE L 1564 -45.71 -79.54 61.32
C PHE L 1564 -44.22 -79.32 61.44
N GLU L 1565 -43.51 -80.18 62.15
CA GLU L 1565 -42.07 -80.04 62.37
C GLU L 1565 -41.33 -81.18 61.69
N LEU L 1566 -40.56 -80.84 60.67
CA LEU L 1566 -39.90 -81.84 59.83
C LEU L 1566 -38.46 -82.05 60.33
N GLY L 1567 -38.37 -82.78 61.44
CA GLY L 1567 -37.09 -83.00 62.09
C GLY L 1567 -36.71 -84.46 62.21
N LYS L 1568 -35.48 -84.67 62.64
CA LYS L 1568 -34.91 -86.00 62.82
C LYS L 1568 -34.58 -86.23 64.29
N GLN L 1569 -34.55 -87.49 64.70
CA GLN L 1569 -34.15 -87.86 66.05
C GLN L 1569 -32.66 -88.23 66.04
N LYS L 1570 -32.21 -88.88 67.12
CA LYS L 1570 -30.79 -88.97 67.42
C LYS L 1570 -30.03 -89.87 66.44
N ASN L 1571 -30.72 -90.86 65.85
CA ASN L 1571 -30.01 -91.77 64.97
C ASN L 1571 -30.83 -92.20 63.75
N ILE L 1572 -31.81 -91.40 63.33
CA ILE L 1572 -32.69 -91.76 62.21
C ILE L 1572 -32.88 -90.55 61.31
N MET L 1573 -32.92 -90.74 60.01
CA MET L 1573 -33.04 -89.55 59.15
C MET L 1573 -34.40 -89.07 59.03
N PRO L 1574 -34.53 -87.81 58.63
CA PRO L 1574 -35.83 -87.14 58.62
C PRO L 1574 -36.62 -87.43 57.36
N LEU L 1575 -37.78 -86.84 57.21
CA LEU L 1575 -38.57 -87.23 56.13
C LEU L 1575 -38.07 -86.83 54.87
N SER L 1576 -37.73 -85.55 54.80
CA SER L 1576 -37.22 -84.82 53.64
C SER L 1576 -36.57 -85.65 52.69
N ALA L 1577 -35.48 -86.24 53.10
CA ALA L 1577 -34.69 -87.13 52.32
C ALA L 1577 -35.14 -88.52 52.12
N ALA L 1578 -36.41 -88.81 52.21
CA ALA L 1578 -36.83 -90.12 51.91
C ALA L 1578 -38.12 -90.15 51.19
N MET L 1579 -38.62 -89.00 50.84
CA MET L 1579 -39.82 -88.92 50.10
C MET L 1579 -39.43 -88.97 48.71
N PHE L 1580 -38.32 -88.34 48.32
CA PHE L 1580 -37.88 -88.38 46.95
C PHE L 1580 -36.45 -88.60 46.62
N LEU L 1581 -36.19 -89.66 45.93
CA LEU L 1581 -34.86 -90.11 45.57
C LEU L 1581 -33.73 -89.37 44.94
N SER L 1582 -33.71 -88.09 45.01
CA SER L 1582 -32.51 -87.41 44.59
C SER L 1582 -31.63 -87.30 45.76
N GLU L 1583 -32.17 -87.35 46.95
CA GLU L 1583 -31.38 -87.22 48.06
C GLU L 1583 -31.91 -88.21 49.03
N ARG L 1584 -31.59 -89.48 48.89
CA ARG L 1584 -32.03 -90.46 49.87
C ARG L 1584 -30.70 -90.84 50.40
N LYS L 1585 -29.96 -89.90 50.92
CA LYS L 1585 -28.67 -90.17 51.44
C LYS L 1585 -28.37 -89.07 52.41
N ASN L 1586 -28.35 -87.83 51.95
CA ASN L 1586 -28.06 -86.72 52.82
C ASN L 1586 -29.06 -86.70 53.88
N PRO L 1587 -28.64 -86.67 55.13
CA PRO L 1587 -29.42 -86.68 56.38
C PRO L 1587 -29.95 -85.31 56.79
N ALA L 1588 -29.49 -84.23 56.18
CA ALA L 1588 -29.94 -82.90 56.58
C ALA L 1588 -31.41 -82.70 56.21
N PRO L 1589 -32.26 -82.27 57.15
CA PRO L 1589 -33.67 -82.04 56.82
C PRO L 1589 -33.84 -80.94 55.78
N GLN L 1590 -34.86 -81.09 54.95
CA GLN L 1590 -35.14 -80.14 53.88
C GLN L 1590 -36.64 -79.87 53.83
N CYS L 1591 -36.99 -78.71 53.29
CA CYS L 1591 -38.40 -78.33 53.09
C CYS L 1591 -38.56 -77.74 51.69
N PRO L 1592 -38.57 -78.59 50.67
CA PRO L 1592 -38.77 -78.11 49.30
C PRO L 1592 -40.17 -77.57 49.12
N PRO L 1593 -40.38 -76.70 48.12
CA PRO L 1593 -41.70 -76.05 47.98
C PRO L 1593 -42.83 -76.99 47.64
N ARG L 1594 -42.55 -78.22 47.21
CA ARG L 1594 -43.64 -79.14 46.87
C ARG L 1594 -44.47 -79.54 48.08
N LEU L 1595 -43.89 -79.45 49.28
CA LEU L 1595 -44.60 -79.85 50.49
C LEU L 1595 -45.62 -78.78 50.84
N GLU L 1596 -46.90 -79.07 50.60
CA GLU L 1596 -47.97 -78.14 50.88
C GLU L 1596 -49.11 -78.88 51.57
N VAL L 1597 -49.87 -78.14 52.38
CA VAL L 1597 -50.97 -78.71 53.13
C VAL L 1597 -52.21 -78.77 52.24
N GLN L 1598 -53.14 -79.65 52.59
CA GLN L 1598 -54.40 -79.80 51.87
C GLN L 1598 -55.57 -79.72 52.82
N MET L 1599 -56.68 -79.18 52.32
CA MET L 1599 -57.93 -79.08 53.06
C MET L 1599 -59.02 -79.77 52.25
N LEU L 1600 -59.80 -80.61 52.91
CA LEU L 1600 -60.84 -81.37 52.22
C LEU L 1600 -62.03 -80.49 51.88
N MET L 1601 -62.52 -80.62 50.65
CA MET L 1601 -63.77 -79.96 50.21
C MET L 1601 -64.64 -81.02 49.54
N PRO L 1602 -65.90 -81.13 49.93
CA PRO L 1602 -66.78 -82.19 49.39
C PRO L 1602 -67.45 -81.79 48.07
N VAL L 1603 -66.64 -81.41 47.09
CA VAL L 1603 -67.17 -81.04 45.78
C VAL L 1603 -66.06 -81.16 44.75
N SER L 1604 -66.44 -81.42 43.50
CA SER L 1604 -65.52 -81.43 42.38
C SER L 1604 -66.32 -81.05 41.14
N TRP L 1605 -65.74 -81.29 39.97
CA TRP L 1605 -66.44 -81.05 38.70
C TRP L 1605 -66.03 -82.20 37.78
N SER L 1606 -66.92 -83.17 37.60
CA SER L 1606 -66.66 -84.33 36.75
C SER L 1606 -67.48 -84.24 35.47
N ARG L 1607 -66.96 -84.77 34.38
CA ARG L 1607 -67.64 -84.71 33.10
C ARG L 1607 -68.67 -85.81 32.92
N MET L 1608 -69.57 -85.59 31.97
CA MET L 1608 -70.66 -86.50 31.68
C MET L 1608 -70.41 -87.21 30.36
N PRO L 1609 -70.12 -88.51 30.37
CA PRO L 1609 -69.84 -89.21 29.12
C PRO L 1609 -71.04 -89.14 28.18
N ASN L 1610 -70.73 -89.03 26.88
CA ASN L 1610 -71.77 -88.89 25.86
C ASN L 1610 -72.46 -90.20 25.53
N HIS L 1611 -71.95 -91.34 25.98
CA HIS L 1611 -72.58 -92.62 25.69
C HIS L 1611 -72.44 -93.53 26.90
N PHE L 1612 -73.55 -94.16 27.29
CA PHE L 1612 -73.59 -95.07 28.42
C PHE L 1612 -73.70 -96.51 27.94
N LEU L 1613 -73.86 -97.42 28.90
CA LEU L 1613 -73.88 -98.85 28.64
C LEU L 1613 -75.22 -99.36 28.10
N GLN L 1614 -76.16 -98.46 27.80
CA GLN L 1614 -77.50 -98.83 27.32
C GLN L 1614 -78.15 -99.71 28.39
N VAL L 1615 -78.49 -100.95 28.09
CA VAL L 1615 -79.13 -101.82 29.09
C VAL L 1615 -78.10 -102.33 30.08
N GLU L 1622 -86.95 -110.24 34.11
CA GLU L 1622 -88.39 -110.31 33.87
C GLU L 1622 -88.87 -111.75 33.75
N ARG L 1623 -88.27 -112.49 32.83
CA ARG L 1623 -88.61 -113.89 32.61
C ARG L 1623 -87.91 -114.74 33.67
N LEU L 1624 -87.91 -116.05 33.47
CA LEU L 1624 -87.22 -117.00 34.36
C LEU L 1624 -85.82 -116.51 34.70
N GLY L 1625 -85.58 -116.31 35.99
CA GLY L 1625 -84.28 -115.88 36.48
C GLY L 1625 -84.09 -114.38 36.56
N TRP L 1626 -84.91 -113.59 35.88
CA TRP L 1626 -84.77 -112.13 35.85
C TRP L 1626 -83.36 -111.73 35.39
N ALA L 1627 -83.06 -112.08 34.15
CA ALA L 1627 -81.73 -111.88 33.59
C ALA L 1627 -81.48 -110.40 33.28
N VAL L 1628 -80.21 -110.06 33.20
CA VAL L 1628 -79.80 -108.72 32.81
C VAL L 1628 -79.47 -108.73 31.32
N GLN L 1629 -79.52 -107.55 30.70
CA GLN L 1629 -79.28 -107.40 29.28
C GLN L 1629 -78.09 -106.48 29.05
N CYS L 1630 -77.12 -106.96 28.26
CA CYS L 1630 -75.95 -106.16 27.92
C CYS L 1630 -75.27 -106.81 26.73
N GLN L 1631 -75.16 -106.09 25.62
CA GLN L 1631 -74.51 -106.60 24.42
C GLN L 1631 -73.29 -105.79 24.00
N ASP L 1632 -73.43 -104.46 23.87
CA ASP L 1632 -72.39 -103.65 23.26
C ASP L 1632 -71.26 -103.35 24.24
N PRO L 1633 -70.04 -103.20 23.74
CA PRO L 1633 -68.92 -102.76 24.57
C PRO L 1633 -68.69 -101.25 24.44
N LEU L 1634 -67.96 -100.73 25.43
CA LEU L 1634 -67.64 -99.31 25.47
C LEU L 1634 -66.37 -99.10 26.27
N THR L 1635 -65.60 -98.07 25.91
CA THR L 1635 -64.33 -97.80 26.56
C THR L 1635 -64.05 -96.30 26.56
N MET L 1636 -62.98 -95.92 27.27
CA MET L 1636 -62.62 -94.52 27.42
C MET L 1636 -61.14 -94.40 27.72
N MET L 1637 -60.60 -93.21 27.47
CA MET L 1637 -59.19 -92.91 27.71
C MET L 1637 -59.02 -92.27 29.09
N ALA L 1638 -57.91 -92.56 29.76
CA ALA L 1638 -57.74 -92.17 31.15
C ALA L 1638 -56.29 -91.79 31.45
N LEU L 1639 -56.12 -91.06 32.56
CA LEU L 1639 -54.82 -90.64 33.07
C LEU L 1639 -54.59 -91.24 34.45
N HIS L 1640 -53.32 -91.35 34.84
CA HIS L 1640 -52.93 -92.00 36.09
C HIS L 1640 -51.86 -91.21 36.83
N ILE L 1641 -52.12 -89.93 37.08
CA ILE L 1641 -51.19 -89.11 37.87
C ILE L 1641 -50.76 -89.90 39.12
N PRO L 1642 -49.47 -90.25 39.21
CA PRO L 1642 -49.06 -91.31 40.15
C PRO L 1642 -48.83 -90.85 41.58
N GLU L 1643 -48.77 -89.53 41.86
CA GLU L 1643 -48.43 -89.04 43.18
C GLU L 1643 -49.40 -89.55 44.25
N GLU L 1644 -50.69 -89.36 44.03
CA GLU L 1644 -51.72 -89.85 44.93
C GLU L 1644 -52.62 -90.93 44.31
N ASN L 1645 -52.57 -91.13 42.99
CA ASN L 1645 -53.31 -92.16 42.26
C ASN L 1645 -54.83 -91.94 42.29
N ARG L 1646 -55.29 -90.91 41.55
CA ARG L 1646 -56.64 -91.04 40.99
C ARG L 1646 -56.48 -91.60 39.58
N CYS L 1647 -57.58 -91.61 38.84
CA CYS L 1647 -57.54 -91.95 37.42
C CYS L 1647 -58.61 -91.08 36.75
N MET L 1648 -58.20 -89.99 36.14
CA MET L 1648 -59.11 -89.04 35.54
C MET L 1648 -59.14 -89.17 34.02
N ASP L 1649 -60.20 -88.64 33.43
CA ASP L 1649 -60.41 -88.74 32.00
C ASP L 1649 -59.61 -87.66 31.27
N ILE L 1650 -59.15 -87.99 30.06
CA ILE L 1650 -58.42 -87.02 29.24
C ILE L 1650 -59.36 -85.93 28.74
N LEU L 1651 -60.64 -86.26 28.51
CA LEU L 1651 -61.54 -85.30 27.89
C LEU L 1651 -61.76 -84.06 28.74
N GLU L 1652 -61.51 -84.14 30.06
CA GLU L 1652 -61.73 -82.97 30.91
C GLU L 1652 -60.53 -82.06 31.01
N LEU L 1653 -59.39 -82.44 30.42
CA LEU L 1653 -58.25 -81.53 30.39
C LEU L 1653 -58.49 -80.30 29.53
N SER L 1654 -59.56 -80.28 28.73
CA SER L 1654 -59.94 -79.05 28.04
C SER L 1654 -60.42 -77.96 29.00
N GLU L 1655 -60.70 -78.30 30.27
CA GLU L 1655 -61.25 -77.35 31.23
C GLU L 1655 -60.34 -77.15 32.44
N ARG L 1656 -59.06 -77.48 32.32
CA ARG L 1656 -58.10 -77.22 33.39
C ARG L 1656 -57.10 -76.12 33.06
N LEU L 1657 -56.62 -76.10 31.82
CA LEU L 1657 -55.82 -74.99 31.28
C LEU L 1657 -54.46 -74.86 31.96
N ASP L 1658 -54.17 -75.70 32.93
CA ASP L 1658 -52.86 -75.73 33.56
C ASP L 1658 -52.23 -77.11 33.55
N LEU L 1659 -53.03 -78.15 33.77
CA LEU L 1659 -52.52 -79.52 33.62
C LEU L 1659 -52.37 -79.89 32.15
N GLN L 1660 -53.22 -79.32 31.29
CA GLN L 1660 -53.06 -79.50 29.86
C GLN L 1660 -51.76 -78.89 29.36
N ARG L 1661 -51.39 -77.71 29.90
CA ARG L 1661 -50.19 -77.04 29.45
C ARG L 1661 -48.94 -77.86 29.74
N PHE L 1662 -48.89 -78.47 30.93
CA PHE L 1662 -47.77 -79.37 31.23
C PHE L 1662 -47.75 -80.57 30.31
N HIS L 1663 -48.90 -81.21 30.09
CA HIS L 1663 -48.93 -82.39 29.25
C HIS L 1663 -48.71 -82.05 27.78
N SER L 1664 -49.06 -80.83 27.37
CA SER L 1664 -48.81 -80.43 26.00
C SER L 1664 -47.32 -80.43 25.69
N HIS L 1665 -46.50 -79.90 26.60
CA HIS L 1665 -45.05 -79.93 26.41
C HIS L 1665 -44.50 -81.34 26.54
N THR L 1666 -45.18 -82.21 27.28
CA THR L 1666 -44.66 -83.57 27.47
C THR L 1666 -44.57 -84.31 26.14
N LEU L 1667 -45.65 -84.28 25.35
CA LEU L 1667 -45.60 -84.93 24.05
C LEU L 1667 -44.69 -84.19 23.08
N ARG L 1668 -44.30 -82.96 23.39
CA ARG L 1668 -43.26 -82.29 22.61
C ARG L 1668 -41.88 -82.87 22.90
N LEU L 1669 -41.63 -83.28 24.15
CA LEU L 1669 -40.37 -83.94 24.47
C LEU L 1669 -40.21 -85.23 23.69
N TYR L 1670 -41.28 -86.02 23.59
CA TYR L 1670 -41.21 -87.28 22.86
C TYR L 1670 -40.92 -87.03 21.39
N ARG L 1671 -41.51 -85.99 20.81
CA ARG L 1671 -41.13 -85.57 19.46
C ARG L 1671 -39.66 -85.15 19.40
N ALA L 1672 -39.14 -84.60 20.49
CA ALA L 1672 -37.76 -84.14 20.54
C ALA L 1672 -36.80 -85.27 20.87
N VAL L 1673 -37.22 -86.24 21.68
CA VAL L 1673 -36.38 -87.39 21.96
C VAL L 1673 -36.15 -88.21 20.70
N CYS L 1674 -37.18 -88.39 19.89
CA CYS L 1674 -36.98 -89.03 18.59
C CYS L 1674 -36.28 -88.03 17.67
N ALA L 1675 -34.96 -88.01 17.74
CA ALA L 1675 -34.16 -87.02 17.02
C ALA L 1675 -34.16 -87.40 15.54
N LEU L 1676 -33.28 -86.76 14.77
CA LEU L 1676 -33.26 -86.98 13.33
C LEU L 1676 -32.79 -88.39 13.02
N GLY L 1677 -33.58 -89.39 13.44
CA GLY L 1677 -33.30 -90.79 13.23
C GLY L 1677 -32.67 -91.40 14.46
N ASN L 1678 -33.46 -92.04 15.31
CA ASN L 1678 -32.97 -92.61 16.56
C ASN L 1678 -33.66 -93.93 16.88
N ASN L 1679 -33.72 -94.82 15.87
CA ASN L 1679 -34.50 -96.05 15.96
C ASN L 1679 -34.23 -96.84 17.25
N ARG L 1680 -33.09 -96.62 17.90
CA ARG L 1680 -32.85 -97.24 19.21
C ARG L 1680 -33.91 -96.82 20.22
N VAL L 1681 -33.95 -95.55 20.58
CA VAL L 1681 -34.86 -95.10 21.63
C VAL L 1681 -36.26 -94.86 21.14
N ALA L 1682 -36.50 -94.91 19.82
CA ALA L 1682 -37.84 -94.70 19.29
C ALA L 1682 -38.78 -95.79 19.76
N HIS L 1683 -38.32 -97.04 19.76
CA HIS L 1683 -39.19 -98.15 20.13
C HIS L 1683 -39.52 -98.14 21.62
N ALA L 1684 -38.58 -97.69 22.46
CA ALA L 1684 -38.84 -97.62 23.89
C ALA L 1684 -40.02 -96.72 24.19
N LEU L 1685 -40.32 -95.75 23.32
CA LEU L 1685 -41.51 -94.94 23.49
C LEU L 1685 -42.78 -95.71 23.15
N CYS L 1686 -42.68 -96.72 22.29
CA CYS L 1686 -43.87 -97.47 21.89
C CYS L 1686 -44.52 -98.15 23.09
N SER L 1687 -43.72 -98.74 23.97
CA SER L 1687 -44.27 -99.30 25.19
C SER L 1687 -44.80 -98.22 26.13
N HIS L 1688 -44.32 -96.98 25.99
CA HIS L 1688 -44.73 -95.91 26.89
C HIS L 1688 -46.02 -95.25 26.42
N VAL L 1689 -46.06 -94.77 25.19
CA VAL L 1689 -47.26 -94.07 24.75
C VAL L 1689 -48.36 -95.05 24.36
N ASP L 1690 -48.17 -95.81 23.28
CA ASP L 1690 -49.21 -96.70 22.78
C ASP L 1690 -48.83 -97.43 21.51
N GLN L 1691 -49.74 -98.29 21.06
CA GLN L 1691 -49.88 -98.60 19.65
C GLN L 1691 -51.35 -98.51 19.22
N ALA L 1692 -52.29 -98.41 20.17
CA ALA L 1692 -53.70 -98.45 19.88
C ALA L 1692 -54.41 -97.10 20.01
N GLN L 1693 -54.22 -96.38 21.13
CA GLN L 1693 -54.98 -95.14 21.29
C GLN L 1693 -54.53 -94.06 20.33
N LEU L 1694 -53.32 -94.13 19.79
CA LEU L 1694 -52.99 -93.27 18.66
C LEU L 1694 -53.93 -93.55 17.49
N LEU L 1695 -54.07 -94.82 17.12
CA LEU L 1695 -55.05 -95.16 16.08
C LEU L 1695 -56.47 -94.92 16.55
N HIS L 1696 -56.70 -94.78 17.85
CA HIS L 1696 -58.01 -94.41 18.37
C HIS L 1696 -58.19 -92.91 18.49
N ALA L 1697 -57.09 -92.14 18.52
CA ALA L 1697 -57.18 -90.69 18.58
C ALA L 1697 -57.63 -90.08 17.26
N LEU L 1698 -57.52 -90.83 16.16
CA LEU L 1698 -57.91 -90.30 14.85
C LEU L 1698 -59.40 -89.99 14.82
N GLU L 1699 -60.25 -91.02 15.00
CA GLU L 1699 -61.68 -90.82 14.86
C GLU L 1699 -62.28 -89.97 15.97
N ASP L 1700 -61.57 -89.76 17.06
CA ASP L 1700 -62.12 -88.99 18.17
C ASP L 1700 -62.31 -87.54 17.76
N ALA L 1701 -63.41 -86.94 18.20
CA ALA L 1701 -63.82 -85.61 17.77
C ALA L 1701 -63.73 -84.56 18.87
N HIS L 1702 -64.12 -84.90 20.10
CA HIS L 1702 -64.02 -83.95 21.21
C HIS L 1702 -62.55 -83.73 21.53
N LEU L 1703 -62.08 -82.50 21.32
CA LEU L 1703 -60.63 -82.27 21.30
C LEU L 1703 -60.27 -80.93 21.92
N PRO L 1704 -59.40 -80.93 22.94
CA PRO L 1704 -59.01 -79.66 23.59
C PRO L 1704 -58.18 -78.72 22.72
N GLY L 1705 -57.61 -79.19 21.60
CA GLY L 1705 -56.79 -78.34 20.77
C GLY L 1705 -55.31 -78.67 20.80
N PRO L 1706 -54.52 -77.84 21.49
CA PRO L 1706 -53.05 -78.08 21.52
C PRO L 1706 -52.67 -79.46 22.03
N LEU L 1707 -53.61 -80.16 22.65
CA LEU L 1707 -53.50 -81.55 23.07
C LEU L 1707 -53.76 -82.40 21.82
N ARG L 1708 -54.33 -83.59 21.98
CA ARG L 1708 -54.38 -84.70 21.05
C ARG L 1708 -54.23 -84.34 19.57
N ALA L 1709 -54.81 -83.22 19.12
CA ALA L 1709 -54.44 -82.71 17.80
C ALA L 1709 -52.93 -82.65 17.62
N GLY L 1710 -52.18 -82.55 18.72
CA GLY L 1710 -50.73 -82.68 18.66
C GLY L 1710 -50.22 -84.10 18.60
N TYR L 1711 -51.06 -85.09 18.92
CA TYR L 1711 -50.65 -86.48 18.75
C TYR L 1711 -50.37 -86.83 17.30
N TYR L 1712 -51.08 -86.18 16.37
CA TYR L 1712 -50.82 -86.42 14.94
C TYR L 1712 -49.37 -86.13 14.61
N ASP L 1713 -48.74 -85.20 15.31
CA ASP L 1713 -47.32 -84.92 15.12
C ASP L 1713 -46.42 -85.90 15.86
N LEU L 1714 -46.98 -86.78 16.67
CA LEU L 1714 -46.23 -87.87 17.28
C LEU L 1714 -46.37 -89.17 16.51
N LEU L 1715 -47.56 -89.42 15.97
CA LEU L 1715 -47.75 -90.57 15.09
C LEU L 1715 -46.89 -90.46 13.85
N ILE L 1716 -46.56 -89.23 13.43
CA ILE L 1716 -45.83 -89.00 12.20
C ILE L 1716 -44.33 -89.01 12.50
N SER L 1717 -43.98 -89.21 13.77
CA SER L 1717 -42.59 -89.10 14.18
C SER L 1717 -41.99 -90.41 14.67
N ILE L 1718 -42.80 -91.40 15.03
CA ILE L 1718 -42.30 -92.67 15.54
C ILE L 1718 -42.50 -93.79 14.52
N HIS L 1719 -43.20 -93.52 13.42
CA HIS L 1719 -43.39 -94.54 12.39
C HIS L 1719 -42.93 -94.10 11.02
N LEU L 1720 -42.84 -92.81 10.73
CA LEU L 1720 -42.42 -92.31 9.44
C LEU L 1720 -41.22 -91.37 9.62
N GLU L 1721 -40.87 -90.70 8.51
CA GLU L 1721 -39.69 -89.85 8.32
C GLU L 1721 -38.41 -90.62 8.61
N SER L 1722 -38.52 -91.93 8.80
CA SER L 1722 -37.36 -92.81 8.73
C SER L 1722 -37.01 -93.17 7.30
N ALA L 1723 -37.94 -92.93 6.37
CA ALA L 1723 -37.73 -93.18 4.95
C ALA L 1723 -38.09 -91.92 4.16
N CYS L 1724 -39.06 -91.15 4.65
CA CYS L 1724 -39.38 -89.88 4.02
C CYS L 1724 -38.18 -88.96 4.01
N ARG L 1725 -37.47 -88.89 5.13
CA ARG L 1725 -36.25 -88.08 5.19
C ARG L 1725 -35.20 -88.58 4.21
N SER L 1726 -35.25 -89.86 3.82
CA SER L 1726 -34.33 -90.40 2.85
C SER L 1726 -34.91 -90.42 1.43
N ARG L 1727 -36.18 -90.84 1.29
CA ARG L 1727 -36.81 -90.89 -0.02
C ARG L 1727 -37.01 -89.51 -0.63
N ARG L 1728 -37.08 -88.45 0.18
CA ARG L 1728 -37.17 -87.10 -0.37
C ARG L 1728 -35.89 -86.74 -1.13
N SER L 1729 -34.73 -87.12 -0.60
CA SER L 1729 -33.49 -86.92 -1.33
C SER L 1729 -33.44 -87.75 -2.61
N MET L 1730 -34.16 -88.87 -2.64
CA MET L 1730 -34.19 -89.76 -3.81
C MET L 1730 -35.02 -89.19 -4.96
N LEU L 1731 -35.75 -88.11 -4.74
CA LEU L 1731 -36.70 -87.61 -5.74
C LEU L 1731 -36.07 -86.72 -6.79
N SER L 1732 -34.79 -86.39 -6.68
CA SER L 1732 -34.19 -85.44 -7.61
C SER L 1732 -33.57 -86.12 -8.83
N GLU L 1733 -32.89 -87.24 -8.65
CA GLU L 1733 -32.31 -87.97 -9.76
C GLU L 1733 -33.30 -88.97 -10.33
N TYR L 1734 -33.20 -89.21 -11.64
CA TYR L 1734 -34.20 -89.95 -12.39
C TYR L 1734 -33.58 -91.09 -13.18
N ILE L 1735 -32.82 -91.95 -12.49
CA ILE L 1735 -32.24 -93.12 -13.14
C ILE L 1735 -33.34 -94.00 -13.70
N VAL L 1736 -33.20 -94.42 -14.95
CA VAL L 1736 -34.18 -95.27 -15.61
C VAL L 1736 -33.51 -96.43 -16.32
N PRO L 1737 -34.00 -97.67 -16.16
CA PRO L 1737 -33.39 -98.81 -16.83
C PRO L 1737 -34.10 -99.17 -18.13
N LEU L 1738 -33.39 -99.96 -18.94
CA LEU L 1738 -33.95 -100.49 -20.18
C LEU L 1738 -34.94 -101.61 -19.86
N THR L 1739 -36.23 -101.32 -19.96
CA THR L 1739 -37.25 -102.32 -19.66
C THR L 1739 -38.27 -102.39 -20.77
N PRO L 1740 -38.89 -103.55 -20.97
CA PRO L 1740 -39.99 -103.63 -21.95
C PRO L 1740 -41.14 -102.70 -21.64
N GLU L 1741 -41.43 -102.46 -20.35
CA GLU L 1741 -42.49 -101.52 -20.00
C GLU L 1741 -42.14 -100.11 -20.46
N THR L 1742 -40.87 -99.71 -20.33
CA THR L 1742 -40.44 -98.39 -20.77
C THR L 1742 -40.61 -98.19 -22.27
N ARG L 1743 -40.64 -99.27 -23.05
CA ARG L 1743 -40.68 -99.16 -24.50
C ARG L 1743 -41.99 -98.57 -25.01
N ALA L 1744 -43.01 -98.44 -24.16
CA ALA L 1744 -44.31 -97.90 -24.57
C ALA L 1744 -44.71 -96.80 -23.59
N ILE L 1745 -44.28 -95.58 -23.88
CA ILE L 1745 -44.64 -94.40 -23.09
C ILE L 1745 -44.79 -93.22 -24.05
N THR L 1746 -45.92 -92.52 -23.94
CA THR L 1746 -46.21 -91.40 -24.83
C THR L 1746 -47.21 -90.49 -24.15
N LEU L 1747 -47.77 -89.55 -24.92
CA LEU L 1747 -48.75 -88.59 -24.40
C LEU L 1747 -50.16 -89.14 -24.62
N PHE L 1748 -50.54 -90.06 -23.73
CA PHE L 1748 -51.87 -90.66 -23.68
C PHE L 1748 -52.24 -91.21 -25.06
N PRO L 1749 -51.65 -92.31 -25.49
CA PRO L 1749 -51.88 -92.79 -26.87
C PRO L 1749 -53.23 -93.47 -27.09
N PRO L 1750 -54.10 -93.62 -26.09
CA PRO L 1750 -55.51 -93.84 -26.41
C PRO L 1750 -56.28 -92.59 -26.80
N GLY L 1751 -55.59 -91.48 -27.06
CA GLY L 1751 -56.25 -90.28 -27.53
C GLY L 1751 -56.61 -90.38 -29.00
N ARG L 1752 -57.75 -89.80 -29.35
CA ARG L 1752 -58.28 -89.83 -30.72
C ARG L 1752 -58.30 -88.42 -31.27
N LYS L 1753 -57.41 -88.14 -32.22
CA LYS L 1753 -57.35 -86.84 -32.90
C LYS L 1753 -57.14 -85.71 -31.90
N GLY L 1754 -58.23 -85.25 -31.28
CA GLY L 1754 -58.12 -84.21 -30.28
C GLY L 1754 -57.28 -84.61 -29.09
N GLY L 1755 -57.28 -85.90 -28.75
CA GLY L 1755 -56.47 -86.39 -27.65
C GLY L 1755 -54.98 -86.25 -27.87
N ASN L 1756 -54.55 -86.06 -29.12
CA ASN L 1756 -53.14 -85.79 -29.37
C ASN L 1756 -52.75 -84.42 -28.85
N ALA L 1757 -53.59 -83.41 -29.05
CA ALA L 1757 -53.32 -82.04 -28.62
C ALA L 1757 -54.06 -81.69 -27.33
N ARG L 1758 -54.69 -82.67 -26.68
CA ARG L 1758 -55.41 -82.43 -25.43
C ARG L 1758 -55.30 -83.70 -24.60
N ARG L 1759 -56.14 -83.81 -23.57
CA ARG L 1759 -56.20 -84.98 -22.70
C ARG L 1759 -54.81 -85.29 -22.10
N HIS L 1760 -54.37 -84.35 -21.27
CA HIS L 1760 -53.04 -84.47 -20.66
C HIS L 1760 -52.90 -85.69 -19.77
N GLY L 1761 -54.01 -86.27 -19.33
CA GLY L 1761 -53.95 -87.39 -18.42
C GLY L 1761 -53.83 -86.92 -16.97
N LEU L 1762 -54.50 -87.62 -16.07
CA LEU L 1762 -54.48 -87.24 -14.66
C LEU L 1762 -53.06 -87.33 -14.12
N PRO L 1763 -52.57 -86.30 -13.42
CA PRO L 1763 -51.18 -86.31 -12.95
C PRO L 1763 -50.93 -87.42 -11.95
N GLY L 1764 -50.20 -88.46 -12.38
CA GLY L 1764 -49.88 -89.58 -11.54
C GLY L 1764 -50.86 -90.72 -11.72
N VAL L 1765 -50.47 -91.74 -12.47
CA VAL L 1765 -51.29 -92.93 -12.66
C VAL L 1765 -50.49 -94.18 -12.30
N GLY L 1766 -49.25 -94.25 -12.77
CA GLY L 1766 -48.43 -95.42 -12.55
C GLY L 1766 -47.34 -95.50 -13.60
N VAL L 1767 -46.83 -96.72 -13.78
CA VAL L 1767 -45.71 -97.06 -14.67
C VAL L 1767 -44.66 -95.95 -14.70
N THR L 1768 -43.70 -96.05 -13.79
CA THR L 1768 -42.61 -95.07 -13.70
C THR L 1768 -41.23 -95.66 -13.89
N THR L 1769 -41.03 -96.92 -13.50
CA THR L 1769 -39.78 -97.66 -13.70
C THR L 1769 -38.57 -97.00 -13.07
N SER L 1770 -38.76 -95.99 -12.22
CA SER L 1770 -37.63 -95.37 -11.55
C SER L 1770 -37.09 -96.27 -10.45
N LEU L 1771 -35.82 -96.09 -10.12
CA LEU L 1771 -35.13 -96.90 -9.13
C LEU L 1771 -35.18 -96.20 -7.78
N ARG L 1772 -35.87 -96.81 -6.82
CA ARG L 1772 -36.00 -96.27 -5.48
C ARG L 1772 -35.87 -97.41 -4.47
N PRO L 1773 -35.17 -97.18 -3.36
CA PRO L 1773 -35.03 -98.24 -2.36
C PRO L 1773 -36.36 -98.51 -1.67
N PRO L 1774 -36.60 -99.75 -1.25
CA PRO L 1774 -37.84 -100.06 -0.55
C PRO L 1774 -37.74 -99.82 0.96
N HIS L 1775 -38.90 -99.50 1.54
CA HIS L 1775 -38.96 -99.25 2.97
C HIS L 1775 -38.79 -100.55 3.76
N HIS L 1776 -38.07 -100.47 4.87
CA HIS L 1776 -37.86 -101.60 5.76
C HIS L 1776 -38.40 -101.28 7.15
N PHE L 1777 -39.15 -102.21 7.72
CA PHE L 1777 -39.80 -102.01 9.00
C PHE L 1777 -39.74 -103.28 9.82
N SER L 1778 -39.73 -103.13 11.14
CA SER L 1778 -39.66 -104.26 12.05
C SER L 1778 -40.73 -104.13 13.13
N PRO L 1779 -41.26 -105.24 13.62
CA PRO L 1779 -42.29 -105.17 14.65
C PRO L 1779 -41.68 -105.12 16.04
N PRO L 1780 -42.27 -104.36 16.96
CA PRO L 1780 -41.71 -104.30 18.32
C PRO L 1780 -42.03 -105.55 19.12
N CYS L 1781 -41.04 -106.02 19.88
CA CYS L 1781 -41.20 -107.20 20.73
C CYS L 1781 -40.19 -107.07 21.87
N PHE L 1782 -40.69 -106.86 23.08
CA PHE L 1782 -39.84 -106.64 24.25
C PHE L 1782 -39.60 -107.90 25.06
N VAL L 1783 -40.17 -109.04 24.65
CA VAL L 1783 -39.86 -110.32 25.27
C VAL L 1783 -38.78 -111.07 24.52
N ALA L 1784 -38.24 -110.50 23.45
CA ALA L 1784 -37.19 -111.16 22.69
C ALA L 1784 -35.92 -111.27 23.52
N ALA L 1785 -35.06 -112.21 23.14
CA ALA L 1785 -33.83 -112.46 23.88
C ALA L 1785 -32.91 -111.24 23.79
N LEU L 1786 -32.06 -111.10 24.80
CA LEU L 1786 -31.15 -109.98 24.86
C LEU L 1786 -30.16 -110.05 23.69
N PRO L 1787 -30.08 -109.00 22.86
CA PRO L 1787 -29.20 -109.06 21.69
C PRO L 1787 -27.72 -109.18 22.03
N ALA L 1788 -27.22 -108.24 22.83
CA ALA L 1788 -25.81 -108.22 23.20
C ALA L 1788 -25.57 -107.32 24.40
N GLU L 1793 -26.10 -105.14 14.54
CA GLU L 1793 -26.50 -105.47 13.17
C GLU L 1793 -27.10 -104.23 12.48
N ALA L 1794 -28.43 -104.15 12.47
CA ALA L 1794 -29.10 -102.99 11.94
C ALA L 1794 -28.74 -101.76 12.77
N PRO L 1795 -28.78 -100.56 12.18
CA PRO L 1795 -28.29 -99.40 12.93
C PRO L 1795 -29.24 -99.04 14.07
N ALA L 1796 -28.88 -99.54 15.25
CA ALA L 1796 -29.51 -99.36 16.55
C ALA L 1796 -30.92 -99.97 16.59
N ARG L 1797 -31.55 -100.12 15.41
CA ARG L 1797 -32.50 -101.15 14.98
C ARG L 1797 -33.06 -100.68 13.65
N LEU L 1798 -33.89 -101.49 12.98
CA LEU L 1798 -34.31 -101.13 11.65
C LEU L 1798 -35.36 -100.03 11.63
N SER L 1799 -36.55 -100.29 12.18
CA SER L 1799 -37.63 -99.31 12.29
C SER L 1799 -38.85 -99.92 12.99
N PRO L 1800 -39.69 -99.11 13.63
CA PRO L 1800 -40.99 -99.61 14.11
C PRO L 1800 -41.92 -99.90 12.95
N ALA L 1801 -42.91 -100.75 13.22
CA ALA L 1801 -43.88 -101.14 12.21
C ALA L 1801 -45.26 -100.56 12.55
N ILE L 1802 -46.17 -100.69 11.59
CA ILE L 1802 -47.54 -100.21 11.72
C ILE L 1802 -48.37 -100.76 10.56
N PRO L 1803 -49.65 -101.06 10.77
CA PRO L 1803 -50.49 -101.52 9.65
C PRO L 1803 -50.80 -100.43 8.63
N LEU L 1804 -49.95 -100.29 7.61
CA LEU L 1804 -50.18 -99.27 6.59
C LEU L 1804 -51.55 -99.42 5.91
N GLU L 1805 -52.06 -100.65 5.81
CA GLU L 1805 -53.34 -100.86 5.13
C GLU L 1805 -54.47 -100.14 5.84
N ALA L 1806 -54.50 -100.21 7.18
CA ALA L 1806 -55.55 -99.53 7.93
C ALA L 1806 -55.43 -98.02 7.83
N LEU L 1807 -54.21 -97.50 7.86
CA LEU L 1807 -54.01 -96.05 7.85
C LEU L 1807 -54.51 -95.43 6.55
N ARG L 1808 -54.23 -96.07 5.42
CA ARG L 1808 -54.59 -95.50 4.13
C ARG L 1808 -56.10 -95.33 3.99
N ASP L 1809 -56.86 -96.39 4.26
CA ASP L 1809 -58.32 -96.30 4.15
C ASP L 1809 -58.89 -95.34 5.18
N LYS L 1810 -58.40 -95.39 6.42
CA LYS L 1810 -58.94 -94.55 7.48
C LYS L 1810 -58.71 -93.07 7.20
N ALA L 1811 -57.52 -92.72 6.72
CA ALA L 1811 -57.20 -91.31 6.49
C ALA L 1811 -58.12 -90.70 5.44
N LEU L 1812 -58.32 -91.40 4.32
CA LEU L 1812 -59.17 -90.86 3.26
C LEU L 1812 -60.62 -90.76 3.72
N ARG L 1813 -61.11 -91.78 4.43
CA ARG L 1813 -62.47 -91.72 4.96
C ARG L 1813 -62.62 -90.56 5.92
N MET L 1814 -61.61 -90.35 6.77
CA MET L 1814 -61.63 -89.21 7.68
C MET L 1814 -61.70 -87.89 6.93
N LEU L 1815 -60.91 -87.74 5.87
CA LEU L 1815 -60.94 -86.51 5.10
C LEU L 1815 -62.24 -86.38 4.30
N GLY L 1816 -62.89 -87.50 4.01
CA GLY L 1816 -64.21 -87.43 3.38
C GLY L 1816 -65.23 -86.71 4.22
N GLU L 1817 -65.17 -86.90 5.54
CA GLU L 1817 -66.02 -86.14 6.45
C GLU L 1817 -65.67 -84.65 6.41
N ALA L 1818 -64.38 -84.33 6.30
CA ALA L 1818 -63.95 -82.94 6.41
C ALA L 1818 -64.59 -82.05 5.36
N VAL L 1819 -64.57 -82.49 4.10
CA VAL L 1819 -65.12 -81.67 3.02
C VAL L 1819 -66.63 -81.49 3.20
N ARG L 1820 -67.33 -82.56 3.56
CA ARG L 1820 -68.78 -82.45 3.75
C ARG L 1820 -69.10 -81.59 4.97
N ASP L 1821 -68.35 -81.75 6.05
CA ASP L 1821 -68.63 -80.99 7.27
C ASP L 1821 -68.29 -79.51 7.08
N GLY L 1822 -67.24 -79.20 6.33
CA GLY L 1822 -66.87 -77.81 6.12
C GLY L 1822 -67.95 -77.02 5.41
N GLY L 1823 -68.56 -77.61 4.38
CA GLY L 1823 -69.64 -76.93 3.68
C GLY L 1823 -70.88 -76.76 4.53
N GLN L 1824 -71.16 -77.72 5.41
CA GLN L 1824 -72.36 -77.64 6.25
C GLN L 1824 -72.28 -76.50 7.25
N HIS L 1825 -71.06 -76.14 7.68
CA HIS L 1825 -70.80 -75.04 8.61
C HIS L 1825 -71.30 -75.34 10.01
N ALA L 1826 -70.59 -74.86 11.03
CA ALA L 1826 -70.98 -75.08 12.41
C ALA L 1826 -70.31 -74.01 13.27
N ARG L 1827 -70.83 -73.86 14.50
CA ARG L 1827 -70.26 -72.93 15.45
C ARG L 1827 -69.25 -73.59 16.39
N ASP L 1828 -68.93 -74.87 16.18
CA ASP L 1828 -67.96 -75.57 17.00
C ASP L 1828 -67.30 -76.65 16.15
N PRO L 1829 -66.28 -76.30 15.38
CA PRO L 1829 -65.61 -77.29 14.54
C PRO L 1829 -64.76 -78.24 15.38
N VAL L 1830 -64.40 -79.37 14.76
CA VAL L 1830 -63.58 -80.36 15.42
C VAL L 1830 -62.25 -79.75 15.81
N GLY L 1831 -61.90 -79.85 17.09
CA GLY L 1831 -60.68 -79.31 17.61
C GLY L 1831 -60.80 -77.91 18.17
N GLY L 1832 -61.83 -77.16 17.78
CA GLY L 1832 -62.04 -75.84 18.34
C GLY L 1832 -62.16 -74.73 17.33
N SER L 1833 -61.32 -74.75 16.28
CA SER L 1833 -61.35 -73.69 15.27
C SER L 1833 -60.81 -74.26 13.96
N VAL L 1834 -61.73 -74.61 13.05
CA VAL L 1834 -61.49 -75.04 11.66
C VAL L 1834 -60.09 -75.58 11.38
N GLU L 1835 -59.05 -74.79 11.64
CA GLU L 1835 -57.71 -75.15 11.21
C GLU L 1835 -57.17 -76.36 11.98
N PHE L 1836 -57.47 -76.47 13.28
CA PHE L 1836 -57.24 -77.74 13.94
C PHE L 1836 -58.00 -78.90 13.31
N GLN L 1837 -59.06 -78.64 12.57
CA GLN L 1837 -59.79 -79.73 11.93
C GLN L 1837 -59.19 -80.07 10.57
N PHE L 1838 -58.29 -79.24 10.04
CA PHE L 1838 -57.70 -79.46 8.73
C PHE L 1838 -56.20 -79.74 8.78
N VAL L 1839 -55.41 -78.87 9.41
CA VAL L 1839 -53.95 -78.95 9.25
C VAL L 1839 -53.35 -80.25 9.76
N PRO L 1840 -53.73 -80.80 10.93
CA PRO L 1840 -53.04 -82.01 11.38
C PRO L 1840 -53.41 -83.24 10.57
N VAL L 1841 -54.61 -83.29 9.99
CA VAL L 1841 -55.07 -84.49 9.31
C VAL L 1841 -54.55 -84.57 7.87
N LEU L 1842 -54.54 -83.46 7.13
CA LEU L 1842 -54.03 -83.52 5.77
C LEU L 1842 -52.51 -83.46 5.72
N LYS L 1843 -51.85 -83.04 6.81
CA LYS L 1843 -50.41 -83.17 6.87
C LYS L 1843 -49.99 -84.64 6.87
N LEU L 1844 -50.77 -85.48 7.54
CA LEU L 1844 -50.54 -86.92 7.48
C LEU L 1844 -50.72 -87.44 6.06
N VAL L 1845 -51.69 -86.89 5.34
CA VAL L 1845 -51.93 -87.32 3.96
C VAL L 1845 -50.70 -87.03 3.10
N SER L 1846 -50.12 -85.85 3.27
CA SER L 1846 -48.97 -85.46 2.46
C SER L 1846 -47.78 -86.40 2.69
N THR L 1847 -47.50 -86.74 3.95
CA THR L 1847 -46.36 -87.59 4.25
C THR L 1847 -46.54 -88.99 3.69
N LEU L 1848 -47.75 -89.54 3.78
CA LEU L 1848 -48.01 -90.84 3.18
C LEU L 1848 -47.98 -90.79 1.66
N LEU L 1849 -48.16 -89.61 1.07
CA LEU L 1849 -48.25 -89.49 -0.38
C LEU L 1849 -46.88 -89.62 -1.03
N VAL L 1850 -45.83 -89.06 -0.41
CA VAL L 1850 -44.51 -89.12 -1.02
C VAL L 1850 -43.99 -90.55 -1.05
N MET L 1851 -44.28 -91.35 -0.02
CA MET L 1851 -43.90 -92.76 -0.04
C MET L 1851 -44.67 -93.55 -1.10
N GLY L 1852 -45.73 -92.99 -1.66
CA GLY L 1852 -46.53 -93.70 -2.65
C GLY L 1852 -47.26 -94.90 -2.11
N ILE L 1853 -47.75 -94.82 -0.86
CA ILE L 1853 -48.59 -95.89 -0.34
C ILE L 1853 -49.89 -95.98 -1.14
N PHE L 1854 -50.45 -94.85 -1.52
CA PHE L 1854 -51.63 -94.84 -2.38
C PHE L 1854 -51.25 -95.31 -3.78
N GLY L 1855 -52.19 -96.02 -4.42
CA GLY L 1855 -51.94 -96.55 -5.75
C GLY L 1855 -53.12 -96.47 -6.69
N ASP L 1856 -52.90 -95.87 -7.87
CA ASP L 1856 -53.87 -95.78 -8.95
C ASP L 1856 -55.25 -95.33 -8.48
N GLU L 1857 -56.02 -96.26 -7.91
CA GLU L 1857 -57.39 -95.94 -7.51
C GLU L 1857 -57.41 -94.88 -6.42
N ASP L 1858 -56.50 -94.97 -5.46
CA ASP L 1858 -56.55 -94.10 -4.29
C ASP L 1858 -56.32 -92.64 -4.68
N VAL L 1859 -55.29 -92.38 -5.48
CA VAL L 1859 -55.01 -91.00 -5.87
C VAL L 1859 -56.10 -90.46 -6.78
N LYS L 1860 -56.81 -91.32 -7.50
CA LYS L 1860 -57.92 -90.85 -8.32
C LYS L 1860 -59.07 -90.33 -7.47
N GLN L 1861 -59.09 -90.63 -6.18
CA GLN L 1861 -60.08 -90.06 -5.26
C GLN L 1861 -59.60 -88.78 -4.59
N ILE L 1862 -58.31 -88.68 -4.23
CA ILE L 1862 -57.82 -87.44 -3.64
C ILE L 1862 -57.93 -86.29 -4.63
N LEU L 1863 -57.83 -86.59 -5.93
CA LEU L 1863 -58.11 -85.58 -6.94
C LEU L 1863 -59.59 -85.23 -6.98
N LYS L 1864 -60.47 -86.18 -6.65
CA LYS L 1864 -61.90 -85.91 -6.62
C LYS L 1864 -62.30 -84.93 -5.52
N MET L 1865 -61.39 -84.64 -4.58
CA MET L 1865 -61.64 -83.58 -3.62
C MET L 1865 -61.54 -82.18 -4.24
N ILE L 1866 -61.05 -82.09 -5.47
CA ILE L 1866 -61.09 -80.85 -6.25
C ILE L 1866 -61.81 -81.17 -7.56
N GLU L 1867 -62.83 -82.03 -7.46
CA GLU L 1867 -63.55 -82.70 -8.55
C GLU L 1867 -63.81 -81.87 -9.81
N PRO L 1868 -64.43 -80.68 -9.72
CA PRO L 1868 -64.99 -80.08 -10.95
C PRO L 1868 -64.01 -79.89 -12.09
N GLU L 1869 -62.75 -79.60 -11.81
CA GLU L 1869 -61.78 -79.37 -12.88
C GLU L 1869 -60.97 -80.63 -13.20
N VAL L 1870 -60.24 -81.15 -12.22
CA VAL L 1870 -59.31 -82.25 -12.48
C VAL L 1870 -60.05 -83.55 -12.77
N PHE L 1871 -61.15 -83.81 -12.04
CA PHE L 1871 -61.85 -85.08 -12.16
C PHE L 1871 -62.75 -85.04 -13.40
N THR L 1872 -63.64 -86.04 -13.51
CA THR L 1872 -64.55 -86.18 -14.65
C THR L 1872 -63.76 -86.33 -15.95
N GLU L 1873 -62.79 -87.25 -15.95
CA GLU L 1873 -62.02 -87.53 -17.15
C GLU L 1873 -62.91 -88.09 -18.26
N GLU L 1874 -63.82 -89.00 -17.90
CA GLU L 1874 -64.72 -89.59 -18.89
C GLU L 1874 -65.85 -88.64 -19.23
N LEU L 1922 -72.86 -79.45 -4.59
CA LEU L 1922 -72.68 -80.76 -3.98
C LEU L 1922 -71.31 -80.88 -3.32
N GLU L 1923 -70.49 -81.79 -3.85
CA GLU L 1923 -69.14 -82.03 -3.32
C GLU L 1923 -68.21 -80.96 -3.87
N GLU L 1924 -68.31 -79.77 -3.29
CA GLU L 1924 -67.48 -78.65 -3.71
C GLU L 1924 -66.01 -78.95 -3.43
N GLY L 1925 -65.14 -78.47 -4.32
CA GLY L 1925 -63.74 -78.75 -4.20
C GLY L 1925 -63.10 -78.05 -3.00
N LEU L 1926 -61.95 -78.58 -2.60
CA LEU L 1926 -61.20 -77.95 -1.50
C LEU L 1926 -60.74 -76.54 -1.85
N LEU L 1927 -60.52 -76.28 -3.14
CA LEU L 1927 -60.10 -74.95 -3.59
C LEU L 1927 -61.31 -74.10 -3.99
N GLN L 1928 -62.31 -74.03 -3.12
CA GLN L 1928 -63.53 -73.28 -3.43
C GLN L 1928 -63.90 -72.32 -2.31
N MET L 1929 -63.56 -72.66 -1.07
CA MET L 1929 -63.99 -71.92 0.09
C MET L 1929 -62.83 -71.13 0.69
N LYS L 1930 -63.18 -70.13 1.48
CA LYS L 1930 -62.16 -69.33 2.16
C LYS L 1930 -61.53 -70.13 3.29
N LEU L 1931 -60.22 -70.01 3.43
CA LEU L 1931 -59.45 -70.76 4.40
C LEU L 1931 -58.49 -69.86 5.15
N PRO L 1932 -58.13 -70.21 6.38
CA PRO L 1932 -57.15 -69.40 7.12
C PRO L 1932 -55.78 -69.47 6.49
N GLU L 1933 -54.86 -68.67 7.03
CA GLU L 1933 -53.54 -68.49 6.46
C GLU L 1933 -52.55 -69.57 6.86
N SER L 1934 -53.02 -70.73 7.33
CA SER L 1934 -52.15 -71.84 7.66
C SER L 1934 -52.40 -73.07 6.79
N VAL L 1935 -53.67 -73.43 6.59
CA VAL L 1935 -53.97 -74.57 5.72
C VAL L 1935 -53.61 -74.27 4.27
N LYS L 1936 -53.66 -73.00 3.86
CA LYS L 1936 -53.24 -72.66 2.50
C LYS L 1936 -51.80 -73.04 2.25
N LEU L 1937 -50.94 -72.89 3.27
CA LEU L 1937 -49.56 -73.32 3.13
C LEU L 1937 -49.46 -74.81 2.86
N GLN L 1938 -50.24 -75.61 3.59
CA GLN L 1938 -50.22 -77.05 3.40
C GLN L 1938 -50.71 -77.45 2.02
N MET L 1939 -51.72 -76.74 1.50
CA MET L 1939 -52.18 -77.02 0.15
C MET L 1939 -51.04 -76.86 -0.86
N CYS L 1940 -50.20 -75.85 -0.66
CA CYS L 1940 -49.02 -75.70 -1.52
C CYS L 1940 -48.09 -76.91 -1.38
N ASN L 1941 -47.90 -77.40 -0.16
CA ASN L 1941 -47.07 -78.59 0.03
C ASN L 1941 -47.68 -79.81 -0.64
N LEU L 1942 -49.00 -79.82 -0.83
CA LEU L 1942 -49.64 -80.92 -1.52
C LEU L 1942 -49.58 -80.77 -3.03
N LEU L 1943 -49.84 -79.55 -3.53
CA LEU L 1943 -49.75 -79.30 -4.96
C LEU L 1943 -48.33 -79.45 -5.48
N GLU L 1944 -47.34 -79.15 -4.64
CA GLU L 1944 -45.93 -79.25 -5.07
C GLU L 1944 -45.54 -80.67 -5.42
N TYR L 1945 -46.10 -81.66 -4.72
CA TYR L 1945 -45.78 -83.06 -5.00
C TYR L 1945 -46.25 -83.47 -6.39
N PHE L 1946 -47.22 -82.77 -6.96
CA PHE L 1946 -47.76 -83.20 -8.25
C PHE L 1946 -46.99 -82.61 -9.42
N CYS L 1947 -46.26 -81.51 -9.22
CA CYS L 1947 -45.51 -80.91 -10.32
C CYS L 1947 -44.41 -81.84 -10.80
N ASP L 1948 -43.58 -82.32 -9.87
CA ASP L 1948 -42.49 -83.22 -10.25
C ASP L 1948 -42.98 -84.59 -10.70
N GLN L 1949 -44.18 -85.00 -10.29
CA GLN L 1949 -44.76 -86.22 -10.84
C GLN L 1949 -44.94 -86.10 -12.35
N GLU L 1950 -45.41 -84.94 -12.82
CA GLU L 1950 -45.42 -84.69 -14.26
C GLU L 1950 -43.99 -84.62 -14.80
N LEU L 1951 -43.08 -83.99 -14.07
CA LEU L 1951 -41.69 -83.93 -14.51
C LEU L 1951 -41.09 -85.33 -14.59
N GLN L 1952 -41.33 -86.17 -13.58
CA GLN L 1952 -40.86 -87.54 -13.65
C GLN L 1952 -41.48 -88.28 -14.83
N HIS L 1953 -42.74 -87.99 -15.15
CA HIS L 1953 -43.35 -88.55 -16.35
C HIS L 1953 -42.69 -87.99 -17.61
N ARG L 1954 -42.23 -86.73 -17.55
CA ARG L 1954 -41.66 -86.09 -18.74
C ARG L 1954 -40.37 -86.76 -19.16
N VAL L 1955 -39.44 -86.96 -18.23
CA VAL L 1955 -38.13 -87.50 -18.59
C VAL L 1955 -38.23 -88.94 -19.05
N GLU L 1956 -39.20 -89.71 -18.52
CA GLU L 1956 -39.39 -91.07 -18.97
C GLU L 1956 -39.81 -91.11 -20.43
N SER L 1957 -40.63 -90.15 -20.86
CA SER L 1957 -41.01 -90.07 -22.27
C SER L 1957 -39.80 -89.85 -23.14
N LEU L 1958 -38.86 -89.00 -22.70
CA LEU L 1958 -37.63 -88.80 -23.46
C LEU L 1958 -36.81 -90.09 -23.53
N ALA L 1959 -36.71 -90.81 -22.41
CA ALA L 1959 -36.00 -92.08 -22.42
C ALA L 1959 -36.63 -93.06 -23.41
N ALA L 1960 -37.96 -93.05 -23.49
CA ALA L 1960 -38.65 -93.89 -24.47
C ALA L 1960 -38.24 -93.50 -25.90
N PHE L 1961 -38.17 -92.21 -26.19
CA PHE L 1961 -37.68 -91.77 -27.48
C PHE L 1961 -36.18 -91.94 -27.60
N ALA L 1962 -35.46 -91.96 -26.47
CA ALA L 1962 -34.03 -92.16 -26.47
C ALA L 1962 -33.65 -93.61 -26.67
N GLU L 1963 -34.63 -94.49 -26.93
CA GLU L 1963 -34.40 -95.90 -27.15
C GLU L 1963 -34.66 -96.33 -28.59
N ARG L 1964 -35.86 -96.08 -29.13
CA ARG L 1964 -36.13 -96.59 -30.47
C ARG L 1964 -35.44 -95.78 -31.56
N TYR L 1965 -35.23 -94.48 -31.34
CA TYR L 1965 -34.60 -93.67 -32.37
C TYR L 1965 -33.10 -93.93 -32.46
N VAL L 1966 -32.44 -94.16 -31.32
CA VAL L 1966 -31.02 -94.51 -31.38
C VAL L 1966 -30.81 -95.89 -31.96
N ASP L 1967 -31.81 -96.77 -31.86
CA ASP L 1967 -31.67 -98.12 -32.41
C ASP L 1967 -31.60 -98.09 -33.94
N LYS L 1968 -32.55 -97.40 -34.58
CA LYS L 1968 -32.53 -97.32 -36.03
C LYS L 1968 -31.33 -96.53 -36.53
N LEU L 1969 -30.89 -95.54 -35.75
CA LEU L 1969 -29.74 -94.72 -36.14
C LEU L 1969 -28.49 -95.59 -36.26
N GLN L 1970 -28.28 -96.49 -35.30
CA GLN L 1970 -27.14 -97.40 -35.37
C GLN L 1970 -27.29 -98.37 -36.54
N ALA L 1971 -28.49 -98.87 -36.77
CA ALA L 1971 -28.72 -99.82 -37.86
C ALA L 1971 -28.57 -99.14 -39.22
N ASN L 1972 -29.15 -97.95 -39.38
CA ASN L 1972 -29.05 -97.23 -40.64
C ASN L 1972 -27.62 -96.77 -40.92
N GLN L 1973 -26.83 -96.53 -39.87
CA GLN L 1973 -25.46 -96.09 -40.07
C GLN L 1973 -24.60 -97.22 -40.62
N ARG L 1974 -24.87 -98.46 -40.20
CA ARG L 1974 -24.19 -99.61 -40.80
C ARG L 1974 -24.51 -99.73 -42.28
N SER L 1975 -25.78 -99.51 -42.66
CA SER L 1975 -26.13 -99.51 -44.07
C SER L 1975 -25.36 -98.43 -44.81
N ARG L 1976 -25.14 -97.28 -44.17
CA ARG L 1976 -24.33 -96.23 -44.76
C ARG L 1976 -22.89 -96.66 -44.92
N TYR L 1977 -22.43 -97.64 -44.12
CA TYR L 1977 -21.06 -98.13 -44.23
C TYR L 1977 -20.88 -98.92 -45.53
N ALA L 1978 -21.64 -100.00 -45.70
CA ALA L 1978 -21.44 -100.90 -46.84
C ALA L 1978 -21.71 -100.20 -48.17
N LEU L 1979 -22.54 -99.17 -48.16
CA LEU L 1979 -22.74 -98.36 -49.36
C LEU L 1979 -21.45 -97.67 -49.77
N LEU L 1980 -20.67 -97.20 -48.80
CA LEU L 1980 -19.40 -96.52 -49.06
C LEU L 1980 -18.20 -97.28 -48.51
N MET L 1981 -18.38 -98.56 -48.19
CA MET L 1981 -17.29 -99.42 -47.71
C MET L 1981 -16.46 -99.89 -48.88
N ARG L 1982 -15.65 -100.93 -48.65
CA ARG L 1982 -14.74 -101.51 -49.63
C ARG L 1982 -15.33 -101.56 -51.04
N ALA L 1983 -16.62 -101.83 -51.15
CA ALA L 1983 -17.32 -101.74 -52.43
C ALA L 1983 -16.98 -100.43 -53.13
N PHE L 1984 -17.30 -99.31 -52.49
CA PHE L 1984 -16.86 -97.97 -52.90
C PHE L 1984 -17.19 -97.73 -54.38
N THR L 1985 -16.41 -96.86 -55.03
CA THR L 1985 -16.57 -96.60 -56.45
C THR L 1985 -15.35 -95.84 -57.00
N MET L 1986 -15.42 -94.52 -56.97
CA MET L 1986 -14.38 -93.68 -57.58
C MET L 1986 -14.46 -92.29 -56.98
N SER L 1987 -13.87 -91.31 -57.66
CA SER L 1987 -13.88 -89.87 -57.40
C SER L 1987 -12.90 -89.43 -56.32
N ALA L 1988 -12.16 -90.35 -55.68
CA ALA L 1988 -11.04 -89.99 -54.81
C ALA L 1988 -11.46 -89.08 -53.66
N ALA L 1989 -11.81 -87.83 -53.97
CA ALA L 1989 -12.14 -86.85 -52.94
C ALA L 1989 -13.33 -87.27 -52.09
N GLU L 1990 -14.15 -88.20 -52.58
CA GLU L 1990 -15.24 -88.72 -51.76
C GLU L 1990 -14.72 -89.36 -50.48
N THR L 1991 -13.50 -89.93 -50.52
CA THR L 1991 -12.91 -90.47 -49.31
C THR L 1991 -12.67 -89.37 -48.28
N ALA L 1992 -12.27 -88.18 -48.74
CA ALA L 1992 -12.10 -87.05 -47.82
C ALA L 1992 -13.42 -86.65 -47.19
N ARG L 1993 -14.51 -86.71 -47.97
CA ARG L 1993 -15.82 -86.35 -47.44
C ARG L 1993 -16.24 -87.32 -46.33
N ARG L 1994 -16.00 -88.62 -46.52
CA ARG L 1994 -16.37 -89.63 -45.53
C ARG L 1994 -15.24 -89.73 -44.52
N THR L 1995 -15.32 -88.91 -43.48
CA THR L 1995 -14.31 -88.84 -42.42
C THR L 1995 -14.88 -89.05 -41.04
N ARG L 1996 -16.09 -88.54 -40.77
CA ARG L 1996 -16.71 -88.79 -39.47
C ARG L 1996 -16.89 -90.27 -39.24
N GLU L 1997 -17.05 -91.03 -40.32
CA GLU L 1997 -17.48 -92.42 -40.23
C GLU L 1997 -16.41 -93.32 -39.65
N PHE L 1998 -15.14 -92.90 -39.67
CA PHE L 1998 -14.07 -93.69 -39.07
C PHE L 1998 -13.23 -92.84 -38.12
N ARG L 1999 -13.10 -91.55 -38.42
CA ARG L 1999 -12.36 -90.63 -37.56
C ARG L 1999 -13.29 -89.93 -36.59
N SER L 2000 -12.71 -89.15 -35.69
CA SER L 2000 -13.38 -88.38 -34.65
C SER L 2000 -13.94 -89.30 -33.57
N PRO L 2001 -13.97 -88.85 -32.32
CA PRO L 2001 -14.53 -89.69 -31.26
C PRO L 2001 -16.01 -89.90 -31.47
N PRO L 2002 -16.59 -90.96 -30.87
CA PRO L 2002 -18.01 -91.25 -31.10
C PRO L 2002 -18.94 -90.09 -30.78
N GLN L 2003 -18.66 -89.32 -29.72
CA GLN L 2003 -19.50 -88.18 -29.41
C GLN L 2003 -19.50 -87.15 -30.53
N GLU L 2004 -18.36 -86.98 -31.21
CA GLU L 2004 -18.30 -86.04 -32.33
C GLU L 2004 -19.21 -86.48 -33.47
N GLN L 2005 -19.31 -87.78 -33.70
CA GLN L 2005 -20.18 -88.28 -34.76
C GLN L 2005 -21.64 -87.94 -34.47
N ILE L 2006 -22.07 -88.06 -33.21
CA ILE L 2006 -23.45 -87.74 -32.87
C ILE L 2006 -23.76 -86.29 -33.19
N ASN L 2007 -22.82 -85.39 -32.91
CA ASN L 2007 -23.06 -83.97 -33.19
C ASN L 2007 -23.32 -83.74 -34.67
N MET L 2008 -22.53 -84.36 -35.54
CA MET L 2008 -22.68 -84.15 -36.98
C MET L 2008 -24.01 -84.71 -37.48
N LEU L 2009 -24.37 -85.91 -37.05
CA LEU L 2009 -25.58 -86.56 -37.54
C LEU L 2009 -26.85 -86.01 -36.90
N LEU L 2010 -26.74 -85.34 -35.76
CA LEU L 2010 -27.91 -84.80 -35.06
C LEU L 2010 -28.13 -83.32 -35.33
N HIS L 2011 -27.09 -82.61 -35.79
CA HIS L 2011 -27.18 -81.17 -36.03
C HIS L 2011 -28.32 -80.84 -36.99
N PHE L 2012 -28.32 -81.46 -38.17
CA PHE L 2012 -29.28 -81.10 -39.21
C PHE L 2012 -30.69 -81.59 -38.89
N LYS L 2013 -30.84 -82.60 -38.06
CA LYS L 2013 -32.14 -83.20 -37.79
C LYS L 2013 -33.13 -82.17 -37.24
N ASP L 2014 -32.83 -81.61 -36.07
CA ASP L 2014 -33.68 -80.61 -35.44
C ASP L 2014 -33.27 -79.18 -35.78
N GLU L 2015 -32.42 -78.99 -36.78
CA GLU L 2015 -32.04 -77.66 -37.22
C GLU L 2015 -33.12 -77.07 -38.12
N ALA L 2016 -32.84 -75.91 -38.71
CA ALA L 2016 -33.76 -75.23 -39.59
C ALA L 2016 -33.07 -74.90 -40.91
N ASP L 2017 -33.83 -75.01 -42.00
CA ASP L 2017 -33.36 -74.63 -43.33
C ASP L 2017 -32.13 -75.43 -43.77
N GLU L 2018 -30.95 -74.86 -43.56
CA GLU L 2018 -29.72 -75.46 -44.05
C GLU L 2018 -29.48 -76.83 -43.42
N GLU L 2019 -29.08 -77.78 -44.26
CA GLU L 2019 -28.77 -79.14 -43.83
C GLU L 2019 -27.48 -79.59 -44.51
N ASP L 2020 -26.56 -80.14 -43.73
CA ASP L 2020 -25.28 -80.62 -44.24
C ASP L 2020 -25.08 -82.07 -43.83
N CYS L 2021 -24.59 -82.88 -44.77
CA CYS L 2021 -24.42 -84.31 -44.58
C CYS L 2021 -25.67 -84.95 -44.00
N PRO L 2022 -26.81 -84.84 -44.69
CA PRO L 2022 -28.10 -85.18 -44.09
C PRO L 2022 -28.31 -86.69 -44.01
N LEU L 2023 -29.42 -87.05 -43.38
CA LEU L 2023 -29.89 -88.42 -43.28
C LEU L 2023 -31.06 -88.63 -44.23
N PRO L 2024 -31.48 -89.87 -44.44
CA PRO L 2024 -32.68 -90.10 -45.26
C PRO L 2024 -33.88 -89.35 -44.71
N GLU L 2025 -34.70 -88.81 -45.62
CA GLU L 2025 -35.85 -88.02 -45.22
C GLU L 2025 -37.02 -88.92 -44.84
N ASP L 2026 -36.76 -89.89 -43.98
CA ASP L 2026 -37.77 -90.75 -43.40
C ASP L 2026 -37.67 -90.81 -41.88
N ILE L 2027 -36.44 -90.77 -41.33
CA ILE L 2027 -36.25 -90.71 -39.89
C ILE L 2027 -36.13 -89.29 -39.38
N ARG L 2028 -36.12 -88.29 -40.26
CA ARG L 2028 -36.08 -86.90 -39.86
C ARG L 2028 -37.46 -86.27 -39.75
N GLN L 2029 -38.51 -87.09 -39.69
CA GLN L 2029 -39.87 -86.59 -39.55
C GLN L 2029 -40.45 -86.77 -38.17
N ASP L 2030 -40.06 -87.82 -37.45
CA ASP L 2030 -40.59 -88.03 -36.11
C ASP L 2030 -40.08 -86.97 -35.13
N LEU L 2031 -38.84 -86.51 -35.29
CA LEU L 2031 -38.36 -85.42 -34.46
C LEU L 2031 -39.21 -84.17 -34.67
N GLN L 2032 -39.48 -83.81 -35.93
CA GLN L 2032 -40.34 -82.67 -36.21
C GLN L 2032 -41.77 -82.90 -35.74
N ASP L 2033 -42.12 -84.15 -35.41
CA ASP L 2033 -43.37 -84.43 -34.72
C ASP L 2033 -43.19 -84.57 -33.21
N PHE L 2034 -42.19 -85.31 -32.77
CA PHE L 2034 -41.93 -85.45 -31.33
C PHE L 2034 -41.55 -84.12 -30.70
N HIS L 2035 -40.59 -83.41 -31.30
CA HIS L 2035 -40.20 -82.10 -30.79
C HIS L 2035 -41.37 -81.13 -30.88
N GLN L 2036 -42.20 -81.25 -31.93
CA GLN L 2036 -43.47 -80.55 -31.95
C GLN L 2036 -44.39 -81.05 -30.84
N ASP L 2037 -44.46 -82.36 -30.65
CA ASP L 2037 -45.32 -82.91 -29.61
C ASP L 2037 -44.87 -82.45 -28.22
N LEU L 2038 -43.55 -82.49 -27.98
CA LEU L 2038 -43.04 -81.98 -26.71
C LEU L 2038 -43.33 -80.49 -26.56
N LEU L 2039 -43.08 -79.71 -27.60
CA LEU L 2039 -43.41 -78.28 -27.52
C LEU L 2039 -44.86 -78.03 -27.92
N ALA L 2040 -45.74 -78.87 -27.38
CA ALA L 2040 -47.16 -78.60 -27.27
C ALA L 2040 -47.70 -78.99 -25.91
N HIS L 2041 -47.01 -79.87 -25.19
CA HIS L 2041 -47.46 -80.36 -23.89
C HIS L 2041 -47.10 -79.39 -22.77
N CYS L 2042 -45.82 -78.98 -22.70
CA CYS L 2042 -45.35 -78.22 -21.56
C CYS L 2042 -46.02 -76.85 -21.43
N GLY L 2043 -45.67 -75.91 -22.30
CA GLY L 2043 -46.25 -74.59 -22.24
C GLY L 2043 -46.60 -73.93 -23.55
N ILE L 2044 -46.11 -74.49 -24.66
CA ILE L 2044 -46.08 -73.75 -25.92
C ILE L 2044 -47.50 -73.60 -26.47
N GLN L 2045 -47.86 -72.37 -26.83
CA GLN L 2045 -49.13 -72.13 -27.51
C GLN L 2045 -49.09 -72.62 -28.96
N LEU L 2046 -47.98 -72.35 -29.65
CA LEU L 2046 -47.78 -72.75 -31.04
C LEU L 2046 -48.90 -72.21 -31.94
N GLU L 2047 -48.99 -70.89 -32.00
CA GLU L 2047 -50.00 -70.22 -32.82
C GLU L 2047 -49.75 -70.44 -34.31
N LYS L 2089 -63.40 -69.43 -18.32
CA LYS L 2089 -63.72 -70.76 -18.82
C LYS L 2089 -63.14 -71.84 -17.90
N LYS L 2090 -63.46 -73.09 -18.21
CA LYS L 2090 -62.92 -74.20 -17.45
C LYS L 2090 -61.42 -74.33 -17.71
N PRO L 2091 -60.58 -74.38 -16.66
CA PRO L 2091 -59.13 -74.52 -16.90
C PRO L 2091 -58.76 -75.74 -17.74
N GLN L 2092 -59.43 -76.88 -17.49
CA GLN L 2092 -59.22 -78.10 -18.26
C GLN L 2092 -57.75 -78.54 -18.30
N SER L 2093 -56.95 -78.06 -17.35
CA SER L 2093 -55.53 -78.39 -17.31
C SER L 2093 -54.97 -77.94 -15.97
N LEU L 2094 -53.97 -78.69 -15.48
CA LEU L 2094 -53.31 -78.30 -14.24
C LEU L 2094 -52.59 -76.97 -14.38
N GLN L 2095 -51.96 -76.73 -15.54
CA GLN L 2095 -51.26 -75.48 -15.76
C GLN L 2095 -52.19 -74.29 -15.61
N GLU L 2096 -53.37 -74.36 -16.24
CA GLU L 2096 -54.33 -73.27 -16.11
C GLU L 2096 -54.90 -73.18 -14.70
N LEU L 2097 -55.11 -74.34 -14.04
CA LEU L 2097 -55.72 -74.34 -12.73
C LEU L 2097 -54.85 -73.64 -11.70
N VAL L 2098 -53.57 -74.00 -11.63
CA VAL L 2098 -52.67 -73.43 -10.64
C VAL L 2098 -52.47 -71.95 -10.90
N SER L 2099 -52.21 -71.58 -12.16
CA SER L 2099 -51.92 -70.19 -12.49
C SER L 2099 -53.11 -69.29 -12.19
N HIS L 2100 -54.32 -69.74 -12.56
CA HIS L 2100 -55.51 -68.93 -12.33
C HIS L 2100 -55.90 -68.87 -10.86
N MET L 2101 -55.37 -69.77 -10.03
CA MET L 2101 -55.80 -69.85 -8.64
C MET L 2101 -54.88 -69.07 -7.71
N VAL L 2102 -53.57 -69.18 -7.89
CA VAL L 2102 -52.62 -68.50 -7.00
C VAL L 2102 -52.81 -66.99 -7.08
N VAL L 2103 -53.13 -66.48 -8.27
CA VAL L 2103 -53.36 -65.05 -8.42
C VAL L 2103 -54.56 -64.61 -7.58
N ARG L 2104 -55.62 -65.44 -7.55
CA ARG L 2104 -56.80 -65.09 -6.77
C ARG L 2104 -56.48 -64.94 -5.30
N TRP L 2105 -55.59 -65.79 -4.78
CA TRP L 2105 -55.27 -65.74 -3.36
C TRP L 2105 -54.59 -64.44 -2.97
N ALA L 2106 -53.74 -63.90 -3.83
CA ALA L 2106 -53.07 -62.63 -3.53
C ALA L 2106 -53.99 -61.44 -3.75
N GLN L 2107 -54.90 -61.51 -4.73
CA GLN L 2107 -55.80 -60.39 -5.00
C GLN L 2107 -56.80 -60.17 -3.88
N GLU L 2108 -57.08 -61.19 -3.07
CA GLU L 2108 -58.13 -61.11 -2.05
C GLU L 2108 -57.58 -61.18 -0.64
N ASP L 2109 -56.27 -60.97 -0.46
CA ASP L 2109 -55.67 -60.99 0.86
C ASP L 2109 -54.30 -60.33 0.80
N TYR L 2110 -53.87 -59.79 1.93
CA TYR L 2110 -52.51 -59.28 2.12
C TYR L 2110 -51.80 -60.30 3.01
N VAL L 2111 -51.05 -61.20 2.38
CA VAL L 2111 -50.54 -62.38 3.07
C VAL L 2111 -49.38 -62.00 3.97
N GLN L 2112 -49.51 -62.30 5.26
CA GLN L 2112 -48.42 -62.19 6.22
C GLN L 2112 -47.69 -63.54 6.29
N SER L 2113 -46.83 -63.71 7.29
CA SER L 2113 -46.06 -64.94 7.47
C SER L 2113 -45.18 -65.20 6.26
N PRO L 2114 -44.07 -64.47 6.11
CA PRO L 2114 -43.22 -64.58 4.92
C PRO L 2114 -42.92 -66.00 4.47
N GLU L 2115 -42.91 -66.95 5.40
CA GLU L 2115 -42.69 -68.35 5.03
C GLU L 2115 -43.77 -68.85 4.08
N LEU L 2116 -44.98 -68.30 4.17
CA LEU L 2116 -46.03 -68.67 3.23
C LEU L 2116 -45.78 -68.09 1.85
N VAL L 2117 -45.56 -66.77 1.77
CA VAL L 2117 -45.48 -66.11 0.47
C VAL L 2117 -44.36 -66.66 -0.38
N ARG L 2118 -43.31 -67.18 0.24
CA ARG L 2118 -42.24 -67.82 -0.52
C ARG L 2118 -42.70 -69.12 -1.16
N ALA L 2119 -43.78 -69.72 -0.68
CA ALA L 2119 -44.20 -71.03 -1.18
C ALA L 2119 -44.85 -70.91 -2.56
N MET L 2120 -45.97 -70.19 -2.65
CA MET L 2120 -46.70 -70.17 -3.91
C MET L 2120 -45.92 -69.48 -5.02
N PHE L 2121 -45.05 -68.53 -4.68
CA PHE L 2121 -44.28 -67.86 -5.71
C PHE L 2121 -43.24 -68.78 -6.35
N SER L 2122 -42.88 -69.88 -5.69
CA SER L 2122 -42.07 -70.90 -6.34
C SER L 2122 -42.89 -71.83 -7.21
N LEU L 2123 -44.23 -71.77 -7.14
CA LEU L 2123 -45.06 -72.64 -7.98
C LEU L 2123 -45.25 -72.04 -9.37
N LEU L 2124 -45.91 -70.89 -9.46
CA LEU L 2124 -46.31 -70.38 -10.76
C LEU L 2124 -45.11 -70.09 -11.65
N HIS L 2125 -43.95 -69.81 -11.05
CA HIS L 2125 -42.73 -69.71 -11.84
C HIS L 2125 -42.43 -71.01 -12.57
N ARG L 2126 -42.61 -72.14 -11.89
CA ARG L 2126 -42.43 -73.43 -12.55
C ARG L 2126 -43.50 -73.68 -13.61
N GLN L 2127 -44.76 -73.34 -13.31
CA GLN L 2127 -45.83 -73.52 -14.28
C GLN L 2127 -45.78 -72.51 -15.43
N TYR L 2128 -44.96 -71.46 -15.33
CA TYR L 2128 -44.80 -70.54 -16.44
C TYR L 2128 -43.52 -70.74 -17.22
N ASP L 2129 -42.53 -71.42 -16.64
CA ASP L 2129 -41.29 -71.77 -17.32
C ASP L 2129 -41.15 -73.28 -17.25
N GLY L 2130 -41.75 -73.96 -18.21
CA GLY L 2130 -41.71 -75.42 -18.25
C GLY L 2130 -40.36 -75.94 -18.68
N LEU L 2131 -39.87 -75.43 -19.81
CA LEU L 2131 -38.58 -75.87 -20.34
C LEU L 2131 -37.43 -75.54 -19.38
N GLY L 2132 -37.56 -74.46 -18.60
CA GLY L 2132 -36.51 -74.13 -17.66
C GLY L 2132 -36.27 -75.21 -16.64
N GLU L 2133 -37.35 -75.78 -16.08
CA GLU L 2133 -37.21 -76.90 -15.16
C GLU L 2133 -36.64 -78.13 -15.87
N LEU L 2134 -37.13 -78.41 -17.09
CA LEU L 2134 -36.64 -79.56 -17.84
C LEU L 2134 -35.15 -79.42 -18.13
N LEU L 2135 -34.72 -78.24 -18.62
CA LEU L 2135 -33.32 -78.02 -18.93
C LEU L 2135 -32.44 -78.17 -17.69
N ARG L 2136 -33.00 -77.88 -16.52
CA ARG L 2136 -32.28 -78.01 -15.26
C ARG L 2136 -32.48 -79.37 -14.61
N ALA L 2137 -33.03 -80.34 -15.33
CA ALA L 2137 -33.27 -81.67 -14.80
C ALA L 2137 -32.50 -82.76 -15.55
N LEU L 2138 -32.30 -82.59 -16.85
CA LEU L 2138 -31.56 -83.58 -17.63
C LEU L 2138 -30.16 -83.89 -17.09
N PRO L 2139 -29.36 -82.92 -16.59
CA PRO L 2139 -28.03 -83.28 -16.07
C PRO L 2139 -28.08 -84.21 -14.85
N ARG L 2140 -29.28 -84.55 -14.39
CA ARG L 2140 -29.43 -85.52 -13.31
C ARG L 2140 -30.09 -86.82 -13.78
N ALA L 2141 -30.21 -87.02 -15.08
CA ALA L 2141 -30.86 -88.19 -15.64
C ALA L 2141 -29.82 -89.12 -16.26
N TYR L 2142 -30.07 -90.43 -16.15
CA TYR L 2142 -29.10 -91.41 -16.62
C TYR L 2142 -29.82 -92.70 -16.95
N THR L 2143 -29.37 -93.40 -17.99
CA THR L 2143 -29.95 -94.66 -18.43
C THR L 2143 -28.96 -95.79 -18.24
N ILE L 2144 -29.44 -96.92 -17.72
CA ILE L 2144 -28.64 -98.11 -17.51
C ILE L 2144 -29.38 -99.31 -18.10
N SER L 2145 -28.71 -100.45 -18.09
CA SER L 2145 -29.18 -101.68 -18.72
C SER L 2145 -29.54 -102.73 -17.67
N PRO L 2146 -30.40 -103.69 -18.02
CA PRO L 2146 -30.75 -104.76 -17.07
C PRO L 2146 -29.53 -105.60 -16.70
N SER L 2147 -29.76 -106.53 -15.77
CA SER L 2147 -28.77 -107.41 -15.18
C SER L 2147 -27.77 -106.65 -14.31
N SER L 2148 -27.88 -105.32 -14.25
CA SER L 2148 -27.06 -104.51 -13.37
C SER L 2148 -27.87 -103.72 -12.35
N VAL L 2149 -29.21 -103.71 -12.48
CA VAL L 2149 -30.04 -102.95 -11.56
C VAL L 2149 -29.90 -103.49 -10.14
N GLU L 2150 -29.79 -104.80 -10.00
CA GLU L 2150 -29.64 -105.40 -8.67
C GLU L 2150 -28.35 -104.91 -8.00
N ASP L 2151 -27.26 -104.81 -8.77
CA ASP L 2151 -26.02 -104.30 -8.21
C ASP L 2151 -26.15 -102.83 -7.80
N THR L 2152 -26.79 -102.02 -8.65
CA THR L 2152 -26.98 -100.62 -8.31
C THR L 2152 -27.96 -100.45 -7.14
N MET L 2153 -28.93 -101.36 -7.02
CA MET L 2153 -29.90 -101.27 -5.94
C MET L 2153 -29.23 -101.32 -4.57
N SER L 2154 -28.24 -102.19 -4.41
CA SER L 2154 -27.48 -102.24 -3.16
C SER L 2154 -26.71 -100.94 -2.96
N LEU L 2155 -26.10 -100.42 -4.02
CA LEU L 2155 -25.35 -99.16 -3.90
C LEU L 2155 -26.26 -98.01 -3.50
N LEU L 2156 -27.42 -97.90 -4.14
CA LEU L 2156 -28.33 -96.80 -3.85
C LEU L 2156 -28.82 -96.87 -2.41
N GLU L 2157 -29.22 -98.04 -1.95
CA GLU L 2157 -29.68 -98.19 -0.58
C GLU L 2157 -28.57 -97.91 0.41
N CYS L 2158 -27.36 -98.42 0.13
CA CYS L 2158 -26.24 -98.19 1.04
C CYS L 2158 -25.83 -96.73 1.08
N LEU L 2159 -25.94 -96.01 -0.05
CA LEU L 2159 -25.54 -94.62 -0.08
C LEU L 2159 -26.43 -93.76 0.81
N GLY L 2160 -27.68 -94.17 1.02
CA GLY L 2160 -28.60 -93.36 1.81
C GLY L 2160 -28.11 -93.12 3.22
N GLN L 2161 -27.49 -94.14 3.84
CA GLN L 2161 -27.06 -94.00 5.23
C GLN L 2161 -25.99 -92.92 5.39
N ILE L 2162 -25.17 -92.69 4.36
CA ILE L 2162 -24.20 -91.60 4.43
C ILE L 2162 -24.90 -90.26 4.52
N ARG L 2163 -25.97 -90.07 3.74
CA ARG L 2163 -26.70 -88.81 3.76
C ARG L 2163 -27.30 -88.53 5.13
N SER L 2164 -27.79 -89.57 5.81
CA SER L 2164 -28.32 -89.39 7.16
C SER L 2164 -27.22 -89.18 8.18
N LEU L 2165 -25.98 -89.49 7.84
CA LEU L 2165 -24.88 -89.29 8.78
C LEU L 2165 -24.50 -87.81 8.90
N LEU L 2166 -24.68 -87.03 7.84
CA LEU L 2166 -24.29 -85.63 7.87
C LEU L 2166 -25.09 -84.84 8.90
N ILE L 2167 -26.41 -85.05 8.97
CA ILE L 2167 -27.25 -84.26 9.86
C ILE L 2167 -26.93 -84.55 11.32
N VAL L 2168 -26.73 -85.83 11.65
CA VAL L 2168 -26.44 -86.20 13.04
C VAL L 2168 -25.00 -85.83 13.38
N GLN L 2169 -24.80 -85.37 14.61
CA GLN L 2169 -23.46 -85.11 15.10
C GLN L 2169 -22.68 -86.42 15.23
N MET L 2170 -21.37 -86.32 15.08
CA MET L 2170 -20.52 -87.51 15.04
C MET L 2170 -20.57 -88.29 16.35
N GLY L 2171 -20.87 -89.58 16.26
CA GLY L 2171 -20.91 -90.44 17.41
C GLY L 2171 -20.05 -91.67 17.22
N PRO L 2172 -19.47 -92.17 18.33
CA PRO L 2172 -18.60 -93.37 18.21
C PRO L 2172 -19.30 -94.56 17.59
N GLN L 2173 -20.57 -94.78 17.93
CA GLN L 2173 -21.33 -95.85 17.27
C GLN L 2173 -21.60 -95.50 15.81
N GLU L 2174 -21.95 -94.25 15.54
CA GLU L 2174 -22.17 -93.83 14.16
C GLU L 2174 -20.87 -93.84 13.37
N GLU L 2175 -19.73 -93.58 14.03
CA GLU L 2175 -18.45 -93.62 13.34
C GLU L 2175 -18.16 -95.02 12.81
N ASN L 2176 -18.48 -96.04 13.60
CA ASN L 2176 -18.35 -97.41 13.13
C ASN L 2176 -19.20 -97.64 11.88
N LEU L 2177 -20.44 -97.15 11.90
CA LEU L 2177 -21.39 -97.45 10.83
C LEU L 2177 -20.84 -97.04 9.47
N MET L 2178 -20.22 -95.88 9.38
CA MET L 2178 -19.77 -95.38 8.08
C MET L 2178 -18.64 -96.24 7.50
N ILE L 2179 -17.74 -96.72 8.36
CA ILE L 2179 -16.56 -97.43 7.87
C ILE L 2179 -16.96 -98.68 7.09
N GLN L 2180 -17.89 -99.45 7.64
CA GLN L 2180 -18.43 -100.55 6.84
C GLN L 2180 -19.25 -100.01 5.67
N SER L 2181 -19.95 -98.89 5.87
CA SER L 2181 -20.75 -98.32 4.79
C SER L 2181 -19.88 -97.96 3.60
N ILE L 2182 -18.81 -97.19 3.82
CA ILE L 2182 -17.90 -96.85 2.73
C ILE L 2182 -17.17 -98.09 2.23
N GLY L 2183 -16.85 -99.02 3.12
CA GLY L 2183 -16.19 -100.25 2.70
C GLY L 2183 -17.04 -101.08 1.77
N ASN L 2184 -18.35 -101.11 1.99
CA ASN L 2184 -19.25 -101.81 1.07
C ASN L 2184 -19.48 -101.03 -0.21
N ILE L 2185 -19.25 -99.71 -0.22
CA ILE L 2185 -19.38 -98.95 -1.45
C ILE L 2185 -18.34 -99.39 -2.47
N MET L 2186 -17.11 -99.58 -2.03
CA MET L 2186 -16.03 -99.91 -2.97
C MET L 2186 -15.94 -101.42 -3.22
N ASN L 2187 -17.10 -102.05 -3.43
CA ASN L 2187 -17.11 -103.42 -3.90
C ASN L 2187 -18.30 -103.73 -4.80
N ASN L 2188 -19.06 -102.73 -5.25
CA ASN L 2188 -20.38 -102.99 -5.82
C ASN L 2188 -20.38 -103.21 -7.32
N LYS L 2189 -19.21 -103.22 -7.97
CA LYS L 2189 -19.04 -103.47 -9.39
C LYS L 2189 -19.64 -102.34 -10.24
N VAL L 2190 -20.31 -101.37 -9.62
CA VAL L 2190 -20.90 -100.27 -10.35
C VAL L 2190 -20.12 -98.97 -10.16
N PHE L 2191 -19.43 -98.80 -9.03
CA PHE L 2191 -18.51 -97.67 -8.90
C PHE L 2191 -17.17 -97.98 -9.55
N TYR L 2192 -17.22 -98.59 -10.73
CA TYR L 2192 -16.09 -98.70 -11.64
C TYR L 2192 -16.46 -98.55 -13.11
N GLN L 2193 -17.71 -98.80 -13.48
CA GLN L 2193 -18.14 -98.81 -14.87
C GLN L 2193 -18.82 -97.53 -15.30
N HIS L 2194 -19.52 -96.85 -14.40
CA HIS L 2194 -20.30 -95.65 -14.72
C HIS L 2194 -19.92 -94.53 -13.79
N PRO L 2195 -18.74 -93.94 -13.96
CA PRO L 2195 -18.37 -92.78 -13.13
C PRO L 2195 -19.32 -91.60 -13.29
N ASN L 2196 -19.97 -91.47 -14.44
CA ASN L 2196 -20.88 -90.35 -14.66
C ASN L 2196 -22.03 -90.36 -13.66
N LEU L 2197 -22.46 -91.54 -13.21
CA LEU L 2197 -23.45 -91.61 -12.13
C LEU L 2197 -22.95 -90.89 -10.89
N MET L 2198 -21.73 -91.21 -10.47
CA MET L 2198 -21.31 -90.83 -9.12
C MET L 2198 -21.06 -89.33 -9.01
N ARG L 2199 -20.81 -88.65 -10.13
CA ARG L 2199 -20.82 -87.19 -10.12
C ARG L 2199 -22.24 -86.63 -10.21
N ALA L 2200 -23.19 -87.39 -10.72
CA ALA L 2200 -24.57 -86.93 -10.73
C ALA L 2200 -25.23 -87.13 -9.38
N LEU L 2201 -24.96 -88.26 -8.73
CA LEU L 2201 -25.36 -88.41 -7.34
C LEU L 2201 -24.48 -87.56 -6.43
N GLY L 2202 -23.22 -87.37 -6.81
CA GLY L 2202 -22.34 -86.48 -6.09
C GLY L 2202 -22.06 -86.86 -4.66
N MET L 2203 -21.77 -88.14 -4.40
CA MET L 2203 -21.46 -88.53 -3.02
C MET L 2203 -20.14 -87.93 -2.57
N HIS L 2204 -19.23 -87.62 -3.50
CA HIS L 2204 -17.99 -86.97 -3.13
C HIS L 2204 -18.25 -85.62 -2.48
N GLU L 2205 -19.30 -84.93 -2.93
CA GLU L 2205 -19.72 -83.71 -2.26
C GLU L 2205 -20.11 -83.99 -0.81
N THR L 2206 -21.02 -84.96 -0.61
CA THR L 2206 -21.56 -85.21 0.73
C THR L 2206 -20.50 -85.70 1.69
N VAL L 2207 -19.64 -86.63 1.24
CA VAL L 2207 -18.61 -87.16 2.12
C VAL L 2207 -17.63 -86.07 2.53
N MET L 2208 -17.52 -85.01 1.73
CA MET L 2208 -16.57 -83.95 2.04
C MET L 2208 -16.92 -83.24 3.33
N GLU L 2209 -18.21 -82.95 3.56
CA GLU L 2209 -18.59 -82.30 4.81
C GLU L 2209 -18.36 -83.20 6.01
N VAL L 2210 -18.43 -84.52 5.81
CA VAL L 2210 -18.18 -85.45 6.91
C VAL L 2210 -16.80 -85.21 7.49
N MET L 2211 -15.81 -85.00 6.63
CA MET L 2211 -14.44 -84.75 7.10
C MET L 2211 -14.33 -83.39 7.79
N VAL L 2212 -14.99 -82.36 7.25
CA VAL L 2212 -14.78 -81.02 7.79
C VAL L 2212 -15.38 -80.87 9.18
N ASN L 2213 -16.47 -81.58 9.48
CA ASN L 2213 -17.08 -81.47 10.81
C ASN L 2213 -16.18 -82.04 11.90
N VAL L 2214 -15.63 -83.23 11.67
CA VAL L 2214 -14.82 -83.86 12.70
C VAL L 2214 -13.51 -83.11 12.91
N LEU L 2215 -12.94 -82.57 11.83
CA LEU L 2215 -11.66 -81.88 11.92
C LEU L 2215 -11.80 -80.44 12.39
N GLY L 2216 -13.00 -79.88 12.39
CA GLY L 2216 -13.21 -78.52 12.85
C GLY L 2216 -12.91 -78.34 14.31
N GLY L 2217 -11.82 -77.64 14.62
CA GLY L 2217 -11.40 -77.46 16.01
C GLY L 2217 -10.46 -76.30 16.14
N GLY L 2218 -10.29 -75.84 17.38
CA GLY L 2218 -9.45 -74.69 17.64
C GLY L 2218 -7.99 -74.93 17.36
N GLU L 2219 -7.47 -76.08 17.79
CA GLU L 2219 -6.04 -76.37 17.67
C GLU L 2219 -5.87 -77.87 17.46
N THR L 2220 -4.62 -78.33 17.60
CA THR L 2220 -4.32 -79.74 17.40
C THR L 2220 -4.95 -80.63 18.47
N LYS L 2221 -5.32 -80.07 19.62
CA LYS L 2221 -5.98 -80.85 20.65
C LYS L 2221 -7.34 -81.38 20.21
N GLU L 2222 -7.95 -80.74 19.22
CA GLU L 2222 -9.25 -81.18 18.70
C GLU L 2222 -9.03 -82.17 17.55
N ILE L 2223 -8.51 -83.35 17.93
CA ILE L 2223 -8.31 -84.44 16.99
C ILE L 2223 -9.24 -85.58 17.38
N ARG L 2224 -10.40 -85.23 17.93
CA ARG L 2224 -11.37 -86.23 18.35
C ARG L 2224 -11.84 -87.05 17.14
N PHE L 2225 -12.14 -88.32 17.40
CA PHE L 2225 -12.53 -89.30 16.40
C PHE L 2225 -11.46 -89.45 15.31
N PRO L 2226 -10.26 -89.93 15.64
CA PRO L 2226 -9.32 -90.33 14.58
C PRO L 2226 -9.69 -91.68 14.00
N LYS L 2227 -8.85 -92.23 13.12
CA LYS L 2227 -9.05 -93.51 12.45
C LYS L 2227 -10.23 -93.51 11.49
N MET L 2228 -10.94 -92.39 11.34
CA MET L 2228 -12.00 -92.26 10.36
C MET L 2228 -11.62 -91.33 9.22
N VAL L 2229 -10.82 -90.29 9.49
CA VAL L 2229 -10.28 -89.47 8.41
C VAL L 2229 -9.39 -90.30 7.50
N THR L 2230 -8.54 -91.14 8.09
CA THR L 2230 -7.72 -92.05 7.30
C THR L 2230 -8.57 -93.06 6.56
N SER L 2231 -9.61 -93.59 7.21
CA SER L 2231 -10.45 -94.60 6.59
C SER L 2231 -11.30 -94.03 5.46
N CYS L 2232 -11.49 -92.71 5.40
CA CYS L 2232 -12.29 -92.10 4.35
C CYS L 2232 -11.45 -91.40 3.29
N CYS L 2233 -10.35 -90.74 3.70
CA CYS L 2233 -9.49 -90.08 2.73
C CYS L 2233 -8.88 -91.06 1.73
N ARG L 2234 -8.72 -92.33 2.12
CA ARG L 2234 -8.26 -93.34 1.16
C ARG L 2234 -9.25 -93.52 0.03
N PHE L 2235 -10.54 -93.47 0.35
CA PHE L 2235 -11.57 -93.61 -0.68
C PHE L 2235 -11.53 -92.46 -1.68
N LEU L 2236 -11.26 -91.24 -1.21
CA LEU L 2236 -11.23 -90.09 -2.10
C LEU L 2236 -10.13 -90.20 -3.14
N CYS L 2237 -8.95 -90.68 -2.72
CA CYS L 2237 -7.82 -90.77 -3.65
C CYS L 2237 -8.13 -91.70 -4.82
N TYR L 2238 -8.70 -92.88 -4.53
CA TYR L 2238 -9.03 -93.81 -5.59
C TYR L 2238 -10.13 -93.26 -6.51
N PHE L 2239 -11.04 -92.45 -5.96
CA PHE L 2239 -12.05 -91.81 -6.80
C PHE L 2239 -11.38 -90.89 -7.81
N CYS L 2240 -10.32 -90.19 -7.40
CA CYS L 2240 -9.63 -89.24 -8.25
C CYS L 2240 -8.82 -89.92 -9.36
N ARG L 2241 -8.65 -91.23 -9.32
CA ARG L 2241 -7.84 -91.96 -10.29
C ARG L 2241 -8.71 -92.91 -11.11
N ILE L 2242 -9.87 -92.45 -11.54
CA ILE L 2242 -10.75 -93.25 -12.39
C ILE L 2242 -11.01 -92.60 -13.74
N SER L 2243 -11.05 -91.27 -13.83
CA SER L 2243 -11.26 -90.60 -15.11
C SER L 2243 -10.78 -89.16 -14.99
N ARG L 2244 -10.53 -88.55 -16.16
CA ARG L 2244 -10.06 -87.17 -16.17
C ARG L 2244 -11.11 -86.22 -15.60
N GLN L 2245 -12.37 -86.38 -16.00
CA GLN L 2245 -13.43 -85.50 -15.50
C GLN L 2245 -13.61 -85.67 -14.01
N ASN L 2246 -13.39 -86.87 -13.48
CA ASN L 2246 -13.39 -87.07 -12.05
C ASN L 2246 -12.28 -86.24 -11.39
N GLN L 2247 -11.13 -86.11 -12.04
CA GLN L 2247 -10.05 -85.32 -11.48
C GLN L 2247 -10.41 -83.84 -11.43
N ARG L 2248 -11.03 -83.33 -12.50
CA ARG L 2248 -11.44 -81.93 -12.54
C ARG L 2248 -12.49 -81.61 -11.47
N SER L 2249 -13.50 -82.48 -11.33
CA SER L 2249 -14.64 -82.15 -10.49
C SER L 2249 -14.24 -81.94 -9.05
N MET L 2250 -13.26 -82.69 -8.55
CA MET L 2250 -12.80 -82.53 -7.17
C MET L 2250 -11.64 -81.55 -7.06
N PHE L 2251 -10.97 -81.26 -8.17
CA PHE L 2251 -9.84 -80.32 -8.15
C PHE L 2251 -10.29 -78.93 -7.72
N ASP L 2252 -11.49 -78.52 -8.13
CA ASP L 2252 -11.94 -77.15 -7.87
C ASP L 2252 -11.99 -76.81 -6.39
N HIS L 2253 -12.05 -77.82 -5.52
CA HIS L 2253 -12.05 -77.62 -4.08
C HIS L 2253 -10.65 -77.61 -3.48
N LEU L 2254 -9.62 -77.39 -4.31
CA LEU L 2254 -8.24 -77.41 -3.81
C LEU L 2254 -8.01 -76.31 -2.78
N SER L 2255 -8.48 -75.10 -3.05
CA SER L 2255 -8.31 -74.02 -2.09
C SER L 2255 -9.06 -74.33 -0.79
N TYR L 2256 -10.26 -74.89 -0.92
CA TYR L 2256 -11.02 -75.29 0.27
C TYR L 2256 -10.28 -76.36 1.06
N LEU L 2257 -9.68 -77.32 0.36
CA LEU L 2257 -9.06 -78.46 1.03
C LEU L 2257 -7.82 -78.04 1.81
N LEU L 2258 -6.94 -77.24 1.18
CA LEU L 2258 -5.72 -76.83 1.86
C LEU L 2258 -5.97 -75.91 3.05
N GLU L 2259 -7.14 -75.28 3.12
CA GLU L 2259 -7.41 -74.36 4.23
C GLU L 2259 -7.40 -75.10 5.57
N ASN L 2260 -7.89 -76.33 5.57
CA ASN L 2260 -7.96 -77.16 6.77
C ASN L 2260 -7.22 -78.47 6.58
N SER L 2261 -5.97 -78.39 6.13
CA SER L 2261 -5.15 -79.58 5.90
C SER L 2261 -3.84 -79.58 6.65
N GLY L 2262 -3.17 -78.42 6.76
CA GLY L 2262 -1.87 -78.38 7.38
C GLY L 2262 -1.88 -78.11 8.87
N ILE L 2263 -2.83 -78.71 9.58
CA ILE L 2263 -2.92 -78.53 11.02
C ILE L 2263 -2.85 -79.87 11.72
N GLY L 2264 -3.77 -80.77 11.38
CA GLY L 2264 -3.82 -82.09 11.99
C GLY L 2264 -2.83 -83.07 11.39
N LEU L 2265 -1.56 -82.92 11.74
CA LEU L 2265 -0.50 -83.78 11.22
C LEU L 2265 0.03 -84.67 12.34
N GLY L 2266 0.33 -85.92 12.00
CA GLY L 2266 0.91 -86.84 12.96
C GLY L 2266 0.47 -88.28 12.83
N MET L 2267 -0.57 -88.54 12.06
CA MET L 2267 -1.07 -89.89 11.87
C MET L 2267 -0.49 -90.49 10.60
N GLN L 2268 -0.95 -91.69 10.24
CA GLN L 2268 -0.41 -92.41 9.10
C GLN L 2268 -1.52 -92.82 8.14
N GLY L 2269 -1.18 -93.66 7.17
CA GLY L 2269 -2.16 -94.11 6.19
C GLY L 2269 -2.49 -93.04 5.18
N SER L 2270 -3.12 -91.97 5.65
CA SER L 2270 -3.53 -90.88 4.76
C SER L 2270 -3.72 -89.62 5.60
N THR L 2271 -3.96 -88.51 4.90
CA THR L 2271 -4.17 -87.19 5.47
C THR L 2271 -4.78 -86.37 4.35
N PRO L 2272 -5.54 -85.30 4.63
CA PRO L 2272 -6.13 -84.54 3.51
C PRO L 2272 -5.10 -83.95 2.57
N LEU L 2273 -3.86 -83.76 3.03
CA LEU L 2273 -2.81 -83.26 2.15
C LEU L 2273 -2.54 -84.23 1.01
N ASP L 2274 -2.62 -85.54 1.29
CA ASP L 2274 -2.34 -86.54 0.26
C ASP L 2274 -3.33 -86.45 -0.90
N VAL L 2275 -4.63 -86.38 -0.58
CA VAL L 2275 -5.62 -86.28 -1.65
C VAL L 2275 -5.50 -84.94 -2.35
N ALA L 2276 -5.02 -83.91 -1.65
CA ALA L 2276 -4.72 -82.65 -2.31
C ALA L 2276 -3.63 -82.82 -3.36
N ALA L 2277 -2.58 -83.57 -3.02
CA ALA L 2277 -1.52 -83.84 -3.99
C ALA L 2277 -2.04 -84.70 -5.14
N ALA L 2278 -2.85 -85.72 -4.83
CA ALA L 2278 -3.37 -86.61 -5.84
C ALA L 2278 -4.37 -85.95 -6.77
N SER L 2279 -4.84 -84.74 -6.45
CA SER L 2279 -5.79 -84.05 -7.30
C SER L 2279 -5.19 -83.64 -8.65
N VAL L 2280 -3.86 -83.52 -8.74
CA VAL L 2280 -3.19 -83.28 -10.01
C VAL L 2280 -1.87 -84.04 -10.05
N ILE L 2281 -1.85 -85.15 -10.80
CA ILE L 2281 -0.63 -85.96 -10.86
C ILE L 2281 -0.22 -86.24 -12.30
N ASP L 2282 -1.19 -86.31 -13.21
CA ASP L 2282 -0.87 -86.62 -14.60
C ASP L 2282 -1.73 -85.84 -15.59
N ASN L 2283 -2.39 -84.77 -15.16
CA ASN L 2283 -3.35 -84.08 -16.02
C ASN L 2283 -2.65 -83.42 -17.20
N ASN L 2284 -1.58 -82.67 -16.93
CA ASN L 2284 -0.76 -81.89 -17.86
C ASN L 2284 -1.48 -80.62 -18.31
N GLU L 2285 -2.75 -80.45 -17.97
CA GLU L 2285 -3.46 -79.20 -18.17
C GLU L 2285 -4.04 -78.63 -16.88
N LEU L 2286 -4.35 -79.48 -15.90
CA LEU L 2286 -4.71 -78.97 -14.58
C LEU L 2286 -3.54 -78.23 -13.94
N ALA L 2287 -2.33 -78.76 -14.12
CA ALA L 2287 -1.13 -78.10 -13.59
C ALA L 2287 -0.97 -76.70 -14.18
N LEU L 2288 -1.36 -76.51 -15.44
CA LEU L 2288 -1.33 -75.18 -16.04
C LEU L 2288 -2.44 -74.29 -15.51
N ALA L 2289 -3.45 -74.85 -14.86
CA ALA L 2289 -4.59 -74.09 -14.38
C ALA L 2289 -4.50 -73.78 -12.89
N LEU L 2290 -3.28 -73.64 -12.36
CA LEU L 2290 -3.11 -73.21 -10.98
C LEU L 2290 -3.41 -71.72 -10.87
N GLN L 2291 -3.41 -71.22 -9.64
CA GLN L 2291 -3.74 -69.81 -9.42
C GLN L 2291 -2.76 -69.15 -8.46
N GLU L 2292 -1.51 -69.63 -8.43
CA GLU L 2292 -0.45 -68.97 -7.67
C GLU L 2292 -0.74 -68.95 -6.18
N GLN L 2293 -1.84 -68.29 -5.79
CA GLN L 2293 -2.17 -68.14 -4.37
C GLN L 2293 -2.25 -69.50 -3.67
N ASP L 2294 -2.69 -70.53 -4.39
CA ASP L 2294 -2.64 -71.88 -3.82
C ASP L 2294 -1.21 -72.30 -3.53
N LEU L 2295 -0.30 -72.06 -4.47
CA LEU L 2295 1.11 -72.37 -4.25
C LEU L 2295 1.72 -71.44 -3.21
N GLU L 2296 1.30 -70.18 -3.18
CA GLU L 2296 1.84 -69.24 -2.22
C GLU L 2296 1.47 -69.65 -0.80
N LYS L 2297 0.22 -70.05 -0.58
CA LYS L 2297 -0.25 -70.31 0.77
C LYS L 2297 0.38 -71.58 1.34
N VAL L 2298 0.56 -72.60 0.51
CA VAL L 2298 1.21 -73.83 0.99
C VAL L 2298 2.66 -73.55 1.36
N VAL L 2299 3.32 -72.63 0.64
CA VAL L 2299 4.68 -72.24 1.02
C VAL L 2299 4.70 -71.61 2.40
N SER L 2300 3.71 -70.75 2.69
CA SER L 2300 3.63 -70.13 4.00
C SER L 2300 3.50 -71.18 5.11
N TYR L 2301 2.87 -72.32 4.81
CA TYR L 2301 2.87 -73.43 5.74
C TYR L 2301 4.30 -73.90 6.01
N LEU L 2302 5.10 -74.03 4.95
CA LEU L 2302 6.47 -74.50 5.10
C LEU L 2302 7.31 -73.51 5.88
N ALA L 2303 6.95 -72.22 5.83
CA ALA L 2303 7.60 -71.25 6.70
C ALA L 2303 7.36 -71.58 8.17
N GLY L 2304 6.18 -72.13 8.48
CA GLY L 2304 5.90 -72.53 9.85
C GLY L 2304 6.81 -73.65 10.34
N CYS L 2305 7.00 -74.69 9.53
CA CYS L 2305 7.81 -75.83 9.97
C CYS L 2305 9.30 -75.53 9.93
N GLY L 2306 9.70 -74.29 9.66
CA GLY L 2306 11.10 -73.91 9.72
C GLY L 2306 11.45 -73.22 11.01
N LEU L 2307 10.45 -72.93 11.85
CA LEU L 2307 10.71 -72.30 13.15
C LEU L 2307 9.93 -72.91 14.30
N GLN L 2308 9.03 -73.86 14.07
CA GLN L 2308 8.23 -74.44 15.14
C GLN L 2308 9.05 -75.50 15.86
N SER L 2309 8.41 -76.24 16.76
CA SER L 2309 9.10 -77.30 17.49
C SER L 2309 8.27 -78.57 17.58
N CYS L 2310 7.12 -78.64 16.92
CA CYS L 2310 6.25 -79.81 16.94
C CYS L 2310 5.85 -80.17 18.37
N PRO L 2311 4.98 -79.40 19.01
CA PRO L 2311 4.63 -79.68 20.41
C PRO L 2311 4.01 -81.07 20.62
N MET L 2312 3.24 -81.58 19.66
CA MET L 2312 2.76 -82.95 19.75
C MET L 2312 3.92 -83.94 19.74
N LEU L 2313 4.89 -83.71 18.87
CA LEU L 2313 6.12 -84.51 18.90
C LEU L 2313 6.87 -84.30 20.21
N LEU L 2314 6.89 -83.06 20.69
CA LEU L 2314 7.51 -82.78 21.99
C LEU L 2314 6.77 -83.46 23.14
N ALA L 2315 5.46 -83.66 23.01
CA ALA L 2315 4.67 -84.22 24.12
C ALA L 2315 5.17 -85.60 24.52
N LYS L 2316 5.84 -86.30 23.61
CA LYS L 2316 6.45 -87.59 23.93
C LYS L 2316 7.76 -87.44 24.69
N GLY L 2317 8.13 -86.21 25.06
CA GLY L 2317 9.38 -85.97 25.77
C GLY L 2317 10.59 -86.09 24.87
N TYR L 2318 10.65 -85.27 23.82
CA TYR L 2318 11.70 -85.29 22.83
C TYR L 2318 12.43 -83.95 22.80
N PRO L 2319 13.69 -83.92 22.34
CA PRO L 2319 14.46 -82.66 22.37
C PRO L 2319 13.75 -81.53 21.65
N ASP L 2320 13.44 -81.71 20.37
CA ASP L 2320 12.76 -80.68 19.58
C ASP L 2320 13.58 -79.39 19.59
N ILE L 2321 14.77 -79.49 18.98
CA ILE L 2321 15.78 -78.45 19.13
C ILE L 2321 15.35 -77.16 18.43
N GLY L 2322 15.25 -77.18 17.11
CA GLY L 2322 14.95 -75.95 16.38
C GLY L 2322 13.77 -76.01 15.43
N TRP L 2323 13.45 -77.19 14.93
CA TRP L 2323 12.44 -77.31 13.88
C TRP L 2323 12.10 -78.79 13.70
N ASN L 2324 11.04 -79.04 12.94
CA ASN L 2324 10.57 -80.40 12.71
C ASN L 2324 10.73 -80.81 11.25
N PRO L 2325 11.55 -81.83 10.96
CA PRO L 2325 11.63 -82.33 9.58
C PRO L 2325 10.44 -83.18 9.16
N CYS L 2326 9.69 -83.73 10.11
CA CYS L 2326 8.54 -84.56 9.77
C CYS L 2326 7.50 -83.77 9.01
N GLY L 2327 7.13 -82.59 9.53
CA GLY L 2327 6.15 -81.77 8.84
C GLY L 2327 6.63 -81.26 7.50
N GLY L 2328 7.90 -80.85 7.43
CA GLY L 2328 8.44 -80.31 6.19
C GLY L 2328 8.44 -81.30 5.05
N GLU L 2329 8.74 -82.58 5.35
CA GLU L 2329 8.79 -83.58 4.30
C GLU L 2329 7.43 -83.84 3.66
N ARG L 2330 6.34 -83.42 4.30
CA ARG L 2330 5.01 -83.63 3.74
C ARG L 2330 4.59 -82.49 2.81
N TYR L 2331 4.82 -81.24 3.22
CA TYR L 2331 4.50 -80.12 2.33
C TYR L 2331 5.29 -80.20 1.03
N LEU L 2332 6.58 -80.51 1.14
CA LEU L 2332 7.45 -80.50 -0.04
C LEU L 2332 7.08 -81.61 -1.01
N ASP L 2333 6.60 -82.76 -0.49
CA ASP L 2333 6.16 -83.84 -1.35
C ASP L 2333 5.04 -83.38 -2.28
N PHE L 2334 4.19 -82.47 -1.81
CA PHE L 2334 3.13 -81.92 -2.66
C PHE L 2334 3.72 -81.09 -3.79
N LEU L 2335 4.69 -80.23 -3.49
CA LEU L 2335 5.25 -79.34 -4.50
C LEU L 2335 5.90 -80.11 -5.63
N ARG L 2336 6.39 -81.33 -5.35
CA ARG L 2336 7.01 -82.13 -6.40
C ARG L 2336 6.03 -82.45 -7.52
N PHE L 2337 4.74 -82.55 -7.21
CA PHE L 2337 3.74 -82.92 -8.19
C PHE L 2337 3.18 -81.71 -8.95
N ALA L 2338 3.63 -80.50 -8.64
CA ALA L 2338 3.18 -79.30 -9.31
C ALA L 2338 4.27 -78.61 -10.11
N VAL L 2339 5.48 -79.18 -10.15
CA VAL L 2339 6.58 -78.61 -10.92
C VAL L 2339 6.70 -79.36 -12.23
N PHE L 2340 6.45 -80.67 -12.20
CA PHE L 2340 6.45 -81.48 -13.40
C PHE L 2340 5.20 -82.34 -13.39
N VAL L 2341 4.74 -82.73 -14.58
CA VAL L 2341 3.58 -83.58 -14.73
C VAL L 2341 3.91 -84.88 -15.48
N ASN L 2342 4.68 -84.79 -16.56
CA ASN L 2342 5.03 -86.00 -17.32
C ASN L 2342 6.38 -85.75 -17.99
N GLY L 2343 7.43 -86.27 -17.37
CA GLY L 2343 8.77 -86.19 -17.93
C GLY L 2343 9.33 -84.79 -18.08
N GLU L 2344 9.49 -84.09 -16.96
CA GLU L 2344 10.27 -82.84 -16.89
C GLU L 2344 9.71 -81.78 -17.85
N SER L 2345 8.48 -81.35 -17.55
CA SER L 2345 7.84 -80.31 -18.35
C SER L 2345 7.19 -79.26 -17.45
N VAL L 2346 6.34 -78.43 -18.05
CA VAL L 2346 5.62 -77.33 -17.41
C VAL L 2346 6.54 -76.52 -16.49
N GLU L 2347 7.01 -75.37 -17.00
CA GLU L 2347 7.95 -74.54 -16.26
C GLU L 2347 7.38 -73.23 -15.76
N GLU L 2348 6.21 -72.80 -16.25
CA GLU L 2348 5.66 -71.52 -15.83
C GLU L 2348 5.41 -71.49 -14.33
N ASN L 2349 4.74 -72.51 -13.79
CA ASN L 2349 4.57 -72.60 -12.35
C ASN L 2349 5.89 -72.94 -11.67
N ALA L 2350 6.75 -73.69 -12.33
CA ALA L 2350 8.07 -73.99 -11.78
C ALA L 2350 8.90 -72.72 -11.63
N ASN L 2351 8.83 -71.83 -12.62
CA ASN L 2351 9.60 -70.59 -12.58
C ASN L 2351 9.21 -69.74 -11.36
N VAL L 2352 7.91 -69.62 -11.09
CA VAL L 2352 7.47 -68.79 -9.99
C VAL L 2352 7.73 -69.45 -8.64
N VAL L 2353 7.92 -70.78 -8.61
CA VAL L 2353 8.19 -71.46 -7.34
C VAL L 2353 9.53 -71.03 -6.78
N VAL L 2354 10.58 -71.04 -7.62
CA VAL L 2354 11.91 -70.70 -7.15
C VAL L 2354 12.01 -69.21 -6.82
N ARG L 2355 11.36 -68.36 -7.62
CA ARG L 2355 11.36 -66.94 -7.35
C ARG L 2355 10.57 -66.59 -6.10
N LEU L 2356 9.61 -67.42 -5.71
CA LEU L 2356 8.84 -67.22 -4.49
C LEU L 2356 9.51 -67.85 -3.28
N LEU L 2357 10.10 -69.04 -3.46
CA LEU L 2357 10.75 -69.74 -2.37
C LEU L 2357 11.97 -68.99 -1.87
N ILE L 2358 12.67 -68.29 -2.75
CA ILE L 2358 13.87 -67.55 -2.34
C ILE L 2358 13.50 -66.38 -1.44
N ARG L 2359 12.30 -65.82 -1.61
CA ARG L 2359 11.91 -64.63 -0.86
C ARG L 2359 11.93 -64.89 0.64
N LYS L 2360 11.56 -66.11 1.05
CA LYS L 2360 11.59 -66.49 2.45
C LYS L 2360 12.78 -67.39 2.71
N PRO L 2361 13.93 -66.85 3.09
CA PRO L 2361 15.10 -67.70 3.32
C PRO L 2361 14.93 -68.68 4.47
N GLU L 2362 14.04 -68.38 5.43
CA GLU L 2362 13.80 -69.29 6.54
C GLU L 2362 13.22 -70.61 6.08
N CYS L 2363 12.71 -70.69 4.85
CA CYS L 2363 12.21 -71.95 4.32
C CYS L 2363 13.29 -73.02 4.31
N PHE L 2364 14.53 -72.63 4.03
CA PHE L 2364 15.65 -73.58 4.11
C PHE L 2364 15.90 -73.97 5.56
N GLY L 2365 16.27 -75.24 5.76
CA GLY L 2365 16.67 -75.70 7.06
C GLY L 2365 17.85 -74.92 7.58
N PRO L 2366 17.79 -74.49 8.85
CA PRO L 2366 18.82 -73.59 9.38
C PRO L 2366 20.20 -74.20 9.47
N ALA L 2367 20.36 -75.49 9.18
CA ALA L 2367 21.70 -76.08 9.16
C ALA L 2367 22.57 -75.41 8.10
N LEU L 2368 21.97 -75.05 6.97
CA LEU L 2368 22.65 -74.32 5.91
C LEU L 2368 21.78 -73.13 5.48
N ARG L 2369 22.29 -72.38 4.51
CA ARG L 2369 21.59 -71.20 3.99
C ARG L 2369 21.21 -70.24 5.12
N GLY L 2370 22.19 -69.95 5.97
CA GLY L 2370 21.98 -69.08 7.10
C GLY L 2370 23.18 -68.20 7.40
N GLU L 2371 23.24 -67.67 8.62
CA GLU L 2371 24.34 -66.80 9.01
C GLU L 2371 25.39 -67.49 9.85
N GLY L 2372 25.02 -68.48 10.65
CA GLY L 2372 25.97 -69.19 11.49
C GLY L 2372 26.93 -70.05 10.69
N GLY L 2373 26.40 -71.10 10.06
CA GLY L 2373 27.22 -72.00 9.28
C GLY L 2373 26.35 -72.77 8.32
N SER L 2374 27.01 -73.56 7.47
CA SER L 2374 26.31 -74.35 6.47
C SER L 2374 26.53 -75.84 6.60
N GLY L 2375 27.77 -76.29 6.78
CA GLY L 2375 28.05 -77.70 6.99
C GLY L 2375 27.57 -78.60 5.87
N LEU L 2376 27.89 -78.25 4.62
CA LEU L 2376 27.40 -78.98 3.46
C LEU L 2376 27.60 -80.48 3.62
N LEU L 2377 28.85 -80.90 3.81
CA LEU L 2377 29.13 -82.30 4.08
C LEU L 2377 29.17 -82.60 5.58
N ALA L 2378 28.87 -81.61 6.42
CA ALA L 2378 28.87 -81.79 7.87
C ALA L 2378 27.48 -81.95 8.46
N ALA L 2379 26.49 -81.24 7.91
CA ALA L 2379 25.13 -81.34 8.44
C ALA L 2379 24.61 -82.76 8.35
N ILE L 2380 24.80 -83.41 7.19
CA ILE L 2380 24.47 -84.82 7.07
C ILE L 2380 25.41 -85.65 7.95
N GLU L 2381 26.69 -85.31 7.97
CA GLU L 2381 27.63 -86.01 8.84
C GLU L 2381 27.25 -85.85 10.30
N GLU L 2382 26.78 -84.66 10.68
CA GLU L 2382 26.25 -84.47 12.04
C GLU L 2382 25.05 -85.38 12.28
N ALA L 2383 24.17 -85.50 11.28
CA ALA L 2383 23.05 -86.44 11.40
C ALA L 2383 23.55 -87.87 11.51
N ILE L 2384 24.63 -88.19 10.82
CA ILE L 2384 25.23 -89.53 10.94
C ILE L 2384 25.70 -89.77 12.36
N ARG L 2385 26.32 -88.76 12.97
CA ARG L 2385 26.77 -88.89 14.36
C ARG L 2385 25.60 -89.15 15.29
N ILE L 2386 24.49 -88.42 15.11
CA ILE L 2386 23.30 -88.67 15.91
C ILE L 2386 22.55 -89.91 15.46
N SER L 2387 22.83 -90.41 14.25
CA SER L 2387 22.17 -91.62 13.79
C SER L 2387 22.49 -92.80 14.69
N GLU L 2388 23.78 -93.02 14.97
CA GLU L 2388 24.20 -94.06 15.91
C GLU L 2388 24.40 -93.51 17.31
N ASP L 2389 23.39 -92.79 17.81
CA ASP L 2389 23.42 -92.22 19.16
C ASP L 2389 22.04 -92.36 19.77
N PRO L 2390 21.69 -93.57 20.25
CA PRO L 2390 20.35 -93.76 20.81
C PRO L 2390 20.04 -92.87 22.00
N ALA L 2391 21.06 -92.46 22.76
CA ALA L 2391 20.82 -91.59 23.91
C ALA L 2391 20.30 -90.23 23.47
N ARG L 2392 20.89 -89.64 22.44
CA ARG L 2392 20.50 -88.31 21.99
C ARG L 2392 19.05 -88.29 21.48
N ASP L 2393 18.83 -88.98 20.35
CA ASP L 2393 17.55 -89.16 19.66
C ASP L 2393 16.32 -88.64 20.39
N GLY L 2394 15.44 -89.55 20.81
CA GLY L 2394 14.30 -89.19 21.61
C GLY L 2394 14.09 -90.20 22.73
N PRO L 2395 15.18 -90.84 23.17
CA PRO L 2395 15.26 -91.89 24.20
C PRO L 2395 14.23 -93.00 24.00
N ASN L 2414 11.10 -90.19 14.45
CA ASN L 2414 9.72 -90.48 14.82
C ASN L 2414 9.62 -91.85 15.49
N ARG L 2415 8.80 -92.73 14.92
CA ARG L 2415 8.64 -94.08 15.46
C ARG L 2415 9.90 -94.93 15.29
N VAL L 2416 10.87 -94.46 14.50
CA VAL L 2416 12.12 -95.19 14.30
C VAL L 2416 13.29 -94.43 14.94
N HIS L 2417 13.58 -93.23 14.47
CA HIS L 2417 14.65 -92.40 14.99
C HIS L 2417 14.48 -90.98 14.46
N LEU L 2418 15.43 -90.11 14.77
CA LEU L 2418 15.41 -88.71 14.34
C LEU L 2418 16.36 -88.41 13.20
N GLY L 2419 17.52 -89.09 13.16
CA GLY L 2419 18.47 -88.82 12.09
C GLY L 2419 17.93 -89.13 10.71
N HIS L 2420 17.10 -90.17 10.59
CA HIS L 2420 16.49 -90.49 9.30
C HIS L 2420 15.58 -89.36 8.85
N ALA L 2421 14.86 -88.73 9.79
CA ALA L 2421 13.99 -87.62 9.44
C ALA L 2421 14.79 -86.44 8.89
N ILE L 2422 15.95 -86.15 9.51
CA ILE L 2422 16.82 -85.09 9.01
C ILE L 2422 17.33 -85.44 7.62
N MET L 2423 17.75 -86.70 7.42
CA MET L 2423 18.20 -87.11 6.10
C MET L 2423 17.07 -87.01 5.09
N SER L 2424 15.85 -87.35 5.50
CA SER L 2424 14.72 -87.31 4.57
C SER L 2424 14.47 -85.89 4.07
N PHE L 2425 14.60 -84.90 4.96
CA PHE L 2425 14.30 -83.52 4.59
C PHE L 2425 15.24 -83.02 3.50
N TYR L 2426 16.54 -82.92 3.81
CA TYR L 2426 17.47 -82.27 2.88
C TYR L 2426 17.57 -83.04 1.57
N ALA L 2427 17.50 -84.36 1.62
CA ALA L 2427 17.47 -85.13 0.39
C ALA L 2427 16.25 -84.80 -0.45
N ALA L 2428 15.09 -84.65 0.19
CA ALA L 2428 13.88 -84.32 -0.55
C ALA L 2428 13.91 -82.90 -1.08
N LEU L 2429 14.54 -81.97 -0.36
CA LEU L 2429 14.58 -80.59 -0.82
C LEU L 2429 15.40 -80.46 -2.10
N ILE L 2430 16.56 -81.11 -2.14
CA ILE L 2430 17.38 -81.07 -3.35
C ILE L 2430 16.70 -81.83 -4.48
N ASP L 2431 15.90 -82.86 -4.15
CA ASP L 2431 15.10 -83.52 -5.17
C ASP L 2431 14.12 -82.55 -5.81
N LEU L 2432 13.52 -81.66 -5.00
CA LEU L 2432 12.67 -80.62 -5.56
C LEU L 2432 13.46 -79.69 -6.46
N LEU L 2433 14.58 -79.16 -5.97
CA LEU L 2433 15.42 -78.29 -6.79
C LEU L 2433 16.41 -79.07 -7.64
N GLY L 2434 15.95 -80.15 -8.27
CA GLY L 2434 16.68 -80.80 -9.34
C GLY L 2434 15.74 -80.97 -10.51
N ARG L 2435 14.45 -81.03 -10.19
CA ARG L 2435 13.40 -81.11 -11.19
C ARG L 2435 12.72 -79.76 -11.41
N CYS L 2436 12.89 -78.83 -10.48
CA CYS L 2436 12.54 -77.43 -10.69
C CYS L 2436 13.58 -76.69 -11.51
N ALA L 2437 14.50 -77.44 -12.14
CA ALA L 2437 15.51 -76.95 -13.06
C ALA L 2437 14.83 -76.13 -14.15
N PRO L 2438 15.56 -75.23 -14.84
CA PRO L 2438 14.90 -74.35 -15.82
C PRO L 2438 14.14 -75.13 -16.88
N GLU L 2439 14.86 -75.97 -17.63
CA GLU L 2439 14.24 -76.85 -18.63
C GLU L 2439 15.30 -77.77 -19.21
N MET L 2440 14.89 -78.66 -20.10
CA MET L 2440 15.86 -79.39 -20.90
C MET L 2440 16.55 -78.43 -21.86
N HIS L 2441 17.59 -78.92 -22.52
CA HIS L 2441 18.39 -78.07 -23.40
C HIS L 2441 17.63 -77.62 -24.64
N LEU L 2442 16.35 -77.97 -24.78
CA LEU L 2442 15.55 -77.41 -25.86
C LEU L 2442 15.42 -75.89 -25.71
N ILE L 2443 15.32 -75.41 -24.48
CA ILE L 2443 15.22 -73.97 -24.21
C ILE L 2443 16.56 -73.41 -23.78
N GLN L 2444 17.34 -74.16 -23.01
CA GLN L 2444 18.58 -73.64 -22.45
C GLN L 2444 19.66 -73.40 -23.51
N ALA L 2445 19.50 -73.96 -24.70
CA ALA L 2445 20.46 -73.80 -25.78
C ALA L 2445 19.99 -72.82 -26.85
N GLY L 2446 18.82 -72.21 -26.70
CA GLY L 2446 18.32 -71.29 -27.69
C GLY L 2446 17.58 -70.09 -27.13
N LYS L 2447 17.89 -69.72 -25.89
CA LYS L 2447 17.18 -68.64 -25.22
C LYS L 2447 18.13 -68.07 -24.15
N GLY L 2448 17.69 -67.00 -23.50
CA GLY L 2448 18.49 -66.37 -22.48
C GLY L 2448 17.73 -66.08 -21.20
N GLU L 2449 16.46 -66.45 -21.17
CA GLU L 2449 15.66 -66.29 -19.95
C GLU L 2449 15.94 -67.42 -18.95
N ALA L 2450 15.90 -68.66 -19.43
CA ALA L 2450 16.09 -69.81 -18.54
C ALA L 2450 17.48 -69.84 -17.92
N LEU L 2451 18.48 -69.24 -18.58
CA LEU L 2451 19.83 -69.24 -18.03
C LEU L 2451 19.89 -68.46 -16.72
N ARG L 2452 19.01 -67.48 -16.54
CA ARG L 2452 18.98 -66.74 -15.28
C ARG L 2452 18.62 -67.67 -14.12
N ILE L 2453 17.64 -68.54 -14.31
CA ILE L 2453 17.25 -69.46 -13.24
C ILE L 2453 18.36 -70.46 -12.97
N ARG L 2454 19.00 -70.97 -14.02
CA ARG L 2454 20.05 -71.97 -13.83
C ARG L 2454 21.20 -71.41 -13.00
N ALA L 2455 21.55 -70.13 -13.21
CA ALA L 2455 22.61 -69.52 -12.41
C ALA L 2455 22.23 -69.46 -10.93
N ILE L 2456 20.96 -69.18 -10.64
CA ILE L 2456 20.53 -69.04 -9.25
C ILE L 2456 20.68 -70.36 -8.51
N LEU L 2457 20.06 -71.43 -9.04
CA LEU L 2457 20.04 -72.70 -8.33
C LEU L 2457 21.44 -73.31 -8.26
N ARG L 2458 22.26 -73.11 -9.29
CA ARG L 2458 23.64 -73.60 -9.24
C ARG L 2458 24.46 -72.88 -8.18
N SER L 2459 24.10 -71.65 -7.83
CA SER L 2459 24.86 -70.89 -6.84
C SER L 2459 24.52 -71.28 -5.41
N LEU L 2460 23.52 -72.13 -5.19
CA LEU L 2460 23.12 -72.52 -3.84
C LEU L 2460 23.65 -73.89 -3.43
N VAL L 2461 24.03 -74.74 -4.38
CA VAL L 2461 24.57 -76.05 -4.09
C VAL L 2461 25.95 -76.16 -4.73
N PRO L 2462 27.02 -75.94 -3.95
CA PRO L 2462 28.38 -76.11 -4.50
C PRO L 2462 28.60 -77.54 -4.97
N LEU L 2463 29.30 -77.68 -6.10
CA LEU L 2463 29.54 -79.00 -6.67
C LEU L 2463 30.59 -79.77 -5.87
N ASP L 2464 31.53 -79.05 -5.25
CA ASP L 2464 32.61 -79.72 -4.54
C ASP L 2464 32.09 -80.58 -3.38
N ASP L 2465 31.15 -80.04 -2.61
CA ASP L 2465 30.56 -80.83 -1.53
C ASP L 2465 29.60 -81.87 -2.09
N LEU L 2466 28.87 -81.52 -3.16
CA LEU L 2466 27.86 -82.44 -3.69
C LEU L 2466 28.50 -83.72 -4.22
N VAL L 2467 29.65 -83.60 -4.90
CA VAL L 2467 30.28 -84.78 -5.46
C VAL L 2467 30.75 -85.72 -4.35
N GLY L 2468 31.19 -85.16 -3.23
CA GLY L 2468 31.67 -85.98 -2.13
C GLY L 2468 30.57 -86.67 -1.35
N ILE L 2469 29.33 -86.19 -1.45
CA ILE L 2469 28.26 -86.74 -0.64
C ILE L 2469 27.89 -88.16 -1.07
N ILE L 2470 28.24 -88.57 -2.29
CA ILE L 2470 27.92 -89.92 -2.77
C ILE L 2470 29.08 -90.81 -2.35
N SER L 2471 29.01 -91.28 -1.09
CA SER L 2471 30.05 -92.09 -0.49
C SER L 2471 29.55 -92.57 0.86
N LEU L 2472 30.34 -93.43 1.50
CA LEU L 2472 30.10 -93.94 2.85
C LEU L 2472 28.76 -94.66 2.95
N PRO L 2473 28.63 -95.87 2.39
CA PRO L 2473 27.46 -96.69 2.68
C PRO L 2473 27.59 -97.36 4.03
N LEU L 2474 26.45 -97.53 4.70
CA LEU L 2474 26.45 -97.98 6.08
C LEU L 2474 27.08 -99.36 6.24
N GLN L 2475 26.44 -100.39 5.69
CA GLN L 2475 26.93 -101.76 5.81
C GLN L 2475 26.08 -102.67 4.93
N ILE L 2476 26.38 -103.96 4.97
CA ILE L 2476 25.58 -104.98 4.27
C ILE L 2476 25.31 -106.13 5.22
N PRO L 2477 24.11 -106.70 5.16
CA PRO L 2477 23.79 -107.84 6.04
C PRO L 2477 24.80 -108.97 5.87
N THR L 2478 25.21 -109.54 7.00
CA THR L 2478 26.23 -110.57 7.03
C THR L 2478 26.09 -111.38 8.31
N LEU L 2479 26.75 -112.53 8.33
CA LEU L 2479 26.75 -113.43 9.48
C LEU L 2479 25.34 -113.86 9.88
N GLN L 2487 21.89 -110.97 9.58
CA GLN L 2487 21.90 -109.79 10.44
C GLN L 2487 21.89 -108.51 9.61
N PRO L 2488 20.69 -108.02 9.30
CA PRO L 2488 20.55 -106.82 8.50
C PRO L 2488 20.52 -105.56 9.37
N LYS L 2489 20.49 -104.41 8.72
CA LYS L 2489 20.44 -103.13 9.44
C LYS L 2489 19.00 -102.72 9.71
N MET L 2490 18.81 -101.45 10.08
CA MET L 2490 17.48 -100.93 10.38
C MET L 2490 17.18 -99.69 9.54
N SER L 2491 15.90 -99.53 9.17
CA SER L 2491 15.46 -98.37 8.43
C SER L 2491 15.13 -97.23 9.37
N ALA L 2492 16.05 -96.94 10.28
CA ALA L 2492 15.85 -95.89 11.27
C ALA L 2492 16.96 -94.84 11.17
N SER L 2493 18.05 -95.21 10.52
CA SER L 2493 19.18 -94.30 10.37
C SER L 2493 19.28 -93.77 8.94
N PHE L 2494 20.29 -92.94 8.70
CA PHE L 2494 20.50 -92.35 7.37
C PHE L 2494 20.94 -93.43 6.39
N VAL L 2495 19.98 -93.93 5.61
CA VAL L 2495 20.25 -95.00 4.65
C VAL L 2495 21.02 -94.48 3.44
N PRO L 2496 21.01 -95.27 2.37
CA PRO L 2496 21.72 -94.91 1.15
C PRO L 2496 20.80 -95.04 -0.06
N ASP L 2497 19.63 -95.64 0.17
CA ASP L 2497 18.65 -95.81 -0.90
C ASP L 2497 18.11 -94.45 -1.35
N HIS L 2498 17.96 -93.54 -0.39
CA HIS L 2498 17.46 -92.21 -0.69
C HIS L 2498 18.62 -91.23 -0.86
N LYS L 2499 19.61 -91.62 -1.64
CA LYS L 2499 20.74 -90.76 -1.95
C LYS L 2499 20.76 -90.46 -3.44
N ALA L 2500 19.79 -91.02 -4.15
CA ALA L 2500 19.68 -90.82 -5.59
C ALA L 2500 19.06 -89.45 -5.89
N SER L 2501 18.65 -88.76 -4.84
CA SER L 2501 18.10 -87.41 -4.98
C SER L 2501 19.21 -86.43 -5.28
N MET L 2502 20.45 -86.85 -5.07
CA MET L 2502 21.60 -86.03 -5.40
C MET L 2502 22.16 -86.40 -6.75
N VAL L 2503 21.69 -87.52 -7.30
CA VAL L 2503 22.12 -87.97 -8.62
C VAL L 2503 21.42 -87.15 -9.69
N LEU L 2504 20.10 -86.97 -9.53
CA LEU L 2504 19.32 -86.18 -10.46
C LEU L 2504 19.58 -84.69 -10.25
N PHE L 2505 20.23 -84.36 -9.14
CA PHE L 2505 20.54 -82.98 -8.81
C PHE L 2505 21.76 -82.49 -9.56
N LEU L 2506 22.53 -83.43 -10.09
CA LEU L 2506 23.75 -83.09 -10.83
C LEU L 2506 23.61 -83.50 -12.30
N ASP L 2507 22.63 -84.34 -12.59
CA ASP L 2507 22.39 -84.80 -13.94
C ASP L 2507 21.73 -83.71 -14.78
N ARG L 2508 20.99 -82.83 -14.10
CA ARG L 2508 20.26 -81.77 -14.79
C ARG L 2508 20.45 -80.42 -14.11
N VAL L 2509 21.71 -80.03 -13.90
CA VAL L 2509 22.02 -78.74 -13.31
C VAL L 2509 23.44 -78.31 -13.66
N TYR L 2510 24.39 -79.20 -13.38
CA TYR L 2510 25.79 -78.97 -13.72
C TYR L 2510 26.20 -79.87 -14.88
N GLY L 2511 25.75 -81.12 -14.82
CA GLY L 2511 25.93 -82.10 -15.90
C GLY L 2511 27.39 -82.48 -16.17
N ILE L 2512 27.57 -83.64 -16.79
CA ILE L 2512 28.89 -84.11 -17.17
C ILE L 2512 29.39 -83.31 -18.37
N GLU L 2513 30.71 -83.19 -18.50
CA GLU L 2513 31.28 -82.39 -19.58
C GLU L 2513 32.66 -82.90 -20.01
N ASN L 2514 33.68 -82.53 -19.26
CA ASN L 2514 35.06 -82.87 -19.63
C ASN L 2514 35.39 -84.34 -19.37
N GLN L 2515 36.33 -84.57 -18.47
CA GLN L 2515 36.75 -85.94 -18.13
C GLN L 2515 36.70 -86.15 -16.63
N ASP L 2516 35.84 -85.40 -15.95
CA ASP L 2516 35.67 -85.54 -14.51
C ASP L 2516 34.82 -86.77 -14.20
N PHE L 2517 34.27 -87.39 -15.23
CA PHE L 2517 33.47 -88.60 -15.09
C PHE L 2517 34.31 -89.71 -14.48
N LEU L 2518 35.61 -89.69 -14.76
CA LEU L 2518 36.53 -90.68 -14.19
C LEU L 2518 36.62 -90.51 -12.68
N LEU L 2519 36.73 -89.27 -12.23
CA LEU L 2519 36.74 -88.98 -10.80
C LEU L 2519 35.37 -89.25 -10.21
N HIS L 2520 34.34 -89.08 -11.04
CA HIS L 2520 32.97 -89.40 -10.63
C HIS L 2520 32.78 -90.90 -10.59
N VAL L 2521 33.50 -91.61 -11.46
CA VAL L 2521 33.46 -93.07 -11.48
C VAL L 2521 34.40 -93.62 -10.41
N LEU L 2522 35.19 -92.73 -9.81
CA LEU L 2522 36.09 -93.13 -8.72
C LEU L 2522 35.41 -92.90 -7.38
N ASP L 2523 34.08 -92.92 -7.38
CA ASP L 2523 33.29 -92.74 -6.18
C ASP L 2523 31.93 -93.41 -6.33
N VAL L 2524 31.43 -93.44 -7.56
CA VAL L 2524 30.15 -94.07 -7.86
C VAL L 2524 30.33 -95.58 -8.03
N GLY L 2525 31.50 -95.98 -8.54
CA GLY L 2525 31.78 -97.40 -8.75
C GLY L 2525 32.13 -98.08 -7.44
N PHE L 2526 32.44 -97.29 -6.42
CA PHE L 2526 32.72 -97.82 -5.10
C PHE L 2526 31.46 -98.48 -4.54
N LEU L 2527 30.31 -97.90 -4.82
CA LEU L 2527 29.03 -98.47 -4.42
C LEU L 2527 28.66 -99.60 -5.37
N PRO L 2528 29.06 -99.47 -6.63
CA PRO L 2528 28.81 -100.49 -7.63
C PRO L 2528 29.71 -101.69 -7.41
N ASP L 2529 30.76 -101.50 -6.61
CA ASP L 2529 31.68 -102.58 -6.28
C ASP L 2529 30.96 -103.64 -5.45
N MET L 2530 29.92 -103.21 -4.75
CA MET L 2530 29.08 -104.13 -3.98
C MET L 2530 27.89 -104.57 -4.82
N ARG L 2531 28.16 -104.94 -6.07
CA ARG L 2531 27.11 -105.36 -6.98
C ARG L 2531 26.53 -106.70 -6.56
N ALA L 2532 27.22 -107.78 -6.90
CA ALA L 2532 26.78 -109.13 -6.55
C ALA L 2532 27.41 -109.57 -5.23
N ALA L 2533 27.56 -108.62 -4.31
CA ALA L 2533 28.14 -108.92 -3.00
C ALA L 2533 27.09 -109.54 -2.09
N ALA L 2534 25.85 -109.59 -2.57
CA ALA L 2534 24.76 -110.19 -1.82
C ALA L 2534 23.85 -110.98 -2.75
N SER L 2535 24.05 -110.81 -4.05
CA SER L 2535 23.25 -111.50 -5.04
C SER L 2535 23.66 -112.96 -5.18
N LEU L 2536 23.39 -113.75 -4.15
CA LEU L 2536 23.74 -115.16 -4.15
C LEU L 2536 22.95 -115.92 -3.08
N ASP L 2537 23.25 -115.63 -1.82
CA ASP L 2537 22.60 -116.30 -0.70
C ASP L 2537 21.11 -115.96 -0.65
N THR L 2538 20.81 -114.74 -0.21
CA THR L 2538 19.42 -114.30 -0.09
C THR L 2538 19.26 -112.82 -0.44
N ALA L 2539 20.10 -111.98 0.15
CA ALA L 2539 20.05 -110.53 -0.03
C ALA L 2539 18.69 -109.97 0.39
N THR L 2540 18.62 -109.52 1.64
CA THR L 2540 17.37 -108.98 2.19
C THR L 2540 16.99 -107.67 1.53
N PHE L 2541 17.50 -106.56 2.07
CA PHE L 2541 17.20 -105.24 1.55
C PHE L 2541 17.79 -105.06 0.15
N SER L 2542 16.95 -105.24 -0.87
CA SER L 2542 17.37 -105.11 -2.25
C SER L 2542 17.16 -103.67 -2.74
N THR L 2543 17.49 -102.70 -1.89
CA THR L 2543 17.33 -101.30 -2.24
C THR L 2543 18.45 -100.83 -3.16
N THR L 2544 19.49 -101.66 -3.29
CA THR L 2544 20.61 -101.35 -4.17
C THR L 2544 20.18 -101.46 -5.62
N GLU L 2545 19.19 -102.31 -5.87
CA GLU L 2545 18.64 -102.45 -7.21
C GLU L 2545 17.84 -101.21 -7.60
N MET L 2546 17.33 -100.52 -6.58
CA MET L 2546 16.58 -99.29 -6.79
C MET L 2546 17.52 -98.15 -7.17
N ALA L 2547 18.79 -98.30 -6.80
CA ALA L 2547 19.80 -97.30 -7.14
C ALA L 2547 20.31 -97.55 -8.55
N LEU L 2548 19.89 -98.65 -9.15
CA LEU L 2548 20.25 -98.96 -10.53
C LEU L 2548 19.12 -98.55 -11.46
N ALA L 2549 18.46 -97.45 -11.12
CA ALA L 2549 17.39 -96.90 -11.94
C ALA L 2549 17.61 -95.41 -12.14
N LEU L 2550 18.73 -94.92 -11.63
CA LEU L 2550 19.07 -93.51 -11.73
C LEU L 2550 20.57 -93.29 -11.66
N ASN L 2551 21.34 -94.35 -11.89
CA ASN L 2551 22.80 -94.27 -11.87
C ASN L 2551 23.39 -94.94 -13.10
N ARG L 2552 22.99 -96.19 -13.34
CA ARG L 2552 23.44 -96.93 -14.51
C ARG L 2552 22.81 -96.35 -15.77
N TYR L 2553 21.63 -95.75 -15.59
CA TYR L 2553 20.94 -95.12 -16.71
C TYR L 2553 21.65 -93.83 -17.10
N LEU L 2554 22.24 -93.17 -16.12
CA LEU L 2554 22.98 -91.93 -16.35
C LEU L 2554 24.34 -92.25 -16.99
N CYS L 2555 24.91 -93.39 -16.66
CA CYS L 2555 26.18 -93.81 -17.23
C CYS L 2555 25.97 -94.31 -18.65
N LEU L 2556 24.81 -94.89 -18.91
CA LEU L 2556 24.47 -95.36 -20.25
C LEU L 2556 23.92 -94.22 -21.09
N ALA L 2557 24.60 -93.09 -21.06
CA ALA L 2557 24.19 -91.91 -21.80
C ALA L 2557 25.40 -91.03 -22.10
N VAL L 2558 26.58 -91.65 -22.04
CA VAL L 2558 27.83 -90.94 -22.31
C VAL L 2558 28.79 -91.84 -23.09
N LEU L 2559 28.89 -91.60 -24.39
CA LEU L 2559 29.79 -92.36 -25.25
C LEU L 2559 31.20 -91.78 -25.19
N PRO L 2560 31.37 -90.73 -24.38
CA PRO L 2560 32.66 -90.10 -24.21
C PRO L 2560 33.62 -91.03 -23.48
N LEU L 2561 34.57 -91.60 -24.21
CA LEU L 2561 35.55 -92.51 -23.63
C LEU L 2561 36.91 -92.33 -24.29
N ILE L 2562 37.97 -92.40 -23.49
CA ILE L 2562 39.33 -92.21 -23.98
C ILE L 2562 40.22 -93.39 -23.62
N THR L 2563 41.38 -93.10 -23.06
CA THR L 2563 42.34 -94.13 -22.68
C THR L 2563 43.17 -93.70 -21.48
N LYS L 2564 44.45 -94.07 -21.50
CA LYS L 2564 45.41 -93.73 -20.45
C LYS L 2564 44.97 -94.26 -19.09
N CYS L 2565 44.17 -95.32 -19.09
CA CYS L 2565 43.68 -95.94 -17.86
C CYS L 2565 43.15 -97.34 -18.13
N ALA L 2566 42.96 -98.11 -17.06
CA ALA L 2566 42.44 -99.46 -17.18
C ALA L 2566 41.44 -99.75 -16.07
N PRO L 2567 40.96 -98.70 -15.42
CA PRO L 2567 39.98 -98.84 -14.35
C PRO L 2567 38.63 -99.24 -14.93
N LEU L 2568 38.44 -98.97 -16.21
CA LEU L 2568 37.21 -99.33 -16.90
C LEU L 2568 37.07 -100.86 -16.99
N PHE L 2569 38.21 -101.55 -17.03
CA PHE L 2569 38.23 -103.00 -17.11
C PHE L 2569 37.60 -103.59 -15.85
N ALA L 2570 37.82 -102.95 -14.72
CA ALA L 2570 37.22 -103.37 -13.47
C ALA L 2570 35.72 -103.07 -13.49
N GLY L 2571 35.37 -102.00 -14.20
CA GLY L 2571 33.98 -101.59 -14.31
C GLY L 2571 33.26 -102.36 -15.39
N THR L 2572 34.01 -102.84 -16.38
CA THR L 2572 33.43 -103.60 -17.48
C THR L 2572 32.90 -104.95 -16.99
N GLU L 2573 33.71 -105.64 -16.20
CA GLU L 2573 33.31 -106.93 -15.65
C GLU L 2573 32.25 -106.74 -14.56
N HIS L 2574 32.29 -105.59 -13.90
CA HIS L 2574 31.35 -105.29 -12.83
C HIS L 2574 29.92 -105.26 -13.36
N ARG L 2575 29.76 -104.71 -14.57
CA ARG L 2575 28.45 -104.70 -15.22
C ARG L 2575 28.06 -106.12 -15.61
N ALA L 2576 29.05 -106.90 -16.01
CA ALA L 2576 28.83 -108.30 -16.36
C ALA L 2576 28.56 -109.11 -15.10
N ILE L 2577 29.14 -108.67 -13.99
CA ILE L 2577 28.94 -109.33 -12.71
C ILE L 2577 27.53 -109.05 -12.18
N MET L 2578 26.99 -107.88 -12.56
CA MET L 2578 25.64 -107.52 -12.17
C MET L 2578 24.63 -108.25 -13.05
N VAL L 2579 25.06 -108.61 -14.25
CA VAL L 2579 24.20 -109.34 -15.19
C VAL L 2579 24.39 -110.84 -15.05
N ASP L 2580 25.13 -111.25 -14.02
CA ASP L 2580 25.38 -112.67 -13.77
C ASP L 2580 24.08 -113.38 -13.41
N SER L 2581 23.27 -112.73 -12.59
CA SER L 2581 21.98 -113.28 -12.19
C SER L 2581 21.02 -113.29 -13.37
N MET L 2582 20.57 -114.48 -13.76
CA MET L 2582 19.65 -114.62 -14.88
C MET L 2582 18.20 -114.43 -14.42
N LEU L 2583 17.99 -114.50 -13.11
CA LEU L 2583 16.65 -114.34 -12.55
C LEU L 2583 16.72 -113.97 -11.07
N HIS L 2584 17.90 -114.12 -10.48
CA HIS L 2584 18.08 -113.84 -9.06
C HIS L 2584 17.93 -112.35 -8.75
N THR L 2585 16.69 -111.94 -8.49
CA THR L 2585 16.36 -110.55 -8.17
C THR L 2585 16.84 -109.59 -9.24
N VAL L 2586 16.11 -109.52 -10.35
CA VAL L 2586 16.50 -108.67 -11.47
C VAL L 2586 15.32 -107.91 -12.04
N TYR L 2587 14.14 -108.54 -12.03
CA TYR L 2587 12.91 -108.01 -12.62
C TYR L 2587 13.05 -107.88 -14.14
N ARG L 2588 12.09 -108.47 -14.85
CA ARG L 2588 12.14 -108.54 -16.31
C ARG L 2588 12.21 -107.16 -16.97
N LEU L 2589 11.81 -106.12 -16.24
CA LEU L 2589 11.85 -104.76 -16.76
C LEU L 2589 13.12 -104.04 -16.31
N SER L 2590 13.54 -104.31 -15.08
CA SER L 2590 14.72 -103.65 -14.52
C SER L 2590 16.00 -104.30 -15.04
N ARG L 2591 15.88 -105.49 -15.63
CA ARG L 2591 17.03 -106.20 -16.16
C ARG L 2591 17.47 -105.59 -17.49
N GLY L 2592 16.54 -104.95 -18.18
CA GLY L 2592 16.81 -104.34 -19.48
C GLY L 2592 17.69 -103.10 -19.33
N ARG L 2593 17.65 -102.47 -18.16
CA ARG L 2593 18.44 -101.29 -17.92
C ARG L 2593 19.92 -101.64 -17.83
N SER L 2594 20.22 -102.74 -17.15
CA SER L 2594 21.59 -103.22 -17.01
C SER L 2594 22.06 -103.87 -18.30
N LEU L 2595 21.12 -104.43 -19.04
CA LEU L 2595 21.44 -105.10 -20.31
C LEU L 2595 21.77 -104.08 -21.39
N THR L 2596 21.08 -102.95 -21.38
CA THR L 2596 21.32 -101.90 -22.35
C THR L 2596 22.42 -100.97 -21.88
N LYS L 2597 22.93 -101.23 -20.67
CA LYS L 2597 23.99 -100.41 -20.11
C LYS L 2597 25.34 -100.82 -20.68
N ALA L 2598 25.47 -102.08 -21.06
CA ALA L 2598 26.72 -102.60 -21.59
C ALA L 2598 26.64 -102.82 -23.09
N GLN L 2599 25.43 -103.07 -23.59
CA GLN L 2599 25.23 -103.32 -25.02
C GLN L 2599 25.59 -102.10 -25.86
N ARG L 2600 25.57 -100.93 -25.24
CA ARG L 2600 25.92 -99.69 -25.92
C ARG L 2600 27.22 -99.13 -25.38
N ASP L 2601 27.78 -99.80 -24.37
CA ASP L 2601 29.04 -99.38 -23.77
C ASP L 2601 30.22 -99.93 -24.54
N VAL L 2602 29.94 -100.79 -25.53
CA VAL L 2602 30.97 -101.40 -26.35
C VAL L 2602 31.44 -100.45 -27.45
N ILE L 2603 30.51 -99.68 -28.00
CA ILE L 2603 30.81 -98.75 -29.08
C ILE L 2603 31.38 -97.44 -28.55
N GLU L 2604 32.47 -97.53 -27.78
CA GLU L 2604 33.10 -96.35 -27.22
C GLU L 2604 34.51 -96.69 -26.73
N ASP L 2605 34.75 -97.97 -26.48
CA ASP L 2605 36.07 -98.42 -26.01
C ASP L 2605 37.11 -98.29 -27.11
N CYS L 2606 38.37 -98.39 -26.73
CA CYS L 2606 39.47 -98.22 -27.69
C CYS L 2606 39.89 -99.55 -28.29
N LEU L 2607 38.92 -100.43 -28.52
CA LEU L 2607 39.17 -101.76 -29.08
C LEU L 2607 40.19 -102.54 -28.26
N MET L 2608 40.21 -102.29 -26.96
CA MET L 2608 41.17 -102.96 -26.07
C MET L 2608 40.44 -103.80 -25.04
N ALA L 2609 39.21 -104.20 -25.37
CA ALA L 2609 38.42 -105.06 -24.49
C ALA L 2609 39.10 -106.43 -24.40
N LEU L 2610 40.05 -106.56 -23.49
CA LEU L 2610 40.85 -107.77 -23.37
C LEU L 2610 40.15 -108.86 -22.56
N CYS L 2611 40.26 -108.75 -21.24
CA CYS L 2611 39.76 -109.78 -20.33
C CYS L 2611 38.25 -109.97 -20.43
N ARG L 2612 37.55 -108.95 -20.92
CA ARG L 2612 36.09 -109.02 -21.07
C ARG L 2612 35.70 -110.13 -22.02
N TYR L 2613 36.52 -110.34 -23.06
CA TYR L 2613 36.29 -111.42 -24.00
C TYR L 2613 36.66 -112.75 -23.37
N ILE L 2614 37.73 -112.74 -22.58
CA ILE L 2614 38.17 -113.94 -21.89
C ILE L 2614 37.23 -114.28 -20.75
N ARG L 2615 36.52 -113.28 -20.25
CA ARG L 2615 35.54 -113.49 -19.20
C ARG L 2615 34.40 -114.35 -19.76
N PRO L 2616 34.01 -114.07 -20.99
CA PRO L 2616 33.02 -114.88 -21.69
C PRO L 2616 33.68 -116.16 -22.16
N SER L 2617 34.62 -116.03 -23.09
CA SER L 2617 35.40 -117.16 -23.61
C SER L 2617 34.50 -118.28 -24.10
N MET L 2618 34.39 -119.33 -23.30
CA MET L 2618 33.53 -120.47 -23.63
C MET L 2618 32.38 -120.58 -22.64
N LEU L 2619 32.44 -119.78 -21.58
CA LEU L 2619 31.36 -119.72 -20.60
C LEU L 2619 30.12 -119.14 -21.29
N GLN L 2620 30.35 -118.22 -22.22
CA GLN L 2620 29.28 -117.69 -23.05
C GLN L 2620 28.80 -118.78 -24.00
N HIS L 2621 29.74 -119.57 -24.50
CA HIS L 2621 29.42 -120.71 -25.36
C HIS L 2621 28.73 -121.79 -24.53
N LEU L 2622 29.12 -121.89 -23.26
CA LEU L 2622 28.49 -122.81 -22.34
C LEU L 2622 27.06 -122.37 -22.06
N LEU L 2623 26.22 -123.30 -21.63
CA LEU L 2623 24.79 -123.05 -21.42
C LEU L 2623 24.16 -122.49 -22.69
N ARG L 2624 24.48 -123.12 -23.81
CA ARG L 2624 23.96 -122.69 -25.11
C ARG L 2624 22.54 -123.21 -25.34
N ARG L 2625 21.71 -123.09 -24.31
CA ARG L 2625 20.32 -123.52 -24.37
C ARG L 2625 19.53 -122.82 -23.28
N LEU L 2626 20.09 -121.74 -22.75
CA LEU L 2626 19.46 -121.00 -21.67
C LEU L 2626 18.98 -119.63 -22.16
N VAL L 2627 18.27 -118.92 -21.28
CA VAL L 2627 17.77 -117.60 -21.60
C VAL L 2627 18.86 -116.55 -21.44
N PHE L 2628 19.95 -116.94 -20.79
CA PHE L 2628 21.08 -116.04 -20.58
C PHE L 2628 21.99 -115.99 -21.80
N ASP L 2629 21.59 -116.70 -22.86
CA ASP L 2629 22.37 -116.76 -24.08
C ASP L 2629 22.34 -115.43 -24.84
N VAL L 2630 21.15 -114.86 -24.97
CA VAL L 2630 20.97 -113.63 -25.73
C VAL L 2630 21.57 -112.41 -25.01
N PRO L 2631 22.13 -112.63 -23.83
CA PRO L 2631 22.72 -111.54 -23.06
C PRO L 2631 24.02 -111.06 -23.70
N ILE L 2632 24.80 -112.00 -24.23
CA ILE L 2632 26.09 -111.67 -24.84
C ILE L 2632 26.17 -112.13 -26.28
N LEU L 2633 25.14 -112.83 -26.75
CA LEU L 2633 25.12 -113.32 -28.12
C LEU L 2633 25.06 -112.17 -29.11
N ASN L 2634 24.10 -111.28 -28.91
CA ASN L 2634 23.95 -110.11 -29.76
C ASN L 2634 25.06 -109.11 -29.50
N GLU L 2635 25.62 -109.16 -28.29
CA GLU L 2635 26.69 -108.26 -27.91
C GLU L 2635 28.01 -108.66 -28.58
N PHE L 2636 28.17 -109.95 -28.83
CA PHE L 2636 29.37 -110.46 -29.48
C PHE L 2636 29.33 -110.14 -30.97
N ALA L 2637 28.13 -110.11 -31.54
CA ALA L 2637 27.96 -109.82 -32.95
C ALA L 2637 28.24 -108.35 -33.24
N LYS L 2638 28.14 -107.52 -32.22
CA LYS L 2638 28.40 -106.09 -32.36
C LYS L 2638 29.89 -105.81 -32.46
N MET L 2639 30.70 -106.72 -31.92
CA MET L 2639 32.15 -106.56 -31.97
C MET L 2639 32.70 -106.97 -33.33
N PRO L 2640 32.15 -108.04 -33.88
CA PRO L 2640 32.60 -108.55 -35.18
C PRO L 2640 32.08 -107.69 -36.33
N LEU L 2641 30.97 -106.99 -36.09
CA LEU L 2641 30.39 -106.14 -37.12
C LEU L 2641 31.01 -104.74 -37.08
N LYS L 2642 32.02 -104.57 -36.23
CA LYS L 2642 32.72 -103.30 -36.12
C LYS L 2642 34.22 -103.52 -36.14
N LEU L 2643 34.63 -104.65 -36.73
CA LEU L 2643 36.04 -105.01 -36.79
C LEU L 2643 36.31 -106.02 -37.90
N LEU L 2644 35.52 -105.94 -38.97
CA LEU L 2644 35.67 -106.86 -40.10
C LEU L 2644 36.75 -106.39 -41.06
N THR L 2645 37.76 -105.71 -40.52
CA THR L 2645 38.88 -105.21 -41.31
C THR L 2645 40.03 -104.82 -40.40
N ASN L 2646 39.87 -105.05 -39.11
CA ASN L 2646 40.91 -104.73 -38.14
C ASN L 2646 40.77 -105.59 -36.89
N HIS L 2647 41.26 -105.07 -35.77
CA HIS L 2647 41.23 -105.78 -34.48
C HIS L 2647 41.90 -107.15 -34.58
N TYR L 2648 42.87 -107.27 -35.48
CA TYR L 2648 43.60 -108.51 -35.67
C TYR L 2648 45.04 -108.32 -35.23
N GLU L 2649 45.28 -107.30 -34.42
CA GLU L 2649 46.61 -107.00 -33.92
C GLU L 2649 46.80 -107.56 -32.51
N ARG L 2650 46.60 -108.87 -32.38
CA ARG L 2650 46.76 -109.54 -31.09
C ARG L 2650 47.44 -110.89 -31.29
N CYS L 2651 47.15 -111.83 -30.39
CA CYS L 2651 47.72 -113.17 -30.46
C CYS L 2651 46.81 -114.18 -29.79
N TRP L 2652 46.77 -114.15 -28.46
CA TRP L 2652 45.93 -115.06 -27.69
C TRP L 2652 44.45 -114.81 -27.97
N LYS L 2653 44.12 -113.54 -28.20
CA LYS L 2653 42.75 -113.17 -28.53
C LYS L 2653 42.37 -113.73 -29.89
N TYR L 2654 43.31 -113.71 -30.82
CA TYR L 2654 43.11 -114.29 -32.14
C TYR L 2654 42.93 -115.80 -32.01
N TYR L 2655 43.62 -116.38 -31.04
CA TYR L 2655 43.49 -117.80 -30.76
C TYR L 2655 42.21 -118.07 -29.99
N CYS L 2656 41.79 -117.09 -29.20
CA CYS L 2656 40.58 -117.21 -28.39
C CYS L 2656 39.35 -117.14 -29.29
N LEU L 2657 39.45 -116.39 -30.38
CA LEU L 2657 38.35 -116.26 -31.33
C LEU L 2657 38.06 -117.61 -31.99
N PRO L 2658 39.11 -118.27 -32.45
CA PRO L 2658 38.97 -119.58 -33.07
C PRO L 2658 38.58 -120.62 -32.02
N THR L 2659 39.06 -120.42 -30.80
CA THR L 2659 38.74 -121.32 -29.69
C THR L 2659 37.25 -121.24 -29.40
N GLY L 2660 36.67 -120.06 -29.58
CA GLY L 2660 35.25 -119.86 -29.38
C GLY L 2660 34.48 -120.29 -30.63
N TRP L 2661 35.06 -120.02 -31.79
CA TRP L 2661 34.42 -120.34 -33.07
C TRP L 2661 34.23 -121.84 -33.24
N ALA L 2662 35.26 -122.61 -32.89
CA ALA L 2662 35.21 -124.06 -33.00
C ALA L 2662 34.24 -124.64 -31.97
N ASN L 2663 34.22 -124.05 -30.78
CA ASN L 2663 33.34 -124.50 -29.71
C ASN L 2663 31.92 -123.99 -29.91
N PHE L 2664 31.77 -123.00 -30.79
CA PHE L 2664 30.46 -122.42 -31.06
C PHE L 2664 29.55 -123.38 -31.82
N GLY L 2665 30.16 -124.42 -32.39
CA GLY L 2665 29.40 -125.43 -33.12
C GLY L 2665 28.40 -126.11 -32.18
N VAL L 2666 28.92 -126.96 -31.29
CA VAL L 2666 28.11 -127.64 -30.29
C VAL L 2666 26.93 -128.39 -30.90
N THR L 2667 25.75 -128.17 -30.34
CA THR L 2667 24.54 -128.82 -30.82
C THR L 2667 24.07 -128.21 -32.14
N SER L 2668 24.53 -128.77 -33.25
CA SER L 2668 24.11 -128.32 -34.57
C SER L 2668 22.87 -129.08 -35.01
N GLU L 2669 22.54 -130.14 -34.28
CA GLU L 2669 21.37 -130.96 -34.58
C GLU L 2669 20.74 -131.48 -33.29
N GLU L 2670 19.84 -130.68 -32.71
CA GLU L 2670 19.17 -131.05 -31.48
C GLU L 2670 17.82 -130.38 -31.38
N GLU L 2671 17.80 -129.14 -30.91
CA GLU L 2671 16.57 -128.36 -30.81
C GLU L 2671 16.03 -128.02 -32.19
N LEU L 2672 15.00 -128.75 -32.62
CA LEU L 2672 14.42 -128.56 -33.95
C LEU L 2672 13.43 -127.40 -33.96
N HIS L 2673 13.39 -126.64 -32.86
CA HIS L 2673 12.50 -125.48 -32.76
C HIS L 2673 12.87 -124.42 -33.80
N LEU L 2674 11.89 -124.03 -34.60
CA LEU L 2674 12.11 -123.05 -35.66
C LEU L 2674 12.32 -121.65 -35.07
N THR L 2675 11.75 -121.40 -33.91
CA THR L 2675 11.86 -120.11 -33.26
C THR L 2675 12.93 -120.12 -32.18
N ARG L 2676 13.80 -121.13 -32.21
CA ARG L 2676 14.85 -121.27 -31.23
C ARG L 2676 15.95 -120.22 -31.45
N LYS L 2677 16.94 -120.22 -30.56
CA LYS L 2677 18.04 -119.28 -30.64
C LYS L 2677 18.92 -119.59 -31.86
N LEU L 2678 18.81 -120.81 -32.38
CA LEU L 2678 19.57 -121.22 -33.54
C LEU L 2678 19.20 -120.37 -34.75
N PHE L 2679 17.91 -120.16 -34.95
CA PHE L 2679 17.44 -119.33 -36.05
C PHE L 2679 17.54 -117.86 -35.70
N TRP L 2680 17.76 -117.56 -34.42
CA TRP L 2680 17.92 -116.19 -33.96
C TRP L 2680 19.38 -115.78 -34.00
N GLY L 2681 20.23 -116.57 -33.36
CA GLY L 2681 21.66 -116.29 -33.33
C GLY L 2681 22.38 -116.99 -34.48
N ILE L 2682 21.72 -117.08 -35.62
CA ILE L 2682 22.32 -117.67 -36.81
C ILE L 2682 23.35 -116.72 -37.40
N PHE L 2683 23.12 -115.42 -37.21
CA PHE L 2683 24.04 -114.40 -37.68
C PHE L 2683 25.32 -114.40 -36.85
N ASP L 2684 25.24 -114.94 -35.64
CA ASP L 2684 26.38 -115.03 -34.76
C ASP L 2684 27.39 -116.05 -35.28
N SER L 2685 26.92 -116.96 -36.11
CA SER L 2685 27.78 -117.97 -36.70
C SER L 2685 28.63 -117.36 -37.81
N LEU L 2686 28.05 -116.41 -38.54
CA LEU L 2686 28.76 -115.72 -39.62
C LEU L 2686 29.82 -114.77 -39.06
N ALA L 2687 29.65 -114.40 -37.79
CA ALA L 2687 30.59 -113.50 -37.13
C ALA L 2687 31.90 -114.21 -36.82
N HIS L 2688 32.64 -114.55 -37.87
CA HIS L 2688 33.91 -115.23 -37.74
C HIS L 2688 34.78 -114.96 -38.96
N LYS L 2689 34.45 -113.91 -39.69
CA LYS L 2689 35.20 -113.51 -40.87
C LYS L 2689 36.39 -112.63 -40.49
N LYS L 2690 36.57 -112.43 -39.19
CA LYS L 2690 37.69 -111.63 -38.69
C LYS L 2690 39.00 -112.36 -38.95
N TYR L 2691 38.98 -113.68 -38.74
CA TYR L 2691 40.16 -114.51 -38.98
C TYR L 2691 40.44 -114.62 -40.48
N ASP L 2692 41.61 -114.17 -40.89
CA ASP L 2692 41.98 -114.18 -42.31
C ASP L 2692 42.34 -115.60 -42.77
N GLN L 2693 43.60 -115.79 -43.14
CA GLN L 2693 44.09 -117.10 -43.56
C GLN L 2693 44.63 -117.86 -42.37
N GLU L 2694 43.91 -117.78 -41.25
CA GLU L 2694 44.32 -118.47 -40.03
C GLU L 2694 43.80 -119.90 -40.01
N LEU L 2695 43.80 -120.53 -41.19
CA LEU L 2695 43.41 -121.93 -41.30
C LEU L 2695 44.49 -122.80 -40.70
N TYR L 2696 45.71 -122.27 -40.67
CA TYR L 2696 46.84 -122.95 -40.04
C TYR L 2696 47.33 -122.15 -38.84
N ARG L 2697 46.39 -121.69 -38.02
CA ARG L 2697 46.73 -120.87 -36.86
C ARG L 2697 47.17 -121.72 -35.68
N MET L 2698 46.61 -122.93 -35.57
CA MET L 2698 46.94 -123.81 -34.47
C MET L 2698 46.86 -125.28 -34.89
N ALA L 2699 47.10 -126.18 -33.93
CA ALA L 2699 47.08 -127.61 -34.20
C ALA L 2699 45.67 -128.17 -34.13
N MET L 2700 45.45 -129.13 -33.23
CA MET L 2700 44.15 -129.75 -33.07
C MET L 2700 44.03 -130.41 -31.70
N PRO L 2701 43.28 -129.79 -30.79
CA PRO L 2701 43.08 -130.33 -29.46
C PRO L 2701 41.67 -130.05 -28.94
N CYS L 2702 41.29 -130.74 -27.87
CA CYS L 2702 39.96 -130.57 -27.29
C CYS L 2702 40.01 -130.80 -25.78
N LEU L 2703 39.04 -131.54 -25.27
CA LEU L 2703 38.97 -131.84 -23.83
C LEU L 2703 39.53 -133.23 -23.54
N LEU L 2751 58.31 -142.54 -13.35
CA LEU L 2751 58.01 -143.89 -13.80
C LEU L 2751 58.64 -144.91 -12.86
N ASP L 2752 59.95 -144.76 -12.63
CA ASP L 2752 60.71 -145.68 -11.80
C ASP L 2752 61.45 -144.84 -10.76
N SER L 2753 62.38 -145.47 -10.03
CA SER L 2753 63.16 -144.75 -9.04
C SER L 2753 63.90 -143.55 -9.61
N PHE L 2754 64.01 -143.46 -10.94
CA PHE L 2754 64.57 -142.28 -11.57
C PHE L 2754 63.66 -141.06 -11.41
N ILE L 2755 62.37 -141.28 -11.13
CA ILE L 2755 61.46 -140.16 -10.96
C ILE L 2755 61.81 -139.33 -9.73
N ASN L 2756 62.42 -139.95 -8.72
CA ASN L 2756 62.85 -139.20 -7.54
C ASN L 2756 63.93 -138.19 -7.89
N LYS L 2757 64.65 -138.40 -9.00
CA LYS L 2757 65.64 -137.44 -9.47
C LYS L 2757 65.04 -136.34 -10.34
N PHE L 2758 63.77 -136.46 -10.74
CA PHE L 2758 63.12 -135.35 -11.44
C PHE L 2758 62.83 -134.20 -10.50
N ALA L 2759 62.43 -134.51 -9.25
CA ALA L 2759 62.26 -133.46 -8.26
C ALA L 2759 63.58 -132.75 -7.98
N GLU L 2760 64.70 -133.44 -8.17
CA GLU L 2760 66.00 -132.79 -8.12
C GLU L 2760 66.10 -131.70 -9.18
N TYR L 2761 65.72 -132.03 -10.43
CA TYR L 2761 65.78 -131.05 -11.51
C TYR L 2761 64.90 -129.85 -11.22
N THR L 2762 63.68 -130.09 -10.75
CA THR L 2762 62.80 -128.99 -10.39
C THR L 2762 63.42 -128.14 -9.29
N HIS L 2763 64.19 -128.77 -8.39
CA HIS L 2763 64.94 -128.03 -7.37
C HIS L 2763 66.27 -127.50 -7.89
N GLU L 2764 66.94 -128.23 -8.80
CA GLU L 2764 68.23 -127.77 -9.30
C GLU L 2764 68.10 -126.42 -10.00
N LYS L 2765 67.05 -126.25 -10.80
CA LYS L 2765 66.76 -124.93 -11.35
C LYS L 2765 66.25 -123.99 -10.27
N TRP L 2766 65.51 -124.50 -9.29
CA TRP L 2766 64.97 -123.66 -8.24
C TRP L 2766 66.02 -123.26 -7.21
N ALA L 2767 67.00 -124.12 -6.97
CA ALA L 2767 68.08 -123.76 -6.05
C ALA L 2767 69.09 -122.80 -6.68
N PHE L 2768 69.35 -122.97 -7.99
CA PHE L 2768 70.43 -122.20 -8.62
C PHE L 2768 70.15 -120.71 -8.62
N ASP L 2769 68.91 -120.31 -8.92
CA ASP L 2769 68.61 -118.88 -9.03
C ASP L 2769 68.56 -118.18 -7.67
N LYS L 2770 68.39 -118.93 -6.58
CA LYS L 2770 68.33 -118.31 -5.26
C LYS L 2770 69.67 -117.68 -4.88
N ILE L 2771 70.76 -118.42 -5.04
CA ILE L 2771 72.08 -117.85 -4.82
C ILE L 2771 72.33 -116.73 -5.84
N GLN L 2772 71.83 -116.91 -7.05
CA GLN L 2772 71.91 -115.85 -8.06
C GLN L 2772 71.15 -114.61 -7.63
N ASN L 2773 70.15 -114.76 -6.77
CA ASN L 2773 69.28 -113.66 -6.36
C ASN L 2773 69.30 -113.46 -4.84
N ASN L 2774 70.48 -113.60 -4.23
CA ASN L 2774 70.79 -113.28 -2.84
C ASN L 2774 70.15 -114.23 -1.83
N TRP L 2775 69.38 -115.23 -2.26
CA TRP L 2775 68.77 -116.20 -1.35
C TRP L 2775 69.78 -117.30 -1.10
N SER L 2776 70.56 -117.19 -0.03
CA SER L 2776 71.71 -118.10 0.15
C SER L 2776 71.34 -119.33 0.99
N TYR L 2777 71.07 -119.12 2.28
CA TYR L 2777 70.73 -120.22 3.18
C TYR L 2777 70.53 -119.66 4.59
N GLY L 2778 69.85 -120.45 5.42
CA GLY L 2778 69.99 -120.34 6.86
C GLY L 2778 68.75 -120.48 7.74
N GLU L 2779 67.61 -119.92 7.36
CA GLU L 2779 66.40 -120.33 8.08
C GLU L 2779 65.22 -120.64 7.16
N ASN L 2780 64.94 -119.74 6.22
CA ASN L 2780 63.79 -119.87 5.33
C ASN L 2780 63.76 -118.75 4.29
N VAL L 2781 62.69 -118.70 3.50
CA VAL L 2781 62.44 -117.52 2.67
C VAL L 2781 61.88 -116.41 3.56
N ASP L 2782 62.53 -115.25 3.54
CA ASP L 2782 62.12 -114.14 4.39
C ASP L 2782 62.66 -112.85 3.81
N GLU L 2783 62.06 -111.74 4.22
CA GLU L 2783 62.51 -110.43 3.76
C GLU L 2783 63.72 -109.94 4.55
N GLU L 2784 63.67 -110.07 5.88
CA GLU L 2784 64.79 -109.66 6.71
C GLU L 2784 65.97 -110.63 6.63
N LEU L 2785 65.71 -111.90 6.31
CA LEU L 2785 66.76 -112.92 6.22
C LEU L 2785 67.27 -113.08 4.79
N LYS L 2786 66.38 -113.17 3.82
CA LYS L 2786 66.73 -113.39 2.41
C LYS L 2786 67.62 -114.60 2.25
N THR L 2787 67.08 -115.75 2.66
CA THR L 2787 67.82 -117.01 2.69
C THR L 2787 67.07 -118.07 1.90
N HIS L 2788 67.75 -119.19 1.65
CA HIS L 2788 67.17 -120.33 0.95
C HIS L 2788 66.86 -121.42 1.98
N PRO L 2789 65.60 -121.74 2.21
CA PRO L 2789 65.25 -122.70 3.27
C PRO L 2789 65.82 -124.09 3.03
N MET L 2790 65.48 -124.69 1.90
CA MET L 2790 65.81 -126.08 1.62
C MET L 2790 67.06 -126.12 0.71
N LEU L 2791 68.21 -125.88 1.34
CA LEU L 2791 69.50 -125.99 0.65
C LEU L 2791 70.02 -127.41 0.87
N ARG L 2792 69.42 -128.35 0.12
CA ARG L 2792 69.73 -129.76 0.28
C ARG L 2792 69.24 -130.52 -0.93
N PRO L 2793 70.00 -131.50 -1.43
CA PRO L 2793 69.55 -132.27 -2.59
C PRO L 2793 68.36 -133.17 -2.25
N TYR L 2794 67.54 -133.43 -3.28
CA TYR L 2794 66.38 -134.30 -3.11
C TYR L 2794 66.72 -135.78 -3.22
N LYS L 2795 67.95 -136.13 -3.62
CA LYS L 2795 68.32 -137.53 -3.75
C LYS L 2795 68.17 -138.27 -2.43
N THR L 2796 68.61 -137.66 -1.34
CA THR L 2796 68.40 -138.16 0.01
C THR L 2796 67.66 -137.06 0.76
N PHE L 2797 66.33 -137.07 0.66
CA PHE L 2797 65.49 -135.98 1.15
C PHE L 2797 64.55 -136.48 2.23
N SER L 2798 64.01 -135.53 2.99
CA SER L 2798 63.01 -135.81 4.01
C SER L 2798 61.63 -135.92 3.34
N GLU L 2799 60.57 -135.92 4.14
CA GLU L 2799 59.21 -136.09 3.64
C GLU L 2799 58.47 -134.78 3.45
N LYS L 2800 59.14 -133.63 3.60
CA LYS L 2800 58.43 -132.36 3.49
C LYS L 2800 58.08 -132.02 2.04
N ASP L 2801 58.87 -132.48 1.08
CA ASP L 2801 58.56 -132.27 -0.33
C ASP L 2801 57.73 -133.39 -0.93
N LYS L 2802 57.46 -134.45 -0.17
CA LYS L 2802 56.55 -135.49 -0.64
C LYS L 2802 55.12 -134.98 -0.78
N GLU L 2803 54.81 -133.82 -0.22
CA GLU L 2803 53.51 -133.19 -0.40
C GLU L 2803 53.40 -132.44 -1.73
N ILE L 2804 54.51 -132.25 -2.44
CA ILE L 2804 54.52 -131.56 -3.72
C ILE L 2804 54.97 -132.53 -4.80
N TYR L 2805 56.17 -133.09 -4.63
CA TYR L 2805 56.73 -134.05 -5.58
C TYR L 2805 56.22 -135.45 -5.25
N ARG L 2806 56.83 -136.47 -5.84
CA ARG L 2806 56.44 -137.87 -5.66
C ARG L 2806 55.10 -138.13 -6.34
N TRP L 2807 54.14 -138.70 -5.61
CA TRP L 2807 52.90 -139.15 -6.23
C TRP L 2807 52.22 -138.07 -7.08
N PRO L 2808 52.11 -136.81 -6.67
CA PRO L 2808 51.65 -135.78 -7.61
C PRO L 2808 52.50 -135.67 -8.86
N ILE L 2809 53.82 -135.80 -8.75
CA ILE L 2809 54.66 -135.82 -9.94
C ILE L 2809 54.74 -137.21 -10.55
N LYS L 2810 54.42 -138.26 -9.78
CA LYS L 2810 54.31 -139.59 -10.36
C LYS L 2810 53.11 -139.66 -11.30
N GLU L 2811 51.93 -139.23 -10.83
CA GLU L 2811 50.75 -139.24 -11.68
C GLU L 2811 50.92 -138.30 -12.86
N SER L 2812 51.76 -137.28 -12.74
CA SER L 2812 52.14 -136.47 -13.90
C SER L 2812 52.89 -137.32 -14.93
N LEU L 2813 53.73 -138.25 -14.46
CA LEU L 2813 54.46 -139.16 -15.32
C LEU L 2813 53.84 -140.55 -15.38
N LYS L 2814 52.71 -140.76 -14.70
CA LYS L 2814 52.00 -142.04 -14.76
C LYS L 2814 50.72 -141.96 -15.56
N ALA L 2815 50.13 -140.78 -15.74
CA ALA L 2815 48.99 -140.64 -16.61
C ALA L 2815 49.38 -140.82 -18.07
N MET L 2816 50.61 -140.43 -18.42
CA MET L 2816 51.07 -140.55 -19.81
C MET L 2816 51.17 -142.01 -20.23
N ILE L 2817 51.63 -142.89 -19.34
CA ILE L 2817 51.75 -144.30 -19.69
C ILE L 2817 50.38 -144.96 -19.77
N ALA L 2818 49.34 -144.32 -19.22
CA ALA L 2818 48.00 -144.90 -19.30
C ALA L 2818 47.44 -144.80 -20.71
N TRP L 2819 47.31 -143.58 -21.22
CA TRP L 2819 46.81 -143.36 -22.58
C TRP L 2819 47.94 -143.46 -23.61
N TYR L 2855 75.76 -125.24 -1.39
CA TYR L 2855 75.18 -126.19 -2.33
C TYR L 2855 74.68 -125.47 -3.58
N ASN L 2856 75.36 -125.69 -4.71
CA ASN L 2856 75.05 -125.05 -5.97
C ASN L 2856 74.87 -126.11 -7.05
N PRO L 2857 73.71 -126.75 -7.11
CA PRO L 2857 73.46 -127.74 -8.16
C PRO L 2857 73.39 -127.07 -9.53
N GLN L 2858 73.78 -127.83 -10.55
CA GLN L 2858 73.83 -127.32 -11.92
C GLN L 2858 72.77 -128.03 -12.77
N PRO L 2859 71.64 -127.39 -13.06
CA PRO L 2859 70.66 -128.01 -13.95
C PRO L 2859 71.10 -127.91 -15.41
N PRO L 2860 71.13 -129.02 -16.12
CA PRO L 2860 71.56 -128.98 -17.53
C PRO L 2860 70.50 -128.36 -18.42
N ASP L 2861 70.92 -128.00 -19.63
CA ASP L 2861 70.01 -127.45 -20.63
C ASP L 2861 69.13 -128.56 -21.18
N LEU L 2862 67.83 -128.31 -21.25
CA LEU L 2862 66.86 -129.30 -21.70
C LEU L 2862 66.42 -129.09 -23.14
N SER L 2863 66.64 -127.91 -23.71
CA SER L 2863 66.15 -127.58 -25.05
C SER L 2863 67.07 -128.06 -26.17
N GLY L 2864 67.91 -129.07 -25.91
CA GLY L 2864 68.79 -129.57 -26.95
C GLY L 2864 68.03 -130.12 -28.14
N VAL L 2865 66.89 -130.77 -27.90
CA VAL L 2865 66.03 -131.30 -28.95
C VAL L 2865 64.68 -130.61 -28.83
N THR L 2866 64.31 -129.87 -29.87
CA THR L 2866 63.00 -129.22 -29.90
C THR L 2866 61.89 -130.26 -30.07
N LEU L 2867 60.76 -130.00 -29.44
CA LEU L 2867 59.61 -130.91 -29.50
C LEU L 2867 58.92 -130.74 -30.85
N SER L 2868 59.04 -131.75 -31.72
CA SER L 2868 58.37 -131.71 -33.01
C SER L 2868 56.87 -131.92 -32.83
N ARG L 2869 56.14 -131.81 -33.94
CA ARG L 2869 54.69 -131.90 -33.90
C ARG L 2869 54.19 -133.22 -33.31
N GLU L 2870 55.01 -134.28 -33.39
CA GLU L 2870 54.67 -135.52 -32.69
C GLU L 2870 54.63 -135.31 -31.19
N LEU L 2871 55.54 -134.47 -30.66
CA LEU L 2871 55.61 -134.18 -29.24
C LEU L 2871 55.10 -132.79 -28.89
N GLN L 2872 55.09 -131.85 -29.83
CA GLN L 2872 54.60 -130.50 -29.53
C GLN L 2872 53.12 -130.51 -29.17
N ALA L 2873 52.31 -131.23 -29.95
CA ALA L 2873 50.89 -131.37 -29.61
C ALA L 2873 50.70 -132.24 -28.38
N MET L 2874 51.71 -133.00 -27.98
CA MET L 2874 51.63 -133.78 -26.75
C MET L 2874 51.90 -132.91 -25.53
N ALA L 2875 52.77 -131.90 -25.65
CA ALA L 2875 52.85 -130.86 -24.64
C ALA L 2875 51.58 -130.02 -24.59
N GLU L 2876 50.94 -129.83 -25.75
CA GLU L 2876 49.59 -129.27 -25.77
C GLU L 2876 48.65 -130.10 -24.91
N GLN L 2877 48.91 -131.39 -24.77
CA GLN L 2877 48.17 -132.25 -23.86
C GLN L 2877 48.76 -132.26 -22.46
N LEU L 2878 50.07 -132.09 -22.32
CA LEU L 2878 50.68 -131.98 -21.00
C LEU L 2878 50.23 -130.71 -20.28
N ALA L 2879 50.13 -129.60 -21.01
CA ALA L 2879 49.57 -128.40 -20.42
C ALA L 2879 48.09 -128.57 -20.10
N GLU L 2880 47.40 -129.42 -20.88
CA GLU L 2880 46.00 -129.73 -20.57
C GLU L 2880 45.87 -130.45 -19.23
N ASN L 2881 46.90 -131.17 -18.81
CA ASN L 2881 46.87 -131.85 -17.51
C ASN L 2881 46.80 -130.84 -16.37
N TYR L 2882 47.48 -129.70 -16.52
CA TYR L 2882 47.48 -128.69 -15.47
C TYR L 2882 46.08 -128.11 -15.25
N HIS L 2883 45.24 -128.15 -16.27
CA HIS L 2883 43.85 -127.72 -16.15
C HIS L 2883 42.89 -128.90 -16.03
N ASN L 2884 43.40 -130.14 -16.07
CA ASN L 2884 42.58 -131.32 -15.84
C ASN L 2884 42.80 -131.90 -14.44
N THR L 2885 44.05 -132.23 -14.10
CA THR L 2885 44.33 -132.76 -12.77
C THR L 2885 44.09 -131.71 -11.70
N TRP L 2886 44.68 -130.53 -11.88
CA TRP L 2886 44.43 -129.43 -10.95
C TRP L 2886 43.12 -128.71 -11.25
N GLY L 2887 42.70 -128.68 -12.52
CA GLY L 2887 41.46 -128.03 -12.87
C GLY L 2887 40.24 -128.71 -12.30
N ARG L 2888 40.24 -130.05 -12.29
CA ARG L 2888 39.18 -130.77 -11.60
C ARG L 2888 39.18 -130.45 -10.11
N LYS L 2889 40.37 -130.37 -9.52
CA LYS L 2889 40.47 -129.91 -8.14
C LYS L 2889 40.01 -128.45 -8.03
N LYS L 2890 40.29 -127.64 -9.05
CA LYS L 2890 39.82 -126.26 -9.06
C LYS L 2890 38.30 -126.20 -8.99
N LYS L 2891 37.62 -127.05 -9.75
CA LYS L 2891 36.17 -127.16 -9.61
C LYS L 2891 35.78 -127.65 -8.23
N GLN L 2892 36.59 -128.54 -7.64
CA GLN L 2892 36.35 -129.04 -6.30
C GLN L 2892 36.99 -128.18 -5.22
N GLU L 2893 37.69 -127.11 -5.61
CA GLU L 2893 38.28 -126.18 -4.65
C GLU L 2893 37.29 -125.10 -4.23
N LEU L 2894 36.61 -124.49 -5.20
CA LEU L 2894 35.63 -123.45 -4.90
C LEU L 2894 34.28 -124.02 -4.48
N GLU L 2895 34.03 -125.29 -4.75
CA GLU L 2895 32.80 -125.96 -4.35
C GLU L 2895 32.94 -126.73 -3.04
N ALA L 2896 34.11 -126.66 -2.40
CA ALA L 2896 34.31 -127.28 -1.09
C ALA L 2896 34.68 -126.26 -0.03
N LYS L 2897 34.50 -124.97 -0.33
CA LYS L 2897 34.78 -123.89 0.61
C LYS L 2897 33.54 -123.21 1.15
N GLY L 2898 32.44 -123.23 0.41
CA GLY L 2898 31.21 -122.60 0.84
C GLY L 2898 30.69 -121.56 -0.12
N GLY L 2899 31.08 -121.66 -1.38
CA GLY L 2899 30.62 -120.78 -2.43
C GLY L 2899 31.78 -120.17 -3.19
N GLY L 2900 31.46 -119.18 -4.00
CA GLY L 2900 32.46 -118.49 -4.79
C GLY L 2900 32.51 -118.99 -6.21
N THR L 2901 32.82 -118.09 -7.14
CA THR L 2901 32.95 -118.42 -8.55
C THR L 2901 34.15 -117.72 -9.14
N HIS L 2902 34.78 -118.35 -10.13
CA HIS L 2902 35.95 -117.80 -10.78
C HIS L 2902 35.81 -117.95 -12.29
N PRO L 2903 36.26 -116.97 -13.07
CA PRO L 2903 36.13 -117.06 -14.53
C PRO L 2903 37.06 -118.08 -15.17
N LEU L 2904 37.99 -118.66 -14.42
CA LEU L 2904 38.96 -119.58 -15.01
C LEU L 2904 38.34 -120.89 -15.48
N LEU L 2905 37.12 -121.20 -15.04
CA LEU L 2905 36.49 -122.48 -15.39
C LEU L 2905 36.06 -122.50 -16.84
N VAL L 2906 37.02 -122.51 -17.76
CA VAL L 2906 36.77 -122.62 -19.19
C VAL L 2906 37.74 -123.63 -19.77
N PRO L 2907 37.40 -124.23 -20.92
CA PRO L 2907 38.31 -125.20 -21.54
C PRO L 2907 39.67 -124.59 -21.85
N TYR L 2908 40.65 -125.46 -22.06
CA TYR L 2908 42.04 -125.03 -22.15
C TYR L 2908 42.30 -124.18 -23.38
N ASP L 2909 41.56 -124.43 -24.47
CA ASP L 2909 41.75 -123.64 -25.70
C ASP L 2909 41.45 -122.17 -25.50
N THR L 2910 40.67 -121.82 -24.47
CA THR L 2910 40.26 -120.44 -24.24
C THR L 2910 41.01 -119.80 -23.08
N LEU L 2911 42.16 -120.36 -22.70
CA LEU L 2911 42.93 -119.80 -21.60
C LEU L 2911 43.59 -118.48 -22.01
N THR L 2912 43.95 -117.69 -21.00
CA THR L 2912 44.57 -116.39 -21.23
C THR L 2912 46.01 -116.56 -21.71
N ALA L 2913 46.60 -115.46 -22.17
CA ALA L 2913 47.98 -115.48 -22.64
C ALA L 2913 48.95 -115.80 -21.51
N LYS L 2914 48.57 -115.53 -20.26
CA LYS L 2914 49.47 -115.83 -19.14
C LYS L 2914 49.56 -117.33 -18.89
N GLU L 2915 48.43 -118.05 -19.01
CA GLU L 2915 48.40 -119.48 -18.75
C GLU L 2915 48.71 -120.30 -20.01
N LYS L 2916 48.86 -119.66 -21.17
CA LYS L 2916 49.25 -120.36 -22.38
C LYS L 2916 50.71 -120.15 -22.74
N ALA L 2917 51.50 -119.56 -21.83
CA ALA L 2917 52.91 -119.33 -22.08
C ALA L 2917 53.77 -119.90 -20.96
N ARG L 2918 53.21 -119.98 -19.76
CA ARG L 2918 53.93 -120.51 -18.60
C ARG L 2918 53.60 -121.96 -18.30
N ASP L 2919 52.32 -122.34 -18.39
CA ASP L 2919 51.95 -123.74 -18.20
C ASP L 2919 52.48 -124.60 -19.34
N ARG L 2920 52.49 -124.06 -20.57
CA ARG L 2920 53.14 -124.77 -21.68
C ARG L 2920 54.63 -124.93 -21.42
N GLU L 2921 55.27 -123.90 -20.88
CA GLU L 2921 56.66 -124.03 -20.44
C GLU L 2921 56.77 -125.06 -19.33
N LYS L 2922 55.81 -125.06 -18.40
CA LYS L 2922 55.75 -126.11 -17.39
C LYS L 2922 55.47 -127.48 -18.00
N ALA L 2923 54.98 -127.51 -19.24
CA ALA L 2923 54.68 -128.76 -19.94
C ALA L 2923 55.72 -129.12 -20.99
N GLN L 2924 56.24 -128.13 -21.72
CA GLN L 2924 57.23 -128.41 -22.75
C GLN L 2924 58.53 -128.95 -22.15
N GLU L 2925 58.94 -128.41 -21.01
CA GLU L 2925 60.22 -128.82 -20.42
C GLU L 2925 60.16 -130.21 -19.84
N LEU L 2926 58.97 -130.67 -19.45
CA LEU L 2926 58.85 -132.02 -18.89
C LEU L 2926 59.20 -133.07 -19.93
N LEU L 2927 58.71 -132.91 -21.16
CA LEU L 2927 59.11 -133.81 -22.25
C LEU L 2927 60.61 -133.72 -22.50
N LYS L 2928 61.18 -132.52 -22.38
CA LYS L 2928 62.63 -132.37 -22.53
C LYS L 2928 63.36 -133.13 -21.43
N PHE L 2929 62.82 -133.16 -20.22
CA PHE L 2929 63.37 -134.01 -19.18
C PHE L 2929 63.20 -135.49 -19.51
N LEU L 2930 62.09 -135.84 -20.16
CA LEU L 2930 61.90 -137.23 -20.57
C LEU L 2930 63.01 -137.67 -21.54
N GLN L 2931 63.35 -136.80 -22.50
CA GLN L 2931 64.39 -137.15 -23.46
C GLN L 2931 65.76 -137.28 -22.80
N MET L 2932 65.93 -136.76 -21.59
CA MET L 2932 67.13 -137.05 -20.82
C MET L 2932 67.19 -138.55 -20.50
N ASN L 2933 68.38 -139.13 -20.65
CA ASN L 2933 68.62 -140.54 -20.36
C ASN L 2933 67.76 -141.47 -21.25
N GLY L 2934 67.38 -140.97 -22.43
CA GLY L 2934 66.73 -141.81 -23.43
C GLY L 2934 65.38 -142.38 -23.06
N TYR L 2935 64.48 -141.56 -22.52
CA TYR L 2935 63.10 -141.98 -22.24
C TYR L 2935 62.18 -141.19 -23.17
N ALA L 2936 61.99 -141.72 -24.38
CA ALA L 2936 61.14 -141.10 -25.38
C ALA L 2936 59.81 -141.85 -25.44
N VAL L 2937 58.71 -141.10 -25.32
CA VAL L 2937 57.37 -141.67 -25.35
C VAL L 2937 56.56 -140.88 -26.37
N THR L 2938 56.27 -141.50 -27.51
CA THR L 2938 55.47 -140.90 -28.56
C THR L 2938 54.33 -141.83 -28.94
N ARG L 2939 53.16 -141.27 -29.19
CA ARG L 2939 52.00 -142.07 -29.59
C ARG L 2939 51.75 -141.96 -31.09
N LEU L 2946 54.78 -126.72 -39.28
CA LEU L 2946 53.64 -125.86 -39.59
C LEU L 2946 52.94 -126.32 -40.87
N ASP L 2947 52.63 -127.62 -40.93
CA ASP L 2947 51.95 -128.19 -42.09
C ASP L 2947 50.56 -127.58 -42.26
N THR L 2948 50.30 -127.03 -43.43
CA THR L 2948 49.02 -126.38 -43.71
C THR L 2948 47.89 -127.39 -43.75
N SER L 2949 47.47 -127.87 -42.58
CA SER L 2949 46.33 -128.77 -42.49
C SER L 2949 45.06 -128.02 -42.82
N SER L 2950 45.10 -126.70 -42.60
CA SER L 2950 44.03 -125.77 -42.95
C SER L 2950 42.74 -126.04 -42.18
N ILE L 2951 42.44 -125.15 -41.24
CA ILE L 2951 41.18 -125.22 -40.50
C ILE L 2951 40.02 -124.98 -41.45
N GLU L 2952 40.26 -124.20 -42.49
CA GLU L 2952 39.27 -123.96 -43.53
C GLU L 2952 38.94 -125.27 -44.24
N LYS L 2953 39.99 -126.05 -44.52
CA LYS L 2953 39.81 -127.37 -45.10
C LYS L 2953 39.28 -128.33 -44.04
N ARG L 2954 39.66 -128.08 -42.78
CA ARG L 2954 39.15 -128.88 -41.67
C ARG L 2954 37.68 -128.56 -41.47
N PHE L 2955 37.31 -127.30 -41.70
CA PHE L 2955 35.91 -126.90 -41.70
C PHE L 2955 35.21 -127.59 -42.86
N ALA L 2956 35.92 -127.66 -43.99
CA ALA L 2956 35.42 -128.39 -45.15
C ALA L 2956 35.41 -129.89 -44.84
N PHE L 2957 36.38 -130.33 -44.05
CA PHE L 2957 36.43 -131.71 -43.60
C PHE L 2957 35.31 -131.97 -42.60
N GLY L 2958 35.01 -130.95 -41.79
CA GLY L 2958 33.88 -131.02 -40.87
C GLY L 2958 32.59 -130.95 -41.67
N PHE L 2959 32.67 -130.29 -42.83
CA PHE L 2959 31.56 -130.25 -43.76
C PHE L 2959 31.52 -131.53 -44.58
N LEU L 2960 32.69 -132.13 -44.79
CA LEU L 2960 32.80 -133.38 -45.53
C LEU L 2960 32.09 -134.50 -44.80
N GLN L 2961 32.22 -134.52 -43.47
CA GLN L 2961 31.52 -135.50 -42.65
C GLN L 2961 30.02 -135.31 -42.79
N GLN L 2962 29.60 -134.07 -42.96
CA GLN L 2962 28.20 -133.75 -43.21
C GLN L 2962 27.88 -133.99 -44.69
N LEU L 2963 28.87 -133.82 -45.55
CA LEU L 2963 28.71 -134.05 -46.98
C LEU L 2963 28.68 -135.54 -47.28
N LEU L 2964 29.54 -136.30 -46.60
CA LEU L 2964 29.57 -137.75 -46.76
C LEU L 2964 28.26 -138.34 -46.28
N ARG L 2965 27.69 -137.73 -45.23
CA ARG L 2965 26.36 -138.08 -44.77
C ARG L 2965 25.34 -137.48 -45.74
N TRP L 2966 24.63 -136.45 -45.29
CA TRP L 2966 23.66 -135.73 -46.11
C TRP L 2966 22.68 -136.68 -46.79
N MET L 2967 23.02 -137.08 -48.01
CA MET L 2967 22.16 -137.99 -48.78
C MET L 2967 22.26 -139.42 -48.25
N ASP L 2968 23.25 -139.67 -47.40
CA ASP L 2968 23.45 -140.99 -46.83
C ASP L 2968 22.46 -141.25 -45.71
N ILE L 2969 21.95 -140.18 -45.10
CA ILE L 2969 21.03 -140.30 -43.98
C ILE L 2969 19.65 -139.74 -44.32
N SER L 2970 19.62 -138.72 -45.17
CA SER L 2970 18.36 -138.10 -45.56
C SER L 2970 17.76 -138.76 -46.79
N GLN L 2971 18.51 -138.78 -47.88
CA GLN L 2971 18.03 -139.35 -49.15
C GLN L 2971 17.80 -140.85 -49.02
N GLU L 2972 18.38 -141.46 -47.99
CA GLU L 2972 18.15 -142.88 -47.72
C GLU L 2972 16.75 -143.08 -47.17
N PHE L 2973 16.13 -141.98 -46.74
CA PHE L 2973 14.77 -142.00 -46.22
C PHE L 2973 13.87 -141.06 -47.00
N ILE L 2974 14.46 -140.01 -47.57
CA ILE L 2974 13.70 -139.05 -48.36
C ILE L 2974 13.27 -139.67 -49.68
N ALA L 2975 14.17 -140.44 -50.29
CA ALA L 2975 13.86 -141.12 -51.54
C ALA L 2975 13.30 -142.51 -51.26
N HIS L 2976 13.05 -142.79 -49.99
CA HIS L 2976 12.50 -144.07 -49.59
C HIS L 2976 11.24 -143.88 -48.73
N ILE L 2995 13.04 -135.86 -38.37
CA ILE L 2995 14.19 -135.97 -37.48
C ILE L 2995 14.78 -134.60 -37.18
N LYS L 2996 15.52 -134.50 -36.09
CA LYS L 2996 16.16 -133.25 -35.69
C LYS L 2996 17.41 -132.98 -36.53
N PHE L 2997 17.85 -134.00 -37.27
CA PHE L 2997 19.03 -133.89 -38.11
C PHE L 2997 18.75 -133.01 -39.33
N PHE L 2998 17.47 -132.77 -39.60
CA PHE L 2998 17.07 -131.94 -40.74
C PHE L 2998 17.00 -130.47 -40.34
N ALA L 2999 17.94 -130.04 -39.48
CA ALA L 2999 17.99 -128.66 -39.03
C ALA L 2999 19.39 -128.09 -39.27
N LYS L 3000 20.38 -128.97 -39.32
CA LYS L 3000 21.76 -128.55 -39.55
C LYS L 3000 21.93 -128.03 -40.98
N ILE L 3001 21.10 -128.54 -41.89
CA ILE L 3001 21.12 -128.09 -43.27
C ILE L 3001 20.52 -126.70 -43.39
N LEU L 3002 19.70 -126.33 -42.43
CA LEU L 3002 19.08 -125.01 -42.41
C LEU L 3002 19.87 -124.06 -41.52
N LEU L 3003 21.14 -124.39 -41.31
CA LEU L 3003 22.02 -123.58 -40.48
C LEU L 3003 23.42 -123.49 -41.07
N PRO L 3004 23.86 -124.58 -41.70
CA PRO L 3004 25.18 -124.63 -42.30
C PRO L 3004 25.17 -124.07 -43.72
N LEU L 3005 24.09 -124.32 -44.44
CA LEU L 3005 23.95 -123.84 -45.80
C LEU L 3005 23.88 -122.32 -45.85
N ILE L 3006 23.26 -121.74 -44.82
CA ILE L 3006 23.14 -120.29 -44.72
C ILE L 3006 24.49 -119.67 -44.35
N ASN L 3007 25.29 -120.41 -43.60
CA ASN L 3007 26.59 -119.93 -43.15
C ASN L 3007 27.62 -120.03 -44.27
N GLN L 3008 27.35 -120.90 -45.24
CA GLN L 3008 28.27 -121.12 -46.35
C GLN L 3008 28.14 -120.03 -47.40
N TYR L 3009 27.03 -119.29 -47.36
CA TYR L 3009 26.77 -118.23 -48.32
C TYR L 3009 27.56 -116.97 -47.96
N PHE L 3010 28.11 -116.94 -46.76
CA PHE L 3010 28.83 -115.77 -46.28
C PHE L 3010 30.34 -115.93 -46.44
N THR L 3011 30.89 -116.96 -45.79
CA THR L 3011 32.34 -117.18 -45.77
C THR L 3011 32.93 -117.32 -47.16
N ASN L 3012 32.20 -117.96 -48.06
CA ASN L 3012 32.66 -118.12 -49.44
C ASN L 3012 32.65 -116.78 -50.17
N HIS L 3013 31.69 -115.93 -49.82
CA HIS L 3013 31.58 -114.61 -50.43
C HIS L 3013 32.37 -113.58 -49.64
N CYS L 3014 32.76 -113.93 -48.42
CA CYS L 3014 33.55 -113.03 -47.59
C CYS L 3014 35.00 -113.03 -48.05
N LEU L 3015 35.60 -114.21 -48.14
CA LEU L 3015 36.98 -114.34 -48.59
C LEU L 3015 37.11 -113.94 -50.06
N TYR L 3016 36.73 -114.86 -50.94
CA TYR L 3016 36.80 -114.64 -52.39
C TYR L 3016 38.20 -114.23 -52.84
N PHE L 3017 39.20 -114.73 -52.12
CA PHE L 3017 40.59 -114.42 -52.45
C PHE L 3017 41.47 -115.61 -52.05
N LEU L 3018 40.84 -116.70 -51.62
CA LEU L 3018 41.56 -117.91 -51.28
C LEU L 3018 42.17 -118.52 -52.53
N SER L 3019 41.56 -118.23 -53.68
CA SER L 3019 42.06 -118.70 -54.97
C SER L 3019 43.17 -117.77 -55.46
N THR L 3020 44.30 -117.78 -54.78
CA THR L 3020 45.43 -116.93 -55.14
C THR L 3020 46.73 -117.46 -54.56
N PRO L 3021 46.70 -117.89 -53.30
CA PRO L 3021 47.89 -118.36 -52.61
C PRO L 3021 47.82 -119.86 -52.34
N ALA L 3022 47.45 -120.22 -51.11
CA ALA L 3022 47.36 -121.61 -50.71
C ALA L 3022 46.22 -122.32 -51.42
N LYS L 3023 46.46 -122.71 -52.67
CA LYS L 3023 45.43 -123.36 -53.48
C LYS L 3023 45.27 -124.82 -53.09
N VAL L 3024 44.03 -125.23 -52.89
CA VAL L 3024 43.71 -126.61 -52.55
C VAL L 3024 42.50 -127.08 -53.35
N LEU L 3025 42.61 -128.25 -53.95
CA LEU L 3025 41.51 -128.80 -54.75
C LEU L 3025 40.41 -129.35 -53.86
N GLY L 3026 40.65 -129.37 -52.56
CA GLY L 3026 39.68 -129.85 -51.59
C GLY L 3026 38.42 -128.99 -51.60
N SER L 3027 38.59 -127.72 -51.94
CA SER L 3027 37.47 -126.79 -52.04
C SER L 3027 36.60 -127.10 -53.24
N GLY L 3028 37.25 -127.52 -54.33
CA GLY L 3028 36.53 -127.85 -55.56
C GLY L 3028 35.77 -129.17 -55.40
N GLY L 3029 36.21 -129.99 -54.46
CA GLY L 3029 35.56 -131.26 -54.20
C GLY L 3029 34.17 -131.06 -53.60
N HIS L 3030 34.08 -130.16 -52.64
CA HIS L 3030 32.81 -129.86 -51.97
C HIS L 3030 31.79 -129.29 -52.94
N ALA L 3031 32.28 -128.62 -53.99
CA ALA L 3031 31.40 -128.07 -55.01
C ALA L 3031 30.75 -129.20 -55.81
N SER L 3032 31.49 -130.28 -56.01
CA SER L 3032 30.99 -131.43 -56.74
C SER L 3032 30.35 -132.44 -55.80
N ASN L 3033 30.86 -132.51 -54.57
CA ASN L 3033 30.32 -133.43 -53.57
C ASN L 3033 28.90 -133.01 -53.18
N LYS L 3034 28.63 -131.71 -53.26
CA LYS L 3034 27.31 -131.19 -52.99
C LYS L 3034 26.46 -131.20 -54.26
N GLU L 3035 27.13 -131.13 -55.41
CA GLU L 3035 26.46 -131.15 -56.70
C GLU L 3035 25.72 -132.48 -56.89
N LYS L 3036 26.33 -133.55 -56.41
CA LYS L 3036 25.70 -134.87 -56.47
C LYS L 3036 24.52 -134.94 -55.51
N GLU L 3037 24.65 -134.22 -54.40
CA GLU L 3037 23.57 -134.14 -53.42
C GLU L 3037 22.50 -133.16 -53.91
N MET L 3038 22.91 -132.23 -54.76
CA MET L 3038 21.99 -131.25 -55.32
C MET L 3038 21.23 -131.86 -56.50
N ILE L 3039 21.64 -133.04 -56.91
CA ILE L 3039 20.99 -133.74 -58.01
C ILE L 3039 19.65 -134.30 -57.58
N THR L 3040 19.57 -135.63 -57.44
CA THR L 3040 18.33 -136.32 -57.08
C THR L 3040 17.22 -135.94 -58.05
N SER L 3041 16.63 -134.77 -57.84
CA SER L 3041 15.68 -134.19 -58.76
C SER L 3041 16.18 -132.82 -59.19
N LEU L 3042 17.04 -132.79 -60.21
CA LEU L 3042 17.65 -131.55 -60.69
C LEU L 3042 16.67 -130.74 -61.53
N PHE L 3043 15.38 -130.86 -61.24
CA PHE L 3043 14.35 -130.12 -61.94
C PHE L 3043 13.09 -130.07 -61.09
N CYS L 3044 13.24 -130.33 -59.80
CA CYS L 3044 12.12 -130.36 -58.87
C CYS L 3044 12.57 -130.17 -57.42
N LYS L 3045 13.02 -131.27 -56.81
CA LYS L 3045 13.44 -131.29 -55.41
C LYS L 3045 12.32 -130.81 -54.49
N LEU L 3046 12.69 -130.28 -53.33
CA LEU L 3046 11.72 -129.79 -52.36
C LEU L 3046 12.36 -128.85 -51.35
N ALA L 3047 11.59 -128.49 -50.33
CA ALA L 3047 12.05 -127.64 -49.23
C ALA L 3047 12.57 -126.28 -49.70
N ALA L 3048 13.89 -126.17 -49.84
CA ALA L 3048 14.52 -124.91 -50.19
C ALA L 3048 15.18 -124.96 -51.57
N LEU L 3049 15.17 -123.83 -52.26
CA LEU L 3049 15.84 -123.70 -53.55
C LEU L 3049 17.01 -122.73 -53.44
N VAL L 3050 17.28 -122.29 -52.22
CA VAL L 3050 18.37 -121.35 -51.96
C VAL L 3050 19.72 -122.02 -52.11
N ARG L 3051 19.72 -123.36 -52.10
CA ARG L 3051 20.96 -124.12 -52.31
C ARG L 3051 21.49 -123.88 -53.71
N HIS L 3052 20.58 -123.62 -54.64
CA HIS L 3052 20.96 -123.28 -56.01
C HIS L 3052 21.65 -121.93 -56.03
N ARG L 3053 21.16 -121.01 -55.20
CA ARG L 3053 21.78 -119.70 -55.06
C ARG L 3053 23.08 -119.82 -54.27
N VAL L 3054 23.11 -120.77 -53.34
CA VAL L 3054 24.31 -121.04 -52.57
C VAL L 3054 25.36 -121.67 -53.47
N SER L 3055 24.91 -122.39 -54.48
CA SER L 3055 25.80 -122.98 -55.47
C SER L 3055 26.36 -121.89 -56.38
N LEU L 3056 25.54 -120.87 -56.62
CA LEU L 3056 25.95 -119.74 -57.46
C LEU L 3056 27.05 -118.95 -56.77
N PHE L 3057 27.04 -118.95 -55.44
CA PHE L 3057 28.05 -118.27 -54.66
C PHE L 3057 29.39 -119.01 -54.74
N GLY L 3058 29.31 -120.34 -54.69
CA GLY L 3058 30.50 -121.18 -54.79
C GLY L 3058 30.96 -121.28 -56.23
N THR L 3059 30.09 -120.87 -57.15
CA THR L 3059 30.41 -120.89 -58.58
C THR L 3059 31.46 -119.85 -58.90
N ASP L 3060 31.45 -118.74 -58.16
CA ASP L 3060 32.40 -117.67 -58.37
C ASP L 3060 33.80 -118.08 -57.92
N ALA L 3061 33.86 -118.97 -56.94
CA ALA L 3061 35.12 -119.44 -56.38
C ALA L 3061 35.93 -120.21 -57.44
N PRO L 3062 35.24 -120.94 -58.29
CA PRO L 3062 35.88 -121.70 -59.35
C PRO L 3062 35.99 -120.87 -60.61
N ALA L 3063 34.85 -120.50 -61.18
CA ALA L 3063 34.81 -119.68 -62.38
C ALA L 3063 34.60 -118.21 -62.00
N VAL L 3134 49.26 -128.64 -64.34
CA VAL L 3134 49.12 -129.11 -62.98
C VAL L 3134 47.93 -130.05 -62.85
N ALA L 3135 47.51 -130.32 -61.61
CA ALA L 3135 46.39 -131.20 -61.36
C ALA L 3135 45.08 -130.59 -61.86
N LEU L 3136 44.69 -129.46 -61.28
CA LEU L 3136 43.48 -128.74 -61.66
C LEU L 3136 42.24 -129.63 -61.57
N LEU L 3137 42.06 -130.51 -62.55
CA LEU L 3137 40.92 -131.41 -62.58
C LEU L 3137 41.36 -132.86 -62.47
N PRO L 3138 40.50 -133.70 -61.89
CA PRO L 3138 40.80 -135.12 -61.72
C PRO L 3138 39.52 -135.93 -61.72
N VAL L 3139 39.29 -136.68 -60.65
CA VAL L 3139 38.09 -137.49 -60.51
C VAL L 3139 36.87 -136.60 -60.33
N LEU L 3140 36.18 -136.32 -61.44
CA LEU L 3140 35.00 -135.46 -61.40
C LEU L 3140 34.06 -135.79 -62.56
N THR L 3141 34.46 -135.41 -63.76
CA THR L 3141 33.66 -135.59 -64.97
C THR L 3141 32.27 -134.95 -64.81
N THR L 3142 32.24 -133.79 -64.18
CA THR L 3142 30.99 -133.06 -63.97
C THR L 3142 30.43 -132.60 -65.32
N LEU L 3143 31.31 -132.22 -66.22
CA LEU L 3143 30.91 -131.82 -67.57
C LEU L 3143 30.29 -133.02 -68.29
N PHE L 3144 30.86 -134.20 -68.07
CA PHE L 3144 30.32 -135.43 -68.62
C PHE L 3144 28.98 -135.72 -67.95
N GLN L 3145 28.88 -135.40 -66.66
CA GLN L 3145 27.65 -135.57 -65.91
C GLN L 3145 26.64 -134.51 -66.32
N HIS L 3146 27.14 -133.39 -66.83
CA HIS L 3146 26.29 -132.30 -67.28
C HIS L 3146 25.65 -132.65 -68.62
N ILE L 3147 26.30 -133.53 -69.36
CA ILE L 3147 25.80 -133.95 -70.68
C ILE L 3147 24.66 -134.96 -70.54
N ALA L 3148 24.47 -135.46 -69.33
CA ALA L 3148 23.45 -136.47 -69.08
C ALA L 3148 22.04 -135.93 -69.28
N GLN L 3149 21.58 -135.15 -68.31
CA GLN L 3149 20.22 -134.62 -68.33
C GLN L 3149 20.01 -133.57 -69.43
N HIS L 3150 21.11 -132.96 -69.87
CA HIS L 3150 21.03 -131.93 -70.90
C HIS L 3150 20.76 -132.53 -72.27
N GLN L 3151 21.07 -133.82 -72.43
CA GLN L 3151 20.88 -134.50 -73.70
C GLN L 3151 19.39 -134.63 -74.01
N PHE L 3152 18.66 -135.30 -73.13
CA PHE L 3152 17.23 -135.50 -73.30
C PHE L 3152 16.46 -134.20 -73.16
N GLY L 3153 17.13 -133.18 -72.62
CA GLY L 3153 16.54 -131.85 -72.48
C GLY L 3153 16.34 -131.21 -73.84
N ASP L 3154 17.07 -131.70 -74.83
CA ASP L 3154 16.90 -131.24 -76.21
C ASP L 3154 15.64 -131.84 -76.81
N ASP L 3155 15.26 -133.01 -76.31
CA ASP L 3155 14.04 -133.68 -76.75
C ASP L 3155 12.83 -133.13 -76.00
N VAL L 3156 13.10 -132.36 -74.95
CA VAL L 3156 12.04 -131.73 -74.17
C VAL L 3156 11.31 -130.70 -75.02
N ILE L 3157 12.04 -130.07 -75.93
CA ILE L 3157 11.45 -129.13 -76.88
C ILE L 3157 10.58 -129.90 -77.87
N LEU L 3158 10.98 -131.13 -78.16
CA LEU L 3158 10.21 -132.01 -79.04
C LEU L 3158 9.14 -132.74 -78.24
N ASP L 3159 9.23 -132.62 -76.91
CA ASP L 3159 8.23 -133.22 -76.02
C ASP L 3159 7.12 -132.22 -75.75
N ASP L 3160 7.15 -131.09 -76.46
CA ASP L 3160 6.15 -130.05 -76.32
C ASP L 3160 6.06 -129.21 -77.58
N VAL L 3161 6.49 -129.78 -78.70
CA VAL L 3161 6.46 -129.10 -79.98
C VAL L 3161 5.09 -129.26 -80.65
N CYS L 3170 11.56 -132.61 -67.18
CA CYS L 3170 12.40 -131.46 -67.49
C CYS L 3170 11.55 -130.18 -67.53
N SER L 3171 11.63 -129.39 -66.47
CA SER L 3171 10.88 -128.14 -66.40
C SER L 3171 11.62 -127.12 -65.55
N ILE L 3172 12.54 -127.59 -64.72
CA ILE L 3172 13.34 -126.72 -63.88
C ILE L 3172 14.82 -127.03 -64.03
N TYR L 3173 15.12 -128.00 -64.89
CA TYR L 3173 16.52 -128.30 -65.24
C TYR L 3173 17.01 -127.24 -66.20
N SER L 3174 16.07 -126.57 -66.85
CA SER L 3174 16.38 -125.43 -67.71
C SER L 3174 16.36 -124.15 -66.88
N LEU L 3175 16.15 -124.30 -65.58
CA LEU L 3175 16.11 -123.18 -64.66
C LEU L 3175 17.20 -123.29 -63.60
N GLY L 3176 17.10 -124.32 -62.77
CA GLY L 3176 18.05 -124.52 -61.69
C GLY L 3176 19.37 -125.09 -62.20
N THR L 3177 19.28 -126.15 -62.99
CA THR L 3177 20.48 -126.81 -63.53
C THR L 3177 21.09 -125.99 -64.66
N THR L 3178 20.36 -124.98 -65.12
CA THR L 3178 20.86 -124.10 -66.17
C THR L 3178 21.30 -122.76 -65.58
N LYS L 3179 21.04 -122.57 -64.29
CA LYS L 3179 21.45 -121.36 -63.59
C LYS L 3179 22.96 -121.35 -63.40
N ASN L 3180 23.47 -122.33 -62.65
CA ASN L 3180 24.89 -122.45 -62.41
C ASN L 3180 25.63 -122.84 -63.68
N THR L 3181 24.92 -123.44 -64.62
CA THR L 3181 25.49 -123.84 -65.90
C THR L 3181 25.84 -122.59 -66.72
N TYR L 3182 24.85 -121.71 -66.89
CA TYR L 3182 25.06 -120.47 -67.63
C TYR L 3182 25.96 -119.53 -66.84
N VAL L 3183 25.94 -119.67 -65.52
CA VAL L 3183 26.78 -118.84 -64.66
C VAL L 3183 28.25 -119.20 -64.85
N GLU L 3184 28.62 -120.40 -64.44
CA GLU L 3184 30.01 -120.86 -64.49
C GLU L 3184 30.60 -120.79 -65.89
N LYS L 3185 29.75 -120.93 -66.90
CA LYS L 3185 30.19 -120.82 -68.28
C LYS L 3185 30.56 -119.37 -68.60
N LEU L 3186 29.73 -118.44 -68.15
CA LEU L 3186 29.98 -117.03 -68.36
C LEU L 3186 30.91 -116.46 -67.30
N ARG L 3187 31.12 -117.22 -66.24
CA ARG L 3187 31.99 -116.79 -65.15
C ARG L 3187 33.42 -117.29 -65.37
N PRO L 3188 33.60 -118.15 -66.37
CA PRO L 3188 34.93 -118.66 -66.71
C PRO L 3188 35.86 -117.50 -67.04
N ALA L 3189 35.76 -117.01 -68.27
CA ALA L 3189 36.47 -115.80 -68.70
C ALA L 3189 37.98 -115.86 -68.47
N LEU L 3190 38.37 -115.75 -67.20
CA LEU L 3190 39.78 -115.71 -66.82
C LEU L 3190 40.52 -117.00 -67.21
N GLY L 3191 40.39 -118.02 -66.38
CA GLY L 3191 41.07 -119.29 -66.62
C GLY L 3191 40.36 -120.10 -67.70
N GLU L 3192 41.06 -121.11 -68.22
CA GLU L 3192 40.50 -121.99 -69.24
C GLU L 3192 41.27 -123.30 -69.29
N CYS L 3193 40.65 -124.37 -68.78
CA CYS L 3193 41.28 -125.67 -68.74
C CYS L 3193 41.48 -126.24 -70.15
N LEU L 3194 40.44 -126.89 -70.66
CA LEU L 3194 40.49 -127.47 -72.00
C LEU L 3194 39.09 -127.66 -72.56
N ALA L 3195 38.92 -128.69 -73.39
CA ALA L 3195 37.63 -128.98 -74.00
C ALA L 3195 37.51 -130.47 -74.35
N ARG L 3196 37.47 -131.31 -73.33
CA ARG L 3196 37.35 -132.76 -73.52
C ARG L 3196 35.89 -133.18 -73.52
N LEU L 3197 35.38 -133.56 -74.68
CA LEU L 3197 34.00 -134.00 -74.86
C LEU L 3197 32.99 -132.93 -74.46
N ALA L 3198 33.45 -131.70 -74.35
CA ALA L 3198 32.56 -130.59 -74.01
C ALA L 3198 31.84 -130.12 -75.25
N ALA L 3199 32.56 -130.08 -76.37
CA ALA L 3199 31.98 -129.70 -77.66
C ALA L 3199 30.97 -130.75 -78.11
N ALA L 3200 31.19 -131.99 -77.67
CA ALA L 3200 30.27 -133.08 -77.97
C ALA L 3200 28.91 -132.80 -77.37
N MET L 3201 28.89 -132.38 -76.11
CA MET L 3201 27.65 -132.02 -75.43
C MET L 3201 27.16 -130.68 -75.94
N PRO L 3202 28.09 -129.82 -76.34
CA PRO L 3202 27.75 -128.50 -76.85
C PRO L 3202 27.04 -128.62 -78.20
N VAL L 3203 27.63 -129.39 -79.11
CA VAL L 3203 27.04 -129.59 -80.43
C VAL L 3203 25.73 -130.35 -80.33
N ALA L 3204 25.60 -131.15 -79.28
CA ALA L 3204 24.36 -131.87 -79.01
C ALA L 3204 23.34 -130.93 -78.41
N PHE L 3205 23.80 -129.74 -78.01
CA PHE L 3205 22.93 -128.73 -77.43
C PHE L 3205 22.77 -127.54 -78.38
N LEU L 3206 23.86 -127.19 -79.07
CA LEU L 3206 23.84 -126.07 -80.00
C LEU L 3206 22.93 -126.33 -81.19
N GLU L 3207 23.24 -127.38 -81.95
CA GLU L 3207 22.46 -127.74 -83.13
C GLU L 3207 21.03 -128.09 -82.76
N PRO L 3208 20.85 -128.61 -81.55
CA PRO L 3208 19.53 -128.94 -81.04
C PRO L 3208 18.75 -127.65 -80.75
N GLN L 3209 19.43 -126.65 -80.23
CA GLN L 3209 18.81 -125.38 -79.91
C GLN L 3209 18.80 -124.46 -81.13
N LEU L 3210 19.65 -124.76 -82.10
CA LEU L 3210 19.72 -123.96 -83.33
C LEU L 3210 18.46 -124.16 -84.16
N ASN L 3211 17.74 -125.24 -83.89
CA ASN L 3211 16.50 -125.54 -84.61
C ASN L 3211 15.33 -125.68 -83.64
N GLU L 3212 15.58 -125.40 -82.36
CA GLU L 3212 14.54 -125.50 -81.35
C GLU L 3212 13.65 -124.26 -81.33
N TYR L 3213 13.99 -123.28 -82.14
CA TYR L 3213 13.21 -122.04 -82.22
C TYR L 3213 12.15 -122.14 -83.31
N ASN L 3214 12.09 -123.30 -83.96
CA ASN L 3214 11.09 -123.53 -85.00
C ASN L 3214 9.79 -124.03 -84.39
N ALA L 3215 9.90 -124.72 -83.27
CA ALA L 3215 8.73 -125.24 -82.56
C ALA L 3215 7.90 -124.10 -81.99
N CYS L 3216 6.72 -123.88 -82.56
CA CYS L 3216 5.83 -122.82 -82.11
C CYS L 3216 5.14 -123.18 -80.80
N SER L 3217 4.02 -122.49 -80.52
CA SER L 3217 3.25 -122.71 -79.30
C SER L 3217 4.11 -122.56 -78.05
N VAL L 3218 4.85 -123.62 -77.72
CA VAL L 3218 5.74 -123.60 -76.56
C VAL L 3218 7.18 -123.34 -77.00
N TYR L 3219 7.56 -122.06 -76.99
CA TYR L 3219 8.91 -121.68 -77.38
C TYR L 3219 9.86 -121.72 -76.19
N THR L 3220 9.35 -122.17 -75.05
CA THR L 3220 10.12 -122.27 -73.81
C THR L 3220 10.71 -120.92 -73.41
N THR L 3221 11.94 -120.94 -72.88
CA THR L 3221 12.59 -119.73 -72.42
C THR L 3221 13.77 -119.36 -73.32
N LYS L 3222 14.06 -118.07 -73.41
CA LYS L 3222 15.18 -117.58 -74.20
C LYS L 3222 16.38 -117.28 -73.31
N SER L 3223 16.25 -117.62 -72.02
CA SER L 3223 17.33 -117.40 -71.07
C SER L 3223 18.49 -118.36 -71.34
N PRO L 3224 18.17 -119.63 -71.52
CA PRO L 3224 19.18 -120.64 -71.82
C PRO L 3224 19.67 -120.48 -73.26
N ARG L 3225 18.91 -119.72 -74.05
CA ARG L 3225 19.30 -119.41 -75.41
C ARG L 3225 20.47 -118.44 -75.41
N GLU L 3226 20.64 -117.74 -74.30
CA GLU L 3226 21.76 -116.83 -74.12
C GLU L 3226 22.89 -117.54 -73.37
N ARG L 3227 22.61 -118.76 -72.91
CA ARG L 3227 23.60 -119.56 -72.20
C ARG L 3227 24.59 -120.16 -73.18
N ALA L 3228 24.16 -120.34 -74.43
CA ALA L 3228 25.04 -120.83 -75.49
C ALA L 3228 26.12 -119.80 -75.78
N ILE L 3229 25.73 -118.52 -75.69
CA ILE L 3229 26.68 -117.43 -75.85
C ILE L 3229 27.55 -117.30 -74.61
N LEU L 3230 26.96 -117.63 -73.46
CA LEU L 3230 27.67 -117.57 -72.20
C LEU L 3230 28.76 -118.64 -72.15
N GLY L 3231 28.52 -119.75 -72.84
CA GLY L 3231 29.48 -120.84 -72.89
C GLY L 3231 30.36 -120.72 -74.13
N LEU L 3232 30.09 -119.71 -74.94
CA LEU L 3232 30.86 -119.49 -76.16
C LEU L 3232 32.22 -118.86 -75.85
N PRO L 3233 33.07 -119.63 -75.18
CA PRO L 3233 34.41 -119.17 -74.82
C PRO L 3233 35.33 -120.34 -74.56
N ASN L 3234 34.94 -121.52 -75.05
CA ASN L 3234 35.72 -122.74 -74.85
C ASN L 3234 36.83 -122.85 -75.88
N SER L 3235 36.47 -123.22 -77.11
CA SER L 3235 37.44 -123.37 -78.18
C SER L 3235 36.79 -123.12 -79.55
N VAL L 3236 37.25 -123.86 -80.55
CA VAL L 3236 36.73 -123.71 -81.91
C VAL L 3236 35.31 -124.24 -82.02
N PRO L 3241 25.77 -132.70 -85.27
CA PRO L 3241 26.83 -132.00 -85.97
C PRO L 3241 26.29 -131.24 -87.17
N ASP L 3242 26.45 -129.92 -87.17
CA ASP L 3242 26.02 -129.09 -88.28
C ASP L 3242 26.85 -129.39 -89.52
N ILE L 3243 28.15 -129.54 -89.32
CA ILE L 3243 29.08 -129.86 -90.40
C ILE L 3243 30.39 -130.38 -89.82
N PRO L 3244 30.33 -130.85 -88.58
CA PRO L 3244 31.52 -131.36 -87.90
C PRO L 3244 31.84 -132.78 -88.36
N VAL L 3245 32.38 -132.89 -89.56
CA VAL L 3245 32.77 -134.19 -90.11
C VAL L 3245 33.99 -134.73 -89.38
N LEU L 3246 35.10 -134.01 -89.49
CA LEU L 3246 36.34 -134.42 -88.82
C LEU L 3246 36.46 -133.71 -87.47
N ASP L 3247 35.41 -133.81 -86.66
CA ASP L 3247 35.38 -133.15 -85.36
C ASP L 3247 34.39 -133.81 -84.41
N ARG L 3248 33.38 -134.48 -84.96
CA ARG L 3248 32.33 -135.09 -84.15
C ARG L 3248 32.31 -136.61 -84.29
N LEU L 3249 31.50 -137.10 -85.22
CA LEU L 3249 31.32 -138.54 -85.41
C LEU L 3249 32.60 -139.22 -85.86
N MET L 3250 33.23 -138.66 -86.90
CA MET L 3250 34.47 -139.23 -87.42
C MET L 3250 35.69 -138.69 -86.68
N ALA L 3251 35.72 -138.91 -85.36
CA ALA L 3251 36.83 -138.43 -84.55
C ALA L 3251 36.88 -139.18 -83.21
N ASP L 3252 36.75 -140.50 -83.28
CA ASP L 3252 36.79 -141.33 -82.07
C ASP L 3252 38.13 -142.05 -81.96
N ILE L 3253 39.11 -141.60 -82.73
CA ILE L 3253 40.43 -142.21 -82.73
C ILE L 3253 41.28 -141.67 -81.58
N GLY L 3254 41.31 -140.36 -81.45
CA GLY L 3254 42.08 -139.71 -80.39
C GLY L 3254 41.53 -138.33 -80.07
N ALA L 3261 44.02 -131.93 -82.77
CA ALA L 3261 43.45 -130.69 -82.24
C ALA L 3261 44.38 -129.51 -82.52
N ARG L 3262 45.06 -129.55 -83.65
CA ARG L 3262 45.99 -128.50 -84.03
C ARG L 3262 45.27 -127.33 -84.72
N TYR L 3263 45.75 -126.97 -85.90
CA TYR L 3263 45.18 -125.84 -86.64
C TYR L 3263 44.19 -126.31 -87.70
N THR L 3264 43.19 -127.09 -87.27
CA THR L 3264 42.13 -127.54 -88.16
C THR L 3264 41.29 -126.35 -88.61
N GLU L 3265 41.56 -125.85 -89.81
CA GLU L 3265 40.87 -124.67 -90.33
C GLU L 3265 39.38 -124.91 -90.56
N MET L 3266 38.66 -125.18 -89.48
CA MET L 3266 37.22 -125.43 -89.54
C MET L 3266 36.62 -125.35 -88.14
N PRO L 3267 35.67 -124.44 -87.96
CA PRO L 3267 35.00 -124.27 -86.68
C PRO L 3267 33.58 -123.77 -86.89
N HIS L 3268 33.39 -122.46 -86.81
CA HIS L 3268 32.10 -121.84 -87.11
C HIS L 3268 32.06 -121.43 -88.58
N VAL L 3269 32.88 -122.09 -89.38
CA VAL L 3269 32.96 -121.81 -90.81
C VAL L 3269 31.77 -122.42 -91.56
N ILE L 3270 30.98 -123.21 -90.85
CA ILE L 3270 29.78 -123.80 -91.43
C ILE L 3270 28.74 -122.72 -91.68
N GLU L 3271 28.93 -121.58 -91.02
CA GLU L 3271 28.05 -120.43 -91.20
C GLU L 3271 28.87 -119.14 -91.19
N ILE L 3272 30.11 -119.22 -91.68
CA ILE L 3272 30.99 -118.06 -91.73
C ILE L 3272 30.41 -117.00 -92.66
N THR L 3273 30.25 -117.36 -93.92
CA THR L 3273 29.64 -116.47 -94.90
C THR L 3273 28.16 -116.79 -95.05
N LEU L 3274 27.79 -118.01 -94.66
CA LEU L 3274 26.41 -118.46 -94.76
C LEU L 3274 25.49 -117.66 -93.86
N PRO L 3275 25.81 -117.61 -92.57
CA PRO L 3275 25.02 -116.82 -91.62
C PRO L 3275 25.21 -115.35 -91.91
N MET L 3276 26.34 -114.99 -92.50
CA MET L 3276 26.61 -113.62 -92.91
C MET L 3276 25.68 -113.25 -94.06
N LEU L 3277 25.53 -114.16 -95.02
CA LEU L 3277 24.62 -113.97 -96.13
C LEU L 3277 23.18 -114.11 -95.65
N CYS L 3278 22.98 -114.96 -94.66
CA CYS L 3278 21.65 -115.15 -94.08
C CYS L 3278 21.20 -113.89 -93.36
N SER L 3279 22.11 -113.31 -92.59
CA SER L 3279 21.82 -112.07 -91.88
C SER L 3279 21.65 -110.92 -92.87
N TYR L 3280 22.49 -110.90 -93.89
CA TYR L 3280 22.43 -109.87 -94.92
C TYR L 3280 21.09 -109.94 -95.65
N LEU L 3281 20.61 -111.16 -95.86
CA LEU L 3281 19.31 -111.37 -96.49
C LEU L 3281 18.19 -111.08 -95.50
N PRO L 3282 18.43 -111.41 -94.23
CA PRO L 3282 17.47 -111.11 -93.18
C PRO L 3282 17.38 -109.61 -92.99
N ARG L 3283 18.50 -108.93 -93.14
CA ARG L 3283 18.54 -107.48 -93.05
C ARG L 3283 17.94 -106.85 -94.31
N TRP L 3284 18.17 -107.50 -95.45
CA TRP L 3284 17.62 -107.03 -96.71
C TRP L 3284 16.10 -107.06 -96.67
N TRP L 3285 15.55 -108.14 -96.12
CA TRP L 3285 14.12 -108.25 -95.92
C TRP L 3285 13.69 -107.32 -94.79
N GLU L 3286 12.39 -107.07 -94.68
CA GLU L 3286 11.86 -106.21 -93.63
C GLU L 3286 12.17 -106.78 -92.25
N ARG L 3287 11.81 -108.05 -92.05
CA ARG L 3287 12.06 -108.76 -90.80
C ARG L 3287 11.49 -108.02 -89.59
N GLY L 3288 10.38 -107.32 -89.79
CA GLY L 3288 9.75 -106.55 -88.72
C GLY L 3288 8.67 -107.37 -88.01
N PRO L 3289 9.03 -108.58 -87.60
CA PRO L 3289 8.07 -109.45 -86.92
C PRO L 3289 8.79 -110.39 -85.95
N GLU L 3290 8.03 -111.00 -85.06
CA GLU L 3290 8.58 -111.95 -84.10
C GLU L 3290 8.99 -113.23 -84.80
N ALA L 3291 8.33 -113.52 -85.93
CA ALA L 3291 8.65 -114.69 -86.74
C ALA L 3291 10.04 -114.53 -87.35
N PRO L 3292 10.41 -113.28 -87.61
CA PRO L 3292 11.74 -112.97 -88.11
C PRO L 3292 12.77 -113.26 -87.03
N PRO L 3293 14.03 -113.43 -87.44
CA PRO L 3293 15.11 -113.80 -86.54
C PRO L 3293 14.76 -115.07 -85.78
N PRO L 3294 13.94 -114.94 -84.74
CA PRO L 3294 13.49 -116.06 -83.93
C PRO L 3294 14.66 -116.89 -83.41
N ALA L 3295 15.22 -117.72 -84.29
CA ALA L 3295 16.43 -118.46 -83.98
C ALA L 3295 17.57 -117.48 -83.78
N LEU L 3296 17.68 -116.52 -84.69
CA LEU L 3296 18.69 -115.48 -84.60
C LEU L 3296 18.44 -114.60 -83.38
N PRO L 3297 17.18 -114.42 -83.04
CA PRO L 3297 16.80 -113.64 -81.86
C PRO L 3297 17.15 -114.40 -80.58
N ALA L 3298 17.59 -115.63 -80.72
CA ALA L 3298 17.94 -116.46 -79.58
C ALA L 3298 19.23 -117.25 -79.81
N GLY L 3299 20.04 -116.84 -80.79
CA GLY L 3299 21.29 -117.52 -81.06
C GLY L 3299 22.32 -116.64 -81.78
N ALA L 3300 21.84 -115.65 -82.54
CA ALA L 3300 22.76 -114.77 -83.27
C ALA L 3300 23.45 -113.79 -82.32
N PRO L 3301 23.04 -113.81 -81.05
CA PRO L 3301 23.71 -113.02 -80.03
C PRO L 3301 25.03 -113.69 -79.66
N PRO L 3302 25.15 -114.96 -80.03
CA PRO L 3302 26.37 -115.72 -79.80
C PRO L 3302 27.33 -115.57 -80.97
N PRO L 3303 26.87 -114.90 -82.02
CA PRO L 3303 27.67 -114.70 -83.22
C PRO L 3303 28.72 -113.61 -82.98
N CYS L 3304 28.56 -112.87 -81.89
CA CYS L 3304 29.49 -111.80 -81.54
C CYS L 3304 30.60 -112.31 -80.64
N THR L 3305 30.37 -113.46 -80.01
CA THR L 3305 31.36 -114.06 -79.12
C THR L 3305 32.51 -114.67 -79.91
N ALA L 3306 32.33 -114.77 -81.22
CA ALA L 3306 33.35 -115.33 -82.10
C ALA L 3306 34.50 -114.35 -82.33
N VAL L 3307 34.34 -113.12 -81.84
CA VAL L 3307 35.37 -112.11 -81.98
C VAL L 3307 36.38 -112.19 -80.84
N THR L 3308 36.30 -113.26 -80.06
CA THR L 3308 37.18 -113.45 -78.92
C THR L 3308 38.56 -113.94 -79.35
N SER L 3309 38.64 -115.22 -79.71
CA SER L 3309 39.90 -115.85 -80.08
C SER L 3309 40.44 -115.29 -81.40
N ASP L 3310 39.57 -114.67 -82.18
CA ASP L 3310 39.97 -114.08 -83.46
C ASP L 3310 40.54 -112.68 -83.27
N HIS L 3311 41.40 -112.54 -82.25
CA HIS L 3311 41.99 -111.24 -81.90
C HIS L 3311 40.90 -110.20 -81.70
N LEU L 3312 41.04 -109.07 -82.40
CA LEU L 3312 40.00 -108.06 -82.41
C LEU L 3312 38.94 -108.46 -83.42
N ASN L 3313 39.28 -108.36 -84.70
CA ASN L 3313 38.40 -108.76 -85.79
C ASN L 3313 39.17 -108.82 -87.09
N SER L 3314 39.64 -110.01 -87.45
CA SER L 3314 40.35 -110.20 -88.71
C SER L 3314 39.44 -109.82 -89.86
N LEU L 3315 38.20 -110.27 -89.79
CA LEU L 3315 37.16 -109.82 -90.71
C LEU L 3315 36.53 -108.55 -90.14
N LEU L 3316 37.29 -107.46 -90.23
CA LEU L 3316 36.88 -106.18 -89.63
C LEU L 3316 35.59 -105.66 -90.23
N GLY L 3317 35.42 -105.83 -91.53
CA GLY L 3317 34.22 -105.39 -92.22
C GLY L 3317 33.00 -106.17 -91.74
N ASN L 3318 33.22 -107.42 -91.35
CA ASN L 3318 32.16 -108.27 -90.85
C ASN L 3318 31.67 -107.74 -89.51
N ILE L 3319 32.60 -107.31 -88.66
CA ILE L 3319 32.26 -106.75 -87.35
C ILE L 3319 31.77 -105.31 -87.51
N LEU L 3320 31.99 -104.74 -88.68
CA LEU L 3320 31.56 -103.38 -88.95
C LEU L 3320 30.25 -103.38 -89.75
N ARG L 3321 29.64 -104.55 -89.88
CA ARG L 3321 28.41 -104.68 -90.63
C ARG L 3321 27.38 -105.54 -89.88
N ILE L 3322 27.88 -106.48 -89.08
CA ILE L 3322 27.01 -107.36 -88.31
C ILE L 3322 26.16 -106.55 -87.34
N ILE L 3323 26.76 -105.50 -86.77
CA ILE L 3323 26.04 -104.61 -85.88
C ILE L 3323 25.16 -103.66 -86.69
N VAL L 3324 25.67 -103.26 -87.86
CA VAL L 3324 24.94 -102.37 -88.75
C VAL L 3324 23.69 -103.06 -89.29
N ASN L 3325 23.82 -104.35 -89.61
CA ASN L 3325 22.69 -105.15 -90.05
C ASN L 3325 21.75 -105.40 -88.88
N ASN L 3326 22.33 -105.53 -87.70
CA ASN L 3326 21.55 -105.68 -86.48
C ASN L 3326 20.83 -104.37 -86.17
N LEU L 3327 21.49 -103.27 -86.50
CA LEU L 3327 20.91 -101.94 -86.33
C LEU L 3327 19.75 -101.75 -87.30
N GLY L 3328 19.87 -102.37 -88.47
CA GLY L 3328 18.82 -102.32 -89.47
C GLY L 3328 17.56 -103.00 -88.95
N ILE L 3329 17.76 -104.05 -88.15
CA ILE L 3329 16.65 -104.73 -87.50
C ILE L 3329 16.03 -103.80 -86.46
N ASP L 3330 16.86 -102.96 -85.85
CA ASP L 3330 16.40 -101.96 -84.92
C ASP L 3330 15.88 -100.74 -85.69
N GLU L 3331 16.41 -100.54 -86.90
CA GLU L 3331 15.95 -99.46 -87.76
C GLU L 3331 14.60 -99.81 -88.37
N ALA L 3332 14.27 -101.10 -88.34
CA ALA L 3332 12.98 -101.58 -88.83
C ALA L 3332 11.86 -101.06 -87.93
N THR L 3333 12.21 -100.75 -86.69
CA THR L 3333 11.29 -100.18 -85.69
C THR L 3333 10.18 -101.15 -85.30
N TRP L 3334 10.10 -101.44 -84.00
CA TRP L 3334 9.08 -102.34 -83.48
C TRP L 3334 7.71 -101.64 -83.42
N MET L 3335 6.77 -102.27 -82.71
CA MET L 3335 5.42 -101.72 -82.60
C MET L 3335 5.13 -101.32 -81.15
N LYS L 3336 3.95 -101.69 -80.68
CA LYS L 3336 3.54 -101.39 -79.31
C LYS L 3336 4.39 -102.18 -78.33
N ARG L 3337 3.93 -103.39 -77.99
CA ARG L 3337 4.71 -104.28 -77.15
C ARG L 3337 5.90 -104.79 -77.93
N LEU L 3338 5.64 -105.71 -78.87
CA LEU L 3338 6.64 -106.22 -79.79
C LEU L 3338 7.89 -106.73 -79.10
N ALA L 3339 8.97 -105.96 -79.21
CA ALA L 3339 10.25 -106.33 -78.61
C ALA L 3339 10.35 -105.80 -77.17
N VAL L 3340 9.34 -106.14 -76.36
CA VAL L 3340 9.32 -105.72 -74.96
C VAL L 3340 10.42 -106.44 -74.19
N PHE L 3341 10.51 -107.75 -74.38
CA PHE L 3341 11.55 -108.55 -73.74
C PHE L 3341 12.68 -108.79 -74.73
N ALA L 3342 12.42 -108.52 -76.00
CA ALA L 3342 13.42 -108.70 -77.05
C ALA L 3342 14.27 -107.43 -77.19
N GLN L 3343 14.95 -107.06 -76.12
CA GLN L 3343 15.82 -105.89 -76.12
C GLN L 3343 16.88 -106.02 -75.04
N PRO L 3344 16.89 -107.18 -74.38
CA PRO L 3344 17.87 -107.45 -73.33
C PRO L 3344 19.18 -107.95 -73.92
N ILE L 3345 19.22 -108.05 -75.25
CA ILE L 3345 20.42 -108.49 -75.95
C ILE L 3345 21.35 -107.30 -76.22
N VAL L 3346 20.99 -106.16 -75.67
CA VAL L 3346 21.79 -104.94 -75.83
C VAL L 3346 23.08 -105.04 -75.03
N SER L 3347 23.10 -105.96 -74.06
CA SER L 3347 24.27 -106.18 -73.24
C SER L 3347 25.43 -106.71 -74.08
N ARG L 3348 25.11 -107.59 -75.01
CA ARG L 3348 26.12 -108.14 -75.92
C ARG L 3348 26.48 -107.10 -76.97
N ALA L 3349 25.54 -106.18 -77.23
CA ALA L 3349 25.76 -105.11 -78.19
C ALA L 3349 26.79 -104.11 -77.66
N ARG L 3350 26.96 -104.09 -76.34
CA ARG L 3350 27.94 -103.22 -75.72
C ARG L 3350 29.30 -103.91 -75.64
N PRO L 3351 29.55 -104.80 -76.60
CA PRO L 3351 30.81 -105.52 -76.68
C PRO L 3351 31.24 -105.64 -78.13
N GLU L 3352 30.28 -105.49 -79.04
CA GLU L 3352 30.57 -105.53 -80.47
C GLU L 3352 31.20 -104.22 -80.92
N LEU L 3353 31.11 -103.21 -80.06
CA LEU L 3353 31.69 -101.90 -80.36
C LEU L 3353 33.11 -101.80 -79.82
N LEU L 3354 33.69 -102.94 -79.46
CA LEU L 3354 35.06 -102.99 -78.95
C LEU L 3354 36.05 -102.56 -80.02
N HIS L 3355 36.20 -103.40 -81.05
CA HIS L 3355 37.05 -103.07 -82.19
C HIS L 3355 36.23 -102.40 -83.28
N SER L 3356 35.28 -101.58 -82.86
CA SER L 3356 34.39 -100.87 -83.79
C SER L 3356 35.19 -99.89 -84.64
N HIS L 3357 35.73 -100.38 -85.75
CA HIS L 3357 36.46 -99.54 -86.68
C HIS L 3357 35.49 -98.88 -87.66
N PHE L 3358 34.36 -98.44 -87.14
CA PHE L 3358 33.32 -97.83 -87.96
C PHE L 3358 33.69 -96.39 -88.33
N ILE L 3359 34.85 -96.22 -88.94
CA ILE L 3359 35.30 -94.92 -89.41
C ILE L 3359 34.44 -94.50 -90.59
N PRO L 3360 33.78 -95.48 -91.21
CA PRO L 3360 32.84 -95.23 -92.29
C PRO L 3360 31.67 -94.39 -91.78
N THR L 3361 30.82 -95.04 -90.97
CA THR L 3361 29.65 -94.39 -90.41
C THR L 3361 28.83 -93.72 -91.51
N ILE L 3362 28.92 -92.39 -91.58
CA ILE L 3362 28.27 -91.60 -92.62
C ILE L 3362 26.79 -91.94 -92.75
N GLY L 3363 26.50 -92.96 -93.54
CA GLY L 3363 25.13 -93.45 -93.70
C GLY L 3363 24.70 -94.15 -92.42
N ARG L 3364 25.62 -94.89 -91.82
CA ARG L 3364 25.37 -95.55 -90.54
C ARG L 3364 25.25 -94.50 -89.44
N LEU L 3365 26.02 -93.42 -89.59
CA LEU L 3365 25.90 -92.28 -88.69
C LEU L 3365 24.58 -91.58 -88.92
N ARG L 3366 24.18 -91.49 -90.19
CA ARG L 3366 22.89 -90.93 -90.54
C ARG L 3366 21.77 -91.88 -90.13
N LYS L 3367 22.07 -93.18 -90.17
CA LYS L 3367 21.12 -94.19 -89.72
C LYS L 3367 20.83 -94.02 -88.24
N ARG L 3368 21.82 -93.53 -87.51
CA ARG L 3368 21.66 -93.25 -86.09
C ARG L 3368 21.15 -91.83 -85.88
N ALA L 3369 21.26 -91.02 -86.93
CA ALA L 3369 20.85 -89.61 -86.85
C ALA L 3369 19.45 -89.41 -87.43
N GLY L 3370 19.27 -89.80 -88.69
CA GLY L 3370 17.99 -89.59 -89.38
C GLY L 3370 16.86 -90.33 -88.69
N LYS L 3371 17.16 -91.50 -88.14
CA LYS L 3371 16.17 -92.28 -87.40
C LYS L 3371 15.79 -91.55 -86.13
N VAL L 3372 16.79 -91.04 -85.43
CA VAL L 3372 16.57 -90.25 -84.23
C VAL L 3372 15.84 -88.97 -84.58
N VAL L 3373 16.20 -88.40 -85.72
CA VAL L 3373 15.52 -87.20 -86.23
C VAL L 3373 14.08 -87.54 -86.59
N ALA L 3374 13.89 -88.74 -87.13
CA ALA L 3374 12.54 -89.25 -87.40
C ALA L 3374 11.83 -89.52 -86.08
N GLU L 3375 12.60 -89.99 -85.10
CA GLU L 3375 12.08 -90.23 -83.76
C GLU L 3375 11.78 -88.89 -83.10
N GLU L 3376 12.64 -87.90 -83.36
CA GLU L 3376 12.43 -86.56 -82.83
C GLU L 3376 11.18 -85.96 -83.48
N GLU L 3377 10.99 -86.25 -84.75
CA GLU L 3377 9.81 -85.79 -85.47
C GLU L 3377 8.57 -86.54 -84.96
N GLN L 3378 8.76 -87.81 -84.65
CA GLN L 3378 7.67 -88.64 -84.12
C GLN L 3378 7.32 -88.18 -82.70
N LEU L 3379 8.35 -87.86 -81.92
CA LEU L 3379 8.15 -87.35 -80.57
C LEU L 3379 7.50 -85.98 -80.63
N ARG L 3380 7.91 -85.16 -81.59
CA ARG L 3380 7.32 -83.85 -81.80
C ARG L 3380 5.88 -84.00 -82.27
N LEU L 3381 5.60 -85.07 -83.00
CA LEU L 3381 4.25 -85.35 -83.45
C LEU L 3381 3.39 -85.83 -82.29
N GLU L 3382 4.04 -86.22 -81.19
CA GLU L 3382 3.34 -86.68 -80.01
C GLU L 3382 3.36 -85.61 -78.92
N ALA L 3383 4.47 -84.87 -78.83
CA ALA L 3383 4.60 -83.82 -77.82
C ALA L 3383 3.71 -82.63 -78.16
N LYS L 3384 3.73 -82.21 -79.43
CA LYS L 3384 2.89 -81.10 -79.88
C LYS L 3384 1.43 -81.51 -79.89
N ALA L 3385 1.18 -82.82 -79.96
CA ALA L 3385 -0.17 -83.36 -79.88
C ALA L 3385 -0.64 -83.32 -78.43
N GLU L 3386 0.29 -83.07 -77.52
CA GLU L 3386 -0.03 -82.94 -76.10
C GLU L 3386 0.13 -81.49 -75.66
N ALA L 3387 1.00 -80.77 -76.35
CA ALA L 3387 1.26 -79.36 -76.04
C ALA L 3387 0.17 -78.47 -76.61
N GLU L 3388 -0.35 -78.84 -77.77
CA GLU L 3388 -1.39 -78.06 -78.43
C GLU L 3388 -2.76 -78.74 -78.26
N GLU L 3389 -2.99 -79.31 -77.09
CA GLU L 3389 -4.25 -79.98 -76.81
C GLU L 3389 -4.68 -79.77 -75.36
N GLY L 3390 -5.04 -78.52 -75.04
CA GLY L 3390 -5.51 -78.18 -73.70
C GLY L 3390 -6.97 -77.74 -73.77
N GLU L 3391 -7.81 -78.59 -74.37
CA GLU L 3391 -9.22 -78.29 -74.52
C GLU L 3391 -10.05 -78.92 -73.41
N LEU L 3392 -9.45 -79.04 -72.24
CA LEU L 3392 -10.12 -79.60 -71.06
C LEU L 3392 -10.69 -80.99 -71.33
N LEU L 3393 -9.80 -81.97 -71.47
CA LEU L 3393 -10.23 -83.35 -71.71
C LEU L 3393 -9.16 -84.33 -71.26
N VAL L 3394 -9.49 -85.15 -70.27
CA VAL L 3394 -8.57 -86.13 -69.73
C VAL L 3394 -8.57 -87.42 -70.55
N ARG L 3395 -9.31 -87.39 -71.66
CA ARG L 3395 -9.38 -88.55 -72.55
C ARG L 3395 -8.13 -88.64 -73.40
N ASP L 3396 -7.42 -87.53 -73.52
CA ASP L 3396 -6.18 -87.47 -74.31
C ASP L 3396 -5.02 -88.11 -73.54
N GLU L 3397 -5.23 -88.37 -72.26
CA GLU L 3397 -4.21 -88.97 -71.41
C GLU L 3397 -3.86 -90.37 -71.91
N PHE L 3398 -4.79 -91.01 -72.58
CA PHE L 3398 -4.56 -92.33 -73.16
C PHE L 3398 -3.91 -92.18 -74.53
N SER L 3399 -4.14 -91.04 -75.17
CA SER L 3399 -3.63 -90.80 -76.51
C SER L 3399 -2.30 -90.05 -76.46
N VAL L 3400 -2.31 -88.85 -75.88
CA VAL L 3400 -1.11 -88.03 -75.78
C VAL L 3400 -0.06 -88.72 -74.91
N LEU L 3401 -0.43 -89.03 -73.68
CA LEU L 3401 0.46 -89.77 -72.78
C LEU L 3401 0.36 -91.26 -73.09
N CYS L 3402 0.78 -92.10 -72.14
CA CYS L 3402 0.77 -93.55 -72.30
C CYS L 3402 1.59 -94.01 -73.52
N ARG L 3403 1.17 -93.58 -74.71
CA ARG L 3403 1.88 -93.90 -75.93
C ARG L 3403 3.27 -93.27 -75.96
N ASP L 3404 3.45 -92.24 -75.14
CA ASP L 3404 4.75 -91.57 -75.03
C ASP L 3404 5.78 -92.52 -74.42
N LEU L 3405 5.32 -93.44 -73.58
CA LEU L 3405 6.19 -94.41 -72.94
C LEU L 3405 6.67 -95.46 -73.94
N TYR L 3406 5.89 -95.63 -75.01
CA TYR L 3406 6.24 -96.58 -76.06
C TYR L 3406 7.46 -96.10 -76.82
N ALA L 3407 7.47 -94.80 -77.15
CA ALA L 3407 8.58 -94.19 -77.86
C ALA L 3407 9.75 -93.96 -76.91
N LEU L 3408 9.44 -93.79 -75.63
CA LEU L 3408 10.45 -93.56 -74.60
C LEU L 3408 11.33 -94.80 -74.42
N TYR L 3409 10.69 -95.94 -74.28
CA TYR L 3409 11.41 -97.21 -74.12
C TYR L 3409 12.18 -97.54 -75.40
N PRO L 3410 11.66 -97.08 -76.53
CA PRO L 3410 12.33 -97.26 -77.80
C PRO L 3410 13.57 -96.36 -77.87
N LEU L 3411 13.46 -95.18 -77.29
CA LEU L 3411 14.56 -94.22 -77.27
C LEU L 3411 15.65 -94.67 -76.32
N LEU L 3412 15.28 -95.45 -75.32
CA LEU L 3412 16.23 -95.96 -74.34
C LEU L 3412 16.89 -97.25 -74.83
N ILE L 3413 17.05 -97.36 -76.14
CA ILE L 3413 17.66 -98.54 -76.75
C ILE L 3413 18.82 -98.14 -77.65
N ARG L 3414 18.61 -97.10 -78.44
CA ARG L 3414 19.64 -96.63 -79.37
C ARG L 3414 20.66 -95.77 -78.64
N TYR L 3415 20.23 -95.14 -77.54
CA TYR L 3415 21.10 -94.26 -76.78
C TYR L 3415 22.14 -95.06 -76.00
N VAL L 3416 21.82 -96.33 -75.72
CA VAL L 3416 22.74 -97.20 -74.98
C VAL L 3416 23.77 -97.82 -75.92
N ASP L 3417 23.67 -97.47 -77.21
CA ASP L 3417 24.61 -97.98 -78.20
C ASP L 3417 25.50 -96.88 -78.74
N ASN L 3418 24.94 -95.67 -78.84
CA ASN L 3418 25.67 -94.53 -79.36
C ASN L 3418 26.68 -93.99 -78.34
N ASN L 3419 26.47 -94.34 -77.08
CA ASN L 3419 27.36 -93.88 -76.00
C ASN L 3419 28.75 -94.46 -76.17
N ARG L 3420 28.84 -95.78 -76.26
CA ARG L 3420 30.12 -96.45 -76.45
C ARG L 3420 30.71 -96.10 -77.81
N ALA L 3421 29.84 -95.75 -78.75
CA ALA L 3421 30.27 -95.35 -80.08
C ALA L 3421 30.97 -94.00 -80.03
N HIS L 3422 30.52 -93.15 -79.13
CA HIS L 3422 31.11 -91.82 -78.97
C HIS L 3422 32.29 -91.86 -78.01
N TRP L 3423 32.51 -93.02 -77.39
CA TRP L 3423 33.61 -93.20 -76.46
C TRP L 3423 34.88 -93.65 -77.20
N LEU L 3424 34.89 -93.42 -78.51
CA LEU L 3424 36.04 -93.77 -79.34
C LEU L 3424 36.10 -92.84 -80.55
N THR L 3425 34.95 -92.30 -80.92
CA THR L 3425 34.87 -91.36 -82.03
C THR L 3425 34.84 -89.93 -81.50
N GLU L 3426 35.81 -89.60 -80.65
CA GLU L 3426 35.90 -88.27 -80.06
C GLU L 3426 37.29 -87.68 -80.26
N PRO L 3427 38.28 -88.56 -80.40
CA PRO L 3427 39.66 -88.11 -80.59
C PRO L 3427 39.83 -87.40 -81.92
N ASN L 3428 39.77 -88.16 -83.01
CA ASN L 3428 39.92 -87.60 -84.35
C ASN L 3428 38.74 -86.69 -84.70
N ALA L 3429 37.61 -86.91 -84.04
CA ALA L 3429 36.41 -86.11 -84.28
C ALA L 3429 36.61 -84.68 -83.79
N ASN L 3430 37.17 -84.53 -82.60
CA ASN L 3430 37.41 -83.20 -82.03
C ASN L 3430 38.67 -82.60 -82.61
N ALA L 3431 39.57 -83.46 -83.10
CA ALA L 3431 40.80 -83.00 -83.73
C ALA L 3431 40.57 -82.71 -85.20
N GLU L 3432 41.60 -82.24 -85.88
CA GLU L 3432 41.54 -81.91 -87.30
C GLU L 3432 40.41 -80.91 -87.59
N GLU L 3433 39.21 -81.43 -87.79
CA GLU L 3433 38.05 -80.58 -88.09
C GLU L 3433 36.82 -81.05 -87.31
N LEU L 3434 35.67 -81.00 -87.97
CA LEU L 3434 34.41 -81.41 -87.36
C LEU L 3434 33.37 -81.74 -88.43
N PHE L 3435 32.34 -80.91 -88.52
CA PHE L 3435 31.29 -81.02 -89.53
C PHE L 3435 30.48 -82.32 -89.44
N ARG L 3436 31.16 -83.45 -89.38
CA ARG L 3436 30.52 -84.75 -89.33
C ARG L 3436 29.61 -84.88 -88.12
N MET L 3437 30.20 -84.75 -86.93
CA MET L 3437 29.45 -84.89 -85.69
C MET L 3437 28.61 -83.65 -85.38
N VAL L 3438 28.79 -82.60 -86.18
CA VAL L 3438 28.05 -81.36 -86.00
C VAL L 3438 26.57 -81.56 -86.28
N GLY L 3439 26.27 -82.53 -87.15
CA GLY L 3439 24.89 -82.87 -87.47
C GLY L 3439 24.22 -83.53 -86.27
N GLU L 3440 24.97 -84.37 -85.57
CA GLU L 3440 24.46 -85.06 -84.40
C GLU L 3440 24.20 -84.08 -83.27
N ILE L 3441 25.09 -83.12 -83.10
CA ILE L 3441 24.98 -82.12 -82.04
C ILE L 3441 23.78 -81.21 -82.28
N PHE L 3442 23.53 -80.88 -83.54
CA PHE L 3442 22.42 -80.01 -83.89
C PHE L 3442 21.09 -80.74 -83.73
N ILE L 3443 21.14 -82.06 -83.77
CA ILE L 3443 19.94 -82.87 -83.65
C ILE L 3443 19.88 -83.59 -82.30
N TYR L 3444 20.79 -83.23 -81.40
CA TYR L 3444 20.83 -83.83 -80.08
C TYR L 3444 19.91 -83.10 -79.11
N TRP L 3445 19.10 -82.20 -79.65
CA TRP L 3445 18.15 -81.44 -78.83
C TRP L 3445 16.85 -82.23 -78.66
N SER L 3446 16.98 -83.54 -78.42
CA SER L 3446 15.82 -84.39 -78.21
C SER L 3446 15.17 -84.09 -76.88
N LYS L 3447 15.92 -84.27 -75.80
CA LYS L 3447 15.42 -83.98 -74.46
C LYS L 3447 15.23 -82.48 -74.28
N SER L 3448 15.99 -81.70 -75.05
CA SER L 3448 15.86 -80.25 -75.04
C SER L 3448 14.50 -79.85 -75.60
N HIS L 3449 13.96 -80.69 -76.48
CA HIS L 3449 12.63 -80.47 -77.04
C HIS L 3449 11.64 -81.42 -76.36
N ASN L 3450 12.00 -81.91 -75.19
CA ASN L 3450 11.16 -82.82 -74.44
C ASN L 3450 11.37 -82.69 -72.93
N PHE L 3451 12.34 -83.44 -72.40
CA PHE L 3451 12.63 -83.45 -70.97
C PHE L 3451 12.97 -82.07 -70.45
N LYS L 3452 13.57 -81.24 -71.29
CA LYS L 3452 13.91 -79.88 -70.91
C LYS L 3452 12.86 -78.89 -71.42
N ARG L 3453 11.94 -79.38 -72.23
CA ARG L 3453 10.88 -78.55 -72.78
C ARG L 3453 9.61 -78.63 -71.94
N GLU L 3454 9.79 -78.88 -70.64
CA GLU L 3454 8.69 -78.96 -69.69
C GLU L 3454 7.65 -80.02 -70.07
N GLU L 3455 8.08 -81.03 -70.81
CA GLU L 3455 7.21 -82.14 -71.16
C GLU L 3455 7.13 -83.11 -70.00
N GLN L 3456 6.15 -82.90 -69.12
CA GLN L 3456 5.99 -83.75 -67.94
C GLN L 3456 5.72 -85.20 -68.35
N ASN L 3457 5.00 -85.38 -69.46
CA ASN L 3457 4.70 -86.71 -69.98
C ASN L 3457 5.98 -87.43 -70.39
N PHE L 3458 6.84 -86.74 -71.12
CA PHE L 3458 8.13 -87.29 -71.52
C PHE L 3458 9.00 -87.47 -70.29
N VAL L 3459 8.82 -86.58 -69.32
CA VAL L 3459 9.53 -86.67 -68.05
C VAL L 3459 8.91 -87.77 -67.20
N VAL L 3460 7.67 -88.11 -67.50
CA VAL L 3460 6.99 -89.19 -66.79
C VAL L 3460 7.42 -90.54 -67.33
N GLN L 3461 8.71 -90.84 -67.19
CA GLN L 3461 9.23 -92.14 -67.56
C GLN L 3461 8.56 -93.20 -66.70
N ASN L 3462 8.45 -92.89 -65.40
CA ASN L 3462 7.74 -93.73 -64.44
C ASN L 3462 8.18 -95.18 -64.51
N GLU L 3463 7.46 -95.96 -65.33
CA GLU L 3463 7.81 -97.36 -65.57
C GLU L 3463 9.16 -97.43 -66.26
N ILE L 3464 9.40 -96.50 -67.18
CA ILE L 3464 10.67 -96.42 -67.87
C ILE L 3464 11.76 -95.98 -66.89
N ASN L 3465 11.35 -95.23 -65.87
CA ASN L 3465 12.27 -94.78 -64.83
C ASN L 3465 12.45 -95.87 -63.77
N ASN L 3466 11.48 -96.77 -63.70
CA ASN L 3466 11.53 -97.86 -62.72
C ASN L 3466 11.92 -99.18 -63.36
N MET L 3467 10.94 -99.87 -63.93
CA MET L 3467 11.17 -101.18 -64.53
C MET L 3467 11.53 -101.06 -66.01
N SER L 3468 12.03 -99.89 -66.41
CA SER L 3468 12.44 -99.62 -67.78
C SER L 3468 11.30 -99.87 -68.78
N VAL L 3511 16.49 -87.73 -61.59
CA VAL L 3511 17.77 -88.35 -61.26
C VAL L 3511 18.73 -88.26 -62.44
N ALA L 3512 19.65 -89.22 -62.52
CA ALA L 3512 20.63 -89.25 -63.59
C ALA L 3512 20.61 -90.58 -64.33
N THR L 3513 20.01 -90.58 -65.53
CA THR L 3513 19.92 -91.78 -66.33
C THR L 3513 19.70 -91.46 -67.80
N LEU L 3514 20.80 -91.40 -68.56
CA LEU L 3514 20.78 -91.13 -69.99
C LEU L 3514 20.01 -89.85 -70.33
N LYS L 3515 19.21 -89.91 -71.40
CA LYS L 3515 18.40 -88.79 -71.86
C LYS L 3515 19.24 -87.55 -72.13
N LYS L 3516 19.64 -86.86 -71.06
CA LYS L 3516 20.46 -85.66 -71.18
C LYS L 3516 21.89 -85.95 -70.76
N MET L 3517 22.10 -87.09 -70.12
CA MET L 3517 23.43 -87.48 -69.68
C MET L 3517 24.33 -87.80 -70.86
N LEU L 3518 23.72 -88.22 -71.96
CA LEU L 3518 24.47 -88.53 -73.18
C LEU L 3518 24.93 -87.25 -73.88
N PRO L 3519 24.17 -86.18 -73.69
CA PRO L 3519 24.49 -84.90 -74.31
C PRO L 3519 25.76 -84.30 -73.70
N ILE L 3520 26.02 -84.66 -72.44
CA ILE L 3520 27.18 -84.14 -71.73
C ILE L 3520 28.49 -84.64 -72.33
N GLY L 3521 28.43 -85.80 -72.96
CA GLY L 3521 29.62 -86.42 -73.56
C GLY L 3521 30.03 -85.69 -74.84
N LEU L 3522 29.06 -85.04 -75.47
CA LEU L 3522 29.31 -84.33 -76.72
C LEU L 3522 29.08 -82.83 -76.58
N ASN L 3523 28.76 -82.39 -75.37
CA ASN L 3523 28.53 -80.98 -75.10
C ASN L 3523 29.80 -80.18 -75.37
N MET L 3524 30.94 -80.78 -75.05
CA MET L 3524 32.23 -80.16 -75.30
C MET L 3524 32.50 -80.10 -76.80
N CYS L 3525 32.09 -81.15 -77.51
CA CYS L 3525 32.28 -81.21 -78.96
C CYS L 3525 31.33 -80.25 -79.65
N ALA L 3526 30.25 -79.89 -78.97
CA ALA L 3526 29.27 -78.95 -79.51
C ALA L 3526 29.80 -77.53 -79.41
N PRO L 3527 30.44 -77.22 -78.29
CA PRO L 3527 31.01 -75.90 -78.08
C PRO L 3527 32.40 -75.81 -78.70
N THR L 3528 32.91 -76.93 -79.20
CA THR L 3528 34.22 -76.97 -79.82
C THR L 3528 34.22 -76.22 -81.15
N ASP L 3529 33.11 -76.32 -81.87
CA ASP L 3529 32.97 -75.66 -83.16
C ASP L 3529 32.25 -74.32 -83.00
N GLN L 3530 32.12 -73.87 -81.76
CA GLN L 3530 31.46 -72.60 -81.48
C GLN L 3530 32.39 -71.43 -81.72
N ASP L 3531 32.44 -70.52 -80.76
CA ASP L 3531 33.28 -69.33 -80.87
C ASP L 3531 34.76 -69.67 -80.80
N LEU L 3532 35.48 -69.46 -81.91
CA LEU L 3532 36.91 -69.69 -81.96
C LEU L 3532 37.65 -68.41 -81.59
N ILE L 3533 36.93 -67.48 -80.97
CA ILE L 3533 37.51 -66.20 -80.57
C ILE L 3533 36.66 -65.54 -79.50
N MET L 3534 35.76 -64.66 -79.94
CA MET L 3534 34.94 -63.88 -79.02
C MET L 3534 33.58 -64.52 -78.76
N LEU L 3535 33.36 -64.97 -77.53
CA LEU L 3535 32.07 -65.48 -77.11
C LEU L 3535 31.17 -64.31 -76.72
N ALA L 3536 31.18 -63.96 -75.44
CA ALA L 3536 30.50 -62.78 -74.92
C ALA L 3536 28.99 -62.79 -75.18
N LYS L 3537 28.63 -62.71 -76.46
CA LYS L 3537 27.22 -62.63 -76.86
C LYS L 3537 26.42 -63.86 -76.41
N THR L 3538 27.11 -64.97 -76.21
CA THR L 3538 26.48 -66.19 -75.72
C THR L 3538 25.93 -65.96 -74.31
N ARG L 3539 26.64 -65.18 -73.52
CA ARG L 3539 26.20 -64.84 -72.17
C ARG L 3539 24.98 -63.92 -72.23
N TYR L 3540 24.95 -63.03 -73.22
CA TYR L 3540 23.82 -62.15 -73.41
C TYR L 3540 22.63 -62.93 -73.95
N ALA L 3541 22.92 -63.96 -74.72
CA ALA L 3541 21.89 -64.84 -75.26
C ALA L 3541 21.36 -65.77 -74.17
N LEU L 3542 22.23 -66.09 -73.21
CA LEU L 3542 21.83 -66.91 -72.07
C LEU L 3542 20.87 -66.12 -71.19
N LYS L 3543 21.10 -64.82 -71.09
CA LYS L 3543 20.21 -63.95 -70.32
C LYS L 3543 18.93 -63.68 -71.11
N ASP L 3544 19.04 -63.71 -72.43
CA ASP L 3544 17.90 -63.50 -73.30
C ASP L 3544 16.96 -64.70 -73.24
N THR L 3545 17.54 -65.90 -73.31
CA THR L 3545 16.77 -67.13 -73.23
C THR L 3545 16.20 -67.30 -71.83
N ASP L 3546 16.85 -66.70 -70.85
CA ASP L 3546 16.39 -66.73 -69.47
C ASP L 3546 15.14 -65.89 -69.31
N GLU L 3547 14.97 -64.92 -70.22
CA GLU L 3547 13.79 -64.06 -70.20
C GLU L 3547 12.68 -64.69 -71.04
N GLU L 3548 12.91 -65.90 -71.53
CA GLU L 3548 11.94 -66.64 -72.33
C GLU L 3548 11.52 -65.86 -73.58
N VAL L 3549 12.38 -65.84 -74.59
CA VAL L 3549 12.08 -65.15 -75.83
C VAL L 3549 11.86 -66.15 -76.96
N ARG L 3550 11.01 -67.13 -76.70
CA ARG L 3550 10.66 -68.17 -77.67
C ARG L 3550 11.89 -68.91 -78.18
N GLU L 3551 12.23 -68.69 -79.44
CA GLU L 3551 13.37 -69.34 -80.06
C GLU L 3551 13.99 -68.46 -81.13
N PHE L 3552 13.31 -68.36 -82.27
CA PHE L 3552 13.77 -67.52 -83.36
C PHE L 3552 13.42 -66.06 -83.09
N LEU L 3553 12.58 -65.84 -82.08
CA LEU L 3553 12.18 -64.50 -81.69
C LEU L 3553 13.30 -63.80 -80.92
N GLN L 3554 14.32 -64.57 -80.54
CA GLN L 3554 15.47 -64.02 -79.84
C GLN L 3554 16.64 -63.84 -80.80
N ASN L 3555 16.69 -64.68 -81.83
CA ASN L 3555 17.76 -64.62 -82.82
C ASN L 3555 17.73 -63.30 -83.57
N ASN L 3556 16.52 -62.81 -83.86
CA ASN L 3556 16.36 -61.52 -84.51
C ASN L 3556 16.83 -60.41 -83.58
N LEU L 3557 16.60 -60.60 -82.29
CA LEU L 3557 17.06 -59.65 -81.28
C LEU L 3557 18.57 -59.82 -81.08
N HIS L 3558 19.05 -61.04 -81.29
CA HIS L 3558 20.47 -61.32 -81.19
C HIS L 3558 21.19 -60.83 -82.44
N LEU L 3559 20.45 -60.71 -83.54
CA LEU L 3559 21.00 -60.20 -84.79
C LEU L 3559 21.39 -58.73 -84.62
N GLN L 3560 20.71 -58.06 -83.70
CA GLN L 3560 21.02 -56.67 -83.39
C GLN L 3560 21.79 -56.58 -82.07
N GLY L 3561 23.07 -56.91 -82.11
CA GLY L 3561 23.91 -56.87 -80.92
C GLY L 3561 25.30 -56.34 -81.25
N LYS L 3562 25.34 -55.22 -81.98
CA LYS L 3562 26.60 -54.59 -82.38
C LYS L 3562 27.51 -55.57 -83.11
N VAL L 3563 28.51 -56.08 -82.39
CA VAL L 3563 29.45 -57.03 -82.94
C VAL L 3563 30.21 -57.75 -81.85
N GLU L 3564 31.00 -58.76 -82.23
CA GLU L 3564 31.82 -59.49 -81.28
C GLU L 3564 33.02 -58.61 -80.86
N GLY L 3565 33.22 -58.47 -79.56
CA GLY L 3565 34.29 -57.63 -79.04
C GLY L 3565 35.30 -58.44 -78.23
N SER L 3566 36.56 -58.37 -78.63
CA SER L 3566 37.64 -59.07 -77.94
C SER L 3566 38.99 -58.50 -78.32
N PRO L 3567 39.62 -57.79 -77.38
CA PRO L 3567 40.93 -57.19 -77.63
C PRO L 3567 41.62 -56.83 -76.31
N SER L 3568 41.80 -57.81 -75.44
CA SER L 3568 42.46 -57.59 -74.16
C SER L 3568 43.10 -58.88 -73.65
N LEU L 3569 42.74 -59.26 -72.42
CA LEU L 3569 43.25 -60.48 -71.82
C LEU L 3569 42.72 -61.71 -72.55
N ARG L 3570 43.28 -62.87 -72.21
CA ARG L 3570 42.97 -64.12 -72.90
C ARG L 3570 43.21 -63.96 -74.39
N TRP L 3571 42.22 -64.33 -75.21
CA TRP L 3571 42.32 -64.20 -76.66
C TRP L 3571 43.56 -64.89 -77.21
N GLN L 3572 44.71 -64.23 -77.07
CA GLN L 3572 45.98 -64.80 -77.50
C GLN L 3572 46.36 -65.99 -76.62
N MET L 3573 45.70 -66.11 -75.47
CA MET L 3573 45.90 -67.25 -74.59
C MET L 3573 44.77 -68.24 -74.77
N ALA L 3574 44.08 -68.14 -75.91
CA ALA L 3574 42.95 -69.02 -76.20
C ALA L 3574 42.71 -69.13 -77.71
N LEU L 3575 42.38 -68.01 -78.33
CA LEU L 3575 42.04 -67.99 -79.75
C LEU L 3575 43.27 -68.18 -80.64
N TYR L 3576 44.45 -68.10 -80.05
CA TYR L 3576 45.69 -68.30 -80.80
C TYR L 3576 45.75 -69.74 -81.31
N ARG L 3577 45.29 -70.67 -80.48
CA ARG L 3577 45.24 -72.08 -80.87
C ARG L 3577 44.08 -72.31 -81.84
N GLY L 3578 43.01 -71.54 -81.64
CA GLY L 3578 41.84 -71.64 -82.50
C GLY L 3578 42.10 -71.02 -83.87
N LEU L 3579 43.09 -70.14 -83.93
CA LEU L 3579 43.46 -69.51 -85.20
C LEU L 3579 44.47 -70.37 -85.94
N PRO L 3580 44.69 -71.59 -85.45
CA PRO L 3580 45.62 -72.52 -86.07
C PRO L 3580 45.00 -73.90 -86.18
N GLY L 3581 43.86 -74.10 -85.52
CA GLY L 3581 43.19 -75.39 -85.53
C GLY L 3581 41.91 -75.33 -86.36
N ARG L 3582 41.36 -74.13 -86.52
CA ARG L 3582 40.13 -73.97 -87.30
C ARG L 3582 40.43 -74.04 -88.80
N GLU L 3583 40.82 -72.89 -89.36
CA GLU L 3583 41.09 -72.77 -90.79
C GLU L 3583 39.89 -73.24 -91.62
N GLU L 3584 38.77 -72.55 -91.48
CA GLU L 3584 37.56 -72.91 -92.20
C GLU L 3584 36.99 -71.71 -92.96
N ASP L 3585 36.25 -70.86 -92.24
CA ASP L 3585 35.63 -69.69 -92.86
C ASP L 3585 35.31 -68.62 -91.82
N ALA L 3586 34.84 -67.47 -92.30
CA ALA L 3586 34.48 -66.35 -91.43
C ALA L 3586 33.57 -65.37 -92.16
N ASP L 3587 32.33 -65.29 -91.71
CA ASP L 3587 31.35 -64.40 -92.35
C ASP L 3587 30.20 -64.07 -91.40
N ASP L 3588 29.18 -63.39 -91.93
CA ASP L 3588 28.03 -63.01 -91.14
C ASP L 3588 26.87 -63.98 -91.38
N PRO L 3589 27.14 -65.05 -92.11
CA PRO L 3589 26.14 -66.07 -92.38
C PRO L 3589 25.86 -66.89 -91.13
N GLU L 3590 26.84 -66.94 -90.23
CA GLU L 3590 26.67 -67.64 -88.97
C GLU L 3590 25.66 -66.90 -88.09
N LYS L 3591 25.98 -65.65 -87.74
CA LYS L 3591 25.12 -64.82 -86.91
C LYS L 3591 24.76 -65.54 -85.61
N ILE L 3592 23.47 -65.76 -85.42
CA ILE L 3592 23.00 -66.59 -84.32
C ILE L 3592 23.14 -68.06 -84.72
N VAL L 3593 22.02 -68.77 -84.76
CA VAL L 3593 21.99 -70.17 -85.20
C VAL L 3593 23.04 -71.02 -84.50
N ARG L 3594 24.27 -70.93 -84.97
CA ARG L 3594 25.40 -71.62 -84.34
C ARG L 3594 25.63 -71.07 -82.95
N ARG L 3595 25.32 -69.79 -82.77
CA ARG L 3595 25.42 -69.15 -81.46
C ARG L 3595 24.13 -69.39 -80.69
N VAL L 3596 23.03 -69.56 -81.41
CA VAL L 3596 21.74 -69.82 -80.79
C VAL L 3596 21.54 -71.32 -80.57
N GLN L 3597 22.54 -72.09 -80.95
CA GLN L 3597 22.49 -73.55 -80.79
C GLN L 3597 22.63 -73.93 -79.32
N GLU L 3598 23.83 -73.77 -78.78
CA GLU L 3598 24.11 -74.16 -77.41
C GLU L 3598 23.62 -73.12 -76.41
N VAL L 3599 23.13 -71.99 -76.92
CA VAL L 3599 22.62 -70.93 -76.07
C VAL L 3599 21.42 -71.39 -75.25
N SER L 3600 20.32 -71.65 -75.93
CA SER L 3600 19.09 -72.10 -75.27
C SER L 3600 19.24 -73.55 -74.81
N ALA L 3601 20.18 -74.27 -75.41
CA ALA L 3601 20.41 -75.67 -75.07
C ALA L 3601 21.01 -75.80 -73.67
N VAL L 3602 22.12 -75.11 -73.45
CA VAL L 3602 22.79 -75.15 -72.15
C VAL L 3602 22.05 -74.33 -71.11
N LEU L 3603 21.12 -73.50 -71.58
CA LEU L 3603 20.31 -72.67 -70.70
C LEU L 3603 19.44 -73.53 -69.80
N TYR L 3604 18.66 -74.41 -70.43
CA TYR L 3604 17.80 -75.33 -69.70
C TYR L 3604 18.62 -76.37 -68.96
N HIS L 3605 19.78 -76.69 -69.51
CA HIS L 3605 20.70 -77.64 -68.88
C HIS L 3605 21.23 -77.05 -67.57
N LEU L 3606 21.38 -75.73 -67.55
CA LEU L 3606 21.82 -75.04 -66.35
C LEU L 3606 20.70 -75.03 -65.32
N GLU L 3607 19.47 -74.89 -65.80
CA GLU L 3607 18.29 -74.89 -64.94
C GLU L 3607 18.10 -76.27 -64.31
N GLN L 3608 18.51 -77.30 -65.03
CA GLN L 3608 18.43 -78.67 -64.53
C GLN L 3608 19.48 -78.89 -63.45
N THR L 3609 20.50 -78.03 -63.44
CA THR L 3609 21.56 -78.12 -62.44
C THR L 3609 21.50 -76.95 -61.47
N GLU L 3610 20.52 -76.07 -61.67
CA GLU L 3610 20.36 -74.91 -60.80
C GLU L 3610 19.69 -75.32 -59.49
N HIS L 3611 18.44 -74.90 -59.32
CA HIS L 3611 17.67 -75.25 -58.13
C HIS L 3611 17.20 -76.70 -58.23
N PRO L 3612 17.25 -77.25 -59.43
CA PRO L 3612 16.86 -78.63 -59.67
C PRO L 3612 17.97 -79.58 -59.25
N TYR L 3613 19.18 -79.05 -59.12
CA TYR L 3613 20.34 -79.84 -58.70
C TYR L 3613 21.42 -78.95 -58.11
N LEU L 3623 5.96 -77.88 -35.94
CA LEU L 3623 6.02 -78.55 -34.64
C LEU L 3623 4.58 -78.76 -34.18
N LEU L 3624 4.39 -79.72 -33.27
CA LEU L 3624 3.12 -80.07 -32.76
C LEU L 3624 3.68 -80.90 -31.68
N SER L 3625 3.68 -80.42 -30.45
CA SER L 3625 4.33 -81.14 -29.34
C SER L 3625 3.75 -82.41 -28.81
N LYS L 3626 4.61 -83.07 -28.06
CA LYS L 3626 4.41 -84.36 -27.40
C LYS L 3626 3.02 -84.67 -27.09
N GLN L 3627 2.39 -83.88 -26.25
CA GLN L 3627 1.03 -84.19 -25.92
C GLN L 3627 0.05 -84.14 -27.05
N ARG L 3628 0.28 -83.32 -28.05
CA ARG L 3628 -0.60 -83.32 -29.15
C ARG L 3628 -0.23 -84.35 -30.11
N ARG L 3629 0.96 -84.92 -30.05
CA ARG L 3629 1.29 -85.96 -30.99
C ARG L 3629 0.41 -87.06 -30.63
N ARG L 3630 0.42 -87.40 -29.35
CA ARG L 3630 -0.42 -88.42 -28.77
C ARG L 3630 -1.87 -88.44 -29.28
N ALA L 3631 -2.55 -87.32 -29.43
CA ALA L 3631 -3.87 -87.34 -29.99
C ALA L 3631 -3.81 -87.86 -31.36
N VAL L 3632 -2.96 -87.33 -32.20
CA VAL L 3632 -2.93 -87.85 -33.56
C VAL L 3632 -2.57 -89.30 -33.73
N VAL L 3633 -1.80 -89.83 -32.81
CA VAL L 3633 -1.57 -91.19 -32.81
C VAL L 3633 -2.86 -91.83 -32.58
N ALA L 3634 -3.59 -91.42 -31.55
CA ALA L 3634 -4.84 -92.00 -31.19
C ALA L 3634 -5.86 -91.94 -32.20
N CYS L 3635 -5.93 -90.94 -33.03
CA CYS L 3635 -7.00 -90.88 -33.97
C CYS L 3635 -7.33 -91.92 -35.03
N PHE L 3636 -7.02 -93.18 -34.86
CA PHE L 3636 -7.35 -94.15 -35.83
C PHE L 3636 -8.00 -95.33 -35.18
N ARG L 3637 -7.82 -95.45 -33.89
CA ARG L 3637 -8.42 -96.51 -33.15
C ARG L 3637 -9.71 -96.03 -32.53
N MET L 3638 -10.12 -94.81 -32.80
CA MET L 3638 -11.34 -94.25 -32.23
C MET L 3638 -12.43 -95.03 -32.81
N THR L 3639 -12.91 -95.97 -32.00
CA THR L 3639 -13.96 -96.89 -32.40
C THR L 3639 -15.06 -96.27 -33.09
N PRO L 3640 -15.60 -97.01 -33.99
CA PRO L 3640 -16.82 -96.67 -34.73
C PRO L 3640 -18.03 -96.64 -33.80
N LEU L 3641 -19.07 -95.99 -34.28
CA LEU L 3641 -20.28 -95.83 -33.47
C LEU L 3641 -21.06 -97.14 -33.38
N TYR L 3642 -21.01 -97.97 -34.42
CA TYR L 3642 -21.88 -99.15 -34.42
C TYR L 3642 -21.42 -100.25 -33.46
N ASN L 3643 -20.40 -100.11 -32.61
CA ASN L 3643 -20.07 -101.15 -31.63
C ASN L 3643 -20.39 -100.69 -30.21
N LEU L 3644 -21.26 -99.70 -30.07
CA LEU L 3644 -21.39 -99.32 -28.67
C LEU L 3644 -22.59 -100.00 -28.05
N PRO L 3645 -22.49 -100.34 -26.76
CA PRO L 3645 -23.64 -100.92 -26.07
C PRO L 3645 -24.82 -99.95 -26.06
N THR L 3646 -26.03 -100.52 -26.10
CA THR L 3646 -27.22 -99.69 -26.24
C THR L 3646 -27.38 -98.74 -25.06
N HIS L 3647 -27.11 -99.21 -23.84
CA HIS L 3647 -27.31 -98.35 -22.67
C HIS L 3647 -26.38 -97.14 -22.71
N ARG L 3648 -25.13 -97.33 -23.12
CA ARG L 3648 -24.20 -96.21 -23.15
C ARG L 3648 -24.48 -95.29 -24.33
N ALA L 3649 -24.95 -95.83 -25.45
CA ALA L 3649 -25.21 -95.03 -26.64
C ALA L 3649 -26.48 -94.19 -26.52
N CYS L 3650 -27.12 -94.19 -25.36
CA CYS L 3650 -28.28 -93.35 -25.09
C CYS L 3650 -27.93 -92.14 -24.25
N ASN L 3651 -27.07 -92.31 -23.25
CA ASN L 3651 -26.64 -91.18 -22.44
C ASN L 3651 -25.93 -90.12 -23.27
N MET L 3652 -25.12 -90.55 -24.26
CA MET L 3652 -24.48 -89.58 -25.14
C MET L 3652 -25.50 -88.83 -25.98
N PHE L 3653 -26.60 -89.48 -26.35
CA PHE L 3653 -27.62 -88.82 -27.14
C PHE L 3653 -28.23 -87.66 -26.39
N LEU L 3654 -28.65 -87.89 -25.14
CA LEU L 3654 -29.31 -86.83 -24.37
C LEU L 3654 -28.36 -85.67 -24.12
N GLU L 3655 -27.12 -85.96 -23.69
CA GLU L 3655 -26.17 -84.90 -23.42
C GLU L 3655 -25.83 -84.13 -24.69
N SER L 3656 -25.71 -84.83 -25.81
CA SER L 3656 -25.45 -84.14 -27.07
C SER L 3656 -26.68 -83.44 -27.63
N TYR L 3657 -27.89 -83.90 -27.28
CA TYR L 3657 -29.12 -83.34 -27.83
C TYR L 3657 -29.53 -82.09 -27.03
N LYS L 3658 -28.58 -81.48 -26.31
CA LYS L 3658 -28.77 -80.13 -25.80
C LYS L 3658 -28.45 -79.16 -26.93
N ALA L 3659 -29.10 -79.38 -28.08
CA ALA L 3659 -29.01 -78.49 -29.21
C ALA L 3659 -30.38 -78.21 -29.81
N ALA L 3660 -31.45 -78.50 -29.06
CA ALA L 3660 -32.80 -78.12 -29.44
C ALA L 3660 -33.55 -77.35 -28.37
N TRP L 3661 -33.12 -77.41 -27.11
CA TRP L 3661 -33.65 -76.54 -26.06
C TRP L 3661 -32.81 -75.28 -25.86
N ILE L 3662 -31.48 -75.43 -25.79
CA ILE L 3662 -30.64 -74.30 -25.43
C ILE L 3662 -30.72 -73.19 -26.46
N LEU L 3663 -31.04 -73.51 -27.71
CA LEU L 3663 -31.18 -72.49 -28.74
C LEU L 3663 -32.62 -72.05 -28.97
N THR L 3664 -33.60 -72.93 -28.77
CA THR L 3664 -34.98 -72.52 -28.94
C THR L 3664 -35.35 -71.51 -27.86
N GLU L 3665 -36.25 -70.60 -28.21
CA GLU L 3665 -36.70 -69.56 -27.30
C GLU L 3665 -38.21 -69.68 -27.13
N ASP L 3666 -38.65 -69.69 -25.87
CA ASP L 3666 -40.07 -69.71 -25.57
C ASP L 3666 -40.66 -68.31 -25.47
N HIS L 3667 -39.83 -67.32 -25.12
CA HIS L 3667 -40.29 -65.96 -24.86
C HIS L 3667 -41.42 -66.01 -23.84
N SER L 3668 -42.66 -65.94 -24.33
CA SER L 3668 -43.85 -66.18 -23.53
C SER L 3668 -43.83 -65.39 -22.22
N PHE L 3669 -43.46 -66.07 -21.13
CA PHE L 3669 -43.39 -65.43 -19.84
C PHE L 3669 -42.31 -64.34 -19.81
N GLU L 3670 -42.74 -63.10 -19.91
CA GLU L 3670 -41.93 -61.88 -19.99
C GLU L 3670 -42.87 -60.69 -20.06
N ASP L 3671 -43.66 -60.63 -21.13
CA ASP L 3671 -44.65 -59.59 -21.34
C ASP L 3671 -46.04 -60.01 -20.86
N ARG L 3672 -46.39 -61.29 -21.02
CA ARG L 3672 -47.64 -61.78 -20.44
C ARG L 3672 -47.55 -61.94 -18.94
N MET L 3673 -46.34 -61.97 -18.37
CA MET L 3673 -46.19 -62.12 -16.93
C MET L 3673 -46.61 -60.85 -16.20
N ILE L 3674 -45.92 -59.74 -16.47
CA ILE L 3674 -46.24 -58.48 -15.82
C ILE L 3674 -47.60 -57.96 -16.27
N ASP L 3675 -48.18 -58.52 -17.32
CA ASP L 3675 -49.50 -58.09 -17.76
C ASP L 3675 -50.60 -58.69 -16.88
N ASP L 3676 -50.67 -60.03 -16.83
CA ASP L 3676 -51.71 -60.67 -16.02
C ASP L 3676 -51.42 -60.53 -14.54
N LEU L 3677 -50.17 -60.70 -14.13
CA LEU L 3677 -49.76 -60.35 -12.78
C LEU L 3677 -49.62 -58.83 -12.67
N SER L 3678 -49.50 -58.34 -11.44
CA SER L 3678 -49.32 -56.91 -11.18
C SER L 3678 -50.47 -56.10 -11.76
N LYS L 3679 -50.27 -55.58 -12.97
CA LYS L 3679 -51.32 -54.82 -13.64
C LYS L 3679 -52.59 -55.65 -13.76
N ALA L 3680 -53.74 -54.99 -13.64
CA ALA L 3680 -55.05 -55.62 -13.60
C ALA L 3680 -55.19 -56.58 -12.43
N GLY L 3681 -54.25 -56.58 -11.48
CA GLY L 3681 -54.40 -57.42 -10.31
C GLY L 3681 -55.57 -57.01 -9.44
N GLU L 3682 -55.72 -55.71 -9.20
CA GLU L 3682 -56.83 -55.19 -8.40
C GLU L 3682 -58.07 -55.21 -9.28
N GLN L 3683 -58.78 -56.34 -9.26
CA GLN L 3683 -59.98 -56.52 -10.06
C GLN L 3683 -61.20 -56.00 -9.30
N GLU L 3684 -62.40 -56.28 -9.83
CA GLU L 3684 -63.64 -55.86 -9.20
C GLU L 3684 -63.96 -56.65 -7.94
N GLU L 3685 -63.06 -57.54 -7.49
CA GLU L 3685 -63.31 -58.29 -6.26
C GLU L 3685 -63.41 -57.37 -5.06
N GLU L 3686 -62.59 -56.32 -5.01
CA GLU L 3686 -62.66 -55.37 -3.92
C GLU L 3686 -64.01 -54.66 -3.90
N GLU L 3687 -64.59 -54.54 -2.71
CA GLU L 3687 -65.92 -53.97 -2.55
C GLU L 3687 -65.91 -52.53 -2.06
N GLU L 3688 -65.03 -52.19 -1.13
CA GLU L 3688 -64.99 -50.85 -0.57
C GLU L 3688 -63.59 -50.54 -0.06
N GLU L 3689 -63.32 -49.26 0.11
CA GLU L 3689 -62.05 -48.78 0.64
C GLU L 3689 -62.29 -47.48 1.38
N VAL L 3690 -61.33 -47.10 2.22
CA VAL L 3690 -61.48 -45.91 3.05
C VAL L 3690 -60.37 -44.91 2.74
N GLU L 3691 -59.14 -45.28 3.03
CA GLU L 3691 -58.01 -44.36 2.84
C GLU L 3691 -56.90 -44.92 1.99
N GLU L 3692 -56.59 -46.20 2.13
CA GLU L 3692 -55.51 -46.85 1.39
C GLU L 3692 -56.08 -47.88 0.43
N LYS L 3693 -55.19 -48.60 -0.24
CA LYS L 3693 -55.57 -49.62 -1.20
C LYS L 3693 -54.80 -50.90 -0.95
N LYS L 3694 -55.45 -52.02 -1.22
CA LYS L 3694 -54.83 -53.32 -1.03
C LYS L 3694 -53.69 -53.49 -2.02
N PRO L 3695 -52.48 -53.83 -1.57
CA PRO L 3695 -51.35 -54.00 -2.51
C PRO L 3695 -51.64 -55.07 -3.55
N ASP L 3696 -51.32 -54.75 -4.81
CA ASP L 3696 -51.51 -55.68 -5.91
C ASP L 3696 -50.46 -56.80 -5.85
N PRO L 3697 -50.71 -57.92 -6.53
CA PRO L 3697 -49.86 -59.12 -6.33
C PRO L 3697 -48.37 -58.87 -6.48
N LEU L 3698 -47.94 -58.05 -7.43
CA LEU L 3698 -46.51 -57.77 -7.57
C LEU L 3698 -45.97 -57.06 -6.33
N HIS L 3699 -46.77 -56.17 -5.73
CA HIS L 3699 -46.31 -55.40 -4.60
C HIS L 3699 -45.92 -56.29 -3.42
N GLN L 3700 -46.63 -57.40 -3.22
CA GLN L 3700 -46.23 -58.34 -2.18
C GLN L 3700 -44.88 -58.96 -2.49
N LEU L 3701 -44.63 -59.27 -3.76
CA LEU L 3701 -43.40 -59.97 -4.14
C LEU L 3701 -42.16 -59.16 -3.79
N VAL L 3702 -42.11 -57.90 -4.25
CA VAL L 3702 -40.88 -57.13 -4.09
C VAL L 3702 -40.60 -56.86 -2.62
N LEU L 3703 -41.63 -56.50 -1.85
CA LEU L 3703 -41.44 -56.22 -0.44
C LEU L 3703 -40.94 -57.46 0.30
N HIS L 3704 -41.32 -58.64 -0.16
CA HIS L 3704 -40.77 -59.87 0.41
C HIS L 3704 -39.25 -59.92 0.22
N PHE L 3705 -38.76 -59.58 -0.98
CA PHE L 3705 -37.32 -59.53 -1.18
C PHE L 3705 -36.69 -58.42 -0.33
N SER L 3706 -37.37 -57.29 -0.21
CA SER L 3706 -36.91 -56.26 0.71
C SER L 3706 -36.96 -56.77 2.14
N ARG L 3707 -37.98 -57.56 2.47
CA ARG L 3707 -38.09 -58.10 3.83
C ARG L 3707 -36.91 -59.01 4.16
N THR L 3708 -36.59 -59.95 3.27
CA THR L 3708 -35.47 -60.85 3.51
C THR L 3708 -34.13 -60.15 3.38
N ALA L 3709 -34.07 -59.03 2.65
CA ALA L 3709 -32.80 -58.30 2.53
C ALA L 3709 -32.42 -57.65 3.87
N LEU L 3710 -33.41 -57.14 4.59
CA LEU L 3710 -33.15 -56.48 5.87
C LEU L 3710 -32.87 -57.44 7.01
N THR L 3711 -33.08 -58.74 6.80
CA THR L 3711 -32.81 -59.72 7.85
C THR L 3711 -31.34 -59.63 8.27
N GLU L 3712 -31.11 -59.55 9.57
CA GLU L 3712 -29.77 -59.36 10.09
C GLU L 3712 -28.97 -60.66 9.92
N LYS L 3713 -28.08 -60.67 8.94
CA LYS L 3713 -27.29 -61.85 8.63
C LYS L 3713 -25.87 -61.41 8.32
N SER L 3714 -24.97 -62.39 8.20
CA SER L 3714 -23.57 -62.09 7.92
C SER L 3714 -23.28 -62.06 6.42
N LYS L 3715 -23.73 -63.07 5.69
CA LYS L 3715 -23.53 -63.14 4.25
C LYS L 3715 -24.80 -63.63 3.59
N LEU L 3716 -25.15 -63.04 2.45
CA LEU L 3716 -26.35 -63.44 1.74
C LEU L 3716 -26.22 -64.86 1.21
N ASP L 3717 -27.35 -65.58 1.22
CA ASP L 3717 -27.39 -66.95 0.73
C ASP L 3717 -27.58 -66.94 -0.79
N GLU L 3718 -27.83 -68.11 -1.37
CA GLU L 3718 -27.95 -68.19 -2.82
C GLU L 3718 -29.34 -67.74 -3.29
N ASP L 3719 -30.39 -68.45 -2.87
CA ASP L 3719 -31.76 -68.09 -3.18
C ASP L 3719 -31.95 -67.91 -4.69
N TYR L 3720 -31.82 -69.03 -5.41
CA TYR L 3720 -31.96 -69.01 -6.86
C TYR L 3720 -33.33 -68.46 -7.26
N LEU L 3721 -34.32 -68.59 -6.38
CA LEU L 3721 -35.63 -68.01 -6.63
C LEU L 3721 -35.52 -66.52 -6.90
N TYR L 3722 -34.60 -65.84 -6.23
CA TYR L 3722 -34.37 -64.42 -6.50
C TYR L 3722 -33.84 -64.21 -7.92
N MET L 3723 -32.92 -65.07 -8.36
CA MET L 3723 -32.42 -64.96 -9.73
C MET L 3723 -33.52 -65.16 -10.76
N ALA L 3724 -34.42 -66.11 -10.51
CA ALA L 3724 -35.45 -66.42 -11.50
C ALA L 3724 -36.36 -65.22 -11.76
N TYR L 3725 -36.65 -64.43 -10.72
CA TYR L 3725 -37.51 -63.27 -10.87
C TYR L 3725 -36.75 -61.99 -11.17
N ALA L 3726 -35.49 -61.89 -10.75
CA ALA L 3726 -34.71 -60.69 -11.06
C ALA L 3726 -34.51 -60.54 -12.56
N ASP L 3727 -34.21 -61.65 -13.25
CA ASP L 3727 -33.98 -61.58 -14.68
C ASP L 3727 -35.25 -61.27 -15.45
N ILE L 3728 -36.37 -61.89 -15.08
CA ILE L 3728 -37.60 -61.69 -15.85
C ILE L 3728 -38.16 -60.29 -15.63
N MET L 3729 -37.81 -59.63 -14.52
CA MET L 3729 -38.19 -58.23 -14.36
C MET L 3729 -37.39 -57.29 -15.24
N ALA L 3730 -36.22 -57.72 -15.72
CA ALA L 3730 -35.37 -56.85 -16.52
C ALA L 3730 -35.81 -56.80 -17.99
N LYS L 3731 -36.06 -57.97 -18.58
CA LYS L 3731 -36.48 -58.02 -19.97
C LYS L 3731 -37.88 -57.43 -20.19
N SER L 3732 -38.65 -57.23 -19.13
CA SER L 3732 -39.98 -56.66 -19.26
C SER L 3732 -39.96 -55.19 -19.67
N CYS L 3733 -38.80 -54.53 -19.63
CA CYS L 3733 -38.68 -53.12 -19.94
C CYS L 3733 -37.94 -52.84 -21.24
N HIS L 3734 -36.76 -53.43 -21.42
CA HIS L 3734 -35.89 -53.13 -22.54
C HIS L 3734 -36.28 -53.85 -23.83
N LEU L 3735 -37.50 -54.37 -23.92
CA LEU L 3735 -37.92 -55.09 -25.11
C LEU L 3735 -37.75 -54.25 -26.36
N GLU L 3736 -38.18 -52.99 -26.31
CA GLU L 3736 -38.06 -52.08 -27.44
C GLU L 3736 -36.76 -51.29 -27.43
N GLU L 3737 -35.93 -51.45 -26.40
CA GLU L 3737 -34.67 -50.73 -26.30
C GLU L 3737 -33.67 -51.24 -27.35
N GLU L 3747 -28.29 -48.96 -43.69
CA GLU L 3747 -28.98 -50.23 -43.52
C GLU L 3747 -30.34 -50.03 -42.83
N GLU L 3748 -30.72 -48.76 -42.64
CA GLU L 3748 -31.98 -48.43 -42.00
C GLU L 3748 -32.36 -47.01 -42.36
N VAL L 3749 -33.62 -46.81 -42.75
CA VAL L 3749 -34.07 -45.47 -43.11
C VAL L 3749 -34.07 -44.56 -41.88
N GLU L 3750 -34.05 -43.26 -42.14
CA GLU L 3750 -34.05 -42.27 -41.07
C GLU L 3750 -35.39 -42.31 -40.33
N VAL L 3751 -35.32 -42.25 -39.00
CA VAL L 3751 -36.52 -42.31 -38.16
C VAL L 3751 -37.20 -40.94 -38.17
N SER L 3752 -38.51 -40.93 -38.38
CA SER L 3752 -39.26 -39.69 -38.34
C SER L 3752 -39.43 -39.22 -36.89
N PHE L 3753 -39.79 -37.97 -36.70
CA PHE L 3753 -39.87 -37.44 -35.34
C PHE L 3753 -41.06 -37.98 -34.55
N GLU L 3754 -42.20 -38.18 -35.21
CA GLU L 3754 -43.36 -38.61 -34.44
C GLU L 3754 -43.19 -40.01 -33.85
N GLU L 3755 -42.54 -40.91 -34.58
CA GLU L 3755 -42.47 -42.29 -34.13
C GLU L 3755 -41.49 -42.46 -32.96
N LYS L 3756 -40.39 -41.70 -32.96
CA LYS L 3756 -39.33 -41.95 -31.98
C LYS L 3756 -39.77 -41.62 -30.56
N GLU L 3757 -40.72 -40.69 -30.40
CA GLU L 3757 -41.26 -40.47 -29.05
C GLU L 3757 -42.06 -41.66 -28.56
N MET L 3758 -42.70 -42.42 -29.45
CA MET L 3758 -43.47 -43.58 -29.03
C MET L 3758 -42.60 -44.59 -28.30
N GLU L 3759 -41.39 -44.81 -28.79
CA GLU L 3759 -40.47 -45.71 -28.11
C GLU L 3759 -40.06 -45.17 -26.74
N LYS L 3760 -39.65 -43.90 -26.67
CA LYS L 3760 -39.24 -43.36 -25.39
C LYS L 3760 -40.40 -43.05 -24.47
N GLN L 3761 -41.64 -43.05 -24.98
CA GLN L 3761 -42.79 -43.01 -24.08
C GLN L 3761 -43.21 -44.40 -23.63
N ARG L 3762 -43.19 -45.38 -24.55
CA ARG L 3762 -43.47 -46.76 -24.16
C ARG L 3762 -42.44 -47.25 -23.15
N LEU L 3763 -41.16 -46.98 -23.39
CA LEU L 3763 -40.13 -47.34 -22.42
C LEU L 3763 -40.36 -46.62 -21.10
N LEU L 3764 -40.71 -45.34 -21.16
CA LEU L 3764 -40.96 -44.59 -19.94
C LEU L 3764 -42.14 -45.14 -19.15
N TYR L 3765 -43.15 -45.67 -19.86
CA TYR L 3765 -44.30 -46.27 -19.19
C TYR L 3765 -44.03 -47.70 -18.75
N GLN L 3766 -43.28 -48.46 -19.55
CA GLN L 3766 -43.01 -49.86 -19.21
C GLN L 3766 -42.29 -49.96 -17.88
N GLN L 3767 -41.34 -49.07 -17.61
CA GLN L 3767 -40.68 -49.03 -16.32
C GLN L 3767 -41.38 -48.13 -15.32
N SER L 3768 -42.39 -47.35 -15.75
CA SER L 3768 -43.13 -46.52 -14.81
C SER L 3768 -43.88 -47.38 -13.80
N ARG L 3769 -44.51 -48.46 -14.27
CA ARG L 3769 -45.19 -49.38 -13.36
C ARG L 3769 -44.21 -50.08 -12.44
N LEU L 3770 -42.93 -50.12 -12.79
CA LEU L 3770 -41.95 -50.89 -12.05
C LEU L 3770 -41.11 -50.05 -11.10
N HIS L 3771 -41.39 -48.75 -10.97
CA HIS L 3771 -40.78 -47.96 -9.89
C HIS L 3771 -41.80 -47.37 -8.94
N THR L 3772 -43.02 -47.08 -9.40
CA THR L 3772 -44.08 -46.68 -8.48
C THR L 3772 -44.44 -47.81 -7.54
N ARG L 3773 -44.41 -49.05 -8.03
CA ARG L 3773 -44.82 -50.22 -7.26
C ARG L 3773 -43.64 -50.74 -6.43
N GLY L 3774 -43.20 -49.90 -5.50
CA GLY L 3774 -42.07 -50.23 -4.65
C GLY L 3774 -40.79 -50.41 -5.45
N ALA L 3775 -40.32 -51.66 -5.55
CA ALA L 3775 -39.22 -52.02 -6.43
C ALA L 3775 -37.98 -51.16 -6.25
N ALA L 3776 -37.83 -50.13 -7.10
CA ALA L 3776 -36.60 -49.35 -7.25
C ALA L 3776 -35.86 -49.15 -5.94
N GLU L 3777 -36.58 -48.86 -4.86
CA GLU L 3777 -35.95 -48.81 -3.54
C GLU L 3777 -35.85 -50.21 -2.96
N MET L 3778 -35.27 -51.14 -3.70
CA MET L 3778 -34.81 -52.41 -3.12
C MET L 3778 -33.43 -52.74 -3.66
N VAL L 3779 -33.11 -52.25 -4.86
CA VAL L 3779 -31.82 -52.55 -5.46
C VAL L 3779 -30.69 -51.93 -4.65
N LEU L 3780 -30.91 -50.74 -4.08
CA LEU L 3780 -29.93 -50.18 -3.16
C LEU L 3780 -29.83 -51.01 -1.90
N GLN L 3781 -30.96 -51.52 -1.42
CA GLN L 3781 -30.96 -52.37 -0.24
C GLN L 3781 -30.29 -53.70 -0.52
N MET L 3782 -30.40 -54.22 -1.74
CA MET L 3782 -29.82 -55.52 -2.06
C MET L 3782 -28.29 -55.43 -2.20
N ILE L 3783 -27.81 -54.35 -2.82
CA ILE L 3783 -26.36 -54.18 -2.98
C ILE L 3783 -25.70 -53.95 -1.63
N SER L 3784 -26.35 -53.17 -0.75
CA SER L 3784 -25.75 -52.85 0.54
C SER L 3784 -25.55 -54.10 1.39
N ALA L 3785 -26.47 -55.06 1.30
CA ALA L 3785 -26.36 -56.28 2.09
C ALA L 3785 -25.11 -57.08 1.69
N CYS L 3786 -24.83 -57.17 0.40
CA CYS L 3786 -23.66 -57.88 -0.09
C CYS L 3786 -22.45 -56.95 0.00
N LYS L 3787 -21.61 -57.17 1.01
CA LYS L 3787 -20.52 -56.25 1.30
C LYS L 3787 -19.49 -56.16 0.18
N GLY L 3788 -18.77 -57.25 -0.07
CA GLY L 3788 -17.70 -57.19 -1.04
C GLY L 3788 -17.48 -58.44 -1.87
N GLU L 3789 -18.48 -59.31 -1.94
CA GLU L 3789 -18.34 -60.60 -2.60
C GLU L 3789 -19.04 -60.53 -3.94
N THR L 3790 -18.25 -60.59 -5.02
CA THR L 3790 -18.80 -60.43 -6.37
C THR L 3790 -19.36 -61.73 -6.92
N GLY L 3791 -20.20 -62.40 -6.14
CA GLY L 3791 -20.84 -63.61 -6.59
C GLY L 3791 -21.93 -63.32 -7.59
N ALA L 3792 -22.75 -64.35 -7.83
CA ALA L 3792 -23.87 -64.22 -8.74
C ALA L 3792 -24.97 -63.32 -8.20
N MET L 3793 -24.92 -62.96 -6.91
CA MET L 3793 -25.94 -62.14 -6.28
C MET L 3793 -26.07 -60.77 -6.93
N VAL L 3794 -25.00 -59.98 -6.84
CA VAL L 3794 -25.04 -58.61 -7.35
C VAL L 3794 -25.08 -58.59 -8.87
N SER L 3795 -24.47 -59.58 -9.52
CA SER L 3795 -24.44 -59.61 -10.98
C SER L 3795 -25.86 -59.65 -11.55
N SER L 3796 -26.73 -60.48 -10.99
CA SER L 3796 -28.12 -60.49 -11.42
C SER L 3796 -28.91 -59.31 -10.87
N THR L 3797 -28.39 -58.61 -9.87
CA THR L 3797 -29.06 -57.43 -9.34
C THR L 3797 -28.68 -56.16 -10.10
N LEU L 3798 -27.38 -55.98 -10.36
CA LEU L 3798 -26.95 -54.85 -11.18
C LEU L 3798 -27.54 -54.90 -12.57
N LYS L 3799 -27.75 -56.11 -13.11
CA LYS L 3799 -28.40 -56.24 -14.41
C LYS L 3799 -29.80 -55.63 -14.38
N LEU L 3800 -30.52 -55.82 -13.28
CA LEU L 3800 -31.84 -55.20 -13.14
C LEU L 3800 -31.74 -53.68 -13.13
N GLY L 3801 -30.85 -53.14 -12.29
CA GLY L 3801 -30.83 -51.70 -12.07
C GLY L 3801 -30.62 -50.88 -13.33
N ILE L 3802 -29.95 -51.45 -14.33
CA ILE L 3802 -29.81 -50.75 -15.61
C ILE L 3802 -31.17 -50.58 -16.29
N SER L 3803 -32.04 -51.57 -16.14
CA SER L 3803 -33.30 -51.56 -16.90
C SER L 3803 -34.28 -50.53 -16.36
N ILE L 3804 -34.27 -50.26 -15.05
CA ILE L 3804 -35.20 -49.28 -14.51
C ILE L 3804 -34.86 -47.87 -14.96
N LEU L 3805 -33.57 -47.53 -14.97
CA LEU L 3805 -33.13 -46.16 -15.17
C LEU L 3805 -32.29 -45.99 -16.44
N ASN L 3806 -32.67 -46.69 -17.51
CA ASN L 3806 -32.12 -46.37 -18.82
C ASN L 3806 -32.60 -45.01 -19.28
N GLY L 3807 -32.03 -44.53 -20.38
CA GLY L 3807 -32.32 -43.18 -20.82
C GLY L 3807 -31.90 -42.19 -19.76
N GLY L 3808 -32.79 -41.26 -19.43
CA GLY L 3808 -32.52 -40.36 -18.33
C GLY L 3808 -33.28 -40.70 -17.07
N ASN L 3809 -34.59 -40.94 -17.22
CA ASN L 3809 -35.48 -41.32 -16.13
C ASN L 3809 -35.24 -40.48 -14.87
N ALA L 3810 -35.61 -39.20 -14.98
CA ALA L 3810 -35.37 -38.27 -13.88
C ALA L 3810 -36.10 -38.68 -12.61
N GLU L 3811 -37.32 -39.18 -12.74
CA GLU L 3811 -38.14 -39.47 -11.57
C GLU L 3811 -37.52 -40.57 -10.70
N VAL L 3812 -37.00 -41.63 -11.32
CA VAL L 3812 -36.46 -42.73 -10.52
C VAL L 3812 -35.21 -42.31 -9.78
N GLN L 3813 -34.42 -41.39 -10.37
CA GLN L 3813 -33.24 -40.88 -9.67
C GLN L 3813 -33.63 -40.13 -8.42
N GLN L 3814 -34.74 -39.37 -8.48
CA GLN L 3814 -35.17 -38.59 -7.33
C GLN L 3814 -35.53 -39.49 -6.15
N LYS L 3815 -36.21 -40.61 -6.41
CA LYS L 3815 -36.59 -41.52 -5.34
C LYS L 3815 -35.36 -42.12 -4.66
N MET L 3816 -34.36 -42.50 -5.46
CA MET L 3816 -33.15 -43.09 -4.90
C MET L 3816 -32.40 -42.10 -4.02
N LEU L 3817 -32.33 -40.84 -4.44
CA LEU L 3817 -31.64 -39.83 -3.64
C LEU L 3817 -32.34 -39.63 -2.30
N ASP L 3818 -33.68 -39.60 -2.31
CA ASP L 3818 -34.43 -39.33 -1.09
C ASP L 3818 -34.15 -40.39 -0.03
N TYR L 3819 -34.11 -41.67 -0.43
CA TYR L 3819 -33.87 -42.74 0.53
C TYR L 3819 -32.49 -42.63 1.16
N LEU L 3820 -31.47 -42.35 0.34
CA LEU L 3820 -30.12 -42.23 0.88
C LEU L 3820 -30.02 -41.07 1.86
N LYS L 3821 -30.77 -39.99 1.62
CA LYS L 3821 -30.83 -38.89 2.56
C LYS L 3821 -31.68 -39.22 3.78
N ASP L 3822 -32.48 -40.29 3.72
CA ASP L 3822 -33.41 -40.63 4.79
C ASP L 3822 -32.84 -41.69 5.74
N LYS L 3823 -32.37 -42.81 5.18
CA LYS L 3823 -31.75 -43.84 6.01
C LYS L 3823 -30.49 -43.32 6.69
N LYS L 3824 -29.68 -42.54 5.97
CA LYS L 3824 -28.54 -41.83 6.54
C LYS L 3824 -27.55 -42.79 7.20
N GLU L 3825 -27.46 -44.00 6.66
CA GLU L 3825 -26.42 -44.95 7.03
C GLU L 3825 -25.47 -45.09 5.86
N VAL L 3826 -24.25 -45.55 6.13
CA VAL L 3826 -23.29 -45.63 5.03
C VAL L 3826 -23.61 -46.87 4.21
N GLY L 3827 -23.26 -48.04 4.72
CA GLY L 3827 -23.87 -49.30 4.35
C GLY L 3827 -23.77 -49.72 2.89
N PHE L 3828 -23.57 -48.73 2.02
CA PHE L 3828 -23.65 -48.94 0.57
C PHE L 3828 -22.39 -48.49 -0.15
N PHE L 3829 -21.91 -47.28 0.14
CA PHE L 3829 -20.69 -46.79 -0.50
C PHE L 3829 -19.47 -47.61 -0.10
N GLN L 3830 -19.53 -48.30 1.05
CA GLN L 3830 -18.48 -49.27 1.35
C GLN L 3830 -18.44 -50.37 0.32
N SER L 3831 -19.61 -50.86 -0.09
CA SER L 3831 -19.67 -51.96 -1.06
C SER L 3831 -19.12 -51.52 -2.42
N ILE L 3832 -19.59 -50.38 -2.93
CA ILE L 3832 -19.14 -49.90 -4.24
C ILE L 3832 -17.63 -49.69 -4.24
N GLN L 3833 -17.10 -49.06 -3.19
CA GLN L 3833 -15.67 -48.82 -3.12
C GLN L 3833 -14.89 -50.13 -3.06
N ALA L 3834 -15.34 -51.07 -2.23
CA ALA L 3834 -14.61 -52.34 -2.09
C ALA L 3834 -14.78 -53.19 -3.34
N LEU L 3835 -15.99 -53.23 -3.91
CA LEU L 3835 -16.26 -54.14 -5.01
C LEU L 3835 -15.38 -53.83 -6.22
N MET L 3836 -15.31 -52.57 -6.63
CA MET L 3836 -14.58 -52.23 -7.84
C MET L 3836 -13.07 -52.37 -7.67
N GLN L 3837 -12.56 -52.46 -6.44
CA GLN L 3837 -11.15 -52.74 -6.24
C GLN L 3837 -10.80 -54.20 -6.51
N THR L 3838 -11.79 -55.08 -6.55
CA THR L 3838 -11.58 -56.48 -6.87
C THR L 3838 -11.71 -56.78 -8.36
N CYS L 3839 -12.03 -55.77 -9.17
CA CYS L 3839 -12.12 -55.97 -10.60
C CYS L 3839 -10.75 -56.32 -11.18
N SER L 3840 -10.76 -57.14 -12.23
CA SER L 3840 -9.53 -57.61 -12.82
C SER L 3840 -9.08 -56.68 -13.94
N VAL L 3841 -7.83 -56.83 -14.33
CA VAL L 3841 -7.23 -56.09 -15.44
C VAL L 3841 -6.57 -57.10 -16.37
N LEU L 3842 -5.99 -56.59 -17.46
CA LEU L 3842 -5.39 -57.45 -18.48
C LEU L 3842 -4.08 -57.98 -17.92
N ASP L 3843 -4.13 -59.16 -17.31
CA ASP L 3843 -2.92 -59.83 -16.87
C ASP L 3843 -2.21 -60.47 -18.05
N LEU L 3844 -0.91 -60.64 -17.93
CA LEU L 3844 -0.15 -61.25 -19.01
C LEU L 3844 0.33 -62.66 -18.66
N ASN L 3845 0.65 -62.91 -17.39
CA ASN L 3845 1.06 -64.26 -17.03
C ASN L 3845 -0.02 -65.27 -17.37
N ALA L 3846 -1.27 -64.94 -17.07
CA ALA L 3846 -2.37 -65.84 -17.38
C ALA L 3846 -2.51 -66.08 -18.87
N PHE L 3847 -2.09 -65.12 -19.69
CA PHE L 3847 -2.19 -65.29 -21.14
C PHE L 3847 -1.30 -66.44 -21.62
N GLU L 3848 -0.10 -66.56 -21.06
CA GLU L 3848 0.80 -67.65 -21.45
C GLU L 3848 0.21 -69.01 -21.13
N ARG L 3849 -0.55 -69.09 -20.02
CA ARG L 3849 -1.16 -70.35 -19.64
C ARG L 3849 -2.16 -70.83 -20.68
N GLN L 3850 -2.90 -69.91 -21.29
CA GLN L 3850 -3.71 -70.27 -22.45
C GLN L 3850 -2.85 -70.68 -23.63
N ASN L 3851 -1.77 -69.94 -23.89
CA ASN L 3851 -1.07 -70.09 -25.15
C ASN L 3851 -0.44 -71.47 -25.33
N LYS L 3852 -0.20 -72.20 -24.24
CA LYS L 3852 0.24 -73.58 -24.35
C LYS L 3852 -0.89 -74.58 -24.10
N ALA L 3853 -1.85 -74.22 -23.25
CA ALA L 3853 -3.01 -75.10 -23.05
C ALA L 3853 -3.81 -75.25 -24.33
N GLU L 3854 -3.89 -74.19 -25.13
CA GLU L 3854 -4.54 -74.28 -26.43
C GLU L 3854 -3.76 -75.13 -27.42
N GLY L 3855 -2.51 -75.47 -27.11
CA GLY L 3855 -1.73 -76.32 -27.99
C GLY L 3855 -2.34 -77.69 -28.17
N LEU L 3856 -2.96 -78.22 -27.12
CA LEU L 3856 -3.63 -79.52 -27.21
C LEU L 3856 -4.99 -79.35 -27.87
N GLY L 3857 -5.45 -80.43 -28.50
CA GLY L 3857 -6.69 -80.36 -29.26
C GLY L 3857 -7.79 -81.28 -28.78
N MET L 3858 -7.41 -82.38 -28.14
CA MET L 3858 -8.39 -83.34 -27.66
C MET L 3858 -7.72 -84.27 -26.66
N VAL L 3859 -8.51 -84.76 -25.70
CA VAL L 3859 -8.06 -85.74 -24.73
C VAL L 3859 -7.85 -87.06 -25.46
N ASN L 3860 -7.23 -88.04 -24.78
CA ASN L 3860 -7.00 -89.34 -25.38
C ASN L 3860 -8.25 -89.87 -26.07
N GLU L 3861 -9.31 -90.11 -25.31
CA GLU L 3861 -10.65 -90.26 -25.90
C GLU L 3861 -11.66 -89.83 -24.84
N ASP L 3862 -11.99 -88.53 -24.83
CA ASP L 3862 -13.13 -88.05 -24.04
C ASP L 3862 -13.64 -86.77 -24.70
N GLY L 3863 -14.59 -86.91 -25.62
CA GLY L 3863 -15.35 -85.80 -26.17
C GLY L 3863 -14.57 -84.56 -26.55
N THR L 3864 -13.27 -84.70 -26.80
CA THR L 3864 -12.37 -83.56 -27.02
C THR L 3864 -12.39 -82.60 -25.82
N VAL L 3865 -11.80 -81.43 -25.98
CA VAL L 3865 -11.80 -80.43 -24.91
C VAL L 3865 -13.22 -79.94 -24.72
N ILE L 3866 -13.84 -80.33 -23.60
CA ILE L 3866 -15.23 -79.96 -23.35
C ILE L 3866 -15.35 -78.45 -23.11
N ASN L 3867 -14.38 -77.87 -22.41
CA ASN L 3867 -14.43 -76.43 -22.13
C ASN L 3867 -14.32 -75.61 -23.40
N ARG L 3868 -13.66 -76.14 -24.44
CA ARG L 3868 -13.49 -75.47 -25.72
C ARG L 3868 -12.85 -74.10 -25.55
N GLN L 3869 -13.68 -73.05 -25.53
CA GLN L 3869 -13.17 -71.70 -25.36
C GLN L 3869 -12.52 -71.53 -23.99
N ASN L 3870 -13.25 -71.86 -22.92
CA ASN L 3870 -12.74 -71.74 -21.55
C ASN L 3870 -12.20 -70.34 -21.30
N GLY L 3871 -12.93 -69.32 -21.74
CA GLY L 3871 -12.46 -67.94 -21.72
C GLY L 3871 -12.12 -67.41 -20.34
N GLU L 3872 -12.55 -68.08 -19.28
CA GLU L 3872 -12.34 -67.58 -17.93
C GLU L 3872 -10.87 -67.64 -17.61
N LYS L 3873 -10.19 -66.50 -17.74
CA LYS L 3873 -8.79 -66.35 -17.39
C LYS L 3873 -8.34 -64.90 -17.49
N VAL L 3874 -8.27 -64.36 -18.71
CA VAL L 3874 -7.73 -63.02 -18.91
C VAL L 3874 -8.61 -61.96 -18.26
N MET L 3875 -9.91 -62.01 -18.53
CA MET L 3875 -10.85 -61.13 -17.86
C MET L 3875 -11.85 -61.90 -16.99
N ALA L 3876 -12.61 -62.81 -17.59
CA ALA L 3876 -13.67 -63.54 -16.90
C ALA L 3876 -14.66 -62.61 -16.19
N ASP L 3877 -14.61 -61.31 -16.48
CA ASP L 3877 -15.46 -60.33 -15.81
C ASP L 3877 -16.05 -59.27 -16.72
N ASP L 3878 -15.61 -59.16 -17.98
CA ASP L 3878 -16.06 -58.07 -18.85
C ASP L 3878 -17.58 -58.00 -18.95
N GLU L 3879 -18.25 -59.15 -18.89
CA GLU L 3879 -19.71 -59.15 -18.88
C GLU L 3879 -20.28 -58.54 -17.61
N PHE L 3880 -19.47 -58.36 -16.58
CA PHE L 3880 -19.92 -57.81 -15.30
C PHE L 3880 -19.30 -56.46 -14.99
N THR L 3881 -17.98 -56.33 -15.06
CA THR L 3881 -17.33 -55.07 -14.73
C THR L 3881 -17.70 -53.95 -15.69
N GLN L 3882 -18.16 -54.28 -16.89
CA GLN L 3882 -18.62 -53.26 -17.82
C GLN L 3882 -19.97 -52.68 -17.40
N ASP L 3883 -20.74 -53.41 -16.60
CA ASP L 3883 -22.04 -52.94 -16.13
C ASP L 3883 -21.94 -52.11 -14.86
N LEU L 3884 -20.95 -52.36 -14.01
CA LEU L 3884 -20.80 -51.59 -12.78
C LEU L 3884 -20.57 -50.11 -13.10
N PHE L 3885 -19.68 -49.83 -14.05
CA PHE L 3885 -19.43 -48.45 -14.43
C PHE L 3885 -20.61 -47.85 -15.17
N ARG L 3886 -21.28 -48.64 -16.02
CA ARG L 3886 -22.48 -48.14 -16.68
C ARG L 3886 -23.56 -47.75 -15.67
N PHE L 3887 -23.66 -48.51 -14.58
CA PHE L 3887 -24.62 -48.17 -13.53
C PHE L 3887 -24.29 -46.82 -12.93
N LEU L 3888 -23.02 -46.57 -12.66
CA LEU L 3888 -22.61 -45.28 -12.11
C LEU L 3888 -22.85 -44.15 -13.10
N GLN L 3889 -22.54 -44.37 -14.38
CA GLN L 3889 -22.72 -43.32 -15.38
C GLN L 3889 -24.18 -42.93 -15.52
N LEU L 3890 -25.08 -43.92 -15.57
CA LEU L 3890 -26.50 -43.61 -15.72
C LEU L 3890 -27.09 -42.91 -14.51
N LEU L 3891 -26.43 -42.98 -13.36
CA LEU L 3891 -26.92 -42.23 -12.19
C LEU L 3891 -26.85 -40.74 -12.46
N CYS L 3892 -25.72 -40.26 -12.98
CA CYS L 3892 -25.52 -38.83 -13.25
C CYS L 3892 -25.82 -38.53 -14.72
N GLU L 3893 -27.04 -38.86 -15.14
CA GLU L 3893 -27.48 -38.62 -16.51
C GLU L 3893 -28.50 -37.49 -16.51
N GLY L 3894 -28.54 -36.77 -17.63
CA GLY L 3894 -29.39 -35.61 -17.70
C GLY L 3894 -28.86 -34.41 -16.95
N HIS L 3895 -27.55 -34.38 -16.68
CA HIS L 3895 -26.88 -33.27 -16.02
C HIS L 3895 -27.45 -33.00 -14.63
N ASN L 3896 -27.89 -34.06 -13.95
CA ASN L 3896 -28.37 -33.91 -12.59
C ASN L 3896 -27.25 -33.40 -11.70
N ASN L 3897 -27.52 -32.32 -10.96
CA ASN L 3897 -26.50 -31.63 -10.19
C ASN L 3897 -26.64 -31.92 -8.70
N ASP L 3898 -27.13 -33.11 -8.35
CA ASP L 3898 -27.14 -33.56 -6.97
C ASP L 3898 -26.32 -34.82 -6.77
N PHE L 3899 -26.53 -35.84 -7.61
CA PHE L 3899 -25.61 -36.98 -7.62
C PHE L 3899 -24.20 -36.55 -8.03
N GLN L 3900 -24.09 -35.66 -9.02
CA GLN L 3900 -22.79 -35.19 -9.44
C GLN L 3900 -22.05 -34.47 -8.31
N ASN L 3901 -22.77 -34.02 -7.30
CA ASN L 3901 -22.17 -33.45 -6.10
C ASN L 3901 -22.15 -34.41 -4.92
N TYR L 3902 -23.16 -35.29 -4.84
CA TYR L 3902 -23.23 -36.24 -3.72
C TYR L 3902 -22.10 -37.26 -3.77
N LEU L 3903 -21.78 -37.75 -4.97
CA LEU L 3903 -20.74 -38.78 -5.09
C LEU L 3903 -19.38 -38.27 -4.62
N ARG L 3904 -19.14 -36.96 -4.73
CA ARG L 3904 -17.86 -36.42 -4.27
C ARG L 3904 -17.73 -36.50 -2.76
N THR L 3905 -18.76 -36.04 -2.04
CA THR L 3905 -18.76 -36.06 -0.58
C THR L 3905 -20.18 -36.30 -0.10
N GLN L 3906 -20.32 -37.15 0.91
CA GLN L 3906 -21.61 -37.44 1.52
C GLN L 3906 -21.74 -36.56 2.77
N THR L 3907 -22.64 -35.59 2.72
CA THR L 3907 -22.87 -34.75 3.87
C THR L 3907 -23.57 -35.54 4.98
N GLY L 3908 -23.46 -35.05 6.20
CA GLY L 3908 -23.96 -35.81 7.33
C GLY L 3908 -23.23 -37.13 7.46
N ASN L 3909 -24.00 -38.20 7.70
CA ASN L 3909 -23.46 -39.53 7.90
C ASN L 3909 -22.31 -39.54 8.90
N THR L 3910 -21.31 -40.38 8.67
CA THR L 3910 -20.13 -40.40 9.53
C THR L 3910 -18.84 -40.26 8.74
N THR L 3911 -18.73 -40.88 7.57
CA THR L 3911 -17.51 -40.84 6.78
C THR L 3911 -17.87 -40.71 5.30
N THR L 3912 -16.91 -40.23 4.52
CA THR L 3912 -17.06 -40.05 3.09
C THR L 3912 -16.14 -41.01 2.35
N ILE L 3913 -16.47 -41.24 1.08
CA ILE L 3913 -15.74 -42.20 0.25
C ILE L 3913 -15.12 -41.54 -0.97
N ASN L 3914 -15.82 -40.58 -1.60
CA ASN L 3914 -15.32 -39.84 -2.76
C ASN L 3914 -15.02 -40.78 -3.93
N ILE L 3915 -16.10 -41.34 -4.47
CA ILE L 3915 -16.03 -42.26 -5.61
C ILE L 3915 -15.24 -41.68 -6.77
N ILE L 3916 -15.29 -40.35 -6.96
CA ILE L 3916 -14.63 -39.72 -8.11
C ILE L 3916 -13.16 -40.12 -8.16
N ILE L 3917 -12.42 -39.79 -7.10
CA ILE L 3917 -11.01 -40.15 -7.05
C ILE L 3917 -10.83 -41.65 -6.92
N CYS L 3918 -11.87 -42.37 -6.50
CA CYS L 3918 -11.78 -43.81 -6.34
C CYS L 3918 -11.95 -44.56 -7.65
N THR L 3919 -12.37 -43.90 -8.72
CA THR L 3919 -12.47 -44.54 -10.03
C THR L 3919 -11.28 -44.22 -10.92
N VAL L 3920 -10.69 -43.04 -10.78
CA VAL L 3920 -9.54 -42.69 -11.61
C VAL L 3920 -8.38 -43.63 -11.36
N ASP L 3921 -8.24 -44.14 -10.14
CA ASP L 3921 -7.16 -45.08 -9.86
C ASP L 3921 -7.29 -46.34 -10.69
N TYR L 3922 -8.53 -46.80 -10.91
CA TYR L 3922 -8.72 -47.95 -11.79
C TYR L 3922 -8.27 -47.65 -13.21
N LEU L 3923 -8.57 -46.45 -13.72
CA LEU L 3923 -8.13 -46.11 -15.06
C LEU L 3923 -6.70 -45.57 -15.00
N LEU L 3924 -5.90 -46.23 -14.19
CA LEU L 3924 -4.45 -46.10 -14.22
C LEU L 3924 -3.78 -47.46 -14.16
N ARG L 3925 -4.30 -48.39 -13.36
CA ARG L 3925 -3.78 -49.76 -13.37
C ARG L 3925 -4.08 -50.45 -14.68
N LEU L 3926 -5.29 -50.22 -15.22
CA LEU L 3926 -5.62 -50.75 -16.54
C LEU L 3926 -4.71 -50.17 -17.62
N GLN L 3927 -4.40 -48.87 -17.52
CA GLN L 3927 -3.50 -48.26 -18.49
C GLN L 3927 -2.10 -48.86 -18.42
N GLU L 3928 -1.59 -49.08 -17.20
CA GLU L 3928 -0.30 -49.76 -17.05
C GLU L 3928 -0.34 -51.19 -17.57
N SER L 3929 -1.52 -51.77 -17.72
CA SER L 3929 -1.62 -53.14 -18.22
C SER L 3929 -1.56 -53.19 -19.74
N ILE L 3930 -2.27 -52.30 -20.42
CA ILE L 3930 -2.23 -52.29 -21.88
C ILE L 3930 -0.83 -51.93 -22.38
N SER L 3931 -0.23 -50.89 -21.78
CA SER L 3931 1.12 -50.52 -22.17
C SER L 3931 2.10 -51.66 -21.91
N ASP L 3932 1.61 -52.51 -21.12
CA ASP L 3932 2.46 -53.55 -20.88
C ASP L 3932 2.34 -54.51 -21.86
N PHE L 3933 1.17 -54.82 -22.16
CA PHE L 3933 0.88 -55.77 -23.23
C PHE L 3933 1.55 -55.37 -24.54
N TYR L 3934 1.75 -54.07 -24.76
CA TYR L 3934 2.35 -53.62 -26.01
C TYR L 3934 3.78 -54.11 -26.15
N TRP L 3935 4.56 -54.07 -25.08
CA TRP L 3935 5.95 -54.52 -25.15
C TRP L 3935 6.06 -55.99 -25.52
N TYR L 3936 5.14 -56.82 -25.04
CA TYR L 3936 5.19 -58.23 -25.38
C TYR L 3936 5.05 -58.46 -26.88
N TYR L 3937 4.39 -57.54 -27.58
CA TYR L 3937 4.20 -57.66 -29.03
C TYR L 3937 5.03 -56.65 -29.80
N SER L 3938 5.99 -55.98 -29.16
CA SER L 3938 6.79 -54.97 -29.83
C SER L 3938 7.74 -55.61 -30.85
N GLY L 3939 8.24 -56.80 -30.56
CA GLY L 3939 9.24 -57.42 -31.42
C GLY L 3939 8.67 -58.31 -32.50
N LYS L 3940 7.37 -58.60 -32.43
CA LYS L 3940 6.73 -59.41 -33.45
C LYS L 3940 6.38 -58.53 -34.65
N ASP L 3941 5.72 -59.11 -35.65
CA ASP L 3941 5.40 -58.39 -36.87
C ASP L 3941 3.92 -58.48 -37.21
N VAL L 3942 3.28 -59.57 -36.81
CA VAL L 3942 1.85 -59.78 -37.04
C VAL L 3942 1.23 -60.30 -35.75
N ILE L 3943 0.04 -59.80 -35.43
CA ILE L 3943 -0.66 -60.19 -34.22
C ILE L 3943 -1.57 -61.37 -34.55
N GLU L 3944 -1.36 -62.49 -33.86
CA GLU L 3944 -2.16 -63.68 -34.13
C GLU L 3944 -3.60 -63.48 -33.68
N GLU L 3945 -4.47 -64.41 -34.10
CA GLU L 3945 -5.90 -64.23 -33.89
C GLU L 3945 -6.27 -64.15 -32.42
N GLN L 3946 -5.64 -64.99 -31.58
CA GLN L 3946 -5.88 -64.90 -30.15
C GLN L 3946 -5.13 -63.75 -29.49
N GLY L 3947 -4.27 -63.05 -30.23
CA GLY L 3947 -3.69 -61.82 -29.72
C GLY L 3947 -4.57 -60.61 -29.88
N LYS L 3948 -5.64 -60.71 -30.67
CA LYS L 3948 -6.58 -59.63 -30.88
C LYS L 3948 -7.91 -59.84 -30.15
N ARG L 3949 -8.35 -61.08 -30.00
CA ARG L 3949 -9.62 -61.35 -29.34
C ARG L 3949 -9.60 -60.86 -27.90
N ASN L 3950 -8.52 -61.14 -27.17
CA ASN L 3950 -8.38 -60.62 -25.82
C ASN L 3950 -8.11 -59.13 -25.82
N PHE L 3951 -7.34 -58.64 -26.80
CA PHE L 3951 -6.98 -57.23 -26.82
C PHE L 3951 -8.21 -56.34 -26.99
N SER L 3952 -9.11 -56.71 -27.91
CA SER L 3952 -10.31 -55.91 -28.10
C SER L 3952 -11.21 -55.94 -26.87
N LYS L 3953 -11.13 -57.00 -26.07
CA LYS L 3953 -11.90 -57.07 -24.84
C LYS L 3953 -11.51 -55.95 -23.88
N ALA L 3954 -10.21 -55.74 -23.69
CA ALA L 3954 -9.74 -54.73 -22.75
C ALA L 3954 -10.06 -53.32 -23.22
N MET L 3955 -9.86 -53.04 -24.51
CA MET L 3955 -10.07 -51.69 -25.01
C MET L 3955 -11.55 -51.30 -24.96
N SER L 3956 -12.45 -52.27 -25.13
CA SER L 3956 -13.88 -51.98 -24.99
C SER L 3956 -14.21 -51.56 -23.57
N VAL L 3957 -13.59 -52.19 -22.58
CA VAL L 3957 -13.81 -51.80 -21.19
C VAL L 3957 -13.30 -50.39 -20.94
N ALA L 3958 -12.13 -50.05 -21.47
CA ALA L 3958 -11.57 -48.73 -21.25
C ALA L 3958 -12.46 -47.63 -21.83
N LYS L 3959 -13.11 -47.91 -22.96
CA LYS L 3959 -14.03 -46.93 -23.53
C LYS L 3959 -15.19 -46.66 -22.59
N GLN L 3960 -15.75 -47.71 -21.98
CA GLN L 3960 -16.88 -47.53 -21.08
C GLN L 3960 -16.49 -46.69 -19.86
N VAL L 3961 -15.28 -46.90 -19.34
CA VAL L 3961 -14.84 -46.09 -18.21
C VAL L 3961 -14.74 -44.62 -18.61
N PHE L 3962 -14.19 -44.35 -19.79
CA PHE L 3962 -14.05 -42.96 -20.24
C PHE L 3962 -15.41 -42.28 -20.38
N ASN L 3963 -16.44 -43.02 -20.80
CA ASN L 3963 -17.76 -42.43 -20.91
C ASN L 3963 -18.24 -41.92 -19.56
N SER L 3964 -18.01 -42.70 -18.50
CA SER L 3964 -18.46 -42.29 -17.17
C SER L 3964 -17.79 -41.00 -16.73
N LEU L 3965 -16.46 -40.92 -16.86
CA LEU L 3965 -15.73 -39.74 -16.40
C LEU L 3965 -16.29 -38.46 -16.99
N THR L 3966 -16.74 -38.50 -18.25
CA THR L 3966 -17.35 -37.32 -18.84
C THR L 3966 -18.64 -36.93 -18.12
N GLU L 3967 -19.43 -37.90 -17.68
CA GLU L 3967 -20.74 -37.60 -17.13
C GLU L 3967 -20.71 -37.19 -15.66
N TYR L 3968 -19.52 -37.11 -15.05
CA TYR L 3968 -19.40 -36.38 -13.80
C TYR L 3968 -19.05 -34.92 -14.01
N ILE L 3969 -18.68 -34.53 -15.23
CA ILE L 3969 -18.23 -33.19 -15.54
C ILE L 3969 -19.23 -32.44 -16.41
N GLN L 3970 -19.88 -33.14 -17.35
CA GLN L 3970 -20.91 -32.52 -18.18
C GLN L 3970 -21.97 -31.88 -17.32
N GLY L 3971 -22.44 -30.70 -17.73
CA GLY L 3971 -23.31 -29.92 -16.87
C GLY L 3971 -22.51 -29.35 -15.72
N PRO L 3972 -21.65 -28.35 -16.04
CA PRO L 3972 -20.50 -28.02 -15.18
C PRO L 3972 -20.72 -28.12 -13.68
N CYS L 3973 -19.81 -28.81 -13.02
CA CYS L 3973 -19.86 -29.13 -11.60
C CYS L 3973 -18.56 -28.73 -10.93
N THR L 3974 -18.20 -27.46 -11.11
CA THR L 3974 -16.89 -26.89 -10.81
C THR L 3974 -16.22 -27.51 -9.59
N GLY L 3975 -16.99 -27.72 -8.52
CA GLY L 3975 -16.43 -28.42 -7.36
C GLY L 3975 -15.86 -29.77 -7.72
N ASN L 3976 -16.50 -30.48 -8.66
CA ASN L 3976 -15.97 -31.76 -9.13
C ASN L 3976 -14.82 -31.58 -10.11
N GLN L 3977 -14.81 -30.49 -10.88
CA GLN L 3977 -13.74 -30.27 -11.85
C GLN L 3977 -12.40 -30.13 -11.16
N GLN L 3978 -12.33 -29.39 -10.06
CA GLN L 3978 -11.07 -29.20 -9.35
C GLN L 3978 -10.54 -30.52 -8.79
N SER L 3979 -11.44 -31.46 -8.48
CA SER L 3979 -11.00 -32.74 -7.92
C SER L 3979 -10.16 -33.51 -8.93
N LEU L 3980 -10.60 -33.58 -10.17
CA LEU L 3980 -9.81 -34.27 -11.19
C LEU L 3980 -8.52 -33.53 -11.49
N ALA L 3981 -8.52 -32.20 -11.43
CA ALA L 3981 -7.30 -31.45 -11.65
C ALA L 3981 -6.26 -31.78 -10.58
N HIS L 3982 -6.69 -31.86 -9.32
CA HIS L 3982 -5.80 -32.25 -8.22
C HIS L 3982 -5.82 -33.76 -8.01
N SER L 3983 -5.64 -34.50 -9.10
CA SER L 3983 -5.73 -35.95 -9.07
C SER L 3983 -4.67 -36.55 -9.97
N ARG L 3984 -4.40 -37.84 -9.72
CA ARG L 3984 -3.40 -38.60 -10.49
C ARG L 3984 -3.99 -39.01 -11.84
N LEU L 3985 -4.34 -38.00 -12.63
CA LEU L 3985 -4.97 -38.21 -13.93
C LEU L 3985 -4.05 -37.90 -15.11
N TRP L 3986 -3.26 -36.82 -15.03
CA TRP L 3986 -2.38 -36.46 -16.13
C TRP L 3986 -1.36 -37.56 -16.43
N ASP L 3987 -0.79 -38.17 -15.40
CA ASP L 3987 0.17 -39.23 -15.68
C ASP L 3987 -0.47 -40.44 -16.33
N ALA L 3988 -1.80 -40.52 -16.33
CA ALA L 3988 -2.50 -41.60 -17.01
C ALA L 3988 -2.66 -41.30 -18.50
N VAL L 3989 -3.06 -40.07 -18.84
CA VAL L 3989 -3.29 -39.74 -20.25
C VAL L 3989 -1.97 -39.69 -21.02
N VAL L 3990 -0.91 -39.16 -20.40
CA VAL L 3990 0.38 -39.10 -21.07
C VAL L 3990 0.86 -40.50 -21.42
N GLY L 3991 0.62 -41.46 -20.53
CA GLY L 3991 0.88 -42.84 -20.88
C GLY L 3991 0.01 -43.34 -22.01
N PHE L 3992 -1.27 -42.95 -21.99
CA PHE L 3992 -2.16 -43.33 -23.09
C PHE L 3992 -1.69 -42.74 -24.41
N LEU L 3993 -1.26 -41.47 -24.39
CA LEU L 3993 -0.77 -40.85 -25.62
C LEU L 3993 0.41 -41.61 -26.18
N HIS L 3994 1.29 -42.12 -25.31
CA HIS L 3994 2.45 -42.86 -25.77
C HIS L 3994 2.04 -44.16 -26.46
N VAL L 3995 1.17 -44.94 -25.82
CA VAL L 3995 0.79 -46.24 -26.38
C VAL L 3995 -0.09 -46.06 -27.62
N PHE L 3996 -0.86 -44.98 -27.69
CA PHE L 3996 -1.70 -44.74 -28.87
C PHE L 3996 -0.86 -44.54 -30.13
N ALA L 3997 0.32 -43.98 -30.00
CA ALA L 3997 1.10 -43.61 -31.18
C ALA L 3997 1.65 -44.84 -31.88
N HIS L 3998 2.24 -45.77 -31.13
CA HIS L 3998 2.96 -46.88 -31.75
C HIS L 3998 2.01 -47.88 -32.42
N MET L 3999 0.95 -48.29 -31.72
CA MET L 3999 0.01 -49.21 -32.33
C MET L 3999 -0.69 -48.59 -33.53
N MET L 4000 -1.07 -47.32 -33.42
CA MET L 4000 -1.60 -46.60 -34.58
C MET L 4000 -0.62 -46.62 -35.73
N MET L 4001 0.69 -46.64 -35.42
CA MET L 4001 1.72 -46.71 -36.45
C MET L 4001 1.98 -48.15 -36.87
N LYS L 4002 2.04 -49.07 -35.91
CA LYS L 4002 2.32 -50.47 -36.22
C LYS L 4002 1.19 -51.11 -37.01
N LEU L 4003 -0.06 -50.83 -36.63
CA LEU L 4003 -1.19 -51.53 -37.23
C LEU L 4003 -1.32 -51.21 -38.72
N ALA L 4004 -0.95 -49.99 -39.12
CA ALA L 4004 -1.10 -49.59 -40.51
C ALA L 4004 -0.20 -50.37 -41.46
N GLN L 4005 0.82 -51.05 -40.95
CA GLN L 4005 1.74 -51.81 -41.80
C GLN L 4005 1.25 -53.23 -42.04
N ASP L 4006 -0.01 -53.37 -42.42
CA ASP L 4006 -0.63 -54.67 -42.64
C ASP L 4006 -2.01 -54.44 -43.22
N SER L 4007 -2.54 -55.47 -43.90
CA SER L 4007 -3.86 -55.39 -44.50
C SER L 4007 -4.90 -56.24 -43.81
N SER L 4008 -4.49 -57.25 -43.04
CA SER L 4008 -5.45 -58.15 -42.40
C SER L 4008 -5.90 -57.66 -41.04
N GLN L 4009 -5.02 -57.01 -40.27
CA GLN L 4009 -5.36 -56.50 -38.96
C GLN L 4009 -5.96 -55.11 -38.99
N ILE L 4010 -6.34 -54.62 -40.17
CA ILE L 4010 -6.91 -53.28 -40.29
C ILE L 4010 -8.21 -53.16 -39.51
N GLU L 4011 -8.92 -54.27 -39.31
CA GLU L 4011 -10.22 -54.20 -38.65
C GLU L 4011 -10.09 -53.73 -37.21
N LEU L 4012 -9.02 -54.13 -36.51
CA LEU L 4012 -8.82 -53.70 -35.14
C LEU L 4012 -8.55 -52.20 -35.06
N LEU L 4013 -7.98 -51.62 -36.11
CA LEU L 4013 -7.58 -50.21 -36.06
C LEU L 4013 -8.81 -49.30 -35.91
N LYS L 4014 -9.95 -49.70 -36.48
CA LYS L 4014 -11.13 -48.84 -36.44
C LYS L 4014 -11.57 -48.55 -35.02
N GLU L 4015 -11.75 -49.59 -34.20
CA GLU L 4015 -12.18 -49.35 -32.83
C GLU L 4015 -11.06 -48.77 -31.96
N LEU L 4016 -9.81 -48.84 -32.40
CA LEU L 4016 -8.76 -48.12 -31.70
C LEU L 4016 -8.94 -46.62 -31.84
N LEU L 4017 -9.32 -46.16 -33.04
CA LEU L 4017 -9.59 -44.73 -33.23
C LEU L 4017 -10.79 -44.29 -32.41
N ASP L 4018 -11.80 -45.17 -32.27
CA ASP L 4018 -12.96 -44.81 -31.46
C ASP L 4018 -12.57 -44.52 -30.01
N LEU L 4019 -11.53 -45.20 -29.50
CA LEU L 4019 -11.03 -44.88 -28.17
C LEU L 4019 -10.44 -43.48 -28.13
N GLN L 4020 -9.76 -43.07 -29.20
CA GLN L 4020 -9.24 -41.70 -29.26
C GLN L 4020 -10.37 -40.68 -29.21
N LYS L 4021 -11.50 -40.99 -29.80
CA LYS L 4021 -12.63 -40.04 -29.82
C LYS L 4021 -13.24 -39.92 -28.46
N ASP L 4022 -13.26 -41.01 -27.72
CA ASP L 4022 -13.83 -40.97 -26.39
C ASP L 4022 -12.84 -40.55 -25.32
N MET L 4023 -11.57 -40.32 -25.71
CA MET L 4023 -10.58 -39.81 -24.78
C MET L 4023 -10.39 -38.30 -24.88
N VAL L 4024 -10.35 -37.77 -26.10
CA VAL L 4024 -10.17 -36.33 -26.27
C VAL L 4024 -11.43 -35.59 -25.85
N VAL L 4025 -12.60 -36.20 -26.01
CA VAL L 4025 -13.85 -35.51 -25.70
C VAL L 4025 -13.94 -35.20 -24.22
N MET L 4026 -13.40 -36.06 -23.36
CA MET L 4026 -13.43 -35.77 -21.93
C MET L 4026 -12.50 -34.61 -21.59
N LEU L 4027 -11.42 -34.42 -22.36
CA LEU L 4027 -10.59 -33.24 -22.16
C LEU L 4027 -11.34 -31.96 -22.48
N LEU L 4028 -12.28 -32.02 -23.43
CA LEU L 4028 -13.16 -30.87 -23.66
C LEU L 4028 -14.02 -30.59 -22.44
N SER L 4029 -14.53 -31.64 -21.80
CA SER L 4029 -15.39 -31.44 -20.64
C SER L 4029 -14.67 -30.71 -19.52
N LEU L 4030 -13.41 -31.07 -19.27
CA LEU L 4030 -12.61 -30.30 -18.31
C LEU L 4030 -12.51 -28.86 -18.73
N LEU L 4031 -12.39 -28.61 -20.03
CA LEU L 4031 -12.12 -27.25 -20.51
C LEU L 4031 -13.39 -26.41 -20.64
N GLU L 4032 -14.58 -27.02 -20.66
CA GLU L 4032 -15.80 -26.23 -20.83
C GLU L 4032 -16.08 -25.37 -19.60
N GLY L 4033 -16.62 -24.19 -19.82
CA GLY L 4033 -16.94 -23.31 -18.72
C GLY L 4033 -15.73 -22.68 -18.06
N ASN L 4034 -14.60 -22.65 -18.75
CA ASN L 4034 -13.35 -22.18 -18.20
C ASN L 4034 -13.17 -20.69 -18.45
N VAL L 4035 -12.43 -20.03 -17.57
CA VAL L 4035 -12.10 -18.62 -17.72
C VAL L 4035 -10.84 -18.50 -18.57
N VAL L 4036 -10.66 -17.34 -19.19
CA VAL L 4036 -9.47 -17.14 -20.01
C VAL L 4036 -8.23 -17.14 -19.12
N ASN L 4037 -7.16 -17.76 -19.60
CA ASN L 4037 -5.90 -17.83 -18.87
C ASN L 4037 -6.10 -18.45 -17.49
N GLY L 4038 -7.02 -19.42 -17.42
CA GLY L 4038 -7.35 -20.05 -16.16
C GLY L 4038 -6.33 -21.08 -15.74
N MET L 4039 -6.56 -21.65 -14.55
CA MET L 4039 -5.61 -22.61 -14.01
C MET L 4039 -5.79 -23.99 -14.63
N ILE L 4040 -7.03 -24.36 -14.95
CA ILE L 4040 -7.27 -25.66 -15.58
C ILE L 4040 -6.60 -25.72 -16.95
N ALA L 4041 -6.74 -24.66 -17.75
CA ALA L 4041 -6.16 -24.65 -19.07
C ALA L 4041 -4.63 -24.60 -19.06
N ARG L 4042 -4.03 -24.12 -17.97
CA ARG L 4042 -2.57 -24.09 -17.89
C ARG L 4042 -2.00 -25.50 -17.88
N GLN L 4043 -2.60 -26.41 -17.12
CA GLN L 4043 -2.13 -27.79 -17.10
C GLN L 4043 -2.42 -28.51 -18.42
N MET L 4044 -3.44 -28.06 -19.16
CA MET L 4044 -3.72 -28.66 -20.46
C MET L 4044 -2.53 -28.53 -21.40
N VAL L 4045 -2.01 -27.31 -21.55
CA VAL L 4045 -0.83 -27.12 -22.38
C VAL L 4045 0.41 -27.67 -21.70
N ASP L 4046 0.47 -27.59 -20.36
CA ASP L 4046 1.63 -28.09 -19.64
C ASP L 4046 1.80 -29.59 -19.82
N MET L 4047 0.70 -30.34 -19.72
CA MET L 4047 0.76 -31.79 -19.90
C MET L 4047 1.22 -32.15 -21.31
N LEU L 4048 0.90 -31.32 -22.30
CA LEU L 4048 1.34 -31.60 -23.66
C LEU L 4048 2.84 -31.43 -23.82
N VAL L 4049 3.46 -30.56 -22.99
CA VAL L 4049 4.88 -30.27 -23.14
C VAL L 4049 5.72 -31.51 -22.86
N GLU L 4050 5.25 -32.27 -21.87
CA GLU L 4050 5.89 -33.54 -21.57
C GLU L 4050 5.34 -34.61 -22.51
N SER L 4051 4.03 -34.61 -22.73
CA SER L 4051 3.41 -35.58 -23.63
C SER L 4051 3.43 -35.10 -25.06
N SER L 4052 4.46 -34.35 -25.45
CA SER L 4052 4.51 -33.79 -26.79
C SER L 4052 4.75 -34.84 -27.84
N SER L 4053 5.92 -35.47 -27.81
CA SER L 4053 6.27 -36.45 -28.84
C SER L 4053 5.06 -37.26 -29.27
N ASN L 4054 4.33 -37.81 -28.31
CA ASN L 4054 3.19 -38.63 -28.66
C ASN L 4054 2.19 -37.84 -29.48
N VAL L 4055 1.72 -36.72 -28.95
CA VAL L 4055 0.81 -35.87 -29.68
C VAL L 4055 1.28 -35.67 -31.12
N GLU L 4056 2.41 -35.02 -31.30
CA GLU L 4056 2.89 -34.74 -32.65
C GLU L 4056 2.73 -35.94 -33.55
N MET L 4057 3.11 -37.11 -33.07
CA MET L 4057 3.00 -38.31 -33.88
C MET L 4057 1.60 -38.45 -34.44
N ILE L 4058 0.61 -38.30 -33.59
CA ILE L 4058 -0.77 -38.42 -34.05
C ILE L 4058 -1.07 -37.41 -35.14
N LEU L 4059 -0.84 -36.14 -34.87
CA LEU L 4059 -1.10 -35.10 -35.85
C LEU L 4059 -0.48 -35.47 -37.20
N LYS L 4060 0.73 -35.98 -37.17
CA LYS L 4060 1.39 -36.40 -38.41
C LYS L 4060 0.58 -37.48 -39.10
N PHE L 4061 0.23 -38.53 -38.37
CA PHE L 4061 -0.55 -39.62 -38.94
C PHE L 4061 -1.69 -39.10 -39.78
N PHE L 4062 -2.24 -37.95 -39.40
CA PHE L 4062 -3.34 -37.37 -40.15
C PHE L 4062 -2.85 -36.69 -41.41
N ASP L 4063 -2.02 -35.67 -41.25
CA ASP L 4063 -1.47 -34.98 -42.42
C ASP L 4063 -1.08 -35.98 -43.48
N MET L 4064 -0.09 -36.80 -43.20
CA MET L 4064 0.37 -37.78 -44.17
C MET L 4064 -0.77 -38.33 -45.00
N PHE L 4065 -1.80 -38.85 -44.35
CA PHE L 4065 -2.88 -39.48 -45.10
C PHE L 4065 -3.93 -38.51 -45.59
N LEU L 4066 -3.63 -37.22 -45.54
CA LEU L 4066 -4.56 -36.23 -46.06
C LEU L 4066 -3.88 -35.51 -47.20
N LYS L 4067 -2.56 -35.57 -47.22
CA LYS L 4067 -1.82 -34.98 -48.31
C LYS L 4067 -1.72 -35.98 -49.43
N LEU L 4068 -1.85 -37.26 -49.12
CA LEU L 4068 -1.84 -38.28 -50.15
C LEU L 4068 -3.13 -38.20 -50.93
N LYS L 4069 -4.23 -37.94 -50.25
CA LYS L 4069 -5.52 -37.85 -50.91
C LYS L 4069 -5.46 -36.83 -52.03
N ASP L 4070 -4.59 -35.86 -51.88
CA ASP L 4070 -4.43 -34.83 -52.90
C ASP L 4070 -3.43 -35.27 -53.94
N ILE L 4071 -2.20 -35.54 -53.51
CA ILE L 4071 -1.17 -35.99 -54.42
C ILE L 4071 -1.79 -36.93 -55.44
N VAL L 4072 -2.22 -38.12 -55.02
CA VAL L 4072 -2.89 -39.00 -55.93
C VAL L 4072 -4.09 -38.27 -56.49
N GLY L 4073 -4.04 -37.87 -57.76
CA GLY L 4073 -5.15 -37.07 -58.27
C GLY L 4073 -4.55 -35.83 -58.89
N SER L 4074 -3.36 -35.44 -58.45
CA SER L 4074 -2.68 -34.29 -59.03
C SER L 4074 -2.15 -34.68 -60.40
N GLU L 4075 -2.42 -33.87 -61.41
CA GLU L 4075 -1.96 -34.16 -62.75
C GLU L 4075 -0.61 -34.84 -62.75
N ALA L 4076 0.36 -34.23 -62.09
CA ALA L 4076 1.68 -34.82 -62.02
C ALA L 4076 1.61 -36.31 -61.77
N PHE L 4077 1.11 -36.71 -60.61
CA PHE L 4077 1.07 -38.13 -60.28
C PHE L 4077 0.51 -38.93 -61.43
N GLN L 4078 -0.68 -38.57 -61.90
CA GLN L 4078 -1.32 -39.35 -62.95
C GLN L 4078 -0.45 -39.43 -64.21
N ASP L 4079 0.73 -38.84 -64.18
CA ASP L 4079 1.63 -38.95 -65.31
C ASP L 4079 2.67 -40.01 -65.05
N TYR L 4080 2.80 -40.44 -63.80
CA TYR L 4080 3.73 -41.52 -63.47
C TYR L 4080 3.02 -42.84 -63.64
N VAL L 4081 1.75 -42.90 -63.26
CA VAL L 4081 0.98 -44.12 -63.43
C VAL L 4081 0.85 -44.45 -64.90
N THR L 4082 1.44 -45.55 -65.33
CA THR L 4082 1.35 -45.95 -66.72
C THR L 4082 0.88 -47.40 -66.81
N ASP L 4083 -0.43 -47.62 -66.76
CA ASP L 4083 -0.96 -48.98 -66.82
C ASP L 4083 -2.48 -48.93 -66.94
N PRO L 4084 -3.04 -49.86 -67.72
CA PRO L 4084 -4.49 -49.89 -67.92
C PRO L 4084 -5.25 -50.33 -66.68
N ARG L 4085 -4.84 -51.43 -66.05
CA ARG L 4085 -5.54 -51.94 -64.89
C ARG L 4085 -5.95 -50.81 -63.96
N GLY L 4086 -5.03 -49.89 -63.69
CA GLY L 4086 -5.31 -48.78 -62.80
C GLY L 4086 -4.43 -48.85 -61.57
N LEU L 4087 -3.25 -49.45 -61.71
CA LEU L 4087 -2.37 -49.59 -60.56
C LEU L 4087 -0.99 -49.06 -60.83
N ILE L 4088 -0.37 -48.47 -59.81
CA ILE L 4088 0.98 -47.97 -59.95
C ILE L 4088 1.92 -49.01 -59.37
N SER L 4089 3.22 -48.84 -59.57
CA SER L 4089 4.18 -49.78 -59.05
C SER L 4089 4.99 -49.15 -57.94
N LYS L 4090 5.68 -49.96 -57.16
CA LYS L 4090 6.43 -49.43 -56.03
C LYS L 4090 7.42 -48.39 -56.47
N LYS L 4091 8.30 -48.75 -57.39
CA LYS L 4091 9.28 -47.80 -57.89
C LYS L 4091 8.60 -46.50 -58.22
N ASP L 4092 7.62 -46.54 -59.11
CA ASP L 4092 6.91 -45.33 -59.50
C ASP L 4092 6.46 -44.55 -58.28
N PHE L 4093 5.60 -45.16 -57.48
CA PHE L 4093 5.11 -44.49 -56.28
C PHE L 4093 6.23 -43.73 -55.61
N GLN L 4094 7.33 -44.41 -55.35
CA GLN L 4094 8.45 -43.75 -54.70
C GLN L 4094 8.81 -42.51 -55.48
N LYS L 4095 9.17 -42.68 -56.76
CA LYS L 4095 9.55 -41.54 -57.58
C LYS L 4095 8.54 -40.43 -57.47
N ALA L 4096 7.27 -40.74 -57.61
CA ALA L 4096 6.24 -39.71 -57.57
C ALA L 4096 6.33 -38.91 -56.29
N MET L 4097 5.98 -39.51 -55.16
CA MET L 4097 5.96 -38.77 -53.91
C MET L 4097 7.31 -38.11 -53.62
N ASP L 4098 8.37 -38.63 -54.22
CA ASP L 4098 9.70 -38.07 -53.99
C ASP L 4098 9.98 -36.96 -54.98
N SER L 4099 9.59 -37.15 -56.24
CA SER L 4099 9.79 -36.12 -57.24
C SER L 4099 9.12 -34.91 -56.71
N GLN L 4100 7.93 -35.09 -56.14
CA GLN L 4100 7.29 -33.96 -55.52
C GLN L 4100 8.00 -33.67 -54.23
N LYS L 4101 8.21 -32.41 -53.92
CA LYS L 4101 8.80 -31.94 -52.67
C LYS L 4101 8.14 -32.66 -51.49
N GLN L 4102 8.45 -32.20 -50.28
CA GLN L 4102 8.04 -32.78 -49.00
C GLN L 4102 8.26 -34.29 -48.99
N PHE L 4103 7.61 -34.98 -48.05
CA PHE L 4103 7.70 -36.44 -47.94
C PHE L 4103 9.16 -36.89 -47.83
N THR L 4104 9.76 -36.52 -46.69
CA THR L 4104 11.15 -36.86 -46.40
C THR L 4104 11.39 -38.36 -46.62
N GLY L 4105 12.60 -38.69 -47.07
CA GLY L 4105 12.98 -40.02 -47.48
C GLY L 4105 12.46 -41.17 -46.62
N PRO L 4106 12.78 -41.16 -45.32
CA PRO L 4106 12.29 -42.24 -44.44
C PRO L 4106 10.78 -42.39 -44.45
N GLU L 4107 10.04 -41.28 -44.57
CA GLU L 4107 8.59 -41.37 -44.68
C GLU L 4107 8.19 -42.11 -45.95
N ILE L 4108 8.91 -41.88 -47.05
CA ILE L 4108 8.62 -42.62 -48.29
C ILE L 4108 8.83 -44.11 -48.07
N GLN L 4109 9.88 -44.48 -47.36
CA GLN L 4109 10.09 -45.89 -47.04
C GLN L 4109 8.92 -46.44 -46.24
N PHE L 4110 8.40 -45.66 -45.30
CA PHE L 4110 7.24 -46.11 -44.53
C PHE L 4110 6.01 -46.26 -45.41
N LEU L 4111 5.75 -45.29 -46.29
CA LEU L 4111 4.57 -45.35 -47.14
C LEU L 4111 4.61 -46.55 -48.08
N LEU L 4112 5.80 -46.90 -48.55
CA LEU L 4112 5.91 -48.09 -49.37
C LEU L 4112 5.81 -49.31 -48.45
N SER L 4113 5.21 -49.13 -47.27
CA SER L 4113 5.05 -50.25 -46.33
C SER L 4113 3.60 -50.44 -45.95
N CYS L 4114 2.94 -49.37 -45.51
CA CYS L 4114 1.52 -49.46 -45.20
C CYS L 4114 0.75 -49.79 -46.47
N SER L 4115 1.45 -49.76 -47.60
CA SER L 4115 0.82 -50.10 -48.87
C SER L 4115 0.67 -51.59 -49.02
N GLU L 4116 -0.08 -52.00 -50.03
CA GLU L 4116 -0.19 -53.44 -50.28
C GLU L 4116 0.96 -53.83 -51.21
N ALA L 4117 0.69 -54.72 -52.16
CA ALA L 4117 1.75 -55.18 -53.03
C ALA L 4117 1.21 -55.84 -54.29
N ASP L 4118 1.10 -57.15 -54.27
CA ASP L 4118 0.65 -57.89 -55.45
C ASP L 4118 1.62 -57.65 -56.60
N GLU L 4119 2.55 -58.58 -56.80
CA GLU L 4119 3.56 -58.40 -57.84
C GLU L 4119 4.34 -57.12 -57.60
N ASN L 4120 4.25 -56.57 -56.40
CA ASN L 4120 4.97 -55.34 -56.05
C ASN L 4120 4.66 -54.20 -57.01
N GLU L 4121 3.63 -54.35 -57.83
CA GLU L 4121 3.29 -53.33 -58.80
C GLU L 4121 1.80 -53.25 -58.96
N MET L 4122 1.08 -53.71 -57.95
CA MET L 4122 -0.37 -53.60 -58.00
C MET L 4122 -0.84 -52.75 -56.85
N ILE L 4123 0.00 -51.81 -56.41
CA ILE L 4123 -0.42 -50.91 -55.36
C ILE L 4123 -1.54 -50.09 -55.94
N ASN L 4124 -2.77 -50.62 -55.88
CA ASN L 4124 -3.91 -49.94 -56.45
C ASN L 4124 -3.97 -48.58 -55.83
N PHE L 4125 -3.31 -47.59 -56.40
CA PHE L 4125 -3.25 -46.26 -55.79
C PHE L 4125 -4.54 -45.78 -55.14
N GLU L 4126 -5.67 -45.96 -55.81
CA GLU L 4126 -6.95 -45.45 -55.28
C GLU L 4126 -7.21 -45.82 -53.83
N GLU L 4127 -7.73 -47.02 -53.59
CA GLU L 4127 -8.06 -47.45 -52.23
C GLU L 4127 -7.15 -46.80 -51.20
N PHE L 4128 -5.86 -47.13 -51.24
CA PHE L 4128 -4.91 -46.55 -50.30
C PHE L 4128 -5.34 -45.15 -49.90
N ALA L 4129 -5.40 -44.24 -50.87
CA ALA L 4129 -5.78 -42.87 -50.58
C ALA L 4129 -7.03 -42.82 -49.72
N ASN L 4130 -8.15 -43.28 -50.28
CA ASN L 4130 -9.41 -43.22 -49.55
C ASN L 4130 -9.63 -44.47 -48.71
N ARG L 4131 -8.69 -44.78 -47.83
CA ARG L 4131 -8.86 -45.92 -46.95
C ARG L 4131 -9.05 -45.44 -45.53
N PHE L 4132 -7.99 -44.89 -44.94
CA PHE L 4132 -8.06 -44.42 -43.56
C PHE L 4132 -8.68 -43.04 -43.50
N GLN L 4133 -9.70 -42.80 -44.30
CA GLN L 4133 -10.38 -41.51 -44.27
C GLN L 4133 -11.53 -41.56 -43.28
N GLU L 4134 -12.64 -42.14 -43.71
CA GLU L 4134 -13.81 -42.22 -42.85
C GLU L 4134 -13.45 -42.56 -41.41
N PRO L 4135 -12.71 -43.65 -41.20
CA PRO L 4135 -12.44 -44.02 -39.81
C PRO L 4135 -12.05 -42.82 -38.96
N ALA L 4136 -11.24 -41.91 -39.50
CA ALA L 4136 -10.77 -40.77 -38.73
C ALA L 4136 -11.43 -39.46 -39.13
N ARG L 4137 -12.56 -39.52 -39.82
CA ARG L 4137 -13.26 -38.32 -40.22
C ARG L 4137 -13.33 -37.45 -39.02
N ASP L 4138 -13.45 -38.08 -37.86
CA ASP L 4138 -13.48 -37.34 -36.63
C ASP L 4138 -12.09 -37.09 -36.11
N ILE L 4139 -11.64 -37.79 -35.07
CA ILE L 4139 -10.34 -37.67 -34.42
C ILE L 4139 -9.65 -36.42 -34.92
N GLY L 4140 -9.30 -36.41 -36.21
CA GLY L 4140 -8.71 -35.23 -36.80
C GLY L 4140 -9.54 -33.98 -36.59
N PHE L 4141 -10.87 -34.13 -36.61
CA PHE L 4141 -11.73 -33.01 -36.30
C PHE L 4141 -11.64 -32.64 -34.82
N ASN L 4142 -11.66 -33.64 -33.95
CA ASN L 4142 -11.70 -33.36 -32.52
C ASN L 4142 -10.35 -33.02 -31.92
N VAL L 4143 -9.28 -32.99 -32.72
CA VAL L 4143 -8.02 -32.43 -32.26
C VAL L 4143 -7.94 -31.01 -32.80
N ALA L 4144 -8.57 -30.76 -33.95
CA ALA L 4144 -8.67 -29.40 -34.45
C ALA L 4144 -9.45 -28.52 -33.48
N VAL L 4145 -10.55 -29.03 -32.94
CA VAL L 4145 -11.30 -28.29 -31.94
C VAL L 4145 -10.48 -28.11 -30.67
N LEU L 4146 -9.72 -29.14 -30.28
CA LEU L 4146 -8.92 -29.07 -29.06
C LEU L 4146 -7.86 -27.98 -29.17
N LEU L 4147 -7.09 -27.99 -30.25
CA LEU L 4147 -6.03 -26.99 -30.41
C LEU L 4147 -6.60 -25.59 -30.53
N THR L 4148 -7.70 -25.43 -31.29
CA THR L 4148 -8.28 -24.11 -31.47
C THR L 4148 -8.79 -23.54 -30.15
N ASN L 4149 -9.63 -24.31 -29.46
CA ASN L 4149 -10.26 -23.84 -28.21
C ASN L 4149 -9.27 -23.39 -27.17
N LEU L 4150 -8.43 -24.28 -26.70
CA LEU L 4150 -7.40 -23.87 -25.76
C LEU L 4150 -6.77 -22.62 -26.34
N SER L 4151 -6.54 -22.62 -27.65
CA SER L 4151 -5.97 -21.46 -28.30
C SER L 4151 -6.94 -20.31 -28.35
N GLU L 4152 -7.63 -20.04 -27.25
CA GLU L 4152 -8.57 -18.94 -27.18
C GLU L 4152 -8.81 -18.66 -25.73
N HIS L 4153 -8.80 -19.70 -24.91
CA HIS L 4153 -8.97 -19.53 -23.48
C HIS L 4153 -7.61 -19.33 -22.85
N VAL L 4154 -6.57 -19.91 -23.40
CA VAL L 4154 -5.22 -19.64 -22.91
C VAL L 4154 -4.56 -18.91 -24.07
N PRO L 4155 -4.85 -17.62 -24.22
CA PRO L 4155 -4.35 -16.88 -25.38
C PRO L 4155 -2.85 -16.84 -25.46
N HIS L 4156 -2.24 -15.79 -24.93
CA HIS L 4156 -0.80 -15.63 -24.97
C HIS L 4156 -0.10 -16.84 -24.38
N ASP L 4157 0.34 -17.76 -25.24
CA ASP L 4157 1.07 -18.93 -24.76
C ASP L 4157 1.87 -19.54 -25.88
N PRO L 4158 3.20 -19.43 -25.81
CA PRO L 4158 4.05 -19.97 -26.87
C PRO L 4158 3.83 -21.46 -27.01
N ARG L 4159 4.10 -22.22 -25.96
CA ARG L 4159 3.99 -23.66 -26.03
C ARG L 4159 2.92 -24.12 -27.00
N LEU L 4160 1.67 -23.73 -26.75
CA LEU L 4160 0.57 -24.17 -27.61
C LEU L 4160 0.82 -23.77 -29.06
N ARG L 4161 1.15 -22.51 -29.30
CA ARG L 4161 1.34 -22.06 -30.67
C ARG L 4161 2.01 -23.14 -31.49
N ASN L 4162 3.17 -23.60 -31.05
CA ASN L 4162 3.89 -24.61 -31.81
C ASN L 4162 2.97 -25.71 -32.28
N PHE L 4163 2.17 -26.26 -31.37
CA PHE L 4163 1.28 -27.35 -31.74
C PHE L 4163 0.37 -26.93 -32.87
N LEU L 4164 -0.27 -25.78 -32.74
CA LEU L 4164 -1.20 -25.32 -33.77
C LEU L 4164 -0.53 -25.27 -35.13
N GLU L 4165 0.75 -24.95 -35.17
CA GLU L 4165 1.46 -24.87 -36.43
C GLU L 4165 1.60 -26.24 -37.09
N LEU L 4166 1.85 -27.27 -36.29
CA LEU L 4166 1.97 -28.61 -36.84
C LEU L 4166 0.62 -29.08 -37.32
N ALA L 4167 -0.44 -28.48 -36.80
CA ALA L 4167 -1.79 -28.89 -37.19
C ALA L 4167 -2.45 -27.78 -37.98
N GLU L 4168 -1.99 -27.56 -39.19
CA GLU L 4168 -2.60 -26.56 -40.04
C GLU L 4168 -3.45 -27.27 -41.06
N SER L 4169 -2.88 -28.28 -41.71
CA SER L 4169 -3.64 -29.05 -42.65
C SER L 4169 -4.96 -29.47 -42.05
N ILE L 4170 -4.92 -30.10 -40.87
CA ILE L 4170 -6.13 -30.56 -40.21
C ILE L 4170 -7.04 -29.40 -39.86
N LEU L 4171 -6.48 -28.34 -39.28
CA LEU L 4171 -7.28 -27.20 -38.87
C LEU L 4171 -7.68 -26.37 -40.07
N GLU L 4172 -7.65 -26.96 -41.26
CA GLU L 4172 -8.11 -26.25 -42.44
C GLU L 4172 -9.12 -27.11 -43.17
N TYR L 4173 -8.81 -28.38 -43.34
CA TYR L 4173 -9.78 -29.27 -43.96
C TYR L 4173 -11.08 -29.14 -43.19
N PHE L 4174 -10.98 -28.96 -41.88
CA PHE L 4174 -12.17 -28.86 -41.05
C PHE L 4174 -12.48 -27.43 -40.69
N ARG L 4175 -12.43 -26.53 -41.66
CA ARG L 4175 -12.79 -25.15 -41.41
C ARG L 4175 -14.18 -24.88 -41.94
N PRO L 4176 -14.54 -25.52 -43.07
CA PRO L 4176 -15.92 -25.32 -43.50
C PRO L 4176 -16.92 -26.18 -42.72
N TYR L 4177 -16.44 -27.06 -41.85
CA TYR L 4177 -17.34 -27.95 -41.13
C TYR L 4177 -17.22 -27.69 -39.66
N LEU L 4178 -16.98 -26.45 -39.28
CA LEU L 4178 -16.95 -26.08 -37.88
C LEU L 4178 -17.65 -24.75 -37.78
N GLY L 4179 -18.03 -24.35 -36.59
CA GLY L 4179 -18.72 -23.09 -36.39
C GLY L 4179 -18.50 -22.59 -34.98
N ARG L 4180 -18.35 -21.27 -34.84
CA ARG L 4180 -18.07 -20.64 -33.56
C ARG L 4180 -19.27 -19.80 -33.14
N ILE L 4181 -19.78 -20.04 -31.94
CA ILE L 4181 -20.94 -19.36 -31.40
C ILE L 4181 -20.52 -18.68 -30.11
N GLU L 4182 -21.23 -17.60 -29.79
CA GLU L 4182 -20.88 -16.82 -28.61
C GLU L 4182 -22.12 -16.53 -27.81
N ILE L 4183 -22.76 -17.56 -27.33
CA ILE L 4183 -23.94 -17.46 -26.47
C ILE L 4183 -23.54 -17.01 -25.07
N MET L 4184 -24.53 -16.63 -24.28
CA MET L 4184 -24.31 -16.19 -22.90
C MET L 4184 -25.37 -16.82 -22.02
N GLY L 4185 -24.95 -17.52 -20.97
CA GLY L 4185 -25.92 -18.16 -20.11
C GLY L 4185 -25.29 -18.71 -18.84
N ALA L 4186 -26.15 -19.30 -18.02
CA ALA L 4186 -25.77 -19.90 -16.75
C ALA L 4186 -25.10 -18.90 -15.83
N SER L 4187 -23.77 -18.88 -15.83
CA SER L 4187 -22.94 -18.07 -14.94
C SER L 4187 -22.98 -16.57 -15.25
N ARG L 4188 -23.89 -16.10 -16.10
CA ARG L 4188 -23.98 -14.69 -16.48
C ARG L 4188 -22.67 -14.20 -17.10
N ARG L 4189 -22.16 -14.98 -18.04
CA ARG L 4189 -20.86 -14.70 -18.64
C ARG L 4189 -20.86 -15.18 -20.08
N ILE L 4190 -19.96 -14.62 -20.88
CA ILE L 4190 -19.84 -14.99 -22.29
C ILE L 4190 -18.97 -16.24 -22.39
N GLU L 4191 -19.44 -17.20 -23.20
CA GLU L 4191 -18.71 -18.44 -23.43
C GLU L 4191 -18.83 -18.80 -24.89
N ARG L 4192 -17.85 -19.54 -25.39
CA ARG L 4192 -17.77 -19.90 -26.80
C ARG L 4192 -18.19 -21.36 -27.00
N ILE L 4193 -18.76 -21.64 -28.16
CA ILE L 4193 -19.24 -22.97 -28.51
C ILE L 4193 -18.62 -23.38 -29.84
N TYR L 4194 -18.18 -24.63 -29.92
CA TYR L 4194 -17.67 -25.21 -31.16
C TYR L 4194 -18.45 -26.46 -31.48
N PHE L 4195 -18.62 -26.73 -32.77
CA PHE L 4195 -19.43 -27.87 -33.21
C PHE L 4195 -19.06 -28.20 -34.65
N GLU L 4196 -19.78 -29.15 -35.24
CA GLU L 4196 -19.47 -29.69 -36.55
C GLU L 4196 -20.68 -29.58 -37.45
N ILE L 4197 -20.44 -29.26 -38.72
CA ILE L 4197 -21.49 -29.14 -39.73
C ILE L 4197 -21.11 -29.96 -40.95
N SER L 4198 -22.07 -30.73 -41.46
CA SER L 4198 -21.80 -31.62 -42.57
C SER L 4198 -21.72 -30.84 -43.89
N GLU L 4199 -21.18 -31.51 -44.91
CA GLU L 4199 -21.08 -30.87 -46.22
C GLU L 4199 -22.46 -30.58 -46.79
N THR L 4200 -23.37 -31.56 -46.72
CA THR L 4200 -24.71 -31.38 -47.24
C THR L 4200 -25.46 -30.30 -46.47
N ASN L 4201 -25.17 -30.16 -45.17
CA ASN L 4201 -25.81 -29.14 -44.37
C ASN L 4201 -25.49 -27.74 -44.92
N ARG L 4202 -24.22 -27.51 -45.25
CA ARG L 4202 -23.81 -26.24 -45.84
C ARG L 4202 -24.13 -26.18 -47.33
N ALA L 4203 -24.11 -27.32 -48.03
CA ALA L 4203 -24.35 -27.31 -49.46
C ALA L 4203 -25.72 -26.74 -49.80
N GLN L 4204 -26.75 -27.12 -49.04
CA GLN L 4204 -28.08 -26.60 -49.26
C GLN L 4204 -28.24 -25.25 -48.58
N TRP L 4205 -27.29 -24.33 -48.80
CA TRP L 4205 -27.40 -22.99 -48.24
C TRP L 4205 -27.03 -21.93 -49.26
N GLU L 4206 -26.19 -22.28 -50.23
CA GLU L 4206 -25.72 -21.32 -51.23
C GLU L 4206 -26.48 -21.40 -52.53
N MET L 4207 -27.51 -22.24 -52.62
CA MET L 4207 -28.36 -22.24 -53.80
C MET L 4207 -29.09 -20.89 -53.89
N PRO L 4208 -29.30 -20.37 -55.10
CA PRO L 4208 -29.79 -18.99 -55.22
C PRO L 4208 -31.12 -18.72 -54.52
N GLN L 4209 -32.00 -19.72 -54.41
CA GLN L 4209 -33.30 -19.48 -53.80
C GLN L 4209 -33.17 -19.05 -52.35
N VAL L 4210 -32.31 -19.72 -51.58
CA VAL L 4210 -32.15 -19.37 -50.17
C VAL L 4210 -31.46 -18.03 -50.03
N LYS L 4211 -30.48 -17.75 -50.89
CA LYS L 4211 -29.71 -16.51 -50.77
C LYS L 4211 -30.62 -15.28 -50.93
N GLU L 4212 -31.53 -15.32 -51.90
CA GLU L 4212 -32.46 -14.20 -52.06
C GLU L 4212 -33.40 -14.09 -50.87
N SER L 4213 -33.75 -15.21 -50.24
CA SER L 4213 -34.57 -15.14 -49.03
C SER L 4213 -33.83 -14.42 -47.90
N LYS L 4214 -32.52 -14.64 -47.79
CA LYS L 4214 -31.73 -13.91 -46.81
C LYS L 4214 -31.80 -12.41 -47.05
N ARG L 4215 -31.63 -12.00 -48.31
CA ARG L 4215 -31.60 -10.57 -48.62
C ARG L 4215 -32.93 -9.90 -48.33
N GLN L 4216 -34.04 -10.56 -48.66
CA GLN L 4216 -35.35 -9.95 -48.46
C GLN L 4216 -35.68 -9.88 -46.97
N PHE L 4217 -35.31 -10.90 -46.20
CA PHE L 4217 -35.58 -10.86 -44.76
C PHE L 4217 -34.78 -9.77 -44.07
N ILE L 4218 -33.50 -9.61 -44.44
CA ILE L 4218 -32.68 -8.57 -43.83
C ILE L 4218 -33.24 -7.19 -44.15
N PHE L 4219 -33.82 -7.04 -45.35
CA PHE L 4219 -34.30 -5.72 -45.77
C PHE L 4219 -35.48 -5.26 -44.92
N ASP L 4220 -36.46 -6.15 -44.68
CA ASP L 4220 -37.71 -5.76 -44.05
C ASP L 4220 -37.75 -6.05 -42.55
N VAL L 4221 -36.61 -6.02 -41.88
CA VAL L 4221 -36.56 -6.07 -40.42
C VAL L 4221 -35.81 -4.91 -39.81
N VAL L 4222 -35.20 -4.04 -40.62
CA VAL L 4222 -34.48 -2.89 -40.10
C VAL L 4222 -35.34 -1.65 -40.28
N ASN L 4223 -36.16 -1.62 -41.32
CA ASN L 4223 -37.03 -0.49 -41.63
C ASN L 4223 -38.50 -0.78 -41.42
N GLU L 4224 -38.82 -1.60 -40.43
CA GLU L 4224 -40.17 -1.72 -39.86
C GLU L 4224 -40.02 -1.87 -38.35
N GLY L 4225 -41.11 -2.27 -37.70
CA GLY L 4225 -41.20 -2.27 -36.26
C GLY L 4225 -40.48 -3.41 -35.56
N GLY L 4226 -39.15 -3.40 -35.59
CA GLY L 4226 -38.40 -4.36 -34.81
C GLY L 4226 -37.87 -3.79 -33.51
N GLU L 4227 -36.55 -3.57 -33.45
CA GLU L 4227 -35.82 -2.80 -32.44
C GLU L 4227 -35.93 -3.40 -31.04
N ALA L 4228 -36.83 -4.36 -30.83
CA ALA L 4228 -36.85 -5.17 -29.62
C ALA L 4228 -37.12 -6.64 -29.95
N GLU L 4229 -38.28 -6.92 -30.54
CA GLU L 4229 -38.75 -8.25 -30.89
C GLU L 4229 -38.19 -8.76 -32.21
N LYS L 4230 -37.13 -8.13 -32.71
CA LYS L 4230 -36.50 -8.59 -33.94
C LYS L 4230 -35.96 -10.01 -33.80
N MET L 4231 -35.54 -10.38 -32.59
CA MET L 4231 -34.86 -11.67 -32.41
C MET L 4231 -35.80 -12.84 -32.63
N GLU L 4232 -37.04 -12.75 -32.14
CA GLU L 4232 -37.98 -13.85 -32.36
C GLU L 4232 -38.33 -13.98 -33.83
N LEU L 4233 -38.30 -12.87 -34.58
CA LEU L 4233 -38.48 -12.94 -36.03
C LEU L 4233 -37.35 -13.72 -36.67
N PHE L 4234 -36.11 -13.52 -36.19
CA PHE L 4234 -34.97 -14.26 -36.73
C PHE L 4234 -35.12 -15.75 -36.49
N VAL L 4235 -35.55 -16.14 -35.29
CA VAL L 4235 -35.81 -17.55 -35.01
C VAL L 4235 -36.93 -18.07 -35.91
N SER L 4236 -37.99 -17.26 -36.07
CA SER L 4236 -39.05 -17.64 -37.00
C SER L 4236 -38.52 -17.73 -38.42
N PHE L 4237 -37.55 -16.90 -38.78
CA PHE L 4237 -36.91 -17.01 -40.09
C PHE L 4237 -36.21 -18.36 -40.24
N CYS L 4238 -35.51 -18.80 -39.20
CA CYS L 4238 -34.81 -20.08 -39.28
C CYS L 4238 -35.78 -21.23 -39.42
N GLU L 4239 -36.92 -21.17 -38.72
CA GLU L 4239 -37.83 -22.29 -38.67
C GLU L 4239 -38.45 -22.60 -40.03
N ASP L 4240 -38.62 -21.58 -40.88
CA ASP L 4240 -39.23 -21.83 -42.18
C ASP L 4240 -38.21 -22.26 -43.23
N THR L 4241 -36.99 -21.71 -43.18
CA THR L 4241 -35.92 -22.20 -44.06
C THR L 4241 -35.56 -23.64 -43.71
N ILE L 4242 -35.78 -24.05 -42.46
CA ILE L 4242 -35.67 -25.46 -42.11
C ILE L 4242 -36.60 -26.29 -42.98
N PHE L 4243 -37.87 -25.87 -43.09
CA PHE L 4243 -38.82 -26.60 -43.92
C PHE L 4243 -38.43 -26.53 -45.39
N GLU L 4244 -37.98 -25.36 -45.84
CA GLU L 4244 -37.67 -25.17 -47.26
C GLU L 4244 -36.62 -26.15 -47.74
N MET L 4245 -35.55 -26.32 -46.97
CA MET L 4245 -34.45 -27.18 -47.39
C MET L 4245 -34.88 -28.64 -47.46
N GLN L 4246 -35.82 -29.05 -46.61
CA GLN L 4246 -36.31 -30.42 -46.67
C GLN L 4246 -37.04 -30.70 -47.97
N ILE L 4247 -37.83 -29.73 -48.46
CA ILE L 4247 -38.56 -29.93 -49.70
C ILE L 4247 -37.60 -30.10 -50.87
N ALA L 4248 -36.56 -29.28 -50.93
CA ALA L 4248 -35.61 -29.35 -52.05
C ALA L 4248 -34.92 -30.70 -52.12
N ALA L 4249 -34.68 -31.34 -50.97
CA ALA L 4249 -34.08 -32.66 -50.98
C ALA L 4249 -35.01 -33.69 -51.59
N GLN L 4250 -36.31 -33.56 -51.35
CA GLN L 4250 -37.30 -34.52 -51.84
C GLN L 4250 -37.52 -34.44 -53.35
N ILE L 4251 -36.99 -33.43 -54.02
CA ILE L 4251 -37.15 -33.29 -55.47
C ILE L 4251 -35.84 -33.54 -56.20
N SER L 4252 -34.84 -34.10 -55.54
CA SER L 4252 -33.56 -34.37 -56.16
C SER L 4252 -32.89 -35.59 -55.53
N TRP L 4541 -53.22 -49.10 -61.91
CA TRP L 4541 -52.31 -49.96 -61.16
C TRP L 4541 -51.11 -49.17 -60.63
N GLY L 4542 -50.56 -49.64 -59.52
CA GLY L 4542 -49.64 -48.85 -58.72
C GLY L 4542 -48.43 -48.37 -59.51
N GLU L 4543 -48.12 -49.06 -60.60
CA GLU L 4543 -47.00 -48.67 -61.43
C GLU L 4543 -47.05 -47.18 -61.73
N LEU L 4544 -48.15 -46.73 -62.32
CA LEU L 4544 -48.28 -45.32 -62.71
C LEU L 4544 -47.92 -44.33 -61.58
N GLU L 4545 -47.94 -44.75 -60.33
CA GLU L 4545 -47.58 -43.91 -59.18
C GLU L 4545 -46.12 -43.46 -59.22
N VAL L 4546 -45.21 -44.31 -59.73
CA VAL L 4546 -43.78 -43.96 -59.88
C VAL L 4546 -43.58 -42.87 -60.93
N GLN L 4547 -44.30 -42.98 -62.06
CA GLN L 4547 -44.32 -41.94 -63.08
C GLN L 4547 -44.93 -40.63 -62.58
N ARG L 4548 -46.05 -40.68 -61.84
CA ARG L 4548 -46.72 -39.47 -61.33
C ARG L 4548 -45.89 -38.72 -60.29
N VAL L 4549 -45.21 -39.41 -59.37
CA VAL L 4549 -44.28 -38.72 -58.45
C VAL L 4549 -43.10 -38.11 -59.19
N LYS L 4550 -42.53 -38.80 -60.19
CA LYS L 4550 -41.46 -38.22 -61.01
C LYS L 4550 -41.93 -37.00 -61.81
N PHE L 4551 -43.16 -37.01 -62.32
CA PHE L 4551 -43.75 -35.90 -63.07
C PHE L 4551 -44.01 -34.67 -62.19
N LEU L 4552 -44.62 -34.84 -61.01
CA LEU L 4552 -44.82 -33.74 -60.07
C LEU L 4552 -43.49 -33.16 -59.56
N ASN L 4553 -42.48 -33.99 -59.32
CA ASN L 4553 -41.14 -33.50 -59.04
C ASN L 4553 -40.55 -32.74 -60.23
N TYR L 4554 -40.84 -33.12 -61.47
CA TYR L 4554 -40.36 -32.41 -62.65
C TYR L 4554 -40.99 -31.01 -62.80
N LEU L 4555 -42.33 -30.89 -62.77
CA LEU L 4555 -43.02 -29.60 -62.92
C LEU L 4555 -42.65 -28.59 -61.83
N SER L 4556 -42.31 -29.06 -60.64
CA SER L 4556 -41.85 -28.21 -59.53
C SER L 4556 -40.34 -27.95 -59.55
N ARG L 4557 -39.52 -28.80 -60.16
CA ARG L 4557 -38.07 -28.63 -60.23
C ARG L 4557 -37.61 -27.45 -61.09
N ASN L 4558 -38.39 -27.07 -62.10
CA ASN L 4558 -38.08 -26.02 -63.07
C ASN L 4558 -39.21 -24.98 -63.25
N PHE L 4559 -40.00 -24.75 -62.20
CA PHE L 4559 -41.16 -23.83 -62.18
C PHE L 4559 -40.85 -22.45 -62.79
N TYR L 4560 -39.66 -21.89 -62.55
CA TYR L 4560 -39.31 -20.57 -63.11
C TYR L 4560 -39.03 -20.57 -64.61
N THR L 4561 -38.72 -21.72 -65.24
CA THR L 4561 -38.63 -21.80 -66.69
C THR L 4561 -40.01 -21.81 -67.35
N LEU L 4562 -41.02 -22.47 -66.76
CA LEU L 4562 -42.40 -22.43 -67.25
C LEU L 4562 -42.92 -20.98 -67.27
N LYS L 4563 -42.58 -20.18 -66.25
CA LYS L 4563 -42.88 -18.74 -66.21
C LYS L 4563 -42.23 -17.95 -67.36
N TYR L 4564 -40.94 -18.11 -67.63
CA TYR L 4564 -40.30 -17.44 -68.78
C TYR L 4564 -40.90 -17.89 -70.12
N LEU L 4565 -41.28 -19.15 -70.26
CA LEU L 4565 -41.86 -19.67 -71.49
C LEU L 4565 -43.28 -19.14 -71.73
N ALA L 4566 -44.12 -19.01 -70.69
CA ALA L 4566 -45.41 -18.35 -70.82
C ALA L 4566 -45.27 -16.87 -71.20
N LEU L 4567 -44.27 -16.18 -70.65
CA LEU L 4567 -44.00 -14.78 -70.98
C LEU L 4567 -43.58 -14.60 -72.44
N PHE L 4568 -42.70 -15.45 -72.97
CA PHE L 4568 -42.36 -15.43 -74.38
C PHE L 4568 -43.56 -15.70 -75.30
N LEU L 4569 -44.45 -16.64 -74.96
CA LEU L 4569 -45.64 -16.91 -75.76
C LEU L 4569 -46.64 -15.76 -75.76
N ALA L 4570 -46.74 -14.95 -74.71
CA ALA L 4570 -47.60 -13.76 -74.72
C ALA L 4570 -47.14 -12.78 -75.82
N PHE L 4571 -45.85 -12.43 -75.87
CA PHE L 4571 -45.33 -11.57 -76.92
C PHE L 4571 -45.45 -12.21 -78.31
N ALA L 4572 -45.16 -13.50 -78.46
CA ALA L 4572 -45.32 -14.17 -79.75
C ALA L 4572 -46.78 -14.11 -80.27
N ILE L 4573 -47.80 -14.33 -79.44
CA ILE L 4573 -49.20 -14.17 -79.86
C ILE L 4573 -49.51 -12.71 -80.19
N ASN L 4574 -49.15 -11.75 -79.33
CA ASN L 4574 -49.48 -10.35 -79.56
C ASN L 4574 -48.80 -9.73 -80.78
N PHE L 4575 -47.59 -10.15 -81.14
CA PHE L 4575 -46.98 -9.74 -82.40
C PHE L 4575 -47.81 -10.19 -83.61
N ILE L 4576 -48.36 -11.41 -83.58
CA ILE L 4576 -49.20 -11.94 -84.66
C ILE L 4576 -50.57 -11.25 -84.73
N LEU L 4577 -51.07 -10.71 -83.62
CA LEU L 4577 -52.33 -9.95 -83.61
C LEU L 4577 -52.23 -8.56 -84.27
N LEU L 4578 -51.04 -7.95 -84.42
CA LEU L 4578 -50.91 -6.67 -85.11
C LEU L 4578 -51.32 -6.73 -86.59
N PHE L 4579 -51.41 -7.92 -87.19
CA PHE L 4579 -51.72 -8.07 -88.61
C PHE L 4579 -53.22 -8.15 -88.92
N TYR L 4580 -54.05 -8.31 -87.90
CA TYR L 4580 -55.48 -8.46 -88.11
C TYR L 4580 -56.05 -7.34 -88.95
N LYS L 4581 -57.24 -7.55 -89.49
CA LYS L 4581 -57.83 -6.55 -90.35
C LYS L 4581 -59.29 -6.80 -90.53
N VAL L 4582 -60.06 -5.73 -90.61
CA VAL L 4582 -61.48 -5.89 -90.85
C VAL L 4582 -61.79 -5.60 -92.32
N SER L 4583 -62.95 -6.00 -92.79
CA SER L 4583 -63.36 -5.83 -94.19
C SER L 4583 -64.87 -5.70 -94.34
N ASP L 4584 -65.31 -4.88 -95.30
CA ASP L 4584 -66.73 -4.67 -95.62
C ASP L 4584 -67.42 -5.88 -96.27
N SER L 4585 -66.65 -6.86 -96.77
CA SER L 4585 -67.13 -8.12 -97.33
C SER L 4585 -66.06 -9.23 -97.18
N PRO L 4586 -66.43 -10.53 -97.25
CA PRO L 4586 -65.50 -11.63 -97.01
C PRO L 4586 -64.26 -11.64 -97.93
N PRO L 4587 -63.10 -12.13 -97.46
CA PRO L 4587 -61.88 -12.30 -98.26
C PRO L 4587 -62.09 -13.02 -99.59
N ASN L 4626 -70.63 -8.31 -94.20
CA ASN L 4626 -70.22 -7.14 -93.44
C ASN L 4626 -69.40 -7.51 -92.19
N MET L 4627 -68.48 -6.63 -91.77
CA MET L 4627 -67.67 -6.77 -90.57
C MET L 4627 -66.91 -8.11 -90.48
N VAL L 4628 -66.23 -8.50 -91.55
CA VAL L 4628 -65.50 -9.78 -91.63
C VAL L 4628 -64.04 -9.56 -91.26
N TYR L 4629 -63.47 -10.38 -90.38
CA TYR L 4629 -62.09 -10.22 -89.88
C TYR L 4629 -61.14 -11.17 -90.59
N TYR L 4630 -60.00 -10.67 -91.04
CA TYR L 4630 -58.97 -11.42 -91.75
C TYR L 4630 -57.59 -11.24 -91.10
N PHE L 4631 -56.71 -12.22 -91.22
CA PHE L 4631 -55.35 -12.14 -90.70
C PHE L 4631 -54.37 -11.35 -91.57
N LEU L 4632 -54.80 -10.86 -92.75
CA LEU L 4632 -54.15 -9.81 -93.54
C LEU L 4632 -52.63 -9.85 -93.68
N GLU L 4633 -52.07 -11.00 -94.04
CA GLU L 4633 -50.64 -11.17 -94.29
C GLU L 4633 -50.36 -12.07 -95.49
N GLU L 4634 -49.15 -12.00 -96.05
CA GLU L 4634 -48.68 -12.97 -97.03
C GLU L 4634 -48.57 -14.37 -96.38
N SER L 4635 -48.99 -15.41 -97.09
CA SER L 4635 -49.29 -16.73 -96.50
C SER L 4635 -48.15 -17.37 -95.70
N THR L 4636 -46.91 -17.24 -96.18
CA THR L 4636 -45.63 -17.50 -95.48
C THR L 4636 -45.38 -18.94 -94.95
N GLY L 4637 -46.41 -19.78 -94.79
CA GLY L 4637 -46.37 -20.90 -93.84
C GLY L 4637 -46.50 -20.41 -92.38
N TYR L 4638 -47.19 -19.30 -92.16
CA TYR L 4638 -47.28 -18.60 -90.87
C TYR L 4638 -48.63 -17.89 -90.70
N MET L 4639 -48.73 -16.94 -89.77
CA MET L 4639 -49.99 -16.28 -89.40
C MET L 4639 -51.03 -17.27 -88.88
N GLU L 4640 -52.17 -17.48 -89.55
CA GLU L 4640 -53.34 -18.15 -88.98
C GLU L 4640 -53.07 -19.53 -88.31
N PRO L 4641 -52.36 -20.49 -88.95
CA PRO L 4641 -51.97 -21.75 -88.31
C PRO L 4641 -51.10 -21.58 -87.06
N ALA L 4642 -50.18 -20.62 -87.04
CA ALA L 4642 -49.33 -20.35 -85.88
C ALA L 4642 -50.09 -19.64 -84.75
N LEU L 4643 -51.05 -18.76 -85.08
CA LEU L 4643 -51.95 -18.18 -84.07
C LEU L 4643 -52.83 -19.25 -83.44
N TRP L 4644 -53.35 -20.20 -84.22
CA TRP L 4644 -54.07 -21.33 -83.66
C TRP L 4644 -53.17 -22.18 -82.76
N CYS L 4645 -51.99 -22.59 -83.26
CA CYS L 4645 -51.06 -23.44 -82.53
C CYS L 4645 -50.56 -22.84 -81.21
N LEU L 4646 -50.10 -21.58 -81.19
CA LEU L 4646 -49.59 -20.96 -79.96
C LEU L 4646 -50.68 -20.75 -78.90
N SER L 4647 -51.95 -20.61 -79.26
CA SER L 4647 -53.02 -20.47 -78.28
C SER L 4647 -53.22 -21.73 -77.41
N LEU L 4648 -52.96 -22.92 -77.97
CA LEU L 4648 -52.93 -24.16 -77.19
C LEU L 4648 -51.72 -24.20 -76.27
N LEU L 4649 -50.51 -23.92 -76.75
CA LEU L 4649 -49.33 -23.96 -75.90
C LEU L 4649 -49.41 -22.96 -74.74
N HIS L 4650 -49.90 -21.74 -74.96
CA HIS L 4650 -50.03 -20.79 -73.85
C HIS L 4650 -51.02 -21.29 -72.81
N THR L 4651 -52.13 -21.93 -73.22
CA THR L 4651 -53.09 -22.48 -72.26
C THR L 4651 -52.55 -23.69 -71.51
N LEU L 4652 -51.81 -24.58 -72.17
CA LEU L 4652 -51.15 -25.71 -71.51
C LEU L 4652 -50.16 -25.22 -70.46
N VAL L 4653 -49.28 -24.28 -70.79
CA VAL L 4653 -48.31 -23.74 -69.83
C VAL L 4653 -48.99 -22.96 -68.69
N ALA L 4654 -50.01 -22.15 -68.97
CA ALA L 4654 -50.77 -21.47 -67.93
C ALA L 4654 -51.53 -22.44 -67.01
N PHE L 4655 -51.90 -23.63 -67.48
CA PHE L 4655 -52.44 -24.69 -66.63
C PHE L 4655 -51.34 -25.37 -65.80
N LEU L 4656 -50.21 -25.76 -66.40
CA LEU L 4656 -49.13 -26.43 -65.67
C LEU L 4656 -48.55 -25.57 -64.54
N MET L 4657 -48.60 -24.24 -64.61
CA MET L 4657 -48.18 -23.40 -63.48
C MET L 4657 -49.14 -23.42 -62.28
N ILE L 4658 -50.41 -23.84 -62.40
CA ILE L 4658 -51.27 -24.09 -61.23
C ILE L 4658 -50.73 -25.29 -60.46
N ILE L 4659 -50.47 -26.40 -61.14
CA ILE L 4659 -49.89 -27.61 -60.54
C ILE L 4659 -48.49 -27.31 -60.00
N GLY L 4660 -47.64 -26.62 -60.77
CA GLY L 4660 -46.31 -26.24 -60.33
C GLY L 4660 -46.30 -25.37 -59.07
N TYR L 4661 -47.26 -24.47 -58.89
CA TYR L 4661 -47.40 -23.68 -57.66
C TYR L 4661 -47.90 -24.54 -56.49
N ASN L 4662 -48.94 -25.36 -56.69
CA ASN L 4662 -49.55 -26.15 -55.62
C ASN L 4662 -48.62 -27.18 -54.99
N CYS L 4663 -47.55 -27.57 -55.66
CA CYS L 4663 -46.61 -28.60 -55.20
C CYS L 4663 -45.22 -28.03 -54.83
N LEU L 4664 -45.09 -26.71 -54.70
CA LEU L 4664 -43.83 -26.03 -54.40
C LEU L 4664 -43.98 -24.86 -53.43
N LYS L 4665 -44.99 -24.01 -53.61
CA LYS L 4665 -45.12 -22.75 -52.86
C LYS L 4665 -46.33 -22.70 -51.93
N VAL L 4666 -47.16 -23.73 -51.95
CA VAL L 4666 -48.33 -23.81 -51.08
C VAL L 4666 -48.07 -24.58 -49.78
N PRO L 4667 -47.14 -25.55 -49.81
CA PRO L 4667 -46.86 -26.21 -48.54
C PRO L 4667 -46.41 -25.21 -47.49
N LEU L 4668 -45.46 -24.33 -47.82
CA LEU L 4668 -44.96 -23.39 -46.82
C LEU L 4668 -46.07 -22.48 -46.37
N VAL L 4669 -46.98 -22.12 -47.27
CA VAL L 4669 -48.13 -21.33 -46.88
C VAL L 4669 -48.89 -22.06 -45.79
N ILE L 4670 -49.42 -23.24 -46.11
CA ILE L 4670 -50.22 -23.92 -45.08
C ILE L 4670 -49.42 -24.10 -43.80
N PHE L 4671 -48.09 -24.18 -43.90
CA PHE L 4671 -47.25 -24.30 -42.72
C PHE L 4671 -47.28 -23.06 -41.84
N LYS L 4672 -46.83 -21.93 -42.36
CA LYS L 4672 -46.79 -20.71 -41.56
C LYS L 4672 -48.18 -20.42 -41.00
N ARG L 4673 -49.13 -21.27 -41.32
CA ARG L 4673 -50.50 -21.11 -40.84
C ARG L 4673 -50.80 -22.03 -39.68
N GLU L 4674 -50.31 -23.27 -39.71
CA GLU L 4674 -50.62 -24.10 -38.50
C GLU L 4674 -49.85 -23.70 -37.23
N LYS L 4675 -48.58 -23.37 -37.43
CA LYS L 4675 -47.76 -22.94 -36.32
C LYS L 4675 -48.54 -21.92 -35.54
N GLU L 4676 -48.88 -20.80 -36.18
CA GLU L 4676 -49.63 -19.76 -35.51
C GLU L 4676 -50.71 -20.35 -34.61
N LEU L 4677 -51.66 -21.06 -35.18
CA LEU L 4677 -52.75 -21.61 -34.39
C LEU L 4677 -52.23 -22.38 -33.19
N ALA L 4678 -51.37 -23.35 -33.42
CA ALA L 4678 -50.89 -24.19 -32.33
C ALA L 4678 -49.87 -23.48 -31.46
N ARG L 4679 -49.81 -22.17 -31.56
CA ARG L 4679 -48.89 -21.39 -30.74
C ARG L 4679 -49.70 -20.38 -29.96
N LYS L 4680 -50.97 -20.22 -30.34
CA LYS L 4680 -51.83 -19.31 -29.63
C LYS L 4680 -52.57 -20.09 -28.58
N LEU L 4681 -53.10 -21.23 -28.97
CA LEU L 4681 -53.88 -22.06 -28.05
C LEU L 4681 -53.17 -22.30 -26.74
N GLU L 4682 -51.92 -22.72 -26.80
CA GLU L 4682 -51.20 -23.06 -25.57
C GLU L 4682 -50.75 -21.84 -24.79
N PHE L 4683 -49.76 -21.11 -25.30
CA PHE L 4683 -49.21 -19.98 -24.54
C PHE L 4683 -50.08 -18.73 -24.45
N ASP L 4684 -51.38 -18.86 -24.70
CA ASP L 4684 -52.28 -17.71 -24.56
C ASP L 4684 -53.68 -18.13 -24.17
N GLY L 4685 -54.18 -19.19 -24.77
CA GLY L 4685 -55.51 -19.67 -24.44
C GLY L 4685 -56.56 -19.08 -25.34
N LEU L 4686 -56.22 -18.88 -26.61
CA LEU L 4686 -57.15 -18.26 -27.54
C LEU L 4686 -58.57 -18.73 -27.33
N TYR L 4687 -58.89 -19.93 -27.77
CA TYR L 4687 -60.27 -20.40 -27.69
C TYR L 4687 -60.58 -21.03 -26.34
N ILE L 4688 -59.58 -21.16 -25.49
CA ILE L 4688 -59.78 -21.78 -24.18
C ILE L 4688 -60.15 -20.74 -23.14
N THR L 4689 -59.84 -19.47 -23.42
CA THR L 4689 -60.16 -18.40 -22.49
C THR L 4689 -60.84 -17.23 -23.19
N GLU L 4690 -60.16 -16.65 -24.17
CA GLU L 4690 -60.73 -15.53 -24.91
C GLU L 4690 -61.50 -16.00 -26.13
N GLN L 4691 -61.39 -15.31 -27.24
CA GLN L 4691 -62.18 -15.68 -28.40
C GLN L 4691 -61.71 -14.87 -29.58
N PRO L 4692 -61.70 -15.48 -30.76
CA PRO L 4692 -61.32 -14.75 -31.95
C PRO L 4692 -61.71 -13.28 -31.83
N GLY L 4693 -63.00 -13.00 -31.68
CA GLY L 4693 -63.44 -11.63 -31.53
C GLY L 4693 -64.04 -11.05 -32.79
N ASP L 4694 -64.66 -11.89 -33.62
CA ASP L 4694 -65.30 -11.43 -34.85
C ASP L 4694 -64.30 -10.84 -35.84
N ASP L 4695 -64.00 -9.56 -35.70
CA ASP L 4695 -63.09 -8.88 -36.63
C ASP L 4695 -62.08 -9.81 -37.31
N ASP L 4696 -61.42 -10.66 -36.53
CA ASP L 4696 -60.40 -11.54 -37.10
C ASP L 4696 -60.96 -12.65 -37.98
N VAL L 4697 -61.48 -12.29 -39.14
CA VAL L 4697 -62.00 -13.29 -40.06
C VAL L 4697 -61.05 -14.47 -40.15
N LYS L 4698 -59.77 -14.20 -40.40
CA LYS L 4698 -58.78 -15.25 -40.46
C LYS L 4698 -58.93 -16.08 -39.21
N GLY L 4699 -58.89 -15.42 -38.07
CA GLY L 4699 -59.06 -16.12 -36.82
C GLY L 4699 -60.42 -16.76 -36.69
N GLN L 4700 -61.08 -16.99 -37.81
CA GLN L 4700 -62.37 -17.66 -37.77
C GLN L 4700 -62.41 -18.78 -38.81
N TRP L 4701 -61.93 -18.50 -40.00
CA TRP L 4701 -61.87 -19.59 -40.95
C TRP L 4701 -61.09 -20.68 -40.27
N ASP L 4702 -60.29 -20.34 -39.27
CA ASP L 4702 -59.43 -21.36 -38.66
C ASP L 4702 -59.99 -21.96 -37.40
N ARG L 4703 -61.27 -21.76 -37.15
CA ARG L 4703 -61.87 -22.42 -36.01
C ARG L 4703 -62.40 -23.73 -36.51
N LEU L 4704 -62.13 -24.04 -37.77
CA LEU L 4704 -62.64 -25.27 -38.35
C LEU L 4704 -61.65 -26.38 -38.19
N VAL L 4705 -60.36 -26.07 -38.23
CA VAL L 4705 -59.33 -27.10 -38.18
C VAL L 4705 -59.10 -27.59 -36.78
N LEU L 4706 -59.19 -26.70 -35.78
CA LEU L 4706 -58.92 -27.09 -34.40
C LEU L 4706 -59.38 -28.51 -34.11
N ASN L 4707 -60.64 -28.81 -34.37
CA ASN L 4707 -61.19 -30.15 -34.11
C ASN L 4707 -60.63 -31.22 -35.02
N THR L 4708 -60.21 -30.85 -36.23
CA THR L 4708 -59.76 -31.83 -37.20
C THR L 4708 -58.78 -32.83 -36.61
N PRO L 4709 -58.73 -34.04 -37.17
CA PRO L 4709 -57.86 -35.08 -36.62
C PRO L 4709 -56.51 -35.07 -37.27
N SER L 4710 -56.16 -33.98 -37.92
CA SER L 4710 -54.85 -33.88 -38.53
C SER L 4710 -54.34 -32.48 -38.36
N PHE L 4711 -54.78 -31.81 -37.29
CA PHE L 4711 -54.44 -30.40 -37.10
C PHE L 4711 -52.96 -30.16 -37.21
N PRO L 4712 -52.16 -30.90 -36.44
CA PRO L 4712 -50.75 -30.64 -36.66
C PRO L 4712 -50.30 -31.51 -37.82
N SER L 4713 -50.70 -31.16 -39.04
CA SER L 4713 -50.28 -31.90 -40.22
C SER L 4713 -48.88 -31.47 -40.63
N ASN L 4714 -48.77 -30.38 -41.37
CA ASN L 4714 -47.47 -29.87 -41.75
C ASN L 4714 -46.88 -29.07 -40.61
N TYR L 4715 -46.71 -29.69 -39.46
CA TYR L 4715 -46.12 -29.01 -38.31
C TYR L 4715 -45.50 -30.09 -37.47
N TRP L 4716 -44.27 -29.89 -37.04
CA TRP L 4716 -43.57 -30.95 -36.32
C TRP L 4716 -44.32 -31.51 -35.11
N ASP L 4717 -44.78 -30.66 -34.20
CA ASP L 4717 -45.41 -31.14 -32.96
C ASP L 4717 -46.78 -31.75 -33.15
N LYS L 4718 -46.83 -33.06 -33.38
CA LYS L 4718 -48.11 -33.72 -33.49
C LYS L 4718 -48.64 -34.06 -32.12
N PHE L 4719 -48.42 -33.17 -31.15
CA PHE L 4719 -48.88 -33.39 -29.79
C PHE L 4719 -49.53 -32.16 -29.20
N VAL L 4720 -49.50 -31.06 -29.93
CA VAL L 4720 -50.11 -29.82 -29.45
C VAL L 4720 -51.39 -30.18 -28.73
N LYS L 4721 -52.27 -30.92 -29.37
CA LYS L 4721 -53.50 -31.36 -28.73
C LYS L 4721 -53.17 -32.37 -27.65
N ARG L 4722 -52.71 -31.91 -26.50
CA ARG L 4722 -52.37 -32.79 -25.38
C ARG L 4722 -51.48 -31.97 -24.48
N LYS L 4723 -51.02 -30.83 -24.99
CA LYS L 4723 -50.24 -29.94 -24.16
C LYS L 4723 -51.16 -28.81 -23.80
N VAL L 4724 -52.34 -28.77 -24.42
CA VAL L 4724 -53.33 -27.78 -24.05
C VAL L 4724 -54.31 -28.43 -23.11
N LEU L 4725 -54.51 -29.73 -23.24
CA LEU L 4725 -55.38 -30.43 -22.31
C LEU L 4725 -54.69 -30.50 -20.98
N ASP L 4726 -53.37 -30.63 -21.01
CA ASP L 4726 -52.63 -30.74 -19.77
C ASP L 4726 -52.54 -29.41 -19.08
N LYS L 4727 -52.55 -28.33 -19.84
CA LYS L 4727 -52.39 -27.00 -19.24
C LYS L 4727 -53.74 -26.45 -18.82
N HIS L 4728 -54.45 -25.83 -19.75
CA HIS L 4728 -55.75 -25.26 -19.43
C HIS L 4728 -56.74 -26.39 -19.24
N GLY L 4729 -56.33 -27.43 -18.52
CA GLY L 4729 -57.20 -28.58 -18.36
C GLY L 4729 -57.80 -28.74 -16.99
N ASP L 4730 -57.52 -27.81 -16.09
CA ASP L 4730 -58.12 -27.85 -14.77
C ASP L 4730 -59.07 -26.70 -14.62
N ILE L 4731 -58.57 -25.49 -14.76
CA ILE L 4731 -59.42 -24.31 -14.70
C ILE L 4731 -60.57 -24.43 -15.67
N PHE L 4732 -60.46 -25.33 -16.65
CA PHE L 4732 -61.54 -25.58 -17.58
C PHE L 4732 -61.72 -27.07 -17.65
N GLY L 4733 -62.96 -27.52 -17.67
CA GLY L 4733 -63.22 -28.95 -17.64
C GLY L 4733 -62.31 -29.81 -18.49
N ARG L 4734 -61.64 -30.76 -17.87
CA ARG L 4734 -60.82 -31.68 -18.63
C ARG L 4734 -61.66 -32.33 -19.71
N GLU L 4735 -62.97 -32.26 -19.57
CA GLU L 4735 -63.86 -32.81 -20.58
C GLU L 4735 -64.56 -31.71 -21.34
N ARG L 4736 -63.99 -30.51 -21.32
CA ARG L 4736 -64.55 -29.43 -22.09
C ARG L 4736 -63.50 -29.02 -23.10
N ILE L 4737 -62.23 -29.03 -22.69
CA ILE L 4737 -61.17 -28.77 -23.64
C ILE L 4737 -60.86 -30.08 -24.32
N ALA L 4738 -61.67 -31.09 -24.05
CA ALA L 4738 -61.48 -32.38 -24.69
C ALA L 4738 -62.39 -32.44 -25.87
N GLU L 4739 -62.75 -31.28 -26.42
CA GLU L 4739 -63.57 -31.25 -27.62
C GLU L 4739 -63.05 -30.22 -28.62
N LEU L 4740 -62.94 -28.96 -28.21
CA LEU L 4740 -62.53 -27.91 -29.13
C LEU L 4740 -61.08 -28.11 -29.43
N LEU L 4741 -60.67 -29.37 -29.49
CA LEU L 4741 -59.30 -29.68 -29.83
C LEU L 4741 -59.34 -31.09 -30.30
N GLY L 4742 -60.50 -31.50 -30.77
CA GLY L 4742 -60.64 -32.85 -31.26
C GLY L 4742 -60.42 -33.80 -30.11
N MET L 4743 -59.49 -34.73 -30.27
CA MET L 4743 -59.24 -35.72 -29.23
C MET L 4743 -60.51 -36.07 -28.48
N ASP L 4744 -61.61 -36.18 -29.21
CA ASP L 4744 -62.87 -36.55 -28.58
C ASP L 4744 -62.74 -37.92 -27.94
N LEU L 4745 -63.00 -38.01 -26.64
CA LEU L 4745 -62.86 -39.27 -25.92
C LEU L 4745 -61.41 -39.74 -25.90
N ALA L 4746 -60.58 -39.16 -26.76
CA ALA L 4746 -59.17 -39.52 -26.76
C ALA L 4746 -58.62 -39.25 -25.38
N SER L 4747 -59.18 -38.24 -24.70
CA SER L 4747 -58.76 -37.97 -23.33
C SER L 4747 -58.76 -39.29 -22.59
N LEU L 4748 -59.72 -40.16 -22.91
CA LEU L 4748 -59.76 -41.47 -22.28
C LEU L 4748 -58.89 -42.42 -23.06
N GLU L 4749 -58.89 -42.29 -24.39
CA GLU L 4749 -58.04 -43.14 -25.22
C GLU L 4749 -56.60 -42.67 -25.19
N ILE L 4750 -56.17 -42.15 -24.05
CA ILE L 4750 -54.81 -41.63 -23.94
C ILE L 4750 -53.79 -42.76 -23.81
N LEU L 4765 -59.56 -47.62 -53.63
CA LEU L 4765 -58.39 -47.93 -52.81
C LEU L 4765 -58.29 -47.00 -51.62
N THR L 4766 -57.21 -46.23 -51.54
CA THR L 4766 -57.04 -45.28 -50.44
C THR L 4766 -57.85 -44.02 -50.71
N TRP L 4767 -57.16 -42.89 -50.82
CA TRP L 4767 -57.83 -41.62 -51.09
C TRP L 4767 -59.26 -41.63 -50.59
N LEU L 4768 -60.22 -41.87 -51.49
CA LEU L 4768 -61.63 -41.89 -51.11
C LEU L 4768 -61.89 -42.56 -49.78
N MET L 4769 -61.15 -43.61 -49.47
CA MET L 4769 -61.36 -44.34 -48.23
C MET L 4769 -61.02 -43.50 -47.00
N SER L 4770 -59.98 -42.67 -47.08
CA SER L 4770 -59.56 -41.90 -45.91
C SER L 4770 -59.36 -40.43 -46.23
N ILE L 4771 -60.37 -39.61 -45.94
CA ILE L 4771 -60.27 -38.19 -46.22
C ILE L 4771 -61.00 -37.39 -45.15
N ASP L 4772 -60.26 -36.62 -44.37
CA ASP L 4772 -60.90 -35.78 -43.37
C ASP L 4772 -61.64 -34.65 -44.07
N VAL L 4773 -62.81 -34.97 -44.61
CA VAL L 4773 -63.58 -33.97 -45.33
C VAL L 4773 -63.44 -32.60 -44.69
N LYS L 4774 -63.60 -32.52 -43.38
CA LYS L 4774 -63.57 -31.22 -42.71
C LYS L 4774 -62.19 -30.55 -42.70
N TYR L 4775 -61.10 -31.31 -42.76
CA TYR L 4775 -59.82 -30.64 -42.78
C TYR L 4775 -59.64 -30.08 -44.15
N GLN L 4776 -59.90 -30.91 -45.17
CA GLN L 4776 -59.73 -30.47 -46.54
C GLN L 4776 -60.46 -29.16 -46.78
N ILE L 4777 -61.70 -29.07 -46.34
CA ILE L 4777 -62.44 -27.83 -46.48
C ILE L 4777 -61.61 -26.69 -45.94
N TRP L 4778 -61.28 -26.75 -44.66
CA TRP L 4778 -60.46 -25.70 -44.06
C TRP L 4778 -59.30 -25.39 -44.97
N LYS L 4779 -58.53 -26.40 -45.33
CA LYS L 4779 -57.36 -26.18 -46.16
C LYS L 4779 -57.70 -25.35 -47.37
N PHE L 4780 -58.65 -25.84 -48.17
CA PHE L 4780 -58.99 -25.14 -49.39
C PHE L 4780 -59.22 -23.67 -49.15
N GLY L 4781 -60.07 -23.33 -48.19
CA GLY L 4781 -60.27 -21.94 -47.87
C GLY L 4781 -58.95 -21.23 -47.77
N VAL L 4782 -58.07 -21.69 -46.90
CA VAL L 4782 -56.77 -21.05 -46.72
C VAL L 4782 -56.02 -20.82 -48.02
N ILE L 4783 -56.25 -21.65 -49.02
CA ILE L 4783 -55.63 -21.42 -50.32
C ILE L 4783 -56.36 -20.41 -51.24
N PHE L 4784 -57.68 -20.28 -51.12
CA PHE L 4784 -58.46 -19.39 -52.02
C PHE L 4784 -58.45 -17.94 -51.56
N THR L 4785 -57.37 -17.48 -50.97
CA THR L 4785 -57.19 -16.12 -50.44
C THR L 4785 -55.73 -15.65 -50.46
N ASP L 4786 -54.79 -16.47 -50.92
CA ASP L 4786 -53.40 -16.05 -51.12
C ASP L 4786 -53.29 -15.18 -52.39
N ASN L 4787 -52.74 -13.97 -52.25
CA ASN L 4787 -52.63 -13.02 -53.36
C ASN L 4787 -51.71 -13.52 -54.50
N SER L 4788 -50.85 -14.51 -54.26
CA SER L 4788 -50.06 -15.15 -55.31
C SER L 4788 -50.81 -16.26 -56.03
N PHE L 4789 -51.71 -16.98 -55.34
CA PHE L 4789 -52.55 -17.99 -55.97
C PHE L 4789 -53.63 -17.36 -56.84
N LEU L 4790 -54.31 -16.32 -56.35
CA LEU L 4790 -55.36 -15.65 -57.12
C LEU L 4790 -54.83 -15.06 -58.44
N TYR L 4791 -53.63 -14.50 -58.46
CA TYR L 4791 -53.00 -14.06 -59.71
C TYR L 4791 -52.77 -15.23 -60.68
N SER L 4792 -52.28 -16.37 -60.19
CA SER L 4792 -52.04 -17.54 -61.02
C SER L 4792 -53.34 -18.14 -61.57
N GLY L 4793 -54.43 -18.11 -60.81
CA GLY L 4793 -55.75 -18.51 -61.27
C GLY L 4793 -56.32 -17.59 -62.36
N TRP L 4794 -56.21 -16.27 -62.18
CA TRP L 4794 -56.62 -15.29 -63.18
C TRP L 4794 -55.88 -15.48 -64.52
N TYR L 4795 -54.57 -15.71 -64.48
CA TYR L 4795 -53.78 -15.94 -65.69
C TYR L 4795 -54.33 -17.10 -66.53
N MET L 4796 -54.69 -18.20 -65.88
CA MET L 4796 -55.31 -19.36 -66.53
C MET L 4796 -56.69 -19.03 -67.09
N VAL L 4797 -57.56 -18.34 -66.32
CA VAL L 4797 -58.90 -17.97 -66.80
C VAL L 4797 -58.84 -17.11 -68.05
N MET L 4798 -57.97 -16.09 -68.11
CA MET L 4798 -57.84 -15.28 -69.33
C MET L 4798 -57.34 -16.09 -70.52
N SER L 4799 -56.51 -17.12 -70.31
CA SER L 4799 -56.07 -18.00 -71.39
C SER L 4799 -57.19 -18.88 -71.94
N LEU L 4800 -58.21 -19.21 -71.13
CA LEU L 4800 -59.44 -19.85 -71.62
C LEU L 4800 -60.30 -18.86 -72.40
N LEU L 4801 -60.50 -17.63 -71.91
CA LEU L 4801 -61.22 -16.60 -72.68
C LEU L 4801 -60.51 -16.27 -74.00
N GLY L 4802 -59.19 -16.46 -74.10
CA GLY L 4802 -58.45 -16.34 -75.35
C GLY L 4802 -58.94 -17.25 -76.48
N HIS L 4803 -59.65 -18.33 -76.18
CA HIS L 4803 -60.30 -19.19 -77.17
C HIS L 4803 -61.70 -18.71 -77.58
N TYR L 4804 -62.37 -17.89 -76.78
CA TYR L 4804 -63.64 -17.26 -77.11
C TYR L 4804 -63.45 -16.06 -78.05
N ASN L 4805 -62.42 -15.23 -77.82
CA ASN L 4805 -62.04 -14.10 -78.67
C ASN L 4805 -60.54 -13.81 -78.49
N ASN L 4806 -59.72 -13.96 -79.53
CA ASN L 4806 -58.26 -13.99 -79.35
C ASN L 4806 -57.67 -12.71 -78.76
N PHE L 4807 -58.34 -11.57 -78.88
CA PHE L 4807 -57.85 -10.33 -78.26
C PHE L 4807 -57.77 -10.40 -76.74
N PHE L 4808 -58.43 -11.34 -76.05
CA PHE L 4808 -58.22 -11.52 -74.61
C PHE L 4808 -56.79 -11.94 -74.25
N PHE L 4809 -56.00 -12.49 -75.17
CA PHE L 4809 -54.56 -12.72 -74.94
C PHE L 4809 -53.77 -11.43 -74.76
N ALA L 4810 -54.30 -10.26 -75.11
CA ALA L 4810 -53.66 -8.98 -74.80
C ALA L 4810 -53.63 -8.68 -73.30
N ALA L 4811 -54.50 -9.28 -72.48
CA ALA L 4811 -54.46 -9.08 -71.03
C ALA L 4811 -53.15 -9.60 -70.42
N HIS L 4812 -52.58 -10.69 -70.95
CA HIS L 4812 -51.34 -11.28 -70.45
C HIS L 4812 -50.11 -10.39 -70.64
N LEU L 4813 -50.17 -9.30 -71.39
CA LEU L 4813 -49.01 -8.43 -71.50
C LEU L 4813 -48.86 -7.54 -70.27
N LEU L 4814 -49.78 -7.67 -69.33
CA LEU L 4814 -49.74 -6.86 -68.12
C LEU L 4814 -48.70 -7.38 -67.14
N ASP L 4815 -48.13 -8.53 -67.43
CA ASP L 4815 -47.06 -9.06 -66.58
C ASP L 4815 -45.83 -8.22 -66.84
N ILE L 4816 -45.75 -7.61 -68.02
CA ILE L 4816 -44.62 -6.73 -68.34
C ILE L 4816 -44.56 -5.60 -67.35
N ALA L 4817 -45.36 -5.63 -66.29
CA ALA L 4817 -45.29 -4.69 -65.19
C ALA L 4817 -45.12 -5.37 -63.83
N MET L 4818 -45.29 -6.69 -63.74
CA MET L 4818 -45.52 -7.33 -62.44
C MET L 4818 -44.24 -7.62 -61.67
N GLU L 4819 -43.24 -8.29 -62.24
CA GLU L 4819 -42.00 -8.61 -61.51
C GLU L 4819 -40.74 -8.81 -62.39
N VAL L 4820 -40.41 -7.81 -63.20
CA VAL L 4820 -39.01 -7.53 -63.61
C VAL L 4820 -38.56 -6.25 -62.91
N LYS L 4821 -37.36 -6.24 -62.34
CA LYS L 4821 -37.02 -5.34 -61.24
C LYS L 4821 -37.09 -3.85 -61.58
N THR L 4822 -36.79 -3.49 -62.82
CA THR L 4822 -36.95 -2.10 -63.21
C THR L 4822 -38.44 -1.76 -63.17
N LEU L 4823 -39.25 -2.46 -63.94
CA LEU L 4823 -40.68 -2.14 -64.00
C LEU L 4823 -41.35 -2.24 -62.65
N ARG L 4824 -41.26 -3.39 -62.01
CA ARG L 4824 -41.92 -3.56 -60.73
C ARG L 4824 -41.71 -2.34 -59.85
N THR L 4825 -40.46 -1.97 -59.62
CA THR L 4825 -40.17 -0.84 -58.75
C THR L 4825 -40.74 0.46 -59.29
N ILE L 4826 -40.54 0.72 -60.57
CA ILE L 4826 -41.11 1.91 -61.18
C ILE L 4826 -42.55 2.06 -60.75
N LEU L 4827 -43.32 0.99 -60.85
CA LEU L 4827 -44.74 1.05 -60.50
C LEU L 4827 -44.93 1.23 -59.01
N SER L 4828 -44.10 0.59 -58.21
CA SER L 4828 -44.21 0.69 -56.76
C SER L 4828 -44.34 2.13 -56.32
N SER L 4829 -43.49 3.01 -56.85
CA SER L 4829 -43.58 4.42 -56.52
C SER L 4829 -45.02 4.86 -56.62
N VAL L 4830 -45.66 4.54 -57.72
CA VAL L 4830 -47.06 4.92 -57.93
C VAL L 4830 -47.98 4.24 -56.90
N THR L 4831 -47.74 2.97 -56.62
CA THR L 4831 -48.59 2.24 -55.69
C THR L 4831 -48.49 2.88 -54.33
N HIS L 4832 -47.27 3.01 -53.81
CA HIS L 4832 -47.08 3.71 -52.57
C HIS L 4832 -47.77 5.03 -52.74
N ASN L 4833 -48.39 5.56 -51.69
CA ASN L 4833 -49.16 6.80 -51.81
C ASN L 4833 -50.38 6.55 -52.67
N GLY L 4834 -51.18 5.56 -52.30
CA GLY L 4834 -52.40 5.29 -53.04
C GLY L 4834 -53.50 6.17 -52.50
N LYS L 4835 -54.02 5.85 -51.32
CA LYS L 4835 -55.04 6.69 -50.71
C LYS L 4835 -54.78 8.19 -50.84
N GLN L 4836 -53.53 8.61 -50.94
CA GLN L 4836 -53.30 10.01 -51.15
C GLN L 4836 -53.86 10.34 -52.53
N LEU L 4837 -53.32 9.70 -53.56
CA LEU L 4837 -53.76 9.97 -54.92
C LEU L 4837 -55.28 9.88 -55.08
N VAL L 4838 -55.84 8.70 -54.86
CA VAL L 4838 -57.27 8.53 -55.08
C VAL L 4838 -58.05 9.63 -54.40
N MET L 4839 -57.75 9.86 -53.13
CA MET L 4839 -58.46 10.88 -52.38
C MET L 4839 -58.29 12.26 -53.00
N THR L 4840 -57.11 12.57 -53.53
CA THR L 4840 -56.91 13.84 -54.21
C THR L 4840 -57.94 13.98 -55.31
N VAL L 4841 -58.02 12.98 -56.19
CA VAL L 4841 -58.96 13.02 -57.29
C VAL L 4841 -60.35 13.34 -56.76
N GLY L 4842 -60.66 12.83 -55.57
CA GLY L 4842 -61.93 13.14 -54.96
C GLY L 4842 -62.14 14.63 -54.85
N LEU L 4843 -61.13 15.36 -54.40
CA LEU L 4843 -61.24 16.80 -54.32
C LEU L 4843 -61.42 17.41 -55.71
N LEU L 4844 -60.64 16.93 -56.68
CA LEU L 4844 -60.73 17.45 -58.04
C LEU L 4844 -62.10 17.21 -58.66
N ALA L 4845 -63.00 16.59 -57.91
CA ALA L 4845 -64.34 16.39 -58.41
C ALA L 4845 -65.28 17.35 -57.71
N VAL L 4846 -64.94 17.71 -56.47
CA VAL L 4846 -65.75 18.67 -55.76
C VAL L 4846 -65.50 20.03 -56.36
N VAL L 4847 -64.23 20.38 -56.58
CA VAL L 4847 -63.91 21.70 -57.09
C VAL L 4847 -64.55 21.92 -58.45
N VAL L 4848 -64.46 20.95 -59.35
CA VAL L 4848 -65.03 21.09 -60.67
C VAL L 4848 -66.52 20.99 -60.61
N TYR L 4849 -67.07 20.86 -59.41
CA TYR L 4849 -68.51 20.83 -59.26
C TYR L 4849 -68.96 22.17 -58.76
N LEU L 4850 -68.18 22.76 -57.87
CA LEU L 4850 -68.52 24.07 -57.36
C LEU L 4850 -68.53 25.06 -58.50
N TYR L 4851 -67.67 24.84 -59.48
CA TYR L 4851 -67.63 25.72 -60.64
C TYR L 4851 -68.85 25.46 -61.47
N THR L 4852 -69.30 24.22 -61.51
CA THR L 4852 -70.52 23.93 -62.23
C THR L 4852 -71.66 24.70 -61.61
N VAL L 4853 -71.86 24.51 -60.32
CA VAL L 4853 -72.90 25.24 -59.62
C VAL L 4853 -72.85 26.71 -60.00
N VAL L 4854 -71.66 27.32 -60.02
CA VAL L 4854 -71.54 28.75 -60.32
C VAL L 4854 -71.93 29.08 -61.75
N ALA L 4855 -71.07 28.79 -62.73
CA ALA L 4855 -71.42 29.00 -64.12
C ALA L 4855 -72.91 29.02 -64.21
N PHE L 4856 -73.52 27.84 -64.19
CA PHE L 4856 -74.97 27.74 -64.29
C PHE L 4856 -75.68 29.01 -63.89
N ASN L 4857 -75.83 29.24 -62.60
CA ASN L 4857 -76.53 30.42 -62.12
C ASN L 4857 -76.31 31.64 -63.03
N PHE L 4858 -75.08 31.96 -63.34
CA PHE L 4858 -74.87 33.18 -64.09
C PHE L 4858 -74.45 32.92 -65.52
N PHE L 4859 -73.24 32.42 -65.70
CA PHE L 4859 -72.74 32.21 -67.04
C PHE L 4859 -73.35 30.97 -67.66
N ARG L 4860 -74.57 31.08 -68.18
CA ARG L 4860 -75.18 29.95 -68.85
C ARG L 4860 -75.34 30.26 -70.31
N LYS L 4861 -75.23 31.55 -70.66
CA LYS L 4861 -75.33 31.97 -72.04
C LYS L 4861 -73.96 32.04 -72.66
N PHE L 4862 -72.97 32.41 -71.86
CA PHE L 4862 -71.60 32.51 -72.37
C PHE L 4862 -71.13 31.17 -72.85
N TYR L 4863 -71.91 30.12 -72.54
CA TYR L 4863 -71.59 28.76 -73.02
C TYR L 4863 -72.17 28.48 -74.39
N ASN L 4864 -72.81 27.31 -74.54
CA ASN L 4864 -73.43 26.92 -75.81
C ASN L 4864 -72.41 26.55 -76.88
N LYS L 4865 -72.54 25.35 -77.43
CA LYS L 4865 -71.55 24.89 -78.40
C LYS L 4865 -72.17 24.48 -79.72
N SER L 4866 -72.84 25.40 -80.40
CA SER L 4866 -73.43 25.10 -81.69
C SER L 4866 -73.07 26.20 -82.69
N GLU L 4867 -73.44 26.01 -83.95
CA GLU L 4867 -73.17 27.02 -84.97
C GLU L 4867 -74.39 27.26 -85.85
N ASP L 4868 -75.18 26.21 -86.08
CA ASP L 4868 -76.38 26.36 -86.89
C ASP L 4868 -77.28 27.43 -86.32
N GLU L 4869 -77.91 28.22 -87.19
CA GLU L 4869 -78.82 29.25 -86.73
C GLU L 4869 -79.68 28.68 -85.63
N ASP L 4870 -80.34 27.56 -85.90
CA ASP L 4870 -81.11 26.90 -84.86
C ASP L 4870 -80.12 26.24 -83.94
N GLU L 4871 -79.36 27.05 -83.19
CA GLU L 4871 -78.32 26.50 -82.33
C GLU L 4871 -78.86 25.96 -81.02
N PRO L 4872 -78.75 24.64 -80.84
CA PRO L 4872 -79.16 24.07 -79.57
C PRO L 4872 -77.90 23.66 -78.82
N ASP L 4873 -77.54 22.39 -78.86
CA ASP L 4873 -76.37 21.89 -78.16
C ASP L 4873 -75.96 22.82 -77.05
N MET L 4874 -76.87 23.05 -76.10
CA MET L 4874 -76.55 23.91 -74.98
C MET L 4874 -76.10 23.05 -73.82
N LYS L 4875 -74.80 22.99 -73.60
CA LYS L 4875 -74.27 22.12 -72.57
C LYS L 4875 -74.42 22.70 -71.18
N CYS L 4876 -75.47 23.48 -70.93
CA CYS L 4876 -75.70 24.02 -69.60
C CYS L 4876 -77.18 24.19 -69.34
N ASP L 4877 -77.98 23.20 -69.67
CA ASP L 4877 -79.39 23.29 -69.39
C ASP L 4877 -79.68 22.16 -68.48
N ASP L 4878 -78.71 21.79 -67.68
CA ASP L 4878 -78.88 20.70 -66.76
C ASP L 4878 -77.64 20.58 -65.92
N MET L 4879 -77.78 20.48 -64.61
CA MET L 4879 -76.60 20.47 -63.76
C MET L 4879 -75.86 19.15 -63.92
N MET L 4880 -76.38 18.24 -64.72
CA MET L 4880 -75.64 17.03 -64.98
C MET L 4880 -74.71 17.34 -66.12
N THR L 4881 -75.28 17.70 -67.26
CA THR L 4881 -74.44 17.95 -68.44
C THR L 4881 -73.35 18.97 -68.17
N CYS L 4882 -73.66 20.01 -67.43
CA CYS L 4882 -72.63 20.98 -67.10
C CYS L 4882 -71.50 20.24 -66.40
N TYR L 4883 -71.82 19.39 -65.43
CA TYR L 4883 -70.77 18.69 -64.69
C TYR L 4883 -69.92 17.86 -65.64
N LEU L 4884 -70.53 17.23 -66.62
CA LEU L 4884 -69.74 16.48 -67.59
C LEU L 4884 -68.88 17.42 -68.40
N PHE L 4885 -69.49 18.38 -69.08
CA PHE L 4885 -68.75 19.33 -69.90
C PHE L 4885 -67.60 19.92 -69.14
N HIS L 4886 -67.65 19.92 -67.81
CA HIS L 4886 -66.60 20.54 -67.04
C HIS L 4886 -65.54 19.54 -66.66
N MET L 4887 -65.90 18.26 -66.63
CA MET L 4887 -64.92 17.22 -66.33
C MET L 4887 -64.39 16.65 -67.63
N TYR L 4888 -64.84 17.12 -68.76
CA TYR L 4888 -64.41 16.50 -70.00
C TYR L 4888 -63.62 17.54 -70.71
N VAL L 4889 -64.31 18.40 -71.42
CA VAL L 4889 -63.64 19.50 -72.10
C VAL L 4889 -62.72 20.24 -71.15
N GLY L 4890 -63.19 20.57 -69.96
CA GLY L 4890 -62.38 21.31 -69.02
C GLY L 4890 -61.10 20.63 -68.57
N VAL L 4891 -61.06 20.02 -67.40
CA VAL L 4891 -59.81 19.44 -66.90
C VAL L 4891 -58.75 19.17 -67.96
N ARG L 4892 -59.12 18.53 -69.05
CA ARG L 4892 -58.16 18.20 -70.10
C ARG L 4892 -57.97 19.31 -71.12
N ALA L 4893 -57.18 20.32 -70.77
CA ALA L 4893 -56.90 21.40 -71.71
C ALA L 4893 -55.71 22.21 -71.23
N GLY L 4894 -55.56 23.43 -71.74
CA GLY L 4894 -54.43 24.26 -71.37
C GLY L 4894 -54.79 25.44 -70.50
N GLY L 4895 -55.86 26.14 -70.87
CA GLY L 4895 -56.31 27.27 -70.07
C GLY L 4895 -57.64 27.00 -69.43
N GLY L 4896 -57.96 25.73 -69.27
CA GLY L 4896 -59.22 25.38 -68.65
C GLY L 4896 -60.42 25.81 -69.42
N ILE L 4897 -61.54 25.95 -68.73
CA ILE L 4897 -62.79 26.28 -69.40
C ILE L 4897 -62.67 27.50 -70.30
N GLY L 4898 -61.71 28.38 -70.04
CA GLY L 4898 -61.60 29.60 -70.81
C GLY L 4898 -61.34 29.39 -72.28
N ASP L 4899 -61.08 28.15 -72.68
CA ASP L 4899 -60.75 27.89 -74.07
C ASP L 4899 -61.87 27.19 -74.84
N GLU L 4900 -63.00 26.93 -74.19
CA GLU L 4900 -64.12 26.34 -74.90
C GLU L 4900 -65.44 27.02 -74.58
N ILE L 4901 -65.41 28.32 -74.33
CA ILE L 4901 -66.62 29.02 -73.93
C ILE L 4901 -66.62 30.49 -74.36
N GLU L 4902 -67.15 30.75 -75.55
CA GLU L 4902 -67.23 32.12 -76.07
C GLU L 4902 -66.06 32.98 -75.66
N ASP L 4903 -66.34 34.25 -75.41
CA ASP L 4903 -65.29 35.17 -75.02
C ASP L 4903 -65.93 36.35 -74.34
N PRO L 4904 -65.65 36.52 -73.05
CA PRO L 4904 -66.20 37.67 -72.34
C PRO L 4904 -66.21 38.89 -73.23
N ALA L 4905 -65.03 39.34 -73.66
CA ALA L 4905 -64.92 40.51 -74.52
C ALA L 4905 -66.14 41.42 -74.45
N GLY L 4906 -67.14 41.14 -75.28
CA GLY L 4906 -68.34 41.95 -75.30
C GLY L 4906 -68.95 42.17 -73.93
N ASP L 4907 -68.44 43.14 -73.19
CA ASP L 4907 -68.95 43.44 -71.85
C ASP L 4907 -69.60 42.23 -71.19
N GLU L 4908 -70.82 42.41 -70.71
CA GLU L 4908 -71.54 41.32 -70.07
C GLU L 4908 -70.70 40.66 -68.99
N TYR L 4909 -70.65 41.26 -67.81
CA TYR L 4909 -69.93 40.63 -66.71
C TYR L 4909 -68.50 40.30 -67.10
N GLU L 4910 -67.92 41.07 -68.01
CA GLU L 4910 -66.60 40.71 -68.50
C GLU L 4910 -65.71 40.32 -67.35
N LEU L 4911 -65.62 41.15 -66.33
CA LEU L 4911 -64.70 40.90 -65.23
C LEU L 4911 -65.16 39.82 -64.27
N TYR L 4912 -66.10 39.00 -64.70
CA TYR L 4912 -66.53 37.89 -63.86
C TYR L 4912 -66.11 36.61 -64.52
N ARG L 4913 -66.19 36.57 -65.85
CA ARG L 4913 -65.76 35.40 -66.57
C ARG L 4913 -64.26 35.43 -66.71
N VAL L 4914 -63.62 36.57 -66.42
CA VAL L 4914 -62.18 36.59 -66.44
C VAL L 4914 -61.79 35.94 -65.15
N VAL L 4915 -62.19 36.54 -64.05
CA VAL L 4915 -61.92 35.95 -62.76
C VAL L 4915 -62.21 34.47 -62.84
N PHE L 4916 -63.42 34.09 -63.19
CA PHE L 4916 -63.78 32.68 -63.29
C PHE L 4916 -62.66 31.87 -63.94
N ASP L 4917 -62.49 31.99 -65.24
CA ASP L 4917 -61.46 31.25 -65.95
C ASP L 4917 -60.09 31.26 -65.29
N ILE L 4918 -59.57 32.43 -64.92
CA ILE L 4918 -58.22 32.47 -64.37
C ILE L 4918 -58.13 31.69 -63.07
N THR L 4919 -59.15 31.85 -62.22
CA THR L 4919 -59.20 31.07 -61.00
C THR L 4919 -59.30 29.60 -61.32
N PHE L 4920 -60.24 29.18 -62.15
CA PHE L 4920 -60.29 27.78 -62.58
C PHE L 4920 -58.92 27.28 -62.95
N PHE L 4921 -58.37 27.80 -64.04
CA PHE L 4921 -57.05 27.40 -64.50
C PHE L 4921 -56.12 27.12 -63.34
N PHE L 4922 -55.77 28.14 -62.58
CA PHE L 4922 -54.79 27.94 -61.51
C PHE L 4922 -55.13 26.77 -60.63
N PHE L 4923 -56.24 26.84 -59.92
CA PHE L 4923 -56.60 25.78 -59.00
C PHE L 4923 -56.54 24.42 -59.66
N VAL L 4924 -57.30 24.23 -60.73
CA VAL L 4924 -57.33 22.87 -61.34
C VAL L 4924 -56.13 22.43 -62.20
N ILE L 4925 -55.35 23.36 -62.76
CA ILE L 4925 -54.25 22.92 -63.61
C ILE L 4925 -52.85 23.13 -63.02
N VAL L 4926 -52.68 24.14 -62.21
CA VAL L 4926 -51.41 24.25 -61.55
C VAL L 4926 -51.66 23.40 -60.32
N ILE L 4927 -51.95 24.05 -59.20
CA ILE L 4927 -52.17 23.34 -57.93
C ILE L 4927 -52.48 21.85 -58.02
N LEU L 4928 -53.67 21.41 -58.43
CA LEU L 4928 -54.01 19.98 -58.40
C LEU L 4928 -53.16 19.00 -59.24
N LEU L 4929 -53.06 19.28 -60.52
CA LEU L 4929 -52.31 18.37 -61.36
C LEU L 4929 -50.89 18.38 -60.85
N ALA L 4930 -50.49 19.48 -60.23
CA ALA L 4930 -49.15 19.57 -59.71
C ALA L 4930 -49.01 18.63 -58.53
N ILE L 4931 -49.88 18.78 -57.55
CA ILE L 4931 -49.85 17.88 -56.41
C ILE L 4931 -49.70 16.45 -56.90
N ILE L 4932 -50.34 16.07 -58.00
CA ILE L 4932 -50.20 14.64 -58.38
C ILE L 4932 -48.75 14.22 -58.66
N GLN L 4933 -48.09 14.99 -59.51
CA GLN L 4933 -46.70 14.70 -59.80
C GLN L 4933 -45.94 14.77 -58.50
N GLY L 4934 -46.33 15.70 -57.64
CA GLY L 4934 -45.67 15.82 -56.34
C GLY L 4934 -45.67 14.48 -55.66
N LEU L 4935 -46.82 13.91 -55.37
CA LEU L 4935 -46.83 12.65 -54.59
C LEU L 4935 -45.87 11.58 -55.11
N ILE L 4936 -45.91 11.27 -56.39
CA ILE L 4936 -45.08 10.18 -56.93
C ILE L 4936 -43.58 10.37 -56.74
N ILE L 4937 -43.10 11.56 -57.06
CA ILE L 4937 -41.69 11.87 -56.89
C ILE L 4937 -41.28 11.56 -55.45
N ASP L 4938 -42.07 12.02 -54.50
CA ASP L 4938 -41.77 11.78 -53.10
C ASP L 4938 -41.72 10.29 -52.87
N ALA L 4939 -42.82 9.61 -53.15
CA ALA L 4939 -42.85 8.16 -53.01
C ALA L 4939 -41.54 7.55 -53.45
N PHE L 4940 -40.98 8.03 -54.56
CA PHE L 4940 -39.68 7.57 -55.01
C PHE L 4940 -38.66 7.77 -53.91
N GLY L 4941 -38.25 9.02 -53.70
CA GLY L 4941 -37.30 9.34 -52.66
C GLY L 4941 -37.53 8.48 -51.45
N GLU L 4942 -38.81 8.25 -51.12
CA GLU L 4942 -39.14 7.43 -49.96
C GLU L 4942 -38.55 6.05 -50.10
N LEU L 4943 -38.81 5.31 -51.16
CA LEU L 4943 -38.26 3.95 -51.20
C LEU L 4943 -36.73 3.93 -51.05
N ARG L 4944 -36.07 4.82 -51.78
CA ARG L 4944 -34.61 4.87 -51.75
C ARG L 4944 -34.10 5.09 -50.34
N ASP L 4945 -34.73 5.99 -49.60
CA ASP L 4945 -34.26 6.28 -48.25
C ASP L 4945 -34.33 5.02 -47.42
N GLN L 4946 -35.47 4.34 -47.43
CA GLN L 4946 -35.60 3.08 -46.71
C GLN L 4946 -34.44 2.16 -47.08
N GLN L 4947 -34.26 1.92 -48.37
CA GLN L 4947 -33.21 1.00 -48.79
C GLN L 4947 -31.85 1.37 -48.20
N GLU L 4948 -31.48 2.63 -48.35
CA GLU L 4948 -30.19 3.08 -47.84
C GLU L 4948 -30.10 2.84 -46.35
N GLN L 4949 -31.10 3.27 -45.59
CA GLN L 4949 -31.11 3.00 -44.17
C GLN L 4949 -30.78 1.54 -43.95
N VAL L 4950 -31.59 0.65 -44.49
CA VAL L 4950 -31.27 -0.78 -44.38
C VAL L 4950 -29.79 -1.04 -44.58
N LYS L 4951 -29.32 -0.88 -45.82
CA LYS L 4951 -27.92 -1.19 -46.11
C LYS L 4951 -26.96 -0.67 -45.05
N GLU L 4952 -27.02 0.62 -44.75
CA GLU L 4952 -26.07 1.19 -43.78
C GLU L 4952 -26.19 0.57 -42.41
N ASP L 4953 -27.36 0.64 -41.82
CA ASP L 4953 -27.57 0.01 -40.53
C ASP L 4953 -26.83 -1.29 -40.58
N MET L 4954 -26.82 -1.91 -41.76
CA MET L 4954 -25.99 -3.13 -41.81
C MET L 4954 -24.49 -2.91 -42.07
N GLU L 4955 -24.11 -2.34 -43.19
CA GLU L 4955 -22.70 -2.06 -43.38
C GLU L 4955 -22.07 -1.65 -42.04
N THR L 4956 -22.80 -0.95 -41.19
CA THR L 4956 -22.20 -0.46 -39.94
C THR L 4956 -22.31 -1.31 -38.66
N LYS L 4957 -23.49 -1.87 -38.35
CA LYS L 4957 -23.66 -2.57 -37.04
C LYS L 4957 -24.02 -4.06 -37.08
N CYS L 4958 -24.08 -4.71 -35.91
CA CYS L 4958 -24.36 -6.15 -35.86
C CYS L 4958 -25.84 -6.49 -35.73
N PHE L 4959 -26.21 -7.71 -36.11
CA PHE L 4959 -27.61 -8.13 -36.02
C PHE L 4959 -27.90 -8.80 -34.70
N ILE L 4960 -27.23 -9.90 -34.42
CA ILE L 4960 -27.48 -10.65 -33.19
C ILE L 4960 -27.41 -9.74 -31.99
N CYS L 4961 -26.24 -9.20 -31.67
CA CYS L 4961 -26.13 -8.23 -30.58
C CYS L 4961 -26.54 -6.88 -31.11
N GLY L 4962 -26.00 -5.82 -30.56
CA GLY L 4962 -26.31 -4.49 -31.05
C GLY L 4962 -25.12 -3.57 -31.08
N ILE L 4963 -23.96 -4.09 -30.70
CA ILE L 4963 -22.75 -3.26 -30.66
C ILE L 4963 -22.43 -2.72 -32.05
N GLY L 4964 -21.77 -1.57 -32.10
CA GLY L 4964 -21.48 -0.95 -33.39
C GLY L 4964 -20.14 -1.33 -33.96
N SER L 4965 -19.71 -0.63 -35.00
CA SER L 4965 -18.44 -0.94 -35.64
C SER L 4965 -17.30 -0.48 -34.77
N ASP L 4966 -17.43 0.70 -34.18
CA ASP L 4966 -16.37 1.25 -33.36
C ASP L 4966 -15.84 0.26 -32.33
N TYR L 4967 -16.65 -0.10 -31.36
CA TYR L 4967 -16.18 -0.97 -30.30
C TYR L 4967 -15.58 -2.25 -30.84
N PHE L 4968 -15.61 -2.43 -32.16
CA PHE L 4968 -15.10 -3.64 -32.75
C PHE L 4968 -13.92 -3.35 -33.62
N ASP L 4969 -13.90 -2.18 -34.25
CA ASP L 4969 -12.82 -1.90 -35.19
C ASP L 4969 -11.58 -1.34 -34.52
N THR L 4970 -11.61 -1.24 -33.19
CA THR L 4970 -10.42 -0.80 -32.47
C THR L 4970 -9.24 -1.62 -32.94
N THR L 4971 -9.48 -2.88 -33.25
CA THR L 4971 -8.41 -3.74 -33.72
C THR L 4971 -8.53 -3.88 -35.22
N PRO L 4972 -7.46 -4.36 -35.87
CA PRO L 4972 -7.50 -4.45 -37.34
C PRO L 4972 -8.64 -5.32 -37.83
N HIS L 4973 -9.46 -4.82 -38.74
CA HIS L 4973 -10.54 -5.61 -39.33
C HIS L 4973 -11.48 -6.21 -38.29
N GLY L 4974 -11.66 -5.53 -37.17
CA GLY L 4974 -12.50 -6.04 -36.11
C GLY L 4974 -13.90 -6.44 -36.50
N PHE L 4975 -14.70 -5.49 -36.98
CA PHE L 4975 -16.08 -5.81 -37.30
C PHE L 4975 -16.21 -6.94 -38.31
N GLU L 4976 -15.30 -7.04 -39.25
CA GLU L 4976 -15.39 -8.05 -40.28
C GLU L 4976 -15.15 -9.42 -39.68
N THR L 4977 -14.84 -9.46 -38.38
CA THR L 4977 -14.67 -10.74 -37.71
C THR L 4977 -15.88 -11.01 -36.81
N HIS L 4978 -16.26 -10.04 -35.99
CA HIS L 4978 -17.40 -10.20 -35.12
C HIS L 4978 -18.67 -10.24 -35.90
N THR L 4979 -18.59 -10.59 -37.17
CA THR L 4979 -19.77 -10.71 -38.00
C THR L 4979 -19.52 -11.71 -39.10
N LEU L 4980 -18.53 -12.57 -38.90
CA LEU L 4980 -18.20 -13.57 -39.90
C LEU L 4980 -17.65 -14.81 -39.23
N GLU L 4981 -17.35 -14.71 -37.94
CA GLU L 4981 -16.85 -15.86 -37.21
C GLU L 4981 -17.65 -16.02 -35.94
N GLU L 4982 -17.46 -15.12 -34.99
CA GLU L 4982 -18.17 -15.18 -33.73
C GLU L 4982 -19.68 -15.12 -33.90
N HIS L 4983 -20.22 -13.93 -33.77
CA HIS L 4983 -21.64 -13.78 -33.90
C HIS L 4983 -22.04 -13.83 -35.33
N ASN L 4984 -21.71 -14.86 -36.07
CA ASN L 4984 -22.27 -14.96 -37.42
C ASN L 4984 -23.72 -15.33 -37.28
N LEU L 4985 -24.50 -15.19 -38.34
CA LEU L 4985 -25.93 -15.43 -38.27
C LEU L 4985 -26.27 -16.82 -38.74
N ALA L 4986 -25.78 -17.18 -39.91
CA ALA L 4986 -26.02 -18.49 -40.43
C ALA L 4986 -25.74 -19.54 -39.39
N ASN L 4987 -24.78 -19.30 -38.51
CA ASN L 4987 -24.38 -20.30 -37.50
C ASN L 4987 -25.39 -20.40 -36.36
N TYR L 4988 -25.99 -19.30 -35.95
CA TYR L 4988 -27.00 -19.37 -34.91
C TYR L 4988 -28.15 -20.13 -35.47
N MET L 4989 -28.08 -20.52 -36.73
CA MET L 4989 -29.13 -21.34 -37.33
C MET L 4989 -28.75 -22.81 -37.45
N PHE L 4990 -27.53 -23.08 -37.89
CA PHE L 4990 -27.10 -24.45 -38.04
C PHE L 4990 -27.07 -25.14 -36.69
N PHE L 4991 -26.99 -24.36 -35.62
CA PHE L 4991 -27.05 -24.97 -34.29
C PHE L 4991 -28.37 -25.66 -34.16
N LEU L 4992 -29.46 -24.93 -34.40
CA LEU L 4992 -30.77 -25.52 -34.29
C LEU L 4992 -30.80 -26.85 -35.01
N MET L 4993 -30.54 -26.85 -36.31
CA MET L 4993 -30.62 -28.09 -37.06
C MET L 4993 -29.75 -29.15 -36.43
N TYR L 4994 -28.62 -28.75 -35.89
CA TYR L 4994 -27.73 -29.69 -35.22
C TYR L 4994 -28.44 -30.27 -34.04
N LEU L 4995 -28.58 -29.48 -33.00
CA LEU L 4995 -29.20 -29.96 -31.77
C LEU L 4995 -30.46 -30.78 -32.05
N ILE L 4996 -31.20 -30.47 -33.10
CA ILE L 4996 -32.42 -31.20 -33.44
C ILE L 4996 -32.11 -32.64 -33.80
N ASN L 4997 -30.90 -32.89 -34.29
CA ASN L 4997 -30.51 -34.25 -34.67
C ASN L 4997 -29.79 -34.97 -33.55
N LYS L 4998 -28.87 -34.30 -32.88
CA LYS L 4998 -28.15 -34.91 -31.76
C LYS L 4998 -29.14 -35.67 -30.88
N ASP L 4999 -28.98 -36.97 -30.78
CA ASP L 4999 -29.92 -37.81 -30.04
C ASP L 4999 -29.99 -37.56 -28.56
N GLU L 5000 -30.45 -36.39 -28.14
CA GLU L 5000 -30.67 -36.11 -26.71
C GLU L 5000 -29.66 -36.63 -25.72
N THR L 5001 -29.85 -37.85 -25.25
CA THR L 5001 -28.95 -38.40 -24.23
C THR L 5001 -27.48 -38.06 -24.44
N GLU L 5002 -27.11 -37.61 -25.63
CA GLU L 5002 -25.74 -37.20 -25.88
C GLU L 5002 -25.62 -35.70 -26.02
N HIS L 5003 -26.46 -34.95 -25.35
CA HIS L 5003 -26.36 -33.50 -25.39
C HIS L 5003 -25.37 -33.09 -24.34
N THR L 5004 -24.52 -32.12 -24.65
CA THR L 5004 -23.57 -31.63 -23.66
C THR L 5004 -24.27 -30.76 -22.65
N GLY L 5005 -23.54 -29.88 -22.00
CA GLY L 5005 -24.12 -29.06 -20.97
C GLY L 5005 -24.73 -27.81 -21.54
N GLN L 5006 -24.00 -27.14 -22.41
CA GLN L 5006 -24.49 -25.92 -23.02
C GLN L 5006 -25.56 -26.21 -24.04
N GLU L 5007 -25.44 -27.31 -24.77
CA GLU L 5007 -26.44 -27.67 -25.76
C GLU L 5007 -27.69 -28.19 -25.14
N SER L 5008 -27.79 -28.18 -23.82
CA SER L 5008 -29.00 -28.59 -23.14
C SER L 5008 -29.58 -27.41 -22.42
N TYR L 5009 -28.87 -26.30 -22.40
CA TYR L 5009 -29.44 -25.11 -21.81
C TYR L 5009 -30.21 -24.48 -22.95
N VAL L 5010 -29.60 -24.44 -24.13
CA VAL L 5010 -30.27 -23.88 -25.29
C VAL L 5010 -31.50 -24.69 -25.65
N TRP L 5011 -31.39 -26.00 -25.74
CA TRP L 5011 -32.51 -26.83 -26.11
C TRP L 5011 -33.71 -26.54 -25.23
N LYS L 5012 -33.55 -26.62 -23.91
CA LYS L 5012 -34.68 -26.41 -23.00
C LYS L 5012 -35.23 -25.02 -23.14
N MET L 5013 -34.40 -24.06 -23.54
CA MET L 5013 -34.86 -22.70 -23.75
C MET L 5013 -35.54 -22.52 -25.10
N TYR L 5014 -35.34 -23.43 -26.02
CA TYR L 5014 -36.01 -23.36 -27.31
C TYR L 5014 -37.37 -23.96 -27.16
N GLN L 5015 -37.46 -25.07 -26.43
CA GLN L 5015 -38.73 -25.76 -26.28
C GLN L 5015 -39.70 -25.03 -25.37
N GLU L 5016 -39.25 -23.95 -24.73
CA GLU L 5016 -40.12 -23.18 -23.84
C GLU L 5016 -40.17 -21.73 -24.23
N ARG L 5017 -39.68 -21.41 -25.41
CA ARG L 5017 -39.71 -20.03 -25.91
C ARG L 5017 -39.17 -19.03 -24.91
N CYS L 5018 -37.88 -19.04 -24.66
CA CYS L 5018 -37.26 -18.08 -23.77
C CYS L 5018 -36.02 -17.56 -24.42
N TRP L 5019 -36.17 -16.74 -25.44
CA TRP L 5019 -35.02 -16.28 -26.21
C TRP L 5019 -34.13 -15.30 -25.48
N ASP L 5020 -33.43 -15.79 -24.45
CA ASP L 5020 -32.51 -14.95 -23.72
C ASP L 5020 -31.13 -15.56 -23.73
N PHE L 5021 -30.89 -16.48 -24.65
CA PHE L 5021 -29.58 -17.09 -24.76
C PHE L 5021 -28.80 -16.41 -25.87
N PHE L 5022 -29.40 -15.43 -26.52
CA PHE L 5022 -28.70 -14.70 -27.56
C PHE L 5022 -27.90 -13.61 -26.88
N PRO L 5023 -26.71 -13.28 -27.42
CA PRO L 5023 -25.88 -12.32 -26.69
C PRO L 5023 -26.64 -11.07 -26.30
N ALA L 5024 -26.99 -10.23 -27.26
CA ALA L 5024 -27.73 -9.00 -26.97
C ALA L 5024 -27.08 -8.11 -25.92
N GLY L 5025 -26.30 -7.14 -26.37
CA GLY L 5025 -25.67 -6.23 -25.46
C GLY L 5025 -24.21 -6.50 -25.16
N ASP L 5026 -23.77 -7.74 -25.34
CA ASP L 5026 -22.39 -8.09 -24.97
C ASP L 5026 -21.69 -9.00 -25.95
N CYS L 5027 -20.46 -9.38 -25.61
CA CYS L 5027 -19.67 -10.23 -26.49
C CYS L 5027 -18.35 -10.59 -25.83
N PHE L 5028 -17.89 -11.82 -26.00
CA PHE L 5028 -16.62 -12.25 -25.45
C PHE L 5028 -15.65 -11.10 -25.34
N ARG L 5029 -15.17 -10.62 -26.48
CA ARG L 5029 -14.19 -9.54 -26.46
C ARG L 5029 -14.46 -8.55 -25.33
N LYS L 5030 -15.72 -8.13 -25.19
CA LYS L 5030 -16.04 -7.15 -24.16
C LYS L 5030 -15.91 -7.77 -22.79
N GLN L 5031 -16.56 -8.89 -22.57
CA GLN L 5031 -16.52 -9.52 -21.26
C GLN L 5031 -15.08 -9.69 -20.85
N TYR L 5032 -14.30 -10.45 -21.59
CA TYR L 5032 -12.93 -10.70 -21.17
C TYR L 5032 -12.00 -9.63 -21.73
N GLU L 5033 -12.32 -8.37 -21.50
CA GLU L 5033 -11.49 -7.28 -22.02
C GLU L 5033 -10.11 -7.29 -21.43
N ASP L 5034 -9.99 -6.87 -20.17
CA ASP L 5034 -8.69 -6.81 -19.52
C ASP L 5034 -7.83 -8.02 -19.81
N GLN L 5035 -8.23 -9.19 -19.35
CA GLN L 5035 -7.45 -10.39 -19.55
C GLN L 5035 -6.73 -10.36 -20.88
N LEU L 5036 -7.49 -10.40 -21.97
CA LEU L 5036 -6.89 -10.33 -23.28
C LEU L 5036 -7.95 -10.35 -24.35
N SER L 5037 -8.90 -11.26 -24.21
CA SER L 5037 -9.97 -11.36 -25.19
C SER L 5037 -11.25 -11.81 -24.53
#